data_6H03
#
_entry.id   6H03
#
_cell.length_a   1.000
_cell.length_b   1.000
_cell.length_c   1.000
_cell.angle_alpha   90.00
_cell.angle_beta   90.00
_cell.angle_gamma   90.00
#
_symmetry.space_group_name_H-M   'P 1'
#
loop_
_entity.id
_entity.type
_entity.pdbx_description
1 polymer 'Complement C5,Complement C5'
2 polymer 'Complement component C8 beta chain'
3 polymer 'Complement component C7'
4 polymer 'Complement component C8 gamma chain'
5 polymer 'Complement component C8 alpha chain'
6 polymer 'Complement component C6'
7 polymer 'Complement component C9'
8 branched beta-D-mannopyranose-(1-4)-2-acetamido-2-deoxy-beta-D-glucopyranose-(1-4)-2-acetamido-2-deoxy-beta-D-glucopyranose
9 branched 2-acetamido-2-deoxy-beta-D-glucopyranose-(1-4)-2-acetamido-2-deoxy-beta-D-glucopyranose
10 non-polymer 2-acetamido-2-deoxy-beta-D-glucopyranose
#
loop_
_entity_poly.entity_id
_entity_poly.type
_entity_poly.pdbx_seq_one_letter_code
_entity_poly.pdbx_strand_id
1 'polypeptide(L)'
;QEQTYVISAPKIFRVGASENIVIQVYGYTEAFDATISIKSYPDKKFSYSSGHVHLSSENKFQNSAILTIQPKQLPGGQNP
VSYVYLEVVSKHFSKSKRMPITYDNGFLFIHTDKPVYTPDQSVKVRVYSLNDDLKPAKRETVLTFIDPEGSEVDMVEEID
HIGIISFPDFKIPSNPRYGMWTIKAKYKEDFSTTGTAYFEVKEYVLPHFSVSIEPEYNFIGYKNFKNFEITIKARYFYNK
VVTEADVYITFGIREDLKDDQKEMMQTAMQNTMLINGIAQVTFDSETAVKELSYYSLEDLNNKYLYIAVTVIESTGGFSE
EAEIPGIKYVLSPYKLNLVATPLFLKPGIPYPIKVQVKDSLDQLVGGVPVTLNAQTIDVNQETSDLDPSKSVTRVDDGVA
SFVLNLPSGVTVLEFNVKTDAPDLPEENQAREGYRAIAYSSLSQSYLYIDWTDNHKALLVGEHLNIIVTPKSPYIDKITH
YNYLILSKGKIIHFGTREKFSDASYQSINIPVTQNMVPSSRLLVYYIVTGEQTAELVSDSVWLNIEEKCGNQLQVHLSPD
ADAYSPGQTVSLNMATGMDSWVALAAVDSAVYGVQRGAKKPLERVFQFLEKSDLGCGAGGGLNNANVFHLAGLTFLTNAN
ADDSQENDEPCKEILLHMKTLLPVSKPEIRSYFPESWLWEVHLVPRRKQLQFALPDSLTTWEIQGVGISNTGICVADTVK
AKVFKDVFLEMNIPYSVVRGEQIQLKGTVYNYRTSGMQFCVKMSAVEGICTSESPVIDHQGTKSSKCVRQKVEGSSSHLV
TFTVLPLEIGLHNINFSLETWFGKEILVKTLRVVPEGVKRESYSGVTLDPRGIYGTISRRKEFPYRIPLDLVPKTEIKRI
LSVKGLLVGEILSAVLSQEGINILTHLPKGSAEAELMSVVPVFYVFHYLETGNHWNIFHSDPLIEKQKLKKKLKEGMLSI
MSYRNADYSYSVWKGGSASTWLTAFALRVLGQVNKYVEQNQNSICNSLLWLVENYQLDNGSFKENSQYQPIKLQGTLPVE
ARENSLYLTAFTVIGIRKAFDICPLVKIDTALIKADNFLLENTLPAQSTFTLAISAYALSLGDKTHPQFRSIVSALKREA
LVKGNPPIYRFWKDNLQHKDSSVPNTGTARMVETTAYALLTSLNLKDINYVNPVIKWLSEEQRYGGGFYSTQDTINAIEG
LTEYSLLVKQLRLSMDIDVSYKHKGALHNYKMTDKNFLGRPVEVLLNDDLIVSTGFGSGLATVHVTTVVHKTSTSEEVCS
FYLKIDTQDIEASHYRGYGNSDYKRIVACASYKPSREESSSGSSHAVMDISLPTGISANEEDLKALVEGVDQLFTDYQIK
DGHVILQLNSIPSSDFLCVRFRIFELFEVGFLSPATFTVYEYHRPDKQCTMFYSTSNIKIQKVCEGAACKCVEADCGQMQ
EELDLTISAETRKQTACKPEIAYAYKVSITSITVENVFVKYKATLLDIYKTGEAVAEKDSEITFIKKVTCTNAELVKGRQ
YLIMGKEALQIKYNFSFRYIYPLDSLTWIEYWPRDTTCSSCQAFLANLDEFAEDIFLNGC
;
A
2 'polypeptide(L)'
;SVDVTLMPIDCELSSWSSWTTCDPCQKKRYRYAYLLQPSQFHGEPCNFSDKEVEDCVTNRPCRSQVRCEGFVCAQTGRCV
NRRLLCNGDNDCGDQSDEANCRRIYKKCQHEMDQYWGIGSLASGINLFTNSFEGPVLDHRYYAGGCSPHYILNTRFRKPY
NVESYTPQTQGKYEFILKEYESYSDFERNVTEKMASKSGFSFGFKIPGIFELGISSQSDRGKHYIRRTKRFSHTKSVFLH
ARSDLEVAHYKLKPRSLMLHYEFLQRVKRLPLEYSYGEYRDLFRDFGTHYITEAVLGGIYEYTLVMNKEAMERGDYTLNN
VHACAKNDFKIGGAIEEVYVSLGVSVGKCRGILNEIKDRNKRDTMVEDLVVLVRGGASEHITTLAYQELPTADLMQEWGD
AVQYNPAIIKVKVEPLYELVTATDFAYSSTVRQNMKQALEEFQKEVSSCHCAPCQGNGVPVLKGSRCDCICPVGSQGLAC
EVSYRKNTPIDGKWNCWSNWSSCSGRRKTRQRQCNNPPPQNGGSPCSGPASETLDCS
;
C
3 'polypeptide(L)'
;SSPVNCQWDFYAPWSECNGCTKTQTRRRSVAVYGQYGGQPCVGNAFETQSCEPTRGCPTEEGCGERFRCFSGQCISKSLV
CNGDSDCDEDSADEDRCEDSERRPSCDIDKPPPNIELTGNGYNELTGQFRNRVINTKSFGGQCRKVFSGDGKDFYRLSGN
VLSYTFQVKINNDFNYEFYNSTWSYVKHTSTEHTSSSRKRSFFRSSSSSSRSYTSHTNEIHKGKSYQLLVVENTVEVAQF
INNNPEFLQLAEPFWKELSHLPSLYDYSAYRRLIDQYGTHYLQSGSLGGEYRVLFYVDSEKLKQNDFNSVEEKKCKSSGW
HFVVKFSSHGCKELENALKAASGTQNNVLRGEPFIRGGGAGFISGLSYLELDNPAGNKRRYSAWAESVTNLPQVIKQKLT
PLYELVKEVPCASVKKLYLKWALEEYLDEFDPCHCRPCQNGGLATVEGTHCLCHCKPYTFGAACEQGVLVGNQAGGVDGG
WSCWSSWSPCVQGKKTRSRECNNPPPSGGGRSCVGETTESTQCEDEELEHLRLLEPHCFPLSLVPTEFCPSPPALKDGFV
QDEGTMFPVGKNVVYTCNEGYSLIGNPVARCGEDLRWLVGEMHCQKIACVLPVLMDGIQSHPQKPFYTVGEKVTVSCSGG
MSLEGPSAFLCGSSLKWSPEMKNARCVQKENPLTQAVPKCQRWEKLQNSRCVCKMPYECGPSLDVCAQDERSKRILPLTV
CKMHVLHCQGRNYTLTGRDSCTLPASAEKACGACPLWGKCDAESSKCVCREASECEEEGFSICVEVNGKEQTMSECEAGA
LRCRGQSISVTSIRPCAAETQ
;
D
4 'polypeptide(L)'
;QKPQRPRRPASPISTIQPKANFDAQQFAGTWLLVAVGSACRFLQEQGHRAEATTLHVAPQGTAMAVSTFRKLDGICWQVR
QLYGDTGVLGRFLLQARDARGAVHVVVAETDYQSFAVLYLERAGQLSVKLYARSLPVSDSVLSGFEQRVQEAHLTEDQIF
YFPKYGFCEAADQFHVLDEVRR
;
E
5 'polypeptide(L)'
;AATPAAVTCQLSNWSEWTDCFPCQDKKYRHRSLLQPNKFGGTICSGDIWDQASCSSSTTCVRQAQCGQDFQCKETGRCLK
RHLVCNGDQDCLDGSDEDDCEDVRAIDEDCSQYEPIPGSQKAALGYNILTQEDAQSVYDASYYGGQCETVYNGEWRELRY
DSTCERLYYGDDEKYFRKPYNFLKYHFEALADTGISSEFYDNANDLLSKVKKDKSDSFGVTIGIGPAGSPLLVGVGVSHS
QDTSFLNELNKYNEKKFIFTRIFTKVQTAHFKMRKDDIMLDEGMLQSLMELPDQYNYGMYAKFINDYGTHYITSGSMGGI
YEYILVIDKAKMESLGITSRDITTCFGGSLGIQYEDKINVGGGLSGDHCKKFGGGKTERARKAMAVEDIISRVRGGSSGW
SGGLAQNRSTITYRSWGRSLKYNPVVIDFEMQPIHEVLRHTSLGPLEAKRQNLRRALDQYLMEFNACRCGPCFNNGVPIL
EGTSCRCQCRLGSLGAACEQTQTEGAKADGSWSCWSSWSVCRAGIQERRRECDNPAPQNGGASCPGRKVQTQAC
;
F
6 'polypeptide(L)'
;CFCDHYAWTQWTSCSKTCNSGTQSRHRQIVVDKYYQENFCEQICSKQETRECNWQRCPINCLLGDFGPWSDCDPCIEKQS
KVRSVLRPSQFGGQPCTAPLVAFQPCIPSKLCKIEEADCKNKFRCDSGRCIARKLECNGENDCGDNSDERDCGRTKAVCT
RKYNPIPSVQLMGNGFHFLAGEPRGEVLDNSFTGGICKTVKSSRTSNPYRVPANLENVGFEVQTAEDDLKTDFYKDLTSL
GHNENQQGSFSSQGGSSFSVPIFYSSKRSENINHNSAFKQAIQASHKKDSSFIRIHKVMKVLNFTTKAKDLHLSDVFLKA
LNHLPLEYNSALYSRIFDDFGTHYFTSGSLGGVYDLLYQFSSEELKNSGLTEEEAKHCVRIETKKRVLFAKKTKVEHRCT
TNKLSEKHEGSFIQGAEKSISLIRGGRSEYGAALAWEKGSSGLEEKTFSEWLESVKENPAVIDFELAPIVDLVRNIPCAV
TKRNNLRKALQEYAAKFDPCQCAPCPNNGRPTLSGTECLCVCQSGTYGENCEKQSPDYKSNAVDGQWGCWSSWSTCDATY
KRSRTRECNNPAPQRGGKRCEGEKRQEEDCTFSIMENNGQPCINDDEEMKEVDLPEIEADSGCPQPVPPENGFIRNEKQL
YLVGEDVEISCLTGFETVGYQYFRCLPDGTWRQGDVECQRTECIKPVVQEVLTITPFQRLYRIGESIELTCPKGFVVAGP
SRYTCQGNSWTPPISNSLTCEKDTLTKLKGHCQLGQKQSGSECICMSPEEDCSHHSEDLCVFDTDSNDYFTSPACKFLAE
KCLNNQQLHFLHIGSCQDGRQLEWGLERTRLSSNSTKKESCGYDTCYDWEKCSASTSKCVCLLPPQCFKGGNQLYCVKMG
SSTSEKTLNICEVGTIRCANRKMEILHPGKCLA
;
B
7 'polypeptide(L)'
;QYTTSYDPELTESSGSASHIDCRMSPWSEWSQCDPCLRQMFRSRSIEVFGQFNGKRCTDAVGDRRQCVPTEPCEDAEDDC
GNDFQCSTGRCIKMRLRCNGDNDCGDFSDEDDCESEPRPPCRDRVVEESELARTAGYGINILGMDPLSTPFDNEFYNGLC
NRDRDGNTLTYYRRPWNVASLIYETKGEKNFRTEHYEEQIEAFKSIIQEKTSNFNAAISLKFTPTETNKAEQCCEETASS
ISLHGKGSFRFSYSKNETYQLFLSYSSKKEKMFLHVKGEIHLGRFVMRNRDVVLTTTFVDDIKALPTTYEKGEYFAFLET
YGTHYSSSGSLGGLYELIYVLDKASMKRKGVELKDIKRCLGYHLDVSLAFSEISVGAEFNKDDCVKRGEGRAVNITSENL
IDDVVSLIRGGTRKYAFELKEKLLRGTVIDVTDFVNWASSINDAPVLISQKLSPIYNLVPVKMKNAHLKKQNLERAIEDY
INEFSVRKCHTCQNGGTVILMDGKCLCACPFKFEGIACEISKQKISEGLPALEFPNEK
;
G,P,H,I,J,K,L,M,N,O,Q,R,S,T,U,V,W,X
#
loop_
_chem_comp.id
_chem_comp.type
_chem_comp.name
_chem_comp.formula
BMA D-saccharide, beta linking beta-D-mannopyranose 'C6 H12 O6'
NAG D-saccharide, beta linking 2-acetamido-2-deoxy-beta-D-glucopyranose 'C8 H15 N O6'
#
# COMPACT_ATOMS: atom_id res chain seq x y z
N THR A 4 38.61 -94.05 9.14
CA THR A 4 39.56 -94.65 8.20
C THR A 4 38.86 -95.66 7.29
N TYR A 5 38.71 -96.87 7.81
CA TYR A 5 38.09 -98.00 7.11
C TYR A 5 38.58 -98.10 5.67
N VAL A 6 39.88 -98.35 5.53
CA VAL A 6 40.52 -98.46 4.22
C VAL A 6 40.15 -99.79 3.59
N ILE A 7 39.43 -99.76 2.48
CA ILE A 7 39.09 -100.94 1.69
C ILE A 7 39.94 -100.91 0.43
N SER A 8 40.70 -101.97 0.21
CA SER A 8 41.55 -102.10 -0.97
C SER A 8 40.95 -103.16 -1.89
N ALA A 9 40.70 -102.79 -3.13
CA ALA A 9 40.07 -103.68 -4.10
C ALA A 9 40.68 -103.44 -5.47
N PRO A 10 40.69 -104.47 -6.33
CA PRO A 10 41.21 -104.27 -7.69
C PRO A 10 40.35 -103.29 -8.48
N LYS A 11 40.99 -102.64 -9.46
CA LYS A 11 40.30 -101.62 -10.24
C LYS A 11 39.23 -102.22 -11.13
N ILE A 12 39.54 -103.33 -11.81
CA ILE A 12 38.62 -103.96 -12.74
C ILE A 12 38.39 -105.40 -12.28
N PHE A 13 37.14 -105.71 -11.94
CA PHE A 13 36.79 -107.06 -11.53
C PHE A 13 36.55 -107.94 -12.76
N ARG A 14 36.69 -109.24 -12.56
CA ARG A 14 36.53 -110.23 -13.63
C ARG A 14 35.32 -111.09 -13.35
N VAL A 15 34.46 -111.26 -14.36
CA VAL A 15 33.27 -112.08 -14.23
C VAL A 15 33.67 -113.55 -14.14
N GLY A 16 33.06 -114.28 -13.21
CA GLY A 16 33.41 -115.67 -13.01
C GLY A 16 34.79 -115.88 -12.43
N ALA A 17 35.22 -115.00 -11.53
CA ALA A 17 36.54 -115.06 -10.94
C ALA A 17 36.46 -114.76 -9.46
N SER A 18 37.40 -115.31 -8.70
CA SER A 18 37.47 -115.10 -7.26
C SER A 18 38.31 -113.85 -7.00
N GLU A 19 37.63 -112.73 -6.74
CA GLU A 19 38.28 -111.45 -6.47
C GLU A 19 38.30 -111.23 -4.95
N ASN A 20 39.50 -111.30 -4.37
CA ASN A 20 39.65 -111.16 -2.93
C ASN A 20 39.59 -109.68 -2.55
N ILE A 21 38.63 -109.33 -1.69
CA ILE A 21 38.43 -107.96 -1.23
C ILE A 21 38.85 -107.89 0.23
N VAL A 22 39.82 -107.02 0.53
CA VAL A 22 40.37 -106.88 1.87
C VAL A 22 39.83 -105.60 2.48
N ILE A 23 39.75 -105.58 3.81
CA ILE A 23 39.29 -104.43 4.57
C ILE A 23 40.18 -104.27 5.80
N GLN A 24 40.46 -103.03 6.17
CA GLN A 24 41.29 -102.72 7.33
C GLN A 24 40.59 -101.68 8.21
N VAL A 25 40.80 -101.80 9.52
CA VAL A 25 40.22 -100.89 10.49
C VAL A 25 41.35 -100.24 11.27
N TYR A 26 41.12 -98.99 11.72
CA TYR A 26 42.13 -98.27 12.46
C TYR A 26 42.44 -98.90 13.81
N GLY A 27 41.55 -99.74 14.34
CA GLY A 27 41.81 -100.43 15.58
C GLY A 27 41.00 -99.90 16.76
N TYR A 28 40.46 -100.81 17.55
CA TYR A 28 39.66 -100.43 18.72
C TYR A 28 39.63 -101.61 19.68
N THR A 29 39.26 -101.33 20.93
CA THR A 29 39.23 -102.37 21.95
C THR A 29 38.10 -103.36 21.74
N GLU A 30 37.11 -103.02 20.92
CA GLU A 30 35.96 -103.88 20.65
C GLU A 30 36.09 -104.49 19.26
N ALA A 31 35.75 -105.77 19.15
CA ALA A 31 35.83 -106.50 17.88
C ALA A 31 34.44 -106.54 17.27
N PHE A 32 34.26 -105.83 16.15
CA PHE A 32 32.99 -105.78 15.45
C PHE A 32 33.15 -106.42 14.07
N ASP A 33 32.10 -107.12 13.63
CA ASP A 33 32.12 -107.81 12.36
C ASP A 33 31.84 -106.84 11.21
N ALA A 34 32.14 -107.29 9.99
CA ALA A 34 31.90 -106.52 8.79
C ALA A 34 31.31 -107.42 7.71
N THR A 35 30.68 -106.80 6.72
CA THR A 35 30.02 -107.53 5.65
C THR A 35 30.10 -106.72 4.36
N ILE A 36 30.45 -107.39 3.27
CA ILE A 36 30.51 -106.76 1.95
C ILE A 36 29.65 -107.57 0.98
N SER A 37 29.05 -106.87 0.02
CA SER A 37 28.14 -107.50 -0.92
C SER A 37 28.39 -106.95 -2.32
N ILE A 38 27.85 -107.66 -3.31
CA ILE A 38 27.99 -107.30 -4.72
C ILE A 38 26.59 -107.07 -5.28
N LYS A 39 26.29 -105.82 -5.63
CA LYS A 39 24.98 -105.44 -6.13
C LYS A 39 25.10 -104.89 -7.55
N SER A 40 24.04 -105.06 -8.33
CA SER A 40 24.01 -104.60 -9.71
C SER A 40 23.64 -103.12 -9.77
N TYR A 41 23.38 -102.64 -10.98
CA TYR A 41 22.90 -101.27 -11.17
C TYR A 41 21.60 -100.99 -10.41
N PRO A 42 20.60 -101.87 -10.39
CA PRO A 42 19.47 -101.66 -9.47
C PRO A 42 19.94 -101.77 -8.02
N ASP A 43 19.54 -100.80 -7.20
CA ASP A 43 20.14 -100.67 -5.87
C ASP A 43 19.67 -101.77 -4.89
N LYS A 44 18.36 -101.94 -4.62
CA LYS A 44 17.08 -101.54 -5.29
C LYS A 44 16.97 -101.93 -6.77
N LYS A 45 16.87 -103.23 -7.07
CA LYS A 45 16.86 -104.30 -6.06
C LYS A 45 17.46 -105.58 -6.63
N PHE A 46 18.74 -105.81 -6.36
CA PHE A 46 19.46 -106.99 -6.84
C PHE A 46 20.72 -107.15 -6.00
N SER A 47 21.25 -108.37 -6.00
CA SER A 47 22.47 -108.67 -5.25
C SER A 47 23.10 -109.93 -5.82
N TYR A 48 24.33 -109.81 -6.32
CA TYR A 48 25.02 -110.97 -6.89
C TYR A 48 25.45 -111.94 -5.80
N SER A 49 26.29 -111.48 -4.87
CA SER A 49 26.76 -112.32 -3.79
C SER A 49 26.99 -111.46 -2.56
N SER A 50 27.07 -112.12 -1.41
CA SER A 50 27.28 -111.45 -0.13
C SER A 50 28.31 -112.23 0.67
N GLY A 51 29.44 -111.57 0.97
CA GLY A 51 30.49 -112.18 1.76
C GLY A 51 30.54 -111.58 3.14
N HIS A 52 31.04 -112.36 4.11
CA HIS A 52 31.13 -111.94 5.49
C HIS A 52 32.52 -112.25 6.04
N VAL A 53 33.03 -111.34 6.85
CA VAL A 53 34.35 -111.48 7.46
C VAL A 53 34.20 -111.38 8.97
N HIS A 54 35.29 -111.68 9.68
CA HIS A 54 35.34 -111.64 11.13
C HIS A 54 36.60 -110.91 11.56
N LEU A 55 36.44 -109.97 12.50
CA LEU A 55 37.55 -109.16 12.99
C LEU A 55 37.80 -109.45 14.45
N SER A 56 39.08 -109.56 14.81
CA SER A 56 39.47 -109.86 16.19
C SER A 56 40.89 -109.35 16.42
N SER A 57 41.33 -109.42 17.67
CA SER A 57 42.68 -109.00 18.01
C SER A 57 43.73 -109.90 17.38
N GLU A 58 43.40 -111.17 17.17
CA GLU A 58 44.35 -112.08 16.51
C GLU A 58 44.59 -111.68 15.07
N ASN A 59 43.54 -111.32 14.34
CA ASN A 59 43.67 -110.85 12.97
C ASN A 59 44.05 -109.38 12.88
N LYS A 60 44.17 -108.68 14.02
CA LYS A 60 44.55 -107.28 14.07
C LYS A 60 43.60 -106.39 13.26
N PHE A 61 42.33 -106.81 13.17
CA PHE A 61 41.26 -106.03 12.54
C PHE A 61 41.49 -105.85 11.04
N GLN A 62 41.97 -106.88 10.37
CA GLN A 62 42.00 -106.92 8.91
C GLN A 62 41.64 -108.32 8.46
N ASN A 63 40.92 -108.40 7.33
CA ASN A 63 40.49 -109.67 6.78
C ASN A 63 40.17 -109.48 5.32
N SER A 64 40.20 -110.58 4.56
CA SER A 64 39.95 -110.55 3.13
C SER A 64 39.07 -111.73 2.75
N ALA A 65 38.03 -111.47 1.97
CA ALA A 65 37.10 -112.50 1.52
C ALA A 65 36.99 -112.45 0.01
N ILE A 66 37.00 -113.63 -0.62
CA ILE A 66 36.93 -113.73 -2.07
C ILE A 66 35.49 -113.51 -2.53
N LEU A 67 35.32 -112.77 -3.63
CA LEU A 67 34.02 -112.50 -4.21
C LEU A 67 34.02 -112.93 -5.67
N THR A 68 32.85 -113.37 -6.13
CA THR A 68 32.69 -113.85 -7.49
C THR A 68 31.56 -113.10 -8.18
N ILE A 69 31.68 -112.98 -9.51
CA ILE A 69 30.67 -112.34 -10.35
C ILE A 69 30.16 -113.40 -11.31
N GLN A 70 28.94 -113.87 -11.09
CA GLN A 70 28.34 -114.94 -11.86
C GLN A 70 27.34 -114.38 -12.87
N PRO A 71 26.98 -115.16 -13.90
CA PRO A 71 26.05 -114.64 -14.91
C PRO A 71 24.64 -114.43 -14.39
N LYS A 72 24.49 -113.46 -13.49
CA LYS A 72 23.18 -113.05 -12.98
C LYS A 72 22.66 -111.81 -13.68
N GLN A 73 23.42 -111.25 -14.61
CA GLN A 73 23.01 -110.02 -15.30
C GLN A 73 21.73 -110.25 -16.10
N LEU A 74 21.03 -109.15 -16.36
CA LEU A 74 19.77 -109.22 -17.10
C LEU A 74 20.03 -109.64 -18.53
N PRO A 75 19.29 -110.62 -19.05
CA PRO A 75 19.49 -111.03 -20.45
C PRO A 75 19.11 -109.92 -21.42
N GLY A 76 19.95 -109.74 -22.44
CA GLY A 76 19.68 -108.70 -23.42
C GLY A 76 19.92 -107.31 -22.86
N GLY A 77 19.15 -106.36 -23.37
CA GLY A 77 19.24 -104.98 -22.94
C GLY A 77 20.21 -104.17 -23.78
N GLN A 78 20.18 -102.85 -23.56
CA GLN A 78 21.06 -101.95 -24.29
C GLN A 78 22.51 -102.07 -23.84
N ASN A 79 22.74 -102.47 -22.58
CA ASN A 79 24.07 -102.66 -22.06
C ASN A 79 24.07 -103.92 -21.19
N PRO A 80 24.97 -104.87 -21.45
CA PRO A 80 24.95 -106.14 -20.70
C PRO A 80 25.68 -106.10 -19.38
N VAL A 81 26.50 -105.08 -19.11
CA VAL A 81 27.41 -105.14 -17.98
C VAL A 81 26.79 -104.50 -16.73
N SER A 82 26.48 -103.20 -16.79
CA SER A 82 26.04 -102.45 -15.62
C SER A 82 26.98 -102.74 -14.44
N TYR A 83 28.22 -102.28 -14.62
CA TYR A 83 29.40 -102.98 -14.13
C TYR A 83 29.28 -103.58 -12.73
N VAL A 84 29.21 -102.74 -11.70
CA VAL A 84 29.01 -103.22 -10.34
C VAL A 84 28.78 -102.04 -9.40
N TYR A 85 28.05 -102.27 -8.31
CA TYR A 85 27.99 -101.37 -7.18
C TYR A 85 28.49 -102.12 -5.95
N LEU A 86 29.49 -101.55 -5.28
CA LEU A 86 30.13 -102.19 -4.14
C LEU A 86 29.71 -101.47 -2.86
N GLU A 87 29.27 -102.24 -1.87
CA GLU A 87 28.84 -101.70 -0.59
C GLU A 87 29.59 -102.41 0.53
N VAL A 88 29.60 -101.77 1.70
CA VAL A 88 30.21 -102.34 2.90
C VAL A 88 29.23 -102.19 4.05
N VAL A 89 29.01 -103.29 4.76
CA VAL A 89 28.08 -103.33 5.88
C VAL A 89 28.92 -103.51 7.14
N SER A 90 29.11 -102.44 7.90
CA SER A 90 29.90 -102.48 9.13
C SER A 90 29.19 -101.67 10.20
N LYS A 91 29.52 -101.97 11.45
CA LYS A 91 28.83 -101.34 12.57
C LYS A 91 29.13 -99.85 12.65
N HIS A 92 30.38 -99.45 12.41
CA HIS A 92 30.78 -98.07 12.53
C HIS A 92 30.70 -97.29 11.23
N PHE A 93 30.74 -97.96 10.08
CA PHE A 93 30.81 -97.26 8.80
C PHE A 93 30.03 -98.03 7.75
N SER A 94 29.53 -97.29 6.75
CA SER A 94 28.82 -97.88 5.63
C SER A 94 28.92 -96.91 4.45
N LYS A 95 29.41 -97.39 3.31
CA LYS A 95 29.62 -96.55 2.15
C LYS A 95 29.44 -97.39 0.89
N SER A 96 29.14 -96.70 -0.21
CA SER A 96 28.92 -97.33 -1.50
C SER A 96 29.74 -96.63 -2.58
N LYS A 97 30.13 -97.39 -3.60
CA LYS A 97 30.89 -96.85 -4.71
C LYS A 97 30.73 -97.77 -5.92
N ARG A 98 30.69 -97.17 -7.10
CA ARG A 98 30.65 -97.92 -8.36
C ARG A 98 32.07 -98.20 -8.83
N MET A 99 32.22 -99.32 -9.54
CA MET A 99 33.52 -99.75 -10.06
C MET A 99 33.33 -100.40 -11.43
N PRO A 100 34.19 -100.07 -12.39
CA PRO A 100 34.08 -100.71 -13.71
C PRO A 100 34.57 -102.15 -13.66
N ILE A 101 33.87 -103.02 -14.39
CA ILE A 101 34.25 -104.42 -14.51
C ILE A 101 34.35 -104.75 -16.00
N THR A 102 34.78 -105.98 -16.28
CA THR A 102 34.91 -106.44 -17.66
C THR A 102 34.80 -107.96 -17.66
N TYR A 103 34.16 -108.50 -18.70
CA TYR A 103 34.09 -109.95 -18.90
C TYR A 103 35.43 -110.54 -19.30
N ASP A 104 36.51 -109.76 -19.34
CA ASP A 104 37.82 -110.26 -19.70
C ASP A 104 38.36 -111.17 -18.61
N ASN A 105 38.11 -112.47 -18.74
CA ASN A 105 38.55 -113.45 -17.76
C ASN A 105 39.08 -114.68 -18.48
N GLY A 106 40.25 -115.15 -18.07
CA GLY A 106 40.87 -116.30 -18.70
C GLY A 106 41.73 -115.92 -19.88
N PHE A 107 42.27 -116.96 -20.52
CA PHE A 107 43.16 -116.78 -21.66
C PHE A 107 42.94 -117.91 -22.64
N LEU A 108 43.22 -117.63 -23.92
CA LEU A 108 43.05 -118.59 -25.00
C LEU A 108 44.37 -118.75 -25.73
N PHE A 109 44.93 -119.95 -25.68
CA PHE A 109 46.19 -120.28 -26.36
C PHE A 109 45.87 -121.26 -27.48
N ILE A 110 45.81 -120.77 -28.70
CA ILE A 110 45.56 -121.59 -29.87
C ILE A 110 46.89 -122.16 -30.36
N HIS A 111 47.00 -123.49 -30.35
CA HIS A 111 48.23 -124.18 -30.75
C HIS A 111 47.96 -124.96 -32.02
N THR A 112 48.63 -124.58 -33.10
CA THR A 112 48.51 -125.27 -34.37
C THR A 112 49.74 -126.17 -34.58
N ASP A 113 49.52 -127.26 -35.31
CA ASP A 113 50.62 -128.20 -35.55
C ASP A 113 51.63 -127.64 -36.53
N LYS A 114 51.19 -126.82 -37.49
CA LYS A 114 52.06 -126.33 -38.54
C LYS A 114 51.71 -124.88 -38.88
N PRO A 115 52.71 -124.04 -39.14
CA PRO A 115 52.42 -122.68 -39.62
C PRO A 115 52.17 -122.60 -41.11
N VAL A 116 52.53 -123.62 -41.88
CA VAL A 116 52.38 -123.63 -43.33
C VAL A 116 51.49 -124.79 -43.72
N TYR A 117 50.48 -124.53 -44.54
CA TYR A 117 49.54 -125.54 -44.99
C TYR A 117 49.47 -125.53 -46.51
N THR A 118 49.31 -126.71 -47.09
CA THR A 118 49.09 -126.88 -48.52
C THR A 118 47.62 -127.19 -48.80
N PRO A 119 47.16 -126.98 -50.03
CA PRO A 119 45.79 -127.35 -50.37
C PRO A 119 45.53 -128.83 -50.15
N ASP A 120 44.30 -129.15 -49.74
CA ASP A 120 43.88 -130.51 -49.44
C ASP A 120 44.77 -131.14 -48.37
N GLN A 121 44.74 -130.53 -47.18
CA GLN A 121 45.53 -130.97 -46.05
C GLN A 121 44.73 -130.76 -44.77
N SER A 122 44.85 -131.71 -43.84
CA SER A 122 44.13 -131.63 -42.58
C SER A 122 44.72 -130.54 -41.69
N VAL A 123 43.86 -129.95 -40.86
CA VAL A 123 44.24 -128.85 -39.97
C VAL A 123 44.03 -129.36 -38.55
N LYS A 124 45.10 -129.81 -37.91
CA LYS A 124 45.06 -130.22 -36.52
C LYS A 124 45.38 -129.03 -35.63
N VAL A 125 44.42 -128.65 -34.78
CA VAL A 125 44.57 -127.48 -33.92
C VAL A 125 43.87 -127.75 -32.60
N ARG A 126 44.43 -127.22 -31.51
CA ARG A 126 43.85 -127.35 -30.19
C ARG A 126 43.91 -126.00 -29.49
N VAL A 127 42.91 -125.74 -28.63
CA VAL A 127 42.80 -124.50 -27.90
C VAL A 127 42.95 -124.79 -26.41
N TYR A 128 43.77 -123.99 -25.73
CA TYR A 128 44.01 -124.15 -24.30
C TYR A 128 43.13 -123.15 -23.54
N SER A 129 42.12 -123.67 -22.87
CA SER A 129 41.24 -122.84 -22.05
C SER A 129 41.84 -122.69 -20.65
N LEU A 130 41.80 -121.46 -20.14
CA LEU A 130 42.38 -121.16 -18.84
C LEU A 130 41.50 -120.15 -18.11
N ASN A 131 41.67 -120.09 -16.79
CA ASN A 131 41.02 -119.10 -15.94
C ASN A 131 42.07 -118.09 -15.46
N ASP A 132 41.64 -117.19 -14.57
CA ASP A 132 42.58 -116.25 -13.98
C ASP A 132 43.50 -116.94 -12.98
N ASP A 133 43.01 -117.95 -12.28
CA ASP A 133 43.80 -118.72 -11.33
C ASP A 133 44.55 -119.87 -11.98
N LEU A 134 44.77 -119.80 -13.30
CA LEU A 134 45.49 -120.80 -14.08
C LEU A 134 44.78 -122.15 -14.13
N LYS A 135 43.53 -122.22 -13.66
CA LYS A 135 42.78 -123.46 -13.68
C LYS A 135 42.33 -123.79 -15.10
N PRO A 136 42.02 -125.06 -15.38
CA PRO A 136 41.54 -125.41 -16.72
C PRO A 136 40.31 -124.65 -17.16
N ALA A 137 39.35 -124.44 -16.25
CA ALA A 137 38.13 -123.67 -16.53
C ALA A 137 37.39 -124.24 -17.75
N LYS A 138 36.92 -125.48 -17.57
CA LYS A 138 36.19 -126.18 -18.61
C LYS A 138 35.02 -125.37 -19.12
N ARG A 139 35.10 -124.91 -20.38
CA ARG A 139 34.09 -124.03 -20.95
C ARG A 139 33.92 -124.36 -22.43
N GLU A 140 32.71 -124.15 -22.93
CA GLU A 140 32.45 -124.32 -24.35
C GLU A 140 33.18 -123.23 -25.15
N THR A 141 33.59 -123.58 -26.36
CA THR A 141 34.37 -122.68 -27.20
C THR A 141 34.01 -122.89 -28.67
N VAL A 142 33.79 -121.79 -29.38
CA VAL A 142 33.55 -121.82 -30.82
C VAL A 142 34.81 -121.33 -31.52
N LEU A 143 35.05 -121.85 -32.73
CA LEU A 143 36.22 -121.51 -33.52
C LEU A 143 35.80 -121.10 -34.91
N THR A 144 36.16 -119.88 -35.32
CA THR A 144 35.84 -119.36 -36.63
C THR A 144 37.11 -119.20 -37.46
N PHE A 145 36.97 -119.36 -38.77
CA PHE A 145 38.06 -119.20 -39.72
C PHE A 145 37.77 -118.04 -40.66
N ILE A 146 38.78 -117.24 -40.95
CA ILE A 146 38.64 -116.06 -41.79
C ILE A 146 39.63 -116.15 -42.95
N ASP A 147 39.13 -115.99 -44.17
CA ASP A 147 39.98 -115.94 -45.34
C ASP A 147 40.87 -114.69 -45.28
N PRO A 148 42.09 -114.78 -45.80
CA PRO A 148 42.97 -113.59 -45.80
C PRO A 148 42.36 -112.38 -46.49
N GLU A 149 41.41 -112.57 -47.40
CA GLU A 149 40.72 -111.44 -48.02
C GLU A 149 39.73 -110.77 -47.08
N GLY A 150 39.45 -111.36 -45.91
CA GLY A 150 38.58 -110.78 -44.92
C GLY A 150 37.24 -111.47 -44.74
N SER A 151 36.97 -112.54 -45.49
CA SER A 151 35.69 -113.24 -45.41
C SER A 151 35.82 -114.47 -44.52
N GLU A 152 34.76 -114.76 -43.78
CA GLU A 152 34.73 -115.94 -42.92
C GLU A 152 34.53 -117.19 -43.76
N VAL A 153 35.10 -118.30 -43.28
CA VAL A 153 35.09 -119.58 -43.99
C VAL A 153 34.16 -120.59 -43.31
N ASP A 154 34.45 -120.94 -42.07
CA ASP A 154 33.66 -121.96 -41.37
C ASP A 154 33.78 -121.75 -39.87
N MET A 155 32.72 -122.14 -39.16
CA MET A 155 32.67 -122.07 -37.71
C MET A 155 32.38 -123.46 -37.15
N VAL A 156 32.97 -123.76 -35.99
CA VAL A 156 32.81 -125.06 -35.34
C VAL A 156 32.78 -124.84 -33.83
N GLU A 157 31.88 -125.56 -33.15
CA GLU A 157 31.75 -125.48 -31.71
C GLU A 157 31.97 -126.86 -31.09
N GLU A 158 32.52 -126.87 -29.89
CA GLU A 158 32.80 -128.12 -29.19
C GLU A 158 32.89 -127.84 -27.69
N ILE A 159 32.37 -128.77 -26.90
CA ILE A 159 32.41 -128.66 -25.44
C ILE A 159 33.74 -129.18 -24.93
N ASP A 160 34.27 -128.53 -23.90
CA ASP A 160 35.55 -128.89 -23.31
C ASP A 160 35.34 -129.68 -22.03
N HIS A 161 35.80 -130.93 -22.03
CA HIS A 161 35.69 -131.82 -20.87
C HIS A 161 37.01 -132.06 -20.16
N ILE A 162 38.12 -132.15 -20.90
CA ILE A 162 39.42 -132.41 -20.31
C ILE A 162 40.10 -131.13 -19.85
N GLY A 163 40.11 -130.12 -20.71
CA GLY A 163 40.84 -128.89 -20.45
C GLY A 163 41.62 -128.45 -21.67
N ILE A 164 41.89 -129.39 -22.56
CA ILE A 164 42.52 -129.13 -23.85
C ILE A 164 41.47 -129.34 -24.93
N ILE A 165 41.02 -128.23 -25.52
CA ILE A 165 39.89 -128.28 -26.45
C ILE A 165 40.34 -128.92 -27.75
N SER A 166 39.86 -130.14 -28.02
CA SER A 166 40.18 -130.85 -29.25
C SER A 166 39.15 -130.50 -30.32
N PHE A 167 39.63 -130.15 -31.51
CA PHE A 167 38.77 -129.74 -32.60
C PHE A 167 38.93 -130.68 -33.80
N PRO A 168 37.87 -130.88 -34.58
CA PRO A 168 37.98 -131.74 -35.76
C PRO A 168 38.93 -131.15 -36.80
N ASP A 169 39.52 -132.03 -37.60
CA ASP A 169 40.48 -131.61 -38.60
C ASP A 169 39.77 -130.87 -39.73
N PHE A 170 40.13 -129.60 -39.92
CA PHE A 170 39.57 -128.79 -40.99
C PHE A 170 40.19 -129.20 -42.32
N LYS A 171 39.47 -128.91 -43.40
CA LYS A 171 39.89 -129.27 -44.74
C LYS A 171 39.98 -128.03 -45.62
N ILE A 172 41.04 -127.95 -46.40
CA ILE A 172 41.26 -126.78 -47.27
C ILE A 172 40.34 -126.89 -48.47
N PRO A 173 39.63 -125.82 -48.84
CA PRO A 173 38.75 -125.89 -50.01
C PRO A 173 39.52 -126.16 -51.30
N SER A 174 38.76 -126.51 -52.34
CA SER A 174 39.39 -126.85 -53.62
C SER A 174 40.07 -125.64 -54.26
N ASN A 175 39.59 -124.43 -53.97
CA ASN A 175 40.18 -123.20 -54.49
C ASN A 175 40.68 -122.37 -53.30
N PRO A 176 41.89 -122.65 -52.83
CA PRO A 176 42.43 -121.90 -51.69
C PRO A 176 42.83 -120.49 -52.09
N ARG A 177 42.96 -119.64 -51.08
CA ARG A 177 43.42 -118.25 -51.24
C ARG A 177 44.72 -118.10 -50.46
N TYR A 178 45.83 -118.00 -51.19
CA TYR A 178 47.14 -117.88 -50.54
C TYR A 178 47.25 -116.55 -49.81
N GLY A 179 47.84 -116.59 -48.62
CA GLY A 179 47.99 -115.42 -47.80
C GLY A 179 47.99 -115.79 -46.34
N MET A 180 47.91 -114.75 -45.50
CA MET A 180 47.90 -114.92 -44.04
C MET A 180 46.46 -115.07 -43.57
N TRP A 181 46.12 -116.27 -43.10
CA TRP A 181 44.77 -116.57 -42.63
C TRP A 181 44.59 -116.01 -41.21
N THR A 182 43.39 -116.19 -40.68
CA THR A 182 43.04 -115.70 -39.35
C THR A 182 42.20 -116.74 -38.62
N ILE A 183 42.51 -116.95 -37.35
CA ILE A 183 41.80 -117.89 -36.49
C ILE A 183 41.41 -117.18 -35.21
N LYS A 184 40.10 -117.10 -34.94
CA LYS A 184 39.59 -116.52 -33.71
C LYS A 184 38.75 -117.54 -32.96
N ALA A 185 38.77 -117.44 -31.63
CA ALA A 185 38.05 -118.36 -30.76
C ALA A 185 37.29 -117.58 -29.71
N LYS A 186 36.03 -117.97 -29.48
CA LYS A 186 35.18 -117.34 -28.49
C LYS A 186 34.45 -118.43 -27.71
N TYR A 187 33.99 -118.06 -26.50
CA TYR A 187 33.26 -119.00 -25.67
C TYR A 187 31.79 -119.11 -26.04
N LYS A 188 31.31 -118.24 -26.93
CA LYS A 188 30.10 -118.36 -27.73
C LYS A 188 28.80 -118.13 -26.94
N GLU A 189 28.83 -118.03 -25.61
CA GLU A 189 27.60 -117.73 -24.88
C GLU A 189 27.66 -116.40 -24.16
N ASP A 190 28.58 -116.21 -23.21
CA ASP A 190 28.77 -114.91 -22.58
C ASP A 190 30.17 -114.89 -21.97
N PHE A 191 31.11 -114.27 -22.67
CA PHE A 191 32.49 -114.16 -22.21
C PHE A 191 33.21 -113.14 -23.08
N SER A 192 34.50 -112.97 -22.82
CA SER A 192 35.34 -112.03 -23.54
C SER A 192 36.71 -112.67 -23.74
N THR A 193 37.71 -111.86 -24.08
CA THR A 193 39.08 -112.29 -24.32
C THR A 193 39.14 -113.27 -25.49
N THR A 194 38.75 -112.76 -26.66
CA THR A 194 38.86 -113.54 -27.89
C THR A 194 40.32 -113.72 -28.26
N GLY A 195 40.71 -114.95 -28.57
CA GLY A 195 42.06 -115.26 -28.97
C GLY A 195 42.23 -115.21 -30.47
N THR A 196 43.43 -114.86 -30.91
CA THR A 196 43.73 -114.70 -32.33
C THR A 196 44.99 -115.49 -32.68
N ALA A 197 44.89 -116.34 -33.70
CA ALA A 197 46.02 -117.11 -34.19
C ALA A 197 46.16 -116.91 -35.69
N TYR A 198 47.39 -117.00 -36.18
CA TYR A 198 47.70 -116.77 -37.58
C TYR A 198 48.40 -117.99 -38.16
N PHE A 199 48.11 -118.28 -39.44
CA PHE A 199 48.81 -119.32 -40.17
C PHE A 199 48.71 -119.00 -41.66
N GLU A 200 49.80 -119.24 -42.37
CA GLU A 200 49.88 -118.95 -43.81
C GLU A 200 49.79 -120.24 -44.60
N VAL A 201 49.02 -120.20 -45.68
CA VAL A 201 48.89 -121.34 -46.59
C VAL A 201 49.86 -121.10 -47.75
N LYS A 202 50.86 -121.97 -47.86
CA LYS A 202 51.88 -121.83 -48.89
C LYS A 202 52.38 -123.23 -49.24
N GLU A 203 53.46 -123.29 -50.01
CA GLU A 203 54.01 -124.55 -50.51
C GLU A 203 55.31 -124.84 -49.77
N TYR A 204 55.23 -125.73 -48.77
CA TYR A 204 56.37 -126.13 -47.96
C TYR A 204 56.95 -127.47 -48.42
N VAL A 205 56.88 -127.74 -49.73
CA VAL A 205 57.17 -129.09 -50.25
C VAL A 205 58.48 -129.63 -49.70
N LEU A 206 59.58 -128.92 -49.98
CA LEU A 206 60.87 -129.34 -49.45
C LEU A 206 61.83 -128.15 -49.32
N PRO A 207 62.21 -127.78 -48.10
CA PRO A 207 63.37 -126.91 -47.94
C PRO A 207 64.66 -127.72 -47.89
N HIS A 208 65.59 -127.42 -48.79
CA HIS A 208 66.78 -128.26 -48.91
C HIS A 208 67.76 -127.99 -47.77
N PHE A 209 67.95 -126.71 -47.42
CA PHE A 209 68.84 -126.35 -46.32
C PHE A 209 68.53 -124.92 -45.90
N SER A 210 68.55 -124.68 -44.59
CA SER A 210 68.24 -123.36 -44.06
C SER A 210 69.39 -122.39 -44.34
N VAL A 211 69.05 -121.22 -44.86
CA VAL A 211 70.02 -120.17 -45.17
C VAL A 211 69.76 -119.01 -44.22
N SER A 212 70.67 -118.79 -43.29
CA SER A 212 70.56 -117.72 -42.31
C SER A 212 71.47 -116.57 -42.70
N ILE A 213 70.92 -115.36 -42.70
CA ILE A 213 71.66 -114.15 -43.05
C ILE A 213 71.85 -113.36 -41.77
N GLU A 214 73.07 -113.38 -41.23
CA GLU A 214 73.41 -112.68 -40.00
C GLU A 214 74.46 -111.61 -40.29
N PRO A 215 74.05 -110.36 -40.54
CA PRO A 215 75.04 -109.31 -40.81
C PRO A 215 75.83 -108.97 -39.55
N GLU A 216 77.01 -108.40 -39.79
CA GLU A 216 77.87 -107.98 -38.68
C GLU A 216 77.19 -106.88 -37.85
N TYR A 217 76.51 -105.96 -38.52
CA TYR A 217 75.76 -104.90 -37.85
C TYR A 217 74.30 -104.95 -38.29
N ASN A 218 73.41 -104.54 -37.38
CA ASN A 218 71.99 -104.55 -37.68
C ASN A 218 71.66 -103.61 -38.84
N PHE A 219 71.96 -102.33 -38.68
CA PHE A 219 71.68 -101.32 -39.70
C PHE A 219 72.97 -100.61 -40.07
N ILE A 220 73.14 -100.34 -41.36
CA ILE A 220 74.35 -99.69 -41.86
C ILE A 220 74.40 -98.25 -41.35
N GLY A 221 75.51 -97.90 -40.72
CA GLY A 221 75.70 -96.54 -40.24
C GLY A 221 76.70 -95.76 -41.07
N TYR A 222 77.32 -94.75 -40.46
CA TYR A 222 78.32 -93.96 -41.17
C TYR A 222 79.61 -94.74 -41.39
N LYS A 223 80.04 -95.48 -40.37
CA LYS A 223 81.27 -96.26 -40.51
C LYS A 223 81.11 -97.43 -41.47
N ASN A 224 79.90 -97.97 -41.58
CA ASN A 224 79.62 -99.09 -42.47
C ASN A 224 79.26 -98.65 -43.89
N PHE A 225 79.28 -97.34 -44.17
CA PHE A 225 78.96 -96.89 -45.52
C PHE A 225 80.08 -97.20 -46.49
N LYS A 226 81.33 -96.94 -46.08
CA LYS A 226 82.46 -97.22 -46.98
C LYS A 226 82.72 -98.72 -47.08
N ASN A 227 82.52 -99.46 -46.00
CA ASN A 227 82.74 -100.90 -46.01
C ASN A 227 81.73 -101.57 -45.10
N PHE A 228 80.90 -102.44 -45.66
CA PHE A 228 79.90 -103.19 -44.92
C PHE A 228 80.06 -104.67 -45.23
N GLU A 229 80.44 -105.44 -44.23
CA GLU A 229 80.67 -106.88 -44.39
C GLU A 229 79.49 -107.65 -43.80
N ILE A 230 78.95 -108.58 -44.57
CA ILE A 230 77.78 -109.35 -44.17
C ILE A 230 78.12 -110.83 -44.23
N THR A 231 77.60 -111.59 -43.27
CA THR A 231 77.85 -113.03 -43.18
C THR A 231 76.63 -113.80 -43.64
N ILE A 232 76.81 -114.69 -44.60
CA ILE A 232 75.76 -115.55 -45.12
C ILE A 232 76.16 -116.99 -44.81
N LYS A 233 75.38 -117.64 -43.95
CA LYS A 233 75.66 -119.00 -43.52
C LYS A 233 74.47 -119.89 -43.85
N ALA A 234 74.75 -121.03 -44.49
CA ALA A 234 73.73 -122.02 -44.83
C ALA A 234 74.04 -123.31 -44.09
N ARG A 235 73.05 -123.84 -43.39
CA ARG A 235 73.20 -125.04 -42.59
C ARG A 235 72.05 -125.99 -42.85
N TYR A 236 72.32 -127.29 -42.75
CA TYR A 236 71.28 -128.30 -42.92
C TYR A 236 70.34 -128.31 -41.72
N PHE A 237 69.25 -129.06 -41.85
CA PHE A 237 68.24 -129.13 -40.82
C PHE A 237 68.55 -130.15 -39.72
N TYR A 238 69.53 -131.03 -39.94
CA TYR A 238 69.90 -132.03 -38.94
C TYR A 238 71.13 -131.61 -38.14
N ASN A 239 71.29 -130.32 -37.89
CA ASN A 239 72.29 -129.69 -37.03
C ASN A 239 73.70 -129.71 -37.62
N LYS A 240 73.89 -130.18 -38.84
CA LYS A 240 75.20 -130.21 -39.48
C LYS A 240 75.31 -129.08 -40.50
N VAL A 241 76.48 -128.44 -40.53
CA VAL A 241 76.72 -127.37 -41.50
C VAL A 241 76.89 -127.94 -42.90
N VAL A 242 76.78 -127.06 -43.88
CA VAL A 242 76.96 -127.44 -45.28
C VAL A 242 78.45 -127.41 -45.60
N THR A 243 78.94 -128.50 -46.20
CA THR A 243 80.37 -128.59 -46.52
C THR A 243 80.79 -127.52 -47.52
N GLU A 244 80.25 -127.58 -48.74
CA GLU A 244 80.62 -126.65 -49.79
C GLU A 244 79.40 -126.40 -50.68
N ALA A 245 79.20 -125.13 -51.05
CA ALA A 245 78.10 -124.75 -51.91
C ALA A 245 78.39 -123.39 -52.52
N ASP A 246 77.90 -123.18 -53.74
CA ASP A 246 78.07 -121.91 -54.42
C ASP A 246 76.96 -120.95 -54.00
N VAL A 247 77.35 -119.76 -53.55
CA VAL A 247 76.42 -118.77 -53.02
C VAL A 247 76.42 -117.57 -53.96
N TYR A 248 75.25 -117.23 -54.49
CA TYR A 248 75.07 -116.07 -55.35
C TYR A 248 74.37 -114.97 -54.57
N ILE A 249 74.98 -113.79 -54.53
CA ILE A 249 74.45 -112.66 -53.78
C ILE A 249 73.84 -111.66 -54.74
N THR A 250 72.67 -111.15 -54.39
CA THR A 250 71.96 -110.14 -55.18
C THR A 250 71.53 -109.00 -54.28
N PHE A 251 71.86 -107.78 -54.68
CA PHE A 251 71.55 -106.59 -53.90
C PHE A 251 70.43 -105.81 -54.57
N GLY A 252 69.87 -104.86 -53.83
CA GLY A 252 68.80 -104.03 -54.35
C GLY A 252 68.43 -102.94 -53.37
N ILE A 253 67.69 -101.96 -53.88
CA ILE A 253 67.24 -100.81 -53.10
C ILE A 253 65.73 -100.73 -53.21
N ARG A 254 65.05 -100.69 -52.07
CA ARG A 254 63.60 -100.59 -52.01
C ARG A 254 63.20 -99.35 -51.23
N GLU A 255 62.12 -98.70 -51.67
CA GLU A 255 61.67 -97.48 -50.99
C GLU A 255 60.94 -97.79 -49.69
N ASP A 256 60.13 -98.84 -49.67
CA ASP A 256 59.38 -99.21 -48.47
C ASP A 256 59.26 -100.73 -48.43
N LEU A 257 58.88 -101.24 -47.25
CA LEU A 257 58.68 -102.68 -47.09
C LEU A 257 57.46 -103.19 -47.83
N LYS A 258 56.52 -102.31 -48.16
CA LYS A 258 55.32 -102.74 -48.88
C LYS A 258 55.59 -102.99 -50.35
N ASP A 259 56.53 -102.25 -50.95
CA ASP A 259 56.87 -102.42 -52.36
C ASP A 259 57.82 -103.59 -52.50
N ASP A 260 57.39 -104.64 -53.20
CA ASP A 260 58.17 -105.85 -53.36
C ASP A 260 59.04 -105.85 -54.62
N GLN A 261 58.71 -105.03 -55.62
CA GLN A 261 59.45 -105.01 -56.87
C GLN A 261 60.13 -103.66 -57.04
N LYS A 262 61.45 -103.68 -57.15
CA LYS A 262 62.23 -102.45 -57.33
C LYS A 262 63.44 -102.76 -58.21
N GLU A 263 63.96 -101.71 -58.84
CA GLU A 263 65.15 -101.84 -59.66
C GLU A 263 66.35 -102.17 -58.79
N MET A 264 67.33 -102.86 -59.38
CA MET A 264 68.48 -103.32 -58.62
C MET A 264 69.65 -103.58 -59.57
N MET A 265 70.85 -103.50 -59.00
CA MET A 265 72.05 -103.90 -59.73
C MET A 265 72.03 -105.39 -60.01
N GLN A 266 72.36 -105.82 -61.25
CA GLN A 266 72.89 -105.11 -62.44
C GLN A 266 74.35 -104.68 -62.26
N THR A 267 74.95 -104.99 -61.10
CA THR A 267 76.40 -104.91 -60.98
C THR A 267 76.93 -106.19 -60.34
N ALA A 268 76.11 -106.84 -59.51
CA ALA A 268 76.48 -108.06 -58.81
C ALA A 268 75.23 -108.64 -58.17
N MET A 269 75.02 -109.96 -58.25
CA MET A 269 75.79 -110.99 -58.98
C MET A 269 77.25 -111.17 -58.54
N GLN A 270 77.47 -111.34 -57.23
CA GLN A 270 78.75 -111.76 -56.69
C GLN A 270 78.70 -113.26 -56.41
N ASN A 271 79.75 -113.97 -56.84
CA ASN A 271 79.84 -115.42 -56.67
C ASN A 271 80.86 -115.75 -55.59
N THR A 272 80.37 -116.26 -54.46
CA THR A 272 81.23 -116.69 -53.36
C THR A 272 80.95 -118.15 -53.04
N MET A 273 81.92 -118.80 -52.41
CA MET A 273 81.86 -120.22 -52.08
C MET A 273 81.65 -120.39 -50.59
N LEU A 274 80.69 -121.24 -50.23
CA LEU A 274 80.43 -121.55 -48.82
C LEU A 274 81.45 -122.55 -48.31
N ILE A 275 82.09 -122.20 -47.20
CA ILE A 275 83.14 -123.03 -46.59
C ILE A 275 82.74 -123.34 -45.16
N ASN A 276 82.65 -124.64 -44.83
CA ASN A 276 82.35 -125.11 -43.48
C ASN A 276 81.02 -124.55 -42.96
N GLY A 277 80.08 -124.28 -43.87
CA GLY A 277 78.78 -123.79 -43.47
C GLY A 277 78.72 -122.33 -43.12
N ILE A 278 79.76 -121.56 -43.42
CA ILE A 278 79.80 -120.13 -43.12
C ILE A 278 80.50 -119.41 -44.27
N ALA A 279 79.93 -118.30 -44.70
CA ALA A 279 80.51 -117.47 -45.76
C ALA A 279 80.32 -116.01 -45.41
N GLN A 280 81.28 -115.18 -45.81
CA GLN A 280 81.25 -113.76 -45.50
C GLN A 280 81.89 -113.00 -46.66
N VAL A 281 81.27 -111.89 -47.03
CA VAL A 281 81.71 -111.08 -48.16
C VAL A 281 81.57 -109.60 -47.80
N THR A 282 82.48 -108.80 -48.34
CA THR A 282 82.49 -107.36 -48.11
C THR A 282 81.79 -106.65 -49.27
N PHE A 283 80.80 -105.82 -48.93
CA PHE A 283 80.03 -105.07 -49.92
C PHE A 283 80.06 -103.60 -49.56
N ASP A 284 80.63 -102.78 -50.44
CA ASP A 284 80.67 -101.34 -50.23
C ASP A 284 79.43 -100.68 -50.84
N SER A 285 78.88 -99.72 -50.10
CA SER A 285 77.69 -99.02 -50.55
C SER A 285 77.98 -97.91 -51.55
N GLU A 286 79.24 -97.46 -51.64
CA GLU A 286 79.58 -96.35 -52.53
C GLU A 286 79.39 -96.75 -53.99
N THR A 287 79.87 -97.94 -54.37
CA THR A 287 79.72 -98.37 -55.76
C THR A 287 78.25 -98.56 -56.14
N ALA A 288 77.47 -99.15 -55.24
CA ALA A 288 76.05 -99.35 -55.51
C ALA A 288 75.31 -98.01 -55.63
N VAL A 289 75.60 -97.08 -54.73
CA VAL A 289 74.92 -95.78 -54.76
C VAL A 289 75.41 -94.93 -55.93
N LYS A 290 76.59 -95.23 -56.47
CA LYS A 290 77.10 -94.48 -57.61
C LYS A 290 76.58 -95.01 -58.93
N GLU A 291 76.47 -96.34 -59.06
CA GLU A 291 76.15 -96.95 -60.35
C GLU A 291 74.65 -97.07 -60.58
N LEU A 292 73.95 -97.77 -59.69
CA LEU A 292 72.55 -98.09 -59.93
C LEU A 292 71.60 -97.05 -59.34
N SER A 293 71.93 -96.47 -58.19
CA SER A 293 71.02 -95.56 -57.51
C SER A 293 70.79 -94.26 -58.25
N TYR A 294 71.62 -93.94 -59.25
CA TYR A 294 71.56 -92.73 -60.08
C TYR A 294 71.93 -91.47 -59.31
N TYR A 295 72.19 -91.57 -58.02
CA TYR A 295 72.68 -90.45 -57.22
C TYR A 295 73.50 -91.01 -56.07
N SER A 296 74.71 -90.49 -55.89
CA SER A 296 75.69 -91.03 -54.94
C SER A 296 75.82 -90.08 -53.76
N LEU A 297 75.02 -90.32 -52.73
CA LEU A 297 75.09 -89.57 -51.48
C LEU A 297 74.24 -90.30 -50.45
N GLU A 298 74.75 -90.38 -49.21
CA GLU A 298 74.01 -91.05 -48.15
C GLU A 298 72.92 -90.19 -47.55
N ASP A 299 72.97 -88.87 -47.80
CA ASP A 299 71.89 -87.98 -47.34
C ASP A 299 70.67 -88.07 -48.23
N LEU A 300 70.85 -88.41 -49.52
CA LEU A 300 69.74 -88.40 -50.46
C LEU A 300 68.84 -89.62 -50.30
N ASN A 301 69.43 -90.80 -50.12
CA ASN A 301 68.68 -92.05 -50.11
C ASN A 301 68.33 -92.43 -48.67
N ASN A 302 67.05 -92.31 -48.32
CA ASN A 302 66.52 -92.77 -47.04
C ASN A 302 65.45 -93.81 -47.37
N LYS A 303 65.88 -95.06 -47.55
CA LYS A 303 64.98 -96.12 -47.96
C LYS A 303 65.68 -97.46 -47.76
N TYR A 304 64.88 -98.52 -47.72
CA TYR A 304 65.38 -99.85 -47.39
C TYR A 304 66.37 -100.35 -48.44
N LEU A 305 67.16 -101.35 -48.06
CA LEU A 305 68.14 -102.00 -48.92
C LEU A 305 67.83 -103.49 -48.94
N TYR A 306 67.32 -103.97 -50.06
CA TYR A 306 66.94 -105.38 -50.19
C TYR A 306 68.10 -106.19 -50.74
N ILE A 307 68.41 -107.29 -50.05
CA ILE A 307 69.48 -108.20 -50.47
C ILE A 307 68.89 -109.59 -50.67
N ALA A 308 69.20 -110.20 -51.80
CA ALA A 308 68.76 -111.54 -52.12
C ALA A 308 69.96 -112.48 -52.17
N VAL A 309 69.78 -113.70 -51.65
CA VAL A 309 70.86 -114.68 -51.57
C VAL A 309 70.35 -115.98 -52.16
N THR A 310 71.05 -116.49 -53.18
CA THR A 310 70.73 -117.76 -53.82
C THR A 310 71.91 -118.69 -53.64
N VAL A 311 71.71 -119.78 -52.89
CA VAL A 311 72.76 -120.73 -52.57
C VAL A 311 72.47 -122.03 -53.31
N ILE A 312 73.42 -122.44 -54.15
CA ILE A 312 73.32 -123.70 -54.88
C ILE A 312 74.51 -124.57 -54.53
N GLU A 313 74.28 -125.88 -54.50
CA GLU A 313 75.32 -126.84 -54.16
C GLU A 313 76.10 -127.20 -55.41
N SER A 314 77.43 -127.20 -55.30
CA SER A 314 78.28 -127.55 -56.43
C SER A 314 78.35 -129.05 -56.65
N THR A 315 78.13 -129.86 -55.61
CA THR A 315 78.19 -131.29 -55.71
C THR A 315 76.87 -131.93 -56.13
N GLY A 316 75.77 -131.18 -56.09
CA GLY A 316 74.48 -131.72 -56.49
C GLY A 316 73.50 -130.60 -56.76
N GLY A 317 72.54 -130.88 -57.64
CA GLY A 317 71.57 -129.86 -58.02
C GLY A 317 70.58 -129.54 -56.93
N PHE A 318 70.73 -128.36 -56.34
CA PHE A 318 69.83 -127.89 -55.28
C PHE A 318 69.89 -126.37 -55.25
N SER A 319 68.83 -125.76 -54.72
CA SER A 319 68.74 -124.31 -54.65
C SER A 319 67.88 -123.91 -53.46
N GLU A 320 68.37 -122.94 -52.68
CA GLU A 320 67.64 -122.36 -51.58
C GLU A 320 67.88 -120.86 -51.55
N GLU A 321 66.85 -120.11 -51.20
CA GLU A 321 66.90 -118.65 -51.24
C GLU A 321 66.51 -118.08 -49.88
N ALA A 322 67.09 -116.92 -49.58
CA ALA A 322 66.76 -116.16 -48.38
C ALA A 322 66.73 -114.68 -48.73
N GLU A 323 66.20 -113.88 -47.81
CA GLU A 323 66.06 -112.45 -48.08
C GLU A 323 66.01 -111.69 -46.77
N ILE A 324 66.27 -110.39 -46.87
CA ILE A 324 66.24 -109.46 -45.73
C ILE A 324 65.28 -108.34 -46.11
N PRO A 325 64.41 -107.90 -45.19
CA PRO A 325 63.44 -106.85 -45.55
C PRO A 325 64.10 -105.58 -46.09
N GLY A 326 65.00 -104.98 -45.32
CA GLY A 326 65.67 -103.77 -45.77
C GLY A 326 66.46 -103.06 -44.70
N ILE A 327 67.46 -102.29 -45.12
CA ILE A 327 68.28 -101.49 -44.22
C ILE A 327 68.29 -100.07 -44.78
N LYS A 328 67.59 -99.16 -44.09
CA LYS A 328 67.43 -97.78 -44.56
C LYS A 328 68.49 -96.88 -43.94
N TYR A 329 69.06 -96.01 -44.78
CA TYR A 329 70.05 -95.04 -44.32
C TYR A 329 69.31 -93.84 -43.73
N VAL A 330 69.28 -93.75 -42.40
CA VAL A 330 68.54 -92.72 -41.69
C VAL A 330 69.53 -91.72 -41.11
N LEU A 331 69.25 -90.42 -41.31
CA LEU A 331 70.11 -89.39 -40.75
C LEU A 331 70.01 -89.35 -39.24
N SER A 332 68.80 -89.48 -38.70
CA SER A 332 68.62 -89.48 -37.26
C SER A 332 69.10 -90.81 -36.68
N PRO A 333 69.86 -90.79 -35.58
CA PRO A 333 70.33 -92.06 -34.99
C PRO A 333 69.21 -92.88 -34.38
N TYR A 334 69.55 -94.00 -33.77
CA TYR A 334 68.55 -94.88 -33.17
C TYR A 334 67.86 -94.19 -32.02
N LYS A 335 66.61 -94.59 -31.76
CA LYS A 335 65.78 -93.93 -30.77
C LYS A 335 65.97 -94.55 -29.40
N LEU A 336 65.72 -93.73 -28.37
CA LEU A 336 65.86 -94.12 -26.98
C LEU A 336 64.49 -94.25 -26.32
N ASN A 337 64.40 -95.14 -25.33
CA ASN A 337 63.18 -95.30 -24.56
C ASN A 337 63.53 -95.90 -23.20
N LEU A 338 62.60 -95.74 -22.26
CA LEU A 338 62.78 -96.22 -20.89
C LEU A 338 61.89 -97.43 -20.66
N VAL A 339 62.45 -98.47 -20.04
CA VAL A 339 61.71 -99.68 -19.69
C VAL A 339 62.02 -100.04 -18.25
N ALA A 340 60.98 -100.46 -17.52
CA ALA A 340 61.09 -100.84 -16.11
C ALA A 340 61.73 -99.72 -15.28
N THR A 341 61.45 -98.48 -15.65
CA THR A 341 62.02 -97.31 -14.99
C THR A 341 60.91 -96.35 -14.62
N PRO A 342 60.53 -96.28 -13.35
CA PRO A 342 59.50 -95.32 -12.93
C PRO A 342 59.98 -93.89 -13.13
N LEU A 343 59.19 -93.11 -13.86
CA LEU A 343 59.52 -91.70 -14.13
C LEU A 343 59.05 -90.83 -12.96
N PHE A 344 59.60 -91.14 -11.78
CA PHE A 344 59.25 -90.43 -10.56
C PHE A 344 60.49 -90.34 -9.68
N LEU A 345 60.39 -89.52 -8.62
CA LEU A 345 61.53 -89.17 -7.79
C LEU A 345 61.25 -89.49 -6.33
N LYS A 346 62.30 -89.94 -5.64
CA LYS A 346 62.26 -90.15 -4.20
C LYS A 346 63.34 -89.30 -3.55
N PRO A 347 62.99 -88.31 -2.74
CA PRO A 347 64.02 -87.41 -2.18
C PRO A 347 64.95 -88.14 -1.22
N GLY A 348 66.24 -87.80 -1.31
CA GLY A 348 67.25 -88.34 -0.42
C GLY A 348 67.71 -89.74 -0.75
N ILE A 349 66.96 -90.49 -1.55
CA ILE A 349 67.27 -91.89 -1.86
C ILE A 349 67.80 -91.94 -3.29
N PRO A 350 68.90 -92.66 -3.55
CA PRO A 350 69.40 -92.76 -4.92
C PRO A 350 68.37 -93.37 -5.86
N TYR A 351 68.08 -92.66 -6.95
CA TYR A 351 67.09 -93.09 -7.91
C TYR A 351 67.78 -93.75 -9.10
N PRO A 352 67.62 -95.05 -9.31
CA PRO A 352 68.24 -95.69 -10.48
C PRO A 352 67.57 -95.26 -11.77
N ILE A 353 68.36 -95.24 -12.84
CA ILE A 353 67.89 -94.88 -14.17
C ILE A 353 68.29 -95.99 -15.12
N LYS A 354 67.30 -96.66 -15.71
CA LYS A 354 67.51 -97.74 -16.66
C LYS A 354 66.92 -97.32 -18.00
N VAL A 355 67.79 -97.04 -18.97
CA VAL A 355 67.38 -96.62 -20.30
C VAL A 355 67.77 -97.70 -21.30
N GLN A 356 66.98 -97.81 -22.37
CA GLN A 356 67.22 -98.79 -23.42
C GLN A 356 67.27 -98.08 -24.77
N VAL A 357 68.14 -98.57 -25.64
CA VAL A 357 68.29 -98.04 -27.00
C VAL A 357 67.78 -99.11 -27.97
N LYS A 358 66.82 -98.73 -28.80
CA LYS A 358 66.27 -99.60 -29.82
C LYS A 358 66.59 -99.06 -31.20
N ASP A 359 66.63 -99.95 -32.18
CA ASP A 359 66.95 -99.58 -33.55
C ASP A 359 65.71 -98.96 -34.21
N SER A 360 65.75 -98.82 -35.53
CA SER A 360 64.62 -98.23 -36.25
C SER A 360 63.39 -99.14 -36.17
N LEU A 361 63.58 -100.46 -36.28
CA LEU A 361 62.47 -101.41 -36.29
C LEU A 361 62.58 -102.36 -35.10
N ASP A 362 62.04 -101.94 -33.96
CA ASP A 362 61.71 -102.79 -32.82
C ASP A 362 62.78 -103.84 -32.53
N GLN A 363 63.98 -103.36 -32.22
CA GLN A 363 65.07 -104.25 -31.82
C GLN A 363 66.09 -103.48 -31.01
N LEU A 364 66.50 -104.04 -29.87
CA LEU A 364 67.44 -103.37 -29.00
C LEU A 364 68.83 -103.31 -29.63
N VAL A 365 69.60 -102.30 -29.22
CA VAL A 365 70.95 -102.09 -29.71
C VAL A 365 71.91 -102.16 -28.52
N GLY A 366 73.12 -102.66 -28.77
CA GLY A 366 74.12 -102.78 -27.74
C GLY A 366 75.44 -102.19 -28.18
N GLY A 367 76.26 -101.84 -27.19
CA GLY A 367 77.57 -101.28 -27.45
C GLY A 367 77.60 -99.83 -27.84
N VAL A 368 76.56 -99.07 -27.51
CA VAL A 368 76.47 -97.65 -27.84
C VAL A 368 76.61 -96.86 -26.53
N PRO A 369 77.69 -96.10 -26.35
CA PRO A 369 77.81 -95.29 -25.14
C PRO A 369 76.78 -94.18 -25.10
N VAL A 370 76.20 -93.96 -23.92
CA VAL A 370 75.18 -92.94 -23.72
C VAL A 370 75.49 -92.16 -22.45
N THR A 371 75.09 -90.89 -22.44
CA THR A 371 75.25 -90.03 -21.27
C THR A 371 73.99 -89.19 -21.10
N LEU A 372 73.85 -88.62 -19.91
CA LEU A 372 72.66 -87.84 -19.58
C LEU A 372 73.07 -86.60 -18.79
N ASN A 373 72.25 -85.56 -18.89
CA ASN A 373 72.43 -84.32 -18.15
C ASN A 373 71.21 -84.09 -17.27
N ALA A 374 71.44 -83.91 -15.98
CA ALA A 374 70.36 -83.77 -15.00
C ALA A 374 70.53 -82.48 -14.22
N GLN A 375 69.39 -81.90 -13.82
CA GLN A 375 69.36 -80.66 -13.05
C GLN A 375 68.49 -80.89 -11.82
N THR A 376 69.12 -80.97 -10.66
CA THR A 376 68.41 -81.16 -9.39
C THR A 376 67.92 -79.80 -8.90
N ILE A 377 66.60 -79.62 -8.88
CA ILE A 377 66.00 -78.34 -8.52
C ILE A 377 65.52 -78.40 -7.07
N ASP A 378 65.59 -77.24 -6.40
CA ASP A 378 65.12 -77.12 -5.03
C ASP A 378 63.63 -76.83 -5.00
N VAL A 379 63.00 -77.17 -3.88
CA VAL A 379 61.56 -76.98 -3.74
C VAL A 379 61.21 -75.50 -3.60
N ASN A 380 62.10 -74.70 -3.02
CA ASN A 380 61.80 -73.33 -2.65
C ASN A 380 62.53 -72.28 -3.49
N GLN A 381 63.75 -72.54 -3.93
CA GLN A 381 64.57 -71.48 -4.52
C GLN A 381 65.44 -72.08 -5.62
N GLU A 382 66.49 -71.35 -6.01
CA GLU A 382 67.33 -71.64 -7.15
C GLU A 382 67.94 -73.04 -7.11
N THR A 383 68.47 -73.50 -8.25
CA THR A 383 68.94 -74.87 -8.42
C THR A 383 70.40 -74.86 -8.85
N SER A 384 70.94 -76.06 -9.04
CA SER A 384 72.29 -76.25 -9.53
C SER A 384 72.31 -77.42 -10.50
N ASP A 385 73.36 -77.50 -11.31
CA ASP A 385 73.49 -78.53 -12.32
C ASP A 385 74.20 -79.76 -11.74
N LEU A 386 73.57 -80.92 -11.91
CA LEU A 386 74.15 -82.17 -11.43
C LEU A 386 75.20 -82.67 -12.42
N ASP A 387 76.23 -83.33 -11.87
CA ASP A 387 77.34 -83.79 -12.70
C ASP A 387 76.88 -84.88 -13.66
N PRO A 388 77.21 -84.77 -14.95
CA PRO A 388 76.80 -85.80 -15.90
C PRO A 388 77.51 -87.12 -15.67
N SER A 389 76.89 -88.19 -16.17
CA SER A 389 77.44 -89.54 -16.09
C SER A 389 77.29 -90.22 -17.43
N LYS A 390 78.30 -90.99 -17.82
CA LYS A 390 78.32 -91.68 -19.11
C LYS A 390 78.58 -93.17 -18.89
N SER A 391 77.85 -94.00 -19.62
CA SER A 391 78.01 -95.45 -19.53
C SER A 391 77.64 -96.05 -20.88
N VAL A 392 77.97 -97.34 -21.03
CA VAL A 392 77.71 -98.08 -22.26
C VAL A 392 76.63 -99.11 -22.00
N THR A 393 75.92 -99.47 -23.07
CA THR A 393 74.86 -100.48 -22.98
C THR A 393 75.43 -101.85 -23.38
N ARG A 394 75.06 -102.87 -22.60
CA ARG A 394 75.54 -104.22 -22.86
C ARG A 394 74.70 -104.90 -23.92
N VAL A 395 75.34 -105.78 -24.69
CA VAL A 395 74.64 -106.48 -25.75
C VAL A 395 73.74 -107.58 -25.20
N ASP A 396 74.14 -108.20 -24.09
CA ASP A 396 73.33 -109.27 -23.51
C ASP A 396 72.16 -108.72 -22.69
N ASP A 397 72.41 -107.66 -21.91
CA ASP A 397 71.34 -107.06 -21.11
C ASP A 397 70.45 -106.16 -21.95
N GLY A 398 71.04 -105.30 -22.77
CA GLY A 398 70.30 -104.42 -23.64
C GLY A 398 69.82 -103.14 -23.00
N VAL A 399 69.99 -102.97 -21.69
CA VAL A 399 69.53 -101.80 -20.96
C VAL A 399 70.72 -101.19 -20.23
N ALA A 400 70.90 -99.88 -20.36
CA ALA A 400 71.96 -99.16 -19.68
C ALA A 400 71.52 -98.81 -18.27
N SER A 401 72.44 -98.96 -17.31
CA SER A 401 72.18 -98.74 -15.91
C SER A 401 72.81 -97.43 -15.45
N PHE A 402 72.02 -96.62 -14.73
CA PHE A 402 72.50 -95.36 -14.19
C PHE A 402 71.92 -95.18 -12.79
N VAL A 403 72.69 -94.51 -11.94
CA VAL A 403 72.28 -94.24 -10.56
C VAL A 403 72.64 -92.79 -10.22
N LEU A 404 71.69 -92.06 -9.66
CA LEU A 404 71.89 -90.67 -9.29
C LEU A 404 71.37 -90.44 -7.87
N ASN A 405 72.19 -89.83 -7.03
CA ASN A 405 71.81 -89.49 -5.67
C ASN A 405 71.41 -88.02 -5.59
N LEU A 406 70.24 -87.76 -5.02
CA LEU A 406 69.71 -86.41 -4.94
C LEU A 406 69.46 -86.01 -3.48
N PRO A 407 69.56 -84.72 -3.16
CA PRO A 407 69.27 -84.28 -1.79
C PRO A 407 67.82 -84.50 -1.42
N SER A 408 67.53 -84.29 -0.14
CA SER A 408 66.17 -84.49 0.38
C SER A 408 65.22 -83.36 0.01
N GLY A 409 65.73 -82.23 -0.49
CA GLY A 409 64.89 -81.08 -0.78
C GLY A 409 64.57 -80.89 -2.24
N VAL A 410 64.62 -81.96 -3.03
CA VAL A 410 64.35 -81.91 -4.45
C VAL A 410 62.90 -82.31 -4.71
N THR A 411 62.25 -81.62 -5.64
CA THR A 411 60.88 -81.92 -6.02
C THR A 411 60.79 -82.72 -7.31
N VAL A 412 61.37 -82.20 -8.39
CA VAL A 412 61.35 -82.86 -9.69
C VAL A 412 62.76 -82.86 -10.26
N LEU A 413 62.96 -83.70 -11.29
CA LEU A 413 64.22 -83.75 -12.01
C LEU A 413 63.95 -83.93 -13.49
N GLU A 414 64.84 -83.37 -14.30
CA GLU A 414 64.78 -83.53 -15.76
C GLU A 414 66.13 -84.04 -16.24
N PHE A 415 66.10 -85.10 -17.04
CA PHE A 415 67.31 -85.72 -17.57
C PHE A 415 67.20 -85.83 -19.08
N ASN A 416 68.28 -85.45 -19.77
CA ASN A 416 68.36 -85.49 -21.23
C ASN A 416 69.38 -86.56 -21.60
N VAL A 417 68.89 -87.76 -21.90
CA VAL A 417 69.77 -88.88 -22.27
C VAL A 417 70.12 -88.75 -23.75
N LYS A 418 71.42 -88.63 -24.04
CA LYS A 418 71.91 -88.52 -25.39
C LYS A 418 72.94 -89.61 -25.66
N THR A 419 73.11 -89.93 -26.94
CA THR A 419 74.05 -90.96 -27.35
C THR A 419 75.39 -90.35 -27.70
N ASP A 420 76.46 -91.10 -27.41
CA ASP A 420 77.83 -90.67 -27.69
C ASP A 420 78.51 -91.76 -28.51
N ALA A 421 78.92 -91.40 -29.72
CA ALA A 421 79.57 -92.35 -30.62
C ALA A 421 80.52 -91.58 -31.52
N PRO A 422 81.64 -92.19 -31.93
CA PRO A 422 82.59 -91.47 -32.80
C PRO A 422 82.01 -91.09 -34.15
N ASP A 423 81.10 -91.90 -34.69
CA ASP A 423 80.52 -91.62 -36.01
C ASP A 423 79.32 -90.69 -35.94
N LEU A 424 78.58 -90.70 -34.85
CA LEU A 424 77.39 -89.86 -34.73
C LEU A 424 77.79 -88.41 -34.49
N PRO A 425 77.43 -87.49 -35.37
CA PRO A 425 77.78 -86.08 -35.16
C PRO A 425 76.88 -85.44 -34.11
N GLU A 426 77.13 -84.16 -33.85
CA GLU A 426 76.30 -83.42 -32.89
C GLU A 426 74.98 -82.98 -33.52
N GLU A 427 74.99 -82.65 -34.81
CA GLU A 427 73.74 -82.26 -35.48
C GLU A 427 72.78 -83.44 -35.58
N ASN A 428 73.29 -84.60 -35.98
CA ASN A 428 72.49 -85.82 -36.08
C ASN A 428 72.78 -86.64 -34.83
N GLN A 429 71.99 -86.39 -33.78
CA GLN A 429 72.15 -87.08 -32.50
C GLN A 429 70.77 -87.42 -31.96
N ALA A 430 70.74 -88.40 -31.06
CA ALA A 430 69.50 -88.88 -30.46
C ALA A 430 69.41 -88.38 -29.03
N ARG A 431 68.43 -87.51 -28.77
CA ARG A 431 68.23 -86.94 -27.45
C ARG A 431 66.74 -86.96 -27.12
N GLU A 432 66.42 -87.43 -25.92
CA GLU A 432 65.03 -87.55 -25.47
C GLU A 432 64.94 -87.03 -24.04
N GLY A 433 64.21 -85.93 -23.85
CA GLY A 433 64.04 -85.34 -22.54
C GLY A 433 62.82 -85.91 -21.81
N TYR A 434 62.96 -86.06 -20.50
CA TYR A 434 61.88 -86.57 -19.66
C TYR A 434 61.91 -85.84 -18.33
N ARG A 435 60.84 -86.01 -17.56
CA ARG A 435 60.70 -85.36 -16.26
C ARG A 435 60.14 -86.37 -15.26
N ALA A 436 60.65 -86.32 -14.03
CA ALA A 436 60.23 -87.21 -12.97
C ALA A 436 59.73 -86.36 -11.79
N ILE A 437 58.49 -86.61 -11.37
CA ILE A 437 57.85 -85.86 -10.31
C ILE A 437 57.80 -86.74 -9.06
N ALA A 438 58.18 -86.17 -7.92
CA ALA A 438 58.16 -86.91 -6.67
C ALA A 438 56.73 -87.03 -6.15
N TYR A 439 56.58 -87.75 -5.04
CA TYR A 439 55.28 -87.96 -4.41
C TYR A 439 54.74 -86.65 -3.84
N SER A 441 52.26 -84.55 -1.34
CA SER A 441 51.71 -85.02 -0.08
C SER A 441 51.37 -83.84 0.83
N LEU A 442 50.18 -83.89 1.43
CA LEU A 442 49.76 -82.81 2.32
C LEU A 442 50.34 -82.97 3.73
N SER A 443 50.48 -84.20 4.20
CA SER A 443 51.03 -84.48 5.52
C SER A 443 52.55 -84.60 5.52
N GLN A 444 53.20 -84.34 4.39
CA GLN A 444 54.65 -84.39 4.23
C GLN A 444 55.23 -85.77 4.49
N SER A 445 54.40 -86.80 4.60
CA SER A 445 54.86 -88.16 4.85
C SER A 445 55.13 -88.87 3.53
N TYR A 446 56.16 -89.72 3.54
CA TYR A 446 56.58 -90.44 2.34
C TYR A 446 56.77 -91.92 2.67
N LEU A 447 56.99 -92.71 1.63
CA LEU A 447 57.19 -94.14 1.76
C LEU A 447 58.01 -94.63 0.57
N TYR A 448 58.85 -95.63 0.80
CA TYR A 448 59.75 -96.11 -0.24
C TYR A 448 60.07 -97.58 -0.01
N ILE A 449 60.18 -98.32 -1.12
CA ILE A 449 60.68 -99.69 -1.13
C ILE A 449 61.85 -99.75 -2.11
N ASP A 450 62.86 -100.55 -1.78
CA ASP A 450 64.18 -100.43 -2.39
C ASP A 450 64.52 -101.63 -3.26
N TRP A 451 65.73 -101.59 -3.80
CA TRP A 451 66.46 -102.60 -4.58
C TRP A 451 65.96 -102.72 -6.02
N THR A 452 64.87 -102.05 -6.41
CA THR A 452 64.44 -101.87 -7.79
C THR A 452 64.63 -103.09 -8.69
N ASP A 453 64.43 -104.29 -8.14
CA ASP A 453 64.49 -105.55 -8.88
C ASP A 453 65.84 -105.81 -9.55
N ASN A 454 66.90 -105.12 -9.14
CA ASN A 454 68.21 -105.30 -9.75
C ASN A 454 68.98 -106.49 -9.16
N HIS A 455 68.28 -107.47 -8.57
CA HIS A 455 68.92 -108.55 -7.83
C HIS A 455 69.99 -109.29 -8.66
N LYS A 456 69.68 -109.77 -9.87
CA LYS A 456 68.44 -109.62 -10.66
C LYS A 456 67.39 -110.69 -10.37
N ALA A 457 66.38 -110.75 -11.24
CA ALA A 457 65.10 -111.39 -10.96
C ALA A 457 65.26 -112.71 -10.21
N LEU A 458 64.36 -112.94 -9.27
CA LEU A 458 64.50 -113.96 -8.25
C LEU A 458 63.74 -115.23 -8.63
N LEU A 459 63.89 -116.26 -7.81
CA LEU A 459 63.23 -117.54 -7.99
C LEU A 459 62.15 -117.71 -6.94
N VAL A 460 61.53 -118.89 -6.94
CA VAL A 460 60.44 -119.21 -6.01
C VAL A 460 60.98 -120.15 -4.94
N GLY A 461 60.64 -119.87 -3.69
CA GLY A 461 61.04 -120.68 -2.55
C GLY A 461 62.00 -120.00 -1.59
N GLU A 462 62.63 -118.90 -2.01
CA GLU A 462 63.57 -118.18 -1.17
C GLU A 462 62.95 -116.88 -0.66
N HIS A 463 63.19 -116.57 0.61
CA HIS A 463 62.60 -115.41 1.24
C HIS A 463 63.40 -114.16 0.92
N LEU A 464 62.70 -113.06 0.63
CA LEU A 464 63.32 -111.79 0.29
C LEU A 464 62.98 -110.74 1.33
N ASN A 465 63.96 -109.89 1.65
CA ASN A 465 63.79 -108.79 2.58
C ASN A 465 63.73 -107.47 1.82
N ILE A 466 62.82 -106.60 2.23
CA ILE A 466 62.63 -105.29 1.61
C ILE A 466 62.62 -104.23 2.69
N ILE A 467 63.38 -103.16 2.50
CA ILE A 467 63.51 -102.09 3.48
C ILE A 467 62.48 -101.01 3.16
N VAL A 468 61.73 -100.60 4.19
CA VAL A 468 60.77 -99.52 4.08
C VAL A 468 61.18 -98.40 5.02
N THR A 469 60.79 -97.17 4.68
CA THR A 469 61.17 -96.02 5.48
C THR A 469 60.07 -94.97 5.50
N PRO A 470 59.44 -94.72 6.65
CA PRO A 470 58.43 -93.64 6.76
C PRO A 470 59.08 -92.30 7.07
N LYS A 471 59.72 -91.71 6.05
CA LYS A 471 60.47 -90.47 6.24
C LYS A 471 59.51 -89.32 6.51
N SER A 472 59.79 -88.56 7.58
CA SER A 472 59.02 -87.40 7.99
C SER A 472 57.54 -87.74 8.16
N PRO A 473 57.17 -88.56 9.14
CA PRO A 473 55.76 -88.91 9.32
C PRO A 473 55.00 -87.80 10.04
N TYR A 474 53.68 -87.97 10.07
CA TYR A 474 52.84 -87.03 10.81
C TYR A 474 53.12 -87.10 12.31
N ILE A 475 53.39 -88.30 12.81
CA ILE A 475 53.71 -88.52 14.22
C ILE A 475 54.73 -89.64 14.30
N ASP A 476 55.63 -89.54 15.28
CA ASP A 476 56.70 -90.52 15.42
C ASP A 476 56.16 -91.91 15.73
N LYS A 477 55.04 -92.00 16.44
CA LYS A 477 54.46 -93.28 16.83
C LYS A 477 53.49 -93.73 15.74
N ILE A 478 53.82 -94.83 15.07
CA ILE A 478 53.00 -95.39 14.01
C ILE A 478 52.32 -96.65 14.55
N THR A 479 51.02 -96.79 14.26
CA THR A 479 50.26 -97.92 14.78
C THR A 479 50.79 -99.25 14.27
N HIS A 480 50.71 -99.48 12.95
CA HIS A 480 51.14 -100.73 12.37
C HIS A 480 51.55 -100.50 10.92
N TYR A 481 52.27 -101.48 10.38
CA TYR A 481 52.65 -101.48 8.98
C TYR A 481 51.69 -102.36 8.18
N ASN A 482 51.29 -101.88 7.01
CA ASN A 482 50.37 -102.59 6.14
C ASN A 482 50.94 -102.62 4.73
N TYR A 483 51.04 -103.81 4.15
CA TYR A 483 51.53 -103.99 2.79
C TYR A 483 50.77 -105.12 2.12
N LEU A 484 50.50 -104.96 0.84
CA LEU A 484 49.74 -105.92 0.05
C LEU A 484 50.49 -106.24 -1.22
N ILE A 485 50.73 -107.53 -1.47
CA ILE A 485 51.33 -108.00 -2.71
C ILE A 485 50.22 -108.52 -3.60
N LEU A 486 50.19 -108.05 -4.85
CA LEU A 486 49.17 -108.45 -5.80
C LEU A 486 49.82 -109.00 -7.06
N SER A 487 49.03 -109.77 -7.81
CA SER A 487 49.49 -110.33 -9.07
C SER A 487 48.27 -110.69 -9.90
N LYS A 488 48.38 -110.47 -11.22
CA LYS A 488 47.29 -110.74 -12.17
C LYS A 488 46.01 -109.98 -11.80
N GLY A 489 46.17 -108.79 -11.22
CA GLY A 489 45.02 -108.00 -10.83
C GLY A 489 44.27 -108.50 -9.62
N LYS A 490 44.85 -109.44 -8.86
CA LYS A 490 44.21 -110.01 -7.68
C LYS A 490 45.18 -109.94 -6.51
N ILE A 491 44.62 -109.92 -5.31
CA ILE A 491 45.41 -109.86 -4.08
C ILE A 491 45.67 -111.29 -3.62
N ILE A 492 46.92 -111.74 -3.75
CA ILE A 492 47.26 -113.11 -3.36
C ILE A 492 47.49 -113.20 -1.85
N HIS A 493 48.08 -112.17 -1.25
CA HIS A 493 48.36 -112.17 0.18
C HIS A 493 48.35 -110.74 0.69
N PHE A 494 48.05 -110.59 1.97
CA PHE A 494 48.08 -109.30 2.65
C PHE A 494 49.00 -109.40 3.86
N GLY A 495 49.95 -108.46 3.95
CA GLY A 495 50.93 -108.47 5.01
C GLY A 495 50.64 -107.42 6.09
N THR A 496 51.31 -107.59 7.22
CA THR A 496 51.15 -106.70 8.35
C THR A 496 52.38 -106.80 9.25
N ARG A 497 52.84 -105.66 9.75
CA ARG A 497 54.00 -105.60 10.63
C ARG A 497 53.78 -104.51 11.67
N GLU A 498 54.65 -104.49 12.67
CA GLU A 498 54.60 -103.51 13.75
C GLU A 498 55.80 -102.57 13.64
N LYS A 499 55.62 -101.35 14.12
CA LYS A 499 56.65 -100.33 14.09
C LYS A 499 57.22 -100.11 15.48
N PHE A 500 58.54 -100.22 15.60
CA PHE A 500 59.25 -99.99 16.86
C PHE A 500 60.26 -98.88 16.68
N SER A 501 60.70 -98.33 17.82
CA SER A 501 61.68 -97.25 17.84
C SER A 501 63.12 -97.76 17.79
N ASP A 502 63.33 -99.03 17.45
CA ASP A 502 64.69 -99.57 17.42
C ASP A 502 65.52 -98.91 16.32
N ALA A 503 64.91 -98.63 15.17
CA ALA A 503 65.62 -98.03 14.05
C ALA A 503 64.64 -97.19 13.24
N SER A 504 65.19 -96.44 12.29
CA SER A 504 64.38 -95.60 11.42
C SER A 504 63.81 -96.34 10.22
N TYR A 505 64.47 -97.40 9.78
CA TYR A 505 64.02 -98.20 8.65
C TYR A 505 63.94 -99.66 9.07
N GLN A 506 62.84 -100.31 8.73
CA GLN A 506 62.61 -101.72 9.07
C GLN A 506 62.55 -102.55 7.80
N SER A 507 63.14 -103.74 7.86
CA SER A 507 63.14 -104.68 6.75
C SER A 507 62.05 -105.72 6.95
N ILE A 508 61.19 -105.88 5.94
CA ILE A 508 60.09 -106.83 6.00
C ILE A 508 60.42 -108.02 5.13
N ASN A 509 60.07 -109.22 5.61
CA ASN A 509 60.30 -110.46 4.88
C ASN A 509 59.01 -110.91 4.23
N ILE A 510 59.05 -111.16 2.92
CA ILE A 510 57.88 -111.55 2.14
C ILE A 510 58.16 -112.89 1.49
N PRO A 511 57.41 -113.94 1.80
CA PRO A 511 57.61 -115.23 1.11
C PRO A 511 57.01 -115.22 -0.28
N VAL A 512 57.75 -115.77 -1.24
CA VAL A 512 57.31 -115.86 -2.63
C VAL A 512 56.61 -117.20 -2.83
N THR A 513 55.61 -117.21 -3.71
CA THR A 513 54.82 -118.39 -3.99
C THR A 513 54.90 -118.74 -5.48
N GLN A 514 54.35 -119.90 -5.82
CA GLN A 514 54.37 -120.37 -7.21
C GLN A 514 53.40 -119.61 -8.09
N ASN A 515 52.33 -119.05 -7.52
CA ASN A 515 51.33 -118.33 -8.30
C ASN A 515 51.82 -117.00 -8.84
N MET A 516 53.00 -116.54 -8.41
CA MET A 516 53.52 -115.23 -8.78
C MET A 516 54.65 -115.31 -9.80
N VAL A 517 54.77 -116.41 -10.53
CA VAL A 517 55.91 -116.59 -11.44
C VAL A 517 55.95 -115.57 -12.57
N PRO A 518 54.84 -115.21 -13.25
CA PRO A 518 54.98 -114.30 -14.40
C PRO A 518 55.38 -112.89 -14.01
N SER A 519 54.70 -112.32 -13.02
CA SER A 519 54.94 -110.95 -12.58
C SER A 519 54.19 -110.74 -11.27
N SER A 520 54.44 -109.60 -10.65
CA SER A 520 53.79 -109.26 -9.39
C SER A 520 53.93 -107.76 -9.13
N ARG A 521 53.17 -107.29 -8.14
CA ARG A 521 53.25 -105.92 -7.67
C ARG A 521 52.98 -105.90 -6.17
N LEU A 522 53.63 -104.99 -5.46
CA LEU A 522 53.41 -104.82 -4.04
C LEU A 522 53.26 -103.35 -3.72
N LEU A 523 52.34 -103.04 -2.80
CA LEU A 523 52.10 -101.67 -2.35
C LEU A 523 52.10 -101.63 -0.83
N VAL A 524 52.77 -100.63 -0.27
CA VAL A 524 52.91 -100.47 1.17
C VAL A 524 52.28 -99.14 1.55
N TYR A 525 51.18 -99.19 2.31
CA TYR A 525 50.49 -98.00 2.77
C TYR A 525 50.30 -98.06 4.28
N TYR A 526 50.54 -96.93 4.93
CA TYR A 526 50.37 -96.81 6.37
C TYR A 526 49.48 -95.61 6.67
N ILE A 527 48.58 -95.77 7.64
CA ILE A 527 47.62 -94.74 8.01
C ILE A 527 48.09 -94.08 9.30
N VAL A 528 47.82 -92.78 9.43
CA VAL A 528 48.14 -92.04 10.64
C VAL A 528 46.86 -91.40 11.16
N THR A 529 46.88 -91.04 12.44
CA THR A 529 45.75 -90.44 13.12
C THR A 529 46.01 -88.96 13.28
N GLY A 530 45.30 -88.13 12.49
CA GLY A 530 45.45 -86.69 12.59
C GLY A 530 44.54 -86.10 13.64
N GLU A 531 44.92 -84.90 14.12
CA GLU A 531 44.13 -84.22 15.14
C GLU A 531 42.80 -83.73 14.57
N GLN A 532 42.74 -83.42 13.27
CA GLN A 532 41.49 -83.06 12.61
C GLN A 532 41.12 -84.08 11.54
N THR A 533 42.00 -84.35 10.58
CA THR A 533 41.75 -85.30 9.51
C THR A 533 42.95 -86.19 9.32
N ALA A 534 42.71 -87.38 8.78
CA ALA A 534 43.76 -88.36 8.52
C ALA A 534 44.22 -88.29 7.07
N GLU A 535 45.39 -88.85 6.82
CA GLU A 535 45.95 -88.89 5.47
C GLU A 535 46.96 -90.03 5.40
N LEU A 536 46.76 -90.95 4.44
CA LEU A 536 47.61 -92.11 4.30
C LEU A 536 48.50 -91.96 3.06
N VAL A 537 49.68 -92.56 3.12
CA VAL A 537 50.67 -92.50 2.06
C VAL A 537 50.99 -93.91 1.60
N SER A 538 51.10 -94.11 0.29
CA SER A 538 51.37 -95.41 -0.29
C SER A 538 52.46 -95.29 -1.35
N ASP A 539 52.97 -96.44 -1.78
CA ASP A 539 54.00 -96.50 -2.80
C ASP A 539 54.06 -97.93 -3.33
N SER A 540 54.46 -98.06 -4.60
CA SER A 540 54.52 -99.36 -5.24
C SER A 540 55.66 -99.38 -6.25
N VAL A 541 56.27 -100.56 -6.39
CA VAL A 541 57.35 -100.79 -7.35
C VAL A 541 57.12 -102.15 -8.00
N TRP A 542 57.44 -102.24 -9.29
CA TRP A 542 57.27 -103.48 -10.04
C TRP A 542 58.02 -104.64 -9.37
N LEU A 543 57.56 -105.85 -9.65
CA LEU A 543 58.18 -107.08 -9.14
C LEU A 543 58.43 -108.01 -10.32
N ASN A 544 59.70 -108.17 -10.69
CA ASN A 544 60.09 -109.07 -11.77
C ASN A 544 60.91 -110.21 -11.19
N ILE A 545 60.47 -111.45 -11.46
CA ILE A 545 61.17 -112.65 -11.02
C ILE A 545 61.31 -113.58 -12.22
N GLU A 546 61.88 -114.76 -11.98
CA GLU A 546 62.12 -115.73 -13.03
C GLU A 546 60.81 -116.45 -13.38
N GLU A 547 60.91 -117.47 -14.23
CA GLU A 547 59.74 -118.20 -14.70
C GLU A 547 59.98 -119.69 -14.45
N LYS A 548 59.37 -120.23 -13.40
CA LYS A 548 59.50 -121.63 -13.04
C LYS A 548 58.13 -122.28 -13.05
N CYS A 549 58.02 -123.43 -13.72
CA CYS A 549 56.75 -124.13 -13.80
C CYS A 549 56.39 -124.76 -12.46
N GLY A 550 55.09 -124.79 -12.17
CA GLY A 550 54.60 -125.45 -10.98
C GLY A 550 54.51 -126.95 -11.16
N ASN A 551 54.03 -127.38 -12.32
CA ASN A 551 53.95 -128.81 -12.62
C ASN A 551 55.34 -129.42 -12.80
N GLN A 552 56.31 -128.63 -13.27
CA GLN A 552 57.67 -129.10 -13.56
C GLN A 552 57.63 -130.27 -14.55
N LEU A 553 57.14 -129.96 -15.75
CA LEU A 553 57.00 -130.95 -16.81
C LEU A 553 58.25 -130.95 -17.67
N GLN A 554 58.88 -132.11 -17.81
CA GLN A 554 60.07 -132.28 -18.63
C GLN A 554 59.91 -133.52 -19.48
N VAL A 555 60.28 -133.42 -20.77
CA VAL A 555 60.18 -134.52 -21.72
C VAL A 555 61.59 -134.97 -22.07
N HIS A 556 61.80 -136.29 -22.07
CA HIS A 556 63.10 -136.87 -22.40
C HIS A 556 62.90 -138.28 -22.92
N LEU A 557 63.59 -138.61 -24.01
CA LEU A 557 63.52 -139.94 -24.58
C LEU A 557 64.38 -140.90 -23.78
N SER A 558 63.90 -142.15 -23.66
CA SER A 558 64.67 -143.14 -22.90
C SER A 558 65.99 -143.48 -23.56
N PRO A 559 66.07 -143.76 -24.87
CA PRO A 559 67.39 -143.93 -25.49
C PRO A 559 68.14 -142.61 -25.55
N ASP A 560 69.38 -142.62 -25.08
CA ASP A 560 70.23 -141.43 -25.03
C ASP A 560 71.32 -141.57 -26.09
N ALA A 561 71.16 -140.85 -27.20
CA ALA A 561 72.14 -140.87 -28.27
C ALA A 561 72.04 -139.58 -29.06
N ASP A 562 73.16 -139.20 -29.69
CA ASP A 562 73.18 -137.97 -30.47
C ASP A 562 72.38 -138.10 -31.76
N ALA A 563 72.39 -139.30 -32.35
CA ALA A 563 71.70 -139.55 -33.61
C ALA A 563 70.88 -140.83 -33.50
N TYR A 564 69.71 -140.83 -34.15
CA TYR A 564 68.81 -141.97 -34.15
C TYR A 564 68.65 -142.50 -35.57
N SER A 565 68.57 -143.83 -35.69
CA SER A 565 68.37 -144.44 -36.98
C SER A 565 66.90 -144.34 -37.41
N PRO A 566 66.65 -144.20 -38.71
CA PRO A 566 65.25 -144.12 -39.18
C PRO A 566 64.50 -145.41 -38.88
N GLY A 567 63.29 -145.27 -38.34
CA GLY A 567 62.47 -146.40 -38.00
C GLY A 567 62.75 -147.03 -36.65
N GLN A 568 63.69 -146.49 -35.89
CA GLN A 568 64.02 -147.06 -34.58
C GLN A 568 62.90 -146.78 -33.58
N THR A 569 62.46 -147.83 -32.89
CA THR A 569 61.44 -147.68 -31.87
C THR A 569 62.00 -146.93 -30.67
N VAL A 570 61.39 -145.79 -30.34
CA VAL A 570 61.85 -144.95 -29.26
C VAL A 570 60.72 -144.82 -28.23
N SER A 571 61.11 -144.56 -26.98
CA SER A 571 60.18 -144.35 -25.89
C SER A 571 60.40 -142.96 -25.30
N LEU A 572 59.29 -142.28 -25.00
CA LEU A 572 59.33 -140.94 -24.43
C LEU A 572 58.77 -140.99 -23.02
N ASN A 573 59.49 -140.40 -22.07
CA ASN A 573 59.13 -140.43 -20.66
C ASN A 573 58.79 -139.02 -20.20
N MET A 574 57.60 -138.85 -19.63
CA MET A 574 57.17 -137.59 -19.06
C MET A 574 57.36 -137.62 -17.55
N ALA A 575 57.83 -136.51 -16.99
CA ALA A 575 58.06 -136.37 -15.56
C ALA A 575 57.42 -135.08 -15.08
N THR A 576 56.41 -135.22 -14.22
CA THR A 576 55.70 -134.08 -13.66
C THR A 576 55.67 -134.17 -12.15
N GLY A 577 55.44 -133.02 -11.51
CA GLY A 577 55.34 -132.97 -10.06
C GLY A 577 53.99 -133.46 -9.57
N MET A 578 52.93 -133.08 -10.27
CA MET A 578 51.57 -133.48 -9.94
C MET A 578 50.90 -134.04 -11.19
N ASP A 579 49.70 -134.59 -10.99
CA ASP A 579 48.93 -135.14 -12.10
C ASP A 579 48.51 -134.02 -13.05
N SER A 580 48.79 -134.21 -14.33
CA SER A 580 48.50 -133.20 -15.34
C SER A 580 48.25 -133.87 -16.68
N TRP A 581 47.52 -133.16 -17.54
CA TRP A 581 47.25 -133.61 -18.90
C TRP A 581 48.30 -133.03 -19.84
N VAL A 582 48.85 -133.88 -20.71
CA VAL A 582 49.88 -133.47 -21.64
C VAL A 582 49.26 -133.37 -23.03
N ALA A 583 49.88 -132.53 -23.86
CA ALA A 583 49.49 -132.38 -25.26
C ALA A 583 50.78 -132.40 -26.09
N LEU A 584 51.09 -133.56 -26.66
CA LEU A 584 52.34 -133.74 -27.40
C LEU A 584 52.15 -133.32 -28.85
N ALA A 585 53.20 -132.77 -29.44
CA ALA A 585 53.19 -132.35 -30.83
C ALA A 585 54.60 -132.47 -31.38
N ALA A 586 54.81 -133.38 -32.32
CA ALA A 586 56.11 -133.60 -32.95
C ALA A 586 56.13 -132.82 -34.26
N VAL A 587 56.68 -131.61 -34.22
CA VAL A 587 56.73 -130.72 -35.36
C VAL A 587 58.13 -130.77 -35.96
N ASP A 588 58.20 -130.90 -37.28
CA ASP A 588 59.50 -130.96 -37.95
C ASP A 588 60.20 -129.61 -37.88
N SER A 589 61.53 -129.65 -37.88
CA SER A 589 62.33 -128.42 -37.90
C SER A 589 62.39 -127.80 -39.29
N ALA A 590 62.00 -128.53 -40.33
CA ALA A 590 62.03 -128.02 -41.69
C ALA A 590 60.71 -127.38 -42.12
N VAL A 591 59.65 -127.51 -41.32
CA VAL A 591 58.38 -126.91 -41.69
C VAL A 591 58.45 -125.39 -41.65
N TYR A 592 59.43 -124.83 -40.96
CA TYR A 592 59.60 -123.38 -40.85
C TYR A 592 60.10 -122.84 -42.18
N GLY A 593 59.20 -122.28 -42.97
CA GLY A 593 59.57 -121.62 -44.21
C GLY A 593 60.39 -120.37 -43.93
N VAL A 594 60.82 -119.72 -45.02
CA VAL A 594 61.58 -118.49 -44.89
C VAL A 594 60.77 -117.48 -44.10
N GLN A 595 59.62 -117.05 -44.66
CA GLN A 595 58.54 -116.39 -43.95
C GLN A 595 58.99 -115.47 -42.83
N ARG A 596 60.04 -114.69 -43.06
CA ARG A 596 60.65 -113.85 -42.03
C ARG A 596 61.07 -114.69 -40.83
N GLY A 597 61.68 -115.84 -41.10
CA GLY A 597 62.24 -116.69 -40.08
C GLY A 597 61.30 -117.76 -39.55
N ALA A 598 59.98 -117.58 -39.67
CA ALA A 598 58.99 -118.47 -39.07
C ALA A 598 59.31 -118.69 -37.59
N LYS A 599 59.12 -117.61 -36.83
CA LYS A 599 59.70 -117.42 -35.51
C LYS A 599 59.62 -118.64 -34.60
N LYS A 600 58.40 -119.02 -34.19
CA LYS A 600 58.17 -120.09 -33.22
C LYS A 600 56.69 -120.43 -33.19
N PRO A 601 56.30 -121.64 -32.74
CA PRO A 601 54.88 -121.94 -32.59
C PRO A 601 54.18 -121.01 -31.60
N LEU A 602 54.61 -121.01 -30.33
CA LEU A 602 54.09 -120.06 -29.35
C LEU A 602 55.18 -119.16 -28.79
N GLU A 603 56.22 -119.72 -28.17
CA GLU A 603 57.37 -119.01 -27.64
C GLU A 603 57.00 -118.08 -26.49
N ARG A 604 55.71 -118.01 -26.15
CA ARG A 604 55.22 -117.03 -25.17
C ARG A 604 54.05 -117.64 -24.42
N VAL A 605 54.29 -118.00 -23.15
CA VAL A 605 53.24 -118.44 -22.24
C VAL A 605 53.08 -117.47 -21.07
N PHE A 606 54.18 -116.95 -20.54
CA PHE A 606 54.10 -115.95 -19.47
C PHE A 606 54.02 -114.53 -20.02
N GLN A 607 54.67 -114.26 -21.16
CA GLN A 607 54.64 -112.91 -21.72
C GLN A 607 53.23 -112.54 -22.16
N PHE A 608 52.49 -113.48 -22.75
CA PHE A 608 51.10 -113.24 -23.10
C PHE A 608 50.19 -113.30 -21.87
N LEU A 609 50.61 -114.01 -20.83
CA LEU A 609 49.85 -114.06 -19.58
C LEU A 609 49.98 -112.77 -18.79
N GLU A 610 51.03 -111.99 -19.03
CA GLU A 610 51.23 -110.73 -18.31
C GLU A 610 50.13 -109.72 -18.59
N LYS A 611 49.35 -109.89 -19.66
CA LYS A 611 48.29 -108.96 -19.99
C LYS A 611 47.19 -108.91 -18.95
N SER A 612 47.16 -109.86 -18.01
CA SER A 612 46.15 -109.84 -16.96
C SER A 612 46.34 -108.67 -16.00
N ASP A 613 47.54 -108.08 -15.96
CA ASP A 613 47.79 -106.94 -15.08
C ASP A 613 46.94 -105.75 -15.52
N LEU A 614 46.18 -105.18 -14.58
CA LEU A 614 45.30 -104.08 -14.90
C LEU A 614 46.06 -102.77 -15.08
N GLY A 615 46.91 -102.44 -14.10
CA GLY A 615 47.69 -101.22 -14.19
C GLY A 615 48.88 -101.36 -15.12
N CYS A 616 49.48 -100.21 -15.44
CA CYS A 616 50.63 -100.13 -16.31
C CYS A 616 51.79 -99.47 -15.58
N GLY A 617 52.96 -99.47 -16.22
CA GLY A 617 54.14 -98.88 -15.62
C GLY A 617 54.76 -99.78 -14.57
N ALA A 618 55.88 -99.32 -14.03
CA ALA A 618 56.57 -100.08 -12.99
C ALA A 618 55.96 -99.83 -11.62
N GLY A 619 55.83 -98.58 -11.23
CA GLY A 619 55.25 -98.24 -9.95
C GLY A 619 55.60 -96.83 -9.54
N GLY A 620 55.05 -96.43 -8.40
CA GLY A 620 55.26 -95.09 -7.88
C GLY A 620 54.52 -94.04 -8.67
N GLY A 621 54.30 -92.87 -8.06
CA GLY A 621 53.62 -91.81 -8.78
C GLY A 621 53.18 -90.68 -7.87
N LEU A 622 52.06 -90.07 -8.24
CA LEU A 622 51.48 -88.95 -7.51
C LEU A 622 50.75 -89.44 -6.27
N ASN A 623 49.89 -88.61 -5.69
CA ASN A 623 49.17 -88.93 -4.45
C ASN A 623 48.44 -90.26 -4.55
N ASN A 624 48.04 -90.80 -3.39
CA ASN A 624 47.61 -92.19 -3.28
C ASN A 624 46.62 -92.59 -4.37
N ALA A 625 45.72 -91.68 -4.74
CA ALA A 625 44.74 -92.00 -5.77
C ALA A 625 45.42 -92.33 -7.10
N ASN A 626 46.33 -91.46 -7.54
CA ASN A 626 46.98 -91.66 -8.83
C ASN A 626 47.85 -92.91 -8.83
N VAL A 627 48.58 -93.16 -7.74
CA VAL A 627 49.46 -94.32 -7.70
C VAL A 627 48.66 -95.61 -7.60
N PHE A 628 47.51 -95.59 -6.93
CA PHE A 628 46.67 -96.77 -6.89
C PHE A 628 45.98 -97.03 -8.23
N HIS A 629 45.61 -95.97 -8.95
CA HIS A 629 45.06 -96.17 -10.29
C HIS A 629 46.13 -96.65 -11.27
N LEU A 630 47.38 -96.22 -11.08
CA LEU A 630 48.46 -96.69 -11.93
C LEU A 630 48.84 -98.13 -11.61
N ALA A 631 48.70 -98.53 -10.34
CA ALA A 631 48.97 -99.91 -9.95
C ALA A 631 47.82 -100.85 -10.25
N GLY A 632 46.65 -100.32 -10.61
CA GLY A 632 45.52 -101.16 -10.94
C GLY A 632 44.56 -101.45 -9.80
N LEU A 633 44.42 -100.52 -8.85
CA LEU A 633 43.55 -100.71 -7.71
C LEU A 633 42.66 -99.49 -7.51
N THR A 634 41.61 -99.67 -6.72
CA THR A 634 40.72 -98.59 -6.33
C THR A 634 40.42 -98.72 -4.84
N PHE A 635 40.73 -97.69 -4.08
CA PHE A 635 40.63 -97.73 -2.63
C PHE A 635 39.37 -97.03 -2.14
N LEU A 636 38.92 -97.43 -0.95
CA LEU A 636 37.77 -96.84 -0.28
C LEU A 636 38.16 -96.51 1.15
N THR A 637 38.26 -95.22 1.45
CA THR A 637 38.60 -94.78 2.80
C THR A 637 37.94 -93.44 3.07
N ASN A 638 37.95 -93.06 4.35
CA ASN A 638 37.35 -91.79 4.76
C ASN A 638 38.22 -90.60 4.36
N ALA A 639 39.55 -90.75 4.47
CA ALA A 639 40.45 -89.63 4.23
C ALA A 639 40.37 -89.15 2.79
N ASN A 640 40.76 -89.99 1.84
CA ASN A 640 40.89 -89.61 0.44
C ASN A 640 39.97 -90.44 -0.44
N ALA A 641 39.70 -89.90 -1.62
CA ALA A 641 38.91 -90.57 -2.65
C ALA A 641 39.77 -90.88 -3.86
N ASP A 642 39.23 -91.70 -4.76
CA ASP A 642 39.91 -92.12 -5.97
C ASP A 642 39.13 -91.64 -7.18
N ASP A 643 39.79 -90.91 -8.08
CA ASP A 643 39.19 -90.42 -9.30
C ASP A 643 39.46 -91.40 -10.45
N SER A 644 38.42 -91.71 -11.21
CA SER A 644 38.53 -92.67 -12.31
C SER A 644 39.22 -92.10 -13.54
N GLN A 645 39.39 -90.79 -13.63
CA GLN A 645 40.03 -90.14 -14.77
C GLN A 645 39.36 -90.51 -16.09
N ARG A 670 51.42 -140.45 -47.55
CA ARG A 670 51.99 -141.74 -47.13
C ARG A 670 53.46 -141.59 -46.77
N SER A 671 54.04 -142.69 -46.30
CA SER A 671 55.45 -142.71 -45.91
C SER A 671 56.34 -142.66 -47.15
N TYR A 672 57.49 -142.00 -47.02
CA TYR A 672 57.92 -141.33 -45.80
C TYR A 672 58.62 -140.00 -46.09
N PHE A 673 58.28 -138.94 -45.36
CA PHE A 673 57.24 -138.96 -44.33
C PHE A 673 56.62 -137.56 -44.23
N PRO A 674 55.29 -137.50 -44.17
CA PRO A 674 54.62 -136.20 -44.08
C PRO A 674 54.57 -135.69 -42.64
N GLU A 675 54.58 -134.36 -42.53
CA GLU A 675 54.51 -133.67 -41.25
C GLU A 675 53.18 -132.91 -41.15
N SER A 676 52.65 -132.82 -39.93
CA SER A 676 53.28 -133.34 -38.72
C SER A 676 52.56 -134.58 -38.18
N TRP A 677 53.14 -135.17 -37.15
CA TRP A 677 52.63 -136.39 -36.52
C TRP A 677 52.61 -136.19 -35.01
N LEU A 678 52.16 -137.24 -34.31
CA LEU A 678 52.09 -137.26 -32.84
C LEU A 678 51.19 -136.13 -32.33
N TRP A 679 49.92 -136.21 -32.69
CA TRP A 679 48.90 -135.28 -32.23
C TRP A 679 47.98 -136.04 -31.28
N GLU A 680 48.36 -136.10 -30.00
CA GLU A 680 47.65 -136.89 -29.01
C GLU A 680 47.60 -136.13 -27.68
N VAL A 681 46.66 -136.55 -26.84
CA VAL A 681 46.49 -135.99 -25.50
C VAL A 681 46.33 -137.16 -24.54
N HIS A 682 47.22 -137.26 -23.55
CA HIS A 682 47.23 -138.38 -22.62
C HIS A 682 47.32 -137.86 -21.19
N LEU A 683 46.83 -138.68 -20.25
CA LEU A 683 46.96 -138.39 -18.83
C LEU A 683 48.36 -138.77 -18.35
N VAL A 684 48.96 -137.90 -17.54
CA VAL A 684 50.33 -138.10 -17.11
C VAL A 684 50.43 -138.06 -15.59
N PRO A 685 50.66 -139.20 -14.93
CA PRO A 685 50.98 -139.17 -13.50
C PRO A 685 52.39 -138.66 -13.26
N ARG A 686 52.86 -138.75 -12.00
CA ARG A 686 54.19 -138.24 -11.66
C ARG A 686 55.27 -138.78 -12.59
N ARG A 687 55.10 -140.00 -13.10
CA ARG A 687 56.00 -140.57 -14.09
C ARG A 687 55.20 -141.43 -15.06
N LYS A 688 55.11 -140.99 -16.32
CA LYS A 688 54.40 -141.72 -17.36
C LYS A 688 55.31 -141.85 -18.57
N GLN A 689 55.25 -143.01 -19.22
CA GLN A 689 56.09 -143.30 -20.38
C GLN A 689 55.26 -144.00 -21.44
N LEU A 690 55.46 -143.59 -22.69
CA LEU A 690 54.76 -144.17 -23.82
C LEU A 690 55.76 -144.65 -24.87
N GLN A 691 55.32 -145.58 -25.70
CA GLN A 691 56.16 -146.19 -26.72
C GLN A 691 55.55 -145.96 -28.10
N PHE A 692 56.41 -145.62 -29.06
CA PHE A 692 56.00 -145.43 -30.45
C PHE A 692 57.20 -145.67 -31.34
N ALA A 693 57.05 -145.37 -32.63
CA ALA A 693 58.08 -145.61 -33.62
C ALA A 693 58.46 -144.29 -34.30
N LEU A 694 59.76 -144.06 -34.46
CA LEU A 694 60.23 -142.86 -35.14
C LEU A 694 60.00 -142.98 -36.64
N PRO A 695 59.61 -141.90 -37.30
CA PRO A 695 59.43 -141.94 -38.76
C PRO A 695 60.77 -141.91 -39.48
N ASP A 696 60.71 -142.08 -40.80
CA ASP A 696 61.89 -142.09 -41.66
C ASP A 696 62.01 -140.73 -42.33
N SER A 697 62.95 -139.92 -41.84
CA SER A 697 63.17 -138.58 -42.40
C SER A 697 64.56 -138.12 -42.02
N LEU A 698 65.18 -137.34 -42.91
CA LEU A 698 66.53 -136.84 -42.66
C LEU A 698 66.52 -135.62 -41.75
N THR A 699 65.44 -134.86 -41.72
CA THR A 699 65.38 -133.67 -40.89
C THR A 699 65.19 -134.05 -39.42
N THR A 700 65.51 -133.10 -38.54
CA THR A 700 65.36 -133.31 -37.11
C THR A 700 63.94 -132.98 -36.67
N TRP A 701 63.34 -133.90 -35.92
CA TRP A 701 61.98 -133.72 -35.41
C TRP A 701 62.03 -133.02 -34.06
N GLU A 702 61.23 -131.96 -33.91
CA GLU A 702 61.18 -131.16 -32.70
C GLU A 702 59.87 -131.46 -31.98
N ILE A 703 59.95 -132.19 -30.88
CA ILE A 703 58.77 -132.54 -30.09
C ILE A 703 58.53 -131.44 -29.06
N GLN A 704 57.25 -131.20 -28.77
CA GLN A 704 56.86 -130.15 -27.84
C GLN A 704 55.60 -130.59 -27.11
N GLY A 705 55.53 -130.28 -25.82
CA GLY A 705 54.39 -130.67 -25.00
C GLY A 705 53.99 -129.56 -24.07
N VAL A 706 52.68 -129.50 -23.80
CA VAL A 706 52.09 -128.52 -22.89
C VAL A 706 51.32 -129.26 -21.82
N GLY A 707 51.42 -128.80 -20.58
CA GLY A 707 50.77 -129.42 -19.44
C GLY A 707 49.68 -128.54 -18.88
N ILE A 708 48.57 -129.17 -18.50
CA ILE A 708 47.41 -128.48 -17.93
C ILE A 708 47.05 -129.18 -16.62
N SER A 709 47.03 -128.41 -15.54
CA SER A 709 46.71 -128.95 -14.22
C SER A 709 46.17 -127.82 -13.36
N ASN A 710 45.83 -128.15 -12.11
CA ASN A 710 45.32 -127.15 -11.18
C ASN A 710 46.38 -126.11 -10.82
N THR A 711 47.66 -126.49 -10.85
CA THR A 711 48.72 -125.55 -10.50
C THR A 711 48.86 -124.47 -11.58
N GLY A 712 48.81 -124.86 -12.84
CA GLY A 712 48.90 -123.90 -13.92
C GLY A 712 49.37 -124.56 -15.20
N ILE A 713 49.57 -123.72 -16.21
CA ILE A 713 50.00 -124.16 -17.53
C ILE A 713 51.52 -124.11 -17.61
N CYS A 714 52.11 -125.07 -18.33
CA CYS A 714 53.54 -125.12 -18.52
C CYS A 714 53.85 -125.74 -19.87
N VAL A 715 54.69 -125.08 -20.65
CA VAL A 715 55.15 -125.59 -21.94
C VAL A 715 56.54 -126.17 -21.77
N ALA A 716 56.74 -127.38 -22.26
CA ALA A 716 58.03 -128.04 -22.14
C ALA A 716 59.02 -127.48 -23.13
N ASP A 717 60.31 -127.58 -22.78
CA ASP A 717 61.37 -127.14 -23.68
C ASP A 717 61.42 -128.02 -24.93
N THR A 718 61.59 -127.38 -26.08
CA THR A 718 61.63 -128.12 -27.35
C THR A 718 62.86 -129.01 -27.40
N VAL A 719 62.65 -130.31 -27.44
CA VAL A 719 63.73 -131.29 -27.52
C VAL A 719 63.87 -131.72 -28.97
N LYS A 720 65.06 -131.56 -29.53
CA LYS A 720 65.33 -131.89 -30.92
C LYS A 720 65.69 -133.37 -31.02
N ALA A 721 64.84 -134.14 -31.70
CA ALA A 721 65.06 -135.58 -31.91
C ALA A 721 65.74 -135.73 -33.27
N LYS A 722 67.05 -135.97 -33.25
CA LYS A 722 67.83 -136.06 -34.47
C LYS A 722 67.69 -137.45 -35.07
N VAL A 723 67.23 -137.52 -36.31
CA VAL A 723 67.14 -138.77 -37.07
C VAL A 723 68.18 -138.69 -38.18
N PHE A 724 69.26 -139.44 -38.04
CA PHE A 724 70.40 -139.37 -38.95
C PHE A 724 70.61 -140.72 -39.64
N LYS A 725 71.09 -140.66 -40.87
CA LYS A 725 71.41 -141.85 -41.66
C LYS A 725 72.73 -141.63 -42.38
N ASP A 726 73.51 -142.70 -42.50
CA ASP A 726 74.83 -142.59 -43.12
C ASP A 726 74.72 -142.27 -44.60
N VAL A 727 73.99 -143.09 -45.35
CA VAL A 727 73.84 -142.92 -46.80
C VAL A 727 72.35 -142.83 -47.11
N PHE A 728 71.94 -141.70 -47.67
CA PHE A 728 70.54 -141.48 -48.04
C PHE A 728 70.49 -140.65 -49.32
N LEU A 729 69.31 -140.65 -49.93
CA LEU A 729 69.08 -139.95 -51.20
C LEU A 729 67.89 -139.01 -51.07
N GLU A 730 68.05 -137.81 -51.61
CA GLU A 730 66.98 -136.81 -51.60
C GLU A 730 66.98 -136.07 -52.92
N MET A 731 65.80 -135.70 -53.40
CA MET A 731 65.63 -135.07 -54.69
C MET A 731 64.78 -133.82 -54.57
N ASN A 732 64.69 -133.07 -55.66
CA ASN A 732 63.99 -131.79 -55.65
C ASN A 732 62.47 -131.98 -55.61
N ILE A 733 61.96 -132.95 -56.36
CA ILE A 733 60.53 -133.21 -56.59
C ILE A 733 59.77 -131.88 -56.70
N PRO A 734 59.95 -131.14 -57.79
CA PRO A 734 59.34 -129.80 -57.89
C PRO A 734 57.83 -129.84 -57.75
N TYR A 735 57.26 -128.66 -57.49
CA TYR A 735 55.85 -128.49 -57.24
C TYR A 735 55.13 -127.96 -58.48
N SER A 736 53.87 -128.36 -58.63
CA SER A 736 53.00 -127.88 -59.70
C SER A 736 53.66 -128.06 -61.07
N VAL A 737 54.16 -129.27 -61.31
CA VAL A 737 54.79 -129.58 -62.59
C VAL A 737 53.74 -129.52 -63.69
N VAL A 738 53.95 -128.65 -64.67
CA VAL A 738 53.01 -128.52 -65.78
C VAL A 738 53.09 -129.77 -66.65
N ARG A 739 51.94 -130.40 -66.88
CA ARG A 739 51.91 -131.63 -67.66
C ARG A 739 52.21 -131.34 -69.13
N GLY A 740 52.99 -132.23 -69.75
CA GLY A 740 53.38 -132.08 -71.13
C GLY A 740 54.81 -131.60 -71.35
N GLU A 741 55.46 -131.11 -70.30
CA GLU A 741 56.83 -130.61 -70.41
C GLU A 741 57.75 -131.44 -69.50
N GLN A 742 58.96 -131.68 -69.99
CA GLN A 742 59.93 -132.46 -69.23
C GLN A 742 60.55 -131.61 -68.12
N ILE A 743 61.11 -132.28 -67.13
CA ILE A 743 61.75 -131.63 -66.00
C ILE A 743 63.18 -132.13 -65.87
N GLN A 744 63.97 -131.41 -65.09
CA GLN A 744 65.38 -131.78 -64.91
C GLN A 744 65.53 -132.86 -63.85
N LEU A 745 64.76 -132.77 -62.76
CA LEU A 745 64.78 -133.73 -61.66
C LEU A 745 66.21 -133.95 -61.16
N LYS A 746 66.78 -132.88 -60.62
CA LYS A 746 68.15 -132.90 -60.12
C LYS A 746 68.17 -133.36 -58.67
N GLY A 747 69.10 -134.25 -58.36
CA GLY A 747 69.25 -134.75 -57.01
C GLY A 747 70.64 -135.31 -56.80
N THR A 748 71.02 -135.46 -55.53
CA THR A 748 72.32 -135.98 -55.18
C THR A 748 72.20 -136.91 -53.98
N VAL A 749 73.13 -137.86 -53.89
CA VAL A 749 73.21 -138.79 -52.77
C VAL A 749 74.37 -138.37 -51.87
N TYR A 750 74.14 -138.39 -50.56
CA TYR A 750 75.13 -137.98 -49.59
C TYR A 750 75.90 -139.17 -49.06
N ASN A 751 77.23 -139.06 -49.06
CA ASN A 751 78.12 -140.11 -48.54
C ASN A 751 78.88 -139.53 -47.36
N TYR A 752 78.62 -140.04 -46.16
CA TYR A 752 79.25 -139.55 -44.95
C TYR A 752 80.25 -140.53 -44.35
N ARG A 753 80.46 -141.69 -44.99
CA ARG A 753 81.45 -142.63 -44.52
C ARG A 753 82.86 -142.14 -44.84
N THR A 754 83.81 -142.52 -43.98
CA THR A 754 85.20 -142.09 -44.18
C THR A 754 85.79 -142.70 -45.45
N SER A 755 85.47 -143.96 -45.73
CA SER A 755 85.99 -144.64 -46.91
C SER A 755 85.09 -144.41 -48.10
N GLY A 756 85.70 -144.41 -49.29
CA GLY A 756 84.95 -144.23 -50.51
C GLY A 756 84.14 -145.46 -50.89
N MET A 757 83.24 -145.27 -51.83
CA MET A 757 82.36 -146.34 -52.28
C MET A 757 81.83 -146.01 -53.67
N GLN A 758 81.22 -147.00 -54.31
CA GLN A 758 80.60 -146.85 -55.61
C GLN A 758 79.09 -147.06 -55.46
N PHE A 759 78.32 -146.22 -56.13
CA PHE A 759 76.86 -146.22 -55.98
C PHE A 759 76.19 -146.58 -57.29
N CYS A 760 74.98 -147.12 -57.17
CA CYS A 760 74.12 -147.41 -58.31
C CYS A 760 72.71 -146.99 -57.98
N VAL A 761 72.14 -146.13 -58.82
CA VAL A 761 70.80 -145.59 -58.60
C VAL A 761 69.96 -145.85 -59.85
N LYS A 762 68.84 -146.53 -59.67
CA LYS A 762 67.89 -146.77 -60.75
C LYS A 762 66.52 -146.21 -60.36
N MET A 763 65.74 -145.85 -61.38
CA MET A 763 64.44 -145.21 -61.19
C MET A 763 63.34 -146.11 -61.72
N SER A 764 62.22 -146.14 -61.00
CA SER A 764 61.04 -146.89 -61.41
C SER A 764 59.83 -145.97 -61.35
N ALA A 765 59.14 -145.83 -62.47
CA ALA A 765 58.00 -144.92 -62.58
C ALA A 765 56.74 -145.72 -62.89
N VAL A 766 55.64 -145.35 -62.23
CA VAL A 766 54.36 -146.01 -62.45
C VAL A 766 53.74 -145.50 -63.74
N GLU A 767 52.76 -146.27 -64.25
CA GLU A 767 52.08 -145.89 -65.48
C GLU A 767 51.22 -144.65 -65.25
N GLY A 768 51.42 -143.63 -66.08
CA GLY A 768 52.38 -143.70 -67.17
C GLY A 768 53.20 -142.44 -67.33
N ILE A 769 54.53 -142.61 -67.40
CA ILE A 769 55.46 -141.50 -67.58
C ILE A 769 56.50 -141.93 -68.60
N CYS A 770 56.75 -141.07 -69.59
CA CYS A 770 57.73 -141.38 -70.63
C CYS A 770 59.13 -141.52 -70.03
N THR A 771 59.73 -142.69 -70.21
CA THR A 771 61.06 -142.98 -69.69
C THR A 771 62.03 -143.18 -70.85
N SER A 772 63.31 -142.87 -70.59
CA SER A 772 64.34 -142.91 -71.60
C SER A 772 65.21 -144.17 -71.52
N GLU A 773 64.67 -145.26 -70.96
CA GLU A 773 65.43 -146.50 -70.85
C GLU A 773 65.21 -147.40 -72.06
N SER A 774 63.95 -147.76 -72.33
CA SER A 774 63.56 -148.44 -73.57
C SER A 774 64.39 -149.69 -73.84
N PRO A 775 64.11 -150.82 -73.17
CA PRO A 775 63.03 -151.09 -72.22
C PRO A 775 63.47 -151.16 -70.76
N VAL A 776 62.57 -151.68 -69.92
CA VAL A 776 62.83 -151.89 -68.50
C VAL A 776 63.44 -153.28 -68.30
N ILE A 777 64.23 -153.41 -67.23
CA ILE A 777 64.89 -154.66 -66.88
C ILE A 777 64.87 -154.80 -65.37
N ASP A 778 64.40 -155.95 -64.88
CA ASP A 778 63.85 -157.00 -65.73
C ASP A 778 62.33 -157.00 -65.69
N HIS A 779 61.77 -156.85 -64.48
CA HIS A 779 60.33 -156.88 -64.31
C HIS A 779 59.68 -155.68 -65.00
N GLN A 780 58.36 -155.78 -65.19
CA GLN A 780 57.62 -154.69 -65.83
C GLN A 780 57.63 -153.43 -64.96
N GLY A 781 57.62 -153.59 -63.64
CA GLY A 781 57.66 -152.44 -62.75
C GLY A 781 59.04 -151.90 -62.51
N THR A 782 60.01 -152.80 -62.30
CA THR A 782 61.39 -152.38 -62.05
C THR A 782 62.03 -151.95 -63.36
N LYS A 783 62.53 -150.72 -63.39
CA LYS A 783 63.15 -150.13 -64.57
C LYS A 783 64.64 -149.94 -64.30
N SER A 784 65.47 -150.65 -65.06
CA SER A 784 66.92 -150.54 -64.91
C SER A 784 67.43 -149.29 -65.61
N SER A 785 68.30 -148.55 -64.93
CA SER A 785 68.88 -147.33 -65.49
C SER A 785 70.24 -147.56 -66.14
N LYS A 786 70.72 -148.80 -66.19
CA LYS A 786 72.05 -149.13 -66.70
C LYS A 786 73.12 -148.32 -65.97
N CYS A 787 73.08 -148.41 -64.63
CA CYS A 787 73.95 -147.59 -63.81
C CYS A 787 75.42 -147.96 -64.00
N VAL A 788 76.27 -146.95 -64.03
CA VAL A 788 77.72 -147.13 -64.02
C VAL A 788 78.22 -146.72 -62.64
N ARG A 789 78.87 -147.65 -61.95
CA ARG A 789 79.33 -147.38 -60.60
C ARG A 789 80.40 -146.29 -60.60
N GLN A 790 80.06 -145.16 -60.00
CA GLN A 790 80.96 -144.00 -59.93
C GLN A 790 81.47 -143.84 -58.51
N LYS A 791 82.76 -143.51 -58.39
CA LYS A 791 83.37 -143.34 -57.09
C LYS A 791 82.91 -142.05 -56.43
N VAL A 792 82.71 -142.10 -55.11
CA VAL A 792 82.32 -140.94 -54.32
C VAL A 792 83.29 -140.82 -53.16
N GLU A 793 83.96 -139.68 -53.07
CA GLU A 793 84.93 -139.47 -52.01
C GLU A 793 84.24 -139.34 -50.65
N GLY A 794 85.04 -139.43 -49.59
CA GLY A 794 84.49 -139.29 -48.25
C GLY A 794 84.00 -137.88 -48.00
N SER A 795 82.84 -137.78 -47.36
CA SER A 795 82.18 -136.50 -47.07
C SER A 795 81.95 -135.70 -48.35
N SER A 796 81.51 -136.40 -49.40
CA SER A 796 81.24 -135.78 -50.69
C SER A 796 79.92 -136.32 -51.23
N SER A 797 79.58 -135.91 -52.45
CA SER A 797 78.33 -136.31 -53.07
C SER A 797 78.51 -136.35 -54.58
N HIS A 798 77.53 -136.93 -55.26
CA HIS A 798 77.55 -137.03 -56.71
C HIS A 798 76.18 -136.66 -57.26
N LEU A 799 76.18 -136.10 -58.47
CA LEU A 799 74.96 -135.61 -59.10
C LEU A 799 74.25 -136.72 -59.87
N VAL A 800 72.93 -136.81 -59.71
CA VAL A 800 72.10 -137.79 -60.38
C VAL A 800 70.88 -137.07 -60.94
N THR A 801 70.62 -137.24 -62.24
CA THR A 801 69.52 -136.57 -62.91
C THR A 801 68.68 -137.59 -63.68
N PHE A 802 67.42 -137.27 -63.89
CA PHE A 802 66.49 -138.11 -64.62
C PHE A 802 65.57 -137.23 -65.46
N THR A 803 65.40 -137.59 -66.74
CA THR A 803 64.53 -136.87 -67.66
C THR A 803 63.19 -137.61 -67.72
N VAL A 804 62.13 -136.98 -67.21
CA VAL A 804 60.80 -137.56 -67.19
C VAL A 804 59.79 -136.51 -67.63
N LEU A 805 58.67 -136.98 -68.18
CA LEU A 805 57.58 -136.11 -68.61
C LEU A 805 56.26 -136.74 -68.18
N PRO A 806 55.51 -136.10 -67.27
CA PRO A 806 54.24 -136.67 -66.84
C PRO A 806 53.20 -136.63 -67.93
N LEU A 807 52.33 -137.66 -67.95
CA LEU A 807 51.27 -137.77 -68.93
C LEU A 807 49.87 -137.79 -68.33
N GLU A 808 49.73 -138.00 -67.03
CA GLU A 808 48.43 -138.10 -66.39
C GLU A 808 48.36 -137.19 -65.18
N ILE A 809 47.14 -137.01 -64.66
CA ILE A 809 46.93 -136.14 -63.51
C ILE A 809 47.46 -136.81 -62.26
N GLY A 810 48.06 -136.02 -61.38
CA GLY A 810 48.61 -136.53 -60.14
C GLY A 810 47.53 -137.02 -59.19
N LEU A 811 47.98 -137.70 -58.13
CA LEU A 811 49.39 -137.91 -57.89
C LEU A 811 49.80 -139.33 -58.23
N HIS A 812 51.04 -139.49 -58.71
CA HIS A 812 51.59 -140.78 -59.08
C HIS A 812 52.85 -141.07 -58.29
N ASN A 813 52.97 -142.29 -57.79
CA ASN A 813 54.12 -142.69 -57.00
C ASN A 813 55.24 -143.15 -57.92
N ILE A 814 56.45 -142.62 -57.68
CA ILE A 814 57.63 -142.97 -58.45
C ILE A 814 58.67 -143.54 -57.50
N ASN A 815 59.25 -144.68 -57.87
CA ASN A 815 60.19 -145.41 -57.04
C ASN A 815 61.62 -145.03 -57.42
N PHE A 816 62.47 -144.91 -56.40
CA PHE A 816 63.89 -144.61 -56.60
C PHE A 816 64.71 -145.62 -55.80
N SER A 817 65.33 -146.56 -56.49
CA SER A 817 66.14 -147.60 -55.85
C SER A 817 67.61 -147.19 -55.89
N LEU A 818 68.28 -147.31 -54.75
CA LEU A 818 69.69 -146.96 -54.61
C LEU A 818 70.46 -148.20 -54.17
N GLU A 819 71.16 -148.83 -55.10
CA GLU A 819 71.98 -150.00 -54.82
C GLU A 819 73.40 -149.55 -54.53
N THR A 820 73.80 -149.62 -53.27
CA THR A 820 75.11 -149.14 -52.86
C THR A 820 75.65 -150.06 -51.75
N TRP A 821 76.95 -149.97 -51.52
CA TRP A 821 77.58 -150.75 -50.47
C TRP A 821 77.08 -150.31 -49.10
N PHE A 822 77.42 -151.10 -48.09
CA PHE A 822 77.01 -150.85 -46.70
C PHE A 822 75.49 -150.80 -46.58
N GLY A 823 74.81 -151.70 -47.29
CA GLY A 823 73.37 -151.75 -47.28
C GLY A 823 72.74 -150.88 -48.36
N LYS A 824 71.49 -151.19 -48.70
CA LYS A 824 70.75 -150.47 -49.71
C LYS A 824 69.35 -150.18 -49.19
N GLU A 825 68.73 -149.14 -49.74
CA GLU A 825 67.40 -148.73 -49.33
C GLU A 825 66.70 -148.06 -50.50
N ILE A 826 65.38 -148.22 -50.56
CA ILE A 826 64.55 -147.64 -51.61
C ILE A 826 63.63 -146.60 -50.97
N LEU A 827 63.51 -145.44 -51.63
CA LEU A 827 62.64 -144.37 -51.18
C LEU A 827 61.54 -144.13 -52.21
N VAL A 828 60.35 -143.81 -51.71
CA VAL A 828 59.18 -143.56 -52.56
C VAL A 828 58.82 -142.08 -52.44
N LYS A 829 58.61 -141.45 -53.59
CA LYS A 829 58.28 -140.03 -53.67
C LYS A 829 56.99 -139.84 -54.45
N THR A 830 56.22 -138.83 -54.05
CA THR A 830 54.95 -138.51 -54.70
C THR A 830 55.13 -137.28 -55.59
N LEU A 831 54.56 -137.33 -56.79
CA LEU A 831 54.65 -136.25 -57.76
C LEU A 831 53.26 -135.79 -58.13
N ARG A 832 53.01 -134.49 -57.98
CA ARG A 832 51.74 -133.87 -58.32
C ARG A 832 51.92 -132.93 -59.50
N VAL A 833 50.96 -132.95 -60.42
CA VAL A 833 51.02 -132.13 -61.62
C VAL A 833 49.84 -131.16 -61.63
N VAL A 834 49.96 -130.13 -62.45
CA VAL A 834 48.95 -129.09 -62.60
C VAL A 834 48.72 -128.83 -64.08
N PRO A 835 47.48 -128.71 -64.55
CA PRO A 835 47.24 -128.42 -65.97
C PRO A 835 47.88 -127.11 -66.39
N GLU A 836 47.93 -126.91 -67.71
CA GLU A 836 48.61 -125.75 -68.28
C GLU A 836 47.93 -124.45 -67.85
N GLY A 837 46.67 -124.27 -68.25
CA GLY A 837 45.96 -123.04 -67.97
C GLY A 837 45.13 -123.11 -66.70
N VAL A 838 44.94 -121.95 -66.07
CA VAL A 838 44.13 -121.82 -64.86
C VAL A 838 43.26 -120.58 -65.02
N LYS A 839 41.95 -120.76 -64.97
CA LYS A 839 41.00 -119.66 -65.11
C LYS A 839 39.85 -119.89 -64.13
N ARG A 840 39.73 -119.03 -63.13
CA ARG A 840 38.67 -119.11 -62.14
C ARG A 840 37.58 -118.10 -62.46
N GLU A 841 36.32 -118.55 -62.38
CA GLU A 841 35.18 -117.71 -62.69
C GLU A 841 34.03 -118.08 -61.76
N SER A 842 33.55 -117.12 -60.98
CA SER A 842 32.37 -117.36 -60.15
C SER A 842 31.15 -117.62 -61.01
N TYR A 843 30.72 -116.62 -61.78
CA TYR A 843 29.75 -116.76 -62.86
C TYR A 843 28.34 -117.03 -62.36
N SER A 844 28.17 -117.19 -61.05
CA SER A 844 26.85 -117.57 -60.53
C SER A 844 26.76 -117.21 -59.05
N GLY A 845 25.54 -116.88 -58.62
CA GLY A 845 25.25 -116.59 -57.23
C GLY A 845 23.91 -115.92 -57.06
N VAL A 846 23.15 -116.34 -56.04
CA VAL A 846 21.82 -115.82 -55.77
C VAL A 846 21.60 -115.73 -54.27
N THR A 847 20.65 -114.90 -53.88
CA THR A 847 20.24 -114.75 -52.49
C THR A 847 18.88 -115.43 -52.31
N LEU A 848 18.83 -116.47 -51.49
CA LEU A 848 17.59 -117.20 -51.27
C LEU A 848 16.65 -116.38 -50.39
N ASP A 849 15.43 -116.15 -50.87
CA ASP A 849 14.44 -115.37 -50.14
C ASP A 849 13.27 -116.26 -49.76
N PRO A 850 13.16 -116.68 -48.49
CA PRO A 850 12.06 -117.60 -48.11
C PRO A 850 10.68 -117.00 -48.28
N ARG A 851 10.43 -115.84 -47.67
CA ARG A 851 9.11 -115.24 -47.66
C ARG A 851 8.93 -114.17 -48.73
N GLY A 852 9.90 -113.98 -49.62
CA GLY A 852 9.77 -113.01 -50.67
C GLY A 852 9.87 -111.57 -50.20
N ILE A 853 10.89 -111.27 -49.39
CA ILE A 853 11.08 -109.93 -48.87
C ILE A 853 11.45 -108.97 -50.01
N TYR A 854 12.56 -109.25 -50.69
CA TYR A 854 13.03 -108.40 -51.77
C TYR A 854 12.47 -108.93 -53.09
N GLY A 855 11.54 -108.17 -53.69
CA GLY A 855 10.98 -108.57 -54.97
C GLY A 855 10.13 -109.82 -54.84
N THR A 856 10.29 -110.72 -55.81
CA THR A 856 9.54 -111.96 -55.85
C THR A 856 10.19 -113.00 -54.93
N ILE A 857 9.44 -114.08 -54.68
CA ILE A 857 9.95 -115.16 -53.84
C ILE A 857 11.04 -115.92 -54.60
N SER A 858 12.14 -116.20 -53.91
CA SER A 858 13.27 -116.93 -54.49
C SER A 858 13.74 -117.98 -53.48
N ARG A 859 13.29 -119.21 -53.66
CA ARG A 859 13.68 -120.33 -52.79
C ARG A 859 14.41 -121.44 -53.52
N ARG A 860 13.99 -121.76 -54.74
CA ARG A 860 14.62 -122.80 -55.54
C ARG A 860 15.34 -122.16 -56.73
N LYS A 861 16.61 -122.51 -56.91
CA LYS A 861 17.41 -121.97 -57.99
C LYS A 861 18.24 -123.09 -58.62
N GLU A 862 18.22 -123.17 -59.94
CA GLU A 862 18.95 -124.20 -60.68
C GLU A 862 20.18 -123.56 -61.33
N PHE A 863 21.35 -124.11 -61.04
CA PHE A 863 22.59 -123.66 -61.65
C PHE A 863 23.00 -124.67 -62.71
N PRO A 864 22.81 -124.38 -63.99
CA PRO A 864 23.17 -125.37 -65.02
C PRO A 864 24.67 -125.57 -65.11
N TYR A 865 25.05 -126.80 -65.46
CA TYR A 865 26.45 -127.18 -65.63
C TYR A 865 26.79 -127.10 -67.11
N ARG A 866 27.70 -126.19 -67.46
CA ARG A 866 28.12 -126.01 -68.84
C ARG A 866 29.61 -126.28 -68.97
N ILE A 867 30.03 -126.68 -70.17
CA ILE A 867 31.42 -126.98 -70.46
C ILE A 867 31.91 -126.03 -71.55
N PRO A 868 32.84 -125.12 -71.25
CA PRO A 868 33.35 -124.21 -72.29
C PRO A 868 34.13 -124.98 -73.35
N LEU A 869 34.23 -124.36 -74.52
CA LEU A 869 34.94 -124.95 -75.65
C LEU A 869 36.45 -124.87 -75.50
N ASP A 870 36.96 -124.12 -74.54
CA ASP A 870 38.39 -124.01 -74.29
C ASP A 870 38.89 -124.99 -73.24
N LEU A 871 38.10 -126.02 -72.93
CA LEU A 871 38.47 -126.97 -71.90
C LEU A 871 39.70 -127.77 -72.31
N VAL A 872 40.64 -127.90 -71.38
CA VAL A 872 41.82 -128.75 -71.62
C VAL A 872 41.41 -130.20 -71.64
N PRO A 873 41.91 -131.03 -72.56
CA PRO A 873 41.55 -132.44 -72.55
C PRO A 873 41.94 -133.11 -71.24
N LYS A 874 41.08 -134.03 -70.79
CA LYS A 874 41.27 -134.76 -69.54
C LYS A 874 41.36 -133.82 -68.35
N THR A 875 40.37 -132.92 -68.25
CA THR A 875 40.27 -131.98 -67.14
C THR A 875 38.85 -132.03 -66.58
N GLU A 876 38.74 -132.07 -65.25
CA GLU A 876 37.46 -132.14 -64.57
C GLU A 876 37.14 -130.80 -63.94
N ILE A 877 35.95 -130.27 -64.23
CA ILE A 877 35.55 -128.98 -63.70
C ILE A 877 35.18 -129.13 -62.23
N LYS A 878 35.72 -128.25 -61.39
CA LYS A 878 35.50 -128.27 -59.96
C LYS A 878 34.69 -127.05 -59.54
N ARG A 879 33.70 -127.27 -58.67
CA ARG A 879 32.84 -126.20 -58.17
C ARG A 879 32.76 -126.29 -56.64
N ILE A 880 32.70 -125.13 -56.01
CA ILE A 880 32.62 -125.02 -54.55
C ILE A 880 31.40 -124.18 -54.20
N LEU A 881 30.61 -124.66 -53.24
CA LEU A 881 29.39 -123.98 -52.83
C LEU A 881 29.43 -123.72 -51.33
N SER A 882 28.92 -122.56 -50.92
CA SER A 882 28.89 -122.18 -49.52
C SER A 882 27.87 -121.06 -49.33
N VAL A 883 27.52 -120.81 -48.07
CA VAL A 883 26.61 -119.75 -47.69
C VAL A 883 27.27 -118.89 -46.62
N LYS A 884 26.80 -117.65 -46.51
CA LYS A 884 27.45 -116.67 -45.64
C LYS A 884 26.58 -116.15 -44.50
N GLY A 885 25.26 -116.10 -44.66
CA GLY A 885 24.43 -115.55 -43.62
C GLY A 885 24.59 -114.05 -43.49
N LEU A 886 24.07 -113.32 -44.48
CA LEU A 886 24.34 -111.89 -44.65
C LEU A 886 24.30 -111.09 -43.36
N LEU A 887 23.15 -111.03 -42.69
CA LEU A 887 23.02 -110.22 -41.49
C LEU A 887 21.72 -110.57 -40.78
N VAL A 888 21.56 -110.01 -39.58
CA VAL A 888 20.36 -110.19 -38.76
C VAL A 888 19.92 -108.81 -38.28
N GLY A 889 18.62 -108.57 -38.27
CA GLY A 889 18.09 -107.27 -37.89
C GLY A 889 18.24 -107.01 -36.40
N GLU A 890 18.24 -105.72 -36.08
CA GLU A 890 18.39 -105.28 -34.70
C GLU A 890 17.08 -105.42 -33.93
N ILE A 891 17.21 -105.54 -32.61
CA ILE A 891 16.07 -105.76 -31.71
C ILE A 891 15.92 -104.53 -30.81
N LEU A 892 16.17 -103.35 -31.37
CA LEU A 892 16.17 -102.09 -30.61
C LEU A 892 14.99 -101.95 -29.66
N SER A 893 13.77 -101.90 -30.20
CA SER A 893 12.61 -101.66 -29.36
C SER A 893 11.33 -101.96 -30.12
N ALA A 894 10.31 -102.41 -29.39
CA ALA A 894 8.95 -102.55 -29.90
C ALA A 894 8.02 -102.23 -28.73
N VAL A 895 7.49 -101.01 -28.70
CA VAL A 895 6.80 -100.49 -27.53
C VAL A 895 5.40 -100.04 -27.93
N LEU A 896 4.41 -100.50 -27.19
CA LEU A 896 3.02 -100.05 -27.34
C LEU A 896 2.26 -100.46 -26.08
N SER A 897 1.70 -99.49 -25.37
CA SER A 897 1.02 -99.76 -24.12
C SER A 897 0.09 -98.61 -23.78
N GLN A 898 -0.79 -98.86 -22.82
CA GLN A 898 -1.74 -97.91 -22.23
C GLN A 898 -2.85 -97.49 -23.19
N GLU A 899 -2.86 -97.98 -24.42
CA GLU A 899 -3.93 -97.63 -25.35
C GLU A 899 -5.23 -98.38 -25.03
N GLY A 900 -5.11 -99.66 -24.68
CA GLY A 900 -6.30 -100.44 -24.37
C GLY A 900 -7.00 -99.99 -23.11
N ILE A 901 -6.25 -99.50 -22.12
CA ILE A 901 -6.86 -99.09 -20.86
C ILE A 901 -7.39 -97.67 -20.95
N ASN A 902 -6.67 -96.77 -21.62
CA ASN A 902 -7.07 -95.37 -21.66
C ASN A 902 -8.23 -95.15 -22.62
N ILE A 903 -8.06 -95.48 -23.88
CA ILE A 903 -9.06 -95.23 -24.91
C ILE A 903 -9.37 -96.57 -25.58
N LEU A 904 -10.39 -97.25 -25.07
CA LEU A 904 -10.97 -98.41 -25.74
C LEU A 904 -12.44 -98.19 -26.08
N THR A 905 -13.24 -97.82 -25.08
CA THR A 905 -14.62 -97.39 -25.30
C THR A 905 -14.94 -96.05 -24.65
N HIS A 906 -14.19 -95.62 -23.64
CA HIS A 906 -14.37 -94.34 -22.97
C HIS A 906 -15.80 -94.17 -22.44
N ALA A 912 -19.60 -86.37 -31.98
CA ALA A 912 -20.51 -87.11 -32.86
C ALA A 912 -19.79 -87.54 -34.14
N GLU A 913 -19.13 -86.59 -34.79
CA GLU A 913 -18.41 -86.88 -36.02
C GLU A 913 -17.05 -87.52 -35.77
N ALA A 914 -16.53 -87.45 -34.55
CA ALA A 914 -15.23 -88.00 -34.21
C ALA A 914 -15.31 -89.45 -33.76
N GLU A 915 -16.44 -90.12 -33.95
CA GLU A 915 -16.50 -91.55 -33.69
C GLU A 915 -15.54 -92.32 -34.58
N LEU A 916 -15.36 -91.86 -35.83
CA LEU A 916 -14.34 -92.45 -36.70
C LEU A 916 -12.95 -92.25 -36.11
N MET A 917 -12.62 -91.03 -35.71
CA MET A 917 -11.34 -90.75 -35.09
C MET A 917 -11.11 -91.61 -33.85
N SER A 918 -12.18 -91.95 -33.13
CA SER A 918 -12.04 -92.78 -31.94
C SER A 918 -11.84 -94.25 -32.29
N VAL A 919 -12.58 -94.76 -33.27
CA VAL A 919 -12.57 -96.20 -33.53
C VAL A 919 -11.48 -96.64 -34.50
N VAL A 920 -10.92 -95.74 -35.30
CA VAL A 920 -9.90 -96.11 -36.28
C VAL A 920 -8.63 -96.66 -35.63
N PRO A 921 -8.03 -96.01 -34.63
CA PRO A 921 -6.78 -96.54 -34.08
C PRO A 921 -6.90 -97.91 -33.45
N VAL A 922 -8.11 -98.35 -33.11
CA VAL A 922 -8.29 -99.69 -32.55
C VAL A 922 -7.89 -100.76 -33.57
N PHE A 923 -8.21 -100.52 -34.84
CA PHE A 923 -7.83 -101.46 -35.89
C PHE A 923 -6.31 -101.62 -35.96
N TYR A 924 -5.59 -100.49 -35.94
CA TYR A 924 -4.13 -100.55 -36.01
C TYR A 924 -3.52 -101.13 -34.74
N VAL A 925 -4.13 -100.88 -33.58
CA VAL A 925 -3.65 -101.50 -32.35
C VAL A 925 -3.81 -103.01 -32.40
N PHE A 926 -4.97 -103.48 -32.88
CA PHE A 926 -5.18 -104.92 -33.03
C PHE A 926 -4.22 -105.52 -34.04
N HIS A 927 -3.93 -104.79 -35.12
CA HIS A 927 -2.99 -105.27 -36.12
C HIS A 927 -1.58 -105.39 -35.53
N TYR A 928 -1.17 -104.40 -34.75
CA TYR A 928 0.14 -104.47 -34.10
C TYR A 928 0.20 -105.61 -33.10
N LEU A 929 -0.88 -105.82 -32.34
CA LEU A 929 -0.89 -106.91 -31.37
C LEU A 929 -0.83 -108.27 -32.07
N GLU A 930 -1.48 -108.39 -33.23
CA GLU A 930 -1.44 -109.66 -33.97
C GLU A 930 -0.08 -109.88 -34.61
N THR A 931 0.57 -108.80 -35.06
CA THR A 931 1.88 -108.95 -35.69
C THR A 931 2.95 -109.27 -34.66
N GLY A 932 2.98 -108.53 -33.56
CA GLY A 932 3.99 -108.76 -32.54
C GLY A 932 3.83 -110.06 -31.78
N ASN A 933 2.62 -110.62 -31.74
CA ASN A 933 2.34 -111.89 -31.08
C ASN A 933 2.71 -111.84 -29.60
N HIS A 934 2.43 -110.71 -28.95
CA HIS A 934 2.72 -110.51 -27.54
C HIS A 934 1.42 -110.15 -26.82
N TRP A 935 0.87 -111.11 -26.08
CA TRP A 935 -0.32 -110.88 -25.26
C TRP A 935 -0.13 -111.25 -23.80
N ASN A 936 1.01 -111.84 -23.42
CA ASN A 936 1.24 -112.27 -22.06
C ASN A 936 1.57 -111.11 -21.12
N ILE A 937 1.62 -109.88 -21.61
CA ILE A 937 1.94 -108.75 -20.75
C ILE A 937 0.81 -108.49 -19.75
N PHE A 938 -0.43 -108.79 -20.12
CA PHE A 938 -1.56 -108.61 -19.23
C PHE A 938 -1.88 -109.92 -18.50
N HIS A 939 -2.47 -109.77 -17.31
CA HIS A 939 -2.82 -110.95 -16.52
C HIS A 939 -4.03 -111.68 -17.10
N SER A 940 -4.90 -110.98 -17.81
CA SER A 940 -6.09 -111.58 -18.38
C SER A 940 -5.70 -112.55 -19.50
N ASP A 941 -6.63 -113.45 -19.82
CA ASP A 941 -6.40 -114.42 -20.88
C ASP A 941 -6.39 -113.72 -22.23
N PRO A 942 -5.49 -114.13 -23.14
CA PRO A 942 -5.46 -113.48 -24.47
C PRO A 942 -6.72 -113.69 -25.27
N LEU A 943 -7.45 -114.79 -25.04
CA LEU A 943 -8.64 -115.07 -25.84
C LEU A 943 -9.76 -114.06 -25.53
N ILE A 944 -9.95 -113.72 -24.25
CA ILE A 944 -10.98 -112.76 -23.89
C ILE A 944 -10.65 -111.38 -24.47
N GLU A 945 -9.39 -110.97 -24.40
CA GLU A 945 -8.99 -109.69 -24.97
C GLU A 945 -9.16 -109.70 -26.48
N LYS A 946 -8.84 -110.82 -27.13
CA LYS A 946 -9.01 -110.91 -28.57
C LYS A 946 -10.48 -110.83 -28.96
N GLN A 947 -11.36 -111.46 -28.18
CA GLN A 947 -12.79 -111.39 -28.47
C GLN A 947 -13.33 -109.98 -28.24
N LYS A 948 -12.86 -109.30 -27.20
CA LYS A 948 -13.27 -107.92 -26.97
C LYS A 948 -12.79 -107.01 -28.10
N LEU A 949 -11.56 -107.22 -28.58
CA LEU A 949 -11.06 -106.44 -29.69
C LEU A 949 -11.84 -106.73 -30.97
N LYS A 950 -12.25 -107.99 -31.17
CA LYS A 950 -13.07 -108.31 -32.33
C LYS A 950 -14.44 -107.66 -32.25
N LYS A 951 -15.02 -107.60 -31.05
CA LYS A 951 -16.29 -106.91 -30.87
C LYS A 951 -16.14 -105.41 -31.15
N LYS A 952 -15.04 -104.81 -30.69
CA LYS A 952 -14.80 -103.40 -30.97
C LYS A 952 -14.56 -103.15 -32.45
N LEU A 953 -13.90 -104.09 -33.13
CA LEU A 953 -13.72 -103.98 -34.58
C LEU A 953 -15.05 -104.08 -35.31
N LYS A 954 -15.95 -104.94 -34.82
CA LYS A 954 -17.29 -105.02 -35.41
C LYS A 954 -18.06 -103.72 -35.19
N GLU A 955 -17.94 -103.13 -34.01
CA GLU A 955 -18.57 -101.84 -33.76
C GLU A 955 -18.00 -100.76 -34.67
N GLY A 956 -16.68 -100.78 -34.89
CA GLY A 956 -16.07 -99.83 -35.81
C GLY A 956 -16.49 -100.04 -37.25
N MET A 957 -16.70 -101.30 -37.65
CA MET A 957 -17.21 -101.57 -38.99
C MET A 957 -18.63 -101.06 -39.15
N LEU A 958 -19.47 -101.24 -38.12
CA LEU A 958 -20.81 -100.67 -38.18
C LEU A 958 -20.76 -99.14 -38.25
N SER A 959 -19.83 -98.54 -37.50
CA SER A 959 -19.70 -97.09 -37.52
C SER A 959 -19.26 -96.59 -38.90
N ILE A 960 -18.27 -97.24 -39.50
CA ILE A 960 -17.81 -96.82 -40.82
C ILE A 960 -18.84 -97.14 -41.90
N MET A 961 -19.72 -98.12 -41.65
CA MET A 961 -20.84 -98.32 -42.56
C MET A 961 -21.89 -97.24 -42.41
N SER A 962 -22.03 -96.68 -41.20
CA SER A 962 -22.96 -95.57 -41.00
C SER A 962 -22.51 -94.30 -41.72
N TYR A 963 -21.22 -94.17 -42.03
CA TYR A 963 -20.70 -93.00 -42.72
C TYR A 963 -20.74 -93.14 -44.24
N ARG A 964 -21.40 -94.18 -44.76
CA ARG A 964 -21.49 -94.40 -46.19
C ARG A 964 -22.76 -93.77 -46.72
N ASN A 965 -22.62 -92.85 -47.67
CA ASN A 965 -23.76 -92.18 -48.27
C ASN A 965 -24.39 -93.04 -49.36
N ALA A 966 -25.49 -92.55 -49.93
CA ALA A 966 -26.17 -93.29 -50.98
C ALA A 966 -25.35 -93.32 -52.26
N ASP A 967 -24.51 -92.31 -52.49
CA ASP A 967 -23.65 -92.26 -53.67
C ASP A 967 -22.37 -93.06 -53.49
N TYR A 968 -22.29 -93.89 -52.45
CA TYR A 968 -21.14 -94.72 -52.09
C TYR A 968 -19.93 -93.90 -51.68
N SER A 969 -20.04 -92.59 -51.57
CA SER A 969 -18.95 -91.75 -51.11
C SER A 969 -18.91 -91.74 -49.58
N TYR A 970 -17.91 -91.05 -49.02
CA TYR A 970 -17.68 -91.00 -47.59
C TYR A 970 -17.60 -89.55 -47.16
N SER A 971 -18.45 -89.17 -46.20
CA SER A 971 -18.51 -87.81 -45.70
C SER A 971 -18.42 -87.80 -44.18
N VAL A 972 -18.23 -86.60 -43.64
CA VAL A 972 -18.02 -86.42 -42.20
C VAL A 972 -19.29 -85.95 -41.50
N TRP A 973 -19.89 -84.85 -41.96
CA TRP A 973 -21.04 -84.24 -41.31
C TRP A 973 -22.30 -84.48 -42.13
N LYS A 974 -23.03 -85.54 -41.80
CA LYS A 974 -24.36 -85.84 -42.31
C LYS A 974 -24.39 -86.05 -43.82
N GLY A 975 -23.24 -86.08 -44.48
CA GLY A 975 -23.22 -86.27 -45.92
C GLY A 975 -23.64 -85.05 -46.73
N GLY A 976 -23.42 -83.85 -46.20
CA GLY A 976 -23.77 -82.66 -46.95
C GLY A 976 -22.83 -82.42 -48.12
N SER A 977 -21.52 -82.57 -47.89
CA SER A 977 -20.52 -82.43 -48.92
C SER A 977 -19.66 -83.69 -48.96
N ALA A 978 -19.07 -83.95 -50.12
CA ALA A 978 -18.24 -85.12 -50.33
C ALA A 978 -16.77 -84.74 -50.19
N SER A 979 -16.01 -85.55 -49.46
CA SER A 979 -14.60 -85.32 -49.22
C SER A 979 -13.81 -86.54 -49.62
N THR A 980 -12.71 -86.32 -50.36
CA THR A 980 -11.88 -87.43 -50.81
C THR A 980 -10.88 -87.86 -49.75
N TRP A 981 -10.47 -86.93 -48.87
CA TRP A 981 -9.52 -87.27 -47.81
C TRP A 981 -10.10 -88.31 -46.86
N LEU A 982 -11.29 -88.04 -46.32
CA LEU A 982 -11.93 -89.00 -45.43
C LEU A 982 -12.30 -90.29 -46.18
N THR A 983 -12.61 -90.19 -47.47
CA THR A 983 -12.90 -91.38 -48.26
C THR A 983 -11.69 -92.29 -48.34
N ALA A 984 -10.51 -91.72 -48.64
CA ALA A 984 -9.30 -92.53 -48.68
C ALA A 984 -8.90 -93.02 -47.30
N PHE A 985 -9.17 -92.24 -46.26
CA PHE A 985 -8.91 -92.70 -44.90
C PHE A 985 -9.74 -93.95 -44.58
N ALA A 986 -11.04 -93.89 -44.90
CA ALA A 986 -11.89 -95.05 -44.68
C ALA A 986 -11.50 -96.21 -45.58
N LEU A 987 -10.99 -95.93 -46.78
CA LEU A 987 -10.48 -97.01 -47.62
C LEU A 987 -9.27 -97.68 -47.00
N ARG A 988 -8.39 -96.89 -46.38
CA ARG A 988 -7.27 -97.47 -45.63
C ARG A 988 -7.78 -98.35 -44.49
N VAL A 989 -8.77 -97.86 -43.75
CA VAL A 989 -9.33 -98.63 -42.64
C VAL A 989 -9.92 -99.94 -43.14
N LEU A 990 -10.66 -99.89 -44.25
CA LEU A 990 -11.27 -101.10 -44.79
C LEU A 990 -10.23 -102.06 -45.35
N GLY A 991 -9.14 -101.55 -45.93
CA GLY A 991 -8.06 -102.41 -46.34
C GLY A 991 -7.35 -103.07 -45.18
N GLN A 992 -7.25 -102.37 -44.04
CA GLN A 992 -6.71 -102.99 -42.84
C GLN A 992 -7.66 -104.07 -42.32
N VAL A 993 -8.97 -103.83 -42.41
CA VAL A 993 -9.95 -104.83 -41.96
C VAL A 993 -9.94 -106.05 -42.87
N ASN A 994 -9.66 -105.86 -44.16
CA ASN A 994 -9.70 -106.95 -45.13
C ASN A 994 -8.87 -108.15 -44.70
N LYS A 995 -7.78 -107.92 -43.98
CA LYS A 995 -6.85 -108.99 -43.66
C LYS A 995 -7.30 -109.87 -42.50
N TYR A 996 -8.35 -109.49 -41.77
CA TYR A 996 -8.69 -110.20 -40.54
C TYR A 996 -10.03 -110.93 -40.61
N VAL A 997 -11.13 -110.23 -40.89
CA VAL A 997 -12.44 -110.89 -40.79
C VAL A 997 -13.09 -111.04 -42.16
N GLU A 998 -13.50 -109.92 -42.76
CA GLU A 998 -14.20 -109.92 -44.04
C GLU A 998 -14.52 -108.48 -44.42
N GLN A 999 -14.72 -108.26 -45.71
CA GLN A 999 -15.23 -107.01 -46.25
C GLN A 999 -15.87 -107.29 -47.60
N ASN A 1000 -17.03 -106.67 -47.85
CA ASN A 1000 -17.71 -106.85 -49.12
C ASN A 1000 -16.92 -106.20 -50.25
N GLN A 1001 -16.59 -106.99 -51.27
CA GLN A 1001 -15.77 -106.50 -52.37
C GLN A 1001 -16.56 -105.56 -53.27
N ASN A 1002 -17.84 -105.84 -53.48
CA ASN A 1002 -18.64 -105.01 -54.38
C ASN A 1002 -18.81 -103.60 -53.85
N SER A 1003 -18.80 -103.43 -52.53
CA SER A 1003 -18.92 -102.09 -51.95
C SER A 1003 -17.62 -101.30 -52.03
N ILE A 1004 -16.50 -101.96 -52.30
CA ILE A 1004 -15.22 -101.30 -52.43
C ILE A 1004 -14.85 -101.02 -53.88
N CYS A 1005 -15.22 -101.95 -54.78
CA CYS A 1005 -14.90 -101.77 -56.19
C CYS A 1005 -15.61 -100.56 -56.77
N ASN A 1006 -16.92 -100.43 -56.51
CA ASN A 1006 -17.65 -99.27 -56.99
C ASN A 1006 -17.22 -98.00 -56.28
N SER A 1007 -16.82 -98.10 -55.01
CA SER A 1007 -16.32 -96.92 -54.29
C SER A 1007 -15.04 -96.40 -54.92
N LEU A 1008 -14.15 -97.31 -55.34
CA LEU A 1008 -12.94 -96.88 -56.03
C LEU A 1008 -13.24 -96.37 -57.43
N LEU A 1009 -14.21 -97.00 -58.11
CA LEU A 1009 -14.59 -96.54 -59.44
C LEU A 1009 -15.17 -95.12 -59.40
N TRP A 1010 -15.90 -94.80 -58.33
CA TRP A 1010 -16.42 -93.44 -58.17
C TRP A 1010 -15.30 -92.42 -58.16
N LEU A 1011 -14.26 -92.67 -57.36
CA LEU A 1011 -13.12 -91.75 -57.31
C LEU A 1011 -12.39 -91.71 -58.65
N VAL A 1012 -12.17 -92.88 -59.26
CA VAL A 1012 -11.47 -92.93 -60.55
C VAL A 1012 -12.22 -92.13 -61.61
N GLU A 1013 -13.56 -92.14 -61.54
CA GLU A 1013 -14.36 -91.45 -62.55
C GLU A 1013 -14.44 -89.96 -62.28
N ASN A 1014 -14.58 -89.55 -61.01
CA ASN A 1014 -14.86 -88.16 -60.69
C ASN A 1014 -13.63 -87.39 -60.21
N TYR A 1015 -12.94 -87.87 -59.19
CA TYR A 1015 -11.90 -87.11 -58.53
C TYR A 1015 -10.51 -87.34 -59.13
N GLN A 1016 -10.42 -88.05 -60.26
CA GLN A 1016 -9.15 -88.28 -60.93
C GLN A 1016 -9.01 -87.32 -62.10
N LEU A 1017 -8.03 -86.43 -62.02
CA LEU A 1017 -7.76 -85.53 -63.13
C LEU A 1017 -7.09 -86.28 -64.27
N ASP A 1018 -7.25 -85.76 -65.49
CA ASP A 1018 -6.63 -86.40 -66.65
C ASP A 1018 -5.11 -86.39 -66.55
N ASN A 1019 -4.55 -85.44 -65.81
CA ASN A 1019 -3.11 -85.40 -65.61
C ASN A 1019 -2.63 -86.44 -64.60
N GLY A 1020 -3.53 -86.94 -63.75
CA GLY A 1020 -3.19 -87.85 -62.68
C GLY A 1020 -3.39 -87.27 -61.30
N SER A 1021 -3.74 -85.99 -61.19
CA SER A 1021 -3.94 -85.36 -59.90
C SER A 1021 -5.27 -85.78 -59.29
N PHE A 1022 -5.40 -85.52 -58.00
CA PHE A 1022 -6.62 -85.81 -57.26
C PHE A 1022 -6.98 -84.62 -56.37
N LYS A 1023 -8.28 -84.40 -56.20
CA LYS A 1023 -8.79 -83.27 -55.44
C LYS A 1023 -9.99 -83.72 -54.62
N GLU A 1024 -10.53 -82.80 -53.83
CA GLU A 1024 -11.69 -83.06 -53.00
C GLU A 1024 -12.72 -81.96 -53.21
N ASN A 1025 -14.00 -82.31 -53.04
CA ASN A 1025 -15.07 -81.34 -53.22
C ASN A 1025 -15.29 -80.52 -51.95
N SER A 1026 -15.26 -81.15 -50.78
CA SER A 1026 -15.45 -80.43 -49.53
C SER A 1026 -14.24 -79.55 -49.24
N GLN A 1027 -14.50 -78.28 -48.95
CA GLN A 1027 -13.45 -77.33 -48.65
C GLN A 1027 -13.50 -76.88 -47.20
N LEU A 1037 0.78 -66.87 -52.93
CA LEU A 1037 1.26 -68.24 -52.77
C LEU A 1037 0.63 -69.19 -53.81
N PRO A 1038 1.07 -69.06 -55.06
CA PRO A 1038 0.49 -69.92 -56.11
C PRO A 1038 0.91 -71.38 -56.00
N VAL A 1039 2.12 -71.64 -55.51
CA VAL A 1039 2.63 -73.01 -55.44
C VAL A 1039 1.96 -73.82 -54.33
N GLU A 1040 1.28 -73.15 -53.39
CA GLU A 1040 0.57 -73.89 -52.36
C GLU A 1040 -0.57 -74.72 -52.93
N ALA A 1041 -1.19 -74.25 -54.00
CA ALA A 1041 -2.23 -75.04 -54.66
C ALA A 1041 -1.66 -76.33 -55.22
N ARG A 1042 -0.51 -76.25 -55.90
CA ARG A 1042 0.14 -77.45 -56.41
C ARG A 1042 0.59 -78.36 -55.28
N GLU A 1043 1.05 -77.77 -54.18
CA GLU A 1043 1.47 -78.58 -53.02
C GLU A 1043 0.29 -79.37 -52.46
N ASN A 1044 -0.86 -78.69 -52.27
CA ASN A 1044 -2.05 -79.38 -51.77
C ASN A 1044 -2.54 -80.42 -52.77
N SER A 1045 -2.42 -80.12 -54.07
CA SER A 1045 -2.82 -81.09 -55.09
C SER A 1045 -1.97 -82.36 -55.01
N LEU A 1046 -0.65 -82.18 -54.87
CA LEU A 1046 0.24 -83.34 -54.75
C LEU A 1046 -0.03 -84.10 -53.45
N TYR A 1047 -0.34 -83.38 -52.38
CA TYR A 1047 -0.68 -84.04 -51.11
C TYR A 1047 -1.92 -84.91 -51.27
N LEU A 1048 -2.99 -84.35 -51.84
CA LEU A 1048 -4.21 -85.12 -52.04
C LEU A 1048 -3.97 -86.27 -53.00
N THR A 1049 -3.14 -86.06 -54.02
CA THR A 1049 -2.84 -87.14 -54.96
C THR A 1049 -2.11 -88.28 -54.27
N ALA A 1050 -1.11 -87.97 -53.43
CA ALA A 1050 -0.39 -89.02 -52.71
C ALA A 1050 -1.32 -89.73 -51.74
N PHE A 1051 -2.20 -88.99 -51.07
CA PHE A 1051 -3.14 -89.63 -50.15
C PHE A 1051 -4.07 -90.60 -50.88
N THR A 1052 -4.59 -90.17 -52.04
CA THR A 1052 -5.45 -91.05 -52.82
C THR A 1052 -4.69 -92.24 -53.38
N VAL A 1053 -3.42 -92.05 -53.74
CA VAL A 1053 -2.61 -93.17 -54.21
C VAL A 1053 -2.44 -94.19 -53.09
N ILE A 1054 -2.15 -93.73 -51.89
CA ILE A 1054 -2.01 -94.63 -50.75
C ILE A 1054 -3.31 -95.40 -50.52
N GLY A 1055 -4.44 -94.68 -50.55
CA GLY A 1055 -5.72 -95.34 -50.33
C GLY A 1055 -6.04 -96.38 -51.39
N ILE A 1056 -5.82 -96.04 -52.66
CA ILE A 1056 -6.16 -96.95 -53.75
C ILE A 1056 -5.21 -98.14 -53.76
N ARG A 1057 -3.95 -97.93 -53.40
CA ARG A 1057 -3.02 -99.05 -53.31
C ARG A 1057 -3.36 -99.97 -52.15
N LYS A 1058 -3.85 -99.42 -51.04
CA LYS A 1058 -4.28 -100.26 -49.93
C LYS A 1058 -5.54 -101.04 -50.28
N ALA A 1059 -6.45 -100.44 -51.03
CA ALA A 1059 -7.70 -101.08 -51.40
C ALA A 1059 -7.63 -101.85 -52.71
N PHE A 1060 -6.45 -101.92 -53.35
CA PHE A 1060 -6.33 -102.56 -54.65
C PHE A 1060 -6.12 -104.07 -54.54
N ASP A 1061 -5.48 -104.53 -53.47
CA ASP A 1061 -5.17 -105.95 -53.35
C ASP A 1061 -6.42 -106.81 -53.25
N ILE A 1062 -7.53 -106.23 -52.80
CA ILE A 1062 -8.77 -107.00 -52.66
C ILE A 1062 -9.67 -106.89 -53.89
N CYS A 1063 -9.55 -105.81 -54.66
CA CYS A 1063 -10.36 -105.59 -55.85
C CYS A 1063 -9.44 -105.27 -57.03
N PRO A 1064 -8.84 -106.29 -57.65
CA PRO A 1064 -8.00 -106.05 -58.83
C PRO A 1064 -8.87 -105.72 -60.05
N LEU A 1065 -8.60 -104.58 -60.66
CA LEU A 1065 -9.33 -104.15 -61.84
C LEU A 1065 -8.37 -103.49 -62.82
N VAL A 1066 -8.70 -103.58 -64.11
CA VAL A 1066 -7.87 -102.95 -65.14
C VAL A 1066 -7.98 -101.44 -65.06
N LYS A 1067 -9.18 -100.92 -64.80
CA LYS A 1067 -9.35 -99.48 -64.69
C LYS A 1067 -8.63 -98.92 -63.47
N ILE A 1068 -8.66 -99.66 -62.35
CA ILE A 1068 -7.93 -99.23 -61.16
C ILE A 1068 -6.43 -99.25 -61.42
N ASP A 1069 -5.95 -100.25 -62.18
CA ASP A 1069 -4.53 -100.29 -62.53
C ASP A 1069 -4.15 -99.11 -63.43
N THR A 1070 -5.04 -98.75 -64.37
CA THR A 1070 -4.78 -97.60 -65.22
C THR A 1070 -4.73 -96.31 -64.40
N ALA A 1071 -5.65 -96.18 -63.44
CA ALA A 1071 -5.64 -95.00 -62.57
C ALA A 1071 -4.36 -94.95 -61.74
N LEU A 1072 -3.92 -96.10 -61.22
CA LEU A 1072 -2.68 -96.14 -60.46
C LEU A 1072 -1.48 -95.76 -61.33
N ILE A 1073 -1.45 -96.24 -62.57
CA ILE A 1073 -0.36 -95.88 -63.47
C ILE A 1073 -0.35 -94.39 -63.74
N LYS A 1074 -1.52 -93.82 -64.02
CA LYS A 1074 -1.60 -92.38 -64.29
C LYS A 1074 -1.18 -91.56 -63.08
N ALA A 1075 -1.61 -91.97 -61.88
CA ALA A 1075 -1.26 -91.22 -60.68
C ALA A 1075 0.23 -91.35 -60.37
N ASP A 1076 0.81 -92.53 -60.59
CA ASP A 1076 2.24 -92.69 -60.40
C ASP A 1076 3.02 -91.85 -61.38
N ASN A 1077 2.56 -91.77 -62.64
CA ASN A 1077 3.22 -90.90 -63.61
C ASN A 1077 3.13 -89.44 -63.18
N PHE A 1078 1.97 -89.01 -62.71
CA PHE A 1078 1.82 -87.65 -62.20
C PHE A 1078 2.81 -87.36 -61.07
N LEU A 1079 2.87 -88.28 -60.09
CA LEU A 1079 3.74 -88.06 -58.94
C LEU A 1079 5.21 -88.08 -59.35
N LEU A 1080 5.59 -88.93 -60.29
CA LEU A 1080 6.98 -89.00 -60.72
C LEU A 1080 7.37 -87.79 -61.56
N GLU A 1081 6.41 -87.20 -62.29
CA GLU A 1081 6.71 -86.04 -63.10
C GLU A 1081 6.78 -84.76 -62.27
N ASN A 1082 5.89 -84.61 -61.29
CA ASN A 1082 5.75 -83.33 -60.59
C ASN A 1082 6.53 -83.26 -59.28
N THR A 1083 7.21 -84.32 -58.87
CA THR A 1083 8.02 -84.29 -57.67
C THR A 1083 9.48 -83.93 -57.94
N LEU A 1084 9.79 -83.46 -59.16
CA LEU A 1084 11.16 -83.07 -59.48
C LEU A 1084 11.67 -81.93 -58.61
N PRO A 1085 10.95 -80.80 -58.46
CA PRO A 1085 11.46 -79.74 -57.58
C PRO A 1085 11.27 -80.08 -56.12
N ALA A 1086 12.15 -79.52 -55.29
CA ALA A 1086 12.05 -79.68 -53.84
C ALA A 1086 11.06 -78.66 -53.30
N GLN A 1087 9.85 -79.13 -52.97
CA GLN A 1087 8.77 -78.25 -52.53
C GLN A 1087 8.64 -78.23 -51.01
N SER A 1088 8.43 -79.40 -50.40
CA SER A 1088 8.25 -79.50 -48.97
C SER A 1088 8.65 -80.89 -48.51
N THR A 1089 9.19 -80.97 -47.30
CA THR A 1089 9.61 -82.26 -46.76
C THR A 1089 8.42 -83.20 -46.55
N PHE A 1090 7.31 -82.66 -46.05
CA PHE A 1090 6.12 -83.48 -45.83
C PHE A 1090 5.55 -83.99 -47.14
N THR A 1091 5.43 -83.11 -48.14
CA THR A 1091 4.93 -83.53 -49.44
C THR A 1091 5.88 -84.53 -50.09
N LEU A 1092 7.19 -84.28 -50.00
CA LEU A 1092 8.15 -85.21 -50.56
C LEU A 1092 8.04 -86.58 -49.91
N ALA A 1093 7.88 -86.62 -48.59
CA ALA A 1093 7.81 -87.89 -47.88
C ALA A 1093 6.51 -88.63 -48.20
N ILE A 1094 5.39 -87.92 -48.26
CA ILE A 1094 4.13 -88.60 -48.57
C ILE A 1094 4.13 -89.09 -50.01
N SER A 1095 4.75 -88.35 -50.94
CA SER A 1095 4.84 -88.83 -52.31
C SER A 1095 5.77 -90.03 -52.40
N ALA A 1096 6.89 -90.01 -51.66
CA ALA A 1096 7.78 -91.16 -51.66
C ALA A 1096 7.10 -92.40 -51.12
N TYR A 1097 6.28 -92.24 -50.07
CA TYR A 1097 5.57 -93.40 -49.53
C TYR A 1097 4.50 -93.89 -50.49
N ALA A 1098 3.77 -92.97 -51.11
CA ALA A 1098 2.74 -93.37 -52.08
C ALA A 1098 3.35 -94.08 -53.27
N LEU A 1099 4.58 -93.71 -53.66
CA LEU A 1099 5.25 -94.40 -54.75
C LEU A 1099 5.89 -95.70 -54.30
N SER A 1100 6.31 -95.79 -53.04
CA SER A 1100 6.89 -97.02 -52.52
C SER A 1100 5.83 -98.09 -52.28
N LEU A 1101 4.59 -97.69 -52.05
CA LEU A 1101 3.51 -98.68 -51.97
C LEU A 1101 3.29 -99.38 -53.29
N GLY A 1102 3.71 -98.78 -54.41
CA GLY A 1102 3.65 -99.43 -55.70
C GLY A 1102 5.01 -99.92 -56.16
N ASP A 1103 5.47 -99.44 -57.32
CA ASP A 1103 6.77 -99.82 -57.82
C ASP A 1103 7.87 -99.19 -56.98
N LYS A 1104 8.79 -100.03 -56.49
CA LYS A 1104 9.85 -99.58 -55.60
C LYS A 1104 11.21 -99.45 -56.28
N THR A 1105 11.31 -99.82 -57.56
CA THR A 1105 12.58 -99.78 -58.28
C THR A 1105 12.50 -98.88 -59.52
N HIS A 1106 11.71 -97.80 -59.43
CA HIS A 1106 11.63 -96.85 -60.52
C HIS A 1106 12.80 -95.85 -60.44
N PRO A 1107 13.31 -95.41 -61.61
CA PRO A 1107 14.42 -94.44 -61.57
C PRO A 1107 14.06 -93.15 -60.86
N GLN A 1108 12.95 -92.52 -61.23
CA GLN A 1108 12.55 -91.28 -60.57
C GLN A 1108 12.19 -91.52 -59.11
N PHE A 1109 11.64 -92.69 -58.80
CA PHE A 1109 11.38 -93.02 -57.39
C PHE A 1109 12.67 -93.10 -56.60
N ARG A 1110 13.72 -93.71 -57.17
CA ARG A 1110 15.00 -93.76 -56.47
C ARG A 1110 15.62 -92.37 -56.36
N SER A 1111 15.43 -91.51 -57.37
CA SER A 1111 15.91 -90.14 -57.25
C SER A 1111 15.19 -89.40 -56.13
N ILE A 1112 13.88 -89.61 -56.00
CA ILE A 1112 13.12 -88.99 -54.92
C ILE A 1112 13.58 -89.52 -53.56
N VAL A 1113 13.86 -90.82 -53.47
CA VAL A 1113 14.33 -91.39 -52.23
C VAL A 1113 15.70 -90.82 -51.86
N SER A 1114 16.58 -90.65 -52.86
CA SER A 1114 17.89 -90.05 -52.59
C SER A 1114 17.74 -88.60 -52.14
N ALA A 1115 16.83 -87.85 -52.76
CA ALA A 1115 16.61 -86.47 -52.34
C ALA A 1115 16.06 -86.41 -50.92
N LEU A 1116 15.17 -87.33 -50.57
CA LEU A 1116 14.62 -87.35 -49.21
C LEU A 1116 15.70 -87.73 -48.19
N LYS A 1117 16.59 -88.64 -48.56
CA LYS A 1117 17.71 -88.99 -47.68
C LYS A 1117 18.67 -87.82 -47.53
N ARG A 1118 18.85 -87.02 -48.59
CA ARG A 1118 19.69 -85.82 -48.47
C ARG A 1118 19.02 -84.77 -47.59
N GLU A 1119 17.69 -84.69 -47.64
CA GLU A 1119 16.94 -83.74 -46.82
C GLU A 1119 16.72 -84.25 -45.39
N ALA A 1120 17.30 -85.39 -45.03
CA ALA A 1120 17.10 -85.95 -43.70
C ALA A 1120 17.96 -85.22 -42.67
N LEU A 1121 17.48 -85.21 -41.43
CA LEU A 1121 18.19 -84.61 -40.31
C LEU A 1121 18.69 -85.70 -39.39
N VAL A 1122 19.95 -85.59 -38.98
CA VAL A 1122 20.60 -86.58 -38.14
C VAL A 1122 21.17 -85.91 -36.90
N LYS A 1123 21.47 -86.73 -35.89
CA LYS A 1123 22.05 -86.25 -34.64
C LYS A 1123 23.12 -87.25 -34.20
N GLY A 1124 24.38 -86.86 -34.30
CA GLY A 1124 25.49 -87.69 -33.88
C GLY A 1124 26.23 -88.33 -35.03
N ASN A 1125 27.41 -88.84 -34.73
CA ASN A 1125 28.25 -89.53 -35.71
C ASN A 1125 28.82 -90.79 -35.04
N PRO A 1126 28.28 -91.98 -35.36
CA PRO A 1126 27.17 -92.25 -36.30
C PRO A 1126 25.83 -91.71 -35.84
N PRO A 1127 24.93 -91.42 -36.78
CA PRO A 1127 23.61 -90.87 -36.42
C PRO A 1127 22.82 -91.82 -35.54
N ILE A 1128 22.52 -91.37 -34.33
CA ILE A 1128 21.69 -92.15 -33.41
C ILE A 1128 20.21 -91.92 -33.67
N TYR A 1129 19.85 -90.68 -34.01
CA TYR A 1129 18.47 -90.32 -34.31
C TYR A 1129 18.40 -89.73 -35.71
N ARG A 1130 17.40 -90.16 -36.48
CA ARG A 1130 17.20 -89.67 -37.84
C ARG A 1130 15.76 -89.23 -37.99
N PHE A 1131 15.56 -88.01 -38.47
CA PHE A 1131 14.22 -87.45 -38.62
C PHE A 1131 14.22 -86.45 -39.76
N TRP A 1132 13.03 -85.94 -40.07
CA TRP A 1132 12.83 -84.99 -41.16
C TRP A 1132 12.03 -83.79 -40.65
N LYS A 1133 12.45 -82.59 -41.07
CA LYS A 1133 11.80 -81.36 -40.68
C LYS A 1133 11.18 -80.70 -41.90
N ASP A 1134 9.91 -80.31 -41.77
CA ASP A 1134 9.22 -79.64 -42.87
C ASP A 1134 9.72 -78.21 -43.05
N ASN A 1135 9.60 -77.39 -42.01
CA ASN A 1135 10.05 -76.01 -42.07
C ASN A 1135 11.57 -75.94 -41.97
N LEU A 1136 12.17 -75.07 -42.77
CA LEU A 1136 13.62 -74.89 -42.80
C LEU A 1136 13.98 -73.62 -42.04
N GLN A 1137 14.91 -73.75 -41.09
CA GLN A 1137 15.38 -72.62 -40.28
C GLN A 1137 14.23 -71.94 -39.55
N HIS A 1138 13.38 -72.76 -38.92
CA HIS A 1138 12.24 -72.25 -38.18
C HIS A 1138 12.65 -71.72 -36.81
N GLY A 1147 1.40 -79.84 -29.22
CA GLY A 1147 0.67 -79.44 -30.41
C GLY A 1147 1.52 -78.66 -31.40
N THR A 1148 2.79 -78.46 -31.05
CA THR A 1148 3.72 -77.73 -31.90
C THR A 1148 4.59 -78.65 -32.75
N ALA A 1149 4.52 -79.96 -32.54
CA ALA A 1149 5.34 -80.92 -33.29
C ALA A 1149 4.57 -81.32 -34.55
N ARG A 1150 4.98 -80.75 -35.69
CA ARG A 1150 4.36 -81.04 -36.98
C ARG A 1150 5.22 -81.92 -37.87
N MET A 1151 6.50 -82.11 -37.53
CA MET A 1151 7.40 -82.94 -38.32
C MET A 1151 7.17 -84.43 -38.10
N VAL A 1152 6.37 -84.81 -37.11
CA VAL A 1152 6.17 -86.23 -36.83
C VAL A 1152 5.51 -86.92 -38.00
N GLU A 1153 4.62 -86.21 -38.72
CA GLU A 1153 3.96 -86.80 -39.88
C GLU A 1153 4.96 -87.18 -40.96
N THR A 1154 5.83 -86.23 -41.34
CA THR A 1154 6.80 -86.54 -42.39
C THR A 1154 7.84 -87.55 -41.93
N THR A 1155 8.19 -87.55 -40.63
CA THR A 1155 9.09 -88.59 -40.13
C THR A 1155 8.45 -89.96 -40.23
N ALA A 1156 7.16 -90.07 -39.91
CA ALA A 1156 6.48 -91.36 -40.02
C ALA A 1156 6.35 -91.80 -41.48
N TYR A 1157 6.08 -90.85 -42.38
CA TYR A 1157 6.00 -91.20 -43.79
C TYR A 1157 7.36 -91.68 -44.33
N ALA A 1158 8.44 -91.00 -43.94
CA ALA A 1158 9.76 -91.45 -44.36
C ALA A 1158 10.13 -92.78 -43.72
N LEU A 1159 9.70 -93.03 -42.49
CA LEU A 1159 9.93 -94.33 -41.87
C LEU A 1159 9.21 -95.44 -42.64
N LEU A 1160 7.95 -95.20 -43.03
CA LEU A 1160 7.23 -96.18 -43.82
C LEU A 1160 7.90 -96.39 -45.18
N THR A 1161 8.39 -95.32 -45.79
CA THR A 1161 9.10 -95.44 -47.07
C THR A 1161 10.35 -96.28 -46.91
N SER A 1162 11.11 -96.06 -45.84
CA SER A 1162 12.35 -96.83 -45.62
C SER A 1162 12.03 -98.28 -45.30
N LEU A 1163 10.94 -98.52 -44.57
CA LEU A 1163 10.52 -99.90 -44.29
C LEU A 1163 10.07 -100.61 -45.55
N ASN A 1164 9.51 -99.87 -46.51
CA ASN A 1164 9.19 -100.46 -47.81
C ASN A 1164 10.45 -100.85 -48.58
N LEU A 1165 11.58 -100.24 -48.27
CA LEU A 1165 12.84 -100.58 -48.91
C LEU A 1165 13.63 -101.65 -48.16
N LYS A 1166 13.18 -102.05 -46.97
CA LYS A 1166 13.77 -103.13 -46.20
C LYS A 1166 15.24 -102.83 -45.85
N ASP A 1167 15.45 -101.68 -45.21
CA ASP A 1167 16.78 -101.25 -44.76
C ASP A 1167 16.72 -101.06 -43.25
N ILE A 1168 17.23 -102.04 -42.50
CA ILE A 1168 17.17 -101.98 -41.05
C ILE A 1168 18.10 -100.89 -40.51
N ASN A 1169 19.28 -100.75 -41.10
CA ASN A 1169 20.25 -99.78 -40.61
C ASN A 1169 19.72 -98.35 -40.76
N TYR A 1170 18.96 -98.09 -41.82
CA TYR A 1170 18.38 -96.77 -42.02
C TYR A 1170 17.11 -96.56 -41.21
N VAL A 1171 16.45 -97.64 -40.79
CA VAL A 1171 15.20 -97.53 -40.04
C VAL A 1171 15.46 -97.37 -38.55
N ASN A 1172 16.49 -98.03 -38.03
CA ASN A 1172 16.78 -98.00 -36.60
C ASN A 1172 16.86 -96.60 -35.99
N PRO A 1173 17.56 -95.62 -36.59
CA PRO A 1173 17.56 -94.28 -35.99
C PRO A 1173 16.19 -93.63 -35.97
N VAL A 1174 15.37 -93.85 -37.00
CA VAL A 1174 14.02 -93.30 -36.98
C VAL A 1174 13.18 -93.97 -35.90
N ILE A 1175 13.42 -95.25 -35.63
CA ILE A 1175 12.74 -95.92 -34.53
C ILE A 1175 13.17 -95.32 -33.20
N LYS A 1176 14.46 -95.07 -33.03
CA LYS A 1176 14.94 -94.40 -31.82
C LYS A 1176 14.32 -93.02 -31.67
N TRP A 1177 14.12 -92.32 -32.78
CA TRP A 1177 13.54 -90.98 -32.72
C TRP A 1177 12.08 -91.05 -32.31
N LEU A 1178 11.30 -91.92 -32.94
CA LEU A 1178 9.87 -92.03 -32.63
C LEU A 1178 9.61 -92.74 -31.31
N SER A 1179 10.61 -93.39 -30.71
CA SER A 1179 10.42 -94.02 -29.41
C SER A 1179 10.33 -92.97 -28.31
N GLU A 1180 11.31 -92.07 -28.24
CA GLU A 1180 11.32 -91.01 -27.25
C GLU A 1180 12.02 -89.80 -27.84
N GLU A 1181 11.35 -88.65 -27.80
CA GLU A 1181 11.85 -87.41 -28.38
C GLU A 1181 11.02 -86.25 -27.82
N GLN A 1182 11.19 -85.07 -28.40
CA GLN A 1182 10.52 -83.85 -27.95
C GLN A 1182 9.07 -83.74 -28.42
N ARG A 1183 8.47 -84.85 -28.88
CA ARG A 1183 7.08 -84.81 -29.32
C ARG A 1183 6.14 -84.55 -28.14
N TYR A 1184 6.10 -85.48 -27.19
CA TYR A 1184 5.52 -85.44 -25.84
C TYR A 1184 4.03 -85.69 -25.58
N GLY A 1185 3.13 -85.90 -26.56
CA GLY A 1185 3.16 -85.49 -27.95
C GLY A 1185 1.74 -85.12 -28.33
N GLY A 1186 1.56 -84.36 -29.42
CA GLY A 1186 2.64 -83.94 -30.28
C GLY A 1186 2.45 -84.38 -31.71
N GLY A 1187 1.20 -84.60 -32.11
CA GLY A 1187 0.91 -85.12 -33.43
C GLY A 1187 -0.42 -84.64 -33.97
N PHE A 1188 -0.57 -84.80 -35.28
CA PHE A 1188 -1.80 -84.46 -36.00
C PHE A 1188 -2.14 -85.63 -36.93
N TYR A 1189 -3.42 -85.82 -37.25
CA TYR A 1189 -4.53 -84.89 -37.04
C TYR A 1189 -4.97 -84.57 -35.59
N SER A 1190 -5.12 -85.53 -34.68
CA SER A 1190 -4.87 -86.97 -34.84
C SER A 1190 -6.14 -87.64 -35.42
N THR A 1191 -6.04 -88.86 -35.96
CA THR A 1191 -4.87 -89.73 -35.89
C THR A 1191 -4.19 -89.97 -37.24
N GLN A 1192 -4.04 -88.91 -38.03
CA GLN A 1192 -3.37 -89.03 -39.32
C GLN A 1192 -1.95 -89.55 -39.14
N ASP A 1193 -1.25 -89.11 -38.10
CA ASP A 1193 0.10 -89.57 -37.81
C ASP A 1193 0.16 -90.71 -36.80
N THR A 1194 -0.83 -90.80 -35.89
CA THR A 1194 -0.80 -91.86 -34.90
C THR A 1194 -0.88 -93.23 -35.55
N ILE A 1195 -1.84 -93.40 -36.48
CA ILE A 1195 -1.96 -94.68 -37.16
C ILE A 1195 -0.76 -94.94 -38.06
N ASN A 1196 -0.15 -93.89 -38.61
CA ASN A 1196 1.05 -94.08 -39.42
C ASN A 1196 2.22 -94.56 -38.58
N ALA A 1197 2.38 -94.01 -37.37
CA ALA A 1197 3.44 -94.47 -36.48
C ALA A 1197 3.18 -95.87 -35.98
N ILE A 1198 1.91 -96.21 -35.71
CA ILE A 1198 1.58 -97.57 -35.32
C ILE A 1198 1.90 -98.56 -36.44
N GLU A 1199 1.55 -98.19 -37.68
CA GLU A 1199 1.87 -99.05 -38.82
C GLU A 1199 3.37 -99.16 -39.04
N GLY A 1200 4.11 -98.08 -38.78
CA GLY A 1200 5.56 -98.14 -38.89
C GLY A 1200 6.17 -99.08 -37.87
N LEU A 1201 5.72 -98.99 -36.62
CA LEU A 1201 6.20 -99.93 -35.60
C LEU A 1201 5.81 -101.35 -35.94
N THR A 1202 4.61 -101.54 -36.49
CA THR A 1202 4.17 -102.88 -36.88
C THR A 1202 5.05 -103.44 -37.98
N GLU A 1203 5.36 -102.63 -39.00
CA GLU A 1203 6.21 -103.08 -40.09
C GLU A 1203 7.64 -103.34 -39.59
N TYR A 1204 8.11 -102.53 -38.64
CA TYR A 1204 9.43 -102.77 -38.06
C TYR A 1204 9.48 -104.11 -37.34
N SER A 1205 8.47 -104.38 -36.51
CA SER A 1205 8.42 -105.66 -35.81
C SER A 1205 8.29 -106.83 -36.78
N LEU A 1206 7.49 -106.65 -37.85
CA LEU A 1206 7.32 -107.71 -38.83
C LEU A 1206 8.63 -107.99 -39.57
N LEU A 1207 9.36 -106.93 -39.94
CA LEU A 1207 10.63 -107.13 -40.64
C LEU A 1207 11.70 -107.70 -39.72
N VAL A 1208 11.65 -107.36 -38.43
CA VAL A 1208 12.55 -108.01 -37.48
C VAL A 1208 12.23 -109.50 -37.38
N LYS A 1209 10.94 -109.85 -37.36
CA LYS A 1209 10.54 -111.25 -37.37
C LYS A 1209 10.92 -111.93 -38.68
N GLN A 1210 11.02 -111.16 -39.77
CA GLN A 1210 11.41 -111.72 -41.06
C GLN A 1210 12.84 -112.24 -41.05
N LEU A 1211 13.72 -111.59 -40.28
CA LEU A 1211 15.13 -111.96 -40.22
C LEU A 1211 15.33 -112.89 -39.03
N ARG A 1212 15.02 -114.17 -39.26
CA ARG A 1212 15.20 -115.21 -38.26
C ARG A 1212 16.25 -116.24 -38.64
N LEU A 1213 16.56 -116.37 -39.94
CA LEU A 1213 17.59 -117.29 -40.43
C LEU A 1213 17.28 -118.73 -40.02
N SER A 1214 16.03 -119.13 -40.24
CA SER A 1214 15.59 -120.50 -40.03
C SER A 1214 15.61 -121.32 -41.31
N MET A 1215 16.36 -120.86 -42.31
CA MET A 1215 16.38 -121.52 -43.61
C MET A 1215 17.04 -122.90 -43.50
N ASP A 1216 16.44 -123.88 -44.17
CA ASP A 1216 16.98 -125.24 -44.24
C ASP A 1216 17.37 -125.50 -45.69
N ILE A 1217 18.65 -125.34 -45.98
CA ILE A 1217 19.15 -125.45 -47.35
C ILE A 1217 19.51 -126.90 -47.64
N ASP A 1218 18.94 -127.44 -48.71
CA ASP A 1218 19.23 -128.80 -49.17
C ASP A 1218 19.58 -128.72 -50.65
N VAL A 1219 20.87 -128.72 -50.96
CA VAL A 1219 21.35 -128.64 -52.33
C VAL A 1219 21.49 -130.05 -52.89
N SER A 1220 20.89 -130.28 -54.06
CA SER A 1220 20.87 -131.60 -54.66
C SER A 1220 21.08 -131.47 -56.16
N TYR A 1221 21.35 -132.60 -56.80
CA TYR A 1221 21.53 -132.66 -58.24
C TYR A 1221 20.18 -132.91 -58.93
N LYS A 1222 20.14 -132.56 -60.22
CA LYS A 1222 18.89 -132.66 -60.96
C LYS A 1222 18.47 -134.11 -61.16
N HIS A 1223 19.38 -134.93 -61.70
CA HIS A 1223 19.06 -136.32 -62.04
C HIS A 1223 19.76 -137.32 -61.12
N LYS A 1224 20.43 -136.85 -60.07
CA LYS A 1224 21.16 -137.72 -59.16
C LYS A 1224 20.79 -137.37 -57.72
N GLY A 1225 21.45 -138.04 -56.78
CA GLY A 1225 21.15 -137.86 -55.38
C GLY A 1225 21.61 -136.52 -54.84
N ALA A 1226 21.25 -136.27 -53.57
CA ALA A 1226 21.60 -135.01 -52.93
C ALA A 1226 23.06 -135.00 -52.53
N LEU A 1227 23.68 -133.83 -52.65
CA LEU A 1227 25.10 -133.66 -52.32
C LEU A 1227 25.30 -133.34 -50.84
N HIS A 1228 24.61 -132.30 -50.35
CA HIS A 1228 24.78 -131.86 -48.98
C HIS A 1228 23.53 -131.12 -48.54
N ASN A 1229 23.37 -130.98 -47.23
CA ASN A 1229 22.24 -130.26 -46.65
C ASN A 1229 22.73 -129.32 -45.56
N TYR A 1230 22.31 -128.06 -45.63
CA TYR A 1230 22.69 -127.03 -44.68
C TYR A 1230 21.54 -126.73 -43.74
N LYS A 1231 21.83 -126.66 -42.45
CA LYS A 1231 20.86 -126.27 -41.43
C LYS A 1231 21.29 -124.93 -40.86
N MET A 1232 20.62 -123.86 -41.29
CA MET A 1232 21.00 -122.50 -40.90
C MET A 1232 20.18 -122.06 -39.70
N THR A 1233 20.87 -121.55 -38.68
CA THR A 1233 20.25 -121.03 -37.48
C THR A 1233 20.88 -119.69 -37.13
N ASP A 1234 20.42 -119.09 -36.02
CA ASP A 1234 20.99 -117.83 -35.57
C ASP A 1234 22.41 -118.03 -35.03
N LYS A 1235 22.64 -119.14 -34.32
CA LYS A 1235 23.97 -119.40 -33.76
C LYS A 1235 24.95 -119.78 -34.86
N ASN A 1236 24.54 -120.63 -35.80
CA ASN A 1236 25.37 -121.06 -36.91
C ASN A 1236 24.86 -120.35 -38.17
N PHE A 1237 25.46 -119.20 -38.47
CA PHE A 1237 25.07 -118.39 -39.61
C PHE A 1237 26.00 -118.57 -40.81
N LEU A 1238 26.92 -119.51 -40.75
CA LEU A 1238 27.90 -119.74 -41.80
C LEU A 1238 27.81 -121.18 -42.29
N GLY A 1239 28.35 -121.43 -43.47
CA GLY A 1239 28.30 -122.74 -44.07
C GLY A 1239 29.68 -123.21 -44.50
N ARG A 1240 29.84 -124.53 -44.51
CA ARG A 1240 31.11 -125.17 -44.87
C ARG A 1240 31.18 -125.37 -46.38
N PRO A 1241 32.31 -125.05 -47.02
CA PRO A 1241 32.42 -125.26 -48.47
C PRO A 1241 32.39 -126.75 -48.81
N VAL A 1242 31.63 -127.08 -49.85
CA VAL A 1242 31.48 -128.45 -50.32
C VAL A 1242 31.91 -128.50 -51.77
N GLU A 1243 32.79 -129.46 -52.10
CA GLU A 1243 33.30 -129.59 -53.46
C GLU A 1243 32.30 -130.33 -54.34
N VAL A 1244 32.22 -129.92 -55.61
CA VAL A 1244 31.35 -130.53 -56.59
C VAL A 1244 32.23 -131.23 -57.62
N LEU A 1245 32.27 -132.57 -57.55
CA LEU A 1245 33.10 -133.37 -58.44
C LEU A 1245 32.29 -133.95 -59.60
N LEU A 1246 31.22 -134.68 -59.29
CA LEU A 1246 30.40 -135.30 -60.33
C LEU A 1246 29.76 -134.25 -61.21
N ASN A 1247 29.80 -134.48 -62.52
CA ASN A 1247 29.30 -133.52 -63.49
C ASN A 1247 27.80 -133.71 -63.66
N ASP A 1248 27.03 -132.77 -63.10
CA ASP A 1248 25.58 -132.81 -63.22
C ASP A 1248 25.03 -131.44 -62.83
N ASP A 1249 23.81 -131.16 -63.29
CA ASP A 1249 23.16 -129.89 -62.96
C ASP A 1249 22.89 -129.82 -61.46
N LEU A 1250 23.32 -128.72 -60.85
CA LEU A 1250 23.20 -128.54 -59.41
C LEU A 1250 21.99 -127.63 -59.13
N ILE A 1251 21.14 -128.07 -58.20
CA ILE A 1251 19.93 -127.35 -57.85
C ILE A 1251 19.93 -127.13 -56.35
N VAL A 1252 19.93 -125.86 -55.93
CA VAL A 1252 19.85 -125.49 -54.52
C VAL A 1252 18.42 -125.07 -54.22
N SER A 1253 17.86 -125.63 -53.15
CA SER A 1253 16.48 -125.34 -52.78
C SER A 1253 16.35 -125.42 -51.26
N THR A 1254 15.23 -124.89 -50.76
CA THR A 1254 14.95 -124.90 -49.33
C THR A 1254 13.45 -125.05 -49.14
N GLY A 1255 13.05 -125.30 -47.89
CA GLY A 1255 11.65 -125.42 -47.56
C GLY A 1255 10.97 -124.07 -47.40
N PHE A 1256 10.11 -123.94 -46.39
CA PHE A 1256 9.48 -122.65 -46.14
C PHE A 1256 10.48 -121.65 -45.59
N GLY A 1257 11.08 -121.96 -44.45
CA GLY A 1257 12.14 -121.13 -43.88
C GLY A 1257 11.72 -119.75 -43.45
N SER A 1258 12.63 -119.03 -42.81
CA SER A 1258 12.39 -117.66 -42.39
C SER A 1258 13.72 -116.98 -42.15
N GLY A 1259 14.02 -115.95 -42.92
CA GLY A 1259 15.28 -115.25 -42.80
C GLY A 1259 15.72 -114.71 -44.15
N LEU A 1260 17.03 -114.59 -44.31
CA LEU A 1260 17.62 -114.10 -45.55
C LEU A 1260 19.07 -114.55 -45.62
N ALA A 1261 19.41 -115.33 -46.64
CA ALA A 1261 20.77 -115.83 -46.80
C ALA A 1261 21.09 -115.91 -48.28
N THR A 1262 22.38 -115.74 -48.60
CA THR A 1262 22.86 -115.77 -49.97
C THR A 1262 23.84 -116.94 -50.15
N VAL A 1263 23.72 -117.63 -51.28
CA VAL A 1263 24.57 -118.77 -51.59
C VAL A 1263 25.56 -118.36 -52.68
N HIS A 1264 26.80 -118.80 -52.53
CA HIS A 1264 27.87 -118.49 -53.47
C HIS A 1264 28.45 -119.79 -54.02
N VAL A 1265 28.59 -119.85 -55.35
CA VAL A 1265 29.12 -121.03 -56.03
C VAL A 1265 29.99 -120.56 -57.19
N THR A 1266 31.25 -120.99 -57.19
CA THR A 1266 32.21 -120.63 -58.22
C THR A 1266 32.57 -121.85 -59.07
N THR A 1267 33.02 -121.57 -60.29
CA THR A 1267 33.40 -122.61 -61.24
C THR A 1267 34.89 -122.50 -61.53
N VAL A 1268 35.65 -123.49 -61.09
CA VAL A 1268 37.08 -123.56 -61.33
C VAL A 1268 37.32 -124.56 -62.44
N VAL A 1269 37.70 -124.06 -63.62
CA VAL A 1269 37.91 -124.89 -64.80
C VAL A 1269 39.22 -124.49 -65.45
N HIS A 1270 40.07 -125.48 -65.72
CA HIS A 1270 41.33 -125.24 -66.41
C HIS A 1270 41.05 -125.08 -67.90
N LYS A 1271 41.38 -123.92 -68.46
CA LYS A 1271 41.10 -123.61 -69.85
C LYS A 1271 42.38 -123.14 -70.53
N THR A 1272 42.77 -123.81 -71.61
CA THR A 1272 43.94 -123.42 -72.37
C THR A 1272 43.68 -122.16 -73.19
N SER A 1273 44.64 -121.20 -73.20
CA SER A 1273 45.92 -121.13 -72.47
C SER A 1273 46.87 -122.32 -72.64
N PRO B 8 34.35 -56.37 67.07
CA PRO B 8 33.75 -57.44 67.87
C PRO B 8 33.51 -58.70 67.05
N ILE B 9 33.58 -58.56 65.73
CA ILE B 9 33.35 -59.67 64.80
C ILE B 9 34.62 -59.89 63.98
N ASP B 10 35.77 -59.65 64.59
CA ASP B 10 37.05 -59.77 63.90
C ASP B 10 37.17 -61.09 63.17
N CYS B 11 37.91 -61.07 62.06
CA CYS B 11 38.06 -62.25 61.21
C CYS B 11 38.70 -63.40 61.99
N GLU B 12 38.15 -64.59 61.81
CA GLU B 12 38.67 -65.81 62.42
C GLU B 12 38.55 -66.95 61.43
N LEU B 13 39.65 -67.65 61.18
CA LEU B 13 39.68 -68.78 60.28
C LEU B 13 39.62 -70.09 61.06
N SER B 14 39.04 -71.10 60.43
CA SER B 14 38.94 -72.42 61.06
C SER B 14 40.32 -73.04 61.21
N SER B 15 40.36 -74.16 61.93
CA SER B 15 41.62 -74.86 62.13
C SER B 15 42.14 -75.43 60.82
N TRP B 16 43.43 -75.75 60.80
CA TRP B 16 44.05 -76.29 59.60
C TRP B 16 43.50 -77.67 59.29
N SER B 17 43.11 -77.89 58.05
CA SER B 17 42.55 -79.17 57.64
C SER B 17 43.59 -80.27 57.73
N SER B 18 43.10 -81.51 57.76
CA SER B 18 43.99 -82.66 57.83
C SER B 18 44.90 -82.73 56.61
N TRP B 19 46.12 -83.23 56.82
CA TRP B 19 47.07 -83.34 55.72
C TRP B 19 46.57 -84.32 54.68
N THR B 20 46.63 -83.91 53.41
CA THR B 20 46.28 -84.77 52.31
C THR B 20 47.52 -85.53 51.81
N THR B 21 47.27 -86.63 51.12
CA THR B 21 48.37 -87.44 50.58
C THR B 21 49.15 -86.63 49.56
N CYS B 22 50.45 -86.93 49.46
CA CYS B 22 51.32 -86.20 48.56
C CYS B 22 50.95 -86.50 47.11
N ASP B 23 50.65 -85.46 46.35
CA ASP B 23 50.26 -85.62 44.96
C ASP B 23 51.46 -86.10 44.15
N PRO B 24 51.36 -87.25 43.46
CA PRO B 24 52.51 -87.72 42.66
C PRO B 24 52.88 -86.75 41.55
N CYS B 25 51.90 -86.14 40.89
CA CYS B 25 52.19 -85.26 39.76
C CYS B 25 52.77 -83.93 40.23
N GLN B 26 52.17 -83.32 41.25
CA GLN B 26 52.60 -82.03 41.76
C GLN B 26 53.68 -82.12 42.83
N LYS B 27 54.06 -83.34 43.23
CA LYS B 27 55.06 -83.63 44.26
C LYS B 27 54.98 -82.68 45.45
N LYS B 28 53.75 -82.37 45.87
CA LYS B 28 53.54 -81.47 47.00
C LYS B 28 52.27 -81.88 47.74
N ARG B 29 52.28 -81.64 49.05
CA ARG B 29 51.10 -81.83 49.90
C ARG B 29 50.56 -80.48 50.31
N TYR B 30 49.24 -80.41 50.53
CA TYR B 30 48.57 -79.15 50.76
C TYR B 30 47.61 -79.27 51.95
N ARG B 31 47.42 -78.13 52.62
CA ARG B 31 46.43 -78.00 53.69
C ARG B 31 45.82 -76.61 53.59
N TYR B 32 44.59 -76.47 54.10
CA TYR B 32 43.85 -75.24 53.91
C TYR B 32 42.91 -75.02 55.09
N ALA B 33 42.32 -73.81 55.12
CA ALA B 33 41.28 -73.45 56.06
C ALA B 33 40.27 -72.56 55.34
N TYR B 34 39.07 -72.49 55.90
CA TYR B 34 37.99 -71.71 55.30
C TYR B 34 37.48 -70.67 56.29
N LEU B 35 36.87 -69.62 55.74
CA LEU B 35 36.42 -68.49 56.55
C LEU B 35 35.19 -68.86 57.36
N LEU B 36 35.22 -68.53 58.65
CA LEU B 36 34.09 -68.72 59.55
C LEU B 36 33.35 -67.42 59.87
N GLN B 37 34.07 -66.31 59.99
CA GLN B 37 33.46 -65.04 60.34
C GLN B 37 34.25 -63.90 59.71
N PRO B 38 33.61 -63.07 58.88
CA PRO B 38 34.33 -61.97 58.23
C PRO B 38 34.51 -60.78 59.15
N SER B 39 35.61 -60.07 58.94
CA SER B 39 35.93 -58.88 59.73
C SER B 39 35.15 -57.68 59.23
N GLN B 40 34.92 -56.73 60.14
CA GLN B 40 34.19 -55.51 59.82
C GLN B 40 34.50 -54.48 60.90
N PHE B 41 34.13 -53.23 60.63
CA PHE B 41 34.32 -52.11 61.54
C PHE B 41 35.80 -51.88 61.84
N HIS B 42 36.63 -51.97 60.79
CA HIS B 42 38.08 -51.77 60.90
C HIS B 42 38.71 -52.73 61.91
N GLY B 43 38.10 -53.90 62.09
CA GLY B 43 38.64 -54.88 63.01
C GLY B 43 39.86 -55.58 62.46
N GLU B 44 40.38 -56.50 63.25
CA GLU B 44 41.57 -57.27 62.88
C GLU B 44 41.21 -58.31 61.82
N PRO B 45 41.73 -58.21 60.61
CA PRO B 45 41.40 -59.18 59.57
C PRO B 45 42.28 -60.43 59.69
N CYS B 46 42.10 -61.34 58.74
CA CYS B 46 42.91 -62.56 58.65
C CYS B 46 44.05 -62.28 57.66
N ASN B 47 45.12 -61.67 58.18
CA ASN B 47 46.22 -61.21 57.35
C ASN B 47 47.33 -62.25 57.26
N PHE B 48 46.94 -63.44 56.77
CA PHE B 48 47.91 -64.50 56.50
C PHE B 48 47.32 -65.43 55.45
N SER B 49 48.19 -66.27 54.89
CA SER B 49 47.78 -67.15 53.81
C SER B 49 46.83 -68.22 54.32
N ASP B 50 45.77 -68.47 53.55
CA ASP B 50 44.77 -69.48 53.90
C ASP B 50 45.17 -70.88 53.47
N LYS B 51 46.42 -71.10 53.06
CA LYS B 51 46.88 -72.41 52.66
C LYS B 51 48.37 -72.52 52.92
N GLU B 52 48.85 -73.76 52.94
CA GLU B 52 50.27 -74.05 53.12
C GLU B 52 50.71 -75.10 52.12
N VAL B 53 51.97 -75.03 51.72
CA VAL B 53 52.54 -75.94 50.73
C VAL B 53 53.82 -76.54 51.30
N GLU B 54 53.99 -77.84 51.13
CA GLU B 54 55.16 -78.56 51.60
C GLU B 54 55.65 -79.51 50.51
N ASP B 55 56.96 -79.75 50.49
CA ASP B 55 57.55 -80.64 49.50
C ASP B 55 57.45 -82.08 49.95
N CYS B 56 57.23 -82.98 48.98
CA CYS B 56 57.11 -84.41 49.21
C CYS B 56 58.13 -85.17 48.37
N VAL B 57 58.06 -86.50 48.47
CA VAL B 57 58.87 -87.40 47.65
C VAL B 57 57.90 -88.27 46.88
N THR B 58 57.70 -87.95 45.60
CA THR B 58 56.70 -88.63 44.78
C THR B 58 57.23 -89.99 44.32
N ASN B 59 56.56 -91.06 44.73
CA ASN B 59 56.82 -92.40 44.23
C ASN B 59 55.47 -93.03 43.84
N ARG B 60 55.01 -92.71 42.62
CA ARG B 60 53.76 -93.22 42.07
C ARG B 60 53.66 -92.82 40.61
N PRO B 61 53.19 -93.70 39.72
CA PRO B 61 53.10 -93.33 38.31
C PRO B 61 52.09 -92.20 38.08
N CYS B 62 52.49 -91.25 37.24
CA CYS B 62 51.66 -90.09 36.93
C CYS B 62 51.73 -89.80 35.43
N ARG B 63 50.59 -89.42 34.86
CA ARG B 63 50.52 -89.00 33.46
C ARG B 63 50.52 -87.48 33.42
N SER B 64 51.71 -86.91 33.64
CA SER B 64 51.84 -85.45 33.69
C SER B 64 51.75 -84.83 32.31
N GLN B 65 52.64 -85.22 31.41
CA GLN B 65 52.67 -84.64 30.07
C GLN B 65 51.57 -85.21 29.19
N VAL B 66 50.98 -84.34 28.37
CA VAL B 66 49.92 -84.72 27.44
C VAL B 66 50.49 -84.72 26.03
N ARG B 67 50.12 -85.72 25.24
CA ARG B 67 50.64 -85.85 23.89
C ARG B 67 50.15 -84.72 22.99
N CYS B 68 50.84 -84.54 21.88
CA CYS B 68 50.50 -83.50 20.91
C CYS B 68 50.82 -83.99 19.51
N GLU B 69 49.85 -83.86 18.60
CA GLU B 69 50.05 -84.29 17.23
C GLU B 69 50.89 -83.29 16.45
N GLY B 70 50.55 -82.01 16.54
CA GLY B 70 51.26 -80.97 15.83
C GLY B 70 52.58 -80.60 16.48
N PHE B 71 53.12 -79.47 16.04
CA PHE B 71 54.38 -78.98 16.59
C PHE B 71 54.19 -78.44 18.00
N VAL B 72 55.11 -78.82 18.88
CA VAL B 72 55.10 -78.37 20.27
C VAL B 72 55.85 -77.03 20.34
N CYS B 73 55.17 -76.02 20.85
CA CYS B 73 55.77 -74.69 20.93
C CYS B 73 56.90 -74.67 21.95
N ALA B 74 57.88 -73.81 21.71
CA ALA B 74 59.12 -73.83 22.50
C ALA B 74 58.96 -73.16 23.86
N GLN B 75 58.12 -72.14 23.97
CA GLN B 75 57.99 -71.38 25.20
C GLN B 75 56.74 -71.74 25.99
N THR B 76 55.56 -71.64 25.36
CA THR B 76 54.31 -71.92 26.06
C THR B 76 53.96 -73.41 26.06
N GLY B 77 54.54 -74.19 25.16
CA GLY B 77 54.21 -75.61 25.10
C GLY B 77 52.81 -75.87 24.57
N ARG B 78 52.39 -75.14 23.54
CA ARG B 78 51.06 -75.26 22.98
C ARG B 78 51.07 -76.22 21.79
N CYS B 79 49.95 -76.89 21.57
CA CYS B 79 49.83 -77.88 20.50
C CYS B 79 49.32 -77.23 19.22
N VAL B 80 50.09 -76.27 18.74
CA VAL B 80 49.73 -75.51 17.54
C VAL B 80 50.10 -76.33 16.31
N ASN B 81 49.18 -76.43 15.37
CA ASN B 81 49.43 -77.14 14.12
C ASN B 81 50.42 -76.36 13.27
N ARG B 82 51.09 -77.09 12.36
CA ARG B 82 52.07 -76.46 11.48
C ARG B 82 51.44 -75.47 10.51
N ARG B 83 50.12 -75.53 10.31
CA ARG B 83 49.46 -74.60 9.40
C ARG B 83 49.50 -73.17 9.92
N LEU B 84 49.78 -72.97 11.20
CA LEU B 84 49.87 -71.63 11.79
C LEU B 84 51.31 -71.16 11.94
N LEU B 85 52.27 -71.93 11.44
CA LEU B 85 53.68 -71.55 11.51
C LEU B 85 54.07 -70.72 10.30
N CYS B 86 54.94 -69.74 10.53
CA CYS B 86 55.47 -68.87 9.47
C CYS B 86 54.38 -68.13 8.72
N ASN B 87 53.32 -67.72 9.43
CA ASN B 87 52.21 -67.00 8.84
C ASN B 87 52.19 -65.52 9.23
N GLY B 88 53.32 -65.00 9.74
CA GLY B 88 53.38 -63.64 10.20
C GLY B 88 52.66 -63.37 11.50
N ASP B 89 52.09 -64.39 12.13
CA ASP B 89 51.38 -64.25 13.39
C ASP B 89 52.17 -64.89 14.52
N ASN B 90 51.96 -64.38 15.73
CA ASN B 90 52.64 -64.89 16.92
C ASN B 90 51.68 -65.82 17.66
N ASP B 91 51.64 -67.07 17.20
CA ASP B 91 50.69 -68.06 17.70
C ASP B 91 51.25 -68.95 18.81
N CYS B 92 52.51 -69.37 18.69
CA CYS B 92 53.11 -70.27 19.67
C CYS B 92 53.53 -69.57 20.97
N GLY B 93 53.09 -68.34 21.21
CA GLY B 93 53.35 -67.67 22.46
C GLY B 93 54.10 -66.36 22.27
N ASP B 94 54.96 -66.05 23.23
CA ASP B 94 55.69 -64.79 23.23
C ASP B 94 56.61 -64.63 22.03
N GLN B 95 57.62 -65.49 21.91
CA GLN B 95 58.57 -65.38 20.81
C GLN B 95 58.98 -66.74 20.25
N SER B 96 58.19 -67.79 20.48
CA SER B 96 58.55 -69.11 19.99
C SER B 96 58.07 -69.35 18.57
N ASP B 97 57.05 -68.63 18.12
CA ASP B 97 56.56 -68.76 16.76
C ASP B 97 57.42 -67.93 15.81
N GLU B 98 57.21 -68.16 14.51
CA GLU B 98 57.87 -67.41 13.43
C GLU B 98 59.39 -67.57 13.45
N ALA B 99 59.89 -68.65 14.02
CA ALA B 99 61.33 -68.91 14.06
C ALA B 99 61.75 -69.75 12.86
N ASN B 100 62.88 -69.36 12.25
CA ASN B 100 63.44 -70.08 11.11
C ASN B 100 62.43 -70.18 9.97
N CYS B 101 61.92 -69.03 9.54
CA CYS B 101 60.93 -68.96 8.47
C CYS B 101 61.58 -68.46 7.19
N ARG B 102 61.36 -69.20 6.10
CA ARG B 102 61.91 -68.79 4.81
C ARG B 102 61.10 -67.67 4.18
N ARG B 103 59.77 -67.80 4.17
CA ARG B 103 58.90 -66.81 3.55
C ARG B 103 57.78 -66.43 4.52
N ILE B 104 57.16 -65.31 4.25
CA ILE B 104 56.04 -64.79 5.03
C ILE B 104 54.80 -64.81 4.16
N TYR B 105 53.71 -65.35 4.70
CA TYR B 105 52.46 -65.48 3.95
C TYR B 105 51.30 -65.46 4.94
N LYS B 106 50.09 -65.65 4.41
CA LYS B 106 48.83 -65.74 5.14
C LYS B 106 48.43 -64.41 5.80
N LYS B 107 49.26 -63.38 5.70
CA LYS B 107 48.95 -62.10 6.32
C LYS B 107 48.03 -61.27 5.44
N CYS B 108 47.09 -60.57 6.08
CA CYS B 108 46.19 -59.67 5.38
C CYS B 108 46.91 -58.36 5.03
N GLN B 109 46.27 -57.57 4.16
CA GLN B 109 46.93 -56.40 3.58
C GLN B 109 46.88 -55.19 4.51
N HIS B 110 45.67 -54.73 4.83
CA HIS B 110 45.49 -53.44 5.50
C HIS B 110 45.93 -53.44 6.96
N GLU B 111 46.41 -54.56 7.49
CA GLU B 111 46.87 -54.64 8.89
C GLU B 111 45.74 -54.26 9.84
N MET B 112 44.68 -55.08 9.84
CA MET B 112 43.48 -54.77 10.60
C MET B 112 43.70 -54.89 12.09
N ASP B 113 42.85 -54.20 12.85
CA ASP B 113 42.86 -54.24 14.30
C ASP B 113 41.86 -55.28 14.82
N GLN B 114 41.91 -55.52 16.13
CA GLN B 114 41.00 -56.45 16.77
C GLN B 114 39.67 -55.79 17.10
N TYR B 115 38.72 -56.61 17.56
CA TYR B 115 37.41 -56.12 17.93
C TYR B 115 37.50 -55.13 19.09
N TRP B 116 36.58 -54.17 19.09
CA TRP B 116 36.54 -53.17 20.16
C TRP B 116 35.96 -53.78 21.43
N GLY B 117 36.75 -53.78 22.50
CA GLY B 117 36.30 -54.31 23.77
C GLY B 117 36.32 -55.81 23.88
N ILE B 118 36.99 -56.51 22.96
CA ILE B 118 37.04 -57.97 23.01
C ILE B 118 37.91 -58.46 24.16
N GLY B 119 38.78 -57.62 24.70
CA GLY B 119 39.64 -58.04 25.79
C GLY B 119 38.86 -58.36 27.06
N SER B 120 37.88 -57.53 27.39
CA SER B 120 37.05 -57.78 28.57
C SER B 120 36.17 -59.01 28.39
N LEU B 121 35.80 -59.32 27.15
CA LEU B 121 34.95 -60.48 26.87
C LEU B 121 35.71 -61.80 26.97
N ALA B 122 37.03 -61.76 27.12
CA ALA B 122 37.84 -62.97 27.22
C ALA B 122 38.35 -63.23 28.62
N SER B 123 37.96 -62.42 29.61
CA SER B 123 38.41 -62.57 30.98
C SER B 123 37.37 -63.32 31.81
N GLY B 124 37.85 -63.92 32.89
CA GLY B 124 36.96 -64.64 33.78
C GLY B 124 36.06 -63.71 34.56
N ILE B 125 34.88 -64.21 34.89
CA ILE B 125 33.86 -63.42 35.59
C ILE B 125 33.43 -64.17 36.84
N ASN B 126 33.18 -63.43 37.91
CA ASN B 126 32.68 -63.99 39.17
C ASN B 126 31.21 -63.62 39.28
N LEU B 127 30.34 -64.59 38.99
CA LEU B 127 28.89 -64.34 39.05
C LEU B 127 28.40 -64.11 40.47
N PHE B 128 29.14 -64.58 41.47
CA PHE B 128 28.69 -64.45 42.85
C PHE B 128 28.94 -63.05 43.40
N THR B 129 29.92 -62.32 42.86
CA THR B 129 30.24 -60.98 43.31
C THR B 129 30.18 -59.93 42.20
N ASN B 130 29.87 -60.34 40.97
CA ASN B 130 29.78 -59.45 39.82
C ASN B 130 31.10 -58.76 39.51
N SER B 131 32.22 -59.31 40.00
CA SER B 131 33.54 -58.76 39.75
C SER B 131 34.24 -59.56 38.67
N PHE B 132 35.01 -58.86 37.84
CA PHE B 132 35.75 -59.49 36.76
C PHE B 132 37.12 -59.94 37.25
N GLU B 133 37.59 -61.06 36.71
CA GLU B 133 38.85 -61.64 37.15
C GLU B 133 39.79 -61.89 35.97
N GLY B 134 40.87 -62.63 36.22
CA GLY B 134 41.92 -62.85 35.24
C GLY B 134 41.42 -63.43 33.93
N PRO B 135 42.22 -63.27 32.88
CA PRO B 135 41.80 -63.74 31.55
C PRO B 135 41.82 -65.25 31.46
N VAL B 136 40.69 -65.83 31.07
CA VAL B 136 40.58 -67.27 30.89
C VAL B 136 40.52 -67.68 29.41
N LEU B 137 40.22 -66.76 28.51
CA LEU B 137 40.13 -67.06 27.09
C LEU B 137 41.30 -66.44 26.34
N ASP B 138 41.74 -67.12 25.29
CA ASP B 138 42.86 -66.66 24.46
C ASP B 138 42.27 -65.96 23.24
N HIS B 139 42.10 -64.64 23.34
CA HIS B 139 41.49 -63.84 22.29
C HIS B 139 42.51 -63.28 21.31
N ARG B 140 43.65 -63.95 21.13
CA ARG B 140 44.68 -63.46 20.23
C ARG B 140 44.21 -63.51 18.77
N TYR B 141 45.09 -63.04 17.89
CA TYR B 141 44.75 -62.91 16.47
C TYR B 141 44.40 -64.27 15.86
N TYR B 142 45.37 -65.17 15.80
CA TYR B 142 45.22 -66.47 15.14
C TYR B 142 44.72 -66.33 13.71
N CYS B 146 42.72 -64.95 7.40
CA CYS B 146 41.98 -63.78 7.86
C CYS B 146 40.80 -63.47 6.94
N SER B 147 39.59 -63.80 7.42
CA SER B 147 38.36 -63.57 6.67
C SER B 147 37.89 -62.13 6.84
N PRO B 148 37.31 -61.53 5.79
CA PRO B 148 36.90 -60.12 5.90
C PRO B 148 35.73 -59.95 6.86
N HIS B 149 35.74 -58.82 7.56
CA HIS B 149 34.69 -58.48 8.51
C HIS B 149 34.53 -56.97 8.52
N TYR B 150 33.31 -56.49 8.31
CA TYR B 150 33.03 -55.06 8.18
C TYR B 150 32.05 -54.61 9.25
N ILE B 151 32.44 -53.58 10.00
CA ILE B 151 31.60 -52.95 11.02
C ILE B 151 31.85 -51.45 10.93
N LEU B 152 30.82 -50.70 10.51
CA LEU B 152 30.88 -49.24 10.42
C LEU B 152 32.03 -48.79 9.51
N ASN B 153 32.05 -49.32 8.29
CA ASN B 153 33.04 -48.98 7.27
C ASN B 153 34.46 -49.20 7.77
N THR B 154 34.64 -50.06 8.76
CA THR B 154 35.95 -50.36 9.32
C THR B 154 36.18 -51.86 9.23
N ARG B 155 37.36 -52.24 8.74
CA ARG B 155 37.71 -53.64 8.52
C ARG B 155 38.23 -54.22 9.83
N PHE B 156 37.54 -55.24 10.34
CA PHE B 156 37.89 -55.85 11.62
C PHE B 156 38.33 -57.30 11.44
N ARG B 157 38.85 -57.86 12.53
CA ARG B 157 39.34 -59.23 12.57
C ARG B 157 38.53 -60.03 13.58
N LYS B 158 38.05 -61.20 13.17
CA LYS B 158 37.36 -62.11 14.08
C LYS B 158 38.35 -63.12 14.61
N PRO B 159 38.58 -63.18 15.93
CA PRO B 159 39.54 -64.17 16.47
C PRO B 159 39.04 -65.59 16.36
N TYR B 160 39.86 -66.56 16.76
CA TYR B 160 39.51 -67.96 16.61
C TYR B 160 38.51 -68.45 17.65
N ASN B 161 38.40 -67.77 18.79
CA ASN B 161 37.51 -68.23 19.84
C ASN B 161 36.11 -67.61 19.77
N VAL B 162 35.97 -66.46 19.11
CA VAL B 162 34.68 -65.78 19.03
C VAL B 162 33.90 -66.31 17.84
N GLU B 163 32.66 -66.73 18.08
CA GLU B 163 31.82 -67.26 17.01
C GLU B 163 31.28 -66.14 16.13
N SER B 164 30.72 -65.10 16.72
CA SER B 164 30.15 -63.99 15.97
C SER B 164 29.99 -62.79 16.90
N TYR B 165 30.40 -61.63 16.40
CA TYR B 165 30.29 -60.36 17.12
C TYR B 165 29.63 -59.36 16.19
N THR B 166 28.30 -59.28 16.26
CA THR B 166 27.52 -58.43 15.38
C THR B 166 26.89 -57.30 16.16
N PRO B 167 27.07 -56.04 15.75
CA PRO B 167 26.40 -54.93 16.44
C PRO B 167 24.89 -54.98 16.22
N GLN B 168 24.15 -54.90 17.31
CA GLN B 168 22.69 -54.94 17.29
C GLN B 168 22.15 -53.62 17.83
N THR B 169 21.04 -53.17 17.27
CA THR B 169 20.49 -51.87 17.65
C THR B 169 19.81 -51.94 19.01
N GLN B 170 18.72 -52.71 19.10
CA GLN B 170 18.08 -53.11 20.36
C GLN B 170 17.96 -51.96 21.36
N GLY B 171 17.18 -50.94 21.04
CA GLY B 171 17.09 -49.79 21.92
C GLY B 171 15.70 -49.54 22.49
N LYS B 172 15.60 -49.52 23.82
CA LYS B 172 14.35 -49.19 24.49
C LYS B 172 14.66 -48.47 25.80
N TYR B 173 14.02 -47.31 25.99
CA TYR B 173 14.18 -46.51 27.20
C TYR B 173 12.80 -46.24 27.79
N GLU B 174 12.73 -46.17 29.11
CA GLU B 174 11.50 -45.82 29.82
C GLU B 174 11.75 -44.61 30.71
N PHE B 175 10.74 -43.74 30.80
CA PHE B 175 10.85 -42.49 31.58
C PHE B 175 9.53 -42.28 32.30
N ILE B 176 9.54 -42.45 33.62
CA ILE B 176 8.33 -42.32 34.44
C ILE B 176 8.53 -41.17 35.42
N LEU B 177 7.74 -40.11 35.26
CA LEU B 177 7.81 -38.94 36.10
C LEU B 177 6.57 -38.86 36.98
N LYS B 178 6.76 -38.46 38.24
CA LYS B 178 5.67 -38.34 39.20
C LYS B 178 5.57 -36.90 39.70
N GLU B 179 4.34 -36.41 39.81
CA GLU B 179 4.07 -35.10 40.38
C GLU B 179 2.85 -35.21 41.28
N TYR B 180 2.96 -34.69 42.50
CA TYR B 180 1.89 -34.80 43.48
C TYR B 180 2.05 -33.70 44.52
N GLU B 181 0.94 -33.07 44.87
CA GLU B 181 0.92 -32.01 45.88
C GLU B 181 -0.34 -32.15 46.73
N SER B 182 -0.25 -31.68 47.98
CA SER B 182 -1.36 -31.74 48.91
C SER B 182 -1.40 -30.45 49.72
N TYR B 183 -2.59 -29.87 49.83
CA TYR B 183 -2.79 -28.63 50.57
C TYR B 183 -3.80 -28.85 51.70
N SER B 184 -3.63 -28.08 52.76
CA SER B 184 -4.53 -28.16 53.91
C SER B 184 -4.48 -26.84 54.67
N ASP B 185 -5.65 -26.34 55.06
CA ASP B 185 -5.76 -25.08 55.78
C ASP B 185 -6.88 -25.19 56.81
N PHE B 186 -6.69 -24.52 57.94
CA PHE B 186 -7.68 -24.50 59.00
C PHE B 186 -7.59 -23.17 59.75
N GLU B 187 -8.75 -22.61 60.08
CA GLU B 187 -8.82 -21.35 60.80
C GLU B 187 -10.07 -21.36 61.67
N ARG B 188 -9.95 -20.82 62.88
CA ARG B 188 -11.07 -20.81 63.83
C ARG B 188 -10.98 -19.53 64.66
N ASN B 189 -11.84 -18.57 64.34
CA ASN B 189 -12.00 -17.37 65.15
C ASN B 189 -13.11 -17.57 66.17
N VAL B 190 -12.84 -17.17 67.42
CA VAL B 190 -13.80 -17.30 68.51
C VAL B 190 -13.74 -16.01 69.34
N THR B 191 -14.89 -15.38 69.53
CA THR B 191 -14.98 -14.17 70.32
C THR B 191 -16.26 -14.19 71.15
N GLU B 192 -16.15 -13.80 72.42
CA GLU B 192 -17.28 -13.79 73.33
C GLU B 192 -17.17 -12.58 74.25
N LYS B 193 -18.30 -11.90 74.45
CA LYS B 193 -18.36 -10.71 75.30
C LYS B 193 -19.62 -10.75 76.14
N MET B 194 -19.48 -10.33 77.41
CA MET B 194 -20.60 -10.31 78.34
C MET B 194 -20.46 -9.11 79.26
N ALA B 195 -21.56 -8.38 79.46
CA ALA B 195 -21.55 -7.20 80.31
C ALA B 195 -22.84 -7.16 81.12
N SER B 196 -22.71 -6.82 82.39
CA SER B 196 -23.85 -6.73 83.30
C SER B 196 -23.66 -5.54 84.24
N LYS B 197 -24.75 -4.78 84.43
CA LYS B 197 -24.72 -3.62 85.31
C LYS B 197 -26.01 -3.59 86.13
N SER B 198 -25.88 -3.23 87.40
CA SER B 198 -27.02 -3.20 88.31
C SER B 198 -26.91 -1.97 89.21
N GLY B 199 -28.05 -1.38 89.53
CA GLY B 199 -28.11 -0.24 90.42
C GLY B 199 -29.39 -0.16 91.20
N PHE B 200 -29.30 0.23 92.47
CA PHE B 200 -30.47 0.32 93.34
C PHE B 200 -30.38 1.58 94.19
N SER B 201 -31.51 2.25 94.35
CA SER B 201 -31.59 3.47 95.15
C SER B 201 -32.92 3.51 95.88
N PHE B 202 -32.88 3.98 97.12
CA PHE B 202 -34.07 4.06 97.97
C PHE B 202 -34.07 5.38 98.73
N GLY B 203 -35.26 5.97 98.86
CA GLY B 203 -35.40 7.21 99.59
C GLY B 203 -36.73 7.31 100.33
N PHE B 204 -36.66 7.57 101.63
CA PHE B 204 -37.86 7.69 102.45
C PHE B 204 -37.57 8.62 103.62
N LYS B 205 -38.39 9.67 103.76
CA LYS B 205 -38.23 10.63 104.84
C LYS B 205 -39.60 11.08 105.32
N ILE B 206 -39.71 11.35 106.62
CA ILE B 206 -40.94 11.80 107.23
C ILE B 206 -40.64 12.69 108.42
N PRO B 207 -41.09 13.94 108.43
CA PRO B 207 -40.82 14.83 109.57
C PRO B 207 -41.79 14.59 110.70
N GLY B 208 -41.26 14.65 111.93
CA GLY B 208 -42.06 14.44 113.12
C GLY B 208 -42.43 15.73 113.84
CA ILE B 209 -37.21 16.54 110.41
C ILE B 209 -36.45 15.22 110.30
N PHE B 210 -36.50 14.62 109.12
CA PHE B 210 -35.81 13.36 108.88
C PHE B 210 -35.36 13.31 107.42
N GLU B 211 -34.23 12.66 107.18
CA GLU B 211 -33.67 12.52 105.85
C GLU B 211 -33.04 11.13 105.71
N LEU B 212 -33.21 10.53 104.54
CA LEU B 212 -32.63 9.21 104.27
C LEU B 212 -32.58 9.00 102.78
N GLY B 213 -31.42 8.58 102.27
CA GLY B 213 -31.25 8.32 100.85
C GLY B 213 -30.26 7.22 100.58
N ILE B 214 -30.56 6.38 99.58
CA ILE B 214 -29.69 5.28 99.19
C ILE B 214 -29.27 5.48 97.74
N SER B 215 -28.00 5.20 97.46
CA SER B 215 -27.47 5.31 96.10
C SER B 215 -26.41 4.25 95.91
N SER B 216 -26.60 3.39 94.91
CA SER B 216 -25.68 2.29 94.64
C SER B 216 -25.54 2.09 93.14
N GLN B 217 -24.33 1.73 92.72
CA GLN B 217 -24.02 1.49 91.32
C GLN B 217 -23.06 0.33 91.20
N SER B 218 -23.34 -0.57 90.25
CA SER B 218 -22.51 -1.74 90.02
C SER B 218 -22.32 -1.93 88.52
N ASP B 219 -21.07 -2.09 88.09
CA ASP B 219 -20.73 -2.24 86.68
C ASP B 219 -19.81 -3.45 86.51
N ARG B 220 -20.09 -4.26 85.49
CA ARG B 220 -19.29 -5.44 85.20
C ARG B 220 -19.20 -5.63 83.70
N GLY B 221 -17.99 -5.92 83.21
CA GLY B 221 -17.76 -6.17 81.81
C GLY B 221 -16.76 -7.27 81.55
N LYS B 222 -17.08 -8.18 80.64
CA LYS B 222 -16.22 -9.32 80.32
C LYS B 222 -16.10 -9.48 78.82
N HIS B 223 -14.88 -9.69 78.34
CA HIS B 223 -14.61 -9.90 76.93
C HIS B 223 -13.64 -11.05 76.77
N TYR B 224 -13.91 -11.94 75.82
CA TYR B 224 -13.09 -13.12 75.59
C TYR B 224 -12.92 -13.34 74.09
N ILE B 225 -11.69 -13.60 73.67
CA ILE B 225 -11.38 -13.84 72.27
C ILE B 225 -10.39 -15.00 72.19
N ARG B 226 -10.51 -15.81 71.14
CA ARG B 226 -9.64 -16.95 70.93
C ARG B 226 -9.58 -17.25 69.44
N ARG B 227 -8.39 -17.59 68.95
CA ARG B 227 -8.21 -17.94 67.55
C ARG B 227 -7.19 -19.05 67.41
N THR B 228 -7.48 -20.00 66.52
CA THR B 228 -6.58 -21.10 66.20
C THR B 228 -6.55 -21.25 64.68
N LYS B 229 -5.37 -21.14 64.09
CA LYS B 229 -5.20 -21.23 62.64
C LYS B 229 -4.08 -22.20 62.33
N ARG B 230 -4.34 -23.13 61.41
CA ARG B 230 -3.36 -24.13 61.00
C ARG B 230 -3.33 -24.22 59.48
N PHE B 231 -2.12 -24.35 58.94
CA PHE B 231 -1.92 -24.45 57.50
C PHE B 231 -0.80 -25.44 57.23
N SER B 232 -1.09 -26.45 56.41
CA SER B 232 -0.12 -27.51 56.12
C SER B 232 -0.19 -27.86 54.64
N HIS B 233 0.98 -28.02 54.03
CA HIS B 233 1.08 -28.39 52.63
C HIS B 233 2.25 -29.35 52.45
N THR B 234 2.00 -30.48 51.79
CA THR B 234 2.99 -31.53 51.64
C THR B 234 3.00 -32.01 50.18
N LYS B 235 4.21 -32.29 49.68
CA LYS B 235 4.38 -32.84 48.34
C LYS B 235 5.59 -33.76 48.34
N SER B 236 5.45 -34.92 47.71
CA SER B 236 6.54 -35.91 47.71
C SER B 236 6.35 -36.83 46.51
N VAL B 237 7.34 -36.85 45.61
CA VAL B 237 7.32 -37.68 44.42
C VAL B 237 8.73 -38.18 44.13
N PHE B 238 8.85 -38.97 43.07
CA PHE B 238 10.13 -39.52 42.63
C PHE B 238 10.15 -39.55 41.11
N LEU B 239 11.33 -39.86 40.56
CA LEU B 239 11.54 -39.93 39.11
C LEU B 239 12.56 -41.03 38.86
N HIS B 240 12.06 -42.24 38.59
CA HIS B 240 12.93 -43.42 38.45
C HIS B 240 13.19 -43.66 36.96
N ALA B 241 14.12 -42.87 36.41
CA ALA B 241 14.51 -43.01 35.02
C ALA B 241 15.49 -44.17 34.88
N ARG B 242 15.09 -45.20 34.13
CA ARG B 242 15.92 -46.37 33.87
C ARG B 242 16.01 -46.55 32.36
N SER B 243 17.23 -46.61 31.84
CA SER B 243 17.47 -46.73 30.41
C SER B 243 18.45 -47.86 30.15
N ASP B 244 18.14 -48.71 29.18
CA ASP B 244 18.97 -49.83 28.79
C ASP B 244 19.41 -49.66 27.35
N LEU B 245 20.71 -49.58 27.13
CA LEU B 245 21.29 -49.35 25.80
C LEU B 245 22.19 -50.53 25.45
N GLU B 246 21.69 -51.41 24.58
CA GLU B 246 22.46 -52.54 24.07
C GLU B 246 23.02 -52.16 22.70
N VAL B 247 24.32 -52.43 22.51
CA VAL B 247 25.05 -51.95 21.34
C VAL B 247 25.53 -53.08 20.46
N ALA B 248 26.04 -54.16 21.05
CA ALA B 248 26.63 -55.25 20.28
C ALA B 248 26.29 -56.59 20.91
N HIS B 249 26.18 -57.61 20.06
CA HIS B 249 25.92 -58.97 20.49
C HIS B 249 27.19 -59.80 20.43
N TYR B 250 27.39 -60.65 21.43
CA TYR B 250 28.58 -61.48 21.54
C TYR B 250 28.19 -62.92 21.83
N LYS B 251 28.96 -63.85 21.25
CA LYS B 251 28.75 -65.28 21.48
C LYS B 251 30.08 -66.01 21.32
N LEU B 252 30.41 -66.82 22.32
CA LEU B 252 31.61 -67.65 22.27
C LEU B 252 31.29 -68.97 21.56
N LYS B 253 32.34 -69.55 20.97
CA LYS B 253 32.16 -70.83 20.28
C LYS B 253 31.77 -71.91 21.30
N PRO B 254 30.89 -72.83 20.92
CA PRO B 254 30.46 -73.86 21.89
C PRO B 254 31.53 -74.87 22.24
N ARG B 255 32.51 -75.08 21.36
CA ARG B 255 33.55 -76.08 21.61
C ARG B 255 34.76 -75.73 20.77
N SER B 256 35.87 -76.44 21.02
CA SER B 256 37.14 -76.24 20.32
C SER B 256 37.63 -74.79 20.49
N LEU B 257 37.89 -74.44 21.74
CA LEU B 257 38.36 -73.11 22.10
C LEU B 257 39.79 -73.17 22.60
N MET B 258 40.51 -72.07 22.42
CA MET B 258 41.90 -71.96 22.84
C MET B 258 41.96 -71.22 24.19
N LEU B 259 42.67 -71.81 25.14
CA LEU B 259 42.75 -71.26 26.48
C LEU B 259 43.95 -70.33 26.61
N HIS B 260 43.90 -69.46 27.60
CA HIS B 260 44.98 -68.53 27.87
C HIS B 260 46.19 -69.28 28.43
N TYR B 261 47.39 -68.77 28.14
CA TYR B 261 48.60 -69.46 28.53
C TYR B 261 48.81 -69.43 30.04
N GLU B 262 48.46 -68.31 30.69
CA GLU B 262 48.54 -68.26 32.15
C GLU B 262 47.55 -69.23 32.79
N PHE B 263 46.32 -69.25 32.29
CA PHE B 263 45.34 -70.21 32.79
C PHE B 263 45.75 -71.64 32.46
N LEU B 264 46.36 -71.84 31.28
CA LEU B 264 46.90 -73.16 30.94
C LEU B 264 47.91 -73.63 31.97
N GLN B 265 48.89 -72.77 32.29
CA GLN B 265 49.91 -73.15 33.27
C GLN B 265 49.32 -73.36 34.64
N ARG B 266 48.35 -72.53 35.04
CA ARG B 266 47.77 -72.67 36.38
C ARG B 266 46.94 -73.95 36.49
N VAL B 267 46.26 -74.34 35.42
CA VAL B 267 45.54 -75.62 35.45
C VAL B 267 46.50 -76.78 35.42
N LYS B 268 47.62 -76.65 34.69
CA LYS B 268 48.66 -77.66 34.74
C LYS B 268 49.28 -77.77 36.12
N ARG B 269 49.25 -76.69 36.91
CA ARG B 269 49.73 -76.71 38.28
C ARG B 269 48.68 -77.21 39.27
N LEU B 270 47.43 -77.39 38.83
CA LEU B 270 46.40 -77.87 39.73
C LEU B 270 46.67 -79.32 40.11
N PRO B 271 46.47 -79.70 41.37
CA PRO B 271 46.72 -81.08 41.78
C PRO B 271 45.56 -81.99 41.40
N LEU B 272 45.78 -83.29 41.63
CA LEU B 272 44.74 -84.29 41.39
C LEU B 272 43.90 -84.56 42.63
N GLU B 273 44.54 -84.70 43.79
CA GLU B 273 43.81 -84.86 45.04
C GLU B 273 43.07 -83.58 45.38
N TYR B 274 41.93 -83.74 46.06
CA TYR B 274 41.06 -82.61 46.38
C TYR B 274 41.77 -81.71 47.38
N SER B 275 42.07 -80.48 46.95
CA SER B 275 42.68 -79.46 47.82
C SER B 275 41.92 -78.16 47.58
N TYR B 276 41.09 -77.77 48.55
CA TYR B 276 40.23 -76.62 48.37
C TYR B 276 41.00 -75.30 48.34
N GLY B 277 42.22 -75.26 48.88
CA GLY B 277 43.00 -74.04 48.90
C GLY B 277 43.36 -73.52 47.53
N GLU B 278 44.04 -74.34 46.73
CA GLU B 278 44.43 -73.91 45.40
C GLU B 278 43.24 -73.71 44.49
N TYR B 279 42.19 -74.52 44.64
CA TYR B 279 40.99 -74.34 43.83
C TYR B 279 40.29 -73.03 44.18
N ARG B 280 40.23 -72.69 45.47
CA ARG B 280 39.66 -71.41 45.88
C ARG B 280 40.51 -70.24 45.38
N ASP B 281 41.83 -70.41 45.38
CA ASP B 281 42.70 -69.37 44.81
C ASP B 281 42.44 -69.20 43.32
N LEU B 282 42.22 -70.32 42.62
CA LEU B 282 41.88 -70.25 41.19
C LEU B 282 40.55 -69.53 40.99
N PHE B 283 39.55 -69.83 41.83
CA PHE B 283 38.27 -69.14 41.73
C PHE B 283 38.43 -67.65 42.00
N ARG B 284 39.30 -67.28 42.93
CA ARG B 284 39.50 -65.87 43.25
C ARG B 284 40.31 -65.15 42.19
N ASP B 285 41.16 -65.85 41.46
CA ASP B 285 42.03 -65.21 40.48
C ASP B 285 41.43 -65.20 39.07
N PHE B 286 40.56 -66.15 38.74
CA PHE B 286 40.01 -66.25 37.39
C PHE B 286 38.48 -66.35 37.38
N GLY B 287 37.83 -66.21 38.53
CA GLY B 287 36.38 -66.20 38.57
C GLY B 287 35.79 -67.58 38.78
N THR B 288 34.46 -67.64 38.69
CA THR B 288 33.71 -68.88 38.84
C THR B 288 33.10 -69.37 37.54
N HIS B 289 32.94 -68.51 36.55
CA HIS B 289 32.36 -68.89 35.27
C HIS B 289 33.09 -68.12 34.17
N TYR B 290 32.71 -68.39 32.93
CA TYR B 290 33.23 -67.66 31.77
C TYR B 290 32.07 -67.24 30.88
N ILE B 291 32.39 -66.42 29.89
CA ILE B 291 31.38 -65.76 29.07
C ILE B 291 31.18 -66.57 27.80
N THR B 292 29.98 -67.13 27.64
CA THR B 292 29.56 -67.78 26.40
C THR B 292 28.74 -66.85 25.51
N GLU B 293 27.78 -66.14 26.07
CA GLU B 293 26.97 -65.18 25.34
C GLU B 293 26.82 -63.93 26.19
N ALA B 294 27.05 -62.77 25.57
CA ALA B 294 26.96 -61.49 26.27
C ALA B 294 26.48 -60.43 25.32
N VAL B 295 25.83 -59.41 25.87
CA VAL B 295 25.31 -58.28 25.10
C VAL B 295 26.11 -57.04 25.51
N LEU B 296 26.70 -56.37 24.54
CA LEU B 296 27.51 -55.19 24.80
C LEU B 296 26.65 -53.94 24.71
N GLY B 297 27.03 -52.92 25.47
CA GLY B 297 26.31 -51.67 25.48
C GLY B 297 26.59 -50.82 26.70
N GLY B 298 25.54 -50.20 27.25
CA GLY B 298 25.68 -49.36 28.41
C GLY B 298 24.37 -49.19 29.13
N ILE B 299 24.45 -48.93 30.44
CA ILE B 299 23.29 -48.70 31.28
C ILE B 299 23.38 -47.31 31.87
N TYR B 300 22.33 -46.51 31.68
CA TYR B 300 22.25 -45.15 32.22
C TYR B 300 21.03 -45.06 33.12
N GLU B 301 21.25 -44.78 34.41
CA GLU B 301 20.18 -44.70 35.38
C GLU B 301 20.26 -43.37 36.12
N TYR B 302 19.09 -42.84 36.48
CA TYR B 302 19.00 -41.55 37.14
C TYR B 302 17.72 -41.53 37.97
N THR B 303 17.78 -40.87 39.13
CA THR B 303 16.60 -40.77 39.98
C THR B 303 16.67 -39.50 40.82
N LEU B 304 15.48 -38.99 41.17
CA LEU B 304 15.33 -37.82 42.02
C LEU B 304 14.15 -38.06 42.94
N VAL B 305 14.42 -38.15 44.23
CA VAL B 305 13.39 -38.36 45.25
C VAL B 305 13.36 -37.13 46.15
N MET B 306 12.23 -36.46 46.19
CA MET B 306 12.08 -35.23 46.97
C MET B 306 10.76 -35.23 47.70
N ASN B 307 10.76 -34.67 48.91
CA ASN B 307 9.55 -34.57 49.71
C ASN B 307 9.50 -33.20 50.37
N LYS B 308 8.35 -32.90 50.97
CA LYS B 308 8.17 -31.62 51.65
C LYS B 308 7.03 -31.76 52.66
N GLU B 309 7.23 -31.16 53.84
CA GLU B 309 6.25 -31.15 54.90
C GLU B 309 6.32 -29.82 55.64
N ALA B 310 5.16 -29.27 55.96
CA ALA B 310 5.06 -28.00 56.66
C ALA B 310 3.88 -28.02 57.61
N MET B 311 4.05 -27.43 58.79
CA MET B 311 3.00 -27.38 59.79
C MET B 311 3.13 -26.08 60.57
N GLU B 312 2.00 -25.42 60.80
CA GLU B 312 1.95 -24.16 61.53
C GLU B 312 0.71 -24.14 62.40
N ARG B 313 0.86 -23.60 63.62
CA ARG B 313 -0.26 -23.49 64.54
C ARG B 313 -0.07 -22.24 65.39
N GLY B 314 -1.16 -21.50 65.61
CA GLY B 314 -1.11 -20.30 66.42
C GLY B 314 -2.30 -20.16 67.34
N ASP B 315 -2.04 -19.83 68.60
CA ASP B 315 -3.09 -19.68 69.61
C ASP B 315 -2.96 -18.32 70.27
N TYR B 316 -4.11 -17.68 70.52
CA TYR B 316 -4.15 -16.37 71.14
C TYR B 316 -5.44 -16.24 71.93
N THR B 317 -5.34 -15.81 73.18
CA THR B 317 -6.52 -15.65 74.03
C THR B 317 -6.36 -14.38 74.87
N LEU B 318 -7.50 -13.80 75.24
CA LEU B 318 -7.52 -12.61 76.07
C LEU B 318 -8.85 -12.57 76.83
N ASN B 319 -8.78 -12.29 78.13
CA ASN B 319 -9.96 -12.22 78.98
C ASN B 319 -9.79 -11.06 79.95
N ASN B 320 -10.74 -10.13 79.92
CA ASN B 320 -10.71 -8.95 80.77
C ASN B 320 -12.01 -8.87 81.57
N VAL B 321 -11.90 -8.71 82.88
CA VAL B 321 -13.04 -8.58 83.77
C VAL B 321 -12.79 -7.40 84.69
N HIS B 322 -13.78 -6.50 84.80
CA HIS B 322 -13.68 -5.34 85.66
C HIS B 322 -14.99 -5.17 86.42
N ALA B 323 -14.88 -4.83 87.71
CA ALA B 323 -16.04 -4.66 88.57
C ALA B 323 -15.86 -3.42 89.44
N CYS B 324 -16.96 -2.69 89.64
CA CYS B 324 -16.97 -1.50 90.48
C CYS B 324 -18.28 -1.45 91.23
N ALA B 325 -18.22 -1.19 92.54
CA ALA B 325 -19.41 -1.15 93.38
C ALA B 325 -19.22 -0.08 94.45
N LYS B 326 -20.16 0.86 94.51
CA LYS B 326 -20.14 1.92 95.50
C LYS B 326 -21.56 2.19 95.97
N ASN B 327 -21.77 2.15 97.29
CA ASN B 327 -23.07 2.43 97.89
C ASN B 327 -22.90 3.47 98.99
N ASP B 328 -23.70 4.52 98.95
CA ASP B 328 -23.61 5.64 99.87
C ASP B 328 -24.97 5.91 100.49
N PHE B 329 -24.98 6.30 101.76
CA PHE B 329 -26.22 6.67 102.43
C PHE B 329 -25.89 7.60 103.59
N LYS B 330 -26.75 8.60 103.78
CA LYS B 330 -26.61 9.58 104.85
C LYS B 330 -27.99 9.89 105.43
N ILE B 331 -28.07 10.00 106.76
CA ILE B 331 -29.31 10.30 107.45
C ILE B 331 -29.10 11.52 108.33
N GLY B 332 -30.20 12.24 108.59
CA GLY B 332 -30.14 13.42 109.43
C GLY B 332 -31.46 13.73 110.11
N GLY B 333 -31.40 14.09 111.40
CA GLY B 333 -32.61 14.40 112.13
C GLY B 333 -32.42 15.54 113.13
N ALA B 334 -33.42 16.42 113.23
CA ALA B 334 -33.36 17.55 114.14
C ALA B 334 -34.76 17.86 114.64
N ILE B 335 -34.91 17.93 115.96
CA ILE B 335 -36.21 18.28 116.62
C ILE B 335 -35.86 18.99 117.93
N GLU B 336 -36.66 19.95 118.39
CA GLU B 336 -36.27 20.64 119.64
C GLU B 336 -36.26 19.60 120.78
N GLU B 337 -35.14 19.51 121.50
CA GLU B 337 -33.90 20.23 121.14
C GLU B 337 -32.74 19.23 121.04
N VAL B 338 -32.74 18.44 119.96
CA VAL B 338 -31.71 17.39 119.68
C VAL B 338 -31.33 17.47 118.19
N TYR B 339 -30.17 16.89 117.83
CA TYR B 339 -29.67 16.90 116.47
C TYR B 339 -28.88 15.63 116.23
N VAL B 340 -29.27 14.87 115.21
CA VAL B 340 -28.61 13.61 114.87
C VAL B 340 -28.40 13.57 113.37
N SER B 341 -27.16 13.33 112.95
CA SER B 341 -26.82 13.24 111.53
C SER B 341 -25.73 12.19 111.36
N LEU B 342 -26.06 11.13 110.63
CA LEU B 342 -25.14 10.00 110.43
C LEU B 342 -25.00 9.71 108.95
N GLY B 343 -23.77 9.44 108.53
CA GLY B 343 -23.51 9.11 107.13
C GLY B 343 -22.35 8.14 106.96
N VAL B 344 -22.56 7.09 106.17
CA VAL B 344 -21.54 6.09 105.92
C VAL B 344 -21.47 5.84 104.41
N SER B 345 -20.25 5.88 103.87
CA SER B 345 -20.02 5.66 102.45
C SER B 345 -18.87 4.67 102.28
N VAL B 346 -19.07 3.66 101.44
CA VAL B 346 -18.07 2.65 101.20
C VAL B 346 -18.17 2.21 99.75
N GLY B 347 -17.01 1.87 99.16
CA GLY B 347 -16.97 1.43 97.78
C GLY B 347 -15.92 0.34 97.59
N LYS B 348 -16.13 -0.44 96.54
CA LYS B 348 -15.24 -1.55 96.22
C LYS B 348 -15.10 -1.67 94.70
N CYS B 349 -13.88 -1.93 94.24
CA CYS B 349 -13.61 -2.10 92.82
C CYS B 349 -12.63 -3.26 92.64
N ARG B 350 -12.77 -3.96 91.52
CA ARG B 350 -11.93 -5.10 91.22
C ARG B 350 -11.84 -5.29 89.72
N GLY B 351 -10.66 -5.65 89.24
CA GLY B 351 -10.44 -5.87 87.82
C GLY B 351 -9.31 -6.85 87.59
N ILE B 352 -9.43 -7.62 86.52
CA ILE B 352 -8.43 -8.63 86.18
C ILE B 352 -8.38 -8.77 84.67
N LEU B 353 -7.17 -9.00 84.14
CA LEU B 353 -6.95 -9.21 82.72
C LEU B 353 -5.95 -10.34 82.53
N ASN B 354 -6.23 -11.23 81.58
CA ASN B 354 -5.37 -12.36 81.29
C ASN B 354 -5.23 -12.50 79.78
N GLU B 355 -4.00 -12.70 79.32
CA GLU B 355 -3.70 -12.82 77.90
C GLU B 355 -2.58 -13.81 77.69
N ILE B 356 -2.81 -14.81 76.84
CA ILE B 356 -1.83 -15.84 76.53
C ILE B 356 -1.80 -16.03 75.02
N LYS B 357 -0.60 -16.08 74.44
CA LYS B 357 -0.42 -16.25 73.00
C LYS B 357 0.62 -17.33 72.75
N ASP B 358 0.34 -18.20 71.78
CA ASP B 358 1.24 -19.28 71.42
C ASP B 358 1.25 -19.45 69.91
N ARG B 359 2.45 -19.63 69.35
CA ARG B 359 2.61 -19.82 67.91
C ARG B 359 3.71 -20.83 67.66
N ASN B 360 3.45 -21.75 66.72
CA ASN B 360 4.39 -22.80 66.38
C ASN B 360 4.47 -22.94 64.86
N LYS B 361 5.69 -23.10 64.36
CA LYS B 361 5.92 -23.26 62.93
C LYS B 361 7.05 -24.26 62.71
N ARG B 362 6.80 -25.29 61.92
CA ARG B 362 7.80 -26.31 61.62
C ARG B 362 7.72 -26.66 60.15
N ASP B 363 8.88 -26.66 59.48
CA ASP B 363 8.97 -26.96 58.06
C ASP B 363 10.16 -27.87 57.81
N THR B 364 9.99 -28.82 56.90
CA THR B 364 11.05 -29.76 56.57
C THR B 364 10.94 -30.18 55.12
N MET B 365 12.09 -30.29 54.45
CA MET B 365 12.13 -30.76 53.07
C MET B 365 13.53 -31.31 52.80
N VAL B 366 13.59 -32.49 52.17
CA VAL B 366 14.85 -33.10 51.78
C VAL B 366 14.68 -33.70 50.39
N GLU B 367 15.82 -33.91 49.72
CA GLU B 367 15.84 -34.56 48.42
C GLU B 367 17.08 -35.44 48.31
N ASP B 368 16.93 -36.54 47.59
CA ASP B 368 17.99 -37.53 47.42
C ASP B 368 18.13 -37.88 45.95
N LEU B 369 19.31 -38.37 45.59
CA LEU B 369 19.61 -38.73 44.21
C LEU B 369 20.55 -39.93 44.20
N VAL B 370 20.25 -40.90 43.33
CA VAL B 370 21.06 -42.10 43.14
C VAL B 370 21.24 -42.32 41.64
N VAL B 371 22.48 -42.47 41.21
CA VAL B 371 22.82 -42.70 39.82
C VAL B 371 23.69 -43.95 39.74
N LEU B 372 23.47 -44.76 38.70
CA LEU B 372 24.26 -45.96 38.46
C LEU B 372 24.43 -46.11 36.95
N VAL B 373 25.62 -45.77 36.46
CA VAL B 373 25.92 -45.80 35.03
C VAL B 373 27.08 -46.76 34.81
N ARG B 374 26.94 -47.63 33.81
CA ARG B 374 27.97 -48.59 33.44
C ARG B 374 28.21 -48.50 31.95
N GLY B 375 29.46 -48.25 31.56
CA GLY B 375 29.82 -48.17 30.16
C GLY B 375 30.26 -46.79 29.71
N GLY B 376 31.39 -46.73 29.01
CA GLY B 376 31.92 -45.48 28.49
C GLY B 376 32.18 -44.43 29.54
N ALA B 377 33.16 -44.66 30.42
CA ALA B 377 33.48 -43.71 31.47
C ALA B 377 34.39 -42.60 30.94
N SER B 378 33.99 -41.97 29.85
CA SER B 378 34.74 -40.91 29.22
C SER B 378 34.18 -39.54 29.62
N GLU B 379 34.62 -38.49 28.93
CA GLU B 379 34.25 -37.13 29.32
C GLU B 379 32.75 -36.88 29.21
N HIS B 380 32.10 -37.50 28.22
CA HIS B 380 30.67 -37.25 28.01
C HIS B 380 29.84 -37.79 29.17
N ILE B 381 30.19 -38.96 29.69
CA ILE B 381 29.42 -39.50 30.81
C ILE B 381 29.69 -38.71 32.08
N THR B 382 30.87 -38.10 32.19
CA THR B 382 31.12 -37.18 33.29
C THR B 382 30.26 -35.93 33.15
N THR B 383 30.07 -35.46 31.92
CA THR B 383 29.12 -34.39 31.66
C THR B 383 27.72 -34.79 32.10
N LEU B 384 27.33 -36.03 31.79
CA LEU B 384 26.01 -36.52 32.16
C LEU B 384 25.92 -36.86 33.64
N ALA B 385 27.05 -37.00 34.32
CA ALA B 385 27.09 -37.27 35.76
C ALA B 385 26.73 -36.05 36.60
N TYR B 386 26.26 -34.98 35.97
CA TYR B 386 25.86 -33.77 36.67
C TYR B 386 24.62 -34.05 37.50
N GLN B 387 24.75 -33.99 38.82
CA GLN B 387 23.67 -34.38 39.70
C GLN B 387 22.49 -33.40 39.65
N GLU B 388 22.77 -32.12 39.40
CA GLU B 388 21.69 -31.13 39.44
C GLU B 388 20.77 -31.25 38.23
N LEU B 389 21.32 -31.13 37.03
CA LEU B 389 20.52 -31.27 35.83
C LEU B 389 20.15 -32.73 35.61
N PRO B 390 18.91 -33.00 35.18
CA PRO B 390 18.49 -34.40 35.01
C PRO B 390 18.90 -35.03 33.69
N THR B 391 19.27 -34.23 32.69
CA THR B 391 19.61 -34.75 31.37
C THR B 391 20.31 -33.66 30.59
N ALA B 392 20.77 -34.01 29.39
CA ALA B 392 21.44 -33.07 28.51
C ALA B 392 21.09 -33.41 27.07
N ASP B 393 21.44 -32.50 26.16
CA ASP B 393 21.17 -32.67 24.74
C ASP B 393 22.40 -33.13 23.95
N LEU B 394 23.59 -33.06 24.55
CA LEU B 394 24.81 -33.48 23.89
C LEU B 394 25.09 -34.98 24.08
N MET B 395 24.06 -35.76 24.38
CA MET B 395 24.21 -37.20 24.63
C MET B 395 24.54 -37.99 23.37
N GLN B 396 24.54 -37.36 22.19
CA GLN B 396 25.04 -38.03 20.99
C GLN B 396 26.49 -38.46 21.16
N GLU B 397 27.27 -37.69 21.92
CA GLU B 397 28.65 -38.08 22.22
C GLU B 397 28.70 -39.40 22.95
N TRP B 398 27.90 -39.54 24.01
CA TRP B 398 27.81 -40.82 24.71
C TRP B 398 27.32 -41.92 23.78
N GLY B 399 26.31 -41.62 22.96
CA GLY B 399 25.76 -42.64 22.08
C GLY B 399 26.78 -43.21 21.12
N ASP B 400 27.47 -42.33 20.38
CA ASP B 400 28.43 -42.81 19.40
C ASP B 400 29.78 -43.16 20.01
N ALA B 401 30.01 -42.87 21.29
CA ALA B 401 31.24 -43.28 21.95
C ALA B 401 31.13 -44.62 22.66
N VAL B 402 29.93 -45.01 23.09
CA VAL B 402 29.76 -46.34 23.68
C VAL B 402 30.16 -47.42 22.70
N GLN B 403 29.99 -47.17 21.40
CA GLN B 403 30.47 -48.11 20.38
C GLN B 403 31.96 -48.36 20.50
N TYR B 404 32.72 -47.38 20.99
CA TYR B 404 34.16 -47.51 21.15
C TYR B 404 34.56 -48.11 22.49
N ASN B 405 33.63 -48.25 23.43
CA ASN B 405 33.93 -48.85 24.73
C ASN B 405 32.63 -49.37 25.36
N PRO B 406 32.07 -50.45 24.84
CA PRO B 406 30.81 -50.96 25.38
C PRO B 406 31.02 -51.78 26.64
N ALA B 407 29.94 -51.88 27.42
CA ALA B 407 29.92 -52.67 28.64
C ALA B 407 28.97 -53.85 28.49
N ILE B 408 29.26 -54.92 29.22
CA ILE B 408 28.46 -56.14 29.15
C ILE B 408 27.16 -55.90 29.91
N ILE B 409 26.03 -56.12 29.24
CA ILE B 409 24.72 -55.86 29.83
C ILE B 409 24.14 -57.15 30.39
N LYS B 410 23.91 -58.13 29.52
CA LYS B 410 23.37 -59.42 29.90
C LYS B 410 24.45 -60.49 29.80
N VAL B 411 24.40 -61.45 30.72
CA VAL B 411 25.42 -62.50 30.81
C VAL B 411 24.72 -63.85 30.85
N LYS B 412 25.19 -64.78 30.01
CA LYS B 412 24.79 -66.18 30.07
C LYS B 412 26.00 -66.97 30.55
N VAL B 413 25.93 -67.50 31.77
CA VAL B 413 27.09 -68.09 32.41
C VAL B 413 27.18 -69.56 32.06
N GLU B 414 28.37 -70.12 32.21
CA GLU B 414 28.67 -71.52 31.95
C GLU B 414 29.71 -71.92 32.99
N PRO B 415 29.56 -73.08 33.62
CA PRO B 415 30.52 -73.48 34.66
C PRO B 415 31.92 -73.63 34.11
N LEU B 416 32.91 -73.42 34.98
CA LEU B 416 34.30 -73.39 34.53
C LEU B 416 34.84 -74.79 34.26
N TYR B 417 34.33 -75.80 34.97
CA TYR B 417 34.80 -77.16 34.73
C TYR B 417 34.42 -77.68 33.34
N GLU B 418 33.36 -77.13 32.74
CA GLU B 418 33.02 -77.47 31.37
C GLU B 418 34.04 -76.91 30.38
N LEU B 419 34.75 -75.84 30.75
CA LEU B 419 35.78 -75.27 29.91
C LEU B 419 37.05 -76.11 29.87
N VAL B 420 37.30 -76.90 30.90
CA VAL B 420 38.47 -77.76 30.96
C VAL B 420 38.15 -79.04 30.19
N THR B 421 38.81 -79.22 29.05
CA THR B 421 38.59 -80.36 28.18
C THR B 421 39.70 -81.40 28.35
N ALA B 422 39.37 -82.64 27.98
CA ALA B 422 40.33 -83.73 28.11
C ALA B 422 41.44 -83.66 27.07
N THR B 423 41.19 -83.02 25.93
CA THR B 423 42.21 -82.93 24.89
C THR B 423 43.38 -82.05 25.30
N ASP B 424 43.22 -81.22 26.34
CA ASP B 424 44.28 -80.33 26.81
C ASP B 424 44.83 -80.72 28.17
N PHE B 425 44.02 -81.35 29.03
CA PHE B 425 44.44 -81.71 30.37
C PHE B 425 44.02 -83.15 30.66
N ALA B 426 44.96 -83.94 31.18
CA ALA B 426 44.66 -85.30 31.57
C ALA B 426 43.83 -85.32 32.85
N TYR B 427 43.23 -86.49 33.13
CA TYR B 427 42.39 -86.68 34.31
C TYR B 427 41.23 -85.69 34.34
N SER B 428 40.58 -85.53 33.18
CA SER B 428 39.54 -84.52 33.05
C SER B 428 38.37 -84.76 34.00
N SER B 429 37.98 -86.02 34.19
CA SER B 429 36.82 -86.33 35.02
C SER B 429 37.07 -85.96 36.48
N THR B 430 38.23 -86.35 37.02
CA THR B 430 38.55 -86.03 38.41
C THR B 430 38.70 -84.53 38.60
N VAL B 431 39.33 -83.85 37.65
CA VAL B 431 39.48 -82.40 37.73
C VAL B 431 38.12 -81.72 37.73
N ARG B 432 37.20 -82.20 36.89
CA ARG B 432 35.87 -81.58 36.83
C ARG B 432 35.08 -81.85 38.10
N GLN B 433 35.20 -83.05 38.67
CA GLN B 433 34.51 -83.34 39.93
C GLN B 433 35.05 -82.49 41.06
N ASN B 434 36.38 -82.36 41.15
CA ASN B 434 36.97 -81.50 42.16
C ASN B 434 36.57 -80.04 41.95
N MET B 435 36.45 -79.63 40.70
CA MET B 435 36.01 -78.26 40.42
C MET B 435 34.57 -78.04 40.83
N LYS B 436 33.71 -79.05 40.63
CA LYS B 436 32.33 -78.97 41.10
C LYS B 436 32.29 -78.82 42.62
N GLN B 437 33.03 -79.67 43.33
CA GLN B 437 33.03 -79.60 44.79
C GLN B 437 33.60 -78.27 45.29
N ALA B 438 34.64 -77.78 44.64
CA ALA B 438 35.23 -76.50 45.03
C ALA B 438 34.29 -75.35 44.77
N LEU B 439 33.54 -75.39 43.65
CA LEU B 439 32.56 -74.35 43.39
C LEU B 439 31.44 -74.39 44.41
N GLU B 440 31.01 -75.59 44.81
CA GLU B 440 30.00 -75.70 45.85
C GLU B 440 30.47 -75.09 47.16
N GLU B 441 31.67 -75.48 47.61
CA GLU B 441 32.20 -74.94 48.86
C GLU B 441 32.46 -73.43 48.76
N PHE B 442 32.83 -72.94 47.57
CA PHE B 442 33.06 -71.52 47.40
C PHE B 442 31.75 -70.74 47.49
N GLN B 443 30.71 -71.20 46.79
CA GLN B 443 29.40 -70.58 46.90
C GLN B 443 28.91 -70.61 48.34
N LYS B 444 29.21 -71.68 49.07
CA LYS B 444 28.89 -71.72 50.50
C LYS B 444 29.70 -70.67 51.27
N GLU B 445 30.93 -70.41 50.83
CA GLU B 445 31.81 -69.50 51.57
C GLU B 445 31.53 -68.05 51.25
N VAL B 446 31.32 -67.70 49.98
CA VAL B 446 31.19 -66.32 49.56
C VAL B 446 29.73 -65.91 49.38
N SER B 447 28.80 -66.61 50.04
CA SER B 447 27.38 -66.26 49.95
C SER B 447 27.10 -64.84 50.44
N SER B 448 28.04 -64.21 51.13
CA SER B 448 27.98 -62.84 51.65
C SER B 448 26.94 -62.67 52.76
N CYS B 449 26.24 -63.74 53.15
CA CYS B 449 25.29 -63.64 54.25
C CYS B 449 25.96 -63.72 55.61
N HIS B 450 27.19 -64.24 55.69
CA HIS B 450 27.87 -64.38 56.96
C HIS B 450 28.27 -63.05 57.57
N CYS B 451 28.30 -61.99 56.78
CA CYS B 451 28.64 -60.67 57.31
C CYS B 451 27.51 -60.13 58.19
N ALA B 452 27.88 -59.32 59.17
CA ALA B 452 26.89 -58.75 60.07
C ALA B 452 25.94 -57.84 59.30
N PRO B 453 24.65 -57.84 59.62
CA PRO B 453 23.71 -56.97 58.91
C PRO B 453 24.02 -55.50 59.15
N CYS B 454 24.06 -54.73 58.07
CA CYS B 454 24.35 -53.31 58.16
C CYS B 454 23.10 -52.55 58.60
N GLN B 455 23.21 -51.22 58.66
CA GLN B 455 22.09 -50.36 59.01
C GLN B 455 21.92 -49.30 57.93
N GLY B 456 20.84 -48.53 58.04
CA GLY B 456 20.54 -47.53 57.04
C GLY B 456 20.26 -48.10 55.67
N ASN B 457 19.61 -49.27 55.61
CA ASN B 457 19.29 -49.94 54.34
C ASN B 457 20.56 -50.25 53.54
N GLY B 458 21.66 -50.57 54.22
CA GLY B 458 22.89 -50.88 53.54
C GLY B 458 22.90 -52.27 52.94
N VAL B 459 23.83 -52.49 52.02
CA VAL B 459 24.00 -53.76 51.34
C VAL B 459 25.39 -54.29 51.68
N PRO B 460 25.50 -55.41 52.40
CA PRO B 460 26.83 -55.96 52.70
C PRO B 460 27.47 -56.54 51.45
N VAL B 461 28.79 -56.34 51.34
CA VAL B 461 29.58 -56.85 50.22
C VAL B 461 30.80 -57.56 50.77
N LEU B 462 31.00 -58.80 50.35
CA LEU B 462 32.13 -59.61 50.80
C LEU B 462 33.32 -59.37 49.88
N LYS B 463 34.51 -59.22 50.49
CA LYS B 463 35.74 -59.01 49.74
C LYS B 463 36.90 -59.54 50.59
N GLY B 464 37.37 -60.73 50.27
CA GLY B 464 38.42 -61.37 51.04
C GLY B 464 38.00 -61.63 52.47
N SER B 465 38.64 -60.94 53.42
CA SER B 465 38.28 -61.03 54.83
C SER B 465 37.60 -59.77 55.35
N ARG B 466 37.47 -58.75 54.52
CA ARG B 466 36.85 -57.49 54.90
C ARG B 466 35.42 -57.42 54.37
N CYS B 467 34.56 -56.72 55.10
CA CYS B 467 33.16 -56.54 54.71
C CYS B 467 32.81 -55.07 54.83
N ASP B 468 32.42 -54.46 53.71
CA ASP B 468 32.07 -53.05 53.66
C ASP B 468 30.59 -52.90 53.32
N CYS B 469 29.92 -51.99 54.03
CA CYS B 469 28.50 -51.75 53.84
C CYS B 469 28.31 -50.64 52.82
N ILE B 470 27.67 -50.96 51.69
CA ILE B 470 27.31 -49.97 50.69
C ILE B 470 25.95 -49.40 51.07
N CYS B 471 25.93 -48.11 51.41
CA CYS B 471 24.73 -47.46 51.90
C CYS B 471 24.11 -46.57 50.82
N PRO B 472 22.79 -46.42 50.83
CA PRO B 472 22.16 -45.44 49.94
C PRO B 472 22.62 -44.03 50.28
N VAL B 473 22.49 -43.13 49.30
CA VAL B 473 22.93 -41.75 49.48
C VAL B 473 22.15 -41.11 50.62
N GLY B 474 22.87 -40.51 51.56
CA GLY B 474 22.27 -39.88 52.72
C GLY B 474 22.71 -40.45 54.06
N SER B 475 23.67 -41.37 54.11
CA SER B 475 24.13 -41.94 55.36
C SER B 475 25.65 -42.03 55.35
N GLN B 476 26.25 -41.77 56.50
CA GLN B 476 27.69 -41.76 56.65
C GLN B 476 28.11 -42.66 57.81
N GLY B 477 29.41 -42.92 57.90
CA GLY B 477 29.96 -43.71 58.96
C GLY B 477 29.86 -45.20 58.70
N LEU B 478 30.66 -45.96 59.45
CA LEU B 478 30.64 -47.41 59.34
C LEU B 478 29.29 -47.95 59.82
N ALA B 479 28.67 -48.80 59.00
CA ALA B 479 27.36 -49.39 59.18
C ALA B 479 26.23 -48.38 59.04
N CYS B 480 26.54 -47.10 58.87
CA CYS B 480 25.55 -46.05 58.59
C CYS B 480 24.45 -46.03 59.64
N GLU B 481 24.86 -45.74 60.88
CA GLU B 481 23.93 -45.62 61.99
C GLU B 481 23.47 -44.18 62.21
N VAL B 482 24.12 -43.21 61.58
CA VAL B 482 23.77 -41.80 61.71
C VAL B 482 23.17 -41.34 60.39
N SER B 483 21.93 -40.85 60.45
CA SER B 483 21.26 -40.34 59.26
C SER B 483 20.30 -39.24 59.68
N TYR B 484 19.95 -38.38 58.72
CA TYR B 484 19.08 -37.24 58.98
C TYR B 484 17.61 -37.58 58.72
N ARG B 485 17.15 -38.68 59.33
CA ARG B 485 15.79 -39.14 59.11
C ARG B 485 15.42 -40.15 60.18
N LYS B 486 14.13 -40.17 60.53
CA LYS B 486 13.60 -41.09 61.52
C LYS B 486 12.78 -42.17 60.83
N ASN B 487 12.49 -43.24 61.58
CA ASN B 487 11.65 -44.37 61.18
C ASN B 487 11.84 -44.74 59.71
N THR B 488 13.11 -44.89 59.33
CA THR B 488 13.44 -45.20 57.94
C THR B 488 12.95 -46.61 57.58
N PRO B 489 12.22 -46.77 56.48
CA PRO B 489 11.82 -48.12 56.06
C PRO B 489 13.03 -48.97 55.73
N ILE B 490 13.24 -50.02 56.52
CA ILE B 490 14.38 -50.91 56.36
C ILE B 490 13.95 -52.11 55.54
N ASP B 491 14.64 -52.34 54.42
CA ASP B 491 14.34 -53.46 53.56
C ASP B 491 14.82 -54.76 54.20
N GLY B 492 13.94 -55.75 54.27
CA GLY B 492 14.30 -57.01 54.88
C GLY B 492 15.32 -57.78 54.05
N LYS B 493 16.27 -58.41 54.73
CA LYS B 493 17.31 -59.20 54.09
C LYS B 493 17.31 -60.60 54.67
N TRP B 494 17.73 -61.56 53.85
CA TRP B 494 17.75 -62.95 54.26
C TRP B 494 19.10 -63.33 54.87
N ASN B 495 19.08 -64.28 55.79
CA ASN B 495 20.28 -64.76 56.44
C ASN B 495 20.85 -65.96 55.68
N CYS B 496 21.81 -66.65 56.27
CA CYS B 496 22.43 -67.80 55.64
C CYS B 496 21.48 -69.00 55.70
N TRP B 497 21.29 -69.65 54.55
CA TRP B 497 20.44 -70.84 54.50
C TRP B 497 21.12 -72.01 55.20
N SER B 498 20.33 -72.83 55.88
CA SER B 498 20.86 -73.95 56.63
C SER B 498 21.42 -75.01 55.69
N ASN B 499 22.22 -75.91 56.26
CA ASN B 499 22.85 -76.96 55.47
C ASN B 499 21.82 -78.03 55.07
N TRP B 500 22.20 -78.82 54.08
CA TRP B 500 21.33 -79.88 53.59
C TRP B 500 21.28 -81.04 54.57
N SER B 501 20.16 -81.78 54.55
CA SER B 501 20.00 -82.95 55.39
C SER B 501 20.63 -84.17 54.71
N SER B 502 21.13 -85.10 55.53
CA SER B 502 21.84 -86.27 55.03
C SER B 502 20.82 -87.29 54.51
N CYS B 503 20.34 -87.05 53.30
CA CYS B 503 19.51 -87.96 52.50
C CYS B 503 18.13 -88.21 53.11
N SER B 504 17.81 -87.61 54.26
CA SER B 504 16.50 -87.77 54.87
C SER B 504 15.46 -86.83 54.27
N GLY B 505 15.76 -86.22 53.14
CA GLY B 505 14.89 -85.23 52.54
C GLY B 505 15.49 -83.85 52.65
N ARG B 506 16.11 -83.37 51.56
CA ARG B 506 16.87 -82.14 51.61
C ARG B 506 15.94 -80.94 51.61
N ARG B 507 16.04 -80.13 52.66
CA ARG B 507 15.30 -78.88 52.77
C ARG B 507 16.16 -77.85 53.49
N LYS B 508 16.06 -76.60 53.05
CA LYS B 508 16.81 -75.51 53.64
C LYS B 508 15.86 -74.51 54.27
N THR B 509 16.30 -73.91 55.38
CA THR B 509 15.54 -72.88 56.08
C THR B 509 16.18 -71.52 55.84
N ARG B 510 15.36 -70.48 55.87
CA ARG B 510 15.83 -69.13 55.62
C ARG B 510 14.91 -68.14 56.32
N GLN B 511 15.50 -67.25 57.11
CA GLN B 511 14.76 -66.24 57.84
C GLN B 511 15.11 -64.84 57.32
N ARG B 512 14.10 -64.00 57.19
CA ARG B 512 14.30 -62.63 56.70
C ARG B 512 14.53 -61.67 57.87
N GLN B 513 15.55 -61.99 58.67
CA GLN B 513 15.91 -61.19 59.82
C GLN B 513 17.03 -60.22 59.50
N SER B 527 14.37 -60.94 51.53
CA SER B 527 13.05 -61.19 50.97
C SER B 527 13.12 -62.20 49.83
N GLY B 528 14.12 -63.09 49.89
CA GLY B 528 14.30 -64.09 48.88
C GLY B 528 13.51 -65.35 49.16
N PRO B 529 13.42 -66.24 48.18
CA PRO B 529 12.68 -67.50 48.38
C PRO B 529 13.34 -68.42 49.39
N ALA B 530 12.68 -69.51 49.73
CA ALA B 530 13.20 -70.47 50.70
C ALA B 530 12.54 -71.83 50.44
N SER B 531 12.78 -72.77 51.35
CA SER B 531 12.20 -74.12 51.26
C SER B 531 12.61 -74.82 49.96
N GLU B 532 13.90 -74.77 49.66
CA GLU B 532 14.43 -75.47 48.50
C GLU B 532 14.59 -76.96 48.80
N THR B 533 14.36 -77.78 47.79
CA THR B 533 14.36 -79.22 47.95
C THR B 533 15.18 -79.89 46.86
N LEU B 534 15.82 -81.00 47.21
CA LEU B 534 16.57 -81.81 46.26
C LEU B 534 16.39 -83.28 46.64
N ASP B 535 16.01 -84.10 45.65
CA ASP B 535 15.82 -85.52 45.91
C ASP B 535 17.16 -86.23 46.06
N CYS B 536 17.22 -87.15 47.01
CA CYS B 536 18.45 -87.90 47.27
C CYS B 536 18.56 -89.11 46.36
N SER C 1 -2.72 -62.67 45.63
CA SER C 1 -2.66 -63.80 44.72
C SER C 1 -1.99 -65.01 45.38
N SER C 2 -2.01 -66.14 44.69
CA SER C 2 -1.44 -67.37 45.22
C SER C 2 -0.19 -67.75 44.43
N PRO C 3 0.99 -67.73 45.05
CA PRO C 3 2.20 -68.12 44.33
C PRO C 3 2.21 -69.62 44.05
N VAL C 4 2.88 -69.99 42.95
CA VAL C 4 2.95 -71.38 42.50
C VAL C 4 4.40 -71.77 42.38
N ASN C 5 4.80 -72.80 43.12
CA ASN C 5 6.15 -73.33 43.06
C ASN C 5 6.22 -74.49 42.07
N CYS C 6 7.38 -74.64 41.44
CA CYS C 6 7.53 -75.67 40.43
C CYS C 6 7.64 -77.05 41.07
N GLN C 7 7.22 -78.07 40.32
CA GLN C 7 7.27 -79.46 40.79
C GLN C 7 7.26 -80.37 39.58
N TRP C 8 8.34 -81.13 39.40
CA TRP C 8 8.48 -82.02 38.25
C TRP C 8 8.29 -83.46 38.68
N ASP C 9 7.74 -84.26 37.77
CA ASP C 9 7.54 -85.68 38.00
C ASP C 9 8.83 -86.44 37.73
N PHE C 10 8.77 -87.77 37.89
CA PHE C 10 9.93 -88.60 37.62
C PHE C 10 10.33 -88.51 36.15
N TYR C 11 11.62 -88.68 35.90
CA TYR C 11 12.16 -88.55 34.55
C TYR C 11 11.66 -89.65 33.63
N ALA C 12 11.77 -89.40 32.33
CA ALA C 12 11.34 -90.37 31.33
C ALA C 12 12.22 -91.61 31.37
N PRO C 13 11.75 -92.72 30.80
CA PRO C 13 12.57 -93.94 30.74
C PRO C 13 13.89 -93.71 30.02
N TRP C 14 14.80 -94.66 30.21
CA TRP C 14 16.16 -94.51 29.72
C TRP C 14 16.21 -94.69 28.20
N SER C 15 17.24 -94.11 27.59
CA SER C 15 17.48 -94.18 26.16
C SER C 15 18.81 -94.89 25.90
N GLU C 16 19.14 -95.02 24.62
CA GLU C 16 20.37 -95.69 24.21
C GLU C 16 21.51 -94.68 24.06
N CYS C 17 22.70 -95.21 23.85
CA CYS C 17 23.91 -94.39 23.70
C CYS C 17 24.79 -94.98 22.60
N ASN C 18 25.17 -94.14 21.64
CA ASN C 18 26.01 -94.59 20.54
C ASN C 18 27.03 -93.58 20.07
N GLY C 19 27.43 -92.66 20.95
CA GLY C 19 28.35 -91.59 20.61
C GLY C 19 29.75 -91.79 21.19
N CYS C 20 30.08 -93.00 21.65
CA CYS C 20 31.37 -93.32 22.24
C CYS C 20 31.62 -92.52 23.52
N THR C 21 30.61 -91.75 23.95
CA THR C 21 30.63 -90.97 25.18
C THR C 21 29.38 -91.30 25.98
N LYS C 22 29.15 -92.60 26.19
CA LYS C 22 27.91 -93.15 26.71
C LYS C 22 27.32 -92.32 27.84
N THR C 23 26.03 -92.02 27.72
CA THR C 23 25.31 -91.24 28.73
C THR C 23 23.82 -91.52 28.56
N GLN C 24 23.20 -92.10 29.59
CA GLN C 24 21.78 -92.40 29.54
C GLN C 24 20.98 -91.11 29.50
N THR C 25 20.34 -90.83 28.37
CA THR C 25 19.51 -89.64 28.23
C THR C 25 18.26 -89.80 29.08
N ARG C 26 18.17 -89.04 30.17
CA ARG C 26 17.04 -89.10 31.09
C ARG C 26 16.43 -87.70 31.18
N ARG C 27 15.49 -87.43 30.27
CA ARG C 27 14.81 -86.14 30.25
C ARG C 27 13.58 -86.19 31.15
N ARG C 28 13.20 -85.02 31.66
CA ARG C 28 12.04 -84.88 32.52
C ARG C 28 11.20 -83.70 32.04
N SER C 29 9.99 -83.61 32.56
CA SER C 29 9.05 -82.54 32.22
C SER C 29 8.53 -81.90 33.48
N VAL C 30 8.53 -80.57 33.50
CA VAL C 30 8.05 -79.81 34.66
C VAL C 30 6.53 -79.70 34.52
N ALA C 31 5.79 -80.53 35.26
CA ALA C 31 4.34 -80.56 35.13
C ALA C 31 3.69 -79.29 35.67
N VAL C 32 4.33 -78.60 36.61
CA VAL C 32 3.79 -77.40 37.22
C VAL C 32 4.84 -76.31 37.14
N TYR C 33 4.56 -75.26 36.36
CA TYR C 33 5.49 -74.17 36.20
C TYR C 33 5.34 -73.16 37.34
N GLY C 34 6.41 -72.39 37.57
CA GLY C 34 6.37 -71.35 38.56
C GLY C 34 5.60 -70.12 38.08
N GLN C 35 5.12 -69.34 39.06
CA GLN C 35 4.33 -68.17 38.75
C GLN C 35 4.35 -67.23 39.95
N TYR C 36 4.07 -65.95 39.67
CA TYR C 36 4.00 -64.91 40.70
C TYR C 36 5.33 -64.74 41.42
N GLY C 37 6.43 -64.84 40.67
CA GLY C 37 7.75 -64.65 41.22
C GLY C 37 8.14 -65.65 42.29
N GLY C 38 7.52 -66.82 42.30
CA GLY C 38 7.82 -67.84 43.29
C GLY C 38 9.10 -68.60 42.95
N GLN C 39 9.23 -69.76 43.57
CA GLN C 39 10.36 -70.66 43.36
C GLN C 39 10.45 -71.07 41.90
N PRO C 40 11.46 -70.61 41.15
CA PRO C 40 11.59 -71.02 39.75
C PRO C 40 11.76 -72.53 39.60
N CYS C 41 12.82 -73.06 40.18
CA CYS C 41 13.09 -74.49 40.37
C CYS C 41 14.43 -74.60 41.10
N VAL C 42 14.77 -75.81 41.52
CA VAL C 42 16.03 -76.09 42.21
C VAL C 42 16.81 -77.19 41.50
N GLY C 43 16.15 -78.29 41.16
CA GLY C 43 16.85 -79.41 40.55
C GLY C 43 17.04 -79.25 39.06
N ASN C 44 18.13 -79.84 38.57
CA ASN C 44 18.44 -79.77 37.15
C ASN C 44 17.51 -80.68 36.35
N ALA C 45 17.37 -80.37 35.06
CA ALA C 45 16.46 -81.13 34.20
C ALA C 45 17.11 -82.44 33.73
N PHE C 46 18.24 -82.33 33.04
CA PHE C 46 18.87 -83.50 32.44
C PHE C 46 19.74 -84.25 33.45
N GLU C 47 19.99 -85.51 33.15
CA GLU C 47 20.79 -86.38 34.00
C GLU C 47 21.69 -87.24 33.12
N THR C 48 22.99 -87.19 33.37
CA THR C 48 23.98 -87.95 32.60
C THR C 48 24.63 -88.98 33.52
N GLN C 49 24.41 -90.26 33.22
CA GLN C 49 24.97 -91.36 34.00
C GLN C 49 25.65 -92.34 33.04
N SER C 50 26.16 -93.44 33.60
CA SER C 50 26.82 -94.46 32.80
C SER C 50 25.81 -95.17 31.91
N CYS C 51 26.30 -95.63 30.75
CA CYS C 51 25.47 -96.30 29.77
C CYS C 51 26.26 -97.43 29.12
N GLU C 52 25.54 -98.32 28.46
CA GLU C 52 26.16 -99.44 27.76
C GLU C 52 26.07 -99.23 26.25
N PRO C 53 27.18 -99.08 25.54
CA PRO C 53 27.13 -98.88 24.09
C PRO C 53 26.62 -100.13 23.39
N THR C 54 25.55 -99.99 22.61
CA THR C 54 24.97 -101.08 21.85
C THR C 54 25.32 -101.00 20.37
N ARG C 55 25.05 -99.87 19.72
CA ARG C 55 25.37 -99.66 18.32
C ARG C 55 26.67 -98.89 18.18
N GLY C 56 27.39 -99.16 17.09
CA GLY C 56 28.66 -98.52 16.86
C GLY C 56 28.51 -97.03 16.59
N CYS C 57 29.56 -96.29 16.92
CA CYS C 57 29.55 -94.85 16.71
C CYS C 57 29.66 -94.52 15.23
N PRO C 58 29.03 -93.44 14.77
CA PRO C 58 29.11 -93.07 13.35
C PRO C 58 30.45 -92.40 13.03
N THR C 59 31.12 -92.90 12.01
CA THR C 59 32.39 -92.33 11.59
C THR C 59 32.16 -91.02 10.82
N GLU C 60 33.25 -90.30 10.59
CA GLU C 60 33.18 -89.03 9.87
C GLU C 60 32.77 -89.26 8.42
N GLU C 61 32.15 -88.25 7.83
CA GLU C 61 31.69 -88.34 6.46
C GLU C 61 32.86 -88.33 5.49
N GLY C 62 32.74 -89.09 4.41
CA GLY C 62 33.78 -89.18 3.40
C GLY C 62 34.08 -87.87 2.72
N CYS C 63 35.34 -87.41 2.80
CA CYS C 63 35.76 -86.17 2.18
C CYS C 63 36.35 -86.51 0.81
N GLY C 64 35.47 -86.66 -0.17
CA GLY C 64 35.87 -87.08 -1.50
C GLY C 64 36.35 -85.96 -2.41
N GLU C 65 37.59 -86.09 -2.89
CA GLU C 65 38.22 -85.17 -3.85
C GLU C 65 38.00 -83.71 -3.47
N ARG C 66 37.93 -83.42 -2.17
CA ARG C 66 37.76 -82.06 -1.67
C ARG C 66 38.83 -81.78 -0.64
N PHE C 67 39.51 -80.64 -0.78
CA PHE C 67 40.57 -80.27 0.15
C PHE C 67 39.96 -79.88 1.50
N ARG C 68 40.29 -80.66 2.53
CA ARG C 68 39.69 -80.46 3.84
C ARG C 68 40.23 -79.20 4.51
N CYS C 69 39.41 -78.62 5.39
CA CYS C 69 39.76 -77.42 6.15
C CYS C 69 40.22 -77.81 7.55
N PHE C 70 40.54 -76.77 8.34
CA PHE C 70 40.94 -77.00 9.73
C PHE C 70 39.80 -77.58 10.54
N SER C 71 38.56 -77.15 10.26
CA SER C 71 37.41 -77.67 11.00
C SER C 71 36.89 -78.96 10.39
N GLY C 72 36.82 -79.03 9.06
CA GLY C 72 36.37 -80.24 8.40
C GLY C 72 35.41 -79.99 7.25
N GLN C 73 35.13 -78.72 6.94
CA GLN C 73 34.26 -78.37 5.83
C GLN C 73 35.00 -78.60 4.52
N CYS C 74 34.63 -79.67 3.81
CA CYS C 74 35.28 -80.02 2.56
C CYS C 74 34.63 -79.26 1.41
N ILE C 75 35.41 -78.45 0.72
CA ILE C 75 34.92 -77.63 -0.39
C ILE C 75 35.65 -78.05 -1.66
N SER C 76 35.07 -77.65 -2.79
CA SER C 76 35.63 -78.01 -4.09
C SER C 76 37.00 -77.37 -4.29
N LYS C 77 37.79 -77.97 -5.19
CA LYS C 77 39.12 -77.48 -5.49
C LYS C 77 39.13 -76.32 -6.47
N SER C 78 37.96 -75.84 -6.89
CA SER C 78 37.91 -74.68 -7.79
C SER C 78 38.41 -73.42 -7.11
N LEU C 79 38.28 -73.34 -5.79
CA LEU C 79 38.69 -72.18 -5.02
C LEU C 79 40.16 -72.21 -4.60
N VAL C 80 40.93 -73.17 -5.12
CA VAL C 80 42.34 -73.29 -4.73
C VAL C 80 43.10 -72.07 -5.21
N CYS C 81 43.75 -71.37 -4.27
CA CYS C 81 44.57 -70.19 -4.57
C CYS C 81 43.74 -69.11 -5.27
N ASN C 82 42.59 -68.80 -4.68
CA ASN C 82 41.71 -67.76 -5.20
C ASN C 82 41.99 -66.40 -4.57
N GLY C 83 42.94 -66.31 -3.65
CA GLY C 83 43.30 -65.04 -3.05
C GLY C 83 42.20 -64.40 -2.23
N ASP C 84 41.37 -65.21 -1.58
CA ASP C 84 40.28 -64.70 -0.76
C ASP C 84 39.96 -65.74 0.31
N SER C 85 38.88 -65.50 1.07
CA SER C 85 38.43 -66.44 2.10
C SER C 85 37.78 -67.64 1.40
N ASP C 86 38.62 -68.58 1.01
CA ASP C 86 38.15 -69.75 0.26
C ASP C 86 37.32 -70.67 1.16
N CYS C 87 37.89 -71.08 2.29
CA CYS C 87 37.18 -72.01 3.17
C CYS C 87 35.98 -71.36 3.84
N ASP C 88 36.00 -70.03 3.99
CA ASP C 88 34.91 -69.23 4.55
C ASP C 88 34.82 -69.41 6.06
N GLU C 89 35.60 -70.32 6.64
CA GLU C 89 35.69 -70.48 8.08
C GLU C 89 37.06 -70.08 8.62
N ASP C 90 38.13 -70.56 8.00
CA ASP C 90 39.49 -70.21 8.41
C ASP C 90 40.38 -70.16 7.17
N SER C 91 41.59 -69.67 7.36
CA SER C 91 42.60 -69.62 6.30
C SER C 91 43.59 -70.78 6.40
N ALA C 92 43.13 -71.94 6.87
CA ALA C 92 44.02 -73.08 7.09
C ALA C 92 44.76 -73.47 5.82
N ASP C 93 44.03 -73.68 4.73
CA ASP C 93 44.63 -74.17 3.50
C ASP C 93 45.66 -73.21 2.93
N GLU C 94 45.20 -72.03 2.49
CA GLU C 94 46.03 -70.92 2.04
C GLU C 94 46.81 -71.25 0.77
N ASP C 95 46.81 -72.53 0.37
CA ASP C 95 47.35 -73.01 -0.89
C ASP C 95 48.74 -72.47 -1.22
N ARG C 96 49.49 -72.01 -0.21
CA ARG C 96 50.70 -71.23 -0.41
C ARG C 96 50.53 -70.22 -1.55
N CYS C 97 49.39 -69.53 -1.53
CA CYS C 97 48.93 -68.73 -2.66
C CYS C 97 49.62 -67.36 -2.65
N GLU C 98 50.92 -67.40 -2.95
CA GLU C 98 51.67 -66.16 -3.11
C GLU C 98 51.36 -65.52 -4.46
N ASP C 99 51.56 -66.26 -5.54
CA ASP C 99 51.21 -65.81 -6.89
C ASP C 99 49.71 -65.96 -7.06
N SER C 100 48.97 -64.91 -6.69
CA SER C 100 47.52 -64.92 -6.76
C SER C 100 47.08 -64.50 -8.15
N GLU C 101 46.49 -65.43 -8.90
CA GLU C 101 46.08 -65.17 -10.26
C GLU C 101 44.68 -64.56 -10.29
N ARG C 102 44.27 -64.14 -11.49
CA ARG C 102 42.92 -63.64 -11.78
C ARG C 102 42.57 -62.36 -11.03
N ARG C 103 43.55 -61.71 -10.40
CA ARG C 103 43.33 -60.50 -9.61
C ARG C 103 42.23 -60.73 -8.60
N PRO C 104 42.51 -61.44 -7.50
CA PRO C 104 41.44 -61.84 -6.56
C PRO C 104 40.53 -60.70 -6.16
N SER C 105 39.23 -61.00 -6.12
CA SER C 105 38.14 -60.09 -5.75
C SER C 105 37.97 -58.92 -6.71
N CYS C 106 38.73 -58.89 -7.81
CA CYS C 106 38.68 -57.85 -8.84
C CYS C 106 38.51 -56.45 -8.25
N ASP C 107 39.28 -56.15 -7.20
CA ASP C 107 39.30 -54.84 -6.55
C ASP C 107 37.97 -54.48 -5.90
N ILE C 108 37.11 -55.46 -5.63
CA ILE C 108 35.90 -55.22 -4.86
C ILE C 108 36.24 -55.30 -3.38
N ASP C 109 35.82 -54.29 -2.62
CA ASP C 109 36.27 -54.11 -1.25
C ASP C 109 35.31 -54.70 -0.22
N LYS C 110 34.04 -54.27 -0.24
CA LYS C 110 33.21 -54.58 0.90
C LYS C 110 31.98 -55.40 0.51
N PRO C 111 31.52 -56.27 1.41
CA PRO C 111 30.19 -56.87 1.26
C PRO C 111 29.14 -55.94 1.83
N PRO C 112 27.87 -56.35 1.90
CA PRO C 112 26.89 -55.57 2.67
C PRO C 112 27.35 -55.35 4.09
N PRO C 113 26.87 -54.27 4.75
CA PRO C 113 27.47 -53.84 6.02
C PRO C 113 27.59 -54.92 7.09
N ASN C 114 26.47 -55.56 7.44
CA ASN C 114 26.43 -56.50 8.54
C ASN C 114 25.70 -57.77 8.13
N ILE C 115 26.09 -58.34 6.99
CA ILE C 115 25.52 -59.60 6.51
C ILE C 115 25.67 -60.71 7.54
N GLU C 116 26.56 -60.55 8.52
CA GLU C 116 26.69 -61.53 9.59
C GLU C 116 25.41 -61.62 10.42
N LEU C 117 24.69 -60.51 10.58
CA LEU C 117 23.39 -60.57 11.24
C LEU C 117 22.38 -61.32 10.38
N THR C 118 22.48 -61.19 9.06
CA THR C 118 21.62 -61.97 8.18
C THR C 118 21.92 -63.46 8.30
N GLY C 119 23.19 -63.80 8.53
CA GLY C 119 23.55 -65.18 8.76
C GLY C 119 23.07 -65.74 10.07
N ASN C 120 22.67 -64.89 11.01
CA ASN C 120 22.24 -65.34 12.32
C ASN C 120 20.88 -66.03 12.25
N GLY C 121 20.65 -66.95 13.18
CA GLY C 121 19.39 -67.65 13.29
C GLY C 121 18.30 -66.77 13.90
N TYR C 122 17.17 -67.41 14.16
CA TYR C 122 16.00 -66.74 14.71
C TYR C 122 15.23 -67.67 15.63
N ASN C 123 14.71 -67.11 16.72
CA ASN C 123 13.83 -67.82 17.64
C ASN C 123 12.49 -67.09 17.69
N GLU C 124 11.41 -67.86 17.77
CA GLU C 124 10.06 -67.31 17.66
C GLU C 124 9.39 -67.08 19.01
N LEU C 125 9.49 -68.05 19.93
CA LEU C 125 8.79 -67.94 21.20
C LEU C 125 9.49 -67.02 22.19
N THR C 126 10.77 -66.69 21.95
CA THR C 126 11.52 -65.82 22.85
C THR C 126 11.77 -64.44 22.28
N GLY C 127 11.54 -64.22 20.98
CA GLY C 127 11.77 -62.92 20.38
C GLY C 127 13.23 -62.49 20.33
N GLN C 128 14.17 -63.35 20.71
CA GLN C 128 15.58 -63.04 20.69
C GLN C 128 16.28 -63.83 19.60
N PHE C 129 17.18 -63.18 18.88
CA PHE C 129 17.88 -63.81 17.77
C PHE C 129 18.90 -64.82 18.30
N ARG C 130 19.44 -65.61 17.37
CA ARG C 130 20.40 -66.66 17.72
C ARG C 130 21.69 -66.54 16.92
N ASN C 131 22.53 -67.56 17.00
CA ASN C 131 23.87 -67.49 16.46
C ASN C 131 23.88 -67.62 14.94
N ARG C 132 25.03 -67.28 14.35
CA ARG C 132 25.23 -67.40 12.92
C ARG C 132 25.27 -68.87 12.51
N VAL C 133 24.44 -69.24 11.54
CA VAL C 133 24.30 -70.62 11.08
C VAL C 133 24.68 -70.76 9.61
N ILE C 134 24.13 -69.91 8.75
CA ILE C 134 24.40 -69.94 7.32
C ILE C 134 25.53 -68.98 7.01
N ASN C 135 26.61 -69.51 6.45
CA ASN C 135 27.78 -68.69 6.11
C ASN C 135 27.46 -67.89 4.86
N THR C 136 26.88 -66.71 5.06
CA THR C 136 26.60 -65.80 3.97
C THR C 136 27.85 -65.08 3.46
N LYS C 137 28.95 -65.15 4.20
CA LYS C 137 30.20 -64.52 3.79
C LYS C 137 30.91 -65.28 2.68
N SER C 138 30.36 -66.40 2.23
CA SER C 138 30.96 -67.15 1.13
C SER C 138 30.96 -66.32 -0.15
N PHE C 139 31.74 -66.78 -1.12
CA PHE C 139 31.78 -66.14 -2.43
C PHE C 139 31.69 -67.10 -3.60
N GLY C 140 32.08 -68.36 -3.44
CA GLY C 140 32.04 -69.33 -4.52
C GLY C 140 32.93 -68.99 -5.70
N GLY C 141 33.77 -67.97 -5.53
CA GLY C 141 34.62 -67.49 -6.60
C GLY C 141 33.91 -66.52 -7.54
N GLN C 142 32.59 -66.64 -7.63
CA GLN C 142 31.78 -65.82 -8.52
C GLN C 142 31.58 -64.45 -7.86
N CYS C 143 32.43 -63.49 -8.26
CA CYS C 143 32.32 -62.14 -7.75
C CYS C 143 31.11 -61.45 -8.36
N ARG C 144 30.14 -61.10 -7.52
CA ARG C 144 28.90 -60.45 -7.94
C ARG C 144 28.99 -58.99 -7.49
N LYS C 145 29.35 -58.11 -8.42
CA LYS C 145 29.60 -56.71 -8.13
C LYS C 145 28.29 -55.93 -8.17
N VAL C 146 27.60 -55.88 -7.03
CA VAL C 146 26.39 -55.09 -6.92
C VAL C 146 26.76 -53.61 -6.83
N PHE C 147 26.06 -52.79 -7.61
CA PHE C 147 26.40 -51.38 -7.76
C PHE C 147 26.07 -50.59 -6.49
N SER C 148 26.30 -49.28 -6.57
CA SER C 148 26.05 -48.37 -5.45
C SER C 148 24.55 -48.17 -5.27
N GLY C 149 23.99 -48.75 -4.21
CA GLY C 149 22.61 -48.47 -3.86
C GLY C 149 22.47 -47.96 -2.45
N ASP C 150 22.12 -46.68 -2.31
CA ASP C 150 21.91 -46.04 -1.00
C ASP C 150 23.08 -46.30 -0.06
N GLY C 151 24.30 -46.20 -0.58
CA GLY C 151 25.47 -46.49 0.22
C GLY C 151 26.78 -46.07 -0.41
N LYS C 152 27.81 -46.91 -0.24
CA LYS C 152 29.15 -46.61 -0.73
C LYS C 152 29.25 -46.92 -2.22
N ASP C 153 30.49 -46.94 -2.73
CA ASP C 153 30.70 -47.11 -4.16
C ASP C 153 30.22 -48.47 -4.64
N PHE C 154 30.65 -49.54 -3.99
CA PHE C 154 30.28 -50.88 -4.42
C PHE C 154 30.24 -51.83 -3.23
N TYR C 155 29.34 -52.80 -3.32
CA TYR C 155 29.25 -53.90 -2.37
C TYR C 155 29.56 -55.20 -3.10
N ARG C 156 29.64 -56.29 -2.33
CA ARG C 156 29.95 -57.61 -2.89
C ARG C 156 28.91 -58.61 -2.43
N LEU C 157 28.27 -59.29 -3.38
CA LEU C 157 27.26 -60.28 -3.08
C LEU C 157 27.89 -61.66 -2.92
N SER C 158 27.05 -62.69 -2.83
CA SER C 158 27.53 -64.05 -2.62
C SER C 158 26.67 -65.01 -3.43
N GLY C 159 27.15 -66.26 -3.54
CA GLY C 159 26.38 -67.28 -4.22
C GLY C 159 25.19 -67.74 -3.42
N ASN C 160 25.33 -67.82 -2.10
CA ASN C 160 24.22 -68.26 -1.26
C ASN C 160 23.10 -67.21 -1.23
N VAL C 161 23.46 -65.94 -1.15
CA VAL C 161 22.46 -64.87 -1.20
C VAL C 161 21.90 -64.78 -2.62
N LEU C 162 20.57 -64.81 -2.73
CA LEU C 162 19.92 -64.84 -4.03
C LEU C 162 19.66 -63.46 -4.60
N SER C 163 19.50 -62.44 -3.76
CA SER C 163 19.12 -61.13 -4.26
C SER C 163 19.57 -60.04 -3.29
N TYR C 164 19.84 -58.87 -3.85
CA TYR C 164 20.03 -57.64 -3.10
C TYR C 164 19.19 -56.57 -3.78
N THR C 165 18.33 -55.90 -3.02
CA THR C 165 17.33 -55.02 -3.58
C THR C 165 17.56 -53.59 -3.11
N PHE C 166 17.20 -52.63 -3.96
CA PHE C 166 17.43 -51.21 -3.73
C PHE C 166 16.14 -50.42 -3.90
N GLN C 167 15.06 -50.91 -3.30
CA GLN C 167 13.77 -50.24 -3.34
C GLN C 167 13.48 -49.62 -1.99
N VAL C 168 13.02 -48.36 -1.99
CA VAL C 168 12.82 -47.59 -0.78
C VAL C 168 11.35 -47.56 -0.44
N LYS C 169 11.02 -47.91 0.80
CA LYS C 169 9.66 -47.78 1.31
C LYS C 169 9.73 -47.58 2.82
N ILE C 170 8.89 -46.66 3.31
CA ILE C 170 8.91 -46.30 4.73
C ILE C 170 7.50 -45.91 5.15
N ASN C 171 7.09 -46.39 6.32
CA ASN C 171 5.77 -46.13 6.87
C ASN C 171 5.89 -45.27 8.13
N ASN C 172 4.89 -44.42 8.36
CA ASN C 172 4.89 -43.53 9.50
C ASN C 172 3.48 -43.44 10.07
N ASP C 173 3.37 -42.97 11.31
CA ASP C 173 2.10 -42.87 12.00
C ASP C 173 2.14 -41.75 13.02
N PHE C 174 0.99 -41.11 13.24
CA PHE C 174 0.87 -40.04 14.22
C PHE C 174 -0.55 -40.06 14.77
N ASN C 175 -0.68 -40.26 16.08
CA ASN C 175 -1.99 -40.31 16.74
C ASN C 175 -1.93 -39.36 17.94
N TYR C 176 -2.22 -38.08 17.69
CA TYR C 176 -2.18 -37.06 18.73
C TYR C 176 -3.56 -36.88 19.36
N GLU C 177 -3.58 -36.78 20.69
CA GLU C 177 -4.80 -36.56 21.43
C GLU C 177 -4.57 -35.47 22.47
N PHE C 178 -5.51 -34.54 22.58
CA PHE C 178 -5.41 -33.43 23.51
C PHE C 178 -6.73 -33.26 24.25
N TYR C 179 -6.68 -33.28 25.57
CA TYR C 179 -7.84 -33.06 26.43
C TYR C 179 -7.49 -32.02 27.49
N ASN C 180 -8.50 -31.25 27.90
CA ASN C 180 -8.33 -30.33 29.03
C ASN C 180 -9.70 -30.02 29.60
N SER C 181 -9.98 -30.52 30.81
CA SER C 181 -11.20 -30.24 31.53
C SER C 181 -11.00 -29.09 32.51
N THR C 182 -12.12 -28.57 33.01
CA THR C 182 -12.09 -27.46 33.95
C THR C 182 -13.30 -27.56 34.86
N TRP C 183 -13.17 -27.01 36.07
CA TRP C 183 -14.26 -26.96 37.03
C TRP C 183 -14.20 -25.63 37.78
N SER C 184 -15.35 -25.01 37.97
CA SER C 184 -15.42 -23.73 38.68
C SER C 184 -16.81 -23.60 39.30
N TYR C 185 -16.90 -23.83 40.60
CA TYR C 185 -18.14 -23.70 41.35
C TYR C 185 -17.95 -22.66 42.45
N VAL C 186 -18.94 -21.79 42.61
CA VAL C 186 -18.91 -20.73 43.63
C VAL C 186 -20.28 -20.65 44.27
N LYS C 187 -20.31 -20.65 45.60
CA LYS C 187 -21.55 -20.55 46.35
C LYS C 187 -21.35 -19.60 47.52
N HIS C 188 -22.33 -18.72 47.73
CA HIS C 188 -22.27 -17.74 48.80
C HIS C 188 -23.67 -17.52 49.37
N THR C 189 -23.73 -17.33 50.69
CA THR C 189 -24.99 -17.09 51.38
C THR C 189 -24.76 -16.09 52.49
N SER C 190 -25.81 -15.30 52.78
CA SER C 190 -25.75 -14.29 53.82
C SER C 190 -27.13 -14.12 54.44
N THR C 191 -27.17 -14.01 55.77
CA THR C 191 -28.43 -13.85 56.49
C THR C 191 -28.19 -12.92 57.68
N GLU C 192 -28.99 -11.86 57.77
CA GLU C 192 -28.90 -10.91 58.87
C GLU C 192 -30.30 -10.57 59.36
N HIS C 193 -30.48 -10.61 60.68
CA HIS C 193 -31.77 -10.33 61.29
C HIS C 193 -31.56 -9.51 62.55
N THR C 194 -32.39 -8.47 62.72
CA THR C 194 -32.32 -7.60 63.88
C THR C 194 -33.73 -7.24 64.33
N SER C 195 -33.90 -7.10 65.64
CA SER C 195 -35.19 -6.73 66.21
C SER C 195 -34.95 -5.97 67.51
N SER C 196 -35.69 -4.87 67.69
CA SER C 196 -35.57 -4.05 68.88
C SER C 196 -36.96 -3.55 69.28
N SER C 197 -37.32 -3.77 70.54
CA SER C 197 -38.62 -3.36 71.07
C SER C 197 -38.40 -2.57 72.35
N ARG C 198 -39.06 -1.41 72.45
CA ARG C 198 -38.95 -0.54 73.61
C ARG C 198 -40.34 -0.07 74.02
N LYS C 199 -40.71 -0.35 75.27
CA LYS C 199 -42.01 0.03 75.80
C LYS C 199 -41.82 0.64 77.17
N ARG C 200 -42.50 1.77 77.40
CA ARG C 200 -42.46 2.46 78.73
C ARG C 200 -43.88 2.59 79.28
N SER C 201 -44.14 1.95 80.42
CA SER C 201 -45.46 2.02 81.11
C SER C 201 -45.19 2.17 82.62
N PHE C 202 -44.60 3.33 82.99
CA PHE C 202 -44.15 3.77 84.34
C PHE C 202 -42.78 3.20 84.68
N PHE C 203 -42.19 2.43 83.74
CA PHE C 203 -40.85 1.81 83.85
C PHE C 203 -40.24 1.84 82.44
N ARG C 204 -38.93 2.03 82.33
CA ARG C 204 -38.29 2.10 81.02
C ARG C 204 -37.68 0.75 80.69
N SER C 205 -37.94 0.26 79.48
CA SER C 205 -37.44 -1.03 79.04
C SER C 205 -36.94 -0.91 77.61
N SER C 206 -35.76 -1.48 77.34
CA SER C 206 -35.15 -1.45 76.02
C SER C 206 -34.48 -2.78 75.74
N SER C 207 -34.66 -3.29 74.53
CA SER C 207 -34.07 -4.55 74.11
C SER C 207 -33.53 -4.43 72.70
N SER C 208 -32.37 -5.02 72.45
CA SER C 208 -31.73 -4.99 71.14
C SER C 208 -31.12 -6.34 70.85
N SER C 209 -31.35 -6.84 69.63
CA SER C 209 -30.81 -8.12 69.21
C SER C 209 -30.38 -8.02 67.75
N SER C 210 -29.19 -8.54 67.46
CA SER C 210 -28.65 -8.52 66.10
C SER C 210 -27.92 -9.83 65.84
N ARG C 211 -28.18 -10.41 64.68
CA ARG C 211 -27.55 -11.67 64.29
C ARG C 211 -27.11 -11.58 62.83
N SER C 212 -25.89 -12.04 62.57
CA SER C 212 -25.33 -12.00 61.23
C SER C 212 -24.69 -13.35 60.91
N TYR C 213 -24.96 -13.87 59.72
CA TYR C 213 -24.41 -15.15 59.29
C TYR C 213 -24.03 -15.05 57.82
N THR C 214 -22.79 -15.42 57.51
CA THR C 214 -22.29 -15.40 56.14
C THR C 214 -21.37 -16.59 55.93
N SER C 215 -21.65 -17.36 54.87
CA SER C 215 -20.85 -18.53 54.54
C SER C 215 -20.56 -18.54 53.05
N HIS C 216 -19.33 -18.90 52.69
CA HIS C 216 -18.90 -18.95 51.30
C HIS C 216 -18.19 -20.27 51.05
N THR C 217 -18.54 -20.93 49.95
CA THR C 217 -17.95 -22.21 49.58
C THR C 217 -17.71 -22.23 48.07
N ASN C 218 -16.48 -22.52 47.68
CA ASN C 218 -16.11 -22.57 46.27
C ASN C 218 -15.09 -23.67 46.04
N GLU C 219 -15.20 -24.34 44.90
CA GLU C 219 -14.29 -25.42 44.53
C GLU C 219 -13.88 -25.26 43.09
N ILE C 220 -12.59 -25.49 42.82
CA ILE C 220 -12.03 -25.38 41.47
C ILE C 220 -11.25 -26.66 41.19
N HIS C 221 -11.49 -27.26 40.02
CA HIS C 221 -10.82 -28.50 39.65
C HIS C 221 -10.53 -28.48 38.16
N LYS C 222 -9.55 -29.27 37.75
CA LYS C 222 -9.27 -29.47 36.33
C LYS C 222 -8.44 -30.74 36.17
N GLY C 223 -8.93 -31.66 35.34
CA GLY C 223 -8.22 -32.90 35.09
C GLY C 223 -8.09 -33.18 33.61
N LYS C 224 -6.84 -33.28 33.12
CA LYS C 224 -6.58 -33.48 31.71
C LYS C 224 -5.68 -34.69 31.51
N SER C 225 -6.01 -35.50 30.50
CA SER C 225 -5.22 -36.66 30.14
C SER C 225 -5.06 -36.68 28.63
N TYR C 226 -3.81 -36.69 28.16
CA TYR C 226 -3.54 -36.67 26.73
C TYR C 226 -2.32 -37.54 26.44
N GLN C 227 -2.33 -38.20 25.29
CA GLN C 227 -1.25 -39.10 24.91
C GLN C 227 -1.13 -39.12 23.39
N LEU C 228 0.08 -39.38 22.91
CA LEU C 228 0.35 -39.45 21.48
C LEU C 228 1.24 -40.66 21.19
N LEU C 229 0.77 -41.56 20.35
CA LEU C 229 1.49 -42.75 19.94
C LEU C 229 1.89 -42.63 18.48
N VAL C 230 3.17 -42.86 18.18
CA VAL C 230 3.67 -42.83 16.82
C VAL C 230 4.43 -44.10 16.54
N VAL C 231 4.45 -44.51 15.27
CA VAL C 231 5.13 -45.72 14.82
C VAL C 231 5.75 -45.46 13.46
N GLU C 232 7.03 -45.78 13.32
CA GLU C 232 7.74 -45.66 12.05
C GLU C 232 8.29 -47.00 11.62
N ASN C 233 8.71 -47.08 10.35
CA ASN C 233 9.25 -48.30 9.76
C ASN C 233 10.21 -47.88 8.66
N THR C 234 11.51 -47.97 8.95
CA THR C 234 12.53 -47.56 8.00
C THR C 234 12.57 -48.56 6.83
N VAL C 235 13.49 -48.34 5.91
CA VAL C 235 13.52 -49.13 4.68
C VAL C 235 14.62 -50.19 4.74
N GLU C 236 15.88 -49.77 4.80
CA GLU C 236 17.03 -50.66 4.79
C GLU C 236 16.91 -51.66 3.63
N VAL C 237 17.07 -51.11 2.42
CA VAL C 237 16.66 -51.69 1.15
C VAL C 237 16.97 -53.18 1.02
N ALA C 238 17.99 -53.66 1.71
CA ALA C 238 18.36 -55.07 1.63
C ALA C 238 17.23 -55.96 2.15
N GLN C 239 17.23 -57.21 1.69
CA GLN C 239 16.22 -58.18 2.07
C GLN C 239 16.82 -59.58 2.03
N PHE C 240 16.02 -60.57 2.40
CA PHE C 240 16.48 -61.93 2.69
C PHE C 240 15.92 -62.95 1.71
N ILE C 241 15.96 -62.65 0.43
CA ILE C 241 15.40 -63.55 -0.59
C ILE C 241 16.37 -64.68 -0.88
N ASN C 242 17.45 -64.77 -0.10
CA ASN C 242 18.51 -65.76 -0.32
C ASN C 242 17.96 -67.14 -0.59
N ASN C 243 18.60 -67.84 -1.53
CA ASN C 243 18.10 -69.13 -2.01
C ASN C 243 18.24 -70.18 -0.92
N ASN C 244 17.10 -70.75 -0.51
CA ASN C 244 17.10 -71.75 0.55
C ASN C 244 17.53 -73.13 0.04
N PRO C 245 16.89 -73.71 -1.01
CA PRO C 245 17.32 -75.05 -1.44
C PRO C 245 18.59 -75.02 -2.29
N GLU C 246 19.71 -75.37 -1.67
CA GLU C 246 21.02 -75.44 -2.28
C GLU C 246 21.97 -76.06 -1.27
N PHE C 247 23.24 -76.20 -1.67
CA PHE C 247 24.29 -76.62 -0.74
C PHE C 247 24.83 -75.38 -0.02
N LEU C 248 24.00 -74.88 0.90
CA LEU C 248 24.37 -73.70 1.67
C LEU C 248 25.56 -74.00 2.55
N GLN C 249 26.60 -73.17 2.44
CA GLN C 249 27.81 -73.34 3.23
C GLN C 249 27.47 -73.11 4.70
N LEU C 250 27.52 -74.18 5.50
CA LEU C 250 27.20 -74.08 6.91
C LEU C 250 28.36 -73.47 7.68
N ALA C 251 28.06 -73.01 8.89
CA ALA C 251 29.08 -72.38 9.73
C ALA C 251 29.90 -73.44 10.46
N GLU C 252 31.10 -73.04 10.86
CA GLU C 252 31.97 -73.94 11.61
C GLU C 252 31.32 -74.44 12.90
N PRO C 253 30.81 -73.58 13.80
CA PRO C 253 30.18 -74.13 15.02
C PRO C 253 28.93 -74.94 14.72
N PHE C 254 28.08 -74.47 13.80
CA PHE C 254 26.85 -75.19 13.48
C PHE C 254 27.16 -76.58 12.92
N TRP C 255 28.04 -76.64 11.91
CA TRP C 255 28.39 -77.93 11.33
C TRP C 255 29.09 -78.83 12.34
N LYS C 256 29.93 -78.26 13.19
CA LYS C 256 30.63 -79.06 14.19
C LYS C 256 29.66 -79.65 15.20
N GLU C 257 28.70 -78.86 15.68
CA GLU C 257 27.71 -79.37 16.62
C GLU C 257 26.80 -80.39 15.96
N LEU C 258 26.45 -80.17 14.69
CA LEU C 258 25.61 -81.15 13.98
C LEU C 258 26.35 -82.46 13.76
N SER C 259 27.67 -82.40 13.56
CA SER C 259 28.46 -83.62 13.39
C SER C 259 28.68 -84.34 14.71
N HIS C 260 28.84 -83.59 15.81
CA HIS C 260 29.01 -84.20 17.12
C HIS C 260 27.72 -84.76 17.69
N LEU C 261 26.61 -84.69 16.97
CA LEU C 261 25.37 -85.26 17.46
C LEU C 261 25.42 -86.78 17.34
N PRO C 262 24.94 -87.50 18.36
CA PRO C 262 24.95 -88.97 18.29
C PRO C 262 23.98 -89.49 17.24
N SER C 263 24.31 -90.64 16.67
CA SER C 263 23.43 -91.27 15.70
C SER C 263 22.10 -91.64 16.34
N LEU C 264 22.14 -92.35 17.46
CA LEU C 264 20.92 -92.69 18.18
C LEU C 264 20.27 -91.45 18.78
N TYR C 265 18.94 -91.48 18.86
CA TYR C 265 18.17 -90.35 19.36
C TYR C 265 18.51 -90.03 20.81
N ASP C 266 19.10 -88.86 21.04
CA ASP C 266 19.44 -88.39 22.38
C ASP C 266 18.98 -86.95 22.53
N TYR C 267 17.96 -86.73 23.37
CA TYR C 267 17.38 -85.41 23.53
C TYR C 267 18.32 -84.43 24.23
N SER C 268 19.34 -84.94 24.92
CA SER C 268 20.23 -84.07 25.69
C SER C 268 20.93 -83.05 24.80
N ALA C 269 21.73 -83.54 23.84
CA ALA C 269 22.45 -82.64 22.94
C ALA C 269 21.50 -81.90 22.01
N TYR C 270 20.39 -82.53 21.63
CA TYR C 270 19.43 -81.87 20.76
C TYR C 270 18.82 -80.64 21.43
N ARG C 271 18.56 -80.73 22.73
CA ARG C 271 18.03 -79.58 23.46
C ARG C 271 19.02 -78.43 23.49
N ARG C 272 20.30 -78.74 23.75
CA ARG C 272 21.32 -77.70 23.81
C ARG C 272 21.54 -77.05 22.45
N LEU C 273 21.54 -77.85 21.38
CA LEU C 273 21.71 -77.29 20.05
C LEU C 273 20.54 -76.39 19.66
N ILE C 274 19.32 -76.80 20.01
CA ILE C 274 18.14 -75.97 19.71
C ILE C 274 18.19 -74.68 20.53
N ASP C 275 18.64 -74.76 21.77
CA ASP C 275 18.75 -73.56 22.59
C ASP C 275 19.79 -72.59 22.03
N GLN C 276 20.94 -73.13 21.59
CA GLN C 276 22.02 -72.26 21.12
C GLN C 276 21.70 -71.67 19.75
N TYR C 277 21.10 -72.47 18.86
CA TYR C 277 20.92 -72.06 17.47
C TYR C 277 19.51 -71.60 17.13
N GLY C 278 18.52 -71.95 17.94
CA GLY C 278 17.17 -71.50 17.73
C GLY C 278 16.26 -72.59 17.17
N THR C 279 15.20 -72.13 16.51
CA THR C 279 14.19 -73.04 15.95
C THR C 279 13.92 -72.82 14.47
N HIS C 280 14.28 -71.68 13.89
CA HIS C 280 13.97 -71.40 12.51
C HIS C 280 15.11 -70.61 11.87
N TYR C 281 15.18 -70.68 10.54
CA TYR C 281 16.13 -69.93 9.76
C TYR C 281 15.41 -69.01 8.78
N LEU C 282 16.16 -68.10 8.18
CA LEU C 282 15.59 -67.04 7.36
C LEU C 282 15.17 -67.55 5.99
N GLN C 283 13.93 -67.29 5.62
CA GLN C 283 13.41 -67.58 4.28
C GLN C 283 13.32 -66.33 3.42
N SER C 284 12.74 -65.25 3.96
CA SER C 284 12.52 -64.03 3.20
C SER C 284 12.24 -62.91 4.20
N GLY C 285 12.15 -61.69 3.67
CA GLY C 285 11.86 -60.55 4.52
C GLY C 285 12.84 -59.41 4.33
N SER C 286 12.33 -58.17 4.36
CA SER C 286 13.18 -57.00 4.24
C SER C 286 13.82 -56.70 5.59
N LEU C 287 14.53 -55.58 5.67
CA LEU C 287 15.17 -55.12 6.90
C LEU C 287 14.55 -53.82 7.39
N GLY C 288 13.21 -53.73 7.34
CA GLY C 288 12.52 -52.53 7.74
C GLY C 288 12.74 -52.12 9.18
N GLY C 289 13.01 -50.84 9.41
CA GLY C 289 13.22 -50.33 10.75
C GLY C 289 11.95 -50.29 11.57
N GLU C 290 12.08 -49.77 12.78
CA GLU C 290 10.95 -49.57 13.67
C GLU C 290 11.26 -48.44 14.64
N TYR C 291 10.25 -47.62 14.90
CA TYR C 291 10.40 -46.50 15.83
C TYR C 291 9.05 -46.31 16.52
N ARG C 292 8.88 -46.95 17.66
CA ARG C 292 7.64 -46.87 18.43
C ARG C 292 7.83 -45.91 19.60
N VAL C 293 6.73 -45.27 19.99
CA VAL C 293 6.72 -44.38 21.15
C VAL C 293 5.47 -44.69 21.96
N LEU C 294 5.51 -44.32 23.24
CA LEU C 294 4.42 -44.64 24.16
C LEU C 294 4.39 -43.57 25.23
N PHE C 295 3.48 -42.61 25.08
CA PHE C 295 3.36 -41.49 26.00
C PHE C 295 2.07 -41.60 26.80
N TYR C 296 2.11 -41.13 28.04
CA TYR C 296 0.94 -41.09 28.89
C TYR C 296 1.07 -39.93 29.88
N VAL C 297 0.05 -39.08 29.92
CA VAL C 297 0.01 -37.95 30.83
C VAL C 297 -1.34 -37.94 31.53
N ASP C 298 -1.32 -37.93 32.86
CA ASP C 298 -2.54 -37.92 33.68
C ASP C 298 -2.41 -36.78 34.69
N SER C 299 -2.84 -35.59 34.29
CA SER C 299 -2.79 -34.42 35.14
C SER C 299 -4.10 -34.28 35.90
N GLU C 300 -4.00 -34.03 37.21
CA GLU C 300 -5.16 -33.87 38.07
C GLU C 300 -4.94 -32.70 39.00
N LYS C 301 -5.95 -31.84 39.13
CA LYS C 301 -5.87 -30.66 39.99
C LYS C 301 -7.16 -30.56 40.78
N LEU C 302 -7.03 -30.46 42.11
CA LEU C 302 -8.18 -30.35 43.00
C LEU C 302 -7.95 -29.17 43.94
N LYS C 303 -8.97 -28.32 44.07
CA LYS C 303 -8.92 -27.18 44.98
C LYS C 303 -10.26 -27.03 45.66
N GLN C 304 -10.24 -27.01 46.99
CA GLN C 304 -11.45 -26.88 47.79
C GLN C 304 -11.22 -25.84 48.87
N ASN C 305 -12.17 -24.93 49.04
CA ASN C 305 -12.08 -23.86 50.03
C ASN C 305 -13.44 -23.69 50.69
N ASP C 306 -13.43 -23.63 52.03
CA ASP C 306 -14.65 -23.46 52.81
C ASP C 306 -14.50 -22.25 53.72
N PHE C 307 -15.52 -21.42 53.76
CA PHE C 307 -15.52 -20.22 54.60
C PHE C 307 -16.86 -20.10 55.30
N ASN C 308 -16.80 -19.94 56.63
CA ASN C 308 -18.01 -19.80 57.45
C ASN C 308 -17.77 -18.73 58.50
N SER C 309 -18.76 -17.86 58.70
CA SER C 309 -18.66 -16.79 59.67
C SER C 309 -19.98 -16.66 60.40
N VAL C 310 -19.92 -16.59 61.73
CA VAL C 310 -21.09 -16.44 62.58
C VAL C 310 -20.86 -15.26 63.52
N GLU C 311 -21.85 -14.36 63.59
CA GLU C 311 -21.77 -13.19 64.45
C GLU C 311 -23.11 -12.98 65.13
N GLU C 312 -23.09 -12.89 66.46
CA GLU C 312 -24.30 -12.72 67.26
C GLU C 312 -24.04 -11.69 68.34
N LYS C 313 -24.95 -10.73 68.48
CA LYS C 313 -24.83 -9.68 69.47
C LYS C 313 -26.20 -9.42 70.10
N LYS C 314 -26.23 -9.31 71.42
CA LYS C 314 -27.46 -9.05 72.16
C LYS C 314 -27.21 -7.97 73.20
N CYS C 315 -28.15 -7.03 73.29
CA CYS C 315 -28.06 -5.93 74.25
C CYS C 315 -29.41 -5.72 74.90
N LYS C 316 -29.42 -5.65 76.24
CA LYS C 316 -30.64 -5.46 77.00
C LYS C 316 -30.38 -4.47 78.12
N SER C 317 -31.34 -3.57 78.33
CA SER C 317 -31.25 -2.56 79.38
C SER C 317 -32.63 -2.31 79.96
N SER C 318 -32.69 -2.17 81.28
CA SER C 318 -33.94 -1.95 81.99
C SER C 318 -33.75 -0.88 83.04
N GLY C 319 -34.69 0.05 83.13
CA GLY C 319 -34.63 1.12 84.11
C GLY C 319 -35.97 1.41 84.73
N TRP C 320 -36.02 1.47 86.06
CA TRP C 320 -37.27 1.71 86.78
C TRP C 320 -36.99 2.68 87.93
N HIS C 321 -37.69 3.82 87.89
CA HIS C 321 -37.60 4.87 88.94
C HIS C 321 -39.01 5.25 89.39
N PHE C 322 -39.27 5.12 90.70
CA PHE C 322 -40.58 5.49 91.31
C PHE C 322 -40.33 5.60 92.81
N VAL C 323 -40.67 4.55 93.56
CA VAL C 323 -40.39 4.52 95.03
C VAL C 323 -38.86 4.52 95.17
N VAL C 324 -38.19 3.71 94.34
CA VAL C 324 -36.69 3.61 94.34
C VAL C 324 -36.18 3.50 92.90
N LYS C 325 -35.06 4.16 92.61
CA LYS C 325 -34.36 4.13 91.33
C LYS C 325 -33.73 2.76 91.15
N PHE C 326 -33.90 2.19 89.95
CA PHE C 326 -33.33 0.89 89.61
C PHE C 326 -32.79 0.95 88.19
N SER C 327 -31.62 0.36 87.98
CA SER C 327 -30.98 0.34 86.67
C SER C 327 -30.41 -1.04 86.40
N SER C 328 -30.62 -1.52 85.18
CA SER C 328 -30.12 -2.82 84.75
C SER C 328 -29.60 -2.72 83.33
N HIS C 329 -28.47 -3.36 83.06
CA HIS C 329 -27.86 -3.35 81.74
C HIS C 329 -27.29 -4.73 81.44
N GLY C 330 -27.50 -5.19 80.21
CA GLY C 330 -26.99 -6.46 79.78
C GLY C 330 -26.51 -6.46 78.34
N CYS C 331 -25.33 -6.97 78.08
CA CYS C 331 -24.75 -7.00 76.75
C CYS C 331 -24.09 -8.35 76.51
N LYS C 332 -24.34 -8.91 75.33
CA LYS C 332 -23.75 -10.19 74.94
C LYS C 332 -23.33 -10.11 73.49
N GLU C 333 -22.11 -10.60 73.20
CA GLU C 333 -21.59 -10.60 71.84
C GLU C 333 -20.90 -11.92 71.58
N LEU C 334 -21.16 -12.51 70.41
CA LEU C 334 -20.57 -13.79 70.03
C LEU C 334 -20.14 -13.72 68.58
N GLU C 335 -18.91 -14.16 68.31
CA GLU C 335 -18.37 -14.16 66.95
C GLU C 335 -17.63 -15.46 66.72
N ASN C 336 -17.93 -16.13 65.61
CA ASN C 336 -17.31 -17.41 65.26
C ASN C 336 -17.06 -17.44 63.76
N ALA C 337 -15.84 -17.78 63.37
CA ALA C 337 -15.47 -17.84 61.97
C ALA C 337 -14.60 -19.07 61.73
N LEU C 338 -14.92 -19.81 60.66
CA LEU C 338 -14.17 -21.00 60.29
C LEU C 338 -13.77 -20.91 58.83
N LYS C 339 -12.50 -21.19 58.55
CA LYS C 339 -11.98 -21.18 57.18
C LYS C 339 -11.13 -22.42 56.97
N ALA C 340 -11.46 -23.20 55.94
CA ALA C 340 -10.74 -24.42 55.63
C ALA C 340 -10.51 -24.50 54.13
N ALA C 341 -9.27 -24.73 53.73
CA ALA C 341 -8.89 -24.86 52.34
C ALA C 341 -8.06 -26.11 52.15
N SER C 342 -8.48 -26.98 51.23
CA SER C 342 -7.80 -28.24 50.96
C SER C 342 -7.60 -28.39 49.46
N GLY C 343 -6.39 -28.78 49.06
CA GLY C 343 -6.08 -28.96 47.66
C GLY C 343 -5.23 -30.18 47.39
N THR C 344 -5.54 -30.91 46.33
CA THR C 344 -4.82 -32.11 45.95
C THR C 344 -4.41 -32.03 44.50
N GLN C 345 -3.12 -32.26 44.23
CA GLN C 345 -2.57 -32.22 42.88
C GLN C 345 -1.86 -33.53 42.59
N ASN C 346 -2.05 -34.06 41.38
CA ASN C 346 -1.41 -35.30 40.98
C ASN C 346 -1.23 -35.29 39.47
N ASN C 347 0.01 -35.33 39.01
CA ASN C 347 0.34 -35.34 37.59
C ASN C 347 1.26 -36.52 37.33
N VAL C 348 0.67 -37.69 37.09
CA VAL C 348 1.45 -38.91 36.83
C VAL C 348 1.58 -39.05 35.31
N LEU C 349 2.63 -38.44 34.78
CA LEU C 349 2.93 -38.51 33.35
C LEU C 349 4.20 -39.32 33.13
N ARG C 350 4.13 -40.26 32.21
CA ARG C 350 5.25 -41.17 31.98
C ARG C 350 5.32 -41.54 30.51
N GLY C 351 6.43 -42.18 30.14
CA GLY C 351 6.62 -42.60 28.77
C GLY C 351 7.72 -43.64 28.67
N GLU C 352 7.71 -44.38 27.55
CA GLU C 352 8.71 -45.41 27.29
C GLU C 352 8.88 -45.58 25.79
N PRO C 353 9.62 -44.68 25.14
CA PRO C 353 9.85 -44.81 23.70
C PRO C 353 10.65 -46.06 23.37
N PHE C 354 10.38 -46.61 22.19
CA PHE C 354 11.07 -47.79 21.68
C PHE C 354 11.71 -47.39 20.35
N ILE C 355 12.97 -46.97 20.40
CA ILE C 355 13.70 -46.50 19.23
C ILE C 355 14.74 -47.56 18.88
N ARG C 356 14.54 -48.23 17.74
CA ARG C 356 15.45 -49.28 17.29
C ARG C 356 15.68 -49.21 15.79
N GLY C 359 21.27 -48.21 13.62
CA GLY C 359 22.21 -47.25 14.17
C GLY C 359 22.33 -47.35 15.68
N ALA C 360 23.51 -47.74 16.16
CA ALA C 360 23.72 -47.92 17.59
C ALA C 360 23.79 -46.59 18.32
N GLY C 361 24.63 -45.67 17.82
CA GLY C 361 24.90 -44.45 18.57
C GLY C 361 23.73 -43.49 18.61
N PHE C 362 23.05 -43.30 17.48
CA PHE C 362 21.97 -42.32 17.39
C PHE C 362 20.69 -42.73 18.11
N ILE C 363 20.70 -43.85 18.84
CA ILE C 363 19.53 -44.24 19.61
C ILE C 363 19.26 -43.26 20.74
N SER C 364 20.32 -42.77 21.39
CA SER C 364 20.17 -41.99 22.61
C SER C 364 19.46 -40.67 22.37
N GLY C 365 19.62 -40.07 21.20
CA GLY C 365 19.14 -38.71 20.96
C GLY C 365 17.65 -38.50 21.11
N LEU C 366 16.86 -39.10 20.22
CA LEU C 366 15.41 -38.90 20.25
C LEU C 366 14.80 -39.47 21.53
N SER C 367 15.41 -40.50 22.10
CA SER C 367 14.88 -41.10 23.31
C SER C 367 15.14 -40.25 24.55
N TYR C 368 16.29 -39.58 24.62
CA TYR C 368 16.61 -38.71 25.74
C TYR C 368 16.10 -37.30 25.56
N LEU C 369 15.65 -36.94 24.35
CA LEU C 369 15.01 -35.65 24.10
C LEU C 369 13.66 -35.55 24.82
N GLU C 370 13.30 -36.60 25.56
CA GLU C 370 11.97 -36.72 26.15
C GLU C 370 11.63 -35.59 27.11
N LEU C 371 12.62 -34.99 27.77
CA LEU C 371 12.35 -34.00 28.80
C LEU C 371 11.73 -32.76 28.18
N ASP C 372 10.43 -32.54 28.46
CA ASP C 372 9.70 -31.34 28.09
C ASP C 372 9.59 -31.16 26.57
N ASN C 373 10.03 -32.16 25.81
CA ASN C 373 9.94 -32.15 24.35
C ASN C 373 9.25 -33.45 23.90
N PRO C 374 7.93 -33.45 23.78
CA PRO C 374 7.23 -34.66 23.32
C PRO C 374 7.56 -35.02 21.88
N ALA C 375 7.48 -34.02 20.99
CA ALA C 375 7.78 -34.23 19.58
C ALA C 375 9.29 -34.28 19.37
N GLY C 376 9.74 -35.25 18.57
CA GLY C 376 11.16 -35.35 18.27
C GLY C 376 11.59 -34.33 17.25
N ASN C 377 12.88 -33.96 17.32
CA ASN C 377 13.44 -32.99 16.39
C ASN C 377 13.46 -33.55 14.97
N LYS C 378 13.28 -32.66 14.00
CA LYS C 378 13.26 -33.07 12.60
C LYS C 378 14.65 -33.50 12.14
N ARG C 379 15.66 -32.66 12.38
CA ARG C 379 17.02 -32.99 11.96
C ARG C 379 17.55 -34.22 12.69
N ARG C 380 17.23 -34.34 13.98
CA ARG C 380 17.63 -35.52 14.73
C ARG C 380 16.94 -36.77 14.20
N TYR C 381 15.68 -36.65 13.79
CA TYR C 381 14.97 -37.79 13.20
C TYR C 381 15.61 -38.20 11.88
N SER C 382 15.99 -37.22 11.04
CA SER C 382 16.65 -37.56 9.79
C SER C 382 18.01 -38.20 10.03
N ALA C 383 18.76 -37.71 11.04
CA ALA C 383 20.04 -38.32 11.38
C ALA C 383 19.86 -39.76 11.85
N TRP C 384 18.87 -39.99 12.70
CA TRP C 384 18.60 -41.36 13.15
C TRP C 384 18.16 -42.26 12.00
N ALA C 385 17.40 -41.71 11.05
CA ALA C 385 17.01 -42.50 9.88
C ALA C 385 18.22 -42.90 9.06
N GLU C 386 19.12 -41.95 8.81
CA GLU C 386 20.36 -42.28 8.10
C GLU C 386 21.17 -43.32 8.85
N SER C 387 21.27 -43.18 10.18
CA SER C 387 22.07 -44.10 10.97
C SER C 387 21.48 -45.51 10.95
N VAL C 388 20.17 -45.62 11.14
CA VAL C 388 19.52 -46.93 11.11
C VAL C 388 19.49 -47.50 9.69
N THR C 389 19.68 -46.65 8.67
CA THR C 389 19.95 -47.18 7.35
C THR C 389 21.36 -47.75 7.26
N ASN C 390 22.32 -47.12 7.95
CA ASN C 390 23.70 -47.56 7.95
C ASN C 390 23.97 -48.72 8.90
N LEU C 391 22.94 -49.27 9.55
CA LEU C 391 23.11 -50.39 10.46
C LEU C 391 21.80 -51.19 10.52
N PRO C 392 21.84 -52.51 10.37
CA PRO C 392 20.62 -53.27 10.11
C PRO C 392 19.71 -53.36 11.34
N GLN C 393 18.45 -53.73 11.05
CA GLN C 393 17.38 -53.81 12.03
C GLN C 393 16.64 -55.15 11.84
N VAL C 394 17.41 -56.23 11.94
CA VAL C 394 17.09 -57.56 11.44
C VAL C 394 15.70 -58.06 11.81
N ILE C 395 15.08 -57.46 12.83
CA ILE C 395 13.73 -57.85 13.27
C ILE C 395 12.74 -57.68 12.11
N LYS C 396 11.54 -58.24 12.27
CA LYS C 396 10.55 -58.38 11.19
C LYS C 396 11.04 -59.33 10.11
N GLN C 397 11.19 -60.61 10.46
CA GLN C 397 11.66 -61.65 9.57
C GLN C 397 10.54 -62.60 9.18
N LYS C 398 10.83 -63.43 8.18
CA LYS C 398 10.03 -64.60 7.86
C LYS C 398 10.87 -65.85 8.14
N LEU C 399 10.21 -66.92 8.58
CA LEU C 399 10.89 -68.08 9.10
C LEU C 399 10.56 -69.33 8.30
N THR C 400 11.42 -70.32 8.44
CA THR C 400 11.26 -71.66 7.88
C THR C 400 11.88 -72.67 8.85
N PRO C 401 11.42 -73.92 8.82
CA PRO C 401 11.94 -74.92 9.76
C PRO C 401 13.45 -75.06 9.66
N LEU C 402 14.12 -74.91 10.81
CA LEU C 402 15.58 -74.90 10.85
C LEU C 402 16.15 -76.27 10.47
N TYR C 403 15.47 -77.34 10.85
CA TYR C 403 15.99 -78.69 10.60
C TYR C 403 16.12 -79.03 9.12
N GLU C 404 15.58 -78.20 8.23
CA GLU C 404 15.70 -78.46 6.80
C GLU C 404 17.12 -78.25 6.29
N LEU C 405 17.95 -77.48 7.01
CA LEU C 405 19.31 -77.20 6.60
C LEU C 405 20.24 -78.41 6.73
N VAL C 406 19.76 -79.53 7.29
CA VAL C 406 20.56 -80.73 7.41
C VAL C 406 20.54 -81.48 6.09
N LYS C 407 21.55 -81.25 5.25
CA LYS C 407 21.56 -81.79 3.90
C LYS C 407 22.71 -82.75 3.64
N GLU C 408 23.95 -82.33 3.89
CA GLU C 408 25.13 -83.16 3.61
C GLU C 408 25.98 -83.24 4.88
N VAL C 409 25.64 -84.19 5.74
CA VAL C 409 26.40 -84.47 6.97
C VAL C 409 26.37 -85.96 7.22
N PRO C 410 27.28 -86.47 8.05
CA PRO C 410 27.22 -87.90 8.40
C PRO C 410 25.92 -88.23 9.11
N CYS C 411 25.23 -89.27 8.61
CA CYS C 411 23.91 -89.65 9.10
C CYS C 411 22.93 -88.50 8.95
N ALA C 412 22.81 -88.00 7.72
CA ALA C 412 22.07 -86.75 7.48
C ALA C 412 20.58 -86.91 7.77
N SER C 413 19.94 -87.89 7.13
CA SER C 413 18.49 -88.00 7.23
C SER C 413 18.05 -88.46 8.61
N VAL C 414 18.80 -89.37 9.22
CA VAL C 414 18.46 -89.83 10.58
C VAL C 414 18.55 -88.66 11.56
N LYS C 415 19.63 -87.88 11.47
CA LYS C 415 19.75 -86.70 12.32
C LYS C 415 18.67 -85.68 12.03
N LYS C 416 18.26 -85.55 10.77
CA LYS C 416 17.20 -84.61 10.43
C LYS C 416 15.88 -85.02 11.06
N LEU C 417 15.53 -86.31 10.97
CA LEU C 417 14.29 -86.77 11.59
C LEU C 417 14.35 -86.65 13.10
N TYR C 418 15.50 -86.97 13.70
CA TYR C 418 15.63 -86.83 15.14
C TYR C 418 15.56 -85.37 15.58
N LEU C 419 16.08 -84.45 14.75
CA LEU C 419 15.93 -83.03 15.06
C LEU C 419 14.51 -82.56 14.90
N LYS C 420 13.75 -83.14 13.95
CA LYS C 420 12.32 -82.85 13.86
C LYS C 420 11.61 -83.26 15.15
N TRP C 421 11.86 -84.49 15.61
CA TRP C 421 11.26 -84.96 16.85
C TRP C 421 11.68 -84.09 18.03
N ALA C 422 12.96 -83.72 18.09
CA ALA C 422 13.44 -82.90 19.20
C ALA C 422 12.85 -81.51 19.17
N LEU C 423 12.64 -80.95 17.98
CA LEU C 423 12.03 -79.63 17.88
C LEU C 423 10.56 -79.68 18.28
N GLU C 424 9.85 -80.76 17.92
CA GLU C 424 8.48 -80.91 18.38
C GLU C 424 8.41 -81.02 19.89
N GLU C 425 9.31 -81.81 20.49
CA GLU C 425 9.34 -81.96 21.94
C GLU C 425 9.71 -80.64 22.62
N TYR C 426 10.63 -79.89 22.02
CA TYR C 426 10.99 -78.58 22.58
C TYR C 426 9.81 -77.63 22.51
N LEU C 427 9.08 -77.63 21.39
CA LEU C 427 7.96 -76.72 21.22
C LEU C 427 6.83 -77.04 22.20
N ASP C 428 6.55 -78.32 22.43
CA ASP C 428 5.43 -78.66 23.31
C ASP C 428 5.83 -78.84 24.77
N GLU C 429 7.13 -78.80 25.09
CA GLU C 429 7.53 -78.92 26.50
C GLU C 429 7.39 -77.61 27.27
N PHE C 430 7.65 -76.46 26.63
CA PHE C 430 7.56 -75.18 27.33
C PHE C 430 6.55 -74.27 26.65
N ASP C 431 5.57 -74.85 25.97
CA ASP C 431 4.50 -74.08 25.37
C ASP C 431 3.83 -73.22 26.43
N PRO C 432 3.64 -71.91 26.20
CA PRO C 432 3.05 -71.05 27.23
C PRO C 432 1.64 -71.43 27.64
N CYS C 433 1.07 -72.47 27.02
CA CYS C 433 -0.23 -72.98 27.44
C CYS C 433 -0.20 -73.45 28.89
N HIS C 434 0.93 -73.99 29.34
CA HIS C 434 1.02 -74.47 30.72
C HIS C 434 0.87 -73.32 31.71
N CYS C 435 1.37 -72.14 31.36
CA CYS C 435 1.25 -70.99 32.24
C CYS C 435 -0.20 -70.56 32.38
N ARG C 436 -0.56 -70.09 33.57
CA ARG C 436 -1.92 -69.62 33.81
C ARG C 436 -2.15 -68.29 33.06
N PRO C 437 -3.39 -68.00 32.69
CA PRO C 437 -3.66 -66.74 31.98
C PRO C 437 -3.36 -65.54 32.86
N CYS C 438 -2.80 -64.50 32.24
CA CYS C 438 -2.41 -63.29 32.94
C CYS C 438 -3.54 -62.28 32.94
N GLN C 439 -3.60 -61.47 34.00
CA GLN C 439 -4.66 -60.49 34.14
C GLN C 439 -4.50 -59.36 33.14
N ASN C 440 -5.63 -58.71 32.83
CA ASN C 440 -5.67 -57.58 31.90
C ASN C 440 -5.10 -57.96 30.52
N GLY C 441 -5.43 -59.16 30.06
CA GLY C 441 -5.01 -59.60 28.74
C GLY C 441 -3.51 -59.75 28.58
N GLY C 442 -2.78 -59.97 29.67
CA GLY C 442 -1.34 -60.10 29.56
C GLY C 442 -0.93 -61.36 28.81
N LEU C 443 0.26 -61.31 28.23
CA LEU C 443 0.82 -62.42 27.46
C LEU C 443 1.91 -63.10 28.29
N ALA C 444 1.78 -64.41 28.46
CA ALA C 444 2.71 -65.19 29.26
C ALA C 444 3.76 -65.86 28.38
N THR C 445 4.95 -66.01 28.94
CA THR C 445 6.05 -66.70 28.29
C THR C 445 6.69 -67.68 29.27
N VAL C 446 7.60 -68.50 28.76
CA VAL C 446 8.29 -69.50 29.55
C VAL C 446 9.78 -69.30 29.37
N GLU C 447 10.47 -68.88 30.44
CA GLU C 447 11.92 -68.77 30.45
C GLU C 447 12.45 -69.84 31.41
N GLY C 448 12.91 -70.94 30.85
CA GLY C 448 13.33 -72.07 31.67
C GLY C 448 12.16 -72.75 32.35
N THR C 449 12.06 -72.60 33.67
CA THR C 449 11.00 -73.19 34.46
C THR C 449 10.24 -72.12 35.25
N HIS C 450 9.94 -70.99 34.60
CA HIS C 450 9.27 -69.88 35.25
C HIS C 450 8.42 -69.13 34.24
N CYS C 451 7.20 -68.81 34.62
CA CYS C 451 6.28 -68.06 33.77
C CYS C 451 6.45 -66.57 34.02
N LEU C 452 6.44 -65.80 32.93
CA LEU C 452 6.59 -64.35 33.00
C LEU C 452 5.45 -63.70 32.22
N CYS C 453 4.58 -62.98 32.93
CA CYS C 453 3.46 -62.28 32.31
C CYS C 453 3.97 -60.97 31.73
N HIS C 454 4.29 -60.98 30.43
CA HIS C 454 4.66 -59.76 29.74
C HIS C 454 3.49 -58.78 29.76
N CYS C 455 3.62 -57.70 30.52
CA CYS C 455 2.51 -56.77 30.69
C CYS C 455 2.26 -55.97 29.42
N LYS C 456 0.98 -55.77 29.12
CA LYS C 456 0.59 -54.91 28.02
C LYS C 456 1.04 -53.47 28.31
N PRO C 457 1.10 -52.62 27.28
CA PRO C 457 1.47 -51.22 27.53
C PRO C 457 0.57 -50.56 28.56
N TYR C 458 1.17 -49.65 29.34
CA TYR C 458 0.48 -48.90 30.38
C TYR C 458 -0.01 -49.79 31.53
N THR C 459 0.68 -50.90 31.77
CA THR C 459 0.33 -51.81 32.85
C THR C 459 1.59 -52.28 33.55
N PHE C 460 1.42 -52.74 34.78
CA PHE C 460 2.52 -53.27 35.59
C PHE C 460 1.92 -54.10 36.71
N GLY C 461 2.80 -54.60 37.57
CA GLY C 461 2.41 -55.40 38.72
C GLY C 461 3.01 -56.79 38.68
N ALA C 462 2.52 -57.64 39.59
CA ALA C 462 3.03 -59.01 39.66
C ALA C 462 2.48 -59.84 38.50
N ALA C 463 1.18 -59.76 38.25
CA ALA C 463 0.53 -60.47 37.16
C ALA C 463 -0.21 -59.50 36.25
N CYS C 464 0.36 -58.31 36.06
CA CYS C 464 -0.22 -57.26 35.21
C CYS C 464 -1.63 -56.91 35.67
N GLU C 465 -1.79 -56.73 36.98
CA GLU C 465 -3.07 -56.40 37.58
C GLU C 465 -3.21 -54.92 37.92
N GLN C 466 -2.14 -54.27 38.36
CA GLN C 466 -2.17 -52.87 38.71
C GLN C 466 -1.94 -52.00 37.47
N GLY C 467 -2.23 -50.71 37.61
CA GLY C 467 -2.06 -49.78 36.53
C GLY C 467 -3.09 -49.94 35.43
N VAL C 468 -4.36 -49.85 35.79
CA VAL C 468 -5.45 -49.95 34.82
C VAL C 468 -5.99 -48.56 34.44
N LEU C 469 -5.19 -47.52 34.66
CA LEU C 469 -5.64 -46.15 34.43
C LEU C 469 -6.10 -45.95 33.00
N VAL C 470 -5.32 -46.43 32.04
CA VAL C 470 -5.61 -46.22 30.62
C VAL C 470 -5.49 -47.57 29.90
N GLY C 471 -6.55 -47.96 29.21
CA GLY C 471 -6.52 -49.16 28.40
C GLY C 471 -6.31 -48.85 26.92
N ASN C 472 -7.03 -47.85 26.42
CA ASN C 472 -6.95 -47.37 25.04
C ASN C 472 -7.32 -48.43 24.02
N GLN C 473 -7.90 -49.55 24.45
CA GLN C 473 -8.32 -50.63 23.57
C GLN C 473 -9.80 -50.91 23.79
N ALA C 474 -10.30 -51.92 23.06
CA ALA C 474 -11.70 -52.31 23.22
C ALA C 474 -11.95 -52.93 24.58
N GLY C 475 -11.09 -53.85 25.01
CA GLY C 475 -11.22 -54.49 26.30
C GLY C 475 -11.74 -55.91 26.19
N GLY C 476 -11.84 -56.55 27.35
CA GLY C 476 -12.31 -57.91 27.45
C GLY C 476 -11.20 -58.89 27.74
N VAL C 477 -11.53 -60.17 27.64
CA VAL C 477 -10.60 -61.27 27.88
C VAL C 477 -10.66 -62.20 26.68
N ASP C 478 -9.56 -62.31 25.95
CA ASP C 478 -9.50 -63.17 24.78
C ASP C 478 -9.36 -64.63 25.20
N GLY C 479 -9.42 -65.51 24.22
CA GLY C 479 -9.31 -66.95 24.44
C GLY C 479 -7.89 -67.45 24.21
N GLY C 480 -7.56 -68.55 24.87
CA GLY C 480 -6.25 -69.15 24.74
C GLY C 480 -6.32 -70.66 24.56
N TRP C 481 -5.55 -71.19 23.60
CA TRP C 481 -5.54 -72.62 23.36
C TRP C 481 -4.90 -73.36 24.52
N SER C 482 -5.44 -74.52 24.83
CA SER C 482 -4.88 -75.36 25.89
C SER C 482 -3.68 -76.14 25.38
N CYS C 483 -3.02 -76.84 26.31
CA CYS C 483 -1.87 -77.65 25.95
C CYS C 483 -2.30 -78.87 25.16
N TRP C 484 -1.43 -79.30 24.24
CA TRP C 484 -1.72 -80.45 23.41
C TRP C 484 -1.81 -81.72 24.26
N SER C 485 -2.84 -82.52 24.03
CA SER C 485 -3.07 -83.73 24.80
C SER C 485 -2.10 -84.82 24.35
N SER C 486 -2.31 -86.05 24.86
CA SER C 486 -1.46 -87.17 24.49
C SER C 486 -1.54 -87.43 22.99
N TRP C 487 -0.39 -87.70 22.39
CA TRP C 487 -0.32 -87.91 20.95
C TRP C 487 -1.03 -89.19 20.56
N SER C 488 -1.45 -89.26 19.31
CA SER C 488 -2.23 -90.39 18.82
C SER C 488 -1.37 -91.67 18.81
N PRO C 489 -1.99 -92.83 19.05
CA PRO C 489 -1.24 -94.09 19.00
C PRO C 489 -0.94 -94.59 17.60
N CYS C 490 -1.15 -93.77 16.57
CA CYS C 490 -0.86 -94.12 15.18
C CYS C 490 -1.66 -95.34 14.73
N VAL C 491 -2.98 -95.22 14.86
CA VAL C 491 -3.87 -96.27 14.37
C VAL C 491 -3.85 -96.30 12.84
N GLN C 492 -4.05 -95.15 12.22
CA GLN C 492 -3.97 -95.02 10.76
C GLN C 492 -3.06 -93.88 10.34
N GLY C 493 -2.20 -93.40 11.25
CA GLY C 493 -1.25 -92.35 10.97
C GLY C 493 -1.70 -90.97 11.40
N LYS C 494 -2.98 -90.77 11.66
CA LYS C 494 -3.50 -89.45 11.99
C LYS C 494 -3.09 -89.05 13.41
N LYS C 495 -3.42 -87.82 13.77
CA LYS C 495 -3.14 -87.27 15.08
C LYS C 495 -4.43 -87.07 15.86
N THR C 496 -4.31 -87.09 17.19
CA THR C 496 -5.47 -86.92 18.07
C THR C 496 -5.12 -85.98 19.21
N ARG C 497 -4.38 -84.91 18.91
CA ARG C 497 -4.09 -83.91 19.93
C ARG C 497 -5.36 -83.19 20.38
N SER C 498 -6.10 -82.62 19.42
CA SER C 498 -7.42 -82.04 19.64
C SER C 498 -7.36 -80.94 20.71
N ARG C 499 -6.63 -79.88 20.37
CA ARG C 499 -6.55 -78.72 21.25
C ARG C 499 -7.93 -78.11 21.46
N GLU C 500 -8.30 -77.94 22.73
CA GLU C 500 -9.62 -77.46 23.10
C GLU C 500 -9.51 -76.24 24.00
N CYS C 501 -10.66 -75.63 24.29
CA CYS C 501 -10.72 -74.51 25.22
C CYS C 501 -10.36 -74.98 26.63
N ASN C 502 -10.06 -74.01 27.50
CA ASN C 502 -9.56 -74.32 28.83
C ASN C 502 -9.94 -73.19 29.78
N ASN C 503 -9.29 -73.17 30.95
CA ASN C 503 -9.52 -72.27 32.07
C ASN C 503 -9.61 -70.79 31.70
N PRO C 504 -8.91 -70.30 30.67
CA PRO C 504 -9.18 -68.94 30.17
C PRO C 504 -10.21 -68.93 29.04
N PRO C 505 -11.51 -68.95 29.32
CA PRO C 505 -12.50 -68.91 28.25
C PRO C 505 -12.77 -67.48 27.83
N PRO C 506 -13.44 -67.27 26.70
CA PRO C 506 -13.86 -65.91 26.33
C PRO C 506 -14.97 -65.41 27.24
N SER C 507 -14.64 -64.46 28.12
CA SER C 507 -15.59 -63.95 29.10
C SER C 507 -15.87 -62.46 28.97
N GLY C 508 -14.86 -61.65 28.67
CA GLY C 508 -15.05 -60.22 28.57
C GLY C 508 -15.54 -59.76 27.21
N GLY C 509 -16.06 -60.71 26.42
CA GLY C 509 -16.55 -60.39 25.10
C GLY C 509 -15.52 -60.42 24.00
N GLY C 510 -14.29 -60.79 24.31
CA GLY C 510 -13.25 -60.85 23.29
C GLY C 510 -13.43 -62.05 22.37
N ARG C 511 -12.62 -62.04 21.30
CA ARG C 511 -12.68 -63.12 20.32
C ARG C 511 -11.99 -64.36 20.86
N SER C 512 -12.45 -65.52 20.38
CA SER C 512 -11.87 -66.79 20.82
C SER C 512 -10.49 -67.00 20.21
N CYS C 513 -9.77 -67.98 20.74
CA CYS C 513 -8.45 -68.30 20.25
C CYS C 513 -8.51 -68.83 18.83
N VAL C 514 -7.81 -68.15 17.92
CA VAL C 514 -7.81 -68.54 16.51
C VAL C 514 -6.92 -69.76 16.33
N GLY C 515 -7.34 -70.66 15.44
CA GLY C 515 -6.56 -71.87 15.17
C GLY C 515 -7.42 -73.08 14.93
N GLU C 516 -6.80 -74.17 14.46
CA GLU C 516 -7.53 -75.39 14.20
C GLU C 516 -7.92 -76.09 15.50
N THR C 517 -8.92 -76.96 15.40
CA THR C 517 -9.36 -77.75 16.54
C THR C 517 -8.53 -79.03 16.69
N THR C 518 -8.35 -79.76 15.59
CA THR C 518 -7.57 -80.99 15.58
C THR C 518 -6.53 -80.93 14.45
N GLU C 519 -5.61 -81.88 14.47
CA GLU C 519 -4.58 -82.00 13.45
C GLU C 519 -4.58 -83.41 12.89
N SER C 520 -3.99 -83.56 11.71
CA SER C 520 -3.94 -84.86 11.04
C SER C 520 -2.75 -84.89 10.10
N THR C 521 -1.98 -85.97 10.17
CA THR C 521 -0.82 -86.16 9.31
C THR C 521 -0.63 -87.67 9.11
N GLN C 522 0.54 -88.06 8.63
CA GLN C 522 0.90 -89.47 8.48
C GLN C 522 1.99 -89.80 9.48
N CYS C 523 1.75 -90.80 10.33
CA CYS C 523 2.73 -91.21 11.32
C CYS C 523 4.00 -91.70 10.64
N GLU C 524 5.13 -91.48 11.31
CA GLU C 524 6.41 -91.89 10.76
C GLU C 524 6.56 -93.41 10.77
N ASP C 525 6.40 -94.03 11.94
CA ASP C 525 6.67 -95.45 12.13
C ASP C 525 8.08 -95.79 11.67
N GLU C 526 9.04 -95.11 12.29
CA GLU C 526 10.45 -95.13 11.89
C GLU C 526 10.65 -94.65 10.46
N GLU C 527 9.71 -93.87 9.93
CA GLU C 527 9.77 -93.32 8.59
C GLU C 527 9.99 -94.42 7.55
N LEU C 528 9.01 -95.32 7.47
CA LEU C 528 9.05 -96.46 6.54
C LEU C 528 10.31 -97.29 6.76
N GLU C 529 10.56 -97.65 8.02
CA GLU C 529 11.77 -98.35 8.44
C GLU C 529 13.02 -97.57 8.02
N HIS C 530 12.96 -96.25 8.19
CA HIS C 530 14.08 -95.34 7.91
C HIS C 530 14.58 -95.50 6.47
N LEU C 531 13.70 -95.19 5.53
CA LEU C 531 14.04 -95.04 4.12
C LEU C 531 14.63 -96.33 3.54
N ARG C 532 13.74 -97.34 3.43
CA ARG C 532 14.04 -98.59 2.73
C ARG C 532 15.18 -99.35 3.42
N LEU C 533 14.83 -99.93 4.58
CA LEU C 533 15.70 -100.80 5.36
C LEU C 533 16.79 -100.02 6.09
N LEU C 534 16.41 -98.90 6.70
CA LEU C 534 17.17 -98.25 7.75
C LEU C 534 18.46 -97.60 7.24
N GLU C 535 18.46 -97.12 5.98
CA GLU C 535 19.64 -96.48 5.40
C GLU C 535 20.83 -97.39 5.60
N PRO C 536 20.99 -98.44 4.77
CA PRO C 536 21.49 -99.74 5.24
C PRO C 536 22.52 -99.73 6.36
N HIS C 537 22.19 -100.51 7.40
CA HIS C 537 22.99 -100.63 8.63
C HIS C 537 23.13 -99.31 9.36
N PHE C 548 18.70 -119.08 6.86
CA PHE C 548 19.87 -119.45 6.08
C PHE C 548 19.70 -120.82 5.44
N CYS C 549 20.46 -121.07 4.37
CA CYS C 549 20.35 -122.36 3.71
C CYS C 549 21.33 -123.37 4.32
N PRO C 550 20.92 -124.62 4.49
CA PRO C 550 21.84 -125.63 5.02
C PRO C 550 22.85 -126.08 4.00
N SER C 551 23.66 -127.08 4.34
CA SER C 551 24.66 -127.60 3.42
C SER C 551 23.98 -128.21 2.19
N PRO C 552 24.25 -127.71 0.99
CA PRO C 552 23.58 -128.23 -0.20
C PRO C 552 24.10 -129.61 -0.55
N PRO C 553 23.23 -130.51 -0.98
CA PRO C 553 23.67 -131.87 -1.35
C PRO C 553 24.39 -131.88 -2.69
N ALA C 554 25.34 -132.79 -2.81
CA ALA C 554 26.13 -132.96 -4.02
C ALA C 554 25.69 -134.20 -4.77
N LEU C 555 25.71 -134.11 -6.10
CA LEU C 555 25.32 -135.24 -6.92
C LEU C 555 26.39 -136.35 -6.86
N LYS C 556 26.08 -137.46 -7.53
CA LYS C 556 27.01 -138.58 -7.56
C LYS C 556 28.30 -138.19 -8.27
N ASP C 557 29.42 -138.69 -7.74
CA ASP C 557 30.76 -138.42 -8.27
C ASP C 557 31.11 -136.94 -8.25
N GLY C 558 30.50 -136.16 -7.35
CA GLY C 558 30.78 -134.75 -7.22
C GLY C 558 30.98 -134.37 -5.77
N PHE C 559 31.47 -133.15 -5.57
CA PHE C 559 31.72 -132.62 -4.24
C PHE C 559 31.68 -131.11 -4.28
N VAL C 560 31.23 -130.52 -3.18
CA VAL C 560 31.07 -129.06 -3.07
C VAL C 560 32.40 -128.45 -2.67
N GLN C 561 32.74 -127.32 -3.29
CA GLN C 561 34.01 -126.66 -3.00
C GLN C 561 34.04 -126.10 -1.59
N ASP C 562 32.95 -125.48 -1.15
CA ASP C 562 32.88 -124.85 0.16
C ASP C 562 31.89 -125.62 1.03
N GLU C 563 32.33 -126.00 2.22
CA GLU C 563 31.52 -126.74 3.17
C GLU C 563 31.19 -125.86 4.37
N GLY C 564 29.93 -125.92 4.80
CA GLY C 564 29.49 -125.11 5.93
C GLY C 564 28.13 -125.54 6.41
N THR C 565 27.86 -125.24 7.68
CA THR C 565 26.58 -125.62 8.27
C THR C 565 25.45 -124.73 7.75
N MET C 566 25.64 -123.42 7.79
CA MET C 566 24.65 -122.46 7.34
C MET C 566 25.28 -121.48 6.37
N PHE C 567 24.56 -121.16 5.30
CA PHE C 567 25.01 -120.22 4.29
C PHE C 567 24.03 -119.06 4.19
N PRO C 568 24.50 -117.82 4.17
CA PRO C 568 23.59 -116.67 4.11
C PRO C 568 22.80 -116.65 2.81
N VAL C 569 21.66 -115.96 2.87
CA VAL C 569 20.79 -115.83 1.69
C VAL C 569 21.50 -115.00 0.64
N GLY C 570 21.56 -115.50 -0.58
CA GLY C 570 22.23 -114.85 -1.68
C GLY C 570 23.64 -115.34 -1.94
N LYS C 571 24.20 -116.17 -1.06
CA LYS C 571 25.53 -116.71 -1.25
C LYS C 571 25.49 -117.85 -2.26
N ASN C 572 26.52 -117.93 -3.09
CA ASN C 572 26.62 -118.93 -4.14
C ASN C 572 27.74 -119.92 -3.82
N VAL C 573 27.53 -121.17 -4.23
CA VAL C 573 28.49 -122.24 -4.00
C VAL C 573 28.94 -122.79 -5.34
N VAL C 574 30.17 -123.27 -5.38
CA VAL C 574 30.77 -123.84 -6.59
C VAL C 574 30.89 -125.35 -6.40
N TYR C 575 30.49 -126.10 -7.43
CA TYR C 575 30.57 -127.55 -7.40
C TYR C 575 31.75 -128.03 -8.24
N THR C 576 32.36 -129.12 -7.79
CA THR C 576 33.51 -129.70 -8.47
C THR C 576 33.30 -131.21 -8.63
N CYS C 577 34.08 -131.79 -9.53
CA CYS C 577 34.04 -133.22 -9.80
C CYS C 577 35.35 -133.87 -9.38
N ASN C 578 35.27 -135.15 -9.04
CA ASN C 578 36.44 -135.91 -8.62
C ASN C 578 37.32 -136.24 -9.81
N GLU C 579 38.44 -136.91 -9.55
CA GLU C 579 39.34 -137.33 -10.62
C GLU C 579 38.67 -138.39 -11.50
N GLY C 580 38.84 -138.23 -12.80
CA GLY C 580 38.23 -139.13 -13.76
C GLY C 580 36.85 -138.74 -14.23
N TYR C 581 36.33 -137.59 -13.80
CA TYR C 581 35.00 -137.14 -14.18
C TYR C 581 35.05 -135.70 -14.63
N SER C 582 34.08 -135.32 -15.47
CA SER C 582 34.00 -133.98 -16.03
C SER C 582 32.73 -133.29 -15.55
N LEU C 583 32.75 -131.96 -15.59
CA LEU C 583 31.64 -131.14 -15.11
C LEU C 583 30.88 -130.55 -16.29
N ILE C 584 29.58 -130.77 -16.31
CA ILE C 584 28.68 -130.20 -17.31
C ILE C 584 27.47 -129.63 -16.59
N GLY C 585 27.24 -128.34 -16.73
CA GLY C 585 26.11 -127.69 -16.10
C GLY C 585 26.43 -126.22 -15.83
N ASN C 586 25.82 -125.69 -14.77
CA ASN C 586 26.02 -124.27 -14.44
C ASN C 586 27.42 -124.00 -13.92
N PRO C 587 27.92 -124.69 -12.86
CA PRO C 587 27.34 -125.68 -11.97
C PRO C 587 26.84 -125.06 -10.67
N VAL C 588 26.84 -123.73 -10.60
CA VAL C 588 26.58 -123.02 -9.36
C VAL C 588 25.15 -123.25 -8.90
N ALA C 589 25.00 -123.51 -7.60
CA ALA C 589 23.69 -123.59 -6.95
C ALA C 589 23.52 -122.36 -6.05
N ARG C 590 22.32 -121.80 -6.05
CA ARG C 590 22.05 -120.54 -5.37
C ARG C 590 21.04 -120.74 -4.24
N CYS C 591 21.33 -120.13 -3.10
CA CYS C 591 20.42 -120.17 -1.96
C CYS C 591 19.32 -119.13 -2.13
N GLY C 592 18.07 -119.57 -1.98
CA GLY C 592 16.93 -118.70 -2.10
C GLY C 592 16.39 -118.25 -0.75
N GLU C 593 15.44 -117.31 -0.80
CA GLU C 593 14.83 -116.80 0.42
C GLU C 593 13.95 -117.85 1.10
N ASP C 594 13.49 -118.86 0.36
CA ASP C 594 12.66 -119.93 0.92
C ASP C 594 13.48 -121.05 1.53
N LEU C 595 14.76 -120.80 1.86
CA LEU C 595 15.65 -121.80 2.45
C LEU C 595 15.86 -123.00 1.53
N ARG C 596 15.74 -122.78 0.22
CA ARG C 596 15.93 -123.82 -0.76
C ARG C 596 17.10 -123.46 -1.67
N TRP C 597 17.66 -124.48 -2.32
CA TRP C 597 18.80 -124.31 -3.22
C TRP C 597 18.32 -124.42 -4.67
N LEU C 598 18.51 -123.35 -5.43
CA LEU C 598 18.18 -123.36 -6.85
C LEU C 598 19.32 -124.01 -7.62
N VAL C 599 19.04 -125.12 -8.28
CA VAL C 599 20.05 -125.90 -9.00
C VAL C 599 19.60 -126.03 -10.45
N GLY C 600 20.52 -125.74 -11.38
CA GLY C 600 20.25 -125.88 -12.79
C GLY C 600 20.48 -127.29 -13.28
N GLU C 601 20.36 -127.45 -14.60
CA GLU C 601 20.55 -128.76 -15.25
C GLU C 601 22.04 -129.07 -15.29
N MET C 602 22.54 -129.58 -14.17
CA MET C 602 23.94 -129.94 -14.02
C MET C 602 24.06 -131.44 -13.77
N HIS C 603 25.11 -132.04 -14.34
CA HIS C 603 25.38 -133.47 -14.16
C HIS C 603 26.88 -133.67 -14.06
N CYS C 604 27.26 -134.79 -13.45
CA CYS C 604 28.66 -135.16 -13.27
C CYS C 604 28.96 -136.36 -14.17
N GLN C 605 29.51 -136.08 -15.35
CA GLN C 605 29.85 -137.11 -16.31
C GLN C 605 31.35 -137.41 -16.26
N LYS C 606 31.73 -138.51 -16.90
CA LYS C 606 33.13 -138.89 -16.95
C LYS C 606 33.92 -137.92 -17.84
N CYS C 609 36.79 -146.67 -22.05
CA CYS C 609 36.00 -147.00 -23.22
C CYS C 609 35.27 -148.32 -23.02
N VAL C 610 34.23 -148.54 -23.84
CA VAL C 610 33.43 -149.75 -23.77
C VAL C 610 33.63 -150.57 -25.03
N LEU C 611 32.98 -151.74 -25.08
CA LEU C 611 33.10 -152.60 -26.25
C LEU C 611 32.42 -151.94 -27.45
N PRO C 612 32.96 -152.12 -28.66
CA PRO C 612 32.33 -151.54 -29.84
C PRO C 612 31.02 -152.22 -30.21
N VAL C 613 30.45 -151.85 -31.36
CA VAL C 613 29.16 -152.37 -31.81
C VAL C 613 29.19 -153.89 -31.89
N LEU C 614 30.39 -154.46 -32.05
CA LEU C 614 30.60 -155.91 -32.04
C LEU C 614 29.76 -156.60 -33.12
N MET C 615 30.09 -156.26 -34.36
CA MET C 615 29.46 -156.90 -35.51
C MET C 615 30.01 -158.31 -35.68
N ASP C 616 29.15 -159.23 -36.12
CA ASP C 616 29.57 -160.61 -36.31
C ASP C 616 30.63 -160.74 -37.38
N GLY C 617 30.66 -159.81 -38.34
CA GLY C 617 31.65 -159.86 -39.41
C GLY C 617 32.98 -159.27 -39.04
N ILE C 618 33.03 -158.39 -38.05
CA ILE C 618 34.26 -157.71 -37.67
C ILE C 618 34.91 -158.47 -36.52
N GLN C 619 36.21 -158.24 -36.35
CA GLN C 619 36.98 -158.82 -35.27
C GLN C 619 37.83 -157.75 -34.62
N SER C 620 37.78 -157.65 -33.29
CA SER C 620 38.52 -156.64 -32.55
C SER C 620 39.87 -157.19 -32.11
N HIS C 621 40.84 -156.29 -31.99
CA HIS C 621 42.18 -156.65 -31.57
C HIS C 621 42.86 -155.48 -30.89
N PRO C 622 43.23 -155.59 -29.60
CA PRO C 622 43.03 -156.78 -28.77
C PRO C 622 41.59 -156.89 -28.25
N GLN C 623 41.17 -158.12 -27.93
CA GLN C 623 39.82 -158.38 -27.44
C GLN C 623 39.86 -158.34 -25.92
N LYS C 624 39.45 -157.21 -25.35
CA LYS C 624 39.40 -157.02 -23.91
C LYS C 624 38.04 -156.45 -23.51
N PRO C 625 37.54 -156.80 -22.33
CA PRO C 625 36.23 -156.27 -21.91
C PRO C 625 36.25 -154.78 -21.64
N PHE C 626 37.28 -154.28 -20.97
CA PHE C 626 37.40 -152.86 -20.65
C PHE C 626 38.65 -152.29 -21.31
N TYR C 627 38.56 -151.03 -21.72
CA TYR C 627 39.65 -150.33 -22.39
C TYR C 627 40.07 -149.12 -21.57
N THR C 628 41.37 -148.87 -21.51
CA THR C 628 41.92 -147.75 -20.78
C THR C 628 42.21 -146.59 -21.73
N VAL C 629 42.36 -145.40 -21.15
CA VAL C 629 42.63 -144.20 -21.93
C VAL C 629 44.06 -144.27 -22.48
N GLY C 630 44.19 -144.07 -23.79
CA GLY C 630 45.49 -144.05 -24.44
C GLY C 630 45.79 -145.28 -25.28
N GLU C 631 44.88 -146.25 -25.36
CA GLU C 631 45.08 -147.46 -26.15
C GLU C 631 44.30 -147.39 -27.45
N LYS C 632 44.78 -148.12 -28.45
CA LYS C 632 44.15 -148.18 -29.75
C LYS C 632 43.70 -149.61 -30.05
N VAL C 633 42.67 -149.73 -30.88
CA VAL C 633 42.08 -151.02 -31.25
C VAL C 633 42.12 -151.15 -32.77
N THR C 634 42.56 -152.31 -33.24
CA THR C 634 42.62 -152.61 -34.67
C THR C 634 41.45 -153.53 -35.03
N VAL C 635 40.45 -152.96 -35.68
CA VAL C 635 39.25 -153.70 -36.07
C VAL C 635 39.36 -154.06 -37.55
N SER C 636 39.01 -155.29 -37.88
CA SER C 636 39.05 -155.75 -39.27
C SER C 636 38.04 -156.87 -39.46
N CYS C 637 37.73 -157.16 -40.71
CA CYS C 637 36.81 -158.23 -41.07
C CYS C 637 37.59 -159.46 -41.53
N SER C 638 36.86 -160.45 -42.04
CA SER C 638 37.44 -161.74 -42.38
C SER C 638 38.40 -161.61 -43.57
N GLY C 639 39.06 -162.71 -43.90
CA GLY C 639 40.02 -162.71 -44.98
C GLY C 639 39.39 -162.43 -46.33
N GLY C 640 40.24 -161.99 -47.26
CA GLY C 640 39.78 -161.60 -48.59
C GLY C 640 39.15 -160.23 -48.67
N MET C 641 38.94 -159.56 -47.54
CA MET C 641 38.31 -158.25 -47.50
C MET C 641 39.07 -157.36 -46.53
N SER C 642 38.99 -156.05 -46.76
CA SER C 642 39.67 -155.06 -45.94
C SER C 642 38.69 -154.02 -45.46
N LEU C 643 38.89 -153.54 -44.23
CA LEU C 643 37.97 -152.59 -43.62
C LEU C 643 37.95 -151.28 -44.41
N GLU C 644 36.75 -150.77 -44.68
CA GLU C 644 36.59 -149.49 -45.34
C GLU C 644 36.69 -148.36 -44.33
N GLY C 645 37.48 -147.34 -44.67
CA GLY C 645 37.68 -146.22 -43.78
C GLY C 645 38.92 -146.39 -42.92
N PRO C 646 38.93 -145.72 -41.76
CA PRO C 646 40.08 -145.86 -40.86
C PRO C 646 40.20 -147.27 -40.31
N SER C 647 41.42 -147.81 -40.37
CA SER C 647 41.65 -149.18 -39.92
C SER C 647 41.82 -149.25 -38.41
N ALA C 648 42.44 -148.25 -37.80
CA ALA C 648 42.73 -148.24 -36.38
C ALA C 648 41.79 -147.27 -35.66
N PHE C 649 41.31 -147.69 -34.49
CA PHE C 649 40.43 -146.88 -33.67
C PHE C 649 41.10 -146.66 -32.31
N LEU C 650 41.04 -145.43 -31.82
CA LEU C 650 41.69 -145.04 -30.58
C LEU C 650 40.67 -144.75 -29.50
N CYS C 651 40.97 -145.20 -28.28
CA CYS C 651 40.10 -144.95 -27.14
C CYS C 651 40.28 -143.51 -26.67
N GLY C 652 39.19 -142.75 -26.63
CA GLY C 652 39.23 -141.36 -26.22
C GLY C 652 39.18 -141.20 -24.72
N SER C 653 38.57 -140.10 -24.28
CA SER C 653 38.46 -139.83 -22.85
C SER C 653 37.61 -140.89 -22.16
N SER C 654 36.34 -140.99 -22.53
CA SER C 654 35.43 -142.00 -22.00
C SER C 654 34.19 -142.03 -22.88
N LEU C 655 33.77 -143.24 -23.25
CA LEU C 655 32.62 -143.44 -24.15
C LEU C 655 32.77 -142.62 -25.43
N LYS C 656 34.00 -142.54 -25.93
CA LYS C 656 34.33 -141.67 -27.04
C LYS C 656 35.31 -142.36 -27.97
N TRP C 657 34.91 -142.55 -29.22
CA TRP C 657 35.81 -142.96 -30.29
C TRP C 657 35.84 -141.85 -31.33
N SER C 658 36.93 -141.78 -32.10
CA SER C 658 37.01 -140.73 -33.12
C SER C 658 35.99 -140.97 -34.23
N PRO C 659 36.04 -142.09 -34.99
CA PRO C 659 34.81 -142.52 -35.66
C PRO C 659 34.08 -143.58 -34.84
N GLU C 660 32.76 -143.68 -34.97
CA GLU C 660 32.02 -144.73 -34.28
C GLU C 660 31.54 -145.82 -35.22
N MET C 661 30.90 -145.46 -36.33
CA MET C 661 30.46 -146.40 -37.36
C MET C 661 29.60 -147.52 -36.75
N LYS C 662 28.52 -147.10 -36.11
CA LYS C 662 27.60 -148.05 -35.46
C LYS C 662 26.82 -148.78 -36.53
N ASN C 663 27.25 -150.01 -36.84
CA ASN C 663 26.59 -150.89 -37.81
C ASN C 663 26.52 -150.28 -39.20
N ALA C 664 27.32 -149.25 -39.48
CA ALA C 664 27.30 -148.62 -40.80
C ALA C 664 27.78 -149.59 -41.88
N ARG C 665 29.07 -149.93 -41.84
CA ARG C 665 29.66 -150.85 -42.82
C ARG C 665 31.09 -151.23 -42.42
N CYS C 666 31.46 -152.48 -42.64
CA CYS C 666 32.86 -152.90 -42.54
C CYS C 666 33.50 -153.01 -43.92
N VAL C 667 32.96 -153.87 -44.78
CA VAL C 667 33.47 -154.03 -46.13
C VAL C 667 32.42 -154.69 -47.01
N GLN C 668 32.20 -154.13 -48.21
CA GLN C 668 31.49 -154.87 -49.24
C GLN C 668 32.45 -155.72 -50.05
N LYS C 669 33.39 -155.08 -50.74
CA LYS C 669 34.54 -155.70 -51.39
C LYS C 669 35.45 -154.60 -51.90
N GLU C 670 36.75 -154.88 -51.90
CA GLU C 670 37.76 -153.93 -52.38
C GLU C 670 38.44 -154.54 -53.59
N ASN C 671 37.93 -154.20 -54.78
CA ASN C 671 38.48 -154.70 -56.03
C ASN C 671 39.45 -153.70 -56.65
N ILE D 13 58.02 -33.08 -4.58
CA ILE D 13 58.17 -31.74 -4.01
C ILE D 13 58.10 -30.69 -5.12
N SER D 14 57.10 -29.81 -5.03
CA SER D 14 56.92 -28.75 -6.00
C SER D 14 56.70 -27.43 -5.27
N THR D 15 56.93 -26.33 -5.99
CA THR D 15 56.79 -24.99 -5.44
C THR D 15 56.45 -24.03 -6.56
N ILE D 16 55.43 -23.21 -6.35
CA ILE D 16 55.01 -22.22 -7.35
C ILE D 16 55.08 -20.84 -6.74
N GLN D 17 54.73 -19.82 -7.52
CA GLN D 17 54.79 -18.44 -7.06
C GLN D 17 53.50 -18.08 -6.34
N PRO D 18 53.56 -17.63 -5.09
CA PRO D 18 52.33 -17.24 -4.38
C PRO D 18 51.70 -15.97 -4.94
N LYS D 19 50.61 -15.52 -4.32
CA LYS D 19 49.96 -14.31 -4.75
C LYS D 19 50.85 -13.10 -4.52
N ALA D 20 50.95 -12.24 -5.53
CA ALA D 20 51.78 -11.04 -5.42
C ALA D 20 51.18 -10.08 -4.41
N ASN D 21 51.96 -9.73 -3.40
CA ASN D 21 51.56 -8.80 -2.34
C ASN D 21 50.30 -9.29 -1.63
N PHE D 22 50.40 -10.49 -1.07
CA PHE D 22 49.30 -11.08 -0.31
C PHE D 22 49.13 -10.33 1.00
N ASP D 23 47.89 -9.90 1.29
CA ASP D 23 47.57 -9.15 2.49
C ASP D 23 46.66 -10.00 3.36
N ALA D 24 47.16 -10.43 4.52
CA ALA D 24 46.35 -11.23 5.42
C ALA D 24 45.21 -10.43 6.03
N GLN D 25 45.39 -9.11 6.16
CA GLN D 25 44.33 -8.28 6.73
C GLN D 25 43.13 -8.21 5.80
N GLN D 26 43.37 -7.97 4.50
CA GLN D 26 42.29 -7.94 3.53
C GLN D 26 41.76 -9.34 3.21
N PHE D 27 42.47 -10.39 3.61
CA PHE D 27 42.04 -11.76 3.39
C PHE D 27 41.22 -12.31 4.56
N ALA D 28 41.17 -11.60 5.68
CA ALA D 28 40.44 -12.07 6.84
C ALA D 28 38.95 -12.11 6.57
N GLY D 29 38.21 -12.69 7.52
CA GLY D 29 36.78 -12.84 7.39
C GLY D 29 36.34 -14.29 7.36
N THR D 30 35.15 -14.54 6.84
CA THR D 30 34.60 -15.90 6.75
C THR D 30 34.74 -16.40 5.32
N TRP D 31 35.37 -17.57 5.16
CA TRP D 31 35.52 -18.21 3.86
C TRP D 31 34.75 -19.52 3.85
N LEU D 32 34.36 -19.94 2.65
CA LEU D 32 33.56 -21.15 2.45
C LEU D 32 34.28 -22.06 1.47
N LEU D 33 34.64 -23.25 1.92
CA LEU D 33 35.31 -24.21 1.06
C LEU D 33 34.30 -24.82 0.08
N VAL D 34 34.68 -24.87 -1.19
CA VAL D 34 33.78 -25.34 -2.26
C VAL D 34 34.23 -26.69 -2.81
N ALA D 35 35.44 -26.75 -3.36
CA ALA D 35 35.94 -27.97 -3.97
C ALA D 35 37.41 -28.17 -3.60
N VAL D 36 37.79 -29.44 -3.47
CA VAL D 36 39.16 -29.82 -3.15
C VAL D 36 39.58 -30.92 -4.11
N GLY D 37 40.69 -30.70 -4.82
CA GLY D 37 41.19 -31.68 -5.76
C GLY D 37 42.50 -32.30 -5.34
N SER D 38 42.48 -33.60 -5.05
CA SER D 38 43.66 -34.33 -4.60
C SER D 38 43.36 -35.81 -4.72
N ALA D 39 44.34 -36.63 -4.36
CA ALA D 39 44.23 -38.09 -4.38
C ALA D 39 44.50 -38.59 -2.96
N CYS D 40 43.46 -38.64 -2.14
CA CYS D 40 43.55 -39.08 -0.76
C CYS D 40 42.55 -40.20 -0.52
N ARG D 41 42.82 -40.99 0.52
CA ARG D 41 41.95 -42.13 0.84
C ARG D 41 40.57 -41.66 1.27
N PHE D 42 40.51 -40.67 2.16
CA PHE D 42 39.23 -40.16 2.62
C PHE D 42 38.44 -39.52 1.48
N LEU D 43 39.14 -38.92 0.51
CA LEU D 43 38.45 -38.27 -0.60
C LEU D 43 37.85 -39.28 -1.57
N GLN D 44 38.46 -40.46 -1.71
CA GLN D 44 38.01 -41.44 -2.70
C GLN D 44 37.09 -42.51 -2.11
N GLU D 45 37.30 -42.93 -0.87
CA GLU D 45 36.42 -43.92 -0.27
C GLU D 45 35.29 -43.30 0.55
N GLN D 46 35.53 -42.18 1.21
CA GLN D 46 34.53 -41.51 2.03
C GLN D 46 34.20 -40.13 1.49
N GLY D 47 34.40 -39.91 0.19
CA GLY D 47 34.10 -38.61 -0.40
C GLY D 47 32.61 -38.32 -0.47
N HIS D 48 31.78 -39.35 -0.49
CA HIS D 48 30.35 -39.15 -0.57
C HIS D 48 29.75 -38.63 0.73
N ARG D 49 30.50 -38.70 1.83
CA ARG D 49 30.03 -38.23 3.13
C ARG D 49 30.58 -36.85 3.48
N ALA D 50 31.14 -36.13 2.52
CA ALA D 50 31.65 -34.79 2.79
C ALA D 50 30.51 -33.84 3.09
N GLU D 51 30.81 -32.84 3.93
CA GLU D 51 29.80 -31.87 4.34
C GLU D 51 30.24 -30.44 4.06
N ALA D 52 29.47 -29.47 4.54
CA ALA D 52 29.78 -28.06 4.32
C ALA D 52 30.94 -27.64 5.23
N THR D 53 32.02 -27.18 4.62
CA THR D 53 33.21 -26.74 5.34
C THR D 53 33.40 -25.24 5.14
N THR D 54 33.33 -24.49 6.24
CA THR D 54 33.58 -23.06 6.22
C THR D 54 34.88 -22.74 6.94
N LEU D 55 35.46 -21.60 6.60
CA LEU D 55 36.75 -21.18 7.13
C LEU D 55 36.65 -19.79 7.74
N HIS D 56 37.40 -19.57 8.81
CA HIS D 56 37.47 -18.27 9.48
C HIS D 56 38.93 -17.85 9.54
N VAL D 57 39.25 -16.69 9.00
CA VAL D 57 40.61 -16.18 8.90
C VAL D 57 40.75 -14.99 9.83
N ALA D 58 41.80 -14.99 10.65
CA ALA D 58 42.10 -13.89 11.56
C ALA D 58 43.60 -13.64 11.57
N PRO D 59 44.05 -12.43 11.22
CA PRO D 59 45.49 -12.16 11.19
C PRO D 59 46.08 -12.13 12.59
N GLN D 60 47.32 -12.61 12.69
CA GLN D 60 48.06 -12.60 13.95
C GLN D 60 49.55 -12.44 13.60
N GLY D 61 50.02 -11.20 13.61
CA GLY D 61 51.39 -10.94 13.20
C GLY D 61 51.61 -11.33 11.76
N THR D 62 52.69 -12.09 11.52
CA THR D 62 52.93 -12.62 10.19
C THR D 62 52.14 -13.89 9.93
N ALA D 63 51.84 -14.66 10.98
CA ALA D 63 51.08 -15.89 10.85
C ALA D 63 49.60 -15.58 10.65
N MET D 64 48.79 -16.63 10.57
CA MET D 64 47.36 -16.52 10.32
C MET D 64 46.62 -17.45 11.26
N ALA D 65 45.82 -16.88 12.17
CA ALA D 65 44.96 -17.70 13.02
C ALA D 65 43.82 -18.27 12.18
N VAL D 66 43.63 -19.58 12.27
CA VAL D 66 42.71 -20.31 11.41
C VAL D 66 41.68 -21.02 12.27
N SER D 67 40.40 -20.81 11.97
CA SER D 67 39.30 -21.50 12.62
C SER D 67 38.44 -22.17 11.55
N THR D 68 38.03 -23.41 11.83
CA THR D 68 37.26 -24.21 10.87
C THR D 68 36.05 -24.81 11.56
N PHE D 69 34.87 -24.58 10.97
CA PHE D 69 33.62 -25.14 11.46
C PHE D 69 33.13 -26.20 10.48
N ARG D 70 32.72 -27.35 11.00
CA ARG D 70 32.22 -28.43 10.17
C ARG D 70 31.40 -29.39 11.02
N LYS D 71 30.28 -29.85 10.46
CA LYS D 71 29.39 -30.76 11.16
C LYS D 71 29.98 -32.17 11.18
N LEU D 72 30.24 -32.68 12.37
CA LEU D 72 30.69 -34.05 12.57
C LEU D 72 29.59 -34.79 13.32
N ASP D 73 28.92 -35.72 12.64
CA ASP D 73 27.79 -36.47 13.20
C ASP D 73 26.70 -35.53 13.70
N GLY D 74 26.50 -34.44 12.98
CA GLY D 74 25.49 -33.44 13.34
C GLY D 74 25.99 -32.30 14.20
N ILE D 75 26.75 -32.62 15.26
CA ILE D 75 27.28 -31.61 16.16
C ILE D 75 28.46 -30.91 15.49
N CYS D 76 28.49 -29.58 15.61
CA CYS D 76 29.57 -28.80 15.02
C CYS D 76 30.84 -28.91 15.86
N TRP D 77 31.96 -28.54 15.23
CA TRP D 77 33.27 -28.59 15.86
C TRP D 77 34.11 -27.42 15.37
N GLN D 78 35.01 -26.96 16.23
CA GLN D 78 35.89 -25.84 15.92
C GLN D 78 37.33 -26.35 15.82
N VAL D 79 37.94 -26.15 14.66
CA VAL D 79 39.32 -26.55 14.41
C VAL D 79 40.18 -25.29 14.41
N ARG D 80 40.92 -25.08 15.50
CA ARG D 80 41.77 -23.90 15.65
C ARG D 80 43.22 -24.29 15.38
N GLN D 81 43.81 -23.66 14.36
CA GLN D 81 45.19 -23.89 13.99
C GLN D 81 45.90 -22.56 13.78
N LEU D 82 47.23 -22.62 13.68
CA LEU D 82 48.06 -21.44 13.49
C LEU D 82 49.08 -21.76 12.39
N TYR D 83 48.84 -21.21 11.20
CA TYR D 83 49.74 -21.42 10.06
C TYR D 83 51.03 -20.64 10.29
N GLY D 84 52.07 -21.34 10.71
CA GLY D 84 53.34 -20.67 10.96
C GLY D 84 54.00 -20.20 9.68
N ASP D 85 54.55 -18.99 9.72
CA ASP D 85 55.19 -18.42 8.54
C ASP D 85 56.51 -19.11 8.25
N THR D 86 56.80 -19.30 6.97
CA THR D 86 58.04 -19.91 6.53
C THR D 86 59.12 -18.87 6.21
N GLY D 87 58.91 -17.61 6.61
CA GLY D 87 59.83 -16.54 6.31
C GLY D 87 59.61 -15.85 4.99
N VAL D 88 58.74 -16.38 4.14
CA VAL D 88 58.42 -15.80 2.84
C VAL D 88 56.94 -15.41 2.84
N LEU D 89 56.65 -14.18 2.41
CA LEU D 89 55.27 -13.72 2.36
C LEU D 89 54.47 -14.55 1.36
N GLY D 90 53.37 -15.13 1.84
CA GLY D 90 52.53 -15.96 1.00
C GLY D 90 52.55 -17.43 1.38
N ARG D 91 53.73 -17.93 1.73
CA ARG D 91 53.89 -19.32 2.13
C ARG D 91 53.80 -19.46 3.64
N PHE D 92 53.23 -20.58 4.08
CA PHE D 92 53.03 -20.84 5.49
C PHE D 92 53.30 -22.31 5.78
N LEU D 93 53.48 -22.62 7.07
CA LEU D 93 53.80 -23.97 7.53
C LEU D 93 52.78 -24.41 8.56
N LEU D 94 52.54 -25.72 8.60
CA LEU D 94 51.60 -26.31 9.54
C LEU D 94 52.10 -27.69 9.94
N GLN D 95 51.99 -28.00 11.23
CA GLN D 95 52.42 -29.29 11.75
C GLN D 95 51.22 -30.23 11.92
N ALA D 99 50.43 -36.07 14.68
CA ALA D 99 50.57 -35.19 13.53
C ALA D 99 51.80 -35.54 12.72
N ARG D 100 51.67 -36.52 11.82
CA ARG D 100 52.76 -36.96 10.97
C ARG D 100 52.66 -36.24 9.63
N GLY D 101 53.63 -35.37 9.35
CA GLY D 101 53.67 -34.66 8.09
C GLY D 101 53.79 -33.15 8.25
N ALA D 102 54.26 -32.49 7.19
CA ALA D 102 54.41 -31.04 7.16
C ALA D 102 53.53 -30.47 6.06
N VAL D 103 52.73 -29.47 6.41
CA VAL D 103 51.78 -28.85 5.49
C VAL D 103 52.32 -27.48 5.10
N HIS D 104 52.35 -27.21 3.79
CA HIS D 104 52.81 -25.93 3.25
C HIS D 104 51.64 -25.25 2.55
N VAL D 105 51.14 -24.17 3.16
CA VAL D 105 50.02 -23.43 2.60
C VAL D 105 50.56 -22.37 1.66
N VAL D 106 50.09 -22.39 0.41
CA VAL D 106 50.52 -21.46 -0.62
C VAL D 106 49.28 -20.89 -1.30
N VAL D 107 49.14 -19.57 -1.29
CA VAL D 107 48.02 -18.88 -1.93
C VAL D 107 48.57 -18.17 -3.15
N ALA D 108 48.16 -18.61 -4.34
CA ALA D 108 48.70 -18.11 -5.60
C ALA D 108 47.75 -17.19 -6.36
N GLU D 109 46.49 -17.56 -6.49
CA GLU D 109 45.53 -16.79 -7.28
C GLU D 109 44.28 -16.56 -6.44
N THR D 110 44.00 -15.31 -6.11
CA THR D 110 42.83 -14.96 -5.31
C THR D 110 42.59 -13.46 -5.40
N ASP D 111 41.33 -13.08 -5.26
CA ASP D 111 40.95 -11.70 -5.05
C ASP D 111 40.60 -11.51 -3.57
N TYR D 112 40.08 -10.34 -3.23
CA TYR D 112 39.75 -10.02 -1.84
C TYR D 112 38.25 -9.92 -1.60
N GLN D 113 37.43 -10.29 -2.57
CA GLN D 113 35.98 -10.12 -2.42
C GLN D 113 35.17 -11.34 -2.80
N SER D 114 35.68 -12.19 -3.68
CA SER D 114 34.78 -13.22 -4.20
C SER D 114 35.28 -14.65 -4.03
N PHE D 115 36.58 -14.90 -4.27
CA PHE D 115 37.07 -16.27 -4.26
C PHE D 115 38.47 -16.32 -3.66
N ALA D 116 38.97 -17.54 -3.49
CA ALA D 116 40.30 -17.79 -2.95
C ALA D 116 40.73 -19.20 -3.31
N VAL D 117 41.98 -19.34 -3.75
CA VAL D 117 42.56 -20.62 -4.11
C VAL D 117 43.79 -20.85 -3.26
N LEU D 118 43.86 -22.02 -2.62
CA LEU D 118 44.97 -22.38 -1.73
C LEU D 118 45.64 -23.65 -2.22
N TYR D 119 46.94 -23.74 -1.96
CA TYR D 119 47.75 -24.91 -2.31
C TYR D 119 48.34 -25.49 -1.04
N LEU D 120 48.22 -26.81 -0.89
CA LEU D 120 48.73 -27.52 0.27
C LEU D 120 49.60 -28.69 -0.19
N GLU D 121 50.71 -28.90 0.51
CA GLU D 121 51.65 -29.96 0.20
C GLU D 121 51.92 -30.78 1.46
N ARG D 122 51.93 -32.11 1.30
CA ARG D 122 52.18 -33.00 2.43
C ARG D 122 52.67 -34.34 1.90
N ALA D 123 53.82 -34.79 2.41
CA ALA D 123 54.41 -36.07 2.03
C ALA D 123 54.62 -36.18 0.52
N GLY D 124 55.12 -35.09 -0.07
CA GLY D 124 55.35 -35.07 -1.50
C GLY D 124 54.11 -35.14 -2.36
N GLN D 125 52.95 -34.79 -1.81
CA GLN D 125 51.69 -34.81 -2.54
C GLN D 125 51.10 -33.41 -2.56
N LEU D 126 50.58 -33.00 -3.72
CA LEU D 126 49.99 -31.68 -3.89
C LEU D 126 48.48 -31.76 -3.79
N SER D 127 47.87 -30.65 -3.39
CA SER D 127 46.43 -30.57 -3.24
C SER D 127 45.99 -29.12 -3.40
N VAL D 128 44.77 -28.94 -3.91
CA VAL D 128 44.22 -27.62 -4.18
C VAL D 128 42.94 -27.45 -3.38
N LYS D 129 42.63 -26.20 -3.05
CA LYS D 129 41.42 -25.86 -2.31
C LYS D 129 40.80 -24.62 -2.91
N LEU D 130 39.48 -24.65 -3.10
CA LEU D 130 38.73 -23.52 -3.63
C LEU D 130 37.87 -22.93 -2.52
N TYR D 131 38.09 -21.65 -2.22
CA TYR D 131 37.35 -20.94 -1.18
C TYR D 131 36.61 -19.77 -1.81
N ALA D 132 35.41 -19.50 -1.28
CA ALA D 132 34.57 -18.41 -1.75
C ALA D 132 33.91 -17.72 -0.56
N ARG D 133 33.58 -16.45 -0.74
CA ARG D 133 32.93 -15.70 0.33
C ARG D 133 31.47 -16.08 0.50
N SER D 134 30.79 -16.44 -0.58
CA SER D 134 29.37 -16.80 -0.51
C SER D 134 29.00 -17.54 -1.78
N LEU D 135 27.83 -18.19 -1.74
CA LEU D 135 27.24 -18.94 -2.84
C LEU D 135 26.27 -18.07 -3.62
N PRO D 136 26.13 -18.31 -4.94
CA PRO D 136 26.83 -19.33 -5.73
C PRO D 136 28.21 -18.90 -6.18
N VAL D 137 28.98 -19.84 -6.72
CA VAL D 137 30.33 -19.58 -7.21
C VAL D 137 30.26 -19.27 -8.70
N SER D 138 31.01 -18.26 -9.12
CA SER D 138 31.03 -17.87 -10.53
C SER D 138 31.57 -19.01 -11.39
N ASP D 139 31.00 -19.16 -12.59
CA ASP D 139 31.43 -20.21 -13.50
C ASP D 139 32.87 -20.01 -13.96
N SER D 140 33.28 -18.75 -14.12
CA SER D 140 34.66 -18.48 -14.52
C SER D 140 35.65 -18.91 -13.46
N VAL D 141 35.30 -18.72 -12.18
CA VAL D 141 36.16 -19.14 -11.09
C VAL D 141 36.31 -20.66 -11.09
N LEU D 142 35.19 -21.37 -11.30
CA LEU D 142 35.25 -22.84 -11.36
C LEU D 142 36.06 -23.31 -12.56
N SER D 143 35.94 -22.62 -13.69
CA SER D 143 36.72 -22.98 -14.87
C SER D 143 38.21 -22.77 -14.63
N GLY D 144 38.57 -21.65 -14.00
CA GLY D 144 39.97 -21.43 -13.65
C GLY D 144 40.50 -22.45 -12.67
N PHE D 145 39.68 -22.83 -11.69
CA PHE D 145 40.08 -23.86 -10.73
C PHE D 145 40.29 -25.19 -11.43
N GLU D 146 39.41 -25.54 -12.38
CA GLU D 146 39.57 -26.78 -13.13
C GLU D 146 40.84 -26.73 -13.98
N GLN D 147 41.12 -25.60 -14.61
CA GLN D 147 42.34 -25.47 -15.40
C GLN D 147 43.58 -25.62 -14.53
N ARG D 148 43.56 -25.02 -13.34
CA ARG D 148 44.73 -25.11 -12.45
C ARG D 148 44.91 -26.52 -11.93
N VAL D 149 43.81 -27.21 -11.58
CA VAL D 149 43.94 -28.57 -11.06
C VAL D 149 44.34 -29.53 -12.17
N GLN D 150 44.02 -29.22 -13.43
CA GLN D 150 44.50 -30.03 -14.53
C GLN D 150 45.97 -29.76 -14.82
N GLU D 151 46.41 -28.51 -14.67
CA GLU D 151 47.82 -28.18 -14.82
C GLU D 151 48.65 -28.71 -13.66
N ALA D 152 48.03 -29.02 -12.52
CA ALA D 152 48.73 -29.56 -11.36
C ALA D 152 48.86 -31.08 -11.43
N HIS D 153 48.78 -31.67 -12.62
CA HIS D 153 48.95 -33.11 -12.82
C HIS D 153 47.91 -33.92 -12.03
N LEU D 154 46.70 -33.38 -11.96
CA LEU D 154 45.59 -34.04 -11.27
C LEU D 154 44.44 -34.23 -12.25
N THR D 155 43.77 -35.38 -12.15
CA THR D 155 42.69 -35.71 -13.07
C THR D 155 41.39 -35.05 -12.61
N GLU D 156 40.40 -35.06 -13.53
CA GLU D 156 39.11 -34.47 -13.22
C GLU D 156 38.32 -35.31 -12.23
N ASP D 157 38.49 -36.63 -12.26
CA ASP D 157 37.78 -37.51 -11.34
C ASP D 157 38.20 -37.28 -9.89
N GLN D 158 39.38 -36.73 -9.65
CA GLN D 158 39.86 -36.43 -8.32
C GLN D 158 39.28 -35.15 -7.74
N ILE D 159 38.36 -34.51 -8.46
CA ILE D 159 37.68 -33.30 -7.98
C ILE D 159 36.41 -33.72 -7.25
N PHE D 160 36.14 -33.09 -6.11
CA PHE D 160 35.01 -33.44 -5.28
C PHE D 160 34.30 -32.17 -4.84
N TYR D 161 33.01 -32.08 -5.11
CA TYR D 161 32.20 -30.93 -4.74
C TYR D 161 31.56 -31.13 -3.38
N PHE D 162 31.35 -30.03 -2.67
CA PHE D 162 30.80 -30.03 -1.33
C PHE D 162 29.41 -29.42 -1.31
N PRO D 163 28.59 -29.76 -0.31
CA PRO D 163 27.25 -29.17 -0.23
C PRO D 163 27.30 -27.65 -0.07
N LYS D 164 26.25 -26.98 -0.52
CA LYS D 164 26.17 -25.53 -0.51
C LYS D 164 25.33 -25.00 0.64
N TYR D 165 25.09 -25.81 1.67
CA TYR D 165 24.32 -25.38 2.82
C TYR D 165 24.72 -26.22 4.02
N GLY D 166 24.25 -25.80 5.20
CA GLY D 166 24.57 -26.49 6.43
C GLY D 166 25.83 -26.02 7.11
N PHE D 167 26.25 -24.78 6.90
CA PHE D 167 27.46 -24.26 7.53
C PHE D 167 27.21 -23.89 8.98
N CYS D 168 28.15 -24.25 9.84
CA CYS D 168 28.01 -23.99 11.27
C CYS D 168 28.20 -22.51 11.57
N GLU D 169 27.33 -21.98 12.44
CA GLU D 169 27.46 -20.59 12.86
C GLU D 169 28.62 -20.42 13.82
N ALA D 170 28.60 -21.15 14.94
CA ALA D 170 29.67 -21.08 15.93
C ALA D 170 29.62 -22.34 16.78
N ALA D 171 30.80 -22.76 17.25
CA ALA D 171 30.91 -23.95 18.07
C ALA D 171 30.83 -23.59 19.55
N ASP D 172 31.13 -24.54 20.42
CA ASP D 172 31.06 -24.36 21.86
C ASP D 172 32.45 -24.60 22.46
N GLN D 173 32.57 -24.29 23.76
CA GLN D 173 33.84 -24.48 24.45
C GLN D 173 34.24 -25.96 24.46
N PHE D 174 33.26 -26.86 24.56
CA PHE D 174 33.57 -28.29 24.57
C PHE D 174 34.01 -28.77 23.20
N HIS D 175 33.37 -28.28 22.14
CA HIS D 175 33.66 -28.72 20.77
C HIS D 175 34.66 -27.73 20.17
N VAL D 176 35.95 -27.98 20.40
CA VAL D 176 37.00 -27.12 19.90
C VAL D 176 38.28 -27.94 19.79
N LEU D 177 39.12 -27.58 18.82
CA LEU D 177 40.40 -28.22 18.61
C LEU D 177 41.52 -27.32 19.12
N ASP D 178 42.60 -27.95 19.60
CA ASP D 178 43.65 -27.25 20.33
C ASP D 178 45.03 -27.60 19.77
N GLU D 179 45.16 -27.52 18.44
CA GLU D 179 46.47 -27.74 17.83
C GLU D 179 47.46 -26.66 18.24
N VAL D 180 47.00 -25.43 18.45
CA VAL D 180 47.87 -24.34 18.85
C VAL D 180 48.41 -24.56 20.26
N CYS E 9 60.86 -34.47 74.20
CA CYS E 9 61.02 -35.79 73.60
C CYS E 9 61.99 -36.65 74.41
N GLN E 10 61.59 -37.88 74.68
CA GLN E 10 62.40 -38.82 75.46
C GLN E 10 62.79 -39.99 74.56
N LEU E 11 64.09 -40.20 74.39
CA LEU E 11 64.62 -41.29 73.59
C LEU E 11 65.53 -42.16 74.44
N SER E 12 65.46 -43.46 74.23
CA SER E 12 66.25 -44.41 75.00
C SER E 12 67.71 -44.38 74.54
N ASN E 13 68.54 -45.18 75.20
CA ASN E 13 69.96 -45.24 74.88
C ASN E 13 70.18 -46.05 73.60
N TRP E 14 71.37 -45.86 73.03
CA TRP E 14 71.73 -46.58 71.81
C TRP E 14 71.90 -48.06 72.11
N SER E 15 71.31 -48.90 71.25
CA SER E 15 71.41 -50.35 71.44
C SER E 15 72.82 -50.84 71.13
N GLU E 16 73.05 -52.11 71.44
CA GLU E 16 74.36 -52.71 71.19
C GLU E 16 74.61 -52.82 69.68
N TRP E 17 75.89 -52.68 69.31
CA TRP E 17 76.28 -52.76 67.91
C TRP E 17 76.08 -54.18 67.38
N THR E 18 75.34 -54.28 66.27
CA THR E 18 75.11 -55.58 65.66
C THR E 18 76.37 -56.07 64.96
N ASP E 19 76.37 -57.35 64.61
CA ASP E 19 77.51 -57.95 63.92
C ASP E 19 77.69 -57.34 62.53
N CYS E 20 78.94 -57.24 62.11
CA CYS E 20 79.25 -56.67 60.81
C CYS E 20 78.87 -57.65 59.70
N PHE E 21 78.47 -57.08 58.56
CA PHE E 21 78.04 -57.88 57.41
C PHE E 21 79.11 -57.90 56.35
N PRO E 22 79.30 -59.05 55.66
CA PRO E 22 80.34 -59.11 54.63
C PRO E 22 80.05 -58.20 53.44
N CYS E 23 78.80 -58.16 52.97
CA CYS E 23 78.48 -57.36 51.78
C CYS E 23 78.22 -55.91 52.13
N GLN E 24 77.37 -55.66 53.14
CA GLN E 24 77.11 -54.29 53.56
C GLN E 24 78.35 -53.63 54.13
N ASP E 25 79.08 -54.34 54.99
CA ASP E 25 80.29 -53.82 55.63
C ASP E 25 79.98 -52.55 56.44
N LYS E 26 78.86 -52.56 57.14
CA LYS E 26 78.41 -51.43 57.94
C LYS E 26 77.99 -51.90 59.32
N LYS E 27 77.87 -50.96 60.23
CA LYS E 27 77.39 -51.20 61.58
C LYS E 27 76.04 -50.52 61.76
N TYR E 28 75.26 -51.04 62.72
CA TYR E 28 73.89 -50.58 62.92
C TYR E 28 73.55 -50.53 64.40
N ARG E 29 72.70 -49.58 64.76
CA ARG E 29 72.16 -49.45 66.11
C ARG E 29 70.89 -48.62 66.04
N HIS E 30 70.08 -48.71 67.09
CA HIS E 30 68.80 -48.02 67.10
C HIS E 30 68.34 -47.84 68.54
N ARG E 31 67.27 -47.07 68.70
CA ARG E 31 66.64 -46.86 70.00
C ARG E 31 65.14 -46.69 69.79
N SER E 32 64.42 -46.60 70.90
CA SER E 32 62.96 -46.50 70.89
C SER E 32 62.50 -45.10 71.24
N LEU E 33 61.34 -44.72 70.71
CA LEU E 33 60.73 -43.42 70.99
C LEU E 33 59.79 -43.58 72.17
N LEU E 34 60.20 -43.06 73.33
CA LEU E 34 59.41 -43.22 74.55
C LEU E 34 58.27 -42.21 74.62
N GLN E 35 58.58 -40.93 74.48
CA GLN E 35 57.57 -39.88 74.62
C GLN E 35 57.72 -38.81 73.55
N PRO E 36 56.75 -38.68 72.66
CA PRO E 36 56.82 -37.63 71.63
C PRO E 36 56.33 -36.30 72.18
N ASN E 37 56.38 -35.28 71.32
CA ASN E 37 55.94 -33.93 71.67
C ASN E 37 54.42 -33.85 71.62
N LYS E 38 53.77 -34.00 72.76
CA LYS E 38 52.31 -33.98 72.79
C LYS E 38 51.78 -32.55 72.74
N PHE E 39 52.10 -31.74 73.75
CA PHE E 39 51.59 -30.37 73.85
C PHE E 39 52.71 -29.34 73.75
N GLY E 40 53.70 -29.41 74.63
CA GLY E 40 54.76 -28.42 74.64
C GLY E 40 56.13 -28.98 74.97
N GLY E 41 56.27 -30.31 74.88
CA GLY E 41 57.55 -30.92 75.17
C GLY E 41 58.61 -30.56 74.15
N THR E 42 59.86 -30.52 74.62
CA THR E 42 60.98 -30.20 73.74
C THR E 42 61.19 -31.32 72.74
N ILE E 43 61.20 -30.97 71.45
CA ILE E 43 61.34 -31.98 70.40
C ILE E 43 62.75 -32.55 70.40
N CYS E 44 62.91 -33.70 69.76
CA CYS E 44 64.19 -34.40 69.67
C CYS E 44 64.61 -34.45 68.21
N SER E 45 65.65 -33.68 67.86
CA SER E 45 66.15 -33.72 66.49
C SER E 45 66.75 -35.07 66.15
N GLY E 46 67.31 -35.77 67.12
CA GLY E 46 67.88 -37.07 66.87
C GLY E 46 66.82 -38.09 66.49
N ASP E 47 67.18 -38.96 65.55
CA ASP E 47 66.28 -39.99 65.07
C ASP E 47 66.54 -41.30 65.83
N ILE E 48 65.70 -42.29 65.54
CA ILE E 48 65.82 -43.60 66.19
C ILE E 48 66.73 -44.55 65.43
N TRP E 49 67.36 -44.10 64.34
CA TRP E 49 68.16 -44.95 63.48
C TRP E 49 69.53 -44.33 63.29
N ASP E 50 70.52 -45.20 63.03
CA ASP E 50 71.89 -44.76 62.84
C ASP E 50 72.65 -45.85 62.11
N GLN E 51 73.78 -45.46 61.51
CA GLN E 51 74.63 -46.39 60.80
C GLN E 51 76.09 -45.98 61.02
N ALA E 52 76.99 -46.93 60.79
CA ALA E 52 78.41 -46.71 61.01
C ALA E 52 79.21 -47.58 60.05
N SER E 53 80.31 -47.03 59.54
CA SER E 53 81.17 -47.79 58.65
C SER E 53 81.81 -48.96 59.39
N CYS E 54 82.14 -50.01 58.64
CA CYS E 54 82.75 -51.21 59.21
C CYS E 54 83.87 -51.67 58.28
N SER E 55 84.78 -52.46 58.85
CA SER E 55 85.90 -53.01 58.11
C SER E 55 86.11 -54.47 58.47
N SER E 56 85.02 -55.20 58.71
CA SER E 56 85.08 -56.61 59.11
C SER E 56 84.44 -57.53 58.07
N SER E 57 84.42 -57.12 56.80
CA SER E 57 83.88 -57.98 55.75
C SER E 57 84.72 -59.25 55.63
N THR E 58 84.04 -60.38 55.48
CA THR E 58 84.69 -61.68 55.44
C THR E 58 84.56 -62.36 54.08
N THR E 59 83.34 -62.58 53.60
CA THR E 59 83.10 -63.33 52.36
C THR E 59 81.97 -62.64 51.59
N CYS E 60 82.36 -61.82 50.61
CA CYS E 60 81.39 -61.20 49.71
C CYS E 60 82.08 -60.69 48.44
N CYS E 66 71.29 -67.17 43.44
CA CYS E 66 70.10 -67.86 42.96
C CYS E 66 70.35 -69.36 42.80
N GLY E 67 71.33 -69.71 41.98
CA GLY E 67 71.55 -71.10 41.62
C GLY E 67 70.70 -71.60 40.48
N GLN E 68 69.89 -70.74 39.88
CA GLN E 68 68.99 -71.11 38.80
C GLN E 68 69.71 -70.94 37.46
N ASP E 69 68.93 -70.94 36.37
CA ASP E 69 69.49 -70.85 35.03
C ASP E 69 70.39 -69.62 34.88
N PHE E 70 69.91 -68.45 35.32
CA PHE E 70 70.69 -67.23 35.19
C PHE E 70 70.37 -66.30 36.36
N GLN E 71 71.30 -65.39 36.64
CA GLN E 71 71.15 -64.43 37.73
C GLN E 71 71.88 -63.14 37.33
N CYS E 72 71.27 -62.01 37.68
CA CYS E 72 71.92 -60.72 37.45
C CYS E 72 73.22 -60.64 38.25
N LYS E 73 74.11 -59.75 37.82
CA LYS E 73 75.43 -59.67 38.43
C LYS E 73 75.36 -59.12 39.85
N GLU E 74 74.82 -57.91 40.01
CA GLU E 74 74.79 -57.25 41.31
C GLU E 74 73.50 -57.50 42.09
N THR E 75 72.39 -57.76 41.41
CA THR E 75 71.12 -58.02 42.06
C THR E 75 70.81 -59.52 42.01
N GLY E 76 70.16 -60.02 43.04
CA GLY E 76 69.89 -61.44 43.15
C GLY E 76 68.61 -61.87 42.45
N ARG E 77 68.28 -61.24 41.33
CA ARG E 77 67.08 -61.58 40.58
C ARG E 77 67.31 -62.89 39.82
N CYS E 78 66.48 -63.88 40.09
CA CYS E 78 66.59 -65.20 39.47
C CYS E 78 65.83 -65.18 38.15
N LEU E 79 66.56 -65.32 37.04
CA LEU E 79 65.99 -65.25 35.71
C LEU E 79 66.33 -66.50 34.92
N LYS E 80 65.39 -66.97 34.11
CA LYS E 80 65.61 -68.13 33.28
C LYS E 80 66.44 -67.76 32.05
N ARG E 81 67.05 -68.77 31.44
CA ARG E 81 67.93 -68.54 30.29
C ARG E 81 67.16 -68.15 29.03
N HIS E 82 65.85 -68.39 28.98
CA HIS E 82 65.08 -68.02 27.80
C HIS E 82 64.88 -66.51 27.68
N LEU E 83 65.19 -65.75 28.73
CA LEU E 83 65.08 -64.30 28.70
C LEU E 83 66.41 -63.62 28.43
N VAL E 84 67.47 -64.38 28.16
CA VAL E 84 68.79 -63.82 27.88
C VAL E 84 68.89 -63.57 26.38
N CYS E 85 69.36 -62.37 26.02
CA CYS E 85 69.53 -61.95 24.63
C CYS E 85 68.20 -62.03 23.88
N ASN E 86 67.23 -61.25 24.36
CA ASN E 86 65.91 -61.22 23.76
C ASN E 86 65.43 -59.80 23.42
N GLY E 87 66.32 -58.81 23.51
CA GLY E 87 65.92 -57.44 23.23
C GLY E 87 65.13 -56.77 24.31
N ASP E 88 65.37 -57.13 25.57
CA ASP E 88 64.66 -56.53 26.69
C ASP E 88 65.55 -56.63 27.93
N GLN E 89 65.85 -55.49 28.53
CA GLN E 89 66.74 -55.43 29.69
C GLN E 89 65.96 -55.88 30.92
N ASP E 90 66.26 -57.08 31.41
CA ASP E 90 65.63 -57.59 32.63
C ASP E 90 66.42 -57.25 33.89
N CYS E 91 67.72 -57.05 33.78
CA CYS E 91 68.54 -56.60 34.89
C CYS E 91 68.86 -55.12 34.73
N LEU E 92 68.93 -54.42 35.86
CA LEU E 92 69.30 -53.00 35.82
C LEU E 92 70.77 -52.84 35.47
N ASP E 93 71.59 -53.85 35.75
CA ASP E 93 73.01 -53.78 35.42
C ASP E 93 73.26 -54.05 33.93
N GLY E 94 72.39 -54.81 33.28
CA GLY E 94 72.54 -55.11 31.87
C GLY E 94 73.26 -56.41 31.56
N SER E 95 73.23 -57.38 32.46
CA SER E 95 73.92 -58.65 32.25
C SER E 95 73.14 -59.61 31.38
N ASP E 96 71.96 -59.23 30.89
CA ASP E 96 71.16 -60.11 30.06
C ASP E 96 71.26 -59.80 28.57
N GLU E 97 71.60 -58.57 28.20
CA GLU E 97 71.74 -58.16 26.81
C GLU E 97 73.16 -57.75 26.48
N ASP E 98 74.13 -58.33 27.19
CA ASP E 98 75.54 -58.06 26.96
C ASP E 98 76.18 -59.23 26.23
N ASP E 99 77.10 -58.92 25.32
CA ASP E 99 77.83 -59.89 24.50
C ASP E 99 76.92 -60.66 23.56
N CYS E 100 75.66 -60.25 23.41
CA CYS E 100 74.73 -60.90 22.49
C CYS E 100 75.05 -60.43 21.08
N GLU E 101 76.11 -61.04 20.51
CA GLU E 101 76.58 -60.62 19.20
C GLU E 101 75.75 -61.22 18.07
N ASP E 102 75.77 -62.55 17.96
CA ASP E 102 75.01 -63.25 16.92
C ASP E 102 73.72 -63.81 17.52
N VAL E 103 72.79 -62.90 17.78
CA VAL E 103 71.48 -63.25 18.35
C VAL E 103 70.43 -62.38 17.68
N ARG E 104 69.47 -63.01 17.01
CA ARG E 104 68.35 -62.28 16.43
C ARG E 104 67.34 -61.91 17.50
N ALA E 105 66.82 -60.70 17.41
CA ALA E 105 65.88 -60.16 18.40
C ALA E 105 64.59 -59.79 17.70
N ILE E 106 63.54 -60.59 17.93
CA ILE E 106 62.24 -60.31 17.33
C ILE E 106 61.62 -59.10 18.02
N ASP E 107 60.80 -58.37 17.26
CA ASP E 107 60.13 -57.18 17.77
C ASP E 107 58.71 -57.44 18.24
N GLU E 108 58.02 -58.39 17.63
CA GLU E 108 56.67 -58.81 18.00
C GLU E 108 55.64 -57.70 17.86
N ASP E 109 56.02 -56.56 17.29
CA ASP E 109 55.17 -55.36 17.28
C ASP E 109 54.68 -55.04 18.69
N CYS E 110 55.58 -55.16 19.66
CA CYS E 110 55.26 -55.03 21.07
C CYS E 110 56.03 -53.92 21.77
N SER E 111 57.32 -53.76 21.44
CA SER E 111 58.12 -52.71 22.04
C SER E 111 57.79 -51.32 21.51
N GLN E 112 57.00 -51.23 20.44
CA GLN E 112 56.58 -49.94 19.92
C GLN E 112 55.50 -49.30 20.78
N TYR E 113 54.70 -50.11 21.45
CA TYR E 113 53.61 -49.62 22.29
C TYR E 113 54.07 -49.51 23.74
N GLU E 114 53.52 -48.52 24.44
CA GLU E 114 53.92 -48.19 25.80
C GLU E 114 53.08 -48.95 26.82
N PRO E 115 53.61 -49.20 28.02
CA PRO E 115 52.85 -49.90 29.05
C PRO E 115 51.68 -49.06 29.56
N ILE E 116 50.89 -49.69 30.42
CA ILE E 116 49.69 -49.03 30.96
C ILE E 116 50.08 -47.81 31.78
N PRO E 117 49.41 -46.68 31.63
CA PRO E 117 49.67 -45.53 32.50
C PRO E 117 49.11 -45.77 33.89
N GLY E 118 49.95 -45.57 34.90
CA GLY E 118 49.55 -45.74 36.29
C GLY E 118 50.22 -46.89 37.00
N SER E 119 51.12 -47.62 36.34
CA SER E 119 51.82 -48.71 37.00
C SER E 119 52.72 -48.23 38.13
N GLN E 120 53.13 -46.96 38.09
CA GLN E 120 54.01 -46.42 39.13
C GLN E 120 53.33 -46.47 40.49
N LYS E 121 52.07 -46.04 40.56
CA LYS E 121 51.36 -46.05 41.83
C LYS E 121 51.06 -47.47 42.30
N ALA E 122 50.76 -48.36 41.35
CA ALA E 122 50.48 -49.75 41.72
C ALA E 122 51.74 -50.47 42.19
N ALA E 123 52.91 -50.01 41.76
CA ALA E 123 54.17 -50.61 42.16
C ALA E 123 54.72 -50.07 43.47
N LEU E 124 54.07 -49.06 44.05
CA LEU E 124 54.53 -48.47 45.30
C LEU E 124 53.83 -49.10 46.49
N GLY E 125 54.51 -49.06 47.63
CA GLY E 125 53.94 -49.53 48.87
C GLY E 125 52.98 -48.51 49.48
N TYR E 126 52.46 -48.86 50.65
CA TYR E 126 51.50 -48.00 51.34
C TYR E 126 51.71 -48.12 52.84
N ASN E 127 51.63 -46.98 53.53
CA ASN E 127 51.74 -46.92 54.98
C ASN E 127 50.42 -46.39 55.54
N ILE E 128 49.75 -47.22 56.34
CA ILE E 128 48.46 -46.83 56.88
C ILE E 128 48.58 -45.76 57.96
N LEU E 129 49.76 -45.57 58.53
CA LEU E 129 49.92 -44.59 59.60
C LEU E 129 49.94 -43.17 59.05
N THR E 130 50.67 -42.94 57.95
CA THR E 130 50.80 -41.62 57.36
C THR E 130 50.03 -41.45 56.06
N GLN E 131 49.47 -42.52 55.51
CA GLN E 131 48.73 -42.48 54.24
C GLN E 131 49.60 -41.91 53.11
N GLU E 132 50.88 -42.29 53.11
CA GLU E 132 51.84 -41.83 52.13
C GLU E 132 52.39 -43.02 51.34
N ASP E 133 53.10 -42.72 50.26
CA ASP E 133 53.67 -43.73 49.38
C ASP E 133 55.12 -43.98 49.74
N ALA E 134 55.48 -45.26 49.82
CA ALA E 134 56.85 -45.67 50.11
C ALA E 134 57.62 -45.86 48.80
N GLN E 135 58.80 -46.47 48.89
CA GLN E 135 59.61 -46.71 47.70
C GLN E 135 58.95 -47.77 46.82
N SER E 136 59.60 -48.07 45.69
CA SER E 136 59.07 -49.04 44.75
C SER E 136 59.09 -50.44 45.35
N VAL E 137 57.97 -51.15 45.20
CA VAL E 137 57.84 -52.51 45.70
C VAL E 137 57.91 -53.53 44.57
N TYR E 138 57.06 -53.36 43.56
CA TYR E 138 57.05 -54.23 42.39
C TYR E 138 57.81 -53.57 41.24
N ASP E 139 58.32 -54.41 40.34
CA ASP E 139 59.05 -53.94 39.17
C ASP E 139 58.05 -53.62 38.07
N ALA E 140 57.80 -52.34 37.85
CA ALA E 140 56.84 -51.90 36.85
C ALA E 140 57.38 -52.01 35.42
N SER E 141 58.68 -52.28 35.25
CA SER E 141 59.28 -52.40 33.94
C SER E 141 59.68 -53.84 33.61
N TYR E 142 59.32 -54.80 34.45
CA TYR E 142 59.65 -56.20 34.22
C TYR E 142 58.50 -56.85 33.45
N TYR E 143 58.81 -57.43 32.29
CA TYR E 143 57.81 -58.10 31.47
C TYR E 143 58.00 -59.61 31.40
N GLY E 144 59.21 -60.11 31.64
CA GLY E 144 59.46 -61.54 31.56
C GLY E 144 59.15 -62.14 30.21
N GLY E 145 59.47 -61.44 29.14
CA GLY E 145 59.19 -61.90 27.80
C GLY E 145 57.73 -61.92 27.39
N GLN E 146 56.81 -61.78 28.33
CA GLN E 146 55.38 -61.81 28.01
C GLN E 146 54.95 -60.50 27.36
N CYS E 147 54.08 -60.61 26.37
CA CYS E 147 53.53 -59.45 25.65
C CYS E 147 52.01 -59.60 25.59
N GLU E 148 51.33 -59.03 26.57
CA GLU E 148 49.87 -59.01 26.60
C GLU E 148 49.38 -57.60 26.32
N THR E 149 48.35 -57.50 25.49
CA THR E 149 47.79 -56.22 25.08
C THR E 149 46.31 -56.18 25.43
N VAL E 150 45.87 -55.03 25.95
CA VAL E 150 44.48 -54.82 26.34
C VAL E 150 43.98 -53.58 25.61
N TYR E 151 42.82 -53.71 24.97
CA TYR E 151 42.25 -52.62 24.18
C TYR E 151 41.87 -51.45 25.10
N ASN E 152 42.49 -50.29 24.86
CA ASN E 152 42.18 -49.11 25.64
C ASN E 152 40.84 -48.52 25.24
N GLY E 153 40.27 -47.73 26.14
CA GLY E 153 38.98 -47.11 25.90
C GLY E 153 39.06 -45.65 25.51
N GLU E 154 40.26 -45.08 25.59
CA GLU E 154 40.45 -43.67 25.26
C GLU E 154 40.91 -43.43 23.84
N TRP E 155 40.57 -44.34 22.94
CA TRP E 155 40.95 -44.23 21.53
C TRP E 155 39.91 -43.42 20.74
N ARG E 156 39.57 -42.24 21.26
CA ARG E 156 38.64 -41.36 20.55
C ARG E 156 38.98 -39.88 20.76
N GLU E 157 40.22 -39.56 21.12
CA GLU E 157 40.56 -38.20 21.57
C GLU E 157 40.32 -37.14 20.50
N LEU E 158 41.13 -37.15 19.45
CA LEU E 158 41.02 -36.17 18.36
C LEU E 158 42.06 -36.42 17.28
N ARG E 159 41.75 -36.03 16.04
CA ARG E 159 42.72 -36.01 14.95
C ARG E 159 42.15 -35.26 13.75
N TYR E 160 42.96 -34.39 13.14
CA TYR E 160 42.53 -33.59 12.00
C TYR E 160 43.52 -33.77 10.85
N ASP E 161 43.03 -33.56 9.62
CA ASP E 161 43.86 -33.65 8.42
C ASP E 161 43.39 -32.57 7.46
N SER E 162 44.18 -31.49 7.36
CA SER E 162 43.79 -30.36 6.53
C SER E 162 43.93 -30.68 5.05
N THR E 163 45.02 -31.37 4.67
CA THR E 163 45.26 -31.64 3.25
C THR E 163 44.18 -32.56 2.66
N CYS E 164 43.64 -33.47 3.46
CA CYS E 164 42.62 -34.40 2.99
C CYS E 164 41.21 -34.02 3.44
N GLU E 165 41.06 -32.98 4.25
CA GLU E 165 39.78 -32.58 4.83
C GLU E 165 39.12 -33.78 5.53
N ARG E 166 39.91 -34.43 6.39
CA ARG E 166 39.49 -35.65 7.07
C ARG E 166 39.49 -35.41 8.58
N LEU E 167 38.36 -35.75 9.21
CA LEU E 167 38.22 -35.63 10.65
C LEU E 167 37.86 -37.00 11.22
N TYR E 168 38.73 -37.52 12.09
CA TYR E 168 38.54 -38.85 12.65
C TYR E 168 39.35 -38.94 13.94
N TYR E 169 39.21 -40.08 14.61
CA TYR E 169 39.88 -40.28 15.91
C TYR E 169 41.32 -40.70 15.70
N GLY E 170 42.20 -40.23 16.59
CA GLY E 170 43.62 -40.50 16.49
C GLY E 170 43.96 -41.98 16.54
N ASP E 171 44.39 -42.53 15.41
CA ASP E 171 44.69 -43.96 15.28
C ASP E 171 46.17 -44.27 15.44
N ASP E 172 46.91 -43.48 16.21
CA ASP E 172 48.33 -43.72 16.37
C ASP E 172 48.60 -44.79 17.43
N GLU E 173 48.18 -44.54 18.66
CA GLU E 173 48.47 -45.43 19.79
C GLU E 173 47.16 -45.93 20.39
N LYS E 174 46.76 -47.15 20.02
CA LYS E 174 45.66 -47.85 20.68
C LYS E 174 46.14 -49.26 21.05
N TYR E 175 46.85 -49.34 22.17
CA TYR E 175 47.36 -50.59 22.75
C TYR E 175 47.99 -50.26 24.09
N PHE E 176 47.79 -51.14 25.06
CA PHE E 176 48.40 -51.00 26.39
C PHE E 176 49.08 -52.30 26.75
N ARG E 177 50.39 -52.24 27.00
CA ARG E 177 51.16 -53.42 27.36
C ARG E 177 51.04 -53.70 28.85
N LYS E 178 50.94 -54.99 29.19
CA LYS E 178 50.76 -55.41 30.57
C LYS E 178 52.05 -56.02 31.09
N PRO E 179 52.63 -55.47 32.17
CA PRO E 179 53.84 -56.08 32.75
C PRO E 179 53.56 -57.47 33.33
N TYR E 180 54.64 -58.19 33.60
CA TYR E 180 54.52 -59.55 34.13
C TYR E 180 53.86 -59.55 35.51
N ASN E 181 54.14 -58.53 36.32
CA ASN E 181 53.62 -58.49 37.69
C ASN E 181 52.15 -58.14 37.77
N PHE E 182 51.48 -57.88 36.66
CA PHE E 182 50.08 -57.49 36.65
C PHE E 182 49.24 -58.60 36.03
N LEU E 183 48.16 -58.97 36.71
CA LEU E 183 47.30 -60.04 36.22
C LEU E 183 46.44 -59.58 35.05
N LYS E 184 45.67 -58.52 35.26
CA LYS E 184 44.80 -58.00 34.21
C LYS E 184 44.47 -56.55 34.52
N TYR E 185 44.31 -55.74 33.48
CA TYR E 185 44.01 -54.32 33.64
C TYR E 185 42.53 -54.01 33.63
N HIS E 186 41.68 -54.98 33.28
CA HIS E 186 40.23 -54.92 33.46
C HIS E 186 39.64 -53.59 32.96
N PHE E 187 39.78 -53.37 31.66
CA PHE E 187 39.17 -52.19 31.05
C PHE E 187 37.65 -52.30 31.10
N GLU E 188 37.04 -51.44 31.90
CA GLU E 188 35.59 -51.39 32.05
C GLU E 188 35.19 -49.93 32.29
N ALA E 189 33.94 -49.73 32.72
CA ALA E 189 33.44 -48.38 32.94
C ALA E 189 32.24 -48.44 33.87
N LEU E 190 32.32 -47.75 34.99
CA LEU E 190 31.22 -47.64 35.94
C LEU E 190 31.16 -46.22 36.48
N ALA E 191 29.95 -45.79 36.84
CA ALA E 191 29.76 -44.45 37.37
C ALA E 191 28.55 -44.44 38.29
N ASP E 192 28.74 -43.95 39.51
CA ASP E 192 27.67 -43.83 40.49
C ASP E 192 27.82 -42.48 41.20
N THR E 193 26.91 -41.55 40.91
CA THR E 193 26.96 -40.20 41.46
C THR E 193 25.71 -39.98 42.31
N GLY E 194 25.91 -39.70 43.60
CA GLY E 194 24.80 -39.47 44.49
C GLY E 194 24.95 -38.24 45.38
N ILE E 195 23.98 -37.34 45.32
CA ILE E 195 23.98 -36.12 46.12
C ILE E 195 22.94 -36.25 47.22
N SER E 196 23.31 -35.83 48.43
CA SER E 196 22.45 -35.89 49.60
C SER E 196 22.11 -34.47 50.04
N SER E 197 20.84 -34.23 50.34
CA SER E 197 20.37 -32.90 50.74
C SER E 197 19.45 -33.04 51.94
N GLU E 198 19.66 -32.18 52.94
CA GLU E 198 18.85 -32.19 54.15
C GLU E 198 18.58 -30.75 54.54
N PHE E 199 17.30 -30.35 54.53
CA PHE E 199 16.89 -29.02 54.97
C PHE E 199 15.80 -29.17 56.03
N TYR E 200 16.13 -28.78 57.25
CA TYR E 200 15.18 -28.81 58.37
C TYR E 200 14.99 -27.40 58.90
N ASP E 201 13.78 -27.13 59.40
CA ASP E 201 13.44 -25.84 59.98
C ASP E 201 12.56 -26.06 61.19
N ASN E 202 12.89 -25.38 62.29
CA ASN E 202 12.11 -25.48 63.53
C ASN E 202 11.99 -24.09 64.11
N ALA E 203 10.77 -23.69 64.46
CA ALA E 203 10.51 -22.37 65.02
C ALA E 203 9.50 -22.49 66.15
N ASN E 204 9.71 -21.70 67.20
CA ASN E 204 8.83 -21.68 68.36
C ASN E 204 8.62 -20.24 68.80
N ASP E 205 7.39 -19.92 69.19
CA ASP E 205 7.03 -18.58 69.61
C ASP E 205 6.11 -18.65 70.81
N LEU E 206 6.37 -17.81 71.81
CA LEU E 206 5.57 -17.77 73.02
C LEU E 206 5.44 -16.32 73.48
N LEU E 207 4.21 -15.88 73.71
CA LEU E 207 3.94 -14.51 74.15
C LEU E 207 2.92 -14.56 75.28
N SER E 208 3.28 -14.01 76.43
CA SER E 208 2.41 -13.98 77.59
C SER E 208 2.43 -12.59 78.21
N LYS E 209 1.24 -12.04 78.45
CA LYS E 209 1.10 -10.73 79.06
C LYS E 209 -0.06 -10.74 80.04
N VAL E 210 0.19 -10.30 81.26
CA VAL E 210 -0.82 -10.29 82.33
C VAL E 210 -0.93 -8.87 82.87
N LYS E 211 -2.15 -8.48 83.23
CA LYS E 211 -2.42 -7.15 83.75
C LYS E 211 -3.53 -7.24 84.78
N LYS E 212 -3.36 -6.56 85.91
CA LYS E 212 -4.35 -6.57 86.98
C LYS E 212 -4.48 -5.17 87.55
N ASP E 213 -5.71 -4.67 87.61
CA ASP E 213 -6.00 -3.34 88.13
C ASP E 213 -7.07 -3.45 89.21
N LYS E 214 -6.82 -2.85 90.37
CA LYS E 214 -7.76 -2.89 91.48
C LYS E 214 -7.81 -1.52 92.15
N SER E 215 -9.00 -1.13 92.58
CA SER E 215 -9.20 0.17 93.21
C SER E 215 -10.10 0.00 94.43
N ASP E 216 -10.01 0.97 95.34
CA ASP E 216 -10.82 0.96 96.56
C ASP E 216 -10.96 2.40 97.06
N SER E 217 -12.19 2.76 97.46
CA SER E 217 -12.45 4.10 97.97
C SER E 217 -13.60 4.03 98.96
N PHE E 218 -13.38 4.51 100.18
CA PHE E 218 -14.42 4.48 101.20
C PHE E 218 -14.14 5.58 102.22
N GLY E 219 -15.21 6.24 102.67
CA GLY E 219 -15.10 7.28 103.67
C GLY E 219 -16.38 7.47 104.46
N VAL E 220 -16.25 7.56 105.79
CA VAL E 220 -17.40 7.67 106.68
C VAL E 220 -17.41 9.06 107.30
N THR E 221 -18.53 9.76 107.15
CA THR E 221 -18.70 11.11 107.68
C THR E 221 -19.90 11.12 108.62
N ILE E 222 -19.64 11.18 109.92
CA ILE E 222 -20.68 11.15 110.94
C ILE E 222 -20.42 12.31 111.90
N GLY E 223 -21.43 13.16 112.08
CA GLY E 223 -21.35 14.23 113.06
C GLY E 223 -22.64 14.43 113.81
N ILE E 224 -22.59 14.27 115.14
CA ILE E 224 -23.76 14.37 115.99
C ILE E 224 -23.37 15.12 117.25
N GLY E 225 -24.08 16.22 117.53
CA GLY E 225 -23.88 16.95 118.75
C GLY E 225 -25.19 17.34 119.41
N PRO E 226 -25.50 16.75 120.59
CA PRO E 226 -26.73 17.06 121.32
C PRO E 226 -26.44 17.88 122.58
N ALA E 227 -27.04 19.07 122.68
CA ALA E 227 -26.88 19.96 123.85
C ALA E 227 -28.06 20.93 123.93
N GLY E 228 -28.29 21.52 125.10
CA GLY E 228 -29.41 22.49 125.25
C GLY E 228 -29.17 23.69 124.37
N SER E 229 -27.93 24.21 124.36
CA SER E 229 -27.54 25.36 123.52
C SER E 229 -27.27 24.86 122.08
N PRO E 230 -27.31 25.73 121.05
CA PRO E 230 -27.04 25.30 119.68
C PRO E 230 -25.60 24.79 119.58
N LEU E 231 -25.40 23.65 118.89
CA LEU E 231 -24.05 23.05 118.74
C LEU E 231 -23.92 22.43 117.34
N LEU E 232 -22.69 22.24 116.85
CA LEU E 232 -22.46 21.66 115.54
C LEU E 232 -21.25 20.75 115.58
N VAL E 233 -21.39 19.56 115.02
CA VAL E 233 -20.29 18.59 114.94
C VAL E 233 -20.18 18.13 113.49
N GLY E 234 -18.99 18.28 112.91
CA GLY E 234 -18.76 17.84 111.55
C GLY E 234 -17.48 17.05 111.39
N VAL E 235 -17.57 15.90 110.73
CA VAL E 235 -16.42 15.02 110.51
C VAL E 235 -16.37 14.65 109.04
N GLY E 236 -15.19 14.74 108.44
CA GLY E 236 -15.02 14.38 107.05
C GLY E 236 -13.90 13.38 106.84
N VAL E 237 -14.21 12.25 106.22
CA VAL E 237 -13.24 11.20 105.95
C VAL E 237 -13.43 10.70 104.52
N SER E 238 -12.34 10.62 103.76
CA SER E 238 -12.38 10.11 102.41
C SER E 238 -11.08 9.39 102.12
N HIS E 239 -11.17 8.29 101.39
CA HIS E 239 -10.00 7.49 101.03
C HIS E 239 -10.10 7.06 99.58
N SER E 240 -8.94 6.77 98.99
CA SER E 240 -8.88 6.31 97.61
C SER E 240 -7.66 5.42 97.43
N GLN E 241 -7.87 4.30 96.74
CA GLN E 241 -6.79 3.35 96.46
C GLN E 241 -6.78 3.05 94.98
N ASP E 242 -5.57 3.00 94.39
CA ASP E 242 -5.39 2.67 93.00
C ASP E 242 -4.21 1.72 92.88
N THR E 243 -4.37 0.66 92.08
CA THR E 243 -3.33 -0.34 91.89
C THR E 243 -3.32 -0.77 90.43
N SER E 244 -2.14 -0.72 89.82
CA SER E 244 -1.95 -1.12 88.44
C SER E 244 -0.74 -2.02 88.33
N PHE E 245 -0.89 -3.16 87.66
CA PHE E 245 0.19 -4.11 87.48
C PHE E 245 0.19 -4.59 86.04
N LEU E 246 1.36 -4.64 85.42
CA LEU E 246 1.52 -5.10 84.06
C LEU E 246 2.78 -5.91 83.93
N ASN E 247 2.69 -7.04 83.22
CA ASN E 247 3.84 -7.90 82.98
C ASN E 247 3.68 -8.56 81.62
N GLU E 248 4.70 -8.46 80.77
CA GLU E 248 4.66 -9.00 79.43
C GLU E 248 5.91 -9.82 79.18
N LEU E 249 5.73 -10.96 78.50
CA LEU E 249 6.83 -11.86 78.16
C LEU E 249 6.70 -12.29 76.72
N ASN E 250 7.83 -12.32 76.01
CA ASN E 250 7.87 -12.73 74.61
C ASN E 250 9.12 -13.55 74.37
N LYS E 251 8.96 -14.73 73.77
CA LYS E 251 10.07 -15.62 73.49
C LYS E 251 9.92 -16.20 72.09
N TYR E 252 10.99 -16.14 71.31
CA TYR E 252 10.99 -16.68 69.95
C TYR E 252 12.29 -17.44 69.74
N ASN E 253 12.18 -18.66 69.22
CA ASN E 253 13.35 -19.51 68.98
C ASN E 253 13.21 -20.15 67.61
N GLU E 254 14.20 -19.95 66.75
CA GLU E 254 14.21 -20.51 65.41
C GLU E 254 15.59 -21.09 65.13
N LYS E 255 15.62 -22.32 64.62
CA LYS E 255 16.87 -23.00 64.29
C LYS E 255 16.74 -23.63 62.90
N LYS E 256 17.74 -23.41 62.07
CA LYS E 256 17.76 -23.97 60.72
C LYS E 256 19.14 -24.55 60.46
N PHE E 257 19.25 -25.87 60.50
CA PHE E 257 20.47 -26.57 60.15
C PHE E 257 20.24 -27.37 58.87
N ILE E 258 21.15 -27.22 57.92
CA ILE E 258 21.04 -27.84 56.61
C ILE E 258 22.44 -28.22 56.14
N PHE E 259 22.71 -29.52 56.03
CA PHE E 259 23.96 -30.02 55.49
C PHE E 259 23.65 -30.88 54.28
N THR E 260 24.09 -30.44 53.10
CA THR E 260 23.88 -31.16 51.85
C THR E 260 25.24 -31.48 51.24
N ARG E 261 25.70 -32.71 51.44
CA ARG E 261 27.01 -33.14 50.96
C ARG E 261 26.84 -34.22 49.89
N ILE E 262 27.78 -34.25 48.95
CA ILE E 262 27.78 -35.21 47.87
C ILE E 262 29.17 -35.81 47.73
N PHE E 263 29.24 -37.13 47.64
CA PHE E 263 30.48 -37.85 47.31
C PHE E 263 30.21 -38.67 46.05
N THR E 264 30.78 -38.24 44.93
CA THR E 264 30.60 -38.88 43.65
C THR E 264 31.93 -39.45 43.16
N LYS E 265 31.90 -40.72 42.75
CA LYS E 265 33.09 -41.42 42.28
C LYS E 265 32.82 -42.02 40.91
N VAL E 266 33.68 -41.71 39.96
CA VAL E 266 33.59 -42.25 38.60
C VAL E 266 34.88 -43.03 38.35
N GLN E 267 34.76 -44.35 38.25
CA GLN E 267 35.93 -45.21 38.10
C GLN E 267 36.30 -45.36 36.64
N THR E 268 37.61 -45.28 36.36
CA THR E 268 38.09 -45.46 34.99
C THR E 268 38.23 -46.95 34.65
N ALA E 269 38.96 -47.70 35.48
CA ALA E 269 39.12 -49.13 35.30
C ALA E 269 39.54 -49.73 36.63
N HIS E 270 39.46 -51.06 36.71
CA HIS E 270 39.85 -51.80 37.89
C HIS E 270 41.16 -52.53 37.62
N PHE E 271 41.96 -52.72 38.67
CA PHE E 271 43.20 -53.47 38.55
C PHE E 271 43.27 -54.53 39.64
N LYS E 272 43.79 -55.70 39.26
CA LYS E 272 43.90 -56.84 40.16
C LYS E 272 45.32 -57.36 40.10
N MET E 273 45.99 -57.41 41.25
CA MET E 273 47.37 -57.85 41.32
C MET E 273 47.43 -59.38 41.36
N ARG E 274 48.48 -59.92 40.76
CA ARG E 274 48.66 -61.37 40.74
C ARG E 274 49.08 -61.87 42.12
N LYS E 275 48.74 -63.13 42.40
CA LYS E 275 48.99 -63.71 43.71
C LYS E 275 50.22 -64.62 43.74
N ASP E 276 50.57 -65.27 42.64
CA ASP E 276 51.68 -66.20 42.59
C ASP E 276 52.71 -65.74 41.57
N ASP E 277 53.96 -66.14 41.81
CA ASP E 277 55.09 -65.82 40.93
C ASP E 277 55.23 -64.31 40.75
N ILE E 278 55.31 -63.59 41.86
CA ILE E 278 55.44 -62.15 41.86
C ILE E 278 56.93 -61.79 41.83
N MET E 279 57.31 -60.96 40.85
CA MET E 279 58.69 -60.50 40.72
C MET E 279 58.83 -59.17 41.45
N LEU E 280 59.63 -59.16 42.51
CA LEU E 280 59.82 -57.96 43.31
C LEU E 280 60.87 -57.05 42.68
N ASP E 281 60.85 -55.79 43.10
CA ASP E 281 61.84 -54.83 42.63
C ASP E 281 63.23 -55.23 43.12
N GLU E 282 64.25 -54.86 42.33
CA GLU E 282 65.62 -55.21 42.70
C GLU E 282 66.03 -54.56 44.01
N GLY E 283 65.55 -53.34 44.27
CA GLY E 283 65.85 -52.71 45.54
C GLY E 283 65.26 -53.45 46.72
N MET E 284 63.99 -53.85 46.61
CA MET E 284 63.36 -54.61 47.68
C MET E 284 64.00 -55.98 47.83
N LEU E 285 64.40 -56.61 46.72
CA LEU E 285 65.06 -57.90 46.81
C LEU E 285 66.42 -57.79 47.50
N GLN E 286 67.18 -56.74 47.18
CA GLN E 286 68.45 -56.50 47.87
C GLN E 286 68.21 -56.26 49.36
N SER E 287 67.21 -55.43 49.69
CA SER E 287 66.91 -55.17 51.09
C SER E 287 66.53 -56.45 51.83
N LEU E 288 65.76 -57.32 51.19
CA LEU E 288 65.41 -58.60 51.80
C LEU E 288 66.65 -59.48 51.99
N MET E 289 67.53 -59.51 50.98
CA MET E 289 68.77 -60.27 51.12
C MET E 289 69.69 -59.66 52.17
N GLU E 290 69.56 -58.35 52.42
CA GLU E 290 70.37 -57.67 53.41
C GLU E 290 69.80 -57.75 54.82
N LEU E 291 68.81 -58.63 55.05
CA LEU E 291 68.24 -58.78 56.39
C LEU E 291 68.81 -60.02 57.04
N PRO E 292 69.35 -59.91 58.26
CA PRO E 292 69.91 -61.09 58.92
C PRO E 292 68.83 -62.01 59.45
N ASP E 293 69.20 -63.29 59.59
CA ASP E 293 68.26 -64.28 60.11
C ASP E 293 67.91 -64.03 61.58
N GLN E 294 68.77 -63.35 62.32
CA GLN E 294 68.50 -63.03 63.71
C GLN E 294 67.61 -61.79 63.80
N TYR E 295 66.72 -61.79 64.79
CA TYR E 295 65.80 -60.67 64.97
C TYR E 295 66.56 -59.38 65.24
N ASN E 296 66.35 -58.38 64.39
CA ASN E 296 67.00 -57.07 64.54
C ASN E 296 65.94 -56.01 64.24
N TYR E 297 65.59 -55.22 65.26
CA TYR E 297 64.53 -54.24 65.09
C TYR E 297 64.95 -53.10 64.17
N GLY E 298 66.23 -52.73 64.17
CA GLY E 298 66.66 -51.59 63.38
C GLY E 298 66.53 -51.83 61.88
N MET E 299 67.10 -52.94 61.39
CA MET E 299 67.03 -53.23 59.96
C MET E 299 65.61 -53.48 59.50
N TYR E 300 64.82 -54.17 60.31
CA TYR E 300 63.43 -54.45 59.94
C TYR E 300 62.62 -53.16 59.91
N ALA E 301 62.86 -52.25 60.86
CA ALA E 301 62.16 -50.97 60.83
C ALA E 301 62.57 -50.14 59.64
N LYS E 302 63.86 -50.17 59.28
CA LYS E 302 64.32 -49.50 58.07
C LYS E 302 63.60 -50.05 56.84
N PHE E 303 63.51 -51.38 56.74
CA PHE E 303 62.82 -52.01 55.62
C PHE E 303 61.35 -51.59 55.57
N ILE E 304 60.68 -51.60 56.73
CA ILE E 304 59.27 -51.24 56.77
C ILE E 304 59.06 -49.80 56.34
N ASN E 305 59.88 -48.88 56.88
CA ASN E 305 59.73 -47.48 56.52
C ASN E 305 60.08 -47.21 55.07
N ASP E 306 61.01 -47.98 54.50
CA ASP E 306 61.39 -47.76 53.11
C ASP E 306 60.35 -48.33 52.14
N TYR E 307 59.72 -49.46 52.49
CA TYR E 307 58.83 -50.14 51.56
C TYR E 307 57.38 -50.18 52.04
N GLY E 308 57.06 -49.55 53.16
CA GLY E 308 55.68 -49.44 53.59
C GLY E 308 55.26 -50.59 54.49
N THR E 309 54.16 -50.37 55.21
CA THR E 309 53.58 -51.40 56.06
C THR E 309 52.62 -52.32 55.32
N HIS E 310 52.12 -51.90 54.17
CA HIS E 310 51.17 -52.70 53.39
C HIS E 310 51.46 -52.50 51.91
N TYR E 311 50.86 -53.36 51.10
CA TYR E 311 50.95 -53.28 49.65
C TYR E 311 49.57 -53.47 49.05
N ILE E 312 49.43 -53.06 47.79
CA ILE E 312 48.14 -53.06 47.10
C ILE E 312 47.92 -54.41 46.44
N THR E 313 46.75 -54.99 46.68
CA THR E 313 46.37 -56.27 46.09
C THR E 313 45.34 -56.14 44.98
N SER E 314 44.53 -55.08 45.02
CA SER E 314 43.50 -54.84 44.01
C SER E 314 42.97 -53.43 44.20
N GLY E 315 42.10 -53.01 43.29
CA GLY E 315 41.50 -51.70 43.39
C GLY E 315 41.06 -51.20 42.02
N SER E 316 40.83 -49.89 41.95
CA SER E 316 40.42 -49.24 40.72
C SER E 316 41.12 -47.90 40.60
N MET E 317 41.15 -47.37 39.38
CA MET E 317 41.89 -46.16 39.05
C MET E 317 40.96 -44.99 38.70
N GLY E 318 39.87 -44.82 39.45
CA GLY E 318 38.92 -43.76 39.17
C GLY E 318 39.19 -42.48 39.93
N GLY E 319 38.36 -41.47 39.67
CA GLY E 319 38.45 -40.20 40.33
C GLY E 319 37.45 -40.07 41.48
N ILE E 320 37.67 -39.04 42.31
CA ILE E 320 36.86 -38.79 43.49
C ILE E 320 36.52 -37.30 43.53
N TYR E 321 35.24 -36.99 43.75
CA TYR E 321 34.78 -35.62 43.96
C TYR E 321 33.89 -35.62 45.19
N GLU E 322 34.35 -34.94 46.25
CA GLU E 322 33.61 -34.87 47.52
C GLU E 322 33.35 -33.40 47.83
N TYR E 323 32.08 -33.01 47.79
CA TYR E 323 31.65 -31.66 48.10
C TYR E 323 30.79 -31.67 49.36
N ILE E 324 31.06 -30.74 50.27
CA ILE E 324 30.37 -30.66 51.54
C ILE E 324 29.78 -29.26 51.66
N LEU E 325 28.47 -29.19 51.96
CA LEU E 325 27.76 -27.93 52.12
C LEU E 325 26.91 -28.03 53.39
N VAL E 326 27.50 -27.59 54.50
CA VAL E 326 26.85 -27.66 55.81
C VAL E 326 26.50 -26.26 56.26
N ILE E 327 25.27 -26.08 56.76
CA ILE E 327 24.80 -24.81 57.28
C ILE E 327 24.10 -25.06 58.61
N ASP E 328 24.15 -24.06 59.49
CA ASP E 328 23.53 -24.18 60.80
C ASP E 328 23.16 -22.78 61.28
N LYS E 329 21.95 -22.65 61.84
CA LYS E 329 21.45 -21.36 62.29
C LYS E 329 20.73 -21.53 63.62
N ALA E 330 20.87 -20.55 64.50
CA ALA E 330 20.21 -20.58 65.81
C ALA E 330 19.86 -19.15 66.19
N LYS E 331 18.56 -18.87 66.31
CA LYS E 331 18.05 -17.54 66.62
C LYS E 331 17.18 -17.62 67.87
N MET E 332 17.50 -16.80 68.87
CA MET E 332 16.76 -16.78 70.12
C MET E 332 16.50 -15.34 70.54
N GLU E 333 15.24 -15.01 70.81
CA GLU E 333 14.85 -13.67 71.22
C GLU E 333 14.01 -13.75 72.49
N SER E 334 14.28 -12.83 73.41
CA SER E 334 13.54 -12.78 74.68
C SER E 334 13.19 -11.33 74.99
N LEU E 335 11.91 -11.08 75.26
CA LEU E 335 11.41 -9.74 75.55
C LEU E 335 10.58 -9.78 76.82
N GLY E 336 10.88 -8.88 77.75
CA GLY E 336 10.13 -8.80 78.99
C GLY E 336 9.86 -7.38 79.44
N ILE E 337 8.58 -7.06 79.63
CA ILE E 337 8.15 -5.73 80.04
C ILE E 337 7.30 -5.86 81.30
N THR E 338 7.64 -5.08 82.32
CA THR E 338 6.91 -5.12 83.59
C THR E 338 6.68 -3.69 84.06
N SER E 339 5.42 -3.30 84.23
CA SER E 339 5.06 -1.96 84.68
C SER E 339 4.08 -2.07 85.84
N ARG E 340 4.28 -1.22 86.86
CA ARG E 340 3.44 -1.22 88.05
C ARG E 340 3.18 0.21 88.48
N ASP E 341 1.93 0.51 88.79
CA ASP E 341 1.52 1.84 89.24
C ASP E 341 0.57 1.71 90.42
N ILE E 342 0.74 2.60 91.40
CA ILE E 342 -0.09 2.60 92.59
C ILE E 342 -0.31 4.05 93.03
N THR E 343 -1.54 4.38 93.39
CA THR E 343 -1.91 5.73 93.80
C THR E 343 -2.83 5.66 95.01
N THR E 344 -2.59 6.55 95.98
CA THR E 344 -3.38 6.60 97.20
C THR E 344 -3.58 8.06 97.59
N CYS E 345 -4.85 8.46 97.75
CA CYS E 345 -5.18 9.82 98.14
C CYS E 345 -6.30 9.79 99.18
N PHE E 346 -6.11 10.53 100.27
CA PHE E 346 -7.09 10.57 101.34
C PHE E 346 -7.12 11.97 101.95
N GLY E 347 -8.31 12.57 102.00
CA GLY E 347 -8.47 13.90 102.56
C GLY E 347 -9.85 14.18 103.07
N GLY E 348 -9.94 14.81 104.25
CA GLY E 348 -11.22 15.14 104.83
C GLY E 348 -11.09 16.29 105.80
N SER E 349 -12.12 17.14 105.84
CA SER E 349 -12.14 18.32 106.69
C SER E 349 -13.22 18.17 107.76
N LEU E 350 -13.00 18.82 108.90
CA LEU E 350 -13.91 18.77 110.03
C LEU E 350 -14.40 20.18 110.36
N GLY E 351 -15.66 20.28 110.76
CA GLY E 351 -16.23 21.57 111.10
C GLY E 351 -17.01 21.56 112.40
N ILE E 352 -16.56 22.35 113.38
CA ILE E 352 -17.21 22.45 114.68
C ILE E 352 -17.25 23.91 115.09
N GLN E 353 -18.46 24.44 115.30
CA GLN E 353 -18.62 25.83 115.71
C GLN E 353 -19.96 25.99 116.38
N TYR E 354 -19.98 26.63 117.55
CA TYR E 354 -21.22 26.83 118.30
C TYR E 354 -21.08 28.06 119.17
N GLU E 355 -22.17 28.84 119.24
CA GLU E 355 -22.21 30.05 120.06
C GLU E 355 -23.54 30.09 120.80
N ASP E 356 -23.43 30.28 122.12
CA ASP E 356 -24.58 30.41 123.06
C ASP E 356 -24.35 31.64 123.95
N LYS E 357 -24.32 31.45 125.27
CA LYS E 357 -24.08 32.56 126.24
C LYS E 357 -22.68 33.12 126.04
N ILE E 358 -21.70 32.24 125.83
CA ILE E 358 -20.27 32.61 125.57
C ILE E 358 -19.90 32.09 124.18
N ASN E 359 -18.91 32.67 123.50
CA ASN E 359 -18.71 32.18 122.16
C ASN E 359 -17.54 31.20 122.16
N VAL E 360 -17.64 30.16 121.33
CA VAL E 360 -16.59 29.16 121.18
C VAL E 360 -16.33 28.98 119.70
N GLY E 361 -15.06 29.03 119.32
CA GLY E 361 -14.67 28.89 117.92
C GLY E 361 -13.88 27.63 117.70
N GLY E 362 -14.09 27.00 116.54
CA GLY E 362 -13.39 25.78 116.20
C GLY E 362 -13.14 25.63 114.71
N GLY E 363 -11.96 25.15 114.34
CA GLY E 363 -11.63 24.96 112.95
C GLY E 363 -10.60 23.88 112.71
N LEU E 364 -10.86 23.02 111.74
CA LEU E 364 -9.95 21.94 111.40
C LEU E 364 -10.04 21.65 109.91
N SER E 365 -8.92 21.25 109.32
CA SER E 365 -8.87 20.91 107.91
C SER E 365 -7.80 19.85 107.69
N GLY E 366 -8.10 18.89 106.81
CA GLY E 366 -7.16 17.84 106.51
C GLY E 366 -7.15 17.46 105.04
N ASP E 367 -5.97 17.36 104.45
CA ASP E 367 -5.84 16.99 103.04
C ASP E 367 -4.49 16.34 102.84
N HIS E 368 -4.49 15.17 102.21
CA HIS E 368 -3.27 14.42 101.93
C HIS E 368 -3.39 13.78 100.55
N CYS E 369 -2.30 13.82 99.79
CA CYS E 369 -2.27 13.27 98.45
C CYS E 369 -0.94 12.57 98.23
N LYS E 370 -0.98 11.36 97.66
CA LYS E 370 0.21 10.60 97.35
C LYS E 370 0.07 10.00 95.96
N LYS E 371 1.18 9.94 95.24
CA LYS E 371 1.20 9.38 93.89
C LYS E 371 2.53 8.67 93.68
N PHE E 372 2.45 7.36 93.45
CA PHE E 372 3.64 6.53 93.22
C PHE E 372 3.66 6.06 91.78
N GLY E 373 4.86 5.84 91.26
CA GLY E 373 5.00 5.42 89.88
C GLY E 373 6.16 4.47 89.65
N GLY E 374 5.96 3.50 88.75
CA GLY E 374 7.01 2.56 88.40
C GLY E 374 6.94 2.13 86.95
N GLY E 375 8.09 2.10 86.28
CA GLY E 375 8.14 1.69 84.89
C GLY E 375 9.41 0.95 84.56
N LYS E 376 9.28 -0.24 83.98
CA LYS E 376 10.43 -1.06 83.62
C LYS E 376 10.17 -1.72 82.27
N THR E 377 11.21 -1.82 81.45
CA THR E 377 11.11 -2.46 80.15
C THR E 377 12.47 -3.07 79.80
N GLU E 378 12.46 -4.32 79.38
CA GLU E 378 13.67 -5.05 79.04
C GLU E 378 13.49 -5.71 77.68
N ARG E 379 14.50 -5.57 76.82
CA ARG E 379 14.46 -6.15 75.48
C ARG E 379 15.80 -6.80 75.17
N ALA E 380 15.74 -7.98 74.55
CA ALA E 380 16.93 -8.73 74.22
C ALA E 380 16.72 -9.44 72.88
N ARG E 381 17.79 -9.54 72.10
CA ARG E 381 17.73 -10.19 70.79
C ARG E 381 19.08 -10.85 70.51
N LYS E 382 19.03 -12.09 70.03
CA LYS E 382 20.24 -12.84 69.71
C LYS E 382 20.00 -13.67 68.46
N ALA E 383 21.06 -13.86 67.69
CA ALA E 383 20.99 -14.66 66.47
C ALA E 383 22.37 -15.23 66.17
N MET E 384 22.40 -16.47 65.69
CA MET E 384 23.64 -17.14 65.35
C MET E 384 23.42 -18.03 64.15
N ALA E 385 24.35 -17.96 63.19
CA ALA E 385 24.28 -18.78 61.98
C ALA E 385 25.68 -19.20 61.61
N VAL E 386 25.85 -20.49 61.31
CA VAL E 386 27.15 -21.07 60.98
C VAL E 386 27.00 -21.85 59.68
N GLU E 387 27.81 -21.49 58.68
CA GLU E 387 27.79 -22.12 57.37
C GLU E 387 29.21 -22.43 56.95
N ASP E 388 29.50 -23.70 56.69
CA ASP E 388 30.82 -24.13 56.25
C ASP E 388 30.71 -25.00 55.02
N ILE E 389 31.61 -24.78 54.07
CA ILE E 389 31.61 -25.47 52.78
C ILE E 389 32.98 -26.11 52.57
N ILE E 390 32.99 -27.41 52.27
CA ILE E 390 34.22 -28.15 52.02
C ILE E 390 34.08 -28.87 50.68
N SER E 391 35.16 -28.88 49.91
CA SER E 391 35.15 -29.51 48.59
C SER E 391 36.49 -30.20 48.35
N ARG E 392 36.47 -31.52 48.19
CA ARG E 392 37.66 -32.31 47.90
C ARG E 392 37.45 -33.03 46.58
N VAL E 393 38.33 -32.78 45.61
CA VAL E 393 38.22 -33.37 44.28
C VAL E 393 39.54 -34.04 43.93
N ARG E 394 39.52 -35.37 43.79
CA ARG E 394 40.66 -36.11 43.25
C ARG E 394 40.41 -36.39 41.77
N GLY E 395 40.49 -35.33 40.98
CA GLY E 395 40.16 -35.41 39.57
C GLY E 395 41.22 -36.06 38.71
N GLY E 396 42.46 -35.62 38.86
CA GLY E 396 43.56 -36.12 38.06
C GLY E 396 44.10 -35.16 37.03
N SER E 397 43.88 -33.85 37.18
CA SER E 397 44.45 -32.84 36.31
C SER E 397 45.35 -31.93 37.13
N SER E 398 46.48 -31.53 36.53
CA SER E 398 47.40 -30.63 37.22
C SER E 398 46.71 -29.32 37.58
N GLY E 399 45.98 -28.74 36.62
CA GLY E 399 45.29 -27.49 36.86
C GLY E 399 43.77 -27.60 36.91
N TRP E 400 43.19 -28.44 36.06
CA TRP E 400 41.74 -28.48 35.93
C TRP E 400 41.07 -29.10 37.16
N SER E 401 41.74 -30.04 37.82
CA SER E 401 41.19 -30.63 39.03
C SER E 401 41.03 -29.58 40.12
N GLY E 402 42.05 -28.75 40.32
CA GLY E 402 41.93 -27.65 41.26
C GLY E 402 40.94 -26.60 40.79
N GLY E 403 40.89 -26.34 39.49
CA GLY E 403 39.96 -25.36 38.96
C GLY E 403 38.50 -25.73 39.07
N LEU E 404 38.21 -27.03 39.11
CA LEU E 404 36.82 -27.48 39.27
C LEU E 404 36.22 -27.02 40.61
N ALA E 405 37.06 -26.71 41.60
CA ALA E 405 36.56 -26.43 42.94
C ALA E 405 35.69 -25.18 42.98
N GLN E 406 35.97 -24.20 42.11
CA GLN E 406 35.25 -22.93 42.16
C GLN E 406 33.75 -23.12 41.88
N ASN E 407 33.43 -23.80 40.79
CA ASN E 407 32.08 -23.83 40.26
C ASN E 407 31.55 -25.26 40.21
N ARG E 408 30.23 -25.38 40.37
CA ARG E 408 29.57 -26.69 40.34
C ARG E 408 28.61 -26.77 39.18
N SER E 409 29.03 -26.30 38.01
CA SER E 409 28.21 -26.30 36.81
C SER E 409 28.69 -27.36 35.82
N THR E 410 27.87 -27.61 34.81
CA THR E 410 28.16 -28.63 33.80
C THR E 410 29.27 -28.22 32.84
N ILE E 411 29.69 -26.95 32.87
CA ILE E 411 30.69 -26.48 31.92
C ILE E 411 32.06 -27.09 32.23
N THR E 412 32.34 -27.36 33.51
CA THR E 412 33.66 -27.82 33.92
C THR E 412 33.80 -29.33 33.90
N TYR E 413 32.71 -30.06 34.16
CA TYR E 413 32.77 -31.52 34.25
C TYR E 413 33.23 -32.16 32.95
N ARG E 414 32.97 -31.51 31.81
CA ARG E 414 33.38 -32.06 30.52
C ARG E 414 34.90 -32.25 30.46
N SER E 415 35.63 -31.15 30.58
CA SER E 415 37.10 -31.25 30.59
C SER E 415 37.61 -31.94 31.85
N TRP E 416 36.82 -31.95 32.94
CA TRP E 416 37.22 -32.71 34.11
C TRP E 416 37.30 -34.21 33.79
N GLY E 417 36.26 -34.74 33.16
CA GLY E 417 36.29 -36.12 32.71
C GLY E 417 37.32 -36.37 31.63
N ARG E 418 37.54 -35.39 30.75
CA ARG E 418 38.59 -35.52 29.76
C ARG E 418 39.96 -35.69 30.42
N SER E 419 40.26 -34.85 31.42
CA SER E 419 41.53 -34.96 32.13
C SER E 419 41.60 -36.25 32.94
N LEU E 420 40.47 -36.68 33.49
CA LEU E 420 40.43 -37.99 34.16
C LEU E 420 40.81 -39.10 33.20
N LYS E 421 40.36 -39.00 31.95
CA LYS E 421 40.83 -39.92 30.92
C LYS E 421 42.33 -39.78 30.70
N TYR E 422 42.83 -38.53 30.69
CA TYR E 422 44.27 -38.32 30.48
C TYR E 422 45.09 -38.91 31.63
N ASN E 423 44.74 -38.54 32.87
CA ASN E 423 45.51 -38.96 34.04
C ASN E 423 44.55 -39.40 35.14
N PRO E 424 44.27 -40.70 35.22
CA PRO E 424 43.39 -41.20 36.29
C PRO E 424 44.13 -41.50 37.59
N VAL E 425 43.66 -40.93 38.69
CA VAL E 425 44.23 -41.18 40.01
C VAL E 425 43.66 -42.48 40.58
N VAL E 426 44.27 -42.98 41.65
CA VAL E 426 43.78 -44.20 42.29
C VAL E 426 42.57 -43.85 43.16
N ILE E 427 41.45 -44.52 42.88
CA ILE E 427 40.21 -44.23 43.61
C ILE E 427 40.17 -44.98 44.93
N ASP E 428 40.70 -46.20 44.99
CA ASP E 428 40.65 -47.04 46.17
C ASP E 428 41.54 -48.25 45.91
N PHE E 429 41.90 -48.95 46.98
CA PHE E 429 42.79 -50.09 46.87
C PHE E 429 42.66 -50.97 48.10
N GLU E 430 42.63 -52.28 47.88
CA GLU E 430 42.73 -53.23 48.98
C GLU E 430 44.19 -53.40 49.38
N MET E 431 44.40 -53.77 50.64
CA MET E 431 45.74 -53.80 51.21
C MET E 431 45.93 -55.05 52.05
N GLN E 432 47.19 -55.48 52.12
CA GLN E 432 47.63 -56.61 52.93
C GLN E 432 49.01 -56.28 53.49
N PRO E 433 49.36 -56.83 54.65
CA PRO E 433 50.66 -56.50 55.25
C PRO E 433 51.82 -56.89 54.34
N ILE E 434 52.93 -56.16 54.49
CA ILE E 434 54.07 -56.34 53.60
C ILE E 434 54.75 -57.69 53.82
N HIS E 435 54.59 -58.31 54.99
CA HIS E 435 55.18 -59.62 55.21
C HIS E 435 54.42 -60.73 54.47
N GLU E 436 53.23 -60.43 53.95
CA GLU E 436 52.47 -61.44 53.24
C GLU E 436 52.99 -61.67 51.82
N VAL E 437 53.59 -60.67 51.21
CA VAL E 437 54.11 -60.82 49.85
C VAL E 437 55.37 -61.68 49.83
N LEU E 438 56.06 -61.81 50.97
CA LEU E 438 57.24 -62.65 51.03
C LEU E 438 56.90 -64.13 50.86
N ARG E 439 55.73 -64.54 51.35
CA ARG E 439 55.29 -65.93 51.15
C ARG E 439 55.07 -66.25 49.69
N HIS E 440 54.70 -65.26 48.88
CA HIS E 440 54.39 -65.45 47.47
C HIS E 440 55.56 -65.09 46.56
N THR E 441 56.78 -65.33 47.01
CA THR E 441 57.97 -65.06 46.22
C THR E 441 58.53 -66.35 45.63
N SER E 442 59.37 -66.19 44.59
CA SER E 442 59.99 -67.33 43.95
C SER E 442 61.14 -67.91 44.78
N LEU E 443 61.61 -67.18 45.79
CA LEU E 443 62.73 -67.63 46.61
C LEU E 443 62.38 -68.84 47.46
N GLY E 444 61.10 -69.19 47.61
CA GLY E 444 60.70 -70.35 48.35
C GLY E 444 60.36 -70.06 49.79
N PRO E 445 60.72 -70.98 50.69
CA PRO E 445 60.35 -70.81 52.10
C PRO E 445 61.11 -69.68 52.76
N LEU E 446 60.38 -68.77 53.40
CA LEU E 446 60.96 -67.66 54.16
C LEU E 446 60.20 -67.48 55.47
N GLU E 447 59.86 -68.59 56.13
CA GLU E 447 59.00 -68.54 57.30
C GLU E 447 59.65 -67.76 58.45
N ALA E 448 60.96 -67.97 58.67
CA ALA E 448 61.63 -67.29 59.77
C ALA E 448 61.67 -65.78 59.55
N LYS E 449 62.10 -65.36 58.36
CA LYS E 449 62.13 -63.93 58.06
C LYS E 449 60.72 -63.34 58.05
N ARG E 450 59.74 -64.11 57.59
CA ARG E 450 58.37 -63.62 57.58
C ARG E 450 57.85 -63.39 58.98
N GLN E 451 58.10 -64.34 59.90
CA GLN E 451 57.66 -64.15 61.28
C GLN E 451 58.41 -63.01 61.96
N ASN E 452 59.70 -62.87 61.67
CA ASN E 452 60.47 -61.77 62.25
C ASN E 452 59.93 -60.43 61.78
N LEU E 453 59.67 -60.31 60.47
CA LEU E 453 59.12 -59.07 59.94
C LEU E 453 57.71 -58.81 60.45
N ARG E 454 56.93 -59.87 60.70
CA ARG E 454 55.59 -59.70 61.25
C ARG E 454 55.66 -59.16 62.67
N ARG E 455 56.57 -59.69 63.49
CA ARG E 455 56.76 -59.16 64.84
C ARG E 455 57.25 -57.72 64.79
N ALA E 456 58.17 -57.41 63.86
CA ALA E 456 58.66 -56.05 63.73
C ALA E 456 57.53 -55.10 63.32
N LEU E 457 56.64 -55.54 62.45
CA LEU E 457 55.52 -54.70 62.03
C LEU E 457 54.52 -54.53 63.17
N ASP E 458 54.30 -55.58 63.97
CA ASP E 458 53.43 -55.45 65.13
C ASP E 458 53.99 -54.45 66.13
N GLN E 459 55.32 -54.42 66.29
CA GLN E 459 55.91 -53.44 67.18
C GLN E 459 55.90 -52.04 66.57
N TYR E 460 56.03 -51.94 65.24
CA TYR E 460 56.01 -50.65 64.57
C TYR E 460 54.63 -50.01 64.64
N LEU E 461 53.58 -50.81 64.48
CA LEU E 461 52.21 -50.31 64.56
C LEU E 461 51.82 -49.89 65.97
N MET E 462 52.66 -50.18 66.96
CA MET E 462 52.42 -49.76 68.34
C MET E 462 53.32 -48.61 68.76
N GLU E 463 54.57 -48.57 68.27
CA GLU E 463 55.47 -47.48 68.62
C GLU E 463 55.09 -46.20 67.89
N PHE E 464 54.64 -46.32 66.63
CA PHE E 464 54.30 -45.17 65.81
C PHE E 464 52.81 -45.07 65.54
N ASN E 465 51.99 -45.54 66.47
CA ASN E 465 50.55 -45.44 66.32
C ASN E 465 50.08 -44.00 66.52
N ALA E 466 48.89 -43.71 66.00
CA ALA E 466 48.35 -42.36 66.09
C ALA E 466 47.93 -41.97 67.50
N CYS E 467 47.79 -42.95 68.40
CA CYS E 467 47.34 -42.63 69.76
C CYS E 467 48.44 -41.98 70.57
N ARG E 468 49.63 -42.58 70.58
CA ARG E 468 50.75 -42.01 71.34
C ARG E 468 51.10 -40.60 70.90
N CYS E 469 50.66 -40.20 69.71
CA CYS E 469 50.88 -38.84 69.24
C CYS E 469 50.02 -37.86 70.04
N GLY E 470 50.36 -36.58 69.90
CA GLY E 470 49.66 -35.52 70.60
C GLY E 470 48.18 -35.47 70.29
N PRO E 471 47.36 -35.40 71.33
CA PRO E 471 45.91 -35.32 71.11
C PRO E 471 45.50 -33.97 70.54
N CYS E 472 44.55 -34.01 69.62
CA CYS E 472 44.06 -32.79 68.97
C CYS E 472 43.38 -31.86 69.97
N VAL E 477 42.15 -34.68 63.70
CA VAL E 477 42.70 -35.99 63.39
C VAL E 477 44.19 -36.03 63.67
N PRO E 478 44.62 -36.81 64.66
CA PRO E 478 46.04 -36.89 64.99
C PRO E 478 46.82 -37.63 63.91
N ILE E 479 47.90 -37.01 63.44
CA ILE E 479 48.75 -37.57 62.39
C ILE E 479 50.18 -37.58 62.92
N LEU E 480 50.72 -38.77 63.15
CA LEU E 480 52.09 -38.93 63.63
C LEU E 480 53.00 -39.11 62.42
N GLU E 481 53.88 -38.14 62.18
CA GLU E 481 54.81 -38.17 61.06
C GLU E 481 56.21 -37.95 61.61
N GLY E 482 57.05 -38.99 61.53
CA GLY E 482 58.40 -38.90 62.06
C GLY E 482 58.45 -38.73 63.56
N THR E 483 58.88 -37.54 64.01
CA THR E 483 58.96 -37.23 65.42
C THR E 483 58.13 -36.01 65.80
N SER E 484 57.28 -35.51 64.90
CA SER E 484 56.45 -34.35 65.14
C SER E 484 54.99 -34.75 65.19
N CYS E 485 54.26 -34.19 66.17
CA CYS E 485 52.84 -34.46 66.34
C CYS E 485 52.02 -33.29 65.85
N ARG E 486 51.06 -33.58 64.96
CA ARG E 486 50.19 -32.55 64.41
C ARG E 486 48.81 -33.11 64.18
N CYS E 487 47.81 -32.23 64.24
CA CYS E 487 46.50 -32.44 63.65
C CYS E 487 46.22 -31.45 62.52
N GLN E 488 46.91 -30.31 62.53
CA GLN E 488 47.00 -29.30 61.48
C GLN E 488 45.74 -28.47 61.34
N CYS E 489 44.61 -28.95 61.85
CA CYS E 489 43.53 -28.16 62.47
C CYS E 489 42.28 -29.01 62.69
N ARG E 490 41.27 -28.43 63.33
CA ARG E 490 39.89 -28.87 63.19
C ARG E 490 39.10 -27.96 62.27
N LEU E 491 39.79 -27.08 61.53
CA LEU E 491 39.21 -26.03 60.70
C LEU E 491 38.59 -24.90 61.53
N GLY E 492 39.03 -24.73 62.77
CA GLY E 492 38.52 -23.69 63.62
C GLY E 492 39.37 -22.43 63.67
N SER E 493 40.69 -22.60 63.56
CA SER E 493 41.65 -21.50 63.64
C SER E 493 41.60 -20.78 64.99
N LEU E 494 41.35 -21.52 66.06
CA LEU E 494 41.30 -20.93 67.39
C LEU E 494 42.70 -20.81 68.00
N GLY E 495 43.53 -21.83 67.86
CA GLY E 495 44.86 -21.82 68.45
C GLY E 495 45.92 -22.49 67.58
N ALA E 496 47.07 -22.78 68.19
CA ALA E 496 48.14 -23.44 67.45
C ALA E 496 47.72 -24.81 66.95
N ALA E 497 47.07 -25.59 67.82
CA ALA E 497 46.59 -26.91 67.46
C ALA E 497 45.13 -26.91 67.00
N CYS E 498 44.53 -25.73 66.87
CA CYS E 498 43.11 -25.58 66.49
C CYS E 498 42.21 -26.36 67.45
N GLU E 499 42.24 -25.93 68.71
CA GLU E 499 41.40 -26.53 69.75
C GLU E 499 39.93 -26.20 69.52
N ALA E 508 30.15 -32.85 74.15
CA ALA E 508 31.24 -33.79 74.36
C ALA E 508 32.35 -33.58 73.33
N ASP E 509 33.53 -34.12 73.62
CA ASP E 509 34.68 -34.01 72.75
C ASP E 509 35.09 -35.35 72.14
N GLY E 510 35.32 -36.37 72.97
CA GLY E 510 35.68 -37.68 72.49
C GLY E 510 37.17 -37.82 72.21
N SER E 511 37.77 -38.88 72.75
CA SER E 511 39.19 -39.14 72.56
C SER E 511 39.49 -40.57 73.00
N TRP E 512 40.29 -41.27 72.20
CA TRP E 512 40.65 -42.65 72.49
C TRP E 512 41.98 -42.72 73.24
N SER E 513 42.03 -43.58 74.24
CA SER E 513 43.26 -43.86 74.96
C SER E 513 44.08 -44.92 74.23
N CYS E 514 45.35 -45.02 74.60
CA CYS E 514 46.25 -45.93 73.92
C CYS E 514 46.09 -47.35 74.44
N TRP E 515 46.57 -48.31 73.63
CA TRP E 515 46.53 -49.71 74.01
C TRP E 515 47.44 -49.94 75.22
N SER E 516 46.94 -50.70 76.20
CA SER E 516 47.73 -51.02 77.37
C SER E 516 48.76 -52.10 77.03
N SER E 517 49.66 -52.33 77.97
CA SER E 517 50.70 -53.35 77.78
C SER E 517 50.10 -54.75 77.83
N TRP E 518 50.72 -55.67 77.08
CA TRP E 518 50.26 -57.04 77.03
C TRP E 518 50.38 -57.71 78.40
N SER E 519 49.25 -58.06 79.00
CA SER E 519 49.23 -58.69 80.32
C SER E 519 49.57 -60.18 80.20
N GLN E 526 47.00 -62.87 77.54
CA GLN E 526 47.38 -61.46 77.66
C GLN E 526 46.17 -60.55 77.42
N GLU E 527 46.16 -59.42 78.11
CA GLU E 527 45.09 -58.45 77.99
C GLU E 527 45.61 -57.15 77.39
N ARG E 528 44.69 -56.35 76.86
CA ARG E 528 45.04 -55.08 76.22
C ARG E 528 43.80 -54.19 76.30
N ARG E 529 43.85 -53.19 77.18
CA ARG E 529 42.68 -52.37 77.49
C ARG E 529 42.80 -50.99 76.89
N ARG E 530 41.66 -50.31 76.80
CA ARG E 530 41.58 -48.94 76.31
C ARG E 530 40.50 -48.21 77.10
N GLU E 531 40.42 -46.90 76.90
CA GLU E 531 39.46 -46.07 77.62
C GLU E 531 39.22 -44.82 76.79
N CYS E 532 38.30 -43.98 77.27
CA CYS E 532 37.99 -42.72 76.61
C CYS E 532 38.72 -41.55 77.25
N SER E 543 30.66 -40.39 71.72
CA SER E 543 31.05 -41.69 72.27
C SER E 543 32.22 -42.29 71.52
N CYS E 544 32.98 -43.14 72.19
CA CYS E 544 34.14 -43.78 71.58
C CYS E 544 33.70 -44.95 70.72
N PRO E 545 33.92 -44.92 69.40
CA PRO E 545 33.50 -46.03 68.55
C PRO E 545 34.58 -47.09 68.39
N GLY E 546 34.16 -48.34 68.40
CA GLY E 546 35.05 -49.47 68.24
C GLY E 546 35.27 -50.24 69.52
N ARG E 547 36.29 -51.09 69.48
CA ARG E 547 36.63 -51.95 70.61
C ARG E 547 37.64 -51.28 71.53
N LYS E 548 37.57 -51.63 72.80
CA LYS E 548 38.52 -51.14 73.81
C LYS E 548 39.19 -52.25 74.58
N VAL E 549 38.98 -53.52 74.19
CA VAL E 549 39.57 -54.66 74.86
C VAL E 549 40.11 -55.60 73.80
N GLN E 550 41.35 -56.05 73.98
CA GLN E 550 42.00 -56.99 73.07
C GLN E 550 42.61 -58.12 73.86
N THR E 551 42.56 -59.32 73.29
CA THR E 551 43.08 -60.53 73.92
C THR E 551 44.00 -61.24 72.95
N GLN E 552 45.19 -61.62 73.42
CA GLN E 552 46.16 -62.32 72.60
C GLN E 552 45.86 -63.82 72.56
N CYS F 1 -21.55 -25.49 29.41
CA CYS F 1 -21.82 -26.39 30.53
C CYS F 1 -20.66 -27.35 30.75
N PHE F 2 -20.67 -28.03 31.90
CA PHE F 2 -19.67 -29.02 32.25
C PHE F 2 -20.23 -30.39 31.88
N CYS F 3 -19.89 -30.86 30.67
CA CYS F 3 -20.35 -32.17 30.23
C CYS F 3 -19.67 -33.30 30.99
N ASP F 4 -18.55 -33.03 31.67
CA ASP F 4 -17.85 -34.04 32.43
C ASP F 4 -18.49 -34.32 33.79
N HIS F 5 -19.51 -33.55 34.19
CA HIS F 5 -20.20 -33.82 35.44
C HIS F 5 -20.89 -35.18 35.41
N TYR F 6 -21.23 -35.66 34.22
CA TYR F 6 -21.84 -36.97 34.02
C TYR F 6 -20.81 -37.83 33.29
N ALA F 7 -19.98 -38.53 34.06
CA ALA F 7 -18.85 -39.25 33.49
C ALA F 7 -19.32 -40.32 32.51
N TRP F 8 -18.50 -40.57 31.49
CA TRP F 8 -18.82 -41.59 30.51
C TRP F 8 -18.76 -42.98 31.14
N THR F 9 -19.69 -43.83 30.73
CA THR F 9 -19.67 -45.22 31.18
C THR F 9 -18.54 -45.98 30.48
N GLN F 10 -18.27 -47.18 30.98
CA GLN F 10 -17.23 -48.01 30.38
C GLN F 10 -17.68 -48.52 29.02
N TRP F 11 -16.71 -48.64 28.11
CA TRP F 11 -17.01 -49.14 26.77
C TRP F 11 -17.56 -50.56 26.83
N THR F 12 -18.69 -50.77 26.16
CA THR F 12 -19.33 -52.07 26.17
C THR F 12 -18.51 -53.09 25.39
N SER F 13 -18.94 -54.34 25.45
CA SER F 13 -18.24 -55.42 24.75
C SER F 13 -18.37 -55.25 23.25
N CYS F 14 -17.37 -55.73 22.53
CA CYS F 14 -17.38 -55.68 21.07
C CYS F 14 -18.53 -56.53 20.54
N SER F 15 -19.29 -55.96 19.60
CA SER F 15 -20.53 -56.61 19.17
C SER F 15 -20.27 -57.96 18.50
N LYS F 16 -19.17 -58.07 17.75
CA LYS F 16 -18.80 -59.33 17.13
C LYS F 16 -17.31 -59.59 17.38
N THR F 17 -16.91 -60.84 17.15
CA THR F 17 -15.54 -61.26 17.49
C THR F 17 -14.52 -60.64 16.53
N CYS F 18 -14.63 -60.96 15.25
CA CYS F 18 -13.62 -60.56 14.27
C CYS F 18 -14.16 -59.72 13.12
N ASN F 19 -15.35 -60.03 12.62
CA ASN F 19 -15.87 -59.35 11.42
C ASN F 19 -15.98 -57.84 11.60
N SER F 20 -16.85 -57.39 12.50
CA SER F 20 -17.06 -55.97 12.73
C SER F 20 -17.74 -55.78 14.06
N GLY F 21 -17.22 -54.89 14.89
CA GLY F 21 -17.74 -54.67 16.22
C GLY F 21 -18.21 -53.25 16.42
N THR F 22 -19.21 -53.09 17.29
CA THR F 22 -19.76 -51.78 17.62
C THR F 22 -19.89 -51.69 19.13
N GLN F 23 -19.29 -50.63 19.71
CA GLN F 23 -19.37 -50.39 21.14
C GLN F 23 -19.67 -48.91 21.37
N SER F 24 -20.42 -48.64 22.44
CA SER F 24 -20.86 -47.28 22.72
C SER F 24 -20.88 -47.04 24.22
N ARG F 25 -20.80 -45.77 24.59
CA ARG F 25 -20.90 -45.34 25.97
C ARG F 25 -21.74 -44.06 26.02
N HIS F 26 -22.38 -43.84 27.16
CA HIS F 26 -23.31 -42.72 27.31
C HIS F 26 -23.04 -41.98 28.61
N ARG F 27 -23.40 -40.70 28.61
CA ARG F 27 -23.27 -39.89 29.82
C ARG F 27 -24.24 -40.37 30.89
N GLN F 28 -23.79 -40.36 32.15
CA GLN F 28 -24.63 -40.70 33.29
C GLN F 28 -25.44 -39.46 33.70
N ILE F 29 -26.36 -39.08 32.84
CA ILE F 29 -27.08 -37.81 32.98
C ILE F 29 -28.18 -37.97 34.02
N VAL F 30 -28.16 -37.11 35.04
CA VAL F 30 -29.24 -36.97 36.00
C VAL F 30 -29.80 -35.56 35.86
N VAL F 31 -31.13 -35.45 35.90
CA VAL F 31 -31.81 -34.18 35.66
C VAL F 31 -31.83 -33.43 36.98
N ASP F 32 -30.77 -32.67 37.24
CA ASP F 32 -30.67 -31.82 38.41
C ASP F 32 -30.80 -30.36 38.00
N LYS F 33 -30.62 -29.46 38.98
CA LYS F 33 -30.72 -28.03 38.71
C LYS F 33 -29.63 -27.56 37.77
N TYR F 34 -28.40 -28.06 37.95
CA TYR F 34 -27.29 -27.65 37.09
C TYR F 34 -27.52 -28.05 35.64
N TYR F 35 -28.21 -29.18 35.41
CA TYR F 35 -28.46 -29.63 34.04
C TYR F 35 -29.43 -28.69 33.33
N GLN F 36 -30.54 -28.35 33.99
CA GLN F 36 -31.58 -27.56 33.33
C GLN F 36 -31.21 -26.08 33.25
N GLU F 37 -30.50 -25.55 34.25
CA GLU F 37 -30.22 -24.13 34.31
C GLU F 37 -28.96 -23.73 33.54
N ASN F 38 -28.39 -24.62 32.72
CA ASN F 38 -27.20 -24.30 31.94
C ASN F 38 -27.29 -24.83 30.51
N PHE F 39 -28.49 -25.23 30.07
CA PHE F 39 -28.70 -25.75 28.71
C PHE F 39 -27.74 -26.89 28.39
N CYS F 40 -27.46 -27.74 29.38
CA CYS F 40 -26.52 -28.83 29.21
C CYS F 40 -27.06 -29.93 28.29
N GLU F 41 -28.35 -29.91 27.96
CA GLU F 41 -28.93 -30.97 27.15
C GLU F 41 -28.60 -30.79 25.67
N GLN F 42 -28.67 -29.56 25.16
CA GLN F 42 -28.51 -29.32 23.73
C GLN F 42 -27.05 -29.27 23.29
N ILE F 43 -26.12 -29.09 24.23
CA ILE F 43 -24.72 -28.89 23.86
C ILE F 43 -23.85 -30.09 24.21
N CYS F 44 -24.20 -30.88 25.22
CA CYS F 44 -23.40 -32.03 25.61
C CYS F 44 -23.82 -33.25 24.82
N SER F 45 -22.84 -33.93 24.21
CA SER F 45 -23.11 -35.17 23.52
C SER F 45 -23.54 -36.24 24.51
N LYS F 46 -24.51 -37.06 24.11
CA LYS F 46 -25.09 -38.07 24.99
C LYS F 46 -24.61 -39.48 24.68
N GLN F 47 -23.82 -39.67 23.64
CA GLN F 47 -23.33 -41.00 23.29
C GLN F 47 -22.13 -40.87 22.35
N GLU F 48 -21.24 -41.85 22.43
CA GLU F 48 -20.07 -41.94 21.56
C GLU F 48 -19.94 -43.37 21.07
N THR F 49 -19.95 -43.55 19.75
CA THR F 49 -19.87 -44.87 19.14
C THR F 49 -18.59 -44.98 18.33
N ARG F 50 -17.93 -46.13 18.43
CA ARG F 50 -16.71 -46.38 17.68
C ARG F 50 -16.62 -47.88 17.38
N GLU F 51 -15.85 -48.22 16.36
CA GLU F 51 -15.71 -49.60 15.94
C GLU F 51 -14.66 -50.32 16.77
N CYS F 52 -14.73 -51.65 16.75
CA CYS F 52 -13.76 -52.50 17.44
C CYS F 52 -13.56 -53.76 16.62
N ASN F 53 -12.31 -54.22 16.57
CA ASN F 53 -11.92 -55.40 15.79
C ASN F 53 -12.36 -55.27 14.33
N TRP F 54 -11.79 -54.25 13.67
CA TRP F 54 -12.13 -53.94 12.29
C TRP F 54 -11.44 -54.85 11.28
N GLN F 55 -10.67 -55.84 11.72
CA GLN F 55 -10.00 -56.75 10.81
C GLN F 55 -11.00 -57.75 10.23
N ARG F 56 -10.48 -58.66 9.40
CA ARG F 56 -11.29 -59.70 8.81
C ARG F 56 -11.28 -60.94 9.72
N CYS F 57 -11.84 -62.05 9.22
CA CYS F 57 -11.86 -63.32 9.93
C CYS F 57 -11.12 -64.35 9.07
N PRO F 58 -9.79 -64.33 9.09
CA PRO F 58 -9.04 -65.27 8.24
C PRO F 58 -9.27 -66.71 8.68
N ILE F 59 -9.58 -67.57 7.69
CA ILE F 59 -9.79 -68.98 7.99
C ILE F 59 -8.47 -69.63 8.38
N ASN F 60 -8.56 -70.73 9.11
CA ASN F 60 -7.38 -71.44 9.58
C ASN F 60 -6.73 -72.19 8.42
N CYS F 61 -5.41 -72.02 8.27
CA CYS F 61 -4.68 -72.72 7.22
C CYS F 61 -4.79 -74.23 7.42
N LEU F 62 -5.44 -74.89 6.47
CA LEU F 62 -5.75 -76.31 6.57
C LEU F 62 -5.06 -77.05 5.43
N LEU F 63 -4.06 -77.87 5.77
CA LEU F 63 -3.39 -78.70 4.79
C LEU F 63 -4.12 -80.03 4.63
N GLY F 64 -3.65 -80.86 3.70
CA GLY F 64 -4.24 -82.15 3.44
C GLY F 64 -3.25 -83.27 3.71
N ASP F 65 -3.77 -84.49 3.63
CA ASP F 65 -2.95 -85.68 3.85
C ASP F 65 -1.92 -85.83 2.74
N PHE F 66 -0.85 -86.56 3.04
CA PHE F 66 0.20 -86.81 2.07
C PHE F 66 -0.31 -87.69 0.93
N GLY F 67 0.35 -87.58 -0.22
CA GLY F 67 0.03 -88.39 -1.36
C GLY F 67 0.93 -89.59 -1.50
N PRO F 68 0.80 -90.34 -2.58
CA PRO F 68 1.66 -91.50 -2.79
C PRO F 68 3.08 -91.08 -3.13
N TRP F 69 4.03 -91.93 -2.75
CA TRP F 69 5.44 -91.66 -3.04
C TRP F 69 5.67 -91.63 -4.54
N SER F 70 6.51 -90.71 -4.98
CA SER F 70 6.81 -90.50 -6.39
C SER F 70 8.12 -91.19 -6.74
N ASP F 71 8.12 -91.94 -7.84
CA ASP F 71 9.35 -92.56 -8.32
C ASP F 71 10.39 -91.50 -8.66
N CYS F 72 11.66 -91.87 -8.51
CA CYS F 72 12.76 -90.92 -8.66
C CYS F 72 13.75 -91.43 -9.70
N ASP F 73 14.09 -90.57 -10.65
CA ASP F 73 15.26 -90.80 -11.51
C ASP F 73 16.08 -89.54 -11.70
N PRO F 74 16.44 -88.79 -10.63
CA PRO F 74 17.33 -87.64 -10.81
C PRO F 74 18.79 -88.01 -10.58
N CYS F 75 19.69 -87.04 -10.72
CA CYS F 75 21.09 -87.26 -10.43
C CYS F 75 21.39 -87.25 -8.93
N ILE F 76 20.44 -86.82 -8.10
CA ILE F 76 20.59 -86.82 -6.65
C ILE F 76 19.45 -87.63 -6.06
N GLU F 77 19.78 -88.67 -5.29
CA GLU F 77 18.79 -89.64 -4.83
C GLU F 77 17.90 -89.02 -3.76
N LYS F 78 16.91 -88.24 -4.23
CA LYS F 78 15.90 -87.64 -3.38
C LYS F 78 14.52 -87.88 -3.98
N GLN F 79 13.55 -88.16 -3.11
CA GLN F 79 12.19 -88.44 -3.53
C GLN F 79 11.25 -87.34 -3.02
N SER F 80 10.21 -87.06 -3.81
CA SER F 80 9.26 -86.01 -3.52
C SER F 80 8.00 -86.57 -2.87
N LYS F 81 7.37 -85.75 -2.04
CA LYS F 81 6.11 -86.10 -1.39
C LYS F 81 5.33 -84.81 -1.17
N VAL F 82 4.24 -84.64 -1.91
CA VAL F 82 3.51 -83.37 -1.96
C VAL F 82 2.14 -83.55 -1.30
N ARG F 83 1.76 -82.58 -0.48
CA ARG F 83 0.44 -82.54 0.14
C ARG F 83 -0.15 -81.14 -0.04
N SER F 84 -1.47 -81.07 -0.04
CA SER F 84 -2.18 -79.82 -0.24
C SER F 84 -2.92 -79.40 1.03
N CYS F 96 0.03 -71.72 8.00
CA CYS F 96 0.51 -73.02 8.47
C CYS F 96 1.96 -72.94 8.95
N THR F 97 2.35 -73.92 9.75
CA THR F 97 3.73 -74.03 10.23
C THR F 97 4.43 -75.30 9.78
N ALA F 98 3.69 -76.32 9.38
CA ALA F 98 4.31 -77.53 8.86
C ALA F 98 4.81 -77.30 7.44
N PRO F 99 5.90 -77.96 7.03
CA PRO F 99 6.41 -77.78 5.68
C PRO F 99 5.38 -78.19 4.63
N LEU F 100 5.35 -77.44 3.53
CA LEU F 100 4.42 -77.75 2.44
C LEU F 100 4.79 -79.06 1.76
N VAL F 101 6.04 -79.17 1.32
CA VAL F 101 6.56 -80.39 0.69
C VAL F 101 7.87 -80.75 1.36
N ALA F 102 8.00 -82.00 1.78
CA ALA F 102 9.20 -82.52 2.43
C ALA F 102 9.82 -83.59 1.55
N PHE F 103 11.07 -83.37 1.15
CA PHE F 103 11.80 -84.32 0.33
C PHE F 103 12.75 -85.14 1.20
N GLN F 104 12.86 -86.42 0.88
CA GLN F 104 13.66 -87.39 1.62
C GLN F 104 14.54 -88.15 0.65
N PRO F 105 15.59 -88.81 1.15
CA PRO F 105 16.43 -89.62 0.26
C PRO F 105 15.62 -90.74 -0.38
N CYS F 106 15.96 -91.04 -1.63
CA CYS F 106 15.23 -92.00 -2.44
C CYS F 106 16.07 -93.23 -2.69
N ILE F 107 15.42 -94.26 -3.21
CA ILE F 107 16.08 -95.48 -3.67
C ILE F 107 16.03 -95.47 -5.19
N PRO F 108 17.02 -94.89 -5.86
CA PRO F 108 16.93 -94.68 -7.32
C PRO F 108 17.18 -95.98 -8.07
N SER F 109 16.21 -96.35 -8.90
CA SER F 109 16.41 -97.48 -9.81
C SER F 109 17.44 -97.15 -10.88
N LYS F 110 17.67 -95.87 -11.17
CA LYS F 110 18.66 -95.42 -12.14
C LYS F 110 19.33 -94.18 -11.61
N LEU F 111 20.66 -94.14 -11.67
CA LEU F 111 21.42 -92.98 -11.20
C LEU F 111 21.46 -91.92 -12.30
N CYS F 112 22.34 -90.93 -12.12
CA CYS F 112 22.46 -89.84 -13.07
C CYS F 112 22.85 -90.35 -14.46
N LYS F 113 22.42 -89.62 -15.48
CA LYS F 113 22.69 -90.00 -16.86
C LYS F 113 22.59 -88.76 -17.73
N ILE F 114 22.87 -88.94 -19.02
CA ILE F 114 22.81 -87.86 -20.02
C ILE F 114 23.74 -86.71 -19.68
N GLU F 115 24.88 -87.01 -19.05
CA GLU F 115 25.87 -86.00 -18.74
C GLU F 115 26.66 -85.64 -19.98
N GLU F 116 26.71 -84.35 -20.31
CA GLU F 116 27.38 -83.90 -21.52
C GLU F 116 27.82 -82.45 -21.32
N ALA F 117 28.63 -81.96 -22.25
CA ALA F 117 29.11 -80.59 -22.23
C ALA F 117 28.12 -79.70 -22.97
N ASP F 118 27.57 -78.70 -22.27
CA ASP F 118 26.58 -77.82 -22.88
C ASP F 118 27.21 -76.99 -24.00
N CYS F 119 28.41 -76.48 -23.79
CA CYS F 119 29.06 -75.63 -24.79
C CYS F 119 29.55 -76.48 -25.96
N LYS F 120 29.21 -76.06 -27.18
CA LYS F 120 29.65 -76.71 -28.39
C LYS F 120 30.56 -75.82 -29.23
N ASN F 121 30.12 -74.59 -29.52
CA ASN F 121 30.93 -73.63 -30.26
C ASN F 121 31.29 -72.42 -29.43
N LYS F 122 31.08 -72.46 -28.12
CA LYS F 122 31.34 -71.36 -27.22
C LYS F 122 32.30 -71.80 -26.12
N PHE F 123 32.65 -70.85 -25.25
CA PHE F 123 33.55 -71.13 -24.14
C PHE F 123 32.77 -71.62 -22.92
N ARG F 124 33.40 -72.51 -22.17
CA ARG F 124 32.79 -73.13 -20.99
C ARG F 124 33.47 -72.58 -19.74
N CYS F 125 32.77 -71.71 -19.02
CA CYS F 125 33.29 -71.22 -17.75
C CYS F 125 33.24 -72.32 -16.70
N ASP F 126 34.24 -72.31 -15.80
CA ASP F 126 34.33 -73.35 -14.78
C ASP F 126 33.17 -73.30 -13.79
N SER F 127 32.44 -72.18 -13.74
CA SER F 127 31.29 -72.06 -12.84
C SER F 127 30.02 -72.67 -13.43
N GLY F 128 30.03 -73.05 -14.70
CA GLY F 128 28.87 -73.61 -15.37
C GLY F 128 28.28 -72.72 -16.43
N ARG F 129 28.57 -71.43 -16.40
CA ARG F 129 28.05 -70.51 -17.41
C ARG F 129 28.71 -70.77 -18.76
N CYS F 130 27.91 -70.64 -19.83
CA CYS F 130 28.39 -70.85 -21.20
C CYS F 130 28.28 -69.54 -21.95
N ILE F 131 29.42 -68.92 -22.22
CA ILE F 131 29.47 -67.64 -22.92
C ILE F 131 30.26 -67.83 -24.23
N ALA F 132 30.06 -66.89 -25.14
CA ALA F 132 30.72 -66.94 -26.44
C ALA F 132 32.22 -66.74 -26.29
N ARG F 133 32.98 -67.43 -27.14
CA ARG F 133 34.44 -67.31 -27.10
C ARG F 133 34.93 -65.91 -27.45
N LYS F 134 34.11 -65.13 -28.16
CA LYS F 134 34.48 -63.75 -28.46
C LYS F 134 34.63 -62.93 -27.20
N LEU F 135 33.87 -63.25 -26.16
CA LEU F 135 33.89 -62.53 -24.88
C LEU F 135 35.10 -62.89 -24.02
N GLU F 136 36.04 -63.68 -24.54
CA GLU F 136 37.21 -64.09 -23.79
C GLU F 136 38.39 -63.19 -24.12
N CYS F 137 39.20 -62.90 -23.10
CA CYS F 137 40.37 -62.04 -23.22
C CYS F 137 39.99 -60.66 -23.75
N ASN F 138 39.06 -60.00 -23.05
CA ASN F 138 38.61 -58.67 -23.40
C ASN F 138 38.69 -57.71 -22.21
N GLY F 139 39.38 -58.10 -21.14
CA GLY F 139 39.52 -57.24 -19.98
C GLY F 139 38.24 -57.01 -19.21
N GLU F 140 37.31 -57.97 -19.24
CA GLU F 140 36.05 -57.83 -18.52
C GLU F 140 35.64 -59.19 -17.99
N ASN F 141 35.15 -59.21 -16.76
CA ASN F 141 34.67 -60.44 -16.12
C ASN F 141 33.30 -60.78 -16.69
N ASP F 142 33.28 -61.72 -17.63
CA ASP F 142 32.03 -62.15 -18.27
C ASP F 142 31.48 -63.45 -17.70
N CYS F 143 32.34 -64.35 -17.23
CA CYS F 143 31.87 -65.59 -16.64
C CYS F 143 31.22 -65.36 -15.28
N GLY F 144 31.67 -64.33 -14.55
CA GLY F 144 31.20 -64.04 -13.20
C GLY F 144 32.24 -64.32 -12.14
N ASP F 145 33.17 -65.25 -12.41
CA ASP F 145 34.24 -65.58 -11.47
C ASP F 145 35.62 -65.33 -12.08
N ASN F 146 35.71 -64.42 -13.06
CA ASN F 146 36.97 -64.04 -13.69
C ASN F 146 37.66 -65.24 -14.34
N SER F 147 36.88 -66.17 -14.90
CA SER F 147 37.45 -67.35 -15.53
C SER F 147 38.00 -67.04 -16.92
N ASP F 148 37.32 -66.15 -17.65
CA ASP F 148 37.75 -65.84 -19.02
C ASP F 148 39.08 -65.08 -19.03
N GLU F 149 39.27 -64.17 -18.07
CA GLU F 149 40.49 -63.38 -17.98
C GLU F 149 41.55 -64.02 -17.08
N ARG F 150 41.55 -65.35 -16.96
CA ARG F 150 42.46 -66.03 -16.04
C ARG F 150 43.91 -65.80 -16.45
N ASP F 151 44.30 -66.27 -17.63
CA ASP F 151 45.68 -66.21 -18.09
C ASP F 151 45.76 -65.60 -19.48
N CYS F 152 44.99 -64.54 -19.73
CA CYS F 152 45.05 -63.85 -21.00
C CYS F 152 46.35 -63.06 -21.09
N GLY F 153 47.21 -63.43 -22.04
CA GLY F 153 48.47 -62.72 -22.21
C GLY F 153 48.29 -61.30 -22.70
N ARG F 154 47.29 -61.07 -23.56
CA ARG F 154 46.98 -59.74 -24.05
C ARG F 154 45.48 -59.59 -24.17
N THR F 155 45.00 -58.36 -23.93
CA THR F 155 43.58 -58.06 -23.96
C THR F 155 43.34 -56.85 -24.85
N LYS F 156 42.16 -56.81 -25.46
CA LYS F 156 41.75 -55.71 -26.33
C LYS F 156 40.82 -54.80 -25.55
N ALA F 157 41.21 -53.52 -25.43
CA ALA F 157 40.42 -52.55 -24.69
C ALA F 157 39.06 -52.33 -25.36
N VAL F 158 37.99 -52.79 -24.72
CA VAL F 158 36.66 -52.64 -25.28
C VAL F 158 36.05 -51.28 -24.94
N CYS F 159 36.41 -50.70 -23.79
CA CYS F 159 35.94 -49.39 -23.38
C CYS F 159 37.14 -48.54 -22.98
N THR F 160 37.12 -47.27 -23.40
CA THR F 160 38.28 -46.41 -23.18
C THR F 160 38.43 -46.02 -21.72
N ARG F 161 37.33 -45.79 -21.02
CA ARG F 161 37.37 -45.31 -19.65
C ARG F 161 36.35 -46.06 -18.81
N LYS F 162 36.69 -46.24 -17.53
CA LYS F 162 35.79 -46.91 -16.59
C LYS F 162 34.60 -46.01 -16.27
N TYR F 163 33.40 -46.48 -16.60
CA TYR F 163 32.17 -45.74 -16.37
C TYR F 163 31.36 -46.37 -15.25
N ASN F 164 30.52 -45.55 -14.62
CA ASN F 164 29.69 -46.01 -13.52
C ASN F 164 28.46 -46.75 -14.05
N PRO F 165 27.93 -47.69 -13.28
CA PRO F 165 26.72 -48.40 -13.70
C PRO F 165 25.46 -47.60 -13.45
N ILE F 166 24.38 -48.04 -14.11
CA ILE F 166 23.09 -47.36 -13.97
C ILE F 166 22.54 -47.61 -12.57
N PRO F 167 22.05 -46.58 -11.88
CA PRO F 167 21.45 -46.80 -10.56
C PRO F 167 20.12 -47.52 -10.66
N SER F 168 19.84 -48.34 -9.64
CA SER F 168 18.62 -49.15 -9.56
C SER F 168 18.48 -50.09 -10.75
N VAL F 169 19.62 -50.53 -11.31
CA VAL F 169 19.58 -51.42 -12.46
C VAL F 169 19.31 -52.87 -12.06
N GLN F 170 19.58 -53.23 -10.80
CA GLN F 170 19.33 -54.60 -10.37
C GLN F 170 17.84 -54.90 -10.26
N LEU F 171 17.03 -53.89 -9.95
CA LEU F 171 15.58 -54.07 -9.91
C LEU F 171 15.02 -54.36 -11.29
N MET F 172 15.76 -54.05 -12.35
CA MET F 172 15.36 -54.34 -13.72
C MET F 172 15.65 -55.78 -14.13
N GLY F 173 16.24 -56.58 -13.25
CA GLY F 173 16.56 -57.96 -13.58
C GLY F 173 15.83 -58.97 -12.72
N ASN F 174 15.29 -58.52 -11.60
CA ASN F 174 14.58 -59.41 -10.68
C ASN F 174 13.37 -60.05 -11.36
N GLY F 175 13.07 -61.29 -10.95
CA GLY F 175 11.86 -61.93 -11.39
C GLY F 175 10.64 -61.41 -10.66
N PHE F 176 9.47 -61.75 -11.18
CA PHE F 176 8.19 -61.32 -10.60
C PHE F 176 7.30 -62.53 -10.37
N HIS F 177 7.04 -62.85 -9.11
CA HIS F 177 6.04 -63.86 -8.74
C HIS F 177 4.69 -63.17 -8.63
N PHE F 178 3.81 -63.43 -9.58
CA PHE F 178 2.52 -62.74 -9.62
C PHE F 178 1.66 -63.08 -8.41
N LEU F 179 1.85 -64.26 -7.82
CA LEU F 179 0.98 -64.71 -6.74
C LEU F 179 1.37 -64.13 -5.39
N ALA F 180 2.64 -63.75 -5.20
CA ALA F 180 3.14 -63.42 -3.87
C ALA F 180 3.07 -61.93 -3.52
N GLY F 181 2.92 -61.05 -4.51
CA GLY F 181 2.93 -59.62 -4.26
C GLY F 181 4.28 -59.02 -3.94
N GLU F 182 5.31 -59.84 -3.80
CA GLU F 182 6.69 -59.39 -3.70
C GLU F 182 7.44 -60.04 -4.85
N PRO F 183 8.06 -59.28 -5.77
CA PRO F 183 8.29 -59.81 -7.12
C PRO F 183 9.09 -61.10 -7.16
N ARG F 184 10.40 -61.06 -6.83
CA ARG F 184 11.23 -62.23 -6.56
C ARG F 184 12.68 -61.84 -6.32
N GLY F 185 13.51 -62.81 -5.99
CA GLY F 185 14.94 -62.63 -6.00
C GLY F 185 15.50 -62.44 -7.40
N GLU F 186 16.81 -62.24 -7.46
CA GLU F 186 17.48 -61.99 -8.73
C GLU F 186 17.46 -63.23 -9.61
N VAL F 187 17.08 -63.05 -10.87
CA VAL F 187 17.14 -64.10 -11.88
C VAL F 187 18.04 -63.70 -13.04
N LEU F 188 17.96 -62.45 -13.50
CA LEU F 188 18.81 -61.93 -14.55
C LEU F 188 19.97 -61.14 -13.95
N ASP F 189 21.11 -61.20 -14.64
CA ASP F 189 22.29 -60.47 -14.22
C ASP F 189 22.31 -59.10 -14.90
N ASN F 190 22.53 -58.05 -14.10
CA ASN F 190 22.55 -56.68 -14.60
C ASN F 190 23.96 -56.09 -14.61
N SER F 191 24.97 -56.88 -14.29
CA SER F 191 26.36 -56.44 -14.37
C SER F 191 27.03 -56.82 -15.67
N PHE F 192 26.54 -57.86 -16.35
CA PHE F 192 27.08 -58.26 -17.64
C PHE F 192 26.79 -57.19 -18.68
N THR F 193 27.78 -56.93 -19.55
CA THR F 193 27.66 -55.88 -20.56
C THR F 193 27.93 -56.36 -21.97
N GLY F 194 28.32 -57.62 -22.16
CA GLY F 194 28.58 -58.13 -23.49
C GLY F 194 29.78 -57.55 -24.19
N GLY F 195 30.66 -56.86 -23.48
CA GLY F 195 31.85 -56.26 -24.06
C GLY F 195 31.65 -54.88 -24.64
N ILE F 196 30.51 -54.65 -25.31
CA ILE F 196 30.22 -53.35 -25.89
C ILE F 196 29.99 -52.33 -24.78
N CYS F 197 30.77 -51.25 -24.80
CA CYS F 197 30.68 -50.22 -23.76
C CYS F 197 29.66 -49.16 -24.19
N LYS F 198 28.40 -49.56 -24.17
CA LYS F 198 27.31 -48.65 -24.49
C LYS F 198 26.95 -47.82 -23.26
N THR F 199 26.67 -46.55 -23.48
CA THR F 199 26.44 -45.61 -22.39
C THR F 199 25.31 -44.66 -22.76
N VAL F 200 24.96 -43.79 -21.83
CA VAL F 200 23.92 -42.78 -22.03
C VAL F 200 24.24 -41.59 -21.14
N LYS F 201 23.99 -40.39 -21.65
CA LYS F 201 24.32 -39.16 -20.94
C LYS F 201 23.05 -38.59 -20.30
N SER F 202 23.03 -38.55 -18.98
CA SER F 202 21.91 -38.00 -18.25
C SER F 202 21.98 -36.47 -18.21
N SER F 203 20.86 -35.86 -17.83
CA SER F 203 20.77 -34.41 -17.76
C SER F 203 21.52 -33.89 -16.54
N ARG F 204 22.50 -33.01 -16.76
CA ARG F 204 23.30 -32.41 -15.69
C ARG F 204 24.00 -33.47 -14.85
N THR F 205 24.31 -34.61 -15.46
CA THR F 205 24.97 -35.74 -14.82
C THR F 205 26.09 -36.26 -15.73
N SER F 206 26.95 -35.34 -16.16
CA SER F 206 27.99 -35.55 -17.16
C SER F 206 28.66 -36.92 -17.07
N ASN F 207 28.99 -37.37 -15.85
CA ASN F 207 29.56 -38.69 -15.64
C ASN F 207 28.67 -39.76 -16.27
N PRO F 208 29.14 -40.45 -17.30
CA PRO F 208 28.26 -41.37 -18.03
C PRO F 208 27.94 -42.61 -17.23
N TYR F 209 26.77 -43.17 -17.51
CA TYR F 209 26.33 -44.42 -16.92
C TYR F 209 26.54 -45.57 -17.89
N ARG F 210 26.77 -46.76 -17.35
CA ARG F 210 27.06 -47.95 -18.15
C ARG F 210 25.77 -48.74 -18.34
N VAL F 211 25.35 -48.87 -19.59
CA VAL F 211 24.12 -49.60 -19.93
C VAL F 211 24.44 -51.08 -20.08
N PRO F 212 23.75 -51.96 -19.35
CA PRO F 212 23.99 -53.40 -19.50
C PRO F 212 23.49 -53.90 -20.85
N ALA F 213 23.85 -55.15 -21.14
CA ALA F 213 23.43 -55.78 -22.40
C ALA F 213 21.97 -56.20 -22.39
N ASN F 214 21.39 -56.40 -21.20
CA ASN F 214 20.00 -56.83 -21.10
C ASN F 214 19.01 -55.71 -21.34
N LEU F 215 19.45 -54.45 -21.27
CA LEU F 215 18.58 -53.30 -21.47
C LEU F 215 18.74 -52.81 -22.91
N GLU F 216 17.67 -52.90 -23.69
CA GLU F 216 17.72 -52.51 -25.09
C GLU F 216 17.56 -51.01 -25.26
N ASN F 217 16.66 -50.39 -24.48
CA ASN F 217 16.38 -48.96 -24.61
C ASN F 217 16.21 -48.36 -23.22
N VAL F 218 16.91 -47.26 -22.96
CA VAL F 218 16.83 -46.54 -21.69
C VAL F 218 16.55 -45.08 -21.99
N GLY F 219 15.50 -44.54 -21.40
CA GLY F 219 15.14 -43.15 -21.60
C GLY F 219 14.74 -42.51 -20.29
N PHE F 220 14.98 -41.20 -20.20
CA PHE F 220 14.74 -40.43 -18.98
C PHE F 220 13.57 -39.48 -19.24
N GLU F 221 12.39 -39.87 -18.74
CA GLU F 221 11.16 -39.10 -18.94
C GLU F 221 10.60 -38.61 -17.61
N VAL F 222 11.47 -38.39 -16.62
CA VAL F 222 11.07 -38.10 -15.25
C VAL F 222 10.05 -36.96 -15.20
N GLN F 223 8.88 -37.24 -14.65
CA GLN F 223 7.79 -36.28 -14.54
C GLN F 223 6.76 -36.80 -13.56
N THR F 224 6.19 -35.90 -12.75
CA THR F 224 5.18 -36.30 -11.79
C THR F 224 3.86 -36.61 -12.50
N ALA F 225 3.02 -37.37 -11.81
CA ALA F 225 1.72 -37.76 -12.35
C ALA F 225 0.70 -37.94 -11.22
N THR F 231 -2.23 -37.74 -9.31
CA THR F 231 -2.51 -36.51 -8.60
C THR F 231 -3.89 -36.53 -7.95
N ASP F 232 -3.94 -36.34 -6.65
CA ASP F 232 -5.19 -36.34 -5.90
C ASP F 232 -5.18 -35.19 -4.89
N PHE F 233 -6.29 -34.48 -4.82
CA PHE F 233 -6.43 -33.35 -3.91
C PHE F 233 -7.80 -33.40 -3.24
N TYR F 234 -7.83 -33.17 -1.94
CA TYR F 234 -9.07 -33.18 -1.18
C TYR F 234 -8.98 -32.13 -0.08
N LYS F 235 -10.06 -31.39 0.11
CA LYS F 235 -10.12 -30.33 1.12
C LYS F 235 -11.53 -30.26 1.69
N ASP F 236 -11.63 -30.16 3.00
CA ASP F 236 -12.91 -30.06 3.69
C ASP F 236 -12.76 -29.16 4.91
N LEU F 237 -13.76 -28.29 5.11
CA LEU F 237 -13.75 -27.36 6.23
C LEU F 237 -15.15 -27.30 6.83
N THR F 238 -15.22 -27.38 8.16
CA THR F 238 -16.49 -27.33 8.88
C THR F 238 -16.39 -26.29 9.98
N SER F 239 -17.41 -25.45 10.10
CA SER F 239 -17.46 -24.40 11.11
C SER F 239 -18.88 -24.32 11.66
N LEU F 240 -18.99 -24.24 12.99
CA LEU F 240 -20.29 -24.17 13.66
C LEU F 240 -20.20 -23.21 14.82
N GLY F 241 -21.22 -22.35 14.95
CA GLY F 241 -21.26 -21.40 16.04
C GLY F 241 -22.66 -21.24 16.62
N HIS F 242 -22.76 -21.22 17.95
CA HIS F 242 -24.04 -21.11 18.62
C HIS F 242 -23.91 -20.18 19.82
N ASN F 243 -24.87 -19.27 19.97
CA ASN F 243 -24.87 -18.30 21.05
C ASN F 243 -26.30 -18.06 21.53
N GLU F 244 -26.47 -18.05 22.85
CA GLU F 244 -27.78 -17.82 23.45
C GLU F 244 -27.62 -16.90 24.66
N ASN F 245 -28.55 -15.96 24.81
CA ASN F 245 -28.53 -15.02 25.92
C ASN F 245 -29.96 -14.82 26.40
N GLN F 246 -30.18 -14.97 27.71
CA GLN F 246 -31.48 -14.78 28.32
C GLN F 246 -31.30 -14.05 29.65
N GLN F 247 -32.08 -12.99 29.84
CA GLN F 247 -32.02 -12.19 31.06
C GLN F 247 -33.42 -11.81 31.48
N GLY F 248 -33.72 -11.99 32.77
CA GLY F 248 -35.02 -11.66 33.31
C GLY F 248 -34.96 -11.13 34.73
N SER F 249 -35.63 -10.01 34.99
CA SER F 249 -35.64 -9.41 36.32
C SER F 249 -37.04 -8.94 36.65
N PHE F 250 -37.56 -9.40 37.79
CA PHE F 250 -38.88 -9.04 38.27
C PHE F 250 -38.76 -8.35 39.62
N SER F 251 -39.47 -7.24 39.78
CA SER F 251 -39.46 -6.49 41.03
C SER F 251 -40.87 -6.02 41.36
N SER F 252 -41.25 -6.18 42.63
CA SER F 252 -42.57 -5.78 43.10
C SER F 252 -42.45 -5.19 44.49
N GLN F 253 -43.13 -4.06 44.71
CA GLN F 253 -43.11 -3.37 45.99
C GLN F 253 -44.54 -2.98 46.36
N GLY F 254 -44.86 -3.13 47.64
CA GLY F 254 -46.19 -2.78 48.12
C GLY F 254 -46.19 -2.13 49.49
N GLY F 255 -46.94 -1.04 49.63
CA GLY F 255 -47.01 -0.32 50.89
C GLY F 255 -48.40 0.19 51.20
N SER F 256 -48.85 0.00 52.44
CA SER F 256 -50.17 0.45 52.86
C SER F 256 -50.09 0.97 54.29
N SER F 257 -50.74 2.11 54.52
CA SER F 257 -50.77 2.74 55.84
C SER F 257 -52.17 3.28 56.10
N PHE F 258 -52.67 3.03 57.30
CA PHE F 258 -54.01 3.47 57.70
C PHE F 258 -53.98 3.95 59.14
N SER F 259 -54.53 5.13 59.37
CA SER F 259 -54.57 5.72 60.71
C SER F 259 -55.81 6.60 60.82
N VAL F 260 -56.54 6.46 61.92
CA VAL F 260 -57.74 7.26 62.15
C VAL F 260 -57.90 7.54 63.64
N PRO F 261 -57.72 8.78 64.08
CA PRO F 261 -57.93 9.11 65.50
C PRO F 261 -59.38 9.52 65.77
N ILE F 262 -59.93 8.97 66.86
CA ILE F 262 -61.35 9.24 67.24
C ILE F 262 -61.44 10.65 67.83
N PHE F 263 -62.66 11.20 67.98
CA PHE F 263 -62.87 12.55 68.58
C PHE F 263 -62.94 12.47 70.12
N TYR F 264 -61.82 12.02 70.71
CA TYR F 264 -61.55 11.81 72.16
C TYR F 264 -60.06 11.46 72.28
N SER F 265 -59.53 11.33 73.50
CA SER F 265 -58.10 10.97 73.59
C SER F 265 -57.89 9.60 72.94
N SER F 266 -56.93 9.49 72.02
CA SER F 266 -56.60 8.20 71.35
C SER F 266 -55.58 8.46 70.22
N LYS F 267 -54.96 7.39 69.71
CA LYS F 267 -53.97 7.54 68.64
C LYS F 267 -53.68 6.17 68.05
N ARG F 268 -53.61 6.11 66.72
CA ARG F 268 -53.34 4.86 66.01
C ARG F 268 -52.38 5.14 64.86
N SER F 269 -51.39 4.28 64.70
CA SER F 269 -50.39 4.41 63.65
C SER F 269 -50.05 3.04 63.10
N GLU F 270 -50.05 2.92 61.77
CA GLU F 270 -49.74 1.66 61.11
C GLU F 270 -48.84 1.94 59.91
N ASN F 271 -47.79 1.14 59.76
CA ASN F 271 -46.86 1.27 58.65
C ASN F 271 -46.49 -0.11 58.13
N ILE F 272 -46.62 -0.30 56.83
CA ILE F 272 -46.33 -1.57 56.17
C ILE F 272 -45.47 -1.29 54.94
N ASN F 273 -44.36 -2.02 54.81
CA ASN F 273 -43.46 -1.86 53.68
C ASN F 273 -43.02 -3.22 53.19
N HIS F 274 -42.99 -3.38 51.87
CA HIS F 274 -42.59 -4.63 51.24
C HIS F 274 -41.67 -4.33 50.06
N ASN F 275 -40.58 -5.10 49.96
CA ASN F 275 -39.62 -4.93 48.88
C ASN F 275 -39.13 -6.30 48.44
N SER F 276 -39.14 -6.54 47.13
CA SER F 276 -38.70 -7.80 46.55
C SER F 276 -37.94 -7.54 45.27
N ALA F 277 -36.82 -8.23 45.11
CA ALA F 277 -35.97 -8.08 43.93
C ALA F 277 -35.43 -9.44 43.50
N PHE F 278 -35.47 -9.71 42.21
CA PHE F 278 -34.99 -10.96 41.65
C PHE F 278 -34.30 -10.69 40.32
N LYS F 279 -33.14 -11.30 40.12
CA LYS F 279 -32.36 -11.12 38.90
C LYS F 279 -31.76 -12.45 38.48
N GLN F 280 -31.82 -12.72 37.18
CA GLN F 280 -31.26 -13.95 36.61
C GLN F 280 -30.67 -13.64 35.25
N ALA F 281 -29.46 -14.16 35.00
CA ALA F 281 -28.77 -13.93 33.74
C ALA F 281 -27.99 -15.19 33.35
N ILE F 282 -27.95 -15.47 32.05
CA ILE F 282 -27.24 -16.64 31.53
C ILE F 282 -26.64 -16.28 30.19
N GLN F 283 -25.42 -16.76 29.95
CA GLN F 283 -24.72 -16.52 28.69
C GLN F 283 -23.95 -17.78 28.31
N ALA F 284 -24.12 -18.22 27.06
CA ALA F 284 -23.46 -19.43 26.58
C ALA F 284 -23.03 -19.23 25.14
N SER F 285 -21.77 -19.55 24.84
CA SER F 285 -21.22 -19.47 23.50
C SER F 285 -20.46 -20.77 23.21
N HIS F 286 -20.66 -21.31 22.01
CA HIS F 286 -20.08 -22.59 21.65
C HIS F 286 -19.59 -22.55 20.21
N LYS F 287 -18.47 -23.22 19.95
CA LYS F 287 -17.89 -23.29 18.62
C LYS F 287 -17.18 -24.63 18.46
N LYS F 288 -17.29 -25.22 17.27
CA LYS F 288 -16.63 -26.48 16.96
C LYS F 288 -16.09 -26.43 15.54
N ASP F 289 -14.91 -26.99 15.34
CA ASP F 289 -14.25 -27.01 14.04
C ASP F 289 -13.65 -28.38 13.80
N SER F 290 -13.74 -28.85 12.55
CA SER F 290 -13.18 -30.13 12.16
C SER F 290 -12.81 -30.08 10.68
N SER F 291 -11.81 -30.88 10.31
CA SER F 291 -11.34 -30.91 8.93
C SER F 291 -10.48 -32.16 8.73
N PHE F 292 -10.29 -32.53 7.47
CA PHE F 292 -9.45 -33.67 7.11
C PHE F 292 -9.13 -33.58 5.63
N ILE F 293 -7.84 -33.72 5.30
CA ILE F 293 -7.36 -33.61 3.93
C ILE F 293 -6.41 -34.75 3.64
N ARG F 294 -6.39 -35.19 2.39
CA ARG F 294 -5.49 -36.24 1.95
C ARG F 294 -5.13 -36.02 0.49
N ILE F 295 -3.90 -36.41 0.12
CA ILE F 295 -3.39 -36.26 -1.24
C ILE F 295 -2.67 -37.54 -1.63
N HIS F 296 -2.43 -37.68 -2.94
CA HIS F 296 -1.72 -38.83 -3.48
C HIS F 296 -1.08 -38.42 -4.80
N LYS F 297 0.19 -38.78 -4.99
CA LYS F 297 0.93 -38.42 -6.19
C LYS F 297 1.84 -39.58 -6.60
N VAL F 298 2.03 -39.74 -7.91
CA VAL F 298 2.86 -40.79 -8.48
C VAL F 298 3.87 -40.14 -9.41
N MET F 299 5.08 -40.71 -9.44
CA MET F 299 6.17 -40.21 -10.27
C MET F 299 6.39 -41.15 -11.44
N LYS F 300 6.44 -40.58 -12.66
CA LYS F 300 6.75 -41.35 -13.86
C LYS F 300 8.23 -41.19 -14.21
N VAL F 301 9.05 -41.88 -13.44
CA VAL F 301 10.51 -41.82 -13.58
C VAL F 301 10.91 -42.73 -14.73
N LEU F 302 12.19 -42.66 -15.12
CA LEU F 302 12.74 -43.29 -16.32
C LEU F 302 12.19 -44.70 -16.56
N ASN F 303 11.93 -44.99 -17.84
CA ASN F 303 11.44 -46.28 -18.28
C ASN F 303 12.49 -47.37 -18.08
N PHE F 304 12.13 -48.58 -18.47
CA PHE F 304 13.07 -49.69 -18.59
C PHE F 304 12.57 -50.63 -19.67
N THR F 305 13.48 -51.09 -20.52
CA THR F 305 13.15 -51.95 -21.65
C THR F 305 14.13 -53.11 -21.70
N THR F 306 13.67 -54.30 -21.33
CA THR F 306 14.49 -55.49 -21.38
C THR F 306 14.56 -56.02 -22.81
N LYS F 307 15.76 -56.42 -23.22
CA LYS F 307 15.95 -56.94 -24.57
C LYS F 307 15.16 -58.23 -24.77
N ALA F 308 14.70 -58.43 -26.01
CA ALA F 308 13.78 -59.54 -26.27
C ALA F 308 14.48 -60.89 -26.18
N LYS F 309 15.60 -61.05 -26.88
CA LYS F 309 16.29 -62.32 -26.96
C LYS F 309 17.73 -62.19 -26.49
N ASP F 310 18.39 -63.34 -26.33
CA ASP F 310 19.80 -63.42 -25.94
C ASP F 310 20.04 -62.73 -24.59
N LEU F 311 19.14 -62.95 -23.65
CA LEU F 311 19.29 -62.40 -22.31
C LEU F 311 20.30 -63.21 -21.52
N HIS F 312 21.16 -62.51 -20.78
CA HIS F 312 22.26 -63.13 -20.04
C HIS F 312 21.78 -63.43 -18.62
N LEU F 313 21.69 -64.71 -18.29
CA LEU F 313 21.23 -65.13 -16.97
C LEU F 313 22.31 -64.87 -15.93
N SER F 314 21.93 -65.01 -14.66
CA SER F 314 22.82 -64.77 -13.54
C SER F 314 23.53 -66.06 -13.12
N ASP F 315 24.48 -65.90 -12.20
CA ASP F 315 25.25 -67.05 -11.72
C ASP F 315 24.39 -68.02 -10.93
N VAL F 316 23.75 -67.53 -9.86
CA VAL F 316 23.01 -68.40 -8.96
C VAL F 316 21.80 -69.02 -9.66
N PHE F 317 21.17 -68.29 -10.58
CA PHE F 317 20.02 -68.83 -11.30
C PHE F 317 20.44 -70.01 -12.17
N LEU F 318 21.46 -69.81 -13.02
CA LEU F 318 21.91 -70.89 -13.88
C LEU F 318 22.48 -72.05 -13.07
N LYS F 319 23.05 -71.77 -11.89
CA LYS F 319 23.53 -72.83 -11.03
C LYS F 319 22.36 -73.67 -10.50
N ALA F 320 21.33 -73.01 -9.98
CA ALA F 320 20.15 -73.73 -9.52
C ALA F 320 19.40 -74.39 -10.67
N LEU F 321 19.46 -73.78 -11.86
CA LEU F 321 18.75 -74.31 -13.02
C LEU F 321 19.39 -75.59 -13.56
N ASN F 322 20.61 -75.91 -13.13
CA ASN F 322 21.29 -77.13 -13.56
C ASN F 322 21.03 -78.31 -12.63
N HIS F 323 20.69 -78.06 -11.37
CA HIS F 323 20.39 -79.11 -10.41
C HIS F 323 19.00 -79.70 -10.59
N LEU F 324 18.24 -79.24 -11.59
CA LEU F 324 16.91 -79.76 -11.80
C LEU F 324 16.96 -81.19 -12.32
N PRO F 325 16.08 -82.06 -11.86
CA PRO F 325 16.04 -83.44 -12.38
C PRO F 325 15.64 -83.46 -13.85
N LEU F 326 16.04 -84.53 -14.52
CA LEU F 326 15.64 -84.73 -15.91
C LEU F 326 14.17 -85.11 -16.01
N GLU F 327 13.77 -86.14 -15.27
CA GLU F 327 12.37 -86.53 -15.22
C GLU F 327 11.54 -85.46 -14.51
N TYR F 328 10.28 -85.34 -14.91
CA TYR F 328 9.40 -84.33 -14.34
C TYR F 328 9.19 -84.58 -12.84
N ASN F 329 9.30 -83.51 -12.06
CA ASN F 329 9.08 -83.58 -10.62
C ASN F 329 8.53 -82.23 -10.17
N SER F 330 7.22 -82.20 -9.89
CA SER F 330 6.57 -80.93 -9.55
C SER F 330 7.12 -80.32 -8.28
N ALA F 331 7.49 -81.15 -7.30
CA ALA F 331 7.94 -80.63 -6.01
C ALA F 331 9.25 -79.86 -6.15
N LEU F 332 10.26 -80.48 -6.75
CA LEU F 332 11.56 -79.81 -6.89
C LEU F 332 11.49 -78.67 -7.91
N TYR F 333 10.56 -78.75 -8.86
CA TYR F 333 10.40 -77.65 -9.81
C TYR F 333 9.70 -76.45 -9.18
N SER F 334 8.81 -76.69 -8.20
CA SER F 334 8.18 -75.59 -7.49
C SER F 334 9.17 -74.80 -6.64
N ARG F 335 10.30 -75.41 -6.28
CA ARG F 335 11.30 -74.69 -5.49
C ARG F 335 11.88 -73.52 -6.27
N ILE F 336 12.31 -73.75 -7.51
CA ILE F 336 12.85 -72.67 -8.31
C ILE F 336 11.75 -71.69 -8.73
N PHE F 337 10.48 -72.12 -8.71
CA PHE F 337 9.39 -71.18 -8.93
C PHE F 337 9.24 -70.23 -7.75
N ASP F 338 9.25 -70.78 -6.54
CA ASP F 338 9.17 -69.93 -5.35
C ASP F 338 10.42 -69.06 -5.20
N ASP F 339 11.56 -69.51 -5.74
CA ASP F 339 12.80 -68.75 -5.61
C ASP F 339 12.96 -67.68 -6.68
N PHE F 340 12.57 -67.95 -7.92
CA PHE F 340 12.82 -67.05 -9.04
C PHE F 340 11.56 -66.45 -9.64
N GLY F 341 10.41 -67.11 -9.52
CA GLY F 341 9.15 -66.53 -9.90
C GLY F 341 8.49 -67.20 -11.09
N THR F 342 7.57 -66.46 -11.70
CA THR F 342 6.80 -66.94 -12.84
C THR F 342 6.94 -65.99 -14.01
N HIS F 343 7.21 -64.72 -13.72
CA HIS F 343 7.34 -63.69 -14.74
C HIS F 343 8.61 -62.86 -14.47
N TYR F 344 8.91 -61.98 -15.42
CA TYR F 344 10.07 -61.11 -15.32
C TYR F 344 9.74 -59.77 -15.96
N PHE F 345 10.46 -58.73 -15.54
CA PHE F 345 10.18 -57.38 -16.00
C PHE F 345 10.66 -57.21 -17.44
N THR F 346 9.73 -56.92 -18.34
CA THR F 346 10.05 -56.67 -19.74
C THR F 346 10.11 -55.18 -20.07
N SER F 347 9.03 -54.45 -19.80
CA SER F 347 8.98 -53.02 -20.09
C SER F 347 8.04 -52.34 -19.11
N GLY F 348 8.30 -51.06 -18.86
CA GLY F 348 7.49 -50.28 -17.94
C GLY F 348 8.27 -49.09 -17.43
N SER F 349 7.93 -48.67 -16.20
CA SER F 349 8.61 -47.57 -15.55
C SER F 349 8.69 -47.85 -14.05
N LEU F 350 9.68 -47.25 -13.41
CA LEU F 350 9.89 -47.44 -11.98
C LEU F 350 10.16 -46.10 -11.32
N GLY F 351 9.48 -45.84 -10.20
CA GLY F 351 9.63 -44.57 -9.53
C GLY F 351 9.05 -44.59 -8.13
N GLY F 352 8.86 -43.39 -7.59
CA GLY F 352 8.37 -43.23 -6.24
C GLY F 352 6.90 -42.86 -6.18
N VAL F 353 6.30 -43.08 -5.01
CA VAL F 353 4.89 -42.80 -4.78
C VAL F 353 4.68 -42.67 -3.27
N TYR F 354 3.80 -41.76 -2.88
CA TYR F 354 3.50 -41.56 -1.46
C TYR F 354 2.12 -40.95 -1.34
N ASP F 355 1.63 -40.90 -0.09
CA ASP F 355 0.34 -40.31 0.21
C ASP F 355 0.29 -40.00 1.69
N LEU F 356 -0.49 -38.97 2.05
CA LEU F 356 -0.65 -38.55 3.42
C LEU F 356 -2.12 -38.31 3.72
N LEU F 357 -2.50 -38.57 4.97
CA LEU F 357 -3.87 -38.36 5.43
C LEU F 357 -3.81 -37.73 6.82
N TYR F 358 -4.37 -36.54 6.95
CA TYR F 358 -4.29 -35.78 8.20
C TYR F 358 -5.65 -35.19 8.51
N GLN F 359 -6.02 -35.21 9.79
CA GLN F 359 -7.34 -34.80 10.23
C GLN F 359 -7.25 -33.69 11.26
N PHE F 360 -8.33 -32.91 11.36
CA PHE F 360 -8.47 -31.83 12.33
C PHE F 360 -9.77 -32.00 13.10
N SER F 361 -9.71 -31.73 14.40
CA SER F 361 -10.90 -31.78 15.25
C SER F 361 -10.69 -30.89 16.46
N SER F 362 -11.73 -30.16 16.84
CA SER F 362 -11.66 -29.26 17.99
C SER F 362 -13.07 -28.97 18.48
N GLU F 363 -13.20 -28.80 19.80
CA GLU F 363 -14.48 -28.51 20.41
C GLU F 363 -14.29 -27.43 21.48
N GLU F 364 -15.22 -26.47 21.51
CA GLU F 364 -15.16 -25.38 22.47
C GLU F 364 -16.56 -25.16 23.05
N LEU F 365 -16.65 -25.14 24.38
CA LEU F 365 -17.92 -24.92 25.07
C LEU F 365 -17.72 -23.90 26.18
N LYS F 366 -18.63 -22.94 26.25
CA LYS F 366 -18.58 -21.90 27.28
C LYS F 366 -20.00 -21.58 27.73
N ASN F 367 -20.18 -21.44 29.04
CA ASN F 367 -21.49 -21.12 29.60
C ASN F 367 -21.29 -20.56 31.00
N SER F 368 -22.17 -19.65 31.39
CA SER F 368 -22.12 -19.02 32.70
C SER F 368 -23.54 -18.78 33.20
N GLY F 369 -23.71 -18.88 34.51
CA GLY F 369 -25.01 -18.68 35.13
C GLY F 369 -24.91 -17.81 36.36
N LEU F 370 -25.88 -16.90 36.50
CA LEU F 370 -25.91 -15.98 37.62
C LEU F 370 -27.35 -15.81 38.09
N THR F 371 -27.54 -15.83 39.41
CA THR F 371 -28.85 -15.66 40.02
C THR F 371 -28.70 -14.88 41.31
N GLU F 372 -29.48 -13.81 41.46
CA GLU F 372 -29.42 -12.97 42.65
C GLU F 372 -30.84 -12.64 43.10
N GLU F 373 -31.05 -12.66 44.41
CA GLU F 373 -32.36 -12.34 44.98
C GLU F 373 -32.16 -11.63 46.31
N GLU F 374 -32.88 -10.53 46.51
CA GLU F 374 -32.81 -9.75 47.73
C GLU F 374 -34.19 -9.27 48.12
N ALA F 375 -34.50 -9.36 49.41
CA ALA F 375 -35.80 -8.93 49.93
C ALA F 375 -35.60 -8.25 51.27
N LYS F 376 -36.34 -7.17 51.49
CA LYS F 376 -36.28 -6.42 52.73
C LYS F 376 -37.68 -6.06 53.18
N HIS F 377 -37.98 -6.31 54.45
CA HIS F 377 -39.30 -6.02 55.01
C HIS F 377 -39.13 -5.43 56.40
N CYS F 378 -39.80 -4.31 56.66
CA CYS F 378 -39.73 -3.64 57.95
C CYS F 378 -41.05 -2.91 58.20
N VAL F 379 -41.58 -3.06 59.42
CA VAL F 379 -42.82 -2.42 59.82
C VAL F 379 -42.63 -1.81 61.20
N ARG F 380 -43.40 -0.75 61.48
CA ARG F 380 -43.34 -0.06 62.76
C ARG F 380 -44.71 0.48 63.10
N ILE F 381 -45.16 0.22 64.32
CA ILE F 381 -46.45 0.72 64.82
C ILE F 381 -46.24 1.25 66.23
N GLU F 382 -46.96 2.33 66.55
CA GLU F 382 -46.88 2.93 67.88
C GLU F 382 -48.21 3.60 68.21
N THR F 383 -48.67 3.38 69.43
CA THR F 383 -49.92 3.94 69.92
C THR F 383 -49.75 4.44 71.34
N LYS F 384 -50.30 5.61 71.62
CA LYS F 384 -50.27 6.20 72.96
C LYS F 384 -51.60 6.84 73.27
N LYS F 385 -52.07 6.67 74.50
CA LYS F 385 -53.36 7.19 74.93
C LYS F 385 -53.26 7.70 76.36
N ARG F 386 -53.87 8.84 76.61
CA ARG F 386 -53.92 9.43 77.95
C ARG F 386 -55.25 10.15 78.12
N VAL F 387 -55.89 9.84 79.26
CA VAL F 387 -57.18 10.44 79.72
C VAL F 387 -56.98 10.74 81.22
N LEU F 388 -57.68 11.74 81.77
CA LEU F 388 -57.46 12.08 83.20
C LEU F 388 -57.80 10.86 84.06
N PHE F 389 -56.89 10.50 84.99
CA PHE F 389 -55.45 10.85 84.87
C PHE F 389 -54.63 9.56 84.68
N ALA F 390 -53.83 9.50 83.61
CA ALA F 390 -52.99 8.30 83.35
C ALA F 390 -52.19 8.51 82.06
N LYS F 391 -51.16 7.69 81.81
CA LYS F 391 -50.42 7.85 80.57
C LYS F 391 -49.89 6.49 80.13
N LYS F 392 -50.08 6.17 78.85
CA LYS F 392 -49.63 4.90 78.29
C LYS F 392 -48.96 5.13 76.95
N THR F 393 -47.86 4.43 76.71
CA THR F 393 -47.12 4.56 75.46
C THR F 393 -46.54 3.21 75.09
N LYS F 394 -46.74 2.80 73.84
CA LYS F 394 -46.24 1.53 73.34
C LYS F 394 -45.62 1.75 71.97
N VAL F 395 -44.40 1.25 71.79
CA VAL F 395 -43.65 1.38 70.53
C VAL F 395 -43.09 0.00 70.17
N GLU F 396 -43.27 -0.38 68.91
CA GLU F 396 -42.76 -1.66 68.42
C GLU F 396 -42.13 -1.45 67.05
N HIS F 397 -40.95 -2.03 66.85
CA HIS F 397 -40.21 -1.90 65.61
C HIS F 397 -39.58 -3.23 65.25
N ARG F 398 -39.71 -3.63 63.98
CA ARG F 398 -39.15 -4.89 63.52
C ARG F 398 -38.87 -4.79 62.03
N CYS F 399 -37.66 -5.17 61.63
CA CYS F 399 -37.26 -5.15 60.23
C CYS F 399 -36.43 -6.39 59.94
N THR F 400 -36.50 -6.86 58.68
CA THR F 400 -35.74 -8.02 58.26
C THR F 400 -35.15 -7.76 56.88
N THR F 401 -34.03 -8.41 56.59
CA THR F 401 -33.33 -8.27 55.33
C THR F 401 -32.64 -9.59 54.99
N ASN F 402 -32.84 -10.07 53.76
CA ASN F 402 -32.24 -11.32 53.32
C ASN F 402 -31.76 -11.16 51.88
N LYS F 403 -30.55 -11.65 51.62
CA LYS F 403 -29.96 -11.58 50.29
C LYS F 403 -29.08 -12.80 50.07
N LEU F 404 -29.18 -13.40 48.89
CA LEU F 404 -28.40 -14.57 48.54
C LEU F 404 -27.98 -14.46 47.08
N SER F 405 -26.73 -14.84 46.80
CA SER F 405 -26.18 -14.77 45.45
C SER F 405 -25.29 -15.99 45.20
N GLU F 406 -25.51 -16.65 44.07
CA GLU F 406 -24.72 -17.81 43.68
C GLU F 406 -24.42 -17.73 42.20
N LYS F 407 -23.17 -18.00 41.84
CA LYS F 407 -22.72 -17.90 40.46
C LYS F 407 -21.85 -19.11 40.11
N HIS F 408 -22.10 -19.69 38.93
CA HIS F 408 -21.34 -20.83 38.44
C HIS F 408 -21.11 -20.67 36.94
N GLU F 409 -19.90 -21.00 36.50
CA GLU F 409 -19.51 -20.83 35.11
C GLU F 409 -18.90 -22.13 34.59
N GLY F 410 -19.17 -22.44 33.32
CA GLY F 410 -18.67 -23.67 32.73
C GLY F 410 -17.99 -23.46 31.39
N SER F 411 -16.75 -23.91 31.27
CA SER F 411 -15.98 -23.78 30.04
C SER F 411 -14.92 -24.87 29.98
N PHE F 412 -14.90 -25.62 28.88
CA PHE F 412 -13.89 -26.64 28.66
C PHE F 412 -13.71 -26.85 27.15
N ILE F 413 -12.49 -27.22 26.76
CA ILE F 413 -12.15 -27.44 25.36
C ILE F 413 -11.37 -28.74 25.24
N GLN F 414 -11.55 -29.42 24.11
CA GLN F 414 -10.85 -30.66 23.85
C GLN F 414 -10.86 -30.94 22.36
N GLY F 415 -9.74 -31.50 21.86
CA GLY F 415 -9.63 -31.84 20.46
C GLY F 415 -8.53 -32.85 20.18
N ALA F 416 -8.78 -33.77 19.25
CA ALA F 416 -7.83 -34.82 18.91
C ALA F 416 -7.57 -34.81 17.41
N GLU F 417 -6.34 -35.14 17.03
CA GLU F 417 -5.94 -35.16 15.63
C GLU F 417 -4.98 -36.32 15.40
N LYS F 418 -5.33 -37.22 14.48
CA LYS F 418 -4.51 -38.37 14.17
C LYS F 418 -4.25 -38.42 12.67
N SER F 419 -3.23 -39.17 12.29
CA SER F 419 -2.81 -39.20 10.90
C SER F 419 -1.98 -40.45 10.63
N ILE F 420 -2.03 -40.92 9.39
CA ILE F 420 -1.27 -42.07 8.93
C ILE F 420 -0.72 -41.78 7.55
N SER F 421 0.37 -42.46 7.20
CA SER F 421 1.02 -42.21 5.93
C SER F 421 1.89 -43.40 5.55
N LEU F 422 2.14 -43.53 4.25
CA LEU F 422 3.10 -44.48 3.71
C LEU F 422 3.77 -43.83 2.51
N ILE F 423 5.09 -43.95 2.44
CA ILE F 423 5.87 -43.28 1.40
C ILE F 423 6.93 -44.25 0.88
N ARG F 424 6.93 -44.48 -0.42
CA ARG F 424 7.88 -45.38 -1.06
C ARG F 424 9.00 -44.59 -1.74
N SER F 428 16.33 -42.82 -1.60
CA SER F 428 17.31 -43.01 -0.53
C SER F 428 16.68 -42.75 0.83
N GLU F 429 17.49 -42.84 1.89
CA GLU F 429 17.01 -42.59 3.24
C GLU F 429 16.78 -41.11 3.51
N TYR F 430 17.21 -40.22 2.61
CA TYR F 430 16.98 -38.79 2.82
C TYR F 430 15.51 -38.44 2.76
N GLY F 431 14.70 -39.28 2.09
CA GLY F 431 13.27 -39.04 2.01
C GLY F 431 12.54 -39.25 3.33
N ALA F 432 13.19 -39.90 4.31
CA ALA F 432 12.57 -40.08 5.61
C ALA F 432 12.32 -38.76 6.33
N ALA F 433 13.03 -37.69 5.94
CA ALA F 433 12.74 -36.37 6.49
C ALA F 433 11.32 -35.95 6.19
N LEU F 434 10.85 -36.22 4.97
CA LEU F 434 9.46 -35.90 4.63
C LEU F 434 8.49 -36.76 5.42
N ALA F 435 8.80 -38.04 5.60
CA ALA F 435 7.93 -38.91 6.39
C ALA F 435 7.82 -38.42 7.83
N TRP F 436 8.92 -37.93 8.38
CA TRP F 436 8.87 -37.42 9.76
C TRP F 436 8.15 -36.08 9.82
N GLU F 437 8.36 -35.22 8.83
CA GLU F 437 7.68 -33.92 8.79
C GLU F 437 6.18 -34.06 8.49
N LYS F 438 5.75 -35.23 8.00
CA LYS F 438 4.34 -35.44 7.71
C LYS F 438 3.44 -35.12 8.92
N GLY F 439 3.96 -35.28 10.13
CA GLY F 439 3.18 -34.94 11.32
C GLY F 439 2.69 -33.51 11.32
N SER F 440 3.40 -32.61 10.65
CA SER F 440 3.05 -31.20 10.52
C SER F 440 3.06 -30.80 9.05
N SER F 441 2.38 -31.60 8.22
CA SER F 441 2.43 -31.45 6.77
C SER F 441 1.98 -30.06 6.31
N GLY F 442 0.71 -29.73 6.55
CA GLY F 442 0.11 -28.48 6.07
C GLY F 442 0.35 -28.28 4.57
N LEU F 443 0.36 -29.39 3.82
CA LEU F 443 0.67 -29.40 2.39
C LEU F 443 2.05 -28.77 2.14
N GLU F 444 3.06 -29.36 2.77
CA GLU F 444 4.42 -28.87 2.63
C GLU F 444 5.00 -29.21 1.26
N GLU F 445 5.90 -28.36 0.78
CA GLU F 445 6.54 -28.55 -0.51
C GLU F 445 8.04 -28.33 -0.50
N LYS F 446 8.63 -27.89 0.61
CA LYS F 446 10.07 -27.64 0.65
C LYS F 446 10.86 -28.92 0.42
N THR F 447 10.61 -29.95 1.22
CA THR F 447 11.32 -31.21 1.07
C THR F 447 10.86 -32.01 -0.14
N PHE F 448 9.86 -31.53 -0.87
CA PHE F 448 9.38 -32.27 -2.04
C PHE F 448 10.45 -32.32 -3.13
N SER F 449 11.21 -31.22 -3.30
CA SER F 449 12.28 -31.23 -4.29
C SER F 449 13.40 -32.19 -3.90
N GLU F 450 13.74 -32.24 -2.61
CA GLU F 450 14.74 -33.20 -2.15
C GLU F 450 14.26 -34.62 -2.35
N TRP F 451 12.97 -34.88 -2.11
CA TRP F 451 12.44 -36.21 -2.35
C TRP F 451 12.45 -36.56 -3.84
N LEU F 452 12.16 -35.59 -4.70
CA LEU F 452 12.26 -35.81 -6.14
C LEU F 452 13.68 -36.17 -6.53
N GLU F 453 14.67 -35.46 -5.99
CA GLU F 453 16.07 -35.77 -6.27
C GLU F 453 16.44 -37.16 -5.77
N SER F 454 15.95 -37.53 -4.58
CA SER F 454 16.25 -38.85 -4.04
C SER F 454 15.64 -39.96 -4.89
N VAL F 455 14.42 -39.75 -5.37
CA VAL F 455 13.79 -40.75 -6.23
C VAL F 455 14.51 -40.83 -7.57
N LYS F 456 14.98 -39.68 -8.08
CA LYS F 456 15.80 -39.69 -9.28
C LYS F 456 17.08 -40.48 -9.06
N GLU F 457 17.64 -40.42 -7.85
CA GLU F 457 18.82 -41.21 -7.53
C GLU F 457 18.48 -42.68 -7.32
N ASN F 458 17.29 -42.99 -6.80
CA ASN F 458 16.90 -44.37 -6.52
C ASN F 458 15.39 -44.50 -6.67
N PRO F 459 14.91 -44.94 -7.82
CA PRO F 459 13.47 -45.19 -8.00
C PRO F 459 13.08 -46.58 -7.52
N ALA F 460 11.77 -46.84 -7.55
CA ALA F 460 11.21 -48.12 -7.12
C ALA F 460 10.24 -48.63 -8.19
N VAL F 461 10.17 -49.96 -8.30
CA VAL F 461 9.34 -50.58 -9.33
C VAL F 461 7.87 -50.30 -9.03
N ILE F 462 7.20 -49.62 -9.95
CA ILE F 462 5.78 -49.29 -9.82
C ILE F 462 4.94 -49.97 -10.91
N ASP F 463 5.26 -49.72 -12.18
CA ASP F 463 4.54 -50.29 -13.30
C ASP F 463 5.49 -51.17 -14.13
N PHE F 464 4.92 -52.19 -14.76
CA PHE F 464 5.73 -53.17 -15.47
C PHE F 464 4.83 -54.09 -16.29
N GLU F 465 5.38 -54.56 -17.41
CA GLU F 465 4.76 -55.60 -18.21
C GLU F 465 5.42 -56.94 -17.89
N LEU F 466 4.68 -58.03 -18.11
CA LEU F 466 5.11 -59.35 -17.70
C LEU F 466 5.26 -60.27 -18.91
N ALA F 467 5.90 -61.41 -18.66
CA ALA F 467 6.13 -62.44 -19.66
C ALA F 467 6.54 -63.72 -18.93
N PRO F 468 6.19 -64.89 -19.46
CA PRO F 468 6.49 -66.13 -18.73
C PRO F 468 7.99 -66.34 -18.54
N ILE F 469 8.36 -66.75 -17.33
CA ILE F 469 9.76 -66.98 -17.00
C ILE F 469 10.31 -68.20 -17.72
N VAL F 470 9.44 -69.07 -18.24
CA VAL F 470 9.90 -70.27 -18.93
C VAL F 470 10.61 -69.92 -20.23
N ASP F 471 10.40 -68.72 -20.78
CA ASP F 471 11.07 -68.30 -22.00
C ASP F 471 12.49 -67.81 -21.74
N LEU F 472 12.94 -67.75 -20.50
CA LEU F 472 14.29 -67.28 -20.18
C LEU F 472 15.33 -68.39 -20.22
N VAL F 473 14.92 -69.64 -20.02
CA VAL F 473 15.84 -70.78 -20.06
C VAL F 473 15.97 -71.19 -21.53
N ARG F 474 17.04 -70.75 -22.18
CA ARG F 474 17.21 -71.00 -23.61
C ARG F 474 18.61 -71.51 -23.93
N ASN F 475 19.58 -71.24 -23.06
CA ASN F 475 20.98 -71.55 -23.31
C ASN F 475 21.54 -72.53 -22.30
N ILE F 476 20.77 -73.59 -22.01
CA ILE F 476 21.22 -74.67 -21.14
C ILE F 476 21.46 -75.89 -22.01
N PRO F 477 22.12 -76.94 -21.50
CA PRO F 477 22.36 -78.13 -22.36
C PRO F 477 21.09 -78.73 -22.96
N CYS F 478 20.09 -79.02 -22.14
CA CYS F 478 18.83 -79.62 -22.60
C CYS F 478 17.72 -78.59 -22.37
N ALA F 479 17.52 -77.72 -23.37
CA ALA F 479 16.62 -76.57 -23.19
C ALA F 479 15.16 -76.99 -23.32
N VAL F 480 14.80 -77.67 -24.41
CA VAL F 480 13.38 -77.91 -24.71
C VAL F 480 12.77 -78.86 -23.68
N THR F 481 13.53 -79.87 -23.26
CA THR F 481 13.00 -80.86 -22.32
C THR F 481 12.62 -80.22 -20.99
N LYS F 482 13.59 -79.59 -20.32
CA LYS F 482 13.29 -78.93 -19.06
C LYS F 482 12.39 -77.71 -19.24
N ARG F 483 12.33 -77.15 -20.44
CA ARG F 483 11.39 -76.05 -20.69
C ARG F 483 9.95 -76.55 -20.66
N ASN F 484 9.69 -77.67 -21.34
CA ASN F 484 8.36 -78.27 -21.29
C ASN F 484 8.04 -78.76 -19.87
N ASN F 485 9.05 -79.30 -19.18
CA ASN F 485 8.84 -79.72 -17.80
C ASN F 485 8.49 -78.53 -16.92
N LEU F 486 9.12 -77.37 -17.15
CA LEU F 486 8.82 -76.18 -16.37
C LEU F 486 7.43 -75.64 -16.71
N ARG F 487 7.02 -75.76 -17.98
CA ARG F 487 5.66 -75.36 -18.34
C ARG F 487 4.63 -76.24 -17.64
N LYS F 488 4.87 -77.55 -17.60
CA LYS F 488 3.96 -78.45 -16.89
C LYS F 488 3.95 -78.15 -15.39
N ALA F 489 5.13 -77.86 -14.81
CA ALA F 489 5.19 -77.51 -13.41
C ALA F 489 4.44 -76.22 -13.11
N LEU F 490 4.52 -75.24 -14.02
CA LEU F 490 3.79 -74.00 -13.82
C LEU F 490 2.28 -74.22 -13.93
N GLN F 491 1.87 -75.08 -14.88
CA GLN F 491 0.45 -75.41 -14.97
C GLN F 491 -0.05 -76.06 -13.68
N GLU F 492 0.69 -77.03 -13.16
CA GLU F 492 0.27 -77.69 -11.94
C GLU F 492 0.34 -76.76 -10.72
N TYR F 493 1.28 -75.81 -10.72
CA TYR F 493 1.35 -74.87 -9.61
C TYR F 493 0.18 -73.88 -9.64
N ALA F 494 -0.19 -73.42 -10.85
CA ALA F 494 -1.37 -72.58 -10.98
C ALA F 494 -2.63 -73.35 -10.61
N ALA F 495 -2.69 -74.64 -10.92
CA ALA F 495 -3.81 -75.46 -10.46
C ALA F 495 -3.81 -75.59 -8.95
N LYS F 496 -2.63 -75.64 -8.34
CA LYS F 496 -2.54 -75.78 -6.88
C LYS F 496 -2.88 -74.46 -6.18
N PHE F 497 -2.16 -73.40 -6.50
CA PHE F 497 -2.30 -72.11 -5.84
C PHE F 497 -2.97 -71.11 -6.77
N ASP F 498 -3.98 -70.42 -6.27
CA ASP F 498 -4.71 -69.39 -7.01
C ASP F 498 -5.13 -68.29 -6.06
N PRO F 499 -5.29 -67.06 -6.57
CA PRO F 499 -5.75 -65.97 -5.68
C PRO F 499 -7.17 -66.16 -5.20
N CYS F 500 -7.98 -66.95 -5.88
CA CYS F 500 -9.36 -67.19 -5.44
C CYS F 500 -9.39 -67.98 -4.14
N GLN F 501 -8.37 -68.82 -3.90
CA GLN F 501 -8.33 -69.59 -2.67
C GLN F 501 -8.33 -68.70 -1.45
N CYS F 502 -7.70 -67.52 -1.55
CA CYS F 502 -7.65 -66.60 -0.43
C CYS F 502 -9.01 -65.96 -0.19
N ALA F 503 -9.30 -65.67 1.07
CA ALA F 503 -10.55 -65.02 1.43
C ALA F 503 -10.60 -63.61 0.84
N PRO F 504 -11.79 -63.11 0.55
CA PRO F 504 -11.92 -61.76 -0.02
C PRO F 504 -11.49 -60.70 0.98
N CYS F 505 -11.34 -59.49 0.47
CA CYS F 505 -10.87 -58.34 1.24
C CYS F 505 -12.04 -57.42 1.59
N PRO F 506 -11.87 -56.57 2.61
CA PRO F 506 -12.99 -55.70 3.02
C PRO F 506 -13.51 -54.79 1.92
N ASN F 507 -12.63 -53.97 1.32
CA ASN F 507 -13.05 -52.96 0.34
C ASN F 507 -12.26 -53.13 -0.94
N ASN F 508 -12.74 -53.99 -1.83
CA ASN F 508 -12.22 -54.15 -3.20
C ASN F 508 -10.72 -54.45 -3.22
N GLY F 509 -10.18 -55.01 -2.14
CA GLY F 509 -8.77 -55.34 -2.10
C GLY F 509 -8.45 -56.57 -2.92
N ARG F 510 -7.19 -56.65 -3.35
CA ARG F 510 -6.70 -57.77 -4.14
C ARG F 510 -5.91 -58.70 -3.24
N PRO F 511 -6.46 -59.86 -2.84
CA PRO F 511 -5.71 -60.77 -1.98
C PRO F 511 -4.62 -61.49 -2.75
N THR F 512 -3.46 -61.65 -2.10
CA THR F 512 -2.31 -62.33 -2.69
C THR F 512 -1.86 -63.44 -1.75
N LEU F 513 -1.42 -64.55 -2.33
CA LEU F 513 -1.00 -65.72 -1.57
C LEU F 513 0.53 -65.76 -1.51
N SER F 514 1.08 -65.62 -0.30
CA SER F 514 2.51 -65.69 -0.07
C SER F 514 2.76 -66.79 0.96
N GLY F 515 3.23 -67.95 0.50
CA GLY F 515 3.44 -69.08 1.37
C GLY F 515 2.14 -69.72 1.82
N THR F 516 1.82 -69.61 3.10
CA THR F 516 0.58 -70.16 3.65
C THR F 516 -0.31 -69.08 4.25
N GLU F 517 -0.07 -67.81 3.89
CA GLU F 517 -0.87 -66.70 4.39
C GLU F 517 -1.38 -65.87 3.22
N CYS F 518 -2.52 -65.22 3.43
CA CYS F 518 -3.17 -64.41 2.40
C CYS F 518 -3.24 -62.97 2.88
N LEU F 519 -2.51 -62.08 2.21
CA LEU F 519 -2.49 -60.66 2.55
C LEU F 519 -3.28 -59.88 1.51
N CYS F 520 -4.01 -58.86 1.98
CA CYS F 520 -4.78 -57.99 1.11
C CYS F 520 -3.94 -56.78 0.71
N VAL F 521 -3.89 -56.48 -0.58
CA VAL F 521 -3.18 -55.31 -1.08
C VAL F 521 -4.09 -54.10 -0.94
N CYS F 522 -3.71 -53.16 -0.08
CA CYS F 522 -4.53 -51.98 0.17
C CYS F 522 -4.33 -50.95 -0.94
N GLN F 523 -5.43 -50.50 -1.51
CA GLN F 523 -5.40 -49.48 -2.55
C GLN F 523 -5.36 -48.08 -1.95
N SER F 524 -5.29 -47.09 -2.82
CA SER F 524 -5.28 -45.70 -2.36
C SER F 524 -6.58 -45.37 -1.66
N GLY F 525 -6.46 -44.89 -0.42
CA GLY F 525 -7.62 -44.56 0.39
C GLY F 525 -8.00 -45.58 1.44
N THR F 526 -7.27 -46.69 1.53
CA THR F 526 -7.54 -47.73 2.51
C THR F 526 -6.29 -47.99 3.34
N TYR F 527 -6.52 -48.50 4.55
CA TYR F 527 -5.42 -48.79 5.48
C TYR F 527 -5.80 -50.00 6.31
N GLY F 528 -5.01 -50.27 7.34
CA GLY F 528 -5.24 -51.40 8.21
C GLY F 528 -4.33 -52.57 7.87
N GLU F 529 -4.22 -53.50 8.82
CA GLU F 529 -3.40 -54.69 8.62
C GLU F 529 -3.98 -55.60 7.54
N ASN F 530 -5.30 -55.66 7.44
CA ASN F 530 -5.97 -56.49 6.44
C ASN F 530 -6.87 -55.65 5.54
N CYS F 531 -6.46 -54.42 5.25
CA CYS F 531 -7.21 -53.49 4.42
C CYS F 531 -8.64 -53.29 4.94
N GLY F 545 -14.83 -56.09 -8.98
CA GLY F 545 -14.99 -57.53 -8.88
C GLY F 545 -13.72 -58.30 -9.13
N GLN F 546 -13.65 -59.52 -8.60
CA GLN F 546 -12.49 -60.38 -8.74
C GLN F 546 -12.93 -61.74 -9.29
N TRP F 547 -12.03 -62.37 -10.03
CA TRP F 547 -12.32 -63.68 -10.61
C TRP F 547 -12.38 -64.75 -9.51
N GLY F 548 -13.19 -65.78 -9.77
CA GLY F 548 -13.31 -66.90 -8.87
C GLY F 548 -12.34 -68.01 -9.22
N CYS F 549 -12.59 -69.18 -8.62
CA CYS F 549 -11.74 -70.34 -8.85
C CYS F 549 -12.10 -71.02 -10.16
N TRP F 550 -11.08 -71.60 -10.81
CA TRP F 550 -11.31 -72.36 -12.02
C TRP F 550 -12.04 -73.67 -11.71
N SER F 551 -12.65 -74.23 -12.74
CA SER F 551 -13.34 -75.50 -12.60
C SER F 551 -12.41 -76.66 -12.92
N SER F 552 -12.84 -77.87 -12.58
CA SER F 552 -12.06 -79.04 -12.87
C SER F 552 -12.02 -79.31 -14.38
N TRP F 553 -10.90 -79.83 -14.84
CA TRP F 553 -10.74 -80.13 -16.26
C TRP F 553 -11.75 -81.19 -16.68
N SER F 554 -12.60 -80.85 -17.65
CA SER F 554 -13.59 -81.78 -18.14
C SER F 554 -12.92 -82.97 -18.82
N THR F 555 -13.68 -84.04 -18.97
CA THR F 555 -13.16 -85.24 -19.61
C THR F 555 -12.71 -84.93 -21.03
N CYS F 556 -11.57 -85.50 -21.41
CA CYS F 556 -11.01 -85.26 -22.74
C CYS F 556 -11.96 -85.82 -23.81
N ASP F 557 -12.53 -84.94 -24.61
CA ASP F 557 -13.52 -85.34 -25.60
C ASP F 557 -12.86 -86.13 -26.72
N ALA F 558 -13.68 -86.63 -27.65
CA ALA F 558 -13.15 -87.35 -28.81
C ALA F 558 -12.26 -86.45 -29.65
N THR F 559 -12.59 -85.16 -29.72
CA THR F 559 -11.76 -84.17 -30.39
C THR F 559 -10.76 -83.60 -29.39
N TYR F 560 -9.81 -82.81 -29.91
CA TYR F 560 -8.82 -82.16 -29.07
C TYR F 560 -9.46 -81.25 -28.03
N LYS F 561 -10.63 -80.69 -28.33
CA LYS F 561 -11.21 -79.62 -27.53
C LYS F 561 -11.50 -80.04 -26.09
N ARG F 562 -10.73 -79.50 -25.16
CA ARG F 562 -10.98 -79.65 -23.73
C ARG F 562 -11.04 -78.26 -23.11
N SER F 563 -12.02 -78.04 -22.23
CA SER F 563 -12.32 -76.70 -21.75
C SER F 563 -12.18 -76.60 -20.24
N ARG F 564 -11.98 -75.35 -19.79
CA ARG F 564 -11.96 -75.01 -18.38
C ARG F 564 -12.56 -73.62 -18.24
N THR F 565 -13.39 -73.42 -17.22
CA THR F 565 -14.16 -72.20 -17.07
C THR F 565 -13.89 -71.55 -15.73
N ARG F 566 -13.77 -70.22 -15.75
CA ARG F 566 -13.62 -69.41 -14.55
C ARG F 566 -14.82 -68.49 -14.41
N GLU F 567 -15.20 -68.21 -13.17
CA GLU F 567 -16.38 -67.41 -12.87
C GLU F 567 -15.97 -66.08 -12.26
N CYS F 568 -16.63 -65.01 -12.69
CA CYS F 568 -16.39 -63.67 -12.14
C CYS F 568 -17.36 -63.40 -10.98
N ASN F 569 -17.24 -64.21 -9.95
CA ASN F 569 -18.10 -64.09 -8.78
C ASN F 569 -17.30 -63.71 -7.54
N CYS F 580 -15.74 -58.09 -13.83
CA CYS F 580 -14.29 -58.05 -13.87
C CYS F 580 -13.76 -58.34 -15.28
N GLU F 581 -12.48 -58.10 -15.50
CA GLU F 581 -11.85 -58.27 -16.80
C GLU F 581 -11.07 -59.57 -16.86
N GLY F 582 -11.16 -60.26 -17.98
CA GLY F 582 -10.46 -61.51 -18.18
C GLY F 582 -11.23 -62.39 -19.15
N GLU F 583 -10.97 -63.69 -19.03
CA GLU F 583 -11.61 -64.69 -19.88
C GLU F 583 -12.43 -65.64 -19.02
N LYS F 584 -13.57 -66.06 -19.55
CA LYS F 584 -14.46 -66.99 -18.86
C LYS F 584 -14.28 -68.44 -19.30
N ARG F 585 -13.54 -68.68 -20.38
CA ARG F 585 -13.39 -70.04 -20.90
C ARG F 585 -11.98 -70.17 -21.51
N GLN F 586 -11.41 -71.36 -21.36
CA GLN F 586 -10.11 -71.68 -21.94
C GLN F 586 -10.21 -73.07 -22.57
N GLU F 587 -10.02 -73.14 -23.88
CA GLU F 587 -10.20 -74.38 -24.64
C GLU F 587 -8.83 -74.82 -25.15
N GLU F 588 -8.35 -75.96 -24.63
CA GLU F 588 -7.05 -76.50 -25.00
C GLU F 588 -7.23 -77.85 -25.68
N ASP F 589 -6.11 -78.40 -26.14
CA ASP F 589 -6.09 -79.66 -26.87
C ASP F 589 -5.72 -80.82 -25.97
N CYS F 590 -6.24 -82.00 -26.31
CA CYS F 590 -5.89 -83.23 -25.60
C CYS F 590 -6.23 -84.42 -26.49
N THR F 591 -5.24 -85.28 -26.74
CA THR F 591 -5.47 -86.56 -27.39
C THR F 591 -4.73 -87.73 -26.78
N PHE F 592 -3.65 -87.50 -26.04
CA PHE F 592 -2.81 -88.58 -25.50
C PHE F 592 -2.32 -89.51 -26.62
N SER F 593 -1.73 -88.90 -27.65
CA SER F 593 -1.24 -89.66 -28.80
C SER F 593 0.03 -90.44 -28.48
N ILE F 594 0.73 -90.09 -27.41
CA ILE F 594 1.97 -90.77 -27.03
C ILE F 594 1.58 -91.95 -26.14
N MET F 595 1.56 -93.14 -26.73
CA MET F 595 1.29 -94.37 -25.99
C MET F 595 2.55 -94.99 -25.43
N GLU F 596 3.65 -94.93 -26.17
CA GLU F 596 4.90 -95.54 -25.73
C GLU F 596 5.50 -94.75 -24.56
N ASN F 597 6.09 -95.48 -23.61
CA ASN F 597 6.72 -94.86 -22.44
C ASN F 597 8.04 -95.60 -22.19
N ASN F 598 9.15 -94.94 -22.47
CA ASN F 598 10.48 -95.51 -22.27
C ASN F 598 11.28 -94.76 -21.22
N GLY F 599 11.31 -93.43 -21.29
CA GLY F 599 12.06 -92.64 -20.33
C GLY F 599 12.17 -91.19 -20.77
N GLN F 600 12.48 -90.31 -19.84
CA GLN F 600 12.60 -88.88 -20.16
C GLN F 600 13.87 -88.63 -20.94
N PRO F 601 13.79 -88.15 -22.18
CA PRO F 601 15.00 -87.92 -22.97
C PRO F 601 15.55 -86.52 -22.80
N CYS F 602 16.83 -86.38 -23.13
CA CYS F 602 17.52 -85.10 -23.07
C CYS F 602 17.76 -84.62 -24.50
N ILE F 603 17.56 -83.32 -24.73
CA ILE F 603 17.54 -82.78 -26.07
C ILE F 603 18.66 -81.76 -26.22
N ASN F 604 19.11 -81.59 -27.46
CA ASN F 604 20.14 -80.63 -27.81
C ASN F 604 19.50 -79.30 -28.22
N ASP F 605 20.32 -78.33 -28.60
CA ASP F 605 19.81 -77.03 -29.00
C ASP F 605 19.46 -76.99 -30.48
N ASP F 606 20.42 -77.31 -31.35
CA ASP F 606 20.20 -77.32 -32.79
C ASP F 606 21.15 -78.33 -33.42
N GLU F 607 20.74 -78.85 -34.57
CA GLU F 607 21.48 -79.86 -35.31
C GLU F 607 21.72 -79.38 -36.73
N GLU F 608 22.34 -80.26 -37.53
CA GLU F 608 22.67 -79.95 -38.91
C GLU F 608 22.18 -81.09 -39.80
N MET F 609 22.31 -80.89 -41.11
CA MET F 609 21.86 -81.89 -42.07
C MET F 609 22.89 -83.00 -42.23
N LYS F 610 24.12 -82.65 -42.61
CA LYS F 610 25.19 -83.61 -42.81
C LYS F 610 26.45 -83.12 -42.10
N GLU F 611 27.19 -84.06 -41.50
CA GLU F 611 28.41 -83.73 -40.79
C GLU F 611 29.52 -83.36 -41.77
N GLY F 622 37.54 -100.51 -43.48
CA GLY F 622 36.39 -100.99 -44.23
C GLY F 622 36.26 -100.36 -45.59
N CYS F 623 35.43 -100.96 -46.45
CA CYS F 623 35.26 -100.41 -47.79
C CYS F 623 34.17 -99.34 -47.79
N PRO F 624 34.42 -98.20 -48.45
CA PRO F 624 33.37 -97.17 -48.55
C PRO F 624 32.26 -97.57 -49.51
N GLN F 625 31.30 -96.69 -49.72
CA GLN F 625 30.22 -96.96 -50.65
C GLN F 625 30.76 -97.06 -52.07
N PRO F 626 30.63 -98.20 -52.74
CA PRO F 626 31.21 -98.35 -54.06
C PRO F 626 30.42 -97.60 -55.13
N VAL F 627 31.07 -97.40 -56.27
CA VAL F 627 30.43 -96.79 -57.44
C VAL F 627 29.76 -97.91 -58.24
N PRO F 628 28.44 -97.96 -58.31
CA PRO F 628 27.76 -99.08 -58.95
C PRO F 628 27.93 -99.03 -60.46
N PRO F 629 27.70 -100.15 -61.15
CA PRO F 629 27.68 -100.13 -62.61
C PRO F 629 26.48 -99.39 -63.15
N GLU F 630 26.28 -99.42 -64.47
CA GLU F 630 25.14 -98.77 -65.10
C GLU F 630 23.84 -99.22 -64.44
N ASN F 631 22.91 -98.26 -64.30
CA ASN F 631 21.58 -98.45 -63.70
C ASN F 631 21.64 -98.58 -62.19
N GLY F 632 22.85 -98.64 -61.62
CA GLY F 632 23.06 -98.67 -60.19
C GLY F 632 22.20 -99.65 -59.40
N PHE F 633 21.33 -99.12 -58.56
CA PHE F 633 20.39 -99.90 -57.73
C PHE F 633 21.14 -100.86 -56.81
N ILE F 634 21.90 -100.29 -55.89
CA ILE F 634 22.53 -101.04 -54.82
C ILE F 634 21.55 -101.16 -53.66
N ARG F 635 21.34 -102.39 -53.19
CA ARG F 635 20.46 -102.62 -52.06
C ARG F 635 21.18 -102.31 -50.75
N ASN F 636 20.40 -102.30 -49.66
CA ASN F 636 20.87 -102.09 -48.29
C ASN F 636 22.02 -101.09 -48.21
N GLU F 637 21.78 -99.90 -48.78
CA GLU F 637 22.81 -98.87 -48.85
C GLU F 637 23.23 -98.42 -47.46
N LYS F 638 24.54 -98.47 -47.19
CA LYS F 638 25.11 -98.04 -45.93
C LYS F 638 26.28 -97.11 -46.21
N GLN F 639 26.81 -96.50 -45.15
CA GLN F 639 27.91 -95.58 -45.30
C GLN F 639 29.25 -96.31 -45.41
N LEU F 640 29.46 -97.34 -44.60
CA LEU F 640 30.71 -98.09 -44.60
C LEU F 640 30.42 -99.58 -44.51
N TYR F 641 31.09 -100.36 -45.34
CA TYR F 641 30.95 -101.81 -45.34
C TYR F 641 32.15 -102.45 -44.66
N LEU F 642 31.90 -103.56 -43.96
CA LEU F 642 32.97 -104.25 -43.26
C LEU F 642 33.83 -105.06 -44.23
N VAL F 643 35.04 -105.39 -43.78
CA VAL F 643 35.96 -106.15 -44.62
C VAL F 643 35.47 -107.59 -44.72
N GLY F 644 35.32 -108.06 -45.97
CA GLY F 644 34.85 -109.40 -46.24
C GLY F 644 33.37 -109.51 -46.53
N GLU F 645 32.59 -108.49 -46.19
CA GLU F 645 31.16 -108.52 -46.45
C GLU F 645 30.88 -108.25 -47.92
N ASP F 646 29.98 -109.05 -48.50
CA ASP F 646 29.61 -108.94 -49.90
C ASP F 646 28.16 -108.46 -50.01
N VAL F 647 27.94 -107.50 -50.90
CA VAL F 647 26.61 -106.94 -51.13
C VAL F 647 26.20 -107.27 -52.56
N GLU F 648 24.98 -107.76 -52.72
CA GLU F 648 24.46 -108.08 -54.04
C GLU F 648 23.85 -106.84 -54.68
N ILE F 649 24.16 -106.64 -55.96
CA ILE F 649 23.60 -105.53 -56.75
C ILE F 649 22.57 -106.10 -57.72
N SER F 650 21.50 -105.34 -57.94
CA SER F 650 20.44 -105.73 -58.85
C SER F 650 20.28 -104.66 -59.92
N CYS F 651 19.70 -105.07 -61.05
CA CYS F 651 19.51 -104.17 -62.17
C CYS F 651 18.24 -103.35 -61.99
N LEU F 652 18.29 -102.09 -62.42
CA LEU F 652 17.16 -101.20 -62.31
C LEU F 652 16.17 -101.48 -63.43
N THR F 653 14.88 -101.36 -63.10
CA THR F 653 13.85 -101.54 -64.12
C THR F 653 13.94 -100.47 -65.19
N GLY F 654 13.87 -100.91 -66.45
CA GLY F 654 13.68 -102.31 -66.77
C GLY F 654 14.91 -103.01 -67.31
N PHE F 655 15.52 -103.85 -66.46
CA PHE F 655 16.70 -104.61 -66.84
C PHE F 655 16.69 -105.92 -66.08
N GLU F 656 17.72 -106.74 -66.29
CA GLU F 656 17.83 -108.03 -65.64
C GLU F 656 19.28 -108.34 -65.37
N THR F 657 19.55 -108.95 -64.21
CA THR F 657 20.91 -109.28 -63.82
C THR F 657 21.41 -110.49 -64.60
N VAL F 658 22.53 -110.33 -65.30
CA VAL F 658 23.17 -111.41 -66.03
C VAL F 658 24.61 -111.51 -65.56
N GLY F 659 25.07 -112.74 -65.29
CA GLY F 659 26.43 -112.96 -64.85
C GLY F 659 26.54 -113.10 -63.34
N TYR F 660 27.66 -112.60 -62.79
CA TYR F 660 27.91 -112.66 -61.35
C TYR F 660 27.71 -111.25 -60.78
N GLN F 661 26.65 -111.08 -59.99
CA GLN F 661 26.31 -109.79 -59.41
C GLN F 661 26.58 -109.82 -57.90
N TYR F 662 27.83 -109.53 -57.53
CA TYR F 662 28.23 -109.46 -56.15
C TYR F 662 29.45 -108.56 -56.03
N PHE F 663 29.47 -107.73 -54.99
CA PHE F 663 30.59 -106.83 -54.70
C PHE F 663 31.12 -107.17 -53.32
N ARG F 664 32.32 -107.73 -53.26
CA ARG F 664 32.94 -108.14 -52.01
C ARG F 664 34.02 -107.15 -51.61
N CYS F 665 34.04 -106.78 -50.32
CA CYS F 665 34.98 -105.79 -49.82
C CYS F 665 36.37 -106.39 -49.73
N LEU F 666 37.31 -105.82 -50.49
CA LEU F 666 38.70 -106.23 -50.42
C LEU F 666 39.33 -105.70 -49.13
N PRO F 667 40.48 -106.25 -48.72
CA PRO F 667 41.18 -105.68 -47.55
C PRO F 667 41.48 -104.20 -47.70
N ASP F 668 41.89 -103.76 -48.88
CA ASP F 668 42.10 -102.35 -49.15
C ASP F 668 40.79 -101.69 -49.59
N GLY F 669 40.86 -100.39 -49.86
CA GLY F 669 39.67 -99.62 -50.21
C GLY F 669 39.07 -99.93 -51.56
N THR F 670 39.67 -100.79 -52.35
CA THR F 670 39.15 -101.10 -53.68
C THR F 670 38.09 -102.20 -53.59
N TRP F 671 37.40 -102.42 -54.72
CA TRP F 671 36.37 -103.42 -54.83
C TRP F 671 36.73 -104.43 -55.92
N ARG F 672 36.09 -105.60 -55.84
CA ARG F 672 36.36 -106.65 -56.82
C ARG F 672 35.79 -106.30 -58.19
N GLN F 673 34.56 -105.76 -58.22
CA GLN F 673 33.90 -105.36 -59.46
C GLN F 673 33.77 -106.54 -60.42
N GLY F 674 32.99 -107.55 -60.00
CA GLY F 674 32.79 -108.72 -60.82
C GLY F 674 32.06 -108.41 -62.11
N ASP F 675 32.21 -109.32 -63.06
CA ASP F 675 31.58 -109.15 -64.37
C ASP F 675 30.06 -109.22 -64.23
N VAL F 676 29.37 -108.13 -64.56
CA VAL F 676 27.92 -108.06 -64.47
C VAL F 676 27.44 -107.00 -65.45
N GLU F 677 26.23 -107.20 -65.97
CA GLU F 677 25.62 -106.26 -66.91
C GLU F 677 24.11 -106.32 -66.73
N CYS F 678 23.42 -105.39 -67.39
CA CYS F 678 21.97 -105.28 -67.29
C CYS F 678 21.38 -105.26 -68.69
N GLN F 679 20.58 -106.28 -69.01
CA GLN F 679 19.91 -106.38 -70.30
C GLN F 679 18.43 -106.03 -70.12
N ARG F 680 17.92 -105.16 -71.00
CA ARG F 680 16.55 -104.68 -70.88
C ARG F 680 15.57 -105.80 -71.21
N THR F 681 14.68 -106.09 -70.27
CA THR F 681 13.65 -107.11 -70.44
C THR F 681 12.31 -106.53 -70.85
N GLU F 682 11.95 -105.35 -70.32
CA GLU F 682 10.73 -104.66 -70.71
C GLU F 682 11.00 -103.17 -70.74
N CYS F 683 10.30 -102.48 -71.64
CA CYS F 683 10.38 -101.03 -71.75
C CYS F 683 9.23 -100.39 -70.97
N ILE F 684 9.48 -99.20 -70.44
CA ILE F 684 8.56 -98.54 -69.54
C ILE F 684 7.71 -97.54 -70.31
N LYS F 685 6.61 -97.13 -69.69
CA LYS F 685 5.71 -96.17 -70.30
C LYS F 685 6.36 -94.79 -70.35
N PRO F 686 6.30 -94.10 -71.48
CA PRO F 686 6.98 -92.81 -71.61
C PRO F 686 6.25 -91.71 -70.84
N VAL F 687 7.05 -90.80 -70.27
CA VAL F 687 6.55 -89.70 -69.46
C VAL F 687 6.53 -88.39 -70.26
N VAL F 688 6.46 -88.47 -71.59
CA VAL F 688 6.63 -87.28 -72.43
C VAL F 688 5.57 -86.22 -72.10
N GLN F 689 4.30 -86.58 -72.15
CA GLN F 689 3.25 -85.60 -71.92
C GLN F 689 1.98 -86.32 -71.47
N GLU F 690 1.10 -85.56 -70.82
CA GLU F 690 -0.15 -86.08 -70.27
C GLU F 690 -1.22 -86.29 -71.33
N VAL F 691 -1.03 -85.79 -72.56
CA VAL F 691 -2.02 -85.95 -73.61
C VAL F 691 -2.28 -87.40 -73.96
N LEU F 692 -1.35 -88.29 -73.62
CA LEU F 692 -1.48 -89.73 -73.85
C LEU F 692 -1.65 -90.42 -72.50
N THR F 693 -2.67 -91.28 -72.35
CA THR F 693 -3.61 -91.86 -73.34
C THR F 693 -2.94 -92.44 -74.58
N ILE F 694 -1.89 -93.23 -74.35
CA ILE F 694 -1.12 -93.85 -75.41
C ILE F 694 -1.60 -95.28 -75.59
N THR F 695 -1.73 -95.72 -76.84
CA THR F 695 -2.21 -97.07 -77.14
C THR F 695 -1.04 -97.94 -77.57
N PRO F 696 -0.83 -99.10 -76.91
CA PRO F 696 -1.61 -99.54 -75.75
C PRO F 696 -1.11 -98.92 -74.44
N PHE F 697 -1.99 -98.79 -73.45
CA PHE F 697 -1.66 -98.18 -72.17
C PHE F 697 -1.42 -99.28 -71.16
N GLN F 698 -0.15 -99.55 -70.85
CA GLN F 698 0.22 -100.56 -69.87
C GLN F 698 1.39 -100.02 -69.05
N ARG F 699 1.80 -100.81 -68.05
CA ARG F 699 2.94 -100.42 -67.22
C ARG F 699 4.26 -100.76 -67.90
N LEU F 700 4.37 -101.96 -68.46
CA LEU F 700 5.59 -102.41 -69.11
C LEU F 700 5.24 -103.13 -70.41
N TYR F 701 6.15 -103.05 -71.38
CA TYR F 701 5.97 -103.68 -72.68
C TYR F 701 7.20 -104.53 -73.01
N ARG F 702 6.97 -105.75 -73.45
CA ARG F 702 8.05 -106.65 -73.81
C ARG F 702 8.62 -106.27 -75.18
N ILE F 703 9.86 -106.70 -75.43
CA ILE F 703 10.50 -106.44 -76.72
C ILE F 703 9.70 -107.08 -77.83
N GLY F 704 9.37 -106.29 -78.85
CA GLY F 704 8.58 -106.74 -79.97
C GLY F 704 7.20 -106.12 -80.06
N GLU F 705 6.77 -105.39 -79.04
CA GLU F 705 5.46 -104.75 -79.03
C GLU F 705 5.59 -103.29 -79.47
N SER F 706 4.71 -102.87 -80.36
CA SER F 706 4.69 -101.51 -80.87
C SER F 706 3.65 -100.67 -80.14
N ILE F 707 3.94 -99.38 -80.00
CA ILE F 707 3.07 -98.45 -79.30
C ILE F 707 2.78 -97.26 -80.21
N GLU F 708 1.59 -96.69 -80.09
CA GLU F 708 1.14 -95.60 -80.94
C GLU F 708 0.61 -94.47 -80.08
N LEU F 709 1.08 -93.26 -80.33
CA LEU F 709 0.66 -92.06 -79.61
C LEU F 709 0.03 -91.07 -80.57
N THR F 710 -1.06 -90.44 -80.14
CA THR F 710 -1.76 -89.44 -80.93
C THR F 710 -2.12 -88.25 -80.04
N CYS F 711 -2.43 -87.13 -80.69
CA CYS F 711 -2.88 -85.93 -80.01
C CYS F 711 -4.38 -85.78 -80.19
N PRO F 712 -5.21 -86.16 -79.22
CA PRO F 712 -6.66 -86.04 -79.38
C PRO F 712 -7.14 -84.63 -79.09
N LYS F 713 -8.26 -84.25 -79.71
CA LYS F 713 -8.98 -85.12 -80.65
C LYS F 713 -8.86 -84.60 -82.07
N GLY F 714 -8.43 -83.35 -82.21
CA GLY F 714 -8.33 -82.70 -83.50
C GLY F 714 -6.92 -82.65 -84.04
N PHE F 715 -6.27 -81.51 -83.88
CA PHE F 715 -4.91 -81.33 -84.35
C PHE F 715 -3.98 -82.40 -83.78
N VAL F 716 -2.98 -82.79 -84.58
CA VAL F 716 -2.06 -83.86 -84.23
C VAL F 716 -0.63 -83.38 -84.46
N VAL F 717 0.31 -84.22 -84.06
CA VAL F 717 1.74 -83.93 -84.18
C VAL F 717 2.33 -84.83 -85.26
N ALA F 718 3.22 -84.26 -86.07
CA ALA F 718 3.91 -85.02 -87.10
C ALA F 718 5.13 -85.73 -86.49
N GLY F 719 5.61 -86.75 -87.20
CA GLY F 719 6.74 -87.51 -86.77
C GLY F 719 6.43 -88.98 -86.60
N PRO F 720 7.28 -89.70 -85.86
CA PRO F 720 7.05 -91.14 -85.65
C PRO F 720 5.85 -91.41 -84.76
N SER F 721 4.78 -91.94 -85.35
CA SER F 721 3.59 -92.24 -84.57
C SER F 721 3.68 -93.61 -83.91
N ARG F 722 4.18 -94.61 -84.63
CA ARG F 722 4.30 -95.97 -84.13
C ARG F 722 5.77 -96.32 -84.00
N TYR F 723 6.20 -96.66 -82.78
CA TYR F 723 7.57 -97.05 -82.51
C TYR F 723 7.58 -98.13 -81.44
N THR F 724 8.46 -99.11 -81.62
CA THR F 724 8.56 -100.25 -80.70
C THR F 724 9.87 -100.20 -79.93
N CYS F 725 9.90 -100.93 -78.81
CA CYS F 725 11.07 -101.02 -77.95
C CYS F 725 11.72 -102.38 -78.14
N GLN F 726 12.96 -102.38 -78.64
CA GLN F 726 13.74 -103.59 -78.79
C GLN F 726 14.84 -103.72 -77.73
N GLY F 727 14.68 -103.03 -76.61
CA GLY F 727 15.73 -103.00 -75.61
C GLY F 727 16.90 -102.13 -76.00
N ASN F 728 16.66 -101.11 -76.83
CA ASN F 728 17.72 -100.28 -77.39
C ASN F 728 17.69 -98.84 -76.87
N SER F 729 17.24 -98.64 -75.63
CA SER F 729 17.34 -97.36 -74.94
C SER F 729 16.62 -96.25 -75.74
N TRP F 730 15.30 -96.35 -75.76
CA TRP F 730 14.43 -95.38 -76.42
C TRP F 730 14.96 -93.96 -76.27
N THR F 731 14.98 -93.22 -77.38
CA THR F 731 15.47 -91.84 -77.43
C THR F 731 14.43 -90.93 -78.07
N PRO F 732 13.32 -90.66 -77.38
CA PRO F 732 12.40 -89.62 -77.86
C PRO F 732 12.77 -88.29 -77.27
N PRO F 733 12.35 -87.18 -77.89
CA PRO F 733 12.60 -85.86 -77.30
C PRO F 733 11.92 -85.74 -75.96
N ILE F 734 12.49 -84.91 -75.09
CA ILE F 734 12.01 -84.77 -73.72
C ILE F 734 11.39 -83.40 -73.44
N SER F 735 11.84 -82.35 -74.12
CA SER F 735 11.27 -81.02 -73.92
C SER F 735 10.20 -80.72 -74.96
N ASN F 736 10.55 -80.84 -76.24
CA ASN F 736 9.63 -80.59 -77.36
C ASN F 736 9.16 -81.89 -77.99
N SER F 737 8.89 -82.91 -77.17
CA SER F 737 8.58 -84.26 -77.65
C SER F 737 7.56 -84.28 -78.77
N LEU F 738 6.32 -83.88 -78.49
CA LEU F 738 5.31 -83.73 -79.52
C LEU F 738 4.79 -82.30 -79.63
N THR F 739 4.30 -81.72 -78.53
CA THR F 739 3.73 -80.39 -78.48
C THR F 739 2.85 -80.12 -79.71
N CYS F 740 1.83 -80.96 -79.87
CA CYS F 740 0.95 -80.89 -81.02
C CYS F 740 0.30 -79.51 -81.12
N GLU F 741 0.52 -78.83 -82.23
CA GLU F 741 0.00 -77.50 -82.46
C GLU F 741 -1.25 -77.57 -83.34
N LYS F 742 -2.06 -76.51 -83.27
CA LYS F 742 -3.27 -76.41 -84.06
C LYS F 742 -2.94 -76.24 -85.54
N SER G 18 61.29 -0.63 76.99
CA SER G 18 62.53 -1.00 77.66
C SER G 18 63.64 -1.27 76.67
N HIS G 19 64.76 -0.54 76.81
CA HIS G 19 65.91 -0.70 75.93
C HIS G 19 66.73 -1.90 76.41
N ILE G 20 66.25 -3.08 76.08
CA ILE G 20 66.92 -4.32 76.47
C ILE G 20 68.11 -4.56 75.54
N ASP G 21 69.30 -4.66 76.13
CA ASP G 21 70.52 -4.91 75.36
C ASP G 21 70.71 -6.42 75.18
N CYS G 22 71.67 -6.78 74.33
CA CYS G 22 71.95 -8.17 74.01
C CYS G 22 73.18 -8.62 74.77
N ARG G 23 72.97 -9.46 75.79
CA ARG G 23 74.07 -10.12 76.49
C ARG G 23 74.48 -11.34 75.68
N MET G 24 75.30 -11.08 74.66
CA MET G 24 75.61 -12.06 73.62
C MET G 24 77.11 -12.14 73.39
N SER G 25 77.90 -12.26 74.45
CA SER G 25 79.34 -12.47 74.34
C SER G 25 79.86 -13.40 75.44
N PRO G 26 79.35 -14.65 75.50
CA PRO G 26 80.02 -15.67 76.32
C PRO G 26 81.14 -16.33 75.53
N TRP G 27 82.38 -16.06 75.92
CA TRP G 27 83.53 -16.58 75.20
C TRP G 27 84.03 -17.88 75.82
N SER G 28 84.60 -18.73 74.98
CA SER G 28 85.08 -20.04 75.38
C SER G 28 86.60 -20.11 75.19
N GLU G 29 87.17 -21.26 75.55
CA GLU G 29 88.60 -21.48 75.47
C GLU G 29 88.99 -22.02 74.11
N TRP G 30 90.21 -21.69 73.68
CA TRP G 30 90.73 -22.19 72.42
C TRP G 30 90.93 -23.69 72.48
N SER G 31 90.34 -24.41 71.52
CA SER G 31 90.49 -25.85 71.45
C SER G 31 91.73 -26.22 70.62
N GLN G 32 91.91 -27.51 70.39
CA GLN G 32 93.06 -27.98 69.65
C GLN G 32 92.91 -27.66 68.16
N CYS G 33 94.03 -27.33 67.52
CA CYS G 33 94.02 -27.02 66.09
C CYS G 33 93.77 -28.28 65.28
N ASP G 34 93.03 -28.11 64.18
CA ASP G 34 92.79 -29.20 63.24
C ASP G 34 93.90 -29.21 62.20
N PRO G 35 94.74 -30.25 62.15
CA PRO G 35 95.87 -30.21 61.21
C PRO G 35 95.44 -30.31 59.75
N CYS G 36 94.48 -31.18 59.45
CA CYS G 36 94.08 -31.36 58.05
C CYS G 36 93.28 -30.17 57.55
N LEU G 37 92.35 -29.65 58.37
CA LEU G 37 91.53 -28.52 57.97
C LEU G 37 92.26 -27.18 58.14
N ARG G 38 93.23 -27.11 59.05
CA ARG G 38 94.01 -25.89 59.29
C ARG G 38 93.11 -24.74 59.75
N GLN G 39 92.47 -24.96 60.89
CA GLN G 39 91.54 -23.98 61.45
C GLN G 39 91.52 -24.12 62.98
N MET G 40 91.18 -23.03 63.65
CA MET G 40 90.99 -23.02 65.10
C MET G 40 89.51 -22.83 65.42
N PHE G 41 89.17 -23.04 66.69
CA PHE G 41 87.78 -23.14 67.12
C PHE G 41 87.53 -22.29 68.36
N ARG G 42 87.87 -20.99 68.27
CA ARG G 42 87.35 -20.05 69.26
C ARG G 42 85.83 -20.06 69.21
N SER G 43 85.21 -20.48 70.31
CA SER G 43 83.78 -20.72 70.34
C SER G 43 83.03 -19.55 70.97
N ARG G 44 81.70 -19.63 70.88
CA ARG G 44 80.82 -18.57 71.39
C ARG G 44 79.42 -19.16 71.51
N SER G 45 78.48 -18.33 71.96
CA SER G 45 77.09 -18.76 72.13
C SER G 45 76.20 -17.53 72.15
N ILE G 46 74.94 -17.72 71.79
CA ILE G 46 73.93 -16.66 71.83
C ILE G 46 73.05 -16.87 73.05
N GLU G 47 72.78 -15.78 73.78
CA GLU G 47 72.00 -15.85 75.01
C GLU G 47 70.75 -14.99 74.97
N VAL G 48 70.86 -13.72 74.56
CA VAL G 48 69.76 -12.77 74.65
C VAL G 48 69.61 -12.07 73.31
N PHE G 49 68.37 -12.01 72.80
CA PHE G 49 68.06 -11.33 71.56
C PHE G 49 67.70 -9.86 71.79
N GLY G 50 66.67 -9.61 72.60
CA GLY G 50 66.12 -8.28 72.75
C GLY G 50 64.72 -8.20 72.20
N GLN G 51 63.72 -8.21 73.09
CA GLN G 51 62.32 -8.31 72.68
C GLN G 51 61.75 -6.99 72.18
N PHE G 52 62.37 -5.86 72.51
CA PHE G 52 61.80 -4.55 72.24
C PHE G 52 62.63 -3.83 71.17
N ASN G 53 62.28 -2.57 70.93
CA ASN G 53 62.86 -1.71 69.89
C ASN G 53 64.30 -1.32 70.17
N GLY G 54 64.94 -1.89 71.20
CA GLY G 54 66.31 -1.55 71.53
C GLY G 54 67.34 -2.04 70.52
N LYS G 55 68.59 -2.17 70.96
CA LYS G 55 69.68 -2.55 70.08
C LYS G 55 69.47 -3.92 69.45
N ARG G 56 69.28 -3.96 68.13
CA ARG G 56 69.22 -5.23 67.42
C ARG G 56 70.62 -5.83 67.33
N CYS G 57 70.69 -7.16 67.51
CA CYS G 57 71.98 -7.84 67.55
C CYS G 57 71.87 -9.12 66.72
N THR G 58 72.44 -9.08 65.51
CA THR G 58 72.49 -10.22 64.61
C THR G 58 73.82 -10.95 64.67
N ASP G 59 74.55 -10.80 65.77
CA ASP G 59 75.88 -11.38 65.92
C ASP G 59 75.86 -12.90 65.76
N ALA G 60 76.50 -13.40 64.71
CA ALA G 60 76.53 -14.83 64.45
C ALA G 60 77.52 -15.52 65.38
N VAL G 61 77.22 -16.77 65.73
CA VAL G 61 78.07 -17.57 66.60
C VAL G 61 79.10 -18.29 65.76
N GLY G 62 80.36 -18.24 66.19
CA GLY G 62 81.45 -18.92 65.51
C GLY G 62 82.61 -17.99 65.21
N ASP G 63 83.81 -18.59 65.17
CA ASP G 63 85.02 -17.83 64.88
C ASP G 63 86.06 -18.80 64.33
N ARG G 64 86.85 -18.33 63.36
CA ARG G 64 87.88 -19.13 62.72
C ARG G 64 89.22 -18.42 62.80
N ARG G 65 90.29 -19.20 62.65
CA ARG G 65 91.64 -18.69 62.73
C ARG G 65 92.60 -19.70 62.11
N GLN G 66 93.56 -19.21 61.34
CA GLN G 66 94.59 -20.08 60.78
C GLN G 66 95.53 -20.55 61.88
N CYS G 67 95.99 -21.80 61.75
CA CYS G 67 96.86 -22.41 62.74
C CYS G 67 97.89 -23.28 62.03
N VAL G 68 99.11 -23.27 62.56
CA VAL G 68 100.20 -24.09 62.02
C VAL G 68 99.92 -25.54 62.40
N PRO G 69 99.78 -26.44 61.43
CA PRO G 69 99.48 -27.84 61.78
C PRO G 69 100.68 -28.53 62.39
N THR G 70 100.40 -29.38 63.38
CA THR G 70 101.44 -30.15 64.07
C THR G 70 101.38 -31.64 63.79
N GLU G 71 100.20 -32.18 63.44
CA GLU G 71 100.06 -33.58 63.10
C GLU G 71 100.33 -33.80 61.62
N PRO G 72 100.84 -34.98 61.24
CA PRO G 72 101.17 -35.20 59.82
C PRO G 72 99.97 -35.30 58.90
N CYS G 73 98.76 -35.45 59.44
CA CYS G 73 97.54 -35.59 58.65
C CYS G 73 97.65 -36.76 57.67
N GLU G 74 97.79 -37.95 58.23
CA GLU G 74 97.91 -39.16 57.43
C GLU G 74 96.57 -39.66 56.90
N ASP G 75 95.47 -39.25 57.51
CA ASP G 75 94.15 -39.69 57.07
C ASP G 75 93.81 -39.05 55.73
N ALA G 76 93.37 -39.86 54.78
CA ALA G 76 93.01 -39.38 53.46
C ALA G 76 91.96 -40.30 52.85
N GLU G 77 91.18 -39.75 51.93
CA GLU G 77 90.11 -40.50 51.26
C GLU G 77 90.66 -41.08 49.97
N ASP G 78 90.75 -42.40 49.90
CA ASP G 78 91.18 -43.07 48.69
C ASP G 78 90.09 -43.00 47.62
N ASP G 79 90.47 -43.30 46.38
CA ASP G 79 89.51 -43.27 45.28
C ASP G 79 88.73 -44.58 45.20
N CYS G 80 88.15 -44.99 46.34
CA CYS G 80 87.18 -46.08 46.46
C CYS G 80 87.73 -47.44 46.01
N GLY G 81 88.98 -47.46 45.55
CA GLY G 81 89.68 -48.69 45.21
C GLY G 81 88.95 -49.67 44.31
N ASN G 82 87.89 -49.22 43.65
CA ASN G 82 87.00 -50.11 42.90
C ASN G 82 87.19 -49.99 41.39
N ASP G 83 87.01 -48.79 40.84
CA ASP G 83 86.97 -48.63 39.38
C ASP G 83 87.50 -47.25 39.03
N PHE G 84 87.23 -46.81 37.80
CA PHE G 84 87.72 -45.53 37.30
C PHE G 84 87.27 -44.38 38.18
N GLN G 85 88.24 -43.61 38.67
CA GLN G 85 87.93 -42.45 39.50
C GLN G 85 87.45 -41.30 38.63
N CYS G 86 86.43 -40.59 39.14
CA CYS G 86 85.93 -39.40 38.45
C CYS G 86 86.83 -38.20 38.75
N SER G 87 86.56 -37.10 38.05
CA SER G 87 87.33 -35.88 38.23
C SER G 87 87.00 -35.12 39.49
N THR G 88 86.00 -35.57 40.26
CA THR G 88 85.60 -34.87 41.48
C THR G 88 85.64 -35.73 42.74
N GLY G 89 85.64 -37.05 42.62
CA GLY G 89 85.74 -37.89 43.80
C GLY G 89 84.78 -39.07 43.83
N ARG G 90 83.78 -39.06 42.94
CA ARG G 90 82.83 -40.16 42.89
C ARG G 90 83.40 -41.30 42.05
N CYS G 91 82.66 -42.41 41.99
CA CYS G 91 83.16 -43.63 41.36
C CYS G 91 82.08 -44.29 40.53
N ILE G 92 82.50 -44.89 39.42
CA ILE G 92 81.63 -45.76 38.65
C ILE G 92 81.40 -47.07 39.40
N LYS G 93 80.14 -47.53 39.42
CA LYS G 93 79.86 -48.83 40.02
C LYS G 93 80.20 -49.95 39.03
N MET G 94 79.44 -50.04 37.93
CA MET G 94 79.86 -50.87 36.80
C MET G 94 79.66 -50.24 35.43
N ARG G 95 78.69 -49.33 35.25
CA ARG G 95 78.29 -48.90 33.91
C ARG G 95 78.19 -47.39 33.79
N LEU G 96 78.99 -46.66 34.56
CA LEU G 96 79.07 -45.21 34.42
C LEU G 96 80.04 -44.79 33.31
N ARG G 97 80.40 -45.71 32.41
CA ARG G 97 81.30 -45.42 31.31
C ARG G 97 80.55 -44.70 30.18
N CYS G 98 81.18 -44.65 29.00
CA CYS G 98 80.65 -43.88 27.88
C CYS G 98 79.40 -44.57 27.34
N ASN G 99 78.28 -44.37 28.05
CA ASN G 99 77.00 -44.94 27.68
C ASN G 99 75.88 -43.91 27.82
N GLY G 100 76.19 -42.63 27.58
CA GLY G 100 75.19 -41.59 27.72
C GLY G 100 74.72 -41.37 29.14
N ASP G 101 75.60 -41.55 30.12
CA ASP G 101 75.26 -41.42 31.54
C ASP G 101 76.04 -40.23 32.10
N ASN G 102 75.37 -39.07 32.15
CA ASN G 102 76.00 -37.85 32.64
C ASN G 102 75.93 -37.82 34.16
N ASP G 103 77.09 -38.00 34.80
CA ASP G 103 77.20 -37.91 36.25
C ASP G 103 78.13 -36.80 36.71
N CYS G 104 79.35 -36.76 36.19
CA CYS G 104 80.35 -35.82 36.69
C CYS G 104 80.23 -34.45 36.00
N GLY G 105 80.38 -34.42 34.68
CA GLY G 105 80.28 -33.18 33.94
C GLY G 105 79.64 -33.36 32.59
N ASP G 106 79.58 -32.29 31.79
CA ASP G 106 79.03 -32.38 30.44
C ASP G 106 79.83 -33.39 29.61
N PHE G 107 81.15 -33.19 29.54
CA PHE G 107 82.04 -34.12 28.85
C PHE G 107 83.11 -34.67 29.79
N SER G 108 82.98 -34.45 31.10
CA SER G 108 83.96 -34.99 32.04
C SER G 108 83.90 -36.51 32.07
N ASP G 109 82.70 -37.06 32.27
CA ASP G 109 82.53 -38.51 32.21
C ASP G 109 82.70 -39.03 30.79
N GLU G 110 82.35 -38.21 29.80
CA GLU G 110 82.51 -38.54 28.38
C GLU G 110 83.84 -38.06 27.83
N ASP G 111 84.88 -38.00 28.67
CA ASP G 111 86.19 -37.48 28.26
C ASP G 111 86.72 -38.20 27.02
N ASP G 112 86.84 -39.52 27.11
CA ASP G 112 87.38 -40.32 26.01
C ASP G 112 86.53 -41.56 25.84
N CYS G 113 86.12 -41.83 24.60
CA CYS G 113 85.28 -42.97 24.27
C CYS G 113 85.93 -43.75 23.15
N GLU G 114 86.56 -44.88 23.49
CA GLU G 114 87.16 -45.74 22.48
C GLU G 114 86.11 -46.59 21.77
N SER G 115 85.14 -47.12 22.53
CA SER G 115 84.07 -47.89 21.94
C SER G 115 83.03 -46.97 21.32
N GLU G 116 82.04 -47.58 20.65
CA GLU G 116 80.98 -46.81 20.03
C GLU G 116 80.09 -46.16 21.09
N PRO G 117 79.56 -44.97 20.81
CA PRO G 117 78.66 -44.33 21.78
C PRO G 117 77.30 -45.01 21.86
N ARG G 118 77.27 -46.18 22.47
CA ARG G 118 76.04 -46.95 22.60
C ARG G 118 75.02 -46.19 23.42
N PRO G 119 73.84 -45.89 22.88
CA PRO G 119 72.82 -45.20 23.66
C PRO G 119 72.25 -46.12 24.72
N PRO G 120 71.90 -45.58 25.90
CA PRO G 120 71.34 -46.46 26.94
C PRO G 120 69.92 -46.90 26.65
N CYS G 121 69.14 -46.11 25.93
CA CYS G 121 67.76 -46.43 25.63
C CYS G 121 67.41 -45.94 24.23
N ARG G 122 66.63 -46.74 23.50
CA ARG G 122 66.25 -46.40 22.14
C ARG G 122 65.01 -45.53 22.06
N ASP G 123 64.10 -45.66 23.03
CA ASP G 123 62.87 -44.90 23.02
C ASP G 123 63.15 -43.41 23.24
N ARG G 124 62.25 -42.59 22.71
CA ARG G 124 62.35 -41.13 22.86
C ARG G 124 61.68 -40.72 24.16
N VAL G 125 62.48 -40.30 25.13
CA VAL G 125 61.99 -39.88 26.45
C VAL G 125 62.54 -38.47 26.70
N VAL G 126 61.64 -37.49 26.79
CA VAL G 126 62.05 -36.11 27.00
C VAL G 126 62.53 -35.94 28.44
N GLU G 127 63.57 -35.13 28.61
CA GLU G 127 64.11 -34.86 29.94
C GLU G 127 63.08 -34.13 30.80
N GLU G 128 63.21 -34.29 32.11
CA GLU G 128 62.27 -33.70 33.06
C GLU G 128 62.50 -32.19 33.10
N SER G 129 61.63 -31.45 32.41
CA SER G 129 61.78 -30.00 32.26
C SER G 129 60.92 -29.30 33.32
N GLU G 130 61.57 -28.60 34.25
CA GLU G 130 60.95 -27.74 35.24
C GLU G 130 60.06 -28.50 36.23
N LEU G 131 60.03 -29.82 36.14
CA LEU G 131 59.20 -30.64 37.03
C LEU G 131 60.02 -31.00 38.27
N ALA G 132 59.56 -31.99 39.04
CA ALA G 132 60.13 -32.33 40.34
C ALA G 132 61.59 -32.79 40.28
N ARG G 133 62.20 -32.74 39.09
CA ARG G 133 63.61 -33.05 38.89
C ARG G 133 64.49 -32.48 40.00
N THR G 134 64.18 -31.25 40.43
CA THR G 134 64.86 -30.62 41.56
C THR G 134 64.08 -30.96 42.84
N ALA G 135 64.25 -32.21 43.27
CA ALA G 135 63.48 -32.75 44.39
C ALA G 135 64.14 -32.50 45.74
N GLY G 136 65.31 -31.88 45.77
CA GLY G 136 65.98 -31.58 47.03
C GLY G 136 65.49 -30.26 47.59
N TYR G 137 65.16 -30.27 48.89
CA TYR G 137 64.65 -29.08 49.55
C TYR G 137 65.14 -29.07 50.99
N GLY G 138 65.68 -27.94 51.42
CA GLY G 138 66.30 -27.81 52.72
C GLY G 138 65.57 -26.90 53.68
N ILE G 139 64.24 -27.04 53.75
CA ILE G 139 63.42 -26.14 54.55
C ILE G 139 63.95 -26.02 55.97
N ASN G 140 63.89 -24.81 56.50
CA ASN G 140 64.28 -24.51 57.87
C ASN G 140 63.01 -24.43 58.71
N ILE G 141 62.88 -25.34 59.69
CA ILE G 141 61.71 -25.34 60.55
C ILE G 141 61.62 -24.05 61.35
N LEU G 142 62.78 -23.49 61.72
CA LEU G 142 62.82 -22.19 62.38
C LEU G 142 62.88 -21.03 61.38
N GLY G 143 63.11 -21.31 60.10
CA GLY G 143 63.29 -20.26 59.11
C GLY G 143 62.09 -19.99 58.23
N MET G 144 62.19 -20.41 56.97
CA MET G 144 61.21 -20.02 55.95
C MET G 144 61.11 -21.15 54.92
N ASP G 145 60.56 -20.82 53.75
CA ASP G 145 60.26 -21.75 52.66
C ASP G 145 61.44 -22.66 52.30
N PRO G 146 61.20 -23.81 51.68
CA PRO G 146 62.28 -24.76 51.42
C PRO G 146 63.41 -24.18 50.59
N LEU G 147 64.55 -24.85 50.66
CA LEU G 147 65.78 -24.44 50.00
C LEU G 147 65.91 -25.18 48.66
N SER G 148 67.06 -25.04 48.02
CA SER G 148 67.33 -25.72 46.76
C SER G 148 67.75 -27.17 47.06
N THR G 149 68.25 -27.86 46.05
CA THR G 149 68.66 -29.25 46.23
C THR G 149 70.06 -29.31 46.84
N PRO G 150 70.24 -29.98 47.97
CA PRO G 150 71.59 -30.14 48.54
C PRO G 150 72.40 -31.26 47.91
N PHE G 151 71.87 -31.95 46.91
CA PHE G 151 72.51 -33.10 46.31
C PHE G 151 72.29 -33.08 44.80
N ASP G 152 73.01 -33.94 44.10
CA ASP G 152 72.84 -34.09 42.66
C ASP G 152 71.61 -34.94 42.38
N ASN G 153 70.76 -34.47 41.47
CA ASN G 153 69.52 -35.16 41.14
C ASN G 153 69.44 -35.49 39.66
N GLU G 154 70.52 -35.34 38.90
CA GLU G 154 70.55 -35.66 37.49
C GLU G 154 71.13 -37.04 37.19
N PHE G 155 71.98 -37.56 38.07
CA PHE G 155 72.61 -38.85 37.85
C PHE G 155 71.56 -39.96 37.78
N TYR G 156 71.80 -40.93 36.90
CA TYR G 156 70.95 -42.11 36.77
C TYR G 156 71.83 -43.34 36.66
N ASN G 157 71.35 -44.46 37.19
CA ASN G 157 72.19 -45.64 37.34
C ASN G 157 72.27 -46.46 36.04
N GLY G 158 71.15 -47.01 35.59
CA GLY G 158 71.17 -47.95 34.49
C GLY G 158 70.11 -47.75 33.43
N LEU G 159 69.33 -48.80 33.18
CA LEU G 159 68.26 -48.75 32.19
C LEU G 159 67.22 -47.72 32.59
N CYS G 160 66.80 -46.91 31.61
CA CYS G 160 65.83 -45.86 31.87
C CYS G 160 64.54 -46.44 32.45
N ASN G 161 63.97 -45.73 33.42
CA ASN G 161 62.70 -46.11 34.02
C ASN G 161 61.65 -45.11 33.52
N ARG G 162 60.63 -45.65 32.85
CA ARG G 162 59.63 -44.79 32.21
C ARG G 162 58.79 -44.05 33.25
N ASP G 163 58.34 -42.86 32.86
CA ASP G 163 57.48 -42.01 33.68
C ASP G 163 56.24 -41.62 32.90
N ARG G 164 55.58 -42.63 32.32
CA ARG G 164 54.45 -42.39 31.43
C ARG G 164 53.22 -41.94 32.22
N ASP G 165 53.09 -40.62 32.41
CA ASP G 165 51.95 -40.04 33.10
C ASP G 165 51.98 -38.54 32.85
N GLY G 166 50.85 -37.89 33.10
CA GLY G 166 50.71 -36.46 32.91
C GLY G 166 49.51 -36.12 32.04
N ASN G 167 49.29 -34.81 31.90
CA ASN G 167 48.17 -34.32 31.12
C ASN G 167 48.34 -34.66 29.64
N THR G 168 49.40 -34.16 29.02
CA THR G 168 49.63 -34.40 27.60
C THR G 168 50.37 -35.73 27.41
N LEU G 169 50.72 -36.02 26.16
CA LEU G 169 51.44 -37.25 25.81
C LEU G 169 52.92 -36.90 25.76
N THR G 170 53.59 -36.99 26.90
CA THR G 170 55.01 -36.71 27.00
C THR G 170 55.62 -37.65 28.04
N TYR G 171 56.84 -38.10 27.77
CA TYR G 171 57.51 -39.09 28.59
C TYR G 171 58.70 -38.44 29.29
N TYR G 172 58.69 -38.46 30.62
CA TYR G 172 59.75 -37.88 31.42
C TYR G 172 60.66 -38.96 31.98
N ARG G 173 61.75 -38.53 32.61
CA ARG G 173 62.71 -39.41 33.24
C ARG G 173 62.65 -39.26 34.75
N ARG G 174 62.90 -40.36 35.45
CA ARG G 174 62.99 -40.37 36.90
C ARG G 174 64.42 -40.70 37.32
N PRO G 175 65.11 -39.82 38.02
CA PRO G 175 66.50 -40.10 38.39
C PRO G 175 66.59 -41.24 39.40
N TRP G 176 67.74 -41.91 39.39
CA TRP G 176 67.97 -43.02 40.32
C TRP G 176 68.03 -42.54 41.77
N ASN G 177 68.30 -41.25 41.99
CA ASN G 177 68.31 -40.72 43.34
C ASN G 177 66.90 -40.66 43.93
N VAL G 178 65.90 -40.39 43.10
CA VAL G 178 64.50 -40.37 43.53
C VAL G 178 63.94 -41.77 43.39
N ALA G 179 63.37 -42.29 44.48
CA ALA G 179 62.82 -43.64 44.46
C ALA G 179 61.67 -43.74 43.45
N SER G 180 60.70 -42.84 43.56
CA SER G 180 59.58 -42.78 42.63
C SER G 180 58.83 -41.48 42.83
N LEU G 181 58.29 -40.94 41.75
CA LEU G 181 57.48 -39.74 41.79
C LEU G 181 56.19 -39.99 41.04
N ILE G 182 55.06 -39.69 41.68
CA ILE G 182 53.75 -39.87 41.08
C ILE G 182 53.21 -38.51 40.67
N TYR G 183 52.24 -38.52 39.76
CA TYR G 183 51.60 -37.30 39.29
C TYR G 183 50.16 -37.18 39.80
N GLU G 184 49.88 -37.75 40.97
CA GLU G 184 48.55 -37.65 41.56
C GLU G 184 48.28 -36.20 41.95
N THR G 185 47.47 -35.52 41.17
CA THR G 185 47.21 -34.09 41.35
C THR G 185 45.89 -33.88 42.08
N LYS G 186 45.93 -34.17 43.38
CA LYS G 186 44.79 -33.90 44.25
C LYS G 186 44.55 -32.38 44.37
N GLY G 187 43.32 -32.02 44.70
CA GLY G 187 42.97 -30.62 44.89
C GLY G 187 41.75 -30.44 45.77
N GLU G 188 41.73 -29.36 46.56
CA GLU G 188 40.60 -29.11 47.44
C GLU G 188 40.63 -27.65 47.90
N LYS G 189 39.49 -27.21 48.42
CA LYS G 189 39.35 -25.90 49.03
C LYS G 189 38.20 -25.96 50.03
N ASN G 190 38.20 -25.01 50.98
CA ASN G 190 37.18 -24.98 52.01
C ASN G 190 36.61 -23.58 52.13
N PHE G 191 35.44 -23.50 52.78
CA PHE G 191 34.75 -22.26 53.02
C PHE G 191 33.95 -22.40 54.31
N ARG G 192 33.91 -21.34 55.11
CA ARG G 192 33.15 -21.38 56.34
C ARG G 192 32.82 -19.97 56.80
N THR G 193 31.63 -19.80 57.35
CA THR G 193 31.17 -18.52 57.89
C THR G 193 30.43 -18.77 59.19
N GLU G 194 30.41 -17.74 60.05
CA GLU G 194 29.67 -17.82 61.30
C GLU G 194 29.34 -16.41 61.75
N HIS G 195 28.27 -16.30 62.54
CA HIS G 195 27.78 -15.00 63.00
C HIS G 195 27.50 -15.05 64.49
N TYR G 196 27.82 -13.95 65.17
CA TYR G 196 27.50 -13.75 66.57
C TYR G 196 26.70 -12.45 66.71
N GLU G 197 25.72 -12.46 67.62
CA GLU G 197 24.89 -11.28 67.83
C GLU G 197 24.42 -11.26 69.27
N GLU G 198 24.47 -10.07 69.88
CA GLU G 198 24.03 -9.88 71.25
C GLU G 198 23.37 -8.51 71.37
N GLN G 199 22.22 -8.49 72.05
CA GLN G 199 21.48 -7.25 72.25
C GLN G 199 20.75 -7.31 73.59
N ILE G 200 20.83 -6.22 74.35
CA ILE G 200 20.17 -6.12 75.64
C ILE G 200 19.73 -4.67 75.85
N GLU G 201 18.56 -4.50 76.44
CA GLU G 201 18.01 -3.18 76.72
C GLU G 201 17.32 -3.20 78.07
N ALA G 202 17.38 -2.06 78.77
CA ALA G 202 16.76 -1.91 80.08
C ALA G 202 16.25 -0.49 80.24
N PHE G 203 14.96 -0.37 80.57
CA PHE G 203 14.33 0.92 80.79
C PHE G 203 13.86 1.02 82.24
N LYS G 204 13.94 2.24 82.79
CA LYS G 204 13.50 2.50 84.15
C LYS G 204 12.76 3.82 84.20
N SER G 205 11.65 3.86 84.93
CA SER G 205 10.85 5.07 85.07
C SER G 205 10.19 5.08 86.43
N ILE G 206 10.40 6.17 87.18
CA ILE G 206 9.84 6.32 88.52
C ILE G 206 9.36 7.77 88.67
N ILE G 207 8.15 7.93 89.19
CA ILE G 207 7.58 9.25 89.43
C ILE G 207 6.96 9.28 90.82
N GLN G 208 7.14 10.39 91.52
CA GLN G 208 6.64 10.56 92.88
C GLN G 208 5.97 11.91 93.02
N GLU G 209 4.95 11.97 93.88
CA GLU G 209 4.17 13.19 94.06
C GLU G 209 3.51 13.16 95.43
N LYS G 210 3.50 14.30 96.10
CA LYS G 210 2.92 14.40 97.43
C LYS G 210 2.32 15.80 97.60
N THR G 211 1.21 15.88 98.32
CA THR G 211 0.51 17.13 98.55
C THR G 211 -0.17 17.09 99.92
N SER G 212 -0.02 18.16 100.68
CA SER G 212 -0.60 18.26 102.02
C SER G 212 -1.14 19.66 102.24
N ASN G 213 -2.29 19.75 102.90
CA ASN G 213 -2.93 21.02 103.18
C ASN G 213 -3.47 21.02 104.61
N PHE G 214 -3.50 22.21 105.22
CA PHE G 214 -3.99 22.36 106.58
C PHE G 214 -4.47 23.78 106.78
N ASN G 215 -5.69 23.93 107.32
CA ASN G 215 -6.24 25.24 107.63
C ASN G 215 -6.63 25.29 109.10
N ALA G 216 -6.88 26.50 109.59
CA ALA G 216 -7.29 26.69 110.98
C ALA G 216 -8.01 28.03 111.08
N ALA G 217 -9.30 27.98 111.39
CA ALA G 217 -10.13 29.18 111.54
C ALA G 217 -10.89 29.11 112.85
N ILE G 218 -10.73 30.12 113.68
CA ILE G 218 -11.40 30.21 114.98
C ILE G 218 -11.79 31.65 115.24
N SER G 219 -13.02 31.86 115.71
CA SER G 219 -13.55 33.20 115.95
C SER G 219 -14.06 33.30 117.38
N LEU G 220 -13.99 34.51 117.93
CA LEU G 220 -14.44 34.78 119.29
C LEU G 220 -15.19 36.11 119.31
N LYS G 221 -16.38 36.10 119.90
CA LYS G 221 -17.19 37.32 120.00
C LYS G 221 -17.96 37.27 121.31
N PHE G 222 -17.55 38.10 122.27
CA PHE G 222 -18.15 38.13 123.60
C PHE G 222 -18.77 39.50 123.83
N THR G 223 -20.06 39.53 124.14
CA THR G 223 -20.77 40.78 124.41
C THR G 223 -21.81 40.51 125.49
N PRO G 224 -21.52 40.86 126.76
CA PRO G 224 -22.44 40.65 127.87
C PRO G 224 -23.62 41.63 127.84
N SER G 242 -21.18 49.47 128.50
CA SER G 242 -20.97 49.08 127.10
C SER G 242 -19.69 48.27 126.95
N LEU G 243 -19.82 47.05 126.41
CA LEU G 243 -18.67 46.18 126.20
C LEU G 243 -18.92 45.34 124.96
N HIS G 244 -17.92 45.23 124.10
CA HIS G 244 -18.03 44.45 122.87
C HIS G 244 -16.68 43.82 122.55
N GLY G 245 -16.73 42.68 121.89
CA GLY G 245 -15.52 41.98 121.48
C GLY G 245 -15.65 41.32 120.12
N LYS G 246 -14.55 41.29 119.36
CA LYS G 246 -14.56 40.71 118.02
C LYS G 246 -13.25 39.95 117.80
N GLY G 247 -13.36 38.79 117.16
CA GLY G 247 -12.18 37.98 116.88
C GLY G 247 -12.38 37.08 115.68
N SER G 248 -11.36 36.98 114.83
CA SER G 248 -11.41 36.12 113.65
C SER G 248 -9.99 35.73 113.27
N PHE G 249 -9.70 34.43 113.32
CA PHE G 249 -8.37 33.91 113.01
C PHE G 249 -8.44 33.07 111.74
N ARG G 250 -7.38 33.16 110.94
CA ARG G 250 -7.32 32.43 109.67
C ARG G 250 -5.93 31.83 109.49
N PHE G 251 -5.88 30.63 108.93
CA PHE G 251 -4.63 29.93 108.66
C PHE G 251 -4.75 29.18 107.34
N SER G 252 -3.67 29.18 106.57
CA SER G 252 -3.65 28.51 105.28
C SER G 252 -2.29 27.86 105.07
N TYR G 253 -2.29 26.59 104.71
CA TYR G 253 -1.06 25.86 104.43
C TYR G 253 -1.24 25.02 103.17
N SER G 254 -0.25 25.05 102.29
CA SER G 254 -0.29 24.30 101.05
C SER G 254 1.09 23.74 100.75
N LYS G 255 1.15 22.46 100.40
CA LYS G 255 2.38 21.78 100.06
C LYS G 255 2.22 21.12 98.70
N ASN G 256 3.33 20.98 97.99
CA ASN G 256 3.32 20.48 96.62
C ASN G 256 4.67 19.84 96.33
N GLU G 257 4.64 18.59 95.86
CA GLU G 257 5.87 17.87 95.58
C GLU G 257 5.73 17.05 94.31
N THR G 258 6.78 17.04 93.50
CA THR G 258 6.83 16.26 92.27
C THR G 258 8.24 15.75 92.05
N TYR G 259 8.40 14.43 92.02
CA TYR G 259 9.66 13.78 91.73
C TYR G 259 9.51 12.93 90.47
N GLN G 260 10.60 12.84 89.70
CA GLN G 260 10.59 12.03 88.48
C GLN G 260 11.97 11.43 88.26
N LEU G 261 11.99 10.15 87.88
CA LEU G 261 13.23 9.43 87.63
C LEU G 261 13.07 8.62 86.35
N PHE G 262 14.12 8.60 85.54
CA PHE G 262 14.11 7.87 84.28
C PHE G 262 15.52 7.37 83.99
N LEU G 263 15.64 6.09 83.64
CA LEU G 263 16.93 5.49 83.34
C LEU G 263 16.76 4.51 82.18
N SER G 264 17.72 4.52 81.26
CA SER G 264 17.70 3.66 80.09
C SER G 264 19.10 3.16 79.80
N TYR G 265 19.18 1.91 79.33
CA TYR G 265 20.47 1.31 78.98
C TYR G 265 20.26 0.35 77.82
N SER G 266 21.20 0.34 76.89
CA SER G 266 21.13 -0.52 75.73
C SER G 266 22.54 -0.91 75.30
N SER G 267 22.68 -2.13 74.78
CA SER G 267 23.97 -2.62 74.31
C SER G 267 23.75 -3.57 73.15
N LYS G 268 24.61 -3.46 72.14
CA LYS G 268 24.55 -4.32 70.96
C LYS G 268 25.96 -4.77 70.59
N LYS G 269 26.09 -6.04 70.27
CA LYS G 269 27.39 -6.62 69.92
C LYS G 269 27.20 -7.61 68.78
N GLU G 270 28.19 -7.64 67.88
CA GLU G 270 28.19 -8.56 66.75
C GLU G 270 29.63 -8.97 66.46
N LYS G 271 29.83 -10.23 66.09
CA LYS G 271 31.17 -10.74 65.84
C LYS G 271 31.11 -11.78 64.73
N MET G 272 32.11 -11.73 63.84
CA MET G 272 32.23 -12.69 62.76
C MET G 272 33.70 -12.89 62.43
N PHE G 273 34.20 -14.10 62.66
CA PHE G 273 35.57 -14.44 62.30
C PHE G 273 35.57 -15.79 61.60
N LEU G 274 36.28 -15.87 60.48
CA LEU G 274 36.25 -17.07 59.64
C LEU G 274 37.50 -17.09 58.79
N HIS G 275 37.76 -18.23 58.17
CA HIS G 275 38.94 -18.41 57.34
C HIS G 275 38.63 -19.45 56.27
N VAL G 276 39.25 -19.28 55.11
CA VAL G 276 39.11 -20.21 53.98
C VAL G 276 40.48 -20.46 53.38
N LYS G 277 40.64 -21.61 52.75
CA LYS G 277 41.91 -21.99 52.15
C LYS G 277 41.68 -22.98 51.03
N GLY G 278 42.61 -22.99 50.08
CA GLY G 278 42.56 -23.93 48.98
C GLY G 278 43.92 -24.21 48.39
N GLU G 279 44.19 -25.46 48.03
CA GLU G 279 45.47 -25.85 47.46
C GLU G 279 45.24 -26.70 46.22
N ILE G 280 45.94 -26.38 45.14
CA ILE G 280 45.89 -27.15 43.91
C ILE G 280 47.21 -27.89 43.74
N HIS G 281 47.25 -29.15 44.15
CA HIS G 281 48.47 -29.94 44.09
C HIS G 281 48.71 -30.45 42.67
N LEU G 282 49.99 -30.63 42.34
CA LEU G 282 50.41 -31.04 41.00
C LEU G 282 50.98 -32.44 40.97
N GLY G 283 52.01 -32.72 41.77
CA GLY G 283 52.64 -34.02 41.75
C GLY G 283 53.46 -34.25 43.00
N ARG G 284 53.57 -35.51 43.39
CA ARG G 284 54.26 -35.92 44.60
C ARG G 284 55.45 -36.80 44.26
N PHE G 285 56.52 -36.66 45.03
CA PHE G 285 57.73 -37.45 44.84
C PHE G 285 58.17 -38.05 46.17
N VAL G 286 58.87 -39.17 46.09
CA VAL G 286 59.37 -39.88 47.26
C VAL G 286 60.86 -40.11 47.05
N MET G 287 61.69 -39.35 47.77
CA MET G 287 63.13 -39.52 47.66
C MET G 287 63.58 -40.81 48.31
N ARG G 288 64.49 -41.51 47.64
CA ARG G 288 65.05 -42.75 48.19
C ARG G 288 65.87 -42.44 49.44
N ASN G 289 65.67 -43.25 50.48
CA ASN G 289 66.30 -42.99 51.76
C ASN G 289 67.77 -43.38 51.74
N ARG G 290 68.06 -44.64 51.44
CA ARG G 290 69.42 -45.16 51.46
C ARG G 290 69.93 -45.33 50.03
N ASP G 291 71.24 -45.53 49.91
CA ASP G 291 71.93 -45.63 48.62
C ASP G 291 71.68 -44.38 47.79
N VAL G 292 72.15 -43.26 48.32
CA VAL G 292 71.89 -41.93 47.76
C VAL G 292 73.20 -41.38 47.19
N VAL G 293 73.09 -40.75 46.01
CA VAL G 293 74.21 -40.06 45.38
C VAL G 293 74.12 -38.58 45.72
N LEU G 294 75.28 -37.92 45.77
CA LEU G 294 75.35 -36.53 46.21
C LEU G 294 76.11 -35.71 45.17
N THR G 295 75.95 -34.40 45.25
CA THR G 295 76.59 -33.49 44.32
C THR G 295 78.03 -33.22 44.74
N THR G 296 78.83 -32.73 43.78
CA THR G 296 80.25 -32.51 44.03
C THR G 296 80.48 -31.46 45.10
N THR G 297 79.64 -30.42 45.15
CA THR G 297 79.83 -29.35 46.13
C THR G 297 79.54 -29.86 47.55
N PHE G 298 78.45 -30.59 47.72
CA PHE G 298 78.12 -31.12 49.04
C PHE G 298 79.14 -32.14 49.49
N VAL G 299 79.62 -32.98 48.57
CA VAL G 299 80.66 -33.95 48.90
C VAL G 299 81.95 -33.26 49.32
N ASP G 300 82.32 -32.20 48.60
CA ASP G 300 83.52 -31.44 48.97
C ASP G 300 83.35 -30.78 50.32
N ASP G 301 82.15 -30.27 50.62
CA ASP G 301 81.90 -29.64 51.91
C ASP G 301 81.98 -30.65 53.04
N ILE G 302 81.44 -31.85 52.84
CA ILE G 302 81.50 -32.88 53.87
C ILE G 302 82.94 -33.40 54.03
N LYS G 303 83.71 -33.44 52.94
CA LYS G 303 85.10 -33.86 53.04
C LYS G 303 85.93 -32.82 53.80
N ALA G 304 85.73 -31.54 53.50
CA ALA G 304 86.39 -30.47 54.23
C ALA G 304 85.50 -30.04 55.39
N LEU G 305 85.46 -30.90 56.41
CA LEU G 305 84.61 -30.71 57.57
C LEU G 305 85.35 -31.21 58.81
N PRO G 306 85.29 -30.45 59.91
CA PRO G 306 86.03 -30.86 61.11
C PRO G 306 85.41 -32.05 61.81
N THR G 307 86.04 -32.52 62.89
CA THR G 307 85.53 -33.66 63.63
C THR G 307 85.65 -33.48 65.15
N THR G 308 85.93 -32.27 65.62
CA THR G 308 86.12 -31.99 67.05
C THR G 308 85.00 -31.09 67.57
N TYR G 309 83.80 -31.24 67.01
CA TYR G 309 82.63 -30.47 67.43
C TYR G 309 82.87 -28.97 67.30
N GLU G 310 83.05 -28.53 66.05
CA GLU G 310 83.18 -27.11 65.74
C GLU G 310 81.79 -26.53 65.55
N LYS G 311 81.26 -25.93 66.62
CA LYS G 311 79.91 -25.36 66.58
C LYS G 311 79.80 -24.25 65.55
N GLY G 312 80.87 -23.48 65.35
CA GLY G 312 80.83 -22.38 64.40
C GLY G 312 80.65 -22.80 62.96
N GLU G 313 81.55 -23.65 62.47
CA GLU G 313 81.46 -24.12 61.09
C GLU G 313 80.21 -24.96 60.88
N TYR G 314 79.78 -25.70 61.91
CA TYR G 314 78.55 -26.49 61.78
C TYR G 314 77.33 -25.59 61.69
N PHE G 315 77.29 -24.52 62.49
CA PHE G 315 76.19 -23.57 62.39
C PHE G 315 76.19 -22.85 61.04
N ALA G 316 77.38 -22.58 60.50
CA ALA G 316 77.47 -21.98 59.17
C ALA G 316 76.92 -22.93 58.11
N PHE G 317 77.38 -24.20 58.14
CA PHE G 317 76.88 -25.21 57.22
C PHE G 317 75.37 -25.40 57.35
N LEU G 318 74.84 -25.25 58.57
CA LEU G 318 73.41 -25.44 58.78
C LEU G 318 72.62 -24.35 58.09
N GLU G 319 73.03 -23.09 58.24
CA GLU G 319 72.37 -22.01 57.52
C GLU G 319 72.61 -22.10 56.02
N THR G 320 73.73 -22.71 55.60
CA THR G 320 74.03 -22.80 54.19
C THR G 320 73.15 -23.84 53.48
N TYR G 321 72.99 -25.01 54.10
CA TYR G 321 72.29 -26.13 53.46
C TYR G 321 71.06 -26.56 54.26
N GLY G 322 70.43 -25.64 54.97
CA GLY G 322 69.21 -25.96 55.69
C GLY G 322 69.44 -26.82 56.91
N THR G 323 68.39 -27.04 57.71
CA THR G 323 68.50 -27.85 58.91
C THR G 323 68.22 -29.33 58.63
N HIS G 324 67.22 -29.63 57.81
CA HIS G 324 66.87 -31.00 57.47
C HIS G 324 66.18 -31.00 56.11
N TYR G 325 66.47 -32.03 55.32
CA TYR G 325 65.97 -32.08 53.96
C TYR G 325 64.59 -32.74 53.90
N SER G 326 64.04 -32.83 52.69
CA SER G 326 62.70 -33.34 52.47
C SER G 326 62.76 -34.79 52.01
N SER G 327 62.09 -35.68 52.74
CA SER G 327 61.96 -37.06 52.29
C SER G 327 60.93 -37.20 51.18
N SER G 328 59.85 -36.41 51.26
CA SER G 328 58.81 -36.43 50.24
C SER G 328 58.12 -35.07 50.23
N GLY G 329 57.97 -34.50 49.03
CA GLY G 329 57.35 -33.20 48.88
C GLY G 329 56.00 -33.27 48.18
N SER G 330 55.47 -32.09 47.88
CA SER G 330 54.17 -31.98 47.23
C SER G 330 54.18 -30.71 46.37
N LEU G 331 54.42 -30.89 45.07
CA LEU G 331 54.46 -29.77 44.15
C LEU G 331 53.05 -29.28 43.83
N GLY G 332 52.92 -27.96 43.65
CA GLY G 332 51.63 -27.37 43.39
C GLY G 332 51.55 -25.90 43.75
N GLY G 333 50.56 -25.53 44.55
CA GLY G 333 50.38 -24.17 45.00
C GLY G 333 49.09 -23.98 45.79
N LEU G 334 49.12 -23.14 46.82
CA LEU G 334 47.97 -22.93 47.67
C LEU G 334 47.66 -21.44 47.78
N TYR G 335 46.40 -21.13 48.06
CA TYR G 335 45.94 -19.78 48.26
C TYR G 335 44.88 -19.77 49.36
N GLU G 336 44.84 -18.68 50.12
CA GLU G 336 43.88 -18.57 51.22
C GLU G 336 43.66 -17.09 51.53
N LEU G 337 42.46 -16.79 52.04
CA LEU G 337 42.10 -15.45 52.44
C LEU G 337 41.26 -15.52 53.72
N ILE G 338 41.46 -14.53 54.58
CA ILE G 338 40.80 -14.48 55.89
C ILE G 338 40.27 -13.08 56.12
N TYR G 339 39.07 -12.97 56.69
CA TYR G 339 38.51 -11.69 57.07
C TYR G 339 37.72 -11.85 58.36
N VAL G 340 37.78 -10.83 59.22
CA VAL G 340 37.18 -10.87 60.54
C VAL G 340 36.27 -9.65 60.71
N LEU G 341 35.16 -9.83 61.40
CA LEU G 341 34.20 -8.77 61.68
C LEU G 341 33.85 -8.79 63.16
N ASP G 342 33.89 -7.62 63.79
CA ASP G 342 33.53 -7.50 65.20
C ASP G 342 32.86 -6.15 65.42
N LYS G 343 31.73 -6.17 66.12
CA LYS G 343 30.94 -4.97 66.37
C LYS G 343 30.59 -4.89 67.85
N ALA G 344 30.62 -3.68 68.40
CA ALA G 344 30.28 -3.45 69.79
C ALA G 344 29.63 -2.07 69.91
N SER G 345 28.55 -2.00 70.69
CA SER G 345 27.82 -0.77 70.87
C SER G 345 27.25 -0.72 72.28
N MET G 346 27.20 0.48 72.86
CA MET G 346 26.66 0.69 74.19
C MET G 346 25.85 1.98 74.22
N LYS G 347 24.69 1.93 74.86
CA LYS G 347 23.81 3.08 74.97
C LYS G 347 23.28 3.16 76.39
N ARG G 348 23.30 4.36 76.98
CA ARG G 348 22.81 4.58 78.32
C ARG G 348 22.16 5.95 78.40
N LYS G 349 21.01 6.02 79.07
CA LYS G 349 20.26 7.26 79.21
C LYS G 349 19.68 7.36 80.61
N GLY G 350 19.78 8.55 81.20
CA GLY G 350 19.23 8.80 82.51
C GLY G 350 18.65 10.20 82.64
N VAL G 351 17.43 10.30 83.14
CA VAL G 351 16.73 11.58 83.28
C VAL G 351 16.18 11.68 84.70
N GLU G 352 16.42 12.81 85.36
CA GLU G 352 15.96 13.06 86.71
C GLU G 352 15.30 14.43 86.77
N LEU G 353 14.12 14.49 87.40
CA LEU G 353 13.39 15.74 87.57
C LEU G 353 12.85 15.81 88.99
N LYS G 354 12.97 16.99 89.60
CA LYS G 354 12.55 17.20 90.98
C LYS G 354 11.86 18.55 91.09
N ASP G 355 10.69 18.56 91.73
CA ASP G 355 9.91 19.78 91.90
C ASP G 355 9.24 19.75 93.27
N ILE G 356 9.46 20.80 94.06
CA ILE G 356 8.88 20.93 95.40
C ILE G 356 8.35 22.34 95.54
N LYS G 357 7.10 22.46 95.99
CA LYS G 357 6.47 23.75 96.21
C LYS G 357 5.79 23.76 97.57
N ARG G 358 5.81 24.92 98.22
CA ARG G 358 5.20 25.09 99.54
C ARG G 358 4.57 26.47 99.63
N CYS G 359 3.40 26.54 100.26
CA CYS G 359 2.68 27.79 100.45
C CYS G 359 2.15 27.85 101.86
N LEU G 360 2.36 28.99 102.53
CA LEU G 360 1.93 29.18 103.91
C LEU G 360 1.21 30.51 104.03
N GLY G 361 0.04 30.50 104.68
CA GLY G 361 -0.72 31.71 104.89
C GLY G 361 -1.33 31.80 106.27
N TYR G 362 -1.26 32.97 106.89
CA TYR G 362 -1.82 33.18 108.22
C TYR G 362 -2.40 34.58 108.29
N HIS G 363 -3.62 34.69 108.81
CA HIS G 363 -4.31 35.96 108.95
C HIS G 363 -4.87 36.09 110.36
N LEU G 364 -4.74 37.27 110.93
CA LEU G 364 -5.19 37.55 112.30
C LEU G 364 -6.09 38.77 112.28
N ASP G 365 -7.23 38.68 112.95
CA ASP G 365 -8.17 39.78 113.03
C ASP G 365 -8.76 39.84 114.43
N VAL G 366 -8.46 40.90 115.16
CA VAL G 366 -8.95 41.11 116.52
C VAL G 366 -9.46 42.55 116.64
N SER G 367 -10.67 42.70 117.16
CA SER G 367 -11.26 44.01 117.36
C SER G 367 -11.96 44.06 118.71
N LEU G 368 -11.89 45.22 119.36
CA LEU G 368 -12.48 45.40 120.68
C LEU G 368 -13.20 46.74 120.72
N ALA G 369 -14.37 46.73 121.37
CA ALA G 369 -15.17 47.96 121.55
C ALA G 369 -15.67 48.06 122.99
N PHE G 370 -15.31 49.13 123.69
CA PHE G 370 -15.76 49.37 125.08
C PHE G 370 -16.36 50.78 125.12
N SER G 371 -17.62 50.92 125.57
CA SER G 371 -18.27 52.26 125.62
C SER G 371 -18.17 52.91 124.24
N GLU G 372 -17.67 54.14 124.17
CA GLU G 372 -17.52 54.86 122.87
C GLU G 372 -16.16 54.54 122.25
N ILE G 373 -15.29 53.80 122.96
CA ILE G 373 -13.93 53.45 122.44
C ILE G 373 -14.02 52.36 121.35
N SER G 374 -12.97 52.28 120.53
CA SER G 374 -12.85 51.35 119.41
C SER G 374 -11.41 50.89 119.29
N VAL G 375 -11.21 49.57 119.26
CA VAL G 375 -9.89 48.98 119.12
C VAL G 375 -9.95 48.00 117.95
N GLY G 376 -8.95 48.06 117.08
CA GLY G 376 -8.89 47.17 115.93
C GLY G 376 -7.49 46.69 115.69
N ALA G 377 -7.39 45.49 115.11
CA ALA G 377 -6.10 44.89 114.81
C ALA G 377 -6.28 43.85 113.72
N GLU G 378 -5.40 43.87 112.72
CA GLU G 378 -5.45 42.93 111.60
C GLU G 378 -4.03 42.60 111.17
N PHE G 379 -3.68 41.31 111.23
CA PHE G 379 -2.38 40.83 110.80
C PHE G 379 -2.55 39.85 109.65
N ASN G 380 -1.50 39.74 108.83
CA ASN G 380 -1.53 38.88 107.66
C ASN G 380 -0.17 38.25 107.44
N LYS G 381 -0.17 37.09 106.79
CA LYS G 381 1.06 36.39 106.45
C LYS G 381 0.85 35.62 105.17
N ASP G 382 1.81 35.72 104.25
CA ASP G 382 1.75 35.01 102.98
C ASP G 382 3.15 34.55 102.60
N ASP G 383 3.29 33.25 102.32
CA ASP G 383 4.57 32.68 101.96
C ASP G 383 4.36 31.68 100.83
N CYS G 384 5.30 31.65 99.89
CA CYS G 384 5.27 30.71 98.77
C CYS G 384 6.67 30.22 98.49
N VAL G 385 6.79 28.92 98.22
CA VAL G 385 8.07 28.28 97.94
C VAL G 385 7.93 27.46 96.66
N LYS G 386 8.98 27.46 95.84
CA LYS G 386 9.02 26.65 94.63
C LYS G 386 10.44 26.20 94.39
N ARG G 387 10.62 24.90 94.13
CA ARG G 387 11.94 24.32 93.91
C ARG G 387 11.93 23.54 92.61
N GLY G 388 12.99 23.68 91.84
CA GLY G 388 13.12 22.96 90.58
C GLY G 388 14.52 22.41 90.40
N GLU G 389 14.58 21.15 89.96
CA GLU G 389 15.85 20.48 89.73
C GLU G 389 15.72 19.57 88.51
N GLY G 390 16.66 19.69 87.59
CA GLY G 390 16.64 18.88 86.38
C GLY G 390 17.99 18.23 86.14
N ARG G 391 17.96 16.96 85.74
CA ARG G 391 19.17 16.21 85.43
C ARG G 391 18.91 15.27 84.27
N ALA G 392 19.85 15.21 83.34
CA ALA G 392 19.73 14.35 82.17
C ALA G 392 21.09 13.75 81.85
N VAL G 393 21.07 12.49 81.42
CA VAL G 393 22.27 11.76 81.02
C VAL G 393 21.98 11.01 79.73
N ASN G 394 22.86 11.15 78.75
CA ASN G 394 22.69 10.46 77.46
C ASN G 394 24.09 10.17 76.91
N ILE G 395 24.60 8.98 77.18
CA ILE G 395 25.93 8.57 76.74
C ILE G 395 25.79 7.38 75.80
N THR G 396 26.55 7.40 74.71
CA THR G 396 26.50 6.36 73.70
C THR G 396 27.92 6.10 73.18
N SER G 397 28.26 4.82 73.05
CA SER G 397 29.58 4.42 72.55
C SER G 397 29.43 3.22 71.64
N GLU G 398 30.20 3.21 70.55
CA GLU G 398 30.19 2.11 69.59
C GLU G 398 31.61 1.82 69.14
N ASN G 399 31.92 0.54 69.01
CA ASN G 399 33.25 0.09 68.61
C ASN G 399 33.14 -0.97 67.53
N LEU G 400 34.00 -0.89 66.53
CA LEU G 400 34.05 -1.85 65.43
C LEU G 400 35.48 -2.34 65.25
N ILE G 401 35.61 -3.60 64.84
CA ILE G 401 36.91 -4.23 64.63
C ILE G 401 36.85 -5.07 63.36
N ASP G 402 37.85 -4.92 62.50
CA ASP G 402 37.94 -5.68 61.26
C ASP G 402 39.39 -6.05 60.99
N ASP G 403 39.60 -7.29 60.57
CA ASP G 403 40.93 -7.78 60.18
C ASP G 403 40.78 -8.70 58.98
N VAL G 404 41.40 -8.33 57.86
CA VAL G 404 41.35 -9.11 56.64
C VAL G 404 42.78 -9.39 56.20
N VAL G 405 43.01 -10.60 55.67
CA VAL G 405 44.33 -10.98 55.19
C VAL G 405 44.16 -12.06 54.15
N SER G 406 45.11 -12.13 53.21
CA SER G 406 45.07 -13.11 52.13
C SER G 406 46.49 -13.37 51.66
N LEU G 407 46.65 -14.47 50.92
CA LEU G 407 47.95 -14.83 50.36
C LEU G 407 47.75 -15.78 49.18
N ILE G 408 48.78 -15.86 48.34
CA ILE G 408 48.74 -16.71 47.15
C ILE G 408 50.18 -16.99 46.74
N ARG G 409 50.38 -18.09 46.01
CA ARG G 409 51.70 -18.48 45.54
C ARG G 409 51.56 -19.51 44.43
N GLY G 410 52.60 -19.62 43.62
CA GLY G 410 52.68 -20.63 42.59
C GLY G 410 52.32 -20.08 41.22
N GLY G 411 52.78 -20.79 40.18
CA GLY G 411 52.45 -20.45 38.82
C GLY G 411 53.21 -19.22 38.33
N THR G 412 52.89 -18.81 37.10
CA THR G 412 53.43 -17.56 36.59
C THR G 412 52.83 -16.38 37.35
N ARG G 413 53.50 -15.24 37.28
CA ARG G 413 53.09 -14.08 38.07
C ARG G 413 51.82 -13.45 37.52
N LYS G 414 51.72 -13.34 36.19
CA LYS G 414 50.60 -12.62 35.58
C LYS G 414 49.27 -13.28 35.92
N TYR G 415 49.12 -14.57 35.60
CA TYR G 415 47.84 -15.24 35.83
C TYR G 415 47.55 -15.39 37.32
N ALA G 416 48.58 -15.64 38.13
CA ALA G 416 48.37 -15.77 39.57
C ALA G 416 47.82 -14.48 40.16
N PHE G 417 48.42 -13.34 39.80
CA PHE G 417 47.93 -12.08 40.34
C PHE G 417 46.65 -11.60 39.66
N GLU G 418 46.35 -12.09 38.46
CA GLU G 418 45.02 -11.87 37.90
C GLU G 418 43.96 -12.60 38.73
N LEU G 419 44.23 -13.85 39.09
CA LEU G 419 43.35 -14.55 40.02
C LEU G 419 43.26 -13.81 41.35
N LYS G 420 44.38 -13.27 41.82
CA LYS G 420 44.40 -12.53 43.09
C LYS G 420 43.49 -11.31 43.03
N GLU G 421 43.60 -10.51 41.95
CA GLU G 421 42.82 -9.29 41.86
C GLU G 421 41.35 -9.59 41.62
N LYS G 422 41.04 -10.62 40.83
CA LYS G 422 39.64 -10.94 40.57
C LYS G 422 38.98 -11.65 41.76
N LEU G 423 39.78 -12.25 42.64
CA LEU G 423 39.23 -12.90 43.83
C LEU G 423 38.93 -11.90 44.93
N LEU G 424 39.84 -10.96 45.16
CA LEU G 424 39.71 -10.00 46.26
C LEU G 424 38.58 -9.03 45.94
N ARG G 425 37.44 -9.23 46.61
CA ARG G 425 36.26 -8.36 46.51
C ARG G 425 35.73 -8.27 45.07
N GLY G 426 36.07 -9.24 44.22
CA GLY G 426 35.56 -9.22 42.86
C GLY G 426 34.10 -9.64 42.78
N THR G 427 33.71 -10.61 43.59
CA THR G 427 32.36 -11.16 43.73
C THR G 427 31.89 -11.89 42.47
N VAL G 428 32.68 -11.93 41.41
CA VAL G 428 32.33 -12.62 40.17
C VAL G 428 33.55 -13.44 39.76
N ILE G 429 33.55 -14.73 40.10
CA ILE G 429 34.65 -15.61 39.73
C ILE G 429 34.43 -16.12 38.32
N ASP G 430 35.47 -16.07 37.50
CA ASP G 430 35.39 -16.48 36.10
C ASP G 430 36.01 -17.86 35.92
N VAL G 431 35.76 -18.45 34.76
CA VAL G 431 36.35 -19.74 34.41
C VAL G 431 37.65 -19.57 33.64
N THR G 432 37.69 -18.59 32.73
CA THR G 432 38.86 -18.43 31.86
C THR G 432 40.09 -18.03 32.66
N ASP G 433 39.93 -17.12 33.63
CA ASP G 433 41.07 -16.72 34.45
C ASP G 433 41.59 -17.89 35.28
N PHE G 434 40.70 -18.76 35.76
CA PHE G 434 41.15 -19.92 36.53
C PHE G 434 41.80 -20.96 35.62
N VAL G 435 41.37 -21.06 34.36
CA VAL G 435 42.06 -21.94 33.42
C VAL G 435 43.47 -21.40 33.13
N ASN G 436 43.59 -20.08 33.02
CA ASN G 436 44.90 -19.46 32.86
C ASN G 436 45.79 -19.77 34.07
N TRP G 437 45.24 -19.59 35.28
CA TRP G 437 45.96 -19.96 36.50
C TRP G 437 46.32 -21.45 36.51
N ALA G 438 45.46 -22.30 35.96
CA ALA G 438 45.73 -23.72 35.92
C ALA G 438 46.93 -24.02 35.04
N SER G 439 46.94 -23.48 33.82
CA SER G 439 48.10 -23.64 32.94
C SER G 439 49.35 -23.03 33.57
N SER G 440 49.18 -21.91 34.28
CA SER G 440 50.31 -21.24 34.93
C SER G 440 50.94 -22.14 35.99
N ILE G 441 50.12 -22.72 36.86
CA ILE G 441 50.67 -23.57 37.91
C ILE G 441 51.15 -24.90 37.35
N ASN G 442 50.58 -25.35 36.24
CA ASN G 442 51.13 -26.53 35.56
C ASN G 442 52.53 -26.22 35.02
N ASP G 443 52.75 -24.98 34.58
CA ASP G 443 54.07 -24.58 34.13
C ASP G 443 55.04 -24.44 35.30
N ALA G 444 54.59 -23.87 36.41
CA ALA G 444 55.45 -23.60 37.57
C ALA G 444 54.73 -23.99 38.86
N PRO G 445 55.03 -25.15 39.42
CA PRO G 445 54.44 -25.52 40.72
C PRO G 445 55.25 -25.02 41.90
N VAL G 446 54.81 -25.35 43.12
CA VAL G 446 55.53 -24.97 44.33
C VAL G 446 55.13 -25.95 45.42
N LEU G 447 55.94 -26.02 46.47
CA LEU G 447 55.73 -26.98 47.55
C LEU G 447 54.47 -26.67 48.35
N ILE G 448 53.78 -27.73 48.76
CA ILE G 448 52.60 -27.60 49.63
C ILE G 448 52.82 -28.40 50.89
N SER G 449 53.00 -29.71 50.74
CA SER G 449 53.27 -30.61 51.85
C SER G 449 54.68 -31.17 51.72
N GLN G 450 55.35 -31.33 52.85
CA GLN G 450 56.77 -31.71 52.85
C GLN G 450 57.02 -32.70 53.97
N LYS G 451 57.47 -33.90 53.61
CA LYS G 451 57.88 -34.89 54.60
C LYS G 451 59.27 -34.54 55.12
N LEU G 452 59.50 -34.83 56.40
CA LEU G 452 60.72 -34.40 57.08
C LEU G 452 61.74 -35.53 57.13
N SER G 453 63.02 -35.16 57.10
CA SER G 453 64.11 -36.12 57.17
C SER G 453 65.40 -35.41 57.57
N PRO G 454 66.13 -35.93 58.56
CA PRO G 454 67.33 -35.23 59.03
C PRO G 454 68.47 -35.28 58.02
N ILE G 455 69.32 -34.26 58.08
CA ILE G 455 70.43 -34.16 57.13
C ILE G 455 71.51 -35.18 57.45
N TYR G 456 71.83 -35.37 58.74
CA TYR G 456 72.90 -36.30 59.09
C TYR G 456 72.58 -37.73 58.65
N ASN G 457 71.32 -38.04 58.35
CA ASN G 457 71.00 -39.32 57.74
C ASN G 457 71.32 -39.35 56.25
N LEU G 458 71.54 -38.19 55.65
CA LEU G 458 71.86 -38.08 54.23
C LEU G 458 73.35 -38.06 53.95
N VAL G 459 74.18 -38.03 54.99
CA VAL G 459 75.64 -38.00 54.82
C VAL G 459 76.08 -39.26 54.08
N PRO G 460 77.07 -39.20 53.19
CA PRO G 460 77.53 -40.41 52.51
C PRO G 460 78.18 -41.38 53.49
N VAL G 461 77.80 -42.66 53.37
CA VAL G 461 78.29 -43.70 54.26
C VAL G 461 79.69 -44.11 53.84
N LYS G 462 80.37 -44.90 54.69
CA LYS G 462 81.72 -45.42 54.45
C LYS G 462 82.67 -44.34 53.94
N MET G 463 82.53 -43.13 54.49
CA MET G 463 83.41 -42.02 54.15
C MET G 463 84.59 -42.02 55.11
N LYS G 464 85.36 -40.92 55.13
CA LYS G 464 86.51 -40.80 56.01
C LYS G 464 86.10 -40.99 57.47
N ASN G 465 85.17 -40.16 57.95
CA ASN G 465 84.71 -40.18 59.33
C ASN G 465 83.19 -40.17 59.39
N ALA G 466 82.58 -41.08 58.62
CA ALA G 466 81.13 -41.04 58.39
C ALA G 466 80.33 -41.05 59.69
N HIS G 467 80.58 -42.04 60.55
CA HIS G 467 79.75 -42.20 61.74
C HIS G 467 79.97 -41.06 62.74
N LEU G 468 81.23 -40.71 62.99
CA LEU G 468 81.52 -39.66 63.97
C LEU G 468 81.02 -38.31 63.47
N LYS G 469 81.21 -38.00 62.18
CA LYS G 469 80.67 -36.76 61.64
C LYS G 469 79.15 -36.76 61.64
N LYS G 470 78.53 -37.92 61.44
CA LYS G 470 77.07 -38.00 61.51
C LYS G 470 76.57 -37.68 62.91
N GLN G 471 77.16 -38.31 63.93
CA GLN G 471 76.78 -38.01 65.31
C GLN G 471 77.09 -36.55 65.67
N ASN G 472 78.17 -36.00 65.12
CA ASN G 472 78.53 -34.62 65.41
C ASN G 472 77.53 -33.65 64.78
N LEU G 473 77.09 -33.91 63.55
CA LEU G 473 76.06 -33.09 62.94
C LEU G 473 74.72 -33.27 63.63
N GLU G 474 74.45 -34.45 64.18
CA GLU G 474 73.24 -34.64 64.98
C GLU G 474 73.28 -33.76 66.23
N ARG G 475 74.39 -33.79 66.96
CA ARG G 475 74.55 -32.90 68.10
C ARG G 475 74.46 -31.43 67.69
N ALA G 476 74.99 -31.11 66.51
CA ALA G 476 74.97 -29.72 66.04
C ALA G 476 73.55 -29.25 65.73
N ILE G 477 72.76 -30.09 65.04
CA ILE G 477 71.39 -29.69 64.74
C ILE G 477 70.56 -29.65 66.01
N GLU G 478 70.83 -30.53 66.98
CA GLU G 478 70.13 -30.46 68.25
C GLU G 478 70.44 -29.16 68.98
N ASP G 479 71.71 -28.80 69.07
CA ASP G 479 72.10 -27.55 69.72
C ASP G 479 71.57 -26.34 68.96
N TYR G 480 71.44 -26.44 67.64
CA TYR G 480 70.87 -25.37 66.85
C TYR G 480 69.39 -25.18 67.17
N ILE G 481 68.63 -26.27 67.16
CA ILE G 481 67.19 -26.16 67.36
C ILE G 481 66.84 -25.87 68.82
N ASN G 482 67.74 -26.16 69.75
CA ASN G 482 67.50 -25.87 71.16
C ASN G 482 68.24 -24.64 71.66
N GLU G 483 69.03 -23.99 70.81
CA GLU G 483 69.85 -22.86 71.25
C GLU G 483 69.04 -21.56 71.27
N PHE G 484 68.55 -21.14 70.11
CA PHE G 484 67.82 -19.88 69.99
C PHE G 484 66.47 -20.15 69.34
N SER G 485 65.42 -19.63 69.96
CA SER G 485 64.04 -19.78 69.49
C SER G 485 63.18 -18.84 70.32
N VAL G 486 61.85 -18.92 70.11
CA VAL G 486 60.92 -18.12 70.90
C VAL G 486 60.94 -18.57 72.36
N ARG G 487 61.30 -19.84 72.61
CA ARG G 487 61.32 -20.37 73.97
C ARG G 487 62.31 -19.62 74.85
N LYS G 488 63.46 -19.23 74.29
CA LYS G 488 64.49 -18.56 75.07
C LYS G 488 64.28 -17.05 75.14
N CYS G 489 63.46 -16.48 74.26
CA CYS G 489 63.19 -15.05 74.29
C CYS G 489 62.23 -14.73 75.43
N HIS G 490 61.81 -13.47 75.52
CA HIS G 490 60.93 -13.02 76.58
C HIS G 490 59.48 -13.04 76.12
N THR G 491 58.57 -13.21 77.08
CA THR G 491 57.15 -13.32 76.77
C THR G 491 56.53 -11.94 76.62
N CYS G 492 55.63 -11.81 75.64
CA CYS G 492 54.95 -10.55 75.39
C CYS G 492 53.79 -10.38 76.37
N GLN G 493 53.00 -9.33 76.19
CA GLN G 493 51.89 -9.02 77.08
C GLN G 493 50.57 -9.27 76.37
N ASN G 494 49.53 -9.50 77.19
CA ASN G 494 48.17 -9.74 76.71
C ASN G 494 48.11 -10.93 75.76
N GLY G 495 48.89 -11.97 76.06
CA GLY G 495 48.86 -13.18 75.25
C GLY G 495 49.30 -12.98 73.82
N GLY G 496 50.12 -11.96 73.56
CA GLY G 496 50.59 -11.70 72.20
C GLY G 496 51.52 -12.81 71.73
N THR G 497 51.19 -13.43 70.59
CA THR G 497 52.04 -14.47 70.05
C THR G 497 53.40 -13.91 69.65
N VAL G 498 54.46 -14.43 70.26
CA VAL G 498 55.81 -13.94 70.05
C VAL G 498 56.43 -14.65 68.85
N ILE G 499 57.03 -13.89 67.94
CA ILE G 499 57.71 -14.44 66.78
C ILE G 499 59.17 -14.03 66.83
N LEU G 500 59.96 -14.60 65.92
CA LEU G 500 61.39 -14.31 65.84
C LEU G 500 61.77 -14.20 64.37
N MET G 501 62.06 -12.98 63.92
CA MET G 501 62.43 -12.71 62.53
C MET G 501 63.84 -12.11 62.51
N ASP G 502 64.85 -12.97 62.50
CA ASP G 502 66.25 -12.58 62.39
C ASP G 502 66.64 -11.58 63.47
N GLY G 503 66.55 -12.03 64.71
CA GLY G 503 66.93 -11.23 65.86
C GLY G 503 65.81 -10.43 66.48
N LYS G 504 64.98 -9.79 65.66
CA LYS G 504 63.86 -9.00 66.16
C LYS G 504 62.82 -9.92 66.78
N CYS G 505 62.75 -9.93 68.11
CA CYS G 505 61.81 -10.79 68.84
C CYS G 505 60.51 -10.05 69.12
N LEU G 506 59.82 -9.68 68.04
CA LEU G 506 58.56 -8.98 68.15
C LEU G 506 57.43 -9.96 68.50
N CYS G 507 56.33 -9.40 69.01
CA CYS G 507 55.16 -10.19 69.39
C CYS G 507 53.94 -9.65 68.68
N ALA G 508 53.21 -10.53 68.00
CA ALA G 508 51.99 -10.15 67.32
C ALA G 508 50.89 -9.88 68.35
N CYS G 509 50.43 -8.64 68.41
CA CYS G 509 49.44 -8.23 69.40
C CYS G 509 48.04 -8.47 68.87
N PRO G 510 47.07 -8.76 69.74
CA PRO G 510 45.71 -9.03 69.28
C PRO G 510 45.09 -7.85 68.53
N PHE G 511 43.92 -8.11 67.94
CA PHE G 511 43.27 -7.13 67.09
C PHE G 511 42.83 -5.91 67.88
N LYS G 512 42.13 -6.13 69.00
CA LYS G 512 41.59 -5.05 69.81
C LYS G 512 42.66 -4.27 70.56
N PHE G 513 43.93 -4.65 70.44
CA PHE G 513 45.01 -4.01 71.17
C PHE G 513 45.93 -3.28 70.20
N GLU G 514 46.76 -2.41 70.74
CA GLU G 514 47.66 -1.59 69.93
C GLU G 514 48.94 -2.36 69.65
N GLY G 515 49.97 -1.67 69.17
CA GLY G 515 51.14 -2.31 68.59
C GLY G 515 52.19 -2.81 69.56
N ILE G 516 53.44 -2.41 69.31
CA ILE G 516 54.60 -3.02 69.96
C ILE G 516 54.46 -3.05 71.47
N ALA G 517 54.95 -4.14 72.08
CA ALA G 517 55.06 -4.34 73.52
C ALA G 517 53.71 -4.53 74.19
N CYS G 518 52.62 -4.37 73.44
CA CYS G 518 51.26 -4.55 73.95
C CYS G 518 51.07 -3.86 75.30
N GLU G 519 51.50 -2.60 75.38
CA GLU G 519 51.43 -1.83 76.62
C GLU G 519 50.21 -0.92 76.65
N ILE G 520 50.06 -0.06 75.65
CA ILE G 520 48.92 0.84 75.57
C ILE G 520 47.72 0.09 75.03
N SER G 521 46.55 0.31 75.63
CA SER G 521 45.37 -0.49 75.33
C SER G 521 44.74 -0.10 73.99
N LYS G 522 44.55 1.22 73.82
CA LYS G 522 43.86 1.76 72.60
C LYS G 522 42.42 1.24 72.62
N GLN G 523 41.82 1.21 73.81
CA GLN G 523 40.42 0.76 74.04
C GLN G 523 39.46 1.95 73.94
N LYS G 524 39.99 3.14 73.63
CA LYS G 524 39.17 4.38 73.49
C LYS G 524 38.33 4.64 74.74
N ILE G 525 38.96 4.61 75.92
CA ILE G 525 38.23 4.86 77.20
C ILE G 525 37.62 6.26 77.13
N SER G 526 36.38 6.40 77.59
CA SER G 526 35.65 7.66 77.52
C SER G 526 35.71 8.38 78.85
N GLU G 527 36.01 9.68 78.82
CA GLU G 527 36.08 10.51 80.02
C GLU G 527 34.97 11.56 79.95
N GLY G 528 34.25 11.72 81.06
CA GLY G 528 33.20 12.71 81.15
C GLY G 528 33.34 13.64 82.32
N LEU G 529 33.29 14.94 82.06
CA LEU G 529 33.43 15.96 83.12
C LEU G 529 32.23 16.90 83.09
N PRO G 530 31.31 16.80 84.04
CA PRO G 530 30.16 17.71 84.09
C PRO G 530 30.44 19.05 84.77
N ALA G 531 31.70 19.42 84.98
CA ALA G 531 32.01 20.66 85.67
C ALA G 531 31.65 21.87 84.81
N LEU G 532 31.33 22.97 85.49
CA LEU G 532 30.99 24.19 84.79
C LEU G 532 32.23 24.78 84.11
N GLU G 533 32.10 25.27 82.88
CA GLU G 533 33.27 25.82 82.19
C GLU G 533 33.80 27.07 82.87
N PHE G 534 35.12 27.22 82.87
CA PHE G 534 35.74 28.36 83.52
C PHE G 534 35.41 29.67 82.80
N PRO G 535 35.52 29.66 81.48
CA PRO G 535 35.24 30.85 80.69
C PRO G 535 34.87 30.49 79.25
N SER H 18 65.94 25.74 71.62
CA SER H 18 67.25 25.76 72.23
C SER H 18 68.35 25.50 71.20
N HIS H 19 69.29 26.43 71.09
CA HIS H 19 70.39 26.32 70.14
C HIS H 19 71.48 25.43 70.74
N ILE H 20 71.24 24.13 70.70
CA ILE H 20 72.17 23.15 71.24
C ILE H 20 73.34 22.98 70.27
N ASP H 21 74.54 23.22 70.75
CA ASP H 21 75.75 23.06 69.95
C ASP H 21 76.23 21.62 70.02
N CYS H 22 77.21 21.31 69.17
CA CYS H 22 77.76 19.96 69.05
C CYS H 22 79.10 19.90 69.77
N ARG H 23 79.13 19.26 70.95
CA ARG H 23 80.37 18.97 71.65
C ARG H 23 80.96 17.71 71.03
N MET H 24 81.65 17.90 69.91
CA MET H 24 82.09 16.80 69.05
C MET H 24 83.56 16.96 68.67
N SER H 25 84.41 17.22 69.66
CA SER H 25 85.86 17.27 69.44
C SER H 25 86.62 16.70 70.64
N PRO H 26 86.39 15.42 70.99
CA PRO H 26 87.32 14.74 71.92
C PRO H 26 88.50 14.16 71.15
N TRP H 27 89.67 14.75 71.35
CA TRP H 27 90.86 14.31 70.62
C TRP H 27 91.65 13.29 71.44
N SER H 28 92.33 12.39 70.72
CA SER H 28 93.10 11.32 71.31
C SER H 28 94.58 11.50 71.00
N GLU H 29 95.39 10.58 71.51
CA GLU H 29 96.83 10.61 71.34
C GLU H 29 97.24 9.89 70.06
N TRP H 30 98.33 10.35 69.46
CA TRP H 30 98.88 9.71 68.27
C TRP H 30 99.36 8.30 68.59
N SER H 31 98.91 7.34 67.80
CA SER H 31 99.32 5.95 67.96
C SER H 31 100.58 5.68 67.13
N GLN H 32 101.00 4.42 67.13
CA GLN H 32 102.19 4.04 66.38
C GLN H 32 101.90 4.03 64.88
N CYS H 33 102.90 4.42 64.09
CA CYS H 33 102.75 4.43 62.64
C CYS H 33 102.70 3.01 62.09
N ASP H 34 101.88 2.81 61.06
CA ASP H 34 101.80 1.53 60.38
C ASP H 34 102.81 1.52 59.24
N PRO H 35 103.84 0.67 59.30
CA PRO H 35 104.88 0.72 58.25
C PRO H 35 104.38 0.27 56.89
N CYS H 36 103.61 -0.82 56.83
CA CYS H 36 103.18 -1.34 55.55
C CYS H 36 102.10 -0.47 54.92
N LEU H 37 101.15 0.02 55.72
CA LEU H 37 100.08 0.87 55.19
C LEU H 37 100.52 2.32 55.04
N ARG H 38 101.51 2.75 55.82
CA ARG H 38 102.04 4.12 55.77
C ARG H 38 100.95 5.14 56.10
N GLN H 39 100.42 5.03 57.32
CA GLN H 39 99.33 5.88 57.78
C GLN H 39 99.40 6.01 59.29
N MET H 40 98.90 7.13 59.79
CA MET H 40 98.79 7.37 61.23
C MET H 40 97.32 7.36 61.64
N PHE H 41 97.10 7.33 62.95
CA PHE H 41 95.79 7.07 63.53
C PHE H 41 95.45 8.09 64.62
N ARG H 42 95.54 9.38 64.28
CA ARG H 42 94.93 10.39 65.14
C ARG H 42 93.43 10.09 65.25
N SER H 43 92.97 9.81 66.46
CA SER H 43 91.62 9.32 66.68
C SER H 43 90.69 10.43 67.14
N ARG H 44 89.40 10.10 67.20
CA ARG H 44 88.36 11.05 67.58
C ARG H 44 87.12 10.26 67.95
N SER H 45 86.07 10.96 68.36
CA SER H 45 84.82 10.33 68.75
C SER H 45 83.69 11.36 68.62
N ILE H 46 82.48 10.85 68.44
CA ILE H 46 81.28 11.68 68.36
C ILE H 46 80.53 11.58 69.69
N GLU H 47 80.09 12.73 70.21
CA GLU H 47 79.41 12.78 71.49
C GLU H 47 78.01 13.35 71.42
N VAL H 48 77.83 14.50 70.76
CA VAL H 48 76.56 15.22 70.76
C VAL H 48 76.20 15.60 69.33
N PHE H 49 74.96 15.32 68.94
CA PHE H 49 74.45 15.67 67.61
C PHE H 49 73.82 17.07 67.61
N GLY H 50 72.80 17.27 68.45
CA GLY H 50 72.00 18.47 68.40
C GLY H 50 70.57 18.16 67.98
N GLN H 51 69.66 18.14 68.95
CA GLN H 51 68.29 17.69 68.70
C GLN H 51 67.42 18.74 68.03
N PHE H 52 67.81 20.02 68.10
CA PHE H 52 66.96 21.10 67.64
C PHE H 52 67.55 21.74 66.39
N ASN H 53 66.93 22.83 65.94
CA ASN H 53 67.28 23.56 64.72
C ASN H 53 68.64 24.25 64.79
N GLY H 54 69.42 24.05 65.85
CA GLY H 54 70.72 24.66 65.99
C GLY H 54 71.76 24.18 64.99
N LYS H 55 73.03 24.40 65.31
CA LYS H 55 74.14 24.07 64.40
C LYS H 55 74.19 22.59 64.07
N ARG H 56 73.94 22.26 62.81
CA ARG H 56 74.11 20.89 62.35
C ARG H 56 75.58 20.54 62.23
N CYS H 57 75.94 19.34 62.68
CA CYS H 57 77.35 18.92 62.74
C CYS H 57 77.46 17.50 62.21
N THR H 58 77.94 17.37 60.97
CA THR H 58 78.16 16.08 60.34
C THR H 58 79.63 15.69 60.30
N ASP H 59 80.44 16.21 61.22
CA ASP H 59 81.88 15.97 61.22
C ASP H 59 82.16 14.49 61.38
N ALA H 60 82.77 13.89 60.37
CA ALA H 60 83.09 12.46 60.40
C ALA H 60 84.26 12.19 61.35
N VAL H 61 84.23 11.02 61.97
CA VAL H 61 85.26 10.60 62.91
C VAL H 61 86.39 9.94 62.13
N GLY H 62 87.62 10.31 62.44
CA GLY H 62 88.79 9.72 61.80
C GLY H 62 89.73 10.76 61.22
N ASP H 63 91.01 10.42 61.18
CA ASP H 63 92.03 11.31 60.65
C ASP H 63 93.22 10.46 60.20
N ARG H 64 93.81 10.84 59.08
CA ARG H 64 94.95 10.14 58.52
C ARG H 64 96.13 11.08 58.34
N ARG H 65 97.32 10.49 58.23
CA ARG H 65 98.55 11.27 58.09
C ARG H 65 99.65 10.36 57.54
N GLN H 66 100.43 10.88 56.62
CA GLN H 66 101.58 10.16 56.11
C GLN H 66 102.67 10.09 57.17
N CYS H 67 103.34 8.94 57.24
CA CYS H 67 104.39 8.71 58.23
C CYS H 67 105.52 7.90 57.61
N VAL H 68 106.75 8.27 57.94
CA VAL H 68 107.93 7.56 57.45
C VAL H 68 107.98 6.19 58.13
N PRO H 69 107.95 5.11 57.37
CA PRO H 69 107.96 3.78 57.99
C PRO H 69 109.31 3.45 58.61
N THR H 70 109.27 2.83 59.78
CA THR H 70 110.48 2.43 60.49
C THR H 70 110.71 0.93 60.50
N GLU H 71 109.65 0.12 60.39
CA GLU H 71 109.78 -1.32 60.32
C GLU H 71 110.00 -1.79 58.89
N PRO H 72 110.72 -2.90 58.69
CA PRO H 72 111.01 -3.34 57.32
C PRO H 72 109.80 -3.83 56.55
N CYS H 73 108.68 -4.10 57.21
CA CYS H 73 107.47 -4.61 56.57
C CYS H 73 107.76 -5.92 55.83
N GLU H 74 108.16 -6.93 56.60
CA GLU H 74 108.49 -8.23 56.03
C GLU H 74 107.24 -9.07 55.75
N ASP H 75 106.11 -8.75 56.39
CA ASP H 75 104.89 -9.52 56.16
C ASP H 75 104.35 -9.23 54.77
N ALA H 76 104.03 -10.29 54.03
CA ALA H 76 103.50 -10.17 52.68
C ALA H 76 102.64 -11.38 52.37
N GLU H 77 101.71 -11.20 51.44
CA GLU H 77 100.79 -12.26 51.03
C GLU H 77 101.36 -12.98 49.82
N ASP H 78 101.72 -14.25 50.00
CA ASP H 78 102.23 -15.05 48.90
C ASP H 78 101.10 -15.41 47.95
N ASP H 79 101.48 -15.88 46.76
CA ASP H 79 100.49 -16.25 45.75
C ASP H 79 99.97 -17.66 45.98
N CYS H 80 99.52 -17.93 47.21
CA CYS H 80 98.79 -19.13 47.62
C CYS H 80 99.58 -20.42 47.40
N GLY H 81 100.81 -20.31 46.87
CA GLY H 81 101.72 -21.42 46.72
C GLY H 81 101.14 -22.70 46.15
N ASN H 82 100.03 -22.61 45.41
CA ASN H 82 99.30 -23.80 44.96
C ASN H 82 99.34 -23.95 43.45
N ASP H 83 98.89 -22.96 42.68
CA ASP H 83 98.72 -23.11 41.25
C ASP H 83 98.92 -21.76 40.58
N PHE H 84 98.48 -21.64 39.33
CA PHE H 84 98.64 -20.41 38.55
C PHE H 84 98.00 -19.23 39.25
N GLN H 85 98.81 -18.20 39.51
CA GLN H 85 98.31 -16.98 40.13
C GLN H 85 97.53 -16.14 39.12
N CYS H 86 96.44 -15.53 39.58
CA CYS H 86 95.69 -14.62 38.74
C CYS H 86 96.34 -13.24 38.72
N SER H 87 95.82 -12.36 37.87
CA SER H 87 96.33 -11.01 37.73
C SER H 87 95.92 -10.10 38.89
N THR H 88 95.07 -10.57 39.81
CA THR H 88 94.62 -9.74 40.92
C THR H 88 94.94 -10.30 42.30
N GLY H 89 95.22 -11.59 42.42
CA GLY H 89 95.58 -12.15 43.70
C GLY H 89 94.90 -13.47 44.04
N ARG H 90 93.88 -13.84 43.27
CA ARG H 90 93.18 -15.10 43.51
C ARG H 90 93.91 -16.24 42.81
N CYS H 91 93.43 -17.46 43.02
CA CYS H 91 94.12 -18.66 42.53
C CYS H 91 93.12 -19.65 41.97
N ILE H 92 93.59 -20.43 41.00
CA ILE H 92 92.85 -21.58 40.50
C ILE H 92 92.88 -22.70 41.53
N LYS H 93 91.72 -23.29 41.81
CA LYS H 93 91.67 -24.42 42.75
C LYS H 93 92.03 -25.72 42.04
N MET H 94 91.18 -26.16 41.11
CA MET H 94 91.49 -27.35 40.32
C MET H 94 91.20 -27.22 38.83
N ARG H 95 90.23 -26.41 38.40
CA ARG H 95 89.81 -26.43 37.00
C ARG H 95 89.50 -25.02 36.49
N LEU H 96 90.15 -24.01 37.03
CA LEU H 96 89.95 -22.63 36.59
C LEU H 96 90.78 -22.27 35.36
N ARG H 97 91.24 -23.27 34.61
CA ARG H 97 92.01 -23.02 33.40
C ARG H 97 91.07 -22.63 32.27
N CYS H 98 91.58 -22.67 31.04
CA CYS H 98 90.85 -22.17 29.87
C CYS H 98 89.71 -23.15 29.55
N ASN H 99 88.63 -23.03 30.32
CA ASN H 99 87.45 -23.86 30.14
C ASN H 99 86.17 -23.01 30.18
N GLY H 100 86.26 -21.78 29.69
CA GLY H 100 85.11 -20.89 29.70
C GLY H 100 84.65 -20.49 31.08
N ASP H 101 85.57 -20.38 32.04
CA ASP H 101 85.26 -20.05 33.43
C ASP H 101 85.79 -18.65 33.72
N ASN H 102 84.92 -17.66 33.60
CA ASN H 102 85.29 -16.26 33.81
C ASN H 102 85.37 -15.97 35.30
N ASP H 103 86.59 -15.78 35.82
CA ASP H 103 86.79 -15.42 37.22
C ASP H 103 87.42 -14.05 37.37
N CYS H 104 88.56 -13.79 36.73
CA CYS H 104 89.31 -12.56 36.95
C CYS H 104 88.86 -11.44 36.04
N GLY H 105 88.98 -11.64 34.72
CA GLY H 105 88.58 -10.65 33.75
C GLY H 105 87.88 -11.30 32.56
N ASP H 106 87.48 -10.46 31.61
CA ASP H 106 86.85 -10.96 30.40
C ASP H 106 87.80 -11.88 29.64
N PHE H 107 89.02 -11.42 29.40
CA PHE H 107 90.06 -12.23 28.77
C PHE H 107 91.29 -12.36 29.66
N SER H 108 91.22 -11.94 30.92
CA SER H 108 92.37 -12.06 31.82
C SER H 108 92.66 -13.52 32.12
N ASP H 109 91.66 -14.26 32.60
CA ASP H 109 91.84 -15.70 32.83
C ASP H 109 92.01 -16.44 31.51
N GLU H 110 91.40 -15.93 30.44
CA GLU H 110 91.53 -16.50 29.10
C GLU H 110 92.68 -15.87 28.31
N ASP H 111 93.71 -15.39 29.01
CA ASP H 111 94.83 -14.70 28.35
C ASP H 111 95.43 -15.56 27.24
N ASP H 112 95.86 -16.77 27.58
CA ASP H 112 96.48 -17.66 26.61
C ASP H 112 95.91 -19.05 26.78
N CYS H 113 95.52 -19.67 25.67
CA CYS H 113 94.92 -21.01 25.67
C CYS H 113 95.65 -21.85 24.64
N GLU H 114 96.51 -22.77 25.12
CA GLU H 114 97.20 -23.67 24.21
C GLU H 114 96.31 -24.84 23.80
N SER H 115 95.52 -25.37 24.73
CA SER H 115 94.59 -26.45 24.43
C SER H 115 93.34 -25.89 23.74
N GLU H 116 92.50 -26.80 23.28
CA GLU H 116 91.27 -26.42 22.61
C GLU H 116 90.32 -25.74 23.60
N PRO H 117 89.54 -24.77 23.14
CA PRO H 117 88.57 -24.11 24.03
C PRO H 117 87.40 -25.01 24.37
N ARG H 118 87.64 -26.00 25.22
CA ARG H 118 86.59 -26.95 25.61
C ARG H 118 85.47 -26.23 26.36
N PRO H 119 84.23 -26.31 25.89
CA PRO H 119 83.15 -25.68 26.62
C PRO H 119 82.83 -26.45 27.88
N PRO H 120 82.46 -25.77 28.97
CA PRO H 120 82.16 -26.46 30.22
C PRO H 120 80.80 -27.14 30.19
N CYS H 121 79.88 -26.59 29.40
CA CYS H 121 78.52 -27.12 29.32
C CYS H 121 78.02 -26.97 27.89
N ARG H 122 77.35 -28.01 27.39
CA ARG H 122 76.86 -28.03 26.03
C ARG H 122 75.44 -27.50 25.89
N ASP H 123 74.59 -27.70 26.90
CA ASP H 123 73.21 -27.26 26.83
C ASP H 123 73.12 -25.75 26.81
N ARG H 124 72.06 -25.24 26.21
CA ARG H 124 71.83 -23.80 26.10
C ARG H 124 71.21 -23.30 27.39
N VAL H 125 71.99 -22.58 28.19
CA VAL H 125 71.54 -22.02 29.46
C VAL H 125 71.80 -20.52 29.41
N VAL H 126 70.74 -19.72 29.42
CA VAL H 126 70.86 -18.28 29.33
C VAL H 126 71.40 -17.73 30.64
N GLU H 127 72.28 -16.73 30.54
CA GLU H 127 72.85 -16.10 31.73
C GLU H 127 71.77 -15.40 32.53
N GLU H 128 72.02 -15.27 33.84
CA GLU H 128 71.07 -14.67 34.76
C GLU H 128 71.02 -13.16 34.51
N SER H 129 69.99 -12.72 33.78
CA SER H 129 69.86 -11.33 33.37
C SER H 129 68.96 -10.58 34.34
N GLU H 130 69.53 -9.61 35.04
CA GLU H 130 68.81 -8.67 35.92
C GLU H 130 68.13 -9.37 37.10
N LEU H 131 68.34 -10.67 37.26
CA LEU H 131 67.74 -11.44 38.34
C LEU H 131 68.66 -11.39 39.56
N ALA H 132 68.46 -12.27 40.53
CA ALA H 132 69.17 -12.26 41.81
C ALA H 132 70.67 -12.45 41.67
N ARG H 133 71.18 -12.52 40.44
CA ARG H 133 72.61 -12.60 40.15
C ARG H 133 73.42 -11.65 41.03
N THR H 134 72.91 -10.44 41.25
CA THR H 134 73.51 -9.49 42.18
C THR H 134 72.89 -9.71 43.55
N ALA H 135 73.36 -10.75 44.23
CA ALA H 135 72.80 -11.20 45.48
C ALA H 135 73.44 -10.56 46.71
N GLY H 136 74.46 -9.73 46.52
CA GLY H 136 75.12 -9.07 47.63
C GLY H 136 74.40 -7.78 48.00
N TYR H 137 74.16 -7.59 49.29
CA TYR H 137 73.46 -6.41 49.78
C TYR H 137 74.03 -6.01 51.13
N GLY H 138 74.33 -4.72 51.29
CA GLY H 138 75.00 -4.20 52.46
C GLY H 138 74.16 -3.30 53.32
N ILE H 139 72.91 -3.68 53.58
CA ILE H 139 71.97 -2.84 54.30
C ILE H 139 72.58 -2.34 55.61
N ASN H 140 72.32 -1.07 55.92
CA ASN H 140 72.76 -0.45 57.17
C ASN H 140 71.59 -0.48 58.14
N ILE H 141 71.79 -1.14 59.29
CA ILE H 141 70.74 -1.20 60.31
C ILE H 141 70.40 0.19 60.82
N LEU H 142 71.39 1.08 60.89
CA LEU H 142 71.16 2.46 61.27
C LEU H 142 70.91 3.37 60.07
N GLY H 143 71.09 2.87 58.85
CA GLY H 143 70.98 3.70 57.67
C GLY H 143 69.69 3.55 56.89
N MET H 144 69.75 2.91 55.73
CA MET H 144 68.64 2.88 54.78
C MET H 144 68.70 1.57 54.02
N ASP H 145 68.02 1.53 52.86
CA ASP H 145 67.84 0.37 52.00
C ASP H 145 69.16 -0.34 51.69
N PRO H 146 69.13 -1.62 51.32
CA PRO H 146 70.38 -2.37 51.11
C PRO H 146 71.28 -1.75 50.06
N LEU H 147 72.56 -2.14 50.12
CA LEU H 147 73.60 -1.65 49.25
C LEU H 147 73.79 -2.62 48.09
N SER H 148 74.83 -2.39 47.29
CA SER H 148 75.15 -3.27 46.17
C SER H 148 75.92 -4.49 46.69
N THR H 149 76.47 -5.28 45.78
CA THR H 149 77.19 -6.48 46.17
C THR H 149 78.61 -6.14 46.62
N PRO H 150 79.02 -6.55 47.81
CA PRO H 150 80.41 -6.34 48.25
C PRO H 150 81.39 -7.39 47.78
N PHE H 151 80.95 -8.33 46.94
CA PHE H 151 81.78 -9.45 46.52
C PHE H 151 81.47 -9.78 45.07
N ASP H 152 82.31 -10.63 44.47
CA ASP H 152 82.07 -11.10 43.11
C ASP H 152 81.02 -12.19 43.12
N ASN H 153 80.06 -12.10 42.20
CA ASN H 153 78.97 -13.06 42.13
C ASN H 153 78.84 -13.70 40.75
N GLU H 154 79.84 -13.51 39.88
CA GLU H 154 79.84 -14.10 38.55
C GLU H 154 80.67 -15.38 38.48
N PHE H 155 81.62 -15.57 39.39
CA PHE H 155 82.48 -16.74 39.37
C PHE H 155 81.68 -18.02 39.57
N TYR H 156 82.10 -19.08 38.89
CA TYR H 156 81.51 -20.40 39.05
C TYR H 156 82.64 -21.43 39.11
N ASN H 157 82.37 -22.56 39.77
CA ASN H 157 83.43 -23.52 40.06
C ASN H 157 83.57 -24.60 38.98
N GLY H 158 82.51 -25.38 38.75
CA GLY H 158 82.61 -26.53 37.88
C GLY H 158 81.47 -26.71 36.89
N LEU H 159 80.85 -27.88 36.92
CA LEU H 159 79.73 -28.17 36.03
C LEU H 159 78.53 -27.29 36.36
N CYS H 160 77.91 -26.75 35.32
CA CYS H 160 76.77 -25.86 35.49
C CYS H 160 75.67 -26.57 36.27
N ASN H 161 75.07 -25.85 37.22
CA ASN H 161 73.94 -26.35 38.00
C ASN H 161 72.67 -25.76 37.41
N ARG H 162 71.82 -26.63 36.85
CA ARG H 162 70.65 -26.16 36.13
C ARG H 162 69.66 -25.48 37.08
N ASP H 163 68.99 -24.46 36.57
CA ASP H 163 67.98 -23.69 37.28
C ASP H 163 66.69 -23.67 36.48
N ARG H 164 66.26 -24.86 36.05
CA ARG H 164 65.14 -25.01 35.12
C ARG H 164 63.85 -24.67 35.85
N ASP H 165 63.58 -23.38 35.95
CA ASP H 165 62.38 -22.88 36.62
C ASP H 165 62.17 -21.44 36.18
N GLY H 166 60.98 -20.91 36.47
CA GLY H 166 60.64 -19.55 36.12
C GLY H 166 59.29 -19.46 35.43
N ASN H 167 58.91 -18.22 35.13
CA ASN H 167 57.63 -17.97 34.47
C ASN H 167 57.60 -18.60 33.08
N THR H 168 58.57 -18.26 32.24
CA THR H 168 58.67 -18.81 30.90
C THR H 168 59.60 -20.02 30.88
N LEU H 169 59.80 -20.59 29.69
CA LEU H 169 60.68 -21.75 29.52
C LEU H 169 62.07 -21.23 29.17
N THR H 170 62.90 -21.06 30.19
CA THR H 170 64.26 -20.58 30.00
C THR H 170 65.12 -21.12 31.14
N TYR H 171 66.40 -21.34 30.82
CA TYR H 171 67.36 -21.93 31.76
C TYR H 171 68.33 -20.85 32.23
N TYR H 172 68.37 -20.62 33.53
CA TYR H 172 69.28 -19.65 34.13
C TYR H 172 70.45 -20.37 34.80
N ARG H 173 71.47 -19.58 35.15
CA ARG H 173 72.65 -20.09 35.84
C ARG H 173 72.65 -19.61 37.29
N ARG H 174 73.21 -20.45 38.16
CA ARG H 174 73.38 -20.12 39.57
C ARG H 174 74.87 -20.11 39.89
N PRO H 175 75.45 -18.99 40.33
CA PRO H 175 76.89 -18.96 40.60
C PRO H 175 77.26 -19.81 41.80
N TRP H 176 78.53 -20.19 41.85
CA TRP H 176 79.02 -21.02 42.94
C TRP H 176 78.97 -20.29 44.29
N ASN H 177 78.91 -18.96 44.27
CA ASN H 177 78.81 -18.20 45.52
C ASN H 177 77.39 -18.22 46.07
N VAL H 178 76.38 -18.24 45.20
CA VAL H 178 74.99 -18.31 45.64
C VAL H 178 74.64 -19.77 45.89
N ALA H 179 74.32 -20.09 47.15
CA ALA H 179 74.05 -21.47 47.51
C ALA H 179 72.71 -21.94 46.98
N SER H 180 71.69 -21.09 47.03
CA SER H 180 70.35 -21.48 46.62
C SER H 180 69.60 -20.27 46.09
N LEU H 181 68.66 -20.53 45.18
CA LEU H 181 67.76 -19.50 44.68
C LEU H 181 66.47 -20.16 44.24
N ILE H 182 65.34 -19.67 44.73
CA ILE H 182 64.04 -20.20 44.38
C ILE H 182 63.27 -19.13 43.60
N TYR H 183 62.33 -19.57 42.78
CA TYR H 183 61.52 -18.69 41.96
C TYR H 183 60.06 -18.64 42.42
N GLU H 184 59.83 -18.92 43.70
CA GLU H 184 58.49 -18.87 44.26
C GLU H 184 57.94 -17.45 44.21
N THR H 185 56.86 -17.26 43.47
CA THR H 185 56.24 -15.95 43.32
C THR H 185 55.10 -15.78 44.33
N LYS H 186 55.46 -15.86 45.61
CA LYS H 186 54.50 -15.70 46.68
C LYS H 186 53.93 -14.27 46.66
N GLY H 187 52.74 -14.13 47.23
CA GLY H 187 52.12 -12.82 47.33
C GLY H 187 51.00 -12.78 48.35
N GLU H 188 51.02 -11.77 49.22
CA GLU H 188 50.01 -11.64 50.26
C GLU H 188 49.65 -10.18 50.45
N LYS H 189 48.49 -9.96 51.06
CA LYS H 189 47.99 -8.62 51.35
C LYS H 189 46.99 -8.70 52.48
N ASN H 190 46.78 -7.57 53.15
CA ASN H 190 45.87 -7.53 54.29
C ASN H 190 45.00 -6.29 54.20
N PHE H 191 43.92 -6.30 54.98
CA PHE H 191 43.00 -5.17 55.06
C PHE H 191 42.45 -5.07 56.48
N ARG H 192 42.34 -3.85 56.98
CA ARG H 192 41.82 -3.63 58.33
C ARG H 192 41.05 -2.32 58.34
N THR H 193 40.16 -2.18 59.33
CA THR H 193 39.43 -0.96 59.59
C THR H 193 38.76 -1.08 60.96
N GLU H 194 38.47 0.07 61.56
CA GLU H 194 37.81 0.09 62.86
C GLU H 194 37.09 1.43 63.00
N HIS H 195 36.20 1.49 63.98
CA HIS H 195 35.42 2.70 64.24
C HIS H 195 35.24 2.89 65.74
N TYR H 196 35.41 4.13 66.19
CA TYR H 196 35.19 4.51 67.57
C TYR H 196 34.12 5.59 67.63
N GLU H 197 33.33 5.58 68.70
CA GLU H 197 32.26 6.54 68.87
C GLU H 197 32.11 6.89 70.34
N GLU H 198 31.91 8.18 70.62
CA GLU H 198 31.70 8.67 71.97
C GLU H 198 30.68 9.80 71.94
N GLN H 199 29.77 9.79 72.90
CA GLN H 199 28.71 10.79 72.97
C GLN H 199 28.30 10.98 74.43
N ILE H 200 27.98 12.22 74.78
CA ILE H 200 27.51 12.53 76.12
C ILE H 200 26.60 13.76 76.05
N GLU H 201 25.53 13.74 76.83
CA GLU H 201 24.56 14.83 76.86
C GLU H 201 24.07 15.02 78.29
N ALA H 202 23.84 16.28 78.67
CA ALA H 202 23.37 16.60 80.01
C ALA H 202 22.49 17.84 79.96
N PHE H 203 21.28 17.74 80.51
CA PHE H 203 20.35 18.85 80.59
C PHE H 203 20.03 19.13 82.06
N LYS H 204 19.92 20.42 82.40
CA LYS H 204 19.61 20.84 83.76
C LYS H 204 18.67 22.04 83.73
N SER H 205 17.76 22.09 84.70
CA SER H 205 16.81 23.19 84.79
C SER H 205 16.44 23.42 86.26
N ILE H 206 16.46 24.67 86.68
CA ILE H 206 16.14 25.05 88.06
C ILE H 206 15.25 26.28 88.02
N ILE H 207 14.17 26.27 88.81
CA ILE H 207 13.21 27.36 88.86
C ILE H 207 12.84 27.63 90.32
N GLN H 208 12.60 28.89 90.65
CA GLN H 208 12.24 29.30 92.00
C GLN H 208 11.13 30.33 91.94
N GLU H 209 10.32 30.38 92.99
CA GLU H 209 9.22 31.33 93.09
C GLU H 209 8.90 31.58 94.56
N LYS H 210 8.63 32.84 94.89
CA LYS H 210 8.28 33.22 96.24
C LYS H 210 7.31 34.39 96.20
N THR H 211 6.36 34.40 97.14
CA THR H 211 5.35 35.44 97.22
C THR H 211 5.13 35.84 98.67
N SER H 212 4.91 37.13 98.90
CA SER H 212 4.70 37.65 100.24
C SER H 212 3.66 38.77 100.18
N ASN H 213 2.72 38.75 101.12
CA ASN H 213 1.63 39.71 101.15
C ASN H 213 1.26 40.00 102.59
N PHE H 214 1.24 41.29 102.96
CA PHE H 214 0.92 41.70 104.33
C PHE H 214 0.11 42.98 104.29
N ASN H 215 -1.02 42.98 105.00
CA ASN H 215 -1.85 44.17 105.18
C ASN H 215 -2.12 44.35 106.66
N ALA H 216 -2.07 45.60 107.12
CA ALA H 216 -2.17 45.94 108.54
C ALA H 216 -3.23 47.00 108.76
N ALA H 217 -4.42 46.79 108.20
CA ALA H 217 -5.51 47.73 108.37
C ALA H 217 -5.98 47.75 109.82
N ILE H 218 -6.23 48.96 110.33
CA ILE H 218 -6.65 49.16 111.72
C ILE H 218 -7.46 50.44 111.79
N SER H 219 -8.58 50.39 112.52
CA SER H 219 -9.48 51.52 112.65
C SER H 219 -9.55 51.97 114.11
N LEU H 220 -9.71 53.28 114.30
CA LEU H 220 -9.79 53.88 115.62
C LEU H 220 -10.95 54.87 115.66
N LYS H 221 -11.74 54.80 116.73
CA LYS H 221 -12.89 55.69 116.89
C LYS H 221 -13.09 55.97 118.37
N PHE H 222 -13.44 57.23 118.68
CA PHE H 222 -13.68 57.64 120.05
C PHE H 222 -14.76 58.71 120.03
N THR H 223 -15.95 58.37 120.53
CA THR H 223 -17.08 59.30 120.56
C THR H 223 -17.94 58.97 121.77
N PRO H 224 -17.67 59.60 122.92
CA PRO H 224 -18.46 59.36 124.13
C PRO H 224 -19.82 60.05 124.09
N SER H 242 -19.89 68.51 122.67
CA SER H 242 -19.79 67.71 121.46
C SER H 242 -18.37 67.19 121.27
N LEU H 243 -18.23 65.87 121.13
CA LEU H 243 -16.93 65.23 120.94
C LEU H 243 -17.10 64.08 119.96
N HIS H 244 -16.20 64.01 118.98
CA HIS H 244 -16.29 62.99 117.94
C HIS H 244 -14.89 62.59 117.50
N GLY H 245 -14.77 61.36 117.01
CA GLY H 245 -13.50 60.85 116.53
C GLY H 245 -13.64 59.89 115.36
N LYS H 246 -12.73 60.00 114.40
CA LYS H 246 -12.74 59.15 113.22
C LYS H 246 -11.31 58.76 112.87
N GLY H 247 -11.12 57.48 112.54
CA GLY H 247 -9.81 56.99 112.16
C GLY H 247 -9.85 55.64 111.47
N SER H 248 -9.03 55.48 110.43
CA SER H 248 -8.98 54.21 109.69
C SER H 248 -7.64 54.13 108.98
N PHE H 249 -6.87 53.08 109.24
CA PHE H 249 -5.56 52.89 108.63
C PHE H 249 -5.62 51.73 107.66
N ARG H 250 -4.77 51.77 106.63
CA ARG H 250 -4.68 50.71 105.65
C ARG H 250 -3.21 50.47 105.31
N PHE H 251 -2.91 49.25 104.86
CA PHE H 251 -1.56 48.87 104.48
C PHE H 251 -1.62 47.92 103.30
N SER H 252 -0.57 47.93 102.49
CA SER H 252 -0.50 47.09 101.30
C SER H 252 0.93 46.66 101.07
N TYR H 253 1.11 45.38 100.73
CA TYR H 253 2.43 44.82 100.46
C TYR H 253 2.30 43.69 99.45
N SER H 254 3.26 43.63 98.53
CA SER H 254 3.30 42.57 97.53
C SER H 254 4.75 42.31 97.15
N LYS H 255 5.07 41.04 96.92
CA LYS H 255 6.44 40.68 96.60
C LYS H 255 6.48 39.38 95.79
N ASN H 256 7.19 39.40 94.67
CA ASN H 256 7.47 38.21 93.88
C ASN H 256 8.92 38.25 93.42
N GLU H 257 9.64 37.17 93.65
CA GLU H 257 11.04 37.02 93.20
C GLU H 257 11.19 35.65 92.54
N THR H 258 11.13 35.63 91.22
CA THR H 258 11.19 34.39 90.45
C THR H 258 12.59 34.20 89.90
N TYR H 259 13.13 32.99 90.08
CA TYR H 259 14.43 32.62 89.58
C TYR H 259 14.29 31.50 88.57
N GLN H 260 15.17 31.50 87.57
CA GLN H 260 15.16 30.47 86.54
C GLN H 260 16.58 30.14 86.13
N LEU H 261 16.85 28.85 85.94
CA LEU H 261 18.17 28.38 85.56
C LEU H 261 18.03 27.29 84.51
N PHE H 262 18.95 27.28 83.56
CA PHE H 262 18.97 26.27 82.50
C PHE H 262 20.42 25.97 82.15
N LEU H 263 20.73 24.69 81.98
CA LEU H 263 22.09 24.25 81.70
C LEU H 263 22.04 23.07 80.74
N SER H 264 22.96 23.06 79.78
CA SER H 264 23.01 22.00 78.78
C SER H 264 24.46 21.73 78.40
N TYR H 265 24.74 20.47 78.08
CA TYR H 265 26.08 20.04 77.71
C TYR H 265 25.96 18.89 76.71
N SER H 266 26.84 18.90 75.71
CA SER H 266 26.84 17.87 74.68
C SER H 266 28.23 17.75 74.08
N SER H 267 28.67 16.52 73.82
CA SER H 267 29.97 16.28 73.23
C SER H 267 29.93 14.98 72.44
N LYS H 268 30.60 14.97 71.29
CA LYS H 268 30.65 13.80 70.42
C LYS H 268 32.07 13.61 69.92
N LYS H 269 32.53 12.36 69.89
CA LYS H 269 33.87 12.02 69.42
C LYS H 269 33.82 10.77 68.57
N GLU H 270 34.61 10.76 67.50
CA GLU H 270 34.70 9.63 66.59
C GLU H 270 36.14 9.44 66.15
N LYS H 271 36.55 8.19 65.99
CA LYS H 271 37.93 7.89 65.61
C LYS H 271 37.94 6.66 64.72
N MET H 272 38.78 6.70 63.68
CA MET H 272 38.95 5.59 62.76
C MET H 272 40.42 5.46 62.41
N PHE H 273 40.99 4.27 62.64
CA PHE H 273 42.37 3.97 62.32
C PHE H 273 42.44 2.65 61.58
N LEU H 274 43.23 2.61 60.51
CA LEU H 274 43.35 1.40 59.71
C LEU H 274 44.65 1.43 58.93
N HIS H 275 45.21 0.25 58.69
CA HIS H 275 46.43 0.12 57.92
C HIS H 275 46.36 -1.16 57.09
N VAL H 276 46.84 -1.08 55.86
CA VAL H 276 46.85 -2.22 54.95
C VAL H 276 48.23 -2.28 54.30
N LYS H 277 48.60 -3.48 53.85
CA LYS H 277 49.89 -3.67 53.20
C LYS H 277 49.81 -4.90 52.30
N GLY H 278 50.56 -4.85 51.21
CA GLY H 278 50.63 -5.97 50.28
C GLY H 278 51.98 -6.03 49.61
N GLU H 279 52.46 -7.24 49.38
CA GLU H 279 53.77 -7.47 48.78
C GLU H 279 53.64 -8.48 47.65
N ILE H 280 54.40 -8.23 46.58
CA ILE H 280 54.48 -9.14 45.44
C ILE H 280 55.89 -9.69 45.41
N HIS H 281 56.07 -10.90 45.94
CA HIS H 281 57.38 -11.54 45.99
C HIS H 281 57.72 -12.17 44.65
N LEU H 282 58.99 -12.08 44.27
CA LEU H 282 59.48 -12.61 43.00
C LEU H 282 60.36 -13.84 43.18
N GLY H 283 61.43 -13.72 43.97
CA GLY H 283 62.32 -14.84 44.18
C GLY H 283 63.10 -14.67 45.46
N ARG H 284 63.62 -15.78 45.96
CA ARG H 284 64.34 -15.81 47.22
C ARG H 284 65.64 -16.60 47.05
N PHE H 285 66.69 -16.12 47.71
CA PHE H 285 68.00 -16.73 47.61
C PHE H 285 68.63 -16.78 49.00
N VAL H 286 69.61 -17.68 49.15
CA VAL H 286 70.36 -17.82 50.40
C VAL H 286 71.83 -17.88 50.02
N MET H 287 72.59 -16.87 50.42
CA MET H 287 74.01 -16.82 50.12
C MET H 287 74.77 -17.88 50.92
N ARG H 288 75.72 -18.53 50.25
CA ARG H 288 76.58 -19.49 50.93
C ARG H 288 77.43 -18.79 51.98
N ASN H 289 77.44 -19.33 53.19
CA ASN H 289 78.08 -18.65 54.31
C ASN H 289 79.60 -18.73 54.20
N ARG H 290 80.15 -19.95 54.13
CA ARG H 290 81.59 -20.15 54.04
C ARG H 290 81.96 -20.68 52.66
N ASP H 291 83.27 -20.77 52.41
CA ASP H 291 83.80 -21.13 51.10
C ASP H 291 83.30 -20.16 50.03
N VAL H 292 83.56 -18.88 50.27
CA VAL H 292 83.01 -17.78 49.49
C VAL H 292 84.15 -17.12 48.72
N VAL H 293 83.88 -16.77 47.47
CA VAL H 293 84.81 -16.01 46.65
C VAL H 293 84.44 -14.53 46.73
N LEU H 294 85.46 -13.67 46.62
CA LEU H 294 85.28 -12.24 46.79
C LEU H 294 85.77 -11.51 45.55
N THR H 295 85.30 -10.26 45.41
CA THR H 295 85.68 -9.45 44.26
C THR H 295 87.07 -8.84 44.48
N THR H 296 87.70 -8.44 43.37
CA THR H 296 89.06 -7.92 43.43
C THR H 296 89.14 -6.64 44.25
N THR H 297 88.12 -5.79 44.19
CA THR H 297 88.16 -4.53 44.93
C THR H 297 88.07 -4.77 46.43
N PHE H 298 87.14 -5.64 46.86
CA PHE H 298 87.02 -5.94 48.27
C PHE H 298 88.26 -6.66 48.80
N VAL H 299 88.84 -7.57 47.99
CA VAL H 299 90.06 -8.24 48.38
C VAL H 299 91.21 -7.25 48.54
N ASP H 300 91.32 -6.30 47.61
CA ASP H 300 92.36 -5.28 47.71
C ASP H 300 92.15 -4.40 48.93
N ASP H 301 90.89 -4.09 49.25
CA ASP H 301 90.60 -3.27 50.43
C ASP H 301 90.96 -4.00 51.71
N ILE H 302 90.66 -5.31 51.78
CA ILE H 302 90.99 -6.08 52.97
C ILE H 302 92.50 -6.28 53.08
N LYS H 303 93.19 -6.39 51.95
CA LYS H 303 94.64 -6.53 51.99
C LYS H 303 95.29 -5.23 52.46
N ALA H 304 94.84 -4.09 51.93
CA ALA H 304 95.31 -2.78 52.39
C ALA H 304 94.41 -2.29 53.53
N LEU H 305 94.58 -2.94 54.68
CA LEU H 305 93.77 -2.69 55.86
C LEU H 305 94.66 -2.76 57.09
N PRO H 306 94.51 -1.82 58.03
CA PRO H 306 95.37 -1.82 59.22
C PRO H 306 95.06 -2.97 60.16
N THR H 307 95.86 -3.08 61.24
CA THR H 307 95.68 -4.16 62.19
C THR H 307 95.84 -3.69 63.64
N THR H 308 95.86 -2.38 63.88
CA THR H 308 96.04 -1.82 65.22
C THR H 308 94.81 -1.06 65.68
N TYR H 309 93.63 -1.54 65.27
CA TYR H 309 92.34 -0.94 65.65
C TYR H 309 92.28 0.53 65.22
N GLU H 310 92.31 0.73 63.91
CA GLU H 310 92.16 2.07 63.32
C GLU H 310 90.68 2.34 63.12
N LYS H 311 90.04 2.91 64.15
CA LYS H 311 88.63 3.25 64.05
C LYS H 311 88.35 4.24 62.93
N GLY H 312 89.31 5.11 62.62
CA GLY H 312 89.10 6.10 61.58
C GLY H 312 88.88 5.46 60.22
N GLU H 313 89.81 4.61 59.80
CA GLU H 313 89.66 3.94 58.51
C GLU H 313 88.54 2.88 58.56
N TYR H 314 88.34 2.26 59.72
CA TYR H 314 87.27 1.27 59.83
C TYR H 314 85.90 1.91 59.71
N PHE H 315 85.73 3.12 60.26
CA PHE H 315 84.47 3.82 60.10
C PHE H 315 84.21 4.19 58.64
N ALA H 316 85.26 4.51 57.90
CA ALA H 316 85.11 4.79 56.47
C ALA H 316 84.74 3.52 55.71
N PHE H 317 85.45 2.42 55.98
CA PHE H 317 85.14 1.14 55.34
C PHE H 317 83.71 0.70 55.66
N LEU H 318 83.23 1.01 56.86
CA LEU H 318 81.88 0.62 57.25
C LEU H 318 80.84 1.34 56.42
N GLU H 319 80.98 2.66 56.26
CA GLU H 319 80.07 3.42 55.41
C GLU H 319 80.23 3.03 53.94
N THR H 320 81.42 2.58 53.55
CA THR H 320 81.66 2.25 52.15
C THR H 320 81.01 0.92 51.76
N TYR H 321 81.16 -0.11 52.60
CA TYR H 321 80.69 -1.44 52.27
C TYR H 321 79.64 -1.93 53.26
N GLY H 322 78.86 -1.02 53.84
CA GLY H 322 77.78 -1.41 54.72
C GLY H 322 78.27 -1.92 56.06
N THR H 323 77.34 -2.15 57.00
CA THR H 323 77.69 -2.68 58.32
C THR H 323 77.67 -4.20 58.35
N HIS H 324 76.67 -4.82 57.73
CA HIS H 324 76.55 -6.26 57.68
C HIS H 324 75.80 -6.65 56.42
N TYR H 325 76.24 -7.75 55.79
CA TYR H 325 75.68 -8.15 54.51
C TYR H 325 74.44 -9.01 54.69
N SER H 326 73.83 -9.40 53.58
CA SER H 326 72.60 -10.19 53.58
C SER H 326 72.93 -11.65 53.39
N SER H 327 72.55 -12.47 54.37
CA SER H 327 72.68 -13.92 54.21
C SER H 327 71.63 -14.47 53.27
N SER H 328 70.44 -13.86 53.25
CA SER H 328 69.36 -14.29 52.38
C SER H 328 68.44 -13.11 52.12
N GLY H 329 68.02 -12.95 50.86
CA GLY H 329 67.14 -11.86 50.50
C GLY H 329 65.80 -12.32 49.95
N SER H 330 65.00 -11.37 49.45
CA SER H 330 63.69 -11.69 48.90
C SER H 330 63.38 -10.67 47.81
N LEU H 331 63.60 -11.06 46.55
CA LEU H 331 63.33 -10.17 45.44
C LEU H 331 61.84 -10.01 45.21
N GLY H 332 61.44 -8.81 44.79
CA GLY H 332 60.03 -8.53 44.56
C GLY H 332 59.67 -7.08 44.77
N GLY H 333 58.68 -6.83 45.63
CA GLY H 333 58.25 -5.47 45.94
C GLY H 333 57.02 -5.44 46.82
N LEU H 334 56.85 -4.38 47.60
CA LEU H 334 55.73 -4.23 48.50
C LEU H 334 55.12 -2.84 48.37
N TYR H 335 53.83 -2.75 48.70
CA TYR H 335 53.11 -1.50 48.68
C TYR H 335 52.14 -1.45 49.85
N GLU H 336 51.87 -0.26 50.36
CA GLU H 336 50.97 -0.10 51.48
C GLU H 336 50.43 1.33 51.51
N LEU H 337 49.18 1.46 51.94
CA LEU H 337 48.54 2.77 52.10
C LEU H 337 47.79 2.80 53.42
N ILE H 338 47.82 3.95 54.09
CA ILE H 338 47.23 4.13 55.41
C ILE H 338 46.52 5.47 55.45
N TYR H 339 45.32 5.50 56.02
CA TYR H 339 44.60 6.75 56.25
C TYR H 339 43.86 6.65 57.58
N VAL H 340 43.88 7.75 58.33
CA VAL H 340 43.36 7.79 59.69
C VAL H 340 42.27 8.85 59.78
N LEU H 341 41.32 8.64 60.69
CA LEU H 341 40.21 9.56 60.90
C LEU H 341 40.01 9.76 62.39
N ASP H 342 39.78 11.02 62.78
CA ASP H 342 39.55 11.36 64.18
C ASP H 342 38.62 12.56 64.24
N LYS H 343 37.62 12.48 65.13
CA LYS H 343 36.62 13.53 65.26
C LYS H 343 36.40 13.85 66.73
N ALA H 344 36.15 15.13 67.02
CA ALA H 344 35.90 15.58 68.38
C ALA H 344 34.97 16.78 68.34
N SER H 345 34.01 16.82 69.26
CA SER H 345 33.05 17.90 69.33
C SER H 345 32.66 18.16 70.79
N MET H 346 32.36 19.42 71.09
CA MET H 346 31.97 19.80 72.43
C MET H 346 30.95 20.94 72.36
N LYS H 347 29.92 20.85 73.19
CA LYS H 347 28.87 21.86 73.27
C LYS H 347 28.47 22.04 74.73
N ARG H 348 28.28 23.29 75.13
CA ARG H 348 27.90 23.63 76.51
C ARG H 348 26.98 24.83 76.49
N LYS H 349 25.84 24.72 77.15
CA LYS H 349 24.83 25.77 77.16
C LYS H 349 24.37 26.06 78.59
N GLY H 350 24.21 27.33 78.89
CA GLY H 350 23.71 27.76 80.19
C GLY H 350 22.86 29.01 80.09
N VAL H 351 21.66 28.97 80.65
CA VAL H 351 20.71 30.09 80.58
C VAL H 351 20.25 30.41 82.00
N GLU H 352 20.30 31.70 82.35
CA GLU H 352 19.90 32.17 83.67
C GLU H 352 18.95 33.34 83.52
N LEU H 353 17.82 33.28 84.20
CA LEU H 353 16.83 34.36 84.22
C LEU H 353 16.47 34.67 85.65
N LYS H 354 16.49 35.96 86.01
CA LYS H 354 16.20 36.39 87.37
C LYS H 354 15.24 37.58 87.32
N ASP H 355 14.10 37.43 88.00
CA ASP H 355 13.10 38.49 88.07
C ASP H 355 12.62 38.63 89.50
N ILE H 356 12.69 39.84 90.04
CA ILE H 356 12.23 40.14 91.38
C ILE H 356 11.28 41.34 91.31
N LYS H 357 10.11 41.21 91.93
CA LYS H 357 9.12 42.28 91.97
C LYS H 357 8.62 42.48 93.39
N ARG H 358 8.47 43.74 93.78
CA ARG H 358 8.00 44.11 95.11
C ARG H 358 7.09 45.32 95.01
N CYS H 359 6.10 45.37 95.90
CA CYS H 359 5.15 46.48 95.95
C CYS H 359 4.85 46.84 97.39
N LEU H 360 4.71 48.14 97.65
CA LEU H 360 4.43 48.65 98.99
C LEU H 360 3.38 49.73 98.91
N GLY H 361 2.46 49.74 99.86
CA GLY H 361 1.39 50.73 99.90
C GLY H 361 0.95 50.99 101.32
N TYR H 362 0.54 52.23 101.58
CA TYR H 362 0.08 52.64 102.90
C TYR H 362 -0.97 53.72 102.75
N HIS H 363 -1.99 53.66 103.60
CA HIS H 363 -3.08 54.62 103.59
C HIS H 363 -3.35 55.12 104.99
N LEU H 364 -3.62 56.43 105.10
CA LEU H 364 -3.91 57.07 106.38
C LEU H 364 -5.11 57.99 106.21
N ASP H 365 -6.02 57.97 107.18
CA ASP H 365 -7.18 58.85 107.15
C ASP H 365 -7.62 59.10 108.58
N VAL H 366 -7.53 60.35 109.02
CA VAL H 366 -7.94 60.77 110.37
C VAL H 366 -8.76 62.04 110.24
N SER H 367 -9.95 62.03 110.83
CA SER H 367 -10.86 63.17 110.76
C SER H 367 -11.46 63.41 112.13
N LEU H 368 -11.61 64.69 112.47
CA LEU H 368 -12.20 65.10 113.74
C LEU H 368 -13.18 66.24 113.49
N ALA H 369 -14.41 66.08 113.99
CA ALA H 369 -15.47 67.07 113.83
C ALA H 369 -16.11 67.29 115.20
N PHE H 370 -15.56 68.26 115.93
CA PHE H 370 -16.05 68.74 117.24
C PHE H 370 -17.19 69.73 116.98
N SER H 371 -17.90 70.16 118.03
CA SER H 371 -19.03 71.10 117.82
C SER H 371 -18.48 72.40 117.19
N GLU H 372 -17.35 72.91 117.69
CA GLU H 372 -16.75 74.16 117.15
C GLU H 372 -15.37 73.91 116.52
N ILE H 373 -14.94 72.66 116.42
CA ILE H 373 -13.58 72.37 115.86
C ILE H 373 -13.64 71.29 114.77
N SER H 374 -12.79 71.43 113.74
CA SER H 374 -12.70 70.47 112.65
C SER H 374 -11.23 70.19 112.37
N VAL H 375 -10.88 68.91 112.29
CA VAL H 375 -9.51 68.48 112.02
C VAL H 375 -9.55 67.34 111.01
N GLY H 376 -8.67 67.41 110.02
CA GLY H 376 -8.59 66.39 108.99
C GLY H 376 -7.15 65.98 108.74
N ALA H 377 -6.99 64.74 108.28
CA ALA H 377 -5.66 64.21 107.98
C ALA H 377 -5.81 63.02 107.04
N GLU H 378 -5.01 63.00 105.99
CA GLU H 378 -5.02 61.88 105.04
C GLU H 378 -3.66 61.78 104.38
N PHE H 379 -2.96 60.67 104.62
CA PHE H 379 -1.67 60.39 104.02
C PHE H 379 -1.76 59.09 103.25
N ASN H 380 -1.17 59.05 102.06
CA ASN H 380 -1.18 57.87 101.21
C ASN H 380 0.20 57.64 100.63
N LYS H 381 0.66 56.39 100.68
CA LYS H 381 1.98 56.02 100.21
C LYS H 381 1.87 54.86 99.23
N ASP H 382 2.69 54.90 98.18
CA ASP H 382 2.70 53.86 97.15
C ASP H 382 4.14 53.63 96.71
N ASP H 383 4.49 52.35 96.50
CA ASP H 383 5.84 51.99 96.10
C ASP H 383 5.79 50.72 95.27
N CYS H 384 6.68 50.64 94.28
CA CYS H 384 6.79 49.49 93.40
C CYS H 384 8.25 49.23 93.09
N VAL H 385 8.63 47.95 93.03
CA VAL H 385 10.00 47.55 92.76
C VAL H 385 9.98 46.41 91.75
N LYS H 386 10.90 46.46 90.79
CA LYS H 386 11.05 45.41 89.80
C LYS H 386 12.53 45.22 89.47
N ARG H 387 12.94 43.97 89.33
CA ARG H 387 14.33 43.63 89.03
C ARG H 387 14.37 42.62 87.90
N GLY H 388 15.34 42.77 87.01
CA GLY H 388 15.49 41.86 85.89
C GLY H 388 16.93 41.52 85.59
N GLU H 389 17.19 40.25 85.27
CA GLU H 389 18.55 39.79 84.96
C GLU H 389 18.47 38.62 84.00
N GLY H 390 19.29 38.66 82.96
CA GLY H 390 19.35 37.58 81.98
C GLY H 390 20.78 37.20 81.67
N ARG H 391 21.00 35.90 81.52
CA ARG H 391 22.33 35.37 81.23
C ARG H 391 22.21 34.18 80.29
N ALA H 392 23.10 34.12 79.30
CA ALA H 392 23.13 33.03 78.34
C ALA H 392 24.56 32.57 78.14
N VAL H 393 24.73 31.26 77.92
CA VAL H 393 26.02 30.65 77.66
C VAL H 393 25.86 29.73 76.46
N ASN H 394 26.65 29.98 75.42
CA ASN H 394 26.57 29.23 74.17
C ASN H 394 27.99 29.07 73.63
N ILE H 395 28.56 27.87 73.76
CA ILE H 395 29.95 27.62 73.39
C ILE H 395 30.03 26.26 72.71
N THR H 396 30.40 26.25 71.43
CA THR H 396 30.57 25.04 70.66
C THR H 396 32.01 24.93 70.17
N SER H 397 32.57 23.72 70.27
CA SER H 397 33.94 23.46 69.83
C SER H 397 33.99 22.12 69.12
N GLU H 398 34.66 22.08 67.98
CA GLU H 398 34.79 20.85 67.19
C GLU H 398 36.21 20.75 66.64
N ASN H 399 36.76 19.54 66.68
CA ASN H 399 38.11 19.28 66.21
C ASN H 399 38.13 18.04 65.34
N LEU H 400 38.92 18.08 64.27
CA LEU H 400 39.07 16.96 63.34
C LEU H 400 40.55 16.71 63.10
N ILE H 401 40.91 15.43 62.96
CA ILE H 401 42.30 15.03 62.75
C ILE H 401 42.32 13.94 61.68
N ASP H 402 43.21 14.08 60.69
CA ASP H 402 43.36 13.11 59.63
C ASP H 402 44.82 12.95 59.27
N ASP H 403 45.25 11.69 59.13
CA ASP H 403 46.61 11.37 58.71
C ASP H 403 46.55 10.29 57.64
N VAL H 404 47.17 10.54 56.50
CA VAL H 404 47.18 9.62 55.37
C VAL H 404 48.62 9.44 54.91
N VAL H 405 49.06 8.19 54.77
CA VAL H 405 50.38 7.87 54.25
C VAL H 405 50.28 6.66 53.34
N SER H 406 51.19 6.61 52.37
CA SER H 406 51.21 5.51 51.39
C SER H 406 52.58 5.47 50.74
N LEU H 407 52.93 4.29 50.23
CA LEU H 407 54.22 4.11 49.59
C LEU H 407 54.15 2.92 48.62
N ILE H 408 55.08 2.89 47.68
CA ILE H 408 55.16 1.82 46.70
C ILE H 408 56.58 1.80 46.13
N ARG H 409 57.01 0.65 45.63
CA ARG H 409 58.35 0.50 45.08
C ARG H 409 58.39 -0.75 44.21
N GLY H 410 59.33 -0.75 43.27
CA GLY H 410 59.58 -1.89 42.42
C GLY H 410 59.03 -1.71 41.01
N GLY H 411 59.56 -2.52 40.10
CA GLY H 411 59.10 -2.51 38.72
C GLY H 411 59.61 -1.31 37.93
N THR H 412 59.21 -1.28 36.66
CA THR H 412 59.51 -0.13 35.83
C THR H 412 58.73 1.08 36.31
N ARG H 413 59.23 2.27 35.96
CA ARG H 413 58.61 3.50 36.48
C ARG H 413 57.27 3.78 35.83
N LYS H 414 57.06 3.30 34.60
CA LYS H 414 55.78 3.53 33.93
C LYS H 414 54.65 2.77 34.61
N TYR H 415 54.77 1.45 34.69
CA TYR H 415 53.67 0.63 35.21
C TYR H 415 53.52 0.76 36.72
N ALA H 416 54.59 1.13 37.43
CA ALA H 416 54.51 1.21 38.89
C ALA H 416 53.60 2.35 39.33
N PHE H 417 53.85 3.56 38.80
CA PHE H 417 53.07 4.72 39.22
C PHE H 417 51.71 4.79 38.54
N GLU H 418 51.51 4.03 37.45
CA GLU H 418 50.16 3.88 36.92
C GLU H 418 49.26 3.14 37.92
N LEU H 419 49.84 2.22 38.69
CA LEU H 419 49.10 1.60 39.79
C LEU H 419 48.88 2.58 40.92
N LYS H 420 49.84 3.47 41.17
CA LYS H 420 49.75 4.40 42.29
C LYS H 420 48.65 5.43 42.08
N GLU H 421 48.52 5.93 40.85
CA GLU H 421 47.52 6.98 40.58
C GLU H 421 46.10 6.44 40.72
N LYS H 422 45.87 5.19 40.29
CA LYS H 422 44.54 4.61 40.35
C LYS H 422 44.23 4.00 41.71
N LEU H 423 45.25 3.66 42.51
CA LEU H 423 45.02 3.14 43.84
C LEU H 423 44.57 4.23 44.80
N LEU H 424 45.19 5.41 44.72
CA LEU H 424 44.90 6.51 45.63
C LEU H 424 43.56 7.13 45.25
N ARG H 425 42.52 6.81 46.03
CA ARG H 425 41.18 7.37 45.88
C ARG H 425 40.57 7.09 44.51
N GLY H 426 41.06 6.07 43.80
CA GLY H 426 40.50 5.71 42.52
C GLY H 426 39.22 4.91 42.63
N THR H 427 39.20 3.96 43.57
CA THR H 427 38.08 3.10 43.91
C THR H 427 37.68 2.14 42.79
N VAL H 428 38.37 2.18 41.64
CA VAL H 428 38.09 1.30 40.52
C VAL H 428 39.43 0.70 40.08
N ILE H 429 39.70 -0.53 40.49
CA ILE H 429 40.93 -1.23 40.10
C ILE H 429 40.69 -1.94 38.78
N ASP H 430 41.70 -1.88 37.91
CA ASP H 430 41.62 -2.50 36.59
C ASP H 430 42.15 -3.93 36.63
N VAL H 431 41.84 -4.68 35.58
CA VAL H 431 42.38 -6.04 35.47
C VAL H 431 43.72 -6.03 34.74
N THR H 432 43.95 -5.05 33.85
CA THR H 432 45.18 -5.02 33.08
C THR H 432 46.32 -4.34 33.83
N ASP H 433 46.00 -3.38 34.71
CA ASP H 433 47.06 -2.63 35.36
C ASP H 433 47.86 -3.50 36.33
N PHE H 434 47.20 -4.44 37.02
CA PHE H 434 47.92 -5.31 37.94
C PHE H 434 48.78 -6.32 37.18
N VAL H 435 48.32 -6.80 36.02
CA VAL H 435 49.16 -7.67 35.21
C VAL H 435 50.36 -6.91 34.67
N ASN H 436 50.15 -5.65 34.27
CA ASN H 436 51.27 -4.83 33.84
C ASN H 436 52.26 -4.60 34.99
N TRP H 437 51.75 -4.39 36.19
CA TRP H 437 52.62 -4.26 37.37
C TRP H 437 53.39 -5.53 37.63
N ALA H 438 52.74 -6.68 37.46
CA ALA H 438 53.43 -7.96 37.66
C ALA H 438 54.57 -8.13 36.65
N SER H 439 54.29 -7.85 35.38
CA SER H 439 55.34 -7.95 34.36
C SER H 439 56.45 -6.94 34.64
N SER H 440 56.09 -5.74 35.09
CA SER H 440 57.09 -4.71 35.37
C SER H 440 58.00 -5.12 36.51
N ILE H 441 57.44 -5.69 37.58
CA ILE H 441 58.26 -6.12 38.71
C ILE H 441 59.02 -7.41 38.38
N ASN H 442 58.53 -8.21 37.44
CA ASN H 442 59.34 -9.30 36.91
C ASN H 442 60.55 -8.74 36.16
N ASP H 443 60.37 -7.63 35.45
CA ASP H 443 61.48 -6.98 34.79
C ASP H 443 62.46 -6.39 35.79
N ALA H 444 61.96 -5.80 36.87
CA ALA H 444 62.80 -5.17 37.89
C ALA H 444 62.21 -5.39 39.27
N PRO H 445 62.74 -6.36 40.03
CA PRO H 445 62.26 -6.57 41.41
C PRO H 445 63.01 -5.72 42.43
N VAL H 446 62.67 -5.88 43.71
CA VAL H 446 63.36 -5.18 44.79
C VAL H 446 63.24 -6.02 46.04
N LEU H 447 64.08 -5.72 47.04
CA LEU H 447 64.11 -6.51 48.26
C LEU H 447 62.84 -6.32 49.09
N ILE H 448 62.43 -7.41 49.74
CA ILE H 448 61.27 -7.39 50.64
C ILE H 448 61.70 -7.83 52.03
N SER H 449 62.18 -9.07 52.13
CA SER H 449 62.66 -9.65 53.37
C SER H 449 64.15 -9.96 53.22
N GLN H 450 64.92 -9.68 54.27
CA GLN H 450 66.36 -9.78 54.20
C GLN H 450 66.88 -10.46 55.45
N LYS H 451 67.50 -11.64 55.27
CA LYS H 451 68.19 -12.30 56.37
C LYS H 451 69.59 -11.72 56.50
N LEU H 452 70.02 -11.50 57.74
CA LEU H 452 71.19 -10.69 58.02
C LEU H 452 72.35 -11.58 58.48
N SER H 453 73.57 -11.06 58.26
CA SER H 453 74.79 -11.77 58.63
C SER H 453 75.91 -10.76 58.76
N PRO H 454 76.75 -10.85 59.79
CA PRO H 454 77.80 -9.84 59.98
C PRO H 454 78.88 -9.94 58.92
N ILE H 455 79.55 -8.81 58.67
CA ILE H 455 80.57 -8.74 57.63
C ILE H 455 81.83 -9.47 58.08
N TYR H 456 82.22 -9.32 59.35
CA TYR H 456 83.47 -9.92 59.81
C TYR H 456 83.47 -11.44 59.70
N ASN H 457 82.31 -12.07 59.48
CA ASN H 457 82.26 -13.48 59.16
C ASN H 457 82.52 -13.76 57.69
N LEU H 458 82.52 -12.72 56.85
CA LEU H 458 82.73 -12.87 55.41
C LEU H 458 84.18 -12.70 55.00
N VAL H 459 85.05 -12.25 55.92
CA VAL H 459 86.47 -12.05 55.59
C VAL H 459 87.09 -13.39 55.19
N PRO H 460 87.94 -13.44 54.17
CA PRO H 460 88.55 -14.72 53.78
C PRO H 460 89.51 -15.23 54.84
N VAL H 461 89.49 -16.54 55.04
CA VAL H 461 90.33 -17.21 56.03
C VAL H 461 91.75 -17.34 55.50
N LYS H 462 92.69 -17.71 56.36
CA LYS H 462 94.11 -17.95 56.03
C LYS H 462 94.68 -16.82 55.16
N MET H 463 94.30 -15.59 55.49
CA MET H 463 94.84 -14.41 54.83
C MET H 463 96.07 -13.93 55.59
N LYS H 464 96.53 -12.71 55.30
CA LYS H 464 97.69 -12.16 55.99
C LYS H 464 97.46 -12.11 57.49
N ASN H 465 96.47 -11.35 57.93
CA ASN H 465 96.11 -11.22 59.35
C ASN H 465 94.60 -11.34 59.51
N ALA H 466 94.03 -12.40 58.93
CA ALA H 466 92.58 -12.53 58.85
C ALA H 466 91.93 -12.55 60.23
N HIS H 467 92.47 -13.36 61.15
CA HIS H 467 91.82 -13.53 62.44
C HIS H 467 91.81 -12.23 63.24
N LEU H 468 92.97 -11.58 63.37
CA LEU H 468 93.03 -10.34 64.13
C LEU H 468 92.18 -9.25 63.46
N LYS H 469 92.19 -9.21 62.13
CA LYS H 469 91.32 -8.29 61.42
C LYS H 469 89.85 -8.65 61.61
N LYS H 470 89.55 -9.94 61.78
CA LYS H 470 88.17 -10.36 62.01
C LYS H 470 87.62 -9.78 63.33
N GLN H 471 88.33 -10.05 64.43
CA GLN H 471 87.90 -9.51 65.72
C GLN H 471 88.00 -7.99 65.73
N ASN H 472 88.94 -7.43 64.97
CA ASN H 472 89.06 -5.97 64.90
C ASN H 472 87.84 -5.35 64.25
N LEU H 473 87.40 -5.91 63.12
CA LEU H 473 86.18 -5.43 62.47
C LEU H 473 84.94 -5.74 63.30
N GLU H 474 84.98 -6.80 64.11
CA GLU H 474 83.88 -7.07 65.03
C GLU H 474 83.76 -5.97 66.08
N ARG H 475 84.89 -5.61 66.69
CA ARG H 475 84.90 -4.49 67.63
C ARG H 475 84.49 -3.20 66.94
N ALA H 476 84.88 -3.03 65.67
CA ALA H 476 84.54 -1.82 64.93
C ALA H 476 83.04 -1.73 64.69
N ILE H 477 82.41 -2.83 64.25
CA ILE H 477 80.97 -2.80 64.03
C ILE H 477 80.21 -2.67 65.33
N GLU H 478 80.74 -3.23 66.42
CA GLU H 478 80.10 -3.05 67.72
C GLU H 478 80.14 -1.59 68.15
N ASP H 479 81.31 -0.95 68.02
CA ASP H 479 81.44 0.46 68.36
C ASP H 479 80.61 1.33 67.44
N TYR H 480 80.42 0.91 66.19
CA TYR H 480 79.56 1.65 65.27
C TYR H 480 78.10 1.57 65.69
N ILE H 481 77.62 0.36 65.99
CA ILE H 481 76.20 0.19 66.32
C ILE H 481 75.88 0.75 67.70
N ASN H 482 76.87 0.84 68.58
CA ASN H 482 76.65 1.37 69.93
C ASN H 482 77.16 2.79 70.11
N GLU H 483 77.74 3.41 69.08
CA GLU H 483 78.35 4.72 69.23
C GLU H 483 77.31 5.84 69.10
N PHE H 484 76.67 5.94 67.94
CA PHE H 484 75.71 7.01 67.69
C PHE H 484 74.39 6.40 67.24
N SER H 485 73.31 6.83 67.88
CA SER H 485 71.96 6.36 67.60
C SER H 485 71.00 7.25 68.37
N VAL H 486 69.71 6.90 68.34
CA VAL H 486 68.72 7.62 69.13
C VAL H 486 68.99 7.45 70.61
N ARG H 487 69.67 6.37 71.00
CA ARG H 487 69.97 6.12 72.40
C ARG H 487 70.84 7.22 72.99
N LYS H 488 71.81 7.72 72.21
CA LYS H 488 72.73 8.74 72.71
C LYS H 488 72.21 10.15 72.54
N CYS H 489 71.22 10.36 71.68
CA CYS H 489 70.66 11.68 71.45
C CYS H 489 69.73 12.04 72.61
N HIS H 490 69.05 13.18 72.49
CA HIS H 490 68.16 13.66 73.54
C HIS H 490 66.72 13.25 73.24
N THR H 491 65.94 13.11 74.31
CA THR H 491 64.55 12.68 74.18
C THR H 491 63.64 13.87 73.86
N CYS H 492 62.68 13.64 72.96
CA CYS H 492 61.76 14.67 72.56
C CYS H 492 60.63 14.80 73.59
N GLN H 493 59.63 15.62 73.29
CA GLN H 493 58.53 15.88 74.21
C GLN H 493 57.26 15.22 73.69
N ASN H 494 56.33 14.98 74.63
CA ASN H 494 55.03 14.40 74.33
C ASN H 494 55.15 13.04 73.63
N GLY H 495 56.16 12.27 74.04
CA GLY H 495 56.35 10.93 73.48
C GLY H 495 56.65 10.92 72.00
N GLY H 496 57.22 12.00 71.47
CA GLY H 496 57.54 12.08 70.06
C GLY H 496 58.65 11.11 69.70
N THR H 497 58.39 10.22 68.74
CA THR H 497 59.40 9.27 68.29
C THR H 497 60.58 10.01 67.67
N VAL H 498 61.76 9.82 68.25
CA VAL H 498 62.96 10.51 67.81
C VAL H 498 63.64 9.69 66.72
N ILE H 499 64.02 10.36 65.64
CA ILE H 499 64.74 9.73 64.54
C ILE H 499 66.08 10.41 64.37
N LEU H 500 66.89 9.85 63.47
CA LEU H 500 68.23 10.38 63.19
C LEU H 500 68.48 10.27 61.70
N MET H 501 68.50 11.41 61.01
CA MET H 501 68.70 11.47 59.57
C MET H 501 69.93 12.35 59.29
N ASP H 502 71.11 11.72 59.30
CA ASP H 502 72.37 12.38 58.96
C ASP H 502 72.61 13.61 59.84
N GLY H 503 72.72 13.37 61.14
CA GLY H 503 72.99 14.40 62.11
C GLY H 503 71.77 15.08 62.70
N LYS H 504 70.78 15.39 61.87
CA LYS H 504 69.56 16.03 62.32
C LYS H 504 68.77 15.06 63.20
N CYS H 505 68.80 15.29 64.52
CA CYS H 505 68.11 14.42 65.47
C CYS H 505 66.69 14.94 65.75
N LEU H 506 65.88 14.96 64.70
CA LEU H 506 64.52 15.41 64.80
C LEU H 506 63.63 14.34 65.45
N CYS H 507 62.48 14.76 65.95
CA CYS H 507 61.53 13.88 66.61
C CYS H 507 60.17 14.02 65.93
N ALA H 508 59.61 12.89 65.50
CA ALA H 508 58.29 12.90 64.88
C ALA H 508 57.23 13.15 65.95
N CYS H 509 56.53 14.28 65.83
CA CYS H 509 55.53 14.67 66.81
C CYS H 509 54.18 14.07 66.47
N PRO H 510 53.36 13.77 67.48
CA PRO H 510 52.05 13.14 67.22
C PRO H 510 51.15 14.01 66.34
N PHE H 511 50.02 13.42 65.96
CA PHE H 511 49.12 14.05 65.00
C PHE H 511 48.49 15.31 65.59
N LYS H 512 47.93 15.20 66.80
CA LYS H 512 47.23 16.31 67.43
C LYS H 512 48.17 17.42 67.89
N PHE H 513 49.48 17.27 67.72
CA PHE H 513 50.45 18.23 68.21
C PHE H 513 51.13 18.91 67.03
N GLU H 514 51.81 20.02 67.33
CA GLU H 514 52.45 20.83 66.30
C GLU H 514 53.85 20.26 66.02
N GLY H 515 54.68 21.03 65.32
CA GLY H 515 55.92 20.53 64.76
C GLY H 515 57.11 20.42 65.69
N ILE H 516 58.24 21.00 65.25
CA ILE H 516 59.53 20.75 65.87
C ILE H 516 59.48 20.99 67.37
N ALA H 517 60.22 20.15 68.11
CA ALA H 517 60.47 20.26 69.55
C ALA H 517 59.23 19.97 70.38
N CYS H 518 58.09 19.78 69.73
CA CYS H 518 56.82 19.47 70.39
C CYS H 518 56.59 20.37 71.61
N GLU H 519 56.78 21.67 71.40
CA GLU H 519 56.62 22.65 72.48
C GLU H 519 55.23 23.26 72.49
N ILE H 520 54.86 23.92 71.38
CA ILE H 520 53.53 24.59 71.29
C ILE H 520 52.43 23.53 71.24
N SER H 521 51.40 23.69 72.07
CA SER H 521 50.25 22.74 72.11
C SER H 521 49.49 22.81 70.77
N LYS H 522 49.37 24.00 70.20
CA LYS H 522 48.78 24.18 68.84
C LYS H 522 47.26 24.09 68.92
N GLN H 523 46.74 23.86 70.13
CA GLN H 523 45.27 23.82 70.32
C GLN H 523 44.91 25.02 71.18
N LYS H 524 44.12 25.95 70.64
CA LYS H 524 43.75 27.14 71.44
C LYS H 524 42.66 26.70 72.43
N ILE H 525 42.85 26.99 73.72
CA ILE H 525 41.80 26.62 74.69
C ILE H 525 40.77 27.74 74.59
N SER H 526 40.21 27.90 73.39
CA SER H 526 39.24 28.97 73.16
C SER H 526 39.25 29.97 74.31
N GLU H 527 39.24 31.25 73.96
CA GLU H 527 39.21 32.33 74.94
C GLU H 527 37.94 33.14 74.75
N GLY H 528 37.26 33.43 75.87
CA GLY H 528 36.04 34.22 75.82
C GLY H 528 36.05 35.37 76.81
N LEU H 529 35.71 36.57 76.34
CA LEU H 529 35.65 37.75 77.19
C LEU H 529 34.26 38.35 77.13
N PRO H 530 33.46 38.24 78.19
CA PRO H 530 32.13 38.84 78.17
C PRO H 530 32.14 40.31 78.56
N ALA H 531 33.32 40.93 78.53
CA ALA H 531 33.47 42.32 78.94
C ALA H 531 32.73 43.25 77.98
N LEU H 532 32.34 44.41 78.50
CA LEU H 532 31.64 45.40 77.70
C LEU H 532 32.60 46.02 76.69
N GLU H 533 32.14 46.27 75.46
CA GLU H 533 33.02 46.88 74.46
C GLU H 533 33.41 48.30 74.85
N PHE H 534 34.69 48.62 74.68
CA PHE H 534 35.18 49.95 75.03
C PHE H 534 34.62 51.01 74.10
N PRO H 535 34.63 50.74 72.80
CA PRO H 535 34.11 51.70 71.81
C PRO H 535 33.65 50.97 70.55
N SER I 18 65.45 50.81 61.79
CA SER I 18 66.77 51.18 62.27
C SER I 18 67.83 50.94 61.20
N HIS I 19 68.57 51.99 60.86
CA HIS I 19 69.63 51.92 59.84
C HIS I 19 70.88 51.36 60.50
N ILE I 20 70.90 50.05 60.68
CA ILE I 20 72.04 49.37 61.29
C ILE I 20 73.15 49.23 60.26
N ASP I 21 74.32 49.77 60.58
CA ASP I 21 75.48 49.69 59.71
C ASP I 21 76.23 48.38 59.96
N CYS I 22 77.20 48.10 59.09
CA CYS I 22 77.99 46.86 59.17
C CYS I 22 79.36 47.17 59.75
N ARG I 23 79.57 46.76 61.00
CA ARG I 23 80.89 46.84 61.63
C ARG I 23 81.67 45.62 61.17
N MET I 24 82.25 45.72 59.98
CA MET I 24 82.83 44.59 59.28
C MET I 24 84.21 44.93 58.75
N SER I 25 85.06 45.51 59.60
CA SER I 25 86.46 45.78 59.24
C SER I 25 87.39 45.58 60.44
N PRO I 26 87.43 44.37 61.02
CA PRO I 26 88.51 44.04 61.95
C PRO I 26 89.75 43.55 61.20
N TRP I 27 90.80 44.36 61.19
CA TRP I 27 92.00 44.04 60.44
C TRP I 27 93.02 43.34 61.34
N SER I 28 93.81 42.47 60.72
CA SER I 28 94.81 41.67 61.40
C SER I 28 96.21 42.05 60.92
N GLU I 29 97.21 41.39 61.49
CA GLU I 29 98.61 41.66 61.17
C GLU I 29 99.06 40.80 60.00
N TRP I 30 100.00 41.35 59.22
CA TRP I 30 100.57 40.61 58.10
C TRP I 30 101.35 39.39 58.60
N SER I 31 101.03 38.22 58.04
CA SER I 31 101.71 37.00 58.39
C SER I 31 102.94 36.80 57.50
N GLN I 32 103.61 35.66 57.66
CA GLN I 32 104.80 35.37 56.88
C GLN I 32 104.43 35.03 55.44
N CYS I 33 105.28 35.46 54.51
CA CYS I 33 105.05 35.19 53.10
C CYS I 33 105.25 33.70 52.80
N ASP I 34 104.42 33.18 51.89
CA ASP I 34 104.56 31.81 51.44
C ASP I 34 105.48 31.77 50.24
N PRO I 35 106.65 31.14 50.34
CA PRO I 35 107.60 31.19 49.20
C PRO I 35 107.12 30.40 47.99
N CYS I 36 106.56 29.21 48.20
CA CYS I 36 106.16 28.39 47.06
C CYS I 36 104.91 28.94 46.40
N LEU I 37 103.93 29.36 47.19
CA LEU I 37 102.68 29.90 46.63
C LEU I 37 102.82 31.35 46.20
N ARG I 38 103.75 32.10 46.80
CA ARG I 38 103.99 33.50 46.48
C ARG I 38 102.74 34.34 46.71
N GLN I 39 102.31 34.36 47.98
CA GLN I 39 101.11 35.07 48.38
C GLN I 39 101.23 35.48 49.84
N MET I 40 100.56 36.57 50.20
CA MET I 40 100.48 37.04 51.58
C MET I 40 99.08 36.84 52.13
N PHE I 41 98.94 37.02 53.44
CA PHE I 41 97.75 36.64 54.18
C PHE I 41 97.30 37.77 55.11
N ARG I 42 97.11 38.96 54.55
CA ARG I 42 96.37 39.99 55.28
C ARG I 42 94.97 39.46 55.60
N SER I 43 94.67 39.33 56.88
CA SER I 43 93.46 38.64 57.32
C SER I 43 92.37 39.64 57.67
N ARG I 44 91.17 39.09 57.88
CA ARG I 44 89.99 39.89 58.20
C ARG I 44 88.94 38.97 58.80
N SER I 45 87.79 39.53 59.18
CA SER I 45 86.72 38.77 59.77
C SER I 45 85.41 39.53 59.59
N ILE I 46 84.31 38.79 59.60
CA ILE I 46 82.97 39.37 59.50
C ILE I 46 82.34 39.38 60.90
N GLU I 47 81.72 40.50 61.26
CA GLU I 47 81.11 40.65 62.57
C GLU I 47 79.63 40.95 62.52
N VAL I 48 79.20 41.93 61.72
CA VAL I 48 77.82 42.40 61.72
C VAL I 48 77.31 42.42 60.28
N PHE I 49 76.11 41.87 60.07
CA PHE I 49 75.47 41.88 58.76
C PHE I 49 74.59 43.11 58.55
N GLY I 50 73.61 43.29 59.43
CA GLY I 50 72.59 44.30 59.24
C GLY I 50 71.22 43.68 59.03
N GLN I 51 70.39 43.68 60.07
CA GLN I 51 69.13 42.96 60.04
C GLN I 51 68.02 43.69 59.29
N PHE I 52 68.16 44.99 59.08
CA PHE I 52 67.09 45.82 58.55
C PHE I 52 67.46 46.34 57.16
N ASN I 53 66.61 47.22 56.63
CA ASN I 53 66.75 47.77 55.29
C ASN I 53 67.98 48.66 55.13
N GLY I 54 68.83 48.77 56.13
CA GLY I 54 70.01 49.62 56.05
C GLY I 54 71.05 49.16 55.06
N LYS I 55 72.28 49.64 55.22
CA LYS I 55 73.36 49.37 54.29
C LYS I 55 73.67 47.88 54.18
N ARG I 56 73.42 47.29 53.01
CA ARG I 56 73.82 45.92 52.76
C ARG I 56 75.33 45.85 52.56
N CYS I 57 75.94 44.82 53.15
CA CYS I 57 77.40 44.69 53.14
C CYS I 57 77.75 43.24 52.83
N THR I 58 78.16 42.98 51.59
CA THR I 58 78.59 41.66 51.13
C THR I 58 80.11 41.54 51.05
N ASP I 59 80.83 42.36 51.81
CA ASP I 59 82.29 42.37 51.74
C ASP I 59 82.86 41.02 52.13
N ALA I 60 83.52 40.36 51.18
CA ALA I 60 84.10 39.05 51.42
C ALA I 60 85.35 39.17 52.28
N VAL I 61 85.58 38.13 53.08
CA VAL I 61 86.73 38.08 53.98
C VAL I 61 87.92 37.49 53.22
N GLY I 62 89.07 38.13 53.34
CA GLY I 62 90.28 37.66 52.70
C GLY I 62 90.96 38.72 51.87
N ASP I 63 92.29 38.62 51.77
CA ASP I 63 93.08 39.56 50.99
C ASP I 63 94.38 38.88 50.59
N ARG I 64 94.82 39.14 49.37
CA ARG I 64 96.04 38.55 48.83
C ARG I 64 97.00 39.64 48.39
N ARG I 65 98.28 39.27 48.28
CA ARG I 65 99.34 40.20 47.91
C ARG I 65 100.54 39.42 47.42
N GLN I 66 101.16 39.89 46.34
CA GLN I 66 102.39 39.29 45.86
C GLN I 66 103.54 39.63 46.81
N CYS I 67 104.43 38.66 47.00
CA CYS I 67 105.55 38.82 47.91
C CYS I 67 106.78 38.14 47.33
N VAL I 68 107.94 38.77 47.53
CA VAL I 68 109.21 38.21 47.06
C VAL I 68 109.56 37.02 47.94
N PRO I 69 109.71 35.82 47.37
CA PRO I 69 110.01 34.66 48.20
C PRO I 69 111.43 34.70 48.73
N THR I 70 111.59 34.29 49.99
CA THR I 70 112.88 34.25 50.64
C THR I 70 113.41 32.83 50.87
N GLU I 71 112.51 31.84 50.98
CA GLU I 71 112.91 30.45 51.15
C GLU I 71 113.14 29.78 49.80
N PRO I 72 114.03 28.81 49.71
CA PRO I 72 114.32 28.19 48.41
C PRO I 72 113.19 27.34 47.84
N CYS I 73 112.19 27.01 48.65
CA CYS I 73 111.05 26.18 48.23
C CYS I 73 111.55 24.83 47.68
N GLU I 74 112.19 24.07 48.57
CA GLU I 74 112.72 22.76 48.19
C GLU I 74 111.64 21.68 48.16
N ASP I 75 110.52 21.89 48.84
CA ASP I 75 109.45 20.90 48.85
C ASP I 75 108.78 20.83 47.48
N ALA I 76 108.64 19.62 46.96
CA ALA I 76 108.01 19.41 45.67
C ALA I 76 107.37 18.03 45.63
N GLU I 77 106.38 17.87 44.77
CA GLU I 77 105.66 16.61 44.62
C GLU I 77 106.30 15.79 43.50
N ASP I 78 106.90 14.66 43.86
CA ASP I 78 107.48 13.78 42.87
C ASP I 78 106.40 13.07 42.07
N ASP I 79 106.80 12.47 40.95
CA ASP I 79 105.84 11.77 40.09
C ASP I 79 105.60 10.35 40.60
N CYS I 80 105.27 10.22 41.88
CA CYS I 80 104.78 9.01 42.54
C CYS I 80 105.79 7.86 42.49
N GLY I 81 106.95 8.09 41.87
CA GLY I 81 108.05 7.14 41.86
C GLY I 81 107.72 5.70 41.53
N ASN I 82 106.57 5.46 40.88
CA ASN I 82 106.06 4.11 40.68
C ASN I 82 106.05 3.70 39.21
N ASP I 83 105.35 4.45 38.36
CA ASP I 83 105.13 4.01 36.99
C ASP I 83 105.01 5.25 36.11
N PHE I 84 104.48 5.05 34.89
CA PHE I 84 104.35 6.12 33.91
C PHE I 84 103.52 7.28 34.46
N GLN I 85 104.11 8.47 34.47
CA GLN I 85 103.40 9.67 34.91
C GLN I 85 102.46 10.17 33.83
N CYS I 86 101.28 10.64 34.25
CA CYS I 86 100.34 11.24 33.33
C CYS I 86 100.73 12.70 33.04
N SER I 87 100.02 13.30 32.09
CA SER I 87 100.28 14.69 31.72
C SER I 87 99.76 15.69 32.75
N THR I 88 99.07 15.25 33.80
CA THR I 88 98.52 16.15 34.80
C THR I 88 99.03 15.91 36.21
N GLY I 89 99.58 14.73 36.51
CA GLY I 89 100.10 14.48 37.84
C GLY I 89 99.70 13.15 38.44
N ARG I 90 98.73 12.48 37.84
CA ARG I 90 98.30 11.17 38.34
C ARG I 90 99.18 10.08 37.77
N CYS I 91 98.96 8.84 38.23
CA CYS I 91 99.83 7.73 37.89
C CYS I 91 99.01 6.48 37.61
N ILE I 92 99.56 5.62 36.73
CA ILE I 92 99.02 4.29 36.52
C ILE I 92 99.32 3.41 37.72
N LYS I 93 98.31 2.68 38.20
CA LYS I 93 98.55 1.75 39.31
C LYS I 93 99.11 0.42 38.80
N MET I 94 98.31 -0.31 38.04
CA MET I 94 98.79 -1.55 37.43
C MET I 94 98.40 -1.74 35.97
N ARG I 95 97.27 -1.21 35.50
CA ARG I 95 96.77 -1.55 34.17
C ARG I 95 96.17 -0.33 33.47
N LEU I 96 96.65 0.87 33.78
CA LEU I 96 96.16 2.07 33.14
C LEU I 96 96.84 2.36 31.79
N ARG I 97 97.44 1.35 31.18
CA ARG I 97 98.08 1.52 29.89
C ARG I 97 97.02 1.52 28.79
N CYS I 98 97.45 1.37 27.54
CA CYS I 98 96.57 1.49 26.38
C CYS I 98 95.65 0.28 26.33
N ASN I 99 94.61 0.33 27.16
CA ASN I 99 93.60 -0.73 27.24
C ASN I 99 92.19 -0.14 27.25
N GLY I 100 92.00 0.97 26.55
CA GLY I 100 90.70 1.62 26.51
C GLY I 100 90.25 2.18 27.83
N ASP I 101 91.19 2.64 28.66
CA ASP I 101 90.90 3.15 30.01
C ASP I 101 91.18 4.65 30.00
N ASN I 102 90.13 5.44 29.79
CA ASN I 102 90.24 6.90 29.74
C ASN I 102 90.34 7.45 31.16
N ASP I 103 91.50 8.00 31.51
CA ASP I 103 91.71 8.64 32.81
C ASP I 103 92.05 10.11 32.69
N CYS I 104 93.05 10.46 31.90
CA CYS I 104 93.55 11.83 31.85
C CYS I 104 92.83 12.68 30.80
N GLY I 105 92.91 12.27 29.54
CA GLY I 105 92.25 13.00 28.47
C GLY I 105 91.65 12.08 27.43
N ASP I 106 91.13 12.67 26.34
CA ASP I 106 90.58 11.86 25.26
C ASP I 106 91.64 10.95 24.67
N PHE I 107 92.76 11.52 24.23
CA PHE I 107 93.90 10.76 23.73
C PHE I 107 95.17 11.02 24.55
N SER I 108 95.05 11.63 25.73
CA SER I 108 96.22 11.88 26.55
C SER I 108 96.82 10.58 27.07
N ASP I 109 96.01 9.75 27.72
CA ASP I 109 96.48 8.45 28.15
C ASP I 109 96.72 7.52 26.97
N GLU I 110 95.96 7.72 25.87
CA GLU I 110 96.11 6.96 24.64
C GLU I 110 97.08 7.63 23.67
N ASP I 111 98.05 8.39 24.17
CA ASP I 111 98.98 9.13 23.33
C ASP I 111 99.67 8.23 22.31
N ASP I 112 100.33 7.18 22.80
CA ASP I 112 101.05 6.26 21.92
C ASP I 112 100.77 4.83 22.38
N CYS I 113 100.43 3.97 21.42
CA CYS I 113 100.09 2.58 21.69
C CYS I 113 100.90 1.69 20.75
N GLU I 114 101.96 1.07 21.27
CA GLU I 114 102.75 0.16 20.45
C GLU I 114 102.08 -1.20 20.32
N SER I 115 101.47 -1.68 21.40
CA SER I 115 100.74 -2.94 21.37
C SER I 115 99.38 -2.75 20.72
N GLU I 116 98.69 -3.87 20.48
CA GLU I 116 97.37 -3.82 19.88
C GLU I 116 96.37 -3.18 20.84
N PRO I 117 95.39 -2.45 20.30
CA PRO I 117 94.37 -1.84 21.18
C PRO I 117 93.42 -2.86 21.77
N ARG I 118 93.90 -3.63 22.74
CA ARG I 118 93.10 -4.68 23.37
C ARG I 118 91.91 -4.06 24.10
N PRO I 119 90.67 -4.41 23.76
CA PRO I 119 89.54 -3.86 24.48
C PRO I 119 89.43 -4.47 25.86
N PRO I 120 89.00 -3.69 26.86
CA PRO I 120 88.91 -4.26 28.22
C PRO I 120 87.70 -5.18 28.40
N CYS I 121 86.63 -4.97 27.64
CA CYS I 121 85.42 -5.76 27.76
C CYS I 121 84.80 -5.96 26.38
N ARG I 122 84.36 -7.18 26.10
CA ARG I 122 83.79 -7.52 24.80
C ARG I 122 82.29 -7.25 24.73
N ASP I 123 81.58 -7.40 25.84
CA ASP I 123 80.13 -7.21 25.84
C ASP I 123 79.80 -5.75 25.59
N ARG I 124 78.61 -5.53 25.02
CA ARG I 124 78.12 -4.19 24.69
C ARG I 124 77.49 -3.59 25.94
N VAL I 125 78.15 -2.59 26.53
CA VAL I 125 77.68 -1.91 27.71
C VAL I 125 77.63 -0.42 27.39
N VAL I 126 76.41 0.14 27.37
CA VAL I 126 76.24 1.55 27.03
C VAL I 126 76.74 2.42 28.17
N GLU I 127 77.38 3.54 27.81
CA GLU I 127 77.89 4.46 28.81
C GLU I 127 76.73 5.09 29.59
N GLU I 128 77.04 5.52 30.83
CA GLU I 128 76.05 6.09 31.72
C GLU I 128 75.65 7.47 31.22
N SER I 129 74.51 7.55 30.54
CA SER I 129 74.06 8.79 29.90
C SER I 129 73.07 9.51 30.83
N GLU I 130 73.47 10.70 31.28
CA GLU I 130 72.63 11.61 32.06
C GLU I 130 72.16 11.01 33.39
N LEU I 131 72.71 9.87 33.78
CA LEU I 131 72.34 9.20 35.02
C LEU I 131 73.29 9.68 36.12
N ALA I 132 73.33 8.97 37.25
CA ALA I 132 74.09 9.37 38.43
C ALA I 132 75.59 9.45 38.20
N ARG I 133 76.04 9.26 36.96
CA ARG I 133 77.44 9.39 36.57
C ARG I 133 78.10 10.62 37.20
N THR I 134 77.35 11.72 37.29
CA THR I 134 77.81 12.92 37.99
C THR I 134 77.33 12.82 39.44
N ALA I 135 78.05 12.02 40.21
CA ALA I 135 77.67 11.69 41.57
C ALA I 135 78.27 12.63 42.61
N GLY I 136 79.12 13.56 42.20
CA GLY I 136 79.70 14.52 43.13
C GLY I 136 78.79 15.71 43.33
N TYR I 137 78.61 16.09 44.59
CA TYR I 137 77.73 17.19 44.95
C TYR I 137 78.31 17.93 46.14
N GLY I 138 78.34 19.26 46.06
CA GLY I 138 78.97 20.10 47.06
C GLY I 138 78.01 20.97 47.83
N ILE I 139 76.88 20.39 48.26
CA ILE I 139 75.83 21.17 48.93
C ILE I 139 76.39 21.98 50.08
N ASN I 140 75.90 23.20 50.22
CA ASN I 140 76.27 24.11 51.30
C ASN I 140 75.19 24.06 52.37
N ILE I 141 75.57 23.67 53.59
CA ILE I 141 74.61 23.59 54.68
C ILE I 141 74.04 24.97 54.99
N LEU I 142 74.85 26.02 54.81
CA LEU I 142 74.39 27.39 54.97
C LEU I 142 73.90 28.01 53.67
N GLY I 143 74.11 27.33 52.53
CA GLY I 143 73.77 27.91 51.24
C GLY I 143 72.49 27.39 50.62
N MET I 144 72.63 26.58 49.58
CA MET I 144 71.50 26.19 48.74
C MET I 144 71.76 24.79 48.18
N ASP I 145 71.04 24.43 47.11
CA ASP I 145 71.05 23.12 46.47
C ASP I 145 72.47 22.63 46.18
N PRO I 146 72.66 21.31 46.03
CA PRO I 146 74.02 20.78 45.85
C PRO I 146 74.73 21.34 44.62
N LEU I 147 76.05 21.21 44.65
CA LEU I 147 76.94 21.71 43.61
C LEU I 147 77.25 20.61 42.62
N SER I 148 78.17 20.87 41.70
CA SER I 148 78.59 19.88 40.71
C SER I 148 79.58 18.92 41.36
N THR I 149 80.24 18.10 40.54
CA THR I 149 81.18 17.11 41.05
C THR I 149 82.53 17.76 41.32
N PRO I 150 83.06 17.66 42.54
CA PRO I 150 84.40 18.19 42.83
C PRO I 150 85.53 17.25 42.42
N PHE I 151 85.22 16.10 41.84
CA PHE I 151 86.22 15.10 41.51
C PHE I 151 85.89 14.48 40.16
N ASP I 152 86.83 13.71 39.64
CA ASP I 152 86.61 12.98 38.39
C ASP I 152 85.80 11.73 38.66
N ASN I 153 84.77 11.50 37.84
CA ASN I 153 83.88 10.36 38.01
C ASN I 153 83.82 9.48 36.78
N GLU I 154 84.70 9.70 35.80
CA GLU I 154 84.75 8.90 34.59
C GLU I 154 85.81 7.80 34.65
N PHE I 155 86.81 7.94 35.51
CA PHE I 155 87.88 6.95 35.61
C PHE I 155 87.35 5.60 36.08
N TYR I 156 87.93 4.54 35.53
CA TYR I 156 87.64 3.18 35.95
C TYR I 156 88.94 2.41 36.08
N ASN I 157 88.95 1.41 36.95
CA ASN I 157 90.19 0.74 37.32
C ASN I 157 90.48 -0.49 36.45
N GLY I 158 89.60 -1.48 36.47
CA GLY I 158 89.89 -2.74 35.82
C GLY I 158 88.77 -3.33 35.00
N LEU I 159 88.40 -4.57 35.30
CA LEU I 159 87.33 -5.25 34.59
C LEU I 159 86.00 -4.55 34.83
N CYS I 160 85.22 -4.37 33.76
CA CYS I 160 83.93 -3.70 33.85
C CYS I 160 83.04 -4.41 34.86
N ASN I 161 82.33 -3.64 35.67
CA ASN I 161 81.36 -4.16 36.63
C ASN I 161 79.98 -3.94 36.05
N ARG I 162 79.29 -5.04 35.75
CA ARG I 162 78.01 -4.95 35.08
C ARG I 162 76.96 -4.30 35.97
N ASP I 163 76.04 -3.57 35.33
CA ASP I 163 74.95 -2.87 35.98
C ASP I 163 73.63 -3.29 35.35
N ARG I 164 73.44 -4.60 35.22
CA ARG I 164 72.32 -5.16 34.47
C ARG I 164 71.04 -4.94 35.26
N ASP I 165 70.50 -3.73 35.14
CA ASP I 165 69.29 -3.33 35.83
C ASP I 165 68.76 -2.06 35.15
N GLY I 166 67.51 -1.72 35.46
CA GLY I 166 66.89 -0.53 34.92
C GLY I 166 65.52 -0.82 34.34
N ASN I 167 64.89 0.24 33.85
CA ASN I 167 63.56 0.13 33.26
C ASN I 167 63.60 -0.75 32.01
N THR I 168 64.39 -0.35 31.01
CA THR I 168 64.50 -1.10 29.77
C THR I 168 65.67 -2.08 29.86
N LEU I 169 65.92 -2.77 28.75
CA LEU I 169 67.00 -3.75 28.67
C LEU I 169 68.24 -3.04 28.14
N THR I 170 69.06 -2.53 29.05
CA THR I 170 70.28 -1.82 28.69
C THR I 170 71.28 -1.96 29.82
N TYR I 171 72.57 -1.99 29.46
CA TYR I 171 73.65 -2.20 30.41
C TYR I 171 74.44 -0.89 30.56
N TYR I 172 74.52 -0.38 31.78
CA TYR I 172 75.26 0.83 32.08
C TYR I 172 76.59 0.48 32.75
N ARG I 173 77.45 1.49 32.84
CA ARG I 173 78.75 1.35 33.51
C ARG I 173 78.73 2.05 34.85
N ARG I 174 79.46 1.48 35.81
CA ARG I 174 79.63 2.07 37.13
C ARG I 174 81.10 2.39 37.33
N PRO I 175 81.47 3.66 37.53
CA PRO I 175 82.89 4.00 37.68
C PRO I 175 83.46 3.44 38.98
N TRP I 176 84.79 3.29 38.96
CA TRP I 176 85.49 2.76 40.13
C TRP I 176 85.39 3.68 41.33
N ASN I 177 85.10 4.97 41.11
CA ASN I 177 84.93 5.89 42.22
C ASN I 177 83.58 5.72 42.90
N VAL I 178 82.54 5.38 42.15
CA VAL I 178 81.22 5.15 42.71
C VAL I 178 81.17 3.71 43.23
N ALA I 179 80.95 3.57 44.54
CA ALA I 179 80.98 2.24 45.14
C ALA I 179 79.72 1.44 44.81
N SER I 180 78.56 2.10 44.76
CA SER I 180 77.31 1.40 44.53
C SER I 180 76.30 2.34 43.88
N LEU I 181 75.38 1.77 43.13
CA LEU I 181 74.27 2.51 42.54
C LEU I 181 73.10 1.56 42.34
N ILE I 182 71.93 1.94 42.83
CA ILE I 182 70.73 1.13 42.71
C ILE I 182 69.72 1.88 41.85
N TYR I 183 68.82 1.12 41.24
CA TYR I 183 67.78 1.67 40.36
C TYR I 183 66.38 1.50 40.97
N GLU I 184 66.29 1.48 42.29
CA GLU I 184 65.01 1.34 42.96
C GLU I 184 64.12 2.54 42.69
N THR I 185 62.93 2.28 42.14
CA THR I 185 61.98 3.33 41.81
C THR I 185 60.97 3.54 42.93
N LYS I 186 61.50 3.84 44.12
CA LYS I 186 60.66 4.08 45.28
C LYS I 186 59.80 5.32 45.07
N GLY I 187 58.64 5.34 45.71
CA GLY I 187 57.74 6.47 45.62
C GLY I 187 56.70 6.49 46.71
N GLU I 188 56.52 7.64 47.36
CA GLU I 188 55.54 7.76 48.43
C GLU I 188 54.98 9.17 48.45
N LYS I 189 53.83 9.31 49.10
CA LYS I 189 53.17 10.60 49.24
C LYS I 189 52.23 10.54 50.44
N ASN I 190 51.89 11.70 50.97
CA ASN I 190 51.04 11.79 52.15
C ASN I 190 49.92 12.79 51.92
N PHE I 191 48.89 12.68 52.73
CA PHE I 191 47.89 13.70 52.77
C PHE I 191 47.50 13.90 54.21
N ARG I 192 46.95 15.06 54.47
CA ARG I 192 46.46 15.41 55.79
C ARG I 192 45.46 16.56 55.66
N THR I 193 44.62 16.68 56.68
CA THR I 193 43.68 17.80 56.80
C THR I 193 43.14 17.82 58.22
N GLU I 194 42.64 18.98 58.62
CA GLU I 194 42.07 19.16 59.95
C GLU I 194 41.06 20.30 59.91
N HIS I 195 40.33 20.45 61.00
CA HIS I 195 39.33 21.51 61.12
C HIS I 195 39.25 21.98 62.55
N TYR I 196 39.21 23.30 62.74
CA TYR I 196 39.04 23.93 64.04
C TYR I 196 37.78 24.78 64.02
N GLU I 197 37.07 24.82 65.13
CA GLU I 197 35.83 25.59 65.23
C GLU I 197 35.71 26.18 66.62
N GLU I 198 35.32 27.46 66.68
CA GLU I 198 35.11 28.16 67.93
C GLU I 198 33.90 29.08 67.79
N GLN I 199 33.06 29.10 68.82
CA GLN I 199 31.86 29.92 68.81
C GLN I 199 31.51 30.28 70.24
N ILE I 200 31.08 31.53 70.44
CA ILE I 200 30.64 31.98 71.75
C ILE I 200 29.52 32.99 71.55
N GLU I 201 28.49 32.91 72.41
CA GLU I 201 27.36 33.81 72.37
C GLU I 201 26.90 34.10 73.80
N ALA I 202 26.50 35.35 74.04
CA ALA I 202 26.04 35.76 75.36
C ALA I 202 24.92 36.78 75.20
N PHE I 203 23.82 36.56 75.91
CA PHE I 203 22.66 37.44 75.90
C PHE I 203 22.41 37.95 77.31
N LYS I 204 22.12 39.25 77.41
CA LYS I 204 21.84 39.88 78.69
C LYS I 204 20.71 40.88 78.53
N SER I 205 19.77 40.87 79.48
CA SER I 205 18.64 41.79 79.48
C SER I 205 18.29 42.14 80.92
N ILE I 206 18.17 43.45 81.19
CA ILE I 206 17.84 43.95 82.52
C ILE I 206 16.75 45.01 82.37
N ILE I 207 15.70 44.90 83.19
CA ILE I 207 14.58 45.83 83.15
C ILE I 207 14.24 46.25 84.57
N GLN I 208 13.89 47.52 84.75
CA GLN I 208 13.52 48.08 86.04
C GLN I 208 12.21 48.84 85.91
N GLU I 209 11.39 48.77 86.95
CA GLU I 209 10.10 49.44 86.95
C GLU I 209 9.79 49.92 88.37
N LYS I 210 9.45 51.20 88.49
CA LYS I 210 9.11 51.80 89.77
C LYS I 210 8.00 52.81 89.57
N THR I 211 7.04 52.82 90.48
CA THR I 211 5.90 53.73 90.42
C THR I 211 5.65 54.34 91.79
N SER I 212 5.39 55.64 91.82
CA SER I 212 5.20 56.36 93.08
C SER I 212 3.98 57.26 92.97
N ASN I 213 3.10 57.20 93.97
CA ASN I 213 1.91 58.02 94.02
C ASN I 213 1.64 58.41 95.48
N PHE I 214 1.13 59.63 95.67
CA PHE I 214 0.87 60.15 97.00
C PHE I 214 -0.43 60.93 97.01
N ASN I 215 -1.12 60.92 98.15
CA ASN I 215 -2.36 61.65 98.34
C ASN I 215 -2.28 62.45 99.63
N ALA I 216 -2.95 63.60 99.64
CA ALA I 216 -3.01 64.45 100.83
C ALA I 216 -4.27 65.30 100.76
N ALA I 217 -5.25 64.98 101.60
CA ALA I 217 -6.52 65.70 101.64
C ALA I 217 -6.87 66.00 103.08
N ILE I 218 -7.12 67.27 103.38
CA ILE I 218 -7.53 67.72 104.70
C ILE I 218 -8.52 68.87 104.54
N SER I 219 -9.63 68.79 105.27
CA SER I 219 -10.68 69.81 105.21
C SER I 219 -10.97 70.31 106.61
N LEU I 220 -11.20 71.62 106.72
CA LEU I 220 -11.46 72.27 108.00
C LEU I 220 -12.58 73.28 107.83
N LYS I 221 -13.64 73.15 108.63
CA LYS I 221 -14.76 74.07 108.61
C LYS I 221 -15.19 74.38 110.03
N PHE I 222 -15.61 75.62 110.27
CA PHE I 222 -15.96 76.07 111.60
C PHE I 222 -17.28 76.85 111.54
N THR I 223 -18.20 76.53 112.44
CA THR I 223 -19.48 77.22 112.54
C THR I 223 -19.99 77.17 113.97
N PRO I 224 -19.93 78.29 114.71
CA PRO I 224 -20.42 78.32 116.10
C PRO I 224 -21.94 78.40 116.18
N SER I 242 -23.56 86.27 113.19
CA SER I 242 -23.35 85.02 112.47
C SER I 242 -21.88 84.84 112.10
N LEU I 243 -21.41 83.59 112.17
CA LEU I 243 -20.03 83.26 111.85
C LEU I 243 -19.99 81.92 111.16
N HIS I 244 -19.27 81.85 110.04
CA HIS I 244 -19.15 80.62 109.27
C HIS I 244 -17.73 80.51 108.71
N GLY I 245 -17.26 79.28 108.58
CA GLY I 245 -15.95 79.02 108.01
C GLY I 245 -15.88 77.68 107.32
N LYS I 246 -15.11 77.60 106.23
CA LYS I 246 -14.98 76.35 105.49
C LYS I 246 -13.70 76.38 104.68
N GLY I 247 -12.90 75.33 104.81
CA GLY I 247 -11.67 75.21 104.04
C GLY I 247 -11.32 73.75 103.77
N SER I 248 -10.81 73.47 102.58
CA SER I 248 -10.46 72.11 102.19
C SER I 248 -9.17 72.12 101.38
N PHE I 249 -8.28 71.19 101.71
CA PHE I 249 -7.01 71.05 101.01
C PHE I 249 -7.01 69.74 100.21
N ARG I 250 -6.43 69.78 99.02
CA ARG I 250 -6.29 68.59 98.19
C ARG I 250 -4.90 68.58 97.58
N PHE I 251 -4.34 67.38 97.41
CA PHE I 251 -2.99 67.23 96.90
C PHE I 251 -2.85 65.87 96.22
N SER I 252 -2.08 65.84 95.14
CA SER I 252 -1.88 64.61 94.38
C SER I 252 -0.41 64.51 93.98
N TYR I 253 -0.01 63.33 93.51
CA TYR I 253 1.36 63.08 93.11
C TYR I 253 1.39 61.92 92.14
N SER I 254 2.23 62.03 91.11
CA SER I 254 2.35 60.99 90.10
C SER I 254 3.82 60.83 89.71
N LYS I 255 4.26 59.58 89.59
CA LYS I 255 5.66 59.29 89.29
C LYS I 255 5.86 57.84 88.86
N ASN I 256 6.60 57.63 87.77
CA ASN I 256 7.09 56.30 87.45
C ASN I 256 8.38 56.42 86.65
N GLU I 257 9.26 55.45 86.81
CA GLU I 257 10.55 55.44 86.12
C GLU I 257 10.86 54.02 85.66
N THR I 258 10.77 53.79 84.36
CA THR I 258 11.05 52.49 83.76
C THR I 258 12.45 52.51 83.16
N TYR I 259 13.27 51.52 83.53
CA TYR I 259 14.62 51.38 83.00
C TYR I 259 14.71 50.08 82.22
N GLN I 260 15.51 50.10 81.16
CA GLN I 260 15.69 48.93 80.30
C GLN I 260 17.14 48.82 79.89
N LEU I 261 17.67 47.59 79.93
CA LEU I 261 19.05 47.31 79.56
C LEU I 261 19.09 46.05 78.72
N PHE I 262 19.94 46.06 77.69
CA PHE I 262 20.09 44.90 76.81
C PHE I 262 21.55 44.83 76.36
N LEU I 263 22.11 43.61 76.41
CA LEU I 263 23.49 43.39 76.03
C LEU I 263 23.60 42.05 75.31
N SER I 264 24.39 42.02 74.24
CA SER I 264 24.58 40.82 73.44
C SER I 264 26.03 40.71 73.01
N TYR I 265 26.52 39.47 72.92
CA TYR I 265 27.89 39.20 72.53
C TYR I 265 27.92 37.95 71.67
N SER I 266 28.76 37.98 70.63
CA SER I 266 28.87 36.84 69.72
C SER I 266 30.24 36.87 69.04
N SER I 267 30.84 35.71 68.87
CA SER I 267 32.12 35.62 68.19
C SER I 267 32.29 34.19 67.66
N LYS I 268 32.88 34.08 66.47
CA LYS I 268 33.11 32.79 65.84
C LYS I 268 34.51 32.77 65.24
N LYS I 269 35.18 31.63 65.36
CA LYS I 269 36.53 31.46 64.84
C LYS I 269 36.65 30.09 64.19
N GLU I 270 37.41 30.03 63.08
CA GLU I 270 37.64 28.79 62.36
C GLU I 270 39.06 28.79 61.82
N LYS I 271 39.68 27.62 61.79
CA LYS I 271 41.05 27.50 61.33
C LYS I 271 41.24 26.13 60.68
N MET I 272 41.99 26.11 59.58
CA MET I 272 42.29 24.88 58.86
C MET I 272 43.73 24.93 58.36
N PHE I 273 44.51 23.92 58.71
CA PHE I 273 45.90 23.83 58.29
C PHE I 273 46.18 22.40 57.85
N LEU I 274 46.86 22.25 56.71
CA LEU I 274 47.20 20.93 56.20
C LEU I 274 48.38 21.05 55.26
N HIS I 275 49.17 19.98 55.18
CA HIS I 275 50.34 19.93 54.32
C HIS I 275 50.46 18.55 53.71
N VAL I 276 50.85 18.49 52.44
CA VAL I 276 51.03 17.23 51.73
C VAL I 276 52.34 17.32 50.96
N LYS I 277 52.94 16.15 50.70
CA LYS I 277 54.20 16.08 49.98
C LYS I 277 54.34 14.71 49.34
N GLY I 278 55.00 14.67 48.19
CA GLY I 278 55.24 13.43 47.49
C GLY I 278 56.53 13.50 46.71
N GLU I 279 57.21 12.37 46.62
CA GLU I 279 58.48 12.29 45.90
C GLU I 279 58.52 11.03 45.06
N ILE I 280 59.10 11.14 43.88
CA ILE I 280 59.30 10.02 42.97
C ILE I 280 60.80 9.75 42.93
N HIS I 281 61.23 8.74 43.69
CA HIS I 281 62.64 8.37 43.72
C HIS I 281 63.02 7.62 42.46
N LEU I 282 64.21 7.92 41.94
CA LEU I 282 64.71 7.32 40.71
C LEU I 282 65.85 6.34 40.98
N GLY I 283 66.92 6.80 41.62
CA GLY I 283 68.04 5.95 41.91
C GLY I 283 68.85 6.47 43.08
N ARG I 284 69.64 5.59 43.66
CA ARG I 284 70.44 5.91 44.83
C ARG I 284 71.86 5.40 44.63
N PHE I 285 72.83 6.18 45.10
CA PHE I 285 74.24 5.84 44.96
C PHE I 285 74.95 6.13 46.28
N VAL I 286 76.07 5.46 46.49
CA VAL I 286 76.91 5.64 47.67
C VAL I 286 78.35 5.78 47.19
N MET I 287 78.91 6.96 47.35
CA MET I 287 80.29 7.20 46.94
C MET I 287 81.26 6.46 47.83
N ARG I 288 82.27 5.85 47.22
CA ARG I 288 83.33 5.20 47.98
C ARG I 288 84.09 6.23 48.79
N ASN I 289 84.29 5.94 50.08
CA ASN I 289 84.86 6.94 50.98
C ASN I 289 86.36 7.10 50.75
N ARG I 290 87.12 6.02 50.83
CA ARG I 290 88.55 6.06 50.65
C ARG I 290 88.93 5.36 49.34
N ASP I 291 90.21 5.46 48.98
CA ASP I 291 90.74 4.97 47.71
C ASP I 291 89.99 5.63 46.55
N VAL I 292 89.98 6.96 46.58
CA VAL I 292 89.20 7.78 45.67
C VAL I 292 90.13 8.50 44.72
N VAL I 293 89.74 8.57 43.45
CA VAL I 293 90.46 9.32 42.43
C VAL I 293 89.82 10.70 42.31
N LEU I 294 90.63 11.69 41.96
CA LEU I 294 90.20 13.07 41.90
C LEU I 294 90.44 13.64 40.51
N THR I 295 89.78 14.76 40.22
CA THR I 295 89.92 15.41 38.93
C THR I 295 91.17 16.28 38.91
N THR I 296 91.63 16.58 37.69
CA THR I 296 92.87 17.33 37.53
C THR I 296 92.77 18.74 38.12
N THR I 297 91.59 19.37 38.02
CA THR I 297 91.44 20.73 38.52
C THR I 297 91.49 20.75 40.04
N PHE I 298 90.78 19.83 40.70
CA PHE I 298 90.80 19.77 42.16
C PHE I 298 92.19 19.40 42.67
N VAL I 299 92.87 18.48 41.97
CA VAL I 299 94.22 18.10 42.36
C VAL I 299 95.16 19.29 42.24
N ASP I 300 95.04 20.07 41.16
CA ASP I 300 95.87 21.25 40.99
C ASP I 300 95.57 22.28 42.07
N ASP I 301 94.30 22.42 42.44
CA ASP I 301 93.93 23.39 43.48
C ASP I 301 94.49 22.97 44.84
N ILE I 302 94.44 21.67 45.15
CA ILE I 302 94.99 21.19 46.42
C ILE I 302 96.51 21.29 46.42
N LYS I 303 97.15 21.09 45.26
CA LYS I 303 98.60 21.24 45.19
C LYS I 303 99.02 22.69 45.37
N ALA I 304 98.31 23.62 44.72
CA ALA I 304 98.55 25.05 44.91
C ALA I 304 97.65 25.56 46.03
N LEU I 305 97.99 25.16 47.25
CA LEU I 305 97.22 25.47 48.43
C LEU I 305 98.18 25.79 49.57
N PRO I 306 97.91 26.84 50.35
CA PRO I 306 98.82 27.20 51.44
C PRO I 306 98.80 26.20 52.59
N THR I 307 99.66 26.42 53.58
CA THR I 307 99.74 25.53 54.73
C THR I 307 99.89 26.27 56.05
N THR I 308 99.68 27.58 56.08
CA THR I 308 99.84 28.39 57.28
C THR I 308 98.51 28.99 57.72
N TYR I 309 97.42 28.25 57.52
CA TYR I 309 96.08 28.67 57.89
C TYR I 309 95.70 30.00 57.25
N GLU I 310 95.61 29.97 55.91
CA GLU I 310 95.19 31.14 55.14
C GLU I 310 93.67 31.09 55.02
N LYS I 311 92.99 31.71 56.00
CA LYS I 311 91.53 31.76 55.99
C LYS I 311 91.00 32.47 54.75
N GLY I 312 91.75 33.44 54.22
CA GLY I 312 91.29 34.18 53.05
C GLY I 312 91.12 33.29 51.83
N GLU I 313 92.18 32.55 51.48
CA GLU I 313 92.08 31.64 50.34
C GLU I 313 91.20 30.44 50.66
N TYR I 314 91.18 30.00 51.91
CA TYR I 314 90.34 28.86 52.28
C TYR I 314 88.87 29.22 52.19
N PHE I 315 88.50 30.46 52.54
CA PHE I 315 87.12 30.88 52.39
C PHE I 315 86.69 30.93 50.93
N ALA I 316 87.62 31.30 50.03
CA ALA I 316 87.32 31.27 48.61
C ALA I 316 87.17 29.84 48.10
N PHE I 317 88.10 28.97 48.49
CA PHE I 317 88.00 27.56 48.10
C PHE I 317 86.71 26.92 48.61
N LEU I 318 86.25 27.34 49.80
CA LEU I 318 85.03 26.78 50.36
C LEU I 318 83.82 27.14 49.52
N GLU I 319 83.70 28.41 49.14
CA GLU I 319 82.60 28.83 48.26
C GLU I 319 82.75 28.23 46.87
N THR I 320 83.98 27.94 46.45
CA THR I 320 84.20 27.41 45.09
C THR I 320 83.80 25.94 45.00
N TYR I 321 84.20 25.13 45.97
CA TYR I 321 83.99 23.69 45.93
C TYR I 321 83.11 23.19 47.07
N GLY I 322 82.21 24.04 47.56
CA GLY I 322 81.28 23.61 48.59
C GLY I 322 81.93 23.44 49.95
N THR I 323 81.11 23.22 50.98
CA THR I 323 81.62 23.00 52.33
C THR I 323 81.87 21.53 52.63
N HIS I 324 80.97 20.65 52.21
CA HIS I 324 81.11 19.22 52.42
C HIS I 324 80.37 18.49 51.31
N TYR I 325 80.95 17.38 50.86
CA TYR I 325 80.42 16.66 49.72
C TYR I 325 79.38 15.62 50.17
N SER I 326 78.80 14.93 49.21
CA SER I 326 77.74 13.95 49.46
C SER I 326 78.35 12.55 49.46
N SER I 327 78.18 11.85 50.59
CA SER I 327 78.59 10.45 50.64
C SER I 327 77.59 9.55 49.92
N SER I 328 76.31 9.91 49.93
CA SER I 328 75.27 9.15 49.24
C SER I 328 74.13 10.08 48.88
N GLY I 329 73.64 9.96 47.65
CA GLY I 329 72.55 10.80 47.19
C GLY I 329 71.31 10.01 46.81
N SER I 330 70.32 10.70 46.23
CA SER I 330 69.08 10.05 45.83
C SER I 330 68.51 10.83 44.63
N LEU I 331 68.72 10.29 43.44
CA LEU I 331 68.23 10.93 42.23
C LEU I 331 66.71 10.77 42.12
N GLY I 332 66.06 11.80 41.57
CA GLY I 332 64.61 11.77 41.43
C GLY I 332 63.99 13.16 41.41
N GLY I 333 63.00 13.38 42.28
CA GLY I 333 62.34 14.66 42.39
C GLY I 333 61.14 14.63 43.31
N LEU I 334 60.87 15.74 44.00
CA LEU I 334 59.77 15.81 44.94
C LEU I 334 58.90 17.02 44.64
N TYR I 335 57.64 16.94 45.07
CA TYR I 335 56.69 18.04 44.91
C TYR I 335 55.80 18.09 46.15
N GLU I 336 55.36 19.29 46.50
CA GLU I 336 54.52 19.48 47.66
C GLU I 336 53.72 20.77 47.52
N LEU I 337 52.50 20.76 48.04
CA LEU I 337 51.64 21.94 48.05
C LEU I 337 50.99 22.06 49.42
N ILE I 338 50.91 23.29 49.93
CA ILE I 338 50.38 23.56 51.25
C ILE I 338 49.47 24.79 51.17
N TYR I 339 48.29 24.70 51.72
CA TYR I 339 47.63 25.95 52.00
C TYR I 339 46.81 25.95 53.25
N VAL I 340 46.72 27.15 53.80
CA VAL I 340 46.29 27.40 55.17
C VAL I 340 45.05 28.28 55.14
N LEU I 341 44.17 28.06 56.11
CA LEU I 341 42.94 28.84 56.24
C LEU I 341 42.74 29.23 57.71
N ASP I 342 42.29 30.47 57.91
CA ASP I 342 42.03 30.98 59.25
C ASP I 342 40.87 31.95 59.19
N LYS I 343 39.94 31.83 60.15
CA LYS I 343 38.74 32.64 60.18
C LYS I 343 38.52 33.16 61.59
N ALA I 344 38.04 34.41 61.69
CA ALA I 344 37.76 35.02 62.97
C ALA I 344 36.60 36.01 62.81
N SER I 345 35.73 36.05 63.81
CA SER I 345 34.58 36.95 63.78
C SER I 345 34.23 37.39 65.19
N MET I 346 33.66 38.59 65.30
CA MET I 346 33.27 39.13 66.59
C MET I 346 32.05 40.03 66.41
N LYS I 347 31.09 39.89 67.31
CA LYS I 347 29.87 40.70 67.29
C LYS I 347 29.52 41.11 68.72
N ARG I 348 29.22 42.39 68.90
CA ARG I 348 28.88 42.92 70.22
C ARG I 348 27.70 43.86 70.08
N LYS I 349 26.70 43.70 70.95
CA LYS I 349 25.48 44.51 70.89
C LYS I 349 25.09 44.94 72.29
N GLY I 350 24.73 46.22 72.42
CA GLY I 350 24.25 46.75 73.68
C GLY I 350 23.18 47.80 73.48
N VAL I 351 22.03 47.63 74.14
CA VAL I 351 20.89 48.51 73.99
C VAL I 351 20.45 48.98 75.37
N GLU I 352 20.22 50.29 75.51
CA GLU I 352 19.80 50.89 76.77
C GLU I 352 18.63 51.83 76.51
N LEU I 353 17.61 51.75 77.36
CA LEU I 353 16.44 52.62 77.26
C LEU I 353 16.07 53.11 78.65
N LYS I 354 15.78 54.40 78.76
CA LYS I 354 15.46 55.03 80.04
C LYS I 354 14.32 56.01 79.84
N ASP I 355 13.27 55.84 80.65
CA ASP I 355 12.09 56.71 80.58
C ASP I 355 11.59 56.99 81.99
N ILE I 356 11.36 58.26 82.30
CA ILE I 356 10.92 58.69 83.62
C ILE I 356 9.79 59.71 83.44
N LYS I 357 8.73 59.56 84.23
CA LYS I 357 7.63 60.52 84.28
C LYS I 357 7.33 60.85 85.73
N ARG I 358 7.22 62.14 86.03
CA ARG I 358 6.87 62.61 87.36
C ARG I 358 5.91 63.79 87.23
N CYS I 359 4.79 63.73 87.95
CA CYS I 359 3.81 64.81 87.89
C CYS I 359 3.30 65.12 89.30
N LEU I 360 2.85 66.36 89.48
CA LEU I 360 2.40 66.87 90.75
C LEU I 360 1.02 67.49 90.62
N GLY I 361 0.19 67.31 91.65
CA GLY I 361 -1.14 67.87 91.66
C GLY I 361 -1.52 68.48 92.99
N TYR I 362 -2.11 69.67 92.97
CA TYR I 362 -2.49 70.37 94.20
C TYR I 362 -3.78 71.16 93.95
N HIS I 363 -4.69 71.10 94.93
CA HIS I 363 -5.95 71.81 94.86
C HIS I 363 -6.23 72.47 96.21
N LEU I 364 -6.52 73.76 96.18
CA LEU I 364 -6.83 74.53 97.38
C LEU I 364 -8.14 75.26 97.17
N ASP I 365 -9.08 75.08 98.10
CA ASP I 365 -10.39 75.73 98.03
C ASP I 365 -10.80 76.14 99.44
N VAL I 366 -11.05 77.44 99.62
CA VAL I 366 -11.47 77.99 100.89
C VAL I 366 -12.65 78.92 100.64
N SER I 367 -13.73 78.74 101.40
CA SER I 367 -14.92 79.58 101.27
C SER I 367 -15.37 80.02 102.65
N LEU I 368 -15.62 81.32 102.81
CA LEU I 368 -16.01 81.89 104.08
C LEU I 368 -17.34 82.61 103.93
N ALA I 369 -18.19 82.49 104.96
CA ALA I 369 -19.54 83.09 104.85
C ALA I 369 -19.87 84.02 106.02
N PHE I 370 -20.32 85.23 105.69
CA PHE I 370 -20.81 86.24 106.68
C PHE I 370 -22.32 86.03 106.86
N SER I 371 -22.96 86.84 107.70
CA SER I 371 -24.44 86.89 107.64
C SER I 371 -24.86 87.37 106.24
N GLU I 372 -24.20 88.42 105.74
CA GLU I 372 -24.43 88.96 104.38
C GLU I 372 -23.08 89.04 103.66
N ILE I 373 -22.04 88.41 104.23
CA ILE I 373 -20.70 88.49 103.70
C ILE I 373 -20.30 87.10 103.21
N SER I 374 -19.69 87.04 102.03
CA SER I 374 -19.24 85.79 101.45
C SER I 374 -17.84 85.97 100.89
N VAL I 375 -16.93 85.07 101.25
CA VAL I 375 -15.54 85.10 100.80
C VAL I 375 -15.21 83.75 100.18
N GLY I 376 -14.51 83.77 99.05
CA GLY I 376 -14.13 82.55 98.37
C GLY I 376 -12.67 82.57 97.97
N ALA I 377 -12.12 81.37 97.81
CA ALA I 377 -10.72 81.22 97.42
C ALA I 377 -10.55 79.86 96.75
N GLU I 378 -9.85 79.85 95.62
CA GLU I 378 -9.59 78.61 94.87
C GLU I 378 -8.20 78.70 94.25
N PHE I 379 -7.29 77.87 94.72
CA PHE I 379 -5.92 77.82 94.20
C PHE I 379 -5.63 76.39 93.73
N ASN I 380 -5.28 76.23 92.46
CA ASN I 380 -5.00 74.92 91.89
C ASN I 380 -3.63 74.94 91.22
N LYS I 381 -2.83 73.90 91.49
CA LYS I 381 -1.49 73.79 90.95
C LYS I 381 -1.33 72.44 90.28
N ASP I 382 -0.73 72.43 89.08
CA ASP I 382 -0.51 71.21 88.33
C ASP I 382 0.82 71.33 87.60
N ASP I 383 1.65 70.29 87.72
CA ASP I 383 2.96 70.29 87.06
C ASP I 383 3.40 68.84 86.86
N CYS I 384 3.76 68.51 85.62
CA CYS I 384 4.25 67.18 85.28
C CYS I 384 5.62 67.31 84.62
N VAL I 385 6.42 66.25 84.76
CA VAL I 385 7.77 66.20 84.19
C VAL I 385 7.98 64.83 83.58
N LYS I 386 8.59 64.80 82.39
CA LYS I 386 8.90 63.56 81.70
C LYS I 386 10.38 63.56 81.30
N ARG I 387 11.00 62.38 81.36
CA ARG I 387 12.40 62.21 81.00
C ARG I 387 12.54 61.00 80.08
N GLY I 388 13.44 61.12 79.11
CA GLY I 388 13.67 60.04 78.16
C GLY I 388 15.12 59.91 77.75
N GLU I 389 15.60 58.67 77.59
CA GLU I 389 16.97 58.44 77.20
C GLU I 389 17.06 57.10 76.48
N GLY I 390 17.85 57.07 75.40
CA GLY I 390 18.07 55.86 74.65
C GLY I 390 19.51 55.67 74.22
N ARG I 391 20.01 54.44 74.28
CA ARG I 391 21.38 54.14 73.91
C ARG I 391 21.43 52.81 73.18
N ALA I 392 22.28 52.74 72.15
CA ALA I 392 22.44 51.53 71.37
C ALA I 392 23.90 51.37 70.95
N VAL I 393 24.37 50.13 70.92
CA VAL I 393 25.74 49.79 70.52
C VAL I 393 25.67 48.58 69.62
N ASN I 394 26.21 48.70 68.41
CA ASN I 394 26.15 47.64 67.40
C ASN I 394 27.47 47.64 66.64
N ILE I 395 28.33 46.67 66.94
CA ILE I 395 29.68 46.62 66.39
C ILE I 395 30.00 45.19 65.97
N THR I 396 30.29 45.00 64.69
CA THR I 396 30.65 43.71 64.13
C THR I 396 32.08 43.75 63.61
N SER I 397 32.82 42.68 63.83
CA SER I 397 34.21 42.57 63.37
C SER I 397 34.46 41.15 62.87
N GLU I 398 35.19 41.05 61.77
CA GLU I 398 35.52 39.76 61.16
C GLU I 398 36.92 39.81 60.57
N ASN I 399 37.65 38.72 60.72
CA ASN I 399 39.02 38.61 60.23
C ASN I 399 39.22 37.27 59.54
N LEU I 400 39.94 37.29 58.42
CA LEU I 400 40.23 36.09 57.64
C LEU I 400 41.71 36.08 57.28
N ILE I 401 42.32 34.90 57.28
CA ILE I 401 43.73 34.73 56.95
C ILE I 401 43.90 33.46 56.14
N ASP I 402 44.51 33.57 54.97
CA ASP I 402 44.77 32.43 54.10
C ASP I 402 46.20 32.50 53.59
N ASP I 403 46.87 31.35 53.55
CA ASP I 403 48.23 31.24 53.03
C ASP I 403 48.37 29.94 52.26
N VAL I 404 48.88 30.03 51.02
CA VAL I 404 49.06 28.88 50.16
C VAL I 404 50.50 28.91 49.63
N VAL I 405 51.16 27.75 49.66
CA VAL I 405 52.50 27.60 49.13
C VAL I 405 52.60 26.24 48.43
N SER I 406 53.44 26.18 47.40
CA SER I 406 53.62 24.96 46.63
C SER I 406 54.93 25.06 45.86
N LEU I 407 55.49 23.90 45.52
CA LEU I 407 56.75 23.85 44.79
C LEU I 407 56.84 22.53 44.05
N ILE I 408 57.71 22.50 43.04
CA ILE I 408 57.94 21.31 42.23
C ILE I 408 59.31 21.45 41.58
N ARG I 409 59.91 20.31 41.22
CA ARG I 409 61.23 20.30 40.61
C ARG I 409 61.46 18.95 39.95
N GLY I 410 62.35 18.96 38.95
CA GLY I 410 62.76 17.74 38.29
C GLY I 410 62.10 17.56 36.94
N GLY I 411 62.72 16.71 36.10
CA GLY I 411 62.17 16.38 34.81
C GLY I 411 62.39 17.48 33.78
N THR I 412 61.88 17.21 32.57
CA THR I 412 61.92 18.22 31.52
C THR I 412 60.94 19.35 31.87
N ARG I 413 61.18 20.52 31.26
CA ARG I 413 60.39 21.69 31.60
C ARG I 413 58.96 21.59 31.05
N LYS I 414 58.78 20.85 29.96
CA LYS I 414 57.44 20.72 29.37
C LYS I 414 56.52 19.89 30.28
N TYR I 415 56.91 18.66 30.57
CA TYR I 415 56.04 17.77 31.33
C TYR I 415 55.94 18.15 32.79
N ALA I 416 56.95 18.82 33.33
CA ALA I 416 56.93 19.17 34.75
C ALA I 416 55.84 20.20 35.06
N PHE I 417 55.85 21.33 34.35
CA PHE I 417 54.90 22.39 34.62
C PHE I 417 53.52 22.10 34.06
N GLU I 418 53.40 21.13 33.14
CA GLU I 418 52.08 20.66 32.75
C GLU I 418 51.38 19.96 33.91
N LEU I 419 52.15 19.29 34.77
CA LEU I 419 51.59 18.74 36.00
C LEU I 419 51.30 19.84 37.00
N LYS I 420 52.12 20.88 37.03
CA LYS I 420 51.94 21.96 38.00
C LYS I 420 50.64 22.73 37.75
N GLU I 421 50.34 23.01 36.48
CA GLU I 421 49.15 23.80 36.17
C GLU I 421 47.87 23.05 36.50
N LYS I 422 47.86 21.73 36.28
CA LYS I 422 46.67 20.93 36.55
C LYS I 422 46.56 20.54 38.02
N LEU I 423 47.67 20.55 38.75
CA LEU I 423 47.61 20.24 40.18
C LEU I 423 47.05 21.40 40.99
N LEU I 424 47.43 22.62 40.63
CA LEU I 424 47.01 23.81 41.38
C LEU I 424 45.55 24.11 41.03
N ARG I 425 44.64 23.77 41.94
CA ARG I 425 43.22 24.05 41.82
C ARG I 425 42.59 23.43 40.57
N GLY I 426 43.22 22.40 40.01
CA GLY I 426 42.66 21.73 38.86
C GLY I 426 41.54 20.78 39.21
N THR I 427 41.73 20.03 40.30
CA THR I 427 40.78 19.06 40.87
C THR I 427 40.51 17.87 39.95
N VAL I 428 41.13 17.82 38.78
CA VAL I 428 40.97 16.71 37.85
C VAL I 428 42.36 16.28 37.40
N ILE I 429 42.89 15.22 38.00
CA ILE I 429 44.19 14.70 37.63
C ILE I 429 44.04 13.68 36.51
N ASP I 430 44.94 13.73 35.55
CA ASP I 430 44.91 12.85 34.39
C ASP I 430 45.70 11.58 34.68
N VAL I 431 45.49 10.57 33.83
CA VAL I 431 46.25 9.33 33.94
C VAL I 431 47.54 9.39 33.11
N THR I 432 47.53 10.09 31.98
CA THR I 432 48.69 10.13 31.10
C THR I 432 49.73 11.15 31.56
N ASP I 433 49.30 12.22 32.24
CA ASP I 433 50.24 13.25 32.65
C ASP I 433 51.23 12.72 33.69
N PHE I 434 50.79 11.80 34.56
CA PHE I 434 51.72 11.24 35.54
C PHE I 434 52.75 10.34 34.87
N VAL I 435 52.34 9.59 33.84
CA VAL I 435 53.31 8.78 33.10
C VAL I 435 54.29 9.67 32.35
N ASN I 436 53.79 10.79 31.80
CA ASN I 436 54.68 11.75 31.15
C ASN I 436 55.67 12.34 32.14
N TRP I 437 55.21 12.67 33.35
CA TRP I 437 56.09 13.16 34.39
C TRP I 437 57.13 12.11 34.77
N ALA I 438 56.72 10.84 34.84
CA ALA I 438 57.65 9.77 35.17
C ALA I 438 58.74 9.65 34.10
N SER I 439 58.35 9.66 32.82
CA SER I 439 59.33 9.60 31.75
C SER I 439 60.23 10.83 31.76
N SER I 440 59.67 12.00 32.04
CA SER I 440 60.45 13.23 32.08
C SER I 440 61.48 13.20 33.20
N ILE I 441 61.10 12.72 34.37
CA ILE I 441 62.05 12.67 35.49
C ILE I 441 63.04 11.53 35.30
N ASN I 442 62.67 10.50 34.55
CA ASN I 442 63.66 9.50 34.13
C ASN I 442 64.69 10.12 33.21
N ASP I 443 64.24 11.03 32.33
CA ASP I 443 65.17 11.75 31.46
C ASP I 443 66.08 12.67 32.27
N ALA I 444 65.52 13.40 33.24
CA ALA I 444 66.29 14.35 34.04
C ALA I 444 65.83 14.29 35.50
N PRO I 445 66.56 13.55 36.35
CA PRO I 445 66.21 13.51 37.78
C PRO I 445 66.87 14.63 38.58
N VAL I 446 66.65 14.64 39.89
CA VAL I 446 67.25 15.63 40.77
C VAL I 446 67.36 15.01 42.16
N LEU I 447 68.19 15.61 43.02
CA LEU I 447 68.43 15.06 44.34
C LEU I 447 67.18 15.13 45.21
N ILE I 448 67.02 14.11 46.07
CA ILE I 448 65.93 14.08 47.04
C ILE I 448 66.51 13.96 48.44
N SER I 449 67.23 12.88 48.70
CA SER I 449 67.90 12.63 49.97
C SER I 449 69.40 12.59 49.75
N GLN I 450 70.15 13.20 50.66
CA GLN I 450 71.58 13.36 50.48
C GLN I 450 72.29 13.03 51.79
N LYS I 451 73.08 11.97 51.78
CA LYS I 451 73.94 11.66 52.92
C LYS I 451 75.23 12.47 52.81
N LEU I 452 75.65 13.04 53.93
CA LEU I 452 76.67 14.07 53.94
C LEU I 452 77.99 13.53 54.45
N SER I 453 79.08 14.17 54.03
CA SER I 453 80.44 13.78 54.41
C SER I 453 81.35 14.98 54.27
N PRO I 454 82.24 15.21 55.23
CA PRO I 454 83.10 16.40 55.17
C PRO I 454 84.13 16.30 54.04
N ILE I 455 84.55 17.48 53.56
CA ILE I 455 85.48 17.53 52.44
C ILE I 455 86.89 17.13 52.88
N TYR I 456 87.32 17.57 54.07
CA TYR I 456 88.68 17.31 54.50
C TYR I 456 88.98 15.82 54.64
N ASN I 457 87.96 14.96 54.61
CA ASN I 457 88.19 13.52 54.53
C ASN I 457 88.41 13.04 53.10
N LEU I 458 88.16 13.91 52.11
CA LEU I 458 88.31 13.56 50.70
C LEU I 458 89.68 13.91 50.14
N VAL I 459 90.49 14.66 50.89
CA VAL I 459 91.82 15.05 50.41
C VAL I 459 92.67 13.81 50.18
N PRO I 460 93.45 13.74 49.09
CA PRO I 460 94.28 12.55 48.86
C PRO I 460 95.37 12.41 49.91
N VAL I 461 95.61 11.17 50.32
CA VAL I 461 96.61 10.84 51.33
C VAL I 461 98.00 10.87 50.69
N LYS I 462 99.04 10.83 51.53
CA LYS I 462 100.45 10.78 51.10
C LYS I 462 100.76 11.82 50.02
N MET I 463 100.18 13.00 50.17
CA MET I 463 100.44 14.12 49.26
C MET I 463 101.62 14.93 49.83
N LYS I 464 101.82 16.14 49.30
CA LYS I 464 102.89 17.01 49.77
C LYS I 464 102.74 17.29 51.27
N ASN I 465 101.63 17.92 51.65
CA ASN I 465 101.34 18.25 53.05
C ASN I 465 99.91 17.88 53.37
N ALA I 466 99.51 16.65 53.04
CA ALA I 466 98.12 16.25 53.11
C ALA I 466 97.56 16.37 54.53
N HIS I 467 98.29 15.84 55.52
CA HIS I 467 97.75 15.81 56.87
C HIS I 467 97.55 17.21 57.44
N LEU I 468 98.57 18.06 57.34
CA LEU I 468 98.44 19.41 57.87
C LEU I 468 97.38 20.19 57.12
N LYS I 469 97.30 20.00 55.80
CA LYS I 469 96.21 20.60 55.02
C LYS I 469 94.86 20.03 55.42
N LYS I 470 94.81 18.76 55.82
CA LYS I 470 93.55 18.15 56.24
C LYS I 470 93.00 18.85 57.49
N GLN I 471 93.81 18.92 58.55
CA GLN I 471 93.38 19.59 59.76
C GLN I 471 93.18 21.09 59.52
N ASN I 472 93.94 21.67 58.59
CA ASN I 472 93.78 23.08 58.28
C ASN I 472 92.41 23.35 57.64
N LEU I 473 92.03 22.52 56.66
CA LEU I 473 90.70 22.65 56.06
C LEU I 473 89.59 22.28 57.05
N GLU I 474 89.89 21.40 58.01
CA GLU I 474 88.90 21.11 59.06
C GLU I 474 88.66 22.34 59.93
N ARG I 475 89.73 23.01 60.36
CA ARG I 475 89.58 24.27 61.09
C ARG I 475 88.88 25.31 60.24
N ALA I 476 89.16 25.31 58.93
CA ALA I 476 88.54 26.30 58.04
C ALA I 476 87.04 26.06 57.93
N ILE I 477 86.61 24.81 57.75
CA ILE I 477 85.18 24.53 57.66
C ILE I 477 84.49 24.76 59.00
N GLU I 478 85.19 24.50 60.11
CA GLU I 478 84.60 24.81 61.41
C GLU I 478 84.39 26.31 61.58
N ASP I 479 85.41 27.11 61.23
CA ASP I 479 85.28 28.55 61.32
C ASP I 479 84.22 29.08 60.35
N TYR I 480 84.04 28.41 59.21
CA TYR I 480 83.01 28.81 58.26
C TYR I 480 81.62 28.54 58.82
N ILE I 481 81.41 27.34 59.36
CA ILE I 481 80.08 26.97 59.87
C ILE I 481 79.74 27.69 61.17
N ASN I 482 80.73 28.14 61.92
CA ASN I 482 80.48 28.85 63.17
C ASN I 482 80.74 30.35 63.08
N GLU I 483 81.13 30.86 61.91
CA GLU I 483 81.48 32.27 61.79
C GLU I 483 80.25 33.14 61.57
N PHE I 484 79.54 32.93 60.48
CA PHE I 484 78.38 33.74 60.12
C PHE I 484 77.17 32.85 59.90
N SER I 485 76.08 33.18 60.57
CA SER I 485 74.83 32.43 60.48
C SER I 485 73.75 33.26 61.19
N VAL I 486 72.56 32.68 61.32
CA VAL I 486 71.49 33.34 62.08
C VAL I 486 71.89 33.48 63.54
N ARG I 487 72.77 32.62 64.03
CA ARG I 487 73.19 32.67 65.43
C ARG I 487 73.88 33.99 65.75
N LYS I 488 74.67 34.53 64.82
CA LYS I 488 75.41 35.74 65.07
C LYS I 488 74.63 37.01 64.71
N CYS I 489 73.57 36.88 63.91
CA CYS I 489 72.76 38.03 63.53
C CYS I 489 71.84 38.42 64.69
N HIS I 490 70.95 39.37 64.45
CA HIS I 490 70.05 39.87 65.48
C HIS I 490 68.70 39.16 65.38
N THR I 491 68.01 39.07 66.52
CA THR I 491 66.74 38.38 66.58
C THR I 491 65.60 39.31 66.16
N CYS I 492 64.66 38.76 65.39
CA CYS I 492 63.52 39.52 64.90
C CYS I 492 62.47 39.62 66.01
N GLN I 493 61.32 40.19 65.68
CA GLN I 493 60.24 40.40 66.63
C GLN I 493 59.08 39.45 66.35
N ASN I 494 58.29 39.21 67.40
CA ASN I 494 57.09 38.36 67.33
C ASN I 494 57.45 36.96 66.85
N GLY I 495 58.60 36.45 67.28
CA GLY I 495 59.01 35.10 66.93
C GLY I 495 59.22 34.88 65.45
N GLY I 496 59.53 35.94 64.71
CA GLY I 496 59.75 35.81 63.28
C GLY I 496 61.00 35.00 62.98
N THR I 497 60.85 33.93 62.20
CA THR I 497 62.00 33.12 61.83
C THR I 497 62.97 33.92 60.98
N VAL I 498 64.20 34.05 61.48
CA VAL I 498 65.22 34.86 60.82
C VAL I 498 65.98 34.00 59.82
N ILE I 499 66.16 34.53 58.61
CA ILE I 499 66.91 33.85 57.56
C ILE I 499 68.08 34.74 57.16
N LEU I 500 68.96 34.17 56.33
CA LEU I 500 70.14 34.89 55.85
C LEU I 500 70.32 34.56 54.37
N MET I 501 70.08 35.54 53.51
CA MET I 501 70.19 35.37 52.06
C MET I 501 71.21 36.37 51.54
N ASP I 502 72.48 35.97 51.56
CA ASP I 502 73.59 36.76 51.02
C ASP I 502 73.64 38.15 51.64
N GLY I 503 73.85 38.19 52.95
CA GLY I 503 73.97 39.42 53.70
C GLY I 503 72.69 39.96 54.28
N LYS I 504 71.61 39.93 53.50
CA LYS I 504 70.31 40.41 53.96
C LYS I 504 69.78 39.49 55.06
N CYS I 505 69.83 39.96 56.29
CA CYS I 505 69.38 39.17 57.44
C CYS I 505 67.91 39.47 57.75
N LEU I 506 67.05 39.14 56.79
CA LEU I 506 65.63 39.36 56.95
C LEU I 506 65.01 38.27 57.83
N CYS I 507 63.82 38.57 58.35
CA CYS I 507 63.09 37.64 59.22
C CYS I 507 61.70 37.42 58.65
N ALA I 508 61.33 36.16 58.48
CA ALA I 508 60.00 35.81 57.99
C ALA I 508 58.97 36.05 59.10
N CYS I 509 58.06 37.00 58.87
CA CYS I 509 57.07 37.38 59.86
C CYS I 509 55.84 36.49 59.73
N PRO I 510 55.14 36.23 60.83
CA PRO I 510 53.96 35.34 60.77
C PRO I 510 52.87 35.90 59.87
N PHE I 511 51.85 35.06 59.67
CA PHE I 511 50.78 35.40 58.72
C PHE I 511 49.97 36.59 59.20
N LYS I 512 49.54 36.57 60.47
CA LYS I 512 48.70 37.62 61.02
C LYS I 512 49.43 38.95 61.21
N PHE I 513 50.74 39.00 60.92
CA PHE I 513 51.53 40.19 61.15
C PHE I 513 51.98 40.76 59.81
N GLU I 514 52.49 42.00 59.85
CA GLU I 514 52.90 42.70 58.65
C GLU I 514 54.36 42.35 58.35
N GLY I 515 54.99 43.13 57.46
CA GLY I 515 56.27 42.75 56.86
C GLY I 515 57.51 43.02 57.69
N ILE I 516 58.48 43.69 57.06
CA ILE I 516 59.83 43.79 57.60
C ILE I 516 59.83 44.30 59.04
N ALA I 517 60.76 43.75 59.84
CA ALA I 517 61.05 44.16 61.20
C ALA I 517 59.94 43.82 62.18
N CYS I 518 58.81 43.33 61.67
CA CYS I 518 57.66 42.92 62.48
C CYS I 518 57.34 43.97 63.55
N GLU I 519 57.26 45.23 63.12
CA GLU I 519 56.99 46.33 64.04
C GLU I 519 55.51 46.68 64.07
N ILE I 520 54.94 47.02 62.93
CA ILE I 520 53.53 47.38 62.85
C ILE I 520 52.67 46.11 62.91
N SER I 521 51.60 46.16 63.71
CA SER I 521 50.81 44.97 63.98
C SER I 521 49.99 44.55 62.77
N LYS I 522 49.28 45.53 62.18
CA LYS I 522 48.43 45.28 60.99
C LYS I 522 47.02 44.94 61.46
N GLN I 523 46.89 44.66 62.75
CA GLN I 523 45.58 44.43 63.40
C GLN I 523 45.44 45.56 64.42
N LYS I 524 44.66 46.58 64.09
CA LYS I 524 44.46 47.74 64.99
C LYS I 524 43.02 47.65 65.49
N ILE I 525 42.82 47.73 66.80
CA ILE I 525 41.43 47.59 67.30
C ILE I 525 40.61 48.74 66.69
N SER I 526 39.54 48.40 65.99
CA SER I 526 38.61 49.40 65.39
C SER I 526 38.44 50.58 66.34
N GLU I 527 38.39 51.81 65.78
CA GLU I 527 38.22 53.02 66.56
C GLU I 527 36.78 53.51 66.42
N GLY I 528 36.19 53.91 67.55
CA GLY I 528 34.83 54.41 67.53
C GLY I 528 34.67 55.74 68.25
N LEU I 529 34.03 56.70 67.58
CA LEU I 529 33.83 58.03 68.15
C LEU I 529 32.35 58.38 68.11
N PRO I 530 31.64 58.36 69.25
CA PRO I 530 30.22 58.72 69.25
C PRO I 530 29.99 60.22 69.40
N ALA I 531 31.04 61.01 69.20
CA ALA I 531 30.93 62.45 69.39
C ALA I 531 29.99 63.08 68.38
N LEU I 532 29.41 64.21 68.76
CA LEU I 532 28.47 64.91 67.90
C LEU I 532 29.22 65.49 66.70
N GLU I 533 28.63 65.43 65.50
CA GLU I 533 29.31 65.99 64.31
C GLU I 533 29.48 67.49 64.42
N PHE I 534 30.68 67.97 64.08
CA PHE I 534 30.97 69.39 64.17
C PHE I 534 30.17 70.17 63.13
N PRO I 535 30.15 69.68 61.89
CA PRO I 535 29.42 70.35 60.81
C PRO I 535 29.01 69.36 59.74
N SER J 18 59.33 73.12 47.98
CA SER J 18 60.58 73.79 48.30
C SER J 18 61.61 73.57 47.20
N HIS J 19 62.11 74.67 46.63
CA HIS J 19 63.11 74.60 45.56
C HIS J 19 64.49 74.40 46.19
N ILE J 20 64.76 73.16 46.57
CA ILE J 20 66.03 72.81 47.20
C ILE J 20 67.10 72.69 46.11
N ASP J 21 68.16 73.48 46.25
CA ASP J 21 69.27 73.45 45.31
C ASP J 21 70.27 72.36 45.71
N CYS J 22 71.23 72.11 44.82
CA CYS J 22 72.23 71.08 45.02
C CYS J 22 73.55 71.72 45.44
N ARG J 23 73.90 71.57 46.72
CA ARG J 23 75.20 71.98 47.22
C ARG J 23 76.18 70.86 46.91
N MET J 24 76.66 70.86 45.67
CA MET J 24 77.42 69.74 45.12
C MET J 24 78.70 70.24 44.42
N SER J 25 79.45 71.09 45.10
CA SER J 25 80.75 71.54 44.60
C SER J 25 81.76 71.72 45.73
N PRO J 26 82.06 70.64 46.50
CA PRO J 26 83.24 70.68 47.38
C PRO J 26 84.49 70.29 46.61
N TRP J 27 85.36 71.27 46.39
CA TRP J 27 86.57 71.03 45.61
C TRP J 27 87.75 70.69 46.52
N SER J 28 88.66 69.89 45.99
CA SER J 28 89.83 69.41 46.71
C SER J 28 91.10 69.94 46.06
N GLU J 29 92.24 69.57 46.64
CA GLU J 29 93.54 70.03 46.18
C GLU J 29 94.09 69.08 45.12
N TRP J 30 94.87 69.64 44.21
CA TRP J 30 95.52 68.83 43.16
C TRP J 30 96.53 67.88 43.78
N SER J 31 96.40 66.59 43.44
CA SER J 31 97.33 65.58 43.93
C SER J 31 98.53 65.46 42.98
N GLN J 32 99.40 64.51 43.27
CA GLN J 32 100.59 64.30 42.46
C GLN J 32 100.23 63.67 41.12
N CYS J 33 100.93 64.07 40.07
CA CYS J 33 100.68 63.53 38.75
C CYS J 33 101.14 62.07 38.67
N ASP J 34 100.39 61.26 37.93
CA ASP J 34 100.75 59.88 37.69
C ASP J 34 101.61 59.80 36.43
N PRO J 35 102.88 59.42 36.55
CA PRO J 35 103.74 59.44 35.34
C PRO J 35 103.36 58.39 34.31
N CYS J 36 103.05 57.16 34.74
CA CYS J 36 102.75 56.10 33.79
C CYS J 36 101.38 56.30 33.15
N LEU J 37 100.38 56.68 33.95
CA LEU J 37 99.04 56.87 33.41
C LEU J 37 98.89 58.23 32.74
N ARG J 38 99.68 59.22 33.14
CA ARG J 38 99.64 60.58 32.58
C ARG J 38 98.26 61.21 32.79
N GLN J 39 97.90 61.36 34.06
CA GLN J 39 96.60 61.91 34.43
C GLN J 39 96.72 62.57 35.80
N MET J 40 95.87 63.57 36.03
CA MET J 40 95.78 64.25 37.32
C MET J 40 94.46 63.90 38.00
N PHE J 41 94.37 64.27 39.28
CA PHE J 41 93.30 63.82 40.16
C PHE J 41 92.68 64.99 40.93
N ARG J 42 92.25 66.02 40.20
CA ARG J 42 91.37 67.01 40.82
C ARG J 42 90.11 66.30 41.33
N SER J 43 89.91 66.34 42.65
CA SER J 43 88.87 65.53 43.29
C SER J 43 87.62 66.36 43.55
N ARG J 44 86.57 65.66 43.95
CA ARG J 44 85.28 66.28 44.22
C ARG J 44 84.45 65.29 45.04
N SER J 45 83.24 65.71 45.42
CA SER J 45 82.36 64.87 46.21
C SER J 45 80.92 65.35 46.03
N ILE J 46 79.97 64.44 46.24
CA ILE J 46 78.55 64.75 46.15
C ILE J 46 78.00 64.88 47.56
N GLU J 47 77.19 65.92 47.79
CA GLU J 47 76.64 66.19 49.11
C GLU J 47 75.12 66.21 49.14
N VAL J 48 74.48 66.93 48.23
CA VAL J 48 73.04 67.15 48.26
C VAL J 48 72.46 66.84 46.88
N PHE J 49 71.39 66.05 46.86
CA PHE J 49 70.69 65.72 45.62
C PHE J 49 69.58 66.72 45.29
N GLY J 50 68.62 66.87 46.20
CA GLY J 50 67.43 67.64 45.94
C GLY J 50 66.20 66.75 45.93
N GLN J 51 65.43 66.80 47.02
CA GLN J 51 64.32 65.87 47.22
C GLN J 51 63.06 66.25 46.45
N PHE J 52 62.95 67.50 46.02
CA PHE J 52 61.71 68.02 45.45
C PHE J 52 61.91 68.35 43.97
N ASN J 53 60.88 68.97 43.39
CA ASN J 53 60.85 69.29 41.96
C ASN J 53 61.88 70.34 41.56
N GLY J 54 62.75 70.78 42.47
CA GLY J 54 63.74 71.80 42.16
C GLY J 54 64.80 71.35 41.17
N LYS J 55 65.92 72.08 41.16
CA LYS J 55 66.99 71.85 40.19
C LYS J 55 67.57 70.44 40.30
N ARG J 56 67.38 69.63 39.26
CA ARG J 56 68.01 68.32 39.20
C ARG J 56 69.49 68.48 38.90
N CYS J 57 70.32 67.71 39.59
CA CYS J 57 71.78 67.83 39.49
C CYS J 57 72.38 66.43 39.38
N THR J 58 72.77 66.05 38.17
CA THR J 58 73.41 64.78 37.90
C THR J 58 74.92 64.91 37.72
N ASP J 59 75.52 65.96 38.28
CA ASP J 59 76.93 66.22 38.09
C ASP J 59 77.78 65.07 38.64
N ALA J 60 78.49 64.39 37.74
CA ALA J 60 79.32 63.27 38.15
C ALA J 60 80.57 63.74 38.88
N VAL J 61 81.03 62.92 39.82
CA VAL J 61 82.21 63.23 40.62
C VAL J 61 83.44 62.74 39.87
N GLY J 62 84.47 63.58 39.79
CA GLY J 62 85.71 63.23 39.14
C GLY J 62 86.14 64.24 38.09
N ASP J 63 87.45 64.35 37.91
CA ASP J 63 88.01 65.28 36.93
C ASP J 63 89.40 64.78 36.55
N ARG J 64 89.73 64.90 35.26
CA ARG J 64 91.00 64.46 34.73
C ARG J 64 91.72 65.62 34.05
N ARG J 65 93.04 65.45 33.90
CA ARG J 65 93.88 66.48 33.29
C ARG J 65 95.19 65.85 32.85
N GLN J 66 95.65 66.24 31.65
CA GLN J 66 96.94 65.79 31.18
C GLN J 66 98.05 66.48 31.97
N CYS J 67 99.12 65.74 32.24
CA CYS J 67 100.24 66.25 33.02
C CYS J 67 101.54 65.72 32.46
N VAL J 68 102.57 66.56 32.46
CA VAL J 68 103.89 66.16 31.99
C VAL J 68 104.51 65.22 33.02
N PRO J 69 104.85 63.99 32.63
CA PRO J 69 105.40 63.05 33.61
C PRO J 69 106.81 63.43 34.01
N THR J 70 107.11 63.28 35.30
CA THR J 70 108.42 63.59 35.85
C THR J 70 109.21 62.34 36.25
N GLU J 71 108.52 61.24 36.60
CA GLU J 71 109.20 59.99 36.95
C GLU J 71 109.46 59.16 35.70
N PRO J 72 110.53 58.35 35.71
CA PRO J 72 110.86 57.59 34.50
C PRO J 72 109.88 56.48 34.17
N CYS J 73 109.00 56.10 35.10
CA CYS J 73 108.02 55.03 34.90
C CYS J 73 108.74 53.72 34.54
N GLU J 74 109.55 53.24 35.48
CA GLU J 74 110.30 52.00 35.28
C GLU J 74 109.45 50.77 35.50
N ASP J 75 108.34 50.89 36.23
CA ASP J 75 107.48 49.74 36.47
C ASP J 75 106.77 49.32 35.19
N ALA J 76 106.83 48.02 34.89
CA ALA J 76 106.19 47.48 33.70
C ALA J 76 105.83 46.03 33.94
N GLU J 77 104.84 45.55 33.19
CA GLU J 77 104.37 44.18 33.30
C GLU J 77 105.08 43.31 32.28
N ASP J 78 105.90 42.37 32.76
CA ASP J 78 106.59 41.46 31.87
C ASP J 78 105.62 40.44 31.29
N ASP J 79 106.07 39.74 30.25
CA ASP J 79 105.23 38.75 29.59
C ASP J 79 105.29 37.41 30.34
N CYS J 80 105.03 37.45 31.65
CA CYS J 80 104.83 36.30 32.53
C CYS J 80 106.03 35.36 32.58
N GLY J 81 107.10 35.68 31.83
CA GLY J 81 108.35 34.96 31.89
C GLY J 81 108.28 33.44 31.82
N ASN J 82 107.17 32.90 31.32
CA ASN J 82 106.92 31.47 31.37
C ASN J 82 106.90 30.81 29.99
N ASP J 83 106.04 31.28 29.09
CA ASP J 83 105.83 30.58 27.83
C ASP J 83 105.44 31.60 26.76
N PHE J 84 104.90 31.11 25.65
CA PHE J 84 104.53 31.96 24.52
C PHE J 84 103.52 33.02 24.95
N GLN J 85 103.86 34.28 24.72
CA GLN J 85 102.98 35.40 25.02
C GLN J 85 101.90 35.53 23.96
N CYS J 86 100.68 35.85 24.39
CA CYS J 86 99.60 36.12 23.46
C CYS J 86 99.70 37.54 22.92
N SER J 87 98.83 37.84 21.95
CA SER J 87 98.80 39.16 21.34
C SER J 87 98.15 40.22 22.23
N THR J 88 97.62 39.84 23.40
CA THR J 88 96.95 40.79 24.27
C THR J 88 97.57 40.89 25.67
N GLY J 89 98.34 39.90 26.10
CA GLY J 89 98.98 39.97 27.41
C GLY J 89 98.87 38.72 28.24
N ARG J 90 98.01 37.78 27.83
CA ARG J 90 97.85 36.54 28.57
C ARG J 90 98.90 35.53 28.12
N CYS J 91 98.94 34.38 28.77
CA CYS J 91 99.98 33.38 28.55
C CYS J 91 99.40 31.98 28.52
N ILE J 92 100.06 31.10 27.77
CA ILE J 92 99.76 29.68 27.81
C ILE J 92 100.29 29.09 29.11
N LYS J 93 99.46 28.29 29.78
CA LYS J 93 99.92 27.61 30.99
C LYS J 93 100.69 26.34 30.65
N MET J 94 100.01 25.35 30.09
CA MET J 94 100.69 24.14 29.64
C MET J 94 100.28 23.63 28.27
N ARG J 95 99.04 23.86 27.81
CA ARG J 95 98.55 23.22 26.60
C ARG J 95 97.69 24.17 25.76
N LEU J 96 97.95 25.47 25.84
CA LEU J 96 97.21 26.45 25.06
C LEU J 96 97.76 26.62 23.65
N ARG J 97 98.51 25.63 23.15
CA ARG J 97 99.04 25.69 21.79
C ARG J 97 97.95 25.33 20.80
N CYS J 98 98.34 25.04 19.56
CA CYS J 98 97.39 24.80 18.47
C CYS J 98 96.71 23.46 18.68
N ASN J 99 95.72 23.45 19.58
CA ASN J 99 94.94 22.26 19.90
C ASN J 99 93.45 22.59 19.93
N GLY J 100 93.02 23.52 19.08
CA GLY J 100 91.62 23.91 19.04
C GLY J 100 91.13 24.60 20.30
N ASP J 101 92.01 25.35 20.97
CA ASP J 101 91.69 26.03 22.23
C ASP J 101 91.68 27.53 21.97
N ASN J 102 90.50 28.08 21.72
CA ASN J 102 90.33 29.50 21.43
C ASN J 102 90.39 30.29 22.73
N ASP J 103 91.45 31.09 22.89
CA ASP J 103 91.59 31.96 24.05
C ASP J 103 91.64 33.44 23.69
N CYS J 104 92.53 33.81 22.75
CA CYS J 104 92.76 35.23 22.45
C CYS J 104 91.83 35.73 21.35
N GLY J 105 91.92 35.13 20.16
CA GLY J 105 91.09 35.54 19.05
C GLY J 105 90.62 34.38 18.21
N ASP J 106 89.95 34.66 17.09
CA ASP J 106 89.50 33.60 16.20
C ASP J 106 90.70 32.80 15.68
N PHE J 107 91.66 33.49 15.06
CA PHE J 107 92.89 32.86 14.61
C PHE J 107 94.13 33.48 15.26
N SER J 108 93.96 34.24 16.35
CA SER J 108 95.10 34.85 17.02
C SER J 108 95.96 33.78 17.68
N ASP J 109 95.36 32.94 18.53
CA ASP J 109 96.09 31.83 19.12
C ASP J 109 96.42 30.77 18.07
N GLU J 110 95.59 30.64 17.03
CA GLU J 110 95.83 29.73 15.93
C GLU J 110 96.60 30.38 14.78
N ASP J 111 97.43 31.37 15.09
CA ASP J 111 98.16 32.12 14.06
C ASP J 111 98.96 31.19 13.16
N ASP J 112 99.83 30.37 13.74
CA ASP J 112 100.67 29.45 12.97
C ASP J 112 100.68 28.10 13.65
N CYS J 113 100.46 27.04 12.88
CA CYS J 113 100.42 25.68 13.40
C CYS J 113 101.33 24.81 12.55
N GLU J 114 102.51 24.48 13.07
CA GLU J 114 103.42 23.60 12.35
C GLU J 114 103.00 22.14 12.50
N SER J 115 102.54 21.75 13.68
CA SER J 115 102.07 20.40 13.90
C SER J 115 100.66 20.22 13.33
N GLU J 116 100.19 18.98 13.35
CA GLU J 116 98.86 18.69 12.85
C GLU J 116 97.80 19.30 13.77
N PRO J 117 96.67 19.74 13.21
CA PRO J 117 95.61 20.30 14.05
C PRO J 117 94.90 19.23 14.87
N ARG J 118 95.56 18.74 15.91
CA ARG J 118 95.00 17.70 16.75
C ARG J 118 93.75 18.21 17.48
N PRO J 119 92.59 17.58 17.29
CA PRO J 119 91.40 18.04 18.01
C PRO J 119 91.49 17.67 19.47
N PRO J 120 90.98 18.52 20.37
CA PRO J 120 91.04 18.19 21.80
C PRO J 120 90.06 17.11 22.22
N CYS J 121 88.93 16.99 21.52
CA CYS J 121 87.90 16.03 21.87
C CYS J 121 87.26 15.50 20.59
N ARG J 122 87.03 14.18 20.55
CA ARG J 122 86.47 13.54 19.36
C ARG J 122 84.95 13.51 19.37
N ASP J 123 84.33 13.42 20.55
CA ASP J 123 82.88 13.36 20.63
C ASP J 123 82.26 14.68 20.17
N ARG J 124 81.03 14.58 19.68
CA ARG J 124 80.29 15.74 19.19
C ARG J 124 79.62 16.42 20.36
N VAL J 125 80.11 17.60 20.74
CA VAL J 125 79.57 18.38 21.84
C VAL J 125 79.22 19.76 21.28
N VAL J 126 77.93 20.08 21.27
CA VAL J 126 77.47 21.36 20.72
C VAL J 126 77.86 22.49 21.66
N GLU J 127 78.26 23.62 21.09
CA GLU J 127 78.62 24.78 21.89
C GLU J 127 77.41 25.32 22.64
N GLU J 128 77.70 25.99 23.76
CA GLU J 128 76.65 26.52 24.64
C GLU J 128 75.99 27.71 23.95
N SER J 129 74.82 27.47 23.37
CA SER J 129 74.11 28.48 22.58
C SER J 129 73.06 29.16 23.44
N GLU J 130 73.24 30.46 23.68
CA GLU J 130 72.28 31.33 24.37
C GLU J 130 72.00 30.90 25.81
N LEU J 131 72.77 29.95 26.33
CA LEU J 131 72.60 29.46 27.69
C LEU J 131 73.49 30.27 28.62
N ALA J 132 73.73 29.78 29.83
CA ALA J 132 74.45 30.51 30.88
C ALA J 132 75.90 30.80 30.52
N ARG J 133 76.32 30.48 29.29
CA ARG J 133 77.64 30.80 28.77
C ARG J 133 78.09 32.21 29.15
N THR J 134 77.15 33.17 29.12
CA THR J 134 77.41 34.53 29.57
C THR J 134 77.03 34.59 31.05
N ALA J 135 77.92 34.08 31.89
CA ALA J 135 77.68 33.92 33.32
C ALA J 135 78.14 35.12 34.14
N GLY J 136 78.78 36.11 33.51
CA GLY J 136 79.23 37.30 34.23
C GLY J 136 78.11 38.31 34.32
N TYR J 137 77.92 38.87 35.52
CA TYR J 137 76.87 39.84 35.76
C TYR J 137 77.36 40.87 36.77
N GLY J 138 77.13 42.14 36.47
CA GLY J 138 77.65 43.24 37.28
C GLY J 138 76.57 44.04 37.98
N ILE J 139 75.60 43.36 38.58
CA ILE J 139 74.45 44.04 39.19
C ILE J 139 74.92 45.13 40.15
N ASN J 140 74.20 46.24 40.13
CA ASN J 140 74.46 47.37 41.03
C ASN J 140 73.46 47.31 42.18
N ILE J 141 73.96 47.20 43.41
CA ILE J 141 73.08 47.15 44.57
C ILE J 141 72.29 48.43 44.70
N LEU J 142 72.87 49.56 44.30
CA LEU J 142 72.17 50.84 44.26
C LEU J 142 71.51 51.13 42.93
N GLY J 143 71.77 50.32 41.90
CA GLY J 143 71.28 50.60 40.57
C GLY J 143 70.09 49.76 40.14
N MET J 144 70.33 48.82 39.23
CA MET J 144 69.25 48.10 38.55
C MET J 144 69.75 46.70 38.21
N ASP J 145 69.05 46.05 37.27
CA ASP J 145 69.28 44.66 36.86
C ASP J 145 70.74 44.39 36.53
N PRO J 146 71.18 43.12 36.57
CA PRO J 146 72.60 42.81 36.37
C PRO J 146 73.13 43.27 35.02
N LEU J 147 74.45 43.39 34.96
CA LEU J 147 75.17 43.86 33.79
C LEU J 147 75.63 42.67 32.96
N SER J 148 76.45 42.93 31.94
CA SER J 148 77.00 41.88 31.09
C SER J 148 78.19 41.23 31.81
N THR J 149 78.94 40.42 31.07
CA THR J 149 80.07 39.71 31.67
C THR J 149 81.29 40.63 31.71
N PRO J 150 81.89 40.83 32.89
CA PRO J 150 83.12 41.63 32.98
C PRO J 150 84.38 40.86 32.64
N PHE J 151 84.27 39.58 32.27
CA PHE J 151 85.42 38.73 32.03
C PHE J 151 85.14 37.84 30.83
N ASP J 152 86.19 37.17 30.35
CA ASP J 152 86.05 36.22 29.27
C ASP J 152 85.50 34.91 29.79
N ASN J 153 84.49 34.36 29.10
CA ASN J 153 83.84 33.14 29.53
C ASN J 153 83.89 32.05 28.45
N GLU J 154 84.67 32.26 27.39
CA GLU J 154 84.81 31.28 26.32
C GLU J 154 86.05 30.42 26.47
N PHE J 155 87.06 30.88 27.22
CA PHE J 155 88.30 30.13 27.38
C PHE J 155 88.05 28.81 28.10
N TYR J 156 88.79 27.78 27.68
CA TYR J 156 88.78 26.49 28.33
C TYR J 156 90.22 25.99 28.47
N ASN J 157 90.45 25.17 29.49
CA ASN J 157 91.82 24.81 29.86
C ASN J 157 92.29 23.53 29.17
N GLY J 158 91.61 22.41 29.42
CA GLY J 158 92.11 21.12 28.96
C GLY J 158 91.07 20.21 28.33
N LEU J 159 90.96 19.00 28.85
CA LEU J 159 89.99 18.03 28.35
C LEU J 159 88.57 18.52 28.58
N CYS J 160 87.73 18.37 27.56
CA CYS J 160 86.35 18.80 27.65
C CYS J 160 85.64 18.12 28.83
N ASN J 161 84.85 18.89 29.56
CA ASN J 161 84.05 18.38 30.66
C ASN J 161 82.62 18.23 30.17
N ARG J 162 82.13 17.00 30.11
CA ARG J 162 80.82 16.74 29.53
C ARG J 162 79.72 17.34 30.39
N ASP J 163 78.65 17.78 29.73
CA ASP J 163 77.48 18.37 30.34
C ASP J 163 76.23 17.63 29.89
N ARG J 164 76.28 16.31 29.99
CA ARG J 164 75.25 15.42 29.42
C ARG J 164 73.99 15.55 30.27
N ASP J 165 73.23 16.62 30.00
CA ASP J 165 72.00 16.91 30.71
C ASP J 165 71.22 17.92 29.89
N GLY J 166 69.95 18.08 30.24
CA GLY J 166 69.08 19.03 29.57
C GLY J 166 67.77 18.39 29.14
N ASN J 167 66.92 19.24 28.56
CA ASN J 167 65.61 18.80 28.09
C ASN J 167 65.75 17.74 26.99
N THR J 168 66.40 18.10 25.89
CA THR J 168 66.59 17.19 24.78
C THR J 168 67.92 16.45 24.92
N LEU J 169 68.25 15.63 23.93
CA LEU J 169 69.50 14.87 23.92
C LEU J 169 70.54 15.69 23.18
N THR J 170 71.30 16.48 23.93
CA THR J 170 72.34 17.33 23.37
C THR J 170 73.41 17.56 24.42
N TYR J 171 74.66 17.69 23.97
CA TYR J 171 75.80 17.85 24.85
C TYR J 171 76.34 19.27 24.73
N TYR J 172 76.38 19.99 25.85
CA TYR J 172 76.90 21.35 25.88
C TYR J 172 78.29 21.37 26.50
N ARG J 173 78.96 22.51 26.36
CA ARG J 173 80.28 22.72 26.92
C ARG J 173 80.19 23.62 28.15
N ARG J 174 81.07 23.36 29.12
CA ARG J 174 81.20 24.19 30.31
C ARG J 174 82.59 24.80 30.34
N PRO J 175 82.72 26.12 30.30
CA PRO J 175 84.05 26.73 30.28
C PRO J 175 84.80 26.52 31.60
N TRP J 176 86.13 26.59 31.51
CA TRP J 176 86.97 26.40 32.68
C TRP J 176 86.75 27.49 33.73
N ASN J 177 86.21 28.65 33.33
CA ASN J 177 85.93 29.70 34.28
C ASN J 177 84.66 29.42 35.10
N VAL J 178 83.67 28.77 34.49
CA VAL J 178 82.45 28.40 35.20
C VAL J 178 82.69 27.10 35.93
N ALA J 179 82.57 27.14 37.26
CA ALA J 179 82.87 25.95 38.07
C ALA J 179 81.79 24.91 37.96
N SER J 180 80.52 25.33 37.89
CA SER J 180 79.41 24.39 37.88
C SER J 180 78.22 25.02 37.17
N LEU J 181 77.39 24.16 36.59
CA LEU J 181 76.12 24.59 35.99
C LEU J 181 75.15 23.42 36.04
N ILE J 182 73.95 23.67 36.55
CA ILE J 182 72.92 22.65 36.66
C ILE J 182 71.74 23.05 35.78
N TYR J 183 70.97 22.04 35.37
CA TYR J 183 69.81 22.24 34.51
C TYR J 183 68.50 21.94 35.23
N GLU J 184 68.48 22.13 36.55
CA GLU J 184 67.28 21.88 37.34
C GLU J 184 66.17 22.83 36.95
N THR J 185 65.02 22.28 36.55
CA THR J 185 63.87 23.08 36.11
C THR J 185 62.90 23.29 37.29
N LYS J 186 63.43 23.88 38.36
CA LYS J 186 62.61 24.16 39.53
C LYS J 186 61.52 25.17 39.19
N GLY J 187 60.42 25.09 39.92
CA GLY J 187 59.32 26.02 39.71
C GLY J 187 58.35 26.04 40.87
N GLU J 188 57.98 27.24 41.34
CA GLU J 188 57.06 27.36 42.45
C GLU J 188 56.24 28.63 42.30
N LYS J 189 55.12 28.67 43.00
CA LYS J 189 54.23 29.83 42.98
C LYS J 189 53.39 29.79 44.25
N ASN J 190 52.85 30.96 44.61
CA ASN J 190 52.07 31.10 45.84
C ASN J 190 50.77 31.83 45.54
N PHE J 191 49.81 31.68 46.43
CA PHE J 191 48.64 32.50 46.40
C PHE J 191 48.29 32.86 47.81
N ARG J 192 47.55 33.93 47.92
CA ARG J 192 47.07 34.40 49.21
C ARG J 192 45.87 35.33 48.98
N THR J 193 45.06 35.48 50.03
CA THR J 193 43.94 36.41 50.04
C THR J 193 43.47 36.57 51.48
N GLU J 194 42.78 37.68 51.73
CA GLU J 194 42.26 37.97 53.06
C GLU J 194 41.06 38.90 52.91
N HIS J 195 40.36 39.10 54.03
CA HIS J 195 39.19 39.97 54.05
C HIS J 195 39.09 40.65 55.41
N TYR J 196 38.81 41.96 55.37
CA TYR J 196 38.59 42.75 56.57
C TYR J 196 37.19 43.36 56.51
N GLU J 197 36.54 43.46 57.66
CA GLU J 197 35.19 44.00 57.73
C GLU J 197 35.03 44.79 59.01
N GLU J 198 34.40 45.97 58.90
CA GLU J 198 34.14 46.83 60.03
C GLU J 198 32.77 47.49 59.85
N GLN J 199 31.99 47.52 60.93
CA GLN J 199 30.65 48.10 60.89
C GLN J 199 30.31 48.64 62.27
N ILE J 200 29.68 49.80 62.30
CA ILE J 200 29.21 50.39 63.56
C ILE J 200 27.92 51.14 63.29
N GLU J 201 26.98 51.02 64.22
CA GLU J 201 25.68 51.68 64.14
C GLU J 201 25.25 52.13 65.53
N ALA J 202 24.63 53.30 65.60
CA ALA J 202 24.17 53.85 66.87
C ALA J 202 22.87 54.61 66.65
N PHE J 203 21.87 54.31 67.48
CA PHE J 203 20.56 54.97 67.41
C PHE J 203 20.29 55.67 68.73
N LYS J 204 19.77 56.89 68.65
CA LYS J 204 19.44 57.67 69.83
C LYS J 204 18.13 58.41 69.61
N SER J 205 17.26 58.40 70.62
CA SER J 205 15.98 59.09 70.57
C SER J 205 15.64 59.61 71.95
N ILE J 206 15.28 60.89 72.02
CA ILE J 206 14.94 61.55 73.27
C ILE J 206 13.67 62.36 73.05
N ILE J 207 12.70 62.22 73.95
CA ILE J 207 11.42 62.91 73.85
C ILE J 207 11.08 63.49 75.21
N GLN J 208 10.50 64.69 75.22
CA GLN J 208 10.10 65.38 76.43
C GLN J 208 8.66 65.86 76.28
N GLU J 209 7.93 65.83 77.38
CA GLU J 209 6.53 66.25 77.39
C GLU J 209 6.20 66.90 78.73
N LYS J 210 5.63 68.11 78.67
CA LYS J 210 5.25 68.84 79.86
C LYS J 210 3.96 69.60 79.58
N THR J 211 3.06 69.60 80.57
CA THR J 211 1.76 70.26 80.45
C THR J 211 1.49 71.04 81.72
N SER J 212 0.99 72.26 81.58
CA SER J 212 0.73 73.13 82.71
C SER J 212 -0.65 73.77 82.55
N ASN J 213 -1.45 73.73 83.61
CA ASN J 213 -2.77 74.33 83.64
C ASN J 213 -3.03 74.91 85.02
N PHE J 214 -3.75 76.02 85.07
CA PHE J 214 -4.04 76.71 86.32
C PHE J 214 -5.47 77.24 86.29
N ASN J 215 -6.07 77.30 87.48
CA ASN J 215 -7.43 77.82 87.65
C ASN J 215 -7.45 78.83 88.78
N ALA J 216 -8.32 79.83 88.66
CA ALA J 216 -8.47 80.84 89.71
C ALA J 216 -9.87 81.43 89.60
N ALA J 217 -10.73 81.09 90.56
CA ALA J 217 -12.10 81.57 90.59
C ALA J 217 -12.44 82.04 91.99
N ILE J 218 -12.91 83.28 92.09
CA ILE J 218 -13.32 83.87 93.36
C ILE J 218 -14.52 84.78 93.11
N SER J 219 -15.57 84.64 93.91
CA SER J 219 -16.78 85.42 93.79
C SER J 219 -17.10 86.10 95.11
N LEU J 220 -17.56 87.35 95.02
CA LEU J 220 -17.89 88.14 96.20
C LEU J 220 -19.18 88.90 95.96
N LYS J 221 -20.15 88.71 96.85
CA LYS J 221 -21.43 89.41 96.78
C LYS J 221 -21.83 89.87 98.16
N PHE J 222 -22.46 91.04 98.24
CA PHE J 222 -22.84 91.65 99.50
C PHE J 222 -24.26 92.15 99.42
N THR J 223 -25.06 91.83 100.44
CA THR J 223 -26.45 92.30 100.53
C THR J 223 -26.87 92.40 101.98
N PRO J 224 -26.99 93.62 102.54
CA PRO J 224 -27.40 93.80 103.93
C PRO J 224 -28.91 93.62 104.13
N SER J 242 -32.13 100.45 100.06
CA SER J 242 -31.73 99.16 99.54
C SER J 242 -30.27 99.17 99.09
N LEU J 243 -29.56 98.07 99.31
CA LEU J 243 -28.16 97.94 98.94
C LEU J 243 -27.90 96.52 98.46
N HIS J 244 -27.24 96.39 97.32
CA HIS J 244 -26.92 95.08 96.74
C HIS J 244 -25.55 95.14 96.09
N GLY J 245 -24.86 94.01 96.12
CA GLY J 245 -23.55 93.89 95.51
C GLY J 245 -23.26 92.48 95.03
N LYS J 246 -22.55 92.35 93.91
CA LYS J 246 -22.23 91.04 93.37
C LYS J 246 -21.01 91.16 92.46
N GLY J 247 -20.01 90.31 92.69
CA GLY J 247 -18.83 90.27 91.87
C GLY J 247 -18.22 88.89 91.79
N SER J 248 -17.73 88.49 90.62
CA SER J 248 -17.15 87.18 90.43
C SER J 248 -15.93 87.28 89.53
N PHE J 249 -14.86 86.60 89.93
CA PHE J 249 -13.63 86.56 89.16
C PHE J 249 -13.42 85.16 88.59
N ARG J 250 -12.92 85.10 87.36
CA ARG J 250 -12.60 83.83 86.72
C ARG J 250 -11.25 83.96 86.01
N PHE J 251 -10.50 82.86 85.98
CA PHE J 251 -9.16 82.87 85.40
C PHE J 251 -8.81 81.47 84.94
N SER J 252 -8.10 81.38 83.82
CA SER J 252 -7.71 80.11 83.23
C SER J 252 -6.26 80.20 82.75
N TYR J 253 -5.69 79.05 82.44
CA TYR J 253 -4.31 78.98 81.97
C TYR J 253 -4.11 77.69 81.20
N SER J 254 -3.36 77.77 80.10
CA SER J 254 -3.08 76.61 79.26
C SER J 254 -1.64 76.65 78.80
N LYS J 255 -0.98 75.50 78.83
CA LYS J 255 0.44 75.41 78.47
C LYS J 255 0.88 73.98 78.26
N ASN J 256 1.59 73.72 77.17
CA ASN J 256 2.31 72.46 77.03
C ASN J 256 3.51 72.67 76.12
N GLU J 257 4.57 71.91 76.36
CA GLU J 257 5.80 72.01 75.58
C GLU J 257 6.35 70.61 75.33
N THR J 258 6.24 70.15 74.09
CA THR J 258 6.74 68.84 73.69
C THR J 258 8.07 68.99 72.98
N TYR J 259 9.08 68.26 73.44
CA TYR J 259 10.40 68.26 72.83
C TYR J 259 10.70 66.88 72.26
N GLN J 260 11.43 66.87 71.14
CA GLN J 260 11.78 65.62 70.47
C GLN J 260 13.21 65.70 69.97
N LEU J 261 13.96 64.62 70.16
CA LEU J 261 15.35 64.52 69.72
C LEU J 261 15.58 63.16 69.10
N PHE J 262 16.36 63.14 68.02
CA PHE J 262 16.69 61.90 67.32
C PHE J 262 18.11 62.01 66.78
N LEU J 263 18.89 60.95 66.97
CA LEU J 263 20.26 60.91 66.52
C LEU J 263 20.58 59.50 66.02
N SER J 264 21.32 59.44 64.91
CA SER J 264 21.69 58.16 64.31
C SER J 264 23.11 58.26 63.77
N TYR J 265 23.82 57.13 63.85
CA TYR J 265 25.19 57.03 63.39
C TYR J 265 25.42 55.68 62.73
N SER J 266 26.19 55.67 61.65
CA SER J 266 26.47 54.44 60.92
C SER J 266 27.76 54.61 60.14
N SER J 267 28.58 53.55 60.12
CA SER J 267 29.81 53.56 59.36
C SER J 267 30.22 52.12 59.04
N LYS J 268 30.75 51.92 57.84
CA LYS J 268 31.19 50.61 57.40
C LYS J 268 32.54 50.73 56.71
N LYS J 269 33.43 49.76 56.95
CA LYS J 269 34.75 49.75 56.35
C LYS J 269 35.10 48.33 55.93
N GLU J 270 35.79 48.22 54.79
CA GLU J 270 36.22 46.94 54.26
C GLU J 270 37.59 47.11 53.61
N LYS J 271 38.42 46.07 53.73
CA LYS J 271 39.76 46.12 53.18
C LYS J 271 40.17 44.72 52.74
N MET J 272 40.86 44.64 51.60
CA MET J 272 41.35 43.37 51.07
C MET J 272 42.72 43.59 50.44
N PHE J 273 43.70 42.81 50.89
CA PHE J 273 45.06 42.90 50.38
C PHE J 273 45.59 41.49 50.15
N LEU J 274 46.22 41.27 49.00
CA LEU J 274 46.78 39.96 48.68
C LEU J 274 47.87 40.14 47.64
N HIS J 275 48.84 39.22 47.67
CA HIS J 275 49.95 39.24 46.73
C HIS J 275 50.30 37.81 46.35
N VAL J 276 50.62 37.61 45.07
CA VAL J 276 51.01 36.31 44.55
C VAL J 276 52.24 36.48 43.67
N LYS J 277 53.04 35.41 43.57
CA LYS J 277 54.25 35.44 42.77
C LYS J 277 54.62 34.03 42.34
N GLY J 278 55.20 33.92 41.16
CA GLY J 278 55.64 32.64 40.65
C GLY J 278 56.85 32.80 39.76
N GLU J 279 57.73 31.81 39.80
CA GLU J 279 58.96 31.83 39.01
C GLU J 279 59.19 30.47 38.38
N ILE J 280 59.69 30.49 37.15
CA ILE J 280 60.04 29.28 36.42
C ILE J 280 61.56 29.27 36.31
N HIS J 281 62.22 28.51 37.18
CA HIS J 281 63.66 28.40 37.16
C HIS J 281 64.12 27.52 36.00
N LEU J 282 65.21 27.94 35.34
CA LEU J 282 65.75 27.24 34.19
C LEU J 282 67.07 26.54 34.51
N GLY J 283 68.06 27.29 34.99
CA GLY J 283 69.34 26.71 35.32
C GLY J 283 70.08 27.55 36.32
N ARG J 284 71.06 26.94 36.97
CA ARG J 284 71.84 27.59 38.01
C ARG J 284 73.31 27.32 37.78
N PHE J 285 74.14 28.32 38.05
CA PHE J 285 75.58 28.23 37.85
C PHE J 285 76.29 28.86 39.04
N VAL J 286 77.53 28.44 39.26
CA VAL J 286 78.37 28.96 40.34
C VAL J 286 79.73 29.27 39.73
N MET J 287 80.07 30.55 39.65
CA MET J 287 81.36 30.96 39.09
C MET J 287 82.50 30.56 40.01
N ARG J 288 83.57 30.04 39.43
CA ARG J 288 84.77 29.72 40.19
C ARG J 288 85.37 31.00 40.77
N ASN J 289 85.67 30.97 42.07
CA ASN J 289 86.09 32.19 42.76
C ASN J 289 87.51 32.59 42.37
N ARG J 290 88.47 31.68 42.57
CA ARG J 290 89.87 31.94 42.26
C ARG J 290 90.30 31.11 41.06
N ASP J 291 91.53 31.38 40.59
CA ASP J 291 92.07 30.77 39.38
C ASP J 291 91.15 31.09 38.19
N VAL J 292 90.89 32.38 38.01
CA VAL J 292 89.92 32.88 37.05
C VAL J 292 90.66 33.58 35.92
N VAL J 293 90.20 33.35 34.69
CA VAL J 293 90.71 34.04 33.52
C VAL J 293 89.82 35.24 33.23
N LEU J 294 90.42 36.28 32.66
CA LEU J 294 89.73 37.54 32.42
C LEU J 294 89.80 37.90 30.94
N THR J 295 88.92 38.81 30.53
CA THR J 295 88.86 39.25 29.15
C THR J 295 89.92 40.31 28.88
N THR J 296 90.26 40.48 27.60
CA THR J 296 91.33 41.41 27.23
C THR J 296 90.99 42.84 27.60
N THR J 297 89.72 43.23 27.48
CA THR J 297 89.33 44.61 27.78
C THR J 297 89.45 44.90 29.27
N PHE J 298 88.97 43.99 30.11
CA PHE J 298 89.06 44.18 31.55
C PHE J 298 90.52 44.15 32.01
N VAL J 299 91.33 43.26 31.41
CA VAL J 299 92.74 43.20 31.75
C VAL J 299 93.45 44.51 31.37
N ASP J 300 93.11 45.05 30.19
CA ASP J 300 93.71 46.32 29.77
C ASP J 300 93.27 47.46 30.69
N ASP J 301 92.01 47.44 31.13
CA ASP J 301 91.52 48.47 32.04
C ASP J 301 92.21 48.40 33.39
N ILE J 302 92.43 47.18 33.91
CA ILE J 302 93.12 47.04 35.19
C ILE J 302 94.60 47.39 35.06
N LYS J 303 95.20 47.12 33.89
CA LYS J 303 96.59 47.51 33.68
C LYS J 303 96.74 49.02 33.60
N ALA J 304 95.84 49.68 32.87
CA ALA J 304 95.81 51.14 32.80
C ALA J 304 94.89 51.67 33.90
N LEU J 305 95.36 51.56 35.15
CA LEU J 305 94.60 51.93 36.32
C LEU J 305 95.54 52.60 37.31
N PRO J 306 95.11 53.70 37.93
CA PRO J 306 95.99 54.39 38.88
C PRO J 306 96.22 53.63 40.17
N THR J 307 97.07 54.16 41.04
CA THR J 307 97.37 53.49 42.30
C THR J 307 97.45 54.47 43.48
N THR J 308 97.00 55.70 43.31
CA THR J 308 97.06 56.72 44.36
C THR J 308 95.66 57.15 44.79
N TYR J 309 94.72 56.21 44.79
CA TYR J 309 93.35 56.43 45.22
C TYR J 309 92.69 57.55 44.39
N GLU J 310 92.55 57.27 43.09
CA GLU J 310 91.87 58.20 42.18
C GLU J 310 90.38 57.86 42.20
N LYS J 311 89.65 58.51 43.11
CA LYS J 311 88.21 58.29 43.21
C LYS J 311 87.49 58.68 41.92
N GLY J 312 88.02 59.67 41.19
CA GLY J 312 87.37 60.10 39.96
C GLY J 312 87.32 59.00 38.91
N GLU J 313 88.47 58.40 38.59
CA GLU J 313 88.49 57.32 37.63
C GLU J 313 87.87 56.05 38.20
N TYR J 314 88.00 55.83 39.51
CA TYR J 314 87.41 54.65 40.12
C TYR J 314 85.89 54.71 40.08
N PHE J 315 85.32 55.90 40.26
CA PHE J 315 83.86 56.04 40.16
C PHE J 315 83.38 55.77 38.75
N ALA J 316 84.17 56.13 37.74
CA ALA J 316 83.80 55.82 36.36
C ALA J 316 83.90 54.32 36.10
N PHE J 317 84.99 53.70 36.54
CA PHE J 317 85.15 52.25 36.41
C PHE J 317 84.04 51.49 37.11
N LEU J 318 83.56 52.02 38.23
CA LEU J 318 82.50 51.35 38.99
C LEU J 318 81.20 51.34 38.20
N GLU J 319 80.81 52.50 37.63
CA GLU J 319 79.62 52.54 36.78
C GLU J 319 79.81 51.76 35.50
N THR J 320 81.05 51.61 35.03
CA THR J 320 81.30 50.92 33.77
C THR J 320 81.18 49.41 33.93
N TYR J 321 81.78 48.86 35.00
CA TYR J 321 81.84 47.41 35.18
C TYR J 321 81.12 46.97 36.47
N GLY J 322 80.10 47.72 36.88
CA GLY J 322 79.32 47.32 38.04
C GLY J 322 80.06 47.50 39.35
N THR J 323 79.36 47.31 40.47
CA THR J 323 79.96 47.42 41.79
C THR J 323 80.50 46.08 42.30
N HIS J 324 79.75 45.01 42.09
CA HIS J 324 80.16 43.68 42.53
C HIS J 324 79.53 42.65 41.60
N TYR J 325 80.29 41.61 41.28
CA TYR J 325 79.85 40.61 40.32
C TYR J 325 79.04 39.51 41.02
N SER J 326 78.55 38.57 40.22
CA SER J 326 77.72 37.48 40.70
C SER J 326 78.58 36.22 40.90
N SER J 327 78.60 35.71 42.12
CA SER J 327 79.26 34.43 42.36
C SER J 327 78.42 33.26 41.86
N SER J 328 77.10 33.39 41.93
CA SER J 328 76.19 32.35 41.46
C SER J 328 74.88 32.99 41.04
N GLY J 329 74.36 32.57 39.88
CA GLY J 329 73.10 33.11 39.39
C GLY J 329 72.02 32.07 39.24
N SER J 330 70.89 32.45 38.63
CA SER J 330 69.77 31.54 38.45
C SER J 330 69.01 31.98 37.20
N LEU J 331 69.25 31.30 36.09
CA LEU J 331 68.59 31.62 34.84
C LEU J 331 67.13 31.19 34.87
N GLY J 332 66.26 31.96 34.23
CA GLY J 332 64.85 31.66 34.21
C GLY J 332 63.98 32.89 34.02
N GLY J 333 63.01 33.07 34.91
CA GLY J 333 62.13 34.23 34.87
C GLY J 333 61.00 34.13 35.87
N LEU J 334 60.56 35.28 36.41
CA LEU J 334 59.51 35.32 37.41
C LEU J 334 58.42 36.29 36.98
N TYR J 335 57.22 36.06 37.51
CA TYR J 335 56.08 36.92 37.27
C TYR J 335 55.26 37.02 38.55
N GLU J 336 54.61 38.17 38.73
CA GLU J 336 53.80 38.40 39.92
C GLU J 336 52.78 39.49 39.63
N LEU J 337 51.60 39.35 40.25
CA LEU J 337 50.54 40.33 40.14
C LEU J 337 49.94 40.57 41.52
N ILE J 338 49.66 41.84 41.84
CA ILE J 338 49.15 42.24 43.15
C ILE J 338 48.04 43.24 42.94
N TYR J 339 46.92 43.05 43.60
CA TYR J 339 46.05 44.18 43.72
C TYR J 339 45.29 44.26 45.00
N VAL J 340 45.01 45.49 45.35
CA VAL J 340 44.62 45.90 46.70
C VAL J 340 43.23 46.52 46.64
N LEU J 341 42.45 46.33 47.71
CA LEU J 341 41.11 46.88 47.81
C LEU J 341 40.91 47.47 49.20
N ASP J 342 40.25 48.62 49.25
CA ASP J 342 39.96 49.31 50.50
C ASP J 342 38.63 50.03 50.38
N LYS J 343 37.80 49.91 51.41
CA LYS J 343 36.47 50.49 51.42
C LYS J 343 36.23 51.20 52.74
N ALA J 344 35.52 52.33 52.68
CA ALA J 344 35.19 53.10 53.86
C ALA J 344 33.87 53.83 53.64
N SER J 345 33.05 53.89 54.68
CA SER J 345 31.75 54.54 54.60
C SER J 345 31.40 55.15 55.95
N MET J 346 30.62 56.23 55.91
CA MET J 346 30.19 56.91 57.13
C MET J 346 28.82 57.52 56.90
N LYS J 347 27.95 57.38 57.89
CA LYS J 347 26.59 57.94 57.84
C LYS J 347 26.25 58.52 59.20
N ARG J 348 25.72 59.74 59.21
CA ARG J 348 25.35 60.41 60.45
C ARG J 348 24.01 61.10 60.26
N LYS J 349 23.11 60.90 61.21
CA LYS J 349 21.76 61.46 61.13
C LYS J 349 21.36 62.05 62.47
N GLY J 350 20.77 63.24 62.43
CA GLY J 350 20.27 63.90 63.62
C GLY J 350 19.00 64.68 63.34
N VAL J 351 17.95 64.43 64.12
CA VAL J 351 16.65 65.06 63.92
C VAL J 351 16.20 65.68 65.24
N GLU J 352 15.74 66.92 65.18
CA GLU J 352 15.26 67.64 66.36
C GLU J 352 13.93 68.31 66.05
N LEU J 353 12.98 68.19 66.97
CA LEU J 353 11.68 68.81 66.83
C LEU J 353 11.29 69.45 68.16
N LYS J 354 10.76 70.68 68.08
CA LYS J 354 10.40 71.45 69.26
C LYS J 354 9.09 72.16 69.01
N ASP J 355 8.12 71.95 69.91
CA ASP J 355 6.80 72.58 69.80
C ASP J 355 6.33 72.99 71.19
N ILE J 356 5.88 74.23 71.31
CA ILE J 356 5.42 74.80 72.58
C ILE J 356 4.13 75.55 72.33
N LYS J 357 3.15 75.35 73.20
CA LYS J 357 1.90 76.11 73.19
C LYS J 357 1.60 76.61 74.59
N ARG J 358 1.27 77.90 74.69
CA ARG J 358 0.89 78.52 75.96
C ARG J 358 -0.27 79.46 75.72
N CYS J 359 -1.32 79.33 76.52
CA CYS J 359 -2.48 80.20 76.38
C CYS J 359 -2.97 80.65 77.75
N LEU J 360 -3.64 81.80 77.76
CA LEU J 360 -4.11 82.43 78.98
C LEU J 360 -5.60 82.76 78.85
N GLY J 361 -6.32 82.62 79.96
CA GLY J 361 -7.73 82.93 79.99
C GLY J 361 -8.16 83.67 81.24
N TYR J 362 -8.96 84.73 81.08
CA TYR J 362 -9.41 85.54 82.20
C TYR J 362 -10.83 86.03 81.94
N HIS J 363 -11.66 85.98 82.98
CA HIS J 363 -13.03 86.44 82.90
C HIS J 363 -13.36 87.25 84.14
N LEU J 364 -13.89 88.45 83.94
CA LEU J 364 -14.29 89.35 85.02
C LEU J 364 -15.73 89.79 84.81
N ASP J 365 -16.56 89.61 85.82
CA ASP J 365 -17.96 89.99 85.76
C ASP J 365 -18.38 90.56 87.10
N VAL J 366 -18.86 91.80 87.10
CA VAL J 366 -19.32 92.48 88.31
C VAL J 366 -20.66 93.13 88.01
N SER J 367 -21.65 92.89 88.86
CA SER J 367 -22.97 93.47 88.70
C SER J 367 -23.43 94.05 90.02
N LEU J 368 -23.92 95.29 89.99
CA LEU J 368 -24.34 95.99 91.19
C LEU J 368 -25.79 96.43 91.04
N ALA J 369 -26.55 96.35 92.13
CA ALA J 369 -27.99 96.66 92.03
C ALA J 369 -28.44 97.70 93.06
N PHE J 370 -29.13 98.75 92.58
CA PHE J 370 -29.74 99.80 93.43
C PHE J 370 -31.17 99.36 93.77
N SER J 371 -31.92 100.18 94.51
CA SER J 371 -33.39 99.95 94.56
C SER J 371 -33.95 100.10 93.15
N GLU J 372 -33.53 101.15 92.44
CA GLU J 372 -33.93 101.40 91.03
C GLU J 372 -32.64 101.60 90.20
N ILE J 373 -31.49 101.27 90.79
CA ILE J 373 -30.20 101.49 90.14
C ILE J 373 -29.58 100.13 89.84
N SER J 374 -29.02 99.99 88.64
CA SER J 374 -28.37 98.75 88.24
C SER J 374 -27.06 99.09 87.54
N VAL J 375 -25.98 98.43 87.97
CA VAL J 375 -24.65 98.62 87.41
C VAL J 375 -24.10 97.26 86.99
N GLY J 376 -23.47 97.22 85.82
CA GLY J 376 -22.92 95.99 85.31
C GLY J 376 -21.51 96.20 84.79
N ALA J 377 -20.75 95.11 84.79
CA ALA J 377 -19.36 95.14 84.31
C ALA J 377 -18.97 93.75 83.86
N GLU J 378 -18.34 93.66 82.68
CA GLU J 378 -17.89 92.38 82.13
C GLU J 378 -16.58 92.61 81.38
N PHE J 379 -15.49 92.05 81.90
CA PHE J 379 -14.17 92.15 81.29
C PHE J 379 -13.64 90.74 81.05
N ASN J 380 -13.32 90.44 79.79
CA ASN J 380 -12.84 89.12 79.41
C ASN J 380 -11.53 89.26 78.65
N LYS J 381 -10.54 88.44 79.00
CA LYS J 381 -9.22 88.48 78.39
C LYS J 381 -8.85 87.08 77.93
N ASP J 382 -8.33 86.98 76.70
CA ASP J 382 -7.91 85.71 76.13
C ASP J 382 -6.66 85.93 75.29
N ASP J 383 -5.65 85.10 75.50
CA ASP J 383 -4.39 85.21 74.76
C ASP J 383 -3.70 83.86 74.75
N CYS J 384 -3.35 83.39 73.56
CA CYS J 384 -2.63 82.13 73.39
C CYS J 384 -1.34 82.38 72.62
N VAL J 385 -0.35 81.52 72.85
CA VAL J 385 0.95 81.62 72.20
C VAL J 385 1.40 80.22 71.79
N LYS J 386 1.93 80.10 70.58
CA LYS J 386 2.44 78.83 70.06
C LYS J 386 3.87 79.02 69.57
N ARG J 387 4.69 78.01 69.76
CA ARG J 387 6.08 78.02 69.32
C ARG J 387 6.40 76.72 68.60
N GLY J 388 7.22 76.83 67.55
CA GLY J 388 7.60 75.66 66.77
C GLY J 388 9.03 75.73 66.27
N GLU J 389 9.72 74.59 66.28
CA GLU J 389 11.10 74.53 65.81
C GLU J 389 11.40 73.13 65.31
N GLY J 390 12.13 73.06 64.20
CA GLY J 390 12.53 71.79 63.61
C GLY J 390 13.96 71.79 63.12
N ARG J 391 14.68 70.70 63.33
CA ARG J 391 16.07 70.59 62.91
C ARG J 391 16.33 69.19 62.39
N ALA J 392 17.12 69.09 61.32
CA ALA J 392 17.48 67.81 60.73
C ALA J 392 18.92 67.86 60.23
N VAL J 393 19.61 66.72 60.36
CA VAL J 393 20.99 66.58 59.91
C VAL J 393 21.12 65.23 59.22
N ASN J 394 21.56 65.23 57.96
CA ASN J 394 21.65 64.03 57.15
C ASN J 394 22.90 64.13 56.30
N ILE J 395 23.95 63.39 56.67
CA ILE J 395 25.26 63.50 56.04
C ILE J 395 25.82 62.10 55.82
N THR J 396 26.08 61.74 54.56
CA THR J 396 26.64 60.45 54.19
C THR J 396 28.01 60.66 53.55
N SER J 397 28.96 59.79 53.89
CA SER J 397 30.31 59.85 53.35
C SER J 397 30.80 58.44 53.06
N GLU J 398 31.48 58.28 51.92
CA GLU J 398 32.02 56.99 51.50
C GLU J 398 33.35 57.18 50.81
N ASN J 399 34.29 56.29 51.08
CA ASN J 399 35.63 56.34 50.50
C ASN J 399 36.04 54.95 50.01
N LEU J 400 36.68 54.91 48.85
CA LEU J 400 37.16 53.67 48.26
C LEU J 400 38.59 53.86 47.78
N ILE J 401 39.41 52.82 47.90
CA ILE J 401 40.80 52.86 47.50
C ILE J 401 41.18 51.51 46.90
N ASP J 402 41.71 51.53 45.67
CA ASP J 402 42.12 50.32 44.98
C ASP J 402 43.49 50.55 44.35
N ASP J 403 44.36 49.54 44.44
CA ASP J 403 45.69 49.60 43.85
C ASP J 403 46.03 48.23 43.27
N VAL J 404 46.45 48.20 42.01
CA VAL J 404 46.81 46.97 41.32
C VAL J 404 48.18 47.15 40.68
N VAL J 405 49.05 46.16 40.85
CA VAL J 405 50.38 46.16 40.23
C VAL J 405 50.70 44.75 39.77
N SER J 406 51.47 44.66 38.68
CA SER J 406 51.84 43.38 38.10
C SER J 406 53.07 43.58 37.23
N LEU J 407 53.82 42.49 37.03
CA LEU J 407 55.02 42.54 36.23
C LEU J 407 55.34 41.15 35.70
N ILE J 408 56.14 41.11 34.63
CA ILE J 408 56.55 39.86 34.00
C ILE J 408 57.83 40.12 33.24
N ARG J 409 58.62 39.06 33.02
CA ARG J 409 59.88 39.19 32.31
C ARG J 409 60.34 37.80 31.86
N GLY J 410 61.16 37.80 30.80
CA GLY J 410 61.76 36.57 30.31
C GLY J 410 61.07 36.05 29.07
N GLY J 411 61.80 35.20 28.33
CA GLY J 411 61.26 34.57 27.15
C GLY J 411 61.21 35.49 25.94
N THR J 412 60.71 34.93 24.83
CA THR J 412 60.50 35.75 23.65
C THR J 412 59.35 36.73 23.88
N ARG J 413 59.34 37.79 23.09
CA ARG J 413 58.35 38.85 23.29
C ARG J 413 56.95 38.41 22.88
N LYS J 414 56.85 37.46 21.94
CA LYS J 414 55.54 37.00 21.49
C LYS J 414 54.84 36.20 22.58
N TYR J 415 55.47 35.12 23.05
CA TYR J 415 54.81 34.22 23.99
C TYR J 415 54.71 34.83 25.39
N ALA J 416 55.61 35.75 25.74
CA ALA J 416 55.60 36.33 27.08
C ALA J 416 54.35 37.19 27.30
N PHE J 417 54.11 38.16 26.42
CA PHE J 417 52.99 39.06 26.59
C PHE J 417 51.66 38.45 26.20
N GLU J 418 51.69 37.33 25.46
CA GLU J 418 50.46 36.57 25.25
C GLU J 418 49.96 35.96 26.56
N LEU J 419 50.89 35.60 27.45
CA LEU J 419 50.50 35.18 28.79
C LEU J 419 50.05 36.36 29.64
N LYS J 420 50.66 37.53 29.43
CA LYS J 420 50.33 38.70 30.23
C LYS J 420 48.91 39.17 29.97
N GLU J 421 48.50 39.18 28.69
CA GLU J 421 47.17 39.67 28.35
C GLU J 421 46.07 38.77 28.90
N LYS J 422 46.29 37.45 28.89
CA LYS J 422 45.28 36.52 29.39
C LYS J 422 45.32 36.37 30.90
N LEU J 423 46.45 36.70 31.54
CA LEU J 423 46.52 36.63 32.99
C LEU J 423 45.79 37.80 33.64
N LEU J 424 45.92 39.00 33.07
CA LEU J 424 45.31 40.20 33.65
C LEU J 424 43.81 40.17 33.37
N ARG J 425 43.03 39.83 34.40
CA ARG J 425 41.57 39.84 34.35
C ARG J 425 41.01 38.91 33.28
N GLY J 426 41.79 37.92 32.84
CA GLY J 426 41.32 36.98 31.85
C GLY J 426 40.42 35.92 32.43
N THR J 427 40.79 35.41 33.62
CA THR J 427 40.07 34.40 34.40
C THR J 427 40.00 33.05 33.71
N VAL J 428 40.55 32.90 32.51
CA VAL J 428 40.55 31.63 31.78
C VAL J 428 41.97 31.40 31.29
N ILE J 429 42.71 30.56 32.01
CA ILE J 429 44.09 30.22 31.64
C ILE J 429 44.07 29.02 30.71
N ASP J 430 44.90 29.07 29.67
CA ASP J 430 44.98 28.01 28.68
C ASP J 430 46.00 26.95 29.11
N VAL J 431 45.95 25.80 28.44
CA VAL J 431 46.94 24.76 28.68
C VAL J 431 48.15 24.90 27.75
N THR J 432 47.95 25.39 26.53
CA THR J 432 49.04 25.49 25.57
C THR J 432 49.89 26.74 25.78
N ASP J 433 49.30 27.81 26.31
CA ASP J 433 50.05 29.05 26.48
C ASP J 433 51.16 28.89 27.51
N PHE J 434 50.96 28.07 28.54
CA PHE J 434 52.01 27.85 29.52
C PHE J 434 53.16 27.05 28.92
N VAL J 435 52.86 26.07 28.06
CA VAL J 435 53.91 25.33 27.38
C VAL J 435 54.66 26.25 26.41
N ASN J 436 53.95 27.15 25.74
CA ASN J 436 54.61 28.12 24.87
C ASN J 436 55.51 29.04 25.68
N TRP J 437 55.05 29.48 26.85
CA TRP J 437 55.88 30.29 27.74
C TRP J 437 57.12 29.53 28.20
N ALA J 438 56.96 28.23 28.49
CA ALA J 438 58.10 27.43 28.91
C ALA J 438 59.13 27.31 27.80
N SER J 439 58.69 27.04 26.58
CA SER J 439 59.61 26.96 25.44
C SER J 439 60.26 28.32 25.18
N SER J 440 59.50 29.40 25.33
CA SER J 440 60.03 30.74 25.10
C SER J 440 61.11 31.09 26.13
N ILE J 441 60.88 30.75 27.39
CA ILE J 441 61.87 31.06 28.42
C ILE J 441 63.05 30.10 28.34
N ASN J 442 62.85 28.90 27.79
CA ASN J 442 63.98 28.04 27.46
C ASN J 442 64.83 28.67 26.36
N ASP J 443 64.18 29.33 25.39
CA ASP J 443 64.92 30.03 24.36
C ASP J 443 65.67 31.23 24.93
N ALA J 444 65.03 32.00 25.81
CA ALA J 444 65.64 33.19 26.39
C ALA J 444 65.28 33.30 27.86
N PRO J 445 66.18 32.87 28.77
CA PRO J 445 65.91 33.01 30.20
C PRO J 445 66.39 34.34 30.76
N VAL J 446 66.22 34.54 32.07
CA VAL J 446 66.68 35.76 32.73
C VAL J 446 66.97 35.41 34.19
N LEU J 447 67.71 36.29 34.87
CA LEU J 447 68.12 36.03 36.24
C LEU J 447 66.92 36.01 37.19
N ILE J 448 67.00 35.15 38.21
CA ILE J 448 65.99 35.08 39.25
C ILE J 448 66.65 35.32 40.60
N SER J 449 67.58 34.44 40.97
CA SER J 449 68.33 34.54 42.21
C SER J 449 69.80 34.72 41.87
N GLN J 450 70.47 35.60 42.61
CA GLN J 450 71.83 35.98 42.30
C GLN J 450 72.66 36.01 43.58
N LYS J 451 73.63 35.12 43.68
CA LYS J 451 74.59 35.16 44.77
C LYS J 451 75.69 36.16 44.44
N LEU J 452 76.05 36.98 45.43
CA LEU J 452 76.86 38.17 45.20
C LEU J 452 78.29 37.96 45.67
N SER J 453 79.22 38.70 45.06
CA SER J 453 80.63 38.62 45.40
C SER J 453 81.30 39.93 45.00
N PRO J 454 82.17 40.48 45.83
CA PRO J 454 82.79 41.77 45.51
C PRO J 454 83.76 41.67 44.34
N ILE J 455 83.93 42.79 43.64
CA ILE J 455 84.78 42.82 42.46
C ILE J 455 86.26 42.76 42.84
N TYR J 456 86.65 43.46 43.90
CA TYR J 456 88.06 43.52 44.27
C TYR J 456 88.65 42.16 44.61
N ASN J 457 87.80 41.13 44.80
CA ASN J 457 88.28 39.77 44.93
C ASN J 457 88.53 39.11 43.58
N LEU J 458 88.08 39.73 42.49
CA LEU J 458 88.21 39.18 41.15
C LEU J 458 89.46 39.67 40.44
N VAL J 459 90.16 40.67 40.98
CA VAL J 459 91.37 41.20 40.35
C VAL J 459 92.41 40.11 40.24
N PRO J 460 93.14 39.99 39.12
CA PRO J 460 94.16 38.95 39.03
C PRO J 460 95.32 39.18 39.98
N VAL J 461 95.81 38.09 40.57
CA VAL J 461 96.90 38.13 41.53
C VAL J 461 98.23 38.30 40.78
N LYS J 462 99.30 38.58 41.54
CA LYS J 462 100.67 38.71 41.02
C LYS J 462 100.73 39.59 39.77
N MET J 463 99.93 40.66 39.77
CA MET J 463 99.94 41.63 38.68
C MET J 463 100.96 42.73 39.00
N LYS J 464 100.91 43.84 38.27
CA LYS J 464 101.82 44.95 38.53
C LYS J 464 101.70 45.45 39.96
N ASN J 465 100.52 45.93 40.34
CA ASN J 465 100.24 46.44 41.68
C ASN J 465 98.90 45.89 42.18
N ALA J 466 98.74 44.57 42.06
CA ALA J 466 97.45 43.94 42.31
C ALA J 466 96.95 44.20 43.73
N HIS J 467 97.81 43.99 44.73
CA HIS J 467 97.35 44.09 46.11
C HIS J 467 96.92 45.51 46.46
N LEU J 468 97.76 46.50 46.16
CA LEU J 468 97.40 47.88 46.47
C LEU J 468 96.17 48.32 45.69
N LYS J 469 96.06 47.88 44.42
CA LYS J 469 94.85 48.15 43.66
C LYS J 469 93.66 47.42 44.24
N LYS J 470 93.86 46.25 44.85
CA LYS J 470 92.76 45.51 45.46
C LYS J 470 92.15 46.30 46.62
N GLN J 471 92.99 46.69 47.58
CA GLN J 471 92.50 47.48 48.70
C GLN J 471 92.01 48.85 48.24
N ASN J 472 92.59 49.39 47.18
CA ASN J 472 92.15 50.67 46.66
C ASN J 472 90.73 50.57 46.10
N LEU J 473 90.46 49.55 45.31
CA LEU J 473 89.11 49.34 44.80
C LEU J 473 88.15 48.94 45.92
N GLU J 474 88.65 48.31 46.98
CA GLU J 474 87.79 48.03 48.13
C GLU J 474 87.36 49.33 48.81
N ARG J 475 88.31 50.24 49.05
CA ARG J 475 87.97 51.55 49.58
C ARG J 475 87.03 52.30 48.63
N ALA J 476 87.24 52.13 47.32
CA ALA J 476 86.40 52.81 46.33
C ALA J 476 84.97 52.30 46.38
N ILE J 477 84.77 50.98 46.44
CA ILE J 477 83.42 50.44 46.50
C ILE J 477 82.77 50.77 47.84
N GLU J 478 83.55 50.84 48.92
CA GLU J 478 82.99 51.25 50.20
C GLU J 478 82.51 52.70 50.15
N ASP J 479 83.34 53.59 49.59
CA ASP J 479 82.93 54.98 49.47
C ASP J 479 81.77 55.15 48.51
N TYR J 480 81.66 54.26 47.51
CA TYR J 480 80.53 54.31 46.60
C TYR J 480 79.24 53.90 47.30
N ILE J 481 79.27 52.78 48.05
CA ILE J 481 78.08 52.29 48.70
C ILE J 481 77.67 53.15 49.89
N ASN J 482 78.60 53.88 50.49
CA ASN J 482 78.28 54.73 51.63
C ASN J 482 78.24 56.22 51.28
N GLU J 483 78.47 56.58 50.02
CA GLU J 483 78.54 57.99 49.64
C GLU J 483 77.16 58.58 49.39
N PHE J 484 76.44 58.06 48.40
CA PHE J 484 75.15 58.59 48.02
C PHE J 484 74.12 57.47 48.04
N SER J 485 73.01 57.70 48.73
CA SER J 485 71.91 56.75 48.86
C SER J 485 70.74 57.48 49.51
N VAL J 486 69.69 56.73 49.84
CA VAL J 486 68.55 57.30 50.55
C VAL J 486 68.98 57.77 51.94
N ARG J 487 70.04 57.17 52.49
CA ARG J 487 70.51 57.54 53.82
C ARG J 487 70.95 58.99 53.87
N LYS J 488 71.58 59.49 52.82
CA LYS J 488 72.09 60.84 52.80
C LYS J 488 71.07 61.87 52.31
N CYS J 489 70.02 61.42 51.63
CA CYS J 489 68.99 62.32 51.14
C CYS J 489 68.07 62.74 52.29
N HIS J 490 67.01 63.46 51.98
CA HIS J 490 66.07 63.96 52.98
C HIS J 490 64.88 63.02 53.11
N THR J 491 64.28 63.01 54.30
CA THR J 491 63.16 62.11 54.57
C THR J 491 61.85 62.74 54.09
N CYS J 492 61.00 61.91 53.50
CA CYS J 492 59.72 62.36 53.00
C CYS J 492 58.72 62.46 54.14
N GLN J 493 57.46 62.75 53.82
CA GLN J 493 56.41 62.93 54.81
C GLN J 493 55.44 61.76 54.78
N ASN J 494 54.76 61.57 55.92
CA ASN J 494 53.75 60.52 56.08
C ASN J 494 54.33 59.12 55.80
N GLY J 495 55.58 58.92 56.21
CA GLY J 495 56.21 57.62 56.05
C GLY J 495 56.40 57.20 54.61
N GLY J 496 56.47 58.15 53.68
CA GLY J 496 56.63 57.81 52.28
C GLY J 496 57.99 57.21 52.02
N THR J 497 58.01 56.02 51.42
CA THR J 497 59.27 55.36 51.10
C THR J 497 60.04 56.18 50.07
N VAL J 498 61.24 56.61 50.43
CA VAL J 498 62.06 57.46 49.58
C VAL J 498 62.91 56.59 48.67
N ILE J 499 62.93 56.92 47.38
CA ILE J 499 63.74 56.22 46.39
C ILE J 499 64.71 57.22 45.77
N LEU J 500 65.63 56.69 44.96
CA LEU J 500 66.64 57.50 44.29
C LEU J 500 66.80 56.96 42.88
N MET J 501 66.33 57.73 41.89
CA MET J 501 66.40 57.33 40.48
C MET J 501 67.19 58.40 39.72
N ASP J 502 68.51 58.24 39.71
CA ASP J 502 69.43 59.10 38.95
C ASP J 502 69.24 60.58 39.35
N GLY J 503 69.51 60.86 40.62
CA GLY J 503 69.43 62.21 41.15
C GLY J 503 68.09 62.60 41.73
N LYS J 504 67.00 62.24 41.06
CA LYS J 504 65.66 62.57 41.53
C LYS J 504 65.37 61.76 42.80
N CYS J 505 65.39 62.44 43.95
CA CYS J 505 65.16 61.80 45.23
C CYS J 505 63.67 61.88 45.61
N LEU J 506 62.85 61.23 44.79
CA LEU J 506 61.41 61.23 45.02
C LEU J 506 61.06 60.21 46.11
N CYS J 507 59.86 60.37 46.68
CA CYS J 507 59.37 59.49 47.73
C CYS J 507 58.01 58.95 47.32
N ALA J 508 57.87 57.62 47.38
CA ALA J 508 56.61 56.98 47.06
C ALA J 508 55.62 57.21 48.19
N CYS J 509 54.54 57.93 47.89
CA CYS J 509 53.54 58.29 48.89
C CYS J 509 52.49 57.19 49.00
N PRO J 510 51.90 56.99 50.17
CA PRO J 510 50.92 55.91 50.35
C PRO J 510 49.70 56.11 49.46
N PHE J 511 48.84 55.08 49.47
CA PHE J 511 47.68 55.05 48.58
C PHE J 511 46.69 56.15 48.93
N LYS J 512 46.34 56.27 50.21
CA LYS J 512 45.34 57.23 50.66
C LYS J 512 45.82 58.67 50.57
N PHE J 513 47.07 58.91 50.18
CA PHE J 513 47.64 60.24 50.15
C PHE J 513 47.91 60.65 48.71
N GLU J 514 48.17 61.95 48.51
CA GLU J 514 48.39 62.49 47.17
C GLU J 514 49.88 62.37 46.81
N GLY J 515 50.30 63.07 45.77
CA GLY J 515 51.59 62.83 45.15
C GLY J 515 52.80 63.46 45.82
N ILE J 516 53.60 64.18 45.02
CA ILE J 516 54.93 64.60 45.42
C ILE J 516 54.90 65.34 46.76
N ALA J 517 55.95 65.11 47.55
CA ALA J 517 56.23 65.79 48.81
C ALA J 517 55.25 65.43 49.91
N CYS J 518 54.22 64.66 49.59
CA CYS J 518 53.20 64.20 50.54
C CYS J 518 52.74 65.34 51.45
N GLU J 519 52.41 66.48 50.83
CA GLU J 519 51.99 67.66 51.59
C GLU J 519 50.46 67.73 51.69
N ILE J 520 49.78 67.78 50.54
CA ILE J 520 48.33 67.86 50.52
C ILE J 520 47.73 66.50 50.85
N SER J 521 46.71 66.49 51.71
CA SER J 521 46.18 65.24 52.23
C SER J 521 45.38 64.49 51.17
N LYS J 522 44.48 65.20 50.50
CA LYS J 522 43.64 64.60 49.43
C LYS J 522 42.34 64.10 50.06
N GLN J 523 42.32 64.02 51.40
CA GLN J 523 41.11 63.68 52.17
C GLN J 523 40.82 64.92 53.01
N LYS J 524 39.84 65.72 52.58
CA LYS J 524 39.47 66.96 53.29
C LYS J 524 38.10 66.71 53.91
N ILE J 525 37.95 66.98 55.21
CA ILE J 525 36.63 66.68 55.82
C ILE J 525 35.60 67.54 55.11
N SER J 526 34.56 66.90 54.57
CA SER J 526 33.44 67.59 53.90
C SER J 526 33.09 68.89 54.65
N GLU J 527 32.79 69.96 53.92
CA GLU J 527 32.43 71.24 54.50
C GLU J 527 30.93 71.44 54.41
N GLY J 528 30.32 71.91 55.49
CA GLY J 528 28.89 72.14 55.51
C GLY J 528 28.53 73.53 56.01
N LEU J 529 27.69 74.23 55.26
CA LEU J 529 27.26 75.58 55.62
C LEU J 529 25.74 75.66 55.65
N PRO J 530 25.11 75.71 56.82
CA PRO J 530 23.65 75.80 56.88
C PRO J 530 23.15 77.24 56.81
N ALA J 531 24.01 78.16 56.42
CA ALA J 531 23.65 79.57 56.37
C ALA J 531 22.56 79.83 55.36
N LEU J 532 21.80 80.90 55.60
CA LEU J 532 20.70 81.26 54.71
C LEU J 532 21.26 81.75 53.37
N GLU J 533 20.63 81.39 52.26
CA GLU J 533 21.14 81.84 50.95
C GLU J 533 21.03 83.35 50.81
N PHE J 534 22.10 83.96 50.30
CA PHE J 534 22.12 85.42 50.13
C PHE J 534 21.14 85.85 49.04
N PRO J 535 21.15 85.16 47.91
CA PRO J 535 20.26 85.50 46.80
C PRO J 535 19.99 84.28 45.92
N SER K 18 48.54 90.76 29.61
CA SER K 18 49.67 91.69 29.66
C SER K 18 50.65 91.41 28.52
N HIS K 19 50.90 92.43 27.70
CA HIS K 19 51.82 92.32 26.57
C HIS K 19 53.25 92.48 27.08
N ILE K 20 53.77 91.41 27.67
CA ILE K 20 55.12 91.40 28.21
C ILE K 20 56.11 91.25 27.06
N ASP K 21 57.02 92.21 26.94
CA ASP K 21 58.05 92.17 25.91
C ASP K 21 59.26 91.36 26.40
N CYS K 22 60.19 91.11 25.49
CA CYS K 22 61.37 90.30 25.78
C CYS K 22 62.58 91.24 25.93
N ARG K 23 63.02 91.42 27.16
CA ARG K 23 64.27 92.13 27.44
C ARG K 23 65.42 91.15 27.25
N MET K 24 65.80 90.96 25.99
CA MET K 24 66.72 89.90 25.59
C MET K 24 67.81 90.44 24.68
N SER K 25 68.46 91.54 25.11
CA SER K 25 69.61 92.07 24.39
C SER K 25 70.65 92.65 25.36
N PRO K 26 71.19 91.82 26.27
CA PRO K 26 72.39 92.23 27.02
C PRO K 26 73.65 91.91 26.21
N TRP K 27 74.31 92.95 25.72
CA TRP K 27 75.48 92.76 24.87
C TRP K 27 76.76 92.81 25.70
N SER K 28 77.77 92.08 25.24
CA SER K 28 79.05 91.95 25.92
C SER K 28 80.16 92.55 25.05
N GLU K 29 81.38 92.50 25.57
CA GLU K 29 82.54 93.06 24.90
C GLU K 29 83.18 92.01 23.99
N TRP K 30 83.78 92.49 22.91
CA TRP K 30 84.49 91.61 21.98
C TRP K 30 85.70 90.98 22.66
N SER K 31 85.79 89.65 22.59
CA SER K 31 86.91 88.93 23.16
C SER K 31 88.04 88.83 22.13
N GLN K 32 89.10 88.10 22.51
CA GLN K 32 90.24 87.93 21.63
C GLN K 32 89.91 86.98 20.49
N CYS K 33 90.46 87.27 19.31
CA CYS K 33 90.23 86.43 18.15
C CYS K 33 90.94 85.09 18.30
N ASP K 34 90.29 84.03 17.81
CA ASP K 34 90.89 82.70 17.81
C ASP K 34 91.66 82.51 16.51
N PRO K 35 92.98 82.38 16.55
CA PRO K 35 93.74 82.29 15.29
C PRO K 35 93.49 81.01 14.52
N CYS K 36 93.44 79.87 15.21
CA CYS K 36 93.27 78.59 14.52
C CYS K 36 91.85 78.42 13.99
N LEU K 37 90.85 78.78 14.80
CA LEU K 37 89.46 78.64 14.38
C LEU K 37 89.02 79.79 13.47
N ARG K 38 89.65 80.96 13.60
CA ARG K 38 89.32 82.14 12.80
C ARG K 38 87.86 82.56 13.02
N GLN K 39 87.57 82.91 14.27
CA GLN K 39 86.22 83.31 14.67
C GLN K 39 86.31 84.24 15.86
N MET K 40 85.31 85.12 15.99
CA MET K 40 85.19 86.02 17.12
C MET K 40 84.01 85.61 18.00
N PHE K 41 83.93 86.22 19.17
CA PHE K 41 83.03 85.78 20.24
C PHE K 41 82.26 86.97 20.82
N ARG K 42 81.60 87.75 19.97
CA ARG K 42 80.60 88.67 20.47
C ARG K 42 79.53 87.90 21.23
N SER K 43 79.41 88.16 22.53
CA SER K 43 78.59 87.36 23.41
C SER K 43 77.22 88.00 23.65
N ARG K 44 76.35 87.24 24.28
CA ARG K 44 74.98 87.67 24.56
C ARG K 44 74.41 86.76 25.64
N SER K 45 73.18 87.03 26.04
CA SER K 45 72.51 86.25 27.07
C SER K 45 71.01 86.43 26.94
N ILE K 46 70.26 85.45 27.43
CA ILE K 46 68.80 85.49 27.43
C ILE K 46 68.34 85.81 28.85
N GLU K 47 67.37 86.73 28.95
CA GLU K 47 66.86 87.17 30.25
C GLU K 47 65.38 86.93 30.42
N VAL K 48 64.55 87.34 29.46
CA VAL K 48 63.10 87.32 29.60
C VAL K 48 62.50 86.65 28.38
N PHE K 49 61.59 85.70 28.61
CA PHE K 49 60.88 85.01 27.53
C PHE K 49 59.58 85.73 27.15
N GLY K 50 58.68 85.91 28.11
CA GLY K 50 57.34 86.40 27.83
C GLY K 50 56.30 85.34 28.12
N GLN K 51 55.61 85.47 29.26
CA GLN K 51 54.72 84.43 29.74
C GLN K 51 53.36 84.44 29.05
N PHE K 52 52.99 85.54 28.40
CA PHE K 52 51.64 85.71 27.87
C PHE K 52 51.67 85.76 26.35
N ASN K 53 50.52 86.07 25.76
CA ASN K 53 50.33 86.08 24.31
C ASN K 53 51.11 87.18 23.60
N GLY K 54 51.95 87.93 24.33
CA GLY K 54 52.71 89.01 23.72
C GLY K 54 53.77 88.56 22.74
N LYS K 55 54.74 89.44 22.47
CA LYS K 55 55.75 89.19 21.46
C LYS K 55 56.59 87.95 21.77
N ARG K 56 56.48 86.92 20.94
CA ARG K 56 57.33 85.75 21.06
C ARG K 56 58.74 86.09 20.58
N CYS K 57 59.74 85.62 21.32
CA CYS K 57 61.14 85.96 21.05
C CYS K 57 61.97 84.69 21.15
N THR K 58 62.35 84.13 19.99
CA THR K 58 63.19 82.95 19.91
C THR K 58 64.64 83.30 19.55
N ASP K 59 65.07 84.52 19.84
CA ASP K 59 66.40 84.97 19.45
C ASP K 59 67.47 84.11 20.12
N ALA K 60 68.24 83.39 19.30
CA ALA K 60 69.28 82.53 19.84
C ALA K 60 70.46 83.35 20.33
N VAL K 61 71.14 82.82 21.35
CA VAL K 61 72.30 83.48 21.94
C VAL K 61 73.55 83.05 21.18
N GLY K 62 74.38 84.03 20.84
CA GLY K 62 75.62 83.75 20.14
C GLY K 62 75.79 84.58 18.88
N ASP K 63 77.04 84.88 18.54
CA ASP K 63 77.36 85.65 17.35
C ASP K 63 78.78 85.32 16.92
N ARG K 64 78.99 85.23 15.61
CA ARG K 64 80.29 84.89 15.05
C ARG K 64 80.73 85.99 14.08
N ARG K 65 82.05 86.03 13.84
CA ARG K 65 82.63 87.03 12.96
C ARG K 65 84.00 86.55 12.51
N GLN K 66 84.30 86.75 11.23
CA GLN K 66 85.63 86.44 10.72
C GLN K 66 86.64 87.46 11.24
N CYS K 67 87.84 86.97 11.53
CA CYS K 67 88.90 87.80 12.09
C CYS K 67 90.24 87.38 11.51
N VAL K 68 91.08 88.37 11.23
CA VAL K 68 92.43 88.11 10.72
C VAL K 68 93.27 87.52 11.83
N PRO K 69 93.81 86.30 11.66
CA PRO K 69 94.59 85.69 12.73
C PRO K 69 95.94 86.38 12.91
N THR K 70 96.33 86.54 14.17
CA THR K 70 97.61 87.17 14.51
C THR K 70 98.63 86.18 15.06
N GLU K 71 98.19 85.07 15.67
CA GLU K 71 99.09 84.06 16.18
C GLU K 71 99.43 83.04 15.10
N PRO K 72 100.61 82.43 15.15
CA PRO K 72 101.00 81.51 14.08
C PRO K 72 100.22 80.20 14.07
N CYS K 73 99.48 79.89 15.14
CA CYS K 73 98.71 78.65 15.25
C CYS K 73 99.63 77.44 15.07
N GLU K 74 100.58 77.30 16.00
CA GLU K 74 101.52 76.19 15.96
C GLU K 74 100.93 74.90 16.50
N ASP K 75 99.87 74.98 17.30
CA ASP K 75 99.26 73.79 17.86
C ASP K 75 98.55 73.00 16.77
N ALA K 76 98.82 71.70 16.71
CA ALA K 76 98.20 70.83 15.71
C ALA K 76 98.14 69.41 16.26
N GLU K 77 97.20 68.64 15.72
CA GLU K 77 96.99 67.26 16.14
C GLU K 77 97.79 66.32 15.24
N ASP K 78 98.79 65.66 15.80
CA ASP K 78 99.58 64.71 15.04
C ASP K 78 98.77 63.45 14.77
N ASP K 79 99.27 62.63 13.84
CA ASP K 79 98.59 61.40 13.48
C ASP K 79 98.92 60.27 14.46
N CYS K 80 98.77 60.54 15.76
CA CYS K 80 98.83 59.58 16.84
C CYS K 80 100.20 58.88 16.96
N GLY K 81 101.12 59.21 16.06
CA GLY K 81 102.49 58.73 16.12
C GLY K 81 102.69 57.24 16.35
N ASN K 82 101.67 56.43 16.08
CA ASN K 82 101.69 55.02 16.43
C ASN K 82 101.70 54.10 15.21
N ASP K 83 100.70 54.21 14.33
CA ASP K 83 100.55 53.25 13.26
C ASP K 83 99.91 53.95 12.06
N PHE K 84 99.38 53.17 11.12
CA PHE K 84 98.79 53.69 9.90
C PHE K 84 97.63 54.63 10.22
N GLN K 85 97.73 55.86 9.71
CA GLN K 85 96.67 56.84 9.90
C GLN K 85 95.52 56.58 8.93
N CYS K 86 94.30 56.77 9.42
CA CYS K 86 93.12 56.66 8.58
C CYS K 86 92.92 57.94 7.77
N SER K 87 91.95 57.88 6.85
CA SER K 87 91.64 59.03 6.01
C SER K 87 90.87 60.13 6.74
N THR K 88 90.49 59.91 8.01
CA THR K 88 89.73 60.90 8.75
C THR K 88 90.41 61.39 10.03
N GLY K 89 91.38 60.65 10.57
CA GLY K 89 92.08 61.09 11.75
C GLY K 89 92.25 60.04 12.83
N ARG K 90 91.56 58.90 12.70
CA ARG K 90 91.68 57.83 13.67
C ARG K 90 92.86 56.94 13.31
N CYS K 91 93.15 55.96 14.17
CA CYS K 91 94.35 55.14 14.02
C CYS K 91 94.03 53.68 14.33
N ILE K 92 94.78 52.79 13.70
CA ILE K 92 94.75 51.38 14.04
C ILE K 92 95.47 51.16 15.36
N LYS K 93 94.84 50.39 16.26
CA LYS K 93 95.51 50.06 17.53
C LYS K 93 96.47 48.90 17.35
N MET K 94 95.94 47.71 17.06
CA MET K 94 96.81 46.56 16.79
C MET K 94 96.39 45.72 15.59
N ARG K 95 95.10 45.65 15.23
CA ARG K 95 94.66 44.70 14.22
C ARG K 95 93.59 45.30 13.30
N LEU K 96 93.61 46.61 13.10
CA LEU K 96 92.65 47.27 12.24
C LEU K 96 93.06 47.23 10.77
N ARG K 97 93.94 46.31 10.38
CA ARG K 97 94.37 46.17 9.00
C ARG K 97 93.29 45.43 8.22
N CYS K 98 93.64 44.96 7.02
CA CYS K 98 92.68 44.36 6.11
C CYS K 98 92.27 42.98 6.64
N ASN K 99 91.37 43.01 7.61
CA ASN K 99 90.84 41.80 8.24
C ASN K 99 89.32 41.87 8.35
N GLY K 100 88.67 42.52 7.39
CA GLY K 100 87.22 42.66 7.43
C GLY K 100 86.71 43.50 8.58
N ASP K 101 87.47 44.51 8.99
CA ASP K 101 87.12 45.37 10.12
C ASP K 101 86.82 46.76 9.59
N ASN K 102 85.54 47.04 9.36
CA ASN K 102 85.10 48.33 8.82
C ASN K 102 85.11 49.37 9.93
N ASP K 103 86.00 50.35 9.83
CA ASP K 103 86.07 51.45 10.79
C ASP K 103 85.83 52.81 10.13
N CYS K 104 86.55 53.13 9.06
CA CYS K 104 86.50 54.46 8.48
C CYS K 104 85.43 54.57 7.40
N GLY K 105 85.55 53.76 6.35
CA GLY K 105 84.58 53.79 5.27
C GLY K 105 84.27 52.41 4.72
N ASP K 106 83.48 52.35 3.64
CA ASP K 106 83.18 51.06 3.02
C ASP K 106 84.46 50.39 2.54
N PHE K 107 85.24 51.08 1.71
CA PHE K 107 86.53 50.59 1.26
C PHE K 107 87.68 51.53 1.65
N SER K 108 87.44 52.45 2.58
CA SER K 108 88.50 53.36 3.00
C SER K 108 89.59 52.61 3.77
N ASP K 109 89.20 51.87 4.81
CA ASP K 109 90.16 51.04 5.53
C ASP K 109 90.62 49.87 4.68
N GLU K 110 89.76 49.40 3.77
CA GLU K 110 90.08 48.31 2.85
C GLU K 110 90.62 48.84 1.51
N ASP K 111 91.29 50.00 1.54
CA ASP K 111 91.80 50.63 0.33
C ASP K 111 92.69 49.67 -0.47
N ASP K 112 93.74 49.16 0.17
CA ASP K 112 94.67 48.25 -0.50
C ASP K 112 94.98 47.08 0.43
N CYS K 113 94.90 45.87 -0.10
CA CYS K 113 95.14 44.65 0.67
C CYS K 113 96.13 43.79 -0.09
N GLU K 114 97.38 43.78 0.36
CA GLU K 114 98.39 42.93 -0.27
C GLU K 114 98.27 41.48 0.20
N SER K 115 97.96 41.27 1.47
CA SER K 115 97.76 39.94 2.00
C SER K 115 96.37 39.42 1.63
N GLU K 116 96.14 38.14 1.92
CA GLU K 116 94.86 37.53 1.63
C GLU K 116 93.76 38.15 2.53
N PRO K 117 92.53 38.26 2.01
CA PRO K 117 91.45 38.80 2.84
C PRO K 117 91.01 37.82 3.92
N ARG K 118 91.81 37.68 4.96
CA ARG K 118 91.52 36.76 6.04
C ARG K 118 90.25 37.19 6.77
N PRO K 119 89.22 36.36 6.83
CA PRO K 119 88.02 36.75 7.57
C PRO K 119 88.26 36.71 9.06
N PRO K 120 87.66 37.62 9.83
CA PRO K 120 87.90 37.62 11.28
C PRO K 120 87.15 36.50 11.99
N CYS K 121 86.01 36.06 11.46
CA CYS K 121 85.21 35.02 12.08
C CYS K 121 84.58 34.15 11.01
N ARG K 122 84.61 32.83 11.23
CA ARG K 122 84.09 31.88 10.26
C ARG K 122 82.60 31.60 10.43
N ASP K 123 82.09 31.65 11.65
CA ASP K 123 80.69 31.36 11.90
C ASP K 123 79.81 32.45 11.27
N ARG K 124 78.58 32.04 10.93
CA ARG K 124 77.61 32.93 10.31
C ARG K 124 76.90 33.73 11.40
N VAL K 125 77.20 35.02 11.47
CA VAL K 125 76.60 35.92 12.46
C VAL K 125 75.97 37.07 11.70
N VAL K 126 74.64 37.17 11.75
CA VAL K 126 73.93 38.21 11.02
C VAL K 126 74.16 39.56 11.69
N GLU K 127 74.31 40.60 10.87
CA GLU K 127 74.51 41.95 11.38
C GLU K 127 73.28 42.42 12.15
N GLU K 128 73.51 43.34 13.08
CA GLU K 128 72.45 43.87 13.94
C GLU K 128 71.53 44.76 13.11
N SER K 129 70.39 44.21 12.71
CA SER K 129 69.45 44.90 11.83
C SER K 129 68.36 45.57 12.65
N GLU K 130 68.32 46.90 12.61
CA GLU K 130 67.26 47.72 13.21
C GLU K 130 67.17 47.55 14.72
N LEU K 131 68.13 46.87 15.34
CA LEU K 131 68.14 46.65 16.78
C LEU K 131 68.94 47.78 17.44
N ALA K 132 69.34 47.59 18.70
CA ALA K 132 69.99 48.63 19.50
C ALA K 132 71.33 49.09 18.94
N ARG K 133 71.71 48.59 17.76
CA ARG K 133 72.92 49.01 17.05
C ARG K 133 73.12 50.52 17.11
N THR K 134 72.03 51.28 16.98
CA THR K 134 72.07 52.74 17.15
C THR K 134 71.78 53.04 18.62
N ALA K 135 72.82 52.85 19.44
CA ALA K 135 72.71 52.96 20.88
C ALA K 135 72.98 54.36 21.41
N GLY K 136 73.39 55.29 20.55
CA GLY K 136 73.65 56.66 20.98
C GLY K 136 72.38 57.47 20.99
N TYR K 137 72.18 58.22 22.07
CA TYR K 137 70.98 59.04 22.23
C TYR K 137 71.35 60.32 22.96
N GLY K 138 70.88 61.45 22.45
CA GLY K 138 71.23 62.76 22.98
C GLY K 138 70.08 63.50 23.62
N ILE K 139 69.29 62.80 24.44
CA ILE K 139 68.09 63.40 25.02
C ILE K 139 68.41 64.72 25.71
N ASN K 140 67.51 65.68 25.54
CA ASN K 140 67.61 66.98 26.18
C ASN K 140 66.71 67.00 27.42
N ILE K 141 67.32 67.24 28.59
CA ILE K 141 66.54 67.28 29.83
C ILE K 141 65.54 68.42 29.79
N LEU K 142 65.87 69.52 29.11
CA LEU K 142 64.95 70.63 28.92
C LEU K 142 64.16 70.52 27.62
N GLY K 143 64.50 69.58 26.75
CA GLY K 143 63.88 69.48 25.45
C GLY K 143 62.83 68.39 25.31
N MET K 144 63.17 67.34 24.58
CA MET K 144 62.20 66.33 24.17
C MET K 144 62.91 64.98 24.05
N ASP K 145 62.30 64.05 23.33
CA ASP K 145 62.74 62.66 23.16
C ASP K 145 64.21 62.57 22.75
N PRO K 146 64.86 61.43 22.99
CA PRO K 146 66.30 61.33 22.70
C PRO K 146 66.64 61.58 21.24
N LEU K 147 67.92 61.90 21.02
CA LEU K 147 68.46 62.23 19.71
C LEU K 147 69.07 60.98 19.09
N SER K 148 69.75 61.16 17.95
CA SER K 148 70.42 60.07 17.27
C SER K 148 71.76 59.78 17.96
N THR K 149 72.60 58.97 17.33
CA THR K 149 73.87 58.60 17.92
C THR K 149 74.91 59.69 17.68
N PRO K 150 75.54 60.23 18.72
CA PRO K 150 76.60 61.23 18.52
C PRO K 150 77.96 60.62 18.21
N PHE K 151 78.05 59.30 18.11
CA PHE K 151 79.32 58.61 17.91
C PHE K 151 79.13 57.46 16.94
N ASP K 152 80.25 56.90 16.49
CA ASP K 152 80.22 55.73 15.63
C ASP K 152 79.95 54.48 16.45
N ASN K 153 79.02 53.64 15.98
CA ASN K 153 78.63 52.44 16.71
C ASN K 153 78.80 51.18 15.85
N GLU K 154 79.45 51.29 14.69
CA GLU K 154 79.70 50.14 13.83
C GLU K 154 81.08 49.55 14.01
N PHE K 155 82.03 50.32 14.55
CA PHE K 155 83.40 49.83 14.72
C PHE K 155 83.46 48.67 15.70
N TYR K 156 84.34 47.71 15.41
CA TYR K 156 84.60 46.59 16.30
C TYR K 156 86.10 46.39 16.39
N ASN K 157 86.56 45.84 17.51
CA ASN K 157 87.99 45.79 17.80
C ASN K 157 88.64 44.49 17.31
N GLY K 158 88.20 43.35 17.85
CA GLY K 158 88.89 42.10 17.59
C GLY K 158 88.00 40.92 17.26
N LEU K 159 88.14 39.83 18.02
CA LEU K 159 87.34 38.64 17.80
C LEU K 159 85.87 38.93 18.09
N CYS K 160 85.00 38.43 17.20
CA CYS K 160 83.57 38.64 17.36
C CYS K 160 83.09 38.11 18.71
N ASN K 161 82.21 38.88 19.35
CA ASN K 161 81.61 38.48 20.61
C ASN K 161 80.19 38.00 20.31
N ARG K 162 79.94 36.72 20.53
CA ARG K 162 78.66 36.13 20.15
C ARG K 162 77.52 36.70 21.00
N ASP K 163 76.35 36.81 20.37
CA ASP K 163 75.13 37.32 20.99
C ASP K 163 74.02 36.30 20.81
N ARG K 164 74.32 35.05 21.15
CA ARG K 164 73.43 33.92 20.88
C ARG K 164 72.23 34.01 21.81
N ASP K 165 71.28 34.85 21.43
CA ASP K 165 70.06 35.07 22.19
C ASP K 165 69.04 35.75 21.28
N GLY K 166 67.80 35.77 21.72
CA GLY K 166 66.72 36.41 20.97
C GLY K 166 65.52 35.49 20.81
N ASN K 167 64.50 36.05 20.16
CA ASN K 167 63.26 35.30 19.93
C ASN K 167 63.52 34.08 19.05
N THR K 168 64.02 34.31 17.84
CA THR K 168 64.29 33.22 16.91
C THR K 168 65.75 32.77 17.05
N LEU K 169 66.14 31.82 16.20
CA LEU K 169 67.50 31.29 16.21
C LEU K 169 68.33 32.11 15.22
N THR K 170 68.98 33.15 15.73
CA THR K 170 69.81 34.02 14.91
C THR K 170 70.89 34.64 15.78
N TYR K 171 72.06 34.88 15.19
CA TYR K 171 73.22 35.40 15.90
C TYR K 171 73.47 36.83 15.44
N TYR K 172 73.45 37.76 16.39
CA TYR K 172 73.72 39.17 16.12
C TYR K 172 75.12 39.54 16.58
N ARG K 173 75.57 40.72 16.16
CA ARG K 173 76.86 41.27 16.53
C ARG K 173 76.70 42.38 17.55
N ARG K 174 77.66 42.47 18.46
CA ARG K 174 77.71 43.54 19.45
C ARG K 174 78.97 44.37 19.23
N PRO K 175 78.86 45.66 18.92
CA PRO K 175 80.06 46.46 18.65
C PRO K 175 80.91 46.64 19.90
N TRP K 176 82.20 46.92 19.66
CA TRP K 176 83.14 47.12 20.75
C TRP K 176 82.80 48.34 21.58
N ASN K 177 82.03 49.28 21.03
CA ASN K 177 81.62 50.46 21.79
C ASN K 177 80.49 50.13 22.76
N VAL K 178 79.60 49.23 22.40
CA VAL K 178 78.51 48.81 23.28
C VAL K 178 79.03 47.75 24.23
N ALA K 179 79.00 48.04 25.53
CA ALA K 179 79.57 47.11 26.51
C ALA K 179 78.69 45.90 26.72
N SER K 180 77.36 46.09 26.71
CA SER K 180 76.45 45.00 27.00
C SER K 180 75.12 45.26 26.31
N LEU K 181 74.42 44.17 25.99
CA LEU K 181 73.06 44.25 25.45
C LEU K 181 72.32 42.98 25.82
N ILE K 182 71.13 43.14 26.40
CA ILE K 182 70.31 42.00 26.80
C ILE K 182 69.03 42.00 25.98
N TYR K 183 68.42 40.83 25.86
CA TYR K 183 67.19 40.65 25.10
C TYR K 183 66.01 40.29 26.01
N GLU K 184 66.05 40.74 27.25
CA GLU K 184 64.97 40.46 28.20
C GLU K 184 63.68 41.11 27.75
N THR K 185 62.63 40.31 27.58
CA THR K 185 61.33 40.80 27.13
C THR K 185 60.41 41.08 28.32
N LYS K 186 60.90 41.96 29.21
CA LYS K 186 60.13 42.34 30.39
C LYS K 186 58.85 43.07 29.97
N GLY K 187 57.82 42.96 30.81
CA GLY K 187 56.56 43.63 30.55
C GLY K 187 55.68 43.72 31.78
N GLU K 188 55.14 44.91 32.05
CA GLU K 188 54.29 45.11 33.21
C GLU K 188 53.25 46.17 32.89
N LYS K 189 52.18 46.17 33.68
CA LYS K 189 51.11 47.13 33.54
C LYS K 189 50.37 47.22 34.88
N ASN K 190 49.66 48.33 35.07
CA ASN K 190 48.94 48.59 36.31
C ASN K 190 47.52 49.02 36.01
N PHE K 191 46.68 48.91 37.01
CA PHE K 191 45.37 49.49 36.94
C PHE K 191 45.07 50.07 38.29
N ARG K 192 44.14 51.01 38.27
CA ARG K 192 43.66 51.65 39.48
C ARG K 192 42.32 52.29 39.21
N THR K 193 41.57 52.53 40.29
CA THR K 193 40.30 53.24 40.24
C THR K 193 39.90 53.61 41.66
N GLU K 194 39.04 54.62 41.76
CA GLU K 194 38.57 55.10 43.06
C GLU K 194 37.21 55.76 42.87
N HIS K 195 36.56 56.07 43.98
CA HIS K 195 35.26 56.71 43.97
C HIS K 195 35.13 57.64 45.17
N TYR K 196 34.62 58.85 44.92
CA TYR K 196 34.34 59.83 45.95
C TYR K 196 32.85 60.16 45.92
N GLU K 197 32.27 60.39 47.09
CA GLU K 197 30.86 60.70 47.20
C GLU K 197 30.63 61.71 48.32
N GLU K 198 29.81 62.71 48.04
CA GLU K 198 29.46 63.73 49.02
C GLU K 198 27.99 64.11 48.85
N GLN K 199 27.29 64.23 49.98
CA GLN K 199 25.87 64.56 49.96
C GLN K 199 25.54 65.31 51.25
N ILE K 200 24.69 66.33 51.12
CA ILE K 200 24.22 67.09 52.27
C ILE K 200 22.79 67.54 52.01
N GLU K 201 21.95 67.45 53.05
CA GLU K 201 20.56 67.87 52.97
C GLU K 201 20.16 68.51 54.29
N ALA K 202 19.34 69.55 54.21
CA ALA K 202 18.87 70.27 55.38
C ALA K 202 17.45 70.74 55.15
N PHE K 203 16.57 70.46 56.11
CA PHE K 203 15.17 70.87 56.06
C PHE K 203 14.86 71.77 57.25
N LYS K 204 14.12 72.84 56.99
CA LYS K 204 13.74 73.79 58.03
C LYS K 204 12.30 74.25 57.80
N SER K 205 11.52 74.29 58.88
CA SER K 205 10.14 74.73 58.83
C SER K 205 9.80 75.47 60.12
N ILE K 206 9.22 76.66 59.98
CA ILE K 206 8.85 77.50 61.11
C ILE K 206 7.44 78.02 60.86
N ILE K 207 6.58 77.90 61.87
CA ILE K 207 5.19 78.34 61.78
C ILE K 207 4.84 79.14 63.04
N GLN K 208 4.06 80.19 62.86
CA GLN K 208 3.62 81.05 63.97
C GLN K 208 2.11 81.25 63.87
N GLU K 209 1.46 81.32 65.03
CA GLU K 209 0.02 81.50 65.10
C GLU K 209 -0.33 82.34 66.31
N LYS K 210 -1.10 83.41 66.09
CA LYS K 210 -1.53 84.30 67.15
C LYS K 210 -2.95 84.74 66.87
N THR K 211 -3.77 84.80 67.93
CA THR K 211 -5.17 85.20 67.82
C THR K 211 -5.50 86.17 68.94
N SER K 212 -6.22 87.24 68.61
CA SER K 212 -6.57 88.27 69.58
C SER K 212 -8.04 88.63 69.45
N ASN K 213 -8.74 88.67 70.58
CA ASN K 213 -10.15 89.02 70.63
C ASN K 213 -10.41 89.83 71.89
N PHE K 214 -11.32 90.80 71.79
CA PHE K 214 -11.64 91.67 72.91
C PHE K 214 -13.14 91.95 72.94
N ASN K 215 -13.67 92.15 74.14
CA ASN K 215 -15.08 92.46 74.35
C ASN K 215 -15.20 93.66 75.27
N ALA K 216 -16.24 94.46 75.04
CA ALA K 216 -16.50 95.63 75.89
C ALA K 216 -17.99 95.95 75.82
N ALA K 217 -18.72 95.66 76.91
CA ALA K 217 -20.15 95.91 76.98
C ALA K 217 -20.46 96.60 78.29
N ILE K 218 -21.14 97.74 78.22
CA ILE K 218 -21.57 98.50 79.38
C ILE K 218 -22.93 99.13 79.07
N SER K 219 -23.87 98.99 80.01
CA SER K 219 -25.22 99.51 79.86
C SER K 219 -25.57 100.39 81.05
N LEU K 220 -26.25 101.50 80.77
CA LEU K 220 -26.63 102.46 81.81
C LEU K 220 -28.06 102.92 81.57
N LYS K 221 -28.92 102.77 82.57
CA LYS K 221 -30.29 103.21 82.49
C LYS K 221 -30.68 103.87 83.81
N PHE K 222 -31.51 104.91 83.72
CA PHE K 222 -31.90 105.70 84.88
C PHE K 222 -33.40 105.93 84.85
N THR K 223 -34.06 105.70 85.98
CA THR K 223 -35.49 105.95 86.12
C THR K 223 -35.83 106.27 87.58
N PRO K 224 -36.13 107.54 87.89
CA PRO K 224 -36.48 107.94 89.25
C PRO K 224 -37.90 107.56 89.64
N SER K 242 -42.59 112.78 84.70
CA SER K 242 -41.99 111.48 84.39
C SER K 242 -40.59 111.65 83.79
N LEU K 243 -39.69 110.74 84.15
CA LEU K 243 -38.31 110.78 83.67
C LEU K 243 -37.84 109.34 83.45
N HIS K 244 -37.23 109.10 82.29
CA HIS K 244 -36.73 107.77 81.95
C HIS K 244 -35.44 107.91 81.16
N GLY K 245 -34.55 106.95 81.32
CA GLY K 245 -33.28 106.92 80.61
C GLY K 245 -32.77 105.51 80.40
N LYS K 246 -32.14 105.27 79.25
CA LYS K 246 -31.60 103.95 78.94
C LYS K 246 -30.51 104.09 77.91
N GLY K 247 -29.35 103.47 78.19
CA GLY K 247 -28.24 103.46 77.26
C GLY K 247 -27.40 102.21 77.40
N SER K 248 -26.93 101.67 76.28
CA SER K 248 -26.14 100.44 76.29
C SER K 248 -25.02 100.57 75.26
N PHE K 249 -23.81 100.17 75.67
CA PHE K 249 -22.64 100.18 74.80
C PHE K 249 -22.24 98.75 74.48
N ARG K 250 -21.81 98.51 73.25
CA ARG K 250 -21.30 97.21 72.83
C ARG K 250 -20.07 97.41 71.98
N PHE K 251 -19.12 96.47 72.08
CA PHE K 251 -17.86 96.59 71.37
C PHE K 251 -17.29 95.19 71.16
N SER K 252 -16.65 95.00 70.00
CA SER K 252 -16.06 93.71 69.64
C SER K 252 -14.71 93.94 68.99
N TYR K 253 -13.95 92.85 68.85
CA TYR K 253 -12.61 92.92 68.27
C TYR K 253 -12.24 91.55 67.74
N SER K 254 -11.59 91.53 66.58
CA SER K 254 -11.17 90.28 65.95
C SER K 254 -9.79 90.47 65.34
N LYS K 255 -8.93 89.47 65.52
CA LYS K 255 -7.56 89.55 65.04
C LYS K 255 -6.87 88.19 65.06
N ASN K 256 -6.20 87.83 63.98
CA ASN K 256 -5.28 86.70 64.01
C ASN K 256 -4.19 86.92 62.94
N GLU K 257 -2.99 86.41 63.22
CA GLU K 257 -1.87 86.56 62.31
C GLU K 257 -1.09 85.24 62.28
N THR K 258 -1.20 84.53 61.17
CA THR K 258 -0.50 83.26 60.98
C THR K 258 0.74 83.48 60.12
N TYR K 259 1.89 83.02 60.60
CA TYR K 259 3.15 83.13 59.87
C TYR K 259 3.64 81.73 59.54
N GLN K 260 4.29 81.60 58.38
CA GLN K 260 4.81 80.32 57.93
C GLN K 260 6.17 80.53 57.28
N LEU K 261 7.12 79.64 57.58
CA LEU K 261 8.47 79.70 57.04
C LEU K 261 8.90 78.29 56.66
N PHE K 262 9.60 78.18 55.53
CA PHE K 262 10.10 76.90 55.06
C PHE K 262 11.43 77.12 54.36
N LEU K 263 12.40 76.26 54.67
CA LEU K 263 13.74 76.36 54.09
C LEU K 263 14.27 74.95 53.83
N SER K 264 14.92 74.78 52.69
CA SER K 264 15.47 73.49 52.31
C SER K 264 16.82 73.71 51.62
N TYR K 265 17.73 72.75 51.83
CA TYR K 265 19.06 72.79 51.27
C TYR K 265 19.47 71.39 50.86
N SER K 266 20.17 71.28 49.73
CA SER K 266 20.62 69.99 49.22
C SER K 266 21.80 70.20 48.29
N SER K 267 22.78 69.31 48.38
CA SER K 267 23.95 69.37 47.51
C SER K 267 24.58 68.00 47.44
N LYS K 268 25.06 67.64 46.25
CA LYS K 268 25.70 66.35 46.03
C LYS K 268 26.95 66.55 45.18
N LYS K 269 28.02 65.81 45.52
CA LYS K 269 29.27 65.89 44.80
C LYS K 269 29.85 64.49 44.62
N GLU K 270 30.48 64.27 43.47
CA GLU K 270 31.09 63.00 43.14
C GLU K 270 32.36 63.25 42.34
N LYS K 271 33.37 62.40 42.55
CA LYS K 271 34.65 62.55 41.87
C LYS K 271 35.27 61.19 41.67
N MET K 272 35.87 60.98 40.51
CA MET K 272 36.55 59.75 40.18
C MET K 272 37.81 60.06 39.39
N PHE K 273 38.95 59.56 39.86
CA PHE K 273 40.24 59.74 39.20
C PHE K 273 40.99 58.44 39.20
N LEU K 274 41.57 58.10 38.05
CA LEU K 274 42.33 56.86 37.93
C LEU K 274 43.31 56.99 36.77
N HIS K 275 44.42 56.27 36.88
CA HIS K 275 45.45 56.28 35.85
C HIS K 275 46.03 54.87 35.71
N VAL K 276 46.30 54.47 34.46
CA VAL K 276 46.88 53.17 34.17
C VAL K 276 48.00 53.36 33.16
N LYS K 277 48.95 52.45 33.17
CA LYS K 277 50.08 52.51 32.26
C LYS K 277 50.67 51.12 32.08
N GLY K 278 51.19 50.87 30.88
CA GLY K 278 51.81 49.60 30.58
C GLY K 278 52.91 49.78 29.55
N GLU K 279 53.97 48.97 29.69
CA GLU K 279 55.11 49.03 28.80
C GLU K 279 55.54 47.63 28.41
N ILE K 280 55.94 47.47 27.15
CA ILE K 280 56.46 46.22 26.63
C ILE K 280 57.95 46.43 26.37
N HIS K 281 58.78 45.98 27.30
CA HIS K 281 60.22 46.12 27.14
C HIS K 281 60.75 45.11 26.14
N LEU K 282 61.69 45.56 25.31
CA LEU K 282 62.28 44.72 24.26
C LEU K 282 63.72 44.34 24.57
N GLY K 283 64.58 45.32 24.80
CA GLY K 283 65.98 45.04 25.09
C GLY K 283 66.61 46.18 25.83
N ARG K 284 67.73 45.88 26.48
CA ARG K 284 68.44 46.86 27.29
C ARG K 284 69.93 46.79 26.97
N PHE K 285 70.57 47.95 26.95
CA PHE K 285 71.99 48.06 26.62
C PHE K 285 72.65 49.03 27.59
N VAL K 286 73.96 48.87 27.76
CA VAL K 286 74.77 49.74 28.61
C VAL K 286 76.00 50.13 27.82
N MET K 287 76.09 51.41 27.47
CA MET K 287 77.24 51.90 26.71
C MET K 287 78.50 51.90 27.58
N ARG K 288 79.61 51.45 26.99
CA ARG K 288 80.88 51.50 27.67
C ARG K 288 81.28 52.96 27.93
N ASN K 289 81.68 53.25 29.17
CA ASN K 289 81.91 54.63 29.56
C ASN K 289 83.21 55.17 28.97
N ARG K 290 84.32 54.49 29.23
CA ARG K 290 85.62 54.92 28.73
C ARG K 290 86.12 53.94 27.68
N ASP K 291 87.24 54.29 27.05
CA ASP K 291 87.80 53.55 25.92
C ASP K 291 86.77 53.45 24.80
N VAL K 292 86.26 54.62 24.40
CA VAL K 292 85.15 54.75 23.47
C VAL K 292 85.67 55.32 22.15
N VAL K 293 85.17 54.77 21.04
CA VAL K 293 85.47 55.28 19.71
C VAL K 293 84.36 56.22 19.29
N LEU K 294 84.71 57.20 18.47
CA LEU K 294 83.80 58.26 18.07
C LEU K 294 83.69 58.31 16.56
N THR K 295 82.63 58.96 16.08
CA THR K 295 82.41 59.08 14.64
C THR K 295 83.24 60.24 14.07
N THR K 296 83.45 60.18 12.75
CA THR K 296 84.30 61.18 12.11
C THR K 296 83.73 62.59 12.22
N THR K 297 82.41 62.72 12.17
CA THR K 297 81.80 64.05 12.23
C THR K 297 81.97 64.66 13.62
N PHE K 298 81.71 63.88 14.67
CA PHE K 298 81.88 64.37 16.03
C PHE K 298 83.33 64.67 16.33
N VAL K 299 84.24 63.83 15.83
CA VAL K 299 85.67 64.08 16.02
C VAL K 299 86.08 65.38 15.33
N ASP K 300 85.59 65.60 14.11
CA ASP K 300 85.91 66.83 13.40
C ASP K 300 85.33 68.04 14.12
N ASP K 301 84.13 67.91 14.69
CA ASP K 301 83.53 69.01 15.42
C ASP K 301 84.32 69.33 16.69
N ILE K 302 84.79 68.30 17.40
CA ILE K 302 85.57 68.54 18.61
C ILE K 302 86.95 69.10 18.25
N LYS K 303 87.51 68.70 17.12
CA LYS K 303 88.79 69.26 16.69
C LYS K 303 88.64 70.73 16.30
N ALA K 304 87.60 71.07 15.56
CA ALA K 304 87.30 72.46 15.22
C ALA K 304 86.37 73.04 16.28
N LEU K 305 86.95 73.27 17.46
CA LEU K 305 86.21 73.74 18.63
C LEU K 305 87.08 74.74 19.37
N PRO K 306 86.50 75.86 19.82
CA PRO K 306 87.30 76.88 20.51
C PRO K 306 87.74 76.44 21.89
N THR K 307 88.55 77.27 22.55
CA THR K 307 89.05 76.95 23.87
C THR K 307 89.03 78.13 24.83
N THR K 308 88.35 79.22 24.48
CA THR K 308 88.30 80.44 25.29
C THR K 308 86.88 80.70 25.79
N TYR K 309 86.13 79.63 26.07
CA TYR K 309 84.76 79.71 26.58
C TYR K 309 83.87 80.51 25.63
N GLU K 310 83.68 79.96 24.43
CA GLU K 310 82.79 80.54 23.43
C GLU K 310 81.39 79.98 23.66
N LYS K 311 80.62 80.67 24.50
CA LYS K 311 79.25 80.25 24.79
C LYS K 311 78.39 80.24 23.53
N GLY K 312 78.68 81.12 22.57
CA GLY K 312 77.89 81.18 21.36
C GLY K 312 77.95 79.89 20.57
N GLU K 313 79.17 79.45 20.24
CA GLU K 313 79.33 78.19 19.50
C GLU K 313 78.99 76.99 20.37
N TYR K 314 79.24 77.07 21.67
CA TYR K 314 78.91 75.96 22.56
C TYR K 314 77.42 75.77 22.67
N PHE K 315 76.65 76.86 22.67
CA PHE K 315 75.20 76.73 22.70
C PHE K 315 74.66 76.10 21.43
N ALA K 316 75.31 76.36 20.28
CA ALA K 316 74.92 75.71 19.04
C ALA K 316 75.26 74.23 19.07
N PHE K 317 76.48 73.91 19.50
CA PHE K 317 76.89 72.51 19.63
C PHE K 317 75.97 71.74 20.57
N LEU K 318 75.49 72.40 21.62
CA LEU K 318 74.62 71.74 22.59
C LEU K 318 73.29 71.35 21.96
N GLU K 319 72.68 72.28 21.22
CA GLU K 319 71.44 71.96 20.51
C GLU K 319 71.68 70.97 19.39
N THR K 320 72.89 70.94 18.83
CA THR K 320 73.17 70.04 17.70
C THR K 320 73.34 68.60 18.17
N TYR K 321 74.10 68.39 19.25
CA TYR K 321 74.44 67.05 19.71
C TYR K 321 73.90 66.77 21.10
N GLY K 322 72.79 67.40 21.48
CA GLY K 322 72.18 67.13 22.78
C GLY K 322 72.96 67.70 23.95
N THR K 323 72.39 67.62 25.13
CA THR K 323 73.04 68.11 26.34
C THR K 323 73.86 67.02 27.04
N HIS K 324 73.30 65.81 27.12
CA HIS K 324 73.97 64.68 27.76
C HIS K 324 73.48 63.39 27.12
N TYR K 325 74.39 62.45 26.93
CA TYR K 325 74.07 61.22 26.22
C TYR K 325 73.54 60.16 27.20
N SER K 326 73.17 59.01 26.65
CA SER K 326 72.59 57.92 27.42
C SER K 326 73.67 56.89 27.75
N SER K 327 73.88 56.65 29.05
CA SER K 327 74.77 55.58 29.46
C SER K 327 74.12 54.22 29.29
N SER K 328 72.81 54.13 29.46
CA SER K 328 72.08 52.87 29.29
C SER K 328 70.64 53.19 28.90
N GLY K 329 70.13 52.47 27.91
CA GLY K 329 68.77 52.67 27.45
C GLY K 329 67.89 51.46 27.62
N SER K 330 66.67 51.52 27.07
CA SER K 330 65.73 50.41 27.17
C SER K 330 64.82 50.45 25.95
N LEU K 331 65.10 49.60 24.97
CA LEU K 331 64.30 49.56 23.75
C LEU K 331 62.96 48.90 24.03
N GLY K 332 61.92 49.38 23.34
CA GLY K 332 60.58 48.85 23.52
C GLY K 332 59.50 49.85 23.19
N GLY K 333 58.57 50.05 24.13
CA GLY K 333 57.50 51.01 23.96
C GLY K 333 56.47 50.94 25.08
N LEU K 334 55.88 52.08 25.42
CA LEU K 334 54.91 52.16 26.50
C LEU K 334 53.63 52.82 26.01
N TYR K 335 52.53 52.51 26.70
CA TYR K 335 51.24 53.11 26.42
C TYR K 335 50.50 53.33 27.73
N GLU K 336 49.66 54.37 27.75
CA GLU K 336 48.91 54.70 28.96
C GLU K 336 47.69 55.52 28.57
N LEU K 337 46.60 55.33 29.32
CA LEU K 337 45.37 56.08 29.14
C LEU K 337 44.84 56.49 30.50
N ILE K 338 44.36 57.73 30.59
CA ILE K 338 43.87 58.30 31.85
C ILE K 338 42.58 59.04 31.57
N TYR K 339 41.56 58.81 32.36
CA TYR K 339 40.51 59.79 32.36
C TYR K 339 39.85 60.00 33.68
N VAL K 340 39.37 61.21 33.82
CA VAL K 340 39.00 61.82 35.10
C VAL K 340 37.52 62.17 35.06
N LEU K 341 36.87 62.07 36.22
CA LEU K 341 35.45 62.41 36.35
C LEU K 341 35.25 63.23 37.61
N ASP K 342 34.38 64.25 37.51
CA ASP K 342 34.08 65.13 38.63
C ASP K 342 32.63 65.57 38.51
N LYS K 343 31.91 65.53 39.63
CA LYS K 343 30.49 65.87 39.66
C LYS K 343 30.21 66.79 40.84
N ALA K 344 29.32 67.75 40.64
CA ALA K 344 28.92 68.68 41.69
C ALA K 344 27.48 69.12 41.46
N SER K 345 26.74 69.26 42.56
CA SER K 345 25.34 69.65 42.49
C SER K 345 24.98 70.46 43.72
N MET K 346 24.02 71.36 43.56
CA MET K 346 23.56 72.20 44.67
C MET K 346 22.08 72.53 44.46
N LYS K 347 21.31 72.45 45.56
CA LYS K 347 19.89 72.75 45.54
C LYS K 347 19.53 73.53 46.78
N ARG K 348 18.80 74.63 46.62
CA ARG K 348 18.39 75.47 47.74
C ARG K 348 16.93 75.87 47.56
N LYS K 349 16.15 75.73 48.62
CA LYS K 349 14.72 76.02 48.57
C LYS K 349 14.31 76.81 49.80
N GLY K 350 13.52 77.85 49.60
CA GLY K 350 12.99 78.64 50.69
C GLY K 350 11.58 79.14 50.40
N VAL K 351 10.64 78.88 51.31
CA VAL K 351 9.24 79.24 51.13
C VAL K 351 8.78 80.02 52.35
N GLU K 352 8.09 81.14 52.10
CA GLU K 352 7.58 82.00 53.16
C GLU K 352 6.14 82.36 52.87
N LEU K 353 5.29 82.28 53.89
CA LEU K 353 3.88 82.63 53.78
C LEU K 353 3.48 83.46 54.99
N LYS K 354 2.73 84.54 54.73
CA LYS K 354 2.31 85.46 55.78
C LYS K 354 0.87 85.88 55.53
N ASP K 355 0.03 85.71 56.55
CA ASP K 355 -1.38 86.07 56.46
C ASP K 355 -1.82 86.68 57.78
N ILE K 356 -2.48 87.82 57.71
CA ILE K 356 -2.95 88.56 58.89
C ILE K 356 -4.38 89.02 58.63
N LYS K 357 -5.25 88.85 59.63
CA LYS K 357 -6.61 89.37 59.61
C LYS K 357 -6.89 90.10 60.90
N ARG K 358 -7.45 91.30 60.79
CA ARG K 358 -7.84 92.10 61.94
C ARG K 358 -9.17 92.75 61.65
N CYS K 359 -10.12 92.64 62.57
CA CYS K 359 -11.43 93.25 62.39
C CYS K 359 -11.90 93.88 63.68
N LEU K 360 -12.77 94.89 63.55
CA LEU K 360 -13.26 95.66 64.67
C LEU K 360 -14.78 95.71 64.64
N GLY K 361 -15.39 95.68 65.82
CA GLY K 361 -16.83 95.76 65.93
C GLY K 361 -17.30 96.67 67.05
N TYR K 362 -18.29 97.52 66.77
CA TYR K 362 -18.80 98.45 67.76
C TYR K 362 -20.29 98.64 67.56
N HIS K 363 -21.03 98.67 68.67
CA HIS K 363 -22.48 98.87 68.65
C HIS K 363 -22.86 99.86 69.74
N LEU K 364 -23.61 100.88 69.37
CA LEU K 364 -24.09 101.91 70.29
C LEU K 364 -25.60 102.05 70.14
N ASP K 365 -26.31 101.94 71.26
CA ASP K 365 -27.76 102.06 71.27
C ASP K 365 -28.18 102.83 72.52
N VAL K 366 -28.88 103.94 72.33
CA VAL K 366 -29.37 104.77 73.42
C VAL K 366 -30.83 105.12 73.14
N SER K 367 -31.69 104.90 74.13
CA SER K 367 -33.11 105.20 73.99
C SER K 367 -33.58 105.96 75.22
N LEU K 368 -34.28 107.07 75.00
CA LEU K 368 -34.74 107.92 76.08
C LEU K 368 -36.25 108.08 76.00
N ALA K 369 -36.91 108.10 77.17
CA ALA K 369 -38.39 108.14 77.16
C ALA K 369 -38.95 109.28 78.01
N PHE K 370 -39.84 110.08 77.41
CA PHE K 370 -40.58 111.16 78.10
C PHE K 370 -41.88 110.57 78.66
N SER K 371 -42.71 111.40 79.31
CA SER K 371 -44.11 110.94 79.56
C SER K 371 -44.78 110.70 78.20
N GLU K 372 -44.61 111.65 77.27
CA GLU K 372 -45.14 111.53 75.88
C GLU K 372 -43.98 111.75 74.91
N ILE K 373 -42.74 111.75 75.42
CA ILE K 373 -41.56 112.05 74.62
C ILE K 373 -40.72 110.78 74.53
N SER K 374 -40.23 110.48 73.32
CA SER K 374 -39.40 109.31 73.09
C SER K 374 -38.22 109.71 72.22
N VAL K 375 -37.02 109.33 72.65
CA VAL K 375 -35.79 109.63 71.93
C VAL K 375 -35.03 108.33 71.72
N GLY K 376 -34.48 108.15 70.51
CA GLY K 376 -33.74 106.94 70.19
C GLY K 376 -32.44 107.27 69.50
N ALA K 377 -31.48 106.35 69.63
CA ALA K 377 -30.17 106.51 69.01
C ALA K 377 -29.57 105.13 68.80
N GLU K 378 -29.01 104.91 67.61
CA GLU K 378 -28.38 103.64 67.26
C GLU K 378 -27.18 103.92 66.36
N PHE K 379 -25.97 103.67 66.86
CA PHE K 379 -24.74 103.85 66.11
C PHE K 379 -23.98 102.54 66.08
N ASN K 380 -23.70 102.03 64.88
CA ASN K 380 -23.01 100.76 64.71
C ASN K 380 -21.80 100.96 63.81
N LYS K 381 -20.66 100.40 64.21
CA LYS K 381 -19.41 100.54 63.46
C LYS K 381 -18.82 99.16 63.24
N ASP K 382 -18.37 98.89 62.01
CA ASP K 382 -17.78 97.62 61.65
C ASP K 382 -16.65 97.86 60.66
N ASP K 383 -15.49 97.26 60.92
CA ASP K 383 -14.33 97.43 60.05
C ASP K 383 -13.40 96.24 60.22
N CYS K 384 -13.05 95.59 59.11
CA CYS K 384 -12.13 94.47 59.12
C CYS K 384 -10.97 94.76 58.18
N VAL K 385 -9.82 94.14 58.47
CA VAL K 385 -8.61 94.32 57.68
C VAL K 385 -7.95 92.95 57.51
N LYS K 386 -7.48 92.68 56.29
CA LYS K 386 -6.79 91.44 55.98
C LYS K 386 -5.45 91.75 55.30
N ARG K 387 -4.44 90.94 55.60
CA ARG K 387 -3.11 91.10 55.02
C ARG K 387 -2.61 89.75 54.53
N GLY K 388 -1.91 89.77 53.41
CA GLY K 388 -1.37 88.55 52.83
C GLY K 388 -0.02 88.75 52.18
N GLU K 389 0.87 87.76 52.32
CA GLU K 389 2.20 87.85 51.75
C GLU K 389 2.72 86.43 51.49
N GLY K 390 3.38 86.26 50.34
CA GLY K 390 3.96 84.98 49.98
C GLY K 390 5.32 85.11 49.34
N ARG K 391 6.25 84.22 49.68
CA ARG K 391 7.60 84.26 49.16
C ARG K 391 8.08 82.84 48.89
N ALA K 392 8.80 82.66 47.79
CA ALA K 392 9.34 81.36 47.41
C ALA K 392 10.70 81.53 46.76
N VAL K 393 11.60 80.59 47.03
CA VAL K 393 12.95 80.58 46.48
C VAL K 393 13.28 79.16 46.05
N ASN K 394 13.61 78.98 44.78
CA ASN K 394 13.88 77.66 44.20
C ASN K 394 15.03 77.79 43.22
N ILE K 395 16.21 77.33 43.62
CA ILE K 395 17.44 77.51 42.84
C ILE K 395 18.22 76.21 42.84
N THR K 396 18.46 75.66 41.66
CA THR K 396 19.22 74.43 41.48
C THR K 396 20.48 74.73 40.67
N SER K 397 21.59 74.11 41.08
CA SER K 397 22.87 74.29 40.39
C SER K 397 23.59 72.95 40.33
N GLU K 398 24.21 72.66 39.18
CA GLU K 398 24.94 71.43 38.97
C GLU K 398 26.16 71.69 38.11
N ASN K 399 27.27 71.03 38.44
CA ASN K 399 28.53 71.18 37.73
C ASN K 399 29.15 69.82 37.48
N LEU K 400 29.71 69.63 36.29
CA LEU K 400 30.37 68.40 35.90
C LEU K 400 31.71 68.72 35.24
N ILE K 401 32.71 67.88 35.49
CA ILE K 401 34.05 68.07 34.94
C ILE K 401 34.61 66.70 34.57
N ASP K 402 35.04 66.55 33.31
CA ASP K 402 35.63 65.31 32.83
C ASP K 402 36.88 65.63 32.02
N ASP K 403 37.93 64.83 32.22
CA ASP K 403 39.18 64.98 31.49
C ASP K 403 39.73 63.59 31.15
N VAL K 404 40.06 63.37 29.89
CA VAL K 404 40.58 62.10 29.41
C VAL K 404 41.85 62.37 28.61
N VAL K 405 42.90 61.59 28.88
CA VAL K 405 44.15 61.68 28.14
C VAL K 405 44.69 60.28 27.91
N SER K 406 45.40 60.10 26.80
CA SER K 406 45.96 58.81 26.43
C SER K 406 47.06 59.02 25.41
N LEU K 407 47.98 58.05 25.35
CA LEU K 407 49.11 58.13 24.43
C LEU K 407 49.62 56.74 24.14
N ILE K 408 50.35 56.61 23.04
CA ILE K 408 50.94 55.33 22.62
C ILE K 408 52.10 55.64 21.69
N ARG K 409 53.04 54.71 21.60
CA ARG K 409 54.22 54.89 20.75
C ARG K 409 54.88 53.54 20.52
N GLY K 410 55.62 53.46 19.42
CA GLY K 410 56.40 52.27 19.09
C GLY K 410 55.73 51.40 18.06
N GLY K 411 56.55 50.55 17.43
CA GLY K 411 56.06 49.59 16.45
C GLY K 411 55.76 50.23 15.10
N THR K 412 55.29 49.39 14.18
CA THR K 412 54.86 49.89 12.89
C THR K 412 53.56 50.69 13.05
N ARG K 413 53.30 51.55 12.07
CA ARG K 413 52.15 52.45 12.17
C ARG K 413 50.83 51.71 12.00
N LYS K 414 50.84 50.60 11.27
CA LYS K 414 49.61 49.84 11.06
C LYS K 414 49.15 49.17 12.34
N TYR K 415 49.99 48.32 12.94
CA TYR K 415 49.58 47.55 14.10
C TYR K 415 49.46 48.41 15.36
N ALA K 416 50.20 49.52 15.43
CA ALA K 416 50.17 50.34 16.63
C ALA K 416 48.81 51.01 16.82
N PHE K 417 48.34 51.72 15.79
CA PHE K 417 47.08 52.46 15.91
C PHE K 417 45.86 51.55 15.77
N GLU K 418 46.04 50.33 15.26
CA GLU K 418 44.96 49.35 15.33
C GLU K 418 44.68 48.95 16.78
N LEU K 419 45.72 48.95 17.62
CA LEU K 419 45.50 48.75 19.05
C LEU K 419 44.90 49.98 19.70
N LYS K 420 45.28 51.17 19.21
CA LYS K 420 44.79 52.42 19.81
C LYS K 420 43.29 52.58 19.59
N GLU K 421 42.79 52.26 18.40
CA GLU K 421 41.37 52.44 18.11
C GLU K 421 40.51 51.51 18.94
N LYS K 422 40.95 50.27 19.16
CA LYS K 422 40.18 49.31 19.92
C LYS K 422 40.34 49.47 21.42
N LEU K 423 41.43 50.12 21.86
CA LEU K 423 41.62 50.36 23.29
C LEU K 423 40.73 51.50 23.78
N LEU K 424 40.60 52.56 22.98
CA LEU K 424 39.83 53.73 23.37
C LEU K 424 38.34 53.41 23.26
N ARG K 425 37.71 53.16 24.40
CA ARG K 425 36.27 52.92 24.51
C ARG K 425 35.82 51.70 23.70
N GLY K 426 36.74 50.80 23.37
CA GLY K 426 36.38 49.60 22.64
C GLY K 426 35.73 48.55 23.51
N THR K 427 36.27 48.36 24.72
CA THR K 427 35.80 47.44 25.75
C THR K 427 35.92 45.97 25.35
N VAL K 428 36.42 45.67 24.15
CA VAL K 428 36.59 44.30 23.68
C VAL K 428 38.00 44.21 23.10
N ILE K 429 38.92 43.68 23.89
CA ILE K 429 40.31 43.50 23.44
C ILE K 429 40.44 42.14 22.76
N ASP K 430 41.19 42.11 21.66
CA ASP K 430 41.39 40.90 20.89
C ASP K 430 42.62 40.15 21.40
N VAL K 431 42.72 38.89 20.98
CA VAL K 431 43.91 38.09 21.31
C VAL K 431 45.00 38.23 20.26
N THR K 432 44.62 38.42 18.98
CA THR K 432 45.61 38.50 17.92
C THR K 432 46.23 39.89 17.79
N ASP K 433 45.50 40.94 18.16
CA ASP K 433 46.02 42.28 18.01
C ASP K 433 47.21 42.53 18.93
N PHE K 434 47.23 41.92 20.12
CA PHE K 434 48.37 42.09 21.00
C PHE K 434 49.61 41.38 20.46
N VAL K 435 49.42 40.21 19.83
CA VAL K 435 50.55 39.52 19.20
C VAL K 435 51.06 40.33 18.01
N ASN K 436 50.14 40.94 17.26
CA ASN K 436 50.55 41.81 16.16
C ASN K 436 51.33 43.02 16.68
N TRP K 437 50.88 43.61 17.78
CA TRP K 437 51.60 44.71 18.40
C TRP K 437 52.98 44.27 18.87
N ALA K 438 53.09 43.06 19.41
CA ALA K 438 54.38 42.55 19.86
C ALA K 438 55.33 42.39 18.69
N SER K 439 54.86 41.79 17.60
CA SER K 439 55.71 41.64 16.41
C SER K 439 56.08 43.01 15.83
N SER K 440 55.14 43.95 15.84
CA SER K 440 55.41 45.28 15.31
C SER K 440 56.47 46.00 16.13
N ILE K 441 56.39 45.91 17.46
CA ILE K 441 57.38 46.58 18.30
C ILE K 441 58.70 45.83 18.27
N ASN K 442 58.69 44.53 17.98
CA ASN K 442 59.94 43.82 17.71
C ASN K 442 60.57 44.34 16.44
N ASP K 443 59.76 44.66 15.43
CA ASP K 443 60.28 45.25 14.21
C ASP K 443 60.83 46.65 14.47
N ALA K 444 60.12 47.47 15.24
CA ALA K 444 60.55 48.85 15.52
C ALA K 444 60.28 49.19 16.97
N PRO K 445 61.29 49.10 17.84
CA PRO K 445 61.11 49.49 19.25
C PRO K 445 61.37 50.98 19.49
N VAL K 446 61.26 51.41 20.74
CA VAL K 446 61.53 52.80 21.11
C VAL K 446 61.98 52.81 22.57
N LEU K 447 62.59 53.91 22.99
CA LEU K 447 63.14 54.02 24.34
C LEU K 447 62.03 54.01 25.39
N ILE K 448 62.33 53.39 26.53
CA ILE K 448 61.43 53.37 27.67
C ILE K 448 62.12 53.99 28.87
N SER K 449 63.21 53.37 29.31
CA SER K 449 64.03 53.84 30.43
C SER K 449 65.41 54.20 29.91
N GLN K 450 65.95 55.31 30.40
CA GLN K 450 67.20 55.83 29.87
C GLN K 450 68.09 56.27 31.04
N LYS K 451 69.23 55.58 31.20
CA LYS K 451 70.23 56.01 32.16
C LYS K 451 71.10 57.09 31.53
N LEU K 452 71.38 58.14 32.30
CA LEU K 452 71.93 59.37 31.76
C LEU K 452 73.41 59.50 32.11
N SER K 453 74.13 60.25 31.28
CA SER K 453 75.56 60.48 31.47
C SER K 453 75.96 61.76 30.77
N PRO K 454 76.77 62.61 31.39
CA PRO K 454 77.11 63.89 30.76
C PRO K 454 78.00 63.71 29.54
N ILE K 455 77.91 64.68 28.63
CA ILE K 455 78.67 64.60 27.37
C ILE K 455 80.14 64.87 27.61
N TYR K 456 80.47 65.83 28.47
CA TYR K 456 81.88 66.20 28.66
C TYR K 456 82.71 65.04 29.21
N ASN K 457 82.09 63.97 29.67
CA ASN K 457 82.83 62.75 30.01
C ASN K 457 83.09 61.88 28.79
N LEU K 458 82.46 62.17 27.65
CA LEU K 458 82.60 61.39 26.44
C LEU K 458 83.70 61.92 25.52
N VAL K 459 84.23 63.11 25.79
CA VAL K 459 85.27 63.69 24.94
C VAL K 459 86.50 62.79 24.94
N PRO K 460 87.16 62.57 23.80
CA PRO K 460 88.34 61.71 23.79
C PRO K 460 89.49 62.32 24.56
N VAL K 461 90.21 61.47 25.29
CA VAL K 461 91.35 61.89 26.11
C VAL K 461 92.56 62.12 25.22
N LYS K 462 93.62 62.71 25.78
CA LYS K 462 94.90 62.97 25.11
C LYS K 462 94.71 63.56 23.71
N MET K 463 93.74 64.47 23.59
CA MET K 463 93.49 65.18 22.35
C MET K 463 94.32 66.47 22.35
N LYS K 464 94.01 67.39 21.43
CA LYS K 464 94.72 68.66 21.36
C LYS K 464 94.60 69.42 22.68
N ASN K 465 93.38 69.76 23.07
CA ASN K 465 93.11 70.48 24.32
C ASN K 465 91.93 69.83 25.05
N ALA K 466 92.01 68.51 25.21
CA ALA K 466 90.87 67.74 25.71
C ALA K 466 90.43 68.21 27.09
N HIS K 467 91.38 68.35 28.02
CA HIS K 467 91.02 68.66 29.41
C HIS K 467 90.35 70.02 29.51
N LEU K 468 90.97 71.05 28.94
CA LEU K 468 90.39 72.39 29.02
C LEU K 468 89.05 72.44 28.30
N LYS K 469 88.94 71.75 27.16
CA LYS K 469 87.66 71.66 26.48
C LYS K 469 86.65 70.87 27.32
N LYS K 470 87.11 69.90 28.11
CA LYS K 470 86.21 69.14 28.96
C LYS K 470 85.54 70.03 30.00
N GLN K 471 86.36 70.75 30.78
CA GLN K 471 85.80 71.66 31.78
C GLN K 471 85.04 72.80 31.12
N ASN K 472 85.45 73.20 29.91
CA ASN K 472 84.74 74.26 29.20
C ASN K 472 83.34 73.82 28.83
N LEU K 473 83.20 72.62 28.27
CA LEU K 473 81.89 72.08 27.96
C LEU K 473 81.08 71.78 29.23
N GLU K 474 81.76 71.47 30.34
CA GLU K 474 81.05 71.30 31.60
C GLU K 474 80.44 72.62 32.07
N ARG K 475 81.22 73.70 32.02
CA ARG K 475 80.67 75.02 32.32
C ARG K 475 79.56 75.39 31.36
N ALA K 476 79.70 75.00 30.09
CA ALA K 476 78.70 75.31 29.08
C ALA K 476 77.38 74.59 29.38
N ILE K 477 77.44 73.30 29.71
CA ILE K 477 76.22 72.56 30.01
C ILE K 477 75.60 73.05 31.32
N GLU K 478 76.44 73.47 32.28
CA GLU K 478 75.89 74.04 33.51
C GLU K 478 75.15 75.34 33.24
N ASP K 479 75.77 76.23 32.44
CA ASP K 479 75.12 77.48 32.08
C ASP K 479 73.87 77.24 31.24
N TYR K 480 73.86 76.17 30.45
CA TYR K 480 72.67 75.83 29.66
C TYR K 480 71.53 75.37 30.57
N ILE K 481 71.83 74.45 31.50
CA ILE K 481 70.78 73.91 32.35
C ILE K 481 70.30 74.92 33.39
N ASN K 482 71.13 75.91 33.73
CA ASN K 482 70.73 76.91 34.72
C ASN K 482 70.40 78.26 34.10
N GLU K 483 70.47 78.39 32.77
CA GLU K 483 70.26 79.69 32.13
C GLU K 483 68.79 79.98 31.92
N PHE K 484 68.11 79.15 31.12
CA PHE K 484 66.71 79.37 30.78
C PHE K 484 65.91 78.12 31.13
N SER K 485 64.83 78.31 31.86
CA SER K 485 63.94 77.23 32.30
C SER K 485 62.70 77.88 32.91
N VAL K 486 61.82 77.05 33.48
CA VAL K 486 60.66 77.57 34.18
C VAL K 486 61.09 78.37 35.41
N ARG K 487 62.27 78.07 35.95
CA ARG K 487 62.76 78.78 37.13
C ARG K 487 62.93 80.27 36.86
N LYS K 488 63.38 80.63 35.66
CA LYS K 488 63.63 82.03 35.34
C LYS K 488 62.41 82.74 34.77
N CYS K 489 61.41 82.00 34.30
CA CYS K 489 60.21 82.60 33.75
C CYS K 489 59.31 83.08 34.90
N HIS K 490 58.12 83.54 34.56
CA HIS K 490 57.18 84.06 35.55
C HIS K 490 56.19 82.99 35.97
N THR K 491 55.69 83.12 37.19
CA THR K 491 54.77 82.15 37.76
C THR K 491 53.34 82.43 37.30
N CYS K 492 52.61 81.37 36.97
CA CYS K 492 51.23 81.48 36.52
C CYS K 492 50.31 81.66 37.73
N GLN K 493 49.00 81.66 37.49
CA GLN K 493 48.01 81.87 38.53
C GLN K 493 47.27 80.57 38.83
N ASN K 494 46.72 80.50 40.04
CA ASN K 494 45.93 79.35 40.50
C ASN K 494 46.73 78.05 40.44
N GLY K 495 48.02 78.15 40.75
CA GLY K 495 48.87 76.96 40.77
C GLY K 495 49.02 76.29 39.43
N GLY K 496 48.86 77.03 38.33
CA GLY K 496 48.99 76.45 37.01
C GLY K 496 50.41 76.03 36.73
N THR K 497 50.61 74.75 36.38
CA THR K 497 51.95 74.27 36.06
C THR K 497 52.47 74.97 34.81
N VAL K 498 53.60 75.65 34.96
CA VAL K 498 54.19 76.44 33.89
C VAL K 498 55.13 75.55 33.07
N ILE K 499 54.98 75.61 31.75
CA ILE K 499 55.84 74.87 30.83
C ILE K 499 56.58 75.86 29.94
N LEU K 500 57.52 75.34 29.16
CA LEU K 500 58.31 76.14 28.23
C LEU K 500 58.48 75.36 26.94
N MET K 501 57.81 75.80 25.88
CA MET K 501 57.85 75.16 24.57
C MET K 501 58.38 76.16 23.55
N ASP K 502 59.71 76.22 23.43
CA ASP K 502 60.39 77.05 22.44
C ASP K 502 59.96 78.52 22.56
N GLY K 503 60.26 79.10 23.71
CA GLY K 503 59.98 80.51 23.98
C GLY K 503 58.63 80.78 24.62
N LYS K 504 57.58 80.11 24.14
CA LYS K 504 56.24 80.30 24.69
C LYS K 504 56.19 79.74 26.09
N CYS K 505 56.16 80.63 27.09
CA CYS K 505 56.13 80.23 28.50
C CYS K 505 54.70 80.14 29.00
N LEU K 506 53.94 79.22 28.40
CA LEU K 506 52.56 79.02 28.79
C LEU K 506 52.47 78.21 30.08
N CYS K 507 51.31 78.29 30.72
CA CYS K 507 51.05 77.58 31.96
C CYS K 507 49.80 76.74 31.81
N ALA K 508 49.92 75.45 32.14
CA ALA K 508 48.77 74.55 32.09
C ALA K 508 47.82 74.85 33.24
N CYS K 509 46.62 75.30 32.92
CA CYS K 509 45.64 75.70 33.93
C CYS K 509 44.82 74.47 34.36
N PRO K 510 44.35 74.43 35.61
CA PRO K 510 43.59 73.27 36.09
C PRO K 510 42.30 73.06 35.31
N PHE K 511 41.66 71.94 35.61
CA PHE K 511 40.47 71.53 34.86
C PHE K 511 39.32 72.50 35.10
N LYS K 512 39.04 72.82 36.35
CA LYS K 512 37.92 73.68 36.71
C LYS K 512 38.11 75.14 36.30
N PHE K 513 39.27 75.48 35.75
CA PHE K 513 39.58 76.86 35.40
C PHE K 513 39.68 77.00 33.89
N GLU K 514 39.69 78.25 33.43
CA GLU K 514 39.71 78.54 32.00
C GLU K 514 41.16 78.59 31.52
N GLY K 515 41.37 79.13 30.32
CA GLY K 515 42.64 78.98 29.62
C GLY K 515 43.75 79.92 30.02
N ILE K 516 44.35 80.58 29.02
CA ILE K 516 45.61 81.30 29.19
C ILE K 516 45.54 82.28 30.37
N ALA K 517 46.66 82.39 31.08
CA ALA K 517 46.91 83.36 32.15
C ALA K 517 46.08 83.07 33.40
N CYS K 518 45.18 82.08 33.32
CA CYS K 518 44.34 81.68 34.45
C CYS K 518 43.74 82.89 35.17
N GLU K 519 43.17 83.81 34.38
CA GLU K 519 42.59 85.03 34.93
C GLU K 519 41.08 84.87 35.17
N ILE K 520 40.33 84.56 34.13
CA ILE K 520 38.88 84.39 34.24
C ILE K 520 38.57 83.05 34.88
N SER K 521 37.64 83.06 35.83
CA SER K 521 37.37 81.86 36.63
C SER K 521 36.66 80.78 35.83
N LYS K 522 35.61 81.19 35.12
CA LYS K 522 34.81 80.25 34.28
C LYS K 522 33.67 79.69 35.13
N GLN K 523 33.76 79.89 36.45
CA GLN K 523 32.68 79.52 37.39
C GLN K 523 32.23 80.84 38.00
N LYS K 524 31.09 81.35 37.53
CA LYS K 524 30.55 82.64 38.03
C LYS K 524 29.30 82.29 38.83
N ILE K 525 29.20 82.79 40.06
CA ILE K 525 28.00 82.42 40.86
C ILE K 525 26.77 82.94 40.10
N SER K 526 25.85 82.03 39.80
CA SER K 526 24.57 82.38 39.12
C SER K 526 24.04 83.72 39.66
N GLU K 527 23.50 84.55 38.76
CA GLU K 527 22.95 85.86 39.13
C GLU K 527 21.44 85.78 39.15
N GLY K 528 20.83 86.35 40.18
CA GLY K 528 19.38 86.35 40.31
C GLY K 528 18.81 87.72 40.57
N LEU K 529 17.80 88.12 39.79
CA LEU K 529 17.16 89.43 39.93
C LEU K 529 15.66 89.25 40.09
N PRO K 530 15.12 89.43 41.29
CA PRO K 530 13.67 89.29 41.48
C PRO K 530 12.91 90.58 41.20
N ALA K 531 13.57 91.53 40.54
CA ALA K 531 12.95 92.83 40.27
C ALA K 531 11.76 92.69 39.34
N LEU K 532 10.83 93.64 39.46
CA LEU K 532 9.64 93.62 38.63
C LEU K 532 10.00 93.92 37.17
N GLU K 533 9.38 93.23 36.22
CA GLU K 533 9.70 93.48 34.80
C GLU K 533 9.30 94.89 34.38
N PHE K 534 10.21 95.55 33.66
CA PHE K 534 9.95 96.92 33.22
C PHE K 534 8.84 96.95 32.18
N PRO K 535 8.89 96.06 31.19
CA PRO K 535 7.88 96.01 30.15
C PRO K 535 7.78 94.61 29.55
N SER L 18 32.75 102.58 10.70
CA SER L 18 33.67 103.68 10.48
C SER L 18 34.62 103.39 9.31
N HIS L 19 34.62 104.26 8.31
CA HIS L 19 35.48 104.11 7.13
C HIS L 19 36.87 104.62 7.48
N ILE L 20 37.63 103.79 8.19
CA ILE L 20 38.98 104.14 8.59
C ILE L 20 39.92 103.97 7.41
N ASP L 21 40.61 105.03 7.03
CA ASP L 21 41.56 105.00 5.93
C ASP L 21 42.93 104.54 6.45
N CYS L 22 43.83 104.28 5.50
CA CYS L 22 45.17 103.78 5.81
C CYS L 22 46.17 104.93 5.69
N ARG L 23 46.65 105.42 6.82
CA ARG L 23 47.74 106.40 6.85
C ARG L 23 49.05 105.62 6.73
N MET L 24 49.39 105.28 5.48
CA MET L 24 50.46 104.34 5.19
C MET L 24 51.39 104.89 4.11
N SER L 25 51.82 106.15 4.28
CA SER L 25 52.81 106.75 3.37
C SER L 25 53.76 107.68 4.12
N PRO L 26 54.51 107.15 5.11
CA PRO L 26 55.65 107.91 5.65
C PRO L 26 56.89 107.68 4.80
N TRP L 27 57.30 108.71 4.07
CA TRP L 27 58.44 108.59 3.17
C TRP L 27 59.73 109.02 3.85
N SER L 28 60.82 108.42 3.44
CA SER L 28 62.15 108.67 4.00
C SER L 28 63.07 109.28 2.93
N GLU L 29 64.29 109.57 3.34
CA GLU L 29 65.28 110.18 2.48
C GLU L 29 66.06 109.12 1.71
N TRP L 30 66.50 109.49 0.50
CA TRP L 30 67.30 108.59 -0.32
C TRP L 30 68.66 108.33 0.35
N SER L 31 69.01 107.06 0.50
CA SER L 31 70.28 106.68 1.08
C SER L 31 71.35 106.59 -0.01
N GLN L 32 72.54 106.16 0.39
CA GLN L 32 73.65 106.04 -0.55
C GLN L 32 73.44 104.84 -1.47
N CYS L 33 73.85 105.01 -2.73
CA CYS L 33 73.73 103.93 -3.70
C CYS L 33 74.70 102.79 -3.38
N ASP L 34 74.24 101.57 -3.62
CA ASP L 34 75.09 100.39 -3.44
C ASP L 34 75.81 100.11 -4.76
N PRO L 35 77.14 100.23 -4.82
CA PRO L 35 77.81 100.04 -6.11
C PRO L 35 77.79 98.61 -6.62
N CYS L 36 78.00 97.63 -5.73
CA CYS L 36 78.06 96.24 -6.18
C CYS L 36 76.66 95.72 -6.53
N LEU L 37 75.67 96.04 -5.71
CA LEU L 37 74.31 95.57 -5.96
C LEU L 37 73.59 96.41 -7.00
N ARG L 38 73.97 97.68 -7.15
CA ARG L 38 73.38 98.60 -8.11
C ARG L 38 71.89 98.79 -7.83
N GLN L 39 71.60 99.32 -6.64
CA GLN L 39 70.22 99.52 -6.19
C GLN L 39 70.19 100.67 -5.20
N MET L 40 69.06 101.35 -5.13
CA MET L 40 68.82 102.42 -4.16
C MET L 40 67.79 101.96 -3.13
N PHE L 41 67.67 102.76 -2.07
CA PHE L 41 66.93 102.38 -0.87
C PHE L 41 65.98 103.49 -0.43
N ARG L 42 65.13 103.95 -1.34
CA ARG L 42 63.99 104.76 -0.91
C ARG L 42 63.15 103.96 0.07
N SER L 43 63.06 104.44 1.31
CA SER L 43 62.47 103.67 2.39
C SER L 43 61.02 104.09 2.63
N ARG L 44 60.34 103.31 3.47
CA ARG L 44 58.94 103.53 3.79
C ARG L 44 58.63 102.74 5.07
N SER L 45 57.38 102.87 5.53
CA SER L 45 56.95 102.18 6.75
C SER L 45 55.43 102.05 6.73
N ILE L 46 54.93 101.05 7.44
CA ILE L 46 53.50 100.83 7.58
C ILE L 46 53.06 101.32 8.95
N GLU L 47 51.94 102.05 8.98
CA GLU L 47 51.43 102.62 10.23
C GLU L 47 50.03 102.16 10.58
N VAL L 48 49.09 102.22 9.64
CA VAL L 48 47.68 101.96 9.92
C VAL L 48 47.15 100.96 8.90
N PHE L 49 46.46 99.93 9.37
CA PHE L 49 45.84 98.92 8.51
C PHE L 49 44.42 99.30 8.13
N GLY L 50 43.56 99.49 9.12
CA GLY L 50 42.13 99.66 8.88
C GLY L 50 41.34 98.50 9.46
N GLN L 51 40.71 98.72 10.61
CA GLN L 51 40.07 97.64 11.35
C GLN L 51 38.69 97.26 10.79
N PHE L 52 38.07 98.14 10.01
CA PHE L 52 36.69 97.95 9.59
C PHE L 52 36.62 97.71 8.08
N ASN L 53 35.39 97.69 7.55
CA ASN L 53 35.13 97.39 6.16
C ASN L 53 35.63 98.47 5.20
N GLY L 54 36.34 99.48 5.69
CA GLY L 54 36.84 100.55 4.85
C GLY L 54 37.90 100.12 3.85
N LYS L 55 38.66 101.09 3.34
CA LYS L 55 39.65 100.85 2.30
C LYS L 55 40.73 99.87 2.75
N ARG L 56 40.77 98.70 2.12
CA ARG L 56 41.85 97.75 2.37
C ARG L 56 43.13 98.25 1.71
N CYS L 57 44.25 98.12 2.42
CA CYS L 57 45.53 98.65 1.96
C CYS L 57 46.61 97.60 2.20
N THR L 58 47.01 96.92 1.14
CA THR L 58 48.07 95.92 1.18
C THR L 58 49.39 96.44 0.63
N ASP L 59 49.59 97.76 0.65
CA ASP L 59 50.78 98.37 0.07
C ASP L 59 52.04 97.87 0.78
N ALA L 60 52.89 97.16 0.03
CA ALA L 60 54.11 96.62 0.60
C ALA L 60 55.14 97.72 0.84
N VAL L 61 55.95 97.53 1.87
CA VAL L 61 56.99 98.49 2.22
C VAL L 61 58.25 98.17 1.43
N GLY L 62 58.86 99.20 0.85
CA GLY L 62 60.09 99.02 0.10
C GLY L 62 60.01 99.62 -1.30
N ASP L 63 61.16 100.06 -1.81
CA ASP L 63 61.25 100.65 -3.12
C ASP L 63 62.68 100.52 -3.63
N ARG L 64 62.82 100.21 -4.92
CA ARG L 64 64.12 100.03 -5.53
C ARG L 64 64.29 100.99 -6.71
N ARG L 65 65.55 101.21 -7.09
CA ARG L 65 65.88 102.12 -8.18
C ARG L 65 67.29 101.82 -8.66
N GLN L 66 67.47 101.83 -9.98
CA GLN L 66 68.79 101.67 -10.55
C GLN L 66 69.60 102.94 -10.32
N CYS L 67 70.90 102.76 -10.05
CA CYS L 67 71.80 103.86 -9.76
C CYS L 67 73.16 103.58 -10.38
N VAL L 68 73.78 104.65 -10.90
CA VAL L 68 75.11 104.55 -11.49
C VAL L 68 76.12 104.34 -10.37
N PRO L 69 76.87 103.23 -10.38
CA PRO L 69 77.83 102.99 -9.29
C PRO L 69 79.01 103.94 -9.37
N THR L 70 79.44 104.42 -8.20
CA THR L 70 80.59 105.31 -8.10
C THR L 70 81.82 104.67 -7.48
N GLU L 71 81.65 103.63 -6.64
CA GLU L 71 82.76 102.91 -6.05
C GLU L 71 83.22 101.78 -6.96
N PRO L 72 84.51 101.42 -6.92
CA PRO L 72 85.01 100.40 -7.85
C PRO L 72 84.50 99.00 -7.55
N CYS L 73 83.91 98.77 -6.38
CA CYS L 73 83.41 97.45 -5.98
C CYS L 73 84.53 96.42 -6.03
N GLU L 74 85.55 96.63 -5.18
CA GLU L 74 86.69 95.73 -5.12
C GLU L 74 86.40 94.48 -4.30
N ASP L 75 85.38 94.52 -3.44
CA ASP L 75 85.05 93.35 -2.62
C ASP L 75 84.46 92.26 -3.49
N ALA L 76 84.97 91.04 -3.34
CA ALA L 76 84.50 89.89 -4.11
C ALA L 76 84.74 88.63 -3.31
N GLU L 77 83.95 87.60 -3.62
CA GLU L 77 84.05 86.32 -2.95
C GLU L 77 84.96 85.39 -3.75
N ASP L 78 86.10 85.05 -3.16
CA ASP L 78 87.03 84.12 -3.82
C ASP L 78 86.46 82.71 -3.79
N ASP L 79 87.06 81.84 -4.60
CA ASP L 79 86.62 80.45 -4.68
C ASP L 79 87.23 79.62 -3.56
N CYS L 80 87.10 80.10 -2.32
CA CYS L 80 87.42 79.38 -1.08
C CYS L 80 88.89 78.98 -0.98
N GLY L 81 89.68 79.29 -2.01
CA GLY L 81 91.12 79.10 -1.99
C GLY L 81 91.63 77.75 -1.52
N ASN L 82 90.77 76.73 -1.56
CA ASN L 82 91.10 75.43 -0.96
C ASN L 82 91.21 74.32 -2.00
N ASP L 83 90.17 74.09 -2.78
CA ASP L 83 90.14 72.91 -3.66
C ASP L 83 89.30 73.25 -4.89
N PHE L 84 88.89 72.21 -5.62
CA PHE L 84 88.13 72.38 -6.85
C PHE L 84 86.84 73.14 -6.61
N GLN L 85 86.66 74.24 -7.32
CA GLN L 85 85.44 75.02 -7.22
C GLN L 85 84.31 74.38 -8.00
N CYS L 86 83.10 74.43 -7.44
CA CYS L 86 81.93 73.94 -8.14
C CYS L 86 81.42 74.99 -9.14
N SER L 87 80.43 74.58 -9.94
CA SER L 87 79.86 75.47 -10.94
C SER L 87 78.93 76.52 -10.33
N THR L 88 78.67 76.49 -9.02
CA THR L 88 77.78 77.44 -8.40
C THR L 88 78.42 78.27 -7.29
N GLY L 89 79.54 77.84 -6.73
CA GLY L 89 80.20 78.63 -5.71
C GLY L 89 80.66 77.84 -4.49
N ARG L 90 80.19 76.60 -4.35
CA ARG L 90 80.57 75.77 -3.22
C ARG L 90 81.90 75.06 -3.54
N CYS L 91 82.42 74.34 -2.54
CA CYS L 91 83.74 73.74 -2.65
C CYS L 91 83.74 72.33 -2.06
N ILE L 92 84.62 71.49 -2.61
CA ILE L 92 84.89 70.19 -2.02
C ILE L 92 85.71 70.36 -0.75
N LYS L 93 85.31 69.67 0.32
CA LYS L 93 86.08 69.72 1.56
C LYS L 93 87.26 68.74 1.51
N MET L 94 86.96 67.45 1.47
CA MET L 94 88.02 66.46 1.33
C MET L 94 87.71 65.33 0.35
N ARG L 95 86.45 64.95 0.13
CA ARG L 95 86.14 63.76 -0.66
C ARG L 95 84.92 63.97 -1.56
N LEU L 96 84.67 65.20 -1.98
CA LEU L 96 83.55 65.50 -2.86
C LEU L 96 83.87 65.26 -4.34
N ARG L 97 84.89 64.46 -4.63
CA ARG L 97 85.25 64.13 -6.00
C ARG L 97 84.30 63.08 -6.54
N CYS L 98 84.68 62.46 -7.67
CA CYS L 98 83.80 61.53 -8.37
C CYS L 98 83.70 60.23 -7.56
N ASN L 99 82.86 60.27 -6.53
CA ASN L 99 82.62 59.13 -5.65
C ASN L 99 81.13 58.93 -5.41
N GLY L 100 80.32 59.26 -6.41
CA GLY L 100 78.87 59.13 -6.25
C GLY L 100 78.27 60.07 -5.24
N ASP L 101 78.84 61.26 -5.08
CA ASP L 101 78.39 62.24 -4.09
C ASP L 101 77.79 63.42 -4.83
N ASN L 102 76.47 63.41 -4.97
CA ASN L 102 75.75 64.47 -5.69
C ASN L 102 75.61 65.69 -4.79
N ASP L 103 76.29 66.78 -5.14
CA ASP L 103 76.18 68.04 -4.40
C ASP L 103 75.64 69.18 -5.25
N CYS L 104 76.24 69.42 -6.43
CA CYS L 104 75.88 70.59 -7.23
C CYS L 104 74.74 70.29 -8.21
N GLY L 105 74.95 69.33 -9.11
CA GLY L 105 73.94 68.96 -10.08
C GLY L 105 73.89 67.48 -10.35
N ASP L 106 73.06 67.07 -11.31
CA ASP L 106 72.99 65.65 -11.67
C ASP L 106 74.34 65.15 -12.15
N PHE L 107 74.93 65.80 -13.16
CA PHE L 107 76.26 65.47 -13.63
C PHE L 107 77.22 66.67 -13.52
N SER L 108 76.86 67.69 -12.75
CA SER L 108 77.73 68.84 -12.59
C SER L 108 78.99 68.47 -11.81
N ASP L 109 78.82 67.88 -10.62
CA ASP L 109 79.97 67.40 -9.87
C ASP L 109 80.59 66.19 -10.54
N GLU L 110 79.80 65.41 -11.26
CA GLU L 110 80.27 64.25 -12.01
C GLU L 110 80.63 64.60 -13.45
N ASP L 111 81.05 65.85 -13.70
CA ASP L 111 81.35 66.31 -15.05
C ASP L 111 82.36 65.40 -15.74
N ASP L 112 83.53 65.22 -15.13
CA ASP L 112 84.59 64.39 -15.70
C ASP L 112 85.17 63.51 -14.62
N CYS L 113 85.30 62.21 -14.92
CA CYS L 113 85.83 61.22 -13.97
C CYS L 113 86.93 60.44 -14.66
N GLU L 114 88.18 60.74 -14.34
CA GLU L 114 89.30 59.99 -14.90
C GLU L 114 89.49 58.67 -14.17
N SER L 115 89.31 58.65 -12.86
CA SER L 115 89.41 57.42 -12.09
C SER L 115 88.13 56.60 -12.24
N GLU L 116 88.18 55.38 -11.70
CA GLU L 116 87.02 54.51 -11.75
C GLU L 116 85.89 55.05 -10.89
N PRO L 117 84.63 54.85 -11.30
CA PRO L 117 83.51 55.32 -10.48
C PRO L 117 83.33 54.50 -9.21
N ARG L 118 84.21 54.71 -8.24
CA ARG L 118 84.17 53.97 -7.00
C ARG L 118 82.89 54.30 -6.24
N PRO L 119 82.04 53.32 -5.93
CA PRO L 119 80.83 53.61 -5.17
C PRO L 119 81.17 53.89 -3.71
N PRO L 120 80.45 54.82 -3.07
CA PRO L 120 80.76 55.13 -1.67
C PRO L 120 80.29 54.05 -0.71
N CYS L 121 79.24 53.31 -1.04
CA CYS L 121 78.70 52.28 -0.17
C CYS L 121 78.20 51.12 -1.01
N ARG L 122 78.49 49.90 -0.56
CA ARG L 122 78.12 48.70 -1.30
C ARG L 122 76.73 48.19 -0.94
N ASP L 123 76.29 48.38 0.30
CA ASP L 123 74.99 47.89 0.72
C ASP L 123 73.88 48.64 -0.01
N ARG L 124 72.74 47.96 -0.15
CA ARG L 124 71.58 48.52 -0.82
C ARG L 124 70.79 49.37 0.17
N VAL L 125 70.83 50.69 -0.01
CA VAL L 125 70.12 51.63 0.85
C VAL L 125 69.23 52.48 -0.04
N VAL L 126 67.91 52.34 0.13
CA VAL L 126 66.97 53.07 -0.70
C VAL L 126 66.97 54.54 -0.31
N GLU L 127 66.85 55.41 -1.31
CA GLU L 127 66.81 56.84 -1.06
C GLU L 127 65.56 57.22 -0.28
N GLU L 128 65.65 58.33 0.45
CA GLU L 128 64.57 58.81 1.30
C GLU L 128 63.44 59.34 0.42
N SER L 129 62.40 58.53 0.23
CA SER L 129 61.30 58.84 -0.67
C SER L 129 60.15 59.44 0.13
N GLU L 130 59.83 60.71 -0.14
CA GLU L 130 58.68 61.42 0.41
C GLU L 130 58.70 61.53 1.93
N LEU L 131 59.82 61.17 2.56
CA LEU L 131 59.96 61.23 4.01
C LEU L 131 60.56 62.59 4.38
N ALA L 132 61.06 62.73 5.60
CA ALA L 132 61.53 64.00 6.15
C ALA L 132 62.72 64.58 5.39
N ARG L 133 63.12 63.95 4.29
CA ARG L 133 64.18 64.45 3.40
C ARG L 133 64.07 65.95 3.18
N THR L 134 62.85 66.45 3.03
CA THR L 134 62.61 67.88 2.93
C THR L 134 62.36 68.41 4.36
N ALA L 135 63.46 68.58 5.09
CA ALA L 135 63.40 68.94 6.50
C ALA L 135 63.43 70.45 6.73
N GLY L 136 63.60 71.25 5.69
CA GLY L 136 63.61 72.69 5.84
C GLY L 136 62.20 73.25 5.83
N TYR L 137 61.92 74.15 6.78
CA TYR L 137 60.60 74.74 6.90
C TYR L 137 60.74 76.18 7.37
N GLY L 138 60.02 77.08 6.72
CA GLY L 138 60.14 78.51 6.97
C GLY L 138 58.90 79.14 7.57
N ILE L 139 58.32 78.47 8.58
CA ILE L 139 57.06 78.93 9.16
C ILE L 139 57.15 80.40 9.56
N ASN L 140 56.06 81.14 9.32
CA ASN L 140 55.94 82.53 9.71
C ASN L 140 55.13 82.61 11.00
N ILE L 141 55.75 83.17 12.05
CA ILE L 141 55.05 83.31 13.33
C ILE L 141 53.84 84.22 13.19
N LEU L 142 53.91 85.21 12.30
CA LEU L 142 52.77 86.07 12.00
C LEU L 142 51.94 85.57 10.82
N GLY L 143 52.42 84.56 10.10
CA GLY L 143 51.74 84.11 8.90
C GLY L 143 50.93 82.84 9.05
N MET L 144 51.44 81.74 8.48
CA MET L 144 50.66 80.51 8.36
C MET L 144 51.63 79.32 8.42
N ASP L 145 51.16 78.17 7.93
CA ASP L 145 51.86 76.88 7.96
C ASP L 145 53.29 76.98 7.43
N PRO L 146 54.17 76.06 7.81
CA PRO L 146 55.59 76.17 7.42
C PRO L 146 55.78 76.21 5.90
N LEU L 147 56.96 76.69 5.51
CA LEU L 147 57.34 76.88 4.12
C LEU L 147 58.15 75.66 3.65
N SER L 148 58.71 75.75 2.46
CA SER L 148 59.55 74.68 1.92
C SER L 148 60.95 74.79 2.52
N THR L 149 61.89 74.03 1.96
CA THR L 149 63.25 74.03 2.49
C THR L 149 64.03 75.23 1.95
N PRO L 150 64.60 76.06 2.83
CA PRO L 150 65.43 77.18 2.36
C PRO L 150 66.86 76.79 2.03
N PHE L 151 67.22 75.51 2.16
CA PHE L 151 68.58 75.05 1.97
C PHE L 151 68.57 73.71 1.23
N ASP L 152 69.75 73.29 0.79
CA ASP L 152 69.90 72.00 0.14
C ASP L 152 69.94 70.90 1.20
N ASN L 153 69.16 69.83 0.98
CA ASN L 153 69.07 68.74 1.93
C ASN L 153 69.43 67.40 1.30
N GLU L 154 69.97 67.40 0.09
CA GLU L 154 70.40 66.17 -0.58
C GLU L 154 71.88 65.89 -0.43
N PHE L 155 72.69 66.91 -0.14
CA PHE L 155 74.13 66.73 -0.01
C PHE L 155 74.47 65.79 1.15
N TYR L 156 75.51 64.99 0.95
CA TYR L 156 76.04 64.13 1.99
C TYR L 156 77.56 64.22 1.97
N ASN L 157 78.19 64.00 3.13
CA ASN L 157 79.61 64.27 3.28
C ASN L 157 80.48 63.04 2.99
N GLY L 158 80.30 61.97 3.74
CA GLY L 158 81.21 60.83 3.64
C GLY L 158 80.55 59.47 3.60
N LEU L 159 80.96 58.60 4.53
CA LEU L 159 80.39 57.26 4.60
C LEU L 159 78.92 57.32 4.97
N CYS L 160 78.11 56.51 4.27
CA CYS L 160 76.68 56.47 4.52
C CYS L 160 76.40 56.13 5.97
N ASN L 161 75.43 56.83 6.56
CA ASN L 161 74.98 56.56 7.92
C ASN L 161 73.67 55.79 7.85
N ARG L 162 73.70 54.55 8.31
CA ARG L 162 72.54 53.67 8.16
C ARG L 162 71.36 54.18 9.00
N ASP L 163 70.17 53.95 8.47
CA ASP L 163 68.90 54.32 9.09
C ASP L 163 68.00 53.11 9.22
N ARG L 164 68.56 52.02 9.74
CA ARG L 164 67.90 50.72 9.76
C ARG L 164 66.77 50.75 10.77
N ASP L 165 65.64 51.32 10.33
CA ASP L 165 64.45 51.45 11.15
C ASP L 165 63.28 51.75 10.23
N GLY L 166 62.08 51.62 10.78
CA GLY L 166 60.86 51.89 10.05
C GLY L 166 59.86 50.76 10.16
N ASN L 167 58.71 50.98 9.52
CA ASN L 167 57.63 49.99 9.54
C ASN L 167 58.07 48.69 8.87
N THR L 168 58.44 48.77 7.59
CA THR L 168 58.87 47.60 6.85
C THR L 168 60.40 47.45 6.93
N LEU L 169 60.92 46.46 6.22
CA LEU L 169 62.36 46.20 6.20
C LEU L 169 62.95 46.95 5.01
N THR L 170 63.41 48.17 5.27
CA THR L 170 64.00 49.01 4.23
C THR L 170 64.98 49.97 4.87
N TYR L 171 66.04 50.30 4.14
CA TYR L 171 67.10 51.16 4.63
C TYR L 171 67.05 52.50 3.91
N TYR L 172 66.90 53.57 4.68
CA TYR L 172 66.87 54.92 4.15
C TYR L 172 68.20 55.63 4.39
N ARG L 173 68.36 56.77 3.72
CA ARG L 173 69.54 57.60 3.88
C ARG L 173 69.22 58.84 4.71
N ARG L 174 70.21 59.28 5.48
CA ARG L 174 70.11 60.51 6.27
C ARG L 174 71.16 61.49 5.78
N PRO L 175 70.77 62.65 5.27
CA PRO L 175 71.77 63.61 4.75
C PRO L 175 72.63 64.18 5.85
N TRP L 176 73.82 64.63 5.45
CA TRP L 176 74.77 65.21 6.41
C TRP L 176 74.24 66.49 7.04
N ASN L 177 73.27 67.14 6.40
CA ASN L 177 72.68 68.34 6.98
C ASN L 177 71.70 68.02 8.10
N VAL L 178 70.98 66.89 7.97
CA VAL L 178 70.06 66.47 9.02
C VAL L 178 70.84 65.72 10.08
N ALA L 179 70.82 66.24 11.31
CA ALA L 179 71.62 65.65 12.39
C ALA L 179 71.01 64.35 12.89
N SER L 180 69.68 64.28 12.96
CA SER L 180 69.00 63.11 13.52
C SER L 180 67.61 62.99 12.93
N LEU L 181 67.13 61.76 12.87
CA LEU L 181 65.75 61.48 12.46
C LEU L 181 65.30 60.18 13.11
N ILE L 182 64.15 60.22 13.76
CA ILE L 182 63.60 59.05 14.44
C ILE L 182 62.29 58.67 13.75
N TYR L 183 61.92 57.39 13.90
CA TYR L 183 60.72 56.85 13.30
C TYR L 183 59.68 56.46 14.36
N GLU L 184 59.70 57.14 15.50
CA GLU L 184 58.76 56.84 16.58
C GLU L 184 57.34 57.16 16.14
N THR L 185 56.46 56.15 16.22
CA THR L 185 55.07 56.30 15.82
C THR L 185 54.18 56.63 17.02
N LYS L 186 54.54 57.73 17.68
CA LYS L 186 53.77 58.18 18.84
C LYS L 186 52.35 58.57 18.43
N GLY L 187 51.42 58.44 19.37
CA GLY L 187 50.04 58.79 19.12
C GLY L 187 49.23 58.96 20.38
N GLU L 188 48.49 60.06 20.49
CA GLU L 188 47.68 60.31 21.68
C GLU L 188 46.42 61.08 21.28
N LYS L 189 45.44 61.04 22.16
CA LYS L 189 44.18 61.73 21.95
C LYS L 189 43.52 61.94 23.31
N ASN L 190 42.61 62.91 23.37
CA ASN L 190 41.94 63.27 24.60
C ASN L 190 40.44 63.36 24.38
N PHE L 191 39.70 63.28 25.46
CA PHE L 191 38.30 63.60 25.41
C PHE L 191 37.96 64.36 26.66
N ARG L 192 36.87 65.08 26.56
CA ARG L 192 36.34 65.85 27.69
C ARG L 192 34.88 66.16 27.44
N THR L 193 34.17 66.45 28.51
CA THR L 193 32.78 66.90 28.46
C THR L 193 32.40 67.46 29.83
N GLU L 194 31.36 68.29 29.83
CA GLU L 194 30.88 68.91 31.06
C GLU L 194 29.41 69.26 30.89
N HIS L 195 28.79 69.65 32.00
CA HIS L 195 27.38 70.03 31.99
C HIS L 195 27.14 71.13 33.00
N TYR L 196 26.38 72.15 32.60
CA TYR L 196 25.97 73.23 33.47
C TYR L 196 24.44 73.28 33.52
N GLU L 197 23.90 73.62 34.68
CA GLU L 197 22.46 73.67 34.87
C GLU L 197 22.12 74.81 35.81
N GLU L 198 21.09 75.57 35.44
CA GLU L 198 20.60 76.68 36.25
C GLU L 198 19.09 76.74 36.16
N GLN L 199 18.44 76.95 37.30
CA GLN L 199 16.99 77.00 37.37
C GLN L 199 16.58 77.89 38.52
N ILE L 200 15.54 78.71 38.31
CA ILE L 200 15.00 79.57 39.35
C ILE L 200 13.49 79.68 39.15
N GLU L 201 12.76 79.65 40.25
CA GLU L 201 11.31 79.77 40.24
C GLU L 201 10.86 80.57 41.45
N ALA L 202 9.85 81.41 41.26
CA ALA L 202 9.31 82.24 42.33
C ALA L 202 7.81 82.39 42.16
N PHE L 203 7.07 82.14 43.24
CA PHE L 203 5.62 82.26 43.25
C PHE L 203 5.20 83.29 44.28
N LYS L 204 4.25 84.14 43.91
CA LYS L 204 3.75 85.18 44.80
C LYS L 204 2.24 85.31 44.64
N SER L 205 1.53 85.43 45.76
CA SER L 205 0.09 85.58 45.76
C SER L 205 -0.31 86.47 46.92
N ILE L 206 -1.13 87.49 46.63
CA ILE L 206 -1.59 88.44 47.63
C ILE L 206 -3.10 88.64 47.44
N ILE L 207 -3.85 88.56 48.52
CA ILE L 207 -5.30 88.71 48.49
C ILE L 207 -5.72 89.64 49.61
N GLN L 208 -6.71 90.49 49.33
CA GLN L 208 -7.24 91.44 50.30
C GLN L 208 -8.77 91.34 50.31
N GLU L 209 -9.35 91.50 51.50
CA GLU L 209 -10.79 91.42 51.67
C GLU L 209 -11.22 92.41 52.74
N LYS L 210 -12.21 93.23 52.41
CA LYS L 210 -12.75 94.23 53.33
C LYS L 210 -14.25 94.34 53.12
N THR L 211 -14.99 94.45 54.22
CA THR L 211 -16.45 94.55 54.18
C THR L 211 -16.90 95.64 55.14
N SER L 212 -17.84 96.48 54.69
CA SER L 212 -18.32 97.59 55.50
C SER L 212 -19.84 97.64 55.44
N ASN L 213 -20.46 97.76 56.60
CA ASN L 213 -21.91 97.86 56.73
C ASN L 213 -22.26 98.83 57.85
N PHE L 214 -23.35 99.57 57.66
CA PHE L 214 -23.77 100.57 58.64
C PHE L 214 -25.29 100.56 58.76
N ASN L 215 -25.77 100.89 59.96
CA ASN L 215 -27.20 100.96 60.24
C ASN L 215 -27.51 102.28 60.94
N ALA L 216 -28.70 102.81 60.68
CA ALA L 216 -29.15 104.05 61.32
C ALA L 216 -30.66 104.07 61.35
N ALA L 217 -31.25 103.87 62.52
CA ALA L 217 -32.70 103.85 62.70
C ALA L 217 -33.07 104.71 63.89
N ILE L 218 -33.97 105.68 63.67
CA ILE L 218 -34.47 106.55 64.73
C ILE L 218 -35.94 106.85 64.44
N SER L 219 -36.78 106.70 65.47
CA SER L 219 -38.20 106.93 65.35
C SER L 219 -38.66 107.94 66.40
N LEU L 220 -39.56 108.84 66.01
CA LEU L 220 -40.06 109.89 66.88
C LEU L 220 -41.56 110.03 66.70
N LYS L 221 -42.31 109.91 67.80
CA LYS L 221 -43.75 110.06 67.77
C LYS L 221 -44.19 110.88 68.98
N PHE L 222 -45.21 111.71 68.78
CA PHE L 222 -45.69 112.62 69.82
C PHE L 222 -47.20 112.56 69.89
N THR L 223 -47.73 112.44 71.10
CA THR L 223 -49.17 112.43 71.34
C THR L 223 -49.47 112.96 72.73
N PRO L 224 -50.01 114.18 72.85
CA PRO L 224 -50.35 114.78 74.15
C PRO L 224 -51.64 114.21 74.72
N SER L 242 -57.56 117.43 69.41
CA SER L 242 -56.73 116.23 69.28
C SER L 242 -55.43 116.54 68.53
N LEU L 243 -54.35 115.91 68.96
CA LEU L 243 -53.03 116.10 68.35
C LEU L 243 -52.30 114.77 68.34
N HIS L 244 -51.72 114.42 67.19
CA HIS L 244 -50.99 113.17 67.04
C HIS L 244 -49.80 113.39 66.12
N GLY L 245 -48.73 112.65 66.37
CA GLY L 245 -47.53 112.73 65.56
C GLY L 245 -46.76 111.43 65.54
N LYS L 246 -46.16 111.10 64.40
CA LYS L 246 -45.40 109.86 64.28
C LYS L 246 -44.40 109.99 63.15
N GLY L 247 -43.14 109.66 63.41
CA GLY L 247 -42.10 109.69 62.40
C GLY L 247 -41.02 108.66 62.68
N SER L 248 -40.52 108.02 61.63
CA SER L 248 -39.50 106.99 61.77
C SER L 248 -38.49 107.11 60.65
N PHE L 249 -37.21 107.03 61.00
CA PHE L 249 -36.11 107.09 60.03
C PHE L 249 -35.44 105.72 59.94
N ARG L 250 -35.06 105.34 58.73
CA ARG L 250 -34.33 104.10 58.51
C ARG L 250 -33.21 104.36 57.51
N PHE L 251 -32.10 103.65 57.69
CA PHE L 251 -30.91 103.85 56.86
C PHE L 251 -30.10 102.58 56.84
N SER L 252 -29.50 102.29 55.68
CA SER L 252 -28.69 101.09 55.50
C SER L 252 -27.45 101.44 54.70
N TYR L 253 -26.51 100.51 54.67
CA TYR L 253 -25.24 100.71 53.96
C TYR L 253 -24.62 99.36 53.65
N SER L 254 -24.06 99.23 52.45
CA SER L 254 -23.43 97.99 52.02
C SER L 254 -22.17 98.30 51.26
N LYS L 255 -21.11 97.53 51.54
CA LYS L 255 -19.81 97.77 50.92
C LYS L 255 -18.86 96.60 51.11
N ASN L 256 -18.20 96.16 50.05
CA ASN L 256 -17.08 95.26 50.19
C ASN L 256 -16.13 95.47 49.01
N GLU L 257 -14.84 95.25 49.26
CA GLU L 257 -13.81 95.42 48.23
C GLU L 257 -12.80 94.30 48.36
N THR L 258 -12.82 93.37 47.41
CA THR L 258 -11.89 92.25 47.37
C THR L 258 -10.78 92.52 46.37
N TYR L 259 -9.54 92.39 46.82
CA TYR L 259 -8.37 92.58 45.97
C TYR L 259 -7.62 91.26 45.84
N GLN L 260 -7.03 91.04 44.67
CA GLN L 260 -6.29 89.82 44.39
C GLN L 260 -5.04 90.14 43.59
N LEU L 261 -3.92 89.52 43.96
CA LEU L 261 -2.65 89.72 43.29
C LEU L 261 -1.96 88.37 43.12
N PHE L 262 -1.33 88.18 41.97
CA PHE L 262 -0.61 86.95 41.68
C PHE L 262 0.61 87.27 40.84
N LEU L 263 1.75 86.69 41.20
CA LEU L 263 2.99 86.91 40.49
C LEU L 263 3.79 85.61 40.44
N SER L 264 4.39 85.35 39.28
CA SER L 264 5.17 84.14 39.08
C SER L 264 6.40 84.45 38.24
N TYR L 265 7.49 83.74 38.54
CA TYR L 265 8.76 83.92 37.85
C TYR L 265 9.43 82.57 37.66
N SER L 266 10.05 82.37 36.50
CA SER L 266 10.71 81.12 36.19
C SER L 266 11.77 81.36 35.12
N SER L 267 12.92 80.70 35.28
CA SER L 267 14.00 80.82 34.31
C SER L 267 14.89 79.59 34.42
N LYS L 268 15.36 79.10 33.27
CA LYS L 268 16.24 77.94 33.21
C LYS L 268 17.37 78.20 32.24
N LYS L 269 18.57 77.75 32.59
CA LYS L 269 19.75 77.93 31.75
C LYS L 269 20.58 76.66 31.77
N GLU L 270 21.17 76.32 30.61
CA GLU L 270 22.00 75.15 30.46
C GLU L 270 23.15 75.48 29.51
N LYS L 271 24.31 74.89 29.79
CA LYS L 271 25.49 75.15 28.97
C LYS L 271 26.37 73.90 28.96
N MET L 272 26.92 73.60 27.78
CA MET L 272 27.82 72.46 27.62
C MET L 272 28.94 72.85 26.67
N PHE L 273 30.19 72.66 27.12
CA PHE L 273 31.36 72.97 26.32
C PHE L 273 32.36 71.84 26.48
N LEU L 274 32.94 71.40 25.35
CA LEU L 274 33.92 70.33 25.39
C LEU L 274 34.78 70.41 24.13
N HIS L 275 36.02 69.95 24.25
CA HIS L 275 36.96 69.93 23.14
C HIS L 275 37.79 68.67 23.19
N VAL L 276 38.06 68.10 22.03
CA VAL L 276 38.87 66.89 21.91
C VAL L 276 39.86 67.09 20.77
N LYS L 277 40.99 66.39 20.86
CA LYS L 277 42.03 66.48 19.84
C LYS L 277 42.87 65.22 19.85
N GLY L 278 43.36 64.85 18.68
CA GLY L 278 44.21 63.68 18.55
C GLY L 278 45.19 63.85 17.41
N GLU L 279 46.39 63.30 17.59
CA GLU L 279 47.44 63.40 16.59
C GLU L 279 48.12 62.06 16.42
N ILE L 280 48.46 61.74 15.17
CA ILE L 280 49.19 60.53 14.84
C ILE L 280 50.60 60.95 14.40
N HIS L 281 51.55 60.85 15.31
CA HIS L 281 52.92 61.22 15.00
C HIS L 281 53.58 60.16 14.14
N LEU L 282 54.37 60.61 13.16
CA LEU L 282 55.04 59.71 12.22
C LEU L 282 56.54 59.67 12.47
N GLY L 283 57.21 60.82 12.42
CA GLY L 283 58.64 60.86 12.64
C GLY L 283 59.08 62.23 13.11
N ARG L 284 60.28 62.26 13.68
CA ARG L 284 60.83 63.48 14.24
C ARG L 284 62.27 63.63 13.79
N PHE L 285 62.68 64.87 13.51
CA PHE L 285 64.01 65.17 13.05
C PHE L 285 64.53 66.41 13.76
N VAL L 286 65.85 66.53 13.83
CA VAL L 286 66.51 67.69 14.44
C VAL L 286 67.60 68.14 13.48
N MET L 287 67.42 69.33 12.89
CA MET L 287 68.39 69.87 11.96
C MET L 287 69.68 70.26 12.69
N ARG L 288 70.82 69.92 12.08
CA ARG L 288 72.10 70.34 12.63
C ARG L 288 72.21 71.86 12.59
N ASN L 289 72.61 72.45 13.72
CA ASN L 289 72.59 73.90 13.84
C ASN L 289 73.72 74.55 13.05
N ARG L 290 74.96 74.16 13.31
CA ARG L 290 76.12 74.71 12.63
C ARG L 290 76.73 73.65 11.71
N ASP L 291 77.72 74.08 10.94
CA ASP L 291 78.34 73.25 9.90
C ASP L 291 77.29 72.77 8.91
N VAL L 292 76.54 73.72 8.37
CA VAL L 292 75.37 73.46 7.53
C VAL L 292 75.69 73.85 6.10
N VAL L 293 75.25 73.01 5.16
CA VAL L 293 75.36 73.31 3.73
C VAL L 293 74.07 73.93 3.26
N LEU L 294 74.17 74.80 2.25
CA LEU L 294 73.03 75.55 1.76
C LEU L 294 72.84 75.30 0.27
N THR L 295 71.64 75.64 -0.20
CA THR L 295 71.32 75.45 -1.61
C THR L 295 71.87 76.60 -2.45
N THR L 296 72.01 76.34 -3.75
CA THR L 296 72.61 77.34 -4.64
C THR L 296 71.77 78.62 -4.73
N THR L 297 70.45 78.49 -4.67
CA THR L 297 69.59 79.67 -4.78
C THR L 297 69.71 80.55 -3.55
N PHE L 298 69.68 79.95 -2.36
CA PHE L 298 69.81 80.72 -1.13
C PHE L 298 71.20 81.33 -1.03
N VAL L 299 72.24 80.59 -1.45
CA VAL L 299 73.60 81.14 -1.44
C VAL L 299 73.70 82.32 -2.38
N ASP L 300 73.10 82.22 -3.58
CA ASP L 300 73.13 83.34 -4.51
C ASP L 300 72.36 84.53 -3.96
N ASP L 301 71.25 84.28 -3.27
CA ASP L 301 70.49 85.38 -2.69
C ASP L 301 71.26 86.08 -1.58
N ILE L 302 71.97 85.31 -0.75
CA ILE L 302 72.76 85.91 0.32
C ILE L 302 73.98 86.64 -0.25
N LYS L 303 74.53 86.15 -1.35
CA LYS L 303 75.65 86.83 -1.98
C LYS L 303 75.20 88.15 -2.60
N ALA L 304 74.07 88.14 -3.31
CA ALA L 304 73.47 89.36 -3.85
C ALA L 304 72.51 89.95 -2.82
N LEU L 305 73.09 90.50 -1.76
CA LEU L 305 72.36 91.04 -0.63
C LEU L 305 73.04 92.32 -0.16
N PRO L 306 72.28 93.37 0.14
CA PRO L 306 72.91 94.63 0.55
C PRO L 306 73.51 94.54 1.95
N THR L 307 74.16 95.63 2.38
CA THR L 307 74.80 95.65 3.69
C THR L 307 74.60 96.98 4.41
N THR L 308 73.69 97.84 3.94
CA THR L 308 73.45 99.15 4.54
C THR L 308 72.04 99.24 5.11
N TYR L 309 71.53 98.13 5.63
CA TYR L 309 70.21 98.05 6.25
C TYR L 309 69.12 98.47 5.25
N GLU L 310 68.98 97.67 4.20
CA GLU L 310 67.93 97.89 3.21
C GLU L 310 66.69 97.12 3.67
N LYS L 311 65.84 97.81 4.45
CA LYS L 311 64.61 97.20 4.92
C LYS L 311 63.69 96.80 3.78
N GLY L 312 63.75 97.53 2.66
CA GLY L 312 62.88 97.20 1.53
C GLY L 312 63.16 95.82 0.96
N GLU L 313 64.42 95.56 0.61
CA GLU L 313 64.78 94.24 0.10
C GLU L 313 64.73 93.17 1.18
N TYR L 314 65.05 93.55 2.43
CA TYR L 314 65.00 92.58 3.52
C TYR L 314 63.57 92.14 3.80
N PHE L 315 62.61 93.06 3.69
CA PHE L 315 61.21 92.67 3.88
C PHE L 315 60.75 91.71 2.78
N ALA L 316 61.26 91.88 1.55
CA ALA L 316 60.93 90.94 0.49
C ALA L 316 61.58 89.59 0.74
N PHE L 317 62.86 89.57 1.11
CA PHE L 317 63.54 88.32 1.44
C PHE L 317 62.86 87.59 2.59
N LEU L 318 62.31 88.34 3.55
CA LEU L 318 61.65 87.72 4.69
C LEU L 318 60.39 86.98 4.26
N GLU L 319 59.55 87.62 3.44
CA GLU L 319 58.36 86.95 2.92
C GLU L 319 58.73 85.82 1.97
N THR L 320 59.89 85.92 1.31
CA THR L 320 60.28 84.89 0.34
C THR L 320 60.76 83.62 1.04
N TYR L 321 61.61 83.76 2.06
CA TYR L 321 62.23 82.62 2.71
C TYR L 321 61.85 82.52 4.18
N GLY L 322 60.65 83.00 4.54
CA GLY L 322 60.18 82.86 5.91
C GLY L 322 60.90 83.78 6.88
N THR L 323 60.42 83.83 8.11
CA THR L 323 61.05 84.65 9.15
C THR L 323 62.09 83.88 9.95
N HIS L 324 61.81 82.62 10.30
CA HIS L 324 62.73 81.79 11.06
C HIS L 324 62.46 80.33 10.70
N TYR L 325 63.53 79.54 10.60
CA TYR L 325 63.42 78.17 10.15
C TYR L 325 63.16 77.24 11.33
N SER L 326 63.00 75.96 11.03
CA SER L 326 62.69 74.95 12.04
C SER L 326 63.97 74.22 12.44
N SER L 327 64.30 74.27 13.73
CA SER L 327 65.41 73.48 14.24
C SER L 327 65.03 72.00 14.38
N SER L 328 63.77 71.72 14.69
CA SER L 328 63.30 70.34 14.80
C SER L 328 61.82 70.30 14.49
N GLY L 329 61.39 69.32 13.70
CA GLY L 329 60.00 69.19 13.34
C GLY L 329 59.39 67.88 13.80
N SER L 330 58.15 67.61 13.38
CA SER L 330 57.45 66.39 13.76
C SER L 330 56.48 66.03 12.64
N LEU L 331 56.88 65.08 11.80
CA LEU L 331 56.03 64.66 10.69
C LEU L 331 54.86 63.82 11.20
N GLY L 332 53.72 63.96 10.53
CA GLY L 332 52.53 63.24 10.94
C GLY L 332 51.24 63.93 10.55
N GLY L 333 50.35 64.14 11.52
CA GLY L 333 49.10 64.83 11.28
C GLY L 333 48.17 64.79 12.49
N LEU L 334 47.38 65.84 12.67
CA LEU L 334 46.49 65.94 13.81
C LEU L 334 45.08 66.25 13.34
N TYR L 335 44.10 65.88 14.17
CA TYR L 335 42.70 66.16 13.91
C TYR L 335 42.00 66.49 15.23
N GLU L 336 40.98 67.35 15.15
CA GLU L 336 40.25 67.75 16.34
C GLU L 336 38.87 68.24 15.94
N LEU L 337 37.90 67.99 16.80
CA LEU L 337 36.53 68.46 16.61
C LEU L 337 36.01 69.02 17.92
N ILE L 338 35.30 70.15 17.84
CA ILE L 338 34.78 70.83 19.02
C ILE L 338 33.34 71.27 18.73
N TYR L 339 32.44 71.00 19.65
CA TYR L 339 31.23 71.75 19.57
C TYR L 339 30.61 72.08 20.89
N VAL L 340 29.91 73.19 20.87
CA VAL L 340 29.51 73.95 22.04
C VAL L 340 27.98 74.01 22.08
N LEU L 341 27.43 74.02 23.29
CA LEU L 341 25.99 74.11 23.51
C LEU L 341 25.70 75.11 24.61
N ASP L 342 24.65 75.90 24.41
CA ASP L 342 24.23 76.89 25.39
C ASP L 342 22.72 77.04 25.33
N LYS L 343 22.09 77.09 26.51
CA LYS L 343 20.63 77.16 26.61
C LYS L 343 20.25 78.21 27.63
N ALA L 344 19.17 78.94 27.35
CA ALA L 344 18.66 79.96 28.26
C ALA L 344 17.15 80.08 28.09
N SER L 345 16.46 80.27 29.21
CA SER L 345 15.01 80.38 29.19
C SER L 345 14.57 81.34 30.30
N MET L 346 13.44 82.00 30.08
CA MET L 346 12.89 82.93 31.06
C MET L 346 11.37 82.93 30.94
N LYS L 347 10.70 82.91 32.09
CA LYS L 347 9.24 82.95 32.16
C LYS L 347 8.81 83.88 33.28
N ARG L 348 7.86 84.76 33.00
CA ARG L 348 7.36 85.72 33.97
C ARG L 348 5.85 85.79 33.87
N LYS L 349 5.16 85.71 35.01
CA LYS L 349 3.72 85.73 35.04
C LYS L 349 3.23 86.64 36.16
N GLY L 350 2.22 87.46 35.84
CA GLY L 350 1.62 88.33 36.83
C GLY L 350 0.13 88.49 36.59
N VAL L 351 -0.68 88.24 37.61
CA VAL L 351 -2.14 88.29 37.51
C VAL L 351 -2.67 89.20 38.60
N GLU L 352 -3.58 90.10 38.24
CA GLU L 352 -4.20 91.03 39.17
C GLU L 352 -5.70 91.07 38.96
N LEU L 353 -6.45 91.03 40.06
CA LEU L 353 -7.90 91.08 40.01
C LEU L 353 -8.40 92.03 41.09
N LYS L 354 -9.35 92.89 40.72
CA LYS L 354 -9.88 93.90 41.62
C LYS L 354 -11.39 93.99 41.45
N ASP L 355 -12.12 93.86 42.55
CA ASP L 355 -13.57 93.94 42.53
C ASP L 355 -14.05 94.69 43.76
N ILE L 356 -14.94 95.66 43.55
CA ILE L 356 -15.47 96.50 44.62
C ILE L 356 -16.97 96.64 44.43
N LYS L 357 -17.72 96.50 45.52
CA LYS L 357 -19.16 96.74 45.52
C LYS L 357 -19.52 97.63 46.70
N ARG L 358 -20.30 98.67 46.44
CA ARG L 358 -20.78 99.60 47.46
C ARG L 358 -22.22 99.93 47.19
N CYS L 359 -23.09 99.81 48.19
CA CYS L 359 -24.49 100.11 48.03
C CYS L 359 -25.00 100.90 49.23
N LEU L 360 -26.06 101.67 49.00
CA LEU L 360 -26.63 102.55 50.02
C LEU L 360 -28.12 102.31 50.12
N GLY L 361 -28.65 102.40 51.34
CA GLY L 361 -30.07 102.22 51.57
C GLY L 361 -30.64 103.22 52.56
N TYR L 362 -31.80 103.80 52.24
CA TYR L 362 -32.42 104.80 53.08
C TYR L 362 -33.94 104.67 52.99
N HIS L 363 -34.59 104.77 54.14
CA HIS L 363 -36.05 104.70 54.23
C HIS L 363 -36.56 105.78 55.17
N LEU L 364 -37.53 106.56 54.68
CA LEU L 364 -38.13 107.64 55.45
C LEU L 364 -39.64 107.46 55.43
N ASP L 365 -40.26 107.44 56.61
CA ASP L 365 -41.71 107.30 56.73
C ASP L 365 -42.19 108.18 57.86
N VAL L 366 -43.10 109.09 57.55
CA VAL L 366 -43.69 110.02 58.52
C VAL L 366 -45.20 110.03 58.31
N SER L 367 -45.95 109.85 59.40
CA SER L 367 -47.40 109.84 59.35
C SER L 367 -47.94 110.73 60.47
N LEU L 368 -48.86 111.62 60.12
CA LEU L 368 -49.42 112.56 61.07
C LEU L 368 -50.93 112.42 61.11
N ALA L 369 -51.50 112.54 62.31
CA ALA L 369 -52.97 112.31 62.43
C ALA L 369 -53.69 113.47 63.13
N PHE L 370 -54.75 113.96 62.48
CA PHE L 370 -55.66 115.00 63.04
C PHE L 370 -56.78 114.30 63.82
N SER L 371 -57.72 115.06 64.38
CA SER L 371 -58.98 114.41 64.84
C SER L 371 -59.67 113.79 63.62
N GLU L 372 -59.74 114.55 62.53
CA GLU L 372 -60.32 114.08 61.23
C GLU L 372 -59.29 114.33 60.12
N ILE L 373 -58.05 114.65 60.51
CA ILE L 373 -56.99 115.00 59.56
C ILE L 373 -55.93 113.91 59.61
N SER L 374 -55.46 113.49 58.44
CA SER L 374 -54.42 112.48 58.34
C SER L 374 -53.40 112.90 57.31
N VAL L 375 -52.12 112.85 57.68
CA VAL L 375 -51.03 113.22 56.80
C VAL L 375 -50.03 112.07 56.75
N GLY L 376 -49.54 111.76 55.56
CA GLY L 376 -48.59 110.69 55.38
C GLY L 376 -47.42 111.11 54.53
N ALA L 377 -46.30 110.42 54.72
CA ALA L 377 -45.08 110.71 53.97
C ALA L 377 -44.22 109.45 53.94
N GLU L 378 -43.70 109.12 52.75
CA GLU L 378 -42.85 107.94 52.59
C GLU L 378 -41.79 108.26 51.54
N PHE L 379 -40.53 108.33 51.96
CA PHE L 379 -39.40 108.60 51.07
C PHE L 379 -38.40 107.46 51.21
N ASN L 380 -38.10 106.80 50.09
CA ASN L 380 -37.18 105.67 50.08
C ASN L 380 -36.09 105.91 49.04
N LYS L 381 -34.84 105.67 49.43
CA LYS L 381 -33.69 105.87 48.56
C LYS L 381 -32.85 104.61 48.53
N ASP L 382 -32.43 104.21 47.33
CA ASP L 382 -31.61 103.02 47.14
C ASP L 382 -30.62 103.28 46.02
N ASP L 383 -29.35 102.97 46.27
CA ASP L 383 -28.29 103.18 45.28
C ASP L 383 -27.14 102.23 45.57
N CYS L 384 -26.73 101.46 44.56
CA CYS L 384 -25.60 100.55 44.68
C CYS L 384 -24.58 100.86 43.60
N VAL L 385 -23.33 100.54 43.88
CA VAL L 385 -22.21 100.78 42.96
C VAL L 385 -21.31 99.56 42.97
N LYS L 386 -20.87 99.15 41.78
CA LYS L 386 -19.96 98.02 41.63
C LYS L 386 -18.77 98.44 40.79
N ARG L 387 -17.59 97.91 41.12
CA ARG L 387 -16.36 98.19 40.41
C ARG L 387 -15.63 96.89 40.11
N GLY L 388 -15.01 96.82 38.94
CA GLY L 388 -14.28 95.64 38.54
C GLY L 388 -13.03 95.95 37.74
N GLU L 389 -11.95 95.20 37.97
CA GLU L 389 -10.70 95.40 37.26
C GLU L 389 -9.93 94.10 37.21
N GLY L 390 -9.32 93.83 36.06
CA GLY L 390 -8.52 92.64 35.88
C GLY L 390 -7.25 92.90 35.09
N ARG L 391 -6.15 92.27 35.50
CA ARG L 391 -4.86 92.45 34.84
C ARG L 391 -4.12 91.13 34.79
N ALA L 392 -3.44 90.88 33.66
CA ALA L 392 -2.68 89.65 33.48
C ALA L 392 -1.42 89.95 32.68
N VAL L 393 -0.34 89.25 33.03
CA VAL L 393 0.95 89.40 32.37
C VAL L 393 1.53 88.00 32.17
N ASN L 394 1.83 87.65 30.92
CA ASN L 394 2.31 86.31 30.56
C ASN L 394 3.35 86.47 29.46
N ILE L 395 4.63 86.32 29.83
CA ILE L 395 5.74 86.58 28.91
C ILE L 395 6.77 85.46 29.07
N THR L 396 7.03 84.75 27.98
CA THR L 396 8.02 83.67 27.95
C THR L 396 9.15 84.03 26.99
N SER L 397 10.38 83.72 27.39
CA SER L 397 11.55 84.00 26.57
C SER L 397 12.52 82.82 26.68
N GLU L 398 13.12 82.45 25.53
CA GLU L 398 14.07 81.35 25.48
C GLU L 398 15.16 81.68 24.48
N ASN L 399 16.39 81.30 24.82
CA ASN L 399 17.56 81.55 23.97
C ASN L 399 18.42 80.30 23.91
N LEU L 400 18.94 80.01 22.71
CA LEU L 400 19.80 78.86 22.49
C LEU L 400 21.00 79.29 21.67
N ILE L 401 22.16 78.71 21.96
CA ILE L 401 23.41 79.03 21.26
C ILE L 401 24.20 77.74 21.09
N ASP L 402 24.59 77.45 19.84
CA ASP L 402 25.38 76.26 19.52
C ASP L 402 26.49 76.65 18.56
N ASP L 403 27.69 76.11 18.80
CA ASP L 403 28.84 76.33 17.94
C ASP L 403 29.63 75.05 17.80
N VAL L 404 29.91 74.65 16.56
CA VAL L 404 30.66 73.44 16.27
C VAL L 404 31.80 73.78 15.32
N VAL L 405 33.00 73.27 15.62
CA VAL L 405 34.17 73.45 14.76
C VAL L 405 34.96 72.15 14.74
N SER L 406 35.62 71.90 13.61
CA SER L 406 36.40 70.68 13.42
C SER L 406 37.38 70.90 12.28
N LEU L 407 38.47 70.13 12.30
CA LEU L 407 39.50 70.24 11.28
C LEU L 407 40.27 68.93 11.20
N ILE L 408 40.93 68.73 10.06
CA ILE L 408 41.74 67.54 9.83
C ILE L 408 42.77 67.87 8.75
N ARG L 409 43.87 67.13 8.74
CA ARG L 409 44.93 67.36 7.77
C ARG L 409 45.83 66.14 7.71
N GLY L 410 46.51 65.98 6.58
CA GLY L 410 47.48 64.93 6.40
C GLY L 410 46.95 63.75 5.59
N GLY L 411 47.88 62.97 5.05
CA GLY L 411 47.53 61.77 4.31
C GLY L 411 47.04 62.07 2.90
N THR L 412 46.70 61.00 2.18
CA THR L 412 46.08 61.16 0.87
C THR L 412 44.68 61.73 1.02
N ARG L 413 44.19 62.32 -0.08
CA ARG L 413 42.90 63.00 -0.02
C ARG L 413 41.74 61.99 0.06
N LYS L 414 41.93 60.78 -0.46
CA LYS L 414 40.86 59.79 -0.41
C LYS L 414 40.61 59.31 1.01
N TYR L 415 41.64 58.76 1.66
CA TYR L 415 41.46 58.16 2.97
C TYR L 415 41.25 59.20 4.06
N ALA L 416 41.76 60.43 3.87
CA ALA L 416 41.63 61.44 4.91
C ALA L 416 40.18 61.87 5.10
N PHE L 417 39.52 62.28 4.01
CA PHE L 417 38.15 62.77 4.11
C PHE L 417 37.14 61.65 4.27
N GLU L 418 37.51 60.41 3.95
CA GLU L 418 36.66 59.28 4.30
C GLU L 418 36.56 59.12 5.81
N LEU L 419 37.61 59.46 6.54
CA LEU L 419 37.53 59.50 8.00
C LEU L 419 36.73 60.71 8.47
N LYS L 420 36.84 61.83 7.75
CA LYS L 420 36.14 63.05 8.15
C LYS L 420 34.63 62.89 8.07
N GLU L 421 34.14 62.26 7.00
CA GLU L 421 32.70 62.13 6.81
C GLU L 421 32.08 61.22 7.87
N LYS L 422 32.79 60.15 8.25
CA LYS L 422 32.26 59.22 9.24
C LYS L 422 32.48 59.70 10.67
N LEU L 423 33.44 60.60 10.89
CA LEU L 423 33.65 61.14 12.23
C LEU L 423 32.59 62.16 12.59
N LEU L 424 32.20 63.01 11.64
CA LEU L 424 31.24 64.08 11.89
C LEU L 424 29.85 63.47 11.97
N ARG L 425 29.34 63.34 13.20
CA ARG L 425 27.98 62.85 13.49
C ARG L 425 27.74 61.45 12.95
N GLY L 426 28.80 60.67 12.70
CA GLY L 426 28.64 59.31 12.23
C GLY L 426 28.27 58.35 13.33
N THR L 427 28.90 58.49 14.49
CA THR L 427 28.69 57.72 15.70
C THR L 427 29.07 56.25 15.56
N VAL L 428 29.55 55.83 14.39
CA VAL L 428 29.96 54.45 14.14
C VAL L 428 31.33 54.51 13.47
N ILE L 429 32.40 54.32 14.24
CA ILE L 429 33.74 54.32 13.71
C ILE L 429 34.11 52.90 13.26
N ASP L 430 34.78 52.80 12.12
CA ASP L 430 35.17 51.52 11.56
C ASP L 430 36.55 51.12 12.07
N VAL L 431 36.89 49.85 11.88
CA VAL L 431 38.22 49.36 12.23
C VAL L 431 39.20 49.50 11.06
N THR L 432 38.73 49.37 9.82
CA THR L 432 39.61 49.43 8.66
C THR L 432 39.93 50.85 8.24
N ASP L 433 39.02 51.80 8.50
CA ASP L 433 39.26 53.17 8.07
C ASP L 433 40.44 53.80 8.81
N PHE L 434 40.64 53.44 10.07
CA PHE L 434 41.78 53.98 10.81
C PHE L 434 43.10 53.42 10.28
N VAL L 435 43.11 52.14 9.89
CA VAL L 435 44.31 51.58 9.28
C VAL L 435 44.58 52.22 7.93
N ASN L 436 43.51 52.49 7.17
CA ASN L 436 43.68 53.19 5.89
C ASN L 436 44.23 54.60 6.11
N TRP L 437 43.73 55.30 7.15
CA TRP L 437 44.26 56.61 7.49
C TRP L 437 45.73 56.54 7.90
N ALA L 438 46.10 55.49 8.64
CA ALA L 438 47.49 55.31 9.04
C ALA L 438 48.39 55.11 7.83
N SER L 439 47.98 54.24 6.91
CA SER L 439 48.77 54.03 5.70
C SER L 439 48.83 55.31 4.85
N SER L 440 47.73 56.05 4.78
CA SER L 440 47.69 57.28 4.00
C SER L 440 48.63 58.33 4.58
N ILE L 441 48.66 58.47 5.91
CA ILE L 441 49.54 59.46 6.51
C ILE L 441 50.98 58.98 6.50
N ASN L 442 51.21 57.67 6.45
CA ASN L 442 52.55 57.17 6.19
C ASN L 442 53.00 57.54 4.79
N ASP L 443 52.07 57.51 3.82
CA ASP L 443 52.39 57.95 2.47
C ASP L 443 52.68 59.44 2.42
N ALA L 444 51.87 60.25 3.11
CA ALA L 444 52.02 61.70 3.10
C ALA L 444 51.78 62.27 4.49
N PRO L 445 52.84 62.54 5.26
CA PRO L 445 52.66 63.14 6.58
C PRO L 445 52.63 64.67 6.54
N VAL L 446 52.52 65.31 7.70
CA VAL L 446 52.53 66.77 7.80
C VAL L 446 53.05 67.13 9.18
N LEU L 447 53.45 68.39 9.34
CA LEU L 447 54.04 68.84 10.59
C LEU L 447 53.02 68.83 11.72
N ILE L 448 53.51 68.52 12.93
CA ILE L 448 52.69 68.54 14.14
C ILE L 448 53.32 69.50 15.14
N SER L 449 54.54 69.18 15.57
CA SER L 449 55.30 70.01 16.50
C SER L 449 56.56 70.50 15.81
N GLN L 450 56.89 71.76 16.03
CA GLN L 450 57.98 72.41 15.32
C GLN L 450 58.83 73.21 16.29
N LYS L 451 60.08 72.79 16.46
CA LYS L 451 61.03 73.57 17.24
C LYS L 451 61.64 74.65 16.36
N LEU L 452 61.74 75.85 16.89
CA LEU L 452 62.01 77.04 16.10
C LEU L 452 63.45 77.51 16.29
N SER L 453 63.96 78.21 15.27
CA SER L 453 65.33 78.72 15.28
C SER L 453 65.41 79.91 14.33
N PRO L 454 66.07 80.99 14.71
CA PRO L 454 66.12 82.18 13.84
C PRO L 454 66.95 81.93 12.59
N ILE L 455 66.63 82.68 11.53
CA ILE L 455 67.30 82.50 10.25
C ILE L 455 68.71 83.08 10.29
N TYR L 456 68.89 84.22 10.94
CA TYR L 456 70.20 84.87 10.93
C TYR L 456 71.28 84.03 11.59
N ASN L 457 70.92 82.96 12.29
CA ASN L 457 71.89 81.99 12.77
C ASN L 457 72.26 80.96 11.70
N LEU L 458 71.51 80.91 10.60
CA LEU L 458 71.74 79.95 9.53
C LEU L 458 72.64 80.49 8.43
N VAL L 459 72.95 81.79 8.44
CA VAL L 459 73.80 82.39 7.41
C VAL L 459 75.18 81.74 7.45
N PRO L 460 75.79 81.44 6.31
CA PRO L 460 77.13 80.82 6.34
C PRO L 460 78.19 81.77 6.87
N VAL L 461 79.10 81.23 7.68
CA VAL L 461 80.17 81.98 8.30
C VAL L 461 81.26 82.26 7.27
N LYS L 462 82.20 83.14 7.62
CA LYS L 462 83.37 83.50 6.78
C LYS L 462 82.98 83.77 5.33
N MET L 463 81.85 84.44 5.15
CA MET L 463 81.39 84.84 3.83
C MET L 463 81.94 86.24 3.52
N LYS L 464 81.41 86.89 2.49
CA LYS L 464 81.84 88.24 2.14
C LYS L 464 81.66 89.19 3.30
N ASN L 465 80.42 89.38 3.75
CA ASN L 465 80.07 90.26 4.86
C ASN L 465 79.11 89.55 5.80
N ALA L 466 79.45 88.32 6.19
CA ALA L 466 78.52 87.46 6.92
C ALA L 466 78.08 88.10 8.23
N HIS L 467 79.03 88.58 9.03
CA HIS L 467 78.69 89.08 10.36
C HIS L 467 77.78 90.30 10.29
N LEU L 468 78.15 91.30 9.50
CA LEU L 468 77.32 92.49 9.39
C LEU L 468 75.95 92.16 8.80
N LYS L 469 75.92 91.26 7.82
CA LYS L 469 74.64 90.79 7.30
C LYS L 469 73.85 90.01 8.35
N LYS L 470 74.55 89.31 9.24
CA LYS L 470 73.87 88.57 10.30
C LYS L 470 73.11 89.50 11.23
N GLN L 471 73.80 90.50 11.80
CA GLN L 471 73.14 91.46 12.66
C GLN L 471 72.13 92.30 11.89
N ASN L 472 72.37 92.53 10.60
CA ASN L 472 71.43 93.29 9.78
C ASN L 472 70.12 92.53 9.62
N LEU L 473 70.20 91.23 9.30
CA LEU L 473 68.99 90.42 9.22
C LEU L 473 68.35 90.22 10.58
N GLU L 474 69.13 90.26 11.67
CA GLU L 474 68.55 90.21 13.00
C GLU L 474 67.71 91.45 13.28
N ARG L 475 68.26 92.62 12.97
CA ARG L 475 67.48 93.85 13.09
C ARG L 475 66.26 93.82 12.17
N ALA L 476 66.40 93.23 10.99
CA ALA L 476 65.29 93.15 10.05
C ALA L 476 64.17 92.27 10.59
N ILE L 477 64.51 91.10 11.13
CA ILE L 477 63.47 90.22 11.67
C ILE L 477 62.85 90.83 12.92
N GLU L 478 63.64 91.58 13.71
CA GLU L 478 63.07 92.25 14.88
C GLU L 478 62.07 93.32 14.44
N ASP L 479 62.45 94.14 13.45
CA ASP L 479 61.54 95.16 12.95
C ASP L 479 60.32 94.53 12.28
N TYR L 480 60.47 93.35 11.68
CA TYR L 480 59.34 92.65 11.09
C TYR L 480 58.36 92.17 12.16
N ILE L 481 58.89 91.53 13.21
CA ILE L 481 58.03 90.97 14.24
C ILE L 481 57.42 92.05 15.13
N ASN L 482 58.04 93.23 15.22
CA ASN L 482 57.52 94.30 16.04
C ASN L 482 56.89 95.43 15.23
N GLU L 483 56.85 95.31 13.90
CA GLU L 483 56.36 96.39 13.06
C GLU L 483 54.83 96.36 12.95
N PHE L 484 54.29 95.28 12.37
CA PHE L 484 52.87 95.17 12.13
C PHE L 484 52.35 93.89 12.75
N SER L 485 51.30 94.02 13.55
CA SER L 485 50.67 92.89 14.25
C SER L 485 49.37 93.40 14.85
N VAL L 486 48.70 92.55 15.64
CA VAL L 486 47.50 92.96 16.36
C VAL L 486 47.83 94.05 17.36
N ARG L 487 49.08 94.09 17.84
CA ARG L 487 49.49 95.09 18.83
C ARG L 487 49.34 96.51 18.28
N LYS L 488 49.65 96.71 17.01
CA LYS L 488 49.59 98.04 16.42
C LYS L 488 48.22 98.39 15.86
N CYS L 489 47.37 97.40 15.62
CA CYS L 489 46.04 97.65 15.09
C CYS L 489 45.13 98.17 16.21
N HIS L 490 43.84 98.32 15.91
CA HIS L 490 42.89 98.85 16.88
C HIS L 490 42.15 97.71 17.57
N THR L 491 41.70 97.97 18.79
CA THR L 491 41.04 96.97 19.60
C THR L 491 39.56 96.89 19.25
N CYS L 492 39.04 95.67 19.17
CA CYS L 492 37.64 95.44 18.83
C CYS L 492 36.78 95.67 20.08
N GLN L 493 35.48 95.39 19.97
CA GLN L 493 34.53 95.60 21.05
C GLN L 493 34.08 94.27 21.63
N ASN L 494 33.62 94.33 22.89
CA ASN L 494 33.11 93.17 23.61
C ASN L 494 34.15 92.06 23.70
N GLY L 495 35.40 92.44 23.88
CA GLY L 495 36.48 91.46 24.02
C GLY L 495 36.68 90.58 22.81
N GLY L 496 36.31 91.06 21.63
CA GLY L 496 36.47 90.26 20.42
C GLY L 496 37.93 90.07 20.08
N THR L 497 38.37 88.82 19.94
CA THR L 497 39.74 88.53 19.58
C THR L 497 40.05 89.07 18.19
N VAL L 498 41.03 89.96 18.11
CA VAL L 498 41.38 90.63 16.87
C VAL L 498 42.43 89.79 16.13
N ILE L 499 42.21 89.57 14.84
CA ILE L 499 43.13 88.84 14.00
C ILE L 499 43.60 89.76 12.87
N LEU L 500 44.58 89.27 12.11
CA LEU L 500 45.14 90.03 10.99
C LEU L 500 45.38 89.06 9.84
N MET L 501 44.57 89.17 8.79
CA MET L 501 44.67 88.29 7.61
C MET L 501 44.94 89.17 6.39
N ASP L 502 46.21 89.45 6.13
CA ASP L 502 46.65 90.19 4.95
C ASP L 502 45.95 91.54 4.85
N GLY L 503 46.19 92.38 5.85
CA GLY L 503 45.66 93.73 5.91
C GLY L 503 44.31 93.87 6.60
N LYS L 504 43.40 92.94 6.35
CA LYS L 504 42.09 92.98 6.97
C LYS L 504 42.23 92.70 8.46
N CYS L 505 42.08 93.75 9.28
CA CYS L 505 42.22 93.61 10.73
C CYS L 505 40.85 93.37 11.38
N LEU L 506 40.27 92.23 11.03
CA LEU L 506 38.97 91.85 11.56
C LEU L 506 39.12 91.29 12.98
N CYS L 507 38.01 91.28 13.71
CA CYS L 507 37.97 90.78 15.07
C CYS L 507 36.90 89.70 15.19
N ALA L 508 37.29 88.55 15.74
CA ALA L 508 36.34 87.46 15.93
C ALA L 508 35.43 87.80 17.12
N CYS L 509 34.14 87.95 16.83
CA CYS L 509 33.17 88.33 17.85
C CYS L 509 32.63 87.09 18.55
N PRO L 510 32.26 87.21 19.83
CA PRO L 510 31.78 86.03 20.58
C PRO L 510 30.51 85.45 19.97
N PHE L 511 30.12 84.29 20.52
CA PHE L 511 28.99 83.54 19.97
C PHE L 511 27.68 84.31 20.13
N LYS L 512 27.42 84.81 21.34
CA LYS L 512 26.16 85.50 21.65
C LYS L 512 26.05 86.86 20.98
N PHE L 513 27.08 87.31 20.25
CA PHE L 513 27.09 88.62 19.65
C PHE L 513 27.07 88.49 18.13
N GLU L 514 26.80 89.61 17.46
CA GLU L 514 26.68 89.62 16.01
C GLU L 514 28.06 89.84 15.39
N GLY L 515 28.10 90.17 14.10
CA GLY L 515 29.32 90.13 13.32
C GLY L 515 30.25 91.32 13.45
N ILE L 516 30.65 91.88 12.30
CA ILE L 516 31.75 92.83 12.22
C ILE L 516 31.55 93.99 13.20
N ALA L 517 32.68 94.44 13.78
CA ALA L 517 32.77 95.63 14.63
C ALA L 517 32.10 95.44 15.98
N CYS L 518 31.41 94.31 16.17
CA CYS L 518 30.74 93.97 17.43
C CYS L 518 29.95 95.17 17.98
N GLU L 519 29.16 95.78 17.10
CA GLU L 519 28.38 96.96 17.48
C GLU L 519 26.96 96.58 17.89
N ILE L 520 26.22 95.94 16.98
CA ILE L 520 24.84 95.53 17.26
C ILE L 520 24.85 94.30 18.15
N SER L 521 23.99 94.31 19.17
CA SER L 521 24.01 93.27 20.19
C SER L 521 23.48 91.94 19.65
N LYS L 522 22.32 92.01 19.00
CA LYS L 522 21.69 90.80 18.41
C LYS L 522 20.73 90.20 19.45
N GLN L 523 20.86 90.66 20.69
CA GLN L 523 19.94 90.29 21.78
C GLN L 523 19.26 91.59 22.20
N LYS L 524 18.02 91.79 21.76
CA LYS L 524 17.27 93.03 22.06
C LYS L 524 16.16 92.62 23.03
N ILE L 525 16.03 93.31 24.16
CA ILE L 525 14.97 92.88 25.11
C ILE L 525 13.64 93.01 24.40
N SER L 526 12.88 91.91 24.35
CA SER L 526 11.53 91.88 23.75
C SER L 526 10.78 93.17 24.08
N GLU L 527 10.02 93.71 23.11
CA GLU L 527 9.25 94.93 23.29
C GLU L 527 7.79 94.58 23.47
N GLY L 528 7.14 95.22 24.44
CA GLY L 528 5.73 94.97 24.69
C GLY L 528 4.91 96.24 24.77
N LEU L 529 3.81 96.28 24.02
CA LEU L 529 2.93 97.45 23.99
C LEU L 529 1.50 97.04 24.33
N PRO L 530 1.01 97.34 25.53
CA PRO L 530 -0.37 96.97 25.87
C PRO L 530 -1.39 98.02 25.44
N ALA L 531 -0.97 98.93 24.57
CA ALA L 531 -1.85 100.02 24.13
C ALA L 531 -3.05 99.49 23.36
N LEU L 532 -4.14 100.25 23.40
CA LEU L 532 -5.35 99.86 22.69
C LEU L 532 -5.14 99.93 21.18
N GLU L 533 -5.67 98.98 20.42
CA GLU L 533 -5.48 99.01 18.96
C GLU L 533 -6.17 100.21 18.35
N PHE L 534 -5.46 100.88 17.44
CA PHE L 534 -6.01 102.07 16.79
C PHE L 534 -7.17 101.70 15.86
N PRO L 535 -6.99 100.66 15.06
CA PRO L 535 -8.04 100.22 14.14
C PRO L 535 -7.89 98.74 13.81
N SER M 18 13.97 107.34 -8.61
CA SER M 18 14.65 108.53 -9.13
C SER M 18 15.55 108.18 -10.31
N HIS M 19 15.30 108.83 -11.44
CA HIS M 19 16.08 108.61 -12.66
C HIS M 19 17.38 109.41 -12.57
N ILE M 20 18.33 108.89 -11.80
CA ILE M 20 19.61 109.56 -11.61
C ILE M 20 20.49 109.31 -12.84
N ASP M 21 20.93 110.38 -13.47
CA ASP M 21 21.79 110.30 -14.64
C ASP M 21 23.25 110.21 -14.20
N CYS M 22 24.13 109.93 -15.17
CA CYS M 22 25.55 109.75 -14.92
C CYS M 22 26.30 111.00 -15.35
N ARG M 23 26.75 111.80 -14.37
CA ARG M 23 27.63 112.94 -14.64
C ARG M 23 29.05 112.40 -14.76
N MET M 24 29.36 111.88 -15.94
CA MET M 24 30.58 111.11 -16.18
C MET M 24 31.29 111.60 -17.43
N SER M 25 31.49 112.91 -17.55
CA SER M 25 32.27 113.49 -18.65
C SER M 25 33.07 114.70 -18.18
N PRO M 26 33.98 114.52 -17.18
CA PRO M 26 34.99 115.56 -16.92
C PRO M 26 36.18 115.39 -17.84
N TRP M 27 36.34 116.31 -18.78
CA TRP M 27 37.41 116.22 -19.77
C TRP M 27 38.64 117.01 -19.31
N SER M 28 39.81 116.54 -19.72
CA SER M 28 41.09 117.12 -19.36
C SER M 28 41.78 117.66 -20.60
N GLU M 29 42.97 118.23 -20.38
CA GLU M 29 43.75 118.84 -21.44
C GLU M 29 44.67 117.80 -22.08
N TRP M 30 44.94 117.99 -23.38
CA TRP M 30 45.85 117.12 -24.10
C TRP M 30 47.26 117.24 -23.54
N SER M 31 47.86 116.11 -23.20
CA SER M 31 49.23 116.07 -22.70
C SER M 31 50.21 115.96 -23.87
N GLN M 32 51.49 115.84 -23.52
CA GLN M 32 52.53 115.74 -24.55
C GLN M 32 52.50 114.37 -25.20
N CYS M 33 52.78 114.34 -26.50
CA CYS M 33 52.80 113.09 -27.25
C CYS M 33 53.99 112.24 -26.83
N ASP M 34 53.77 110.92 -26.81
CA ASP M 34 54.84 109.99 -26.51
C ASP M 34 55.50 109.57 -27.82
N PRO M 35 56.78 109.91 -28.04
CA PRO M 35 57.39 109.60 -29.34
C PRO M 35 57.60 108.12 -29.57
N CYS M 36 58.05 107.38 -28.56
CA CYS M 36 58.35 105.97 -28.74
C CYS M 36 57.07 105.15 -28.85
N LEU M 37 56.09 105.43 -28.00
CA LEU M 37 54.83 104.69 -28.03
C LEU M 37 53.90 105.18 -29.12
N ARG M 38 54.02 106.44 -29.53
CA ARG M 38 53.19 107.03 -30.57
C ARG M 38 51.71 107.01 -30.17
N GLN M 39 51.41 107.69 -29.07
CA GLN M 39 50.06 107.73 -28.53
C GLN M 39 49.87 109.04 -27.76
N MET M 40 48.63 109.49 -27.69
CA MET M 40 48.26 110.68 -26.91
C MET M 40 47.42 110.26 -25.71
N PHE M 41 47.21 111.22 -24.81
CA PHE M 41 46.65 110.95 -23.48
C PHE M 41 45.53 111.94 -23.15
N ARG M 42 44.54 112.05 -24.04
CA ARG M 42 43.30 112.71 -23.65
C ARG M 42 42.70 111.99 -22.46
N SER M 43 42.61 112.67 -21.32
CA SER M 43 42.26 112.04 -20.06
C SER M 43 40.78 112.23 -19.75
N ARG M 44 40.32 111.53 -18.72
CA ARG M 44 38.93 111.56 -18.29
C ARG M 44 38.87 110.99 -16.88
N SER M 45 37.66 110.98 -16.30
CA SER M 45 37.46 110.47 -14.96
C SER M 45 36.00 110.09 -14.79
N ILE M 46 35.74 109.17 -13.86
CA ILE M 46 34.40 108.72 -13.53
C ILE M 46 33.96 109.39 -12.24
N GLU M 47 32.73 109.90 -12.21
CA GLU M 47 32.20 110.61 -11.05
C GLU M 47 30.95 109.98 -10.47
N VAL M 48 29.95 109.69 -11.30
CA VAL M 48 28.64 109.24 -10.83
C VAL M 48 28.25 107.99 -11.61
N PHE M 49 27.81 106.96 -10.88
CA PHE M 49 27.34 105.72 -11.48
C PHE M 49 25.84 105.75 -11.77
N GLY M 50 25.02 105.97 -10.74
CA GLY M 50 23.59 105.84 -10.85
C GLY M 50 23.08 104.68 -10.00
N GLN M 51 22.50 105.02 -8.85
CA GLN M 51 22.13 104.01 -7.86
C GLN M 51 20.82 103.30 -8.19
N PHE M 52 19.99 103.87 -9.06
CA PHE M 52 18.64 103.37 -9.29
C PHE M 52 18.52 102.82 -10.71
N ASN M 53 17.28 102.48 -11.09
CA ASN M 53 16.98 101.87 -12.38
C ASN M 53 17.20 102.81 -13.56
N GLY M 54 17.73 104.01 -13.34
CA GLY M 54 17.96 104.96 -14.40
C GLY M 54 19.01 104.54 -15.42
N LYS M 55 19.53 105.52 -16.16
CA LYS M 55 20.47 105.25 -17.25
C LYS M 55 21.75 104.58 -16.75
N ARG M 56 21.98 103.34 -17.15
CA ARG M 56 23.23 102.68 -16.85
C ARG M 56 24.34 103.25 -17.72
N CYS M 57 25.51 103.47 -17.13
CA CYS M 57 26.63 104.12 -17.81
C CYS M 57 27.91 103.34 -17.49
N THR M 58 28.36 102.54 -18.46
CA THR M 58 29.59 101.76 -18.34
C THR M 58 30.75 102.40 -19.12
N ASP M 59 30.68 103.72 -19.35
CA ASP M 59 31.69 104.40 -20.15
C ASP M 59 33.06 104.28 -19.49
N ALA M 60 33.98 103.60 -20.20
CA ALA M 60 35.33 103.41 -19.67
C ALA M 60 36.13 104.70 -19.74
N VAL M 61 37.04 104.86 -18.79
CA VAL M 61 37.90 106.04 -18.72
C VAL M 61 39.13 105.80 -19.57
N GLY M 62 39.49 106.78 -20.39
CA GLY M 62 40.68 106.70 -21.22
C GLY M 62 40.38 106.98 -22.69
N ASP M 63 41.38 107.51 -23.38
CA ASP M 63 41.26 107.83 -24.79
C ASP M 63 42.65 107.86 -25.41
N ARG M 64 42.76 107.34 -26.63
CA ARG M 64 44.03 107.28 -27.34
C ARG M 64 43.94 108.00 -28.68
N ARG M 65 45.09 108.36 -29.21
CA ARG M 65 45.16 109.08 -30.48
C ARG M 65 46.56 108.95 -31.04
N GLN M 66 46.64 108.73 -32.36
CA GLN M 66 47.92 108.71 -33.03
C GLN M 66 48.50 110.12 -33.11
N CYS M 67 49.82 110.22 -32.95
CA CYS M 67 50.50 111.50 -32.96
C CYS M 67 51.85 111.36 -33.66
N VAL M 68 52.21 112.39 -34.43
CA VAL M 68 53.49 112.41 -35.13
C VAL M 68 54.60 112.61 -34.10
N PRO M 69 55.55 111.68 -33.99
CA PRO M 69 56.60 111.82 -32.98
C PRO M 69 57.58 112.93 -33.35
N THR M 70 57.99 113.70 -32.34
CA THR M 70 58.95 114.78 -32.52
C THR M 70 60.31 114.50 -31.93
N GLU M 71 60.40 113.63 -30.90
CA GLU M 71 61.67 113.25 -30.31
C GLU M 71 62.28 112.07 -31.06
N PRO M 72 63.61 111.97 -31.09
CA PRO M 72 64.25 110.88 -31.86
C PRO M 72 64.03 109.49 -31.26
N CYS M 73 63.58 109.40 -30.01
CA CYS M 73 63.37 108.12 -29.34
C CYS M 73 64.67 107.30 -29.31
N GLU M 74 65.68 107.88 -28.63
CA GLU M 74 66.98 107.21 -28.52
C GLU M 74 66.99 106.11 -27.47
N ASP M 75 66.05 106.13 -26.52
CA ASP M 75 66.02 105.11 -25.49
C ASP M 75 65.58 103.78 -26.08
N ALA M 76 66.34 102.74 -25.77
CA ALA M 76 66.03 101.40 -26.27
C ALA M 76 66.57 100.37 -25.29
N GLU M 77 65.98 99.18 -25.31
CA GLU M 77 66.37 98.09 -24.43
C GLU M 77 67.38 97.20 -25.14
N ASP M 78 68.61 97.18 -24.65
CA ASP M 78 69.64 96.33 -25.21
C ASP M 78 69.38 94.87 -24.87
N ASP M 79 70.08 93.98 -25.58
CA ASP M 79 69.90 92.54 -25.35
C ASP M 79 70.74 92.07 -24.17
N CYS M 80 70.61 92.75 -23.03
CA CYS M 80 71.15 92.36 -21.72
C CYS M 80 72.67 92.25 -21.71
N GLY M 81 73.31 92.51 -22.85
CA GLY M 81 74.76 92.57 -22.96
C GLY M 81 75.55 91.45 -22.31
N ASN M 82 74.91 90.30 -22.07
CA ASN M 82 75.52 89.24 -21.29
C ASN M 82 75.78 87.98 -22.12
N ASP M 83 74.75 87.41 -22.73
CA ASP M 83 74.88 86.11 -23.37
C ASP M 83 73.92 86.04 -24.55
N PHE M 84 73.67 84.82 -25.03
CA PHE M 84 72.81 84.60 -26.20
C PHE M 84 71.41 85.15 -25.94
N GLN M 85 70.97 86.05 -26.83
CA GLN M 85 69.62 86.61 -26.74
C GLN M 85 68.59 85.63 -27.27
N CYS M 86 67.44 85.58 -26.61
CA CYS M 86 66.33 84.76 -27.08
C CYS M 86 65.57 85.48 -28.19
N SER M 87 64.63 84.76 -28.79
CA SER M 87 63.82 85.32 -29.87
C SER M 87 62.75 86.28 -29.37
N THR M 88 62.59 86.47 -28.06
CA THR M 88 61.57 87.35 -27.52
C THR M 88 62.12 88.48 -26.65
N GLY M 89 63.34 88.37 -26.15
CA GLY M 89 63.91 89.45 -25.36
C GLY M 89 64.59 89.01 -24.08
N ARG M 90 64.38 87.77 -23.66
CA ARG M 90 65.00 87.25 -22.46
C ARG M 90 66.41 86.74 -22.77
N CYS M 91 67.14 86.33 -21.72
CA CYS M 91 68.53 85.96 -21.87
C CYS M 91 68.85 84.73 -21.04
N ILE M 92 69.83 83.96 -21.51
CA ILE M 92 70.39 82.86 -20.73
C ILE M 92 71.25 83.43 -19.60
N LYS M 93 71.06 82.91 -18.39
CA LYS M 93 71.90 83.33 -17.27
C LYS M 93 73.23 82.58 -17.27
N MET M 94 73.19 81.28 -17.03
CA MET M 94 74.41 80.47 -17.11
C MET M 94 74.25 79.15 -17.84
N ARG M 95 73.07 78.51 -17.85
CA ARG M 95 72.96 77.15 -18.39
C ARG M 95 71.66 76.96 -19.17
N LEU M 96 71.14 78.03 -19.78
CA LEU M 96 69.93 77.94 -20.57
C LEU M 96 70.19 77.48 -22.01
N ARG M 97 71.32 76.83 -22.26
CA ARG M 97 71.65 76.32 -23.58
C ARG M 97 70.88 75.02 -23.81
N CYS M 98 71.28 74.27 -24.85
CA CYS M 98 70.56 73.07 -25.28
C CYS M 98 70.78 71.97 -24.25
N ASN M 99 70.02 72.06 -23.15
CA ASN M 99 70.07 71.08 -22.06
C ASN M 99 68.66 70.69 -21.64
N GLY M 100 67.73 70.66 -22.58
CA GLY M 100 66.35 70.30 -22.25
C GLY M 100 65.66 71.30 -21.36
N ASP M 101 65.99 72.58 -21.48
CA ASP M 101 65.43 73.64 -20.64
C ASP M 101 64.56 74.53 -21.52
N ASN M 102 63.25 74.26 -21.52
CA ASN M 102 62.30 75.01 -22.34
C ASN M 102 62.00 76.34 -21.65
N ASP M 103 62.42 77.44 -22.26
CA ASP M 103 62.13 78.78 -21.77
C ASP M 103 61.32 79.61 -22.74
N CYS M 104 61.77 79.72 -23.99
CA CYS M 104 61.14 80.63 -24.95
C CYS M 104 60.02 79.94 -25.74
N GLY M 105 60.35 78.89 -26.46
CA GLY M 105 59.36 78.17 -27.24
C GLY M 105 59.57 76.67 -27.23
N ASP M 106 58.78 75.94 -28.02
CA ASP M 106 58.95 74.50 -28.11
C ASP M 106 60.36 74.15 -28.62
N PHE M 107 60.71 74.68 -29.79
CA PHE M 107 62.05 74.52 -30.33
C PHE M 107 62.76 75.85 -30.53
N SER M 108 62.27 76.93 -29.93
CA SER M 108 62.91 78.23 -30.07
C SER M 108 64.27 78.25 -29.38
N ASP M 109 64.30 77.89 -28.10
CA ASP M 109 65.57 77.77 -27.39
C ASP M 109 66.38 76.58 -27.89
N GLU M 110 65.69 75.53 -28.38
CA GLU M 110 66.33 74.36 -28.95
C GLU M 110 66.51 74.48 -30.47
N ASP M 111 66.67 75.71 -30.97
CA ASP M 111 66.78 75.95 -32.41
C ASP M 111 67.89 75.11 -33.03
N ASP M 112 69.12 75.26 -32.52
CA ASP M 112 70.26 74.54 -33.05
C ASP M 112 71.08 74.00 -31.88
N CYS M 113 71.45 72.72 -31.97
CA CYS M 113 72.21 72.05 -30.92
C CYS M 113 73.40 71.34 -31.56
N GLU M 114 74.59 71.93 -31.44
CA GLU M 114 75.78 71.29 -31.96
C GLU M 114 76.28 70.18 -31.04
N SER M 115 76.20 70.40 -29.73
CA SER M 115 76.59 69.38 -28.77
C SER M 115 75.49 68.33 -28.62
N GLU M 116 75.80 67.28 -27.89
CA GLU M 116 74.84 66.21 -27.67
C GLU M 116 73.69 66.71 -26.80
N PRO M 117 72.47 66.21 -27.03
CA PRO M 117 71.34 66.63 -26.20
C PRO M 117 71.41 66.04 -24.79
N ARG M 118 72.30 66.60 -23.97
CA ARG M 118 72.49 66.12 -22.61
C ARG M 118 71.22 66.36 -21.79
N PRO M 119 70.60 65.32 -21.23
CA PRO M 119 69.42 65.53 -20.41
C PRO M 119 69.79 66.16 -19.07
N PRO M 120 68.95 67.04 -18.53
CA PRO M 120 69.29 67.67 -17.25
C PRO M 120 69.11 66.74 -16.07
N CYS M 121 68.21 65.77 -16.15
CA CYS M 121 67.93 64.86 -15.06
C CYS M 121 67.61 63.48 -15.62
N ARG M 122 68.17 62.44 -14.99
CA ARG M 122 67.99 61.08 -15.46
C ARG M 122 66.75 60.41 -14.88
N ASP M 123 66.38 60.76 -13.65
CA ASP M 123 65.23 60.14 -13.02
C ASP M 123 63.94 60.52 -13.74
N ARG M 124 62.94 59.64 -13.64
CA ARG M 124 61.65 59.84 -14.28
C ARG M 124 60.79 60.71 -13.37
N VAL M 125 60.55 61.96 -13.79
CA VAL M 125 59.75 62.91 -13.04
C VAL M 125 58.64 63.39 -13.96
N VAL M 126 57.39 63.05 -13.64
CA VAL M 126 56.27 63.43 -14.49
C VAL M 126 56.01 64.92 -14.37
N GLU M 127 55.65 65.55 -15.49
CA GLU M 127 55.35 66.97 -15.50
C GLU M 127 54.11 67.27 -14.67
N GLU M 128 54.04 68.50 -14.16
CA GLU M 128 52.94 68.93 -13.30
C GLU M 128 51.68 69.07 -14.14
N SER M 129 50.81 68.07 -14.08
CA SER M 129 49.60 68.00 -14.90
C SER M 129 48.41 68.53 -14.10
N GLU M 130 47.84 69.65 -14.56
CA GLU M 130 46.61 70.23 -14.03
C GLU M 130 46.73 70.64 -12.57
N LEU M 131 47.93 70.61 -12.00
CA LEU M 131 48.16 70.98 -10.61
C LEU M 131 48.50 72.47 -10.55
N ALA M 132 49.05 72.93 -9.44
CA ALA M 132 49.30 74.35 -9.17
C ALA M 132 50.30 74.98 -10.14
N ARG M 133 50.74 74.22 -11.16
CA ARG M 133 51.62 74.71 -12.21
C ARG M 133 51.21 76.10 -12.70
N THR M 134 49.90 76.34 -12.81
CA THR M 134 49.38 77.66 -13.13
C THR M 134 49.13 78.40 -11.81
N ALA M 135 50.22 78.90 -11.23
CA ALA M 135 50.20 79.51 -9.92
C ALA M 135 49.95 81.03 -9.95
N GLY M 136 49.89 81.63 -11.14
CA GLY M 136 49.63 83.05 -11.25
C GLY M 136 48.14 83.33 -11.22
N TYR M 137 47.76 84.33 -10.42
CA TYR M 137 46.36 84.69 -10.27
C TYR M 137 46.25 86.20 -10.08
N GLY M 138 45.33 86.82 -10.81
CA GLY M 138 45.18 88.26 -10.83
C GLY M 138 43.90 88.77 -10.22
N ILE M 139 43.52 88.22 -9.06
CA ILE M 139 42.24 88.55 -8.44
C ILE M 139 42.06 90.06 -8.31
N ASN M 140 40.84 90.52 -8.56
CA ASN M 140 40.48 91.93 -8.43
C ASN M 140 39.77 92.12 -7.10
N ILE M 141 40.33 92.97 -6.23
CA ILE M 141 39.71 93.23 -4.94
C ILE M 141 38.34 93.86 -5.11
N LEU M 142 38.15 94.66 -6.16
CA LEU M 142 36.85 95.23 -6.48
C LEU M 142 36.06 94.37 -7.47
N GLY M 143 36.67 93.33 -8.03
CA GLY M 143 36.01 92.55 -9.06
C GLY M 143 35.48 91.21 -8.60
N MET M 144 36.14 90.13 -9.00
CA MET M 144 35.61 88.78 -8.83
C MET M 144 36.79 87.82 -8.67
N ASP M 145 36.53 86.53 -8.88
CA ASP M 145 37.47 85.42 -8.70
C ASP M 145 38.81 85.66 -9.38
N PRO M 146 39.88 84.99 -8.94
CA PRO M 146 41.21 85.28 -9.50
C PRO M 146 41.29 85.05 -11.00
N LEU M 147 42.31 85.66 -11.60
CA LEU M 147 42.56 85.62 -13.02
C LEU M 147 43.56 84.51 -13.35
N SER M 148 44.01 84.46 -14.60
CA SER M 148 45.00 83.47 -15.02
C SER M 148 46.39 83.94 -14.60
N THR M 149 47.41 83.27 -15.11
CA THR M 149 48.79 83.62 -14.73
C THR M 149 49.28 84.80 -15.55
N PRO M 150 49.74 85.88 -14.91
CA PRO M 150 50.30 87.02 -15.65
C PRO M 150 51.75 86.82 -16.05
N PHE M 151 52.35 85.68 -15.74
CA PHE M 151 53.76 85.44 -15.99
C PHE M 151 53.96 84.01 -16.47
N ASP M 152 55.17 83.72 -16.95
CA ASP M 152 55.51 82.37 -17.36
C ASP M 152 55.84 81.52 -16.13
N ASN M 153 55.28 80.32 -16.08
CA ASN M 153 55.46 79.43 -14.94
C ASN M 153 56.04 78.08 -15.35
N GLU M 154 56.49 77.94 -16.61
CA GLU M 154 57.08 76.71 -17.08
C GLU M 154 58.60 76.72 -17.04
N PHE M 155 59.22 77.91 -17.02
CA PHE M 155 60.67 78.01 -17.01
C PHE M 155 61.27 77.41 -15.74
N TYR M 156 62.43 76.77 -15.91
CA TYR M 156 63.19 76.23 -14.79
C TYR M 156 64.66 76.59 -14.99
N ASN M 157 65.39 76.71 -13.88
CA ASN M 157 66.74 77.26 -13.93
C ASN M 157 67.81 76.17 -14.09
N GLY M 158 67.90 75.25 -13.14
CA GLY M 158 69.00 74.30 -13.12
C GLY M 158 68.62 72.86 -12.85
N LEU M 159 69.25 72.27 -11.83
CA LEU M 159 68.97 70.89 -11.46
C LEU M 159 67.54 70.75 -10.95
N CYS M 160 66.85 69.70 -11.41
CA CYS M 160 65.48 69.45 -11.01
C CYS M 160 65.37 69.37 -9.49
N ASN M 161 64.32 69.98 -8.94
CA ASN M 161 64.03 69.91 -7.52
C ASN M 161 62.89 68.92 -7.32
N ARG M 162 63.19 67.81 -6.65
CA ARG M 162 62.22 66.74 -6.51
C ARG M 162 61.03 67.18 -5.66
N ASP M 163 59.86 66.64 -6.00
CA ASP M 163 58.60 66.91 -5.33
C ASP M 163 57.97 65.60 -4.91
N ARG M 164 58.76 64.75 -4.26
CA ARG M 164 58.37 63.37 -3.93
C ARG M 164 57.32 63.41 -2.83
N ASP M 165 56.08 63.67 -3.25
CA ASP M 165 54.95 63.75 -2.33
C ASP M 165 53.67 63.65 -3.17
N GLY M 166 52.56 63.41 -2.49
CA GLY M 166 51.26 63.32 -3.12
C GLY M 166 50.52 62.06 -2.70
N ASN M 167 49.29 61.95 -3.25
CA ASN M 167 48.45 60.80 -2.94
C ASN M 167 49.08 59.50 -3.40
N THR M 168 49.34 59.40 -4.70
CA THR M 168 49.93 58.20 -5.27
C THR M 168 51.46 58.35 -5.33
N LEU M 169 52.12 57.34 -5.89
CA LEU M 169 53.57 57.34 -6.03
C LEU M 169 53.92 57.94 -7.38
N THR M 170 54.15 59.25 -7.40
CA THR M 170 54.50 59.95 -8.63
C THR M 170 55.31 61.18 -8.27
N TYR M 171 56.24 61.55 -9.16
CA TYR M 171 57.15 62.66 -8.94
C TYR M 171 56.78 63.80 -9.88
N TYR M 172 56.48 64.96 -9.30
CA TYR M 172 56.15 66.15 -10.07
C TYR M 172 57.32 67.12 -10.09
N ARG M 173 57.22 68.12 -10.96
CA ARG M 173 58.23 69.16 -11.09
C ARG M 173 57.73 70.46 -10.47
N ARG M 174 58.66 71.21 -9.89
CA ARG M 174 58.38 72.53 -9.34
C ARG M 174 59.18 73.57 -10.10
N PRO M 175 58.54 74.52 -10.77
CA PRO M 175 59.30 75.50 -11.55
C PRO M 175 60.12 76.43 -10.66
N TRP M 176 61.16 77.01 -11.26
CA TRP M 176 62.04 77.91 -10.53
C TRP M 176 61.32 79.18 -10.09
N ASN M 177 60.20 79.52 -10.73
CA ASN M 177 59.43 80.69 -10.31
C ASN M 177 58.61 80.40 -9.06
N VAL M 178 58.12 79.18 -8.90
CA VAL M 178 57.36 78.81 -7.70
C VAL M 178 58.35 78.43 -6.61
N ALA M 179 58.31 79.17 -5.50
CA ALA M 179 59.29 78.95 -4.43
C ALA M 179 58.97 77.69 -3.64
N SER M 180 57.69 77.40 -3.42
CA SER M 180 57.30 76.27 -2.59
C SER M 180 55.93 75.78 -3.00
N LEU M 181 55.67 74.49 -2.79
CA LEU M 181 54.36 73.90 -3.00
C LEU M 181 54.23 72.70 -2.07
N ILE M 182 53.12 72.66 -1.32
CA ILE M 182 52.86 71.57 -0.39
C ILE M 182 51.61 70.83 -0.86
N TYR M 183 51.51 69.57 -0.45
CA TYR M 183 50.38 68.71 -0.81
C TYR M 183 49.53 68.36 0.41
N GLU M 184 49.49 69.24 1.39
CA GLU M 184 48.70 69.00 2.60
C GLU M 184 47.22 68.96 2.27
N THR M 185 46.57 67.86 2.62
CA THR M 185 45.14 67.67 2.34
C THR M 185 44.30 68.07 3.55
N LYS M 186 44.47 69.33 3.97
CA LYS M 186 43.73 69.85 5.10
C LYS M 186 42.24 69.89 4.77
N GLY M 187 41.41 69.78 5.82
CA GLY M 187 39.97 69.83 5.65
C GLY M 187 39.23 70.09 6.95
N GLU M 188 38.30 71.04 6.94
CA GLU M 188 37.55 71.37 8.13
C GLU M 188 36.15 71.81 7.73
N LYS M 189 35.24 71.77 8.71
CA LYS M 189 33.86 72.18 8.52
C LYS M 189 33.26 72.53 9.87
N ASN M 190 32.20 73.33 9.85
CA ASN M 190 31.55 73.79 11.08
C ASN M 190 30.05 73.56 10.99
N PHE M 191 29.41 73.57 12.14
CA PHE M 191 27.99 73.62 12.19
C PHE M 191 27.60 74.53 13.30
N ARG M 192 26.38 75.02 13.19
CA ARG M 192 25.80 75.88 14.21
C ARG M 192 24.29 75.88 14.07
N THR M 193 23.61 76.24 15.15
CA THR M 193 22.16 76.41 15.15
C THR M 193 21.77 77.15 16.43
N GLU M 194 20.60 77.78 16.39
CA GLU M 194 20.10 78.53 17.53
C GLU M 194 18.58 78.57 17.45
N HIS M 195 17.96 79.05 18.53
CA HIS M 195 16.51 79.17 18.60
C HIS M 195 16.13 80.38 19.44
N TYR M 196 15.16 81.15 18.93
CA TYR M 196 14.61 82.30 19.63
C TYR M 196 13.12 82.08 19.83
N GLU M 197 12.61 82.54 20.96
CA GLU M 197 11.20 82.38 21.29
C GLU M 197 10.70 83.60 22.04
N GLU M 198 9.52 84.07 21.65
CA GLU M 198 8.89 85.22 22.30
C GLU M 198 7.38 84.98 22.36
N GLN M 199 6.79 85.30 23.51
CA GLN M 199 5.36 85.10 23.72
C GLN M 199 4.87 86.12 24.73
N ILE M 200 3.69 86.67 24.48
CA ILE M 200 3.06 87.61 25.40
C ILE M 200 1.55 87.41 25.34
N GLU M 201 0.91 87.47 26.51
CA GLU M 201 -0.54 87.33 26.61
C GLU M 201 -1.04 88.26 27.71
N ALA M 202 -2.21 88.85 27.49
CA ALA M 202 -2.81 89.77 28.44
C ALA M 202 -4.33 89.61 28.41
N PHE M 203 -4.93 89.45 29.58
CA PHE M 203 -6.37 89.31 29.71
C PHE M 203 -6.90 90.43 30.58
N LYS M 204 -8.04 91.02 30.17
CA LYS M 204 -8.67 92.10 30.91
C LYS M 204 -10.18 91.93 30.88
N SER M 205 -10.82 92.12 32.03
CA SER M 205 -12.26 92.02 32.15
C SER M 205 -12.74 93.05 33.17
N ILE M 206 -13.75 93.82 32.79
CA ILE M 206 -14.33 94.85 33.65
C ILE M 206 -15.84 94.74 33.58
N ILE M 207 -16.49 94.74 34.74
CA ILE M 207 -17.95 94.61 34.84
C ILE M 207 -18.46 95.66 35.81
N GLN M 208 -19.62 96.25 35.49
CA GLN M 208 -20.25 97.26 36.31
C GLN M 208 -21.72 96.89 36.52
N GLU M 209 -22.24 97.19 37.70
CA GLU M 209 -23.62 96.88 38.04
C GLU M 209 -24.16 97.96 38.95
N LYS M 210 -25.31 98.53 38.58
CA LYS M 210 -25.97 99.57 39.38
C LYS M 210 -27.47 99.37 39.29
N THR M 211 -28.15 99.55 40.43
CA THR M 211 -29.59 99.39 40.51
C THR M 211 -30.17 100.55 41.32
N SER M 212 -31.28 101.10 40.83
CA SER M 212 -31.92 102.24 41.47
C SER M 212 -33.42 102.01 41.56
N ASN M 213 -33.98 102.25 42.75
CA ASN M 213 -35.41 102.11 43.00
C ASN M 213 -35.85 103.19 43.96
N PHE M 214 -37.07 103.69 43.76
CA PHE M 214 -37.62 104.77 44.58
C PHE M 214 -39.09 104.52 44.86
N ASN M 215 -39.54 104.98 46.02
CA ASN M 215 -40.93 104.85 46.44
C ASN M 215 -41.44 106.21 46.91
N ALA M 216 -42.74 106.46 46.69
CA ALA M 216 -43.36 107.70 47.15
C ALA M 216 -44.85 107.45 47.32
N ALA M 217 -45.30 107.38 48.57
CA ALA M 217 -46.70 107.15 48.89
C ALA M 217 -47.15 108.14 49.95
N ILE M 218 -48.23 108.86 49.65
CA ILE M 218 -48.82 109.83 50.59
C ILE M 218 -50.33 109.80 50.41
N SER M 219 -51.06 109.71 51.53
CA SER M 219 -52.51 109.66 51.52
C SER M 219 -53.07 110.76 52.42
N LEU M 220 -54.16 111.38 51.96
CA LEU M 220 -54.78 112.48 52.69
C LEU M 220 -56.30 112.31 52.64
N LYS M 221 -56.93 112.28 53.80
CA LYS M 221 -58.37 112.17 53.91
C LYS M 221 -58.88 113.11 54.99
N PHE M 222 -60.06 113.69 54.75
CA PHE M 222 -60.61 114.69 55.66
C PHE M 222 -62.08 114.38 55.90
N THR M 223 -62.49 114.40 57.16
CA THR M 223 -63.88 114.18 57.54
C THR M 223 -64.19 114.92 58.85
N PRO M 224 -64.95 116.03 58.79
CA PRO M 224 -65.30 116.78 60.00
C PRO M 224 -66.42 116.13 60.80
N SER M 242 -73.19 117.15 55.65
CA SER M 242 -72.16 116.11 55.65
C SER M 242 -71.01 116.49 54.72
N LEU M 243 -69.79 116.15 55.14
CA LEU M 243 -68.59 116.45 54.37
C LEU M 243 -67.61 115.30 54.53
N HIS M 244 -67.06 114.84 53.40
CA HIS M 244 -66.11 113.74 53.40
C HIS M 244 -65.05 113.99 52.33
N GLY M 245 -63.84 113.51 52.61
CA GLY M 245 -62.74 113.64 51.66
C GLY M 245 -61.74 112.51 51.80
N LYS M 246 -61.16 112.08 50.68
CA LYS M 246 -60.18 111.00 50.71
C LYS M 246 -59.32 111.07 49.46
N GLY M 247 -58.00 111.04 49.66
CA GLY M 247 -57.06 111.05 48.56
C GLY M 247 -55.78 110.31 48.89
N SER M 248 -55.23 109.57 47.93
CA SER M 248 -54.03 108.78 48.15
C SER M 248 -53.15 108.86 46.91
N PHE M 249 -51.85 109.08 47.14
CA PHE M 249 -50.87 109.14 46.07
C PHE M 249 -49.95 107.92 46.16
N ARG M 250 -49.58 107.39 45.00
CA ARG M 250 -48.64 106.27 44.93
C ARG M 250 -47.66 106.53 43.79
N PHE M 251 -46.42 106.08 43.98
CA PHE M 251 -45.37 106.33 43.00
C PHE M 251 -44.31 105.23 43.12
N SER M 252 -43.76 104.83 41.97
CA SER M 252 -42.76 103.78 41.93
C SER M 252 -41.65 104.18 40.95
N TYR M 253 -40.55 103.45 40.99
CA TYR M 253 -39.40 103.73 40.13
C TYR M 253 -38.57 102.47 40.00
N SER M 254 -38.06 102.22 38.79
CA SER M 254 -37.25 101.04 38.53
C SER M 254 -36.11 101.42 37.59
N LYS M 255 -34.91 100.92 37.90
CA LYS M 255 -33.73 101.26 37.11
C LYS M 255 -32.56 100.33 37.42
N ASN M 256 -31.90 99.83 36.37
CA ASN M 256 -30.62 99.17 36.56
C ASN M 256 -29.81 99.32 35.28
N GLU M 257 -28.49 99.38 35.42
CA GLU M 257 -27.59 99.54 34.27
C GLU M 257 -26.37 98.65 34.49
N THR M 258 -26.28 97.57 33.72
CA THR M 258 -25.16 96.64 33.80
C THR M 258 -24.20 96.91 32.65
N TYR M 259 -22.92 97.09 32.99
CA TYR M 259 -21.87 97.31 31.99
C TYR M 259 -20.89 96.15 32.03
N GLN M 260 -20.36 95.81 30.86
CA GLN M 260 -19.41 94.71 30.74
C GLN M 260 -18.31 95.09 29.76
N LEU M 261 -17.06 94.76 30.12
CA LEU M 261 -15.90 95.04 29.29
C LEU M 261 -14.99 93.83 29.30
N PHE M 262 -14.41 93.54 28.14
CA PHE M 262 -13.48 92.42 28.00
C PHE M 262 -12.41 92.78 26.99
N LEU M 263 -11.16 92.49 27.32
CA LEU M 263 -10.03 92.79 26.46
C LEU M 263 -9.01 91.67 26.56
N SER M 264 -8.44 91.29 25.42
CA SER M 264 -7.46 90.22 25.35
C SER M 264 -6.38 90.58 24.35
N TYR M 265 -5.15 90.14 24.64
CA TYR M 265 -4.00 90.41 23.81
C TYR M 265 -3.09 89.18 23.80
N SER M 266 -2.53 88.89 22.62
CA SER M 266 -1.65 87.74 22.48
C SER M 266 -0.74 87.94 21.28
N SER M 267 0.53 87.55 21.43
CA SER M 267 1.48 87.65 20.35
C SER M 267 2.60 86.64 20.58
N LYS M 268 3.09 86.05 19.50
CA LYS M 268 4.15 85.06 19.57
C LYS M 268 5.15 85.32 18.44
N LYS M 269 6.44 85.17 18.74
CA LYS M 269 7.49 85.38 17.77
C LYS M 269 8.56 84.31 17.92
N GLU M 270 9.11 83.87 16.79
CA GLU M 270 10.15 82.86 16.76
C GLU M 270 11.14 83.18 15.66
N LYS M 271 12.41 82.88 15.90
CA LYS M 271 13.46 83.18 14.94
C LYS M 271 14.55 82.13 15.05
N MET M 272 15.08 81.71 13.91
CA MET M 272 16.16 80.74 13.85
C MET M 272 17.13 81.12 12.73
N PHE M 273 18.40 81.25 13.08
CA PHE M 273 19.44 81.60 12.12
C PHE M 273 20.65 80.71 12.36
N LEU M 274 21.22 80.18 11.29
CA LEU M 274 22.40 79.32 11.40
C LEU M 274 23.13 79.31 10.08
N HIS M 275 24.44 79.11 10.14
CA HIS M 275 25.29 79.05 8.97
C HIS M 275 26.36 77.98 9.15
N VAL M 276 26.65 77.25 8.08
CA VAL M 276 27.67 76.21 8.10
C VAL M 276 28.52 76.36 6.85
N LYS M 277 29.76 75.88 6.94
CA LYS M 277 30.70 75.97 5.83
C LYS M 277 31.77 74.90 5.97
N GLY M 278 32.23 74.40 4.84
CA GLY M 278 33.28 73.40 4.83
C GLY M 278 34.13 73.52 3.58
N GLU M 279 35.41 73.22 3.73
CA GLU M 279 36.36 73.32 2.62
C GLU M 279 37.27 72.11 2.62
N ILE M 280 37.58 71.62 1.43
CA ILE M 280 38.51 70.51 1.24
C ILE M 280 39.77 71.09 0.59
N HIS M 281 40.79 71.34 1.40
CA HIS M 281 42.04 71.88 0.89
C HIS M 281 42.83 70.80 0.17
N LEU M 282 43.45 71.18 -0.96
CA LEU M 282 44.21 70.25 -1.78
C LEU M 282 45.71 70.53 -1.69
N GLY M 283 46.14 71.74 -2.01
CA GLY M 283 47.53 72.08 -1.96
C GLY M 283 47.74 73.57 -1.80
N ARG M 284 48.94 73.94 -1.37
CA ARG M 284 49.28 75.32 -1.10
C ARG M 284 50.64 75.63 -1.71
N PHE M 285 50.76 76.83 -2.24
CA PHE M 285 51.99 77.27 -2.90
C PHE M 285 52.30 78.71 -2.48
N VAL M 286 53.57 79.07 -2.58
CA VAL M 286 54.04 80.41 -2.25
C VAL M 286 54.94 80.86 -3.39
N MET M 287 54.50 81.86 -4.15
CA MET M 287 55.28 82.37 -5.27
C MET M 287 56.51 83.12 -4.76
N ARG M 288 57.65 82.87 -5.41
CA ARG M 288 58.87 83.61 -5.09
C ARG M 288 58.68 85.09 -5.41
N ASN M 289 59.03 85.95 -4.45
CA ASN M 289 58.73 87.37 -4.60
C ASN M 289 59.66 88.03 -5.60
N ARG M 290 60.97 87.92 -5.40
CA ARG M 290 61.95 88.53 -6.28
C ARG M 290 62.69 87.45 -7.06
N ASP M 291 63.52 87.89 -8.01
CA ASP M 291 64.22 86.99 -8.93
C ASP M 291 63.21 86.13 -9.70
N VAL M 292 62.26 86.82 -10.32
CA VAL M 292 61.11 86.20 -10.97
C VAL M 292 61.24 86.35 -12.48
N VAL M 293 60.91 85.29 -13.20
CA VAL M 293 60.87 85.31 -14.66
C VAL M 293 59.44 85.59 -15.10
N LEU M 294 59.31 86.24 -16.25
CA LEU M 294 58.01 86.68 -16.74
C LEU M 294 57.76 86.11 -18.13
N THR M 295 56.50 86.12 -18.54
CA THR M 295 56.13 85.61 -19.85
C THR M 295 56.38 86.66 -20.93
N THR M 296 56.47 86.18 -22.18
CA THR M 296 56.80 87.06 -23.29
C THR M 296 55.74 88.13 -23.51
N THR M 297 54.46 87.78 -23.29
CA THR M 297 53.39 88.75 -23.52
C THR M 297 53.42 89.87 -22.48
N PHE M 298 53.59 89.51 -21.22
CA PHE M 298 53.66 90.52 -20.17
C PHE M 298 54.91 91.38 -20.32
N VAL M 299 56.03 90.77 -20.70
CA VAL M 299 57.25 91.53 -20.93
C VAL M 299 57.07 92.52 -22.08
N ASP M 300 56.41 92.07 -23.16
CA ASP M 300 56.15 92.97 -24.29
C ASP M 300 55.21 94.09 -23.90
N ASP M 301 54.22 93.80 -23.05
CA ASP M 301 53.30 94.83 -22.59
C ASP M 301 54.00 95.86 -21.71
N ILE M 302 54.90 95.40 -20.83
CA ILE M 302 55.63 96.33 -19.98
C ILE M 302 56.64 97.14 -20.81
N LYS M 303 57.20 96.54 -21.85
CA LYS M 303 58.12 97.29 -22.71
C LYS M 303 57.38 98.35 -23.51
N ALA M 304 56.22 98.00 -24.07
CA ALA M 304 55.37 98.98 -24.76
C ALA M 304 54.38 99.57 -23.76
N LEU M 305 54.92 100.41 -22.87
CA LEU M 305 54.17 101.02 -21.79
C LEU M 305 54.64 102.46 -21.63
N PRO M 306 53.70 103.40 -21.46
CA PRO M 306 54.10 104.81 -21.33
C PRO M 306 54.80 105.12 -20.02
N THR M 307 55.26 106.36 -19.86
CA THR M 307 55.98 106.76 -18.66
C THR M 307 55.56 108.14 -18.16
N THR M 308 54.48 108.71 -18.68
CA THR M 308 54.03 110.05 -18.31
C THR M 308 52.67 110.00 -17.62
N TYR M 309 52.43 108.94 -16.85
CA TYR M 309 51.19 108.75 -16.09
C TYR M 309 49.98 108.77 -17.02
N GLU M 310 49.93 107.77 -17.90
CA GLU M 310 48.78 107.59 -18.80
C GLU M 310 47.74 106.73 -18.09
N LYS M 311 46.85 107.39 -17.36
CA LYS M 311 45.78 106.68 -16.65
C LYS M 311 44.89 105.90 -17.60
N GLY M 312 44.72 106.39 -18.83
CA GLY M 312 43.86 105.70 -19.78
C GLY M 312 44.36 104.31 -20.13
N GLU M 313 45.62 104.21 -20.55
CA GLU M 313 46.19 102.91 -20.86
C GLU M 313 46.43 102.09 -19.60
N TYR M 314 46.75 102.75 -18.48
CA TYR M 314 46.97 102.02 -17.23
C TYR M 314 45.68 101.39 -16.73
N PHE M 315 44.55 102.08 -16.90
CA PHE M 315 43.27 101.50 -16.50
C PHE M 315 42.92 100.28 -17.35
N ALA M 316 43.31 100.29 -18.63
CA ALA M 316 43.09 99.12 -19.48
C ALA M 316 44.00 97.97 -19.05
N PHE M 317 45.28 98.26 -18.82
CA PHE M 317 46.22 97.24 -18.36
C PHE M 317 45.77 96.65 -17.03
N LEU M 318 45.16 97.46 -16.16
CA LEU M 318 44.71 96.97 -14.87
C LEU M 318 43.60 95.95 -15.02
N GLU M 319 42.60 96.25 -15.85
CA GLU M 319 41.53 95.30 -16.12
C GLU M 319 42.04 94.08 -16.88
N THR M 320 43.11 94.25 -17.66
CA THR M 320 43.61 93.15 -18.47
C THR M 320 44.38 92.14 -17.61
N TYR M 321 45.26 92.62 -16.73
CA TYR M 321 46.13 91.76 -15.95
C TYR M 321 45.87 91.88 -14.45
N GLY M 322 44.65 92.20 -14.06
CA GLY M 322 44.31 92.25 -12.65
C GLY M 322 44.90 93.45 -11.93
N THR M 323 44.51 93.67 -10.68
CA THR M 323 45.03 94.77 -9.89
C THR M 323 46.26 94.36 -9.07
N HIS M 324 46.24 93.18 -8.49
CA HIS M 324 47.36 92.67 -7.69
C HIS M 324 47.35 91.15 -7.75
N TYR M 325 48.55 90.57 -7.81
CA TYR M 325 48.68 89.14 -7.99
C TYR M 325 48.69 88.43 -6.64
N SER M 326 48.75 87.10 -6.69
CA SER M 326 48.72 86.27 -5.50
C SER M 326 50.14 85.87 -5.11
N SER M 327 50.55 86.23 -3.89
CA SER M 327 51.82 85.76 -3.36
C SER M 327 51.76 84.31 -2.93
N SER M 328 50.59 83.86 -2.44
CA SER M 328 50.41 82.48 -2.03
C SER M 328 48.93 82.11 -2.17
N GLY M 329 48.67 80.95 -2.73
CA GLY M 329 47.30 80.49 -2.91
C GLY M 329 46.99 79.22 -2.16
N SER M 330 45.80 78.65 -2.40
CA SER M 330 45.37 77.42 -1.73
C SER M 330 44.42 76.69 -2.66
N LEU M 331 44.93 75.68 -3.35
CA LEU M 331 44.11 74.90 -4.27
C LEU M 331 43.17 73.98 -3.51
N GLY M 332 41.97 73.78 -4.05
CA GLY M 332 40.98 72.95 -3.40
C GLY M 332 39.55 73.32 -3.78
N GLY M 333 38.71 73.55 -2.78
CA GLY M 333 37.34 73.95 -3.00
C GLY M 333 36.53 73.99 -1.72
N LEU M 334 35.56 74.89 -1.63
CA LEU M 334 34.73 75.05 -0.44
C LEU M 334 33.26 75.02 -0.81
N TYR M 335 32.44 74.65 0.17
CA TYR M 335 30.99 74.62 0.01
C TYR M 335 30.35 75.07 1.31
N GLU M 336 29.18 75.70 1.19
CA GLU M 336 28.47 76.20 2.36
C GLU M 336 26.99 76.35 2.02
N LEU M 337 26.14 76.10 3.01
CA LEU M 337 24.71 76.27 2.88
C LEU M 337 24.17 76.98 4.12
N ILE M 338 23.25 77.92 3.92
CA ILE M 338 22.69 78.72 5.00
C ILE M 338 21.19 78.82 4.79
N TYR M 339 20.42 78.59 5.83
CA TYR M 339 19.08 79.08 5.75
C TYR M 339 18.50 79.55 7.05
N VAL M 340 17.60 80.49 6.90
CA VAL M 340 17.13 81.38 7.95
C VAL M 340 15.64 81.18 8.14
N LEU M 341 15.18 81.32 9.39
CA LEU M 341 13.77 81.19 9.72
C LEU M 341 13.37 82.33 10.66
N ASP M 342 12.18 82.86 10.43
CA ASP M 342 11.64 83.94 11.25
C ASP M 342 10.12 83.80 11.33
N LYS M 343 9.58 83.96 12.54
CA LYS M 343 8.16 83.79 12.78
C LYS M 343 7.65 84.94 13.63
N ALA M 344 6.43 85.40 13.34
CA ALA M 344 5.80 86.46 14.09
C ALA M 344 4.29 86.27 14.07
N SER M 345 3.65 86.57 15.20
CA SER M 345 2.21 86.41 15.32
C SER M 345 1.67 87.47 16.28
N MET M 346 0.41 87.86 16.07
CA MET M 346 -0.24 88.85 16.91
C MET M 346 -1.74 88.56 16.95
N LYS M 347 -2.30 88.66 18.15
CA LYS M 347 -3.74 88.44 18.36
C LYS M 347 -4.26 89.48 19.34
N ARG M 348 -5.37 90.11 19.00
CA ARG M 348 -5.98 91.14 19.85
C ARG M 348 -7.48 90.92 19.89
N LYS M 349 -8.05 90.94 21.09
CA LYS M 349 -9.48 90.70 21.27
C LYS M 349 -10.05 91.72 22.25
N GLY M 350 -11.22 92.27 21.90
CA GLY M 350 -11.92 93.20 22.77
C GLY M 350 -13.42 93.04 22.67
N VAL M 351 -14.10 92.86 23.80
CA VAL M 351 -15.53 92.63 23.84
C VAL M 351 -16.15 93.62 24.80
N GLU M 352 -17.24 94.25 24.38
CA GLU M 352 -17.96 95.23 25.19
C GLU M 352 -19.46 94.95 25.13
N LEU M 353 -20.11 94.99 26.29
CA LEU M 353 -21.53 94.78 26.39
C LEU M 353 -22.13 95.82 27.32
N LYS M 354 -23.26 96.41 26.91
CA LYS M 354 -23.91 97.46 27.67
C LYS M 354 -25.41 97.25 27.64
N ASP M 355 -26.03 97.21 28.82
CA ASP M 355 -27.47 97.02 28.95
C ASP M 355 -28.00 97.91 30.06
N ILE M 356 -29.07 98.65 29.78
CA ILE M 356 -29.67 99.57 30.73
C ILE M 356 -31.18 99.40 30.67
N LYS M 357 -31.83 99.34 31.84
CA LYS M 357 -33.27 99.32 31.95
C LYS M 357 -33.71 100.36 32.98
N ARG M 358 -34.70 101.16 32.62
CA ARG M 358 -35.26 102.17 33.51
C ARG M 358 -36.77 102.18 33.32
N CYS M 359 -37.52 102.11 34.43
CA CYS M 359 -38.97 102.13 34.36
C CYS M 359 -39.53 103.02 35.45
N LEU M 360 -40.74 103.54 35.20
CA LEU M 360 -41.39 104.48 36.09
C LEU M 360 -42.80 104.00 36.39
N GLY M 361 -43.25 104.23 37.63
CA GLY M 361 -44.60 103.85 38.04
C GLY M 361 -45.27 104.92 38.88
N TYR M 362 -46.54 105.21 38.58
CA TYR M 362 -47.29 106.23 39.30
C TYR M 362 -48.75 105.81 39.39
N HIS M 363 -49.33 106.02 40.57
CA HIS M 363 -50.74 105.71 40.81
C HIS M 363 -51.38 106.84 41.59
N LEU M 364 -52.51 107.33 41.08
CA LEU M 364 -53.26 108.41 41.70
C LEU M 364 -54.71 107.97 41.87
N ASP M 365 -55.23 108.07 43.09
CA ASP M 365 -56.60 107.69 43.39
C ASP M 365 -57.17 108.70 44.39
N VAL M 366 -58.27 109.35 44.01
CA VAL M 366 -58.94 110.32 44.86
C VAL M 366 -60.43 110.02 44.82
N SER M 367 -61.05 109.93 45.99
CA SER M 367 -62.49 109.66 46.10
C SER M 367 -63.10 110.64 47.09
N LEU M 368 -64.20 111.27 46.69
CA LEU M 368 -64.86 112.26 47.50
C LEU M 368 -66.31 111.86 47.73
N ALA M 369 -66.82 112.11 48.94
CA ALA M 369 -68.20 111.65 49.25
C ALA M 369 -69.08 112.78 49.80
N PHE M 370 -70.26 112.94 49.19
CA PHE M 370 -71.31 113.89 49.65
C PHE M 370 -72.21 113.16 50.65
N SER M 371 -73.25 113.84 51.17
CA SER M 371 -74.32 113.09 51.87
C SER M 371 -74.96 112.13 50.85
N GLU M 372 -75.25 112.63 49.65
CA GLU M 372 -75.82 111.82 48.54
C GLU M 372 -74.94 112.02 47.30
N ILE M 373 -73.75 112.63 47.49
CA ILE M 373 -72.85 112.97 46.39
C ILE M 373 -71.61 112.13 46.52
N SER M 374 -71.14 111.57 45.40
CA SER M 374 -69.94 110.75 45.38
C SER M 374 -69.09 111.15 44.18
N VAL M 375 -67.81 111.39 44.42
CA VAL M 375 -66.86 111.78 43.38
C VAL M 375 -65.67 110.84 43.43
N GLY M 376 -65.22 110.40 42.27
CA GLY M 376 -64.09 109.49 42.19
C GLY M 376 -63.08 109.94 41.16
N ALA M 377 -61.84 109.51 41.35
CA ALA M 377 -60.75 109.85 40.44
C ALA M 377 -59.68 108.78 40.54
N GLU M 378 -59.18 108.32 39.39
CA GLU M 378 -58.13 107.31 39.34
C GLU M 378 -57.24 107.59 38.15
N PHE M 379 -55.99 107.97 38.42
CA PHE M 379 -54.99 108.25 37.39
C PHE M 379 -53.78 107.36 37.61
N ASN M 380 -53.43 106.56 36.61
CA ASN M 380 -52.31 105.64 36.70
C ASN M 380 -51.37 105.85 35.54
N LYS M 381 -50.07 105.92 35.82
CA LYS M 381 -49.05 106.15 34.81
C LYS M 381 -47.98 105.07 34.92
N ASP M 382 -47.58 104.52 33.77
CA ASP M 382 -46.56 103.49 33.72
C ASP M 382 -45.71 103.69 32.47
N ASP M 383 -44.39 103.67 32.64
CA ASP M 383 -43.48 103.86 31.52
C ASP M 383 -42.15 103.21 31.85
N CYS M 384 -41.67 102.34 30.96
CA CYS M 384 -40.38 101.68 31.12
C CYS M 384 -39.51 101.96 29.90
N VAL M 385 -38.19 101.93 30.10
CA VAL M 385 -37.22 102.17 29.05
C VAL M 385 -36.10 101.16 29.18
N LYS M 386 -35.68 100.60 28.04
CA LYS M 386 -34.58 99.65 27.99
C LYS M 386 -33.54 100.10 26.97
N ARG M 387 -32.27 99.86 27.28
CA ARG M 387 -31.17 100.22 26.39
C ARG M 387 -30.22 99.03 26.26
N GLY M 388 -29.68 98.86 25.06
CA GLY M 388 -28.76 97.76 24.80
C GLY M 388 -27.66 98.14 23.84
N GLU M 389 -26.44 97.63 24.08
CA GLU M 389 -25.31 97.92 23.22
C GLU M 389 -24.31 96.79 23.32
N GLY M 390 -23.74 96.41 22.18
CA GLY M 390 -22.73 95.37 22.14
C GLY M 390 -21.59 95.69 21.18
N ARG M 391 -20.37 95.36 21.58
CA ARG M 391 -19.18 95.64 20.77
C ARG M 391 -18.22 94.47 20.87
N ALA M 392 -17.58 94.13 19.75
CA ALA M 392 -16.61 93.05 19.71
C ALA M 392 -15.49 93.41 18.75
N VAL M 393 -14.27 93.00 19.11
CA VAL M 393 -13.08 93.23 18.29
C VAL M 393 -12.26 91.95 18.27
N ASN M 394 -11.99 91.42 17.09
CA ASN M 394 -11.28 90.14 16.93
C ASN M 394 -10.37 90.27 15.72
N ILE M 395 -9.07 90.43 15.97
CA ILE M 395 -8.09 90.68 14.90
C ILE M 395 -6.86 89.82 15.16
N THR M 396 -6.53 88.97 14.20
CA THR M 396 -5.36 88.10 14.25
C THR M 396 -4.40 88.47 13.13
N SER M 397 -3.10 88.45 13.44
CA SER M 397 -2.07 88.77 12.47
C SER M 397 -0.88 87.83 12.68
N GLU M 398 -0.31 87.35 11.57
CA GLU M 398 0.83 86.45 11.61
C GLU M 398 1.77 86.76 10.46
N ASN M 399 3.07 86.69 10.73
CA ASN M 399 4.10 86.96 9.73
C ASN M 399 5.19 85.90 9.80
N LEU M 400 5.66 85.47 8.64
CA LEU M 400 6.73 84.47 8.53
C LEU M 400 7.75 84.94 7.52
N ILE M 401 9.02 84.65 7.79
CA ILE M 401 10.13 85.04 6.92
C ILE M 401 11.15 83.91 6.89
N ASP M 402 11.49 83.44 5.70
CA ASP M 402 12.48 82.39 5.51
C ASP M 402 13.43 82.77 4.38
N ASP M 403 14.72 82.49 4.59
CA ASP M 403 15.74 82.76 3.58
C ASP M 403 16.75 81.63 3.59
N VAL M 404 17.02 81.06 2.42
CA VAL M 404 17.97 79.96 2.28
C VAL M 404 18.95 80.31 1.17
N VAL M 405 20.25 80.09 1.43
CA VAL M 405 21.29 80.30 0.43
C VAL M 405 22.32 79.18 0.56
N SER M 406 22.93 78.83 -0.57
CA SER M 406 23.92 77.77 -0.61
C SER M 406 24.76 77.92 -1.88
N LEU M 407 25.97 77.38 -1.83
CA LEU M 407 26.90 77.47 -2.95
C LEU M 407 27.89 76.32 -2.88
N ILE M 408 28.51 76.03 -4.03
CA ILE M 408 29.51 74.97 -4.14
C ILE M 408 30.37 75.26 -5.35
N ARG M 409 31.59 74.75 -5.35
CA ARG M 409 32.52 74.97 -6.45
C ARG M 409 33.64 73.94 -6.38
N GLY M 410 34.25 73.68 -7.53
CA GLY M 410 35.40 72.80 -7.62
C GLY M 410 35.04 71.42 -8.14
N GLY M 411 36.06 70.72 -8.63
CA GLY M 411 35.91 69.36 -9.11
C GLY M 411 35.27 69.29 -10.48
N THR M 412 35.09 68.05 -10.95
CA THR M 412 34.37 67.84 -12.20
C THR M 412 32.90 68.16 -12.02
N ARG M 413 32.22 68.44 -13.15
CA ARG M 413 30.83 68.86 -13.07
C ARG M 413 29.90 67.72 -12.70
N LYS M 414 30.29 66.48 -13.00
CA LYS M 414 29.44 65.33 -12.67
C LYS M 414 29.39 65.11 -11.16
N TYR M 415 30.55 64.90 -10.54
CA TYR M 415 30.57 64.53 -9.12
C TYR M 415 30.25 65.72 -8.23
N ALA M 416 30.49 66.95 -8.69
CA ALA M 416 30.24 68.11 -7.84
C ALA M 416 28.76 68.30 -7.59
N PHE M 417 27.95 68.37 -8.64
CA PHE M 417 26.52 68.62 -8.48
C PHE M 417 25.76 67.39 -8.04
N GLU M 418 26.35 66.20 -8.16
CA GLU M 418 25.76 65.02 -7.53
C GLU M 418 25.79 65.15 -6.00
N LEU M 419 26.81 65.81 -5.47
CA LEU M 419 26.82 66.12 -4.04
C LEU M 419 25.83 67.23 -3.71
N LYS M 420 25.67 68.18 -4.63
CA LYS M 420 24.78 69.32 -4.38
C LYS M 420 23.33 68.89 -4.28
N GLU M 421 22.90 67.98 -5.16
CA GLU M 421 21.50 67.56 -5.16
C GLU M 421 21.14 66.78 -3.90
N LYS M 422 22.07 65.95 -3.41
CA LYS M 422 21.81 65.16 -2.21
C LYS M 422 22.03 65.94 -0.93
N LEU M 423 22.81 67.02 -0.98
CA LEU M 423 23.01 67.84 0.22
C LEU M 423 21.78 68.71 0.50
N LEU M 424 21.18 69.27 -0.54
CA LEU M 424 20.04 70.18 -0.39
C LEU M 424 18.80 69.36 -0.05
N ARG M 425 18.42 69.38 1.23
CA ARG M 425 17.21 68.72 1.74
C ARG M 425 17.21 67.22 1.48
N GLY M 426 18.38 66.62 1.27
CA GLY M 426 18.45 65.18 1.06
C GLY M 426 18.35 64.41 2.35
N THR M 427 19.02 64.89 3.40
CA THR M 427 19.05 64.34 4.76
C THR M 427 19.70 62.96 4.82
N VAL M 428 20.17 62.41 3.71
CA VAL M 428 20.82 61.10 3.68
C VAL M 428 22.10 61.28 2.86
N ILE M 429 23.23 61.43 3.54
CA ILE M 429 24.52 61.56 2.87
C ILE M 429 25.12 60.18 2.66
N ASP M 430 25.71 59.97 1.48
CA ASP M 430 26.32 58.70 1.12
C ASP M 430 27.78 58.66 1.56
N VAL M 431 28.33 57.45 1.55
CA VAL M 431 29.75 57.29 1.85
C VAL M 431 30.61 57.37 0.58
N THR M 432 30.08 56.91 -0.56
CA THR M 432 30.86 56.90 -1.79
C THR M 432 30.87 58.25 -2.50
N ASP M 433 29.82 59.05 -2.32
CA ASP M 433 29.75 60.33 -3.02
C ASP M 433 30.82 61.29 -2.53
N PHE M 434 31.19 61.23 -1.25
CA PHE M 434 32.24 62.10 -0.74
C PHE M 434 33.60 61.68 -1.30
N VAL M 435 33.83 60.38 -1.45
CA VAL M 435 35.08 59.93 -2.07
C VAL M 435 35.12 60.32 -3.54
N ASN M 436 33.98 60.25 -4.22
CA ASN M 436 33.91 60.72 -5.61
C ASN M 436 34.20 62.21 -5.70
N TRP M 437 33.64 62.99 -4.77
CA TRP M 437 33.93 64.43 -4.73
C TRP M 437 35.41 64.69 -4.47
N ALA M 438 36.02 63.89 -3.59
CA ALA M 438 37.45 64.05 -3.31
C ALA M 438 38.28 63.78 -4.56
N SER M 439 37.99 62.69 -5.26
CA SER M 439 38.72 62.39 -6.49
C SER M 439 38.47 63.46 -7.55
N SER M 440 37.25 63.97 -7.63
CA SER M 440 36.92 64.99 -8.61
C SER M 440 37.67 66.29 -8.33
N ILE M 441 37.76 66.69 -7.06
CA ILE M 441 38.47 67.92 -6.74
C ILE M 441 39.98 67.72 -6.82
N ASN M 442 40.45 66.47 -6.66
CA ASN M 442 41.85 66.18 -6.96
C ASN M 442 42.11 66.34 -8.45
N ASP M 443 41.14 65.96 -9.29
CA ASP M 443 41.28 66.18 -10.72
C ASP M 443 41.27 67.66 -11.07
N ALA M 444 40.36 68.42 -10.46
CA ALA M 444 40.23 69.85 -10.74
C ALA M 444 39.98 70.62 -9.45
N PRO M 445 41.01 71.22 -8.87
CA PRO M 445 40.81 72.04 -7.67
C PRO M 445 40.50 73.49 -7.98
N VAL M 446 40.33 74.31 -6.95
CA VAL M 446 40.07 75.74 -7.11
C VAL M 446 40.61 76.46 -5.88
N LEU M 447 40.77 77.78 -5.99
CA LEU M 447 41.34 78.56 -4.91
C LEU M 447 40.42 78.59 -3.69
N ILE M 448 41.05 78.61 -2.51
CA ILE M 448 40.33 78.73 -1.24
C ILE M 448 40.83 79.96 -0.50
N SER M 449 42.11 79.96 -0.15
CA SER M 449 42.76 81.06 0.54
C SER M 449 43.85 81.62 -0.37
N GLN M 450 43.95 82.95 -0.41
CA GLN M 450 44.83 83.62 -1.34
C GLN M 450 45.58 84.74 -0.62
N LYS M 451 46.89 84.60 -0.50
CA LYS M 451 47.73 85.66 0.01
C LYS M 451 48.05 86.64 -1.12
N LEU M 452 47.95 87.92 -0.81
CA LEU M 452 47.93 88.97 -1.83
C LEU M 452 49.26 89.71 -1.89
N SER M 453 49.56 90.27 -3.06
CA SER M 453 50.79 91.02 -3.28
C SER M 453 50.58 91.99 -4.43
N PRO M 454 51.05 93.22 -4.32
CA PRO M 454 50.80 94.20 -5.39
C PRO M 454 51.58 93.87 -6.65
N ILE M 455 51.03 94.32 -7.79
CA ILE M 455 51.64 94.02 -9.09
C ILE M 455 52.91 94.83 -9.29
N TYR M 456 52.91 96.11 -8.89
CA TYR M 456 54.07 96.96 -9.15
C TYR M 456 55.33 96.46 -8.47
N ASN M 457 55.23 95.51 -7.55
CA ASN M 457 56.41 94.84 -7.02
C ASN M 457 56.89 93.70 -7.91
N LEU M 458 56.10 93.31 -8.90
CA LEU M 458 56.44 92.21 -9.80
C LEU M 458 57.13 92.67 -11.07
N VAL M 459 57.18 93.98 -11.32
CA VAL M 459 57.82 94.51 -12.53
C VAL M 459 59.30 94.14 -12.52
N PRO M 460 59.89 93.73 -13.64
CA PRO M 460 61.32 93.38 -13.64
C PRO M 460 62.20 94.59 -13.40
N VAL M 461 63.25 94.38 -12.61
CA VAL M 461 64.20 95.43 -12.26
C VAL M 461 65.14 95.68 -13.43
N LYS M 462 65.92 96.76 -13.34
CA LYS M 462 66.94 97.15 -14.34
C LYS M 462 66.40 97.06 -15.78
N MET M 463 65.14 97.47 -15.95
CA MET M 463 64.54 97.52 -17.27
C MET M 463 64.77 98.91 -17.87
N LYS M 464 64.05 99.24 -18.94
CA LYS M 464 64.19 100.54 -19.57
C LYS M 464 63.91 101.67 -18.58
N ASN M 465 62.69 101.71 -18.05
CA ASN M 465 62.27 102.72 -17.08
C ASN M 465 61.51 102.05 -15.94
N ALA M 466 62.12 101.00 -15.38
CA ALA M 466 61.42 100.15 -14.42
C ALA M 466 60.96 100.94 -13.20
N HIS M 467 61.86 101.73 -12.60
CA HIS M 467 61.52 102.41 -11.35
C HIS M 467 60.39 103.41 -11.54
N LEU M 468 60.50 104.29 -12.54
CA LEU M 468 59.45 105.27 -12.77
C LEU M 468 58.14 104.58 -13.14
N LYS M 469 58.21 103.52 -13.94
CA LYS M 469 57.01 102.74 -14.23
C LYS M 469 56.47 102.05 -12.98
N LYS M 470 57.35 101.68 -12.05
CA LYS M 470 56.89 101.05 -10.82
C LYS M 470 56.02 102.00 -9.99
N GLN M 471 56.56 103.19 -9.69
CA GLN M 471 55.78 104.18 -8.95
C GLN M 471 54.58 104.65 -9.75
N ASN M 472 54.68 104.66 -11.08
CA ASN M 472 53.55 105.07 -11.91
C ASN M 472 52.41 104.07 -11.80
N LEU M 473 52.71 102.77 -11.88
CA LEU M 473 51.69 101.76 -11.69
C LEU M 473 51.19 101.72 -10.25
N GLU M 474 52.03 102.11 -9.29
CA GLU M 474 51.56 102.21 -7.91
C GLU M 474 50.52 103.32 -7.77
N ARG M 475 50.80 104.49 -8.34
CA ARG M 475 49.81 105.56 -8.36
C ARG M 475 48.56 105.13 -9.13
N ALA M 476 48.73 104.35 -10.19
CA ALA M 476 47.61 103.90 -10.98
C ALA M 476 46.71 102.96 -10.18
N ILE M 477 47.29 101.99 -9.47
CA ILE M 477 46.49 101.07 -8.68
C ILE M 477 45.86 101.79 -7.50
N GLU M 478 46.54 102.79 -6.94
CA GLU M 478 45.93 103.58 -5.87
C GLU M 478 44.72 104.35 -6.38
N ASP M 479 44.86 105.00 -7.53
CA ASP M 479 43.73 105.74 -8.12
C ASP M 479 42.61 104.79 -8.53
N TYR M 480 42.95 103.55 -8.91
CA TYR M 480 41.94 102.57 -9.25
C TYR M 480 41.15 102.14 -8.01
N ILE M 481 41.86 101.81 -6.92
CA ILE M 481 41.20 101.32 -5.73
C ILE M 481 40.47 102.43 -4.98
N ASN M 482 40.85 103.69 -5.18
CA ASN M 482 40.18 104.80 -4.51
C ASN M 482 39.29 105.62 -5.44
N GLU M 483 39.19 105.24 -6.71
CA GLU M 483 38.43 106.03 -7.67
C GLU M 483 36.95 105.71 -7.63
N PHE M 484 36.58 104.46 -7.94
CA PHE M 484 35.19 104.06 -8.00
C PHE M 484 34.97 102.85 -7.10
N SER M 485 33.98 102.93 -6.24
CA SER M 485 33.63 101.88 -5.29
C SER M 485 32.29 102.26 -4.66
N VAL M 486 31.87 101.46 -3.66
CA VAL M 486 30.66 101.79 -2.91
C VAL M 486 30.85 103.10 -2.15
N ARG M 487 32.09 103.45 -1.83
CA ARG M 487 32.36 104.68 -1.08
C ARG M 487 31.91 105.92 -1.85
N LYS M 488 32.08 105.92 -3.16
CA LYS M 488 31.72 107.08 -3.97
C LYS M 488 30.27 107.06 -4.45
N CYS M 489 29.62 105.91 -4.42
CA CYS M 489 28.22 105.81 -4.83
C CYS M 489 27.32 106.37 -3.73
N HIS M 490 26.01 106.24 -3.91
CA HIS M 490 25.04 106.75 -2.97
C HIS M 490 24.59 105.66 -2.01
N THR M 491 24.19 106.08 -0.82
CA THR M 491 23.78 105.15 0.23
C THR M 491 22.33 104.74 0.05
N CYS M 492 22.05 103.46 0.25
CA CYS M 492 20.70 102.93 0.11
C CYS M 492 19.90 103.23 1.37
N GLN M 493 18.68 102.70 1.45
CA GLN M 493 17.78 102.95 2.57
C GLN M 493 17.65 101.71 3.43
N ASN M 494 17.27 101.93 4.69
CA ASN M 494 17.04 100.86 5.66
C ASN M 494 18.28 99.99 5.84
N GLY M 495 19.45 100.62 5.81
CA GLY M 495 20.70 99.90 6.02
C GLY M 495 20.99 98.85 4.96
N GLY M 496 20.45 99.01 3.76
CA GLY M 496 20.67 98.03 2.71
C GLY M 496 22.12 98.04 2.26
N THR M 497 22.77 96.88 2.30
CA THR M 497 24.15 96.78 1.86
C THR M 497 24.26 97.08 0.37
N VAL M 498 25.03 98.11 0.02
CA VAL M 498 25.16 98.55 -1.35
C VAL M 498 26.30 97.79 -2.03
N ILE M 499 26.03 97.29 -3.23
CA ILE M 499 27.03 96.58 -4.02
C ILE M 499 27.22 97.33 -5.33
N LEU M 500 28.23 96.88 -6.09
CA LEU M 500 28.54 97.49 -7.38
C LEU M 500 28.89 96.37 -8.36
N MET M 501 28.01 96.14 -9.32
CA MET M 501 28.19 95.08 -10.32
C MET M 501 28.19 95.73 -11.70
N ASP M 502 29.37 96.17 -12.14
CA ASP M 502 29.57 96.73 -13.47
C ASP M 502 28.62 97.90 -13.74
N GLY M 503 28.77 98.94 -12.94
CA GLY M 503 27.98 100.17 -13.08
C GLY M 503 26.70 100.20 -12.28
N LYS M 504 25.96 99.09 -12.26
CA LYS M 504 24.70 99.01 -11.52
C LYS M 504 25.00 99.06 -10.02
N CYS M 505 24.72 100.20 -9.40
CA CYS M 505 24.97 100.39 -7.97
C CYS M 505 23.74 100.03 -7.15
N LEU M 506 23.35 98.76 -7.23
CA LEU M 506 22.20 98.26 -6.49
C LEU M 506 22.56 98.04 -5.03
N CYS M 507 21.52 97.97 -4.21
CA CYS M 507 21.67 97.75 -2.77
C CYS M 507 20.85 96.54 -2.36
N ALA M 508 21.48 95.61 -1.66
CA ALA M 508 20.79 94.43 -1.16
C ALA M 508 19.91 94.82 0.03
N CYS M 509 18.59 94.68 -0.14
CA CYS M 509 17.64 95.08 0.88
C CYS M 509 17.41 93.92 1.86
N PRO M 510 17.11 94.22 3.12
CA PRO M 510 16.92 93.15 4.11
C PRO M 510 15.75 92.24 3.76
N PHE M 511 15.63 91.16 4.54
CA PHE M 511 14.63 90.13 4.27
C PHE M 511 13.22 90.68 4.43
N LYS M 512 12.94 91.34 5.55
CA LYS M 512 11.61 91.84 5.85
C LYS M 512 11.18 93.01 4.96
N PHE M 513 12.05 93.48 4.08
CA PHE M 513 11.76 94.64 3.24
C PHE M 513 11.66 94.20 1.79
N GLU M 514 11.14 95.10 0.94
CA GLU M 514 10.92 94.80 -0.46
C GLU M 514 12.18 95.15 -1.25
N GLY M 515 12.06 95.22 -2.58
CA GLY M 515 13.22 95.24 -3.45
C GLY M 515 13.90 96.58 -3.64
N ILE M 516 14.10 96.96 -4.91
CA ILE M 516 14.99 98.06 -5.28
C ILE M 516 14.64 99.34 -4.50
N ALA M 517 15.68 100.09 -4.13
CA ALA M 517 15.62 101.41 -3.52
C ALA M 517 15.08 101.37 -2.09
N CYS M 518 14.65 100.19 -1.63
CA CYS M 518 14.14 100.01 -0.28
C CYS M 518 13.18 101.12 0.13
N GLU M 519 12.22 101.40 -0.76
CA GLU M 519 11.26 102.48 -0.52
C GLU M 519 9.96 101.94 0.10
N ILE M 520 9.31 101.01 -0.59
CA ILE M 520 8.06 100.44 -0.10
C ILE M 520 8.37 99.43 0.99
N SER M 521 7.58 99.47 2.07
CA SER M 521 7.89 98.68 3.25
C SER M 521 7.59 97.19 3.03
N LYS M 522 6.39 96.93 2.48
CA LYS M 522 5.96 95.53 2.19
C LYS M 522 5.22 94.99 3.42
N GLN M 523 5.34 95.70 4.54
CA GLN M 523 4.59 95.39 5.79
C GLN M 523 3.71 96.61 6.01
N LYS M 524 2.41 96.49 5.68
CA LYS M 524 1.46 97.61 5.84
C LYS M 524 0.53 97.20 6.98
N ILE M 525 0.34 98.07 7.97
CA ILE M 525 -0.53 97.65 9.09
C ILE M 525 -1.93 97.41 8.51
N SER M 526 -2.44 96.20 8.74
CA SER M 526 -3.82 95.81 8.31
C SER M 526 -4.78 96.99 8.47
N GLU M 527 -5.68 97.19 7.51
CA GLU M 527 -6.65 98.26 7.54
C GLU M 527 -8.01 97.70 7.93
N GLY M 528 -8.71 98.39 8.84
CA GLY M 528 -10.01 97.96 9.28
C GLY M 528 -11.06 99.05 9.21
N LEU M 529 -12.20 98.74 8.59
CA LEU M 529 -13.29 99.71 8.45
C LEU M 529 -14.58 99.13 9.00
N PRO M 530 -15.05 99.57 10.17
CA PRO M 530 -16.30 99.03 10.71
C PRO M 530 -17.53 99.77 10.21
N ALA M 531 -17.36 100.56 9.15
CA ALA M 531 -18.45 101.37 8.62
C ALA M 531 -19.58 100.48 8.09
N LEU M 532 -20.79 101.04 8.10
CA LEU M 532 -21.95 100.32 7.61
C LEU M 532 -21.86 100.13 6.10
N GLU M 533 -22.24 98.95 5.58
CA GLU M 533 -22.17 98.74 4.13
C GLU M 533 -23.12 99.65 3.38
N PHE M 534 -22.63 100.25 2.30
CA PHE M 534 -23.44 101.17 1.51
C PHE M 534 -24.56 100.43 0.80
N PRO M 535 -24.24 99.30 0.17
CA PRO M 535 -25.24 98.51 -0.55
C PRO M 535 -24.83 97.04 -0.61
N SER N 18 -6.99 104.28 -26.60
CA SER N 18 -6.63 105.43 -27.42
C SER N 18 -5.76 105.01 -28.60
N HIS N 19 -6.22 105.33 -29.80
CA HIS N 19 -5.50 104.98 -31.03
C HIS N 19 -4.41 106.02 -31.27
N ILE N 20 -3.32 105.87 -30.52
CA ILE N 20 -2.19 106.79 -30.63
C ILE N 20 -1.38 106.45 -31.88
N ASP N 21 -1.23 107.42 -32.77
CA ASP N 21 -0.46 107.25 -33.99
C ASP N 21 1.02 107.54 -33.72
N CYS N 22 1.86 107.22 -34.71
CA CYS N 22 3.31 107.38 -34.59
C CYS N 22 3.73 108.62 -35.36
N ARG N 23 4.08 109.68 -34.63
CA ARG N 23 4.68 110.88 -35.22
C ARG N 23 6.17 110.60 -35.40
N MET N 24 6.49 109.91 -36.48
CA MET N 24 7.83 109.35 -36.70
C MET N 24 8.32 109.67 -38.10
N SER N 25 8.23 110.95 -38.50
CA SER N 25 8.77 111.39 -39.78
C SER N 25 9.35 112.81 -39.66
N PRO N 26 10.34 113.04 -38.78
CA PRO N 26 11.11 114.28 -38.85
C PRO N 26 12.25 114.14 -39.85
N TRP N 27 12.13 114.85 -40.97
CA TRP N 27 13.12 114.74 -42.04
C TRP N 27 14.18 115.83 -41.90
N SER N 28 15.40 115.51 -42.35
CA SER N 28 16.54 116.39 -42.27
C SER N 28 17.03 116.76 -43.67
N GLU N 29 18.07 117.59 -43.70
CA GLU N 29 18.62 118.07 -44.96
C GLU N 29 19.69 117.12 -45.48
N TRP N 30 19.81 117.06 -46.81
CA TRP N 30 20.83 116.23 -47.44
C TRP N 30 22.22 116.75 -47.10
N SER N 31 23.07 115.85 -46.60
CA SER N 31 24.44 116.20 -46.28
C SER N 31 25.34 116.02 -47.50
N GLN N 32 26.64 116.22 -47.30
CA GLN N 32 27.60 116.09 -48.39
C GLN N 32 27.81 114.63 -48.75
N CYS N 33 27.99 114.37 -50.04
CA CYS N 33 28.23 113.01 -50.50
C CYS N 33 29.59 112.51 -50.07
N ASP N 34 29.67 111.22 -49.74
CA ASP N 34 30.93 110.60 -49.39
C ASP N 34 31.56 110.04 -50.65
N PRO N 35 32.71 110.55 -51.09
CA PRO N 35 33.27 110.08 -52.37
C PRO N 35 33.78 108.65 -52.31
N CYS N 36 34.46 108.26 -51.24
CA CYS N 36 35.03 106.93 -51.17
C CYS N 36 33.96 105.88 -50.95
N LEU N 37 33.00 106.15 -50.05
CA LEU N 37 31.93 105.19 -49.78
C LEU N 37 30.83 105.24 -50.83
N ARG N 38 30.65 106.38 -51.51
CA ARG N 38 29.64 106.55 -52.54
C ARG N 38 28.23 106.33 -51.97
N GLN N 39 27.87 107.17 -51.00
CA GLN N 39 26.59 107.08 -50.33
C GLN N 39 26.19 108.46 -49.81
N MET N 40 24.89 108.67 -49.70
CA MET N 40 24.34 109.90 -49.14
C MET N 40 23.69 109.62 -47.79
N PHE N 41 23.36 110.69 -47.08
CA PHE N 41 22.97 110.63 -45.67
C PHE N 41 21.69 111.44 -45.43
N ARG N 42 20.65 111.16 -46.19
CA ARG N 42 19.32 111.65 -45.79
C ARG N 42 18.98 111.09 -44.42
N SER N 43 18.82 111.99 -43.44
CA SER N 43 18.71 111.60 -42.06
C SER N 43 17.25 111.58 -41.61
N ARG N 44 17.04 111.05 -40.41
CA ARG N 44 15.71 110.90 -39.83
C ARG N 44 15.87 110.67 -38.33
N SER N 45 14.74 110.56 -37.64
CA SER N 45 14.74 110.33 -36.20
C SER N 45 13.42 109.72 -35.78
N ILE N 46 13.44 109.01 -34.66
CA ILE N 46 12.24 108.40 -34.10
C ILE N 46 11.77 109.24 -32.91
N GLU N 47 10.47 109.50 -32.85
CA GLU N 47 9.90 110.33 -31.80
C GLU N 47 8.85 109.63 -30.96
N VAL N 48 7.87 108.97 -31.59
CA VAL N 48 6.73 108.40 -30.89
C VAL N 48 6.55 106.95 -31.33
N PHE N 49 6.40 106.05 -30.36
CA PHE N 49 6.16 104.64 -30.64
C PHE N 49 4.67 104.32 -30.75
N GLY N 50 3.91 104.61 -29.70
CA GLY N 50 2.54 104.18 -29.61
C GLY N 50 2.34 103.17 -28.48
N GLN N 51 1.79 103.64 -27.37
CA GLN N 51 1.72 102.82 -26.15
C GLN N 51 0.58 101.81 -26.18
N PHE N 52 -0.42 102.01 -27.03
CA PHE N 52 -1.65 101.22 -26.99
C PHE N 52 -1.76 100.36 -28.25
N ASN N 53 -2.91 99.71 -28.41
CA ASN N 53 -3.17 98.78 -29.49
C ASN N 53 -3.25 99.45 -30.85
N GLY N 54 -2.97 100.75 -30.94
CA GLY N 54 -3.04 101.46 -32.21
C GLY N 54 -1.99 101.04 -33.23
N LYS N 55 -1.75 101.90 -34.22
CA LYS N 55 -0.87 101.59 -35.33
C LYS N 55 0.57 101.31 -34.86
N ARG N 56 1.02 100.07 -35.03
CA ARG N 56 2.41 99.74 -34.75
C ARG N 56 3.30 100.30 -35.84
N CYS N 57 4.44 100.87 -35.44
CA CYS N 57 5.34 101.55 -36.37
C CYS N 57 6.77 101.13 -36.06
N THR N 58 7.31 100.23 -36.89
CA THR N 58 8.68 99.76 -36.77
C THR N 58 9.61 100.41 -37.78
N ASP N 59 9.26 101.60 -38.27
CA ASP N 59 10.04 102.26 -39.32
C ASP N 59 11.45 102.55 -38.82
N ALA N 60 12.43 101.93 -39.47
CA ALA N 60 13.83 102.12 -39.07
C ALA N 60 14.33 103.48 -39.51
N VAL N 61 15.24 104.04 -38.72
CA VAL N 61 15.84 105.34 -39.00
C VAL N 61 17.04 105.15 -39.93
N GLY N 62 17.11 105.98 -40.96
CA GLY N 62 18.22 105.93 -41.89
C GLY N 62 17.77 105.82 -43.34
N ASP N 63 18.58 106.36 -44.25
CA ASP N 63 18.29 106.33 -45.67
C ASP N 63 19.59 106.48 -46.44
N ARG N 64 19.72 105.74 -47.53
CA ARG N 64 20.92 105.76 -48.35
C ARG N 64 20.56 106.12 -49.79
N ARG N 65 21.57 106.57 -50.53
CA ARG N 65 21.38 106.99 -51.91
C ARG N 65 22.75 107.01 -52.60
N GLN N 66 22.77 106.52 -53.84
CA GLN N 66 23.98 106.59 -54.64
C GLN N 66 24.23 108.03 -55.08
N CYS N 67 25.50 108.41 -55.11
CA CYS N 67 25.90 109.76 -55.45
C CYS N 67 27.18 109.73 -56.27
N VAL N 68 27.26 110.61 -57.26
CA VAL N 68 28.45 110.72 -58.10
C VAL N 68 29.57 111.35 -57.28
N PRO N 69 30.70 110.67 -57.10
CA PRO N 69 31.77 111.24 -56.27
C PRO N 69 32.46 112.40 -56.96
N THR N 70 32.77 113.44 -56.19
CA THR N 70 33.46 114.62 -56.71
C THR N 70 34.89 114.74 -56.24
N GLU N 71 35.24 114.16 -55.08
CA GLU N 71 36.60 114.18 -54.57
C GLU N 71 37.39 112.99 -55.13
N PRO N 72 38.70 113.14 -55.30
CA PRO N 72 39.50 112.05 -55.89
C PRO N 72 39.63 110.83 -55.01
N CYS N 73 39.30 110.92 -53.72
CA CYS N 73 39.42 109.81 -52.78
C CYS N 73 40.86 109.29 -52.74
N GLU N 74 41.77 110.17 -52.31
CA GLU N 74 43.19 109.82 -52.23
C GLU N 74 43.51 109.01 -50.99
N ASP N 75 42.67 109.06 -49.96
CA ASP N 75 42.92 108.31 -48.74
C ASP N 75 42.74 106.82 -48.99
N ALA N 76 43.72 106.03 -48.56
CA ALA N 76 43.67 104.59 -48.73
C ALA N 76 44.50 103.93 -47.64
N GLU N 77 44.16 102.67 -47.35
CA GLU N 77 44.85 101.90 -46.31
C GLU N 77 45.96 101.09 -46.95
N ASP N 78 47.21 101.42 -46.61
CA ASP N 78 48.35 100.67 -47.11
C ASP N 78 48.42 99.30 -46.44
N ASP N 79 49.24 98.43 -47.03
CA ASP N 79 49.39 97.08 -46.49
C ASP N 79 50.40 97.05 -45.35
N CYS N 80 50.21 97.93 -44.36
CA CYS N 80 50.92 97.95 -43.09
C CYS N 80 52.42 98.15 -43.23
N GLY N 81 52.91 98.25 -44.47
CA GLY N 81 54.29 98.56 -44.76
C GLY N 81 55.35 97.79 -43.98
N ASN N 82 54.99 96.63 -43.44
CA ASN N 82 55.87 95.89 -42.54
C ASN N 82 56.32 94.56 -43.12
N ASP N 83 55.40 93.68 -43.48
CA ASP N 83 55.76 92.32 -43.85
C ASP N 83 54.75 91.80 -44.86
N PHE N 84 54.73 90.49 -45.06
CA PHE N 84 53.85 89.85 -46.04
C PHE N 84 52.39 90.16 -45.74
N GLN N 85 51.70 90.73 -46.73
CA GLN N 85 50.28 91.04 -46.60
C GLN N 85 49.44 89.79 -46.79
N CYS N 86 48.38 89.66 -45.99
CA CYS N 86 47.44 88.57 -46.15
C CYS N 86 46.46 88.86 -47.29
N SER N 87 45.65 87.85 -47.62
CA SER N 87 44.67 88.00 -48.67
C SER N 87 43.46 88.82 -48.26
N THR N 88 43.37 89.26 -47.01
CA THR N 88 42.23 90.03 -46.54
C THR N 88 42.58 91.41 -46.00
N GLY N 89 43.83 91.65 -45.63
CA GLY N 89 44.22 92.97 -45.15
C GLY N 89 45.06 92.98 -43.90
N ARG N 90 45.16 91.83 -43.23
CA ARG N 90 45.97 91.73 -42.02
C ARG N 90 47.41 91.44 -42.38
N CYS N 91 48.29 91.42 -41.37
CA CYS N 91 49.72 91.30 -41.60
C CYS N 91 50.35 90.37 -40.58
N ILE N 92 51.44 89.72 -41.00
CA ILE N 92 52.28 88.96 -40.08
C ILE N 92 53.08 89.91 -39.21
N LYS N 93 53.09 89.65 -37.90
CA LYS N 93 53.91 90.47 -37.00
C LYS N 93 55.36 90.01 -37.01
N MET N 94 55.62 88.80 -36.50
CA MET N 94 56.97 88.25 -36.55
C MET N 94 57.05 86.79 -36.98
N ARG N 95 56.03 85.96 -36.73
CA ARG N 95 56.16 84.52 -36.94
C ARG N 95 54.88 83.92 -37.52
N LEU N 96 54.10 84.69 -38.26
CA LEU N 96 52.88 84.20 -38.87
C LEU N 96 53.13 83.48 -40.20
N ARG N 97 54.35 83.02 -40.44
CA ARG N 97 54.67 82.30 -41.66
C ARG N 97 54.19 80.86 -41.54
N CYS N 98 54.66 79.99 -42.43
CA CYS N 98 54.18 78.61 -42.51
C CYS N 98 54.71 77.83 -41.32
N ASN N 99 54.03 78.02 -40.18
CA ASN N 99 54.36 77.34 -38.94
C ASN N 99 53.11 76.78 -38.26
N GLY N 100 52.14 76.37 -39.07
CA GLY N 100 50.89 75.85 -38.51
C GLY N 100 50.07 76.87 -37.77
N ASP N 101 50.11 78.12 -38.18
CA ASP N 101 49.41 79.21 -37.51
C ASP N 101 48.30 79.70 -38.45
N ASN N 102 47.10 79.20 -38.24
CA ASN N 102 45.94 79.55 -39.07
C ASN N 102 45.41 80.91 -38.64
N ASP N 103 45.54 81.91 -39.52
CA ASP N 103 45.02 83.25 -39.27
C ASP N 103 43.97 83.67 -40.29
N CYS N 104 44.29 83.57 -41.58
CA CYS N 104 43.42 84.10 -42.62
C CYS N 104 42.41 83.06 -43.11
N GLY N 105 42.90 81.94 -43.64
CA GLY N 105 42.03 80.90 -44.14
C GLY N 105 42.57 79.51 -43.84
N ASP N 106 41.89 78.49 -44.36
CA ASP N 106 42.36 77.12 -44.18
C ASP N 106 43.75 76.94 -44.77
N PHE N 107 43.91 77.26 -46.06
CA PHE N 107 45.21 77.23 -46.72
C PHE N 107 45.59 78.60 -47.27
N SER N 108 44.93 79.67 -46.84
CA SER N 108 45.28 81.00 -47.32
C SER N 108 46.65 81.43 -46.81
N ASP N 109 46.85 81.38 -45.49
CA ASP N 109 48.16 81.67 -44.93
C ASP N 109 49.16 80.57 -45.28
N GLU N 110 48.68 79.34 -45.46
CA GLU N 110 49.51 78.21 -45.85
C GLU N 110 49.55 78.02 -47.36
N ASP N 111 49.40 79.11 -48.12
CA ASP N 111 49.35 79.03 -49.58
C ASP N 111 50.57 78.31 -50.15
N ASP N 112 51.76 78.80 -49.83
CA ASP N 112 53.00 78.21 -50.33
C ASP N 112 53.99 78.11 -49.19
N CYS N 113 54.62 76.95 -49.05
CA CYS N 113 55.59 76.68 -47.98
C CYS N 113 56.84 76.09 -48.61
N GLU N 114 57.89 76.91 -48.75
CA GLU N 114 59.16 76.41 -49.27
C GLU N 114 59.94 75.65 -48.21
N SER N 115 59.92 76.13 -46.97
CA SER N 115 60.59 75.46 -45.88
C SER N 115 59.74 74.28 -45.40
N GLU N 116 60.33 73.48 -44.49
CA GLU N 116 59.63 72.34 -43.95
C GLU N 116 58.46 72.79 -43.06
N PRO N 117 57.38 72.03 -43.04
CA PRO N 117 56.24 72.40 -42.19
C PRO N 117 56.54 72.18 -40.71
N ARG N 118 57.34 73.05 -40.13
CA ARG N 118 57.73 72.94 -38.73
C ARG N 118 56.51 73.11 -37.83
N PRO N 119 56.18 72.12 -37.00
CA PRO N 119 55.03 72.29 -36.11
C PRO N 119 55.36 73.26 -34.99
N PRO N 120 54.40 74.06 -34.55
CA PRO N 120 54.70 75.01 -33.46
C PRO N 120 54.81 74.35 -32.10
N CYS N 121 54.12 73.23 -31.88
CA CYS N 121 54.13 72.55 -30.59
C CYS N 121 54.07 71.05 -30.82
N ARG N 122 54.89 70.31 -30.07
CA ARG N 122 54.96 68.86 -30.22
C ARG N 122 53.94 68.12 -29.36
N ASP N 123 53.59 68.66 -28.20
CA ASP N 123 52.65 67.99 -27.32
C ASP N 123 51.26 67.95 -27.95
N ARG N 124 50.49 66.93 -27.56
CA ARG N 124 49.14 66.74 -28.06
C ARG N 124 48.18 67.61 -27.26
N VAL N 125 47.66 68.66 -27.89
CA VAL N 125 46.71 69.57 -27.26
C VAL N 125 45.47 69.62 -28.13
N VAL N 126 44.35 69.14 -27.59
CA VAL N 126 43.11 69.09 -28.36
C VAL N 126 42.55 70.50 -28.52
N GLU N 127 41.99 70.78 -29.69
CA GLU N 127 41.40 72.08 -29.96
C GLU N 127 40.19 72.30 -29.06
N GLU N 128 39.89 73.58 -28.82
CA GLU N 128 38.79 73.98 -27.94
C GLU N 128 37.46 73.68 -28.63
N SER N 129 36.84 72.57 -28.25
CA SER N 129 35.62 72.10 -28.90
C SER N 129 34.41 72.55 -28.09
N GLU N 130 33.58 73.40 -28.69
CA GLU N 130 32.30 73.85 -28.16
C GLU N 130 32.42 74.59 -26.83
N LEU N 131 33.65 74.92 -26.42
CA LEU N 131 33.89 75.63 -25.17
C LEU N 131 33.91 77.13 -25.46
N ALA N 132 34.44 77.92 -24.53
CA ALA N 132 34.40 79.38 -24.60
C ALA N 132 35.17 79.95 -25.79
N ARG N 133 35.69 79.09 -26.66
CA ARG N 133 36.35 79.49 -27.90
C ARG N 133 35.62 80.63 -28.61
N THR N 134 34.29 80.59 -28.61
CA THR N 134 33.48 81.68 -29.13
C THR N 134 33.18 82.63 -27.97
N ALA N 135 34.18 83.45 -27.65
CA ALA N 135 34.13 84.33 -26.48
C ALA N 135 33.56 85.71 -26.79
N GLY N 136 33.28 86.01 -28.07
CA GLY N 136 32.72 87.29 -28.43
C GLY N 136 31.20 87.29 -28.28
N TYR N 137 30.68 88.35 -27.67
CA TYR N 137 29.25 88.45 -27.43
C TYR N 137 28.84 89.92 -27.54
N GLY N 138 27.75 90.17 -28.27
CA GLY N 138 27.30 91.52 -28.56
C GLY N 138 25.99 91.89 -27.92
N ILE N 139 25.82 91.56 -26.64
CA ILE N 139 24.56 91.77 -25.95
C ILE N 139 24.08 93.20 -26.11
N ASN N 140 22.77 93.36 -26.31
CA ASN N 140 22.12 94.66 -26.42
C ASN N 140 21.49 95.01 -25.08
N ILE N 141 21.92 96.13 -24.49
CA ILE N 141 21.36 96.54 -23.20
C ILE N 141 19.88 96.84 -23.33
N LEU N 142 19.45 97.33 -24.50
CA LEU N 142 18.04 97.56 -24.78
C LEU N 142 17.37 96.37 -25.45
N GLY N 143 18.14 95.37 -25.87
CA GLY N 143 17.60 94.26 -26.62
C GLY N 143 17.40 92.98 -25.84
N MET N 144 18.24 91.98 -26.10
CA MET N 144 18.02 90.63 -25.59
C MET N 144 19.39 89.97 -25.37
N ASP N 145 19.39 88.64 -25.29
CA ASP N 145 20.55 87.80 -24.98
C ASP N 145 21.76 88.14 -25.87
N PRO N 146 22.98 87.81 -25.43
CA PRO N 146 24.17 88.21 -26.18
C PRO N 146 24.18 87.67 -27.61
N LEU N 147 25.01 88.31 -28.43
CA LEU N 147 25.15 88.00 -29.84
C LEU N 147 26.34 87.06 -30.05
N SER N 148 26.69 86.81 -31.31
CA SER N 148 27.83 85.97 -31.63
C SER N 148 29.12 86.77 -31.48
N THR N 149 30.23 86.21 -31.96
CA THR N 149 31.52 86.89 -31.84
C THR N 149 31.68 87.93 -32.93
N PRO N 150 31.94 89.20 -32.59
CA PRO N 150 32.20 90.22 -33.60
C PRO N 150 33.62 90.23 -34.13
N PHE N 151 34.48 89.32 -33.66
CA PHE N 151 35.89 89.31 -34.02
C PHE N 151 36.34 87.87 -34.21
N ASP N 152 37.55 87.71 -34.76
CA ASP N 152 38.14 86.40 -34.93
C ASP N 152 38.72 85.93 -33.61
N ASN N 153 38.43 84.68 -33.24
CA ASN N 153 38.89 84.12 -31.98
C ASN N 153 39.71 82.85 -32.17
N GLU N 154 40.09 82.52 -33.40
CA GLU N 154 40.89 81.34 -33.69
C GLU N 154 42.38 81.66 -33.84
N PHE N 155 42.73 82.92 -34.13
CA PHE N 155 44.11 83.30 -34.32
C PHE N 155 44.92 83.11 -33.04
N TYR N 156 46.17 82.69 -33.21
CA TYR N 156 47.11 82.59 -32.09
C TYR N 156 48.46 83.15 -32.54
N ASN N 157 49.22 83.65 -31.57
CA ASN N 157 50.42 84.42 -31.89
C ASN N 157 51.68 83.56 -31.96
N GLY N 158 52.03 82.91 -30.86
CA GLY N 158 53.30 82.21 -30.78
C GLY N 158 53.27 80.83 -30.17
N LEU N 159 54.08 80.61 -29.14
CA LEU N 159 54.12 79.32 -28.46
C LEU N 159 52.79 79.03 -27.77
N CYS N 160 52.33 77.79 -27.91
CA CYS N 160 51.06 77.39 -27.31
C CYS N 160 51.09 77.62 -25.80
N ASN N 161 49.98 78.14 -25.27
CA ASN N 161 49.82 78.33 -23.84
C ASN N 161 48.94 77.22 -23.30
N ARG N 162 49.52 76.37 -22.46
CA ARG N 162 48.80 75.19 -21.99
C ARG N 162 47.62 75.57 -21.12
N ASP N 163 46.57 74.76 -21.20
CA ASP N 163 45.33 74.92 -20.45
C ASP N 163 45.02 73.64 -19.69
N ARG N 164 46.03 73.13 -18.98
CA ARG N 164 45.96 71.81 -18.34
C ARG N 164 45.02 71.89 -17.15
N ASP N 165 43.71 71.81 -17.46
CA ASP N 165 42.67 71.88 -16.46
C ASP N 165 41.38 71.34 -17.09
N GLY N 166 40.40 71.06 -16.24
CA GLY N 166 39.11 70.58 -16.70
C GLY N 166 38.68 69.34 -15.95
N ASN N 167 37.48 68.87 -16.30
CA ASN N 167 36.91 67.69 -15.66
C ASN N 167 37.77 66.46 -15.93
N THR N 168 37.95 66.11 -17.20
CA THR N 168 38.75 64.95 -17.58
C THR N 168 40.19 65.37 -17.85
N LEU N 169 41.01 64.41 -18.26
CA LEU N 169 42.42 64.66 -18.57
C LEU N 169 42.52 64.99 -20.05
N THR N 170 42.47 66.27 -20.36
CA THR N 170 42.57 66.74 -21.74
C THR N 170 43.13 68.15 -21.74
N TYR N 171 43.87 68.48 -22.80
CA TYR N 171 44.55 69.77 -22.92
C TYR N 171 43.87 70.58 -24.02
N TYR N 172 43.38 71.76 -23.66
CA TYR N 172 42.75 72.67 -24.61
C TYR N 172 43.68 73.81 -24.97
N ARG N 173 43.31 74.54 -26.01
CA ARG N 173 44.06 75.71 -26.47
C ARG N 173 43.35 76.99 -26.07
N ARG N 174 44.14 78.02 -25.77
CA ARG N 174 43.62 79.34 -25.47
C ARG N 174 44.13 80.32 -26.52
N PRO N 175 43.25 80.96 -27.29
CA PRO N 175 43.72 81.87 -28.34
C PRO N 175 44.38 83.10 -27.75
N TRP N 176 45.23 83.72 -28.58
CA TRP N 176 45.95 84.92 -28.17
C TRP N 176 45.02 86.09 -27.91
N ASN N 177 43.80 86.06 -28.47
CA ASN N 177 42.84 87.12 -28.21
C ASN N 177 42.19 86.98 -26.84
N VAL N 178 41.98 85.75 -26.38
CA VAL N 178 41.42 85.52 -25.05
C VAL N 178 42.54 85.59 -24.02
N ALA N 179 42.43 86.55 -23.09
CA ALA N 179 43.51 86.76 -22.13
C ALA N 179 43.53 85.67 -21.06
N SER N 180 42.36 85.21 -20.63
CA SER N 180 42.28 84.22 -19.55
C SER N 180 41.01 83.41 -19.69
N LEU N 181 41.07 82.18 -19.18
CA LEU N 181 39.89 81.32 -19.11
C LEU N 181 40.07 80.34 -17.95
N ILE N 182 39.08 80.26 -17.08
CA ILE N 182 39.12 79.37 -15.93
C ILE N 182 38.01 78.33 -16.08
N TYR N 183 38.23 77.20 -15.41
CA TYR N 183 37.28 76.08 -15.45
C TYR N 183 36.61 75.85 -14.10
N GLU N 184 36.47 76.92 -13.31
CA GLU N 184 35.84 76.81 -11.99
C GLU N 184 34.37 76.41 -12.13
N THR N 185 34.00 75.31 -11.49
CA THR N 185 32.63 74.80 -11.55
C THR N 185 31.81 75.29 -10.36
N LYS N 186 31.75 76.62 -10.23
CA LYS N 186 30.99 77.22 -9.15
C LYS N 186 29.51 76.91 -9.29
N GLY N 187 28.81 76.89 -8.16
CA GLY N 187 27.38 76.63 -8.16
C GLY N 187 26.71 77.02 -6.87
N GLU N 188 25.59 77.74 -6.96
CA GLU N 188 24.88 78.19 -5.78
C GLU N 188 23.38 78.25 -6.09
N LYS N 189 22.59 78.25 -5.02
CA LYS N 189 21.14 78.34 -5.13
C LYS N 189 20.59 78.86 -3.81
N ASN N 190 19.38 79.41 -3.87
CA ASN N 190 18.74 80.00 -2.70
C ASN N 190 17.32 79.48 -2.55
N PHE N 191 16.79 79.63 -1.36
CA PHE N 191 15.39 79.40 -1.16
C PHE N 191 14.89 80.46 -0.22
N ARG N 192 13.61 80.68 -0.28
CA ARG N 192 12.93 81.61 0.60
C ARG N 192 11.44 81.28 0.64
N THR N 193 10.78 81.74 1.70
CA THR N 193 9.34 81.63 1.85
C THR N 193 8.91 82.56 2.98
N GLU N 194 7.62 82.92 2.96
CA GLU N 194 7.06 83.79 3.98
C GLU N 194 5.57 83.53 4.07
N HIS N 195 4.94 84.10 5.09
CA HIS N 195 3.51 83.96 5.32
C HIS N 195 2.94 85.23 5.92
N TYR N 196 1.81 85.67 5.39
CA TYR N 196 1.07 86.82 5.90
C TYR N 196 -0.32 86.37 6.31
N GLU N 197 -0.84 86.96 7.38
CA GLU N 197 -2.15 86.60 7.90
C GLU N 197 -2.84 87.85 8.44
N GLU N 198 -4.12 88.00 8.11
CA GLU N 198 -4.93 89.11 8.57
C GLU N 198 -6.34 88.61 8.86
N GLN N 199 -6.90 89.05 9.98
CA GLN N 199 -8.23 88.64 10.39
C GLN N 199 -8.85 89.76 11.23
N ILE N 200 -10.14 90.00 11.01
CA ILE N 200 -10.88 90.98 11.80
C ILE N 200 -12.32 90.49 11.95
N GLU N 201 -12.86 90.68 13.15
CA GLU N 201 -14.23 90.30 13.46
C GLU N 201 -14.84 91.33 14.40
N ALA N 202 -16.13 91.63 14.19
CA ALA N 202 -16.83 92.60 15.01
C ALA N 202 -18.28 92.15 15.18
N PHE N 203 -18.74 92.15 16.43
CA PHE N 203 -20.11 91.77 16.76
C PHE N 203 -20.81 92.94 17.44
N LYS N 204 -22.06 93.18 17.06
CA LYS N 204 -22.85 94.26 17.62
C LYS N 204 -24.29 93.81 17.81
N SER N 205 -24.86 94.13 18.96
CA SER N 205 -26.23 93.79 19.28
C SER N 205 -26.85 94.89 20.12
N ILE N 206 -28.04 95.36 19.71
CA ILE N 206 -28.75 96.43 20.40
C ILE N 206 -30.21 96.01 20.54
N ILE N 207 -30.75 96.15 21.74
CA ILE N 207 -32.13 95.78 22.03
C ILE N 207 -32.79 96.90 22.82
N GLN N 208 -34.06 97.16 22.53
CA GLN N 208 -34.83 98.19 23.20
C GLN N 208 -36.16 97.61 23.64
N GLU N 209 -36.64 98.06 24.80
CA GLU N 209 -37.90 97.58 25.36
C GLU N 209 -38.59 98.71 26.09
N LYS N 210 -39.86 98.96 25.75
CA LYS N 210 -40.65 100.00 26.38
C LYS N 210 -42.09 99.50 26.53
N THR N 211 -42.70 99.80 27.66
CA THR N 211 -44.06 99.38 27.97
C THR N 211 -44.82 100.56 28.57
N SER N 212 -46.05 100.77 28.12
CA SER N 212 -46.87 101.89 28.58
C SER N 212 -48.27 101.40 28.90
N ASN N 213 -48.78 101.78 30.07
CA ASN N 213 -50.12 101.44 30.51
C ASN N 213 -50.72 102.60 31.27
N PHE N 214 -52.03 102.80 31.12
CA PHE N 214 -52.72 103.91 31.77
C PHE N 214 -54.08 103.45 32.26
N ASN N 215 -54.54 104.06 33.36
CA ASN N 215 -55.84 103.77 33.95
C ASN N 215 -56.58 105.07 34.20
N ALA N 216 -57.92 105.01 34.09
CA ALA N 216 -58.75 106.19 34.34
C ALA N 216 -60.13 105.70 34.74
N ALA N 217 -60.46 105.83 36.03
CA ALA N 217 -61.76 105.41 36.55
C ALA N 217 -62.33 106.52 37.43
N ILE N 218 -63.55 106.93 37.12
CA ILE N 218 -64.26 107.95 37.90
C ILE N 218 -65.75 107.59 37.92
N SER N 219 -66.35 107.62 39.11
CA SER N 219 -67.75 107.30 39.29
C SER N 219 -68.47 108.44 39.99
N LEU N 220 -69.69 108.72 39.55
CA LEU N 220 -70.49 109.81 40.11
C LEU N 220 -71.92 109.35 40.28
N LYS N 221 -72.45 109.46 41.50
CA LYS N 221 -73.83 109.10 41.79
C LYS N 221 -74.43 110.15 42.70
N PHE N 222 -75.72 110.43 42.50
CA PHE N 222 -76.42 111.47 43.24
C PHE N 222 -77.76 110.95 43.71
N THR N 223 -78.07 111.18 44.99
CA THR N 223 -79.35 110.79 45.57
C THR N 223 -79.70 111.72 46.72
N PRO N 224 -80.68 112.62 46.53
CA PRO N 224 -81.10 113.56 47.59
C PRO N 224 -82.00 112.89 48.63
N SER N 242 -89.19 111.41 44.23
CA SER N 242 -87.97 110.63 44.31
C SER N 242 -86.99 111.00 43.20
N LEU N 243 -85.70 111.00 43.53
CA LEU N 243 -84.65 111.35 42.58
C LEU N 243 -83.44 110.47 42.85
N HIS N 244 -82.90 109.88 41.79
CA HIS N 244 -81.73 109.01 41.89
C HIS N 244 -80.84 109.21 40.68
N GLY N 245 -79.53 109.05 40.90
CA GLY N 245 -78.56 109.17 39.82
C GLY N 245 -77.34 108.32 40.07
N LYS N 246 -76.77 107.76 39.00
CA LYS N 246 -75.58 106.91 39.13
C LYS N 246 -74.85 106.88 37.80
N GLY N 247 -73.54 107.14 37.84
CA GLY N 247 -72.71 107.09 36.66
C GLY N 247 -71.28 106.69 37.00
N SER N 248 -70.66 105.88 36.14
CA SER N 248 -69.31 105.41 36.36
C SER N 248 -68.55 105.37 35.05
N PHE N 249 -67.32 105.88 35.07
CA PHE N 249 -66.45 105.89 33.90
C PHE N 249 -65.29 104.91 34.13
N ARG N 250 -64.90 104.22 33.06
CA ARG N 250 -63.76 103.32 33.11
C ARG N 250 -62.94 103.49 31.84
N PHE N 251 -61.63 103.33 31.95
CA PHE N 251 -60.72 103.55 30.84
C PHE N 251 -59.46 102.73 31.05
N SER N 252 -58.92 102.20 29.96
CA SER N 252 -57.72 101.38 30.00
C SER N 252 -56.81 101.76 28.84
N TYR N 253 -55.57 101.28 28.90
CA TYR N 253 -54.58 101.57 27.88
C TYR N 253 -53.50 100.50 27.91
N SER N 254 -53.05 100.08 26.73
CA SER N 254 -52.03 99.05 26.61
C SER N 254 -51.07 99.43 25.49
N LYS N 255 -49.77 99.24 25.74
CA LYS N 255 -48.75 99.62 24.76
C LYS N 255 -47.40 99.02 25.11
N ASN N 256 -46.72 98.43 24.13
CA ASN N 256 -45.32 98.10 24.28
C ASN N 256 -44.66 98.09 22.90
N GLU N 257 -43.37 98.44 22.87
CA GLU N 257 -42.62 98.50 21.62
C GLU N 257 -41.22 97.94 21.88
N THR N 258 -40.96 96.76 21.34
CA THR N 258 -39.67 96.10 21.47
C THR N 258 -38.87 96.28 20.18
N TYR N 259 -37.64 96.77 20.32
CA TYR N 259 -36.74 96.96 19.18
C TYR N 259 -35.54 96.05 19.34
N GLN N 260 -35.03 95.56 18.21
CA GLN N 260 -33.88 94.67 18.21
C GLN N 260 -32.97 95.02 17.04
N LEU N 261 -31.66 95.02 17.32
CA LEU N 261 -30.65 95.33 16.31
C LEU N 261 -29.49 94.36 16.45
N PHE N 262 -28.95 93.92 15.32
CA PHE N 262 -27.83 93.00 15.31
C PHE N 262 -26.94 93.32 14.12
N LEU N 263 -25.63 93.36 14.36
CA LEU N 263 -24.66 93.67 13.32
C LEU N 263 -23.42 92.82 13.52
N SER N 264 -22.88 92.29 12.42
CA SER N 264 -21.70 91.45 12.46
C SER N 264 -20.78 91.78 11.28
N TYR N 265 -19.48 91.66 11.52
CA TYR N 265 -18.48 91.94 10.51
C TYR N 265 -17.33 90.95 10.65
N SER N 266 -16.80 90.52 9.50
CA SER N 266 -15.73 89.54 9.49
C SER N 266 -14.96 89.65 8.17
N SER N 267 -13.64 89.54 8.25
CA SER N 267 -12.80 89.58 7.06
C SER N 267 -11.48 88.89 7.36
N LYS N 268 -10.97 88.17 6.38
CA LYS N 268 -9.71 87.44 6.51
C LYS N 268 -8.88 87.63 5.25
N LYS N 269 -7.58 87.80 5.42
CA LYS N 269 -6.66 87.99 4.30
C LYS N 269 -5.38 87.19 4.55
N GLU N 270 -4.84 86.64 3.47
CA GLU N 270 -3.61 85.85 3.53
C GLU N 270 -2.80 86.11 2.27
N LYS N 271 -1.48 86.12 2.42
CA LYS N 271 -0.60 86.39 1.29
C LYS N 271 0.71 85.62 1.49
N MET N 272 1.22 85.06 0.39
CA MET N 272 2.49 84.32 0.41
C MET N 272 3.26 84.62 -0.86
N PHE N 273 4.50 85.07 -0.71
CA PHE N 273 5.36 85.38 -1.84
C PHE N 273 6.75 84.83 -1.56
N LEU N 274 7.33 84.18 -2.56
CA LEU N 274 8.67 83.61 -2.42
C LEU N 274 9.29 83.44 -3.80
N HIS N 275 10.62 83.52 -3.84
CA HIS N 275 11.36 83.36 -5.08
C HIS N 275 12.64 82.60 -4.80
N VAL N 276 13.00 81.70 -5.73
CA VAL N 276 14.22 80.91 -5.62
C VAL N 276 14.93 80.93 -6.97
N LYS N 277 16.24 80.74 -6.93
CA LYS N 277 17.05 80.75 -8.14
C LYS N 277 18.34 79.96 -7.91
N GLY N 278 18.80 79.32 -8.96
CA GLY N 278 20.05 78.56 -8.89
C GLY N 278 20.74 78.56 -10.23
N GLU N 279 22.07 78.56 -10.18
CA GLU N 279 22.89 78.58 -11.38
C GLU N 279 24.04 77.59 -11.24
N ILE N 280 24.36 76.92 -12.34
CA ILE N 280 25.48 75.99 -12.41
C ILE N 280 26.54 76.64 -13.31
N HIS N 281 27.54 77.26 -12.69
CA HIS N 281 28.60 77.90 -13.45
C HIS N 281 29.55 76.86 -14.03
N LEU N 282 29.98 77.08 -15.27
CA LEU N 282 30.87 76.16 -15.97
C LEU N 282 32.27 76.72 -16.13
N GLY N 283 32.41 77.90 -16.72
CA GLY N 283 33.71 78.50 -16.91
C GLY N 283 33.60 80.00 -17.09
N ARG N 284 34.73 80.67 -16.89
CA ARG N 284 34.78 82.12 -16.94
C ARG N 284 35.99 82.53 -17.77
N PHE N 285 35.81 83.60 -18.55
CA PHE N 285 36.87 84.10 -19.42
C PHE N 285 36.90 85.62 -19.35
N VAL N 286 38.06 86.19 -19.66
CA VAL N 286 38.25 87.64 -19.69
C VAL N 286 38.95 87.98 -20.98
N MET N 287 38.24 88.68 -21.87
CA MET N 287 38.82 89.07 -23.15
C MET N 287 39.89 90.13 -22.96
N ARG N 288 41.01 89.97 -23.68
CA ARG N 288 42.06 90.98 -23.67
C ARG N 288 41.54 92.28 -24.26
N ASN N 289 41.77 93.39 -23.55
CA ASN N 289 41.17 94.66 -23.94
C ASN N 289 41.85 95.24 -25.17
N ARG N 290 43.16 95.44 -25.11
CA ARG N 290 43.93 96.01 -26.20
C ARG N 290 44.82 94.94 -26.82
N ASP N 291 45.46 95.30 -27.93
CA ASP N 291 46.27 94.37 -28.73
C ASP N 291 45.41 93.19 -29.18
N VAL N 292 44.29 93.53 -29.82
CA VAL N 292 43.26 92.57 -30.18
C VAL N 292 43.24 92.39 -31.69
N VAL N 293 43.08 91.15 -32.14
CA VAL N 293 42.93 90.84 -33.55
C VAL N 293 41.45 90.73 -33.86
N LEU N 294 41.09 91.07 -35.10
CA LEU N 294 39.69 91.13 -35.52
C LEU N 294 39.48 90.22 -36.72
N THR N 295 38.20 89.90 -36.97
CA THR N 295 37.85 89.04 -38.09
C THR N 295 37.79 89.86 -39.39
N THR N 296 37.90 89.14 -40.51
CA THR N 296 37.95 89.80 -41.80
C THR N 296 36.67 90.56 -42.11
N THR N 297 35.51 90.04 -41.68
CA THR N 297 34.25 90.70 -41.98
C THR N 297 34.12 92.01 -41.20
N PHE N 298 34.45 91.99 -39.91
CA PHE N 298 34.39 93.20 -39.10
C PHE N 298 35.41 94.23 -39.58
N VAL N 299 36.61 93.77 -39.97
CA VAL N 299 37.62 94.68 -40.50
C VAL N 299 37.13 95.32 -41.78
N ASP N 300 36.51 94.53 -42.67
CA ASP N 300 35.99 95.09 -43.92
C ASP N 300 34.86 96.08 -43.65
N ASP N 301 34.03 95.78 -42.64
CA ASP N 301 32.93 96.70 -42.31
C ASP N 301 33.47 98.02 -41.74
N ILE N 302 34.51 97.95 -40.91
CA ILE N 302 35.08 99.18 -40.36
C ILE N 302 35.83 99.96 -41.43
N LYS N 303 36.44 99.25 -42.40
CA LYS N 303 37.10 99.95 -43.50
C LYS N 303 36.09 100.65 -44.41
N ALA N 304 35.00 99.97 -44.73
CA ALA N 304 33.92 100.57 -45.50
C ALA N 304 32.90 101.19 -44.54
N LEU N 305 33.31 102.29 -43.92
CA LEU N 305 32.54 102.96 -42.90
C LEU N 305 32.69 104.46 -43.10
N PRO N 306 31.59 105.23 -43.01
CA PRO N 306 31.69 106.69 -43.22
C PRO N 306 32.41 107.39 -42.08
N THR N 307 32.60 108.71 -42.25
CA THR N 307 33.30 109.50 -41.24
C THR N 307 32.65 110.85 -40.99
N THR N 308 31.43 111.07 -41.49
CA THR N 308 30.73 112.35 -41.35
C THR N 308 29.48 112.20 -40.50
N TYR N 309 29.53 111.31 -39.50
CA TYR N 309 28.42 111.07 -38.59
C TYR N 309 27.15 110.64 -39.35
N GLU N 310 27.25 109.47 -39.99
CA GLU N 310 26.11 108.89 -40.69
C GLU N 310 25.34 108.02 -39.70
N LYS N 311 24.37 108.65 -39.02
CA LYS N 311 23.54 107.93 -38.06
C LYS N 311 22.77 106.79 -38.72
N GLY N 312 22.41 106.95 -40.00
CA GLY N 312 21.65 105.92 -40.67
C GLY N 312 22.40 104.61 -40.78
N GLU N 313 23.62 104.66 -41.33
CA GLU N 313 24.43 103.45 -41.42
C GLU N 313 24.93 102.99 -40.06
N TYR N 314 25.19 103.94 -39.15
CA TYR N 314 25.65 103.56 -37.82
C TYR N 314 24.56 102.83 -37.04
N PHE N 315 23.30 103.24 -37.22
CA PHE N 315 22.20 102.52 -36.56
C PHE N 315 22.07 101.11 -37.09
N ALA N 316 22.34 100.90 -38.38
CA ALA N 316 22.32 99.55 -38.94
C ALA N 316 23.48 98.72 -38.40
N PHE N 317 24.69 99.30 -38.39
CA PHE N 317 25.84 98.60 -37.83
C PHE N 317 25.64 98.25 -36.37
N LEU N 318 24.93 99.10 -35.63
CA LEU N 318 24.70 98.85 -34.21
C LEU N 318 23.80 97.61 -34.02
N GLU N 319 22.71 97.53 -34.77
CA GLU N 319 21.85 96.35 -34.70
C GLU N 319 22.56 95.12 -35.26
N THR N 320 23.50 95.31 -36.19
CA THR N 320 24.17 94.16 -36.80
C THR N 320 25.20 93.55 -35.85
N TYR N 321 26.02 94.37 -35.21
CA TYR N 321 27.11 93.90 -34.37
C TYR N 321 26.94 94.29 -32.91
N GLY N 322 25.71 94.45 -32.45
CA GLY N 322 25.47 94.75 -31.05
C GLY N 322 25.85 96.18 -30.67
N THR N 323 25.51 96.59 -29.45
CA THR N 323 25.85 97.92 -28.96
C THR N 323 27.20 97.95 -28.24
N HIS N 324 27.47 96.94 -27.42
CA HIS N 324 28.73 96.86 -26.68
C HIS N 324 29.04 95.39 -26.42
N TYR N 325 30.33 95.05 -26.51
CA TYR N 325 30.74 93.65 -26.41
C TYR N 325 31.00 93.28 -24.95
N SER N 326 31.35 92.02 -24.73
CA SER N 326 31.58 91.49 -23.40
C SER N 326 33.08 91.47 -23.11
N SER N 327 33.48 92.16 -22.04
CA SER N 327 34.86 92.08 -21.59
C SER N 327 35.14 90.77 -20.87
N SER N 328 34.14 90.24 -20.16
CA SER N 328 34.28 88.97 -19.45
C SER N 328 32.92 88.31 -19.34
N GLY N 329 32.86 87.01 -19.61
CA GLY N 329 31.61 86.28 -19.53
C GLY N 329 31.63 85.17 -18.50
N SER N 330 30.58 84.35 -18.48
CA SER N 330 30.49 83.25 -17.53
C SER N 330 29.64 82.15 -18.17
N LEU N 331 30.30 81.12 -18.69
CA LEU N 331 29.59 80.02 -19.33
C LEU N 331 28.92 79.14 -18.28
N GLY N 332 27.76 78.60 -18.63
CA GLY N 332 27.02 77.76 -17.72
C GLY N 332 25.52 77.75 -17.99
N GLY N 333 24.73 78.03 -16.95
CA GLY N 333 23.29 78.11 -17.09
C GLY N 333 22.59 78.27 -15.75
N LEU N 334 21.46 78.97 -15.75
CA LEU N 334 20.72 79.24 -14.53
C LEU N 334 19.26 78.83 -14.70
N TYR N 335 18.61 78.54 -13.58
CA TYR N 335 17.20 78.20 -13.55
C TYR N 335 16.57 78.81 -12.30
N GLU N 336 15.29 79.15 -12.40
CA GLU N 336 14.57 79.76 -11.29
C GLU N 336 13.08 79.54 -11.47
N LEU N 337 12.38 79.36 -10.35
CA LEU N 337 10.93 79.23 -10.34
C LEU N 337 10.36 80.08 -9.22
N ILE N 338 9.25 80.75 -9.51
CA ILE N 338 8.60 81.66 -8.56
C ILE N 338 7.10 81.43 -8.59
N TYR N 339 6.49 81.29 -7.44
CA TYR N 339 5.07 81.48 -7.46
C TYR N 339 4.50 82.11 -6.24
N VAL N 340 3.41 82.80 -6.47
CA VAL N 340 2.85 83.80 -5.56
C VAL N 340 1.44 83.36 -5.16
N LEU N 341 1.06 83.69 -3.93
CA LEU N 341 -0.25 83.37 -3.40
C LEU N 341 -0.82 84.59 -2.68
N ASP N 342 -2.12 84.83 -2.86
CA ASP N 342 -2.80 85.94 -2.22
C ASP N 342 -4.24 85.53 -1.94
N LYS N 343 -4.72 85.85 -0.74
CA LYS N 343 -6.05 85.47 -0.30
C LYS N 343 -6.73 86.67 0.35
N ALA N 344 -8.04 86.79 0.12
CA ALA N 344 -8.82 87.88 0.71
C ALA N 344 -10.25 87.40 0.91
N SER N 345 -10.85 87.80 2.03
CA SER N 345 -12.22 87.41 2.35
C SER N 345 -12.89 88.53 3.13
N MET N 346 -14.21 88.62 2.98
CA MET N 346 -15.00 89.63 3.68
C MET N 346 -16.39 89.08 3.96
N LYS N 347 -16.88 89.33 5.17
CA LYS N 347 -18.21 88.89 5.59
C LYS N 347 -18.86 90.01 6.40
N ARG N 348 -20.12 90.32 6.07
CA ARG N 348 -20.85 91.37 6.75
C ARG N 348 -22.27 90.89 7.01
N LYS N 349 -22.74 91.08 8.25
CA LYS N 349 -24.06 90.61 8.65
C LYS N 349 -24.77 91.69 9.45
N GLY N 350 -26.04 91.92 9.14
CA GLY N 350 -26.86 92.87 9.88
C GLY N 350 -28.30 92.41 9.99
N VAL N 351 -28.83 92.36 11.20
CA VAL N 351 -30.18 91.87 11.47
C VAL N 351 -30.93 92.91 12.28
N GLU N 352 -32.15 93.22 11.86
CA GLU N 352 -33.00 94.20 12.54
C GLU N 352 -34.40 93.62 12.72
N LEU N 353 -34.95 93.81 13.91
CA LEU N 353 -36.30 93.35 14.22
C LEU N 353 -37.04 94.44 14.99
N LYS N 354 -38.28 94.69 14.60
CA LYS N 354 -39.09 95.75 15.19
C LYS N 354 -40.51 95.25 15.38
N ASP N 355 -41.01 95.36 16.62
CA ASP N 355 -42.37 94.93 16.95
C ASP N 355 -42.98 95.92 17.91
N ILE N 356 -44.20 96.37 17.61
CA ILE N 356 -44.91 97.35 18.42
C ILE N 356 -46.36 96.88 18.58
N LYS N 357 -46.88 96.96 19.81
CA LYS N 357 -48.28 96.70 20.09
C LYS N 357 -48.85 97.83 20.93
N ARG N 358 -50.01 98.33 20.53
CA ARG N 358 -50.72 99.38 21.26
C ARG N 358 -52.20 99.07 21.26
N CYS N 359 -52.82 99.11 22.43
CA CYS N 359 -54.25 98.83 22.53
C CYS N 359 -54.91 99.82 23.48
N LEU N 360 -56.21 100.03 23.28
CA LEU N 360 -56.98 101.01 24.02
C LEU N 360 -58.23 100.34 24.58
N GLY N 361 -58.62 100.76 25.79
CA GLY N 361 -59.82 100.23 26.42
C GLY N 361 -60.64 101.30 27.10
N TYR N 362 -61.95 101.26 26.91
CA TYR N 362 -62.85 102.26 27.48
C TYR N 362 -64.18 101.61 27.84
N HIS N 363 -64.71 101.96 29.00
CA HIS N 363 -65.99 101.44 29.48
C HIS N 363 -66.80 102.58 30.07
N LEU N 364 -68.04 102.72 29.61
CA LEU N 364 -68.96 103.75 30.09
C LEU N 364 -70.26 103.09 30.52
N ASP N 365 -70.70 103.36 31.74
CA ASP N 365 -71.93 102.81 32.27
C ASP N 365 -72.63 103.88 33.11
N VAL N 366 -73.86 104.21 32.74
CA VAL N 366 -74.67 105.19 33.44
C VAL N 366 -76.06 104.61 33.64
N SER N 367 -76.55 104.67 34.88
CA SER N 367 -77.88 104.17 35.20
C SER N 367 -78.61 105.20 36.04
N LEU N 368 -79.85 105.51 35.65
CA LEU N 368 -80.64 106.52 36.32
C LEU N 368 -81.96 105.90 36.80
N ALA N 369 -82.41 106.32 37.99
CA ALA N 369 -83.63 105.68 38.55
C ALA N 369 -84.69 106.71 38.95
N PHE N 370 -85.92 106.50 38.47
CA PHE N 370 -87.12 107.32 38.84
C PHE N 370 -87.77 106.67 40.07
N SER N 371 -88.88 107.25 40.56
CA SER N 371 -89.71 106.47 41.51
C SER N 371 -90.20 105.20 40.80
N GLU N 372 -90.69 105.36 39.57
CA GLU N 372 -91.14 104.23 38.72
C GLU N 372 -90.42 104.31 37.37
N ILE N 373 -89.39 105.16 37.30
CA ILE N 373 -88.68 105.41 36.05
C ILE N 373 -87.26 104.87 36.19
N SER N 374 -86.77 104.18 35.17
CA SER N 374 -85.43 103.62 35.16
C SER N 374 -84.77 103.90 33.82
N VAL N 375 -83.56 104.42 33.85
CA VAL N 375 -82.80 104.74 32.64
C VAL N 375 -81.43 104.08 32.75
N GLY N 376 -80.99 103.49 31.66
CA GLY N 376 -79.70 102.81 31.64
C GLY N 376 -78.89 103.21 30.42
N ALA N 377 -77.58 103.08 30.54
CA ALA N 377 -76.66 103.41 29.46
C ALA N 377 -75.37 102.61 29.65
N GLU N 378 -74.88 102.01 28.57
CA GLU N 378 -73.65 101.23 28.60
C GLU N 378 -72.92 101.41 27.27
N PHE N 379 -71.76 102.07 27.31
CA PHE N 379 -70.93 102.29 26.13
C PHE N 379 -69.54 101.73 26.39
N ASN N 380 -69.12 100.80 25.53
CA ASN N 380 -67.82 100.15 25.69
C ASN N 380 -67.04 100.28 24.39
N LYS N 381 -65.76 100.65 24.50
CA LYS N 381 -64.89 100.84 23.35
C LYS N 381 -63.62 100.05 23.55
N ASP N 382 -63.19 99.34 22.50
CA ASP N 382 -61.98 98.53 22.54
C ASP N 382 -61.29 98.60 21.18
N ASP N 383 -59.99 98.87 21.19
CA ASP N 383 -59.22 98.98 19.96
C ASP N 383 -57.75 98.70 20.26
N CYS N 384 -57.18 97.76 19.51
CA CYS N 384 -55.77 97.41 19.64
C CYS N 384 -55.08 97.56 18.31
N VAL N 385 -53.77 97.83 18.36
CA VAL N 385 -52.96 98.01 17.15
C VAL N 385 -51.64 97.29 17.35
N LYS N 386 -51.18 96.58 16.32
CA LYS N 386 -49.91 95.87 16.34
C LYS N 386 -49.09 96.27 15.13
N ARG N 387 -47.77 96.35 15.32
CA ARG N 387 -46.84 96.71 14.26
C ARG N 387 -45.68 95.73 14.26
N GLY N 388 -45.20 95.38 13.06
CA GLY N 388 -44.08 94.46 12.93
C GLY N 388 -43.16 94.81 11.79
N GLU N 389 -41.86 94.62 11.98
CA GLU N 389 -40.88 94.92 10.95
C GLU N 389 -39.64 94.05 11.16
N GLY N 390 -39.09 93.54 10.06
CA GLY N 390 -37.91 92.72 10.10
C GLY N 390 -36.94 93.03 8.98
N ARG N 391 -35.64 93.04 9.28
CA ARG N 391 -34.61 93.36 8.31
C ARG N 391 -33.41 92.45 8.52
N ALA N 392 -32.81 92.00 7.43
CA ALA N 392 -31.63 91.14 7.50
C ALA N 392 -30.69 91.48 6.35
N VAL N 393 -29.38 91.40 6.63
CA VAL N 393 -28.33 91.67 5.65
C VAL N 393 -27.26 90.60 5.81
N ASN N 394 -26.98 89.87 4.73
CA ASN N 394 -26.03 88.76 4.75
C ASN N 394 -25.26 88.78 3.44
N ILE N 395 -24.00 89.23 3.50
CA ILE N 395 -23.19 89.43 2.31
C ILE N 395 -21.78 88.90 2.57
N THR N 396 -21.35 87.93 1.77
CA THR N 396 -20.02 87.33 1.87
C THR N 396 -19.24 87.61 0.58
N SER N 397 -17.96 87.92 0.74
CA SER N 397 -17.08 88.20 -0.41
C SER N 397 -15.71 87.58 -0.15
N GLU N 398 -15.15 86.99 -1.20
CA GLU N 398 -13.83 86.35 -1.10
C GLU N 398 -13.07 86.57 -2.39
N ASN N 399 -11.77 86.80 -2.28
CA ASN N 399 -10.90 87.04 -3.42
C ASN N 399 -9.61 86.25 -3.26
N LEU N 400 -9.14 85.68 -4.37
CA LEU N 400 -7.91 84.89 -4.39
C LEU N 400 -7.08 85.31 -5.60
N ILE N 401 -5.76 85.33 -5.43
CA ILE N 401 -4.83 85.72 -6.48
C ILE N 401 -3.60 84.83 -6.40
N ASP N 402 -3.26 84.18 -7.51
CA ASP N 402 -2.08 83.32 -7.58
C ASP N 402 -1.33 83.61 -8.87
N ASP N 403 0.00 83.65 -8.77
CA ASP N 403 0.87 83.87 -9.92
C ASP N 403 2.09 82.98 -9.80
N VAL N 404 2.40 82.23 -10.86
CA VAL N 404 3.54 81.32 -10.89
C VAL N 404 4.34 81.60 -12.15
N VAL N 405 5.67 81.69 -12.02
CA VAL N 405 6.56 81.87 -13.14
C VAL N 405 7.81 81.03 -12.92
N SER N 406 8.41 80.56 -14.02
CA SER N 406 9.59 79.72 -13.96
C SER N 406 10.28 79.75 -15.32
N LEU N 407 11.58 79.47 -15.30
CA LEU N 407 12.37 79.48 -16.53
C LEU N 407 13.60 78.59 -16.34
N ILE N 408 14.17 78.17 -17.46
CA ILE N 408 15.36 77.33 -17.46
C ILE N 408 16.05 77.50 -18.82
N ARG N 409 17.36 77.24 -18.85
CA ARG N 409 18.12 77.37 -20.09
C ARG N 409 19.44 76.62 -19.93
N GLY N 410 20.00 76.24 -21.07
CA GLY N 410 21.30 75.60 -21.11
C GLY N 410 21.21 74.09 -21.30
N GLY N 411 22.32 73.51 -21.75
CA GLY N 411 22.42 72.07 -21.92
C GLY N 411 21.71 71.57 -23.16
N THR N 412 21.77 70.25 -23.35
CA THR N 412 21.02 69.63 -24.44
C THR N 412 19.52 69.69 -24.14
N ARG N 413 18.73 69.58 -25.21
CA ARG N 413 17.28 69.74 -25.07
C ARG N 413 16.65 68.55 -24.35
N LYS N 414 17.26 67.37 -24.45
CA LYS N 414 16.71 66.19 -23.79
C LYS N 414 16.82 66.30 -22.27
N TYR N 415 18.04 66.46 -21.75
CA TYR N 415 18.25 66.44 -20.31
C TYR N 415 17.74 67.71 -19.64
N ALA N 416 17.68 68.83 -20.37
CA ALA N 416 17.26 70.08 -19.76
C ALA N 416 15.79 70.04 -19.37
N PHE N 417 14.91 69.71 -20.31
CA PHE N 417 13.48 69.71 -20.05
C PHE N 417 13.03 68.48 -19.26
N GLU N 418 13.85 67.44 -19.21
CA GLU N 418 13.57 66.34 -18.27
C GLU N 418 13.68 66.81 -16.83
N LEU N 419 14.58 67.76 -16.57
CA LEU N 419 14.63 68.37 -15.25
C LEU N 419 13.46 69.32 -15.04
N LYS N 420 13.03 70.00 -16.10
CA LYS N 420 11.95 70.97 -15.99
C LYS N 420 10.63 70.30 -15.62
N GLU N 421 10.33 69.16 -16.25
CA GLU N 421 9.06 68.48 -15.99
C GLU N 421 8.98 67.96 -14.57
N LYS N 422 10.08 67.45 -14.02
CA LYS N 422 10.09 66.91 -12.68
C LYS N 422 10.23 67.99 -11.61
N LEU N 423 10.76 69.15 -11.98
CA LEU N 423 10.87 70.25 -11.01
C LEU N 423 9.51 70.91 -10.77
N LEU N 424 8.73 71.09 -11.82
CA LEU N 424 7.44 71.78 -11.73
C LEU N 424 6.44 70.84 -11.08
N ARG N 425 6.15 71.07 -9.79
CA ARG N 425 5.15 70.33 -9.03
C ARG N 425 5.44 68.83 -8.97
N GLY N 426 6.69 68.44 -9.18
CA GLY N 426 7.06 67.04 -9.10
C GLY N 426 7.22 66.55 -7.68
N THR N 427 7.86 67.38 -6.84
CA THR N 427 8.09 67.16 -5.41
C THR N 427 9.03 65.99 -5.14
N VAL N 428 9.52 65.30 -6.17
CA VAL N 428 10.44 64.17 -6.01
C VAL N 428 11.58 64.40 -6.99
N ILE N 429 12.70 64.90 -6.50
CA ILE N 429 13.88 65.14 -7.33
C ILE N 429 14.73 63.88 -7.32
N ASP N 430 15.27 63.53 -8.49
CA ASP N 430 16.10 62.35 -8.65
C ASP N 430 17.57 62.68 -8.40
N VAL N 431 18.37 61.64 -8.22
CA VAL N 431 19.81 61.82 -8.07
C VAL N 431 20.53 61.77 -9.42
N THR N 432 20.02 60.99 -10.37
CA THR N 432 20.70 60.84 -11.66
C THR N 432 20.36 61.97 -12.63
N ASP N 433 19.18 62.57 -12.49
CA ASP N 433 18.79 63.63 -13.42
C ASP N 433 19.67 64.87 -13.27
N PHE N 434 20.13 65.16 -12.06
CA PHE N 434 21.02 66.30 -11.87
C PHE N 434 22.39 66.06 -12.49
N VAL N 435 22.89 64.82 -12.40
CA VAL N 435 24.14 64.48 -13.05
C VAL N 435 23.99 64.55 -14.57
N ASN N 436 22.84 64.10 -15.09
CA ASN N 436 22.58 64.22 -16.51
C ASN N 436 22.52 65.68 -16.94
N TRP N 437 21.90 66.53 -16.13
CA TRP N 437 21.87 67.96 -16.41
C TRP N 437 23.28 68.56 -16.39
N ALA N 438 24.11 68.11 -15.45
CA ALA N 438 25.48 68.60 -15.39
C ALA N 438 26.26 68.22 -16.64
N SER N 439 26.15 66.96 -17.06
CA SER N 439 26.83 66.54 -18.28
C SER N 439 26.29 67.28 -19.51
N SER N 440 24.98 67.51 -19.54
CA SER N 440 24.36 68.20 -20.66
C SER N 440 24.85 69.64 -20.74
N ILE N 441 24.95 70.33 -19.61
CA ILE N 441 25.40 71.71 -19.63
C ILE N 441 26.91 71.79 -19.84
N ASN N 442 27.64 70.73 -19.49
CA ASN N 442 29.04 70.64 -19.90
C ASN N 442 29.16 70.52 -21.41
N ASP N 443 28.23 69.78 -22.02
CA ASP N 443 28.21 69.69 -23.47
C ASP N 443 27.85 71.03 -24.11
N ALA N 444 26.85 71.72 -23.57
CA ALA N 444 26.40 73.00 -24.13
C ALA N 444 26.09 73.97 -23.00
N PRO N 445 27.02 74.88 -22.68
CA PRO N 445 26.73 75.89 -21.64
C PRO N 445 26.09 77.14 -22.22
N VAL N 446 25.84 78.14 -21.36
CA VAL N 446 25.26 79.41 -21.78
C VAL N 446 25.72 80.48 -20.80
N LEU N 447 25.59 81.74 -21.19
CA LEU N 447 26.07 82.85 -20.37
C LEU N 447 25.26 82.97 -19.08
N ILE N 448 25.95 83.38 -18.01
CA ILE N 448 25.32 83.64 -16.72
C ILE N 448 25.60 85.08 -16.31
N SER N 449 26.87 85.40 -16.12
CA SER N 449 27.32 86.73 -15.76
C SER N 449 28.20 87.27 -16.88
N GLN N 450 28.01 88.55 -17.21
CA GLN N 450 28.66 89.16 -18.35
C GLN N 450 29.20 90.52 -17.97
N LYS N 451 30.53 90.66 -17.99
CA LYS N 451 31.15 91.96 -17.81
C LYS N 451 31.17 92.70 -19.13
N LEU N 452 30.83 93.98 -19.09
CA LEU N 452 30.51 94.74 -20.29
C LEU N 452 31.64 95.69 -20.65
N SER N 453 31.73 96.02 -21.95
CA SER N 453 32.75 96.92 -22.46
C SER N 453 32.26 97.55 -23.75
N PRO N 454 32.45 98.85 -23.95
CA PRO N 454 31.92 99.49 -25.17
C PRO N 454 32.65 99.03 -26.42
N ILE N 455 31.95 99.11 -27.55
CA ILE N 455 32.50 98.65 -28.82
C ILE N 455 33.55 99.62 -29.34
N TYR N 456 33.32 100.93 -29.21
CA TYR N 456 34.24 101.91 -29.77
C TYR N 456 35.63 101.82 -29.16
N ASN N 457 35.80 101.09 -28.06
CA ASN N 457 37.13 100.81 -27.54
C ASN N 457 37.78 99.61 -28.23
N LEU N 458 37.01 98.86 -29.02
CA LEU N 458 37.51 97.67 -29.71
C LEU N 458 37.99 97.97 -31.13
N VAL N 459 37.75 99.17 -31.65
CA VAL N 459 38.17 99.52 -33.00
C VAL N 459 39.69 99.45 -33.09
N PRO N 460 40.27 98.92 -34.17
CA PRO N 460 41.72 98.85 -34.27
C PRO N 460 42.35 100.24 -34.39
N VAL N 461 43.48 100.42 -33.71
CA VAL N 461 44.20 101.69 -33.68
C VAL N 461 44.98 101.84 -34.99
N LYS N 462 45.52 103.05 -35.23
CA LYS N 462 46.34 103.38 -36.38
C LYS N 462 45.74 102.88 -37.70
N MET N 463 44.42 102.98 -37.81
CA MET N 463 43.71 102.62 -39.02
C MET N 463 43.61 103.86 -39.92
N LYS N 464 42.75 103.79 -40.95
CA LYS N 464 42.56 104.92 -41.84
C LYS N 464 42.13 106.17 -41.08
N ASN N 465 40.97 106.09 -40.43
CA ASN N 465 40.41 107.19 -39.63
C ASN N 465 39.90 106.67 -38.30
N ALA N 466 40.76 105.90 -37.60
CA ALA N 466 40.33 105.18 -36.42
C ALA N 466 39.81 106.11 -35.34
N HIS N 467 40.55 107.18 -35.03
CA HIS N 467 40.18 108.05 -33.91
C HIS N 467 38.84 108.74 -34.16
N LEU N 468 38.69 109.37 -35.33
CA LEU N 468 37.44 110.06 -35.63
C LEU N 468 36.28 109.08 -35.69
N LYS N 469 36.52 107.89 -36.27
CA LYS N 469 35.50 106.85 -36.24
C LYS N 469 35.21 106.37 -34.83
N LYS N 470 36.21 106.39 -33.95
CA LYS N 470 36.00 105.98 -32.56
C LYS N 470 35.02 106.91 -31.86
N GLN N 471 35.30 108.21 -31.86
CA GLN N 471 34.40 109.18 -31.26
C GLN N 471 33.05 109.22 -31.98
N ASN N 472 33.06 108.94 -33.29
CA ASN N 472 31.81 108.93 -34.05
C ASN N 472 30.91 107.79 -33.60
N LEU N 473 31.48 106.59 -33.46
CA LEU N 473 30.71 105.46 -32.94
C LEU N 473 30.35 105.66 -31.47
N GLU N 474 31.15 106.40 -30.72
CA GLU N 474 30.77 106.72 -29.34
C GLU N 474 29.54 107.61 -29.31
N ARG N 475 29.52 108.66 -30.14
CA ARG N 475 28.32 109.49 -30.26
C ARG N 475 27.14 108.67 -30.77
N ALA N 476 27.40 107.72 -31.66
CA ALA N 476 26.33 106.89 -32.20
C ALA N 476 25.71 106.00 -31.12
N ILE N 477 26.55 105.35 -30.31
CA ILE N 477 26.03 104.49 -29.26
C ILE N 477 25.35 105.32 -28.17
N GLU N 478 25.83 106.54 -27.91
CA GLU N 478 25.15 107.41 -26.97
C GLU N 478 23.77 107.80 -27.48
N ASP N 479 23.67 108.20 -28.75
CA ASP N 479 22.38 108.55 -29.33
C ASP N 479 21.47 107.33 -29.40
N TYR N 480 22.03 106.14 -29.56
CA TYR N 480 21.23 104.92 -29.56
C TYR N 480 20.64 104.64 -28.18
N ILE N 481 21.49 104.71 -27.15
CA ILE N 481 21.03 104.39 -25.80
C ILE N 481 20.13 105.47 -25.22
N ASN N 482 20.23 106.70 -25.71
CA ASN N 482 19.39 107.79 -25.21
C ASN N 482 18.28 108.18 -26.17
N GLU N 483 18.17 107.52 -27.32
CA GLU N 483 17.19 107.92 -28.33
C GLU N 483 15.82 107.33 -28.04
N PHE N 484 15.70 106.01 -28.04
CA PHE N 484 14.43 105.33 -27.85
C PHE N 484 14.54 104.34 -26.71
N SER N 485 13.61 104.43 -25.76
CA SER N 485 13.57 103.56 -24.59
C SER N 485 12.23 103.81 -23.89
N VAL N 486 12.06 103.20 -22.71
CA VAL N 486 10.88 103.45 -21.91
C VAL N 486 10.83 104.91 -21.46
N ARG N 487 12.00 105.55 -21.37
CA ARG N 487 12.06 106.94 -20.92
C ARG N 487 11.29 107.87 -21.87
N LYS N 488 11.36 107.60 -23.17
CA LYS N 488 10.71 108.46 -24.15
C LYS N 488 9.27 108.07 -24.43
N CYS N 489 8.87 106.85 -24.08
CA CYS N 489 7.51 106.39 -24.31
C CYS N 489 6.59 106.99 -23.25
N HIS N 490 5.33 106.58 -23.24
CA HIS N 490 4.34 107.10 -22.32
C HIS N 490 4.21 106.18 -21.10
N THR N 491 3.82 106.78 -19.98
CA THR N 491 3.70 106.05 -18.73
C THR N 491 2.35 105.34 -18.65
N CYS N 492 2.37 104.10 -18.16
CA CYS N 492 1.15 103.31 -18.01
C CYS N 492 0.40 103.73 -16.76
N GLN N 493 -0.67 103.02 -16.43
CA GLN N 493 -1.50 103.33 -15.29
C GLN N 493 -1.31 102.30 -14.17
N ASN N 494 -1.63 102.73 -12.95
CA ASN N 494 -1.55 101.88 -11.76
C ASN N 494 -0.14 101.32 -11.55
N GLY N 495 0.86 102.15 -11.86
CA GLY N 495 2.24 101.73 -11.66
C GLY N 495 2.67 100.55 -12.49
N GLY N 496 2.02 100.33 -13.63
CA GLY N 496 2.36 99.21 -14.48
C GLY N 496 3.74 99.39 -15.10
N THR N 497 4.62 98.42 -14.89
CA THR N 497 5.97 98.48 -15.48
C THR N 497 5.89 98.45 -16.99
N VAL N 498 6.39 99.50 -17.63
CA VAL N 498 6.32 99.66 -19.07
C VAL N 498 7.54 99.00 -19.71
N ILE N 499 7.30 98.18 -20.74
CA ILE N 499 8.36 97.52 -21.48
C ILE N 499 8.29 97.99 -22.94
N LEU N 500 9.31 97.58 -23.70
CA LEU N 500 9.40 97.93 -25.12
C LEU N 500 9.89 96.71 -25.88
N MET N 501 9.02 96.09 -26.66
CA MET N 501 9.34 94.90 -27.44
C MET N 501 9.10 95.20 -28.91
N ASP N 502 10.12 95.76 -29.57
CA ASP N 502 10.11 96.03 -31.00
C ASP N 502 8.91 96.90 -31.40
N GLY N 503 8.89 98.11 -30.84
CA GLY N 503 7.85 99.09 -31.13
C GLY N 503 6.65 99.06 -30.21
N LYS N 504 6.17 97.87 -29.88
CA LYS N 504 5.02 97.72 -28.99
C LYS N 504 5.41 98.16 -27.59
N CYS N 505 4.93 99.33 -27.17
CA CYS N 505 5.25 99.89 -25.86
C CYS N 505 4.18 99.49 -24.85
N LEU N 506 4.08 98.18 -24.61
CA LEU N 506 3.11 97.66 -23.67
C LEU N 506 3.61 97.83 -22.23
N CYS N 507 2.69 97.76 -21.29
CA CYS N 507 2.99 97.90 -19.87
C CYS N 507 2.47 96.68 -19.13
N ALA N 508 3.35 96.07 -18.33
CA ALA N 508 2.94 94.92 -17.52
C ALA N 508 2.10 95.38 -16.34
N CYS N 509 0.84 94.97 -16.32
CA CYS N 509 -0.09 95.40 -15.29
C CYS N 509 -0.01 94.47 -14.08
N PRO N 510 -0.26 94.98 -12.89
CA PRO N 510 -0.15 94.14 -11.68
C PRO N 510 -1.12 92.97 -11.70
N PHE N 511 -0.96 92.10 -10.69
CA PHE N 511 -1.73 90.86 -10.64
C PHE N 511 -3.21 91.13 -10.42
N LYS N 512 -3.54 91.98 -9.44
CA LYS N 512 -4.92 92.27 -9.09
C LYS N 512 -5.65 93.10 -10.14
N PHE N 513 -4.97 93.52 -11.20
CA PHE N 513 -5.56 94.38 -12.21
C PHE N 513 -5.67 93.61 -13.53
N GLU N 514 -6.44 94.19 -14.46
CA GLU N 514 -6.70 93.55 -15.75
C GLU N 514 -5.59 93.94 -16.73
N GLY N 515 -5.82 93.68 -18.02
CA GLY N 515 -4.77 93.73 -19.02
C GLY N 515 -4.40 95.10 -19.55
N ILE N 516 -4.39 95.22 -20.89
CA ILE N 516 -3.78 96.36 -21.57
C ILE N 516 -4.33 97.68 -21.03
N ALA N 517 -3.44 98.68 -20.96
CA ALA N 517 -3.74 100.07 -20.63
C ALA N 517 -4.15 100.25 -19.17
N CYS N 518 -4.29 99.15 -18.43
CA CYS N 518 -4.64 99.17 -17.02
C CYS N 518 -5.79 100.14 -16.74
N GLU N 519 -6.85 100.04 -17.54
CA GLU N 519 -8.00 100.93 -17.40
C GLU N 519 -9.09 100.31 -16.54
N ILE N 520 -9.59 99.14 -16.95
CA ILE N 520 -10.65 98.46 -16.21
C ILE N 520 -10.05 97.79 -14.98
N SER N 521 -10.75 97.93 -13.84
CA SER N 521 -10.19 97.50 -12.56
C SER N 521 -10.19 95.98 -12.45
N LYS N 522 -11.33 95.38 -12.77
CA LYS N 522 -11.47 93.88 -12.72
C LYS N 522 -12.00 93.51 -11.33
N GLN N 523 -11.94 94.46 -10.40
CA GLN N 523 -12.52 94.29 -9.04
C GLN N 523 -13.62 95.34 -8.96
N LYS N 524 -14.87 94.91 -9.11
CA LYS N 524 -16.03 95.83 -9.06
C LYS N 524 -16.77 95.52 -7.78
N ILE N 525 -17.07 96.54 -6.96
CA ILE N 525 -17.74 96.23 -5.68
C ILE N 525 -19.09 95.59 -6.02
N SER N 526 -19.32 94.39 -5.49
CA SER N 526 -20.60 93.66 -5.68
C SER N 526 -21.78 94.64 -5.64
N GLU N 527 -22.78 94.44 -6.51
CA GLU N 527 -23.95 95.29 -6.57
C GLU N 527 -25.12 94.58 -5.92
N GLY N 528 -25.88 95.31 -5.10
CA GLY N 528 -27.03 94.74 -4.42
C GLY N 528 -28.29 95.57 -4.60
N LEU N 529 -29.37 94.92 -4.99
CA LEU N 529 -30.65 95.61 -5.21
C LEU N 529 -31.75 94.92 -4.40
N PRO N 530 -32.20 95.52 -3.30
CA PRO N 530 -33.27 94.89 -2.51
C PRO N 530 -34.66 95.25 -3.00
N ALA N 531 -34.75 95.80 -4.21
CA ALA N 531 -36.02 96.24 -4.76
C ALA N 531 -36.97 95.07 -4.96
N LEU N 532 -38.27 95.37 -4.93
CA LEU N 532 -39.28 94.33 -5.11
C LEU N 532 -39.26 93.84 -6.55
N GLU N 533 -39.43 92.53 -6.77
CA GLU N 533 -39.42 92.01 -8.13
C GLU N 533 -40.60 92.53 -8.94
N PHE N 534 -40.32 92.95 -10.18
CA PHE N 534 -41.37 93.49 -11.04
C PHE N 534 -42.37 92.41 -11.45
N PRO N 535 -41.86 91.26 -11.86
CA PRO N 535 -42.72 90.16 -12.27
C PRO N 535 -42.01 88.82 -12.08
N SER O 18 -27.50 96.19 -41.02
CA SER O 18 -27.37 97.24 -42.01
C SER O 18 -26.53 96.78 -43.19
N HIS O 19 -27.11 96.85 -44.39
CA HIS O 19 -26.43 96.44 -45.62
C HIS O 19 -25.53 97.58 -46.08
N ILE O 20 -24.38 97.69 -45.43
CA ILE O 20 -23.41 98.74 -45.75
C ILE O 20 -22.64 98.33 -47.01
N ASP O 21 -22.71 99.18 -48.03
CA ASP O 21 -21.99 98.95 -49.28
C ASP O 21 -20.57 99.46 -49.18
N CYS O 22 -19.76 99.13 -50.19
CA CYS O 22 -18.35 99.50 -50.23
C CYS O 22 -18.16 100.68 -51.19
N ARG O 23 -17.93 101.86 -50.64
CA ARG O 23 -17.56 103.03 -51.43
C ARG O 23 -16.07 102.95 -51.70
N MET O 24 -15.71 102.16 -52.71
CA MET O 24 -14.33 101.77 -52.97
C MET O 24 -13.99 101.95 -54.44
N SER O 25 -14.30 103.12 -55.00
CA SER O 25 -13.91 103.46 -56.36
C SER O 25 -13.56 104.94 -56.49
N PRO O 26 -12.55 105.43 -55.73
CA PRO O 26 -11.98 106.74 -56.04
C PRO O 26 -10.90 106.63 -57.11
N TRP O 27 -11.20 107.14 -58.30
CA TRP O 27 -10.27 107.02 -59.42
C TRP O 27 -9.39 108.25 -59.53
N SER O 28 -8.17 108.04 -60.03
CA SER O 28 -7.17 109.07 -60.16
C SER O 28 -6.85 109.31 -61.63
N GLU O 29 -5.95 110.26 -61.88
CA GLU O 29 -5.55 110.63 -63.24
C GLU O 29 -4.39 109.76 -63.72
N TRP O 30 -4.36 109.54 -65.03
CA TRP O 30 -3.26 108.77 -65.63
C TRP O 30 -1.95 109.52 -65.48
N SER O 31 -0.94 108.83 -64.95
CA SER O 31 0.38 109.41 -64.79
C SER O 31 1.21 109.18 -66.06
N GLN O 32 2.48 109.59 -66.00
CA GLN O 32 3.36 109.45 -67.15
C GLN O 32 3.77 107.98 -67.32
N CYS O 33 3.89 107.57 -68.59
CA CYS O 33 4.30 106.21 -68.89
C CYS O 33 5.76 105.97 -68.50
N ASP O 34 6.04 104.77 -68.02
CA ASP O 34 7.41 104.38 -67.71
C ASP O 34 8.03 103.73 -68.94
N PRO O 35 9.06 104.34 -69.54
CA PRO O 35 9.60 103.77 -70.79
C PRO O 35 10.32 102.44 -70.59
N CYS O 36 11.11 102.32 -69.53
CA CYS O 36 11.89 101.10 -69.33
C CYS O 36 10.99 99.95 -68.88
N LEU O 37 10.07 100.22 -67.95
CA LEU O 37 9.19 99.17 -67.46
C LEU O 37 8.02 98.90 -68.40
N ARG O 38 7.62 99.90 -69.20
CA ARG O 38 6.52 99.78 -70.16
C ARG O 38 5.22 99.44 -69.44
N GLN O 39 4.80 100.37 -68.57
CA GLN O 39 3.59 100.19 -67.77
C GLN O 39 3.03 101.57 -67.42
N MET O 40 1.71 101.61 -67.22
CA MET O 40 1.03 102.82 -66.78
C MET O 40 0.52 102.65 -65.36
N PHE O 41 0.08 103.75 -64.77
CA PHE O 41 -0.20 103.84 -63.34
C PHE O 41 -1.55 104.49 -63.08
N ARG O 42 -2.60 103.96 -63.71
CA ARG O 42 -3.96 104.30 -63.28
C ARG O 42 -4.11 103.92 -61.80
N SER O 43 -4.34 104.91 -60.95
CA SER O 43 -4.30 104.72 -59.51
C SER O 43 -5.71 104.55 -58.95
N ARG O 44 -5.75 104.17 -57.67
CA ARG O 44 -7.00 103.93 -56.96
C ARG O 44 -6.71 103.95 -55.47
N SER O 45 -7.75 103.77 -54.67
CA SER O 45 -7.62 103.77 -53.21
C SER O 45 -8.80 103.04 -52.61
N ILE O 46 -8.60 102.51 -51.40
CA ILE O 46 -9.65 101.82 -50.66
C ILE O 46 -10.17 102.75 -49.57
N GLU O 47 -11.48 102.83 -49.42
CA GLU O 47 -12.10 103.73 -48.45
C GLU O 47 -12.97 103.01 -47.43
N VAL O 48 -13.88 102.13 -47.88
CA VAL O 48 -14.87 101.52 -47.01
C VAL O 48 -14.85 100.01 -47.24
N PHE O 49 -14.81 99.25 -46.15
CA PHE O 49 -14.85 97.79 -46.22
C PHE O 49 -16.28 97.25 -46.15
N GLY O 50 -17.00 97.58 -45.08
CA GLY O 50 -18.29 96.97 -44.81
C GLY O 50 -18.25 96.13 -43.56
N GLN O 51 -18.78 96.67 -42.46
CA GLN O 51 -18.65 96.04 -41.16
C GLN O 51 -19.63 94.89 -40.94
N PHE O 52 -20.70 94.82 -41.72
CA PHE O 52 -21.79 93.88 -41.47
C PHE O 52 -21.85 92.84 -42.59
N ASN O 53 -22.90 92.02 -42.55
CA ASN O 53 -23.09 90.91 -43.48
C ASN O 53 -23.37 91.37 -44.91
N GLY O 54 -23.29 92.67 -45.20
CA GLY O 54 -23.55 93.17 -46.53
C GLY O 54 -22.54 92.75 -47.58
N LYS O 55 -22.49 93.48 -48.68
CA LYS O 55 -21.64 93.14 -49.81
C LYS O 55 -20.16 93.13 -49.44
N ARG O 56 -19.53 91.96 -49.49
CA ARG O 56 -18.09 91.87 -49.29
C ARG O 56 -17.37 92.39 -50.53
N CYS O 57 -16.31 93.17 -50.30
CA CYS O 57 -15.58 93.82 -51.39
C CYS O 57 -14.08 93.65 -51.15
N THR O 58 -13.48 92.73 -51.90
CA THR O 58 -12.05 92.48 -51.84
C THR O 58 -11.29 93.10 -53.01
N ASP O 59 -11.86 94.14 -53.63
CA ASP O 59 -11.26 94.75 -54.81
C ASP O 59 -9.88 95.30 -54.48
N ALA O 60 -8.86 94.74 -55.12
CA ALA O 60 -7.49 95.17 -54.88
C ALA O 60 -7.22 96.52 -55.54
N VAL O 61 -6.35 97.30 -54.91
CA VAL O 61 -5.99 98.62 -55.41
C VAL O 61 -4.83 98.47 -56.41
N GLY O 62 -4.96 99.14 -57.55
CA GLY O 62 -3.92 99.12 -58.57
C GLY O 62 -4.44 98.73 -59.93
N ASP O 63 -3.79 99.25 -60.97
CA ASP O 63 -4.17 98.97 -62.35
C ASP O 63 -2.96 99.19 -63.23
N ARG O 64 -2.79 98.32 -64.23
CA ARG O 64 -1.67 98.39 -65.16
C ARG O 64 -2.17 98.49 -66.58
N ARG O 65 -1.29 98.96 -67.46
CA ARG O 65 -1.64 99.15 -68.87
C ARG O 65 -0.34 99.26 -69.68
N GLN O 66 -0.33 98.60 -70.84
CA GLN O 66 0.80 98.72 -71.75
C GLN O 66 0.80 100.11 -72.39
N CYS O 67 1.99 100.65 -72.58
CA CYS O 67 2.16 101.99 -73.14
C CYS O 67 3.38 102.01 -74.05
N VAL O 68 3.25 102.74 -75.15
CA VAL O 68 4.35 102.90 -76.10
C VAL O 68 5.42 103.79 -75.47
N PRO O 69 6.64 103.31 -75.30
CA PRO O 69 7.67 104.13 -74.66
C PRO O 69 8.13 105.26 -75.55
N THR O 70 8.33 106.44 -74.96
CA THR O 70 8.79 107.62 -75.68
C THR O 70 10.22 108.00 -75.36
N GLU O 71 10.74 107.65 -74.17
CA GLU O 71 12.11 107.93 -73.80
C GLU O 71 13.03 106.80 -74.25
N PRO O 72 14.30 107.10 -74.56
CA PRO O 72 15.20 106.06 -75.07
C PRO O 72 15.58 105.00 -74.05
N CYS O 73 15.32 105.24 -72.76
CA CYS O 73 15.67 104.30 -71.69
C CYS O 73 17.18 104.00 -71.71
N GLU O 74 17.96 105.05 -71.49
CA GLU O 74 19.42 104.91 -71.48
C GLU O 74 19.95 104.34 -70.17
N ASP O 75 19.18 104.43 -69.09
CA ASP O 75 19.62 103.91 -67.82
C ASP O 75 19.65 102.39 -67.85
N ALA O 76 20.77 101.80 -67.41
CA ALA O 76 20.93 100.36 -67.38
C ALA O 76 21.92 99.99 -66.28
N GLU O 77 21.79 98.75 -65.81
CA GLU O 77 22.64 98.24 -64.74
C GLU O 77 23.83 97.51 -65.36
N ASP O 78 25.03 98.06 -65.17
CA ASP O 78 26.23 97.42 -65.67
C ASP O 78 26.56 96.18 -64.84
N ASP O 79 27.46 95.35 -65.37
CA ASP O 79 27.85 94.12 -64.68
C ASP O 79 28.92 94.40 -63.64
N CYS O 80 28.67 95.38 -62.77
CA CYS O 80 29.45 95.69 -61.57
C CYS O 80 30.90 96.07 -61.87
N GLY O 81 31.28 96.05 -63.14
CA GLY O 81 32.58 96.52 -63.60
C GLY O 81 33.79 96.02 -62.82
N ASN O 82 33.65 94.90 -62.10
CA ASN O 82 34.69 94.44 -61.19
C ASN O 82 35.30 93.11 -61.62
N ASP O 83 34.50 92.07 -61.78
CA ASP O 83 35.03 90.74 -62.00
C ASP O 83 34.04 89.94 -62.84
N PHE O 84 34.20 88.62 -62.85
CA PHE O 84 33.36 87.74 -63.66
C PHE O 84 31.89 87.88 -63.28
N GLN O 85 31.06 88.20 -64.27
CA GLN O 85 29.63 88.31 -64.06
C GLN O 85 28.98 86.94 -64.01
N CYS O 86 28.00 86.79 -63.12
CA CYS O 86 27.23 85.56 -63.04
C CYS O 86 26.15 85.55 -64.11
N SER O 87 25.47 84.40 -64.24
CA SER O 87 24.40 84.24 -65.21
C SER O 87 23.11 84.96 -64.80
N THR O 88 23.05 85.56 -63.62
CA THR O 88 21.84 86.22 -63.16
C THR O 88 22.02 87.70 -62.84
N GLY O 89 23.24 88.17 -62.62
CA GLY O 89 23.45 89.58 -62.36
C GLY O 89 24.37 89.88 -61.19
N ARG O 90 24.68 88.86 -60.38
CA ARG O 90 25.57 89.05 -59.24
C ARG O 90 27.02 88.92 -59.70
N CYS O 91 27.96 89.17 -58.78
CA CYS O 91 29.37 89.22 -59.11
C CYS O 91 30.21 88.54 -58.03
N ILE O 92 31.35 88.00 -58.46
CA ILE O 92 32.35 87.50 -57.53
C ILE O 92 33.05 88.67 -56.86
N LYS O 93 33.20 88.60 -55.54
CA LYS O 93 33.94 89.65 -54.83
C LYS O 93 35.44 89.41 -54.90
N MET O 94 35.91 88.33 -54.27
CA MET O 94 37.32 87.97 -54.36
C MET O 94 37.59 86.48 -54.60
N ARG O 95 36.73 85.57 -54.15
CA ARG O 95 37.06 84.15 -54.18
C ARG O 95 35.85 83.29 -54.56
N LEU O 96 34.92 83.83 -55.33
CA LEU O 96 33.74 83.09 -55.75
C LEU O 96 34.00 82.23 -56.99
N ARG O 97 35.27 81.92 -57.28
CA ARG O 97 35.61 81.08 -58.41
C ARG O 97 35.35 79.62 -58.05
N CYS O 98 35.89 78.71 -58.86
CA CYS O 98 35.62 77.28 -58.72
C CYS O 98 36.33 76.75 -57.48
N ASN O 99 35.72 77.01 -56.33
CA ASN O 99 36.23 76.58 -55.03
C ASN O 99 35.13 75.95 -54.19
N GLY O 100 34.17 75.28 -54.83
CA GLY O 100 33.06 74.68 -54.12
C GLY O 100 32.14 75.67 -53.44
N ASP O 101 31.98 76.85 -54.03
CA ASP O 101 31.16 77.93 -53.45
C ASP O 101 29.93 78.11 -54.34
N ASN O 102 28.83 77.48 -53.95
CA ASN O 102 27.59 77.54 -54.72
C ASN O 102 26.89 78.86 -54.43
N ASP O 103 26.81 79.73 -55.44
CA ASP O 103 26.11 81.00 -55.32
C ASP O 103 24.94 81.12 -56.30
N CYS O 104 25.18 80.89 -57.59
CA CYS O 104 24.17 81.14 -58.61
C CYS O 104 23.30 79.90 -58.86
N GLY O 105 23.92 78.81 -59.28
CA GLY O 105 23.19 77.59 -59.56
C GLY O 105 23.93 76.34 -59.13
N ASP O 106 23.39 75.17 -59.44
CA ASP O 106 24.07 73.92 -59.12
C ASP O 106 25.43 73.86 -59.81
N PHE O 107 25.45 74.01 -61.13
CA PHE O 107 26.69 74.07 -61.90
C PHE O 107 26.84 75.38 -62.66
N SER O 108 26.04 76.40 -62.32
CA SER O 108 26.15 77.68 -63.00
C SER O 108 27.47 78.37 -62.67
N ASP O 109 27.77 78.54 -61.38
CA ASP O 109 29.06 79.08 -60.99
C ASP O 109 30.18 78.09 -61.27
N GLU O 110 29.89 76.79 -61.23
CA GLU O 110 30.85 75.75 -61.55
C GLU O 110 30.81 75.35 -63.03
N ASP O 111 30.44 76.28 -63.90
CA ASP O 111 30.31 76.00 -65.32
C ASP O 111 31.58 75.38 -65.90
N ASP O 112 32.71 76.07 -65.75
CA ASP O 112 33.98 75.59 -66.28
C ASP O 112 35.06 75.79 -65.23
N CYS O 113 35.86 74.76 -64.99
CA CYS O 113 36.92 74.79 -63.99
C CYS O 113 38.20 74.29 -64.64
N GLU O 114 39.11 75.22 -64.98
CA GLU O 114 40.39 74.84 -65.54
C GLU O 114 41.35 74.35 -64.46
N SER O 115 41.34 75.00 -63.30
CA SER O 115 42.18 74.59 -62.19
C SER O 115 41.56 73.38 -61.48
N GLU O 116 42.31 72.83 -60.54
CA GLU O 116 41.83 71.68 -59.79
C GLU O 116 40.68 72.09 -58.87
N PRO O 117 39.72 71.20 -58.65
CA PRO O 117 38.60 71.52 -57.76
C PRO O 117 39.03 71.56 -56.29
N ARG O 118 39.74 72.61 -55.91
CA ARG O 118 40.24 72.76 -54.55
C ARG O 118 39.07 72.88 -53.58
N PRO O 119 38.93 71.99 -52.60
CA PRO O 119 37.85 72.12 -51.63
C PRO O 119 38.10 73.28 -50.68
N PRO O 120 37.07 73.99 -50.26
CA PRO O 120 37.27 75.13 -49.36
C PRO O 120 37.59 74.69 -47.93
N CYS O 121 37.09 73.54 -47.50
CA CYS O 121 37.29 73.05 -46.15
C CYS O 121 37.44 71.54 -46.17
N ARG O 122 38.40 71.03 -45.40
CA ARG O 122 38.68 69.61 -45.36
C ARG O 122 37.85 68.85 -44.33
N ASP O 123 37.51 69.50 -43.22
CA ASP O 123 36.74 68.84 -42.18
C ASP O 123 35.33 68.52 -42.67
N ARG O 124 34.75 67.48 -42.07
CA ARG O 124 33.41 67.02 -42.44
C ARG O 124 32.39 67.85 -41.67
N VAL O 125 31.68 68.72 -42.38
CA VAL O 125 30.65 69.58 -41.81
C VAL O 125 29.36 69.32 -42.56
N VAL O 126 28.36 68.78 -41.87
CA VAL O 126 27.10 68.44 -42.50
C VAL O 126 26.32 69.73 -42.80
N GLU O 127 25.64 69.75 -43.94
CA GLU O 127 24.84 70.90 -44.33
C GLU O 127 23.68 71.08 -43.37
N GLU O 128 23.21 72.33 -43.27
CA GLU O 128 22.13 72.69 -42.35
C GLU O 128 20.82 72.11 -42.88
N SER O 129 20.39 70.99 -42.31
CA SER O 129 19.22 70.26 -42.78
C SER O 129 18.01 70.65 -41.93
N GLU O 130 17.02 71.30 -42.57
CA GLU O 130 15.72 71.63 -41.99
C GLU O 130 15.84 72.56 -40.78
N LEU O 131 17.01 73.11 -40.53
CA LEU O 131 17.24 74.01 -39.41
C LEU O 131 17.01 75.45 -39.90
N ALA O 132 17.48 76.44 -39.13
CA ALA O 132 17.22 77.86 -39.39
C ALA O 132 17.80 78.35 -40.71
N ARG O 133 18.38 77.45 -41.51
CA ARG O 133 18.90 77.76 -42.84
C ARG O 133 17.96 78.67 -43.63
N THR O 134 16.65 78.44 -43.50
CA THR O 134 15.65 79.32 -44.09
C THR O 134 15.28 80.38 -43.04
N ALA O 135 16.17 81.37 -42.92
CA ALA O 135 16.07 82.39 -41.88
C ALA O 135 15.28 83.62 -42.33
N GLY O 136 14.87 83.68 -43.59
CA GLY O 136 14.10 84.82 -44.08
C GLY O 136 12.62 84.63 -43.79
N TYR O 137 11.99 85.67 -43.28
CA TYR O 137 10.58 85.62 -42.93
C TYR O 137 9.94 86.98 -43.20
N GLY O 138 8.78 86.96 -43.86
CA GLY O 138 8.12 88.18 -44.29
C GLY O 138 6.80 88.46 -43.60
N ILE O 139 6.78 88.29 -42.26
CA ILE O 139 5.54 88.42 -41.50
C ILE O 139 4.85 89.74 -41.81
N ASN O 140 3.52 89.68 -41.91
CA ASN O 140 2.68 90.85 -42.14
C ASN O 140 2.10 91.30 -40.80
N ILE O 141 2.39 92.53 -40.40
CA ILE O 141 1.87 93.05 -39.14
C ILE O 141 0.35 93.12 -39.18
N LEU O 142 -0.23 93.37 -40.36
CA LEU O 142 -1.68 93.35 -40.53
C LEU O 142 -2.20 92.00 -40.99
N GLY O 143 -1.32 91.07 -41.33
CA GLY O 143 -1.74 89.79 -41.88
C GLY O 143 -1.69 88.62 -40.92
N MET O 144 -0.73 87.73 -41.11
CA MET O 144 -0.70 86.45 -40.42
C MET O 144 0.76 86.03 -40.24
N ASP O 145 0.97 84.73 -39.97
CA ASP O 145 2.26 84.12 -39.67
C ASP O 145 3.34 84.49 -40.69
N PRO O 146 4.62 84.40 -40.32
CA PRO O 146 5.69 84.84 -41.22
C PRO O 146 5.68 84.11 -42.56
N LEU O 147 6.34 84.73 -43.53
CA LEU O 147 6.43 84.26 -44.90
C LEU O 147 7.73 83.46 -45.08
N SER O 148 8.04 83.09 -46.32
CA SER O 148 9.27 82.38 -46.63
C SER O 148 10.43 83.36 -46.71
N THR O 149 11.56 82.91 -47.20
CA THR O 149 12.74 83.76 -47.27
C THR O 149 12.67 84.65 -48.52
N PRO O 150 12.77 85.98 -48.36
CA PRO O 150 12.79 86.87 -49.52
C PRO O 150 14.17 87.00 -50.17
N PHE O 151 15.18 86.30 -49.66
CA PHE O 151 16.54 86.42 -50.14
C PHE O 151 17.20 85.05 -50.17
N ASP O 152 18.37 84.99 -50.81
CA ASP O 152 19.14 83.75 -50.86
C ASP O 152 19.88 83.57 -49.54
N ASN O 153 19.80 82.36 -48.98
CA ASN O 153 20.43 82.06 -47.70
C ASN O 153 21.40 80.90 -47.80
N GLU O 154 21.75 80.45 -49.00
CA GLU O 154 22.70 79.38 -49.21
C GLU O 154 24.11 79.87 -49.52
N PHE O 155 24.23 81.10 -50.00
CA PHE O 155 25.54 81.64 -50.37
C PHE O 155 26.45 81.76 -49.15
N TYR O 156 27.74 81.50 -49.36
CA TYR O 156 28.76 81.68 -48.34
C TYR O 156 29.96 82.37 -48.97
N ASN O 157 30.71 83.10 -48.15
CA ASN O 157 31.76 83.98 -48.67
C ASN O 157 33.12 83.29 -48.74
N GLY O 158 33.65 82.86 -47.59
CA GLY O 158 35.01 82.38 -47.54
C GLY O 158 35.22 81.10 -46.74
N LEU O 159 36.12 81.15 -45.78
CA LEU O 159 36.41 79.99 -44.94
C LEU O 159 35.19 79.62 -44.10
N CYS O 160 34.90 78.32 -44.04
CA CYS O 160 33.76 77.84 -43.27
C CYS O 160 33.85 78.28 -41.82
N ASN O 161 32.72 78.71 -41.27
CA ASN O 161 32.62 79.09 -39.87
C ASN O 161 31.96 77.94 -39.11
N ARG O 162 32.71 77.32 -38.22
CA ARG O 162 32.23 76.13 -37.54
C ARG O 162 31.06 76.46 -36.61
N ASP O 163 30.14 75.51 -36.50
CA ASP O 163 28.95 75.60 -35.67
C ASP O 163 28.89 74.41 -34.72
N ARG O 164 30.00 74.15 -34.05
CA ARG O 164 30.18 72.95 -33.23
C ARG O 164 29.31 73.07 -31.99
N ASP O 165 28.02 72.77 -32.16
CA ASP O 165 27.04 72.82 -31.09
C ASP O 165 25.82 72.03 -31.53
N GLY O 166 24.95 71.75 -30.57
CA GLY O 166 23.72 71.02 -30.85
C GLY O 166 23.53 69.86 -29.89
N ASN O 167 22.39 69.18 -30.08
CA ASN O 167 22.06 68.03 -29.24
C ASN O 167 23.07 66.91 -29.42
N THR O 168 23.21 66.41 -30.64
CA THR O 168 24.15 65.34 -30.93
C THR O 168 25.49 65.91 -31.38
N LEU O 169 26.41 65.01 -31.74
CA LEU O 169 27.74 65.42 -32.19
C LEU O 169 27.70 65.54 -33.71
N THR O 170 27.43 66.75 -34.18
CA THR O 170 27.36 67.02 -35.62
C THR O 170 27.70 68.48 -35.86
N TYR O 171 28.32 68.76 -37.00
CA TYR O 171 28.78 70.09 -37.35
C TYR O 171 27.92 70.63 -38.48
N TYR O 172 27.28 71.77 -38.24
CA TYR O 172 26.45 72.43 -39.24
C TYR O 172 27.18 73.63 -39.84
N ARG O 173 26.63 74.15 -40.93
CA ARG O 173 27.16 75.33 -41.60
C ARG O 173 26.30 76.55 -41.31
N ARG O 174 26.94 77.71 -41.22
CA ARG O 174 26.25 78.97 -41.05
C ARG O 174 26.53 79.85 -42.27
N PRO O 175 25.52 80.25 -43.03
CA PRO O 175 25.77 81.06 -44.24
C PRO O 175 26.28 82.44 -43.89
N TRP O 176 26.97 83.04 -44.85
CA TRP O 176 27.52 84.38 -44.67
C TRP O 176 26.44 85.43 -44.49
N ASN O 177 25.21 85.14 -44.93
CA ASN O 177 24.12 86.10 -44.73
C ASN O 177 23.60 86.06 -43.30
N VAL O 178 23.61 84.89 -42.66
CA VAL O 178 23.18 84.78 -41.27
C VAL O 178 24.35 85.16 -40.36
N ALA O 179 24.16 86.21 -39.56
CA ALA O 179 25.26 86.71 -38.73
C ALA O 179 25.50 85.79 -37.54
N SER O 180 24.45 85.24 -36.95
CA SER O 180 24.60 84.43 -35.75
C SER O 180 23.46 83.43 -35.66
N LEU O 181 23.73 82.31 -35.01
CA LEU O 181 22.71 81.31 -34.72
C LEU O 181 23.12 80.55 -33.46
N ILE O 182 22.20 80.46 -32.51
CA ILE O 182 22.46 79.76 -31.25
C ILE O 182 21.51 78.56 -31.16
N TYR O 183 21.93 77.57 -30.36
CA TYR O 183 21.18 76.34 -30.17
C TYR O 183 20.64 76.22 -28.75
N GLU O 184 20.38 77.35 -28.10
CA GLU O 184 19.88 77.35 -26.74
C GLU O 184 18.48 76.74 -26.69
N THR O 185 18.32 75.70 -25.88
CA THR O 185 17.04 75.00 -25.75
C THR O 185 16.25 75.54 -24.56
N LYS O 186 15.99 76.85 -24.60
CA LYS O 186 15.22 77.50 -23.54
C LYS O 186 13.80 76.96 -23.52
N GLY O 187 13.18 76.99 -22.33
CA GLY O 187 11.82 76.54 -22.18
C GLY O 187 11.18 77.02 -20.89
N GLU O 188 9.97 77.56 -20.98
CA GLU O 188 9.27 78.07 -19.82
C GLU O 188 7.78 77.88 -19.98
N LYS O 189 7.06 77.92 -18.87
CA LYS O 189 5.61 77.79 -18.86
C LYS O 189 5.08 78.42 -17.58
N ASN O 190 3.80 78.77 -17.60
CA ASN O 190 3.17 79.43 -16.47
C ASN O 190 1.85 78.76 -16.14
N PHE O 191 1.39 78.99 -14.93
CA PHE O 191 0.05 78.61 -14.58
C PHE O 191 -0.53 79.70 -13.74
N ARG O 192 -1.84 79.72 -13.72
CA ARG O 192 -2.60 80.67 -12.91
C ARG O 192 -4.00 80.16 -12.70
N THR O 193 -4.65 80.67 -11.66
CA THR O 193 -6.05 80.38 -11.37
C THR O 193 -6.55 81.38 -10.33
N GLU O 194 -7.86 81.56 -10.29
CA GLU O 194 -8.48 82.48 -9.36
C GLU O 194 -9.91 82.03 -9.09
N HIS O 195 -10.54 82.66 -8.11
CA HIS O 195 -11.92 82.34 -7.75
C HIS O 195 -12.62 83.60 -7.27
N TYR O 196 -13.85 83.79 -7.75
CA TYR O 196 -14.71 84.88 -7.33
C TYR O 196 -15.99 84.32 -6.73
N GLU O 197 -16.51 84.98 -5.72
CA GLU O 197 -17.72 84.52 -5.05
C GLU O 197 -18.55 85.72 -4.62
N GLU O 198 -19.85 85.64 -4.85
CA GLU O 198 -20.79 86.68 -4.47
C GLU O 198 -22.09 86.04 -3.98
N GLN O 199 -22.62 86.56 -2.89
CA GLN O 199 -23.84 86.03 -2.31
C GLN O 199 -24.57 87.15 -1.58
N ILE O 200 -25.89 87.18 -1.72
CA ILE O 200 -26.72 88.15 -1.01
C ILE O 200 -28.05 87.50 -0.66
N GLU O 201 -28.54 87.78 0.55
CA GLU O 201 -29.81 87.25 1.02
C GLU O 201 -30.50 88.32 1.86
N ALA O 202 -31.83 88.39 1.74
CA ALA O 202 -32.62 89.37 2.48
C ALA O 202 -33.96 88.75 2.83
N PHE O 203 -34.34 88.85 4.11
CA PHE O 203 -35.61 88.35 4.61
C PHE O 203 -36.42 89.50 5.18
N LYS O 204 -37.72 89.51 4.88
CA LYS O 204 -38.62 90.54 5.37
C LYS O 204 -39.95 89.92 5.74
N SER O 205 -40.49 90.32 6.89
CA SER O 205 -41.78 89.83 7.37
C SER O 205 -42.50 90.96 8.10
N ILE O 206 -43.75 91.18 7.74
CA ILE O 206 -44.57 92.23 8.34
C ILE O 206 -45.94 91.65 8.67
N ILE O 207 -46.42 91.88 9.88
CA ILE O 207 -47.71 91.36 10.34
C ILE O 207 -48.46 92.48 11.03
N GLN O 208 -49.78 92.52 10.81
CA GLN O 208 -50.66 93.52 11.41
C GLN O 208 -51.85 92.83 12.05
N GLU O 209 -52.31 93.36 13.17
CA GLU O 209 -53.44 92.80 13.89
C GLU O 209 -54.24 93.93 14.52
N LYS O 210 -55.55 93.93 14.28
CA LYS O 210 -56.46 94.93 14.83
C LYS O 210 -57.78 94.27 15.16
N THR O 211 -58.36 94.64 16.31
CA THR O 211 -59.62 94.09 16.78
C THR O 211 -60.49 95.22 17.28
N SER O 212 -61.78 95.18 16.92
CA SER O 212 -62.72 96.23 17.30
C SER O 212 -64.01 95.61 17.80
N ASN O 213 -64.48 96.08 18.95
CA ASN O 213 -65.73 95.61 19.54
C ASN O 213 -66.43 96.78 20.20
N PHE O 214 -67.77 96.78 20.14
CA PHE O 214 -68.57 97.86 20.69
C PHE O 214 -69.82 97.29 21.36
N ASN O 215 -70.29 97.98 22.39
CA ASN O 215 -71.47 97.60 23.14
C ASN O 215 -72.40 98.81 23.27
N ALA O 216 -73.70 98.55 23.28
CA ALA O 216 -74.68 99.62 23.47
C ALA O 216 -75.95 99.01 24.05
N ALA O 217 -76.21 99.28 25.32
CA ALA O 217 -77.39 98.76 26.02
C ALA O 217 -78.06 99.89 26.78
N ILE O 218 -79.35 100.08 26.54
CA ILE O 218 -80.15 101.09 27.23
C ILE O 218 -81.55 100.54 27.43
N SER O 219 -82.07 100.66 28.65
CA SER O 219 -83.40 100.16 28.99
C SER O 219 -84.22 101.29 29.59
N LEU O 220 -85.51 101.32 29.24
CA LEU O 220 -86.42 102.36 29.71
C LEU O 220 -87.75 101.74 30.07
N LYS O 221 -88.21 101.95 31.30
CA LYS O 221 -89.49 101.45 31.76
C LYS O 221 -90.18 102.53 32.57
N PHE O 222 -91.51 102.59 32.45
CA PHE O 222 -92.30 103.61 33.10
C PHE O 222 -93.52 102.99 33.75
N THR O 223 -93.77 103.35 35.02
CA THR O 223 -94.93 102.88 35.75
C THR O 223 -95.35 103.91 36.80
N PRO O 224 -96.46 104.64 36.57
CA PRO O 224 -96.93 105.64 37.54
C PRO O 224 -97.64 105.01 38.73
N SER O 242 -104.82 101.92 35.21
CA SER O 242 -103.49 101.33 35.29
C SER O 242 -102.66 101.68 34.06
N LEU O 243 -101.37 101.91 34.27
CA LEU O 243 -100.45 102.25 33.19
C LEU O 243 -99.11 101.60 33.46
N HIS O 244 -98.55 100.94 32.44
CA HIS O 244 -97.26 100.27 32.57
C HIS O 244 -96.49 100.41 31.27
N GLY O 245 -95.17 100.47 31.39
CA GLY O 245 -94.30 100.57 30.22
C GLY O 245 -92.94 99.94 30.48
N LYS O 246 -92.37 99.32 29.44
CA LYS O 246 -91.07 98.69 29.58
C LYS O 246 -90.42 98.55 28.21
N GLY O 247 -89.18 99.00 28.10
CA GLY O 247 -88.43 98.89 26.86
C GLY O 247 -86.94 98.75 27.11
N SER O 248 -86.27 97.92 26.32
CA SER O 248 -84.84 97.68 26.50
C SER O 248 -84.17 97.56 25.13
N PHE O 249 -83.04 98.23 24.98
CA PHE O 249 -82.26 98.19 23.75
C PHE O 249 -80.97 97.44 23.99
N ARG O 250 -80.55 96.65 23.01
CA ARG O 250 -79.29 95.93 23.07
C ARG O 250 -78.59 96.04 21.72
N PHE O 251 -77.26 96.08 21.74
CA PHE O 251 -76.48 96.26 20.52
C PHE O 251 -75.09 95.67 20.73
N SER O 252 -74.55 95.06 19.68
CA SER O 252 -73.23 94.43 19.73
C SER O 252 -72.48 94.76 18.44
N TYR O 253 -71.18 94.47 18.46
CA TYR O 253 -70.32 94.75 17.32
C TYR O 253 -69.09 93.85 17.40
N SER O 254 -68.67 93.34 16.25
CA SER O 254 -67.51 92.46 16.18
C SER O 254 -66.70 92.80 14.94
N LYS O 255 -65.38 92.83 15.10
CA LYS O 255 -64.49 93.21 13.99
C LYS O 255 -63.04 92.86 14.30
N ASN O 256 -62.36 92.23 13.34
CA ASN O 256 -60.90 92.12 13.41
C ASN O 256 -60.35 92.01 12.00
N GLU O 257 -59.14 92.53 11.81
CA GLU O 257 -58.48 92.51 10.50
C GLU O 257 -57.01 92.19 10.70
N THR O 258 -56.61 90.99 10.31
CA THR O 258 -55.22 90.55 10.40
C THR O 258 -54.55 90.65 9.05
N TYR O 259 -53.40 91.32 9.01
CA TYR O 259 -52.63 91.47 7.78
C TYR O 259 -51.29 90.77 7.95
N GLN O 260 -50.79 90.20 6.85
CA GLN O 260 -49.52 89.47 6.87
C GLN O 260 -48.75 89.79 5.59
N LEU O 261 -47.45 90.00 5.74
CA LEU O 261 -46.56 90.31 4.62
C LEU O 261 -45.27 89.53 4.80
N PHE O 262 -44.74 89.02 3.67
CA PHE O 262 -43.50 88.26 3.69
C PHE O 262 -42.75 88.54 2.39
N LEU O 263 -41.44 88.79 2.51
CA LEU O 263 -40.60 89.09 1.36
C LEU O 263 -39.25 88.44 1.57
N SER O 264 -38.70 87.86 0.50
CA SER O 264 -37.41 87.20 0.55
C SER O 264 -36.64 87.48 -0.74
N TYR O 265 -35.32 87.58 -0.61
CA TYR O 265 -34.44 87.86 -1.73
C TYR O 265 -33.16 87.05 -1.57
N SER O 266 -32.65 86.54 -2.69
CA SER O 266 -31.43 85.73 -2.66
C SER O 266 -30.79 85.75 -4.04
N SER O 267 -29.46 85.84 -4.06
CA SER O 267 -28.73 85.83 -5.32
C SER O 267 -27.30 85.38 -5.05
N LYS O 268 -26.75 84.59 -5.98
CA LYS O 268 -25.39 84.09 -5.86
C LYS O 268 -24.70 84.20 -7.20
N LYS O 269 -23.41 84.57 -7.17
CA LYS O 269 -22.62 84.73 -8.38
C LYS O 269 -21.23 84.16 -8.15
N GLU O 270 -20.68 83.53 -9.18
CA GLU O 270 -19.34 82.95 -9.12
C GLU O 270 -18.67 83.13 -10.48
N LYS O 271 -17.35 83.34 -10.45
CA LYS O 271 -16.59 83.57 -11.67
C LYS O 271 -15.18 83.03 -11.49
N MET O 272 -14.67 82.40 -12.54
CA MET O 272 -13.31 81.86 -12.54
C MET O 272 -12.69 82.07 -13.91
N PHE O 273 -11.52 82.70 -13.92
CA PHE O 273 -10.78 82.97 -15.15
C PHE O 273 -9.31 82.65 -14.93
N LEU O 274 -8.71 81.96 -15.88
CA LEU O 274 -7.29 81.61 -15.78
C LEU O 274 -6.76 81.33 -17.17
N HIS O 275 -5.45 81.58 -17.34
CA HIS O 275 -4.78 81.35 -18.61
C HIS O 275 -3.38 80.83 -18.35
N VAL O 276 -2.96 79.87 -19.18
CA VAL O 276 -1.63 79.27 -19.07
C VAL O 276 -1.03 79.20 -20.47
N LYS O 277 0.30 79.20 -20.53
CA LYS O 277 1.01 79.15 -21.80
C LYS O 277 2.41 78.59 -21.57
N GLY O 278 2.90 77.87 -22.57
CA GLY O 278 4.24 77.31 -22.50
C GLY O 278 4.85 77.21 -23.88
N GLU O 279 6.16 77.41 -23.96
CA GLU O 279 6.87 77.37 -25.22
C GLU O 279 8.17 76.59 -25.05
N ILE O 280 8.51 75.80 -26.07
CA ILE O 280 9.76 75.05 -26.13
C ILE O 280 10.63 75.70 -27.19
N HIS O 281 11.57 76.53 -26.75
CA HIS O 281 12.47 77.20 -27.68
C HIS O 281 13.52 76.23 -28.19
N LEU O 282 13.84 76.33 -29.48
CA LEU O 282 14.80 75.45 -30.14
C LEU O 282 16.09 76.17 -30.48
N GLY O 283 16.00 77.26 -31.25
CA GLY O 283 17.18 78.00 -31.63
C GLY O 283 16.83 79.43 -31.98
N ARG O 284 17.86 80.27 -31.98
CA ARG O 284 17.69 81.69 -32.24
C ARG O 284 18.77 82.15 -33.21
N PHE O 285 18.38 83.05 -34.11
CA PHE O 285 19.28 83.56 -35.12
C PHE O 285 19.09 85.07 -35.25
N VAL O 286 20.12 85.75 -35.74
CA VAL O 286 20.10 87.19 -35.97
C VAL O 286 20.65 87.44 -37.36
N MET O 287 19.79 87.89 -38.28
CA MET O 287 20.21 88.17 -39.64
C MET O 287 21.12 89.38 -39.69
N ARG O 288 22.19 89.29 -40.46
CA ARG O 288 23.08 90.42 -40.69
C ARG O 288 22.33 91.54 -41.39
N ASN O 289 22.45 92.76 -40.86
CA ASN O 289 21.63 93.86 -41.36
C ASN O 289 22.14 94.35 -42.72
N ARG O 290 23.40 94.73 -42.79
CA ARG O 290 24.00 95.24 -44.02
C ARG O 290 25.00 94.22 -44.57
N ASP O 291 25.50 94.51 -45.77
CA ASP O 291 26.38 93.61 -46.51
C ASP O 291 25.68 92.26 -46.72
N VAL O 292 24.48 92.33 -47.29
CA VAL O 292 23.58 91.20 -47.43
C VAL O 292 23.49 90.81 -48.91
N VAL O 293 23.49 89.51 -49.16
CA VAL O 293 23.29 88.97 -50.51
C VAL O 293 21.83 88.62 -50.66
N LEU O 294 21.33 88.72 -51.90
CA LEU O 294 19.92 88.53 -52.20
C LEU O 294 19.76 87.43 -53.25
N THR O 295 18.54 86.91 -53.34
CA THR O 295 18.24 85.86 -54.30
C THR O 295 17.98 86.45 -55.68
N THR O 296 18.12 85.61 -56.69
CA THR O 296 17.98 86.07 -58.08
C THR O 296 16.57 86.59 -58.37
N THR O 297 15.54 85.99 -57.76
CA THR O 297 14.17 86.42 -58.03
C THR O 297 13.90 87.79 -57.43
N PHE O 298 14.33 88.00 -56.18
CA PHE O 298 14.14 89.30 -55.55
C PHE O 298 14.95 90.38 -56.24
N VAL O 299 16.18 90.04 -56.67
CA VAL O 299 17.01 91.00 -57.40
C VAL O 299 16.34 91.37 -58.72
N ASP O 300 15.78 90.38 -59.43
CA ASP O 300 15.10 90.68 -60.68
C ASP O 300 13.87 91.52 -60.45
N ASP O 301 13.15 91.28 -59.36
CA ASP O 301 11.96 92.06 -59.04
C ASP O 301 12.33 93.51 -58.71
N ILE O 302 13.42 93.71 -57.96
CA ILE O 302 13.84 95.07 -57.64
C ILE O 302 14.38 95.78 -58.87
N LYS O 303 15.02 95.04 -59.78
CA LYS O 303 15.50 95.65 -61.01
C LYS O 303 14.34 96.06 -61.91
N ALA O 304 13.34 95.20 -62.05
CA ALA O 304 12.12 95.53 -62.80
C ALA O 304 11.10 96.13 -61.83
N LEU O 305 11.38 97.36 -61.40
CA LEU O 305 10.58 98.06 -60.43
C LEU O 305 10.49 99.52 -60.83
N PRO O 306 9.31 100.13 -60.75
CA PRO O 306 9.16 101.53 -61.16
C PRO O 306 9.85 102.50 -60.20
N THR O 307 9.83 103.79 -60.55
CA THR O 307 10.47 104.80 -59.72
C THR O 307 9.64 106.07 -59.60
N THR O 308 8.37 106.05 -60.00
CA THR O 308 7.50 107.22 -59.97
C THR O 308 6.34 107.02 -59.01
N TYR O 309 6.59 106.30 -57.91
CA TYR O 309 5.59 106.03 -56.88
C TYR O 309 4.36 105.34 -57.46
N GLU O 310 4.58 104.12 -57.95
CA GLU O 310 3.50 103.28 -58.46
C GLU O 310 2.94 102.48 -57.30
N LYS O 311 1.94 103.05 -56.63
CA LYS O 311 1.30 102.36 -55.51
C LYS O 311 0.66 101.05 -55.95
N GLY O 312 0.18 100.97 -57.19
CA GLY O 312 -0.45 99.76 -57.66
C GLY O 312 0.48 98.56 -57.66
N GLU O 313 1.64 98.70 -58.31
CA GLU O 313 2.61 97.61 -58.31
C GLU O 313 3.27 97.43 -56.95
N TYR O 314 3.44 98.53 -56.21
CA TYR O 314 4.04 98.42 -54.88
C TYR O 314 3.13 97.66 -53.92
N PHE O 315 1.81 97.86 -54.03
CA PHE O 315 0.88 97.10 -53.19
C PHE O 315 0.93 95.62 -53.52
N ALA O 316 1.14 95.26 -54.79
CA ALA O 316 1.29 93.86 -55.16
C ALA O 316 2.59 93.29 -54.62
N PHE O 317 3.70 94.02 -54.79
CA PHE O 317 4.98 93.58 -54.26
C PHE O 317 4.93 93.42 -52.75
N LEU O 318 4.15 94.26 -52.06
CA LEU O 318 4.06 94.18 -50.60
C LEU O 318 3.38 92.88 -50.18
N GLU O 319 2.26 92.54 -50.81
CA GLU O 319 1.59 91.28 -50.51
C GLU O 319 2.43 90.08 -50.96
N THR O 320 3.28 90.26 -51.98
CA THR O 320 4.07 89.15 -52.49
C THR O 320 5.23 88.82 -51.57
N TYR O 321 5.96 89.84 -51.11
CA TYR O 321 7.18 89.64 -50.32
C TYR O 321 7.05 90.23 -48.91
N GLY O 322 5.83 90.27 -48.37
CA GLY O 322 5.65 90.74 -47.01
C GLY O 322 5.83 92.24 -46.86
N THR O 323 5.53 92.78 -45.68
CA THR O 323 5.69 94.19 -45.40
C THR O 323 7.06 94.52 -44.81
N HIS O 324 7.55 93.68 -43.89
CA HIS O 324 8.84 93.89 -43.26
C HIS O 324 9.40 92.53 -42.84
N TYR O 325 10.70 92.35 -43.00
CA TYR O 325 11.33 91.07 -42.75
C TYR O 325 11.75 90.95 -41.29
N SER O 326 12.29 89.79 -40.92
CA SER O 326 12.69 89.49 -39.56
C SER O 326 14.19 89.72 -39.41
N SER O 327 14.56 90.62 -38.48
CA SER O 327 15.96 90.79 -38.15
C SER O 327 16.48 89.65 -37.28
N SER O 328 15.63 89.09 -36.42
CA SER O 328 16.00 87.97 -35.57
C SER O 328 14.77 87.16 -35.25
N GLY O 329 14.89 85.83 -35.35
CA GLY O 329 13.77 84.96 -35.06
C GLY O 329 14.02 84.01 -33.90
N SER O 330 13.11 83.06 -33.67
CA SER O 330 13.24 82.11 -32.57
C SER O 330 12.53 80.83 -33.00
N LEU O 331 13.31 79.84 -33.43
CA LEU O 331 12.74 78.57 -33.85
C LEU O 331 12.28 77.77 -32.64
N GLY O 332 11.19 77.02 -32.81
CA GLY O 332 10.64 76.22 -31.74
C GLY O 332 9.15 75.97 -31.87
N GLY O 333 8.39 76.29 -30.81
CA GLY O 333 6.95 76.14 -30.83
C GLY O 333 6.33 76.39 -29.48
N LEU O 334 5.11 76.93 -29.46
CA LEU O 334 4.42 77.26 -28.22
C LEU O 334 3.03 76.63 -28.21
N TYR O 335 2.52 76.42 -27.00
CA TYR O 335 1.17 75.89 -26.80
C TYR O 335 0.55 76.58 -25.60
N GLU O 336 -0.78 76.72 -25.64
CA GLU O 336 -1.49 77.38 -24.55
C GLU O 336 -2.95 76.93 -24.57
N LEU O 337 -3.54 76.82 -23.38
CA LEU O 337 -4.95 76.49 -23.23
C LEU O 337 -5.56 77.40 -22.18
N ILE O 338 -6.78 77.86 -22.45
CA ILE O 338 -7.48 78.80 -21.57
C ILE O 338 -8.93 78.35 -21.45
N TYR O 339 -9.45 78.30 -20.24
CA TYR O 339 -10.87 78.28 -20.17
C TYR O 339 -11.44 79.00 -18.98
N VAL O 340 -12.63 79.50 -19.21
CA VAL O 340 -13.27 80.53 -18.40
C VAL O 340 -14.56 79.96 -17.82
N LEU O 341 -14.90 80.40 -16.61
CA LEU O 341 -16.13 79.99 -15.94
C LEU O 341 -16.81 81.20 -15.34
N ASP O 342 -18.14 81.23 -15.43
CA ASP O 342 -18.95 82.32 -14.89
C ASP O 342 -20.28 81.76 -14.43
N LYS O 343 -20.72 82.18 -13.24
CA LYS O 343 -21.95 81.68 -12.64
C LYS O 343 -22.76 82.85 -12.09
N ALA O 344 -24.08 82.76 -12.22
CA ALA O 344 -24.97 83.79 -11.72
C ALA O 344 -26.30 83.16 -11.33
N SER O 345 -26.88 83.63 -10.23
CA SER O 345 -28.14 83.10 -9.74
C SER O 345 -28.92 84.22 -9.06
N MET O 346 -30.26 84.10 -9.10
CA MET O 346 -31.13 85.08 -8.48
C MET O 346 -32.40 84.39 -8.00
N LYS O 347 -32.84 84.74 -6.79
CA LYS O 347 -34.05 84.19 -6.20
C LYS O 347 -34.81 85.31 -5.50
N ARG O 348 -36.12 85.39 -5.75
CA ARG O 348 -36.95 86.41 -5.16
C ARG O 348 -38.27 85.78 -4.70
N LYS O 349 -38.68 86.08 -3.47
CA LYS O 349 -39.89 85.50 -2.90
C LYS O 349 -40.68 86.58 -2.19
N GLY O 350 -42.00 86.57 -2.41
CA GLY O 350 -42.89 87.49 -1.74
C GLY O 350 -44.23 86.85 -1.44
N VAL O 351 -44.67 86.91 -0.18
CA VAL O 351 -45.91 86.28 0.25
C VAL O 351 -46.75 87.31 0.98
N GLU O 352 -48.03 87.39 0.64
CA GLU O 352 -48.96 88.32 1.25
C GLU O 352 -50.24 87.59 1.63
N LEU O 353 -50.74 87.86 2.83
CA LEU O 353 -51.98 87.28 3.32
C LEU O 353 -52.82 88.35 4.00
N LYS O 354 -54.11 88.37 3.69
CA LYS O 354 -55.02 89.38 4.21
C LYS O 354 -56.34 88.72 4.59
N ASP O 355 -56.77 88.94 5.83
CA ASP O 355 -58.02 88.37 6.33
C ASP O 355 -58.71 89.40 7.22
N ILE O 356 -60.00 89.62 6.96
CA ILE O 356 -60.80 90.59 7.69
C ILE O 356 -62.14 89.96 8.05
N LYS O 357 -62.58 90.15 9.29
CA LYS O 357 -63.90 89.72 9.73
C LYS O 357 -64.57 90.88 10.45
N ARG O 358 -65.83 91.15 10.10
CA ARG O 358 -66.63 92.20 10.74
C ARG O 358 -68.05 91.67 10.91
N CYS O 359 -68.59 91.79 12.12
CA CYS O 359 -69.94 91.34 12.39
C CYS O 359 -70.67 92.35 13.25
N LEU O 360 -72.00 92.35 13.13
CA LEU O 360 -72.86 93.30 13.80
C LEU O 360 -73.96 92.56 14.56
N GLY O 361 -74.33 93.08 15.73
CA GLY O 361 -75.38 92.49 16.53
C GLY O 361 -76.31 93.53 17.13
N TYR O 362 -77.61 93.29 17.05
CA TYR O 362 -78.61 94.22 17.57
C TYR O 362 -79.80 93.45 18.13
N HIS O 363 -80.29 93.87 19.28
CA HIS O 363 -81.44 93.27 19.93
C HIS O 363 -82.38 94.35 20.44
N LEU O 364 -83.66 94.25 20.08
CA LEU O 364 -84.68 95.20 20.49
C LEU O 364 -85.83 94.43 21.11
N ASP O 365 -86.22 94.81 22.33
CA ASP O 365 -87.32 94.17 23.03
C ASP O 365 -88.11 95.25 23.78
N VAL O 366 -89.40 95.34 23.47
CA VAL O 366 -90.30 96.30 24.12
C VAL O 366 -91.57 95.57 24.51
N SER O 367 -91.99 95.74 25.76
CA SER O 367 -93.20 95.10 26.27
C SER O 367 -94.02 96.13 27.02
N LEU O 368 -95.31 96.20 26.71
CA LEU O 368 -96.20 97.18 27.31
C LEU O 368 -97.38 96.46 27.97
N ALA O 369 -97.80 96.97 29.13
CA ALA O 369 -98.87 96.27 29.87
C ALA O 369 -100.04 97.19 30.23
N PHE O 370 -101.25 96.74 29.90
CA PHE O 370 -102.52 97.42 30.26
C PHE O 370 -102.99 96.88 31.62
N SER O 371 -104.13 97.35 32.12
CA SER O 371 -104.77 96.62 33.24
C SER O 371 -105.12 95.21 32.75
N GLU O 372 -105.71 95.11 31.55
CA GLU O 372 -106.05 93.82 30.91
C GLU O 372 -105.43 93.81 29.49
N ILE O 373 -104.55 94.78 29.21
CA ILE O 373 -103.96 94.93 27.89
C ILE O 373 -102.48 94.62 27.98
N SER O 374 -101.97 93.86 27.01
CA SER O 374 -100.56 93.51 26.98
C SER O 374 -100.05 93.67 25.55
N VAL O 375 -98.93 94.37 25.40
CA VAL O 375 -98.30 94.61 24.10
C VAL O 375 -96.85 94.17 24.18
N GLY O 376 -96.39 93.49 23.13
CA GLY O 376 -95.03 93.00 23.08
C GLY O 376 -94.37 93.33 21.76
N ALA O 377 -93.04 93.40 21.79
CA ALA O 377 -92.26 93.69 20.59
C ALA O 377 -90.86 93.13 20.77
N GLU O 378 -90.36 92.45 19.74
CA GLU O 378 -89.03 91.87 19.77
C GLU O 378 -88.43 91.95 18.37
N PHE O 379 -87.38 92.76 18.22
CA PHE O 379 -86.68 92.93 16.95
C PHE O 379 -85.20 92.60 17.16
N ASN O 380 -84.70 91.63 16.40
CA ASN O 380 -83.31 91.20 16.52
C ASN O 380 -82.64 91.25 15.15
N LYS O 381 -81.44 91.81 15.10
CA LYS O 381 -80.69 91.95 13.87
C LYS O 381 -79.30 91.37 14.05
N ASP O 382 -78.84 90.59 13.07
CA ASP O 382 -77.52 89.97 13.11
C ASP O 382 -76.95 89.94 11.70
N ASP O 383 -75.71 90.39 11.56
CA ASP O 383 -75.05 90.43 10.26
C ASP O 383 -73.54 90.39 10.46
N CYS O 384 -72.87 89.44 9.80
CA CYS O 384 -71.43 89.32 9.86
C CYS O 384 -70.86 89.37 8.45
N VAL O 385 -69.61 89.82 8.35
CA VAL O 385 -68.91 89.95 7.07
C VAL O 385 -67.49 89.45 7.25
N LYS O 386 -67.01 88.67 6.27
CA LYS O 386 -65.65 88.15 6.27
C LYS O 386 -64.97 88.49 4.96
N ARG O 387 -63.67 88.78 5.02
CA ARG O 387 -62.88 89.10 3.84
C ARG O 387 -61.58 88.30 3.87
N GLY O 388 -61.14 87.86 2.69
CA GLY O 388 -59.92 87.09 2.58
C GLY O 388 -59.13 87.39 1.33
N GLU O 389 -57.80 87.42 1.43
CA GLU O 389 -56.95 87.70 0.29
C GLU O 389 -55.59 87.05 0.50
N GLY O 390 -55.06 86.47 -0.57
CA GLY O 390 -53.74 85.84 -0.52
C GLY O 390 -52.92 86.13 -1.76
N ARG O 391 -51.62 86.36 -1.57
CA ARG O 391 -50.72 86.67 -2.67
C ARG O 391 -49.38 85.99 -2.44
N ALA O 392 -48.79 85.46 -3.51
CA ALA O 392 -47.50 84.79 -3.44
C ALA O 392 -46.70 85.10 -4.70
N VAL O 393 -45.38 85.23 -4.52
CA VAL O 393 -44.46 85.50 -5.62
C VAL O 393 -43.23 84.63 -5.41
N ASN O 394 -42.91 83.80 -6.41
CA ASN O 394 -41.80 82.84 -6.32
C ASN O 394 -41.13 82.79 -7.69
N ILE O 395 -39.97 83.40 -7.81
CA ILE O 395 -39.26 83.55 -9.08
C ILE O 395 -37.79 83.26 -8.87
N THR O 396 -37.27 82.25 -9.58
CA THR O 396 -35.87 81.87 -9.52
C THR O 396 -35.22 82.07 -10.89
N SER O 397 -34.00 82.58 -10.89
CA SER O 397 -33.25 82.80 -12.13
C SER O 397 -31.79 82.43 -11.92
N GLU O 398 -31.21 81.78 -12.92
CA GLU O 398 -29.82 81.34 -12.86
C GLU O 398 -29.19 81.47 -14.23
N ASN O 399 -27.92 81.90 -14.26
CA ASN O 399 -27.18 82.09 -15.50
C ASN O 399 -25.78 81.52 -15.35
N LEU O 400 -25.31 80.86 -16.41
CA LEU O 400 -23.97 80.27 -16.44
C LEU O 400 -23.30 80.62 -17.76
N ILE O 401 -21.99 80.85 -17.71
CA ILE O 401 -21.20 81.21 -18.89
C ILE O 401 -19.85 80.52 -18.79
N ASP O 402 -19.49 79.77 -19.84
CA ASP O 402 -18.20 79.08 -19.90
C ASP O 402 -17.59 79.28 -21.28
N ASP O 403 -16.28 79.53 -21.30
CA ASP O 403 -15.53 79.69 -22.55
C ASP O 403 -14.18 79.01 -22.41
N VAL O 404 -13.85 78.16 -23.38
CA VAL O 404 -12.59 77.43 -23.39
C VAL O 404 -11.92 77.62 -24.74
N VAL O 405 -10.63 77.93 -24.73
CA VAL O 405 -9.84 78.07 -25.96
C VAL O 405 -8.46 77.44 -25.74
N SER O 406 -7.89 76.91 -26.81
CA SER O 406 -6.59 76.25 -26.74
C SER O 406 -6.00 76.19 -28.14
N LEU O 407 -4.67 76.10 -28.21
CA LEU O 407 -3.98 76.03 -29.49
C LEU O 407 -2.62 75.37 -29.30
N ILE O 408 -2.08 74.87 -30.40
CA ILE O 408 -0.77 74.22 -30.40
C ILE O 408 -0.21 74.28 -31.81
N ARG O 409 1.11 74.20 -31.93
CA ARG O 409 1.77 74.27 -33.23
C ARG O 409 3.19 73.73 -33.10
N GLY O 410 3.72 73.26 -34.22
CA GLY O 410 5.09 72.82 -34.29
C GLY O 410 5.22 71.31 -34.27
N GLY O 411 6.37 70.83 -34.73
CA GLY O 411 6.67 69.40 -34.73
C GLY O 411 5.97 68.64 -35.82
N THR O 412 6.20 67.33 -35.82
CA THR O 412 5.49 66.46 -36.75
C THR O 412 4.03 66.35 -36.34
N ARG O 413 3.19 65.98 -37.31
CA ARG O 413 1.75 65.95 -37.06
C ARG O 413 1.35 64.80 -36.15
N LYS O 414 2.13 63.73 -36.13
CA LYS O 414 1.80 62.58 -35.27
C LYS O 414 2.00 62.92 -33.80
N TYR O 415 3.21 63.32 -33.42
CA TYR O 415 3.52 63.53 -32.02
C TYR O 415 2.87 64.81 -31.47
N ALA O 416 2.59 65.79 -32.34
CA ALA O 416 2.03 67.05 -31.86
C ALA O 416 0.61 66.86 -31.34
N PHE O 417 -0.27 66.27 -32.15
CA PHE O 417 -1.66 66.12 -31.77
C PHE O 417 -1.87 64.97 -30.79
N GLU O 418 -0.90 64.06 -30.66
CA GLU O 418 -0.95 63.08 -29.58
C GLU O 418 -0.81 63.76 -28.23
N LEU O 419 -0.04 64.86 -28.17
CA LEU O 419 0.01 65.66 -26.95
C LEU O 419 -1.28 66.46 -26.76
N LYS O 420 -1.88 66.91 -27.87
CA LYS O 420 -3.09 67.73 -27.79
C LYS O 420 -4.26 66.94 -27.23
N GLU O 421 -4.42 65.69 -27.66
CA GLU O 421 -5.56 64.88 -27.21
C GLU O 421 -5.46 64.56 -25.73
N LYS O 422 -4.26 64.30 -25.23
CA LYS O 422 -4.08 63.96 -23.82
C LYS O 422 -4.03 65.20 -22.92
N LEU O 423 -3.71 66.35 -23.48
CA LEU O 423 -3.70 67.58 -22.68
C LEU O 423 -5.12 68.07 -22.41
N LEU O 424 -6.00 68.00 -23.41
CA LEU O 424 -7.36 68.50 -23.29
C LEU O 424 -8.17 67.53 -22.44
N ARG O 425 -8.40 67.91 -21.18
CA ARG O 425 -9.22 67.15 -20.23
C ARG O 425 -8.70 65.73 -20.00
N GLY O 426 -7.42 65.48 -20.28
CA GLY O 426 -6.84 64.18 -20.04
C GLY O 426 -6.52 63.94 -18.59
N THR O 427 -5.96 64.96 -17.92
CA THR O 427 -5.60 64.98 -16.51
C THR O 427 -4.47 64.00 -16.16
N VAL O 428 -3.95 63.25 -17.13
CA VAL O 428 -2.88 62.30 -16.90
C VAL O 428 -1.85 62.53 -18.00
N ILE O 429 -0.78 63.26 -17.69
CA ILE O 429 0.28 63.53 -18.63
C ILE O 429 1.32 62.41 -18.55
N ASP O 430 1.83 61.99 -19.70
CA ASP O 430 2.81 60.92 -19.78
C ASP O 430 4.22 61.48 -19.69
N VAL O 431 5.18 60.59 -19.45
CA VAL O 431 6.59 61.00 -19.46
C VAL O 431 7.20 60.86 -20.85
N THR O 432 6.77 59.88 -21.64
CA THR O 432 7.37 59.65 -22.94
C THR O 432 6.80 60.56 -24.02
N ASP O 433 5.55 61.01 -23.87
CA ASP O 433 4.94 61.86 -24.88
C ASP O 433 5.63 63.21 -24.98
N PHE O 434 6.13 63.74 -23.87
CA PHE O 434 6.85 65.02 -23.91
C PHE O 434 8.20 64.87 -24.60
N VAL O 435 8.87 63.73 -24.40
CA VAL O 435 10.12 63.49 -25.10
C VAL O 435 9.86 63.31 -26.60
N ASN O 436 8.76 62.64 -26.94
CA ASN O 436 8.38 62.52 -28.36
C ASN O 436 8.08 63.88 -28.97
N TRP O 437 7.38 64.75 -28.22
CA TRP O 437 7.13 66.11 -28.69
C TRP O 437 8.42 66.88 -28.87
N ALA O 438 9.37 66.70 -27.95
CA ALA O 438 10.67 67.38 -28.08
C ALA O 438 11.40 66.93 -29.33
N SER O 439 11.45 65.62 -29.58
CA SER O 439 12.11 65.12 -30.78
C SER O 439 11.38 65.59 -32.04
N SER O 440 10.05 65.63 -31.99
CA SER O 440 9.27 66.07 -33.14
C SER O 440 9.51 67.54 -33.46
N ILE O 441 9.59 68.38 -32.43
CA ILE O 441 9.82 69.81 -32.68
C ILE O 441 11.28 70.05 -33.03
N ASN O 442 12.19 69.18 -32.60
CA ASN O 442 13.56 69.23 -33.12
C ASN O 442 13.59 68.90 -34.61
N ASP O 443 12.74 67.97 -35.03
CA ASP O 443 12.64 67.66 -36.45
C ASP O 443 12.04 68.83 -37.22
N ALA O 444 10.99 69.45 -36.69
CA ALA O 444 10.31 70.56 -37.37
C ALA O 444 9.93 71.64 -36.36
N PRO O 445 10.74 72.69 -36.24
CA PRO O 445 10.38 73.79 -35.34
C PRO O 445 9.52 74.85 -36.01
N VAL O 446 9.18 75.91 -35.27
CA VAL O 446 8.39 77.02 -35.80
C VAL O 446 8.75 78.27 -35.02
N LEU O 447 8.40 79.43 -35.57
CA LEU O 447 8.76 80.70 -34.94
C LEU O 447 8.03 80.89 -33.61
N ILE O 448 8.72 81.54 -32.67
CA ILE O 448 8.14 81.89 -31.38
C ILE O 448 8.23 83.40 -31.19
N SER O 449 9.47 83.92 -31.16
CA SER O 449 9.73 85.34 -31.02
C SER O 449 10.43 85.83 -32.28
N GLN O 450 10.03 87.01 -32.74
CA GLN O 450 10.51 87.53 -34.02
C GLN O 450 10.86 89.00 -33.87
N LYS O 451 12.14 89.31 -34.02
CA LYS O 451 12.57 90.70 -34.06
C LYS O 451 12.40 91.24 -35.48
N LEU O 452 11.86 92.45 -35.58
CA LEU O 452 11.35 92.97 -36.83
C LEU O 452 12.30 94.02 -37.42
N SER O 453 12.24 94.17 -38.75
CA SER O 453 13.09 95.11 -39.46
C SER O 453 12.42 95.47 -40.77
N PRO O 454 12.40 96.74 -41.17
CA PRO O 454 11.71 97.13 -42.40
C PRO O 454 12.42 96.60 -43.64
N ILE O 455 11.62 96.42 -44.70
CA ILE O 455 12.16 95.86 -45.94
C ILE O 455 13.02 96.88 -46.68
N TYR O 456 12.59 98.15 -46.70
CA TYR O 456 13.32 99.16 -47.47
C TYR O 456 14.74 99.36 -46.98
N ASN O 457 15.10 98.82 -45.81
CA ASN O 457 16.49 98.79 -45.38
C ASN O 457 17.25 97.62 -45.96
N LEU O 458 16.55 96.66 -46.57
CA LEU O 458 17.18 95.47 -47.14
C LEU O 458 17.52 95.62 -48.62
N VAL O 459 17.05 96.69 -49.27
CA VAL O 459 17.33 96.89 -50.69
C VAL O 459 18.84 97.03 -50.91
N PRO O 460 19.40 96.44 -51.95
CA PRO O 460 20.85 96.57 -52.17
C PRO O 460 21.25 97.98 -52.52
N VAL O 461 22.38 98.42 -51.98
CA VAL O 461 22.90 99.76 -52.19
C VAL O 461 23.56 99.84 -53.56
N LYS O 462 23.89 101.06 -54.00
CA LYS O 462 24.58 101.34 -55.27
C LYS O 462 23.97 100.56 -56.44
N MET O 463 22.64 100.47 -56.44
CA MET O 463 21.92 99.84 -57.53
C MET O 463 21.57 100.90 -58.58
N LYS O 464 20.66 100.57 -59.51
CA LYS O 464 20.24 101.53 -60.53
C LYS O 464 19.68 102.80 -59.90
N ASN O 465 18.59 102.66 -59.14
CA ASN O 465 17.93 103.77 -58.46
C ASN O 465 17.60 103.38 -57.02
N ALA O 466 18.60 102.85 -56.32
CA ALA O 466 18.38 102.25 -55.01
C ALA O 466 17.80 103.25 -54.01
N HIS O 467 18.39 104.45 -53.92
CA HIS O 467 17.96 105.40 -52.90
C HIS O 467 16.53 105.85 -53.12
N LEU O 468 16.21 106.29 -54.34
CA LEU O 468 14.85 106.74 -54.62
C LEU O 468 13.85 105.61 -54.46
N LYS O 469 14.22 104.40 -54.88
CA LYS O 469 13.37 103.24 -54.62
C LYS O 469 13.26 102.94 -53.14
N LYS O 470 14.30 103.22 -52.36
CA LYS O 470 14.25 102.98 -50.93
C LYS O 470 13.19 103.86 -50.27
N GLN O 471 13.27 105.17 -50.48
CA GLN O 471 12.27 106.09 -49.92
C GLN O 471 10.90 105.83 -50.52
N ASN O 472 10.86 105.38 -51.78
CA ASN O 472 9.58 105.08 -52.42
C ASN O 472 8.89 103.90 -51.74
N LEU O 473 9.64 102.82 -51.48
CA LEU O 473 9.09 101.69 -50.76
C LEU O 473 8.79 102.04 -49.30
N GLU O 474 9.52 102.98 -48.73
CA GLU O 474 9.20 103.45 -47.38
C GLU O 474 7.84 104.15 -47.36
N ARG O 475 7.62 105.06 -48.31
CA ARG O 475 6.31 105.68 -48.44
C ARG O 475 5.22 104.64 -48.72
N ALA O 476 5.56 103.62 -49.51
CA ALA O 476 4.60 102.58 -49.83
C ALA O 476 4.20 101.77 -48.60
N ILE O 477 5.17 101.38 -47.78
CA ILE O 477 4.86 100.61 -46.57
C ILE O 477 4.13 101.50 -45.56
N GLU O 478 4.45 102.79 -45.51
CA GLU O 478 3.71 103.69 -44.64
C GLU O 478 2.25 103.80 -45.07
N ASP O 479 2.02 103.99 -46.37
CA ASP O 479 0.65 104.06 -46.88
C ASP O 479 -0.08 102.74 -46.69
N TYR O 480 0.65 101.62 -46.75
CA TYR O 480 0.04 100.32 -46.52
C TYR O 480 -0.40 100.17 -45.07
N ILE O 481 0.49 100.50 -44.13
CA ILE O 481 0.19 100.31 -42.72
C ILE O 481 -0.83 101.34 -42.21
N ASN O 482 -0.95 102.48 -42.87
CA ASN O 482 -1.91 103.50 -42.44
C ASN O 482 -3.12 103.60 -43.35
N GLU O 483 -3.21 102.76 -44.38
CA GLU O 483 -4.31 102.87 -45.34
C GLU O 483 -5.56 102.15 -44.86
N PHE O 484 -5.46 100.83 -44.67
CA PHE O 484 -6.61 100.02 -44.29
C PHE O 484 -6.27 99.23 -43.04
N SER O 485 -7.14 99.32 -42.04
CA SER O 485 -6.97 98.64 -40.75
C SER O 485 -8.27 98.80 -39.97
N VAL O 486 -8.28 98.35 -38.72
CA VAL O 486 -9.43 98.54 -37.85
C VAL O 486 -9.66 100.02 -37.60
N ARG O 487 -8.60 100.84 -37.70
CA ARG O 487 -8.73 102.27 -37.45
C ARG O 487 -9.68 102.93 -38.44
N LYS O 488 -9.66 102.49 -39.69
CA LYS O 488 -10.49 103.11 -40.71
C LYS O 488 -11.88 102.47 -40.82
N CYS O 489 -12.06 101.28 -40.27
CA CYS O 489 -13.36 100.61 -40.31
C CYS O 489 -14.28 101.22 -39.27
N HIS O 490 -15.46 100.64 -39.10
CA HIS O 490 -16.45 101.15 -38.16
C HIS O 490 -16.36 100.41 -36.82
N THR O 491 -16.76 101.10 -35.76
CA THR O 491 -16.69 100.54 -34.42
C THR O 491 -17.90 99.67 -34.13
N CYS O 492 -17.66 98.53 -33.48
CA CYS O 492 -18.73 97.60 -33.13
C CYS O 492 -19.45 98.11 -31.88
N GLN O 493 -20.37 97.29 -31.37
CA GLN O 493 -21.17 97.66 -30.20
C GLN O 493 -20.75 96.84 -28.99
N ASN O 494 -21.04 97.38 -27.82
CA ASN O 494 -20.76 96.73 -26.52
C ASN O 494 -19.28 96.41 -26.38
N GLY O 495 -18.43 97.31 -26.87
CA GLY O 495 -16.99 97.13 -26.74
C GLY O 495 -16.45 95.92 -27.45
N GLY O 496 -17.13 95.45 -28.49
CA GLY O 496 -16.69 94.27 -29.21
C GLY O 496 -15.39 94.55 -29.97
N THR O 497 -14.37 93.75 -29.71
CA THR O 497 -13.09 93.92 -30.41
C THR O 497 -13.27 93.66 -31.90
N VAL O 498 -12.96 94.67 -32.71
CA VAL O 498 -13.15 94.60 -34.16
C VAL O 498 -11.90 94.03 -34.79
N ILE O 499 -12.08 93.06 -35.68
CA ILE O 499 -10.99 92.44 -36.42
C ILE O 499 -11.22 92.68 -37.91
N LEU O 500 -10.22 92.32 -38.71
CA LEU O 500 -10.28 92.47 -40.16
C LEU O 500 -9.65 91.23 -40.79
N MET O 501 -10.48 90.39 -41.40
CA MET O 501 -10.03 89.15 -42.04
C MET O 501 -10.41 89.21 -43.52
N ASP O 502 -9.54 89.80 -44.33
CA ASP O 502 -9.69 89.85 -45.78
C ASP O 502 -11.03 90.49 -46.18
N GLY O 503 -11.19 91.75 -45.79
CA GLY O 503 -12.38 92.52 -46.11
C GLY O 503 -13.50 92.45 -45.10
N LYS O 504 -13.77 91.26 -44.57
CA LYS O 504 -14.83 91.09 -43.57
C LYS O 504 -14.41 91.78 -42.27
N CYS O 505 -15.03 92.93 -41.98
CA CYS O 505 -14.71 93.70 -40.78
C CYS O 505 -15.63 93.31 -39.63
N LEU O 506 -15.52 92.05 -39.23
CA LEU O 506 -16.33 91.53 -38.13
C LEU O 506 -15.77 91.98 -36.78
N CYS O 507 -16.61 91.91 -35.76
CA CYS O 507 -16.24 92.30 -34.40
C CYS O 507 -16.51 91.15 -33.46
N ALA O 508 -15.51 90.78 -32.67
CA ALA O 508 -15.66 89.71 -31.69
C ALA O 508 -16.49 90.22 -30.51
N CYS O 509 -17.68 89.64 -30.32
CA CYS O 509 -18.59 90.08 -29.28
C CYS O 509 -18.29 89.35 -27.98
N PRO O 510 -18.52 89.99 -26.83
CA PRO O 510 -18.21 89.35 -25.54
C PRO O 510 -18.99 88.07 -25.32
N PHE O 511 -18.63 87.38 -24.24
CA PHE O 511 -19.21 86.07 -23.95
C PHE O 511 -20.69 86.17 -23.64
N LYS O 512 -21.07 87.09 -22.74
CA LYS O 512 -22.46 87.23 -22.32
C LYS O 512 -23.36 87.79 -23.41
N PHE O 513 -22.83 88.15 -24.57
CA PHE O 513 -23.61 88.76 -25.63
C PHE O 513 -23.70 87.81 -26.82
N GLU O 514 -24.60 88.13 -27.74
CA GLU O 514 -24.84 87.28 -28.90
C GLU O 514 -23.88 87.67 -30.03
N GLY O 515 -24.16 87.21 -31.25
CA GLY O 515 -23.20 87.25 -32.33
C GLY O 515 -23.08 88.57 -33.07
N ILE O 516 -23.17 88.49 -34.41
CA ILE O 516 -22.80 89.60 -35.28
C ILE O 516 -23.50 90.89 -34.88
N ALA O 517 -22.77 92.01 -35.02
CA ALA O 517 -23.26 93.37 -34.85
C ALA O 517 -23.58 93.71 -33.41
N CYS O 518 -23.51 92.71 -32.51
CA CYS O 518 -23.76 92.89 -31.08
C CYS O 518 -25.02 93.72 -30.83
N GLU O 519 -26.10 93.36 -31.52
CA GLU O 519 -27.36 94.09 -31.41
C GLU O 519 -28.29 93.44 -30.38
N ILE O 520 -28.63 92.19 -30.58
CA ILE O 520 -29.52 91.47 -29.67
C ILE O 520 -28.75 91.08 -28.41
N SER O 521 -29.38 91.29 -27.25
CA SER O 521 -28.68 91.13 -25.98
C SER O 521 -28.44 89.65 -25.67
N LYS O 522 -29.50 88.85 -25.80
CA LYS O 522 -29.40 87.38 -25.54
C LYS O 522 -29.77 87.14 -24.08
N GLN O 523 -29.79 88.21 -23.28
CA GLN O 523 -30.25 88.16 -21.87
C GLN O 523 -31.49 89.06 -21.83
N LYS O 524 -32.66 88.44 -21.81
CA LYS O 524 -33.95 89.19 -21.79
C LYS O 524 -34.54 88.96 -20.41
N ILE O 525 -34.92 90.03 -19.72
CA ILE O 525 -35.47 89.81 -18.35
C ILE O 525 -36.72 88.95 -18.48
N SER O 526 -36.73 87.82 -17.78
CA SER O 526 -37.90 86.90 -17.75
C SER O 526 -39.20 87.71 -17.75
N GLU O 527 -40.21 87.23 -18.49
CA GLU O 527 -41.51 87.90 -18.56
C GLU O 527 -42.51 87.13 -17.71
N GLY O 528 -43.31 87.87 -16.94
CA GLY O 528 -44.32 87.25 -16.10
C GLY O 528 -45.70 87.86 -16.25
N LEU O 529 -46.70 87.01 -16.47
CA LEU O 529 -48.08 87.47 -16.66
C LEU O 529 -48.99 86.76 -15.67
N PRO O 530 -49.46 87.45 -14.62
CA PRO O 530 -50.36 86.79 -13.66
C PRO O 530 -51.83 86.88 -14.08
N ALA O 531 -52.07 87.24 -15.34
CA ALA O 531 -53.44 87.42 -15.83
C ALA O 531 -54.21 86.10 -15.79
N LEU O 532 -55.53 86.22 -15.68
CA LEU O 532 -56.38 85.04 -15.63
C LEU O 532 -56.39 84.34 -17.00
N GLU O 533 -56.38 83.01 -17.01
CA GLU O 533 -56.38 82.30 -18.30
C GLU O 533 -57.68 82.54 -19.06
N PHE O 534 -57.55 82.81 -20.36
CA PHE O 534 -58.72 83.07 -21.19
C PHE O 534 -59.56 81.82 -21.35
N PRO O 535 -58.93 80.69 -21.65
CA PRO O 535 -59.62 79.43 -21.84
C PRO O 535 -58.72 78.24 -21.55
N SER P 18 -47.50 80.21 -51.65
CA SER P 18 -47.67 81.03 -52.84
C SER P 18 -46.84 80.49 -54.00
N HIS P 19 -47.51 80.20 -55.10
CA HIS P 19 -46.85 79.66 -56.30
C HIS P 19 -46.24 80.82 -57.08
N ILE P 20 -45.09 81.29 -56.60
CA ILE P 20 -44.39 82.40 -57.22
C ILE P 20 -43.65 81.89 -58.46
N ASP P 21 -43.96 82.46 -59.61
CA ASP P 21 -43.30 82.09 -60.87
C ASP P 21 -42.01 82.88 -61.04
N CYS P 22 -41.23 82.50 -62.04
CA CYS P 22 -39.94 83.11 -62.31
C CYS P 22 -40.06 84.06 -63.50
N ARG P 23 -40.04 85.36 -63.23
CA ARG P 23 -39.99 86.38 -64.27
C ARG P 23 -38.52 86.52 -64.69
N MET P 24 -38.09 85.61 -65.55
CA MET P 24 -36.68 85.44 -65.88
C MET P 24 -36.48 85.36 -67.40
N SER P 25 -37.07 86.30 -68.13
CA SER P 25 -36.86 86.40 -69.57
C SER P 25 -36.83 87.86 -70.03
N PRO P 26 -35.90 88.68 -69.51
CA PRO P 26 -35.63 89.99 -70.13
C PRO P 26 -34.64 89.83 -71.27
N TRP P 27 -35.11 90.02 -72.50
CA TRP P 27 -34.28 89.83 -73.66
C TRP P 27 -33.67 91.16 -74.11
N SER P 28 -32.48 91.07 -74.70
CA SER P 28 -31.73 92.23 -75.15
C SER P 28 -31.57 92.19 -76.67
N GLU P 29 -30.89 93.21 -77.20
CA GLU P 29 -30.69 93.35 -78.63
C GLU P 29 -29.42 92.64 -79.06
N TRP P 30 -29.43 92.14 -80.30
CA TRP P 30 -28.25 91.49 -80.86
C TRP P 30 -27.11 92.48 -81.01
N SER P 31 -25.94 92.12 -80.48
CA SER P 31 -24.76 92.96 -80.59
C SER P 31 -23.99 92.63 -81.87
N GLN P 32 -22.84 93.27 -82.03
CA GLN P 32 -22.02 93.05 -83.21
C GLN P 32 -21.34 91.68 -83.15
N CYS P 33 -21.22 91.04 -84.31
CA CYS P 33 -20.56 89.74 -84.38
C CYS P 33 -19.07 89.87 -84.13
N ASP P 34 -18.50 88.88 -83.45
CA ASP P 34 -17.07 88.82 -83.22
C ASP P 34 -16.41 88.06 -84.36
N PRO P 35 -15.58 88.70 -85.19
CA PRO P 35 -15.02 88.00 -86.35
C PRO P 35 -14.03 86.90 -85.97
N CYS P 36 -13.15 87.16 -85.01
CA CYS P 36 -12.14 86.17 -84.66
C CYS P 36 -12.74 85.01 -83.90
N LEU P 37 -13.62 85.29 -82.94
CA LEU P 37 -14.24 84.23 -82.15
C LEU P 37 -15.39 83.55 -82.89
N ARG P 38 -16.04 84.26 -83.82
CA ARG P 38 -17.15 83.73 -84.60
C ARG P 38 -18.30 83.32 -83.69
N GLN P 39 -18.84 84.31 -82.98
CA GLN P 39 -19.92 84.09 -82.02
C GLN P 39 -20.74 85.37 -81.89
N MET P 40 -22.01 85.22 -81.55
CA MET P 40 -22.90 86.33 -81.29
C MET P 40 -23.26 86.39 -79.80
N PHE P 41 -23.87 87.49 -79.40
CA PHE P 41 -24.06 87.84 -78.00
C PHE P 41 -25.51 88.25 -77.72
N ARG P 42 -26.46 87.41 -78.11
CA ARG P 42 -27.82 87.59 -77.60
C ARG P 42 -27.79 87.51 -76.07
N SER P 43 -28.15 88.60 -75.42
CA SER P 43 -27.97 88.73 -73.98
C SER P 43 -29.26 88.43 -73.23
N ARG P 44 -29.14 88.34 -71.91
CA ARG P 44 -30.27 88.02 -71.04
C ARG P 44 -29.87 88.42 -69.62
N SER P 45 -30.79 88.23 -68.68
CA SER P 45 -30.56 88.57 -67.28
C SER P 45 -31.53 87.78 -66.41
N ILE P 46 -31.13 87.57 -65.16
CA ILE P 46 -31.96 86.87 -64.18
C ILE P 46 -32.57 87.91 -63.25
N GLU P 47 -33.87 87.76 -62.96
CA GLU P 47 -34.58 88.72 -62.13
C GLU P 47 -35.21 88.08 -60.90
N VAL P 48 -35.95 86.98 -61.06
CA VAL P 48 -36.72 86.39 -59.98
C VAL P 48 -36.42 84.90 -59.90
N PHE P 49 -36.13 84.41 -58.69
CA PHE P 49 -35.87 83.00 -58.46
C PHE P 49 -37.15 82.23 -58.13
N GLY P 50 -37.84 82.63 -57.08
CA GLY P 50 -38.96 81.87 -56.55
C GLY P 50 -38.66 81.35 -55.16
N GLN P 51 -39.22 82.00 -54.13
CA GLN P 51 -38.86 81.70 -52.76
C GLN P 51 -39.56 80.46 -52.21
N PHE P 52 -40.64 80.02 -52.84
CA PHE P 52 -41.49 78.98 -52.27
C PHE P 52 -41.42 77.72 -53.15
N ASN P 53 -42.28 76.75 -52.84
CA ASN P 53 -42.30 75.45 -53.50
C ASN P 53 -42.76 75.52 -54.95
N GLY P 54 -42.98 76.72 -55.50
CA GLY P 54 -43.43 76.87 -56.87
C GLY P 54 -42.42 76.44 -57.91
N LYS P 55 -42.61 76.91 -59.15
CA LYS P 55 -41.79 76.50 -60.28
C LYS P 55 -40.32 76.84 -60.09
N ARG P 56 -39.47 75.82 -59.96
CA ARG P 56 -38.04 76.05 -59.92
C ARG P 56 -37.52 76.42 -61.31
N CYS P 57 -36.63 77.40 -61.36
CA CYS P 57 -36.14 77.93 -62.63
C CYS P 57 -34.62 78.10 -62.54
N THR P 58 -33.89 77.17 -63.15
CA THR P 58 -32.44 77.21 -63.21
C THR P 58 -31.92 77.70 -64.56
N ASP P 59 -32.73 78.46 -65.30
CA ASP P 59 -32.36 78.89 -66.63
C ASP P 59 -31.11 79.76 -66.58
N ALA P 60 -30.04 79.27 -67.21
CA ALA P 60 -28.77 79.99 -67.22
C ALA P 60 -28.84 81.19 -68.16
N VAL P 61 -28.10 82.23 -67.80
CA VAL P 61 -28.05 83.47 -68.59
C VAL P 61 -26.98 83.32 -69.66
N GLY P 62 -27.31 83.69 -70.89
CA GLY P 62 -26.37 83.64 -71.99
C GLY P 62 -26.91 82.88 -73.19
N ASP P 63 -26.44 83.28 -74.37
CA ASP P 63 -26.86 82.64 -75.62
C ASP P 63 -25.79 82.88 -76.66
N ARG P 64 -25.51 81.86 -77.48
CA ARG P 64 -24.50 81.94 -78.52
C ARG P 64 -25.12 81.63 -79.88
N ARG P 65 -24.42 82.06 -80.92
CA ARG P 65 -24.89 81.87 -82.29
C ARG P 65 -23.72 82.05 -83.24
N GLN P 66 -23.65 81.17 -84.24
CA GLN P 66 -22.64 81.29 -85.28
C GLN P 66 -22.97 82.48 -86.18
N CYS P 67 -21.92 83.18 -86.61
CA CYS P 67 -22.08 84.38 -87.43
C CYS P 67 -20.97 84.43 -88.47
N VAL P 68 -21.31 84.88 -89.68
CA VAL P 68 -20.34 85.02 -90.76
C VAL P 68 -19.45 86.21 -90.44
N PRO P 69 -18.14 86.02 -90.31
CA PRO P 69 -17.27 87.14 -89.97
C PRO P 69 -17.12 88.11 -91.12
N THR P 70 -17.11 89.40 -90.79
CA THR P 70 -16.96 90.46 -91.78
C THR P 70 -15.62 91.18 -91.72
N GLU P 71 -14.97 91.18 -90.54
CA GLU P 71 -13.65 91.80 -90.38
C GLU P 71 -12.55 90.78 -90.71
N PRO P 72 -11.40 91.25 -91.22
CA PRO P 72 -10.35 90.31 -91.61
C PRO P 72 -9.69 89.58 -90.45
N CYS P 73 -9.89 90.05 -89.21
CA CYS P 73 -9.27 89.45 -88.03
C CYS P 73 -7.74 89.43 -88.16
N GLU P 74 -7.18 90.63 -88.24
CA GLU P 74 -5.74 90.78 -88.37
C GLU P 74 -5.00 90.62 -87.05
N ASP P 75 -5.69 90.79 -85.93
CA ASP P 75 -5.06 90.65 -84.62
C ASP P 75 -4.72 89.19 -84.36
N ALA P 76 -3.47 88.94 -83.94
CA ALA P 76 -3.03 87.59 -83.65
C ALA P 76 -1.91 87.65 -82.62
N GLU P 77 -1.73 86.55 -81.89
CA GLU P 77 -0.71 86.46 -80.86
C GLU P 77 0.55 85.84 -81.45
N ASP P 78 1.61 86.63 -81.51
CA ASP P 78 2.89 86.13 -82.00
C ASP P 78 3.52 85.19 -80.99
N ASP P 79 4.53 84.45 -81.45
CA ASP P 79 5.23 83.50 -80.57
C ASP P 79 6.29 84.19 -79.74
N CYS P 80 5.90 85.27 -79.05
CA CYS P 80 6.68 85.97 -78.03
C CYS P 80 7.99 86.54 -78.56
N GLY P 81 8.27 86.33 -79.85
CA GLY P 81 9.42 86.92 -80.52
C GLY P 81 10.75 86.83 -79.82
N ASN P 82 10.90 85.89 -78.88
CA ASN P 82 12.07 85.84 -78.01
C ASN P 82 12.91 84.60 -78.24
N ASP P 83 12.33 83.41 -78.10
CA ASP P 83 13.12 82.18 -78.11
C ASP P 83 12.25 81.05 -78.66
N PHE P 84 12.69 79.81 -78.43
CA PHE P 84 11.99 78.63 -78.94
C PHE P 84 10.55 78.58 -78.43
N GLN P 85 9.61 78.51 -79.37
CA GLN P 85 8.21 78.41 -79.02
C GLN P 85 7.85 76.98 -78.62
N CYS P 86 7.01 76.85 -77.61
CA CYS P 86 6.51 75.54 -77.21
C CYS P 86 5.37 75.09 -78.13
N SER P 87 4.95 73.84 -77.94
CA SER P 87 3.86 73.28 -78.74
C SER P 87 2.49 73.80 -78.34
N THR P 88 2.39 74.62 -77.30
CA THR P 88 1.11 75.12 -76.84
C THR P 88 0.99 76.64 -76.84
N GLY P 89 2.11 77.37 -76.85
CA GLY P 89 2.04 78.82 -76.91
C GLY P 89 2.95 79.53 -75.94
N ARG P 90 3.53 78.80 -74.98
CA ARG P 90 4.44 79.39 -74.02
C ARG P 90 5.86 79.44 -74.59
N CYS P 91 6.77 80.05 -73.85
CA CYS P 91 8.12 80.30 -74.35
C CYS P 91 9.15 80.03 -73.26
N ILE P 92 10.34 79.63 -73.70
CA ILE P 92 11.49 79.54 -72.80
C ILE P 92 11.99 80.95 -72.47
N LYS P 93 12.24 81.20 -71.19
CA LYS P 93 12.79 82.50 -70.79
C LYS P 93 14.31 82.52 -70.98
N MET P 94 15.03 81.71 -70.20
CA MET P 94 16.48 81.62 -70.38
C MET P 94 17.03 80.20 -70.35
N ARG P 95 16.41 79.26 -69.63
CA ARG P 95 17.03 77.95 -69.42
C ARG P 95 16.00 76.81 -69.48
N LEU P 96 14.92 77.01 -70.23
CA LEU P 96 13.90 75.98 -70.36
C LEU P 96 14.24 74.93 -71.42
N ARG P 97 15.51 74.81 -71.79
CA ARG P 97 15.95 73.82 -72.76
C ARG P 97 16.03 72.44 -72.10
N CYS P 98 16.68 71.50 -72.77
CA CYS P 98 16.72 70.11 -72.32
C CYS P 98 17.62 70.01 -71.09
N ASN P 99 17.04 70.39 -69.94
CA ASN P 99 17.73 70.36 -68.66
C ASN P 99 16.84 69.73 -67.59
N GLY P 100 16.00 68.77 -67.98
CA GLY P 100 15.10 68.14 -67.03
C GLY P 100 14.05 69.06 -66.47
N ASP P 101 13.60 70.04 -67.25
CA ASP P 101 12.61 71.03 -66.80
C ASP P 101 11.32 70.79 -67.57
N ASN P 102 10.40 70.06 -66.95
CA ASN P 102 9.12 69.72 -67.56
C ASN P 102 8.18 70.92 -67.46
N ASP P 103 7.86 71.52 -68.61
CA ASP P 103 6.92 72.63 -68.66
C ASP P 103 5.68 72.31 -69.50
N CYS P 104 5.87 71.85 -70.74
CA CYS P 104 4.76 71.69 -71.67
C CYS P 104 4.15 70.28 -71.57
N GLY P 105 4.95 69.25 -71.84
CA GLY P 105 4.47 67.89 -71.78
C GLY P 105 5.48 66.94 -71.19
N ASP P 106 5.17 65.64 -71.21
CA ASP P 106 6.12 64.64 -70.73
C ASP P 106 7.42 64.69 -71.54
N PHE P 107 7.31 64.54 -72.86
CA PHE P 107 8.45 64.67 -73.75
C PHE P 107 8.26 65.79 -74.78
N SER P 108 7.30 66.69 -74.55
CA SER P 108 7.10 67.79 -75.49
C SER P 108 8.26 68.77 -75.46
N ASP P 109 8.61 69.27 -74.26
CA ASP P 109 9.78 70.12 -74.13
C ASP P 109 11.06 69.32 -74.34
N GLU P 110 11.04 68.03 -74.02
CA GLU P 110 12.18 67.13 -74.23
C GLU P 110 12.11 66.43 -75.58
N ASP P 111 11.51 67.07 -76.58
CA ASP P 111 11.33 66.46 -77.89
C ASP P 111 12.66 65.98 -78.47
N ASP P 112 13.63 66.88 -78.59
CA ASP P 112 14.93 66.55 -79.16
C ASP P 112 16.02 67.18 -78.30
N CYS P 113 17.02 66.39 -77.95
CA CYS P 113 18.13 66.83 -77.11
C CYS P 113 19.44 66.46 -77.79
N GLU P 114 20.10 67.45 -78.39
CA GLU P 114 21.39 67.19 -79.02
C GLU P 114 22.51 67.15 -77.98
N SER P 115 22.45 68.02 -76.97
CA SER P 115 23.42 68.02 -75.91
C SER P 115 23.13 66.90 -74.91
N GLU P 116 24.05 66.71 -73.97
CA GLU P 116 23.87 65.69 -72.96
C GLU P 116 22.73 66.06 -72.01
N PRO P 117 21.99 65.06 -71.52
CA PRO P 117 20.90 65.36 -70.58
C PRO P 117 21.41 65.79 -69.21
N ARG P 118 21.91 67.02 -69.13
CA ARG P 118 22.45 67.55 -67.89
C ARG P 118 21.36 67.66 -66.83
N PRO P 119 21.50 67.00 -65.68
CA PRO P 119 20.47 67.13 -64.65
C PRO P 119 20.56 68.49 -63.98
N PRO P 120 19.42 69.07 -63.61
CA PRO P 120 19.46 70.39 -62.96
C PRO P 120 19.95 70.34 -61.53
N CYS P 121 19.73 69.23 -60.82
CA CYS P 121 20.13 69.10 -59.43
C CYS P 121 20.59 67.67 -59.17
N ARG P 122 21.69 67.54 -58.43
CA ARG P 122 22.26 66.23 -58.15
C ARG P 122 21.68 65.59 -56.89
N ASP P 123 21.28 66.38 -55.90
CA ASP P 123 20.75 65.83 -54.67
C ASP P 123 19.41 65.15 -54.93
N ARG P 124 19.10 64.17 -54.07
CA ARG P 124 17.86 63.40 -54.18
C ARG P 124 16.75 64.17 -53.48
N VAL P 125 15.82 64.71 -54.28
CA VAL P 125 14.69 65.48 -53.76
C VAL P 125 13.42 64.82 -54.29
N VAL P 126 12.62 64.25 -53.40
CA VAL P 126 11.40 63.57 -53.81
C VAL P 126 10.35 64.58 -54.27
N GLU P 127 9.62 64.22 -55.32
CA GLU P 127 8.56 65.09 -55.82
C GLU P 127 7.46 65.27 -54.79
N GLU P 128 6.75 66.38 -54.89
CA GLU P 128 5.69 66.73 -53.94
C GLU P 128 4.49 65.82 -54.19
N SER P 129 4.35 64.79 -53.37
CA SER P 129 3.31 63.76 -53.54
C SER P 129 2.12 64.10 -52.66
N GLU P 130 0.98 64.39 -53.29
CA GLU P 130 -0.32 64.59 -52.64
C GLU P 130 -0.32 65.76 -51.67
N LEU P 131 0.74 66.57 -51.67
CA LEU P 131 0.85 67.72 -50.78
C LEU P 131 0.29 68.95 -51.52
N ALA P 132 0.60 70.15 -51.02
CA ALA P 132 0.03 71.40 -51.52
C ALA P 132 0.41 71.70 -52.97
N ARG P 133 1.10 70.77 -53.64
CA ARG P 133 1.44 70.87 -55.05
C ARG P 133 0.29 71.40 -55.89
N THR P 134 -0.94 70.96 -55.57
CA THR P 134 -2.14 71.49 -56.20
C THR P 134 -2.64 72.66 -55.36
N ALA P 135 -1.97 73.80 -55.53
CA ALA P 135 -2.21 74.99 -54.71
C ALA P 135 -3.26 75.92 -55.30
N GLY P 136 -3.76 75.64 -56.50
CA GLY P 136 -4.79 76.47 -57.11
C GLY P 136 -6.16 76.06 -56.63
N TYR P 137 -6.97 77.06 -56.26
CA TYR P 137 -8.31 76.82 -55.74
C TYR P 137 -9.23 77.94 -56.21
N GLY P 138 -10.41 77.57 -56.71
CA GLY P 138 -11.33 78.52 -57.29
C GLY P 138 -12.62 78.68 -56.52
N ILE P 139 -12.51 78.81 -55.20
CA ILE P 139 -13.70 78.87 -54.34
C ILE P 139 -14.67 79.94 -54.83
N ASN P 140 -15.96 79.61 -54.75
CA ASN P 140 -17.04 80.53 -55.10
C ASN P 140 -17.61 81.12 -53.83
N ILE P 141 -17.55 82.46 -53.73
CA ILE P 141 -18.07 83.13 -52.54
C ILE P 141 -19.58 82.90 -52.42
N LEU P 142 -20.27 82.77 -53.55
CA LEU P 142 -21.69 82.45 -53.55
C LEU P 142 -21.96 80.96 -53.67
N GLY P 143 -20.92 80.15 -53.92
CA GLY P 143 -21.11 78.74 -54.16
C GLY P 143 -20.76 77.83 -53.00
N MET P 144 -19.64 77.12 -53.12
CA MET P 144 -19.30 76.05 -52.19
C MET P 144 -17.77 75.96 -52.09
N ASP P 145 -17.28 74.81 -51.60
CA ASP P 145 -15.87 74.53 -51.33
C ASP P 145 -14.98 74.87 -52.52
N PRO P 146 -13.68 75.09 -52.29
CA PRO P 146 -12.80 75.53 -53.38
C PRO P 146 -12.74 74.54 -54.53
N LEU P 147 -12.30 75.06 -55.68
CA LEU P 147 -12.21 74.31 -56.92
C LEU P 147 -10.79 73.77 -57.09
N SER P 148 -10.51 73.19 -58.26
CA SER P 148 -9.18 72.66 -58.56
C SER P 148 -8.26 73.82 -58.95
N THR P 149 -7.08 73.48 -59.48
CA THR P 149 -6.12 74.51 -59.86
C THR P 149 -6.47 75.08 -61.23
N PRO P 150 -6.63 76.41 -61.35
CA PRO P 150 -6.87 77.01 -62.67
C PRO P 150 -5.61 77.24 -63.48
N PHE P 151 -4.45 76.87 -62.96
CA PHE P 151 -3.17 77.15 -63.60
C PHE P 151 -2.26 75.95 -63.45
N ASP P 152 -1.14 75.98 -64.18
CA ASP P 152 -0.14 74.93 -64.07
C ASP P 152 0.72 75.18 -62.83
N ASN P 153 0.94 74.12 -62.05
CA ASN P 153 1.70 74.22 -60.81
C ASN P 153 2.89 73.28 -60.78
N GLU P 154 3.22 72.65 -61.92
CA GLU P 154 4.37 71.75 -62.01
C GLU P 154 5.61 72.43 -62.57
N PHE P 155 5.45 73.53 -63.29
CA PHE P 155 6.58 74.22 -63.90
C PHE P 155 7.53 74.76 -62.84
N TYR P 156 8.83 74.70 -63.14
CA TYR P 156 9.86 75.29 -62.30
C TYR P 156 10.84 76.04 -63.19
N ASN P 157 11.48 77.06 -62.63
CA ASN P 157 12.28 77.98 -63.43
C ASN P 157 13.76 77.57 -63.50
N GLY P 158 14.44 77.50 -62.37
CA GLY P 158 15.87 77.30 -62.38
C GLY P 158 16.39 76.29 -61.36
N LEU P 159 17.34 76.72 -60.53
CA LEU P 159 17.92 75.85 -59.52
C LEU P 159 16.86 75.44 -58.50
N CYS P 160 16.86 74.16 -58.14
CA CYS P 160 15.90 73.64 -57.18
C CYS P 160 16.00 74.41 -55.86
N ASN P 161 14.85 74.72 -55.28
CA ASN P 161 14.77 75.37 -53.98
C ASN P 161 14.42 74.31 -52.94
N ARG P 162 15.35 74.05 -52.03
CA ARG P 162 15.17 72.97 -51.08
C ARG P 162 14.02 73.26 -50.12
N ASP P 163 13.33 72.20 -49.71
CA ASP P 163 12.21 72.25 -48.78
C ASP P 163 12.46 71.31 -47.62
N ARG P 164 13.66 71.41 -47.04
CA ARG P 164 14.14 70.47 -46.02
C ARG P 164 13.36 70.69 -44.74
N ASP P 165 12.16 70.11 -44.70
CA ASP P 165 11.27 70.22 -43.56
C ASP P 165 10.20 69.14 -43.69
N GLY P 166 9.48 68.90 -42.60
CA GLY P 166 8.41 67.92 -42.58
C GLY P 166 8.54 66.98 -41.40
N ASN P 167 7.56 66.08 -41.32
CA ASN P 167 7.52 65.10 -40.25
C ASN P 167 8.73 64.18 -40.31
N THR P 168 8.88 63.46 -41.42
CA THR P 168 10.00 62.54 -41.59
C THR P 168 11.16 63.24 -42.29
N LEU P 169 12.21 62.48 -42.58
CA LEU P 169 13.41 63.02 -43.24
C LEU P 169 13.23 62.80 -44.74
N THR P 170 12.68 63.81 -45.42
CA THR P 170 12.45 63.74 -46.85
C THR P 170 12.46 65.15 -47.41
N TYR P 171 12.93 65.29 -48.65
CA TYR P 171 13.07 66.58 -49.31
C TYR P 171 12.04 66.69 -50.42
N TYR P 172 11.20 67.72 -50.35
CA TYR P 172 10.18 67.97 -51.35
C TYR P 172 10.60 69.12 -52.26
N ARG P 173 9.87 69.29 -53.36
CA ARG P 173 10.10 70.37 -54.29
C ARG P 173 9.02 71.43 -54.16
N ARG P 174 9.42 72.68 -54.38
CA ARG P 174 8.49 73.81 -54.39
C ARG P 174 8.50 74.45 -55.77
N PRO P 175 7.37 74.46 -56.49
CA PRO P 175 7.37 75.02 -57.85
C PRO P 175 7.61 76.52 -57.84
N TRP P 176 8.08 77.02 -58.98
CA TRP P 176 8.36 78.44 -59.13
C TRP P 176 7.10 79.28 -59.03
N ASN P 177 5.93 78.68 -59.26
CA ASN P 177 4.68 79.43 -59.13
C ASN P 177 4.28 79.61 -57.67
N VAL P 178 4.58 78.63 -56.82
CA VAL P 178 4.28 78.74 -55.39
C VAL P 178 5.40 79.52 -54.73
N ALA P 179 5.06 80.66 -54.13
CA ALA P 179 6.09 81.53 -53.55
C ALA P 179 6.61 80.96 -52.23
N SER P 180 5.73 80.36 -51.42
CA SER P 180 6.13 79.88 -50.11
C SER P 180 5.23 78.72 -49.70
N LEU P 181 5.78 77.83 -48.87
CA LEU P 181 5.01 76.75 -48.28
C LEU P 181 5.66 76.37 -46.95
N ILE P 182 4.85 76.32 -45.90
CA ILE P 182 5.33 75.97 -44.56
C ILE P 182 4.68 74.67 -44.13
N TYR P 183 5.35 73.97 -43.22
CA TYR P 183 4.87 72.69 -42.70
C TYR P 183 4.47 72.78 -41.23
N GLU P 184 4.04 73.96 -40.78
CA GLU P 184 3.64 74.15 -39.40
C GLU P 184 2.41 73.31 -39.08
N THR P 185 2.53 72.47 -38.06
CA THR P 185 1.43 71.59 -37.65
C THR P 185 0.63 72.22 -36.51
N LYS P 186 0.11 73.41 -36.78
CA LYS P 186 -0.70 74.11 -35.80
C LYS P 186 -1.97 73.34 -35.50
N GLY P 187 -2.49 73.52 -34.28
CA GLY P 187 -3.71 72.86 -33.89
C GLY P 187 -4.35 73.48 -32.66
N GLU P 188 -5.65 73.75 -32.72
CA GLU P 188 -6.35 74.35 -31.60
C GLU P 188 -7.79 73.85 -31.56
N LYS P 189 -8.41 74.01 -30.40
CA LYS P 189 -9.79 73.61 -30.20
C LYS P 189 -10.35 74.39 -29.01
N ASN P 190 -11.68 74.47 -28.97
CA ASN P 190 -12.36 75.24 -27.92
C ASN P 190 -13.48 74.41 -27.31
N PHE P 191 -13.89 74.81 -26.13
CA PHE P 191 -15.09 74.27 -25.56
C PHE P 191 -15.82 75.39 -24.90
N ARG P 192 -17.10 75.17 -24.72
CA ARG P 192 -17.97 76.12 -24.04
C ARG P 192 -19.23 75.40 -23.57
N THR P 193 -19.89 75.99 -22.59
CA THR P 193 -21.17 75.52 -22.09
C THR P 193 -21.79 76.62 -21.23
N GLU P 194 -23.11 76.55 -21.07
CA GLU P 194 -23.83 77.52 -20.27
C GLU P 194 -25.12 76.87 -19.77
N HIS P 195 -25.79 77.57 -18.86
CA HIS P 195 -27.05 77.08 -18.29
C HIS P 195 -27.96 78.25 -17.99
N TYR P 196 -29.23 78.11 -18.35
CA TYR P 196 -30.27 79.09 -18.07
C TYR P 196 -31.35 78.43 -17.23
N GLU P 197 -31.93 79.19 -16.31
CA GLU P 197 -32.97 78.67 -15.43
C GLU P 197 -33.99 79.76 -15.15
N GLU P 198 -35.26 79.38 -15.21
CA GLU P 198 -36.37 80.29 -14.95
C GLU P 198 -37.46 79.53 -14.20
N GLN P 199 -38.02 80.16 -13.18
CA GLN P 199 -39.06 79.55 -12.37
C GLN P 199 -39.95 80.65 -11.80
N ILE P 200 -41.26 80.40 -11.78
CA ILE P 200 -42.21 81.33 -11.19
C ILE P 200 -43.35 80.53 -10.58
N GLU P 201 -43.79 80.97 -9.40
CA GLU P 201 -44.90 80.33 -8.68
C GLU P 201 -45.73 81.40 -8.00
N ALA P 202 -47.04 81.20 -7.99
CA ALA P 202 -47.97 82.15 -7.37
C ALA P 202 -49.13 81.37 -6.75
N PHE P 203 -49.42 81.69 -5.49
CA PHE P 203 -50.52 81.07 -4.75
C PHE P 203 -51.51 82.14 -4.33
N LYS P 204 -52.80 81.84 -4.47
CA LYS P 204 -53.86 82.76 -4.10
C LYS P 204 -55.01 81.99 -3.46
N SER P 205 -55.53 82.54 -2.37
CA SER P 205 -56.65 81.93 -1.66
C SER P 205 -57.53 83.03 -1.08
N ILE P 206 -58.83 82.94 -1.33
CA ILE P 206 -59.80 83.92 -0.86
C ILE P 206 -61.00 83.16 -0.28
N ILE P 207 -61.42 83.56 0.92
CA ILE P 207 -62.54 82.93 1.60
C ILE P 207 -63.46 84.00 2.14
N GLN P 208 -64.77 83.75 2.08
CA GLN P 208 -65.78 84.67 2.56
C GLN P 208 -66.76 83.92 3.45
N GLU P 209 -67.24 84.59 4.49
CA GLU P 209 -68.18 83.99 5.44
C GLU P 209 -69.15 85.06 5.92
N LYS P 210 -70.45 84.76 5.82
CA LYS P 210 -71.48 85.67 6.26
C LYS P 210 -72.63 84.87 6.87
N THR P 211 -73.17 85.36 7.98
CA THR P 211 -74.26 84.69 8.68
C THR P 211 -75.31 85.73 9.05
N SER P 212 -76.59 85.37 8.85
CA SER P 212 -77.69 86.27 9.12
C SER P 212 -78.78 85.54 9.88
N ASN P 213 -79.27 86.16 10.96
CA ASN P 213 -80.34 85.61 11.78
C ASN P 213 -81.23 86.74 12.26
N PHE P 214 -82.53 86.47 12.36
CA PHE P 214 -83.50 87.47 12.77
C PHE P 214 -84.55 86.84 13.68
N ASN P 215 -85.07 87.64 14.60
CA ASN P 215 -86.10 87.21 15.53
C ASN P 215 -87.24 88.22 15.53
N ALA P 216 -88.46 87.73 15.74
CA ALA P 216 -89.62 88.61 15.81
C ALA P 216 -90.69 87.91 16.65
N ALA P 217 -90.92 88.40 17.86
CA ALA P 217 -91.90 87.83 18.78
C ALA P 217 -92.74 88.95 19.38
N ILE P 218 -94.06 88.84 19.24
CA ILE P 218 -94.99 89.81 19.81
C ILE P 218 -96.24 89.06 20.27
N SER P 219 -96.68 89.34 21.50
CA SER P 219 -97.85 88.70 22.08
C SER P 219 -98.84 89.75 22.54
N LEU P 220 -100.12 89.47 22.33
CA LEU P 220 -101.19 90.40 22.68
C LEU P 220 -102.34 89.62 23.31
N LYS P 221 -102.73 90.01 24.52
CA LYS P 221 -103.85 89.38 25.21
C LYS P 221 -104.70 90.46 25.88
N PHE P 222 -106.01 90.25 25.89
CA PHE P 222 -106.95 91.23 26.42
C PHE P 222 -107.97 90.53 27.31
N THR P 223 -108.19 91.11 28.49
CA THR P 223 -109.18 90.59 29.44
C THR P 223 -109.72 91.72 30.30
N PRO P 224 -110.96 92.17 30.07
CA PRO P 224 -111.58 93.25 30.85
C PRO P 224 -112.05 92.78 32.23
N SER P 242 -118.67 87.71 30.23
CA SER P 242 -117.24 87.41 30.27
C SER P 242 -116.59 87.63 28.91
N LEU P 243 -115.36 88.14 28.92
CA LEU P 243 -114.61 88.41 27.70
C LEU P 243 -113.14 88.09 27.94
N HIS P 244 -112.54 87.35 27.01
CA HIS P 244 -111.14 86.96 27.12
C HIS P 244 -110.51 86.97 25.73
N GLY P 245 -109.22 87.30 25.69
CA GLY P 245 -108.48 87.31 24.44
C GLY P 245 -107.01 87.01 24.66
N LYS P 246 -106.39 86.30 23.71
CA LYS P 246 -104.98 85.96 23.82
C LYS P 246 -104.43 85.67 22.44
N GLY P 247 -103.30 86.30 22.10
CA GLY P 247 -102.65 86.06 20.84
C GLY P 247 -101.15 86.27 20.94
N SER P 248 -100.37 85.43 20.26
CA SER P 248 -98.92 85.50 20.31
C SER P 248 -98.35 85.22 18.92
N PHE P 249 -97.38 86.04 18.51
CA PHE P 249 -96.71 85.88 17.24
C PHE P 249 -95.27 85.45 17.48
N ARG P 250 -94.76 84.57 16.62
CA ARG P 250 -93.37 84.13 16.68
C ARG P 250 -92.82 84.06 15.27
N PHE P 251 -91.53 84.37 15.13
CA PHE P 251 -90.89 84.42 13.82
C PHE P 251 -89.40 84.15 13.99
N SER P 252 -88.83 83.45 13.02
CA SER P 252 -87.40 83.11 13.04
C SER P 252 -86.83 83.29 11.64
N TYR P 253 -85.50 83.26 11.56
CA TYR P 253 -84.80 83.44 10.30
C TYR P 253 -83.41 82.82 10.42
N SER P 254 -82.98 82.16 9.35
CA SER P 254 -81.67 81.52 9.32
C SER P 254 -81.03 81.73 7.95
N LYS P 255 -79.74 82.04 7.95
CA LYS P 255 -79.03 82.33 6.70
C LYS P 255 -77.52 82.33 6.91
N ASN P 256 -76.79 81.65 6.02
CA ASN P 256 -75.35 81.84 5.95
C ASN P 256 -74.89 81.53 4.53
N GLU P 257 -73.83 82.21 4.10
CA GLU P 257 -73.28 82.04 2.76
C GLU P 257 -71.76 82.06 2.85
N THR P 258 -71.14 80.89 2.66
CA THR P 258 -69.70 80.75 2.69
C THR P 258 -69.16 80.68 1.26
N TYR P 259 -68.18 81.53 0.96
CA TYR P 259 -67.54 81.55 -0.34
C TYR P 259 -66.08 81.16 -0.19
N GLN P 260 -65.56 80.47 -1.21
CA GLN P 260 -64.17 80.02 -1.20
C GLN P 260 -63.57 80.18 -2.59
N LEU P 261 -62.34 80.68 -2.64
CA LEU P 261 -61.61 80.89 -3.88
C LEU P 261 -60.18 80.42 -3.71
N PHE P 262 -59.64 79.79 -4.75
CA PHE P 262 -58.27 79.31 -4.74
C PHE P 262 -57.69 79.43 -6.14
N LEU P 263 -56.46 79.94 -6.22
CA LEU P 263 -55.78 80.13 -7.49
C LEU P 263 -54.31 79.81 -7.32
N SER P 264 -53.74 79.12 -8.31
CA SER P 264 -52.33 78.75 -8.27
C SER P 264 -51.74 78.89 -9.67
N TYR P 265 -50.46 79.25 -9.71
CA TYR P 265 -49.74 79.44 -10.97
C TYR P 265 -48.31 78.94 -10.80
N SER P 266 -47.78 78.30 -11.83
CA SER P 266 -46.42 77.76 -11.79
C SER P 266 -45.90 77.61 -13.21
N SER P 267 -44.63 77.95 -13.40
CA SER P 267 -43.99 77.79 -14.70
C SER P 267 -42.49 77.68 -14.51
N LYS P 268 -41.86 76.84 -15.32
CA LYS P 268 -40.42 76.63 -15.26
C LYS P 268 -39.86 76.58 -16.67
N LYS P 269 -38.68 77.19 -16.86
CA LYS P 269 -38.03 77.22 -18.15
C LYS P 269 -36.54 76.99 -17.97
N GLU P 270 -35.94 76.27 -18.93
CA GLU P 270 -34.51 75.97 -18.91
C GLU P 270 -33.99 75.99 -20.34
N LYS P 271 -32.75 76.44 -20.50
CA LYS P 271 -32.14 76.53 -21.81
C LYS P 271 -30.64 76.31 -21.70
N MET P 272 -30.08 75.58 -22.65
CA MET P 272 -28.65 75.31 -22.69
C MET P 272 -28.18 75.34 -24.14
N PHE P 273 -27.17 76.16 -24.42
CA PHE P 273 -26.60 76.29 -25.75
C PHE P 273 -25.09 76.31 -25.65
N LEU P 274 -24.42 75.55 -26.50
CA LEU P 274 -22.97 75.51 -26.49
C LEU P 274 -22.48 75.04 -27.85
N HIS P 275 -21.27 75.49 -28.22
CA HIS P 275 -20.67 75.12 -29.49
C HIS P 275 -19.17 74.93 -29.28
N VAL P 276 -18.61 73.92 -29.95
CA VAL P 276 -17.19 73.61 -29.88
C VAL P 276 -16.68 73.36 -31.29
N LYS P 277 -15.39 73.60 -31.49
CA LYS P 277 -14.78 73.40 -32.80
C LYS P 277 -13.28 73.18 -32.63
N GLY P 278 -12.73 72.37 -33.52
CA GLY P 278 -11.30 72.10 -33.50
C GLY P 278 -10.79 71.82 -34.89
N GLU P 279 -9.55 72.24 -35.15
CA GLU P 279 -8.93 72.06 -36.45
C GLU P 279 -7.50 71.59 -36.28
N ILE P 280 -7.08 70.69 -37.16
CA ILE P 280 -5.71 70.18 -37.20
C ILE P 280 -5.07 70.74 -38.47
N HIS P 281 -4.30 71.81 -38.31
CA HIS P 281 -3.61 72.42 -39.45
C HIS P 281 -2.43 71.57 -39.87
N LEU P 282 -2.24 71.45 -41.19
CA LEU P 282 -1.17 70.64 -41.76
C LEU P 282 -0.08 71.51 -42.38
N GLY P 283 -0.44 72.36 -43.34
CA GLY P 283 0.53 73.22 -43.99
C GLY P 283 -0.14 74.44 -44.57
N ARG P 284 0.69 75.44 -44.85
CA ARG P 284 0.21 76.72 -45.37
C ARG P 284 1.10 77.15 -46.52
N PHE P 285 0.47 77.74 -47.54
CA PHE P 285 1.17 78.18 -48.73
C PHE P 285 0.66 79.56 -49.13
N VAL P 286 1.50 80.30 -49.86
CA VAL P 286 1.15 81.63 -50.37
C VAL P 286 1.54 81.66 -51.84
N MET P 287 0.55 81.74 -52.71
CA MET P 287 0.80 81.78 -54.15
C MET P 287 1.43 83.12 -54.54
N ARG P 288 2.45 83.04 -55.40
CA ARG P 288 3.05 84.26 -55.93
C ARG P 288 2.05 85.03 -56.76
N ASN P 289 1.94 86.34 -56.49
CA ASN P 289 0.88 87.13 -57.11
C ASN P 289 1.17 87.41 -58.59
N ARG P 290 2.32 87.99 -58.88
CA ARG P 290 2.71 88.32 -60.24
C ARG P 290 3.86 87.42 -60.69
N ASP P 291 4.21 87.53 -61.97
CA ASP P 291 5.20 86.65 -62.61
C ASP P 291 4.78 85.20 -62.47
N VAL P 292 3.56 84.92 -62.91
CA VAL P 292 2.90 83.63 -62.71
C VAL P 292 2.78 82.93 -64.05
N VAL P 293 3.04 81.63 -64.06
CA VAL P 293 2.86 80.78 -65.23
C VAL P 293 1.49 80.13 -65.15
N LEU P 294 0.90 79.87 -66.32
CA LEU P 294 -0.45 79.35 -66.41
C LEU P 294 -0.47 78.05 -67.19
N THR P 295 -1.56 77.30 -67.05
CA THR P 295 -1.70 76.03 -67.74
C THR P 295 -2.18 76.25 -69.17
N THR P 296 -1.94 75.25 -70.00
CA THR P 296 -2.27 75.36 -71.42
C THR P 296 -3.77 75.54 -71.65
N THR P 297 -4.60 74.89 -70.83
CA THR P 297 -6.05 74.99 -71.02
C THR P 297 -6.54 76.39 -70.68
N PHE P 298 -6.09 76.94 -69.55
CA PHE P 298 -6.50 78.28 -69.16
C PHE P 298 -5.98 79.32 -70.14
N VAL P 299 -4.75 79.14 -70.63
CA VAL P 299 -4.20 80.04 -71.63
C VAL P 299 -5.01 80.00 -72.91
N ASP P 300 -5.40 78.79 -73.35
CA ASP P 300 -6.21 78.67 -74.55
C ASP P 300 -7.58 79.31 -74.35
N ASP P 301 -8.15 79.17 -73.15
CA ASP P 301 -9.46 79.77 -72.87
C ASP P 301 -9.37 81.29 -72.87
N ILE P 302 -8.29 81.85 -72.31
CA ILE P 302 -8.14 83.31 -72.30
C ILE P 302 -7.85 83.82 -73.71
N LYS P 303 -7.14 83.03 -74.53
CA LYS P 303 -6.88 83.44 -75.90
C LYS P 303 -8.17 83.43 -76.72
N ALA P 304 -8.97 82.38 -76.58
CA ALA P 304 -10.29 82.31 -77.23
C ALA P 304 -11.34 82.90 -76.29
N LEU P 305 -11.28 84.21 -76.15
CA LEU P 305 -12.14 84.95 -75.24
C LEU P 305 -12.56 86.25 -75.91
N PRO P 306 -13.84 86.63 -75.82
CA PRO P 306 -14.30 87.85 -76.48
C PRO P 306 -13.77 89.12 -75.82
N THR P 307 -14.07 90.27 -76.41
CA THR P 307 -13.60 91.55 -75.88
C THR P 307 -14.66 92.63 -75.92
N THR P 308 -15.93 92.28 -76.17
CA THR P 308 -17.01 93.25 -76.27
C THR P 308 -18.04 93.05 -75.16
N TYR P 309 -17.57 92.64 -73.98
CA TYR P 309 -18.41 92.42 -72.80
C TYR P 309 -19.50 91.40 -73.09
N GLU P 310 -19.07 90.16 -73.35
CA GLU P 310 -19.99 89.05 -73.56
C GLU P 310 -20.29 88.42 -72.20
N LYS P 311 -21.34 88.93 -71.54
CA LYS P 311 -21.74 88.39 -70.25
C LYS P 311 -22.12 86.92 -70.35
N GLY P 312 -22.65 86.49 -71.49
CA GLY P 312 -23.06 85.10 -71.63
C GLY P 312 -21.90 84.14 -71.50
N GLU P 313 -20.84 84.35 -72.29
CA GLU P 313 -19.67 83.48 -72.20
C GLU P 313 -18.90 83.74 -70.91
N TYR P 314 -18.90 84.97 -70.42
CA TYR P 314 -18.20 85.27 -69.17
C TYR P 314 -18.86 84.59 -67.98
N PHE P 315 -20.19 84.49 -67.98
CA PHE P 315 -20.88 83.78 -66.91
C PHE P 315 -20.55 82.30 -66.93
N ALA P 316 -20.36 81.72 -68.14
CA ALA P 316 -19.96 80.33 -68.24
C ALA P 316 -18.53 80.13 -67.73
N PHE P 317 -17.62 81.01 -68.17
CA PHE P 317 -16.23 80.95 -67.71
C PHE P 317 -16.15 81.10 -66.21
N LEU P 318 -17.02 81.92 -65.62
CA LEU P 318 -16.99 82.14 -64.18
C LEU P 318 -17.36 80.86 -63.42
N GLU P 319 -18.42 80.19 -63.84
CA GLU P 319 -18.79 78.92 -63.22
C GLU P 319 -17.75 77.83 -63.52
N THR P 320 -17.04 77.95 -64.65
CA THR P 320 -16.08 76.91 -65.02
C THR P 320 -14.80 77.02 -64.19
N TYR P 321 -14.27 78.23 -64.03
CA TYR P 321 -13.00 78.43 -63.35
C TYR P 321 -13.13 79.28 -62.08
N GLY P 322 -14.29 79.21 -61.43
CA GLY P 322 -14.47 79.93 -60.18
C GLY P 322 -14.59 81.43 -60.35
N THR P 323 -14.91 82.13 -59.26
CA THR P 323 -15.03 83.58 -59.30
C THR P 323 -13.71 84.28 -58.94
N HIS P 324 -13.01 83.77 -57.94
CA HIS P 324 -11.74 84.35 -57.51
C HIS P 324 -10.89 83.24 -56.89
N TYR P 325 -9.59 83.28 -57.16
CA TYR P 325 -8.69 82.23 -56.74
C TYR P 325 -8.16 82.51 -55.34
N SER P 326 -7.36 81.58 -54.82
CA SER P 326 -6.80 81.66 -53.47
C SER P 326 -5.39 82.20 -53.54
N SER P 327 -5.14 83.32 -52.86
CA SER P 327 -3.78 83.82 -52.73
C SER P 327 -2.98 83.02 -51.72
N SER P 328 -3.64 82.50 -50.68
CA SER P 328 -2.97 81.69 -49.67
C SER P 328 -3.99 80.74 -49.05
N GLY P 329 -3.60 79.48 -48.90
CA GLY P 329 -4.49 78.49 -48.31
C GLY P 329 -3.96 77.89 -47.03
N SER P 330 -4.64 76.87 -46.52
CA SER P 330 -4.23 76.21 -45.28
C SER P 330 -4.69 74.75 -45.34
N LEU P 331 -3.77 73.85 -45.66
CA LEU P 331 -4.09 72.44 -45.76
C LEU P 331 -4.28 71.84 -44.37
N GLY P 332 -5.20 70.89 -44.26
CA GLY P 332 -5.49 70.26 -42.99
C GLY P 332 -6.90 69.71 -42.90
N GLY P 333 -7.62 70.10 -41.86
CA GLY P 333 -9.00 69.69 -41.68
C GLY P 333 -9.57 70.09 -40.33
N LEU P 334 -10.87 70.38 -40.29
CA LEU P 334 -11.53 70.84 -39.07
C LEU P 334 -12.75 69.98 -38.78
N TYR P 335 -13.12 69.95 -37.50
CA TYR P 335 -14.30 69.23 -37.06
C TYR P 335 -14.98 70.03 -35.95
N GLU P 336 -16.30 69.90 -35.86
CA GLU P 336 -17.06 70.64 -34.86
C GLU P 336 -18.38 69.94 -34.61
N LEU P 337 -18.85 69.98 -33.36
CA LEU P 337 -20.15 69.42 -32.99
C LEU P 337 -20.86 70.42 -32.08
N ILE P 338 -22.16 70.58 -32.30
CA ILE P 338 -22.98 71.53 -31.55
C ILE P 338 -24.30 70.85 -31.18
N TYR P 339 -24.69 70.98 -29.94
CA TYR P 339 -26.07 70.70 -29.70
C TYR P 339 -26.70 71.54 -28.62
N VAL P 340 -27.98 71.74 -28.80
CA VAL P 340 -28.76 72.77 -28.15
C VAL P 340 -29.86 72.12 -27.33
N LEU P 341 -30.20 72.75 -26.19
CA LEU P 341 -31.25 72.26 -25.32
C LEU P 341 -32.14 73.43 -24.89
N ASP P 342 -33.44 73.18 -24.85
CA ASP P 342 -34.41 74.19 -24.43
C ASP P 342 -35.57 73.50 -23.73
N LYS P 343 -36.00 74.07 -22.60
CA LYS P 343 -37.05 73.51 -21.77
C LYS P 343 -38.04 74.59 -21.39
N ALA P 344 -39.32 74.23 -21.35
CA ALA P 344 -40.38 75.17 -20.96
C ALA P 344 -41.51 74.39 -20.31
N SER P 345 -42.09 74.97 -19.26
CA SER P 345 -43.18 74.33 -18.54
C SER P 345 -44.12 75.41 -18.00
N MET P 346 -45.40 75.03 -17.86
CA MET P 346 -46.41 75.95 -17.36
C MET P 346 -47.48 75.15 -16.61
N LYS P 347 -47.89 75.66 -15.45
CA LYS P 347 -48.92 75.04 -14.64
C LYS P 347 -49.83 76.11 -14.08
N ARG P 348 -51.15 75.89 -14.19
CA ARG P 348 -52.14 76.85 -13.73
C ARG P 348 -53.25 76.10 -13.01
N LYS P 349 -53.61 76.56 -11.82
CA LYS P 349 -54.64 75.91 -11.02
C LYS P 349 -55.59 76.94 -10.44
N GLY P 350 -56.89 76.65 -10.52
CA GLY P 350 -57.90 77.50 -9.93
C GLY P 350 -59.07 76.71 -9.37
N VAL P 351 -59.41 76.95 -8.11
CA VAL P 351 -60.46 76.21 -7.41
C VAL P 351 -61.43 77.20 -6.81
N GLU P 352 -62.73 76.95 -7.01
CA GLU P 352 -63.79 77.80 -6.50
C GLU P 352 -64.86 76.94 -5.84
N LEU P 353 -65.31 77.38 -4.67
CA LEU P 353 -66.36 76.69 -3.93
C LEU P 353 -67.36 77.71 -3.40
N LYS P 354 -68.64 77.42 -3.55
CA LYS P 354 -69.71 78.32 -3.14
C LYS P 354 -70.82 77.53 -2.48
N ASP P 355 -71.20 77.92 -1.26
CA ASP P 355 -72.26 77.26 -0.53
C ASP P 355 -73.10 78.30 0.20
N ILE P 356 -74.41 78.21 0.06
CA ILE P 356 -75.35 79.16 0.67
C ILE P 356 -76.49 78.37 1.29
N LYS P 357 -76.87 78.74 2.52
CA LYS P 357 -78.05 78.19 3.17
C LYS P 357 -78.89 79.33 3.73
N ARG P 358 -80.20 79.27 3.47
CA ARG P 358 -81.14 80.25 3.98
C ARG P 358 -82.40 79.53 4.41
N CYS P 359 -82.87 79.80 5.62
CA CYS P 359 -84.08 79.16 6.13
C CYS P 359 -84.94 80.18 6.85
N LEU P 360 -86.25 79.91 6.89
CA LEU P 360 -87.24 80.81 7.46
C LEU P 360 -88.10 80.06 8.46
N GLY P 361 -88.48 80.74 9.54
CA GLY P 361 -89.32 80.16 10.55
C GLY P 361 -90.41 81.10 11.05
N TYR P 362 -91.63 80.60 11.17
CA TYR P 362 -92.76 81.42 11.59
C TYR P 362 -93.71 80.58 12.42
N HIS P 363 -94.21 81.16 13.52
CA HIS P 363 -95.16 80.49 14.40
C HIS P 363 -96.25 81.47 14.78
N LEU P 364 -97.51 81.05 14.60
CA LEU P 364 -98.67 81.86 14.93
C LEU P 364 -99.60 81.03 15.82
N ASP P 365 -99.96 81.60 16.97
CA ASP P 365 -100.86 80.93 17.91
C ASP P 365 -101.80 81.97 18.52
N VAL P 366 -103.10 81.75 18.35
CA VAL P 366 -104.13 82.64 18.89
C VAL P 366 -105.19 81.78 19.55
N SER P 367 -105.54 82.14 20.79
CA SER P 367 -106.55 81.41 21.55
C SER P 367 -107.51 82.41 22.17
N LEU P 368 -108.81 82.17 21.99
CA LEU P 368 -109.84 83.07 22.49
C LEU P 368 -110.79 82.30 23.41
N ALA P 369 -111.22 82.97 24.48
CA ALA P 369 -112.07 82.25 25.47
C ALA P 369 -113.37 82.99 25.77
N PHE P 370 -114.49 82.26 25.67
CA PHE P 370 -115.84 82.75 26.02
C PHE P 370 -116.09 82.44 27.51
N SER P 371 -117.26 82.79 28.04
CA SER P 371 -117.66 82.20 29.34
C SER P 371 -117.74 80.68 29.19
N GLU P 372 -118.38 80.22 28.10
CA GLU P 372 -118.49 78.77 27.77
C GLU P 372 -117.99 78.58 26.34
N ILE P 373 -117.34 79.61 25.77
CA ILE P 373 -116.90 79.59 24.38
C ILE P 373 -115.38 79.59 24.36
N SER P 374 -114.80 78.75 23.52
CA SER P 374 -113.35 78.66 23.38
C SER P 374 -112.99 78.60 21.91
N VAL P 375 -112.05 79.45 21.50
CA VAL P 375 -111.59 79.52 20.12
C VAL P 375 -110.07 79.39 20.11
N GLY P 376 -109.56 78.59 19.18
CA GLY P 376 -108.13 78.38 19.07
C GLY P 376 -107.66 78.52 17.64
N ALA P 377 -106.37 78.84 17.51
CA ALA P 377 -105.76 79.01 16.19
C ALA P 377 -104.27 78.77 16.32
N GLU P 378 -103.71 77.99 15.39
CA GLU P 378 -102.28 77.69 15.38
C GLU P 378 -101.80 77.58 13.95
N PHE P 379 -100.96 78.52 13.51
CA PHE P 379 -100.41 78.54 12.17
C PHE P 379 -98.88 78.55 12.26
N ASN P 380 -98.25 77.54 11.66
CA ASN P 380 -96.80 77.42 11.70
C ASN P 380 -96.26 77.29 10.28
N LYS P 381 -95.20 78.05 9.99
CA LYS P 381 -94.58 78.06 8.67
C LYS P 381 -93.09 77.81 8.81
N ASP P 382 -92.56 76.92 7.96
CA ASP P 382 -91.14 76.58 7.97
C ASP P 382 -90.67 76.37 6.54
N ASP P 383 -89.56 77.01 6.17
CA ASP P 383 -89.03 76.88 4.82
C ASP P 383 -87.52 77.17 4.86
N CYS P 384 -86.74 76.25 4.32
CA CYS P 384 -85.29 76.40 4.24
C CYS P 384 -84.84 76.26 2.79
N VAL P 385 -83.73 76.90 2.45
CA VAL P 385 -83.17 76.88 1.11
C VAL P 385 -81.65 76.70 1.22
N LYS P 386 -81.09 75.85 0.37
CA LYS P 386 -79.66 75.60 0.32
C LYS P 386 -79.17 75.76 -1.10
N ARG P 387 -77.96 76.30 -1.25
CA ARG P 387 -77.34 76.50 -2.54
C ARG P 387 -75.91 75.98 -2.51
N GLY P 388 -75.47 75.39 -3.62
CA GLY P 388 -74.13 74.86 -3.72
C GLY P 388 -73.51 75.03 -5.08
N GLU P 389 -72.22 75.32 -5.15
CA GLU P 389 -71.52 75.51 -6.41
C GLU P 389 -70.04 75.18 -6.22
N GLY P 390 -69.48 74.50 -7.21
CA GLY P 390 -68.07 74.15 -7.19
C GLY P 390 -67.40 74.31 -8.54
N ARG P 391 -66.17 74.82 -8.56
CA ARG P 391 -65.43 75.04 -9.79
C ARG P 391 -63.97 74.69 -9.58
N ALA P 392 -63.37 74.07 -10.59
CA ALA P 392 -61.96 73.68 -10.53
C ALA P 392 -61.34 73.85 -11.91
N VAL P 393 -60.07 74.27 -11.91
CA VAL P 393 -59.30 74.46 -13.14
C VAL P 393 -57.90 73.90 -12.91
N ASN P 394 -57.49 72.95 -13.75
CA ASN P 394 -56.21 72.26 -13.61
C ASN P 394 -55.64 72.03 -15.00
N ILE P 395 -54.64 72.83 -15.37
CA ILE P 395 -54.08 72.81 -16.72
C ILE P 395 -52.55 72.86 -16.63
N THR P 396 -51.90 71.84 -17.17
CA THR P 396 -50.44 71.75 -17.20
C THR P 396 -49.96 71.76 -18.63
N SER P 397 -48.86 72.48 -18.89
CA SER P 397 -48.27 72.57 -20.22
C SER P 397 -46.76 72.53 -20.10
N GLU P 398 -46.12 71.80 -21.02
CA GLU P 398 -44.67 71.65 -21.03
C GLU P 398 -44.18 71.60 -22.47
N ASN P 399 -43.04 72.25 -22.73
CA ASN P 399 -42.45 72.30 -24.05
C ASN P 399 -40.94 72.05 -23.96
N LEU P 400 -40.42 71.27 -24.91
CA LEU P 400 -39.01 70.95 -24.97
C LEU P 400 -38.51 71.12 -26.40
N ILE P 401 -37.28 71.61 -26.54
CA ILE P 401 -36.67 71.84 -27.85
C ILE P 401 -35.20 71.46 -27.78
N ASP P 402 -34.77 70.58 -28.69
CA ASP P 402 -33.38 70.15 -28.75
C ASP P 402 -32.92 70.16 -30.20
N ASP P 403 -31.69 70.62 -30.43
CA ASP P 403 -31.09 70.65 -31.76
C ASP P 403 -29.62 70.29 -31.64
N VAL P 404 -29.19 69.33 -32.46
CA VAL P 404 -27.80 68.87 -32.47
C VAL P 404 -27.30 68.88 -33.90
N VAL P 405 -26.09 69.41 -34.10
CA VAL P 405 -25.44 69.43 -35.40
C VAL P 405 -23.96 69.14 -35.22
N SER P 406 -23.36 68.50 -36.23
CA SER P 406 -21.95 68.14 -36.18
C SER P 406 -21.47 67.88 -37.59
N LEU P 407 -20.16 68.03 -37.80
CA LEU P 407 -19.55 67.83 -39.11
C LEU P 407 -18.08 67.48 -38.95
N ILE P 408 -17.52 66.87 -39.98
CA ILE P 408 -16.12 66.49 -40.00
C ILE P 408 -15.68 66.34 -41.45
N ARG P 409 -14.39 66.50 -41.70
CA ARG P 409 -13.85 66.40 -43.05
C ARG P 409 -12.35 66.18 -42.98
N GLY P 410 -11.81 65.59 -44.05
CA GLY P 410 -10.38 65.40 -44.19
C GLY P 410 -9.94 63.98 -43.87
N GLY P 411 -8.76 63.63 -44.36
CA GLY P 411 -8.17 62.34 -44.10
C GLY P 411 -8.78 61.23 -44.94
N THR P 412 -8.27 60.02 -44.72
CA THR P 412 -8.85 58.85 -45.36
C THR P 412 -10.24 58.57 -44.78
N ARG P 413 -11.05 57.83 -45.55
CA ARG P 413 -12.42 57.60 -45.14
C ARG P 413 -12.51 56.62 -43.97
N LYS P 414 -11.52 55.73 -43.84
CA LYS P 414 -11.54 54.77 -42.74
C LYS P 414 -11.31 55.44 -41.39
N TYR P 415 -10.19 56.13 -41.25
CA TYR P 415 -9.82 56.71 -39.95
C TYR P 415 -10.68 57.92 -39.60
N ALA P 416 -11.22 58.62 -40.60
CA ALA P 416 -11.99 59.83 -40.33
C ALA P 416 -13.30 59.49 -39.62
N PHE P 417 -14.10 58.59 -40.20
CA PHE P 417 -15.40 58.26 -39.63
C PHE P 417 -15.30 57.33 -38.43
N GLU P 418 -14.14 56.67 -38.24
CA GLU P 418 -13.92 55.97 -36.98
C GLU P 418 -13.83 56.94 -35.82
N LEU P 419 -13.30 58.14 -36.05
CA LEU P 419 -13.33 59.19 -35.04
C LEU P 419 -14.74 59.74 -34.87
N LYS P 420 -15.50 59.82 -35.98
CA LYS P 420 -16.84 60.40 -35.91
C LYS P 420 -17.78 59.54 -35.08
N GLU P 421 -17.71 58.21 -35.23
CA GLU P 421 -18.62 57.34 -34.51
C GLU P 421 -18.35 57.36 -33.01
N LYS P 422 -17.08 57.45 -32.60
CA LYS P 422 -16.74 57.46 -31.19
C LYS P 422 -16.88 58.85 -30.57
N LEU P 423 -16.86 59.90 -31.38
CA LEU P 423 -17.05 61.25 -30.85
C LEU P 423 -18.51 61.51 -30.52
N LEU P 424 -19.42 61.06 -31.38
CA LEU P 424 -20.85 61.31 -31.20
C LEU P 424 -21.37 60.42 -30.09
N ARG P 425 -21.58 61.00 -28.91
CA ARG P 425 -22.17 60.33 -27.75
C ARG P 425 -21.34 59.12 -27.29
N GLY P 426 -20.06 59.06 -27.66
CA GLY P 426 -19.22 57.97 -27.24
C GLY P 426 -18.74 58.12 -25.81
N THR P 427 -18.36 59.34 -25.43
CA THR P 427 -17.90 59.74 -24.10
C THR P 427 -16.59 59.09 -23.70
N VAL P 428 -15.99 58.25 -24.55
CA VAL P 428 -14.73 57.59 -24.26
C VAL P 428 -13.85 57.77 -25.49
N ILE P 429 -12.94 58.74 -25.46
CA ILE P 429 -12.01 58.98 -26.55
C ILE P 429 -10.77 58.14 -26.36
N ASP P 430 -10.28 57.57 -27.46
CA ASP P 430 -9.10 56.72 -27.43
C ASP P 430 -7.84 57.54 -27.63
N VAL P 431 -6.69 56.93 -27.32
CA VAL P 431 -5.41 57.56 -27.57
C VAL P 431 -4.88 57.25 -28.97
N THR P 432 -5.15 56.06 -29.49
CA THR P 432 -4.61 55.67 -30.79
C THR P 432 -5.44 56.21 -31.95
N ASP P 433 -6.74 56.44 -31.74
CA ASP P 433 -7.58 56.91 -32.84
C ASP P 433 -7.19 58.32 -33.27
N PHE P 434 -6.74 59.16 -32.35
CA PHE P 434 -6.32 60.50 -32.73
C PHE P 434 -5.01 60.46 -33.53
N VAL P 435 -4.10 59.56 -33.18
CA VAL P 435 -2.88 59.40 -33.96
C VAL P 435 -3.21 58.86 -35.35
N ASN P 436 -4.18 57.93 -35.43
CA ASN P 436 -4.61 57.44 -36.73
C ASN P 436 -5.23 58.55 -37.56
N TRP P 437 -6.04 59.41 -36.93
CA TRP P 437 -6.60 60.56 -37.62
C TRP P 437 -5.51 61.51 -38.10
N ALA P 438 -4.48 61.72 -37.29
CA ALA P 438 -3.37 62.58 -37.68
C ALA P 438 -2.65 62.02 -38.91
N SER P 439 -2.34 60.72 -38.89
CA SER P 439 -1.69 60.10 -40.04
C SER P 439 -2.59 60.15 -41.27
N SER P 440 -3.89 59.94 -41.08
CA SER P 440 -4.83 59.97 -42.19
C SER P 440 -4.91 61.36 -42.82
N ILE P 441 -4.94 62.40 -42.00
CA ILE P 441 -5.03 63.75 -42.55
C ILE P 441 -3.69 64.19 -43.11
N ASN P 442 -2.58 63.61 -42.62
CA ASN P 442 -1.29 63.81 -43.29
C ASN P 442 -1.31 63.18 -44.67
N ASP P 443 -1.96 62.03 -44.81
CA ASP P 443 -2.10 61.40 -46.12
C ASP P 443 -2.98 62.25 -47.04
N ALA P 444 -4.10 62.76 -46.52
CA ALA P 444 -5.04 63.55 -47.32
C ALA P 444 -5.56 64.72 -46.51
N PRO P 445 -4.99 65.92 -46.69
CA PRO P 445 -5.50 67.10 -45.99
C PRO P 445 -6.62 67.81 -46.75
N VAL P 446 -7.11 68.92 -46.21
CA VAL P 446 -8.14 69.71 -46.86
C VAL P 446 -8.00 71.15 -46.38
N LEU P 447 -8.62 72.08 -47.10
CA LEU P 447 -8.49 73.49 -46.79
C LEU P 447 -9.14 73.84 -45.45
N ILE P 448 -8.53 74.79 -44.74
CA ILE P 448 -9.07 75.30 -43.49
C ILE P 448 -9.29 76.80 -43.61
N SER P 449 -8.20 77.53 -43.82
CA SER P 449 -8.22 78.97 -44.00
C SER P 449 -7.73 79.31 -45.40
N GLN P 450 -8.40 80.26 -46.05
CA GLN P 450 -8.14 80.58 -47.45
C GLN P 450 -8.08 82.08 -47.63
N LYS P 451 -6.90 82.59 -47.99
CA LYS P 451 -6.78 83.99 -48.35
C LYS P 451 -7.16 84.16 -49.81
N LEU P 452 -7.94 85.20 -50.08
CA LEU P 452 -8.64 85.34 -51.36
C LEU P 452 -7.97 86.39 -52.24
N SER P 453 -8.15 86.23 -53.56
CA SER P 453 -7.57 87.15 -54.54
C SER P 453 -8.40 87.07 -55.82
N PRO P 454 -8.71 88.21 -56.44
CA PRO P 454 -9.55 88.17 -57.64
C PRO P 454 -8.85 87.53 -58.82
N ILE P 455 -9.65 86.98 -59.73
CA ILE P 455 -9.11 86.28 -60.88
C ILE P 455 -8.54 87.26 -61.91
N TYR P 456 -9.21 88.39 -62.13
CA TYR P 456 -8.77 89.31 -63.16
C TYR P 456 -7.38 89.89 -62.89
N ASN P 457 -6.85 89.70 -61.69
CA ASN P 457 -5.45 90.02 -61.41
C ASN P 457 -4.50 88.91 -61.84
N LEU P 458 -5.03 87.74 -62.16
CA LEU P 458 -4.22 86.59 -62.55
C LEU P 458 -4.02 86.47 -64.06
N VAL P 459 -4.74 87.27 -64.85
CA VAL P 459 -4.62 87.21 -66.31
C VAL P 459 -3.19 87.58 -66.70
N PRO P 460 -2.59 86.89 -67.68
CA PRO P 460 -1.21 87.23 -68.07
C PRO P 460 -1.15 88.59 -68.75
N VAL P 461 -0.09 89.34 -68.43
CA VAL P 461 0.13 90.68 -68.96
C VAL P 461 0.65 90.58 -70.38
N LYS P 462 0.69 91.72 -71.09
CA LYS P 462 1.21 91.84 -72.46
C LYS P 462 0.69 90.72 -73.38
N MET P 463 -0.59 90.39 -73.22
CA MET P 463 -1.24 89.41 -74.07
C MET P 463 -1.87 90.15 -75.26
N LYS P 464 -2.76 89.45 -75.99
CA LYS P 464 -3.44 90.07 -77.12
C LYS P 464 -4.20 91.31 -76.70
N ASN P 465 -5.19 91.13 -75.81
CA ASN P 465 -6.01 92.23 -75.30
C ASN P 465 -6.15 92.10 -73.78
N ALA P 466 -5.01 91.93 -73.11
CA ALA P 466 -5.00 91.60 -71.69
C ALA P 466 -5.72 92.66 -70.86
N HIS P 467 -5.38 93.94 -71.06
CA HIS P 467 -5.92 95.00 -70.21
C HIS P 467 -7.43 95.11 -70.36
N LEU P 468 -7.92 95.20 -71.59
CA LEU P 468 -9.36 95.32 -71.79
C LEU P 468 -10.09 94.09 -71.29
N LYS P 469 -9.50 92.91 -71.50
CA LYS P 469 -10.08 91.69 -70.94
C LYS P 469 -10.02 91.70 -69.42
N LYS P 470 -9.00 92.33 -68.84
CA LYS P 470 -8.90 92.41 -67.38
C LYS P 470 -10.08 93.20 -66.80
N GLN P 471 -10.28 94.43 -67.27
CA GLN P 471 -11.40 95.23 -66.80
C GLN P 471 -12.73 94.61 -67.18
N ASN P 472 -12.78 93.89 -68.31
CA ASN P 472 -14.00 93.22 -68.72
C ASN P 472 -14.37 92.11 -67.75
N LEU P 473 -13.41 91.28 -67.38
CA LEU P 473 -13.66 90.23 -66.38
C LEU P 473 -13.91 90.84 -65.00
N GLU P 474 -13.36 92.01 -64.71
CA GLU P 474 -13.67 92.68 -63.45
C GLU P 474 -15.13 93.10 -63.42
N ARG P 475 -15.61 93.72 -64.49
CA ARG P 475 -17.03 94.05 -64.59
C ARG P 475 -17.89 92.79 -64.55
N ALA P 476 -17.41 91.70 -65.15
CA ALA P 476 -18.16 90.45 -65.14
C ALA P 476 -18.29 89.87 -63.74
N ILE P 477 -17.19 89.85 -62.98
CA ILE P 477 -17.26 89.32 -61.61
C ILE P 477 -18.08 90.24 -60.72
N GLU P 478 -18.03 91.56 -60.97
CA GLU P 478 -18.88 92.47 -60.20
C GLU P 478 -20.35 92.21 -60.48
N ASP P 479 -20.72 92.07 -61.76
CA ASP P 479 -22.10 91.78 -62.11
C ASP P 479 -22.52 90.41 -61.60
N TYR P 480 -21.58 89.46 -61.50
CA TYR P 480 -21.90 88.15 -60.95
C TYR P 480 -22.19 88.23 -59.46
N ILE P 481 -21.32 88.92 -58.71
CA ILE P 481 -21.47 88.99 -57.27
C ILE P 481 -22.64 89.89 -56.86
N ASN P 482 -23.05 90.83 -57.71
CA ASN P 482 -24.16 91.72 -57.39
C ASN P 482 -25.43 91.38 -58.15
N GLU P 483 -25.43 90.34 -58.99
CA GLU P 483 -26.58 90.03 -59.81
C GLU P 483 -27.61 89.20 -59.06
N PHE P 484 -27.24 88.01 -58.63
CA PHE P 484 -28.16 87.10 -57.96
C PHE P 484 -27.58 86.67 -56.62
N SER P 485 -28.37 86.82 -55.58
CA SER P 485 -27.97 86.48 -54.21
C SER P 485 -29.22 86.55 -53.34
N VAL P 486 -29.04 86.39 -52.03
CA VAL P 486 -30.14 86.55 -51.09
C VAL P 486 -30.66 87.98 -51.11
N ARG P 487 -29.80 88.94 -51.48
CA ARG P 487 -30.20 90.34 -51.51
C ARG P 487 -31.34 90.58 -52.50
N LYS P 488 -31.32 89.88 -53.63
CA LYS P 488 -32.34 90.10 -54.66
C LYS P 488 -33.56 89.21 -54.48
N CYS P 489 -33.46 88.14 -53.69
CA CYS P 489 -34.57 87.25 -53.45
C CYS P 489 -35.53 87.90 -52.44
N HIS P 490 -36.55 87.15 -52.02
CA HIS P 490 -37.56 87.66 -51.11
C HIS P 490 -37.22 87.26 -49.67
N THR P 491 -37.67 88.07 -48.73
CA THR P 491 -37.39 87.84 -47.32
C THR P 491 -38.37 86.84 -46.73
N CYS P 492 -37.86 85.95 -45.89
CA CYS P 492 -38.68 84.93 -45.25
C CYS P 492 -39.40 85.54 -44.04
N GLN P 493 -40.09 84.70 -43.28
CA GLN P 493 -40.86 85.15 -42.13
C GLN P 493 -40.19 84.70 -40.84
N ASN P 494 -40.52 85.43 -39.76
CA ASN P 494 -40.01 85.14 -38.41
C ASN P 494 -38.48 85.15 -38.38
N GLY P 495 -37.88 86.06 -39.13
CA GLY P 495 -36.43 86.19 -39.13
C GLY P 495 -35.70 84.97 -39.64
N GLY P 496 -36.34 84.17 -40.48
CA GLY P 496 -35.71 82.97 -41.00
C GLY P 496 -34.57 83.31 -41.94
N THR P 497 -33.37 82.79 -41.65
CA THR P 497 -32.22 83.05 -42.51
C THR P 497 -32.45 82.44 -43.89
N VAL P 498 -32.41 83.29 -44.91
CA VAL P 498 -32.70 82.87 -46.27
C VAL P 498 -31.40 82.42 -46.93
N ILE P 499 -31.44 81.26 -47.59
CA ILE P 499 -30.30 80.72 -48.31
C ILE P 499 -30.68 80.57 -49.78
N LEU P 500 -29.68 80.25 -50.60
CA LEU P 500 -29.87 80.07 -52.04
C LEU P 500 -29.05 78.86 -52.47
N MET P 501 -29.73 77.77 -52.81
CA MET P 501 -29.09 76.53 -53.24
C MET P 501 -29.57 76.19 -54.64
N ASP P 502 -28.90 76.74 -55.65
CA ASP P 502 -29.17 76.46 -57.06
C ASP P 502 -30.63 76.73 -57.41
N GLY P 503 -31.03 77.99 -57.26
CA GLY P 503 -32.37 78.44 -57.60
C GLY P 503 -33.37 78.38 -56.47
N LYS P 504 -33.35 77.30 -55.69
CA LYS P 504 -34.27 77.16 -54.56
C LYS P 504 -33.91 78.17 -53.48
N CYS P 505 -34.73 79.21 -53.36
CA CYS P 505 -34.49 80.27 -52.38
C CYS P 505 -35.24 79.98 -51.08
N LEU P 506 -34.83 78.88 -50.44
CA LEU P 506 -35.44 78.47 -49.19
C LEU P 506 -34.88 79.30 -48.03
N CYS P 507 -35.62 79.29 -46.92
CA CYS P 507 -35.24 80.03 -45.72
C CYS P 507 -35.20 79.08 -44.54
N ALA P 508 -34.08 79.09 -43.82
CA ALA P 508 -33.95 78.25 -42.64
C ALA P 508 -34.78 78.84 -41.49
N CYS P 509 -35.80 78.10 -41.06
CA CYS P 509 -36.71 78.57 -40.02
C CYS P 509 -36.17 78.22 -38.64
N PRO P 510 -36.45 79.04 -37.63
CA PRO P 510 -35.92 78.77 -36.29
C PRO P 510 -36.41 77.44 -35.72
N PHE P 511 -35.82 77.08 -34.57
CA PHE P 511 -36.09 75.78 -33.97
C PHE P 511 -37.54 75.66 -33.52
N LYS P 512 -38.04 76.66 -32.79
CA LYS P 512 -39.38 76.63 -32.25
C LYS P 512 -40.47 76.76 -33.31
N PHE P 513 -40.10 76.95 -34.57
CA PHE P 513 -41.07 77.15 -35.64
C PHE P 513 -41.05 75.98 -36.60
N GLU P 514 -42.06 75.91 -37.46
CA GLU P 514 -42.21 74.80 -38.39
C GLU P 514 -41.43 75.11 -39.67
N GLY P 515 -41.69 74.35 -40.74
CA GLY P 515 -40.85 74.35 -41.91
C GLY P 515 -41.05 75.46 -42.91
N ILE P 516 -41.22 75.08 -44.18
CA ILE P 516 -41.14 76.03 -45.30
C ILE P 516 -42.07 77.22 -45.08
N ALA P 517 -41.60 78.39 -45.52
CA ALA P 517 -42.34 79.65 -45.57
C ALA P 517 -42.63 80.22 -44.18
N CYS P 518 -42.29 79.48 -43.14
CA CYS P 518 -42.47 79.91 -41.74
C CYS P 518 -43.84 80.53 -41.53
N GLU P 519 -44.88 79.83 -42.00
CA GLU P 519 -46.25 80.32 -41.89
C GLU P 519 -46.94 79.75 -40.66
N ILE P 520 -47.03 78.42 -40.56
CA ILE P 520 -47.69 77.77 -39.43
C ILE P 520 -46.77 77.82 -38.22
N SER P 521 -47.34 78.16 -37.06
CA SER P 521 -46.53 78.39 -35.87
C SER P 521 -45.96 77.10 -35.30
N LYS P 522 -46.84 76.10 -35.15
CA LYS P 522 -46.43 74.78 -34.62
C LYS P 522 -46.63 74.79 -33.10
N GLN P 523 -46.83 75.99 -32.54
CA GLN P 523 -47.15 76.16 -31.11
C GLN P 523 -48.55 76.79 -31.10
N LYS P 524 -49.56 75.98 -30.83
CA LYS P 524 -50.97 76.45 -30.81
C LYS P 524 -51.40 76.43 -29.35
N ILE P 525 -51.95 77.54 -28.84
CA ILE P 525 -52.34 77.52 -27.41
C ILE P 525 -53.39 76.43 -27.23
N SER P 526 -53.12 75.50 -26.32
CA SER P 526 -54.06 74.40 -25.98
C SER P 526 -55.50 74.94 -25.98
N GLU P 527 -56.44 74.13 -26.50
CA GLU P 527 -57.85 74.51 -26.55
C GLU P 527 -58.61 73.77 -25.46
N GLY P 528 -59.48 74.49 -24.76
CA GLY P 528 -60.28 73.89 -23.70
C GLY P 528 -61.75 74.18 -23.83
N LEU P 529 -62.57 73.14 -23.75
CA LEU P 529 -64.03 73.28 -23.87
C LEU P 529 -64.71 72.64 -22.67
N PRO P 530 -65.23 73.44 -21.72
CA PRO P 530 -65.91 72.85 -20.55
C PRO P 530 -67.38 72.57 -20.81
N ALA P 531 -67.79 72.58 -22.09
CA ALA P 531 -69.18 72.40 -22.44
C ALA P 531 -69.66 71.00 -22.05
N LEU P 532 -70.97 70.89 -21.82
CA LEU P 532 -71.55 69.61 -21.44
C LEU P 532 -71.52 68.65 -22.62
N GLU P 533 -71.22 67.37 -22.39
CA GLU P 533 -71.18 66.40 -23.49
C GLU P 533 -72.54 66.22 -24.14
N PHE P 534 -72.56 66.23 -25.47
CA PHE P 534 -73.82 66.08 -26.19
C PHE P 534 -74.40 64.68 -26.02
N PRO P 535 -73.56 63.66 -26.16
CA PRO P 535 -74.00 62.27 -26.01
C PRO P 535 -72.85 61.38 -25.59
N SER Q 18 -64.83 59.79 -57.10
CA SER Q 18 -65.24 60.32 -58.40
C SER Q 18 -64.40 59.71 -59.51
N HIS Q 19 -65.07 59.08 -60.48
CA HIS Q 19 -64.42 58.44 -61.62
C HIS Q 19 -64.10 59.51 -62.66
N ILE Q 20 -63.03 60.26 -62.39
CA ILE Q 20 -62.60 61.33 -63.29
C ILE Q 20 -61.86 60.72 -64.48
N ASP Q 21 -62.36 61.00 -65.68
CA ASP Q 21 -61.75 60.51 -66.90
C ASP Q 21 -60.64 61.46 -67.35
N CYS Q 22 -59.88 61.03 -68.35
CA CYS Q 22 -58.74 61.78 -68.87
C CYS Q 22 -59.14 62.44 -70.19
N ARG Q 23 -59.35 63.75 -70.16
CA ARG Q 23 -59.57 64.53 -71.37
C ARG Q 23 -58.19 64.84 -71.96
N MET Q 24 -57.65 63.87 -72.70
CA MET Q 24 -56.27 63.88 -73.13
C MET Q 24 -56.17 63.55 -74.61
N SER Q 25 -56.98 64.21 -75.45
CA SER Q 25 -56.89 64.05 -76.90
C SER Q 25 -57.18 65.37 -77.61
N PRO Q 26 -56.38 66.42 -77.35
CA PRO Q 26 -56.42 67.61 -78.22
C PRO Q 26 -55.50 67.41 -79.42
N TRP Q 27 -56.08 67.26 -80.59
CA TRP Q 27 -55.32 66.99 -81.80
C TRP Q 27 -55.00 68.29 -82.54
N SER Q 28 -53.88 68.29 -83.23
CA SER Q 28 -53.38 69.45 -83.96
C SER Q 28 -53.33 69.13 -85.46
N GLU Q 29 -52.92 70.13 -86.23
CA GLU Q 29 -52.84 70.02 -87.68
C GLU Q 29 -51.49 69.47 -88.10
N TRP Q 30 -51.49 68.74 -89.23
CA TRP Q 30 -50.25 68.21 -89.78
C TRP Q 30 -49.34 69.34 -90.23
N SER Q 31 -48.09 69.30 -89.77
CA SER Q 31 -47.10 70.29 -90.15
C SER Q 31 -46.38 69.86 -91.43
N GLN Q 32 -45.39 70.64 -91.84
CA GLN Q 32 -44.63 70.33 -93.04
C GLN Q 32 -43.70 69.15 -92.80
N CYS Q 33 -43.54 68.31 -93.83
CA CYS Q 33 -42.65 67.16 -93.73
C CYS Q 33 -41.19 67.60 -93.67
N ASP Q 34 -40.40 66.88 -92.89
CA ASP Q 34 -38.97 67.12 -92.80
C ASP Q 34 -38.26 66.28 -93.85
N PRO Q 35 -37.63 66.88 -94.86
CA PRO Q 35 -37.04 66.05 -95.94
C PRO Q 35 -35.84 65.25 -95.48
N CYS Q 36 -34.95 65.85 -94.67
CA CYS Q 36 -33.74 65.14 -94.26
C CYS Q 36 -34.05 64.07 -93.23
N LEU Q 37 -34.90 64.38 -92.26
CA LEU Q 37 -35.24 63.40 -91.22
C LEU Q 37 -36.29 62.40 -91.71
N ARG Q 38 -37.12 62.79 -92.66
CA ARG Q 38 -38.17 61.92 -93.22
C ARG Q 38 -39.16 61.50 -92.13
N GLN Q 39 -39.82 62.51 -91.55
CA GLN Q 39 -40.76 62.29 -90.47
C GLN Q 39 -41.80 63.42 -90.48
N MET Q 40 -42.99 63.12 -89.99
CA MET Q 40 -44.06 64.09 -89.84
C MET Q 40 -44.30 64.38 -88.36
N PHE Q 41 -45.11 65.41 -88.10
CA PHE Q 41 -45.24 65.98 -86.76
C PHE Q 41 -46.72 66.20 -86.42
N ARG Q 42 -47.52 65.14 -86.54
CA ARG Q 42 -48.84 65.17 -85.93
C ARG Q 42 -48.69 65.40 -84.43
N SER Q 43 -49.21 66.53 -83.95
CA SER Q 43 -48.95 66.97 -82.58
C SER Q 43 -50.12 66.60 -81.66
N ARG Q 44 -49.88 66.80 -80.37
CA ARG Q 44 -50.85 66.48 -79.33
C ARG Q 44 -50.43 67.20 -78.06
N SER Q 45 -51.25 67.05 -77.01
CA SER Q 45 -50.98 67.69 -75.73
C SER Q 45 -51.70 66.93 -74.63
N ILE Q 46 -51.19 67.05 -73.42
CA ILE Q 46 -51.79 66.43 -72.24
C ILE Q 46 -52.52 67.50 -71.45
N GLU Q 47 -53.75 67.20 -71.01
CA GLU Q 47 -54.57 68.16 -70.28
C GLU Q 47 -54.98 67.68 -68.90
N VAL Q 48 -55.49 66.46 -68.78
CA VAL Q 48 -56.07 65.97 -67.53
C VAL Q 48 -55.47 64.60 -67.22
N PHE Q 49 -55.01 64.42 -65.98
CA PHE Q 49 -54.47 63.15 -65.52
C PHE Q 49 -55.55 62.24 -64.92
N GLY Q 50 -56.23 62.73 -63.88
CA GLY Q 50 -57.15 61.91 -63.11
C GLY Q 50 -56.65 61.73 -61.69
N GLN Q 51 -57.24 62.47 -60.75
CA GLN Q 51 -56.74 62.51 -59.39
C GLN Q 51 -57.14 61.30 -58.55
N PHE Q 52 -58.17 60.56 -58.97
CA PHE Q 52 -58.75 59.52 -58.14
C PHE Q 52 -58.51 58.15 -58.78
N ASN Q 53 -59.13 57.12 -58.20
CA ASN Q 53 -58.95 55.74 -58.61
C ASN Q 53 -59.52 55.44 -59.99
N GLY Q 54 -59.99 56.45 -60.71
CA GLY Q 54 -60.57 56.24 -62.03
C GLY Q 54 -59.58 55.79 -63.08
N LYS Q 55 -59.94 55.96 -64.35
CA LYS Q 55 -59.14 55.48 -65.48
C LYS Q 55 -57.76 56.12 -65.51
N ARG Q 56 -56.72 55.30 -65.29
CA ARG Q 56 -55.36 55.78 -65.44
C ARG Q 56 -55.03 55.95 -66.92
N CYS Q 57 -54.34 57.05 -67.25
CA CYS Q 57 -54.06 57.38 -68.65
C CYS Q 57 -52.60 57.83 -68.75
N THR Q 58 -51.75 56.95 -69.26
CA THR Q 58 -50.34 57.22 -69.47
C THR Q 58 -50.02 57.51 -70.94
N ASP Q 59 -51.02 57.96 -71.70
CA ASP Q 59 -50.83 58.18 -73.14
C ASP Q 59 -49.76 59.25 -73.38
N ALA Q 60 -48.67 58.83 -74.02
CA ALA Q 60 -47.58 59.74 -74.30
C ALA Q 60 -47.94 60.70 -75.43
N VAL Q 61 -47.39 61.91 -75.34
CA VAL Q 61 -47.64 62.95 -76.35
C VAL Q 61 -46.63 62.79 -77.48
N GLY Q 62 -47.13 62.84 -78.72
CA GLY Q 62 -46.27 62.73 -79.88
C GLY Q 62 -46.73 61.67 -80.86
N ASP Q 63 -46.44 61.89 -82.14
CA ASP Q 63 -46.81 60.97 -83.19
C ASP Q 63 -45.89 61.18 -84.37
N ARG Q 64 -45.49 60.08 -85.02
CA ARG Q 64 -44.58 60.13 -86.15
C ARG Q 64 -45.23 59.44 -87.36
N ARG Q 65 -44.70 59.77 -88.54
CA ARG Q 65 -45.22 59.23 -89.79
C ARG Q 65 -44.17 59.41 -90.87
N GLN Q 66 -44.01 58.38 -91.70
CA GLN Q 66 -43.12 58.48 -92.85
C GLN Q 66 -43.74 59.39 -93.91
N CYS Q 67 -42.88 60.17 -94.57
CA CYS Q 67 -43.33 61.12 -95.57
C CYS Q 67 -42.32 61.16 -96.72
N VAL Q 68 -42.83 61.29 -97.94
CA VAL Q 68 -41.98 61.38 -99.12
C VAL Q 68 -41.32 62.75 -99.12
N PRO Q 69 -39.99 62.82 -99.11
CA PRO Q 69 -39.32 64.12 -99.07
C PRO Q 69 -39.45 64.85 -100.40
N THR Q 70 -39.67 66.16 -100.30
CA THR Q 70 -39.79 67.01 -101.49
C THR Q 70 -38.61 67.95 -101.69
N GLU Q 71 -37.89 68.31 -100.61
CA GLU Q 71 -36.71 69.16 -100.71
C GLU Q 71 -35.47 68.31 -100.97
N PRO Q 72 -34.47 68.86 -101.67
CA PRO Q 72 -33.28 68.06 -102.00
C PRO Q 72 -32.41 67.71 -100.80
N CYS Q 73 -32.61 68.36 -99.66
CA CYS Q 73 -31.81 68.13 -98.45
C CYS Q 73 -30.32 68.36 -98.75
N GLU Q 74 -30.00 69.60 -99.11
CA GLU Q 74 -28.62 69.96 -99.41
C GLU Q 74 -27.78 70.20 -98.17
N ASP Q 75 -28.41 70.47 -97.03
CA ASP Q 75 -27.67 70.70 -95.80
C ASP Q 75 -27.04 69.41 -95.31
N ALA Q 76 -25.74 69.46 -95.00
CA ALA Q 76 -25.01 68.30 -94.51
C ALA Q 76 -23.87 68.77 -93.64
N GLU Q 77 -23.43 67.88 -92.74
CA GLU Q 77 -22.34 68.17 -91.82
C GLU Q 77 -21.03 67.68 -92.42
N ASP Q 78 -20.14 68.61 -92.74
CA ASP Q 78 -18.83 68.26 -93.28
C ASP Q 78 -17.95 67.66 -92.17
N ASP Q 79 -16.85 67.04 -92.60
CA ASP Q 79 -15.94 66.42 -91.64
C ASP Q 79 -14.97 67.44 -91.07
N CYS Q 80 -15.51 68.54 -90.55
CA CYS Q 80 -14.80 69.56 -89.77
C CYS Q 80 -13.67 70.23 -90.53
N GLY Q 81 -13.44 69.81 -91.79
CA GLY Q 81 -12.49 70.45 -92.67
C GLY Q 81 -11.11 70.74 -92.11
N ASN Q 82 -10.72 70.05 -91.03
CA ASN Q 82 -9.50 70.38 -90.31
C ASN Q 82 -8.45 69.28 -90.40
N ASP Q 83 -8.79 68.06 -89.97
CA ASP Q 83 -7.78 67.02 -89.85
C ASP Q 83 -8.45 65.66 -90.08
N PHE Q 84 -7.77 64.59 -89.68
CA PHE Q 84 -8.26 63.23 -89.89
C PHE Q 84 -9.62 63.02 -89.23
N GLN Q 85 -10.60 62.61 -90.03
CA GLN Q 85 -11.93 62.33 -89.51
C GLN Q 85 -11.97 60.97 -88.84
N CYS Q 86 -12.70 60.90 -87.73
CA CYS Q 86 -12.91 59.63 -87.05
C CYS Q 86 -14.00 58.81 -87.74
N SER Q 87 -14.16 57.57 -87.28
CA SER Q 87 -15.17 56.68 -87.85
C SER Q 87 -16.58 57.02 -87.40
N THR Q 88 -16.77 58.00 -86.52
CA THR Q 88 -18.09 58.36 -86.03
C THR Q 88 -18.49 59.80 -86.29
N GLY Q 89 -17.54 60.70 -86.56
CA GLY Q 89 -17.89 62.07 -86.87
C GLY Q 89 -17.06 63.12 -86.14
N ARG Q 90 -16.29 62.70 -85.14
CA ARG Q 90 -15.44 63.62 -84.40
C ARG Q 90 -14.11 63.80 -85.13
N CYS Q 91 -13.27 64.70 -84.61
CA CYS Q 91 -12.04 65.07 -85.29
C CYS Q 91 -10.90 65.21 -84.30
N ILE Q 92 -9.68 64.95 -84.77
CA ILE Q 92 -8.48 65.24 -84.01
C ILE Q 92 -8.25 66.74 -83.99
N LYS Q 93 -7.95 67.29 -82.80
CA LYS Q 93 -7.63 68.71 -82.71
C LYS Q 93 -6.17 68.96 -83.07
N MET Q 94 -5.25 68.47 -82.24
CA MET Q 94 -3.82 68.59 -82.56
C MET Q 94 -3.01 67.33 -82.32
N ARG Q 95 -3.39 66.45 -81.38
CA ARG Q 95 -2.52 65.34 -81.00
C ARG Q 95 -3.31 64.06 -80.74
N LEU Q 96 -4.45 63.89 -81.40
CA LEU Q 96 -5.27 62.70 -81.23
C LEU Q 96 -4.80 61.55 -82.12
N ARG Q 97 -3.56 61.58 -82.59
CA ARG Q 97 -3.02 60.51 -83.40
C ARG Q 97 -2.63 59.33 -82.51
N CYS Q 98 -1.86 58.40 -83.06
CA CYS Q 98 -1.52 57.16 -82.38
C CYS Q 98 -0.53 57.46 -81.25
N ASN Q 99 -1.09 57.96 -80.14
CA ASN Q 99 -0.31 58.29 -78.95
C ASN Q 99 -0.98 57.76 -77.70
N GLY Q 100 -1.65 56.61 -77.81
CA GLY Q 100 -2.34 56.03 -76.67
C GLY Q 100 -3.51 56.84 -76.17
N ASP Q 101 -4.20 57.55 -77.07
CA ASP Q 101 -5.32 58.43 -76.71
C ASP Q 101 -6.60 57.82 -77.28
N ASN Q 102 -7.31 57.07 -76.43
CA ASN Q 102 -8.54 56.40 -76.84
C ASN Q 102 -9.68 57.41 -76.85
N ASP Q 103 -10.19 57.71 -78.05
CA ASP Q 103 -11.34 58.60 -78.20
C ASP Q 103 -12.54 57.91 -78.84
N CYS Q 104 -12.36 57.26 -79.99
CA CYS Q 104 -13.48 56.71 -80.74
C CYS Q 104 -13.80 55.28 -80.33
N GLY Q 105 -12.84 54.37 -80.48
CA GLY Q 105 -13.04 52.98 -80.12
C GLY Q 105 -11.82 52.35 -79.49
N ASP Q 106 -11.88 51.04 -79.24
CA ASP Q 106 -10.73 50.35 -78.68
C ASP Q 106 -9.53 50.45 -79.62
N PHE Q 107 -9.70 50.04 -80.87
CA PHE Q 107 -8.67 50.18 -81.90
C PHE Q 107 -9.14 51.01 -83.08
N SER Q 108 -10.24 51.76 -82.92
CA SER Q 108 -10.73 52.61 -84.02
C SER Q 108 -9.76 53.76 -84.28
N ASP Q 109 -9.43 54.53 -83.25
CA ASP Q 109 -8.44 55.58 -83.40
C ASP Q 109 -7.05 55.01 -83.60
N GLU Q 110 -6.79 53.81 -83.05
CA GLU Q 110 -5.53 53.11 -83.20
C GLU Q 110 -5.55 52.15 -84.39
N ASP Q 111 -6.34 52.46 -85.42
CA ASP Q 111 -6.49 51.58 -86.57
C ASP Q 111 -5.14 51.23 -87.20
N ASP Q 112 -4.38 52.26 -87.59
CA ASP Q 112 -3.08 52.04 -88.22
C ASP Q 112 -2.08 53.01 -87.61
N CYS Q 113 -0.91 52.49 -87.23
CA CYS Q 113 0.14 53.29 -86.61
C CYS Q 113 1.45 53.02 -87.35
N GLU Q 114 1.86 53.96 -88.19
CA GLU Q 114 3.14 53.82 -88.89
C GLU Q 114 4.31 54.18 -87.99
N SER Q 115 4.15 55.21 -87.16
CA SER Q 115 5.19 55.59 -86.22
C SER Q 115 5.18 54.67 -85.01
N GLU Q 116 6.19 54.83 -84.16
CA GLU Q 116 6.29 54.01 -82.95
C GLU Q 116 5.16 54.36 -81.98
N PRO Q 117 4.66 53.37 -81.23
CA PRO Q 117 3.61 53.65 -80.26
C PRO Q 117 4.13 54.43 -79.05
N ARG Q 118 4.39 55.71 -79.26
CA ARG Q 118 4.90 56.57 -78.19
C ARG Q 118 3.89 56.70 -77.06
N PRO Q 119 4.23 56.31 -75.83
CA PRO Q 119 3.28 56.46 -74.74
C PRO Q 119 3.15 57.92 -74.34
N PRO Q 120 1.94 58.36 -73.96
CA PRO Q 120 1.78 59.78 -73.58
C PRO Q 120 2.37 60.10 -72.22
N CYS Q 121 2.43 59.12 -71.31
CA CYS Q 121 2.94 59.34 -69.96
C CYS Q 121 3.68 58.11 -69.50
N ARG Q 122 4.84 58.31 -68.86
CA ARG Q 122 5.67 57.20 -68.41
C ARG Q 122 5.31 56.73 -67.01
N ASP Q 123 4.85 57.63 -66.14
CA ASP Q 123 4.52 57.25 -64.77
C ASP Q 123 3.32 56.30 -64.76
N ARG Q 124 3.26 55.47 -63.71
CA ARG Q 124 2.19 54.50 -63.54
C ARG Q 124 1.01 55.18 -62.89
N VAL Q 125 -0.07 55.39 -63.65
CA VAL Q 125 -1.29 56.03 -63.18
C VAL Q 125 -2.44 55.07 -63.44
N VAL Q 126 -3.05 54.55 -62.38
CA VAL Q 126 -4.13 53.59 -62.52
C VAL Q 126 -5.38 54.31 -63.03
N GLU Q 127 -6.13 53.62 -63.91
CA GLU Q 127 -7.35 54.17 -64.46
C GLU Q 127 -8.39 54.35 -63.36
N GLU Q 128 -9.31 55.29 -63.59
CA GLU Q 128 -10.35 55.62 -62.61
C GLU Q 128 -11.35 54.49 -62.56
N SER Q 129 -11.23 53.63 -61.55
CA SER Q 129 -12.07 52.43 -61.43
C SER Q 129 -13.24 52.72 -60.49
N GLU Q 130 -14.45 52.67 -61.05
CA GLU Q 130 -15.71 52.77 -60.30
C GLU Q 130 -15.87 54.10 -59.57
N LEU Q 131 -14.99 55.06 -59.83
CA LEU Q 131 -15.04 56.37 -59.18
C LEU Q 131 -15.88 57.31 -60.06
N ALA Q 132 -15.77 58.62 -59.83
CA ALA Q 132 -16.60 59.63 -60.49
C ALA Q 132 -16.40 59.68 -62.00
N ARG Q 133 -15.59 58.78 -62.55
CA ARG Q 133 -15.37 58.66 -63.99
C ARG Q 133 -16.66 58.80 -64.78
N THR Q 134 -17.76 58.23 -64.26
CA THR Q 134 -19.08 58.40 -64.85
C THR Q 134 -19.73 59.61 -64.18
N ALA Q 135 -19.31 60.80 -64.63
CA ALA Q 135 -19.71 62.05 -64.02
C ALA Q 135 -20.97 62.65 -64.65
N GLY Q 136 -21.49 62.05 -65.72
CA GLY Q 136 -22.70 62.55 -66.35
C GLY Q 136 -23.93 62.02 -65.66
N TYR Q 137 -24.89 62.92 -65.40
CA TYR Q 137 -26.11 62.55 -64.71
C TYR Q 137 -27.26 63.38 -65.27
N GLY Q 138 -28.38 62.72 -65.56
CA GLY Q 138 -29.50 63.36 -66.21
C GLY Q 138 -30.75 63.45 -65.34
N ILE Q 139 -30.57 63.85 -64.07
CA ILE Q 139 -31.68 63.88 -63.13
C ILE Q 139 -32.87 64.63 -63.69
N ASN Q 140 -34.06 64.10 -63.42
CA ASN Q 140 -35.32 64.72 -63.82
C ASN Q 140 -35.90 65.46 -62.62
N ILE Q 141 -36.09 66.77 -62.76
CA ILE Q 141 -36.65 67.57 -61.66
C ILE Q 141 -38.06 67.11 -61.36
N LEU Q 142 -38.80 66.64 -62.35
CA LEU Q 142 -40.14 66.08 -62.15
C LEU Q 142 -40.11 64.57 -61.96
N GLY Q 143 -38.97 63.92 -62.17
CA GLY Q 143 -38.90 62.48 -62.12
C GLY Q 143 -38.29 61.90 -60.86
N MET Q 144 -37.08 61.38 -60.97
CA MET Q 144 -36.46 60.59 -59.90
C MET Q 144 -34.95 60.79 -59.95
N ASP Q 145 -34.21 59.88 -59.32
CA ASP Q 145 -32.77 59.90 -59.16
C ASP Q 145 -32.03 60.14 -60.48
N PRO Q 146 -30.79 60.64 -60.44
CA PRO Q 146 -30.09 61.00 -61.67
C PRO Q 146 -29.92 59.82 -62.63
N LEU Q 147 -29.67 60.16 -63.89
CA LEU Q 147 -29.53 59.21 -64.97
C LEU Q 147 -28.04 58.90 -65.19
N SER Q 148 -27.74 58.17 -66.26
CA SER Q 148 -26.37 57.84 -66.60
C SER Q 148 -25.71 59.03 -67.30
N THR Q 149 -24.54 58.81 -67.88
CA THR Q 149 -23.83 59.88 -68.54
C THR Q 149 -24.37 60.11 -69.95
N PRO Q 150 -24.80 61.33 -70.29
CA PRO Q 150 -25.24 61.61 -71.66
C PRO Q 150 -24.11 61.90 -72.64
N PHE Q 151 -22.86 61.84 -72.18
CA PHE Q 151 -21.71 62.19 -73.01
C PHE Q 151 -20.57 61.24 -72.73
N ASP Q 152 -19.54 61.30 -73.57
CA ASP Q 152 -18.34 60.50 -73.38
C ASP Q 152 -17.47 61.13 -72.31
N ASN Q 153 -17.00 60.31 -71.37
CA ASN Q 153 -16.19 60.79 -70.26
C ASN Q 153 -14.83 60.09 -70.20
N GLU Q 154 -14.47 59.32 -71.21
CA GLU Q 154 -13.18 58.64 -71.26
C GLU Q 154 -12.14 59.39 -72.06
N PHE Q 155 -12.56 60.28 -72.97
CA PHE Q 155 -11.62 61.02 -73.80
C PHE Q 155 -10.72 61.92 -72.97
N TYR Q 156 -9.47 62.03 -73.40
CA TYR Q 156 -8.51 62.95 -72.79
C TYR Q 156 -7.75 63.66 -73.90
N ASN Q 157 -7.28 64.87 -73.61
CA ASN Q 157 -6.73 65.75 -74.64
C ASN Q 157 -5.22 65.58 -74.80
N GLY Q 158 -4.46 65.87 -73.75
CA GLY Q 158 -3.01 65.92 -73.88
C GLY Q 158 -2.24 65.24 -72.76
N LEU Q 159 -1.34 65.98 -72.13
CA LEU Q 159 -0.53 65.44 -71.05
C LEU Q 159 -1.41 65.07 -69.85
N CYS Q 160 -1.14 63.91 -69.28
CA CYS Q 160 -1.91 63.44 -68.13
C CYS Q 160 -1.87 64.45 -67.00
N ASN Q 161 -3.01 64.66 -66.36
CA ASN Q 161 -3.11 65.54 -65.20
C ASN Q 161 -3.18 64.66 -63.96
N ARG Q 162 -2.16 64.75 -63.11
CA ARG Q 162 -2.06 63.87 -61.96
C ARG Q 162 -3.16 64.14 -60.96
N ASP Q 163 -3.60 63.08 -60.29
CA ASP Q 163 -4.65 63.12 -59.27
C ASP Q 163 -4.13 62.48 -58.00
N ARG Q 164 -2.94 62.92 -57.57
CA ARG Q 164 -2.22 62.28 -56.47
C ARG Q 164 -2.94 62.61 -55.16
N ASP Q 165 -4.00 61.86 -54.89
CA ASP Q 165 -4.81 62.04 -53.70
C ASP Q 165 -5.65 60.78 -53.52
N GLY Q 166 -6.24 60.64 -52.34
CA GLY Q 166 -7.09 59.52 -52.02
C GLY Q 166 -6.71 58.86 -50.71
N ASN Q 167 -7.49 57.83 -50.36
CA ASN Q 167 -7.25 57.10 -49.12
C ASN Q 167 -5.89 56.41 -49.15
N THR Q 168 -5.68 55.52 -50.12
CA THR Q 168 -4.43 54.80 -50.24
C THR Q 168 -3.48 55.54 -51.18
N LEU Q 169 -2.32 54.94 -51.43
CA LEU Q 169 -1.31 55.53 -52.31
C LEU Q 169 -1.55 54.98 -53.71
N THR Q 170 -2.33 55.73 -54.49
CA THR Q 170 -2.64 55.34 -55.86
C THR Q 170 -2.94 56.60 -56.67
N TYR Q 171 -2.60 56.55 -57.96
CA TYR Q 171 -2.75 57.69 -58.86
C TYR Q 171 -3.87 57.40 -59.85
N TYR Q 172 -4.88 58.25 -59.87
CA TYR Q 172 -6.01 58.12 -60.79
C TYR Q 172 -5.87 59.13 -61.93
N ARG Q 173 -6.69 58.94 -62.95
CA ARG Q 173 -6.74 59.83 -64.09
C ARG Q 173 -8.00 60.70 -64.04
N ARG Q 174 -7.87 61.93 -64.53
CA ARG Q 174 -8.98 62.86 -64.64
C ARG Q 174 -9.21 63.19 -66.11
N PRO Q 175 -10.36 62.87 -66.68
CA PRO Q 175 -10.57 63.14 -68.11
C PRO Q 175 -10.63 64.62 -68.40
N TRP Q 176 -10.34 64.96 -69.67
CA TRP Q 176 -10.35 66.35 -70.10
C TRP Q 176 -11.73 66.97 -70.03
N ASN Q 177 -12.79 66.14 -70.02
CA ASN Q 177 -14.14 66.66 -69.89
C ASN Q 177 -14.47 67.06 -68.46
N VAL Q 178 -13.92 66.34 -67.48
CA VAL Q 178 -14.13 66.68 -66.07
C VAL Q 178 -13.13 67.76 -65.68
N ALA Q 179 -13.65 68.92 -65.28
CA ALA Q 179 -12.78 70.05 -64.97
C ALA Q 179 -12.05 69.85 -63.64
N SER Q 180 -12.73 69.28 -62.64
CA SER Q 180 -12.16 69.14 -61.31
C SER Q 180 -12.79 67.96 -60.60
N LEU Q 181 -12.02 67.36 -59.69
CA LEU Q 181 -12.52 66.30 -58.83
C LEU Q 181 -11.73 66.31 -57.54
N ILE Q 182 -12.43 66.33 -56.40
CA ILE Q 182 -11.79 66.34 -55.10
C ILE Q 182 -12.16 65.06 -54.36
N TYR Q 183 -11.30 64.68 -53.41
CA TYR Q 183 -11.48 63.47 -52.62
C TYR Q 183 -11.78 63.78 -51.15
N GLU Q 184 -12.40 64.94 -50.89
CA GLU Q 184 -12.73 65.33 -49.53
C GLU Q 184 -13.75 64.37 -48.93
N THR Q 185 -13.39 63.77 -47.79
CA THR Q 185 -14.27 62.81 -47.12
C THR Q 185 -15.10 63.50 -46.03
N LYS Q 186 -15.85 64.51 -46.46
CA LYS Q 186 -16.71 65.23 -45.54
C LYS Q 186 -17.78 64.33 -44.97
N GLY Q 187 -18.24 64.65 -43.76
CA GLY Q 187 -19.29 63.88 -43.12
C GLY Q 187 -19.93 64.62 -41.96
N GLU Q 188 -21.27 64.64 -41.93
CA GLU Q 188 -21.98 65.32 -40.86
C GLU Q 188 -23.29 64.59 -40.59
N LYS Q 189 -23.84 64.87 -39.41
CA LYS Q 189 -25.12 64.28 -38.99
C LYS Q 189 -25.72 65.17 -37.92
N ASN Q 190 -27.04 65.04 -37.74
CA ASN Q 190 -27.77 65.86 -36.79
C ASN Q 190 -28.66 64.99 -35.92
N PHE Q 191 -29.06 65.54 -34.79
CA PHE Q 191 -30.08 64.92 -34.01
C PHE Q 191 -30.97 66.00 -33.49
N ARG Q 192 -32.17 65.60 -33.14
CA ARG Q 192 -33.16 66.50 -32.56
C ARG Q 192 -34.21 65.68 -31.83
N THR Q 193 -34.90 66.33 -30.90
CA THR Q 193 -36.03 65.75 -30.19
C THR Q 193 -36.78 66.88 -29.48
N GLU Q 194 -38.04 66.61 -29.17
CA GLU Q 194 -38.89 67.58 -28.49
C GLU Q 194 -39.98 66.82 -27.74
N HIS Q 195 -40.72 67.56 -26.91
CA HIS Q 195 -41.80 66.99 -26.13
C HIS Q 195 -42.91 68.03 -25.95
N TYR Q 196 -44.15 67.58 -26.15
CA TYR Q 196 -45.33 68.41 -25.94
C TYR Q 196 -46.20 67.74 -24.88
N GLU Q 197 -46.85 68.57 -24.05
CA GLU Q 197 -47.70 68.05 -22.99
C GLU Q 197 -48.90 68.97 -22.80
N GLU Q 198 -50.07 68.38 -22.66
CA GLU Q 198 -51.31 69.11 -22.44
C GLU Q 198 -52.18 68.34 -21.47
N GLN Q 199 -52.78 69.06 -20.52
CA GLN Q 199 -53.62 68.45 -19.50
C GLN Q 199 -54.65 69.46 -19.04
N ILE Q 200 -55.89 69.00 -18.84
CA ILE Q 200 -56.95 69.85 -18.34
C ILE Q 200 -57.87 68.99 -17.46
N GLU Q 201 -58.30 69.58 -16.34
CA GLU Q 201 -59.21 68.91 -15.41
C GLU Q 201 -60.18 69.93 -14.85
N ALA Q 202 -61.44 69.52 -14.67
CA ALA Q 202 -62.47 70.38 -14.13
C ALA Q 202 -63.41 69.58 -13.26
N PHE Q 203 -63.67 70.07 -12.05
CA PHE Q 203 -64.58 69.43 -11.10
C PHE Q 203 -65.72 70.37 -10.78
N LYS Q 204 -66.93 69.83 -10.73
CA LYS Q 204 -68.13 70.61 -10.42
C LYS Q 204 -69.05 69.79 -9.53
N SER Q 205 -69.59 70.44 -8.49
CA SER Q 205 -70.52 69.80 -7.58
C SER Q 205 -71.55 70.83 -7.12
N ILE Q 206 -72.82 70.46 -7.21
CA ILE Q 206 -73.93 71.32 -6.82
C ILE Q 206 -74.91 70.51 -5.98
N ILE Q 207 -75.32 71.06 -4.85
CA ILE Q 207 -76.23 70.38 -3.94
C ILE Q 207 -77.31 71.37 -3.50
N GLN Q 208 -78.54 70.88 -3.39
CA GLN Q 208 -79.68 71.69 -2.97
C GLN Q 208 -80.43 70.97 -1.86
N GLU Q 209 -80.95 71.74 -0.91
CA GLU Q 209 -81.68 71.19 0.22
C GLU Q 209 -82.80 72.15 0.61
N LYS Q 210 -84.02 71.61 0.71
CA LYS Q 210 -85.19 72.39 1.08
C LYS Q 210 -86.10 71.54 1.94
N THR Q 211 -86.66 72.14 2.99
CA THR Q 211 -87.54 71.45 3.93
C THR Q 211 -88.75 72.33 4.21
N SER Q 212 -89.93 71.73 4.22
CA SER Q 212 -91.17 72.47 4.43
C SER Q 212 -92.05 71.71 5.43
N ASN Q 213 -92.55 72.44 6.42
CA ASN Q 213 -93.44 71.89 7.44
C ASN Q 213 -94.49 72.92 7.80
N PHE Q 214 -95.71 72.45 8.08
CA PHE Q 214 -96.82 73.33 8.40
C PHE Q 214 -97.66 72.71 9.52
N ASN Q 215 -98.26 73.58 10.33
CA ASN Q 215 -99.12 73.17 11.43
C ASN Q 215 -100.43 73.95 11.37
N ALA Q 216 -101.51 73.31 11.80
CA ALA Q 216 -102.82 73.97 11.84
C ALA Q 216 -103.68 73.27 12.89
N ALA Q 217 -103.89 73.94 14.02
CA ALA Q 217 -104.69 73.40 15.11
C ALA Q 217 -105.66 74.46 15.59
N ILE Q 218 -106.95 74.10 15.63
CA ILE Q 218 -108.02 74.98 16.10
C ILE Q 218 -109.06 74.12 16.82
N SER Q 219 -109.46 74.56 18.01
CA SER Q 219 -110.42 73.85 18.82
C SER Q 219 -111.57 74.79 19.20
N LEU Q 220 -112.79 74.25 19.18
CA LEU Q 220 -113.99 75.03 19.47
C LEU Q 220 -114.92 74.20 20.35
N LYS Q 221 -115.29 74.75 21.49
CA LYS Q 221 -116.21 74.09 22.41
C LYS Q 221 -117.20 75.12 22.95
N PHE Q 222 -118.45 74.68 23.14
CA PHE Q 222 -119.51 75.57 23.58
C PHE Q 222 -120.31 74.90 24.69
N THR Q 223 -120.56 75.65 25.76
CA THR Q 223 -121.35 75.17 26.89
C THR Q 223 -122.04 76.34 27.58
N PRO Q 224 -123.37 76.50 27.41
CA PRO Q 224 -124.11 77.60 28.05
C PRO Q 224 -124.39 77.33 29.53
N SER Q 242 -130.03 70.89 29.21
CA SER Q 242 -128.57 70.86 29.16
C SER Q 242 -128.07 70.91 27.72
N LEU Q 243 -126.97 71.62 27.50
CA LEU Q 243 -126.38 71.77 26.17
C LEU Q 243 -124.86 71.77 26.31
N HIS Q 244 -124.20 70.97 25.48
CA HIS Q 244 -122.75 70.87 25.50
C HIS Q 244 -122.23 70.71 24.08
N GLY Q 245 -121.03 71.24 23.83
CA GLY Q 245 -120.40 71.13 22.54
C GLY Q 245 -118.89 71.14 22.63
N LYS Q 246 -118.22 70.38 21.78
CA LYS Q 246 -116.75 70.32 21.80
C LYS Q 246 -116.26 69.85 20.44
N GLY Q 247 -115.31 70.59 19.88
CA GLY Q 247 -114.71 70.24 18.60
C GLY Q 247 -113.27 70.71 18.50
N SER Q 248 -112.40 69.90 17.91
CA SER Q 248 -110.99 70.24 17.80
C SER Q 248 -110.47 69.79 16.43
N PHE Q 249 -109.72 70.66 15.78
CA PHE Q 249 -109.12 70.38 14.48
C PHE Q 249 -107.61 70.26 14.64
N ARG Q 250 -107.01 69.33 13.92
CA ARG Q 250 -105.57 69.16 13.90
C ARG Q 250 -105.11 68.91 12.47
N PHE Q 251 -103.91 69.40 12.14
CA PHE Q 251 -103.40 69.30 10.79
C PHE Q 251 -101.87 69.34 10.83
N SER Q 252 -101.25 68.58 9.95
CA SER Q 252 -99.79 68.49 9.89
C SER Q 252 -99.36 68.48 8.43
N TYR Q 253 -98.06 68.67 8.21
CA TYR Q 253 -97.50 68.72 6.87
C TYR Q 253 -96.01 68.39 6.95
N SER Q 254 -95.53 67.61 5.98
CA SER Q 254 -94.13 67.22 5.93
C SER Q 254 -93.65 67.26 4.49
N LYS Q 255 -92.44 67.78 4.28
CA LYS Q 255 -91.90 67.94 2.94
C LYS Q 255 -90.40 68.25 2.96
N ASN Q 256 -89.63 67.55 2.15
CA ASN Q 256 -88.26 67.96 1.89
C ASN Q 256 -87.84 67.46 0.50
N GLU Q 257 -86.97 68.23 -0.14
CA GLU Q 257 -86.49 67.89 -1.49
C GLU Q 257 -84.99 68.18 -1.57
N THR Q 258 -84.19 67.13 -1.60
CA THR Q 258 -82.74 67.25 -1.70
C THR Q 258 -82.31 66.99 -3.15
N TYR Q 259 -81.53 67.92 -3.70
CA TYR Q 259 -81.01 67.80 -5.05
C TYR Q 259 -79.49 67.71 -4.99
N GLN Q 260 -78.92 66.93 -5.91
CA GLN Q 260 -77.48 66.74 -5.96
C GLN Q 260 -77.02 66.73 -7.42
N LEU Q 261 -75.91 67.41 -7.69
CA LEU Q 261 -75.34 67.48 -9.02
C LEU Q 261 -73.82 67.33 -8.93
N PHE Q 262 -73.25 66.60 -9.88
CA PHE Q 262 -71.81 66.38 -9.93
C PHE Q 262 -71.37 66.32 -11.38
N LEU Q 263 -70.28 67.01 -11.68
CA LEU Q 263 -69.74 67.06 -13.03
C LEU Q 263 -68.22 67.04 -12.97
N SER Q 264 -67.60 66.28 -13.87
CA SER Q 264 -66.16 66.17 -13.93
C SER Q 264 -65.70 66.13 -15.38
N TYR Q 265 -64.52 66.69 -15.62
CA TYR Q 265 -63.93 66.76 -16.96
C TYR Q 265 -62.43 66.56 -16.85
N SER Q 266 -61.86 65.83 -17.81
CA SER Q 266 -60.44 65.56 -17.81
C SER Q 266 -60.00 65.22 -19.23
N SER Q 267 -58.83 65.72 -19.62
CA SER Q 267 -58.28 65.43 -20.93
C SER Q 267 -56.76 65.63 -20.89
N LYS Q 268 -56.04 64.76 -21.59
CA LYS Q 268 -54.59 64.82 -21.65
C LYS Q 268 -54.13 64.59 -23.08
N LYS Q 269 -53.12 65.34 -23.50
CA LYS Q 269 -52.57 65.23 -24.85
C LYS Q 269 -51.05 65.31 -24.79
N GLU Q 270 -50.40 64.53 -25.65
CA GLU Q 270 -48.95 64.49 -25.73
C GLU Q 270 -48.54 64.31 -27.19
N LYS Q 271 -47.43 64.94 -27.56
CA LYS Q 271 -46.95 64.86 -28.93
C LYS Q 271 -45.43 64.94 -28.94
N MET Q 272 -44.80 64.14 -29.79
CA MET Q 272 -43.36 64.12 -29.94
C MET Q 272 -43.00 63.95 -31.41
N PHE Q 273 -42.20 64.86 -31.94
CA PHE Q 273 -41.75 64.81 -33.32
C PHE Q 273 -40.27 65.12 -33.38
N LEU Q 274 -39.53 64.34 -34.15
CA LEU Q 274 -38.09 64.56 -34.30
C LEU Q 274 -37.63 63.91 -35.59
N HIS Q 275 -36.57 64.48 -36.16
CA HIS Q 275 -35.99 63.98 -37.40
C HIS Q 275 -34.48 64.10 -37.33
N VAL Q 276 -33.78 63.09 -37.85
CA VAL Q 276 -32.33 63.06 -37.88
C VAL Q 276 -31.89 62.62 -39.27
N LYS Q 277 -30.68 63.04 -39.66
CA LYS Q 277 -30.14 62.69 -40.96
C LYS Q 277 -28.62 62.78 -40.91
N GLY Q 278 -27.98 61.92 -41.69
CA GLY Q 278 -26.53 61.91 -41.78
C GLY Q 278 -26.08 61.45 -43.15
N GLU Q 279 -24.97 62.02 -43.60
CA GLU Q 279 -24.43 61.69 -44.91
C GLU Q 279 -22.92 61.52 -44.82
N ILE Q 280 -22.39 60.55 -45.56
CA ILE Q 280 -20.96 60.30 -45.65
C ILE Q 280 -20.52 60.70 -47.06
N HIS Q 281 -19.97 61.89 -47.18
CA HIS Q 281 -19.51 62.37 -48.48
C HIS Q 281 -18.20 61.68 -48.87
N LEU Q 282 -18.09 61.33 -50.15
CA LEU Q 282 -16.92 60.63 -50.68
C LEU Q 282 -16.08 61.52 -51.56
N GLY Q 283 -16.67 62.10 -52.61
CA GLY Q 283 -15.92 62.96 -53.51
C GLY Q 283 -16.85 63.91 -54.23
N ARG Q 284 -16.25 64.97 -54.78
CA ARG Q 284 -17.00 66.00 -55.46
C ARG Q 284 -16.31 66.35 -56.77
N PHE Q 285 -17.11 66.60 -57.80
CA PHE Q 285 -16.59 66.92 -59.13
C PHE Q 285 -17.38 68.08 -59.71
N VAL Q 286 -16.76 68.79 -60.64
CA VAL Q 286 -17.39 69.91 -61.34
C VAL Q 286 -17.12 69.72 -62.83
N MET Q 287 -18.17 69.45 -63.59
CA MET Q 287 -18.03 69.25 -65.03
C MET Q 287 -17.70 70.56 -65.72
N ARG Q 288 -16.77 70.50 -66.66
CA ARG Q 288 -16.43 71.67 -67.46
C ARG Q 288 -17.64 72.08 -68.31
N ASN Q 289 -17.96 73.37 -68.28
CA ASN Q 289 -19.20 73.83 -68.91
C ASN Q 289 -19.07 73.85 -70.43
N ARG Q 290 -18.08 74.56 -70.95
CA ARG Q 290 -17.86 74.67 -72.38
C ARG Q 290 -16.59 73.91 -72.78
N ASP Q 291 -16.37 73.82 -74.09
CA ASP Q 291 -15.28 73.03 -74.67
C ASP Q 291 -15.39 71.58 -74.21
N VAL Q 292 -16.58 71.01 -74.45
CA VAL Q 292 -16.95 69.69 -73.96
C VAL Q 292 -17.03 68.73 -75.13
N VAL Q 293 -16.52 67.52 -74.93
CA VAL Q 293 -16.62 66.44 -75.91
C VAL Q 293 -17.84 65.58 -75.56
N LEU Q 294 -18.45 65.00 -76.58
CA LEU Q 294 -19.69 64.25 -76.44
C LEU Q 294 -19.49 62.82 -76.96
N THR Q 295 -20.41 61.95 -76.56
CA THR Q 295 -20.35 60.55 -76.99
C THR Q 295 -20.96 60.40 -78.38
N THR Q 296 -20.61 59.31 -79.05
CA THR Q 296 -21.05 59.08 -80.41
C THR Q 296 -22.56 58.94 -80.50
N THR Q 297 -23.20 58.34 -79.50
CA THR Q 297 -24.64 58.15 -79.55
C THR Q 297 -25.38 59.47 -79.40
N PHE Q 298 -24.96 60.30 -78.45
CA PHE Q 298 -25.59 61.61 -78.28
C PHE Q 298 -25.35 62.51 -79.49
N VAL Q 299 -24.14 62.44 -80.07
CA VAL Q 299 -23.85 63.22 -81.26
C VAL Q 299 -24.73 62.78 -82.42
N ASP Q 300 -24.91 61.46 -82.58
CA ASP Q 300 -25.76 60.95 -83.64
C ASP Q 300 -27.22 61.37 -83.42
N ASP Q 301 -27.66 61.37 -82.15
CA ASP Q 301 -29.03 61.79 -81.85
C ASP Q 301 -29.25 63.26 -82.15
N ILE Q 302 -28.25 64.11 -81.82
CA ILE Q 302 -28.38 65.53 -82.09
C ILE Q 302 -28.29 65.80 -83.59
N LYS Q 303 -27.51 65.01 -84.33
CA LYS Q 303 -27.44 65.17 -85.76
C LYS Q 303 -28.75 64.77 -86.43
N ALA Q 304 -29.34 63.64 -86.01
CA ALA Q 304 -30.64 63.22 -86.49
C ALA Q 304 -31.72 63.78 -85.57
N LEU Q 305 -31.91 65.10 -85.68
CA LEU Q 305 -32.83 65.84 -84.83
C LEU Q 305 -33.54 66.88 -85.68
N PRO Q 306 -34.85 67.04 -85.52
CA PRO Q 306 -35.59 68.02 -86.33
C PRO Q 306 -35.25 69.45 -85.98
N THR Q 307 -35.82 70.40 -86.74
CA THR Q 307 -35.56 71.81 -86.50
C THR Q 307 -36.83 72.67 -86.62
N THR Q 308 -38.01 72.06 -86.66
CA THR Q 308 -39.27 72.79 -86.82
C THR Q 308 -40.15 72.63 -85.59
N TYR Q 309 -39.52 72.56 -84.41
CA TYR Q 309 -40.22 72.43 -83.14
C TYR Q 309 -41.12 71.19 -83.11
N GLU Q 310 -40.48 70.03 -83.19
CA GLU Q 310 -41.17 68.75 -83.09
C GLU Q 310 -41.25 68.36 -81.62
N LYS Q 311 -42.32 68.80 -80.95
CA LYS Q 311 -42.53 68.48 -79.56
C LYS Q 311 -42.62 66.97 -79.33
N GLY Q 312 -43.14 66.24 -80.31
CA GLY Q 312 -43.28 64.80 -80.15
C GLY Q 312 -41.95 64.09 -79.98
N GLU Q 313 -41.02 64.32 -80.90
CA GLU Q 313 -39.69 63.72 -80.78
C GLU Q 313 -38.90 64.35 -79.65
N TYR Q 314 -39.10 65.63 -79.39
CA TYR Q 314 -38.38 66.30 -78.30
C TYR Q 314 -38.81 65.75 -76.94
N PHE Q 315 -40.10 65.44 -76.79
CA PHE Q 315 -40.55 64.84 -75.53
C PHE Q 315 -39.95 63.46 -75.33
N ALA Q 316 -39.74 62.71 -76.40
CA ALA Q 316 -39.09 61.41 -76.29
C ALA Q 316 -37.62 61.58 -75.93
N PHE Q 317 -36.92 62.49 -76.62
CA PHE Q 317 -35.52 62.77 -76.30
C PHE Q 317 -35.35 63.23 -74.87
N LEU Q 318 -36.32 63.98 -74.34
CA LEU Q 318 -36.24 64.48 -72.98
C LEU Q 318 -36.30 63.33 -71.97
N GLU Q 319 -37.24 62.42 -72.15
CA GLU Q 319 -37.31 61.25 -71.27
C GLU Q 319 -36.11 60.33 -71.48
N THR Q 320 -35.51 60.34 -72.67
CA THR Q 320 -34.40 59.44 -72.95
C THR Q 320 -33.11 59.92 -72.29
N TYR Q 321 -32.82 61.22 -72.41
CA TYR Q 321 -31.55 61.78 -71.93
C TYR Q 321 -31.76 62.81 -70.82
N GLY Q 322 -32.84 62.68 -70.05
CA GLY Q 322 -33.06 63.59 -68.94
C GLY Q 322 -33.48 64.97 -69.37
N THR Q 323 -33.85 65.82 -68.40
CA THR Q 323 -34.24 67.19 -68.68
C THR Q 323 -33.07 68.16 -68.61
N HIS Q 324 -32.21 68.00 -67.60
CA HIS Q 324 -31.03 68.85 -67.43
C HIS Q 324 -29.96 68.07 -66.72
N TYR Q 325 -28.70 68.28 -67.13
CA TYR Q 325 -27.59 67.50 -66.62
C TYR Q 325 -27.02 68.14 -65.35
N SER Q 326 -26.03 67.48 -64.77
CA SER Q 326 -25.41 67.93 -63.53
C SER Q 326 -24.12 68.69 -63.85
N SER Q 327 -24.05 69.94 -63.42
CA SER Q 327 -22.81 70.69 -63.53
C SER Q 327 -21.79 70.26 -62.47
N SER Q 328 -22.26 69.86 -61.30
CA SER Q 328 -21.38 69.39 -60.23
C SER Q 328 -22.15 68.42 -59.35
N GLY Q 329 -21.52 67.30 -59.00
CA GLY Q 329 -22.16 66.31 -58.16
C GLY Q 329 -21.43 66.08 -56.85
N SER Q 330 -21.87 65.07 -56.09
CA SER Q 330 -21.25 64.75 -54.80
C SER Q 330 -21.42 63.26 -54.55
N LEU Q 331 -20.37 62.49 -54.81
CA LEU Q 331 -20.42 61.05 -54.60
C LEU Q 331 -20.39 60.72 -53.12
N GLY Q 332 -21.10 59.66 -52.73
CA GLY Q 332 -21.18 59.26 -51.34
C GLY Q 332 -22.45 58.50 -51.01
N GLY Q 333 -23.16 58.96 -49.98
CA GLY Q 333 -24.41 58.35 -49.58
C GLY Q 333 -24.95 58.92 -48.28
N LEU Q 334 -26.27 58.97 -48.15
CA LEU Q 334 -26.90 59.54 -46.98
C LEU Q 334 -27.91 58.57 -46.40
N TYR Q 335 -28.19 58.72 -45.11
CA TYR Q 335 -29.18 57.91 -44.41
C TYR Q 335 -29.91 58.79 -43.40
N GLU Q 336 -31.17 58.45 -43.15
CA GLU Q 336 -31.98 59.22 -42.22
C GLU Q 336 -33.13 58.36 -41.71
N LEU Q 337 -33.51 58.57 -40.45
CA LEU Q 337 -34.63 57.88 -39.84
C LEU Q 337 -35.46 58.89 -39.07
N ILE Q 338 -36.78 58.78 -39.17
CA ILE Q 338 -37.71 59.70 -38.52
C ILE Q 338 -38.84 58.90 -37.89
N TYR Q 339 -39.16 59.19 -36.65
CA TYR Q 339 -40.45 58.74 -36.22
C TYR Q 339 -41.14 59.65 -35.25
N VAL Q 340 -42.45 59.58 -35.33
CA VAL Q 340 -43.36 60.58 -34.79
C VAL Q 340 -44.26 59.91 -33.76
N LEU Q 341 -44.63 60.68 -32.73
CA LEU Q 341 -45.51 60.21 -31.67
C LEU Q 341 -46.56 61.26 -31.36
N ASP Q 342 -47.79 60.81 -31.13
CA ASP Q 342 -48.91 61.69 -30.82
C ASP Q 342 -49.85 60.96 -29.87
N LYS Q 343 -50.30 61.68 -28.84
CA LYS Q 343 -51.16 61.10 -27.81
C LYS Q 343 -52.32 62.05 -27.52
N ALA Q 344 -53.49 61.49 -27.27
CA ALA Q 344 -54.67 62.28 -26.95
C ALA Q 344 -55.59 61.46 -26.05
N SER Q 345 -56.19 62.14 -25.08
CA SER Q 345 -57.09 61.47 -24.13
C SER Q 345 -58.18 62.44 -23.71
N MET Q 346 -59.34 61.89 -23.37
CA MET Q 346 -60.47 62.69 -22.92
C MET Q 346 -61.30 61.88 -21.93
N LYS Q 347 -61.73 62.54 -20.86
CA LYS Q 347 -62.55 61.92 -19.83
C LYS Q 347 -63.62 62.91 -19.39
N ARG Q 348 -64.87 62.45 -19.32
CA ARG Q 348 -65.98 63.29 -18.92
C ARG Q 348 -66.88 62.51 -17.98
N LYS Q 349 -67.25 63.13 -16.86
CA LYS Q 349 -68.07 62.48 -15.84
C LYS Q 349 -69.16 63.42 -15.36
N GLY Q 350 -70.37 62.90 -15.24
CA GLY Q 350 -71.48 63.66 -14.72
C GLY Q 350 -72.43 62.81 -13.90
N VAL Q 351 -72.72 63.23 -12.67
CA VAL Q 351 -73.55 62.47 -11.75
C VAL Q 351 -74.66 63.38 -11.23
N GLU Q 352 -75.89 62.88 -11.24
CA GLU Q 352 -77.05 63.61 -10.79
C GLU Q 352 -77.89 62.72 -9.87
N LEU Q 353 -78.34 63.30 -8.75
CA LEU Q 353 -79.18 62.60 -7.79
C LEU Q 353 -80.31 63.51 -7.35
N LYS Q 354 -81.52 62.97 -7.31
CA LYS Q 354 -82.71 63.75 -6.96
C LYS Q 354 -83.60 62.91 -6.06
N ASP Q 355 -83.96 63.47 -4.90
CA ASP Q 355 -84.81 62.79 -3.93
C ASP Q 355 -85.77 63.80 -3.32
N ILE Q 356 -87.06 63.46 -3.31
CA ILE Q 356 -88.11 64.33 -2.78
C ILE Q 356 -89.04 63.49 -1.90
N LYS Q 357 -89.39 64.03 -0.74
CA LYS Q 357 -90.38 63.42 0.13
C LYS Q 357 -91.38 64.48 0.56
N ARG Q 358 -92.68 64.14 0.46
CA ARG Q 358 -93.75 65.03 0.88
C ARG Q 358 -94.82 64.20 1.57
N CYS Q 359 -95.24 64.62 2.76
CA CYS Q 359 -96.27 63.89 3.49
C CYS Q 359 -97.26 64.87 4.11
N LEU Q 360 -98.48 64.38 4.34
CA LEU Q 360 -99.58 65.19 4.83
C LEU Q 360 -100.21 64.52 6.05
N GLY Q 361 -100.63 65.33 7.01
CA GLY Q 361 -101.28 64.82 8.20
C GLY Q 361 -102.49 65.64 8.62
N TYR Q 362 -103.57 64.97 8.97
CA TYR Q 362 -104.81 65.64 9.36
C TYR Q 362 -105.52 64.82 10.43
N HIS Q 363 -106.03 65.52 11.44
CA HIS Q 363 -106.77 64.88 12.53
C HIS Q 363 -108.01 65.71 12.85
N LEU Q 364 -109.16 65.05 12.88
CA LEU Q 364 -110.44 65.69 13.18
C LEU Q 364 -111.12 64.92 14.30
N ASP Q 365 -111.51 65.63 15.36
CA ASP Q 365 -112.18 65.01 16.49
C ASP Q 365 -113.26 65.97 16.99
N VAL Q 366 -114.51 65.50 17.01
CA VAL Q 366 -115.63 66.28 17.49
C VAL Q 366 -116.46 65.41 18.41
N SER Q 367 -116.79 65.94 19.59
CA SER Q 367 -117.59 65.21 20.57
C SER Q 367 -118.67 66.12 21.10
N LEU Q 368 -119.91 65.63 21.12
CA LEU Q 368 -121.06 66.41 21.54
C LEU Q 368 -121.76 65.69 22.68
N ALA Q 369 -122.25 66.47 23.66
CA ALA Q 369 -122.86 65.83 24.85
C ALA Q 369 -124.27 66.38 25.14
N PHE Q 370 -125.22 65.45 25.30
CA PHE Q 370 -126.62 65.77 25.70
C PHE Q 370 -126.69 65.71 27.24
N SER Q 371 -127.87 65.95 27.82
CA SER Q 371 -128.05 65.58 29.24
C SER Q 371 -127.85 64.06 29.38
N GLU Q 372 -128.46 63.30 28.47
CA GLU Q 372 -128.32 61.82 28.42
C GLU Q 372 -127.89 61.43 26.99
N ILE Q 373 -127.50 62.42 26.18
CA ILE Q 373 -127.17 62.20 24.79
C ILE Q 373 -125.68 62.46 24.61
N SER Q 374 -125.00 61.59 23.87
CA SER Q 374 -123.58 61.73 23.60
C SER Q 374 -123.32 61.44 22.13
N VAL Q 375 -122.59 62.35 21.47
CA VAL Q 375 -122.26 62.21 20.06
C VAL Q 375 -120.75 62.35 19.92
N GLY Q 376 -120.16 61.49 19.09
CA GLY Q 376 -118.72 61.51 18.87
C GLY Q 376 -118.39 61.45 17.40
N ALA Q 377 -117.21 61.96 17.07
CA ALA Q 377 -116.73 61.96 15.69
C ALA Q 377 -115.22 62.02 15.70
N GLU Q 378 -114.58 61.18 14.87
CA GLU Q 378 -113.13 61.14 14.76
C GLU Q 378 -112.75 60.82 13.33
N PHE Q 379 -112.14 61.79 12.64
CA PHE Q 379 -111.70 61.63 11.26
C PHE Q 379 -110.20 61.93 11.20
N ASN Q 380 -109.43 60.96 10.72
CA ASN Q 380 -107.98 61.10 10.63
C ASN Q 380 -107.53 60.79 9.21
N LYS Q 381 -106.66 61.64 8.67
CA LYS Q 381 -106.15 61.50 7.31
C LYS Q 381 -104.64 61.55 7.34
N ASP Q 382 -104.01 60.62 6.60
CA ASP Q 382 -102.55 60.55 6.52
C ASP Q 382 -102.16 60.13 5.11
N ASP Q 383 -101.22 60.86 4.52
CA ASP Q 383 -100.76 60.56 3.17
C ASP Q 383 -99.36 61.12 2.99
N CYS Q 384 -98.44 60.26 2.54
CA CYS Q 384 -97.06 60.65 2.29
C CYS Q 384 -96.71 60.30 0.84
N VAL Q 385 -95.75 61.04 0.28
CA VAL Q 385 -95.29 60.85 -1.10
C VAL Q 385 -93.78 60.97 -1.11
N LYS Q 386 -93.13 60.06 -1.85
CA LYS Q 386 -91.67 60.07 -2.00
C LYS Q 386 -91.33 60.03 -3.48
N ARG Q 387 -90.26 60.72 -3.85
CA ARG Q 387 -89.78 60.77 -5.23
C ARG Q 387 -88.28 60.53 -5.25
N GLY Q 388 -87.81 59.82 -6.27
CA GLY Q 388 -86.40 59.52 -6.41
C GLY Q 388 -85.94 59.51 -7.85
N GLU Q 389 -84.73 60.01 -8.10
CA GLU Q 389 -84.17 60.06 -9.44
C GLU Q 389 -82.66 60.04 -9.36
N GLY Q 390 -82.04 59.28 -10.27
CA GLY Q 390 -80.59 59.21 -10.33
C GLY Q 390 -80.06 59.21 -11.75
N ARG Q 391 -78.96 59.90 -12.00
CA ARG Q 391 -78.38 60.00 -13.32
C ARG Q 391 -76.86 59.96 -13.20
N ALA Q 392 -76.22 59.27 -14.14
CA ALA Q 392 -74.77 59.15 -14.17
C ALA Q 392 -74.28 59.16 -15.62
N VAL Q 393 -73.12 59.78 -15.84
CA VAL Q 393 -72.49 59.85 -17.15
C VAL Q 393 -71.01 59.61 -16.97
N ASN Q 394 -70.48 58.59 -17.67
CA ASN Q 394 -69.09 58.17 -17.53
C ASN Q 394 -68.59 57.78 -18.91
N ILE Q 395 -67.78 58.65 -19.54
CA ILE Q 395 -67.33 58.46 -20.91
C ILE Q 395 -65.84 58.79 -20.99
N THR Q 396 -65.03 57.82 -21.40
CA THR Q 396 -63.61 57.98 -21.57
C THR Q 396 -63.23 57.79 -23.04
N SER Q 397 -62.32 58.62 -23.53
CA SER Q 397 -61.85 58.55 -24.91
C SER Q 397 -60.35 58.79 -24.95
N GLU Q 398 -59.65 58.02 -25.78
CA GLU Q 398 -58.20 58.13 -25.93
C GLU Q 398 -57.82 57.88 -27.37
N ASN Q 399 -56.85 58.65 -27.86
CA ASN Q 399 -56.37 58.54 -29.23
C ASN Q 399 -54.85 58.57 -29.25
N LEU Q 400 -54.25 57.73 -30.10
CA LEU Q 400 -52.81 57.65 -30.25
C LEU Q 400 -52.47 57.63 -31.74
N ILE Q 401 -51.36 58.27 -32.10
CA ILE Q 401 -50.91 58.35 -33.49
C ILE Q 401 -49.39 58.25 -33.50
N ASP Q 402 -48.87 57.29 -34.27
CA ASP Q 402 -47.42 57.11 -34.41
C ASP Q 402 -47.08 56.91 -35.89
N ASP Q 403 -45.99 57.53 -36.32
CA ASP Q 403 -45.50 57.40 -37.68
C ASP Q 403 -43.99 57.33 -37.67
N VAL Q 404 -43.43 56.32 -38.34
CA VAL Q 404 -41.98 56.11 -38.41
C VAL Q 404 -41.60 55.93 -39.87
N VAL Q 405 -40.53 56.61 -40.29
CA VAL Q 405 -39.99 56.48 -41.64
C VAL Q 405 -38.48 56.50 -41.57
N SER Q 406 -37.84 55.79 -42.49
CA SER Q 406 -36.38 55.69 -42.53
C SER Q 406 -35.96 55.24 -43.93
N LEU Q 407 -34.73 55.58 -44.28
CA LEU Q 407 -34.19 55.22 -45.60
C LEU Q 407 -32.67 55.18 -45.53
N ILE Q 408 -32.09 54.48 -46.49
CA ILE Q 408 -30.63 54.35 -46.59
C ILE Q 408 -30.29 54.00 -48.03
N ARG Q 409 -29.07 54.33 -48.44
CA ARG Q 409 -28.62 54.06 -49.81
C ARG Q 409 -27.10 54.12 -49.86
N GLY Q 410 -26.54 53.44 -50.85
CA GLY Q 410 -25.11 53.48 -51.10
C GLY Q 410 -24.39 52.25 -50.58
N GLY Q 411 -23.20 52.03 -51.13
CA GLY Q 411 -22.35 50.93 -50.70
C GLY Q 411 -22.79 49.59 -51.25
N THR Q 412 -22.05 48.55 -50.87
CA THR Q 412 -22.44 47.19 -51.22
C THR Q 412 -23.69 46.79 -50.45
N ARG Q 413 -24.40 45.80 -50.98
CA ARG Q 413 -25.69 45.40 -50.39
C ARG Q 413 -25.49 44.68 -49.06
N LYS Q 414 -24.34 44.03 -48.87
CA LYS Q 414 -24.10 43.30 -47.62
C LYS Q 414 -23.91 44.27 -46.46
N TYR Q 415 -22.93 45.17 -46.56
CA TYR Q 415 -22.60 46.04 -45.44
C TYR Q 415 -23.65 47.13 -45.23
N ALA Q 416 -24.37 47.51 -46.28
CA ALA Q 416 -25.34 48.59 -46.14
C ALA Q 416 -26.51 48.18 -45.25
N PHE Q 417 -27.15 47.06 -45.56
CA PHE Q 417 -28.32 46.63 -44.81
C PHE Q 417 -27.95 45.99 -43.48
N GLU Q 418 -26.69 45.59 -43.29
CA GLU Q 418 -26.24 45.19 -41.96
C GLU Q 418 -26.25 46.38 -41.01
N LEU Q 419 -25.99 47.58 -41.53
CA LEU Q 419 -26.15 48.79 -40.71
C LEU Q 419 -27.62 49.12 -40.51
N LYS Q 420 -28.45 48.84 -41.51
CA LYS Q 420 -29.88 49.17 -41.41
C LYS Q 420 -30.57 48.35 -40.34
N GLU Q 421 -30.26 47.05 -40.26
CA GLU Q 421 -30.93 46.19 -39.29
C GLU Q 421 -30.57 46.56 -37.86
N LYS Q 422 -29.31 46.95 -37.61
CA LYS Q 422 -28.88 47.30 -36.26
C LYS Q 422 -29.24 48.73 -35.89
N LEU Q 423 -29.47 49.60 -36.89
CA LEU Q 423 -29.88 50.96 -36.59
C LEU Q 423 -31.34 51.04 -36.16
N LEU Q 424 -32.21 50.27 -36.82
CA LEU Q 424 -33.64 50.29 -36.54
C LEU Q 424 -33.90 49.56 -35.24
N ARG Q 425 -34.14 50.32 -34.16
CA ARG Q 425 -34.48 49.80 -32.84
C ARG Q 425 -33.42 48.87 -32.28
N GLY Q 426 -32.18 48.97 -32.76
CA GLY Q 426 -31.11 48.15 -32.24
C GLY Q 426 -30.57 48.66 -30.92
N THR Q 427 -30.41 49.98 -30.81
CA THR Q 427 -29.94 50.70 -29.63
C THR Q 427 -28.50 50.39 -29.26
N VAL Q 428 -27.82 49.52 -30.00
CA VAL Q 428 -26.43 49.16 -29.74
C VAL Q 428 -25.70 49.24 -31.08
N ILE Q 429 -24.99 50.34 -31.30
CA ILE Q 429 -24.21 50.52 -32.53
C ILE Q 429 -22.82 49.96 -32.31
N ASP Q 430 -22.30 49.27 -33.34
CA ASP Q 430 -20.98 48.67 -33.28
C ASP Q 430 -19.92 49.65 -33.77
N VAL Q 431 -18.66 49.31 -33.47
CA VAL Q 431 -17.55 50.11 -33.97
C VAL Q 431 -17.06 49.62 -35.33
N THR Q 432 -17.14 48.31 -35.59
CA THR Q 432 -16.63 47.77 -36.85
C THR Q 432 -17.63 47.92 -38.00
N ASP Q 433 -18.93 47.96 -37.71
CA ASP Q 433 -19.92 48.04 -38.77
C ASP Q 433 -19.85 49.38 -39.49
N PHE Q 434 -19.49 50.46 -38.78
CA PHE Q 434 -19.36 51.75 -39.45
C PHE Q 434 -18.15 51.78 -40.36
N VAL Q 435 -17.05 51.14 -39.95
CA VAL Q 435 -15.88 51.04 -40.82
C VAL Q 435 -16.21 50.18 -42.05
N ASN Q 436 -16.97 49.11 -41.86
CA ASN Q 436 -17.40 48.29 -42.98
C ASN Q 436 -18.28 49.09 -43.93
N TRP Q 437 -19.19 49.91 -43.38
CA TRP Q 437 -20.02 50.78 -44.22
C TRP Q 437 -19.17 51.79 -44.97
N ALA Q 438 -18.13 52.33 -44.33
CA ALA Q 438 -17.24 53.28 -44.99
C ALA Q 438 -16.52 52.63 -46.16
N SER Q 439 -15.96 51.43 -45.94
CA SER Q 439 -15.29 50.72 -47.02
C SER Q 439 -16.27 50.36 -48.14
N SER Q 440 -17.50 49.97 -47.78
CA SER Q 440 -18.50 49.61 -48.76
C SER Q 440 -18.88 50.81 -49.62
N ILE Q 441 -19.06 51.97 -49.00
CA ILE Q 441 -19.44 53.15 -49.78
C ILE Q 441 -18.24 53.70 -50.55
N ASN Q 442 -17.02 53.42 -50.09
CA ASN Q 442 -15.85 53.70 -50.90
C ASN Q 442 -15.84 52.83 -52.15
N ASP Q 443 -16.27 51.58 -52.00
CA ASP Q 443 -16.38 50.69 -53.16
C ASP Q 443 -17.48 51.16 -54.12
N ALA Q 444 -18.62 51.57 -53.58
CA ALA Q 444 -19.75 52.00 -54.41
C ALA Q 444 -20.43 53.20 -53.77
N PRO Q 445 -20.11 54.42 -54.23
CA PRO Q 445 -20.80 55.61 -53.70
C PRO Q 445 -22.08 55.95 -54.46
N VAL Q 446 -22.73 57.05 -54.08
CA VAL Q 446 -23.94 57.50 -54.75
C VAL Q 446 -24.05 59.01 -54.55
N LEU Q 447 -24.88 59.65 -55.36
CA LEU Q 447 -25.01 61.10 -55.33
C LEU Q 447 -25.62 61.58 -54.01
N ILE Q 448 -25.14 62.75 -53.56
CA ILE Q 448 -25.69 63.39 -52.36
C ILE Q 448 -26.19 64.78 -52.74
N SER Q 449 -25.28 65.63 -53.20
CA SER Q 449 -25.60 66.98 -53.63
C SER Q 449 -25.28 67.11 -55.11
N GLN Q 450 -26.17 67.79 -55.85
CA GLN Q 450 -26.06 67.85 -57.29
C GLN Q 450 -26.31 69.28 -57.76
N LYS Q 451 -25.29 69.90 -58.32
CA LYS Q 451 -25.46 71.21 -58.95
C LYS Q 451 -25.98 71.02 -60.37
N LEU Q 452 -26.95 71.83 -60.75
CA LEU Q 452 -27.76 71.58 -61.95
C LEU Q 452 -27.37 72.53 -63.06
N SER Q 453 -27.60 72.09 -64.30
CA SER Q 453 -27.29 72.88 -65.49
C SER Q 453 -28.17 72.41 -66.64
N PRO Q 454 -28.74 73.32 -67.42
CA PRO Q 454 -29.64 72.90 -68.50
C PRO Q 454 -28.92 72.17 -69.61
N ILE Q 455 -29.66 71.32 -70.31
CA ILE Q 455 -29.07 70.51 -71.37
C ILE Q 455 -28.78 71.35 -72.61
N TYR Q 456 -29.68 72.27 -72.96
CA TYR Q 456 -29.50 73.05 -74.19
C TYR Q 456 -28.23 73.89 -74.16
N ASN Q 457 -27.58 74.04 -73.01
CA ASN Q 457 -26.27 74.65 -72.96
C ASN Q 457 -25.15 73.66 -73.28
N LEU Q 458 -25.46 72.38 -73.32
CA LEU Q 458 -24.47 71.33 -73.57
C LEU Q 458 -24.36 70.95 -75.05
N VAL Q 459 -25.28 71.44 -75.89
CA VAL Q 459 -25.25 71.11 -77.31
C VAL Q 459 -23.96 71.63 -77.94
N PRO Q 460 -23.30 70.88 -78.82
CA PRO Q 460 -22.06 71.37 -79.42
C PRO Q 460 -22.30 72.56 -80.33
N VAL Q 461 -21.39 73.54 -80.27
CA VAL Q 461 -21.47 74.76 -81.06
C VAL Q 461 -21.04 74.47 -82.49
N LYS Q 462 -21.28 75.43 -83.40
CA LYS Q 462 -20.88 75.36 -84.81
C LYS Q 462 -21.25 74.02 -85.44
N MET Q 463 -22.42 73.50 -85.09
CA MET Q 463 -22.93 72.28 -85.68
C MET Q 463 -23.78 72.64 -86.90
N LYS Q 464 -24.56 71.67 -87.39
CA LYS Q 464 -25.42 71.92 -88.54
C LYS Q 464 -26.39 73.06 -88.27
N ASN Q 465 -27.25 72.91 -87.26
CA ASN Q 465 -28.23 73.92 -86.87
C ASN Q 465 -28.22 74.07 -85.36
N ALA Q 466 -27.03 74.24 -84.79
CA ALA Q 466 -26.87 74.20 -83.34
C ALA Q 466 -27.71 75.27 -82.64
N HIS Q 467 -27.64 76.52 -83.12
CA HIS Q 467 -28.30 77.61 -82.42
C HIS Q 467 -29.81 77.43 -82.41
N LEU Q 468 -30.40 77.19 -83.59
CA LEU Q 468 -31.85 77.02 -83.65
C LEU Q 468 -32.30 75.80 -82.86
N LYS Q 469 -31.51 74.72 -82.92
CA LYS Q 469 -31.80 73.55 -82.08
C LYS Q 469 -31.63 73.88 -80.60
N LYS Q 470 -30.71 74.78 -80.26
CA LYS Q 470 -30.53 75.17 -78.86
C LYS Q 470 -31.78 75.84 -78.30
N GLN Q 471 -32.25 76.89 -78.97
CA GLN Q 471 -33.47 77.55 -78.53
C GLN Q 471 -34.68 76.65 -78.65
N ASN Q 472 -34.66 75.73 -79.62
CA ASN Q 472 -35.78 74.79 -79.76
C ASN Q 472 -35.85 73.84 -78.57
N LEU Q 473 -34.72 73.28 -78.16
CA LEU Q 473 -34.69 72.44 -76.97
C LEU Q 473 -34.96 73.23 -75.70
N GLU Q 474 -34.62 74.53 -75.70
CA GLU Q 474 -34.96 75.37 -74.55
C GLU Q 474 -36.47 75.53 -74.44
N ARG Q 475 -37.14 75.83 -75.56
CA ARG Q 475 -38.60 75.88 -75.56
C ARG Q 475 -39.19 74.53 -75.19
N ALA Q 476 -38.55 73.44 -75.63
CA ALA Q 476 -39.04 72.10 -75.32
C ALA Q 476 -38.97 71.80 -73.82
N ILE Q 477 -37.83 72.12 -73.19
CA ILE Q 477 -37.70 71.88 -71.76
C ILE Q 477 -38.61 72.79 -70.97
N GLU Q 478 -38.84 74.02 -71.45
CA GLU Q 478 -39.78 74.91 -70.78
C GLU Q 478 -41.20 74.34 -70.84
N ASP Q 479 -41.61 73.89 -72.02
CA ASP Q 479 -42.94 73.29 -72.17
C ASP Q 479 -43.05 72.00 -71.37
N TYR Q 480 -41.95 71.28 -71.21
CA TYR Q 480 -41.97 70.06 -70.40
C TYR Q 480 -42.15 70.39 -68.92
N ILE Q 481 -41.39 71.35 -68.41
CA ILE Q 481 -41.45 71.69 -66.99
C ILE Q 481 -42.73 72.43 -66.63
N ASN Q 482 -43.37 73.09 -67.59
CA ASN Q 482 -44.61 73.82 -67.33
C ASN Q 482 -45.85 73.12 -67.88
N GLU Q 483 -45.70 71.95 -68.50
CA GLU Q 483 -46.83 71.29 -69.13
C GLU Q 483 -47.63 70.46 -68.13
N PHE Q 484 -47.00 69.46 -67.52
CA PHE Q 484 -47.68 68.55 -66.61
C PHE Q 484 -46.92 68.51 -65.29
N SER Q 485 -47.65 68.72 -64.20
CA SER Q 485 -47.10 68.73 -62.85
C SER Q 485 -48.28 68.76 -61.88
N VAL Q 486 -47.96 68.90 -60.58
CA VAL Q 486 -49.01 69.04 -59.57
C VAL Q 486 -49.79 70.34 -59.80
N ARG Q 487 -49.16 71.33 -60.44
CA ARG Q 487 -49.83 72.61 -60.68
C ARG Q 487 -51.06 72.45 -61.56
N LYS Q 488 -51.00 71.55 -62.55
CA LYS Q 488 -52.10 71.37 -63.48
C LYS Q 488 -53.11 70.34 -63.00
N CYS Q 489 -52.75 69.48 -62.05
CA CYS Q 489 -53.66 68.47 -61.53
C CYS Q 489 -54.65 69.13 -60.57
N HIS Q 490 -55.47 68.32 -59.92
CA HIS Q 490 -56.49 68.82 -59.00
C HIS Q 490 -55.98 68.77 -57.56
N THR Q 491 -56.51 69.67 -56.74
CA THR Q 491 -56.09 69.78 -55.35
C THR Q 491 -56.81 68.76 -54.48
N CYS Q 492 -56.07 68.15 -53.56
CA CYS Q 492 -56.64 67.15 -52.66
C CYS Q 492 -57.38 67.85 -51.52
N GLN Q 493 -57.84 67.08 -50.54
CA GLN Q 493 -58.59 67.60 -49.41
C GLN Q 493 -57.76 67.55 -48.14
N ASN Q 494 -58.13 68.41 -47.19
CA ASN Q 494 -57.49 68.49 -45.87
C ASN Q 494 -56.00 68.76 -46.00
N GLY Q 495 -55.63 69.60 -46.97
CA GLY Q 495 -54.24 69.97 -47.15
C GLY Q 495 -53.33 68.83 -47.51
N GLY Q 496 -53.86 67.78 -48.11
CA GLY Q 496 -53.05 66.63 -48.47
C GLY Q 496 -52.07 66.97 -49.57
N THR Q 497 -50.78 66.74 -49.32
CA THR Q 497 -49.76 67.02 -50.33
C THR Q 497 -49.96 66.11 -51.55
N VAL Q 498 -50.17 66.74 -52.70
CA VAL Q 498 -50.46 66.01 -53.93
C VAL Q 498 -49.15 65.67 -54.63
N ILE Q 499 -49.01 64.41 -55.05
CA ILE Q 499 -47.85 63.95 -55.79
C ILE Q 499 -48.30 63.45 -57.16
N LEU Q 500 -47.31 63.14 -58.00
CA LEU Q 500 -47.57 62.65 -59.35
C LEU Q 500 -46.57 61.55 -59.65
N MET Q 501 -47.05 60.31 -59.71
CA MET Q 501 -46.21 59.14 -59.97
C MET Q 501 -46.72 58.45 -61.22
N ASP Q 502 -46.24 58.90 -62.39
CA ASP Q 502 -46.55 58.30 -63.68
C ASP Q 502 -48.06 58.23 -63.91
N GLY Q 503 -48.68 59.41 -63.96
CA GLY Q 503 -50.10 59.54 -64.23
C GLY Q 503 -50.99 59.53 -62.99
N LYS Q 504 -50.71 58.66 -62.04
CA LYS Q 504 -51.49 58.57 -60.82
C LYS Q 504 -51.27 59.83 -59.98
N CYS Q 505 -52.26 60.71 -59.96
CA CYS Q 505 -52.16 61.98 -59.23
C CYS Q 505 -52.73 61.82 -57.82
N LEU Q 506 -52.09 60.96 -57.04
CA LEU Q 506 -52.51 60.71 -55.68
C LEU Q 506 -52.05 61.83 -54.76
N CYS Q 507 -52.68 61.92 -53.60
CA CYS Q 507 -52.37 62.94 -52.60
C CYS Q 507 -52.06 62.26 -51.27
N ALA Q 508 -50.92 62.60 -50.68
CA ALA Q 508 -50.54 62.06 -49.39
C ALA Q 508 -51.38 62.71 -48.30
N CYS Q 509 -52.20 61.91 -47.63
CA CYS Q 509 -53.11 62.41 -46.60
C CYS Q 509 -52.41 62.43 -45.25
N PRO Q 510 -52.78 63.38 -44.38
CA PRO Q 510 -52.11 63.48 -43.07
C PRO Q 510 -52.28 62.22 -42.22
N PHE Q 511 -51.57 62.21 -41.10
CA PHE Q 511 -51.53 61.03 -40.25
C PHE Q 511 -52.90 60.75 -39.63
N LYS Q 512 -53.53 61.77 -39.05
CA LYS Q 512 -54.80 61.62 -38.36
C LYS Q 512 -55.96 61.34 -39.31
N PHE Q 513 -55.73 61.33 -40.61
CA PHE Q 513 -56.80 61.16 -41.59
C PHE Q 513 -56.61 59.83 -42.32
N GLU Q 514 -57.66 59.42 -43.04
CA GLU Q 514 -57.65 58.14 -43.73
C GLU Q 514 -57.05 58.32 -45.12
N GLY Q 515 -57.23 57.33 -45.99
CA GLY Q 515 -56.48 57.24 -47.23
C GLY Q 515 -56.97 58.09 -48.39
N ILE Q 516 -57.16 57.44 -49.54
CA ILE Q 516 -57.34 58.13 -50.82
C ILE Q 516 -58.46 59.17 -50.73
N ALA Q 517 -58.26 60.29 -51.41
CA ALA Q 517 -59.23 61.36 -51.62
C ALA Q 517 -59.52 62.13 -50.34
N CYS Q 518 -58.97 61.69 -49.21
CA CYS Q 518 -59.13 62.34 -47.91
C CYS Q 518 -60.58 62.75 -47.66
N GLU Q 519 -61.49 61.79 -47.88
CA GLU Q 519 -62.92 62.04 -47.72
C GLU Q 519 -63.40 61.62 -46.34
N ILE Q 520 -63.23 60.35 -46.00
CA ILE Q 520 -63.66 59.84 -44.70
C ILE Q 520 -62.68 60.29 -43.62
N SER Q 521 -63.22 60.74 -42.49
CA SER Q 521 -62.39 61.35 -41.45
C SER Q 521 -61.55 60.32 -40.72
N LYS Q 522 -62.21 59.23 -40.30
CA LYS Q 522 -61.51 58.13 -39.58
C LYS Q 522 -61.60 58.41 -38.08
N GLN Q 523 -61.97 59.64 -37.73
CA GLN Q 523 -62.23 60.03 -36.32
C GLN Q 523 -63.71 60.40 -36.29
N LYS Q 524 -64.53 59.49 -35.76
CA LYS Q 524 -65.99 59.71 -35.68
C LYS Q 524 -66.32 59.91 -34.19
N ILE Q 525 -67.03 60.97 -33.85
CA ILE Q 525 -67.30 61.18 -32.40
C ILE Q 525 -68.11 59.98 -31.91
N SER Q 526 -67.59 59.30 -30.88
CA SER Q 526 -68.28 58.16 -30.25
C SER Q 526 -69.79 58.41 -30.19
N GLU Q 527 -70.59 57.38 -30.44
CA GLU Q 527 -72.05 57.48 -30.41
C GLU Q 527 -72.57 56.86 -29.14
N GLY Q 528 -73.52 57.53 -28.49
CA GLY Q 528 -74.10 57.03 -27.26
C GLY Q 528 -75.61 57.02 -27.28
N LEU Q 529 -76.21 55.89 -26.93
CA LEU Q 529 -77.68 55.75 -26.91
C LEU Q 529 -78.13 55.26 -25.54
N PRO Q 530 -78.72 56.11 -24.71
CA PRO Q 530 -79.19 55.66 -23.39
C PRO Q 530 -80.59 55.09 -23.43
N ALA Q 531 -81.09 54.77 -24.63
CA ALA Q 531 -82.44 54.28 -24.79
C ALA Q 531 -82.62 52.92 -24.11
N LEU Q 532 -83.86 52.64 -23.72
CA LEU Q 532 -84.16 51.38 -23.06
C LEU Q 532 -84.02 50.22 -24.05
N GLU Q 533 -83.47 49.09 -23.61
CA GLU Q 533 -83.32 47.94 -24.52
C GLU Q 533 -84.68 47.40 -24.97
N PHE Q 534 -84.79 47.14 -26.27
CA PHE Q 534 -86.04 46.63 -26.82
C PHE Q 534 -86.32 45.21 -26.33
N PRO Q 535 -85.32 44.35 -26.37
CA PRO Q 535 -85.48 42.97 -25.92
C PRO Q 535 -84.14 42.38 -25.47
N SER R 18 -78.27 36.20 -56.87
CA SER R 18 -78.86 36.38 -58.19
C SER R 18 -78.02 35.72 -59.27
N HIS R 19 -78.64 34.81 -60.03
CA HIS R 19 -77.95 34.09 -61.09
C HIS R 19 -77.91 34.97 -62.34
N ILE R 20 -77.00 35.93 -62.33
CA ILE R 20 -76.84 36.86 -63.44
C ILE R 20 -76.10 36.16 -64.57
N ASP R 21 -76.72 36.10 -65.75
CA ASP R 21 -76.12 35.50 -66.92
C ASP R 21 -75.25 36.53 -67.65
N CYS R 22 -74.49 36.04 -68.63
CA CYS R 22 -73.57 36.87 -69.40
C CYS R 22 -74.18 37.17 -70.76
N ARG R 23 -74.63 38.42 -70.95
CA ARG R 23 -75.07 38.90 -72.25
C ARG R 23 -73.84 39.31 -73.03
N MET R 24 -73.18 38.33 -73.62
CA MET R 24 -71.85 38.48 -74.21
C MET R 24 -71.80 37.89 -75.61
N SER R 25 -72.79 38.22 -76.45
CA SER R 25 -72.78 37.81 -77.86
C SER R 25 -73.37 38.89 -78.76
N PRO R 26 -72.77 40.11 -78.78
CA PRO R 26 -73.09 41.07 -79.83
C PRO R 26 -72.24 40.80 -81.07
N TRP R 27 -72.87 40.32 -82.13
CA TRP R 27 -72.16 39.97 -83.35
C TRP R 27 -72.16 41.12 -84.34
N SER R 28 -71.10 41.19 -85.13
CA SER R 28 -70.89 42.24 -86.11
C SER R 28 -70.89 41.67 -87.52
N GLU R 29 -70.73 42.54 -88.50
CA GLU R 29 -70.74 42.17 -89.90
C GLU R 29 -69.35 41.78 -90.37
N TRP R 30 -69.30 40.87 -91.33
CA TRP R 30 -68.02 40.45 -91.92
C TRP R 30 -67.38 41.61 -92.67
N SER R 31 -66.11 41.87 -92.34
CA SER R 31 -65.37 42.93 -93.01
C SER R 31 -64.67 42.38 -94.25
N GLN R 32 -63.87 43.23 -94.89
CA GLN R 32 -63.17 42.82 -96.10
C GLN R 32 -62.01 41.89 -95.76
N CYS R 33 -61.78 40.91 -96.63
CA CYS R 33 -60.69 39.97 -96.43
C CYS R 33 -59.33 40.65 -96.60
N ASP R 34 -58.36 40.25 -95.79
CA ASP R 34 -57.00 40.74 -95.91
C ASP R 34 -56.23 39.84 -96.87
N PRO R 35 -55.80 40.33 -98.03
CA PRO R 35 -55.14 39.43 -99.00
C PRO R 35 -53.77 38.95 -98.53
N CYS R 36 -52.96 39.83 -97.96
CA CYS R 36 -51.61 39.44 -97.56
C CYS R 36 -51.63 38.54 -96.32
N LEU R 37 -52.46 38.89 -95.33
CA LEU R 37 -52.53 38.09 -94.11
C LEU R 37 -53.40 36.85 -94.29
N ARG R 38 -54.37 36.89 -95.21
CA ARG R 38 -55.26 35.78 -95.48
C ARG R 38 -56.08 35.42 -94.23
N GLN R 39 -56.87 36.38 -93.78
CA GLN R 39 -57.68 36.22 -92.57
C GLN R 39 -58.89 37.13 -92.68
N MET R 40 -59.98 36.73 -92.01
CA MET R 40 -61.19 37.52 -91.91
C MET R 40 -61.38 38.04 -90.50
N PHE R 41 -62.32 38.95 -90.34
CA PHE R 41 -62.48 39.74 -89.12
C PHE R 41 -63.94 39.77 -88.66
N ARG R 42 -64.53 38.58 -88.50
CA ARG R 42 -65.80 38.51 -87.77
C ARG R 42 -65.58 39.05 -86.35
N SER R 43 -66.25 40.14 -86.03
CA SER R 43 -65.99 40.88 -84.80
C SER R 43 -66.97 40.51 -83.71
N ARG R 44 -66.70 40.99 -82.49
CA ARG R 44 -67.50 40.71 -81.33
C ARG R 44 -67.15 41.73 -80.26
N SER R 45 -67.83 41.65 -79.11
CA SER R 45 -67.58 42.56 -78.01
C SER R 45 -68.08 41.92 -76.72
N ILE R 46 -67.51 42.36 -75.60
CA ILE R 46 -67.89 41.89 -74.28
C ILE R 46 -68.75 42.95 -73.62
N GLU R 47 -69.86 42.54 -73.00
CA GLU R 47 -70.79 43.47 -72.38
C GLU R 47 -70.99 43.20 -70.89
N VAL R 48 -71.26 41.97 -70.49
CA VAL R 48 -71.63 41.63 -69.12
C VAL R 48 -70.77 40.47 -68.64
N PHE R 49 -70.20 40.62 -67.45
CA PHE R 49 -69.39 39.57 -66.83
C PHE R 49 -70.23 38.63 -65.97
N GLY R 50 -70.92 39.18 -64.97
CA GLY R 50 -71.59 38.39 -63.96
C GLY R 50 -70.97 38.57 -62.60
N GLN R 51 -71.62 39.37 -61.74
CA GLN R 51 -71.02 39.77 -60.48
C GLN R 51 -71.14 38.69 -59.39
N PHE R 52 -72.02 37.72 -59.56
CA PHE R 52 -72.35 36.78 -58.50
C PHE R 52 -71.89 35.36 -58.91
N ASN R 53 -72.27 34.39 -58.09
CA ASN R 53 -71.86 32.99 -58.26
C ASN R 53 -72.47 32.34 -59.50
N GLY R 54 -73.18 33.09 -60.33
CA GLY R 54 -73.80 32.53 -61.52
C GLY R 54 -72.83 32.06 -62.58
N LYS R 55 -73.31 31.92 -63.82
CA LYS R 55 -72.51 31.38 -64.91
C LYS R 55 -71.28 32.22 -65.21
N ARG R 56 -70.10 31.66 -64.97
CA ARG R 56 -68.86 32.32 -65.35
C ARG R 56 -68.68 32.25 -66.86
N CYS R 57 -68.24 33.36 -67.46
CA CYS R 57 -68.13 33.46 -68.91
C CYS R 57 -66.80 34.13 -69.25
N THR R 58 -65.84 33.32 -69.68
CA THR R 58 -64.52 33.79 -70.09
C THR R 58 -64.38 33.84 -71.62
N ASP R 59 -65.49 33.95 -72.34
CA ASP R 59 -65.46 33.91 -73.80
C ASP R 59 -64.63 35.07 -74.34
N ALA R 60 -63.53 34.73 -75.01
CA ALA R 60 -62.65 35.75 -75.57
C ALA R 60 -63.28 36.40 -76.79
N VAL R 61 -62.96 37.67 -77.00
CA VAL R 61 -63.47 38.43 -78.13
C VAL R 61 -62.55 38.23 -79.32
N GLY R 62 -63.13 37.95 -80.48
CA GLY R 62 -62.35 37.78 -81.70
C GLY R 62 -62.68 36.47 -82.41
N ASP R 63 -62.53 36.50 -83.74
CA ASP R 63 -62.80 35.32 -84.56
C ASP R 63 -62.02 35.46 -85.86
N ARG R 64 -61.48 34.35 -86.33
CA ARG R 64 -60.68 34.32 -87.55
C ARG R 64 -61.27 33.32 -88.55
N ARG R 65 -60.90 33.50 -89.81
CA ARG R 65 -61.41 32.65 -90.88
C ARG R 65 -60.50 32.78 -92.09
N GLN R 66 -60.20 31.65 -92.73
CA GLN R 66 -59.44 31.68 -93.97
C GLN R 66 -60.29 32.24 -95.10
N CYS R 67 -59.65 33.01 -95.97
CA CYS R 67 -60.34 33.66 -97.08
C CYS R 67 -59.46 33.65 -98.31
N VAL R 68 -60.07 33.45 -99.47
CA VAL R 68 -59.35 33.45 -100.75
C VAL R 68 -58.94 34.89 -101.06
N PRO R 69 -57.65 35.18 -101.21
CA PRO R 69 -57.25 36.56 -101.47
C PRO R 69 -57.61 36.99 -102.89
N THR R 70 -58.07 38.24 -103.00
CA THR R 70 -58.44 38.80 -104.29
C THR R 70 -57.47 39.87 -104.79
N GLU R 71 -56.76 40.56 -103.88
CA GLU R 71 -55.77 41.56 -104.26
C GLU R 71 -54.41 40.90 -104.50
N PRO R 72 -53.59 41.46 -105.38
CA PRO R 72 -52.30 40.83 -105.70
C PRO R 72 -51.29 40.87 -104.56
N CYS R 73 -51.52 41.69 -103.53
CA CYS R 73 -50.60 41.84 -102.40
C CYS R 73 -49.21 42.25 -102.88
N GLU R 74 -49.15 43.44 -103.50
CA GLU R 74 -47.90 43.97 -104.01
C GLU R 74 -47.03 44.58 -102.93
N ASP R 75 -47.61 44.96 -101.79
CA ASP R 75 -46.84 45.55 -100.72
C ASP R 75 -45.94 44.51 -100.07
N ALA R 76 -44.65 44.84 -99.91
CA ALA R 76 -43.69 43.93 -99.31
C ALA R 76 -42.58 44.75 -98.67
N GLU R 77 -41.92 44.14 -97.68
CA GLU R 77 -40.84 44.79 -96.95
C GLU R 77 -39.50 44.43 -97.60
N ASP R 78 -38.84 45.42 -98.17
CA ASP R 78 -37.53 45.19 -98.78
C ASP R 78 -36.48 44.98 -97.68
N ASP R 79 -35.31 44.48 -98.11
CA ASP R 79 -34.23 44.22 -97.17
C ASP R 79 -33.43 45.49 -96.88
N CYS R 80 -34.13 46.56 -96.52
CA CYS R 80 -33.57 47.82 -96.01
C CYS R 80 -32.65 48.51 -97.01
N GLY R 81 -32.43 47.91 -98.18
CA GLY R 81 -31.69 48.51 -99.27
C GLY R 81 -30.35 49.13 -98.92
N ASN R 82 -29.76 48.75 -97.79
CA ASN R 82 -28.58 49.42 -97.27
C ASN R 82 -27.34 48.51 -97.27
N ASP R 83 -27.41 47.36 -96.60
CA ASP R 83 -26.22 46.55 -96.41
C ASP R 83 -26.64 45.08 -96.31
N PHE R 84 -25.74 44.24 -95.82
CA PHE R 84 -25.98 42.80 -95.72
C PHE R 84 -27.22 42.50 -94.88
N GLN R 85 -28.17 41.78 -95.49
CA GLN R 85 -29.38 41.38 -94.80
C GLN R 85 -29.11 40.19 -93.88
N CYS R 86 -29.73 40.21 -92.70
CA CYS R 86 -29.64 39.08 -91.79
C CYS R 86 -30.60 37.98 -92.21
N SER R 87 -30.50 36.84 -91.52
CA SER R 87 -31.36 35.70 -91.80
C SER R 87 -32.78 35.87 -91.27
N THR R 88 -33.07 36.96 -90.56
CA THR R 88 -34.40 37.17 -90.00
C THR R 88 -35.08 38.44 -90.48
N GLY R 89 -34.34 39.42 -91.00
CA GLY R 89 -34.96 40.63 -91.51
C GLY R 89 -34.30 41.92 -91.07
N ARG R 90 -33.38 41.84 -90.10
CA ARG R 90 -32.68 43.02 -89.64
C ARG R 90 -31.46 43.27 -90.52
N CYS R 91 -30.77 44.39 -90.28
CA CYS R 91 -29.68 44.83 -91.14
C CYS R 91 -28.52 45.36 -90.31
N ILE R 92 -27.32 45.21 -90.86
CA ILE R 92 -26.13 45.85 -90.31
C ILE R 92 -26.19 47.35 -90.57
N LYS R 93 -25.91 48.16 -89.55
CA LYS R 93 -25.86 49.61 -89.74
C LYS R 93 -24.51 50.03 -90.30
N MET R 94 -23.45 49.87 -89.50
CA MET R 94 -22.10 50.17 -89.99
C MET R 94 -21.05 49.13 -89.62
N ARG R 95 -21.17 48.41 -88.50
CA ARG R 95 -20.08 47.55 -88.03
C ARG R 95 -20.60 46.24 -87.46
N LEU R 96 -21.74 45.75 -87.95
CA LEU R 96 -22.31 44.50 -87.48
C LEU R 96 -21.70 43.28 -88.19
N ARG R 97 -20.52 43.44 -88.79
CA ARG R 97 -19.85 42.33 -89.46
C ARG R 97 -19.19 41.44 -88.43
N CYS R 98 -18.29 40.56 -88.88
CA CYS R 98 -17.67 39.56 -88.02
C CYS R 98 -16.68 40.23 -87.08
N ASN R 99 -17.23 40.83 -86.03
CA ASN R 99 -16.45 41.53 -85.01
C ASN R 99 -16.90 41.13 -83.61
N GLY R 100 -17.35 39.89 -83.45
CA GLY R 100 -17.84 39.43 -82.15
C GLY R 100 -19.10 40.12 -81.69
N ASP R 101 -19.98 40.51 -82.60
CA ASP R 101 -21.20 41.24 -82.30
C ASP R 101 -22.38 40.32 -82.61
N ASN R 102 -22.88 39.64 -81.56
CA ASN R 102 -23.99 38.70 -81.71
C ASN R 102 -25.30 39.48 -81.78
N ASP R 103 -25.96 39.44 -82.95
CA ASP R 103 -27.25 40.08 -83.13
C ASP R 103 -28.34 39.09 -83.50
N CYS R 104 -28.12 38.27 -84.52
CA CYS R 104 -29.18 37.39 -85.05
C CYS R 104 -29.19 36.04 -84.34
N GLY R 105 -28.09 35.29 -84.44
CA GLY R 105 -28.00 34.00 -83.82
C GLY R 105 -26.63 33.72 -83.22
N ASP R 106 -26.43 32.49 -82.74
CA ASP R 106 -25.13 32.13 -82.20
C ASP R 106 -24.04 32.25 -83.26
N PHE R 107 -24.23 31.57 -84.39
CA PHE R 107 -23.32 31.68 -85.54
C PHE R 107 -24.03 32.18 -86.78
N SER R 108 -25.23 32.75 -86.65
CA SER R 108 -25.95 33.26 -87.81
C SER R 108 -25.24 34.49 -88.39
N ASP R 109 -25.00 35.49 -87.55
CA ASP R 109 -24.22 36.65 -88.00
C ASP R 109 -22.77 36.29 -88.24
N GLU R 110 -22.26 35.30 -87.51
CA GLU R 110 -20.90 34.80 -87.68
C GLU R 110 -20.82 33.64 -88.67
N ASP R 111 -21.74 33.60 -89.64
CA ASP R 111 -21.80 32.49 -90.60
C ASP R 111 -20.46 32.28 -91.29
N ASP R 112 -19.93 33.31 -91.94
CA ASP R 112 -18.67 33.22 -92.66
C ASP R 112 -17.83 34.44 -92.34
N CYS R 113 -16.56 34.21 -92.01
CA CYS R 113 -15.62 35.28 -91.65
C CYS R 113 -14.35 35.10 -92.47
N GLU R 114 -14.19 35.92 -93.51
CA GLU R 114 -12.97 35.86 -94.31
C GLU R 114 -11.82 36.59 -93.62
N SER R 115 -12.10 37.71 -92.98
CA SER R 115 -11.09 38.44 -92.23
C SER R 115 -10.83 37.78 -90.88
N GLU R 116 -9.81 38.28 -90.19
CA GLU R 116 -9.48 37.74 -88.88
C GLU R 116 -10.58 38.07 -87.87
N PRO R 117 -10.81 37.18 -86.91
CA PRO R 117 -11.83 37.46 -85.88
C PRO R 117 -11.38 38.54 -84.91
N ARG R 118 -11.39 39.79 -85.36
CA ARG R 118 -10.95 40.90 -84.54
C ARG R 118 -11.89 41.07 -83.34
N PRO R 119 -11.39 40.99 -82.11
CA PRO R 119 -12.26 41.19 -80.95
C PRO R 119 -12.65 42.65 -80.82
N PRO R 120 -13.87 42.96 -80.38
CA PRO R 120 -14.27 44.36 -80.25
C PRO R 120 -13.65 45.04 -79.04
N CYS R 121 -13.35 44.29 -77.98
CA CYS R 121 -12.78 44.85 -76.76
C CYS R 121 -11.79 43.87 -76.16
N ARG R 122 -10.65 44.39 -75.71
CA ARG R 122 -9.59 43.56 -75.16
C ARG R 122 -9.75 43.31 -73.66
N ASP R 123 -10.31 44.25 -72.93
CA ASP R 123 -10.45 44.11 -71.49
C ASP R 123 -11.45 42.99 -71.17
N ARG R 124 -11.27 42.38 -69.99
CA ARG R 124 -12.13 41.28 -69.54
C ARG R 124 -13.37 41.88 -68.89
N VAL R 125 -14.51 41.74 -69.56
CA VAL R 125 -15.79 42.25 -69.07
C VAL R 125 -16.76 41.07 -69.04
N VAL R 126 -17.18 40.68 -67.84
CA VAL R 126 -18.07 39.54 -67.69
C VAL R 126 -19.46 39.90 -68.18
N GLU R 127 -20.13 38.95 -68.84
CA GLU R 127 -21.48 39.18 -69.34
C GLU R 127 -22.44 39.38 -68.18
N GLU R 128 -23.54 40.09 -68.46
CA GLU R 128 -24.55 40.42 -67.46
C GLU R 128 -25.32 39.15 -67.10
N SER R 129 -24.97 38.55 -65.97
CA SER R 129 -25.54 37.28 -65.54
C SER R 129 -26.67 37.53 -64.56
N GLU R 130 -27.90 37.17 -64.95
CA GLU R 130 -29.09 37.19 -64.11
C GLU R 130 -29.44 38.59 -63.61
N LEU R 131 -28.78 39.62 -64.13
CA LEU R 131 -29.03 40.99 -63.73
C LEU R 131 -30.09 41.60 -64.66
N ALA R 132 -30.21 42.92 -64.68
CA ALA R 132 -31.26 43.62 -65.41
C ALA R 132 -31.19 43.43 -66.92
N ARG R 133 -30.27 42.58 -67.40
CA ARG R 133 -30.15 42.22 -68.81
C ARG R 133 -31.50 41.98 -69.46
N THR R 134 -32.42 41.35 -68.73
CA THR R 134 -33.79 41.17 -69.19
C THR R 134 -34.61 42.36 -68.68
N ALA R 135 -34.45 43.48 -69.38
CA ALA R 135 -35.03 44.75 -68.97
C ALA R 135 -36.42 44.98 -69.55
N GLY R 136 -36.90 44.12 -70.42
CA GLY R 136 -38.23 44.27 -71.00
C GLY R 136 -39.28 43.68 -70.10
N TYR R 137 -40.37 44.43 -69.90
CA TYR R 137 -41.45 44.01 -69.03
C TYR R 137 -42.77 44.50 -69.59
N GLY R 138 -43.76 43.61 -69.64
CA GLY R 138 -45.04 43.90 -70.26
C GLY R 138 -46.20 43.94 -69.29
N ILE R 139 -46.01 44.61 -68.16
CA ILE R 139 -47.02 44.63 -67.11
C ILE R 139 -48.39 45.05 -67.66
N ASN R 140 -49.43 44.39 -67.18
CA ASN R 140 -50.80 44.70 -67.55
C ASN R 140 -51.42 45.55 -66.44
N ILE R 141 -51.87 46.75 -66.78
CA ILE R 141 -52.48 47.63 -65.80
C ILE R 141 -53.77 47.01 -65.25
N LEU R 142 -54.47 46.24 -66.07
CA LEU R 142 -55.64 45.51 -65.63
C LEU R 142 -55.33 44.09 -65.17
N GLY R 143 -54.10 43.62 -65.39
CA GLY R 143 -53.75 42.25 -65.09
C GLY R 143 -52.95 42.04 -63.82
N MET R 144 -51.68 41.72 -63.96
CA MET R 144 -50.86 41.28 -62.84
C MET R 144 -49.41 41.72 -63.10
N ASP R 145 -48.48 41.07 -62.40
CA ASP R 145 -47.04 41.38 -62.41
C ASP R 145 -46.47 41.49 -63.81
N PRO R 146 -45.35 42.19 -63.99
CA PRO R 146 -44.82 42.42 -65.35
C PRO R 146 -44.51 41.12 -66.09
N LEU R 147 -44.42 41.24 -67.41
CA LEU R 147 -44.19 40.14 -68.32
C LEU R 147 -42.69 40.05 -68.64
N SER R 148 -42.34 39.19 -69.58
CA SER R 148 -40.95 39.03 -70.01
C SER R 148 -40.59 40.16 -70.98
N THR R 149 -39.44 40.04 -71.63
CA THR R 149 -38.99 41.07 -72.55
C THR R 149 -39.67 40.92 -73.91
N PRO R 150 -40.34 41.95 -74.40
CA PRO R 150 -40.94 41.88 -75.75
C PRO R 150 -39.95 42.17 -76.88
N PHE R 151 -38.68 42.41 -76.57
CA PHE R 151 -37.70 42.80 -77.56
C PHE R 151 -36.37 42.12 -77.24
N ASP R 152 -35.44 42.19 -78.18
CA ASP R 152 -34.10 41.65 -77.99
C ASP R 152 -33.29 42.63 -77.15
N ASN R 153 -32.60 42.10 -76.13
CA ASN R 153 -31.81 42.92 -75.22
C ASN R 153 -30.35 42.49 -75.17
N GLU R 154 -29.92 41.61 -76.08
CA GLU R 154 -28.54 41.15 -76.14
C GLU R 154 -27.71 41.90 -77.19
N PHE R 155 -28.37 42.52 -78.17
CA PHE R 155 -27.65 43.23 -79.23
C PHE R 155 -26.87 44.42 -78.67
N TYR R 156 -25.69 44.66 -79.25
CA TYR R 156 -24.88 45.82 -78.92
C TYR R 156 -24.36 46.43 -80.22
N ASN R 157 -24.12 47.73 -80.19
CA ASN R 157 -23.81 48.47 -81.42
C ASN R 157 -22.31 48.54 -81.71
N GLY R 158 -21.55 49.15 -80.82
CA GLY R 158 -20.15 49.42 -81.11
C GLY R 158 -19.18 49.11 -79.99
N LEU R 159 -18.39 50.11 -79.60
CA LEU R 159 -17.41 49.93 -78.53
C LEU R 159 -18.12 49.66 -77.20
N CYS R 160 -17.59 48.70 -76.45
CA CYS R 160 -18.18 48.33 -75.18
C CYS R 160 -18.23 49.54 -74.25
N ASN R 161 -19.35 49.68 -73.54
CA ASN R 161 -19.52 50.72 -72.54
C ASN R 161 -19.33 50.11 -71.17
N ARG R 162 -18.29 50.54 -70.47
CA ARG R 162 -17.93 49.92 -69.20
C ARG R 162 -19.00 50.19 -68.15
N ASP R 163 -19.18 49.22 -67.26
CA ASP R 163 -20.13 49.28 -66.15
C ASP R 163 -19.42 49.00 -64.85
N ARG R 164 -18.30 49.71 -64.64
CA ARG R 164 -17.39 49.44 -63.53
C ARG R 164 -18.05 49.89 -62.23
N ASP R 165 -18.94 49.03 -61.72
CA ASP R 165 -19.67 49.30 -60.49
C ASP R 165 -20.24 47.98 -60.00
N GLY R 166 -20.70 47.97 -58.75
CA GLY R 166 -21.30 46.80 -58.15
C GLY R 166 -20.70 46.48 -56.80
N ASN R 167 -21.25 45.43 -56.19
CA ASN R 167 -20.79 45.00 -54.87
C ASN R 167 -19.33 44.56 -54.92
N THR R 168 -19.03 43.56 -55.73
CA THR R 168 -17.67 43.05 -55.86
C THR R 168 -16.95 43.74 -57.01
N LEU R 169 -15.72 43.31 -57.28
CA LEU R 169 -14.91 43.87 -58.35
C LEU R 169 -15.14 43.04 -59.60
N THR R 170 -16.11 43.47 -60.41
CA THR R 170 -16.45 42.77 -61.65
C THR R 170 -17.04 43.78 -62.64
N TYR R 171 -16.79 43.54 -63.92
CA TYR R 171 -17.22 44.44 -64.98
C TYR R 171 -18.32 43.77 -65.78
N TYR R 172 -19.49 44.42 -65.84
CA TYR R 172 -20.62 43.93 -66.60
C TYR R 172 -20.78 44.70 -67.90
N ARG R 173 -21.62 44.17 -68.78
CA ARG R 173 -21.93 44.81 -70.05
C ARG R 173 -23.31 45.44 -70.02
N ARG R 174 -23.45 46.56 -70.72
CA ARG R 174 -24.74 47.23 -70.88
C ARG R 174 -25.12 47.24 -72.36
N PRO R 175 -26.22 46.62 -72.74
CA PRO R 175 -26.59 46.55 -74.16
C PRO R 175 -26.95 47.93 -74.70
N TRP R 176 -26.83 48.06 -76.03
CA TRP R 176 -27.13 49.32 -76.69
C TRP R 176 -28.60 49.69 -76.58
N ASN R 177 -29.48 48.72 -76.31
CA ASN R 177 -30.89 49.01 -76.13
C ASN R 177 -31.17 49.62 -74.76
N VAL R 178 -30.43 49.21 -73.73
CA VAL R 178 -30.60 49.77 -72.39
C VAL R 178 -29.79 51.06 -72.31
N ALA R 179 -30.48 52.17 -72.07
CA ALA R 179 -29.82 53.47 -72.07
C ALA R 179 -28.98 53.66 -70.81
N SER R 180 -29.46 53.19 -69.66
CA SER R 180 -28.77 53.42 -68.40
C SER R 180 -29.11 52.30 -67.42
N LEU R 181 -28.18 52.03 -66.51
CA LEU R 181 -28.41 51.09 -65.42
C LEU R 181 -27.53 51.49 -64.25
N ILE R 182 -28.14 51.60 -63.07
CA ILE R 182 -27.42 51.98 -61.86
C ILE R 182 -27.47 50.82 -60.88
N TYR R 183 -26.50 50.80 -59.97
CA TYR R 183 -26.39 49.75 -58.96
C TYR R 183 -26.63 50.28 -57.56
N GLU R 184 -27.43 51.34 -57.44
CA GLU R 184 -27.73 51.93 -56.14
C GLU R 184 -28.50 50.95 -55.27
N THR R 185 -27.96 50.65 -54.09
CA THR R 185 -28.58 49.71 -53.16
C THR R 185 -29.44 50.45 -52.12
N LYS R 186 -30.41 51.20 -52.65
CA LYS R 186 -31.31 51.95 -51.78
C LYS R 186 -32.16 50.99 -50.94
N GLY R 187 -32.57 51.46 -49.77
CA GLY R 187 -33.39 50.67 -48.89
C GLY R 187 -34.08 51.49 -47.82
N GLU R 188 -35.39 51.29 -47.65
CA GLU R 188 -36.14 52.03 -46.65
C GLU R 188 -37.27 51.16 -46.11
N LYS R 189 -37.78 51.55 -44.94
CA LYS R 189 -38.87 50.85 -44.30
C LYS R 189 -39.55 51.82 -43.34
N ASN R 190 -40.80 51.50 -43.00
CA ASN R 190 -41.60 52.35 -42.13
C ASN R 190 -42.24 51.53 -41.03
N PHE R 191 -42.65 52.22 -39.98
CA PHE R 191 -43.49 51.59 -38.99
C PHE R 191 -44.52 52.59 -38.57
N ARG R 192 -45.59 52.06 -38.04
CA ARG R 192 -46.68 52.87 -37.52
C ARG R 192 -47.50 52.05 -36.55
N THR R 193 -48.24 52.74 -35.68
CA THR R 193 -49.18 52.13 -34.76
C THR R 193 -50.07 53.21 -34.18
N GLU R 194 -51.24 52.80 -33.69
CA GLU R 194 -52.20 53.73 -33.10
C GLU R 194 -53.06 52.97 -32.12
N HIS R 195 -53.86 53.70 -31.36
CA HIS R 195 -54.76 53.13 -30.38
C HIS R 195 -56.03 53.97 -30.27
N TYR R 196 -57.17 53.30 -30.25
CA TYR R 196 -58.47 53.92 -30.06
C TYR R 196 -59.12 53.34 -28.81
N GLU R 197 -59.84 54.18 -28.07
CA GLU R 197 -60.50 53.75 -26.85
C GLU R 197 -61.83 54.48 -26.71
N GLU R 198 -62.86 53.73 -26.32
CA GLU R 198 -64.19 54.27 -26.11
C GLU R 198 -64.83 53.57 -24.92
N GLN R 199 -65.48 54.34 -24.06
CA GLN R 199 -66.11 53.81 -22.87
C GLN R 199 -67.29 54.70 -22.49
N ILE R 200 -68.38 54.08 -22.08
CA ILE R 200 -69.55 54.81 -21.62
C ILE R 200 -70.22 54.01 -20.51
N GLU R 201 -70.68 54.71 -19.46
CA GLU R 201 -71.37 54.09 -18.34
C GLU R 201 -72.47 55.03 -17.86
N ALA R 202 -73.60 54.44 -17.47
CA ALA R 202 -74.74 55.21 -16.99
C ALA R 202 -75.44 54.43 -15.89
N PHE R 203 -75.70 55.10 -14.77
CA PHE R 203 -76.39 54.51 -13.64
C PHE R 203 -77.67 55.29 -13.35
N LYS R 204 -78.75 54.57 -13.08
CA LYS R 204 -80.04 55.18 -12.79
C LYS R 204 -80.72 54.41 -11.67
N SER R 205 -81.30 55.14 -10.72
CA SER R 205 -82.02 54.55 -9.60
C SER R 205 -83.18 55.45 -9.23
N ILE R 206 -84.38 54.85 -9.11
CA ILE R 206 -85.58 55.58 -8.76
C ILE R 206 -86.33 54.79 -7.69
N ILE R 207 -86.74 55.47 -6.63
CA ILE R 207 -87.45 54.84 -5.52
C ILE R 207 -88.66 55.69 -5.16
N GLN R 208 -89.76 55.03 -4.82
CA GLN R 208 -91.00 55.70 -4.43
C GLN R 208 -91.51 55.09 -3.14
N GLU R 209 -92.11 55.93 -2.29
CA GLU R 209 -92.63 55.50 -1.01
C GLU R 209 -93.89 56.30 -0.68
N LYS R 210 -94.96 55.59 -0.35
CA LYS R 210 -96.23 56.22 0.00
C LYS R 210 -96.89 55.41 1.10
N THR R 211 -97.47 56.11 2.08
CA THR R 211 -98.14 55.47 3.21
C THR R 211 -99.47 56.17 3.47
N SER R 212 -100.51 55.38 3.70
CA SER R 212 -101.85 55.92 3.92
C SER R 212 -102.49 55.25 5.12
N ASN R 213 -103.05 56.05 6.02
CA ASN R 213 -103.74 55.56 7.21
C ASN R 213 -104.94 56.44 7.49
N PHE R 214 -106.02 55.84 7.99
CA PHE R 214 -107.25 56.56 8.27
C PHE R 214 -107.86 56.04 9.56
N ASN R 215 -108.56 56.94 10.27
CA ASN R 215 -109.24 56.61 11.51
C ASN R 215 -110.67 57.13 11.45
N ALA R 216 -111.58 56.40 12.10
CA ALA R 216 -112.99 56.82 12.17
C ALA R 216 -113.61 56.22 13.41
N ALA R 217 -113.87 57.04 14.41
CA ALA R 217 -114.45 56.60 15.68
C ALA R 217 -115.58 57.55 16.05
N ILE R 218 -116.77 56.98 16.29
CA ILE R 218 -117.95 57.74 16.71
C ILE R 218 -118.74 56.88 17.68
N SER R 219 -119.13 57.47 18.82
CA SER R 219 -119.89 56.78 19.86
C SER R 219 -121.16 57.55 20.16
N LEU R 220 -122.25 56.82 20.38
CA LEU R 220 -123.55 57.43 20.66
C LEU R 220 -124.24 56.64 21.76
N LYS R 221 -124.62 57.33 22.83
CA LYS R 221 -125.33 56.71 23.95
C LYS R 221 -126.45 57.64 24.40
N PHE R 222 -127.57 57.05 24.80
CA PHE R 222 -128.75 57.80 25.19
C PHE R 222 -129.32 57.25 26.48
N THR R 223 -129.63 58.14 27.42
CA THR R 223 -130.24 57.75 28.69
C THR R 223 -131.07 58.90 29.24
N PRO R 224 -132.42 58.79 29.18
CA PRO R 224 -133.30 59.85 29.69
C PRO R 224 -133.41 59.83 31.21
N SER R 242 -137.75 52.58 32.67
CA SER R 242 -136.32 52.79 32.46
C SER R 242 -135.95 52.65 30.99
N LEU R 243 -135.01 53.48 30.54
CA LEU R 243 -134.56 53.47 29.14
C LEU R 243 -133.07 53.75 29.11
N HIS R 244 -132.33 52.93 28.36
CA HIS R 244 -130.89 53.09 28.25
C HIS R 244 -130.46 52.74 26.83
N GLY R 245 -129.40 53.42 26.37
CA GLY R 245 -128.86 53.16 25.05
C GLY R 245 -127.37 53.45 24.97
N LYS R 246 -126.64 52.67 24.20
CA LYS R 246 -125.20 52.86 24.07
C LYS R 246 -124.72 52.22 22.77
N GLY R 247 -123.98 53.00 21.98
CA GLY R 247 -123.41 52.51 20.75
C GLY R 247 -122.11 53.20 20.40
N SER R 248 -121.14 52.44 19.88
CA SER R 248 -119.83 52.99 19.54
C SER R 248 -119.35 52.38 18.23
N PHE R 249 -118.82 53.22 17.36
CA PHE R 249 -118.27 52.79 16.08
C PHE R 249 -116.76 52.98 16.09
N ARG R 250 -116.06 52.03 15.48
CA ARG R 250 -114.61 52.12 15.34
C ARG R 250 -114.22 51.68 13.94
N PHE R 251 -113.18 52.29 13.40
CA PHE R 251 -112.75 52.02 12.04
C PHE R 251 -111.26 52.33 11.90
N SER R 252 -110.56 51.51 11.11
CA SER R 252 -109.13 51.68 10.90
C SER R 252 -108.81 51.46 9.43
N TYR R 253 -107.59 51.82 9.04
CA TYR R 253 -107.16 51.70 7.66
C TYR R 253 -105.63 51.66 7.63
N SER R 254 -105.09 50.80 6.76
CA SER R 254 -103.64 50.65 6.64
C SER R 254 -103.29 50.48 5.17
N LYS R 255 -102.22 51.17 4.74
CA LYS R 255 -101.82 51.15 3.34
C LYS R 255 -100.41 51.71 3.16
N ASN R 256 -99.58 51.00 2.40
CA ASN R 256 -98.34 51.58 1.91
C ASN R 256 -97.94 50.90 0.62
N GLU R 257 -97.27 51.65 -0.26
CA GLU R 257 -96.84 51.14 -1.57
C GLU R 257 -95.45 51.67 -1.85
N THR R 258 -94.46 50.79 -1.79
CA THR R 258 -93.07 51.13 -2.07
C THR R 258 -92.71 50.67 -3.48
N TYR R 259 -92.17 51.59 -4.27
CA TYR R 259 -91.72 51.31 -5.63
C TYR R 259 -90.22 51.49 -5.72
N GLN R 260 -89.58 50.66 -6.55
CA GLN R 260 -88.14 50.71 -6.72
C GLN R 260 -87.79 50.49 -8.20
N LEU R 261 -86.86 51.29 -8.69
CA LEU R 261 -86.41 51.20 -10.08
C LEU R 261 -84.89 51.32 -10.12
N PHE R 262 -84.27 50.54 -10.99
CA PHE R 262 -82.82 50.56 -11.15
C PHE R 262 -82.49 50.29 -12.61
N LEU R 263 -81.57 51.08 -13.15
CA LEU R 263 -81.15 50.96 -14.54
C LEU R 263 -79.66 51.23 -14.64
N SER R 264 -78.97 50.42 -15.45
CA SER R 264 -77.53 50.55 -15.64
C SER R 264 -77.19 50.30 -17.10
N TYR R 265 -76.16 51.00 -17.57
CA TYR R 265 -75.71 50.90 -18.95
C TYR R 265 -74.19 50.99 -18.98
N SER R 266 -73.57 50.19 -19.84
CA SER R 266 -72.12 50.17 -19.95
C SER R 266 -71.73 49.64 -21.33
N SER R 267 -70.70 50.25 -21.92
CA SER R 267 -70.21 49.81 -23.22
C SER R 267 -68.77 50.27 -23.38
N LYS R 268 -67.95 49.42 -23.99
CA LYS R 268 -66.54 49.71 -24.21
C LYS R 268 -66.16 49.29 -25.63
N LYS R 269 -65.33 50.10 -26.28
CA LYS R 269 -64.87 49.84 -27.63
C LYS R 269 -63.40 50.18 -27.75
N GLU R 270 -62.68 49.37 -28.53
CA GLU R 270 -61.25 49.56 -28.76
C GLU R 270 -60.93 49.17 -30.19
N LYS R 271 -59.98 49.90 -30.79
CA LYS R 271 -59.60 49.64 -32.18
C LYS R 271 -58.14 49.98 -32.37
N MET R 272 -57.43 49.14 -33.12
CA MET R 272 -56.02 49.34 -33.43
C MET R 272 -55.75 48.95 -34.87
N PHE R 273 -55.17 49.87 -35.63
CA PHE R 273 -54.85 49.63 -37.03
C PHE R 273 -53.45 50.18 -37.31
N LEU R 274 -52.64 49.39 -38.00
CA LEU R 274 -51.28 49.81 -38.33
C LEU R 274 -50.80 49.03 -39.54
N HIS R 275 -49.91 49.64 -40.32
CA HIS R 275 -49.34 49.02 -41.50
C HIS R 275 -47.87 49.40 -41.61
N VAL R 276 -47.05 48.44 -42.03
CA VAL R 276 -45.62 48.66 -42.21
C VAL R 276 -45.21 48.04 -43.54
N LYS R 277 -44.13 48.58 -44.12
CA LYS R 277 -43.64 48.08 -45.39
C LYS R 277 -42.17 48.43 -45.53
N GLY R 278 -41.43 47.56 -46.20
CA GLY R 278 -40.02 47.78 -46.43
C GLY R 278 -39.60 47.15 -47.75
N GLU R 279 -38.64 47.79 -48.42
CA GLU R 279 -38.15 47.32 -49.70
C GLU R 279 -36.64 47.43 -49.74
N ILE R 280 -35.99 46.44 -50.35
CA ILE R 280 -34.55 46.42 -50.55
C ILE R 280 -34.31 46.61 -52.04
N HIS R 281 -33.98 47.83 -52.44
CA HIS R 281 -33.73 48.13 -53.85
C HIS R 281 -32.35 47.61 -54.24
N LEU R 282 -32.27 47.03 -55.45
CA LEU R 282 -31.04 46.45 -55.96
C LEU R 282 -30.44 47.29 -57.08
N GLY R 283 -31.21 47.53 -58.14
CA GLY R 283 -30.71 48.32 -59.26
C GLY R 283 -31.85 48.93 -60.04
N ARG R 284 -31.50 49.95 -60.82
CA ARG R 284 -32.49 50.69 -61.59
C ARG R 284 -31.96 50.89 -63.00
N PHE R 285 -32.87 50.81 -63.98
CA PHE R 285 -32.53 50.94 -65.38
C PHE R 285 -33.57 51.81 -66.07
N VAL R 286 -33.16 52.42 -67.18
CA VAL R 286 -34.04 53.26 -68.00
C VAL R 286 -33.85 52.83 -69.44
N MET R 287 -34.90 52.24 -70.03
CA MET R 287 -34.83 51.80 -71.41
C MET R 287 -34.80 52.98 -72.36
N ARG R 288 -33.94 52.90 -73.37
CA ARG R 288 -33.89 53.92 -74.41
C ARG R 288 -35.21 53.95 -75.17
N ASN R 289 -35.77 55.15 -75.33
CA ASN R 289 -37.12 55.25 -75.90
C ASN R 289 -37.11 55.00 -77.40
N ARG R 290 -36.31 55.76 -78.14
CA ARG R 290 -36.23 55.62 -79.59
C ARG R 290 -34.88 55.04 -79.98
N ASP R 291 -34.73 54.73 -81.27
CA ASP R 291 -33.56 54.04 -81.81
C ASP R 291 -33.37 52.69 -81.10
N VAL R 292 -34.43 51.90 -81.11
CA VAL R 292 -34.52 50.66 -80.35
C VAL R 292 -34.50 49.48 -81.31
N VAL R 293 -33.76 48.44 -80.95
CA VAL R 293 -33.73 47.19 -81.70
C VAL R 293 -34.73 46.23 -81.08
N LEU R 294 -35.29 45.37 -81.91
CA LEU R 294 -36.35 44.45 -81.50
C LEU R 294 -35.94 43.01 -81.78
N THR R 295 -36.63 42.08 -81.13
CA THR R 295 -36.34 40.67 -81.32
C THR R 295 -37.02 40.14 -82.57
N THR R 296 -36.51 39.01 -83.06
CA THR R 296 -37.01 38.46 -84.32
C THR R 296 -38.48 38.04 -84.22
N THR R 297 -38.90 37.55 -83.06
CA THR R 297 -40.29 37.10 -82.91
C THR R 297 -41.25 38.28 -82.93
N PHE R 298 -40.92 39.35 -82.19
CA PHE R 298 -41.77 40.53 -82.19
C PHE R 298 -41.80 41.21 -83.55
N VAL R 299 -40.65 41.23 -84.24
CA VAL R 299 -40.60 41.81 -85.58
C VAL R 299 -41.46 41.00 -86.53
N ASP R 300 -41.39 39.67 -86.45
CA ASP R 300 -42.23 38.83 -87.30
C ASP R 300 -43.72 39.02 -86.99
N ASP R 301 -44.05 39.20 -85.72
CA ASP R 301 -45.44 39.42 -85.35
C ASP R 301 -45.95 40.76 -85.86
N ILE R 302 -45.12 41.81 -85.80
CA ILE R 302 -45.53 43.10 -86.30
C ILE R 302 -45.61 43.09 -87.83
N LYS R 303 -44.74 42.31 -88.49
CA LYS R 303 -44.81 42.20 -89.94
C LYS R 303 -46.07 41.46 -90.37
N ALA R 304 -46.40 40.36 -89.70
CA ALA R 304 -47.64 39.63 -89.96
C ALA R 304 -48.74 40.17 -89.04
N LEU R 305 -49.17 41.38 -89.35
CA LEU R 305 -50.15 42.10 -88.56
C LEU R 305 -51.10 42.83 -89.50
N PRO R 306 -52.41 42.79 -89.23
CA PRO R 306 -53.37 43.44 -90.12
C PRO R 306 -53.30 44.96 -90.06
N THR R 307 -54.08 45.62 -90.91
CA THR R 307 -54.08 47.09 -90.95
C THR R 307 -55.49 47.67 -91.08
N THR R 308 -56.54 46.88 -90.89
CA THR R 308 -57.91 47.32 -91.05
C THR R 308 -58.66 47.27 -89.71
N TYR R 309 -57.94 47.53 -88.61
CA TYR R 309 -58.51 47.54 -87.27
C TYR R 309 -59.15 46.20 -86.93
N GLU R 310 -58.30 45.17 -86.86
CA GLU R 310 -58.74 43.83 -86.47
C GLU R 310 -58.63 43.73 -84.95
N LYS R 311 -59.72 44.10 -84.26
CA LYS R 311 -59.75 44.03 -82.81
C LYS R 311 -59.55 42.60 -82.31
N GLY R 312 -59.99 41.60 -83.09
CA GLY R 312 -59.84 40.23 -82.66
C GLY R 312 -58.39 39.81 -82.50
N GLU R 313 -57.59 40.01 -83.55
CA GLU R 313 -56.17 39.67 -83.47
C GLU R 313 -55.42 40.64 -82.56
N TYR R 314 -55.85 41.90 -82.51
CA TYR R 314 -55.18 42.88 -81.65
C TYR R 314 -55.40 42.53 -80.18
N PHE R 315 -56.59 42.04 -79.83
CA PHE R 315 -56.82 41.64 -78.45
C PHE R 315 -55.97 40.44 -78.06
N ALA R 316 -55.70 39.53 -79.00
CA ALA R 316 -54.80 38.42 -78.74
C ALA R 316 -53.37 38.90 -78.58
N PHE R 317 -52.91 39.77 -79.48
CA PHE R 317 -51.57 40.34 -79.38
C PHE R 317 -51.38 41.10 -78.07
N LEU R 318 -52.44 41.76 -77.59
CA LEU R 318 -52.35 42.53 -76.35
C LEU R 318 -52.10 41.60 -75.16
N GLU R 319 -52.88 40.52 -75.06
CA GLU R 319 -52.65 39.55 -73.99
C GLU R 319 -51.33 38.82 -74.16
N THR R 320 -50.83 38.70 -75.40
CA THR R 320 -49.59 37.97 -75.63
C THR R 320 -48.37 38.78 -75.21
N TYR R 321 -48.34 40.07 -75.59
CA TYR R 321 -47.17 40.92 -75.36
C TYR R 321 -47.49 42.10 -74.45
N GLY R 322 -48.46 41.94 -73.54
CA GLY R 322 -48.76 42.99 -72.59
C GLY R 322 -49.46 44.17 -73.21
N THR R 323 -49.92 45.11 -72.37
CA THR R 323 -50.58 46.32 -72.86
C THR R 323 -49.61 47.47 -73.08
N HIS R 324 -48.66 47.66 -72.16
CA HIS R 324 -47.67 48.71 -72.28
C HIS R 324 -46.40 48.28 -71.56
N TYR R 325 -45.25 48.62 -72.14
CA TYR R 325 -43.98 48.16 -71.62
C TYR R 325 -43.44 49.11 -70.56
N SER R 326 -42.30 48.76 -69.97
CA SER R 326 -41.69 49.55 -68.91
C SER R 326 -40.59 50.43 -69.49
N SER R 327 -40.73 51.75 -69.31
CA SER R 327 -39.66 52.66 -69.67
C SER R 327 -38.51 52.62 -68.69
N SER R 328 -38.79 52.38 -67.41
CA SER R 328 -37.78 52.29 -66.38
C SER R 328 -38.28 51.39 -65.25
N GLY R 329 -37.42 50.49 -64.79
CA GLY R 329 -37.79 49.58 -63.72
C GLY R 329 -36.94 49.74 -62.48
N SER R 330 -37.12 48.84 -61.51
CA SER R 330 -36.36 48.89 -60.26
C SER R 330 -36.23 47.47 -59.74
N LEU R 331 -35.07 46.86 -59.96
CA LEU R 331 -34.83 45.50 -59.50
C LEU R 331 -34.64 45.48 -57.99
N GLY R 332 -35.10 44.40 -57.35
CA GLY R 332 -35.00 44.27 -55.91
C GLY R 332 -36.07 43.38 -55.31
N GLY R 333 -36.77 43.90 -54.30
CA GLY R 333 -37.85 43.18 -53.66
C GLY R 333 -38.39 43.90 -52.45
N LEU R 334 -39.69 43.75 -52.18
CA LEU R 334 -40.33 44.42 -51.06
C LEU R 334 -41.10 43.41 -50.22
N TYR R 335 -41.29 43.76 -48.95
CA TYR R 335 -42.05 42.94 -48.01
C TYR R 335 -42.86 43.87 -47.10
N GLU R 336 -44.02 43.38 -46.67
CA GLU R 336 -44.89 44.17 -45.79
C GLU R 336 -45.80 43.24 -45.03
N LEU R 337 -46.12 43.61 -43.79
CA LEU R 337 -47.05 42.88 -42.95
C LEU R 337 -47.99 43.86 -42.27
N ILE R 338 -49.27 43.51 -42.20
CA ILE R 338 -50.30 44.36 -41.64
C ILE R 338 -51.21 43.53 -40.76
N TYR R 339 -51.49 43.99 -39.56
CA TYR R 339 -52.63 43.42 -38.92
C TYR R 339 -53.42 44.37 -38.06
N VAL R 340 -54.68 44.06 -37.98
CA VAL R 340 -55.73 44.97 -37.54
C VAL R 340 -56.40 44.38 -36.30
N LEU R 341 -56.84 45.27 -35.40
CA LEU R 341 -57.52 44.86 -34.19
C LEU R 341 -58.74 45.76 -33.97
N ASP R 342 -59.83 45.15 -33.52
CA ASP R 342 -61.06 45.88 -33.25
C ASP R 342 -61.78 45.20 -32.09
N LYS R 343 -62.28 46.00 -31.15
CA LYS R 343 -62.94 45.50 -29.95
C LYS R 343 -64.22 46.28 -29.71
N ALA R 344 -65.25 45.59 -29.24
CA ALA R 344 -66.54 46.22 -28.94
C ALA R 344 -67.21 45.44 -27.81
N SER R 345 -67.86 46.18 -26.91
CA SER R 345 -68.53 45.57 -25.78
C SER R 345 -69.76 46.41 -25.41
N MET R 346 -70.76 45.74 -24.86
CA MET R 346 -72.00 46.41 -24.45
C MET R 346 -72.59 45.67 -23.24
N LYS R 347 -73.04 46.45 -22.25
CA LYS R 347 -73.65 45.91 -21.05
C LYS R 347 -74.86 46.76 -20.68
N ARG R 348 -75.98 46.12 -20.39
CA ARG R 348 -77.21 46.81 -20.03
C ARG R 348 -77.87 46.09 -18.87
N LYS R 349 -78.25 46.85 -17.84
CA LYS R 349 -78.85 46.28 -16.65
C LYS R 349 -80.07 47.10 -16.23
N GLY R 350 -81.15 46.41 -15.88
CA GLY R 350 -82.34 47.06 -15.38
C GLY R 350 -83.04 46.23 -14.33
N VAL R 351 -83.32 46.83 -13.17
CA VAL R 351 -83.92 46.13 -12.04
C VAL R 351 -85.14 46.92 -11.59
N GLU R 352 -86.25 46.22 -11.37
CA GLU R 352 -87.50 46.82 -10.92
C GLU R 352 -88.08 46.01 -9.78
N LEU R 353 -88.54 46.70 -8.73
CA LEU R 353 -89.15 46.06 -7.59
C LEU R 353 -90.40 46.84 -7.19
N LYS R 354 -91.49 46.12 -6.93
CA LYS R 354 -92.76 46.74 -6.59
C LYS R 354 -93.42 45.95 -5.47
N ASP R 355 -93.78 46.65 -4.39
CA ASP R 355 -94.43 46.04 -3.23
C ASP R 355 -95.50 46.97 -2.71
N ILE R 356 -96.70 46.42 -2.49
CA ILE R 356 -97.85 47.18 -2.02
C ILE R 356 -98.54 46.39 -0.92
N LYS R 357 -98.90 47.07 0.16
CA LYS R 357 -99.69 46.48 1.25
C LYS R 357 -100.85 47.42 1.58
N ARG R 358 -102.06 46.85 1.68
CA ARG R 358 -103.25 47.61 2.05
C ARG R 358 -104.08 46.75 2.99
N CYS R 359 -104.48 47.33 4.12
CA CYS R 359 -105.29 46.59 5.09
C CYS R 359 -106.41 47.49 5.62
N LEU R 360 -107.49 46.85 6.06
CA LEU R 360 -108.68 47.54 6.52
C LEU R 360 -109.08 47.01 7.89
N GLY R 361 -109.57 47.91 8.75
CA GLY R 361 -110.02 47.54 10.08
C GLY R 361 -111.32 48.21 10.47
N TYR R 362 -112.24 47.44 11.03
CA TYR R 362 -113.55 47.96 11.44
C TYR R 362 -114.01 47.26 12.71
N HIS R 363 -114.56 48.04 13.63
CA HIS R 363 -115.09 47.51 14.89
C HIS R 363 -116.43 48.16 15.18
N LEU R 364 -117.43 47.33 15.46
CA LEU R 364 -118.78 47.79 15.78
C LEU R 364 -119.22 47.14 17.08
N ASP R 365 -119.65 47.97 18.04
CA ASP R 365 -120.12 47.48 19.34
C ASP R 365 -121.31 48.32 19.77
N VAL R 366 -122.44 47.66 20.01
CA VAL R 366 -123.66 48.31 20.45
C VAL R 366 -124.24 47.51 21.61
N SER R 367 -124.56 48.19 22.70
CA SER R 367 -125.14 47.54 23.87
C SER R 367 -126.34 48.34 24.35
N LEU R 368 -127.45 47.66 24.59
CA LEU R 368 -128.69 48.30 25.00
C LEU R 368 -129.16 47.71 26.31
N ALA R 369 -129.71 48.57 27.18
CA ALA R 369 -130.10 48.08 28.53
C ALA R 369 -131.55 48.42 28.87
N PHE R 370 -132.30 47.40 29.29
CA PHE R 370 -133.70 47.54 29.78
C PHE R 370 -133.65 47.78 31.30
N SER R 371 -134.81 47.91 31.95
CA SER R 371 -134.80 47.80 33.43
C SER R 371 -134.31 46.41 33.81
N GLU R 372 -134.84 45.38 33.13
CA GLU R 372 -134.42 43.96 33.33
C GLU R 372 -134.03 43.38 31.95
N ILE R 373 -133.90 44.25 30.95
CA ILE R 373 -133.64 43.81 29.58
C ILE R 373 -132.24 44.30 29.19
N SER R 374 -131.47 43.42 28.56
CA SER R 374 -130.13 43.75 28.11
C SER R 374 -129.92 43.22 26.70
N VAL R 375 -129.43 44.09 25.81
CA VAL R 375 -129.18 43.75 24.42
C VAL R 375 -127.74 44.11 24.10
N GLY R 376 -127.06 43.22 23.37
CA GLY R 376 -125.68 43.43 23.00
C GLY R 376 -125.45 43.16 21.53
N ALA R 377 -124.41 43.78 20.98
CA ALA R 377 -124.05 43.60 19.58
C ALA R 377 -122.58 43.91 19.42
N GLU R 378 -121.87 43.06 18.69
CA GLU R 378 -120.44 43.24 18.44
C GLU R 378 -120.12 42.72 17.05
N PHE R 379 -119.76 43.63 16.13
CA PHE R 379 -119.39 43.28 14.76
C PHE R 379 -117.99 43.82 14.49
N ASN R 380 -117.08 42.92 14.11
CA ASN R 380 -115.70 43.28 13.83
C ASN R 380 -115.31 42.78 12.45
N LYS R 381 -114.66 43.65 11.68
CA LYS R 381 -114.23 43.32 10.32
C LYS R 381 -112.76 43.64 10.17
N ASP R 382 -112.02 42.72 9.56
CA ASP R 382 -110.59 42.88 9.33
C ASP R 382 -110.23 42.26 7.98
N ASP R 383 -109.49 43.01 7.17
CA ASP R 383 -109.09 42.54 5.85
C ASP R 383 -107.83 43.28 5.42
N CYS R 384 -106.80 42.52 5.04
CA CYS R 384 -105.55 43.09 4.56
C CYS R 384 -105.24 42.52 3.18
N VAL R 385 -104.49 43.30 2.39
CA VAL R 385 -104.11 42.92 1.04
C VAL R 385 -102.65 43.30 0.83
N LYS R 386 -101.89 42.39 0.20
CA LYS R 386 -100.49 42.61 -0.12
C LYS R 386 -100.26 42.34 -1.59
N ARG R 387 -99.36 43.13 -2.19
CA ARG R 387 -99.00 42.99 -3.60
C ARG R 387 -97.49 43.01 -3.74
N GLY R 388 -96.99 42.19 -4.66
CA GLY R 388 -95.55 42.13 -4.90
C GLY R 388 -95.20 41.92 -6.36
N GLU R 389 -94.13 42.56 -6.82
CA GLU R 389 -93.70 42.43 -8.20
C GLU R 389 -92.20 42.69 -8.29
N GLY R 390 -91.52 41.90 -9.11
CA GLY R 390 -90.09 42.05 -9.31
C GLY R 390 -89.69 41.86 -10.76
N ARG R 391 -88.75 42.68 -11.23
CA ARG R 391 -88.30 42.62 -12.61
C ARG R 391 -86.80 42.86 -12.66
N ALA R 392 -86.11 42.11 -13.53
CA ALA R 392 -84.67 42.25 -13.69
C ALA R 392 -84.30 42.05 -15.15
N VAL R 393 -83.30 42.81 -15.60
CA VAL R 393 -82.80 42.73 -16.98
C VAL R 393 -81.27 42.78 -16.92
N ASN R 394 -80.62 41.75 -17.47
CA ASN R 394 -79.17 41.62 -17.42
C ASN R 394 -78.70 41.06 -18.76
N ILE R 395 -78.13 41.90 -19.60
CA ILE R 395 -77.76 41.53 -20.97
C ILE R 395 -76.37 42.09 -21.27
N THR R 396 -75.43 41.20 -21.58
CA THR R 396 -74.07 41.58 -21.94
C THR R 396 -73.78 41.18 -23.38
N SER R 397 -73.08 42.04 -24.10
CA SER R 397 -72.71 41.77 -25.49
C SER R 397 -71.29 42.26 -25.74
N GLU R 398 -70.52 41.47 -26.49
CA GLU R 398 -69.14 41.79 -26.81
C GLU R 398 -68.83 41.35 -28.23
N ASN R 399 -68.05 42.16 -28.95
CA ASN R 399 -67.67 41.86 -30.32
C ASN R 399 -66.19 42.15 -30.51
N LEU R 400 -65.51 41.28 -31.25
CA LEU R 400 -64.09 41.42 -31.55
C LEU R 400 -63.86 41.16 -33.02
N ILE R 401 -62.93 41.91 -33.61
CA ILE R 401 -62.60 41.78 -35.03
C ILE R 401 -61.09 41.95 -35.20
N ASP R 402 -60.46 40.96 -35.85
CA ASP R 402 -59.02 41.00 -36.10
C ASP R 402 -58.77 40.58 -37.54
N ASP R 403 -57.83 41.29 -38.19
CA ASP R 403 -57.44 40.98 -39.57
C ASP R 403 -55.94 41.17 -39.70
N VAL R 404 -55.26 40.16 -40.23
CA VAL R 404 -53.81 40.19 -40.43
C VAL R 404 -53.51 39.80 -41.86
N VAL R 405 -52.62 40.56 -42.52
CA VAL R 405 -52.16 40.26 -43.87
C VAL R 405 -50.68 40.56 -43.96
N SER R 406 -50.00 39.80 -44.81
CA SER R 406 -48.56 39.94 -44.99
C SER R 406 -48.16 39.31 -46.33
N LEU R 407 -47.04 39.77 -46.87
CA LEU R 407 -46.55 39.26 -48.15
C LEU R 407 -45.05 39.50 -48.24
N ILE R 408 -44.41 38.74 -49.13
CA ILE R 408 -42.97 38.84 -49.35
C ILE R 408 -42.68 38.28 -50.74
N ARG R 409 -41.57 38.72 -51.33
CA ARG R 409 -41.18 38.28 -52.66
C ARG R 409 -39.72 38.59 -52.90
N GLY R 410 -39.11 37.83 -53.80
CA GLY R 410 -37.74 38.07 -54.22
C GLY R 410 -36.76 37.11 -53.56
N GLY R 411 -35.58 36.99 -54.19
CA GLY R 411 -34.52 36.15 -53.67
C GLY R 411 -34.75 34.67 -53.92
N THR R 412 -33.80 33.87 -53.44
CA THR R 412 -33.95 32.43 -53.50
C THR R 412 -35.05 31.98 -52.54
N ARG R 413 -35.59 30.79 -52.81
CA ARG R 413 -36.72 30.31 -52.01
C ARG R 413 -36.30 29.90 -50.61
N LYS R 414 -35.04 29.50 -50.43
CA LYS R 414 -34.58 29.09 -49.11
C LYS R 414 -34.49 30.28 -48.17
N TYR R 415 -33.69 31.30 -48.53
CA TYR R 415 -33.45 32.41 -47.62
C TYR R 415 -34.66 33.33 -47.50
N ALA R 416 -35.53 33.37 -48.51
CA ALA R 416 -36.67 34.26 -48.46
C ALA R 416 -37.67 33.85 -47.39
N PHE R 417 -38.12 32.60 -47.43
CA PHE R 417 -39.11 32.12 -46.48
C PHE R 417 -38.54 31.83 -45.11
N GLU R 418 -37.22 31.69 -45.00
CA GLU R 418 -36.59 31.65 -43.67
C GLU R 418 -36.76 32.98 -42.96
N LEU R 419 -36.77 34.09 -43.69
CA LEU R 419 -37.09 35.38 -43.10
C LEU R 419 -38.58 35.48 -42.79
N LYS R 420 -39.42 34.88 -43.63
CA LYS R 420 -40.87 34.98 -43.45
C LYS R 420 -41.31 34.28 -42.17
N GLU R 421 -40.75 33.09 -41.90
CA GLU R 421 -41.17 32.33 -40.72
C GLU R 421 -40.78 33.03 -39.43
N LYS R 422 -39.61 33.66 -39.39
CA LYS R 422 -39.15 34.35 -38.20
C LYS R 422 -39.74 35.74 -38.05
N LEU R 423 -40.21 36.34 -39.15
CA LEU R 423 -40.84 37.65 -39.06
C LEU R 423 -42.26 37.55 -38.49
N LEU R 424 -43.01 36.53 -38.90
CA LEU R 424 -44.40 36.36 -38.48
C LEU R 424 -44.41 35.87 -37.04
N ARG R 425 -44.71 36.78 -36.10
CA ARG R 425 -44.86 36.47 -34.69
C ARG R 425 -43.59 35.86 -34.07
N GLY R 426 -42.44 36.07 -34.69
CA GLY R 426 -41.19 35.56 -34.16
C GLY R 426 -40.66 36.41 -33.02
N THR R 427 -40.75 37.72 -33.17
CA THR R 427 -40.34 38.74 -32.19
C THR R 427 -38.84 38.76 -31.93
N VAL R 428 -38.07 37.88 -32.58
CA VAL R 428 -36.62 37.83 -32.41
C VAL R 428 -36.01 37.77 -33.81
N ILE R 429 -35.55 38.91 -34.30
CA ILE R 429 -34.91 38.98 -35.62
C ILE R 429 -33.42 38.72 -35.46
N ASP R 430 -32.87 37.95 -36.40
CA ASP R 430 -31.46 37.59 -36.38
C ASP R 430 -30.63 38.63 -37.14
N VAL R 431 -29.32 38.57 -36.93
CA VAL R 431 -28.41 39.44 -37.68
C VAL R 431 -27.95 38.79 -38.98
N THR R 432 -27.81 37.46 -39.01
CA THR R 432 -27.30 36.77 -40.18
C THR R 432 -28.38 36.53 -41.23
N ASP R 433 -29.65 36.39 -40.80
CA ASP R 433 -30.71 36.11 -41.75
C ASP R 433 -30.95 37.27 -42.71
N PHE R 434 -30.75 38.51 -42.25
CA PHE R 434 -30.92 39.65 -43.14
C PHE R 434 -29.80 39.71 -44.17
N VAL R 435 -28.57 39.35 -43.77
CA VAL R 435 -27.48 39.29 -44.74
C VAL R 435 -27.72 38.16 -45.74
N ASN R 436 -28.25 37.04 -45.28
CA ASN R 436 -28.60 35.96 -46.19
C ASN R 436 -29.69 36.39 -47.17
N TRP R 437 -30.69 37.13 -46.68
CA TRP R 437 -31.72 37.67 -47.55
C TRP R 437 -31.14 38.65 -48.57
N ALA R 438 -30.18 39.46 -48.14
CA ALA R 438 -29.54 40.40 -49.06
C ALA R 438 -28.79 39.67 -50.16
N SER R 439 -28.01 38.65 -49.80
CA SER R 439 -27.29 37.87 -50.81
C SER R 439 -28.27 37.14 -51.72
N SER R 440 -29.37 36.63 -51.16
CA SER R 440 -30.36 35.91 -51.96
C SER R 440 -31.03 36.84 -52.97
N ILE R 441 -31.37 38.05 -52.56
CA ILE R 441 -32.02 38.98 -53.48
C ILE R 441 -31.01 39.55 -54.46
N ASN R 442 -29.73 39.59 -54.10
CA ASN R 442 -28.70 39.91 -55.08
C ASN R 442 -28.62 38.81 -56.14
N ASP R 443 -28.79 37.56 -55.71
CA ASP R 443 -28.81 36.46 -56.68
C ASP R 443 -30.04 36.54 -57.57
N ALA R 444 -31.21 36.84 -57.01
CA ALA R 444 -32.46 36.91 -57.77
C ALA R 444 -33.31 38.08 -57.29
N PRO R 445 -33.26 39.21 -57.99
CA PRO R 445 -34.11 40.35 -57.61
C PRO R 445 -35.48 40.31 -58.26
N VAL R 446 -36.31 41.33 -58.01
CA VAL R 446 -37.62 41.43 -58.61
C VAL R 446 -38.00 42.91 -58.69
N LEU R 447 -38.99 43.23 -59.51
CA LEU R 447 -39.39 44.62 -59.71
C LEU R 447 -39.97 45.23 -58.45
N ILE R 448 -39.70 46.52 -58.27
CA ILE R 448 -40.26 47.29 -57.15
C ILE R 448 -41.05 48.47 -57.71
N SER R 449 -40.35 49.37 -58.40
CA SER R 449 -40.95 50.53 -59.04
C SER R 449 -40.78 50.42 -60.54
N GLN R 450 -41.82 50.77 -61.28
CA GLN R 450 -41.84 50.58 -62.72
C GLN R 450 -42.39 51.81 -63.40
N LYS R 451 -41.55 52.49 -64.18
CA LYS R 451 -42.00 53.59 -65.01
C LYS R 451 -42.58 53.04 -66.31
N LEU R 452 -43.72 53.58 -66.71
CA LEU R 452 -44.56 52.98 -67.74
C LEU R 452 -44.44 53.75 -69.06
N SER R 453 -44.68 53.04 -70.17
CA SER R 453 -44.60 53.62 -71.49
C SER R 453 -45.47 52.79 -72.43
N PRO R 454 -46.25 53.43 -73.30
CA PRO R 454 -47.14 52.66 -74.19
C PRO R 454 -46.38 51.86 -75.23
N ILE R 455 -47.00 50.77 -75.67
CA ILE R 455 -46.35 49.88 -76.64
C ILE R 455 -46.31 50.51 -78.03
N TYR R 456 -47.40 51.17 -78.43
CA TYR R 456 -47.45 51.71 -79.79
C TYR R 456 -46.36 52.75 -80.06
N ASN R 457 -45.67 53.23 -79.04
CA ASN R 457 -44.49 54.06 -79.24
C ASN R 457 -43.24 53.23 -79.49
N LEU R 458 -43.30 51.92 -79.27
CA LEU R 458 -42.16 51.02 -79.44
C LEU R 458 -42.09 50.40 -80.83
N VAL R 459 -43.14 50.55 -81.64
CA VAL R 459 -43.17 49.97 -82.98
C VAL R 459 -42.05 50.56 -83.82
N PRO R 460 -41.32 49.78 -84.61
CA PRO R 460 -40.24 50.35 -85.43
C PRO R 460 -40.78 51.28 -86.50
N VAL R 461 -40.06 52.38 -86.72
CA VAL R 461 -40.43 53.40 -87.69
C VAL R 461 -40.06 52.91 -89.09
N LYS R 462 -40.53 53.62 -90.11
CA LYS R 462 -40.25 53.35 -91.53
C LYS R 462 -40.40 51.87 -91.88
N MET R 463 -41.42 51.24 -91.31
CA MET R 463 -41.74 49.85 -91.61
C MET R 463 -42.73 49.81 -92.78
N LYS R 464 -43.35 48.65 -93.00
CA LYS R 464 -44.32 48.52 -94.08
C LYS R 464 -45.47 49.52 -93.91
N ASN R 465 -46.20 49.41 -92.81
CA ASN R 465 -47.32 50.29 -92.50
C ASN R 465 -47.23 50.75 -91.04
N ALA R 466 -46.06 51.23 -90.64
CA ALA R 466 -45.78 51.50 -89.23
C ALA R 466 -46.75 52.52 -88.65
N HIS R 467 -46.95 53.64 -89.34
CA HIS R 467 -47.76 54.73 -88.78
C HIS R 467 -49.21 54.30 -88.58
N LEU R 468 -49.82 53.72 -89.62
CA LEU R 468 -51.21 53.30 -89.50
C LEU R 468 -51.36 52.19 -88.46
N LYS R 469 -50.39 51.27 -88.41
CA LYS R 469 -50.39 50.27 -87.35
C LYS R 469 -50.17 50.90 -85.98
N LYS R 470 -49.43 52.00 -85.90
CA LYS R 470 -49.21 52.67 -84.64
C LYS R 470 -50.52 53.22 -84.07
N GLN R 471 -51.23 54.03 -84.85
CA GLN R 471 -52.51 54.55 -84.41
C GLN R 471 -53.54 53.43 -84.24
N ASN R 472 -53.42 52.35 -85.02
CA ASN R 472 -54.34 51.23 -84.88
C ASN R 472 -54.16 50.54 -83.54
N LEU R 473 -52.90 50.27 -83.15
CA LEU R 473 -52.63 49.69 -81.84
C LEU R 473 -52.95 50.67 -80.72
N GLU R 474 -52.85 51.97 -80.98
CA GLU R 474 -53.27 52.95 -79.97
C GLU R 474 -54.77 52.87 -79.72
N ARG R 475 -55.56 52.82 -80.80
CA ARG R 475 -56.99 52.62 -80.65
C ARG R 475 -57.29 51.29 -79.98
N ALA R 476 -56.50 50.26 -80.28
CA ALA R 476 -56.71 48.94 -79.69
C ALA R 476 -56.46 48.96 -78.18
N ILE R 477 -55.36 49.59 -77.75
CA ILE R 477 -55.08 49.65 -76.32
C ILE R 477 -56.08 50.54 -75.61
N GLU R 478 -56.57 51.59 -76.27
CA GLU R 478 -57.62 52.41 -75.68
C GLU R 478 -58.90 51.62 -75.48
N ASP R 479 -59.32 50.88 -76.52
CA ASP R 479 -60.51 50.05 -76.40
C ASP R 479 -60.32 48.94 -75.37
N TYR R 480 -59.09 48.45 -75.21
CA TYR R 480 -58.81 47.44 -74.20
C TYR R 480 -58.95 48.01 -72.79
N ILE R 481 -58.34 49.17 -72.55
CA ILE R 481 -58.36 49.75 -71.21
C ILE R 481 -59.72 50.32 -70.86
N ASN R 482 -60.55 50.67 -71.85
CA ASN R 482 -61.87 51.21 -71.58
C ASN R 482 -63.00 50.22 -71.85
N GLU R 483 -62.67 48.99 -72.28
CA GLU R 483 -63.71 48.03 -72.65
C GLU R 483 -64.27 47.30 -71.43
N PHE R 484 -63.41 46.55 -70.74
CA PHE R 484 -63.84 45.74 -69.61
C PHE R 484 -62.99 46.08 -68.39
N SER R 485 -63.66 46.37 -67.28
CA SER R 485 -63.03 46.75 -66.02
C SER R 485 -64.11 46.75 -64.95
N VAL R 486 -63.74 47.19 -63.74
CA VAL R 486 -64.72 47.35 -62.67
C VAL R 486 -65.73 48.42 -63.03
N ARG R 487 -65.36 49.37 -63.90
CA ARG R 487 -66.26 50.44 -64.29
C ARG R 487 -67.51 49.90 -64.98
N LYS R 488 -67.35 48.86 -65.80
CA LYS R 488 -68.46 48.31 -66.56
C LYS R 488 -69.23 47.24 -65.80
N CYS R 489 -68.63 46.66 -64.76
CA CYS R 489 -69.30 45.63 -63.97
C CYS R 489 -70.32 46.28 -63.04
N HIS R 490 -70.93 45.49 -62.16
CA HIS R 490 -71.94 45.97 -61.24
C HIS R 490 -71.33 46.30 -59.88
N THR R 491 -71.96 47.23 -59.19
CA THR R 491 -71.46 47.68 -57.89
C THR R 491 -71.92 46.74 -56.77
N CYS R 492 -71.01 46.45 -55.85
CA CYS R 492 -71.31 45.57 -54.73
C CYS R 492 -72.07 46.35 -53.66
N GLN R 493 -72.30 45.71 -52.51
CA GLN R 493 -73.06 46.31 -51.43
C GLN R 493 -72.14 46.65 -50.26
N ASN R 494 -72.59 47.60 -49.44
CA ASN R 494 -71.88 48.03 -48.24
C ASN R 494 -70.48 48.54 -48.57
N GLY R 495 -70.36 49.22 -49.71
CA GLY R 495 -69.07 49.78 -50.11
C GLY R 495 -67.99 48.75 -50.35
N GLY R 496 -68.36 47.53 -50.70
CA GLY R 496 -67.38 46.49 -50.94
C GLY R 496 -66.56 46.78 -52.18
N THR R 497 -65.24 46.82 -52.04
CA THR R 497 -64.37 47.06 -53.18
C THR R 497 -64.49 45.93 -54.19
N VAL R 498 -64.90 46.27 -55.40
CA VAL R 498 -65.14 45.28 -56.44
C VAL R 498 -63.84 45.03 -57.21
N ILE R 499 -63.51 43.76 -57.42
CA ILE R 499 -62.32 43.37 -58.17
C ILE R 499 -62.78 42.55 -59.38
N LEU R 500 -61.82 42.26 -60.26
CA LEU R 500 -62.08 41.47 -61.46
C LEU R 500 -60.91 40.52 -61.67
N MET R 501 -61.15 39.23 -61.45
CA MET R 501 -60.12 38.20 -61.59
C MET R 501 -60.59 37.19 -62.65
N ASP R 502 -60.30 37.48 -63.91
CA ASP R 502 -60.58 36.60 -65.04
C ASP R 502 -62.06 36.22 -65.08
N GLY R 503 -62.90 37.25 -65.27
CA GLY R 503 -64.33 37.08 -65.40
C GLY R 503 -65.11 37.17 -64.10
N LYS R 504 -64.60 36.55 -63.04
CA LYS R 504 -65.26 36.58 -61.74
C LYS R 504 -65.21 37.99 -61.18
N CYS R 505 -66.35 38.68 -61.21
CA CYS R 505 -66.44 40.06 -60.73
C CYS R 505 -66.87 40.08 -59.25
N LEU R 506 -66.01 39.51 -58.42
CA LEU R 506 -66.27 39.47 -56.99
C LEU R 506 -65.96 40.81 -56.34
N CYS R 507 -66.53 41.02 -55.15
CA CYS R 507 -66.33 42.24 -54.39
C CYS R 507 -65.79 41.91 -53.00
N ALA R 508 -64.70 42.55 -52.62
CA ALA R 508 -64.12 42.34 -51.29
C ALA R 508 -64.99 43.03 -50.25
N CYS R 509 -65.59 42.25 -49.36
CA CYS R 509 -66.50 42.77 -48.36
C CYS R 509 -65.73 43.18 -47.10
N PRO R 510 -66.20 44.19 -46.38
CA PRO R 510 -65.47 44.67 -45.20
C PRO R 510 -65.34 43.59 -44.13
N PHE R 511 -64.54 43.92 -43.10
CA PHE R 511 -64.23 42.95 -42.05
C PHE R 511 -65.47 42.57 -41.25
N LYS R 512 -66.23 43.56 -40.80
CA LYS R 512 -67.39 43.33 -39.96
C LYS R 512 -68.55 42.68 -40.71
N PHE R 513 -68.42 42.46 -42.02
CA PHE R 513 -69.50 41.91 -42.83
C PHE R 513 -69.12 40.52 -43.32
N GLU R 514 -70.12 39.81 -43.83
CA GLU R 514 -69.92 38.44 -44.28
C GLU R 514 -69.47 38.44 -45.75
N GLY R 515 -69.53 37.29 -46.40
CA GLY R 515 -68.87 37.08 -47.67
C GLY R 515 -69.60 37.59 -48.90
N ILE R 516 -69.75 36.70 -49.90
CA ILE R 516 -70.16 37.10 -51.24
C ILE R 516 -71.44 37.92 -51.22
N ALA R 517 -71.50 38.90 -52.12
CA ALA R 517 -72.67 39.74 -52.40
C ALA R 517 -73.01 40.69 -51.25
N CYS R 518 -72.30 40.57 -50.13
CA CYS R 518 -72.48 41.43 -48.96
C CYS R 518 -73.96 41.62 -48.63
N GLU R 519 -74.69 40.50 -48.58
CA GLU R 519 -76.12 40.53 -48.31
C GLU R 519 -76.42 40.31 -46.83
N ILE R 520 -75.98 39.18 -46.29
CA ILE R 520 -76.21 38.86 -44.88
C ILE R 520 -75.25 39.67 -44.01
N SER R 521 -75.78 40.23 -42.93
CA SER R 521 -75.01 41.17 -42.12
C SER R 521 -73.93 40.46 -41.31
N LYS R 522 -74.34 39.37 -40.63
CA LYS R 522 -73.40 38.57 -39.81
C LYS R 522 -73.42 39.11 -38.38
N GLN R 523 -73.99 40.31 -38.22
CA GLN R 523 -74.21 40.92 -36.88
C GLN R 523 -75.73 41.02 -36.74
N LYS R 524 -76.32 40.12 -35.98
CA LYS R 524 -77.79 40.10 -35.78
C LYS R 524 -78.03 40.51 -34.33
N ILE R 525 -78.91 41.49 -34.10
CA ILE R 525 -79.10 41.93 -32.69
C ILE R 525 -79.63 40.73 -31.92
N SER R 526 -78.92 40.37 -30.85
CA SER R 526 -79.34 39.26 -29.94
C SER R 526 -80.85 39.26 -29.77
N GLU R 527 -81.47 38.07 -29.75
CA GLU R 527 -82.92 37.93 -29.58
C GLU R 527 -83.21 37.48 -28.16
N GLY R 528 -84.21 38.11 -27.55
CA GLY R 528 -84.60 37.76 -26.19
C GLY R 528 -86.08 37.49 -26.04
N LEU R 529 -86.43 36.36 -25.42
CA LEU R 529 -87.82 35.98 -25.22
C LEU R 529 -88.07 35.69 -23.75
N PRO R 530 -88.76 36.58 -23.03
CA PRO R 530 -89.04 36.33 -21.61
C PRO R 530 -90.30 35.51 -21.40
N ALA R 531 -90.81 34.90 -22.45
CA ALA R 531 -92.06 34.16 -22.37
C ALA R 531 -91.92 32.95 -21.45
N LEU R 532 -93.06 32.54 -20.88
CA LEU R 532 -93.06 31.40 -19.97
C LEU R 532 -92.78 30.11 -20.75
N GLU R 533 -92.00 29.19 -20.18
CA GLU R 533 -91.71 27.94 -20.89
C GLU R 533 -92.96 27.10 -21.08
N PHE R 534 -93.12 26.57 -22.29
CA PHE R 534 -94.30 25.77 -22.60
C PHE R 534 -94.26 24.44 -21.84
N PRO R 535 -93.12 23.77 -21.83
CA PRO R 535 -92.98 22.50 -21.14
C PRO R 535 -91.53 22.25 -20.74
N SER S 18 -86.97 11.10 -51.02
CA SER S 18 -87.69 10.92 -52.28
C SER S 18 -86.82 10.21 -53.31
N HIS S 19 -87.31 9.09 -53.82
CA HIS S 19 -86.58 8.30 -54.82
C HIS S 19 -86.82 8.92 -56.20
N ILE S 20 -86.09 10.01 -56.45
CA ILE S 20 -86.20 10.72 -57.72
C ILE S 20 -85.43 9.95 -58.79
N ASP S 21 -86.12 9.56 -59.85
CA ASP S 21 -85.50 8.86 -60.97
C ASP S 21 -84.90 9.85 -61.96
N CYS S 22 -84.15 9.33 -62.92
CA CYS S 22 -83.46 10.14 -63.91
C CYS S 22 -84.22 10.06 -65.23
N ARG S 23 -84.91 11.15 -65.58
CA ARG S 23 -85.54 11.28 -66.89
C ARG S 23 -84.47 11.75 -67.86
N MET S 24 -83.68 10.79 -68.35
CA MET S 24 -82.46 11.07 -69.10
C MET S 24 -82.40 10.23 -70.37
N SER S 25 -83.49 10.22 -71.13
CA SER S 25 -83.52 9.54 -72.43
C SER S 25 -84.36 10.32 -73.45
N PRO S 26 -84.01 11.58 -73.74
CA PRO S 26 -84.58 12.25 -74.91
C PRO S 26 -83.80 11.91 -76.17
N TRP S 27 -84.41 11.12 -77.06
CA TRP S 27 -83.74 10.67 -78.26
C TRP S 27 -84.04 11.60 -79.43
N SER S 28 -83.07 11.70 -80.34
CA SER S 28 -83.15 12.56 -81.50
C SER S 28 -83.14 11.72 -82.78
N GLU S 29 -83.23 12.41 -83.92
CA GLU S 29 -83.28 11.78 -85.22
C GLU S 29 -81.87 11.55 -85.77
N TRP S 30 -81.73 10.48 -86.55
CA TRP S 30 -80.45 10.19 -87.19
C TRP S 30 -80.09 11.29 -88.19
N SER S 31 -78.88 11.83 -88.06
CA SER S 31 -78.40 12.84 -88.98
C SER S 31 -77.71 12.19 -90.18
N GLN S 32 -77.13 13.01 -91.04
CA GLN S 32 -76.46 12.52 -92.24
C GLN S 32 -75.12 11.89 -91.86
N CYS S 33 -74.77 10.81 -92.57
CA CYS S 33 -73.51 10.12 -92.32
C CYS S 33 -72.33 10.98 -92.77
N ASP S 34 -71.25 10.91 -92.01
CA ASP S 34 -70.02 11.61 -92.37
C ASP S 34 -69.17 10.68 -93.23
N PRO S 35 -68.93 11.01 -94.50
CA PRO S 35 -68.18 10.06 -95.36
C PRO S 35 -66.73 9.92 -94.97
N CYS S 36 -66.05 11.03 -94.65
CA CYS S 36 -64.62 10.97 -94.34
C CYS S 36 -64.38 10.34 -92.98
N LEU S 37 -65.17 10.71 -91.98
CA LEU S 37 -65.00 10.17 -90.64
C LEU S 37 -65.63 8.78 -90.50
N ARG S 38 -66.65 8.48 -91.29
CA ARG S 38 -67.34 7.19 -91.26
C ARG S 38 -67.97 6.94 -89.89
N GLN S 39 -68.90 7.83 -89.52
CA GLN S 39 -69.56 7.78 -88.23
C GLN S 39 -70.93 8.42 -88.35
N MET S 40 -71.86 7.97 -87.51
CA MET S 40 -73.20 8.55 -87.43
C MET S 40 -73.37 9.28 -86.11
N PHE S 41 -74.46 10.04 -86.01
CA PHE S 41 -74.67 11.02 -84.94
C PHE S 41 -76.07 10.86 -84.33
N ARG S 42 -76.41 9.65 -83.90
CA ARG S 42 -77.57 9.51 -83.02
C ARG S 42 -77.35 10.34 -81.77
N SER S 43 -78.20 11.34 -81.57
CA SER S 43 -77.99 12.34 -80.53
C SER S 43 -78.80 12.01 -79.28
N ARG S 44 -78.52 12.76 -78.22
CA ARG S 44 -79.17 12.58 -76.93
C ARG S 44 -78.93 13.84 -76.10
N SER S 45 -79.49 13.86 -74.89
CA SER S 45 -79.35 15.01 -74.00
C SER S 45 -79.61 14.55 -72.57
N ILE S 46 -79.04 15.28 -71.62
CA ILE S 46 -79.23 15.02 -70.20
C ILE S 46 -80.23 16.03 -69.64
N GLU S 47 -81.18 15.56 -68.85
CA GLU S 47 -82.23 16.41 -68.30
C GLU S 47 -82.26 16.42 -66.78
N VAL S 48 -82.25 15.24 -66.14
CA VAL S 48 -82.45 15.13 -64.70
C VAL S 48 -81.35 14.25 -64.12
N PHE S 49 -80.72 14.71 -63.04
CA PHE S 49 -79.68 13.96 -62.34
C PHE S 49 -80.27 13.08 -61.24
N GLY S 50 -80.96 13.69 -60.28
CA GLY S 50 -81.40 12.99 -59.09
C GLY S 50 -80.71 13.55 -57.85
N GLN S 51 -81.44 14.36 -57.08
CA GLN S 51 -80.83 15.10 -55.98
C GLN S 51 -80.66 14.25 -54.72
N PHE S 52 -81.35 13.13 -54.61
CA PHE S 52 -81.40 12.36 -53.38
C PHE S 52 -80.73 11.00 -53.57
N ASN S 53 -80.85 10.15 -52.56
CA ASN S 53 -80.20 8.84 -52.52
C ASN S 53 -80.76 7.87 -53.55
N GLY S 54 -81.66 8.30 -54.43
CA GLY S 54 -82.26 7.43 -55.42
C GLY S 54 -81.29 6.94 -56.49
N LYS S 55 -81.83 6.48 -57.61
CA LYS S 55 -81.04 5.88 -58.68
C LYS S 55 -80.01 6.86 -59.25
N ARG S 56 -78.74 6.56 -59.05
CA ARG S 56 -77.68 7.34 -59.68
C ARG S 56 -77.61 7.01 -61.16
N CYS S 57 -77.44 8.04 -61.99
CA CYS S 57 -77.46 7.88 -63.44
C CYS S 57 -76.30 8.69 -64.03
N THR S 58 -75.24 7.98 -64.43
CA THR S 58 -74.07 8.59 -65.06
C THR S 58 -74.06 8.36 -66.57
N ASP S 59 -75.22 8.14 -67.17
CA ASP S 59 -75.30 7.83 -68.59
C ASP S 59 -74.75 8.99 -69.42
N ALA S 60 -73.66 8.72 -70.14
CA ALA S 60 -73.03 9.75 -70.96
C ALA S 60 -73.86 10.02 -72.21
N VAL S 61 -73.82 11.27 -72.66
CA VAL S 61 -74.55 11.70 -73.85
C VAL S 61 -73.69 11.43 -75.08
N GLY S 62 -74.30 10.84 -76.10
CA GLY S 62 -73.61 10.57 -77.35
C GLY S 62 -73.72 9.12 -77.78
N ASP S 63 -73.68 8.91 -79.10
CA ASP S 63 -73.79 7.57 -79.67
C ASP S 63 -73.16 7.59 -81.05
N ARG S 64 -72.44 6.51 -81.37
CA ARG S 64 -71.76 6.38 -82.65
C ARG S 64 -72.22 5.13 -83.38
N ARG S 65 -71.99 5.11 -84.69
CA ARG S 65 -72.41 4.00 -85.53
C ARG S 65 -71.63 4.06 -86.84
N GLN S 66 -71.18 2.89 -87.30
CA GLN S 66 -70.53 2.81 -88.60
C GLN S 66 -71.56 2.99 -89.71
N CYS S 67 -71.15 3.67 -90.77
CA CYS S 67 -72.02 3.96 -91.90
C CYS S 67 -71.25 3.87 -93.19
N VAL S 68 -71.90 3.34 -94.22
CA VAL S 68 -71.30 3.22 -95.55
C VAL S 68 -71.20 4.62 -96.16
N PRO S 69 -70.00 5.10 -96.48
CA PRO S 69 -69.88 6.45 -97.04
C PRO S 69 -70.44 6.53 -98.46
N THR S 70 -71.13 7.63 -98.74
CA THR S 70 -71.70 7.87 -100.06
C THR S 70 -70.99 8.97 -100.84
N GLU S 71 -70.35 9.92 -100.15
CA GLU S 71 -69.60 10.98 -100.81
C GLU S 71 -68.17 10.54 -101.08
N PRO S 72 -67.54 11.06 -102.13
CA PRO S 72 -66.18 10.60 -102.47
C PRO S 72 -65.11 11.04 -101.48
N CYS S 73 -65.42 12.00 -100.59
CA CYS S 73 -64.46 12.51 -99.62
C CYS S 73 -63.21 13.06 -100.32
N GLU S 74 -63.43 14.09 -101.14
CA GLU S 74 -62.34 14.71 -101.87
C GLU S 74 -61.52 15.68 -101.02
N ASP S 75 -62.07 16.16 -99.90
CA ASP S 75 -61.35 17.08 -99.04
C ASP S 75 -60.22 16.34 -98.32
N ALA S 76 -59.02 16.92 -98.37
CA ALA S 76 -57.86 16.33 -97.73
C ALA S 76 -56.88 17.43 -97.36
N GLU S 77 -56.04 17.15 -96.37
CA GLU S 77 -55.05 18.10 -95.89
C GLU S 77 -53.72 17.85 -96.61
N ASP S 78 -53.30 18.82 -97.41
CA ASP S 78 -52.03 18.71 -98.10
C ASP S 78 -50.87 18.90 -97.12
N ASP S 79 -49.67 18.53 -97.57
CA ASP S 79 -48.49 18.65 -96.73
C ASP S 79 -47.92 20.06 -96.77
N CYS S 80 -48.78 21.06 -96.53
CA CYS S 80 -48.44 22.46 -96.30
C CYS S 80 -47.74 23.10 -97.50
N GLY S 81 -47.50 22.32 -98.57
CA GLY S 81 -46.98 22.82 -99.82
C GLY S 81 -45.76 23.72 -99.74
N ASN S 82 -45.02 23.68 -98.63
CA ASN S 82 -43.94 24.62 -98.37
C ASN S 82 -42.57 23.96 -98.35
N ASP S 83 -42.36 22.96 -97.49
CA ASP S 83 -41.02 22.43 -97.29
C ASP S 83 -41.15 20.95 -96.90
N PHE S 84 -40.07 20.39 -96.35
CA PHE S 84 -40.03 18.98 -95.98
C PHE S 84 -41.12 18.63 -94.98
N GLN S 85 -41.95 17.66 -95.33
CA GLN S 85 -43.01 17.20 -94.45
C GLN S 85 -42.46 16.28 -93.38
N CYS S 86 -42.98 16.41 -92.16
CA CYS S 86 -42.60 15.52 -91.08
C CYS S 86 -43.36 14.20 -91.18
N SER S 87 -42.99 13.25 -90.32
CA SER S 87 -43.64 11.95 -90.30
C SER S 87 -45.02 11.97 -89.66
N THR S 88 -45.46 13.11 -89.12
CA THR S 88 -46.76 13.20 -88.47
C THR S 88 -47.71 14.22 -89.08
N GLY S 89 -47.21 15.18 -89.84
CA GLY S 89 -48.09 16.14 -90.48
C GLY S 89 -47.64 17.59 -90.36
N ARG S 90 -46.66 17.86 -89.50
CA ARG S 90 -46.16 19.22 -89.33
C ARG S 90 -45.08 19.49 -90.38
N CYS S 91 -44.60 20.75 -90.41
CA CYS S 91 -43.68 21.19 -91.45
C CYS S 91 -42.59 22.06 -90.85
N ILE S 92 -41.43 22.02 -91.51
CA ILE S 92 -40.34 22.95 -91.20
C ILE S 92 -40.70 24.34 -91.73
N LYS S 93 -40.51 25.36 -90.89
CA LYS S 93 -40.75 26.73 -91.35
C LYS S 93 -39.55 27.27 -92.12
N MET S 94 -38.42 27.45 -91.43
CA MET S 94 -37.19 27.88 -92.10
C MET S 94 -35.94 27.12 -91.68
N ARG S 95 -35.84 26.62 -90.44
CA ARG S 95 -34.57 26.08 -89.95
C ARG S 95 -34.78 24.82 -89.11
N LEU S 96 -35.84 24.07 -89.37
CA LEU S 96 -36.12 22.85 -88.63
C LEU S 96 -35.35 21.63 -89.18
N ARG S 97 -34.27 21.87 -89.92
CA ARG S 97 -33.46 20.80 -90.46
C ARG S 97 -32.55 20.25 -89.36
N CYS S 98 -31.55 19.46 -89.75
CA CYS S 98 -30.69 18.76 -88.80
C CYS S 98 -29.78 19.78 -88.12
N ASN S 99 -30.35 20.47 -87.12
CA ASN S 99 -29.63 21.47 -86.34
C ASN S 99 -29.90 21.27 -84.85
N GLY S 100 -30.09 20.03 -84.42
CA GLY S 100 -30.38 19.76 -83.03
C GLY S 100 -31.71 20.29 -82.55
N ASP S 101 -32.71 20.34 -83.42
CA ASP S 101 -34.02 20.89 -83.11
C ASP S 101 -35.03 19.74 -83.11
N ASN S 102 -35.31 19.20 -81.93
CA ASN S 102 -36.22 18.07 -81.78
C ASN S 102 -37.66 18.59 -81.84
N ASP S 103 -38.38 18.22 -82.90
CA ASP S 103 -39.78 18.57 -83.05
C ASP S 103 -40.69 17.35 -83.11
N CYS S 104 -40.40 16.40 -83.99
CA CYS S 104 -41.31 15.27 -84.23
C CYS S 104 -41.01 14.09 -83.31
N GLY S 105 -39.80 13.55 -83.39
CA GLY S 105 -39.42 12.42 -82.57
C GLY S 105 -37.99 12.51 -82.09
N ASP S 106 -37.51 11.46 -81.42
CA ASP S 106 -36.13 11.43 -80.97
C ASP S 106 -35.17 11.53 -82.16
N PHE S 107 -35.31 10.63 -83.13
CA PHE S 107 -34.54 10.67 -84.35
C PHE S 107 -35.42 10.79 -85.60
N SER S 108 -36.69 11.15 -85.43
CA SER S 108 -37.58 11.31 -86.58
C SER S 108 -37.17 12.50 -87.43
N ASP S 109 -37.05 13.68 -86.82
CA ASP S 109 -36.56 14.84 -87.54
C ASP S 109 -35.07 14.69 -87.87
N GLU S 110 -34.33 13.97 -87.04
CA GLU S 110 -32.91 13.69 -87.27
C GLU S 110 -32.70 12.38 -88.04
N ASP S 111 -33.66 12.00 -88.89
CA ASP S 111 -33.59 10.74 -89.62
C ASP S 111 -32.29 10.62 -90.41
N ASP S 112 -32.02 11.59 -91.28
CA ASP S 112 -30.82 11.58 -92.11
C ASP S 112 -30.21 12.96 -92.11
N CYS S 113 -28.89 13.03 -91.89
CA CYS S 113 -28.16 14.28 -91.83
C CYS S 113 -26.94 14.18 -92.73
N GLU S 114 -27.02 14.80 -93.92
CA GLU S 114 -25.88 14.79 -94.82
C GLU S 114 -24.83 15.82 -94.40
N SER S 115 -25.27 16.99 -93.94
CA SER S 115 -24.36 18.01 -93.46
C SER S 115 -23.88 17.68 -92.05
N GLU S 116 -22.92 18.47 -91.57
CA GLU S 116 -22.39 18.26 -90.24
C GLU S 116 -23.45 18.59 -89.18
N PRO S 117 -23.44 17.87 -88.05
CA PRO S 117 -24.41 18.17 -86.99
C PRO S 117 -24.10 19.47 -86.27
N ARG S 118 -24.38 20.59 -86.93
CA ARG S 118 -24.10 21.91 -86.37
C ARG S 118 -24.96 22.14 -85.14
N PRO S 119 -24.36 22.38 -83.97
CA PRO S 119 -25.17 22.65 -82.78
C PRO S 119 -25.81 24.02 -82.86
N PRO S 120 -27.03 24.18 -82.35
CA PRO S 120 -27.68 25.50 -82.41
C PRO S 120 -27.11 26.49 -81.42
N CYS S 121 -26.58 26.03 -80.29
CA CYS S 121 -26.05 26.91 -79.26
C CYS S 121 -24.84 26.24 -78.62
N ARG S 122 -23.79 27.03 -78.39
CA ARG S 122 -22.55 26.51 -77.83
C ARG S 122 -22.55 26.53 -76.30
N ASP S 123 -23.22 27.50 -75.68
CA ASP S 123 -23.23 27.60 -74.23
C ASP S 123 -23.96 26.42 -73.61
N ARG S 124 -23.58 26.09 -72.38
CA ARG S 124 -24.18 24.97 -71.65
C ARG S 124 -25.45 25.45 -70.97
N VAL S 125 -26.59 25.00 -71.48
CA VAL S 125 -27.91 25.35 -70.95
C VAL S 125 -28.62 24.07 -70.60
N VAL S 126 -28.88 23.84 -69.31
CA VAL S 126 -29.53 22.61 -68.87
C VAL S 126 -30.99 22.63 -69.26
N GLU S 127 -31.51 21.47 -69.66
CA GLU S 127 -32.90 21.36 -70.03
C GLU S 127 -33.81 21.61 -68.84
N GLU S 128 -35.03 22.05 -69.12
CA GLU S 128 -36.00 22.39 -68.09
C GLU S 128 -36.49 21.11 -67.42
N SER S 129 -35.94 20.80 -66.24
CA SER S 129 -36.24 19.56 -65.54
C SER S 129 -37.31 19.80 -64.49
N GLU S 130 -38.48 19.16 -64.68
CA GLU S 130 -39.58 19.15 -63.73
C GLU S 130 -40.16 20.53 -63.46
N LEU S 131 -39.74 21.54 -64.21
CA LEU S 131 -40.22 22.90 -64.04
C LEU S 131 -41.44 23.12 -64.94
N ALA S 132 -41.82 24.37 -65.18
CA ALA S 132 -43.03 24.72 -65.90
C ALA S 132 -43.04 24.26 -67.35
N ARG S 133 -42.01 23.51 -67.77
CA ARG S 133 -41.92 22.91 -69.09
C ARG S 133 -43.26 22.32 -69.54
N THR S 134 -43.98 21.68 -68.62
CA THR S 134 -45.33 21.19 -68.88
C THR S 134 -46.31 22.29 -68.50
N ALA S 135 -46.43 23.27 -69.40
CA ALA S 135 -47.21 24.47 -69.15
C ALA S 135 -48.66 24.36 -69.61
N GLY S 136 -49.03 23.26 -70.26
CA GLY S 136 -50.40 23.06 -70.71
C GLY S 136 -51.26 22.49 -69.61
N TYR S 137 -52.44 23.07 -69.42
CA TYR S 137 -53.35 22.63 -68.37
C TYR S 137 -54.78 22.78 -68.86
N GLY S 138 -55.58 21.74 -68.65
CA GLY S 138 -56.94 21.68 -69.16
C GLY S 138 -58.01 21.71 -68.10
N ILE S 139 -57.86 22.61 -67.11
CA ILE S 139 -58.78 22.65 -65.98
C ILE S 139 -60.23 22.72 -66.45
N ASN S 140 -61.10 21.99 -65.74
CA ASN S 140 -62.53 21.99 -66.00
C ASN S 140 -63.20 22.90 -65.00
N ILE S 141 -63.90 23.93 -65.51
CA ILE S 141 -64.59 24.87 -64.63
C ILE S 141 -65.68 24.15 -63.84
N LEU S 142 -66.30 23.13 -64.42
CA LEU S 142 -67.28 22.30 -63.74
C LEU S 142 -66.66 21.08 -63.08
N GLY S 143 -65.39 20.79 -63.34
CA GLY S 143 -64.76 19.58 -62.85
C GLY S 143 -63.84 19.77 -61.65
N MET S 144 -62.54 19.65 -61.88
CA MET S 144 -61.57 19.58 -60.81
C MET S 144 -60.25 20.21 -61.29
N ASP S 145 -59.15 19.88 -60.59
CA ASP S 145 -57.82 20.42 -60.81
C ASP S 145 -57.39 20.36 -62.27
N PRO S 146 -56.44 21.18 -62.70
CA PRO S 146 -56.06 21.24 -64.12
C PRO S 146 -55.57 19.89 -64.65
N LEU S 147 -55.61 19.78 -65.98
CA LEU S 147 -55.24 18.58 -66.70
C LEU S 147 -53.78 18.67 -67.15
N SER S 148 -53.34 17.72 -67.97
CA SER S 148 -52.00 17.74 -68.51
C SER S 148 -51.93 18.70 -69.69
N THR S 149 -50.83 18.65 -70.44
CA THR S 149 -50.66 19.55 -71.57
C THR S 149 -51.40 19.02 -72.79
N PRO S 150 -52.29 19.81 -73.40
CA PRO S 150 -52.97 19.38 -74.63
C PRO S 150 -52.14 19.60 -75.89
N PHE S 151 -50.92 20.12 -75.77
CA PHE S 151 -50.10 20.47 -76.92
C PHE S 151 -48.65 20.11 -76.63
N ASP S 152 -47.83 20.16 -77.68
CA ASP S 152 -46.40 19.91 -77.53
C ASP S 152 -45.72 21.14 -76.97
N ASN S 153 -44.87 20.96 -75.97
CA ASN S 153 -44.18 22.05 -75.31
C ASN S 153 -42.67 21.89 -75.36
N GLU S 154 -42.16 20.94 -76.12
CA GLU S 154 -40.72 20.73 -76.26
C GLU S 154 -40.14 21.41 -77.50
N PHE S 155 -40.97 21.69 -78.50
CA PHE S 155 -40.48 22.29 -79.74
C PHE S 155 -39.91 23.68 -79.49
N TYR S 156 -38.84 24.01 -80.23
CA TYR S 156 -38.25 25.34 -80.20
C TYR S 156 -37.95 25.76 -81.64
N ASN S 157 -37.95 27.08 -81.87
CA ASN S 157 -37.89 27.59 -83.23
C ASN S 157 -36.46 27.86 -83.70
N GLY S 158 -35.75 28.76 -83.01
CA GLY S 158 -34.46 29.21 -83.50
C GLY S 158 -33.36 29.29 -82.46
N LEU S 159 -32.76 30.47 -82.34
CA LEU S 159 -31.68 30.67 -81.37
C LEU S 159 -32.22 30.55 -79.95
N CYS S 160 -31.46 29.85 -79.11
CA CYS S 160 -31.87 29.64 -77.72
C CYS S 160 -32.08 30.98 -77.03
N ASN S 161 -33.14 31.05 -76.23
CA ASN S 161 -33.44 32.23 -75.43
C ASN S 161 -33.03 31.94 -73.99
N ARG S 162 -32.03 32.66 -73.50
CA ARG S 162 -31.47 32.37 -72.19
C ARG S 162 -32.48 32.66 -71.09
N ASP S 163 -32.40 31.86 -70.03
CA ASP S 163 -33.26 31.96 -68.86
C ASP S 163 -32.41 32.07 -67.60
N ARG S 164 -31.43 32.99 -67.65
CA ARG S 164 -30.41 33.10 -66.61
C ARG S 164 -31.05 33.67 -65.35
N ASP S 165 -31.71 32.79 -64.60
CA ASP S 165 -32.38 33.15 -63.37
C ASP S 165 -32.65 31.87 -62.59
N GLY S 166 -33.01 32.04 -61.32
CA GLY S 166 -33.33 30.92 -60.46
C GLY S 166 -32.57 30.98 -59.15
N ASN S 167 -32.86 29.99 -58.30
CA ASN S 167 -32.23 29.90 -56.99
C ASN S 167 -30.72 29.72 -57.12
N THR S 168 -30.30 28.64 -57.78
CA THR S 168 -28.89 28.36 -57.96
C THR S 168 -28.40 28.93 -59.29
N LEU S 169 -27.13 28.68 -59.61
CA LEU S 169 -26.53 29.16 -60.85
C LEU S 169 -26.70 28.06 -61.91
N THR S 170 -27.78 28.16 -62.67
CA THR S 170 -28.08 27.19 -63.71
C THR S 170 -28.92 27.86 -64.78
N TYR S 171 -28.74 27.43 -66.03
CA TYR S 171 -29.41 28.03 -67.18
C TYR S 171 -30.43 27.04 -67.72
N TYR S 172 -31.69 27.44 -67.76
CA TYR S 172 -32.77 26.63 -68.29
C TYR S 172 -33.16 27.10 -69.68
N ARG S 173 -33.96 26.27 -70.36
CA ARG S 173 -34.47 26.59 -71.68
C ARG S 173 -35.95 26.96 -71.60
N ARG S 174 -36.35 27.88 -72.47
CA ARG S 174 -37.74 28.28 -72.61
C ARG S 174 -38.23 27.93 -74.01
N PRO S 175 -39.24 27.07 -74.15
CA PRO S 175 -39.70 26.68 -75.48
C PRO S 175 -40.35 27.84 -76.22
N TRP S 176 -40.35 27.72 -77.55
CA TRP S 176 -40.94 28.75 -78.39
C TRP S 176 -42.44 28.88 -78.18
N ASN S 177 -43.09 27.84 -77.65
CA ASN S 177 -44.52 27.92 -77.37
C ASN S 177 -44.80 28.72 -76.11
N VAL S 178 -43.92 28.65 -75.12
CA VAL S 178 -44.09 29.42 -73.89
C VAL S 178 -43.53 30.83 -74.12
N ALA S 179 -44.41 31.83 -73.99
CA ALA S 179 -44.00 33.20 -74.30
C ALA S 179 -43.12 33.78 -73.20
N SER S 180 -43.42 33.46 -71.93
CA SER S 180 -42.68 34.03 -70.82
C SER S 180 -42.73 33.08 -69.63
N LEU S 181 -41.69 33.17 -68.80
CA LEU S 181 -41.66 32.43 -67.54
C LEU S 181 -40.78 33.20 -66.56
N ILE S 182 -41.31 33.43 -65.36
CA ILE S 182 -40.59 34.15 -64.32
C ILE S 182 -40.35 33.21 -63.14
N TYR S 183 -39.31 33.53 -62.36
CA TYR S 183 -38.93 32.73 -61.21
C TYR S 183 -39.16 33.48 -59.89
N GLU S 184 -40.14 34.38 -59.88
CA GLU S 184 -40.44 35.15 -58.68
C GLU S 184 -40.94 34.24 -57.57
N THR S 185 -40.27 34.28 -56.43
CA THR S 185 -40.63 33.44 -55.27
C THR S 185 -41.52 34.20 -54.31
N LYS S 186 -42.65 34.66 -54.84
CA LYS S 186 -43.62 35.39 -54.03
C LYS S 186 -44.19 34.49 -52.94
N GLY S 187 -44.60 35.10 -51.84
CA GLY S 187 -45.19 34.36 -50.75
C GLY S 187 -45.94 35.25 -49.76
N GLU S 188 -47.16 34.86 -49.41
CA GLU S 188 -47.97 35.64 -48.49
C GLU S 188 -48.86 34.70 -47.67
N LYS S 189 -49.34 35.22 -46.55
CA LYS S 189 -50.23 34.48 -45.67
C LYS S 189 -51.01 35.48 -44.83
N ASN S 190 -52.14 35.02 -44.30
CA ASN S 190 -53.02 35.88 -43.52
C ASN S 190 -53.41 35.19 -42.22
N PHE S 191 -53.86 35.98 -41.27
CA PHE S 191 -54.48 35.43 -40.10
C PHE S 191 -55.65 36.29 -39.76
N ARG S 192 -56.56 35.70 -39.02
CA ARG S 192 -57.74 36.40 -38.53
C ARG S 192 -58.32 35.65 -37.35
N THR S 193 -59.10 36.36 -36.54
CA THR S 193 -59.83 35.78 -35.43
C THR S 193 -60.86 36.79 -34.96
N GLU S 194 -61.89 36.28 -34.28
CA GLU S 194 -62.97 37.12 -33.75
C GLU S 194 -63.60 36.43 -32.56
N HIS S 195 -64.45 37.16 -31.86
CA HIS S 195 -65.15 36.63 -30.69
C HIS S 195 -66.53 37.25 -30.59
N TYR S 196 -67.52 36.40 -30.33
CA TYR S 196 -68.90 36.83 -30.10
C TYR S 196 -69.33 36.40 -28.72
N GLU S 197 -70.15 37.22 -28.07
CA GLU S 197 -70.61 36.94 -26.72
C GLU S 197 -72.05 37.43 -26.56
N GLU S 198 -72.88 36.60 -25.95
CA GLU S 198 -74.27 36.93 -25.68
C GLU S 198 -74.67 36.37 -24.32
N GLN S 199 -75.38 37.18 -23.54
CA GLN S 199 -75.80 36.78 -22.21
C GLN S 199 -77.09 37.52 -21.87
N ILE S 200 -78.03 36.81 -21.23
CA ILE S 200 -79.28 37.40 -20.78
C ILE S 200 -79.69 36.72 -19.49
N GLU S 201 -80.19 37.52 -18.54
CA GLU S 201 -80.66 37.03 -17.25
C GLU S 201 -81.88 37.83 -16.83
N ALA S 202 -82.85 37.15 -16.21
CA ALA S 202 -84.07 37.78 -15.75
C ALA S 202 -84.53 37.13 -14.47
N PHE S 203 -84.81 37.95 -13.46
CA PHE S 203 -85.30 37.48 -12.16
C PHE S 203 -86.67 38.06 -11.88
N LYS S 204 -87.58 37.23 -11.37
CA LYS S 204 -88.93 37.65 -11.05
C LYS S 204 -89.37 37.01 -9.74
N SER S 205 -89.99 37.80 -8.88
CA SER S 205 -90.50 37.33 -7.60
C SER S 205 -91.79 38.06 -7.26
N ILE S 206 -92.83 37.31 -6.91
CA ILE S 206 -94.12 37.86 -6.56
C ILE S 206 -94.62 37.18 -5.30
N ILE S 207 -95.08 37.97 -4.33
CA ILE S 207 -95.56 37.46 -3.06
C ILE S 207 -96.88 38.15 -2.72
N GLN S 208 -97.81 37.38 -2.15
CA GLN S 208 -99.11 37.88 -1.75
C GLN S 208 -99.40 37.46 -0.32
N GLU S 209 -100.08 38.34 0.42
CA GLU S 209 -100.41 38.07 1.81
C GLU S 209 -101.76 38.70 2.14
N LYS S 210 -102.67 37.90 2.69
CA LYS S 210 -103.99 38.36 3.07
C LYS S 210 -104.40 37.66 4.35
N THR S 211 -105.03 38.42 5.26
CA THR S 211 -105.47 37.92 6.55
C THR S 211 -106.88 38.41 6.82
N SER S 212 -107.74 37.52 7.32
CA SER S 212 -109.13 37.85 7.58
C SER S 212 -109.54 37.31 8.94
N ASN S 213 -110.17 38.17 9.75
CA ASN S 213 -110.66 37.81 11.06
C ASN S 213 -111.98 38.52 11.33
N PHE S 214 -112.88 37.84 12.03
CA PHE S 214 -114.20 38.38 12.32
C PHE S 214 -114.61 38.02 13.75
N ASN S 215 -115.40 38.90 14.36
CA ASN S 215 -115.92 38.70 15.70
C ASN S 215 -117.42 38.95 15.71
N ALA S 216 -118.13 38.22 16.58
CA ALA S 216 -119.56 38.40 16.72
C ALA S 216 -119.97 37.94 18.12
N ALA S 217 -120.30 38.89 18.98
CA ALA S 217 -120.70 38.60 20.36
C ALA S 217 -121.95 39.39 20.68
N ILE S 218 -122.99 38.68 21.15
CA ILE S 218 -124.25 39.31 21.56
C ILE S 218 -124.80 38.53 22.75
N SER S 219 -125.20 39.25 23.80
CA SER S 219 -125.73 38.65 25.01
C SER S 219 -127.09 39.24 25.32
N LEU S 220 -128.01 38.39 25.79
CA LEU S 220 -129.38 38.81 26.09
C LEU S 220 -129.82 38.14 27.38
N LYS S 221 -130.24 38.94 28.36
CA LYS S 221 -130.73 38.44 29.63
C LYS S 221 -131.96 39.23 30.03
N PHE S 222 -132.92 38.54 30.66
CA PHE S 222 -134.20 39.14 31.02
C PHE S 222 -134.54 38.75 32.46
N THR S 223 -134.94 39.74 33.26
CA THR S 223 -135.36 39.51 34.64
C THR S 223 -136.37 40.58 35.06
N PRO S 224 -137.65 40.24 35.17
CA PRO S 224 -138.68 41.20 35.59
C PRO S 224 -138.68 41.46 37.09
N SER S 242 -141.43 34.00 40.27
CA SER S 242 -140.09 34.40 39.88
C SER S 242 -139.81 34.04 38.41
N LEU S 243 -139.09 34.91 37.72
CA LEU S 243 -138.75 34.72 36.32
C LEU S 243 -137.35 35.24 36.07
N HIS S 244 -136.52 34.44 35.40
CA HIS S 244 -135.15 34.82 35.09
C HIS S 244 -134.77 34.28 33.73
N GLY S 245 -133.90 35.02 33.03
CA GLY S 245 -133.42 34.62 31.73
C GLY S 245 -132.03 35.13 31.44
N LYS S 246 -131.22 34.35 30.74
CA LYS S 246 -129.86 34.76 30.42
C LYS S 246 -129.38 33.98 29.21
N GLY S 247 -128.85 34.70 28.21
CA GLY S 247 -128.30 34.09 27.03
C GLY S 247 -127.18 34.92 26.43
N SER S 248 -126.13 34.25 25.94
CA SER S 248 -124.98 34.93 25.37
C SER S 248 -124.49 34.17 24.15
N PHE S 249 -124.20 34.91 23.08
CA PHE S 249 -123.69 34.34 21.85
C PHE S 249 -122.24 34.78 21.65
N ARG S 250 -121.41 33.88 21.15
CA ARG S 250 -120.02 34.18 20.84
C ARG S 250 -119.68 33.55 19.50
N PHE S 251 -118.80 34.22 18.74
CA PHE S 251 -118.43 33.77 17.41
C PHE S 251 -117.05 34.29 17.07
N SER S 252 -116.27 33.48 16.36
CA SER S 252 -114.91 33.84 15.96
C SER S 252 -114.68 33.40 14.53
N TYR S 253 -113.58 33.89 13.95
CA TYR S 253 -113.24 33.57 12.57
C TYR S 253 -111.75 33.79 12.38
N SER S 254 -111.11 32.89 11.63
CA SER S 254 -109.68 32.97 11.36
C SER S 254 -109.42 32.59 9.91
N LYS S 255 -108.53 33.35 9.26
CA LYS S 255 -108.23 33.12 7.85
C LYS S 255 -106.99 33.87 7.42
N ASN S 256 -106.09 33.18 6.70
CA ASN S 256 -105.02 33.87 6.00
C ASN S 256 -104.61 33.03 4.79
N GLU S 257 -104.16 33.70 3.74
CA GLU S 257 -103.75 33.03 2.51
C GLU S 257 -102.50 33.73 1.97
N THR S 258 -101.36 33.06 2.08
CA THR S 258 -100.09 33.57 1.59
C THR S 258 -99.75 32.92 0.26
N TYR S 259 -99.46 33.75 -0.74
CA TYR S 259 -99.08 33.29 -2.07
C TYR S 259 -97.65 33.71 -2.36
N GLN S 260 -96.92 32.85 -3.09
CA GLN S 260 -95.54 33.12 -3.44
C GLN S 260 -95.28 32.69 -4.86
N LEU S 261 -94.54 33.51 -5.61
CA LEU S 261 -94.20 33.24 -6.99
C LEU S 261 -92.74 33.61 -7.23
N PHE S 262 -92.04 32.79 -8.00
CA PHE S 262 -90.65 33.04 -8.33
C PHE S 262 -90.38 32.55 -9.74
N LEU S 263 -89.67 33.37 -10.52
CA LEU S 263 -89.35 33.05 -11.90
C LEU S 263 -87.94 33.55 -12.21
N SER S 264 -87.19 32.73 -12.93
CA SER S 264 -85.81 33.06 -13.30
C SER S 264 -85.54 32.61 -14.73
N TYR S 265 -84.71 33.37 -15.43
CA TYR S 265 -84.35 33.08 -16.80
C TYR S 265 -82.88 33.43 -17.02
N SER S 266 -82.19 32.59 -17.79
CA SER S 266 -80.77 32.80 -18.05
C SER S 266 -80.40 32.09 -19.35
N SER S 267 -79.56 32.74 -20.15
CA SER S 267 -79.09 32.15 -21.40
C SER S 267 -77.77 32.82 -21.79
N LYS S 268 -76.86 32.01 -22.34
CA LYS S 268 -75.55 32.50 -22.76
C LYS S 268 -75.21 31.88 -24.11
N LYS S 269 -74.61 32.69 -24.98
CA LYS S 269 -74.21 32.24 -26.31
C LYS S 269 -72.84 32.80 -26.65
N GLU S 270 -72.04 32.00 -27.35
CA GLU S 270 -70.70 32.39 -27.76
C GLU S 270 -70.42 31.78 -29.13
N LYS S 271 -69.68 32.53 -29.96
CA LYS S 271 -69.37 32.09 -31.30
C LYS S 271 -68.00 32.63 -31.71
N MET S 272 -67.22 31.79 -32.39
CA MET S 272 -65.90 32.17 -32.88
C MET S 272 -65.67 31.56 -34.25
N PHE S 273 -65.34 32.40 -35.23
CA PHE S 273 -65.07 31.96 -36.58
C PHE S 273 -63.84 32.66 -37.10
N LEU S 274 -62.94 31.91 -37.73
CA LEU S 274 -61.73 32.50 -38.28
C LEU S 274 -61.20 31.58 -39.37
N HIS S 275 -60.50 32.18 -40.34
CA HIS S 275 -59.91 31.45 -41.45
C HIS S 275 -58.56 32.05 -41.79
N VAL S 276 -57.60 31.19 -42.11
CA VAL S 276 -56.26 31.60 -42.49
C VAL S 276 -55.84 30.81 -43.73
N LYS S 277 -54.94 31.41 -44.51
CA LYS S 277 -54.45 30.78 -45.72
C LYS S 277 -53.08 31.33 -46.09
N GLY S 278 -52.26 30.49 -46.67
CA GLY S 278 -50.93 30.90 -47.10
C GLY S 278 -50.50 30.12 -48.32
N GLU S 279 -49.74 30.77 -49.19
CA GLU S 279 -49.27 30.15 -50.42
C GLU S 279 -47.81 30.52 -50.64
N ILE S 280 -47.05 29.55 -51.13
CA ILE S 280 -45.64 29.74 -51.49
C ILE S 280 -45.55 29.67 -53.01
N HIS S 281 -45.50 30.83 -53.65
CA HIS S 281 -45.41 30.88 -55.11
C HIS S 281 -44.00 30.54 -55.55
N LEU S 282 -43.90 29.77 -56.64
CA LEU S 282 -42.63 29.33 -57.17
C LEU S 282 -42.29 30.02 -58.49
N GLY S 283 -43.16 29.92 -59.48
CA GLY S 283 -42.91 30.55 -60.76
C GLY S 283 -44.20 30.80 -61.51
N ARG S 284 -44.12 31.69 -62.50
CA ARG S 284 -45.28 32.09 -63.27
C ARG S 284 -44.91 32.09 -64.75
N PHE S 285 -45.86 31.67 -65.57
CA PHE S 285 -45.66 31.58 -67.01
C PHE S 285 -46.89 32.11 -67.73
N VAL S 286 -46.70 32.56 -68.97
CA VAL S 286 -47.77 33.05 -69.81
C VAL S 286 -47.63 32.39 -71.18
N MET S 287 -48.57 31.53 -71.52
CA MET S 287 -48.53 30.84 -72.81
C MET S 287 -48.80 31.82 -73.94
N ARG S 288 -48.02 31.68 -75.02
CA ARG S 288 -48.25 32.48 -76.21
C ARG S 288 -49.60 32.13 -76.83
N ASN S 289 -50.40 33.16 -77.13
CA ASN S 289 -51.78 32.93 -77.54
C ASN S 289 -51.84 32.39 -78.98
N ARG S 290 -51.25 33.11 -79.93
CA ARG S 290 -51.26 32.71 -81.32
C ARG S 290 -49.85 32.31 -81.75
N ASP S 291 -49.75 31.79 -82.98
CA ASP S 291 -48.51 31.22 -83.51
C ASP S 291 -48.02 30.10 -82.60
N VAL S 292 -48.91 29.14 -82.36
CA VAL S 292 -48.70 28.08 -81.38
C VAL S 292 -48.53 26.75 -82.12
N VAL S 293 -47.59 25.95 -81.66
CA VAL S 293 -47.38 24.60 -82.18
C VAL S 293 -48.12 23.61 -81.30
N LEU S 294 -48.57 22.52 -81.90
CA LEU S 294 -49.40 21.54 -81.21
C LEU S 294 -48.74 20.17 -81.28
N THR S 295 -49.20 19.27 -80.41
CA THR S 295 -48.67 17.92 -80.37
C THR S 295 -49.33 17.05 -81.43
N THR S 296 -48.64 15.96 -81.77
CA THR S 296 -49.13 15.08 -82.84
C THR S 296 -50.47 14.45 -82.51
N THR S 297 -50.71 14.13 -81.24
CA THR S 297 -51.97 13.48 -80.86
C THR S 297 -53.14 14.46 -80.99
N PHE S 298 -52.96 15.68 -80.49
CA PHE S 298 -54.02 16.68 -80.59
C PHE S 298 -54.27 17.06 -82.05
N VAL S 299 -53.21 17.17 -82.85
CA VAL S 299 -53.37 17.47 -84.26
C VAL S 299 -54.14 16.35 -84.96
N ASP S 300 -53.81 15.09 -84.65
CA ASP S 300 -54.53 13.97 -85.24
C ASP S 300 -56.00 13.96 -84.81
N ASP S 301 -56.26 14.32 -83.55
CA ASP S 301 -57.64 14.37 -83.08
C ASP S 301 -58.43 15.47 -83.77
N ILE S 302 -57.82 16.64 -83.98
CA ILE S 302 -58.51 17.72 -84.67
C ILE S 302 -58.69 17.40 -86.14
N LYS S 303 -57.75 16.67 -86.75
CA LYS S 303 -57.91 16.27 -88.13
C LYS S 303 -59.03 15.25 -88.28
N ALA S 304 -59.09 14.26 -87.39
CA ALA S 304 -60.18 13.29 -87.38
C ALA S 304 -61.29 13.80 -86.45
N LEU S 305 -61.98 14.84 -86.94
CA LEU S 305 -63.00 15.53 -86.17
C LEU S 305 -64.15 15.88 -87.11
N PRO S 306 -65.40 15.67 -86.69
CA PRO S 306 -66.53 15.96 -87.57
C PRO S 306 -66.74 17.45 -87.80
N THR S 307 -67.71 17.80 -88.65
CA THR S 307 -67.98 19.19 -88.96
C THR S 307 -69.48 19.50 -89.03
N THR S 308 -70.34 18.59 -88.59
CA THR S 308 -71.79 18.75 -88.65
C THR S 308 -72.39 18.82 -87.26
N TYR S 309 -71.66 19.41 -86.32
CA TYR S 309 -72.12 19.59 -84.94
C TYR S 309 -72.47 18.24 -84.30
N GLU S 310 -71.44 17.41 -84.15
CA GLU S 310 -71.58 16.12 -83.47
C GLU S 310 -71.34 16.33 -81.99
N LYS S 311 -72.42 16.63 -81.26
CA LYS S 311 -72.32 16.84 -79.82
C LYS S 311 -71.82 15.59 -79.10
N GLY S 312 -72.11 14.41 -79.64
CA GLY S 312 -71.68 13.18 -79.00
C GLY S 312 -70.16 13.06 -78.93
N GLU S 313 -69.50 13.18 -80.09
CA GLU S 313 -68.04 13.12 -80.10
C GLU S 313 -67.43 14.36 -79.46
N TYR S 314 -68.08 15.52 -79.60
CA TYR S 314 -67.55 16.73 -79.00
C TYR S 314 -67.59 16.66 -77.47
N PHE S 315 -68.63 16.05 -76.90
CA PHE S 315 -68.68 15.88 -75.46
C PHE S 315 -67.57 14.94 -74.96
N ALA S 316 -67.22 13.94 -75.76
CA ALA S 316 -66.10 13.07 -75.40
C ALA S 316 -64.78 13.81 -75.49
N PHE S 317 -64.56 14.55 -76.58
CA PHE S 317 -63.36 15.35 -76.73
C PHE S 317 -63.22 16.36 -75.60
N LEU S 318 -64.34 16.92 -75.13
CA LEU S 318 -64.30 17.91 -74.06
C LEU S 318 -63.79 17.30 -72.77
N GLU S 319 -64.33 16.13 -72.39
CA GLU S 319 -63.85 15.44 -71.19
C GLU S 319 -62.42 14.94 -71.38
N THR S 320 -62.01 14.67 -72.62
CA THR S 320 -60.68 14.13 -72.86
C THR S 320 -59.62 15.21 -72.74
N TYR S 321 -59.85 16.38 -73.33
CA TYR S 321 -58.85 17.44 -73.38
C TYR S 321 -59.31 18.70 -72.67
N GLY S 322 -60.16 18.56 -71.65
CA GLY S 322 -60.58 19.72 -70.87
C GLY S 322 -61.55 20.61 -71.61
N THR S 323 -62.11 21.60 -70.90
CA THR S 323 -63.02 22.56 -71.51
C THR S 323 -62.31 23.79 -72.04
N HIS S 324 -61.34 24.31 -71.29
CA HIS S 324 -60.58 25.49 -71.69
C HIS S 324 -59.20 25.42 -71.05
N TYR S 325 -58.19 25.84 -71.80
CA TYR S 325 -56.81 25.71 -71.35
C TYR S 325 -56.39 26.94 -70.54
N SER S 326 -55.16 26.91 -70.04
CA SER S 326 -54.63 27.97 -69.21
C SER S 326 -53.77 28.91 -70.05
N SER S 327 -54.14 30.19 -70.08
CA SER S 327 -53.30 31.19 -70.73
C SER S 327 -52.08 31.54 -69.87
N SER S 328 -52.23 31.50 -68.56
CA SER S 328 -51.13 31.78 -67.65
C SER S 328 -51.37 31.05 -66.34
N GLY S 329 -50.32 30.42 -65.82
CA GLY S 329 -50.42 29.69 -64.57
C GLY S 329 -49.53 30.23 -63.48
N SER S 330 -49.45 29.51 -62.35
CA SER S 330 -48.63 29.94 -61.22
C SER S 330 -48.19 28.68 -60.47
N LEU S 331 -46.96 28.25 -60.70
CA LEU S 331 -46.43 27.07 -60.04
C LEU S 331 -46.11 27.37 -58.59
N GLY S 332 -46.31 26.37 -57.72
CA GLY S 332 -46.07 26.55 -56.30
C GLY S 332 -46.91 25.62 -55.44
N GLY S 333 -47.62 26.20 -54.47
CA GLY S 333 -48.50 25.44 -53.60
C GLY S 333 -49.06 26.27 -52.47
N LEU S 334 -50.29 25.96 -52.04
CA LEU S 334 -50.96 26.71 -50.99
C LEU S 334 -51.45 25.77 -49.90
N TYR S 335 -51.61 26.32 -48.71
CA TYR S 335 -52.13 25.58 -47.56
C TYR S 335 -53.02 26.51 -46.74
N GLU S 336 -54.03 25.92 -46.10
CA GLU S 336 -54.96 26.70 -45.30
C GLU S 336 -55.63 25.79 -44.27
N LEU S 337 -55.91 26.34 -43.10
CA LEU S 337 -56.62 25.64 -42.05
C LEU S 337 -57.67 26.55 -41.45
N ILE S 338 -58.85 26.00 -41.18
CA ILE S 338 -59.99 26.77 -40.66
C ILE S 338 -60.65 25.96 -39.56
N TYR S 339 -60.92 26.59 -38.44
CA TYR S 339 -61.88 25.97 -37.58
C TYR S 339 -62.76 26.92 -36.82
N VAL S 340 -63.93 26.42 -36.55
CA VAL S 340 -65.09 27.20 -36.16
C VAL S 340 -65.55 26.76 -34.77
N LEU S 341 -66.07 27.71 -33.99
CA LEU S 341 -66.57 27.43 -32.66
C LEU S 341 -67.90 28.14 -32.46
N ASP S 342 -68.84 27.45 -31.80
CA ASP S 342 -70.16 27.99 -31.52
C ASP S 342 -70.65 27.43 -30.19
N LYS S 343 -71.21 28.31 -29.37
CA LYS S 343 -71.67 27.94 -28.03
C LYS S 343 -73.06 28.52 -27.80
N ALA S 344 -73.90 27.76 -27.10
CA ALA S 344 -75.25 28.20 -26.77
C ALA S 344 -75.67 27.56 -25.46
N SER S 345 -76.38 28.33 -24.63
CA SER S 345 -76.84 27.84 -23.34
C SER S 345 -78.16 28.52 -23.00
N MET S 346 -78.98 27.81 -22.22
CA MET S 346 -80.28 28.31 -21.79
C MET S 346 -80.62 27.74 -20.43
N LYS S 347 -81.14 28.60 -19.55
CA LYS S 347 -81.55 28.20 -18.21
C LYS S 347 -82.86 28.90 -17.86
N ARG S 348 -83.82 28.14 -17.34
CA ARG S 348 -85.13 28.67 -16.98
C ARG S 348 -85.54 28.08 -15.64
N LYS S 349 -85.99 28.95 -14.73
CA LYS S 349 -86.38 28.52 -13.39
C LYS S 349 -87.68 29.19 -12.99
N GLY S 350 -88.59 28.41 -12.41
CA GLY S 350 -89.84 28.91 -11.90
C GLY S 350 -90.29 28.20 -10.65
N VAL S 351 -90.58 28.95 -9.59
CA VAL S 351 -90.95 28.40 -8.30
C VAL S 351 -92.26 29.03 -7.85
N GLU S 352 -93.20 28.20 -7.40
CA GLU S 352 -94.50 28.67 -6.93
C GLU S 352 -94.83 28.00 -5.60
N LEU S 353 -95.32 28.79 -4.66
CA LEU S 353 -95.72 28.28 -3.35
C LEU S 353 -97.06 28.90 -2.97
N LYS S 354 -97.96 28.07 -2.45
CA LYS S 354 -99.31 28.50 -2.09
C LYS S 354 -99.71 27.86 -0.77
N ASP S 355 -100.11 28.68 0.19
CA ASP S 355 -100.54 28.20 1.51
C ASP S 355 -101.74 29.01 1.97
N ILE S 356 -102.78 28.32 2.41
CA ILE S 356 -104.02 28.95 2.86
C ILE S 356 -104.45 28.27 4.16
N LYS S 357 -104.86 29.09 5.15
CA LYS S 357 -105.44 28.59 6.38
C LYS S 357 -106.72 29.35 6.68
N ARG S 358 -107.78 28.63 7.00
CA ARG S 358 -109.07 29.22 7.37
C ARG S 358 -109.65 28.43 8.53
N CYS S 359 -110.06 29.13 9.59
CA CYS S 359 -110.64 28.47 10.74
C CYS S 359 -111.86 29.24 11.23
N LEU S 360 -112.76 28.53 11.90
CA LEU S 360 -114.03 29.08 12.36
C LEU S 360 -114.22 28.77 13.84
N GLY S 361 -114.81 29.72 14.56
CA GLY S 361 -115.07 29.53 15.98
C GLY S 361 -116.43 30.03 16.40
N TYR S 362 -117.15 29.24 17.20
CA TYR S 362 -118.49 29.60 17.64
C TYR S 362 -118.71 29.08 19.05
N HIS S 363 -119.33 29.92 19.88
CA HIS S 363 -119.65 29.56 21.25
C HIS S 363 -121.07 30.02 21.58
N LEU S 364 -121.88 29.09 22.11
CA LEU S 364 -123.25 29.37 22.50
C LEU S 364 -123.46 28.93 23.93
N ASP S 365 -123.96 29.82 24.77
CA ASP S 365 -124.22 29.52 26.17
C ASP S 365 -125.51 30.21 26.59
N VAL S 366 -126.48 29.43 27.05
CA VAL S 366 -127.77 29.94 27.51
C VAL S 366 -128.09 29.28 28.84
N SER S 367 -128.46 30.09 29.83
CA SER S 367 -128.80 29.60 31.15
C SER S 367 -130.09 30.26 31.61
N LEU S 368 -131.03 29.45 32.08
CA LEU S 368 -132.34 29.93 32.51
C LEU S 368 -132.58 29.54 33.96
N ALA S 369 -133.21 30.44 34.72
CA ALA S 369 -133.41 30.16 36.16
C ALA S 369 -134.87 30.31 36.60
N PHE S 370 -135.38 29.26 37.27
CA PHE S 370 -136.73 29.26 37.89
C PHE S 370 -136.60 29.79 39.32
N SER S 371 -137.72 29.86 40.06
CA SER S 371 -137.58 30.04 41.53
C SER S 371 -136.81 28.84 42.10
N GLU S 372 -137.17 27.62 41.67
CA GLU S 372 -136.48 26.37 42.06
C GLU S 372 -136.10 25.61 40.78
N ILE S 373 -136.21 26.28 39.63
CA ILE S 373 -135.97 25.64 38.33
C ILE S 373 -134.73 26.27 37.72
N SER S 374 -133.86 25.43 37.16
CA SER S 374 -132.63 25.89 36.52
C SER S 374 -132.45 25.15 35.20
N VAL S 375 -132.21 25.91 34.14
CA VAL S 375 -132.00 25.35 32.80
C VAL S 375 -130.68 25.88 32.26
N GLY S 376 -129.90 25.00 31.64
CA GLY S 376 -128.62 25.37 31.09
C GLY S 376 -128.46 24.85 29.67
N ALA S 377 -127.61 25.53 28.91
CA ALA S 377 -127.33 25.16 27.53
C ALA S 377 -125.95 25.68 27.16
N GLU S 378 -125.14 24.82 26.51
CA GLU S 378 -123.80 25.20 26.08
C GLU S 378 -123.50 24.48 24.77
N PHE S 379 -123.39 25.25 23.69
CA PHE S 379 -123.07 24.72 22.36
C PHE S 379 -121.82 25.42 21.84
N ASN S 380 -120.79 24.63 21.52
CA ASN S 380 -119.53 25.17 21.04
C ASN S 380 -119.15 24.49 19.74
N LYS S 381 -118.74 25.29 18.75
CA LYS S 381 -118.37 24.79 17.43
C LYS S 381 -116.99 25.32 17.06
N ASP S 382 -116.14 24.43 16.54
CA ASP S 382 -114.79 24.78 16.14
C ASP S 382 -114.43 24.00 14.89
N ASP S 383 -113.91 24.69 13.88
CA ASP S 383 -113.53 24.05 12.63
C ASP S 383 -112.47 24.89 11.94
N CYS S 384 -111.35 24.27 11.59
CA CYS S 384 -110.26 24.94 10.88
C CYS S 384 -109.96 24.18 9.59
N VAL S 385 -109.45 24.90 8.60
CA VAL S 385 -109.10 24.34 7.30
C VAL S 385 -107.75 24.91 6.87
N LYS S 386 -106.89 24.05 6.33
CA LYS S 386 -105.58 24.44 5.83
C LYS S 386 -105.41 23.94 4.41
N ARG S 387 -104.74 24.74 3.58
CA ARG S 387 -104.46 24.39 2.19
C ARG S 387 -103.00 24.65 1.88
N GLY S 388 -102.42 23.77 1.06
CA GLY S 388 -101.02 23.90 0.68
C GLY S 388 -100.76 23.48 -0.74
N GLU S 389 -99.86 24.20 -1.43
CA GLU S 389 -99.53 23.89 -2.81
C GLU S 389 -98.11 24.37 -3.10
N GLY S 390 -97.36 23.56 -3.83
CA GLY S 390 -96.00 23.92 -4.22
C GLY S 390 -95.68 23.53 -5.65
N ARG S 391 -94.96 24.38 -6.36
CA ARG S 391 -94.61 24.13 -7.76
C ARG S 391 -93.19 24.62 -8.01
N ALA S 392 -92.44 23.85 -8.80
CA ALA S 392 -91.07 24.20 -9.15
C ALA S 392 -90.78 23.79 -10.58
N VAL S 393 -89.98 24.60 -11.27
CA VAL S 393 -89.59 24.35 -12.65
C VAL S 393 -88.10 24.67 -12.76
N ASN S 394 -87.31 23.68 -13.20
CA ASN S 394 -85.86 23.81 -13.29
C ASN S 394 -85.40 23.09 -14.56
N ILE S 395 -85.06 23.85 -15.59
CA ILE S 395 -84.73 23.29 -16.90
C ILE S 395 -83.50 24.01 -17.45
N THR S 396 -82.44 23.26 -17.71
CA THR S 396 -81.20 23.79 -18.26
C THR S 396 -80.95 23.16 -19.64
N SER S 397 -80.49 23.98 -20.58
CA SER S 397 -80.18 23.52 -21.92
C SER S 397 -78.91 24.18 -22.42
N GLU S 398 -78.06 23.41 -23.10
CA GLU S 398 -76.80 23.90 -23.62
C GLU S 398 -76.51 23.24 -24.96
N ASN S 399 -75.96 24.02 -25.89
CA ASN S 399 -75.63 23.54 -27.22
C ASN S 399 -74.25 24.04 -27.63
N LEU S 400 -73.48 23.17 -28.27
CA LEU S 400 -72.14 23.49 -28.74
C LEU S 400 -71.98 23.00 -30.18
N ILE S 401 -71.25 23.76 -30.99
CA ILE S 401 -71.02 23.42 -32.39
C ILE S 401 -69.59 23.81 -32.75
N ASP S 402 -68.83 22.85 -33.27
CA ASP S 402 -67.46 23.08 -33.69
C ASP S 402 -67.23 22.44 -35.05
N ASP S 403 -66.51 23.15 -35.92
CA ASP S 403 -66.17 22.66 -37.25
C ASP S 403 -64.74 23.08 -37.58
N VAL S 404 -63.92 22.11 -38.00
CA VAL S 404 -62.53 22.36 -38.35
C VAL S 404 -62.26 21.75 -39.73
N VAL S 405 -61.59 22.51 -40.59
CA VAL S 405 -61.20 22.04 -41.92
C VAL S 405 -59.80 22.57 -42.22
N SER S 406 -59.06 21.78 -43.00
CA SER S 406 -57.69 22.14 -43.37
C SER S 406 -57.28 21.33 -44.59
N LEU S 407 -56.32 21.87 -45.33
CA LEU S 407 -55.84 21.23 -46.55
C LEU S 407 -54.42 21.69 -46.85
N ILE S 408 -53.72 20.89 -47.65
CA ILE S 408 -52.34 21.20 -48.05
C ILE S 408 -52.06 20.44 -49.34
N ARG S 409 -51.11 20.94 -50.12
CA ARG S 409 -50.74 20.32 -51.39
C ARG S 409 -49.39 20.83 -51.83
N GLY S 410 -48.71 20.03 -52.64
CA GLY S 410 -47.46 20.42 -53.25
C GLY S 410 -46.26 19.77 -52.55
N GLY S 411 -45.14 19.75 -53.27
CA GLY S 411 -43.90 19.22 -52.73
C GLY S 411 -43.86 17.70 -52.69
N THR S 412 -42.73 17.19 -52.19
CA THR S 412 -42.62 15.76 -51.98
C THR S 412 -43.53 15.31 -50.84
N ARG S 413 -43.86 14.03 -50.83
CA ARG S 413 -44.82 13.52 -49.85
C ARG S 413 -44.21 13.47 -48.44
N LYS S 414 -42.89 13.34 -48.34
CA LYS S 414 -42.25 13.27 -47.03
C LYS S 414 -42.32 14.62 -46.31
N TYR S 415 -41.77 15.67 -46.94
CA TYR S 415 -41.67 16.97 -46.28
C TYR S 415 -43.02 17.66 -46.18
N ALA S 416 -43.96 17.36 -47.09
CA ALA S 416 -45.25 18.04 -47.07
C ALA S 416 -46.06 17.67 -45.84
N PHE S 417 -46.26 16.37 -45.61
CA PHE S 417 -47.08 15.92 -44.49
C PHE S 417 -46.35 16.01 -43.15
N GLU S 418 -45.02 16.13 -43.16
CA GLU S 418 -44.31 16.45 -41.94
C GLU S 418 -44.66 17.85 -41.44
N LEU S 419 -44.94 18.77 -42.36
CA LEU S 419 -45.46 20.08 -41.98
C LEU S 419 -46.91 19.98 -41.53
N LYS S 420 -47.68 19.09 -42.15
CA LYS S 420 -49.10 18.97 -41.82
C LYS S 420 -49.30 18.46 -40.40
N GLU S 421 -48.51 17.47 -39.99
CA GLU S 421 -48.69 16.88 -38.66
C GLU S 421 -48.34 17.88 -37.56
N LYS S 422 -47.32 18.70 -37.77
CA LYS S 422 -46.90 19.67 -36.77
C LYS S 422 -47.73 20.95 -36.80
N LEU S 423 -48.39 21.23 -37.93
CA LEU S 423 -49.25 22.41 -38.00
C LEU S 423 -50.57 22.17 -37.27
N LEU S 424 -51.14 20.98 -37.41
CA LEU S 424 -52.44 20.66 -36.82
C LEU S 424 -52.25 20.46 -35.32
N ARG S 425 -52.64 21.46 -34.53
CA ARG S 425 -52.61 21.42 -33.07
C ARG S 425 -51.22 21.17 -32.51
N GLY S 426 -50.18 21.45 -33.28
CA GLY S 426 -48.82 21.28 -32.81
C GLY S 426 -48.37 22.40 -31.90
N THR S 427 -48.72 23.64 -32.26
CA THR S 427 -48.44 24.88 -31.54
C THR S 427 -46.95 25.20 -31.45
N VAL S 428 -46.08 24.37 -32.01
CA VAL S 428 -44.63 24.59 -32.00
C VAL S 428 -44.14 24.36 -33.43
N ILE S 429 -43.93 25.45 -34.16
CA ILE S 429 -43.43 25.38 -35.53
C ILE S 429 -41.91 25.41 -35.50
N ASP S 430 -41.29 24.59 -36.34
CA ASP S 430 -39.85 24.49 -36.41
C ASP S 430 -39.29 25.48 -37.43
N VAL S 431 -37.98 25.70 -37.37
CA VAL S 431 -37.31 26.54 -38.35
C VAL S 431 -36.84 25.73 -39.56
N THR S 432 -36.44 24.48 -39.36
CA THR S 432 -35.92 23.68 -40.46
C THR S 432 -37.01 23.05 -41.31
N ASP S 433 -38.18 22.79 -40.73
CA ASP S 433 -39.24 22.14 -41.49
C ASP S 433 -39.76 23.04 -42.60
N PHE S 434 -39.78 24.36 -42.39
CA PHE S 434 -40.23 25.26 -43.45
C PHE S 434 -39.22 25.31 -44.59
N VAL S 435 -37.92 25.24 -44.28
CA VAL S 435 -36.91 25.20 -45.33
C VAL S 435 -37.01 23.87 -46.09
N ASN S 436 -37.28 22.78 -45.38
CA ASN S 436 -37.49 21.49 -46.04
C ASN S 436 -38.71 21.55 -46.96
N TRP S 437 -39.80 22.18 -46.50
CA TRP S 437 -40.98 22.35 -47.33
C TRP S 437 -40.67 23.19 -48.56
N ALA S 438 -39.85 24.25 -48.39
CA ALA S 438 -39.48 25.08 -49.52
C ALA S 438 -38.69 24.29 -50.56
N SER S 439 -37.70 23.51 -50.11
CA SER S 439 -36.94 22.68 -51.03
C SER S 439 -37.82 21.63 -51.69
N SER S 440 -38.76 21.05 -50.94
CA SER S 440 -39.64 20.04 -51.48
C SER S 440 -40.56 20.62 -52.56
N ILE S 441 -41.09 21.82 -52.33
CA ILE S 441 -41.98 22.42 -53.32
C ILE S 441 -41.17 22.96 -54.50
N ASN S 442 -39.89 23.29 -54.29
CA ASN S 442 -39.02 23.58 -55.42
C ASN S 442 -38.82 22.34 -56.27
N ASP S 443 -38.71 21.17 -55.61
CA ASP S 443 -38.60 19.92 -56.36
C ASP S 443 -39.89 19.61 -57.12
N ALA S 444 -41.05 19.81 -56.49
CA ALA S 444 -42.34 19.51 -57.10
C ALA S 444 -43.35 20.59 -56.74
N PRO S 445 -43.58 21.56 -57.64
CA PRO S 445 -44.60 22.59 -57.38
C PRO S 445 -45.98 22.19 -57.85
N VAL S 446 -46.96 23.08 -57.70
CA VAL S 446 -48.32 22.83 -58.17
C VAL S 446 -48.96 24.18 -58.45
N LEU S 447 -50.07 24.16 -59.19
CA LEU S 447 -50.73 25.39 -59.60
C LEU S 447 -51.33 26.12 -58.40
N ILE S 448 -51.30 27.46 -58.48
CA ILE S 448 -51.90 28.31 -57.46
C ILE S 448 -52.94 29.21 -58.12
N SER S 449 -52.48 30.06 -59.05
CA SER S 449 -53.33 30.97 -59.80
C SER S 449 -53.26 30.60 -61.28
N GLN S 450 -54.41 30.61 -61.95
CA GLN S 450 -54.51 30.13 -63.31
C GLN S 450 -55.33 31.12 -64.14
N LYS S 451 -54.69 31.76 -65.11
CA LYS S 451 -55.41 32.59 -66.07
C LYS S 451 -55.97 31.70 -67.17
N LEU S 452 -57.22 31.95 -67.54
CA LEU S 452 -58.00 31.02 -68.35
C LEU S 452 -58.12 31.53 -69.78
N SER S 453 -58.32 30.59 -70.71
CA SER S 453 -58.46 30.90 -72.13
C SER S 453 -59.22 29.78 -72.81
N PRO S 454 -60.17 30.08 -73.68
CA PRO S 454 -60.97 29.01 -74.31
C PRO S 454 -60.15 28.18 -75.27
N ILE S 455 -60.57 26.93 -75.45
CA ILE S 455 -59.84 25.99 -76.30
C ILE S 455 -60.04 26.34 -77.78
N TYR S 456 -61.25 26.72 -78.17
CA TYR S 456 -61.52 26.97 -79.59
C TYR S 456 -60.67 28.10 -80.16
N ASN S 457 -60.01 28.89 -79.31
CA ASN S 457 -59.03 29.85 -79.79
C ASN S 457 -57.66 29.22 -80.03
N LEU S 458 -57.45 27.98 -79.57
CA LEU S 458 -56.18 27.29 -79.71
C LEU S 458 -56.11 26.42 -80.97
N VAL S 459 -57.23 26.23 -81.66
CA VAL S 459 -57.24 25.40 -82.88
C VAL S 459 -56.32 26.01 -83.92
N PRO S 460 -55.52 25.22 -84.64
CA PRO S 460 -54.63 25.80 -85.66
C PRO S 460 -55.42 26.41 -86.82
N VAL S 461 -54.93 27.55 -87.30
CA VAL S 461 -55.57 28.28 -88.40
C VAL S 461 -55.23 27.59 -89.72
N LYS S 462 -55.90 28.01 -90.80
CA LYS S 462 -55.68 27.52 -92.16
C LYS S 462 -55.57 25.99 -92.22
N MET S 463 -56.41 25.33 -91.44
CA MET S 463 -56.47 23.87 -91.45
C MET S 463 -57.53 23.44 -92.48
N LYS S 464 -57.93 22.16 -92.44
CA LYS S 464 -58.95 21.66 -93.35
C LYS S 464 -60.24 22.46 -93.23
N ASN S 465 -60.85 22.44 -92.05
CA ASN S 465 -62.10 23.16 -91.78
C ASN S 465 -61.99 23.88 -90.44
N ALA S 466 -60.89 24.63 -90.27
CA ALA S 466 -60.57 25.22 -88.97
C ALA S 466 -61.67 26.15 -88.48
N HIS S 467 -62.13 27.07 -89.33
CA HIS S 467 -63.09 28.09 -88.89
C HIS S 467 -64.41 27.45 -88.45
N LEU S 468 -64.97 26.60 -89.30
CA LEU S 468 -66.25 25.97 -88.95
C LEU S 468 -66.09 25.08 -87.73
N LYS S 469 -64.97 24.37 -87.62
CA LYS S 469 -64.70 23.61 -86.41
C LYS S 469 -64.50 24.51 -85.20
N LYS S 470 -63.97 25.72 -85.41
CA LYS S 470 -63.79 26.65 -84.30
C LYS S 470 -65.14 27.05 -83.70
N GLN S 471 -66.05 27.57 -84.53
CA GLN S 471 -67.37 27.94 -84.05
C GLN S 471 -68.15 26.72 -83.56
N ASN S 472 -67.88 25.54 -84.15
CA ASN S 472 -68.56 24.32 -83.72
C ASN S 472 -68.14 23.95 -82.30
N LEU S 473 -66.83 23.98 -82.02
CA LEU S 473 -66.36 23.73 -80.67
C LEU S 473 -66.76 24.84 -79.70
N GLU S 474 -66.94 26.05 -80.19
CA GLU S 474 -67.46 27.13 -79.34
C GLU S 474 -68.89 26.83 -78.91
N ARG S 475 -69.74 26.45 -79.87
CA ARG S 475 -71.10 26.03 -79.53
C ARG S 475 -71.09 24.82 -78.60
N ALA S 476 -70.13 23.91 -78.81
CA ALA S 476 -70.04 22.72 -77.98
C ALA S 476 -69.69 23.07 -76.54
N ILE S 477 -68.70 23.94 -76.34
CA ILE S 477 -68.32 24.33 -74.98
C ILE S 477 -69.42 25.16 -74.33
N GLU S 478 -70.16 25.96 -75.12
CA GLU S 478 -71.28 26.69 -74.56
C GLU S 478 -72.37 25.73 -74.09
N ASP S 479 -72.72 24.75 -74.92
CA ASP S 479 -73.72 23.76 -74.53
C ASP S 479 -73.25 22.92 -73.35
N TYR S 480 -71.93 22.70 -73.24
CA TYR S 480 -71.39 21.96 -72.11
C TYR S 480 -71.53 22.76 -70.82
N ILE S 481 -71.13 24.04 -70.85
CA ILE S 481 -71.16 24.85 -69.65
C ILE S 481 -72.59 25.24 -69.24
N ASN S 482 -73.53 25.24 -70.19
CA ASN S 482 -74.91 25.58 -69.86
C ASN S 482 -75.84 24.37 -69.84
N GLU S 483 -75.33 23.17 -70.07
CA GLU S 483 -76.19 21.99 -70.15
C GLU S 483 -76.49 21.42 -68.77
N PHE S 484 -75.46 20.98 -68.06
CA PHE S 484 -75.64 20.34 -66.76
C PHE S 484 -74.78 21.06 -65.72
N SER S 485 -75.41 21.44 -64.61
CA SER S 485 -74.76 22.14 -63.52
C SER S 485 -75.73 22.18 -62.35
N VAL S 486 -75.36 22.90 -61.29
CA VAL S 486 -76.27 23.09 -60.15
C VAL S 486 -77.50 23.87 -60.59
N ARG S 487 -77.37 24.69 -61.64
CA ARG S 487 -78.50 25.50 -62.11
C ARG S 487 -79.66 24.62 -62.57
N LYS S 488 -79.37 23.48 -63.20
CA LYS S 488 -80.43 22.62 -63.71
C LYS S 488 -80.91 21.59 -62.70
N CYS S 489 -80.14 21.35 -61.65
CA CYS S 489 -80.53 20.38 -60.62
C CYS S 489 -81.58 21.03 -59.71
N HIS S 490 -81.96 20.32 -58.65
CA HIS S 490 -82.98 20.79 -57.72
C HIS S 490 -82.33 21.47 -56.52
N THR S 491 -83.07 22.40 -55.92
CA THR S 491 -82.57 23.16 -54.79
C THR S 491 -82.75 22.40 -53.49
N CYS S 492 -81.74 22.45 -52.63
CA CYS S 492 -81.78 21.77 -51.35
C CYS S 492 -82.59 22.60 -50.36
N GLN S 493 -82.61 22.16 -49.09
CA GLN S 493 -83.38 22.81 -48.05
C GLN S 493 -82.45 23.53 -47.08
N ASN S 494 -83.02 24.53 -46.39
CA ASN S 494 -82.31 25.30 -45.38
C ASN S 494 -81.06 25.98 -45.95
N GLY S 495 -81.15 26.43 -47.19
CA GLY S 495 -80.04 27.11 -47.83
C GLY S 495 -78.80 26.27 -48.00
N GLY S 496 -78.96 24.95 -48.08
CA GLY S 496 -77.81 24.07 -48.23
C GLY S 496 -77.17 24.24 -49.59
N THR S 497 -75.87 24.55 -49.61
CA THR S 497 -75.15 24.71 -50.86
C THR S 497 -75.13 23.39 -51.64
N VAL S 498 -75.68 23.41 -52.84
CA VAL S 498 -75.81 22.22 -53.67
C VAL S 498 -74.55 22.06 -54.51
N ILE S 499 -73.99 20.85 -54.53
CA ILE S 499 -72.83 20.53 -55.34
C ILE S 499 -73.21 19.43 -56.31
N LEU S 500 -72.29 19.13 -57.23
CA LEU S 500 -72.48 18.10 -58.24
C LEU S 500 -71.17 17.34 -58.40
N MET S 501 -71.14 16.09 -57.94
CA MET S 501 -69.95 15.24 -58.00
C MET S 501 -70.31 13.99 -58.80
N ASP S 502 -70.16 14.09 -60.13
CA ASP S 502 -70.36 12.96 -61.04
C ASP S 502 -71.74 12.34 -60.86
N GLY S 503 -72.76 13.15 -61.13
CA GLY S 503 -74.15 12.71 -61.06
C GLY S 503 -74.83 12.90 -59.72
N LYS S 504 -74.13 12.60 -58.63
CA LYS S 504 -74.69 12.77 -57.30
C LYS S 504 -74.86 14.25 -57.00
N CYS S 505 -76.11 14.72 -57.02
CA CYS S 505 -76.42 16.13 -56.78
C CYS S 505 -76.73 16.36 -55.30
N LEU S 506 -75.72 16.11 -54.48
CA LEU S 506 -75.86 16.30 -53.04
C LEU S 506 -75.76 17.78 -52.68
N CYS S 507 -76.25 18.12 -51.49
CA CYS S 507 -76.24 19.48 -50.99
C CYS S 507 -75.55 19.51 -49.62
N ALA S 508 -74.57 20.40 -49.48
CA ALA S 508 -73.87 20.55 -48.21
C ALA S 508 -74.77 21.28 -47.21
N CYS S 509 -75.14 20.58 -46.15
CA CYS S 509 -76.05 21.13 -45.15
C CYS S 509 -75.27 21.90 -44.09
N PRO S 510 -75.87 22.94 -43.51
CA PRO S 510 -75.15 23.75 -42.51
C PRO S 510 -74.74 22.94 -41.29
N PHE S 511 -73.95 23.59 -40.44
CA PHE S 511 -73.37 22.92 -39.28
C PHE S 511 -74.44 22.49 -38.29
N LYS S 512 -75.35 23.40 -37.94
CA LYS S 512 -76.38 23.14 -36.95
C LYS S 512 -77.45 22.16 -37.44
N PHE S 513 -77.38 21.72 -38.68
CA PHE S 513 -78.40 20.86 -39.26
C PHE S 513 -77.80 19.48 -39.54
N GLU S 514 -78.68 18.52 -39.81
CA GLU S 514 -78.27 17.13 -40.03
C GLU S 514 -77.93 16.94 -41.51
N GLY S 515 -77.82 15.69 -41.94
CA GLY S 515 -77.24 15.35 -43.23
C GLY S 515 -78.14 15.48 -44.44
N ILE S 516 -78.19 14.40 -45.24
CA ILE S 516 -78.77 14.46 -46.58
C ILE S 516 -80.18 15.04 -46.56
N ALA S 517 -80.50 15.81 -47.60
CA ALA S 517 -81.83 16.35 -47.89
C ALA S 517 -82.24 17.44 -46.90
N CYS S 518 -81.44 17.66 -45.86
CA CYS S 518 -81.69 18.68 -44.85
C CYS S 518 -83.15 18.67 -44.39
N GLU S 519 -83.64 17.48 -44.07
CA GLU S 519 -85.03 17.31 -43.65
C GLU S 519 -85.17 17.33 -42.13
N ILE S 520 -84.48 16.43 -41.44
CA ILE S 520 -84.54 16.35 -39.99
C ILE S 520 -83.69 17.46 -39.39
N SER S 521 -84.23 18.13 -38.37
CA SER S 521 -83.59 19.32 -37.83
C SER S 521 -82.35 18.97 -37.03
N LYS S 522 -82.48 17.99 -36.14
CA LYS S 522 -81.34 17.53 -35.29
C LYS S 522 -81.36 18.33 -33.99
N GLN S 523 -82.14 19.42 -33.97
CA GLN S 523 -82.36 20.23 -32.75
C GLN S 523 -83.86 20.10 -32.47
N LYS S 524 -84.21 19.26 -31.49
CA LYS S 524 -85.63 19.03 -31.13
C LYS S 524 -85.83 19.67 -29.76
N ILE S 525 -86.85 20.51 -29.62
CA ILE S 525 -87.02 21.18 -28.29
C ILE S 525 -87.25 20.07 -27.26
N SER S 526 -86.40 20.05 -26.23
CA SER S 526 -86.53 19.08 -25.10
C SER S 526 -88.01 18.86 -24.77
N GLU S 527 -88.38 17.61 -24.46
CA GLU S 527 -89.74 17.25 -24.12
C GLU S 527 -89.84 17.05 -22.61
N GLY S 528 -90.89 17.59 -22.01
CA GLY S 528 -91.11 17.45 -20.59
C GLY S 528 -92.49 16.97 -20.22
N LEU S 529 -92.57 15.94 -19.39
CA LEU S 529 -93.85 15.36 -18.97
C LEU S 529 -93.93 15.33 -17.45
N PRO S 530 -94.71 16.21 -16.82
CA PRO S 530 -94.82 16.19 -15.36
C PRO S 530 -95.90 15.24 -14.87
N ALA S 531 -96.36 14.34 -15.74
CA ALA S 531 -97.44 13.43 -15.39
C ALA S 531 -97.00 12.46 -14.29
N LEU S 532 -97.99 11.98 -13.53
CA LEU S 532 -97.70 11.06 -12.45
C LEU S 532 -97.25 9.72 -13.00
N GLU S 533 -96.27 9.07 -12.38
CA GLU S 533 -95.79 7.77 -12.88
C GLU S 533 -96.87 6.71 -12.78
N PHE S 534 -97.02 5.94 -13.86
CA PHE S 534 -98.04 4.89 -13.88
C PHE S 534 -97.71 3.77 -12.91
N PRO S 535 -96.45 3.32 -12.92
CA PRO S 535 -96.03 2.24 -12.03
C PRO S 535 -94.52 2.33 -11.75
N SER T 18 -90.27 -13.48 -39.85
CA SER T 18 -91.02 -14.02 -40.97
C SER T 18 -90.11 -14.75 -41.95
N HIS T 19 -90.41 -16.03 -42.20
CA HIS T 19 -89.63 -16.86 -43.12
C HIS T 19 -90.07 -16.56 -44.54
N ILE T 20 -89.60 -15.44 -45.07
CA ILE T 20 -89.94 -15.02 -46.42
C ILE T 20 -89.12 -15.83 -47.42
N ASP T 21 -89.80 -16.54 -48.31
CA ASP T 21 -89.14 -17.32 -49.35
C ASP T 21 -88.83 -16.45 -50.56
N CYS T 22 -88.05 -17.01 -51.49
CA CYS T 22 -87.61 -16.30 -52.68
C CYS T 22 -88.44 -16.76 -53.87
N ARG T 23 -89.35 -15.90 -54.32
CA ARG T 23 -90.10 -16.13 -55.57
C ARG T 23 -89.21 -15.68 -56.72
N MET T 24 -88.29 -16.58 -57.11
CA MET T 24 -87.20 -16.23 -58.03
C MET T 24 -87.08 -17.29 -59.13
N SER T 25 -88.21 -17.63 -59.76
CA SER T 25 -88.20 -18.54 -60.90
C SER T 25 -89.25 -18.13 -61.93
N PRO T 26 -89.17 -16.91 -62.49
CA PRO T 26 -89.95 -16.59 -63.69
C PRO T 26 -89.21 -17.03 -64.95
N TRP T 27 -89.73 -18.06 -65.59
CA TRP T 27 -89.08 -18.62 -66.77
C TRP T 27 -89.63 -18.00 -68.05
N SER T 28 -88.77 -17.92 -69.06
CA SER T 28 -89.10 -17.32 -70.35
C SER T 28 -89.03 -18.38 -71.45
N GLU T 29 -89.33 -17.94 -72.67
CA GLU T 29 -89.37 -18.83 -73.82
C GLU T 29 -87.98 -18.90 -74.47
N TRP T 30 -87.69 -20.06 -75.07
CA TRP T 30 -86.44 -20.24 -75.78
C TRP T 30 -86.36 -19.32 -76.99
N SER T 31 -85.28 -18.57 -77.10
CA SER T 31 -85.06 -17.69 -78.23
C SER T 31 -84.36 -18.42 -79.37
N GLN T 32 -84.02 -17.69 -80.42
CA GLN T 32 -83.36 -18.28 -81.57
C GLN T 32 -81.90 -18.60 -81.24
N CYS T 33 -81.40 -19.70 -81.78
CA CYS T 33 -80.03 -20.10 -81.56
C CYS T 33 -79.06 -19.16 -82.27
N ASP T 34 -77.93 -18.89 -81.64
CA ASP T 34 -76.89 -18.08 -82.25
C ASP T 34 -75.93 -18.99 -83.02
N PRO T 35 -75.86 -18.88 -84.35
CA PRO T 35 -75.02 -19.83 -85.10
C PRO T 35 -73.54 -19.63 -84.86
N CYS T 36 -73.06 -18.39 -84.81
CA CYS T 36 -71.63 -18.15 -84.66
C CYS T 36 -71.17 -18.45 -83.24
N LEU T 37 -71.95 -18.03 -82.24
CA LEU T 37 -71.56 -18.27 -80.85
C LEU T 37 -71.91 -19.67 -80.39
N ARG T 38 -72.91 -20.31 -81.01
CA ARG T 38 -73.35 -21.67 -80.68
C ARG T 38 -73.81 -21.75 -79.22
N GLN T 39 -74.85 -20.98 -78.92
CA GLN T 39 -75.40 -20.89 -77.57
C GLN T 39 -76.88 -20.53 -77.65
N MET T 40 -77.64 -20.96 -76.65
CA MET T 40 -79.05 -20.63 -76.52
C MET T 40 -79.25 -19.68 -75.35
N PHE T 41 -80.45 -19.12 -75.26
CA PHE T 41 -80.76 -18.02 -74.37
C PHE T 41 -82.06 -18.28 -73.59
N ARG T 42 -82.13 -19.42 -72.92
CA ARG T 42 -83.17 -19.59 -71.91
C ARG T 42 -83.02 -18.52 -70.85
N SER T 43 -84.02 -17.65 -70.73
CA SER T 43 -83.93 -16.45 -69.93
C SER T 43 -84.57 -16.66 -68.55
N ARG T 44 -84.36 -15.69 -67.68
CA ARG T 44 -84.86 -15.72 -66.31
C ARG T 44 -84.80 -14.31 -65.75
N SER T 45 -85.28 -14.15 -64.52
CA SER T 45 -85.28 -12.85 -63.86
C SER T 45 -85.34 -13.06 -62.35
N ILE T 46 -84.85 -12.06 -61.61
CA ILE T 46 -84.88 -12.08 -60.15
C ILE T 46 -86.01 -11.17 -59.69
N GLU T 47 -86.79 -11.63 -58.71
CA GLU T 47 -87.93 -10.88 -58.21
C GLU T 47 -87.85 -10.59 -56.72
N VAL T 48 -87.57 -11.59 -55.89
CA VAL T 48 -87.64 -11.47 -54.44
C VAL T 48 -86.34 -12.01 -53.84
N PHE T 49 -85.74 -11.24 -52.94
CA PHE T 49 -84.53 -11.66 -52.23
C PHE T 49 -84.84 -12.39 -50.94
N GLY T 50 -85.58 -11.73 -50.03
CA GLY T 50 -85.78 -12.25 -48.69
C GLY T 50 -85.11 -11.36 -47.66
N GLN T 51 -85.92 -10.55 -46.97
CA GLN T 51 -85.39 -9.52 -46.08
C GLN T 51 -84.96 -10.06 -44.72
N PHE T 52 -85.43 -11.25 -44.35
CA PHE T 52 -85.23 -11.75 -42.99
C PHE T 52 -84.33 -12.99 -43.02
N ASN T 53 -84.20 -13.64 -41.86
CA ASN T 53 -83.32 -14.78 -41.67
C ASN T 53 -83.76 -16.02 -42.45
N GLY T 54 -84.79 -15.93 -43.27
CA GLY T 54 -85.27 -17.06 -44.03
C GLY T 54 -84.32 -17.58 -45.09
N LYS T 55 -84.85 -18.33 -46.06
CA LYS T 55 -84.03 -18.98 -47.07
C LYS T 55 -83.26 -17.97 -47.92
N ARG T 56 -81.93 -17.99 -47.81
CA ARG T 56 -81.10 -17.18 -48.68
C ARG T 56 -81.08 -17.78 -50.08
N CYS T 57 -81.17 -16.91 -51.09
CA CYS T 57 -81.27 -17.35 -52.48
C CYS T 57 -80.34 -16.49 -53.33
N THR T 58 -79.19 -17.06 -53.70
CA THR T 58 -78.22 -16.39 -54.56
C THR T 58 -78.27 -16.90 -56.00
N ASP T 59 -79.42 -17.44 -56.41
CA ASP T 59 -79.53 -18.03 -57.74
C ASP T 59 -79.29 -16.98 -58.82
N ALA T 60 -78.22 -17.18 -59.60
CA ALA T 60 -77.88 -16.24 -60.65
C ALA T 60 -78.82 -16.36 -61.83
N VAL T 61 -79.05 -15.23 -62.50
CA VAL T 61 -79.93 -15.18 -63.65
C VAL T 61 -79.14 -15.52 -64.91
N GLY T 62 -79.70 -16.39 -65.74
CA GLY T 62 -79.06 -16.79 -66.98
C GLY T 62 -78.93 -18.29 -67.13
N ASP T 63 -78.96 -18.74 -68.39
CA ASP T 63 -78.85 -20.17 -68.70
C ASP T 63 -78.34 -20.31 -70.12
N ARG T 64 -77.45 -21.29 -70.32
CA ARG T 64 -76.86 -21.53 -71.63
C ARG T 64 -77.12 -22.97 -72.06
N ARG T 65 -77.00 -23.19 -73.37
CA ARG T 65 -77.26 -24.51 -73.95
C ARG T 65 -76.61 -24.58 -75.33
N GLN T 66 -75.98 -25.70 -75.62
CA GLN T 66 -75.43 -25.93 -76.95
C GLN T 66 -76.55 -26.15 -77.95
N CYS T 67 -76.36 -25.63 -79.16
CA CYS T 67 -77.36 -25.71 -80.21
C CYS T 67 -76.68 -25.92 -81.55
N VAL T 68 -77.29 -26.74 -82.39
CA VAL T 68 -76.78 -27.01 -83.73
C VAL T 68 -77.00 -25.77 -84.59
N PRO T 69 -75.94 -25.16 -85.13
CA PRO T 69 -76.12 -23.94 -85.91
C PRO T 69 -76.78 -24.23 -87.26
N THR T 70 -77.70 -23.35 -87.65
CA THR T 70 -78.40 -23.47 -88.93
C THR T 70 -77.98 -22.45 -89.96
N GLU T 71 -77.48 -21.27 -89.53
CA GLU T 71 -77.00 -20.24 -90.44
C GLU T 71 -75.53 -20.48 -90.78
N PRO T 72 -75.09 -20.07 -91.98
CA PRO T 72 -73.70 -20.34 -92.38
C PRO T 72 -72.67 -19.54 -91.60
N CYS T 73 -73.08 -18.50 -90.87
CA CYS T 73 -72.17 -17.64 -90.11
C CYS T 73 -71.10 -17.03 -91.03
N GLU T 74 -71.58 -16.23 -91.98
CA GLU T 74 -70.68 -15.59 -92.93
C GLU T 74 -70.00 -14.36 -92.35
N ASP T 75 -70.55 -13.77 -91.30
CA ASP T 75 -69.95 -12.59 -90.70
C ASP T 75 -68.65 -12.96 -89.99
N ALA T 76 -67.59 -12.22 -90.27
CA ALA T 76 -66.29 -12.45 -89.67
C ALA T 76 -65.52 -11.15 -89.61
N GLU T 77 -64.56 -11.09 -88.68
CA GLU T 77 -63.74 -9.90 -88.48
C GLU T 77 -62.45 -10.05 -89.28
N ASP T 78 -62.28 -9.20 -90.29
CA ASP T 78 -61.06 -9.22 -91.09
C ASP T 78 -59.90 -8.64 -90.29
N ASP T 79 -58.69 -8.87 -90.80
CA ASP T 79 -57.49 -8.40 -90.13
C ASP T 79 -57.21 -6.94 -90.47
N CYS T 80 -58.22 -6.08 -90.32
CA CYS T 80 -58.13 -4.62 -90.40
C CYS T 80 -57.66 -4.12 -91.76
N GLY T 81 -57.36 -5.03 -92.69
CA GLY T 81 -57.04 -4.70 -94.05
C GLY T 81 -56.01 -3.60 -94.27
N ASN T 82 -55.20 -3.31 -93.26
CA ASN T 82 -54.30 -2.16 -93.29
C ASN T 82 -52.83 -2.56 -93.31
N ASP T 83 -52.37 -3.31 -92.31
CA ASP T 83 -50.95 -3.57 -92.15
C ASP T 83 -50.76 -4.93 -91.50
N PHE T 84 -49.56 -5.18 -90.99
CA PHE T 84 -49.21 -6.46 -90.38
C PHE T 84 -50.14 -6.79 -89.22
N GLN T 85 -50.80 -7.94 -89.31
CA GLN T 85 -51.68 -8.40 -88.24
C GLN T 85 -50.88 -8.99 -87.10
N CYS T 86 -51.32 -8.72 -85.86
CA CYS T 86 -50.70 -9.30 -84.70
C CYS T 86 -51.21 -10.72 -84.48
N SER T 87 -50.60 -11.41 -83.51
CA SER T 87 -50.98 -12.78 -83.19
C SER T 87 -52.28 -12.87 -82.41
N THR T 88 -52.90 -11.74 -82.03
CA THR T 88 -54.14 -11.76 -81.27
C THR T 88 -55.30 -11.06 -81.94
N GLY T 89 -55.05 -10.18 -82.92
CA GLY T 89 -56.15 -9.53 -83.61
C GLY T 89 -55.97 -8.04 -83.80
N ARG T 90 -55.00 -7.43 -83.12
CA ARG T 90 -54.76 -6.01 -83.25
C ARG T 90 -53.83 -5.75 -84.43
N CYS T 91 -53.60 -4.47 -84.74
CA CYS T 91 -52.87 -4.09 -85.93
C CYS T 91 -51.91 -2.95 -85.63
N ILE T 92 -50.82 -2.91 -86.39
CA ILE T 92 -49.92 -1.76 -86.38
C ILE T 92 -50.57 -0.59 -87.10
N LYS T 93 -50.51 0.60 -86.48
CA LYS T 93 -51.05 1.79 -87.14
C LYS T 93 -50.03 2.37 -88.12
N MET T 94 -48.90 2.88 -87.60
CA MET T 94 -47.84 3.36 -88.48
C MET T 94 -46.44 2.94 -88.07
N ARG T 95 -46.15 2.71 -86.78
CA ARG T 95 -44.77 2.50 -86.34
C ARG T 95 -44.68 1.42 -85.27
N LEU T 96 -45.59 0.46 -85.28
CA LEU T 96 -45.57 -0.63 -84.30
C LEU T 96 -44.63 -1.77 -84.72
N ARG T 97 -43.68 -1.50 -85.60
CA ARG T 97 -42.72 -2.51 -86.03
C ARG T 97 -41.65 -2.66 -84.96
N CYS T 98 -40.54 -3.32 -85.31
CA CYS T 98 -39.48 -3.67 -84.35
C CYS T 98 -38.74 -2.39 -83.96
N ASN T 99 -39.36 -1.63 -83.05
CA ASN T 99 -38.79 -0.39 -82.54
C ASN T 99 -38.90 -0.34 -81.01
N GLY T 100 -38.82 -1.49 -80.35
CA GLY T 100 -38.94 -1.53 -78.91
C GLY T 100 -40.31 -1.16 -78.39
N ASP T 101 -41.37 -1.45 -79.15
CA ASP T 101 -42.73 -1.08 -78.79
C ASP T 101 -43.50 -2.37 -78.48
N ASN T 102 -43.57 -2.70 -77.19
CA ASN T 102 -44.25 -3.92 -76.74
C ASN T 102 -45.75 -3.69 -76.74
N ASP T 103 -46.47 -4.37 -77.63
CA ASP T 103 -47.93 -4.31 -77.68
C ASP T 103 -48.58 -5.66 -77.43
N CYS T 104 -48.18 -6.71 -78.16
CA CYS T 104 -48.87 -7.99 -78.10
C CYS T 104 -48.29 -8.89 -77.02
N GLY T 105 -47.01 -9.23 -77.14
CA GLY T 105 -46.35 -10.09 -76.17
C GLY T 105 -44.93 -9.66 -75.88
N ASP T 106 -44.21 -10.47 -75.09
CA ASP T 106 -42.82 -10.16 -74.79
C ASP T 106 -42.00 -10.13 -76.08
N PHE T 107 -42.03 -11.22 -76.85
CA PHE T 107 -41.37 -11.28 -78.14
C PHE T 107 -42.35 -11.55 -79.28
N SER T 108 -43.66 -11.40 -79.04
CA SER T 108 -44.64 -11.63 -80.09
C SER T 108 -44.53 -10.57 -81.18
N ASP T 109 -44.60 -9.29 -80.80
CA ASP T 109 -44.38 -8.22 -81.77
C ASP T 109 -42.93 -8.17 -82.24
N GLU T 110 -42.00 -8.59 -81.39
CA GLU T 110 -40.58 -8.66 -81.71
C GLU T 110 -40.19 -10.02 -82.26
N ASP T 111 -41.12 -10.72 -82.91
CA ASP T 111 -40.85 -12.07 -83.41
C ASP T 111 -39.62 -12.12 -84.31
N ASP T 112 -39.61 -11.30 -85.36
CA ASP T 112 -38.50 -11.27 -86.30
C ASP T 112 -38.16 -9.82 -86.62
N CYS T 113 -36.87 -9.49 -86.55
CA CYS T 113 -36.39 -8.14 -86.79
C CYS T 113 -35.24 -8.21 -87.80
N GLU T 114 -35.52 -7.86 -89.05
CA GLU T 114 -34.47 -7.83 -90.07
C GLU T 114 -33.62 -6.58 -89.95
N SER T 115 -34.24 -5.44 -89.65
CA SER T 115 -33.51 -4.20 -89.47
C SER T 115 -32.87 -4.17 -88.08
N GLU T 116 -32.04 -3.14 -87.85
CA GLU T 116 -31.38 -2.99 -86.58
C GLU T 116 -32.39 -2.66 -85.48
N PRO T 117 -32.17 -3.13 -84.25
CA PRO T 117 -33.10 -2.81 -83.16
C PRO T 117 -32.99 -1.35 -82.72
N ARG T 118 -33.52 -0.45 -83.54
CA ARG T 118 -33.46 0.98 -83.25
C ARG T 118 -34.25 1.30 -81.99
N PRO T 119 -33.62 1.86 -80.95
CA PRO T 119 -34.38 2.20 -79.75
C PRO T 119 -35.27 3.41 -80.00
N PRO T 120 -36.46 3.45 -79.39
CA PRO T 120 -37.35 4.60 -79.63
C PRO T 120 -36.90 5.84 -78.89
N CYS T 121 -36.21 5.71 -77.76
CA CYS T 121 -35.79 6.85 -76.97
C CYS T 121 -34.43 6.55 -76.36
N ARG T 122 -33.53 7.53 -76.39
CA ARG T 122 -32.17 7.36 -75.87
C ARG T 122 -32.06 7.67 -74.39
N ASP T 123 -32.85 8.61 -73.88
CA ASP T 123 -32.77 8.99 -72.48
C ASP T 123 -33.22 7.84 -71.58
N ARG T 124 -32.69 7.82 -70.37
CA ARG T 124 -33.00 6.79 -69.38
C ARG T 124 -34.30 7.16 -68.67
N VAL T 125 -35.37 6.42 -68.96
CA VAL T 125 -36.67 6.65 -68.36
C VAL T 125 -37.11 5.34 -67.71
N VAL T 126 -37.21 5.34 -66.39
CA VAL T 126 -37.58 4.12 -65.66
C VAL T 126 -39.04 3.81 -65.89
N GLU T 127 -39.36 2.52 -66.02
CA GLU T 127 -40.73 2.10 -66.21
C GLU T 127 -41.58 2.42 -64.98
N GLU T 128 -42.88 2.57 -65.20
CA GLU T 128 -43.82 2.94 -64.14
C GLU T 128 -44.00 1.74 -63.21
N SER T 129 -43.32 1.77 -62.08
CA SER T 129 -43.31 0.66 -61.13
C SER T 129 -44.33 0.90 -60.03
N GLU T 130 -45.36 0.06 -59.98
CA GLU T 130 -46.37 0.03 -58.92
C GLU T 130 -47.17 1.32 -58.83
N LEU T 131 -47.02 2.21 -59.79
CA LEU T 131 -47.73 3.49 -59.81
C LEU T 131 -49.04 3.31 -60.60
N ALA T 132 -49.66 4.40 -61.00
CA ALA T 132 -50.97 4.40 -61.64
C ALA T 132 -51.01 3.66 -62.98
N ARG T 133 -49.88 3.03 -63.36
CA ARG T 133 -49.79 2.22 -64.57
C ARG T 133 -51.01 1.32 -64.75
N THR T 134 -51.53 0.77 -63.66
CA THR T 134 -52.77 0.01 -63.68
C THR T 134 -53.92 0.98 -63.40
N ALA T 135 -54.29 1.73 -64.43
CA ALA T 135 -55.27 2.80 -64.32
C ALA T 135 -56.69 2.35 -64.59
N GLY T 136 -56.90 1.09 -64.99
CA GLY T 136 -58.23 0.59 -65.24
C GLY T 136 -58.87 0.10 -63.97
N TYR T 137 -60.13 0.48 -63.76
CA TYR T 137 -60.86 0.12 -62.55
C TYR T 137 -62.33 -0.09 -62.91
N GLY T 138 -62.90 -1.19 -62.43
CA GLY T 138 -64.26 -1.58 -62.77
C GLY T 138 -65.23 -1.53 -61.62
N ILE T 139 -65.19 -0.45 -60.83
CA ILE T 139 -66.00 -0.34 -59.63
C ILE T 139 -67.47 -0.63 -59.94
N ASN T 140 -68.13 -1.34 -59.02
CA ASN T 140 -69.54 -1.64 -59.12
C ASN T 140 -70.31 -0.68 -58.23
N ILE T 141 -71.22 0.09 -58.83
CA ILE T 141 -72.01 1.04 -58.05
C ILE T 141 -72.88 0.32 -57.03
N LEU T 142 -73.33 -0.89 -57.37
CA LEU T 142 -74.08 -1.72 -56.43
C LEU T 142 -73.19 -2.67 -55.64
N GLY T 143 -71.91 -2.78 -55.99
CA GLY T 143 -71.03 -3.74 -55.36
C GLY T 143 -70.07 -3.17 -54.33
N MET T 144 -68.80 -3.10 -54.67
CA MET T 144 -67.75 -2.79 -53.72
C MET T 144 -66.63 -2.05 -54.44
N ASP T 145 -65.43 -2.04 -53.83
CA ASP T 145 -64.25 -1.33 -54.28
C ASP T 145 -63.92 -1.61 -55.74
N PRO T 146 -63.18 -0.72 -56.41
CA PRO T 146 -62.93 -0.89 -57.85
C PRO T 146 -62.23 -2.19 -58.19
N LEU T 147 -62.35 -2.58 -59.46
CA LEU T 147 -61.81 -3.81 -60.00
C LEU T 147 -60.44 -3.55 -60.62
N SER T 148 -59.90 -4.55 -61.30
CA SER T 148 -58.61 -4.41 -61.97
C SER T 148 -58.82 -3.70 -63.32
N THR T 149 -57.80 -3.70 -64.16
CA THR T 149 -57.88 -3.02 -65.44
C THR T 149 -58.60 -3.90 -66.46
N PRO T 150 -59.66 -3.41 -67.09
CA PRO T 150 -60.33 -4.18 -68.15
C PRO T 150 -59.68 -4.06 -69.51
N PHE T 151 -58.57 -3.32 -69.61
CA PHE T 151 -57.91 -3.07 -70.89
C PHE T 151 -56.40 -3.12 -70.71
N ASP T 152 -55.69 -3.13 -71.83
CA ASP T 152 -54.23 -3.09 -71.81
C ASP T 152 -53.76 -1.68 -71.55
N ASN T 153 -52.82 -1.52 -70.62
CA ASN T 153 -52.30 -0.21 -70.25
C ASN T 153 -50.80 -0.11 -70.43
N GLU T 154 -50.17 -1.09 -71.08
CA GLU T 154 -48.74 -1.07 -71.33
C GLU T 154 -48.39 -0.56 -72.72
N PHE T 155 -49.33 -0.62 -73.67
CA PHE T 155 -49.06 -0.20 -75.03
C PHE T 155 -48.74 1.30 -75.10
N TYR T 156 -47.82 1.65 -75.99
CA TYR T 156 -47.48 3.04 -76.27
C TYR T 156 -47.38 3.22 -77.78
N ASN T 157 -47.66 4.45 -78.24
CA ASN T 157 -47.80 4.69 -79.67
C ASN T 157 -46.48 5.11 -80.33
N GLY T 158 -45.92 6.23 -79.90
CA GLY T 158 -44.77 6.79 -80.60
C GLY T 158 -43.64 7.27 -79.72
N LEU T 159 -43.26 8.53 -79.87
CA LEU T 159 -42.18 9.10 -79.08
C LEU T 159 -42.56 9.16 -77.60
N CYS T 160 -41.63 8.78 -76.74
CA CYS T 160 -41.88 8.78 -75.31
C CYS T 160 -42.29 10.18 -74.84
N ASN T 161 -43.28 10.21 -73.95
CA ASN T 161 -43.73 11.45 -73.34
C ASN T 161 -43.18 11.52 -71.93
N ARG T 162 -42.29 12.49 -71.69
CA ARG T 162 -41.60 12.56 -70.42
C ARG T 162 -42.56 12.88 -69.28
N ASP T 163 -42.25 12.33 -68.11
CA ASP T 163 -43.02 12.50 -66.89
C ASP T 163 -42.11 13.00 -65.78
N ARG T 164 -41.33 14.04 -66.09
CA ARG T 164 -40.27 14.53 -65.21
C ARG T 164 -40.91 15.21 -64.01
N ASP T 165 -41.33 14.39 -63.05
CA ASP T 165 -41.97 14.87 -61.83
C ASP T 165 -41.93 13.74 -60.81
N GLY T 166 -42.21 14.08 -59.56
CA GLY T 166 -42.25 13.11 -58.49
C GLY T 166 -41.43 13.56 -57.29
N ASN T 167 -41.45 12.71 -56.26
CA ASN T 167 -40.72 12.99 -55.03
C ASN T 167 -39.22 13.06 -55.30
N THR T 168 -38.64 11.97 -55.79
CA THR T 168 -37.22 11.90 -56.07
C THR T 168 -36.96 12.27 -57.53
N LEU T 169 -35.69 12.18 -57.94
CA LEU T 169 -35.29 12.51 -59.31
C LEU T 169 -35.33 11.23 -60.12
N THR T 170 -36.46 10.98 -60.76
CA THR T 170 -36.65 9.79 -61.58
C THR T 170 -37.68 10.09 -62.66
N TYR T 171 -37.51 9.46 -63.82
CA TYR T 171 -38.36 9.69 -64.98
C TYR T 171 -39.22 8.45 -65.22
N TYR T 172 -40.53 8.63 -65.20
CA TYR T 172 -41.47 7.54 -65.45
C TYR T 172 -42.05 7.66 -66.86
N ARG T 173 -42.73 6.60 -67.28
CA ARG T 173 -43.39 6.56 -68.57
C ARG T 173 -44.90 6.68 -68.40
N ARG T 174 -45.54 7.32 -69.37
CA ARG T 174 -46.99 7.45 -69.42
C ARG T 174 -47.50 6.75 -70.66
N PRO T 175 -48.33 5.72 -70.54
CA PRO T 175 -48.81 5.00 -71.73
C PRO T 175 -49.72 5.86 -72.58
N TRP T 176 -49.80 5.50 -73.86
CA TRP T 176 -50.64 6.23 -74.80
C TRP T 176 -52.11 6.13 -74.46
N ASN T 177 -52.51 5.12 -73.69
CA ASN T 177 -53.90 5.00 -73.27
C ASN T 177 -54.24 5.97 -72.14
N VAL T 178 -53.29 6.25 -71.25
CA VAL T 178 -53.51 7.21 -70.17
C VAL T 178 -53.26 8.61 -70.71
N ALA T 179 -54.28 9.45 -70.67
CA ALA T 179 -54.17 10.79 -71.25
C ALA T 179 -53.34 11.70 -70.37
N SER T 180 -53.47 11.59 -69.05
CA SER T 180 -52.78 12.49 -68.14
C SER T 180 -52.55 11.80 -66.81
N LEU T 181 -51.50 12.22 -66.12
CA LEU T 181 -51.22 11.75 -64.76
C LEU T 181 -50.44 12.84 -64.03
N ILE T 182 -50.92 13.21 -62.85
CA ILE T 182 -50.26 14.24 -62.04
C ILE T 182 -49.76 13.59 -60.75
N TYR T 183 -48.75 14.23 -60.15
CA TYR T 183 -48.14 13.75 -58.92
C TYR T 183 -48.40 14.69 -57.75
N GLU T 184 -49.53 15.40 -57.78
CA GLU T 184 -49.88 16.31 -56.71
C GLU T 184 -50.11 15.56 -55.41
N THR T 185 -49.37 15.93 -54.37
CA THR T 185 -49.48 15.28 -53.07
C THR T 185 -50.43 16.06 -52.15
N LYS T 186 -51.66 16.20 -52.63
CA LYS T 186 -52.68 16.90 -51.85
C LYS T 186 -52.99 16.14 -50.57
N GLY T 187 -53.42 16.87 -49.55
CA GLY T 187 -53.78 16.27 -48.28
C GLY T 187 -54.61 17.18 -47.40
N GLU T 188 -55.70 16.66 -46.85
CA GLU T 188 -56.57 17.46 -46.00
C GLU T 188 -57.20 16.56 -44.95
N LYS T 189 -57.69 17.20 -43.89
CA LYS T 189 -58.35 16.50 -42.80
C LYS T 189 -59.24 17.49 -42.06
N ASN T 190 -60.23 16.96 -41.34
CA ASN T 190 -61.19 17.78 -40.63
C ASN T 190 -61.34 17.30 -39.19
N PHE T 191 -61.86 18.17 -38.36
CA PHE T 191 -62.27 17.76 -37.05
C PHE T 191 -63.56 18.45 -36.73
N ARG T 192 -64.28 17.87 -35.81
CA ARG T 192 -65.53 18.43 -35.33
C ARG T 192 -65.86 17.83 -33.96
N THR T 193 -66.70 18.55 -33.22
CA THR T 193 -67.23 18.07 -31.94
C THR T 193 -68.39 18.97 -31.55
N GLU T 194 -69.25 18.43 -30.68
CA GLU T 194 -70.41 19.16 -30.21
C GLU T 194 -70.81 18.61 -28.84
N HIS T 195 -71.74 19.30 -28.20
CA HIS T 195 -72.23 18.89 -26.88
C HIS T 195 -73.70 19.27 -26.75
N TYR T 196 -74.49 18.33 -26.23
CA TYR T 196 -75.90 18.54 -25.93
C TYR T 196 -76.13 18.33 -24.45
N GLU T 197 -77.03 19.11 -23.87
CA GLU T 197 -77.34 19.01 -22.45
C GLU T 197 -78.82 19.28 -22.23
N GLU T 198 -79.43 18.45 -21.38
CA GLU T 198 -80.84 18.59 -21.03
C GLU T 198 -81.01 18.24 -19.57
N GLN T 199 -81.81 19.04 -18.87
CA GLN T 199 -82.05 18.84 -17.44
C GLN T 199 -83.43 19.40 -17.10
N ILE T 200 -84.15 18.67 -16.25
CA ILE T 200 -85.46 19.11 -15.77
C ILE T 200 -85.63 18.64 -14.34
N GLU T 201 -86.21 19.52 -13.50
CA GLU T 201 -86.47 19.20 -12.10
C GLU T 201 -87.79 19.85 -11.70
N ALA T 202 -88.56 19.14 -10.87
CA ALA T 202 -89.85 19.63 -10.40
C ALA T 202 -90.06 19.17 -8.97
N PHE T 203 -90.43 20.10 -8.09
CA PHE T 203 -90.71 19.82 -6.70
C PHE T 203 -92.15 20.20 -6.38
N LYS T 204 -92.83 19.34 -5.63
CA LYS T 204 -94.22 19.58 -5.24
C LYS T 204 -94.43 19.13 -3.80
N SER T 205 -95.13 19.96 -3.02
CA SER T 205 -95.43 19.65 -1.63
C SER T 205 -96.81 20.21 -1.29
N ILE T 206 -97.66 19.37 -0.70
CA ILE T 206 -99.01 19.75 -0.31
C ILE T 206 -99.26 19.25 1.09
N ILE T 207 -99.79 20.12 1.95
CA ILE T 207 -100.07 19.79 3.35
C ILE T 207 -101.46 20.29 3.70
N GLN T 208 -102.18 19.50 4.49
CA GLN T 208 -103.53 19.84 4.94
C GLN T 208 -103.62 19.66 6.44
N GLU T 209 -104.39 20.53 7.08
CA GLU T 209 -104.56 20.49 8.54
C GLU T 209 -105.98 20.92 8.89
N LYS T 210 -106.67 20.09 9.68
CA LYS T 210 -108.03 20.39 10.10
C LYS T 210 -108.20 19.90 11.54
N THR T 211 -108.89 20.70 12.35
CA THR T 211 -109.13 20.38 13.75
C THR T 211 -110.58 20.66 14.09
N SER T 212 -111.22 19.75 14.82
CA SER T 212 -112.62 19.88 15.17
C SER T 212 -112.81 19.56 16.64
N ASN T 213 -113.54 20.43 17.35
CA ASN T 213 -113.85 20.26 18.76
C ASN T 213 -115.26 20.76 19.03
N PHE T 214 -115.96 20.08 19.94
CA PHE T 214 -117.32 20.43 20.27
C PHE T 214 -117.55 20.29 21.77
N ASN T 215 -118.45 21.13 22.30
CA ASN T 215 -118.82 21.11 23.71
C ASN T 215 -120.33 21.08 23.84
N ALA T 216 -120.81 20.43 24.89
CA ALA T 216 -122.24 20.37 25.16
C ALA T 216 -122.45 20.13 26.66
N ALA T 217 -122.89 21.16 27.36
CA ALA T 217 -123.12 21.09 28.81
C ALA T 217 -124.47 21.69 29.12
N ILE T 218 -125.32 20.93 29.82
CA ILE T 218 -126.64 21.38 30.25
C ILE T 218 -126.94 20.77 31.62
N SER T 219 -127.39 21.59 32.55
CA SER T 219 -127.70 21.16 33.91
C SER T 219 -129.13 21.56 34.25
N LEU T 220 -129.83 20.66 34.96
CA LEU T 220 -131.22 20.89 35.34
C LEU T 220 -131.42 20.42 36.77
N LYS T 221 -131.91 21.31 37.62
CA LYS T 221 -132.21 20.99 39.01
C LYS T 221 -133.54 21.62 39.40
N PHE T 222 -134.29 20.91 40.24
CA PHE T 222 -135.62 21.34 40.63
C PHE T 222 -135.78 21.18 42.14
N THR T 223 -136.29 22.22 42.79
CA THR T 223 -136.56 22.19 44.22
C THR T 223 -137.72 23.14 44.56
N PRO T 224 -138.91 22.60 44.87
CA PRO T 224 -140.07 23.43 45.22
C PRO T 224 -139.99 23.98 46.65
N SER T 242 -141.03 16.91 51.37
CA SER T 242 -139.82 17.46 50.77
C SER T 242 -139.59 16.88 49.37
N LEU T 243 -139.10 17.71 48.47
CA LEU T 243 -138.84 17.30 47.09
C LEU T 243 -137.59 18.01 46.60
N HIS T 244 -136.67 17.24 46.00
CA HIS T 244 -135.43 17.78 45.48
C HIS T 244 -135.06 17.07 44.19
N GLY T 245 -134.41 17.80 43.30
CA GLY T 245 -133.95 17.24 42.03
C GLY T 245 -132.71 17.93 41.51
N LYS T 246 -131.82 17.18 40.88
CA LYS T 246 -130.59 17.74 40.34
C LYS T 246 -130.07 16.84 39.23
N GLY T 247 -129.77 17.43 38.08
CA GLY T 247 -129.19 16.70 36.96
C GLY T 247 -128.29 17.57 36.12
N SER T 248 -127.18 17.03 35.64
CA SER T 248 -126.23 17.78 34.83
C SER T 248 -125.70 16.89 33.72
N PHE T 249 -125.64 17.45 32.51
CA PHE T 249 -125.12 16.74 31.35
C PHE T 249 -123.80 17.38 30.92
N ARG T 250 -122.86 16.55 30.50
CA ARG T 250 -121.58 17.02 29.99
C ARG T 250 -121.22 16.22 28.75
N PHE T 251 -120.55 16.87 27.80
CA PHE T 251 -120.20 16.24 26.53
C PHE T 251 -118.98 16.92 25.95
N SER T 252 -118.11 16.13 25.32
CA SER T 252 -116.89 16.63 24.72
C SER T 252 -116.68 15.97 23.36
N TYR T 253 -115.75 16.52 22.60
CA TYR T 253 -115.44 16.01 21.26
C TYR T 253 -114.03 16.44 20.87
N SER T 254 -113.31 15.53 20.23
CA SER T 254 -111.94 15.81 19.80
C SER T 254 -111.72 15.21 18.42
N LYS T 255 -111.05 15.96 17.55
CA LYS T 255 -110.83 15.53 16.18
C LYS T 255 -109.77 16.38 15.48
N ASN T 256 -108.82 15.74 14.80
CA ASN T 256 -107.96 16.44 13.88
C ASN T 256 -107.48 15.47 12.80
N GLU T 257 -107.26 15.99 11.60
CA GLU T 257 -106.82 15.18 10.47
C GLU T 257 -105.77 15.96 9.68
N THR T 258 -104.52 15.53 9.78
CA THR T 258 -103.40 16.15 9.07
C THR T 258 -103.06 15.33 7.85
N TYR T 259 -103.01 15.99 6.68
CA TYR T 259 -102.64 15.35 5.43
C TYR T 259 -101.34 15.94 4.92
N GLN T 260 -100.53 15.10 4.28
CA GLN T 260 -99.25 15.54 3.74
C GLN T 260 -99.01 14.87 2.38
N LEU T 261 -98.52 15.66 1.43
CA LEU T 261 -98.23 15.19 0.10
C LEU T 261 -96.89 15.76 -0.36
N PHE T 262 -96.11 14.93 -1.06
CA PHE T 262 -94.81 15.34 -1.56
C PHE T 262 -94.56 14.65 -2.90
N LEU T 263 -94.09 15.41 -3.87
CA LEU T 263 -93.81 14.89 -5.21
C LEU T 263 -92.56 15.56 -5.75
N SER T 264 -91.71 14.76 -6.40
CA SER T 264 -90.46 15.25 -6.97
C SER T 264 -90.22 14.58 -8.31
N TYR T 265 -89.60 15.32 -9.22
CA TYR T 265 -89.29 14.83 -10.56
C TYR T 265 -87.94 15.38 -10.99
N SER T 266 -87.16 14.55 -11.68
CA SER T 266 -85.84 14.95 -12.13
C SER T 266 -85.43 14.07 -13.31
N SER T 267 -84.80 14.69 -14.30
CA SER T 267 -84.32 13.96 -15.47
C SER T 267 -83.19 14.75 -16.11
N LYS T 268 -82.18 14.03 -16.60
CA LYS T 268 -81.03 14.64 -17.25
C LYS T 268 -80.67 13.85 -18.50
N LYS T 269 -80.30 14.56 -19.56
CA LYS T 269 -79.94 13.94 -20.83
C LYS T 269 -78.72 14.65 -21.41
N GLU T 270 -77.84 13.87 -22.03
CA GLU T 270 -76.64 14.40 -22.66
C GLU T 270 -76.35 13.61 -23.93
N LYS T 271 -75.83 14.30 -24.94
CA LYS T 271 -75.54 13.65 -26.21
C LYS T 271 -74.34 14.34 -26.86
N MET T 272 -73.47 13.54 -27.45
CA MET T 272 -72.28 14.04 -28.14
C MET T 272 -72.06 13.22 -29.40
N PHE T 273 -71.95 13.90 -30.54
CA PHE T 273 -71.71 13.24 -31.82
C PHE T 273 -70.67 14.05 -32.59
N LEU T 274 -69.71 13.35 -33.18
CA LEU T 274 -68.67 14.01 -33.95
C LEU T 274 -68.06 13.02 -34.92
N HIS T 275 -67.57 13.53 -36.04
CA HIS T 275 -66.93 12.70 -37.06
C HIS T 275 -65.75 13.46 -37.66
N VAL T 276 -64.67 12.73 -37.92
CA VAL T 276 -63.47 13.30 -38.51
C VAL T 276 -62.99 12.36 -39.63
N LYS T 277 -62.29 12.94 -40.60
CA LYS T 277 -61.78 12.17 -41.73
C LYS T 277 -60.58 12.88 -42.32
N GLY T 278 -59.65 12.09 -42.84
CA GLY T 278 -58.47 12.64 -43.49
C GLY T 278 -57.98 11.72 -44.58
N GLU T 279 -57.44 12.32 -45.63
CA GLU T 279 -56.94 11.56 -46.78
C GLU T 279 -55.61 12.12 -47.21
N ILE T 280 -54.70 11.22 -47.62
CA ILE T 280 -53.40 11.58 -48.15
C ILE T 280 -53.41 11.24 -49.63
N HIS T 281 -53.64 12.24 -50.47
CA HIS T 281 -53.67 12.03 -51.91
C HIS T 281 -52.25 11.85 -52.45
N LEU T 282 -52.09 10.91 -53.39
CA LEU T 282 -50.79 10.60 -53.97
C LEU T 282 -50.69 11.07 -55.41
N GLY T 283 -51.61 10.65 -56.28
CA GLY T 283 -51.58 11.03 -57.67
C GLY T 283 -52.94 10.91 -58.30
N ARG T 284 -53.11 11.59 -59.43
CA ARG T 284 -54.38 11.62 -60.13
C ARG T 284 -54.13 11.41 -61.62
N PHE T 285 -55.04 10.67 -62.25
CA PHE T 285 -54.93 10.35 -63.66
C PHE T 285 -56.30 10.50 -64.32
N VAL T 286 -56.29 10.73 -65.62
CA VAL T 286 -57.50 10.85 -66.42
C VAL T 286 -57.33 9.98 -67.66
N MET T 287 -58.12 8.91 -67.74
CA MET T 287 -58.05 8.01 -68.88
C MET T 287 -58.59 8.68 -70.14
N ARG T 288 -57.88 8.48 -71.25
CA ARG T 288 -58.34 8.99 -72.54
C ARG T 288 -59.65 8.29 -72.92
N ASN T 289 -60.65 9.09 -73.30
CA ASN T 289 -61.98 8.54 -73.52
C ASN T 289 -62.04 7.73 -74.82
N ARG T 290 -61.68 8.35 -75.95
CA ARG T 290 -61.72 7.69 -77.24
C ARG T 290 -60.30 7.46 -77.74
N ASP T 291 -60.19 6.73 -78.86
CA ASP T 291 -58.92 6.30 -79.42
C ASP T 291 -58.14 5.48 -78.38
N VAL T 292 -58.82 4.45 -77.87
CA VAL T 292 -58.34 3.64 -76.76
C VAL T 292 -57.97 2.26 -77.27
N VAL T 293 -56.85 1.73 -76.78
CA VAL T 293 -56.43 0.37 -77.07
C VAL T 293 -56.92 -0.54 -75.95
N LEU T 294 -57.19 -1.79 -76.30
CA LEU T 294 -57.76 -2.76 -75.36
C LEU T 294 -56.86 -3.98 -75.25
N THR T 295 -57.07 -4.74 -74.19
CA THR T 295 -56.29 -5.95 -73.97
C THR T 295 -56.85 -7.11 -74.79
N THR T 296 -56.00 -8.12 -75.00
CA THR T 296 -56.38 -9.25 -75.84
C THR T 296 -57.56 -10.03 -75.25
N THR T 297 -57.63 -10.14 -73.93
CA THR T 297 -58.72 -10.91 -73.31
C THR T 297 -60.04 -10.19 -73.47
N PHE T 298 -60.07 -8.88 -73.23
CA PHE T 298 -61.31 -8.12 -73.39
C PHE T 298 -61.73 -8.08 -74.85
N VAL T 299 -60.77 -7.95 -75.76
CA VAL T 299 -61.09 -7.97 -77.20
C VAL T 299 -61.69 -9.31 -77.59
N ASP T 300 -61.11 -10.41 -77.10
CA ASP T 300 -61.64 -11.73 -77.40
C ASP T 300 -63.04 -11.90 -76.82
N ASP T 301 -63.28 -11.36 -75.62
CA ASP T 301 -64.59 -11.47 -75.01
C ASP T 301 -65.63 -10.67 -75.79
N ILE T 302 -65.27 -9.48 -76.27
CA ILE T 302 -66.20 -8.68 -77.06
C ILE T 302 -66.44 -9.32 -78.42
N LYS T 303 -65.42 -9.98 -78.98
CA LYS T 303 -65.60 -10.66 -80.26
C LYS T 303 -66.52 -11.86 -80.11
N ALA T 304 -66.33 -12.66 -79.06
CA ALA T 304 -67.21 -13.78 -78.75
C ALA T 304 -68.32 -13.30 -77.81
N LEU T 305 -69.22 -12.51 -78.39
CA LEU T 305 -70.31 -11.88 -77.65
C LEU T 305 -71.56 -11.92 -78.51
N PRO T 306 -72.71 -12.25 -77.92
CA PRO T 306 -73.95 -12.34 -78.72
C PRO T 306 -74.45 -10.98 -79.18
N THR T 307 -75.52 -10.98 -79.96
CA THR T 307 -76.08 -9.73 -80.48
C THR T 307 -77.61 -9.72 -80.44
N THR T 308 -78.24 -10.67 -79.75
CA THR T 308 -79.69 -10.77 -79.69
C THR T 308 -80.21 -10.53 -78.27
N TYR T 309 -79.54 -9.65 -77.53
CA TYR T 309 -79.90 -9.29 -76.16
C TYR T 309 -79.94 -10.53 -75.26
N GLU T 310 -78.76 -11.12 -75.08
CA GLU T 310 -78.61 -12.26 -74.18
C GLU T 310 -78.30 -11.73 -72.79
N LYS T 311 -79.35 -11.48 -72.01
CA LYS T 311 -79.19 -10.99 -70.64
C LYS T 311 -78.40 -11.97 -69.79
N GLY T 312 -78.51 -13.27 -70.07
CA GLY T 312 -77.81 -14.25 -69.26
C GLY T 312 -76.29 -14.10 -69.35
N GLU T 313 -75.75 -14.08 -70.57
CA GLU T 313 -74.31 -13.89 -70.73
C GLU T 313 -73.89 -12.46 -70.40
N TYR T 314 -74.77 -11.49 -70.66
CA TYR T 314 -74.43 -10.11 -70.35
C TYR T 314 -74.34 -9.89 -68.84
N PHE T 315 -75.20 -10.55 -68.06
CA PHE T 315 -75.12 -10.44 -66.61
C PHE T 315 -73.82 -11.06 -66.09
N ALA T 316 -73.34 -12.12 -66.73
CA ALA T 316 -72.06 -12.70 -66.34
C ALA T 316 -70.91 -11.77 -66.70
N PHE T 317 -70.93 -11.22 -67.92
CA PHE T 317 -69.90 -10.27 -68.34
C PHE T 317 -69.87 -9.05 -67.44
N LEU T 318 -71.03 -8.62 -66.95
CA LEU T 318 -71.11 -7.45 -66.09
C LEU T 318 -70.40 -7.70 -64.76
N GLU T 319 -70.67 -8.85 -64.14
CA GLU T 319 -69.98 -9.20 -62.90
C GLU T 319 -68.51 -9.47 -63.15
N THR T 320 -68.15 -9.91 -64.36
CA THR T 320 -66.76 -10.24 -64.64
C THR T 320 -65.90 -8.99 -64.83
N TYR T 321 -66.41 -8.01 -65.60
CA TYR T 321 -65.64 -6.83 -65.94
C TYR T 321 -66.27 -5.54 -65.41
N GLY T 322 -67.00 -5.63 -64.29
CA GLY T 322 -67.57 -4.44 -63.69
C GLY T 322 -68.74 -3.88 -64.46
N THR T 323 -69.42 -2.89 -63.89
CA THR T 323 -70.55 -2.25 -64.55
C THR T 323 -70.12 -1.03 -65.37
N HIS T 324 -69.22 -0.21 -64.83
CA HIS T 324 -68.73 0.98 -65.51
C HIS T 324 -67.32 1.27 -65.03
N TYR T 325 -66.46 1.70 -65.95
CA TYR T 325 -65.06 1.90 -65.63
C TYR T 325 -64.83 3.32 -65.11
N SER T 326 -63.58 3.61 -64.75
CA SER T 326 -63.19 4.88 -64.18
C SER T 326 -62.59 5.77 -65.27
N SER T 327 -63.20 6.94 -65.48
CA SER T 327 -62.62 7.92 -66.39
C SER T 327 -61.43 8.63 -65.75
N SER T 328 -61.47 8.83 -64.43
CA SER T 328 -60.37 9.47 -63.71
C SER T 328 -60.37 8.98 -62.28
N GLY T 329 -59.19 8.65 -61.77
CA GLY T 329 -59.06 8.17 -60.41
C GLY T 329 -58.20 9.05 -59.54
N SER T 330 -57.90 8.59 -58.31
CA SER T 330 -57.09 9.37 -57.37
C SER T 330 -56.37 8.38 -56.46
N LEU T 331 -55.09 8.13 -56.77
CA LEU T 331 -54.31 7.20 -55.96
C LEU T 331 -53.94 7.84 -54.62
N GLY T 332 -53.88 7.01 -53.58
CA GLY T 332 -53.58 7.50 -52.25
C GLY T 332 -54.16 6.62 -51.15
N GLY T 333 -54.89 7.24 -50.22
CA GLY T 333 -55.53 6.53 -49.14
C GLY T 333 -56.16 7.45 -48.12
N LEU T 334 -57.26 7.02 -47.51
CA LEU T 334 -57.98 7.83 -46.54
C LEU T 334 -58.20 7.05 -45.26
N TYR T 335 -58.37 7.79 -44.17
CA TYR T 335 -58.66 7.20 -42.86
C TYR T 335 -59.64 8.10 -42.13
N GLU T 336 -60.47 7.49 -41.28
CA GLU T 336 -61.47 8.23 -40.53
C GLU T 336 -61.87 7.43 -39.30
N LEU T 337 -62.17 8.15 -38.22
CA LEU T 337 -62.65 7.55 -36.98
C LEU T 337 -63.82 8.37 -36.45
N ILE T 338 -64.84 7.69 -35.96
CA ILE T 338 -66.05 8.33 -35.46
C ILE T 338 -66.46 7.65 -34.15
N TYR T 339 -66.76 8.44 -33.15
CA TYR T 339 -67.52 7.83 -32.10
C TYR T 339 -68.50 8.74 -31.42
N VAL T 340 -69.54 8.11 -30.94
CA VAL T 340 -70.80 8.75 -30.56
C VAL T 340 -71.04 8.50 -29.09
N LEU T 341 -71.67 9.48 -28.43
CA LEU T 341 -72.02 9.39 -27.03
C LEU T 341 -73.45 9.87 -26.81
N ASP T 342 -74.17 9.17 -25.94
CA ASP T 342 -75.55 9.52 -25.62
C ASP T 342 -75.82 9.16 -24.17
N LYS T 343 -76.48 10.07 -23.44
CA LYS T 343 -76.76 9.89 -22.03
C LYS T 343 -78.21 10.26 -21.74
N ALA T 344 -78.83 9.51 -20.84
CA ALA T 344 -80.21 9.77 -20.44
C ALA T 344 -80.41 9.33 -19.00
N SER T 345 -81.19 10.11 -18.25
CA SER T 345 -81.44 9.81 -16.85
C SER T 345 -82.84 10.30 -16.49
N MET T 346 -83.45 9.63 -15.52
CA MET T 346 -84.79 9.97 -15.05
C MET T 346 -84.91 9.63 -13.57
N LYS T 347 -85.51 10.53 -12.81
CA LYS T 347 -85.73 10.34 -11.37
C LYS T 347 -87.12 10.85 -11.01
N ARG T 348 -87.88 10.05 -10.28
CA ARG T 348 -89.22 10.41 -9.86
C ARG T 348 -89.42 10.03 -8.40
N LYS T 349 -89.97 10.96 -7.62
CA LYS T 349 -90.15 10.75 -6.19
C LYS T 349 -91.53 11.24 -5.78
N GLY T 350 -92.22 10.44 -4.97
CA GLY T 350 -93.51 10.81 -4.43
C GLY T 350 -93.72 10.29 -3.03
N VAL T 351 -94.07 11.17 -2.09
CA VAL T 351 -94.23 10.82 -0.68
C VAL T 351 -95.59 11.30 -0.22
N GLU T 352 -96.32 10.42 0.47
CA GLU T 352 -97.64 10.73 1.00
C GLU T 352 -97.74 10.29 2.45
N LEU T 353 -98.30 11.15 3.29
CA LEU T 353 -98.50 10.84 4.70
C LEU T 353 -99.90 11.29 5.11
N LYS T 354 -100.58 10.43 5.86
CA LYS T 354 -101.95 10.68 6.28
C LYS T 354 -102.12 10.24 7.73
N ASP T 355 -102.61 11.15 8.58
CA ASP T 355 -102.83 10.88 9.99
C ASP T 355 -104.12 11.54 10.43
N ILE T 356 -104.98 10.77 11.11
CA ILE T 356 -106.27 11.26 11.57
C ILE T 356 -106.48 10.78 13.00
N LYS T 357 -106.95 11.68 13.87
CA LYS T 357 -107.33 11.34 15.23
C LYS T 357 -108.71 11.93 15.53
N ARG T 358 -109.58 11.09 16.10
CA ARG T 358 -110.92 11.51 16.49
C ARG T 358 -111.26 10.89 17.83
N CYS T 359 -111.72 11.69 18.78
CA CYS T 359 -112.07 11.18 20.09
C CYS T 359 -113.38 11.80 20.56
N LEU T 360 -114.07 11.09 21.44
CA LEU T 360 -115.38 11.49 21.94
C LEU T 360 -115.38 11.45 23.46
N GLY T 361 -116.09 12.40 24.06
CA GLY T 361 -116.21 12.45 25.50
C GLY T 361 -117.61 12.78 25.97
N TYR T 362 -118.10 12.04 26.97
CA TYR T 362 -119.45 12.25 27.49
C TYR T 362 -119.47 11.98 28.99
N HIS T 363 -120.17 12.84 29.73
CA HIS T 363 -120.30 12.71 31.17
C HIS T 363 -121.75 12.97 31.57
N LEU T 364 -122.32 12.04 32.33
CA LEU T 364 -123.69 12.14 32.81
C LEU T 364 -123.71 11.95 34.31
N ASP T 365 -124.32 12.90 35.03
CA ASP T 365 -124.40 12.84 36.48
C ASP T 365 -125.76 13.35 36.91
N VAL T 366 -126.53 12.52 37.62
CA VAL T 366 -127.85 12.88 38.11
C VAL T 366 -127.94 12.45 39.57
N SER T 367 -128.38 13.36 40.43
CA SER T 367 -128.52 13.08 41.85
C SER T 367 -129.87 13.59 42.32
N LEU T 368 -130.60 12.73 43.04
CA LEU T 368 -131.93 13.06 43.50
C LEU T 368 -132.00 12.91 45.02
N ALA T 369 -132.73 13.83 45.67
CA ALA T 369 -132.75 13.79 47.15
C ALA T 369 -134.18 13.77 47.72
N PHE T 370 -134.43 12.81 48.61
CA PHE T 370 -135.71 12.68 49.36
C PHE T 370 -135.58 13.50 50.66
N SER T 371 -136.62 13.51 51.50
CA SER T 371 -136.41 14.00 52.89
C SER T 371 -135.37 13.08 53.56
N GLU T 372 -135.54 11.76 53.40
CA GLU T 372 -134.59 10.75 53.93
C GLU T 372 -134.17 9.84 52.78
N ILE T 373 -134.49 10.24 51.54
CA ILE T 373 -134.24 9.41 50.36
C ILE T 373 -133.19 10.11 49.51
N SER T 374 -132.21 9.35 49.02
CA SER T 374 -131.16 9.88 48.18
C SER T 374 -130.94 8.95 47.00
N VAL T 375 -130.92 9.50 45.80
CA VAL T 375 -130.71 8.75 44.57
C VAL T 375 -129.56 9.37 43.80
N GLY T 376 -128.69 8.54 43.26
CA GLY T 376 -127.55 9.02 42.51
C GLY T 376 -127.39 8.27 41.21
N ALA T 377 -126.74 8.93 40.24
CA ALA T 377 -126.50 8.34 38.94
C ALA T 377 -125.28 9.02 38.32
N GLU T 378 -124.38 8.21 37.75
CA GLU T 378 -123.17 8.71 37.11
C GLU T 378 -122.83 7.82 35.92
N PHE T 379 -122.95 8.37 34.71
CA PHE T 379 -122.64 7.65 33.48
C PHE T 379 -121.59 8.44 32.71
N ASN T 380 -120.46 7.80 32.43
CA ASN T 380 -119.36 8.45 31.73
C ASN T 380 -118.96 7.60 30.52
N LYS T 381 -118.79 8.25 29.37
CA LYS T 381 -118.43 7.58 28.13
C LYS T 381 -117.20 8.26 27.53
N ASP T 382 -116.25 7.44 27.09
CA ASP T 382 -115.02 7.94 26.47
C ASP T 382 -114.61 7.01 25.35
N ASP T 383 -114.31 7.57 24.18
CA ASP T 383 -113.91 6.77 23.03
C ASP T 383 -113.09 7.64 22.08
N CYS T 384 -111.90 7.16 21.73
CA CYS T 384 -111.02 7.86 20.80
C CYS T 384 -110.67 6.93 19.64
N VAL T 385 -110.38 7.53 18.49
CA VAL T 385 -110.03 6.79 17.28
C VAL T 385 -108.86 7.49 16.61
N LYS T 386 -107.89 6.70 16.14
CA LYS T 386 -106.72 7.21 15.44
C LYS T 386 -106.56 6.48 14.12
N ARG T 387 -106.12 7.21 13.09
CA ARG T 387 -105.90 6.65 11.76
C ARG T 387 -104.53 7.09 11.25
N GLY T 388 -103.85 6.18 10.55
CA GLY T 388 -102.55 6.48 10.00
C GLY T 388 -102.31 5.84 8.65
N GLU T 389 -101.63 6.56 7.76
CA GLU T 389 -101.34 6.05 6.43
C GLU T 389 -100.07 6.70 5.90
N GLY T 390 -99.24 5.91 5.24
CA GLY T 390 -98.01 6.41 4.65
C GLY T 390 -97.73 5.81 3.28
N ARG T 391 -97.24 6.63 2.35
CA ARG T 391 -96.95 6.18 1.00
C ARG T 391 -95.67 6.84 0.51
N ALA T 392 -94.86 6.08 -0.21
CA ALA T 392 -93.60 6.58 -0.76
C ALA T 392 -93.36 5.95 -2.12
N VAL T 393 -92.77 6.75 -3.03
CA VAL T 393 -92.44 6.31 -4.38
C VAL T 393 -91.06 6.85 -4.71
N ASN T 394 -90.13 5.94 -5.05
CA ASN T 394 -88.74 6.32 -5.33
C ASN T 394 -88.25 5.44 -6.48
N ILE T 395 -88.14 6.04 -7.67
CA ILE T 395 -87.81 5.30 -8.88
C ILE T 395 -86.78 6.10 -9.68
N THR T 396 -85.62 5.51 -9.92
CA THR T 396 -84.55 6.12 -10.69
C THR T 396 -84.30 5.30 -11.95
N SER T 397 -84.06 5.99 -13.06
CA SER T 397 -83.78 5.33 -14.34
C SER T 397 -82.69 6.10 -15.07
N GLU T 398 -81.77 5.37 -15.70
CA GLU T 398 -80.68 5.96 -16.43
C GLU T 398 -80.36 5.11 -17.65
N ASN T 399 -80.05 5.78 -18.76
CA ASN T 399 -79.73 5.11 -20.03
C ASN T 399 -78.51 5.76 -20.66
N LEU T 400 -77.64 4.92 -21.22
CA LEU T 400 -76.43 5.37 -21.88
C LEU T 400 -76.28 4.64 -23.21
N ILE T 401 -75.78 5.36 -24.22
CA ILE T 401 -75.58 4.80 -25.56
C ILE T 401 -74.29 5.35 -26.14
N ASP T 402 -73.41 4.45 -26.56
CA ASP T 402 -72.13 4.83 -27.17
C ASP T 402 -71.90 3.99 -28.41
N ASP T 403 -71.39 4.63 -29.46
CA ASP T 403 -71.06 3.96 -30.71
C ASP T 403 -69.77 4.54 -31.27
N VAL T 404 -68.82 3.68 -31.60
CA VAL T 404 -67.53 4.09 -32.14
C VAL T 404 -67.26 3.28 -33.41
N VAL T 405 -66.81 3.96 -34.46
CA VAL T 405 -66.44 3.32 -35.71
C VAL T 405 -65.18 4.00 -36.27
N SER T 406 -64.37 3.22 -36.96
CA SER T 406 -63.13 3.74 -37.53
C SER T 406 -62.67 2.79 -38.64
N LEU T 407 -61.88 3.34 -39.56
CA LEU T 407 -61.39 2.55 -40.69
C LEU T 407 -60.11 3.19 -41.23
N ILE T 408 -59.32 2.38 -41.94
CA ILE T 408 -58.08 2.84 -42.54
C ILE T 408 -57.75 1.91 -43.70
N ARG T 409 -56.96 2.40 -44.65
CA ARG T 409 -56.59 1.62 -45.82
C ARG T 409 -55.39 2.27 -46.49
N GLY T 410 -54.64 1.46 -47.23
CA GLY T 410 -53.53 1.93 -48.02
C GLY T 410 -52.18 1.65 -47.36
N GLY T 411 -51.13 1.67 -48.18
CA GLY T 411 -49.79 1.48 -47.70
C GLY T 411 -49.45 0.04 -47.39
N THR T 412 -48.22 -0.17 -46.93
CA THR T 412 -47.80 -1.49 -46.49
C THR T 412 -48.53 -1.85 -45.20
N ARG T 413 -48.60 -3.15 -44.92
CA ARG T 413 -49.37 -3.61 -43.77
C ARG T 413 -48.66 -3.29 -42.45
N LYS T 414 -47.34 -3.16 -42.47
CA LYS T 414 -46.60 -2.86 -41.25
C LYS T 414 -46.88 -1.43 -40.79
N TYR T 415 -46.58 -0.45 -41.64
CA TYR T 415 -46.69 0.94 -41.23
C TYR T 415 -48.14 1.41 -41.12
N ALA T 416 -49.05 0.77 -41.84
CA ALA T 416 -50.45 1.21 -41.81
C ALA T 416 -51.08 0.95 -40.45
N PHE T 417 -51.01 -0.29 -39.97
CA PHE T 417 -51.65 -0.65 -38.70
C PHE T 417 -50.84 -0.18 -37.50
N GLU T 418 -49.57 0.17 -37.67
CA GLU T 418 -48.84 0.83 -36.61
C GLU T 418 -49.42 2.21 -36.33
N LEU T 419 -49.93 2.88 -37.37
CA LEU T 419 -50.65 4.13 -37.16
C LEU T 419 -52.03 3.88 -36.54
N LYS T 420 -52.66 2.76 -36.91
CA LYS T 420 -54.00 2.46 -36.41
C LYS T 420 -54.00 2.21 -34.92
N GLU T 421 -53.00 1.46 -34.42
CA GLU T 421 -52.96 1.14 -33.00
C GLU T 421 -52.73 2.36 -32.14
N LYS T 422 -51.89 3.29 -32.60
CA LYS T 422 -51.60 4.50 -31.83
C LYS T 422 -52.66 5.57 -32.00
N LEU T 423 -53.44 5.52 -33.09
CA LEU T 423 -54.51 6.49 -33.27
C LEU T 423 -55.70 6.18 -32.37
N LEU T 424 -56.05 4.90 -32.23
CA LEU T 424 -57.22 4.49 -31.45
C LEU T 424 -56.87 4.61 -29.97
N ARG T 425 -57.39 5.67 -29.33
CA ARG T 425 -57.24 5.91 -27.90
C ARG T 425 -55.79 6.02 -27.45
N GLY T 426 -54.88 6.33 -28.38
CA GLY T 426 -53.48 6.48 -28.04
C GLY T 426 -53.19 7.83 -27.39
N THR T 427 -53.80 8.88 -27.93
CA THR T 427 -53.70 10.28 -27.47
C THR T 427 -52.30 10.86 -27.60
N VAL T 428 -51.33 10.09 -28.11
CA VAL T 428 -49.96 10.57 -28.29
C VAL T 428 -49.54 10.16 -29.70
N ILE T 429 -49.61 11.10 -30.64
CA ILE T 429 -49.20 10.85 -32.02
C ILE T 429 -47.71 11.15 -32.16
N ASP T 430 -47.02 10.30 -32.91
CA ASP T 430 -45.59 10.44 -33.12
C ASP T 430 -45.31 11.30 -34.35
N VAL T 431 -44.06 11.75 -34.47
CA VAL T 431 -43.65 12.49 -35.65
C VAL T 431 -43.11 11.56 -36.75
N THR T 432 -42.48 10.44 -36.37
CA THR T 432 -41.88 9.55 -37.36
C THR T 432 -42.90 8.59 -37.96
N ASP T 433 -43.96 8.25 -37.21
CA ASP T 433 -44.93 7.29 -37.73
C ASP T 433 -45.70 7.85 -38.92
N PHE T 434 -45.95 9.17 -38.94
CA PHE T 434 -46.64 9.76 -40.09
C PHE T 434 -45.75 9.75 -41.33
N VAL T 435 -44.44 9.98 -41.15
CA VAL T 435 -43.51 9.90 -42.28
C VAL T 435 -43.43 8.47 -42.78
N ASN T 436 -43.43 7.49 -41.86
CA ASN T 436 -43.44 6.09 -42.26
C ASN T 436 -44.71 5.75 -43.03
N TRP T 437 -45.85 6.27 -42.57
CA TRP T 437 -47.11 6.07 -43.29
C TRP T 437 -47.07 6.70 -44.68
N ALA T 438 -46.45 7.87 -44.79
CA ALA T 438 -46.33 8.53 -46.09
C ALA T 438 -45.49 7.71 -47.04
N SER T 439 -44.33 7.21 -46.57
CA SER T 439 -43.49 6.36 -47.41
C SER T 439 -44.21 5.07 -47.78
N SER T 440 -44.96 4.50 -46.83
CA SER T 440 -45.68 3.26 -47.09
C SER T 440 -46.76 3.45 -48.14
N ILE T 441 -47.50 4.56 -48.07
CA ILE T 441 -48.55 4.80 -49.04
C ILE T 441 -47.96 5.23 -50.39
N ASN T 442 -46.75 5.81 -50.39
CA ASN T 442 -46.04 6.02 -51.63
C ASN T 442 -45.66 4.69 -52.27
N ASP T 443 -45.30 3.71 -51.44
CA ASP T 443 -45.01 2.38 -51.95
C ASP T 443 -46.27 1.71 -52.50
N ALA T 444 -47.39 1.82 -51.78
CA ALA T 444 -48.64 1.19 -52.19
C ALA T 444 -49.81 2.13 -51.93
N PRO T 445 -50.28 2.86 -52.94
CA PRO T 445 -51.45 3.72 -52.76
C PRO T 445 -52.77 3.00 -53.01
N VAL T 446 -53.89 3.71 -52.90
CA VAL T 446 -55.21 3.16 -53.16
C VAL T 446 -56.12 4.29 -53.60
N LEU T 447 -57.24 3.93 -54.21
CA LEU T 447 -58.16 4.93 -54.75
C LEU T 447 -58.79 5.76 -53.65
N ILE T 448 -59.03 7.05 -53.97
CA ILE T 448 -59.71 7.97 -53.05
C ILE T 448 -60.94 8.52 -53.75
N SER T 449 -60.72 9.24 -54.85
CA SER T 449 -61.79 9.82 -55.64
C SER T 449 -61.76 9.19 -57.04
N GLN T 450 -62.94 8.89 -57.57
CA GLN T 450 -63.04 8.13 -58.82
C GLN T 450 -64.10 8.78 -59.70
N LYS T 451 -63.67 9.32 -60.84
CA LYS T 451 -64.60 9.81 -61.83
C LYS T 451 -65.06 8.65 -62.70
N LEU T 452 -66.37 8.60 -62.97
CA LEU T 452 -67.00 7.41 -63.51
C LEU T 452 -67.34 7.60 -64.98
N SER T 453 -67.42 6.47 -65.71
CA SER T 453 -67.72 6.48 -67.13
C SER T 453 -68.30 5.13 -67.51
N PRO T 454 -69.36 5.09 -68.32
CA PRO T 454 -69.99 3.80 -68.66
C PRO T 454 -69.09 2.95 -69.55
N ILE T 455 -69.29 1.63 -69.45
CA ILE T 455 -68.46 0.69 -70.19
C ILE T 455 -68.82 0.70 -71.67
N TYR T 456 -70.11 0.79 -72.00
CA TYR T 456 -70.53 0.71 -73.40
C TYR T 456 -69.96 1.84 -74.25
N ASN T 457 -69.40 2.87 -73.63
CA ASN T 457 -68.65 3.88 -74.38
C ASN T 457 -67.22 3.46 -74.65
N LEU T 458 -66.75 2.39 -74.01
CA LEU T 458 -65.38 1.91 -74.16
C LEU T 458 -65.24 0.85 -75.25
N VAL T 459 -66.34 0.33 -75.77
CA VAL T 459 -66.29 -0.71 -76.80
C VAL T 459 -65.58 -0.15 -78.04
N PRO T 460 -64.71 -0.92 -78.69
CA PRO T 460 -64.03 -0.41 -79.89
C PRO T 460 -65.00 -0.18 -81.05
N VAL T 461 -64.78 0.91 -81.77
CA VAL T 461 -65.62 1.30 -82.89
C VAL T 461 -65.26 0.44 -84.11
N LYS T 462 -66.08 0.51 -85.16
CA LYS T 462 -65.87 -0.19 -86.43
C LYS T 462 -65.48 -1.66 -86.25
N MET T 463 -66.11 -2.30 -85.26
CA MET T 463 -65.90 -3.71 -85.01
C MET T 463 -66.93 -4.51 -85.83
N LYS T 464 -67.08 -5.80 -85.51
CA LYS T 464 -68.04 -6.65 -86.20
C LYS T 464 -69.45 -6.08 -86.09
N ASN T 465 -69.96 -5.96 -84.86
CA ASN T 465 -71.29 -5.43 -84.58
C ASN T 465 -71.22 -4.45 -83.42
N ALA T 466 -70.28 -3.51 -83.50
CA ALA T 466 -69.97 -2.64 -82.37
C ALA T 466 -71.20 -1.83 -81.93
N HIS T 467 -71.89 -1.19 -82.88
CA HIS T 467 -72.98 -0.29 -82.51
C HIS T 467 -74.12 -1.04 -81.84
N LEU T 468 -74.58 -2.14 -82.46
CA LEU T 468 -75.67 -2.89 -81.86
C LEU T 468 -75.27 -3.49 -80.52
N LYS T 469 -74.02 -3.96 -80.41
CA LYS T 469 -73.52 -4.42 -79.12
C LYS T 469 -73.41 -3.27 -78.12
N LYS T 470 -73.13 -2.05 -78.60
CA LYS T 470 -73.05 -0.90 -77.70
C LYS T 470 -74.39 -0.63 -77.04
N GLN T 471 -75.45 -0.47 -77.84
CA GLN T 471 -76.78 -0.24 -77.28
C GLN T 471 -77.27 -1.46 -76.52
N ASN T 472 -76.83 -2.65 -76.91
CA ASN T 472 -77.23 -3.86 -76.20
C ASN T 472 -76.64 -3.88 -74.78
N LEU T 473 -75.35 -3.57 -74.67
CA LEU T 473 -74.74 -3.47 -73.35
C LEU T 473 -75.27 -2.29 -72.55
N GLU T 474 -75.71 -1.23 -73.23
CA GLU T 474 -76.36 -0.13 -72.53
C GLU T 474 -77.68 -0.57 -71.91
N ARG T 475 -78.50 -1.27 -72.68
CA ARG T 475 -79.73 -1.84 -72.12
C ARG T 475 -79.42 -2.83 -71.00
N ALA T 476 -78.32 -3.58 -71.15
CA ALA T 476 -77.95 -4.56 -70.13
C ALA T 476 -77.56 -3.88 -68.83
N ILE T 477 -76.74 -2.82 -68.89
CA ILE T 477 -76.34 -2.13 -67.68
C ILE T 477 -77.53 -1.39 -67.07
N GLU T 478 -78.46 -0.90 -67.89
CA GLU T 478 -79.66 -0.28 -67.36
C GLU T 478 -80.51 -1.30 -66.60
N ASP T 479 -80.72 -2.47 -67.21
CA ASP T 479 -81.48 -3.52 -66.53
C ASP T 479 -80.77 -4.02 -65.29
N TYR T 480 -79.43 -3.99 -65.29
CA TYR T 480 -78.68 -4.39 -64.11
C TYR T 480 -78.87 -3.39 -62.97
N ILE T 481 -78.73 -2.10 -63.28
CA ILE T 481 -78.82 -1.08 -62.24
C ILE T 481 -80.25 -0.88 -61.76
N ASN T 482 -81.25 -1.22 -62.57
CA ASN T 482 -82.64 -1.06 -62.16
C ASN T 482 -83.32 -2.38 -61.82
N GLU T 483 -82.59 -3.50 -61.90
CA GLU T 483 -83.22 -4.81 -61.67
C GLU T 483 -83.31 -5.15 -60.20
N PHE T 484 -82.17 -5.25 -59.52
CA PHE T 484 -82.12 -5.65 -58.13
C PHE T 484 -81.34 -4.60 -57.33
N SER T 485 -81.94 -4.13 -56.25
CA SER T 485 -81.36 -3.13 -55.37
C SER T 485 -82.24 -3.04 -54.13
N VAL T 486 -81.92 -2.07 -53.26
CA VAL T 486 -82.76 -1.82 -52.09
C VAL T 486 -84.15 -1.36 -52.51
N ARG T 487 -84.26 -0.76 -53.69
CA ARG T 487 -85.55 -0.27 -54.18
C ARG T 487 -86.56 -1.40 -54.34
N LYS T 488 -86.10 -2.57 -54.79
CA LYS T 488 -87.01 -3.69 -55.02
C LYS T 488 -87.21 -4.56 -53.80
N CYS T 489 -86.33 -4.47 -52.81
CA CYS T 489 -86.46 -5.26 -51.59
C CYS T 489 -87.53 -4.66 -50.70
N HIS T 490 -87.68 -5.19 -49.50
CA HIS T 490 -88.70 -4.74 -48.56
C HIS T 490 -88.11 -3.73 -47.57
N THR T 491 -88.97 -2.85 -47.07
CA THR T 491 -88.53 -1.80 -46.17
C THR T 491 -88.47 -2.32 -44.73
N CYS T 492 -87.43 -1.92 -44.02
CA CYS T 492 -87.23 -2.34 -42.63
C CYS T 492 -88.11 -1.49 -41.71
N GLN T 493 -87.95 -1.67 -40.41
CA GLN T 493 -88.75 -0.98 -39.41
C GLN T 493 -87.91 0.07 -38.69
N ASN T 494 -88.60 1.06 -38.13
CA ASN T 494 -87.98 2.14 -37.35
C ASN T 494 -86.92 2.89 -38.17
N GLY T 495 -87.19 3.07 -39.46
CA GLY T 495 -86.28 3.80 -40.32
C GLY T 495 -84.93 3.17 -40.48
N GLY T 496 -84.83 1.85 -40.31
CA GLY T 496 -83.56 1.17 -40.43
C GLY T 496 -83.06 1.20 -41.86
N THR T 497 -81.85 1.70 -42.08
CA THR T 497 -81.27 1.74 -43.41
C THR T 497 -81.06 0.33 -43.93
N VAL T 498 -81.70 0.01 -45.05
CA VAL T 498 -81.66 -1.33 -45.63
C VAL T 498 -80.46 -1.43 -46.57
N ILE T 499 -79.69 -2.50 -46.43
CA ILE T 499 -78.54 -2.76 -47.29
C ILE T 499 -78.78 -4.08 -48.02
N LEU T 500 -77.88 -4.38 -48.96
CA LEU T 500 -77.96 -5.61 -49.74
C LEU T 500 -76.55 -6.16 -49.91
N MET T 501 -76.24 -7.25 -49.24
CA MET T 501 -74.92 -7.89 -49.28
C MET T 501 -75.09 -9.31 -49.81
N ASP T 502 -75.06 -9.45 -51.14
CA ASP T 502 -75.11 -10.75 -51.81
C ASP T 502 -76.34 -11.56 -51.37
N GLY T 503 -77.51 -11.01 -51.67
CA GLY T 503 -78.78 -11.66 -51.37
C GLY T 503 -79.38 -11.32 -50.02
N LYS T 504 -78.55 -11.28 -48.98
CA LYS T 504 -79.03 -10.95 -47.63
C LYS T 504 -79.46 -9.50 -47.59
N CYS T 505 -80.78 -9.27 -47.56
CA CYS T 505 -81.33 -7.92 -47.54
C CYS T 505 -81.56 -7.46 -46.10
N LEU T 506 -80.46 -7.36 -45.35
CA LEU T 506 -80.53 -6.92 -43.97
C LEU T 506 -80.68 -5.41 -43.89
N CYS T 507 -81.14 -4.94 -42.73
CA CYS T 507 -81.35 -3.52 -42.48
C CYS T 507 -80.58 -3.11 -41.24
N ALA T 508 -79.77 -2.06 -41.36
CA ALA T 508 -79.02 -1.54 -40.22
C ALA T 508 -79.97 -0.80 -39.27
N CYS T 509 -80.12 -1.33 -38.06
CA CYS T 509 -81.04 -0.77 -37.09
C CYS T 509 -80.35 0.31 -36.27
N PRO T 510 -81.08 1.33 -35.82
CA PRO T 510 -80.46 2.43 -35.07
C PRO T 510 -79.80 1.95 -33.78
N PHE T 511 -79.09 2.89 -33.14
CA PHE T 511 -78.31 2.56 -31.95
C PHE T 511 -79.21 2.15 -30.79
N LYS T 512 -80.24 2.95 -30.51
CA LYS T 512 -81.13 2.71 -29.38
C LYS T 512 -82.02 1.48 -29.57
N PHE T 513 -81.96 0.82 -30.72
CA PHE T 513 -82.84 -0.30 -31.02
C PHE T 513 -82.02 -1.58 -31.11
N GLU T 514 -82.71 -2.71 -31.11
CA GLU T 514 -82.06 -4.01 -31.12
C GLU T 514 -81.80 -4.43 -32.58
N GLY T 515 -81.49 -5.71 -32.79
CA GLY T 515 -80.95 -6.18 -34.05
C GLY T 515 -81.95 -6.44 -35.16
N ILE T 516 -81.86 -7.64 -35.75
CA ILE T 516 -82.54 -7.96 -37.00
C ILE T 516 -84.02 -7.64 -36.93
N ALA T 517 -84.56 -7.16 -38.05
CA ALA T 517 -85.99 -6.92 -38.28
C ALA T 517 -86.53 -5.74 -37.46
N CYS T 518 -85.70 -5.19 -36.57
CA CYS T 518 -86.07 -4.05 -35.74
C CYS T 518 -87.46 -4.23 -35.13
N GLU T 519 -87.70 -5.40 -34.54
CA GLU T 519 -88.99 -5.71 -33.95
C GLU T 519 -89.02 -5.42 -32.45
N ILE T 520 -88.11 -6.05 -31.70
CA ILE T 520 -88.04 -5.85 -30.26
C ILE T 520 -87.38 -4.51 -29.96
N SER T 521 -87.97 -3.77 -29.02
CA SER T 521 -87.52 -2.40 -28.77
C SER T 521 -86.17 -2.36 -28.07
N LYS T 522 -86.05 -3.16 -27.00
CA LYS T 522 -84.79 -3.24 -26.22
C LYS T 522 -84.86 -2.21 -25.09
N GLN T 523 -85.83 -1.30 -25.18
CA GLN T 523 -86.11 -0.32 -24.11
C GLN T 523 -87.52 -0.65 -23.64
N LYS T 524 -87.63 -1.33 -22.50
CA LYS T 524 -88.95 -1.73 -21.95
C LYS T 524 -89.16 -0.88 -20.70
N ILE T 525 -90.33 -0.22 -20.59
CA ILE T 525 -90.51 0.65 -19.40
C ILE T 525 -90.44 -0.26 -18.17
N SER T 526 -89.54 0.07 -17.25
CA SER T 526 -89.39 -0.66 -15.96
C SER T 526 -90.77 -1.08 -15.43
N GLU T 527 -90.86 -2.29 -14.88
CA GLU T 527 -92.12 -2.80 -14.33
C GLU T 527 -92.06 -2.72 -12.81
N GLY T 528 -93.15 -2.27 -12.19
CA GLY T 528 -93.22 -2.15 -10.75
C GLY T 528 -94.46 -2.80 -10.16
N LEU T 529 -94.27 -3.64 -9.16
CA LEU T 529 -95.38 -4.33 -8.50
C LEU T 529 -95.34 -4.08 -7.00
N PRO T 530 -96.23 -3.25 -6.46
CA PRO T 530 -96.22 -3.00 -5.01
C PRO T 530 -97.05 -4.02 -4.23
N ALA T 531 -97.40 -5.13 -4.89
CA ALA T 531 -98.25 -6.13 -4.27
C ALA T 531 -97.56 -6.77 -3.06
N LEU T 532 -98.37 -7.26 -2.13
CA LEU T 532 -97.84 -7.90 -0.93
C LEU T 532 -97.18 -9.22 -1.30
N GLU T 533 -96.05 -9.55 -0.68
CA GLU T 533 -95.37 -10.82 -0.99
C GLU T 533 -96.22 -12.02 -0.58
N PHE T 534 -96.31 -13.00 -1.49
CA PHE T 534 -97.10 -14.19 -1.22
C PHE T 534 -96.48 -15.02 -0.10
N PRO T 535 -95.17 -15.24 -0.16
CA PRO T 535 -94.48 -16.03 0.85
C PRO T 535 -93.01 -15.63 0.94
N SER U 18 -87.70 -35.64 -23.89
CA SER U 18 -88.43 -36.51 -24.79
C SER U 18 -87.47 -37.25 -25.73
N HIS U 19 -87.54 -38.58 -25.70
CA HIS U 19 -86.69 -39.43 -26.54
C HIS U 19 -87.31 -39.51 -27.93
N ILE U 20 -87.10 -38.45 -28.71
CA ILE U 20 -87.62 -38.37 -30.07
C ILE U 20 -86.73 -39.21 -30.99
N ASP U 21 -87.34 -40.18 -31.66
CA ASP U 21 -86.63 -41.04 -32.59
C ASP U 21 -86.59 -40.38 -33.98
N CYS U 22 -85.81 -40.97 -34.87
CA CYS U 22 -85.61 -40.44 -36.21
C CYS U 22 -86.42 -41.27 -37.20
N ARG U 23 -87.52 -40.70 -37.70
CA ARG U 23 -88.30 -41.29 -38.77
C ARG U 23 -87.61 -40.94 -40.08
N MET U 24 -86.57 -41.71 -40.42
CA MET U 24 -85.66 -41.37 -41.49
C MET U 24 -85.43 -42.59 -42.39
N SER U 25 -86.50 -43.25 -42.82
CA SER U 25 -86.41 -44.35 -43.77
C SER U 25 -87.60 -44.36 -44.73
N PRO U 26 -87.80 -43.26 -45.50
CA PRO U 26 -88.74 -43.34 -46.64
C PRO U 26 -88.02 -43.88 -47.87
N TRP U 27 -88.39 -45.10 -48.26
CA TRP U 27 -87.73 -45.76 -49.38
C TRP U 27 -88.50 -45.51 -50.68
N SER U 28 -87.76 -45.48 -51.78
CA SER U 28 -88.30 -45.22 -53.11
C SER U 28 -88.12 -46.45 -53.99
N GLU U 29 -88.60 -46.33 -55.24
CA GLU U 29 -88.54 -47.41 -56.20
C GLU U 29 -87.23 -47.37 -56.98
N TRP U 30 -86.78 -48.55 -57.39
CA TRP U 30 -85.56 -48.65 -58.21
C TRP U 30 -85.78 -47.99 -59.56
N SER U 31 -84.88 -47.09 -59.93
CA SER U 31 -84.93 -46.43 -61.22
C SER U 31 -84.19 -47.24 -62.27
N GLN U 32 -84.09 -46.70 -63.47
CA GLN U 32 -83.42 -47.38 -64.57
C GLN U 32 -81.90 -47.35 -64.36
N CYS U 33 -81.25 -48.44 -64.75
CA CYS U 33 -79.80 -48.53 -64.62
C CYS U 33 -79.11 -47.60 -65.60
N ASP U 34 -78.00 -47.01 -65.16
CA ASP U 34 -77.19 -46.17 -66.03
C ASP U 34 -76.15 -47.02 -66.73
N PRO U 35 -76.20 -47.18 -68.06
CA PRO U 35 -75.26 -48.09 -68.72
C PRO U 35 -73.82 -47.60 -68.70
N CYS U 36 -73.60 -46.30 -68.94
CA CYS U 36 -72.24 -45.78 -69.00
C CYS U 36 -71.61 -45.72 -67.61
N LEU U 37 -72.38 -45.24 -66.62
CA LEU U 37 -71.85 -45.12 -65.26
C LEU U 37 -71.86 -46.46 -64.52
N ARG U 38 -72.77 -47.37 -64.89
CA ARG U 38 -72.89 -48.68 -64.27
C ARG U 38 -73.21 -48.54 -62.77
N GLN U 39 -74.36 -47.93 -62.50
CA GLN U 39 -74.80 -47.68 -61.13
C GLN U 39 -76.33 -47.61 -61.10
N MET U 40 -76.90 -47.96 -59.96
CA MET U 40 -78.33 -47.86 -59.73
C MET U 40 -78.62 -46.74 -58.72
N PHE U 41 -79.91 -46.41 -58.60
CA PHE U 41 -80.35 -45.21 -57.89
C PHE U 41 -81.50 -45.55 -56.93
N ARG U 42 -81.28 -46.53 -56.06
CA ARG U 42 -82.19 -46.68 -54.92
C ARG U 42 -82.17 -45.39 -54.10
N SER U 43 -83.31 -44.73 -54.02
CA SER U 43 -83.38 -43.38 -53.46
C SER U 43 -83.86 -43.43 -52.00
N ARG U 44 -83.77 -42.27 -51.35
CA ARG U 44 -84.15 -42.13 -49.95
C ARG U 44 -84.32 -40.64 -49.67
N SER U 45 -84.71 -40.32 -48.44
CA SER U 45 -84.92 -38.94 -48.03
C SER U 45 -84.81 -38.85 -46.52
N ILE U 46 -84.47 -37.65 -46.03
CA ILE U 46 -84.38 -37.39 -44.60
C ILE U 46 -85.62 -36.61 -44.18
N GLU U 47 -86.21 -37.01 -43.05
CA GLU U 47 -87.44 -36.38 -42.56
C GLU U 47 -87.29 -35.79 -41.16
N VAL U 48 -86.75 -36.55 -40.20
CA VAL U 48 -86.72 -36.14 -38.81
C VAL U 48 -85.31 -36.31 -38.27
N PHE U 49 -84.79 -35.29 -37.60
CA PHE U 49 -83.48 -35.32 -36.99
C PHE U 49 -83.53 -35.84 -35.55
N GLY U 50 -84.29 -35.15 -34.70
CA GLY U 50 -84.28 -35.42 -33.27
C GLY U 50 -83.72 -34.23 -32.50
N GLN U 51 -84.62 -33.46 -31.89
CA GLN U 51 -84.23 -32.19 -31.26
C GLN U 51 -83.60 -32.37 -29.89
N PHE U 52 -83.78 -33.52 -29.25
CA PHE U 52 -83.38 -33.70 -27.86
C PHE U 52 -82.26 -34.73 -27.77
N ASN U 53 -81.91 -35.11 -26.54
CA ASN U 53 -80.81 -36.02 -26.25
C ASN U 53 -81.06 -37.44 -26.73
N GLY U 54 -82.16 -37.70 -27.43
CA GLY U 54 -82.48 -39.03 -27.91
C GLY U 54 -81.52 -39.57 -28.96
N LYS U 55 -81.97 -40.58 -29.70
CA LYS U 55 -81.13 -41.27 -30.68
C LYS U 55 -80.64 -40.34 -31.78
N ARG U 56 -79.33 -40.10 -31.82
CA ARG U 56 -78.74 -39.34 -32.92
C ARG U 56 -78.72 -40.19 -34.18
N CYS U 57 -79.06 -39.58 -35.31
CA CYS U 57 -79.19 -40.29 -36.57
C CYS U 57 -78.52 -39.47 -37.67
N THR U 58 -77.32 -39.89 -38.07
CA THR U 58 -76.56 -39.25 -39.13
C THR U 58 -76.63 -40.04 -40.45
N ASP U 59 -77.68 -40.83 -40.63
CA ASP U 59 -77.79 -41.69 -41.80
C ASP U 59 -77.84 -40.84 -43.07
N ALA U 60 -76.83 -41.01 -43.92
CA ALA U 60 -76.75 -40.25 -45.16
C ALA U 60 -77.76 -40.77 -46.18
N VAL U 61 -78.25 -39.86 -47.01
CA VAL U 61 -79.23 -40.20 -48.04
C VAL U 61 -78.48 -40.64 -49.29
N GLY U 62 -78.92 -41.75 -49.88
CA GLY U 62 -78.32 -42.26 -51.10
C GLY U 62 -77.92 -43.72 -50.99
N ASP U 63 -77.96 -44.41 -52.13
CA ASP U 63 -77.60 -45.81 -52.19
C ASP U 63 -77.17 -46.15 -53.61
N ARG U 64 -76.14 -46.97 -53.74
CA ARG U 64 -75.61 -47.37 -55.04
C ARG U 64 -75.63 -48.89 -55.18
N ARG U 65 -75.58 -49.34 -56.42
CA ARG U 65 -75.61 -50.77 -56.73
C ARG U 65 -75.08 -50.99 -58.13
N GLN U 66 -74.26 -52.04 -58.28
CA GLN U 66 -73.79 -52.41 -59.61
C GLN U 66 -74.92 -53.03 -60.41
N CYS U 67 -74.94 -52.73 -61.72
CA CYS U 67 -75.99 -53.20 -62.60
C CYS U 67 -75.39 -53.55 -63.95
N VAL U 68 -75.90 -54.62 -64.55
CA VAL U 68 -75.45 -55.05 -65.88
C VAL U 68 -75.98 -54.06 -66.91
N PRO U 69 -75.12 -53.39 -67.68
CA PRO U 69 -75.60 -52.41 -68.65
C PRO U 69 -76.29 -53.08 -69.83
N THR U 70 -77.40 -52.47 -70.27
CA THR U 70 -78.15 -52.97 -71.40
C THR U 70 -78.04 -52.10 -72.65
N GLU U 71 -77.74 -50.79 -72.49
CA GLU U 71 -77.55 -49.90 -73.63
C GLU U 71 -76.09 -49.94 -74.09
N PRO U 72 -75.84 -49.72 -75.38
CA PRO U 72 -74.46 -49.81 -75.89
C PRO U 72 -73.55 -48.69 -75.39
N CYS U 73 -74.10 -47.63 -74.82
CA CYS U 73 -73.31 -46.47 -74.34
C CYS U 73 -72.47 -45.89 -75.48
N GLU U 74 -73.16 -45.39 -76.50
CA GLU U 74 -72.49 -44.80 -77.65
C GLU U 74 -72.02 -43.38 -77.39
N ASP U 75 -72.59 -42.70 -76.40
CA ASP U 75 -72.18 -41.34 -76.09
C ASP U 75 -70.79 -41.32 -75.48
N ALA U 76 -69.92 -40.47 -76.02
CA ALA U 76 -68.55 -40.35 -75.54
C ALA U 76 -68.05 -38.94 -75.81
N GLU U 77 -67.05 -38.52 -75.03
CA GLU U 77 -66.47 -37.20 -75.15
C GLU U 77 -65.24 -37.27 -76.06
N ASP U 78 -65.33 -36.63 -77.22
CA ASP U 78 -64.20 -36.59 -78.14
C ASP U 78 -63.10 -35.67 -77.60
N ASP U 79 -61.92 -35.78 -78.19
CA ASP U 79 -60.79 -34.96 -77.77
C ASP U 79 -60.83 -33.59 -78.40
N CYS U 80 -61.97 -32.91 -78.28
CA CYS U 80 -62.18 -31.51 -78.63
C CYS U 80 -61.92 -31.20 -80.11
N GLY U 81 -61.54 -32.23 -80.88
CA GLY U 81 -61.39 -32.11 -82.32
C GLY U 81 -60.63 -30.91 -82.85
N ASN U 82 -59.80 -30.29 -82.01
CA ASN U 82 -59.16 -29.02 -82.35
C ASN U 82 -57.64 -29.16 -82.47
N ASP U 83 -56.96 -29.60 -81.42
CA ASP U 83 -55.51 -29.56 -81.39
C ASP U 83 -55.01 -30.71 -80.53
N PHE U 84 -53.75 -30.64 -80.12
CA PHE U 84 -53.11 -31.69 -79.34
C PHE U 84 -53.86 -31.94 -78.03
N GLN U 85 -54.28 -33.18 -77.83
CA GLN U 85 -54.96 -33.57 -76.61
C GLN U 85 -53.96 -33.75 -75.47
N CYS U 86 -54.35 -33.33 -74.27
CA CYS U 86 -53.53 -33.55 -73.09
C CYS U 86 -53.73 -34.97 -72.57
N SER U 87 -52.92 -35.33 -71.57
CA SER U 87 -53.00 -36.65 -70.97
C SER U 87 -54.20 -36.81 -70.03
N THR U 88 -54.98 -35.76 -69.81
CA THR U 88 -56.12 -35.84 -68.90
C THR U 88 -57.46 -35.51 -69.55
N GLY U 89 -57.47 -34.82 -70.69
CA GLY U 89 -58.72 -34.53 -71.36
C GLY U 89 -58.86 -33.09 -71.83
N ARG U 90 -57.98 -32.20 -71.38
CA ARG U 90 -58.03 -30.81 -71.80
C ARG U 90 -57.28 -30.63 -73.12
N CYS U 91 -57.32 -29.43 -73.67
CA CYS U 91 -56.78 -29.16 -74.99
C CYS U 91 -56.05 -27.83 -75.02
N ILE U 92 -55.05 -27.75 -75.89
CA ILE U 92 -54.39 -26.49 -76.19
C ILE U 92 -55.32 -25.61 -77.03
N LYS U 93 -55.45 -24.33 -76.65
CA LYS U 93 -56.26 -23.42 -77.45
C LYS U 93 -55.45 -22.87 -78.63
N MET U 94 -54.41 -22.08 -78.35
CA MET U 94 -53.54 -21.59 -79.41
C MET U 94 -52.05 -21.67 -79.10
N ARG U 95 -51.62 -21.58 -77.84
CA ARG U 95 -50.20 -21.46 -77.54
C ARG U 95 -49.80 -22.27 -76.30
N LEU U 96 -50.51 -23.36 -76.03
CA LEU U 96 -50.20 -24.21 -74.89
C LEU U 96 -49.08 -25.22 -75.20
N ARG U 97 -48.28 -24.97 -76.23
CA ARG U 97 -47.18 -25.86 -76.58
C ARG U 97 -46.01 -25.60 -75.62
N CYS U 98 -44.83 -26.11 -75.98
CA CYS U 98 -43.66 -26.06 -75.11
C CYS U 98 -43.14 -24.63 -75.04
N ASN U 99 -43.82 -23.82 -74.22
CA ASN U 99 -43.47 -22.43 -74.01
C ASN U 99 -43.47 -22.09 -72.52
N GLY U 100 -43.11 -23.05 -71.68
CA GLY U 100 -43.10 -22.82 -70.24
C GLY U 100 -44.46 -22.60 -69.64
N ASP U 101 -45.50 -23.22 -70.20
CA ASP U 101 -46.87 -23.04 -69.76
C ASP U 101 -47.35 -24.36 -69.13
N ASN U 102 -47.26 -24.44 -67.81
CA ASN U 102 -47.64 -25.64 -67.07
C ASN U 102 -49.15 -25.68 -66.93
N ASP U 103 -49.79 -26.65 -67.59
CA ASP U 103 -51.23 -26.85 -67.49
C ASP U 103 -51.59 -28.21 -66.92
N CYS U 104 -51.05 -29.29 -67.49
CA CYS U 104 -51.47 -30.64 -67.11
C CYS U 104 -50.63 -31.20 -65.96
N GLY U 105 -49.32 -31.32 -66.17
CA GLY U 105 -48.43 -31.83 -65.14
C GLY U 105 -47.11 -31.12 -65.09
N ASP U 106 -46.19 -31.61 -64.27
CA ASP U 106 -44.85 -31.01 -64.20
C ASP U 106 -44.16 -31.09 -65.56
N PHE U 107 -44.05 -32.29 -66.11
CA PHE U 107 -43.49 -32.49 -67.45
C PHE U 107 -44.50 -33.16 -68.39
N SER U 108 -45.78 -33.19 -68.02
CA SER U 108 -46.78 -33.80 -68.90
C SER U 108 -46.97 -32.98 -70.17
N ASP U 109 -47.25 -31.69 -70.02
CA ASP U 109 -47.34 -30.81 -71.19
C ASP U 109 -45.97 -30.60 -71.81
N GLU U 110 -44.91 -30.67 -71.02
CA GLU U 110 -43.54 -30.54 -71.50
C GLU U 110 -42.92 -31.90 -71.83
N ASP U 111 -43.74 -32.86 -72.23
CA ASP U 111 -43.27 -34.22 -72.51
C ASP U 111 -42.13 -34.23 -73.52
N ASP U 112 -42.36 -33.64 -74.69
CA ASP U 112 -41.35 -33.60 -75.75
C ASP U 112 -41.33 -32.22 -76.36
N CYS U 113 -40.14 -31.66 -76.50
CA CYS U 113 -39.94 -30.31 -77.05
C CYS U 113 -38.90 -30.38 -78.15
N GLU U 114 -39.34 -30.34 -79.40
CA GLU U 114 -38.40 -30.34 -80.53
C GLU U 114 -37.81 -28.95 -80.74
N SER U 115 -38.61 -27.90 -80.59
CA SER U 115 -38.13 -26.55 -80.71
C SER U 115 -37.39 -26.12 -79.44
N GLU U 116 -36.77 -24.94 -79.50
CA GLU U 116 -36.05 -24.42 -78.35
C GLU U 116 -37.03 -24.06 -77.24
N PRO U 117 -36.61 -24.23 -75.98
CA PRO U 117 -37.49 -23.86 -74.85
C PRO U 117 -37.63 -22.35 -74.70
N ARG U 118 -38.40 -21.75 -75.60
CA ARG U 118 -38.59 -20.30 -75.58
C ARG U 118 -39.32 -19.88 -74.31
N PRO U 119 -38.74 -19.02 -73.47
CA PRO U 119 -39.44 -18.58 -72.28
C PRO U 119 -40.57 -17.63 -72.64
N PRO U 120 -41.69 -17.68 -71.92
CA PRO U 120 -42.81 -16.78 -72.24
C PRO U 120 -42.56 -15.34 -71.80
N CYS U 121 -41.77 -15.14 -70.75
CA CYS U 121 -41.51 -13.80 -70.23
C CYS U 121 -40.06 -13.73 -69.74
N ARG U 122 -39.39 -12.62 -70.05
CA ARG U 122 -37.99 -12.46 -69.69
C ARG U 122 -37.81 -11.83 -68.31
N ASP U 123 -38.73 -10.97 -67.88
CA ASP U 123 -38.62 -10.31 -66.60
C ASP U 123 -38.75 -11.32 -65.46
N ARG U 124 -38.14 -11.00 -64.33
CA ARG U 124 -38.16 -11.86 -63.15
C ARG U 124 -39.43 -11.58 -62.37
N VAL U 125 -40.35 -12.54 -62.39
CA VAL U 125 -41.63 -12.43 -61.68
C VAL U 125 -41.74 -13.64 -60.76
N VAL U 126 -41.74 -13.40 -59.46
CA VAL U 126 -41.79 -14.48 -58.49
C VAL U 126 -43.19 -15.10 -58.48
N GLU U 127 -43.26 -16.41 -58.34
CA GLU U 127 -44.53 -17.11 -58.29
C GLU U 127 -45.32 -16.70 -57.04
N GLU U 128 -46.64 -16.82 -57.13
CA GLU U 128 -47.54 -16.43 -56.05
C GLU U 128 -47.40 -17.43 -54.91
N SER U 129 -46.65 -17.05 -53.88
CA SER U 129 -46.34 -17.94 -52.76
C SER U 129 -47.31 -17.66 -51.61
N GLU U 130 -48.14 -18.65 -51.28
CA GLU U 130 -49.03 -18.65 -50.12
C GLU U 130 -50.07 -17.52 -50.17
N LEU U 131 -50.17 -16.83 -51.30
CA LEU U 131 -51.11 -15.73 -51.46
C LEU U 131 -52.42 -16.30 -52.05
N ALA U 132 -53.28 -15.42 -52.56
CA ALA U 132 -54.62 -15.79 -53.04
C ALA U 132 -54.60 -16.77 -54.20
N ARG U 133 -53.42 -17.26 -54.59
CA ARG U 133 -53.27 -18.27 -55.63
C ARG U 133 -54.30 -19.39 -55.51
N THR U 134 -54.60 -19.79 -54.28
CA THR U 134 -55.68 -20.75 -54.01
C THR U 134 -56.96 -19.97 -53.78
N ALA U 135 -57.55 -19.51 -54.88
CA ALA U 135 -58.71 -18.63 -54.85
C ALA U 135 -60.04 -19.37 -54.87
N GLY U 136 -60.02 -20.69 -55.01
CA GLY U 136 -61.25 -21.47 -55.00
C GLY U 136 -61.68 -21.81 -53.60
N TYR U 137 -62.97 -21.61 -53.31
CA TYR U 137 -63.50 -21.85 -51.98
C TYR U 137 -64.93 -22.38 -52.12
N GLY U 138 -65.23 -23.45 -51.39
CA GLY U 138 -66.50 -24.13 -51.49
C GLY U 138 -67.38 -24.03 -50.26
N ILE U 139 -67.47 -22.82 -49.69
CA ILE U 139 -68.20 -22.62 -48.43
C ILE U 139 -69.60 -23.22 -48.52
N ASN U 140 -70.02 -23.84 -47.41
CA ASN U 140 -71.36 -24.40 -47.28
C ASN U 140 -72.23 -23.43 -46.50
N ILE U 141 -73.31 -22.97 -47.12
CA ILE U 141 -74.22 -22.03 -46.44
C ILE U 141 -74.84 -22.69 -45.21
N LEU U 142 -75.07 -24.00 -45.26
CA LEU U 142 -75.56 -24.74 -44.11
C LEU U 142 -74.44 -25.34 -43.27
N GLY U 143 -73.20 -25.29 -43.74
CA GLY U 143 -72.09 -25.94 -43.06
C GLY U 143 -71.20 -25.01 -42.26
N MET U 144 -69.99 -24.78 -42.77
CA MET U 144 -68.94 -24.11 -42.01
C MET U 144 -68.05 -23.35 -42.99
N ASP U 145 -66.84 -23.00 -42.54
CA ASP U 145 -65.85 -22.19 -43.24
C ASP U 145 -65.60 -22.69 -44.66
N PRO U 146 -65.10 -21.84 -45.56
CA PRO U 146 -64.95 -22.25 -46.97
C PRO U 146 -64.04 -23.45 -47.14
N LEU U 147 -64.18 -24.10 -48.30
CA LEU U 147 -63.45 -25.30 -48.66
C LEU U 147 -62.22 -24.92 -49.48
N SER U 148 -61.54 -25.92 -50.02
CA SER U 148 -60.37 -25.70 -50.87
C SER U 148 -60.82 -25.32 -52.28
N THR U 149 -59.89 -25.31 -53.22
CA THR U 149 -60.21 -24.92 -54.58
C THR U 149 -60.82 -26.10 -55.34
N PRO U 150 -62.01 -25.95 -55.92
CA PRO U 150 -62.60 -27.02 -56.73
C PRO U 150 -62.09 -27.06 -58.16
N PHE U 151 -61.16 -26.18 -58.53
CA PHE U 151 -60.68 -26.07 -59.90
C PHE U 151 -59.18 -25.81 -59.89
N ASP U 152 -58.58 -25.91 -61.07
CA ASP U 152 -57.16 -25.63 -61.22
C ASP U 152 -56.95 -24.12 -61.28
N ASN U 153 -55.98 -23.62 -60.51
CA ASN U 153 -55.71 -22.19 -60.44
C ASN U 153 -54.27 -21.85 -60.82
N GLU U 154 -53.52 -22.82 -61.35
CA GLU U 154 -52.14 -22.60 -61.76
C GLU U 154 -52.01 -22.32 -63.27
N PHE U 155 -53.00 -22.74 -64.06
CA PHE U 155 -52.94 -22.56 -65.50
C PHE U 155 -52.92 -21.08 -65.88
N TYR U 156 -52.17 -20.75 -66.92
CA TYR U 156 -52.13 -19.41 -67.48
C TYR U 156 -52.19 -19.51 -68.99
N ASN U 157 -52.73 -18.47 -69.64
CA ASN U 157 -53.04 -18.56 -71.06
C ASN U 157 -51.90 -18.04 -71.94
N GLY U 158 -51.53 -16.78 -71.79
CA GLY U 158 -50.58 -16.17 -72.70
C GLY U 158 -49.49 -15.34 -72.06
N LEU U 159 -49.37 -14.08 -72.49
CA LEU U 159 -48.37 -13.18 -71.95
C LEU U 159 -48.64 -12.90 -70.48
N CYS U 160 -47.58 -12.92 -69.67
CA CYS U 160 -47.71 -12.68 -68.25
C CYS U 160 -48.35 -11.32 -67.99
N ASN U 161 -49.25 -11.28 -67.01
CA ASN U 161 -49.88 -10.05 -66.59
C ASN U 161 -49.24 -9.60 -65.30
N ARG U 162 -48.55 -8.47 -65.33
CA ARG U 162 -47.77 -8.02 -64.19
C ARG U 162 -48.68 -7.65 -63.02
N ASP U 163 -48.18 -7.90 -61.81
CA ASP U 163 -48.87 -7.62 -60.56
C ASP U 163 -47.98 -6.76 -59.67
N ARG U 164 -47.46 -5.68 -60.26
CA ARG U 164 -46.44 -4.85 -59.61
C ARG U 164 -47.10 -4.06 -58.49
N ASP U 165 -47.28 -4.73 -57.36
CA ASP U 165 -47.88 -4.14 -56.17
C ASP U 165 -47.55 -5.02 -54.98
N GLY U 166 -47.79 -4.49 -53.79
CA GLY U 166 -47.54 -5.22 -52.56
C GLY U 166 -46.73 -4.40 -51.58
N ASN U 167 -46.50 -5.02 -50.41
CA ASN U 167 -45.75 -4.37 -49.35
C ASN U 167 -44.31 -4.10 -49.79
N THR U 168 -43.58 -5.15 -50.14
CA THR U 168 -42.20 -5.02 -50.58
C THR U 168 -42.14 -4.90 -52.10
N LEU U 169 -40.91 -4.84 -52.63
CA LEU U 169 -40.69 -4.72 -54.07
C LEU U 169 -40.55 -6.14 -54.63
N THR U 170 -41.66 -6.70 -55.08
CA THR U 170 -41.67 -8.05 -55.64
C THR U 170 -42.83 -8.15 -56.63
N TYR U 171 -42.63 -8.96 -57.67
CA TYR U 171 -43.61 -9.12 -58.73
C TYR U 171 -44.21 -10.52 -58.65
N TYR U 172 -45.54 -10.57 -58.50
CA TYR U 172 -46.26 -11.84 -58.44
C TYR U 172 -46.97 -12.11 -59.77
N ARG U 173 -47.45 -13.34 -59.91
CA ARG U 173 -48.19 -13.76 -61.08
C ARG U 173 -49.68 -13.87 -60.76
N ARG U 174 -50.51 -13.56 -61.75
CA ARG U 174 -51.96 -13.70 -61.65
C ARG U 174 -52.42 -14.72 -62.68
N PRO U 175 -53.02 -15.83 -62.27
CA PRO U 175 -53.44 -16.84 -63.25
C PRO U 175 -54.57 -16.35 -64.12
N TRP U 176 -54.68 -16.97 -65.31
CA TRP U 176 -55.72 -16.60 -66.26
C TRP U 176 -57.12 -16.89 -65.72
N ASN U 177 -57.24 -17.77 -64.74
CA ASN U 177 -58.54 -18.06 -64.15
C ASN U 177 -58.97 -16.96 -63.18
N VAL U 178 -58.02 -16.35 -62.48
CA VAL U 178 -58.34 -15.25 -61.57
C VAL U 178 -58.41 -13.96 -62.38
N ALA U 179 -59.58 -13.31 -62.37
CA ALA U 179 -59.78 -12.12 -63.20
C ALA U 179 -59.08 -10.92 -62.60
N SER U 180 -59.07 -10.79 -61.28
CA SER U 180 -58.50 -9.61 -60.64
C SER U 180 -58.04 -9.97 -59.23
N LEU U 181 -57.03 -9.24 -58.76
CA LEU U 181 -56.57 -9.37 -57.38
C LEU U 181 -55.95 -8.04 -56.96
N ILE U 182 -56.39 -7.53 -55.81
CA ILE U 182 -55.89 -6.27 -55.28
C ILE U 182 -55.16 -6.54 -53.96
N TYR U 183 -54.25 -5.63 -53.62
CA TYR U 183 -53.45 -5.74 -52.41
C TYR U 183 -53.80 -4.65 -51.40
N GLU U 184 -55.05 -4.17 -51.42
CA GLU U 184 -55.49 -3.13 -50.50
C GLU U 184 -55.46 -3.63 -49.07
N THR U 185 -54.73 -2.94 -48.21
CA THR U 185 -54.59 -3.32 -46.80
C THR U 185 -55.60 -2.57 -45.93
N LYS U 186 -56.87 -2.73 -46.28
CA LYS U 186 -57.94 -2.08 -45.54
C LYS U 186 -57.99 -2.62 -44.10
N GLY U 187 -58.48 -1.79 -43.19
CA GLY U 187 -58.60 -2.19 -41.81
C GLY U 187 -59.51 -1.27 -41.02
N GLU U 188 -60.43 -1.86 -40.25
CA GLU U 188 -61.37 -1.07 -39.46
C GLU U 188 -61.72 -1.84 -38.20
N LYS U 189 -62.24 -1.10 -37.21
CA LYS U 189 -62.67 -1.67 -35.94
C LYS U 189 -63.66 -0.73 -35.30
N ASN U 190 -64.46 -1.28 -34.39
CA ASN U 190 -65.51 -0.51 -33.73
C ASN U 190 -65.45 -0.72 -32.22
N PHE U 191 -66.06 0.20 -31.50
CA PHE U 191 -66.27 -0.01 -30.10
C PHE U 191 -67.64 0.50 -29.77
N ARG U 192 -68.16 -0.01 -28.68
CA ARG U 192 -69.45 0.41 -28.16
C ARG U 192 -69.54 0.05 -26.69
N THR U 193 -70.44 0.73 -25.99
CA THR U 193 -70.75 0.44 -24.59
C THR U 193 -72.04 1.17 -24.23
N GLU U 194 -72.70 0.68 -23.19
CA GLU U 194 -73.95 1.27 -22.71
C GLU U 194 -74.11 0.93 -21.23
N HIS U 195 -75.10 1.57 -20.61
CA HIS U 195 -75.40 1.36 -19.21
C HIS U 195 -76.89 1.48 -18.96
N TYR U 196 -77.43 0.54 -18.20
CA TYR U 196 -78.83 0.56 -17.78
C TYR U 196 -78.90 0.60 -16.26
N GLU U 197 -79.89 1.31 -15.74
CA GLU U 197 -80.05 1.45 -14.29
C GLU U 197 -81.53 1.48 -13.95
N GLU U 198 -81.89 0.74 -12.90
CA GLU U 198 -83.26 0.70 -12.42
C GLU U 198 -83.25 0.63 -10.90
N GLN U 199 -84.13 1.40 -10.27
CA GLN U 199 -84.21 1.45 -8.82
C GLN U 199 -85.63 1.81 -8.42
N ILE U 200 -86.13 1.15 -7.38
CA ILE U 200 -87.45 1.44 -6.83
C ILE U 200 -87.41 1.24 -5.33
N GLU U 201 -88.08 2.15 -4.60
CA GLU U 201 -88.17 2.07 -3.15
C GLU U 201 -89.55 2.54 -2.71
N ALA U 202 -90.09 1.90 -1.69
CA ALA U 202 -91.40 2.24 -1.16
C ALA U 202 -91.41 2.03 0.34
N PHE U 203 -91.88 3.05 1.07
CA PHE U 203 -91.98 3.00 2.52
C PHE U 203 -93.44 3.18 2.94
N LYS U 204 -93.88 2.39 3.90
CA LYS U 204 -95.24 2.44 4.41
C LYS U 204 -95.25 2.26 5.91
N SER U 205 -96.02 3.09 6.60
CA SER U 205 -96.15 3.02 8.05
C SER U 205 -97.57 3.38 8.45
N ILE U 206 -98.19 2.53 9.27
CA ILE U 206 -99.56 2.74 9.74
C ILE U 206 -99.59 2.50 11.24
N ILE U 207 -100.20 3.41 11.99
CA ILE U 207 -100.30 3.32 13.43
C ILE U 207 -101.73 3.62 13.85
N GLN U 208 -102.22 2.90 14.85
CA GLN U 208 -103.56 3.07 15.38
C GLN U 208 -103.50 3.18 16.90
N GLU U 209 -104.37 4.02 17.47
CA GLU U 209 -104.40 4.23 18.91
C GLU U 209 -105.84 4.47 19.33
N LYS U 210 -106.29 3.71 20.33
CA LYS U 210 -107.64 3.83 20.87
C LYS U 210 -107.60 3.62 22.37
N THR U 211 -108.36 4.43 23.10
CA THR U 211 -108.41 4.36 24.56
C THR U 211 -109.86 4.45 25.01
N SER U 212 -110.25 3.60 25.96
CA SER U 212 -111.62 3.55 26.45
C SER U 212 -111.63 3.50 27.96
N ASN U 213 -112.45 4.35 28.57
CA ASN U 213 -112.59 4.41 30.02
C ASN U 213 -114.05 4.70 30.36
N PHE U 214 -114.53 4.11 31.46
CA PHE U 214 -115.91 4.27 31.88
C PHE U 214 -115.98 4.39 33.39
N ASN U 215 -116.98 5.13 33.87
CA ASN U 215 -117.21 5.35 35.29
C ASN U 215 -118.68 5.08 35.61
N ALA U 216 -118.93 4.56 36.81
CA ALA U 216 -120.31 4.31 37.25
C ALA U 216 -120.33 4.34 38.77
N ALA U 217 -120.90 5.40 39.34
CA ALA U 217 -121.00 5.57 40.78
C ALA U 217 -122.42 5.98 41.15
N ILE U 218 -123.03 5.23 42.05
CA ILE U 218 -124.38 5.52 42.55
C ILE U 218 -124.44 5.15 44.03
N SER U 219 -124.96 6.05 44.85
CA SER U 219 -125.07 5.85 46.29
C SER U 219 -126.52 6.05 46.72
N LEU U 220 -126.97 5.20 47.65
CA LEU U 220 -128.34 5.25 48.14
C LEU U 220 -128.33 5.05 49.65
N LYS U 221 -128.92 5.99 50.38
CA LYS U 221 -129.02 5.90 51.83
C LYS U 221 -130.41 6.35 52.26
N PHE U 222 -130.94 5.70 53.29
CA PHE U 222 -132.30 5.97 53.76
C PHE U 222 -132.30 6.08 55.28
N THR U 223 -132.95 7.12 55.79
CA THR U 223 -133.10 7.33 57.22
C THR U 223 -134.38 8.11 57.52
N PRO U 224 -135.41 7.45 58.06
CA PRO U 224 -136.68 8.10 58.38
C PRO U 224 -136.59 8.93 59.67
N SER U 242 -135.83 2.88 65.68
CA SER U 242 -134.80 3.50 64.85
C SER U 242 -134.58 2.71 63.57
N LEU U 243 -134.35 3.42 62.47
CA LEU U 243 -134.12 2.79 61.17
C LEU U 243 -133.08 3.59 60.42
N HIS U 244 -132.08 2.90 59.86
CA HIS U 244 -131.01 3.54 59.11
C HIS U 244 -130.61 2.65 57.94
N GLY U 245 -130.19 3.30 56.85
CA GLY U 245 -129.74 2.59 55.67
C GLY U 245 -128.71 3.37 54.89
N LYS U 246 -127.74 2.66 54.30
CA LYS U 246 -126.70 3.33 53.52
C LYS U 246 -126.09 2.33 52.55
N GLY U 247 -126.00 2.73 51.28
CA GLY U 247 -125.41 1.90 50.26
C GLY U 247 -124.77 2.73 49.16
N SER U 248 -123.61 2.30 48.67
CA SER U 248 -122.89 3.04 47.63
C SER U 248 -122.29 2.05 46.64
N PHE U 249 -122.44 2.36 45.35
CA PHE U 249 -121.89 1.54 44.28
C PHE U 249 -120.76 2.31 43.60
N ARG U 250 -119.71 1.59 43.22
CA ARG U 250 -118.60 2.17 42.48
C ARG U 250 -118.19 1.21 41.37
N PHE U 251 -117.74 1.76 40.25
CA PHE U 251 -117.38 0.96 39.09
C PHE U 251 -116.36 1.72 38.26
N SER U 252 -115.42 0.98 37.68
CA SER U 252 -114.36 1.57 36.86
C SER U 252 -114.14 0.70 35.63
N TYR U 253 -113.40 1.24 34.67
CA TYR U 253 -113.11 0.54 33.42
C TYR U 253 -111.86 1.12 32.80
N SER U 254 -111.02 0.25 32.25
CA SER U 254 -109.78 0.67 31.62
C SER U 254 -109.55 -0.15 30.36
N LYS U 255 -109.12 0.52 29.29
CA LYS U 255 -108.93 -0.12 28.00
C LYS U 255 -108.12 0.74 27.04
N ASN U 256 -107.12 0.15 26.39
CA ASN U 256 -106.49 0.80 25.25
C ASN U 256 -105.92 -0.27 24.33
N GLU U 257 -105.90 0.04 23.03
CA GLU U 257 -105.40 -0.89 22.02
C GLU U 257 -104.60 -0.11 20.99
N THR U 258 -103.28 -0.29 21.01
CA THR U 258 -102.38 0.37 20.07
C THR U 258 -101.97 -0.61 18.99
N TYR U 259 -102.15 -0.20 17.73
CA TYR U 259 -101.77 -1.00 16.58
C TYR U 259 -100.66 -0.29 15.82
N GLN U 260 -99.76 -1.09 15.24
CA GLN U 260 -98.63 -0.55 14.49
C GLN U 260 -98.39 -1.42 13.26
N LEU U 261 -98.14 -0.76 12.13
CA LEU U 261 -97.86 -1.44 10.87
C LEU U 261 -96.71 -0.74 10.17
N PHE U 262 -95.84 -1.54 9.55
CA PHE U 262 -94.69 -1.01 8.82
C PHE U 262 -94.43 -1.90 7.62
N LEU U 263 -94.18 -1.28 6.47
CA LEU U 263 -93.93 -2.00 5.23
C LEU U 263 -92.88 -1.25 4.43
N SER U 264 -91.95 -1.99 3.84
CA SER U 264 -90.86 -1.42 3.05
C SER U 264 -90.60 -2.29 1.83
N TYR U 265 -90.22 -1.64 0.74
CA TYR U 265 -89.94 -2.32 -0.52
C TYR U 265 -88.76 -1.64 -1.20
N SER U 266 -87.89 -2.45 -1.81
CA SER U 266 -86.71 -1.92 -2.48
C SER U 266 -86.23 -2.92 -3.52
N SER U 267 -85.82 -2.41 -4.68
CA SER U 267 -85.30 -3.26 -5.74
C SER U 267 -84.40 -2.43 -6.65
N LYS U 268 -83.32 -3.05 -7.11
CA LYS U 268 -82.37 -2.38 -7.99
C LYS U 268 -81.97 -3.33 -9.11
N LYS U 269 -81.83 -2.79 -10.32
CA LYS U 269 -81.46 -3.58 -11.48
C LYS U 269 -80.46 -2.79 -12.33
N GLU U 270 -79.49 -3.51 -12.90
CA GLU U 270 -78.47 -2.91 -13.75
C GLU U 270 -78.14 -3.88 -14.87
N LYS U 271 -77.84 -3.33 -16.05
CA LYS U 271 -77.54 -4.14 -17.22
C LYS U 271 -76.55 -3.41 -18.10
N MET U 272 -75.59 -4.14 -18.65
CA MET U 272 -74.60 -3.59 -19.55
C MET U 272 -74.31 -4.59 -20.67
N PHE U 273 -74.45 -4.14 -21.91
CA PHE U 273 -74.18 -4.98 -23.07
C PHE U 273 -73.39 -4.18 -24.09
N LEU U 274 -72.35 -4.80 -24.65
CA LEU U 274 -71.53 -4.13 -25.64
C LEU U 274 -70.82 -5.18 -26.48
N HIS U 275 -70.53 -4.82 -27.72
CA HIS U 275 -69.83 -5.70 -28.65
C HIS U 275 -68.88 -4.89 -29.50
N VAL U 276 -67.70 -5.46 -29.76
CA VAL U 276 -66.68 -4.81 -30.58
C VAL U 276 -66.13 -5.84 -31.56
N LYS U 277 -65.63 -5.37 -32.69
CA LYS U 277 -65.08 -6.24 -33.72
C LYS U 277 -64.09 -5.47 -34.57
N GLY U 278 -63.08 -6.16 -35.05
CA GLY U 278 -62.08 -5.55 -35.91
C GLY U 278 -61.50 -6.57 -36.87
N GLU U 279 -61.18 -6.11 -38.07
CA GLU U 279 -60.64 -6.97 -39.11
C GLU U 279 -59.47 -6.28 -39.80
N ILE U 280 -58.45 -7.07 -40.13
CA ILE U 280 -57.30 -6.60 -40.87
C ILE U 280 -57.36 -7.23 -42.26
N HIS U 281 -57.85 -6.47 -43.23
CA HIS U 281 -57.95 -6.97 -44.59
C HIS U 281 -56.57 -7.00 -45.26
N LEU U 282 -56.31 -8.06 -46.02
CA LEU U 282 -55.04 -8.25 -46.69
C LEU U 282 -55.14 -8.07 -48.20
N GLY U 283 -56.03 -8.81 -48.85
CA GLY U 283 -56.19 -8.70 -50.28
C GLY U 283 -57.55 -9.19 -50.71
N ARG U 284 -57.93 -8.79 -51.92
CA ARG U 284 -59.24 -9.13 -52.46
C ARG U 284 -59.08 -9.59 -53.90
N PHE U 285 -59.88 -10.59 -54.27
CA PHE U 285 -59.82 -11.17 -55.61
C PHE U 285 -61.23 -11.39 -56.11
N VAL U 286 -61.37 -11.43 -57.44
CA VAL U 286 -62.65 -11.68 -58.09
C VAL U 286 -62.42 -12.74 -59.17
N MET U 287 -62.99 -13.92 -58.96
CA MET U 287 -62.82 -15.01 -59.92
C MET U 287 -63.58 -14.71 -61.20
N ARG U 288 -62.95 -14.99 -62.33
CA ARG U 288 -63.61 -14.86 -63.63
C ARG U 288 -64.78 -15.83 -63.72
N ASN U 289 -65.94 -15.32 -64.12
CA ASN U 289 -67.15 -16.13 -64.09
C ASN U 289 -67.17 -17.18 -65.20
N ARG U 290 -67.02 -16.74 -66.45
CA ARG U 290 -67.04 -17.64 -67.59
C ARG U 290 -65.64 -17.72 -68.21
N ASP U 291 -65.48 -18.61 -69.18
CA ASP U 291 -64.20 -18.93 -69.80
C ASP U 291 -63.20 -19.36 -68.73
N VAL U 292 -63.61 -20.38 -67.97
CA VAL U 292 -62.90 -20.84 -66.79
C VAL U 292 -62.31 -22.22 -67.08
N VAL U 293 -61.07 -22.43 -66.63
CA VAL U 293 -60.41 -23.72 -66.72
C VAL U 293 -60.61 -24.47 -65.41
N LEU U 294 -60.66 -25.79 -65.49
CA LEU U 294 -60.96 -26.62 -64.34
C LEU U 294 -59.83 -27.63 -64.12
N THR U 295 -59.80 -28.20 -62.91
CA THR U 295 -58.78 -29.17 -62.57
C THR U 295 -59.16 -30.56 -63.09
N THR U 296 -58.15 -31.43 -63.22
CA THR U 296 -58.37 -32.74 -63.79
C THR U 296 -59.32 -33.58 -62.94
N THR U 297 -59.26 -33.44 -61.61
CA THR U 297 -60.11 -34.25 -60.75
C THR U 297 -61.57 -33.83 -60.87
N PHE U 298 -61.84 -32.52 -60.87
CA PHE U 298 -63.21 -32.03 -61.02
C PHE U 298 -63.75 -32.36 -62.41
N VAL U 299 -62.91 -32.26 -63.44
CA VAL U 299 -63.34 -32.61 -64.79
C VAL U 299 -63.68 -34.09 -64.87
N ASP U 300 -62.86 -34.95 -64.24
CA ASP U 300 -63.15 -36.38 -64.25
C ASP U 300 -64.44 -36.68 -63.48
N ASP U 301 -64.67 -35.95 -62.38
CA ASP U 301 -65.89 -36.17 -61.61
C ASP U 301 -67.12 -35.75 -62.39
N ILE U 302 -67.04 -34.62 -63.12
CA ILE U 302 -68.18 -34.18 -63.92
C ILE U 302 -68.39 -35.10 -65.12
N LYS U 303 -67.32 -35.67 -65.66
CA LYS U 303 -67.47 -36.62 -66.77
C LYS U 303 -68.11 -37.91 -66.29
N ALA U 304 -67.67 -38.43 -65.14
CA ALA U 304 -68.29 -39.60 -64.53
C ALA U 304 -69.40 -39.15 -63.58
N LEU U 305 -70.48 -38.66 -64.17
CA LEU U 305 -71.61 -38.10 -63.44
C LEU U 305 -72.90 -38.54 -64.13
N PRO U 306 -73.90 -38.95 -63.35
CA PRO U 306 -75.16 -39.41 -63.97
C PRO U 306 -75.96 -38.28 -64.60
N THR U 307 -77.08 -38.63 -65.25
CA THR U 307 -77.90 -37.63 -65.91
C THR U 307 -79.39 -37.88 -65.69
N THR U 308 -79.77 -38.76 -64.77
CA THR U 308 -81.17 -39.10 -64.52
C THR U 308 -81.60 -38.69 -63.12
N TYR U 309 -81.05 -37.57 -62.64
CA TYR U 309 -81.37 -37.02 -61.32
C TYR U 309 -81.09 -38.03 -60.22
N GLU U 310 -79.80 -38.36 -60.07
CA GLU U 310 -79.36 -39.25 -58.99
C GLU U 310 -79.05 -38.40 -57.77
N LYS U 311 -80.07 -38.20 -56.93
CA LYS U 311 -79.89 -37.43 -55.72
C LYS U 311 -78.86 -38.06 -54.79
N GLY U 312 -78.74 -39.39 -54.82
CA GLY U 312 -77.78 -40.05 -53.93
C GLY U 312 -76.34 -39.64 -54.22
N GLU U 313 -75.92 -39.77 -55.48
CA GLU U 313 -74.57 -39.38 -55.85
C GLU U 313 -74.41 -37.85 -55.83
N TYR U 314 -75.47 -37.12 -56.15
CA TYR U 314 -75.40 -35.67 -56.14
C TYR U 314 -75.22 -35.14 -54.72
N PHE U 315 -75.87 -35.78 -53.74
CA PHE U 315 -75.69 -35.36 -52.35
C PHE U 315 -74.25 -35.62 -51.89
N ALA U 316 -73.63 -36.69 -52.37
CA ALA U 316 -72.23 -36.94 -52.04
C ALA U 316 -71.32 -35.91 -52.70
N PHE U 317 -71.55 -35.65 -53.99
CA PHE U 317 -70.77 -34.63 -54.69
C PHE U 317 -70.91 -33.26 -54.04
N LEU U 318 -72.09 -32.95 -53.49
CA LEU U 318 -72.32 -31.67 -52.86
C LEU U 318 -71.47 -31.52 -51.59
N GLU U 319 -71.47 -32.54 -50.75
CA GLU U 319 -70.61 -32.51 -49.55
C GLU U 319 -69.13 -32.57 -49.92
N THR U 320 -68.80 -33.16 -51.07
CA THR U 320 -67.40 -33.29 -51.46
C THR U 320 -66.84 -31.97 -51.96
N TYR U 321 -67.57 -31.28 -52.83
CA TYR U 321 -67.08 -30.07 -53.47
C TYR U 321 -67.92 -28.84 -53.10
N GLY U 322 -68.51 -28.83 -51.92
CA GLY U 322 -69.26 -27.67 -51.47
C GLY U 322 -70.58 -27.49 -52.20
N THR U 323 -71.39 -26.54 -51.73
CA THR U 323 -72.67 -26.26 -52.36
C THR U 323 -72.57 -25.16 -53.42
N HIS U 324 -71.80 -24.11 -53.16
CA HIS U 324 -71.61 -23.01 -54.10
C HIS U 324 -70.25 -22.38 -53.85
N TYR U 325 -69.57 -22.00 -54.92
CA TYR U 325 -68.22 -21.49 -54.82
C TYR U 325 -68.22 -19.98 -54.59
N SER U 326 -67.03 -19.41 -54.44
CA SER U 326 -66.86 -18.00 -54.16
C SER U 326 -66.53 -17.25 -55.45
N SER U 327 -67.38 -16.28 -55.80
CA SER U 327 -67.07 -15.41 -56.93
C SER U 327 -66.00 -14.39 -56.58
N SER U 328 -65.96 -13.93 -55.32
CA SER U 328 -64.96 -12.98 -54.87
C SER U 328 -64.75 -13.17 -53.37
N GLY U 329 -63.48 -13.18 -52.96
CA GLY U 329 -63.15 -13.35 -51.55
C GLY U 329 -62.41 -12.17 -50.96
N SER U 330 -61.94 -12.31 -49.72
CA SER U 330 -61.23 -11.24 -49.04
C SER U 330 -60.25 -11.88 -48.06
N LEU U 331 -58.97 -11.95 -48.46
CA LEU U 331 -57.95 -12.54 -47.60
C LEU U 331 -57.61 -11.60 -46.45
N GLY U 332 -57.31 -12.19 -45.29
CA GLY U 332 -56.99 -11.39 -44.11
C GLY U 332 -57.30 -12.11 -42.82
N GLY U 333 -58.07 -11.46 -41.94
CA GLY U 333 -58.47 -12.05 -40.68
C GLY U 333 -59.18 -11.06 -39.77
N LEU U 334 -60.12 -11.56 -38.96
CA LEU U 334 -60.91 -10.71 -38.08
C LEU U 334 -60.86 -11.24 -36.66
N TYR U 335 -61.08 -10.34 -35.70
CA TYR U 335 -61.14 -10.70 -34.29
C TYR U 335 -62.22 -9.86 -33.62
N GLU U 336 -62.84 -10.44 -32.59
CA GLU U 336 -63.90 -9.73 -31.87
C GLU U 336 -64.03 -10.33 -30.47
N LEU U 337 -64.38 -9.48 -29.52
CA LEU U 337 -64.63 -9.90 -28.15
C LEU U 337 -65.88 -9.20 -27.64
N ILE U 338 -66.71 -9.95 -26.91
CA ILE U 338 -67.98 -9.45 -26.40
C ILE U 338 -68.14 -9.91 -24.96
N TYR U 339 -68.50 -9.01 -24.07
CA TYR U 339 -69.04 -9.51 -22.85
C TYR U 339 -70.12 -8.67 -22.24
N VAL U 340 -70.97 -9.37 -21.53
CA VAL U 340 -72.29 -8.91 -21.14
C VAL U 340 -72.37 -8.89 -19.62
N LEU U 341 -73.13 -7.93 -19.08
CA LEU U 341 -73.33 -7.80 -17.65
C LEU U 341 -74.80 -7.55 -17.37
N ASP U 342 -75.30 -8.17 -16.30
CA ASP U 342 -76.69 -8.01 -15.88
C ASP U 342 -76.76 -8.12 -14.37
N LYS U 343 -77.53 -7.22 -13.75
CA LYS U 343 -77.65 -7.15 -12.30
C LYS U 343 -79.12 -7.00 -11.92
N ALA U 344 -79.51 -7.65 -10.82
CA ALA U 344 -80.87 -7.57 -10.32
C ALA U 344 -80.86 -7.74 -8.82
N SER U 345 -81.71 -6.97 -8.13
CA SER U 345 -81.79 -7.02 -6.68
C SER U 345 -83.22 -6.73 -6.25
N MET U 346 -83.60 -7.30 -5.10
CA MET U 346 -84.94 -7.10 -4.55
C MET U 346 -84.87 -7.17 -3.04
N LYS U 347 -85.58 -6.24 -2.38
CA LYS U 347 -85.64 -6.18 -0.93
C LYS U 347 -87.06 -5.87 -0.50
N ARG U 348 -87.58 -6.63 0.46
CA ARG U 348 -88.94 -6.44 0.94
C ARG U 348 -88.93 -6.54 2.47
N LYS U 349 -89.59 -5.58 3.13
CA LYS U 349 -89.61 -5.53 4.58
C LYS U 349 -91.02 -5.22 5.06
N GLY U 350 -91.47 -5.96 6.08
CA GLY U 350 -92.77 -5.72 6.68
C GLY U 350 -92.74 -5.98 8.18
N VAL U 351 -93.18 -5.00 8.98
CA VAL U 351 -93.16 -5.09 10.43
C VAL U 351 -94.55 -4.78 10.96
N GLU U 352 -95.03 -5.61 11.88
CA GLU U 352 -96.34 -5.44 12.49
C GLU U 352 -96.23 -5.61 14.00
N LEU U 353 -96.88 -4.71 14.73
CA LEU U 353 -96.89 -4.74 16.19
C LEU U 353 -98.31 -4.49 16.68
N LYS U 354 -98.75 -5.29 17.65
CA LYS U 354 -100.11 -5.20 18.17
C LYS U 354 -100.08 -5.37 19.68
N ASP U 355 -100.65 -4.41 20.40
CA ASP U 355 -100.71 -4.43 21.85
C ASP U 355 -102.06 -3.93 22.32
N ILE U 356 -102.69 -4.69 23.22
CA ILE U 356 -104.01 -4.36 23.74
C ILE U 356 -104.01 -4.56 25.25
N LYS U 357 -104.57 -3.61 25.99
CA LYS U 357 -104.76 -3.73 27.42
C LYS U 357 -106.19 -3.35 27.77
N ARG U 358 -106.84 -4.19 28.57
CA ARG U 358 -108.21 -3.95 29.04
C ARG U 358 -108.30 -4.36 30.50
N CYS U 359 -108.83 -3.47 31.34
CA CYS U 359 -108.97 -3.76 32.76
C CYS U 359 -110.33 -3.29 33.26
N LEU U 360 -110.79 -3.93 34.33
CA LEU U 360 -112.11 -3.67 34.89
C LEU U 360 -111.99 -3.41 36.39
N GLY U 361 -112.81 -2.50 36.89
CA GLY U 361 -112.81 -2.18 38.31
C GLY U 361 -114.21 -2.02 38.86
N TYR U 362 -114.47 -2.61 40.03
CA TYR U 362 -115.78 -2.56 40.67
C TYR U 362 -115.62 -2.51 42.18
N HIS U 363 -116.41 -1.66 42.82
CA HIS U 363 -116.41 -1.52 44.27
C HIS U 363 -117.84 -1.45 44.78
N LEU U 364 -118.16 -2.30 45.76
CA LEU U 364 -119.48 -2.35 46.37
C LEU U 364 -119.32 -2.24 47.88
N ASP U 365 -120.04 -1.28 48.47
CA ASP U 365 -120.00 -1.07 49.92
C ASP U 365 -121.40 -0.72 50.40
N VAL U 366 -121.92 -1.52 51.33
CA VAL U 366 -123.24 -1.32 51.91
C VAL U 366 -123.13 -1.45 53.42
N SER U 367 -123.66 -0.48 54.14
CA SER U 367 -123.63 -0.49 55.60
C SER U 367 -125.02 -0.15 56.13
N LEU U 368 -125.50 -0.96 57.06
CA LEU U 368 -126.84 -0.79 57.62
C LEU U 368 -126.75 -0.64 59.14
N ALA U 369 -127.58 0.24 59.70
CA ALA U 369 -127.48 0.50 61.14
C ALA U 369 -128.81 0.34 61.87
N PHE U 370 -128.80 -0.45 62.96
CA PHE U 370 -129.97 -0.65 63.86
C PHE U 370 -129.90 0.42 64.96
N SER U 371 -130.84 0.42 65.90
CA SER U 371 -130.63 1.19 67.15
C SER U 371 -129.38 0.63 67.85
N GLU U 372 -129.29 -0.70 67.95
CA GLU U 372 -128.12 -1.40 68.53
C GLU U 372 -127.63 -2.44 67.52
N ILE U 373 -128.12 -2.36 66.28
CA ILE U 373 -127.81 -3.34 65.25
C ILE U 373 -126.98 -2.66 64.17
N SER U 374 -125.92 -3.32 63.72
CA SER U 374 -125.07 -2.78 62.67
C SER U 374 -124.76 -3.88 61.66
N VAL U 375 -124.95 -3.58 60.39
CA VAL U 375 -124.70 -4.51 59.30
C VAL U 375 -123.77 -3.85 58.30
N GLY U 376 -122.79 -4.61 57.82
CA GLY U 376 -121.83 -4.10 56.86
C GLY U 376 -121.64 -5.06 55.70
N ALA U 377 -121.21 -4.49 54.57
CA ALA U 377 -120.97 -5.28 53.37
C ALA U 377 -119.95 -4.54 52.50
N GLU U 378 -118.97 -5.27 51.99
CA GLU U 378 -117.94 -4.70 51.13
C GLU U 378 -117.53 -5.74 50.09
N PHE U 379 -117.85 -5.47 48.83
CA PHE U 379 -117.51 -6.35 47.72
C PHE U 379 -116.70 -5.57 46.70
N ASN U 380 -115.49 -6.03 46.41
CA ASN U 380 -114.60 -5.36 45.47
C ASN U 380 -114.14 -6.34 44.41
N LYS U 381 -114.19 -5.91 43.15
CA LYS U 381 -113.81 -6.74 42.01
C LYS U 381 -112.80 -6.00 41.16
N ASP U 382 -111.74 -6.69 40.76
CA ASP U 382 -110.69 -6.13 39.92
C ASP U 382 -110.19 -7.18 38.94
N ASP U 383 -110.12 -6.81 37.67
CA ASP U 383 -109.66 -7.74 36.64
C ASP U 383 -109.10 -6.95 35.47
N CYS U 384 -107.87 -7.27 35.07
CA CYS U 384 -107.23 -6.63 33.93
C CYS U 384 -106.80 -7.69 32.92
N VAL U 385 -106.73 -7.30 31.66
CA VAL U 385 -106.34 -8.19 30.57
C VAL U 385 -105.39 -7.44 29.64
N LYS U 386 -104.32 -8.13 29.22
CA LYS U 386 -103.34 -7.56 28.30
C LYS U 386 -103.15 -8.50 27.12
N ARG U 387 -102.95 -7.92 25.94
CA ARG U 387 -102.73 -8.69 24.72
C ARG U 387 -101.52 -8.13 23.98
N GLY U 388 -100.74 -9.01 23.37
CA GLY U 388 -99.56 -8.62 22.63
C GLY U 388 -99.31 -9.46 21.40
N GLU U 389 -98.86 -8.83 20.31
CA GLU U 389 -98.59 -9.54 19.08
C GLU U 389 -97.53 -8.78 18.28
N GLY U 390 -96.60 -9.53 17.69
CA GLY U 390 -95.55 -8.95 16.88
C GLY U 390 -95.27 -9.75 15.63
N ARG U 391 -95.03 -9.06 14.51
CA ARG U 391 -94.77 -9.71 13.23
C ARG U 391 -93.70 -8.94 12.48
N ALA U 392 -92.80 -9.69 11.82
CA ALA U 392 -91.72 -9.08 11.05
C ALA U 392 -91.47 -9.91 9.80
N VAL U 393 -91.13 -9.23 8.72
CA VAL U 393 -90.83 -9.86 7.43
C VAL U 393 -89.61 -9.17 6.84
N ASN U 394 -88.55 -9.93 6.57
CA ASN U 394 -87.29 -9.39 6.07
C ASN U 394 -86.74 -10.37 5.04
N ILE U 395 -86.84 -10.02 3.76
CA ILE U 395 -86.47 -10.91 2.67
C ILE U 395 -85.70 -10.12 1.62
N THR U 396 -84.46 -10.53 1.36
CA THR U 396 -83.61 -9.91 0.37
C THR U 396 -83.29 -10.90 -0.74
N SER U 397 -83.28 -10.43 -1.99
CA SER U 397 -82.99 -11.26 -3.14
C SER U 397 -82.13 -10.47 -4.13
N GLU U 398 -81.14 -11.14 -4.71
CA GLU U 398 -80.24 -10.52 -5.66
C GLU U 398 -79.88 -11.52 -6.75
N ASN U 399 -79.79 -11.05 -7.98
CA ASN U 399 -79.46 -11.89 -9.13
C ASN U 399 -78.44 -11.18 -10.01
N LEU U 400 -77.47 -11.94 -10.51
CA LEU U 400 -76.42 -11.43 -11.39
C LEU U 400 -76.25 -12.36 -12.57
N ILE U 401 -75.98 -11.79 -13.74
CA ILE U 401 -75.79 -12.56 -14.97
C ILE U 401 -74.68 -11.91 -15.78
N ASP U 402 -73.67 -12.72 -16.15
CA ASP U 402 -72.56 -12.24 -16.95
C ASP U 402 -72.25 -13.26 -18.05
N ASP U 403 -71.98 -12.76 -19.25
CA ASP U 403 -71.62 -13.60 -20.38
C ASP U 403 -70.53 -12.92 -21.19
N VAL U 404 -69.45 -13.65 -21.47
CA VAL U 404 -68.32 -13.13 -22.22
C VAL U 404 -68.00 -14.12 -23.34
N VAL U 405 -67.78 -13.59 -24.54
CA VAL U 405 -67.39 -14.40 -25.69
C VAL U 405 -66.35 -13.63 -26.51
N SER U 406 -65.45 -14.37 -27.15
CA SER U 406 -64.39 -13.76 -27.94
C SER U 406 -63.84 -14.82 -28.90
N LEU U 407 -63.25 -14.34 -29.99
CA LEU U 407 -62.71 -15.23 -31.02
C LEU U 407 -61.63 -14.50 -31.80
N ILE U 408 -60.77 -15.27 -32.45
CA ILE U 408 -59.68 -14.74 -33.27
C ILE U 408 -59.28 -15.81 -34.26
N ARG U 409 -58.68 -15.38 -35.38
CA ARG U 409 -58.27 -16.30 -36.42
C ARG U 409 -57.27 -15.60 -37.34
N GLY U 410 -56.44 -16.40 -38.00
CA GLY U 410 -55.51 -15.91 -38.98
C GLY U 410 -54.09 -15.81 -38.45
N GLY U 411 -53.13 -15.76 -39.38
CA GLY U 411 -51.74 -15.60 -39.04
C GLY U 411 -51.10 -16.88 -38.51
N THR U 412 -49.82 -16.77 -38.17
CA THR U 412 -49.12 -17.88 -37.54
C THR U 412 -49.65 -18.09 -36.13
N ARG U 413 -49.45 -19.30 -35.62
CA ARG U 413 -50.01 -19.66 -34.32
C ARG U 413 -49.28 -18.96 -33.18
N LYS U 414 -48.01 -18.61 -33.37
CA LYS U 414 -47.25 -17.94 -32.32
C LYS U 414 -47.76 -16.52 -32.09
N TYR U 415 -47.73 -15.69 -33.14
CA TYR U 415 -48.08 -14.28 -32.99
C TYR U 415 -49.57 -14.07 -32.79
N ALA U 416 -50.41 -14.99 -33.27
CA ALA U 416 -51.85 -14.81 -33.15
C ALA U 416 -52.31 -14.90 -31.70
N PHE U 417 -51.96 -15.99 -31.02
CA PHE U 417 -52.40 -16.18 -29.65
C PHE U 417 -51.61 -15.36 -28.64
N GLU U 418 -50.45 -14.84 -29.03
CA GLU U 418 -49.78 -13.84 -28.20
C GLU U 418 -50.59 -12.56 -28.10
N LEU U 419 -51.32 -12.21 -29.18
CA LEU U 419 -52.24 -11.10 -29.12
C LEU U 419 -53.49 -11.47 -28.31
N LYS U 420 -53.92 -12.73 -28.39
CA LYS U 420 -55.13 -13.16 -27.70
C LYS U 420 -54.96 -13.10 -26.18
N GLU U 421 -53.80 -13.54 -25.68
CA GLU U 421 -53.57 -13.57 -24.24
C GLU U 421 -53.52 -12.16 -23.64
N LYS U 422 -52.92 -11.21 -24.37
CA LYS U 422 -52.80 -9.85 -23.87
C LYS U 422 -54.07 -9.03 -24.10
N LEU U 423 -54.91 -9.44 -25.06
CA LEU U 423 -56.17 -8.73 -25.29
C LEU U 423 -57.20 -9.07 -24.21
N LEU U 424 -57.26 -10.33 -23.81
CA LEU U 424 -58.25 -10.78 -22.83
C LEU U 424 -57.83 -10.30 -21.45
N ARG U 425 -58.50 -9.25 -20.95
CA ARG U 425 -58.28 -8.70 -19.62
C ARG U 425 -56.85 -8.25 -19.37
N GLY U 426 -56.10 -7.98 -20.44
CA GLY U 426 -54.73 -7.51 -20.30
C GLY U 426 -54.66 -6.04 -19.95
N THR U 427 -55.50 -5.23 -20.60
CA THR U 427 -55.64 -3.79 -20.41
C THR U 427 -54.40 -3.01 -20.81
N VAL U 428 -53.34 -3.66 -21.28
CA VAL U 428 -52.11 -3.00 -21.71
C VAL U 428 -51.74 -3.60 -23.05
N ILE U 429 -52.06 -2.90 -24.13
CA ILE U 429 -51.73 -3.34 -25.48
C ILE U 429 -50.34 -2.82 -25.84
N ASP U 430 -49.56 -3.66 -26.50
CA ASP U 430 -48.21 -3.32 -26.91
C ASP U 430 -48.21 -2.68 -28.30
N VAL U 431 -47.09 -2.06 -28.64
CA VAL U 431 -46.92 -1.51 -29.99
C VAL U 431 -46.31 -2.52 -30.95
N THR U 432 -45.44 -3.41 -30.45
CA THR U 432 -44.76 -4.36 -31.33
C THR U 432 -45.62 -5.59 -31.63
N ASP U 433 -46.52 -5.96 -30.71
CA ASP U 433 -47.32 -7.15 -30.92
C ASP U 433 -48.28 -6.99 -32.09
N PHE U 434 -48.78 -5.77 -32.32
CA PHE U 434 -49.67 -5.55 -33.47
C PHE U 434 -48.90 -5.64 -34.78
N VAL U 435 -47.66 -5.16 -34.81
CA VAL U 435 -46.83 -5.30 -36.01
C VAL U 435 -46.50 -6.77 -36.24
N ASN U 436 -46.24 -7.52 -35.17
CA ASN U 436 -46.01 -8.96 -35.30
C ASN U 436 -47.24 -9.66 -35.84
N TRP U 437 -48.42 -9.28 -35.36
CA TRP U 437 -49.67 -9.83 -35.88
C TRP U 437 -49.86 -9.50 -37.35
N ALA U 438 -49.50 -8.27 -37.74
CA ALA U 438 -49.61 -7.87 -39.14
C ALA U 438 -48.71 -8.72 -40.03
N SER U 439 -47.44 -8.90 -39.61
CA SER U 439 -46.53 -9.73 -40.39
C SER U 439 -47.00 -11.18 -40.42
N SER U 440 -47.54 -11.67 -39.30
CA SER U 440 -48.03 -13.04 -39.24
C SER U 440 -49.21 -13.26 -40.17
N ILE U 441 -50.14 -12.31 -40.21
CA ILE U 441 -51.30 -12.47 -41.09
C ILE U 441 -50.91 -12.21 -42.55
N ASN U 442 -49.85 -11.44 -42.79
CA ASN U 442 -49.29 -11.36 -44.13
C ASN U 442 -48.72 -12.70 -44.56
N ASP U 443 -48.09 -13.41 -43.62
CA ASP U 443 -47.59 -14.74 -43.91
C ASP U 443 -48.74 -15.72 -44.18
N ALA U 444 -49.79 -15.66 -43.37
CA ALA U 444 -50.93 -16.58 -43.51
C ALA U 444 -52.24 -15.84 -43.28
N PRO U 445 -52.93 -15.42 -44.35
CA PRO U 445 -54.22 -14.76 -44.18
C PRO U 445 -55.39 -15.73 -44.13
N VAL U 446 -56.61 -15.21 -44.03
CA VAL U 446 -57.81 -16.04 -44.02
C VAL U 446 -58.97 -15.21 -44.56
N LEU U 447 -60.05 -15.87 -44.95
CA LEU U 447 -61.18 -15.18 -45.56
C LEU U 447 -61.87 -14.26 -44.55
N ILE U 448 -62.38 -13.13 -45.06
CA ILE U 448 -63.15 -12.19 -44.26
C ILE U 448 -64.51 -12.01 -44.90
N SER U 449 -64.54 -11.49 -46.12
CA SER U 449 -65.75 -11.29 -46.89
C SER U 449 -65.71 -12.17 -48.13
N GLN U 450 -66.85 -12.78 -48.46
CA GLN U 450 -66.91 -13.77 -49.52
C GLN U 450 -68.13 -13.51 -50.38
N LYS U 451 -67.91 -13.14 -51.64
CA LYS U 451 -69.01 -13.04 -52.60
C LYS U 451 -69.31 -14.41 -53.17
N LEU U 452 -70.59 -14.74 -53.26
CA LEU U 452 -71.02 -16.10 -53.51
C LEU U 452 -71.51 -16.28 -54.95
N SER U 453 -71.42 -17.52 -55.43
CA SER U 453 -71.83 -17.85 -56.80
C SER U 453 -72.17 -19.33 -56.85
N PRO U 454 -73.26 -19.72 -57.51
CA PRO U 454 -73.64 -21.14 -57.54
C PRO U 454 -72.67 -21.98 -58.34
N ILE U 455 -72.60 -23.27 -58.00
CA ILE U 455 -71.67 -24.18 -58.65
C ILE U 455 -72.15 -24.52 -60.05
N TYR U 456 -73.45 -24.74 -60.23
CA TYR U 456 -73.95 -25.17 -61.53
C TYR U 456 -73.70 -24.15 -62.64
N ASN U 457 -73.29 -22.93 -62.30
CA ASN U 457 -72.83 -21.96 -63.29
C ASN U 457 -71.36 -22.18 -63.65
N LEU U 458 -70.64 -22.99 -62.89
CA LEU U 458 -69.23 -23.25 -63.11
C LEU U 458 -68.96 -24.46 -63.99
N VAL U 459 -69.98 -25.26 -64.28
CA VAL U 459 -69.81 -26.45 -65.11
C VAL U 459 -69.33 -26.04 -66.49
N PRO U 460 -68.38 -26.76 -67.10
CA PRO U 460 -67.92 -26.38 -68.45
C PRO U 460 -69.00 -26.57 -69.49
N VAL U 461 -69.06 -25.62 -70.43
CA VAL U 461 -70.05 -25.63 -71.50
C VAL U 461 -69.62 -26.63 -72.57
N LYS U 462 -70.53 -26.92 -73.51
CA LYS U 462 -70.29 -27.81 -74.66
C LYS U 462 -69.61 -29.12 -74.24
N MET U 463 -70.01 -29.65 -73.09
CA MET U 463 -69.51 -30.92 -72.62
C MET U 463 -70.42 -32.04 -73.15
N LYS U 464 -70.29 -33.25 -72.59
CA LYS U 464 -71.12 -34.37 -73.00
C LYS U 464 -72.60 -34.05 -72.82
N ASN U 465 -73.02 -33.79 -71.60
CA ASN U 465 -74.40 -33.45 -71.26
C ASN U 465 -74.43 -32.27 -70.30
N ALA U 466 -73.70 -31.20 -70.68
CA ALA U 466 -73.49 -30.08 -69.76
C ALA U 466 -74.80 -29.43 -69.33
N HIS U 467 -75.68 -29.13 -70.29
CA HIS U 467 -76.90 -28.39 -69.97
C HIS U 467 -77.81 -29.17 -69.04
N LEU U 468 -78.09 -30.43 -69.38
CA LEU U 468 -78.97 -31.24 -68.53
C LEU U 468 -78.34 -31.47 -67.17
N LYS U 469 -77.02 -31.68 -67.13
CA LYS U 469 -76.33 -31.78 -65.85
C LYS U 469 -76.38 -30.45 -65.09
N LYS U 470 -76.38 -29.32 -65.81
CA LYS U 470 -76.45 -28.03 -65.15
C LYS U 470 -77.76 -27.86 -64.39
N GLN U 471 -78.89 -28.05 -65.08
CA GLN U 471 -80.19 -27.96 -64.42
C GLN U 471 -80.37 -29.07 -63.39
N ASN U 472 -79.75 -30.22 -63.62
CA ASN U 472 -79.83 -31.31 -62.65
C ASN U 472 -79.14 -30.94 -61.34
N LEU U 473 -77.93 -30.39 -61.43
CA LEU U 473 -77.24 -29.93 -60.24
C LEU U 473 -77.93 -28.72 -59.61
N GLU U 474 -78.62 -27.92 -60.42
CA GLU U 474 -79.42 -26.83 -59.86
C GLU U 474 -80.56 -27.36 -59.00
N ARG U 475 -81.30 -28.34 -59.54
CA ARG U 475 -82.34 -29.00 -58.75
C ARG U 475 -81.74 -29.67 -57.52
N ALA U 476 -80.54 -30.23 -57.65
CA ALA U 476 -79.89 -30.91 -56.53
C ALA U 476 -79.54 -29.92 -55.41
N ILE U 477 -78.96 -28.78 -55.77
CA ILE U 477 -78.61 -27.79 -54.76
C ILE U 477 -79.86 -27.16 -54.16
N GLU U 478 -80.93 -27.02 -54.94
CA GLU U 478 -82.19 -26.53 -54.38
C GLU U 478 -82.76 -27.51 -53.36
N ASP U 479 -82.78 -28.80 -53.72
CA ASP U 479 -83.27 -29.81 -52.79
C ASP U 479 -82.37 -29.91 -51.56
N TYR U 480 -81.07 -29.66 -51.73
CA TYR U 480 -80.15 -29.67 -50.58
C TYR U 480 -80.44 -28.51 -49.63
N ILE U 481 -80.59 -27.30 -50.18
CA ILE U 481 -80.78 -26.12 -49.34
C ILE U 481 -82.19 -26.09 -48.74
N ASN U 482 -83.16 -26.76 -49.35
CA ASN U 482 -84.52 -26.77 -48.82
C ASN U 482 -84.90 -28.10 -48.17
N GLU U 483 -83.98 -29.07 -48.12
CA GLU U 483 -84.31 -30.38 -47.60
C GLU U 483 -84.21 -30.44 -46.08
N PHE U 484 -83.02 -30.20 -45.54
CA PHE U 484 -82.78 -30.29 -44.10
C PHE U 484 -82.16 -29.00 -43.61
N SER U 485 -82.75 -28.43 -42.57
CA SER U 485 -82.30 -27.18 -41.96
C SER U 485 -83.08 -26.99 -40.66
N VAL U 486 -82.90 -25.84 -40.02
CA VAL U 486 -83.67 -25.52 -38.82
C VAL U 486 -85.15 -25.40 -39.16
N ARG U 487 -85.47 -25.08 -40.42
CA ARG U 487 -86.87 -24.93 -40.82
C ARG U 487 -87.64 -26.23 -40.66
N LYS U 488 -87.01 -27.36 -40.93
CA LYS U 488 -87.69 -28.65 -40.86
C LYS U 488 -87.62 -29.29 -39.48
N CYS U 489 -86.69 -28.83 -38.63
CA CYS U 489 -86.56 -29.39 -37.29
C CYS U 489 -87.66 -28.82 -36.40
N HIS U 490 -87.60 -29.12 -35.10
CA HIS U 490 -88.60 -28.67 -34.15
C HIS U 490 -88.15 -27.40 -33.45
N THR U 491 -89.12 -26.60 -33.01
CA THR U 491 -88.83 -25.32 -32.37
C THR U 491 -88.55 -25.54 -30.88
N CYS U 492 -87.54 -24.83 -30.38
CA CYS U 492 -87.16 -24.91 -28.98
C CYS U 492 -88.11 -24.07 -28.12
N GLN U 493 -87.82 -23.95 -26.84
CA GLN U 493 -88.66 -23.23 -25.90
C GLN U 493 -87.98 -21.93 -25.48
N ASN U 494 -88.80 -20.98 -25.04
CA ASN U 494 -88.34 -19.67 -24.54
C ASN U 494 -87.51 -18.93 -25.60
N GLY U 495 -87.93 -19.06 -26.86
CA GLY U 495 -87.26 -18.37 -27.94
C GLY U 495 -85.81 -18.77 -28.14
N GLY U 496 -85.45 -19.98 -27.74
CA GLY U 496 -84.08 -20.44 -27.89
C GLY U 496 -83.72 -20.61 -29.35
N THR U 497 -82.65 -19.95 -29.79
CA THR U 497 -82.20 -20.09 -31.18
C THR U 497 -81.76 -21.51 -31.46
N VAL U 498 -82.42 -22.15 -32.42
CA VAL U 498 -82.15 -23.55 -32.74
C VAL U 498 -81.05 -23.61 -33.79
N ILE U 499 -80.07 -24.48 -33.55
CA ILE U 499 -78.97 -24.71 -34.48
C ILE U 499 -78.99 -26.18 -34.91
N LEU U 500 -78.14 -26.49 -35.89
CA LEU U 500 -78.04 -27.84 -36.42
C LEU U 500 -76.56 -28.15 -36.65
N MET U 501 -76.00 -29.02 -35.84
CA MET U 501 -74.59 -29.40 -35.92
C MET U 501 -74.51 -30.91 -36.15
N ASP U 502 -74.57 -31.32 -37.43
CA ASP U 502 -74.41 -32.70 -37.84
C ASP U 502 -75.41 -33.61 -37.13
N GLY U 503 -76.69 -33.35 -37.37
CA GLY U 503 -77.78 -34.14 -36.82
C GLY U 503 -78.33 -33.66 -35.49
N LYS U 504 -77.44 -33.26 -34.58
CA LYS U 504 -77.86 -32.77 -33.27
C LYS U 504 -78.57 -31.43 -33.44
N CYS U 505 -79.89 -31.44 -33.29
CA CYS U 505 -80.70 -30.22 -33.46
C CYS U 505 -80.90 -29.54 -32.10
N LEU U 506 -79.79 -29.10 -31.53
CA LEU U 506 -79.83 -28.41 -30.25
C LEU U 506 -80.26 -26.96 -30.42
N CYS U 507 -80.71 -26.37 -29.31
CA CYS U 507 -81.17 -24.98 -29.31
C CYS U 507 -80.40 -24.20 -28.26
N ALA U 508 -79.82 -23.07 -28.66
CA ALA U 508 -79.11 -22.21 -27.74
C ALA U 508 -80.09 -21.47 -26.83
N CYS U 509 -80.04 -21.77 -25.53
CA CYS U 509 -80.96 -21.20 -24.57
C CYS U 509 -80.43 -19.86 -24.06
N PRO U 510 -81.32 -18.93 -23.71
CA PRO U 510 -80.86 -17.60 -23.25
C PRO U 510 -80.03 -17.69 -21.99
N PHE U 511 -79.47 -16.54 -21.61
CA PHE U 511 -78.53 -16.48 -20.48
C PHE U 511 -79.24 -16.80 -19.17
N LYS U 512 -80.38 -16.15 -18.92
CA LYS U 512 -81.11 -16.32 -17.66
C LYS U 512 -81.76 -17.69 -17.53
N PHE U 513 -81.66 -18.55 -18.54
CA PHE U 513 -82.32 -19.85 -18.52
C PHE U 513 -81.27 -20.95 -18.47
N GLU U 514 -81.73 -22.17 -18.19
CA GLU U 514 -80.84 -23.31 -18.05
C GLU U 514 -80.63 -23.96 -19.42
N GLY U 515 -80.09 -25.18 -19.43
CA GLY U 515 -79.58 -25.79 -20.64
C GLY U 515 -80.58 -26.44 -21.56
N ILE U 516 -80.31 -27.70 -21.93
CA ILE U 516 -81.01 -28.37 -23.01
C ILE U 516 -82.52 -28.32 -22.83
N ALA U 517 -83.23 -28.17 -23.95
CA ALA U 517 -84.69 -28.23 -24.05
C ALA U 517 -85.38 -27.04 -23.39
N CYS U 518 -84.62 -26.18 -22.72
CA CYS U 518 -85.13 -24.98 -22.07
C CYS U 518 -86.40 -25.27 -21.28
N GLU U 519 -86.35 -26.33 -20.47
CA GLU U 519 -87.51 -26.74 -19.68
C GLU U 519 -87.46 -26.17 -18.27
N ILE U 520 -86.40 -26.47 -17.53
CA ILE U 520 -86.26 -25.97 -16.16
C ILE U 520 -85.84 -24.51 -16.19
N SER U 521 -86.49 -23.70 -15.34
CA SER U 521 -86.30 -22.25 -15.40
C SER U 521 -84.93 -21.84 -14.88
N LYS U 522 -84.57 -22.37 -13.70
CA LYS U 522 -83.26 -22.07 -13.08
C LYS U 522 -83.43 -20.87 -12.15
N GLN U 523 -84.57 -20.18 -12.28
CA GLN U 523 -84.95 -19.07 -11.38
C GLN U 523 -86.23 -19.54 -10.70
N LYS U 524 -86.11 -19.99 -9.45
CA LYS U 524 -87.28 -20.50 -8.68
C LYS U 524 -87.55 -19.47 -7.60
N ILE U 525 -88.80 -19.01 -7.48
CA ILE U 525 -89.05 -17.97 -6.44
C ILE U 525 -88.71 -18.59 -5.09
N SER U 526 -87.81 -17.93 -4.35
CA SER U 526 -87.42 -18.35 -2.98
C SER U 526 -88.65 -18.89 -2.22
N GLU U 527 -88.46 -19.96 -1.45
CA GLU U 527 -89.53 -20.57 -0.67
C GLU U 527 -89.37 -20.18 0.79
N GLY U 528 -90.47 -19.81 1.43
CA GLY U 528 -90.45 -19.43 2.83
C GLY U 528 -91.47 -20.14 3.67
N LEU U 529 -91.05 -20.73 4.78
CA LEU U 529 -91.95 -21.46 5.67
C LEU U 529 -91.83 -20.92 7.09
N PRO U 530 -92.82 -20.15 7.58
CA PRO U 530 -92.74 -19.63 8.94
C PRO U 530 -93.29 -20.60 9.97
N ALA U 531 -93.46 -21.86 9.58
CA ALA U 531 -94.05 -22.85 10.47
C ALA U 531 -93.15 -23.11 11.68
N LEU U 532 -93.77 -23.54 12.77
CA LEU U 532 -93.03 -23.82 14.00
C LEU U 532 -92.15 -25.05 13.80
N GLU U 533 -90.93 -25.04 14.34
CA GLU U 533 -90.05 -26.20 14.18
C GLU U 533 -90.61 -27.43 14.88
N PHE U 534 -90.57 -28.57 14.20
CA PHE U 534 -91.09 -29.81 14.77
C PHE U 534 -90.23 -30.28 15.94
N PRO U 535 -88.91 -30.27 15.77
CA PRO U 535 -88.00 -30.70 16.81
C PRO U 535 -86.63 -30.04 16.65
N SER V 18 -79.50 -53.29 -4.80
CA SER V 18 -80.12 -54.45 -5.42
C SER V 18 -79.11 -55.19 -6.31
N HIS V 19 -78.92 -56.47 -6.03
CA HIS V 19 -77.98 -57.32 -6.80
C HIS V 19 -78.69 -57.78 -8.07
N ILE V 20 -78.76 -56.89 -9.04
CA ILE V 20 -79.40 -57.19 -10.32
C ILE V 20 -78.45 -58.02 -11.17
N ASP V 21 -78.91 -59.21 -11.57
CA ASP V 21 -78.13 -60.09 -12.42
C ASP V 21 -78.33 -59.74 -13.88
N CYS V 22 -77.51 -60.35 -14.74
CA CYS V 22 -77.54 -60.08 -16.18
C CYS V 22 -78.26 -61.23 -16.88
N ARG V 23 -79.48 -60.97 -17.34
CA ARG V 23 -80.23 -61.91 -18.19
C ARG V 23 -79.73 -61.72 -19.62
N MET V 24 -78.59 -62.34 -19.91
CA MET V 24 -77.85 -62.08 -21.15
C MET V 24 -77.46 -63.39 -21.82
N SER V 25 -78.43 -64.30 -21.98
CA SER V 25 -78.20 -65.53 -22.73
C SER V 25 -79.45 -65.94 -23.51
N PRO V 26 -79.93 -65.09 -24.44
CA PRO V 26 -80.91 -65.56 -25.42
C PRO V 26 -80.22 -66.21 -26.61
N TRP V 27 -80.36 -67.53 -26.72
CA TRP V 27 -79.69 -68.28 -27.77
C TRP V 27 -80.59 -68.44 -28.99
N SER V 28 -79.97 -68.51 -30.16
CA SER V 28 -80.66 -68.63 -31.43
C SER V 28 -80.32 -69.96 -32.10
N GLU V 29 -80.91 -70.19 -33.27
CA GLU V 29 -80.73 -71.41 -34.02
C GLU V 29 -79.53 -71.30 -34.94
N TRP V 30 -78.88 -72.44 -35.18
CA TRP V 30 -77.74 -72.49 -36.09
C TRP V 30 -78.19 -72.18 -37.52
N SER V 31 -77.52 -71.22 -38.16
CA SER V 31 -77.82 -70.86 -39.53
C SER V 31 -77.02 -71.73 -40.49
N GLN V 32 -77.13 -71.42 -41.78
CA GLN V 32 -76.43 -72.20 -42.81
C GLN V 32 -74.95 -71.86 -42.79
N CYS V 33 -74.12 -72.87 -43.05
CA CYS V 33 -72.69 -72.68 -43.08
C CYS V 33 -72.28 -71.85 -44.30
N ASP V 34 -71.27 -71.01 -44.12
CA ASP V 34 -70.72 -70.23 -45.21
C ASP V 34 -69.59 -71.01 -45.86
N PRO V 35 -69.73 -71.45 -47.12
CA PRO V 35 -68.68 -72.29 -47.72
C PRO V 35 -67.37 -71.55 -47.95
N CYS V 36 -67.43 -70.32 -48.46
CA CYS V 36 -66.21 -69.59 -48.78
C CYS V 36 -65.49 -69.13 -47.52
N LEU V 37 -66.24 -68.61 -46.54
CA LEU V 37 -65.64 -68.12 -45.31
C LEU V 37 -65.33 -69.25 -44.34
N ARG V 38 -66.07 -70.37 -44.42
CA ARG V 38 -65.88 -71.53 -43.55
C ARG V 38 -66.08 -71.15 -42.08
N GLN V 39 -67.31 -70.70 -41.79
CA GLN V 39 -67.67 -70.26 -40.44
C GLN V 39 -69.17 -70.46 -40.25
N MET V 40 -69.56 -70.65 -38.99
CA MET V 40 -70.96 -70.76 -38.61
C MET V 40 -71.38 -69.54 -37.80
N PHE V 41 -72.69 -69.42 -37.59
CA PHE V 41 -73.30 -68.20 -37.07
C PHE V 41 -74.28 -68.52 -35.93
N ARG V 42 -73.80 -69.25 -34.92
CA ARG V 42 -74.56 -69.33 -33.67
C ARG V 42 -74.73 -67.92 -33.11
N SER V 43 -75.96 -67.45 -33.02
CA SER V 43 -76.26 -66.07 -32.71
C SER V 43 -76.58 -65.89 -31.24
N ARG V 44 -76.67 -64.63 -30.83
CA ARG V 44 -76.95 -64.27 -29.44
C ARG V 44 -77.39 -62.82 -29.41
N SER V 45 -77.73 -62.32 -28.23
CA SER V 45 -78.17 -60.95 -28.06
C SER V 45 -77.96 -60.52 -26.61
N ILE V 46 -77.82 -59.22 -26.41
CA ILE V 46 -77.66 -58.64 -25.07
C ILE V 46 -78.99 -58.03 -24.64
N GLU V 47 -79.39 -58.29 -23.40
CA GLU V 47 -80.66 -57.80 -22.89
C GLU V 47 -80.53 -56.92 -21.66
N VAL V 48 -79.77 -57.35 -20.65
CA VAL V 48 -79.71 -56.67 -19.37
C VAL V 48 -78.25 -56.48 -18.99
N PHE V 49 -77.89 -55.27 -18.58
CA PHE V 49 -76.53 -54.95 -18.14
C PHE V 49 -76.37 -55.15 -16.64
N GLY V 50 -77.18 -54.46 -15.83
CA GLY V 50 -77.00 -54.42 -14.40
C GLY V 50 -76.62 -53.02 -13.93
N GLN V 51 -77.59 -52.30 -13.37
CA GLN V 51 -77.41 -50.89 -13.05
C GLN V 51 -76.64 -50.66 -11.75
N PHE V 52 -76.54 -51.67 -10.89
CA PHE V 52 -75.99 -51.50 -9.55
C PHE V 52 -74.69 -52.27 -9.41
N ASN V 53 -74.17 -52.31 -8.18
CA ASN V 53 -72.89 -52.94 -7.87
C ASN V 53 -72.89 -54.45 -8.04
N GLY V 54 -73.98 -55.03 -8.55
CA GLY V 54 -74.06 -56.47 -8.72
C GLY V 54 -73.11 -57.04 -9.76
N LYS V 55 -73.41 -58.25 -10.24
CA LYS V 55 -72.54 -58.95 -11.17
C LYS V 55 -72.34 -58.19 -12.48
N ARG V 56 -71.11 -57.74 -12.72
CA ARG V 56 -70.78 -57.14 -14.00
C ARG V 56 -70.70 -58.21 -15.08
N CYS V 57 -71.25 -57.91 -16.25
CA CYS V 57 -71.34 -58.88 -17.34
C CYS V 57 -70.94 -58.19 -18.64
N THR V 58 -69.71 -58.47 -19.10
CA THR V 58 -69.19 -57.94 -20.35
C THR V 58 -69.23 -58.97 -21.47
N ASP V 59 -70.10 -59.97 -21.37
CA ASP V 59 -70.14 -61.05 -22.34
C ASP V 59 -70.46 -60.51 -23.73
N ALA V 60 -69.51 -60.66 -24.65
CA ALA V 60 -69.69 -60.17 -26.01
C ALA V 60 -70.65 -61.06 -26.79
N VAL V 61 -71.39 -60.44 -27.70
CA VAL V 61 -72.36 -61.14 -28.53
C VAL V 61 -71.65 -61.70 -29.76
N GLY V 62 -71.91 -62.96 -30.08
CA GLY V 62 -71.33 -63.60 -31.24
C GLY V 62 -70.64 -64.92 -30.92
N ASP V 63 -70.64 -65.82 -31.89
CA ASP V 63 -70.01 -67.12 -31.73
C ASP V 63 -69.66 -67.66 -33.11
N ARG V 64 -68.50 -68.30 -33.21
CA ARG V 64 -68.01 -68.85 -34.46
C ARG V 64 -67.74 -70.34 -34.31
N ARG V 65 -67.70 -71.03 -35.45
CA ARG V 65 -67.48 -72.48 -35.48
C ARG V 65 -67.04 -72.88 -36.87
N GLN V 66 -66.05 -73.76 -36.93
CA GLN V 66 -65.62 -74.32 -38.21
C GLN V 66 -66.68 -75.28 -38.74
N CYS V 67 -66.86 -75.26 -40.06
CA CYS V 67 -67.86 -76.08 -40.71
C CYS V 67 -67.32 -76.59 -42.04
N VAL V 68 -67.66 -77.83 -42.37
CA VAL V 68 -67.25 -78.44 -43.63
C VAL V 68 -68.06 -77.79 -44.75
N PRO V 69 -67.40 -77.16 -45.72
CA PRO V 69 -68.15 -76.49 -46.80
C PRO V 69 -68.79 -77.50 -47.74
N THR V 70 -70.02 -77.20 -48.15
CA THR V 70 -70.77 -78.04 -49.07
C THR V 70 -70.92 -77.45 -50.46
N GLU V 71 -70.89 -76.11 -50.59
CA GLU V 71 -70.97 -75.45 -51.88
C GLU V 71 -69.58 -75.32 -52.50
N PRO V 72 -69.49 -75.32 -53.84
CA PRO V 72 -68.16 -75.27 -54.48
C PRO V 72 -67.45 -73.94 -54.32
N CYS V 73 -68.15 -72.88 -53.89
CA CYS V 73 -67.56 -71.55 -53.73
C CYS V 73 -66.95 -71.06 -55.05
N GLU V 74 -67.82 -70.92 -56.05
CA GLU V 74 -67.38 -70.47 -57.37
C GLU V 74 -67.18 -68.96 -57.43
N ASP V 75 -67.77 -68.21 -56.52
CA ASP V 75 -67.62 -66.76 -56.52
C ASP V 75 -66.21 -66.37 -56.11
N ALA V 76 -65.58 -65.51 -56.90
CA ALA V 76 -64.23 -65.05 -56.61
C ALA V 76 -64.04 -63.66 -57.20
N GLU V 77 -63.08 -62.93 -56.63
CA GLU V 77 -62.78 -61.58 -57.07
C GLU V 77 -61.64 -61.61 -58.10
N ASP V 78 -61.95 -61.25 -59.34
CA ASP V 78 -60.94 -61.19 -60.37
C ASP V 78 -60.00 -60.01 -60.15
N ASP V 79 -58.87 -60.03 -60.85
CA ASP V 79 -57.89 -58.96 -60.72
C ASP V 79 -58.26 -57.76 -61.60
N CYS V 80 -59.50 -57.29 -61.48
CA CYS V 80 -60.01 -56.05 -62.04
C CYS V 80 -59.95 -56.02 -63.57
N GLY V 81 -59.43 -57.09 -64.19
CA GLY V 81 -59.44 -57.25 -65.63
C GLY V 81 -58.96 -56.07 -66.46
N ASN V 82 -58.22 -55.15 -65.86
CA ASN V 82 -57.86 -53.89 -66.50
C ASN V 82 -56.37 -53.77 -66.78
N ASP V 83 -55.53 -53.87 -65.76
CA ASP V 83 -54.11 -53.56 -65.91
C ASP V 83 -53.32 -54.41 -64.91
N PHE V 84 -52.06 -54.04 -64.69
CA PHE V 84 -51.17 -54.78 -63.81
C PHE V 84 -51.74 -54.88 -62.40
N GLN V 85 -51.88 -56.11 -61.92
CA GLN V 85 -52.38 -56.35 -60.57
C GLN V 85 -51.26 -56.12 -59.55
N CYS V 86 -51.64 -55.53 -58.41
CA CYS V 86 -50.70 -55.36 -57.32
C CYS V 86 -50.56 -56.65 -56.52
N SER V 87 -49.61 -56.65 -55.58
CA SER V 87 -49.38 -57.81 -54.73
C SER V 87 -50.44 -58.00 -53.65
N THR V 88 -51.40 -57.06 -53.53
CA THR V 88 -52.41 -57.16 -52.49
C THR V 88 -53.84 -57.21 -53.02
N GLY V 89 -54.09 -56.78 -54.26
CA GLY V 89 -55.42 -56.85 -54.82
C GLY V 89 -55.89 -55.60 -55.52
N ARG V 90 -55.15 -54.49 -55.37
CA ARG V 90 -55.51 -53.25 -56.02
C ARG V 90 -54.93 -53.22 -57.43
N CYS V 91 -55.26 -52.17 -58.18
CA CYS V 91 -54.89 -52.10 -59.60
C CYS V 91 -54.44 -50.68 -59.95
N ILE V 92 -53.56 -50.61 -60.94
CA ILE V 92 -53.19 -49.34 -61.55
C ILE V 92 -54.33 -48.84 -62.42
N LYS V 93 -54.68 -47.55 -62.27
CA LYS V 93 -55.72 -46.97 -63.12
C LYS V 93 -55.14 -46.55 -64.46
N MET V 94 -54.26 -45.55 -64.47
CA MET V 94 -53.59 -45.14 -65.70
C MET V 94 -52.09 -44.89 -65.56
N ARG V 95 -51.59 -44.47 -64.40
CA ARG V 95 -50.20 -44.04 -64.30
C ARG V 95 -49.54 -44.49 -62.99
N LEU V 96 -49.99 -45.62 -62.44
CA LEU V 96 -49.43 -46.15 -61.21
C LEU V 96 -48.17 -46.98 -61.45
N ARG V 97 -47.52 -46.82 -62.61
CA ARG V 97 -46.30 -47.54 -62.91
C ARG V 97 -45.12 -46.89 -62.17
N CYS V 98 -43.90 -47.25 -62.57
CA CYS V 98 -42.69 -46.82 -61.87
C CYS V 98 -42.47 -45.33 -62.13
N ASN V 99 -43.22 -44.51 -61.41
CA ASN V 99 -43.13 -43.05 -61.50
C ASN V 99 -43.07 -42.42 -60.12
N GLY V 100 -42.46 -43.12 -59.16
CA GLY V 100 -42.37 -42.61 -57.80
C GLY V 100 -43.70 -42.50 -57.09
N ASP V 101 -44.64 -43.40 -57.39
CA ASP V 101 -45.99 -43.38 -56.83
C ASP V 101 -46.13 -44.59 -55.92
N ASN V 102 -45.90 -44.39 -54.62
CA ASN V 102 -45.98 -45.47 -53.64
C ASN V 102 -47.45 -45.74 -53.30
N ASP V 103 -47.93 -46.92 -53.69
CA ASP V 103 -49.29 -47.35 -53.37
C ASP V 103 -49.33 -48.62 -52.52
N CYS V 104 -48.64 -49.67 -52.94
CA CYS V 104 -48.74 -50.96 -52.27
C CYS V 104 -47.72 -51.12 -51.15
N GLY V 105 -46.43 -51.05 -51.50
CA GLY V 105 -45.38 -51.17 -50.51
C GLY V 105 -44.23 -50.24 -50.76
N ASP V 106 -43.15 -50.38 -49.97
CA ASP V 106 -41.97 -49.56 -50.18
C ASP V 106 -41.39 -49.78 -51.57
N PHE V 107 -41.08 -51.04 -51.90
CA PHE V 107 -40.63 -51.42 -53.23
C PHE V 107 -41.54 -52.42 -53.90
N SER V 108 -42.76 -52.60 -53.39
CA SER V 108 -43.70 -53.55 -54.00
C SER V 108 -44.15 -53.05 -55.37
N ASP V 109 -44.66 -51.81 -55.44
CA ASP V 109 -45.03 -51.24 -56.72
C ASP V 109 -43.78 -50.92 -57.54
N GLU V 110 -42.66 -50.62 -56.89
CA GLU V 110 -41.39 -50.37 -57.54
C GLU V 110 -40.54 -51.63 -57.68
N ASP V 111 -41.19 -52.80 -57.80
CA ASP V 111 -40.48 -54.07 -57.87
C ASP V 111 -39.45 -54.08 -59.00
N ASP V 112 -39.90 -53.80 -60.22
CA ASP V 112 -39.01 -53.81 -61.38
C ASP V 112 -39.31 -52.59 -62.24
N CYS V 113 -38.27 -51.87 -62.63
CA CYS V 113 -38.39 -50.65 -63.43
C CYS V 113 -37.45 -50.76 -64.62
N GLU V 114 -38.00 -51.06 -65.80
CA GLU V 114 -37.18 -51.11 -67.00
C GLU V 114 -36.89 -49.72 -67.55
N SER V 115 -37.87 -48.83 -67.49
CA SER V 115 -37.68 -47.45 -67.93
C SER V 115 -36.93 -46.66 -66.85
N GLU V 116 -36.56 -45.43 -67.20
CA GLU V 116 -35.86 -44.56 -66.27
C GLU V 116 -36.79 -44.15 -65.13
N PRO V 117 -36.24 -43.98 -63.92
CA PRO V 117 -37.07 -43.56 -62.79
C PRO V 117 -37.50 -42.10 -62.91
N ARG V 118 -38.45 -41.83 -63.79
CA ARG V 118 -38.92 -40.47 -64.02
C ARG V 118 -39.61 -39.94 -62.77
N PRO V 119 -39.14 -38.83 -62.20
CA PRO V 119 -39.81 -38.29 -61.02
C PRO V 119 -41.13 -37.64 -61.40
N PRO V 120 -42.16 -37.75 -60.55
CA PRO V 120 -43.45 -37.14 -60.90
C PRO V 120 -43.45 -35.64 -60.77
N CYS V 121 -42.64 -35.07 -59.89
CA CYS V 121 -42.59 -33.63 -59.66
C CYS V 121 -41.16 -33.21 -59.36
N ARG V 122 -40.74 -32.09 -59.96
CA ARG V 122 -39.38 -31.60 -59.80
C ARG V 122 -39.22 -30.69 -58.59
N ASP V 123 -40.25 -29.93 -58.23
CA ASP V 123 -40.16 -29.01 -57.11
C ASP V 123 -39.99 -29.78 -55.80
N ARG V 124 -39.35 -29.12 -54.84
CA ARG V 124 -39.11 -29.71 -53.52
C ARG V 124 -40.35 -29.52 -52.65
N VAL V 125 -41.06 -30.60 -52.38
CA VAL V 125 -42.27 -30.58 -51.56
C VAL V 125 -42.06 -31.58 -50.43
N VAL V 126 -41.99 -31.07 -49.20
CA VAL V 126 -41.75 -31.94 -48.04
C VAL V 126 -43.00 -32.76 -47.75
N GLU V 127 -42.78 -34.01 -47.36
CA GLU V 127 -43.89 -34.90 -47.03
C GLU V 127 -44.63 -34.39 -45.80
N GLU V 128 -45.90 -34.76 -45.71
CA GLU V 128 -46.78 -34.32 -44.61
C GLU V 128 -46.36 -35.02 -43.33
N SER V 129 -45.59 -34.31 -42.49
CA SER V 129 -45.04 -34.89 -41.27
C SER V 129 -45.93 -34.56 -40.08
N GLU V 130 -46.51 -35.58 -39.47
CA GLU V 130 -47.30 -35.50 -38.24
C GLU V 130 -48.53 -34.61 -38.37
N LEU V 131 -48.86 -34.19 -39.59
CA LEU V 131 -50.02 -33.34 -39.83
C LEU V 131 -51.23 -34.23 -40.13
N ALA V 132 -52.28 -33.65 -40.70
CA ALA V 132 -53.56 -34.34 -40.92
C ALA V 132 -53.46 -35.52 -41.89
N ARG V 133 -52.24 -35.86 -42.32
CA ARG V 133 -51.97 -37.02 -43.16
C ARG V 133 -52.75 -38.24 -42.71
N THR V 134 -52.86 -38.44 -41.40
CA THR V 134 -53.69 -39.50 -40.83
C THR V 134 -55.09 -38.92 -40.59
N ALA V 135 -55.85 -38.81 -41.69
CA ALA V 135 -57.15 -38.16 -41.68
C ALA V 135 -58.30 -39.12 -41.38
N GLY V 136 -58.04 -40.42 -41.28
CA GLY V 136 -59.08 -41.38 -40.99
C GLY V 136 -59.32 -41.48 -39.49
N TYR V 137 -60.59 -41.47 -39.10
CA TYR V 137 -60.96 -41.53 -37.69
C TYR V 137 -62.25 -42.31 -37.55
N GLY V 138 -62.28 -43.24 -36.60
CA GLY V 138 -63.39 -44.15 -36.43
C GLY V 138 -64.16 -43.95 -35.13
N ILE V 139 -64.45 -42.69 -34.79
CA ILE V 139 -65.09 -42.37 -33.52
C ILE V 139 -66.35 -43.20 -33.32
N ASN V 140 -66.55 -43.65 -32.07
CA ASN V 140 -67.72 -44.40 -31.69
C ASN V 140 -68.70 -43.45 -30.99
N ILE V 141 -69.91 -43.33 -31.55
CA ILE V 141 -70.91 -42.45 -30.95
C ILE V 141 -71.29 -42.93 -29.56
N LEU V 142 -71.26 -44.25 -29.33
CA LEU V 142 -71.49 -44.81 -28.02
C LEU V 142 -70.21 -45.02 -27.22
N GLY V 143 -69.05 -44.84 -27.84
CA GLY V 143 -67.79 -45.14 -27.18
C GLY V 143 -67.02 -43.93 -26.69
N MET V 144 -65.93 -43.60 -27.37
CA MET V 144 -64.98 -42.61 -26.89
C MET V 144 -64.34 -41.92 -28.09
N ASP V 145 -63.19 -41.28 -27.86
CA ASP V 145 -62.44 -40.47 -28.82
C ASP V 145 -62.22 -41.20 -30.14
N PRO V 146 -61.98 -40.48 -31.24
CA PRO V 146 -61.86 -41.13 -32.55
C PRO V 146 -60.75 -42.16 -32.60
N LEU V 147 -60.86 -43.04 -33.61
CA LEU V 147 -59.94 -44.15 -33.82
C LEU V 147 -58.88 -43.73 -34.84
N SER V 148 -58.07 -44.70 -35.27
CA SER V 148 -57.04 -44.44 -36.27
C SER V 148 -57.67 -44.45 -37.66
N THR V 149 -56.84 -44.47 -38.70
CA THR V 149 -57.36 -44.43 -40.06
C THR V 149 -57.78 -45.83 -40.50
N PRO V 150 -59.03 -46.00 -40.95
CA PRO V 150 -59.46 -47.31 -41.47
C PRO V 150 -59.07 -47.55 -42.92
N PHE V 151 -58.37 -46.62 -43.56
CA PHE V 151 -58.03 -46.70 -44.97
C PHE V 151 -56.62 -46.19 -45.19
N ASP V 152 -56.10 -46.43 -46.39
CA ASP V 152 -54.79 -45.93 -46.77
C ASP V 152 -54.89 -44.46 -47.14
N ASN V 153 -53.99 -43.65 -46.59
CA ASN V 153 -53.99 -42.21 -46.83
C ASN V 153 -52.68 -41.71 -47.43
N GLU V 154 -51.80 -42.62 -47.86
CA GLU V 154 -50.54 -42.24 -48.48
C GLU V 154 -50.59 -42.27 -50.01
N PHE V 155 -51.54 -43.00 -50.58
CA PHE V 155 -51.63 -43.11 -52.03
C PHE V 155 -51.95 -41.76 -52.67
N TYR V 156 -51.35 -41.53 -53.85
CA TYR V 156 -51.64 -40.35 -54.64
C TYR V 156 -51.81 -40.77 -56.09
N ASN V 157 -52.60 -40.00 -56.84
CA ASN V 157 -52.99 -40.41 -58.19
C ASN V 157 -52.05 -39.90 -59.27
N GLY V 158 -51.92 -38.59 -59.41
CA GLY V 158 -51.20 -38.02 -60.52
C GLY V 158 -50.25 -36.90 -60.19
N LEU V 159 -50.42 -35.76 -60.86
CA LEU V 159 -49.56 -34.60 -60.61
C LEU V 159 -49.76 -34.07 -59.19
N CYS V 160 -48.65 -33.74 -58.53
CA CYS V 160 -48.70 -33.24 -57.17
C CYS V 160 -49.57 -31.99 -57.09
N ASN V 161 -50.38 -31.92 -56.05
CA ASN V 161 -51.22 -30.75 -55.78
C ASN V 161 -50.56 -29.93 -54.68
N ARG V 162 -50.11 -28.73 -55.02
CA ARG V 162 -49.35 -27.93 -54.08
C ARG V 162 -50.21 -27.50 -52.89
N ASP V 163 -49.57 -27.40 -51.74
CA ASP V 163 -50.19 -26.99 -50.48
C ASP V 163 -49.42 -25.82 -49.88
N ARG V 164 -49.17 -24.82 -50.71
CA ARG V 164 -48.28 -23.70 -50.37
C ARG V 164 -48.99 -22.83 -49.33
N ASP V 165 -48.93 -23.27 -48.08
CA ASP V 165 -49.55 -22.57 -46.97
C ASP V 165 -48.94 -23.11 -45.68
N GLY V 166 -49.19 -22.41 -44.58
CA GLY V 166 -48.69 -22.80 -43.28
C GLY V 166 -47.97 -21.68 -42.57
N ASN V 167 -47.54 -21.99 -41.35
CA ASN V 167 -46.83 -21.01 -40.53
C ASN V 167 -45.52 -20.59 -41.19
N THR V 168 -44.63 -21.55 -41.42
CA THR V 168 -43.34 -21.27 -42.04
C THR V 168 -43.43 -21.45 -43.55
N LEU V 169 -42.30 -21.28 -44.23
CA LEU V 169 -42.23 -21.43 -45.69
C LEU V 169 -41.85 -22.88 -45.98
N THR V 170 -42.86 -23.72 -46.18
CA THR V 170 -42.66 -25.13 -46.48
C THR V 170 -43.85 -25.64 -47.28
N TYR V 171 -43.58 -26.59 -48.17
CA TYR V 171 -44.60 -27.14 -49.06
C TYR V 171 -44.91 -28.57 -48.64
N TYR V 172 -46.18 -28.83 -48.33
CA TYR V 172 -46.63 -30.16 -47.95
C TYR V 172 -47.38 -30.82 -49.11
N ARG V 173 -47.62 -32.12 -48.95
CA ARG V 173 -48.37 -32.90 -49.93
C ARG V 173 -49.77 -33.20 -49.41
N ARG V 174 -50.72 -33.24 -50.34
CA ARG V 174 -52.09 -33.62 -50.04
C ARG V 174 -52.44 -34.89 -50.80
N PRO V 175 -52.77 -35.99 -50.12
CA PRO V 175 -53.06 -37.24 -50.84
C PRO V 175 -54.34 -37.14 -51.64
N TRP V 176 -54.43 -38.00 -52.66
CA TRP V 176 -55.59 -38.02 -53.53
C TRP V 176 -56.86 -38.44 -52.79
N ASN V 177 -56.72 -39.11 -51.65
CA ASN V 177 -57.88 -39.49 -50.86
C ASN V 177 -58.44 -38.30 -50.07
N VAL V 178 -57.57 -37.40 -49.62
CA VAL V 178 -58.02 -36.21 -48.90
C VAL V 178 -58.41 -35.15 -49.91
N ALA V 179 -59.69 -34.74 -49.88
CA ALA V 179 -60.18 -33.80 -50.88
C ALA V 179 -59.68 -32.39 -50.61
N SER V 180 -59.59 -31.99 -49.34
CA SER V 180 -59.21 -30.63 -49.00
C SER V 180 -58.57 -30.61 -47.63
N LEU V 181 -57.69 -29.63 -47.43
CA LEU V 181 -57.10 -29.39 -46.11
C LEU V 181 -56.71 -27.91 -46.02
N ILE V 182 -57.14 -27.27 -44.95
CA ILE V 182 -56.87 -25.86 -44.72
C ILE V 182 -55.99 -25.72 -43.48
N TYR V 183 -55.25 -24.61 -43.42
CA TYR V 183 -54.35 -24.32 -42.31
C TYR V 183 -54.83 -23.13 -41.49
N GLU V 184 -56.13 -22.90 -41.45
CA GLU V 184 -56.69 -21.78 -40.70
C GLU V 184 -56.44 -21.97 -39.20
N THR V 185 -55.78 -20.99 -38.59
CA THR V 185 -55.47 -21.04 -37.16
C THR V 185 -56.52 -20.31 -36.34
N LYS V 186 -57.77 -20.78 -36.49
CA LYS V 186 -58.87 -20.19 -35.75
C LYS V 186 -58.70 -20.42 -34.25
N GLY V 187 -59.26 -19.52 -33.45
CA GLY V 187 -59.19 -19.64 -32.01
C GLY V 187 -60.18 -18.76 -31.30
N GLU V 188 -60.91 -19.32 -30.34
CA GLU V 188 -61.91 -18.58 -29.60
C GLU V 188 -62.00 -19.12 -28.17
N LYS V 189 -62.56 -18.29 -27.29
CA LYS V 189 -62.76 -18.66 -25.90
C LYS V 189 -63.87 -17.79 -25.33
N ASN V 190 -64.46 -18.27 -24.24
CA ASN V 190 -65.58 -17.59 -23.61
C ASN V 190 -65.36 -17.47 -22.11
N PHE V 191 -66.07 -16.54 -21.50
CA PHE V 191 -66.12 -16.49 -20.07
C PHE V 191 -67.53 -16.18 -19.67
N ARG V 192 -67.84 -16.53 -18.45
CA ARG V 192 -69.13 -16.26 -17.87
C ARG V 192 -69.03 -16.32 -16.36
N THR V 193 -69.99 -15.67 -15.68
CA THR V 193 -70.12 -15.72 -14.23
C THR V 193 -71.48 -15.18 -13.86
N GLU V 194 -71.95 -15.55 -12.67
CA GLU V 194 -73.24 -15.11 -12.17
C GLU V 194 -73.21 -15.15 -10.65
N HIS V 195 -74.25 -14.59 -10.04
CA HIS V 195 -74.38 -14.56 -8.59
C HIS V 195 -75.84 -14.65 -8.20
N TYR V 196 -76.13 -15.49 -7.20
CA TYR V 196 -77.45 -15.64 -6.64
C TYR V 196 -77.39 -15.30 -5.16
N GLU V 197 -78.46 -14.68 -4.65
CA GLU V 197 -78.52 -14.29 -3.25
C GLU V 197 -79.94 -14.44 -2.74
N GLU V 198 -80.07 -15.00 -1.53
CA GLU V 198 -81.36 -15.18 -0.89
C GLU V 198 -81.20 -14.94 0.60
N GLN V 199 -82.16 -14.22 1.18
CA GLN V 199 -82.13 -13.89 2.60
C GLN V 199 -83.55 -13.71 3.10
N ILE V 200 -83.82 -14.21 4.29
CA ILE V 200 -85.13 -14.06 4.92
C ILE V 200 -84.92 -13.94 6.43
N GLU V 201 -85.68 -13.04 7.05
CA GLU V 201 -85.63 -12.82 8.49
C GLU V 201 -87.04 -12.53 9.00
N ALA V 202 -87.36 -13.03 10.18
CA ALA V 202 -88.67 -12.84 10.79
C ALA V 202 -88.51 -12.72 12.30
N PHE V 203 -89.10 -11.68 12.88
CA PHE V 203 -89.07 -11.44 14.31
C PHE V 203 -90.49 -11.44 14.86
N LYS V 204 -90.68 -12.09 16.01
CA LYS V 204 -91.98 -12.17 16.65
C LYS V 204 -91.82 -12.04 18.15
N SER V 205 -92.69 -11.24 18.77
CA SER V 205 -92.67 -11.02 20.21
C SER V 205 -94.10 -10.85 20.70
N ILE V 206 -94.46 -11.60 21.74
CA ILE V 206 -95.80 -11.55 22.32
C ILE V 206 -95.66 -11.48 23.83
N ILE V 207 -96.38 -10.56 24.46
CA ILE V 207 -96.33 -10.36 25.91
C ILE V 207 -97.75 -10.24 26.43
N GLN V 208 -98.00 -10.82 27.60
CA GLN V 208 -99.30 -10.78 28.25
C GLN V 208 -99.13 -10.35 29.70
N GLU V 209 -100.10 -9.58 30.20
CA GLU V 209 -100.06 -9.08 31.57
C GLU V 209 -101.48 -9.03 32.12
N LYS V 210 -101.68 -9.63 33.30
CA LYS V 210 -102.97 -9.64 33.95
C LYS V 210 -102.76 -9.53 35.45
N THR V 211 -103.61 -8.73 36.12
CA THR V 211 -103.52 -8.52 37.54
C THR V 211 -104.91 -8.59 38.14
N SER V 212 -105.04 -9.28 39.28
CA SER V 212 -106.33 -9.47 39.93
C SER V 212 -106.20 -9.21 41.42
N ASN V 213 -107.12 -8.41 41.96
CA ASN V 213 -107.15 -8.08 43.38
C ASN V 213 -108.60 -7.99 43.83
N PHE V 214 -108.86 -8.42 45.08
CA PHE V 214 -110.21 -8.42 45.61
C PHE V 214 -110.16 -8.01 47.09
N ASN V 215 -111.25 -7.37 47.53
CA ASN V 215 -111.40 -6.93 48.90
C ASN V 215 -112.75 -7.37 49.44
N ALA V 216 -112.80 -7.66 50.73
CA ALA V 216 -114.05 -8.05 51.38
C ALA V 216 -113.95 -7.71 52.86
N ALA V 217 -114.68 -6.68 53.29
CA ALA V 217 -114.68 -6.24 54.67
C ALA V 217 -116.11 -6.02 55.12
N ILE V 218 -116.50 -6.67 56.23
CA ILE V 218 -117.82 -6.52 56.82
C ILE V 218 -117.68 -6.59 58.34
N SER V 219 -118.30 -5.64 59.04
CA SER V 219 -118.25 -5.56 60.49
C SER V 219 -119.66 -5.54 61.05
N LEU V 220 -119.85 -6.23 62.17
CA LEU V 220 -121.17 -6.34 62.81
C LEU V 220 -120.99 -6.22 64.31
N LYS V 221 -121.68 -5.26 64.92
CA LYS V 221 -121.65 -5.07 66.37
C LYS V 221 -123.06 -4.80 66.87
N PHE V 222 -123.36 -5.30 68.07
CA PHE V 222 -124.69 -5.19 68.64
C PHE V 222 -124.59 -4.77 70.09
N THR V 223 -125.40 -3.78 70.47
CA THR V 223 -125.45 -3.31 71.85
C THR V 223 -126.83 -2.73 72.15
N PRO V 224 -127.67 -3.44 72.93
CA PRO V 224 -129.01 -2.95 73.28
C PRO V 224 -128.99 -1.88 74.36
N SER V 242 -126.53 -6.34 81.26
CA SER V 242 -125.73 -5.73 80.21
C SER V 242 -125.46 -6.72 79.08
N LEU V 243 -125.46 -6.23 77.85
CA LEU V 243 -125.22 -7.05 76.67
C LEU V 243 -124.43 -6.25 75.66
N HIS V 244 -123.37 -6.85 75.13
CA HIS V 244 -122.51 -6.21 74.14
C HIS V 244 -122.05 -7.23 73.12
N GLY V 245 -121.85 -6.76 71.89
CA GLY V 245 -121.38 -7.60 70.81
C GLY V 245 -120.59 -6.83 69.78
N LYS V 246 -119.55 -7.45 69.22
CA LYS V 246 -118.73 -6.79 68.21
C LYS V 246 -118.02 -7.84 67.37
N GLY V 247 -118.12 -7.71 66.05
CA GLY V 247 -117.46 -8.61 65.13
C GLY V 247 -117.10 -7.92 63.83
N SER V 248 -115.93 -8.23 63.28
CA SER V 248 -115.46 -7.61 62.05
C SER V 248 -114.75 -8.66 61.20
N PHE V 249 -115.07 -8.66 59.90
CA PHE V 249 -114.46 -9.56 58.94
C PHE V 249 -113.57 -8.77 57.99
N ARG V 250 -112.43 -9.35 57.63
CA ARG V 250 -111.52 -8.74 56.67
C ARG V 250 -111.02 -9.83 55.72
N PHE V 251 -110.79 -9.44 54.46
CA PHE V 251 -110.38 -10.39 53.44
C PHE V 251 -109.61 -9.64 52.36
N SER V 252 -108.58 -10.31 51.82
CA SER V 252 -107.74 -9.73 50.79
C SER V 252 -107.46 -10.78 49.72
N TYR V 253 -106.92 -10.33 48.59
CA TYR V 253 -106.61 -11.21 47.47
C TYR V 253 -105.55 -10.55 46.60
N SER V 254 -104.60 -11.35 46.12
CA SER V 254 -103.52 -10.86 45.29
C SER V 254 -103.25 -11.87 44.18
N LYS V 255 -103.05 -11.36 42.96
CA LYS V 255 -102.84 -12.22 41.81
C LYS V 255 -102.31 -11.44 40.61
N ASN V 256 -101.27 -11.95 39.96
CA ASN V 256 -100.89 -11.46 38.65
C ASN V 256 -100.20 -12.57 37.87
N GLU V 257 -100.35 -12.55 36.55
CA GLU V 257 -99.76 -13.56 35.68
C GLU V 257 -99.21 -12.88 34.43
N THR V 258 -97.89 -12.80 34.34
CA THR V 258 -97.22 -12.21 33.18
C THR V 258 -96.73 -13.30 32.25
N TYR V 259 -97.07 -13.19 30.98
CA TYR V 259 -96.65 -14.14 29.95
C TYR V 259 -95.76 -13.43 28.94
N GLN V 260 -94.77 -14.14 28.42
CA GLN V 260 -93.85 -13.59 27.45
C GLN V 260 -93.54 -14.62 26.39
N LEU V 261 -93.52 -14.17 25.12
CA LEU V 261 -93.23 -15.04 23.99
C LEU V 261 -92.29 -14.31 23.04
N PHE V 262 -91.34 -15.06 22.47
CA PHE V 262 -90.39 -14.49 21.53
C PHE V 262 -90.05 -15.55 20.49
N LEU V 263 -90.05 -15.14 19.23
CA LEU V 263 -89.75 -16.04 18.11
C LEU V 263 -88.94 -15.30 17.07
N SER V 264 -87.93 -15.97 16.52
CA SER V 264 -87.07 -15.39 15.51
C SER V 264 -86.73 -16.43 14.45
N TYR V 265 -86.57 -15.96 13.22
CA TYR V 265 -86.27 -16.83 12.08
C TYR V 265 -85.31 -16.10 11.15
N SER V 266 -84.36 -16.85 10.60
CA SER V 266 -83.37 -16.27 9.70
C SER V 266 -82.80 -17.37 8.82
N SER V 267 -82.59 -17.05 7.54
CA SER V 267 -82.00 -17.99 6.60
C SER V 267 -81.36 -17.22 5.45
N LYS V 268 -80.23 -17.71 4.98
CA LYS V 268 -79.50 -17.08 3.88
C LYS V 268 -79.02 -18.15 2.92
N LYS V 269 -79.09 -17.86 1.63
CA LYS V 269 -78.67 -18.79 0.59
C LYS V 269 -77.92 -18.03 -0.49
N GLU V 270 -76.88 -18.67 -1.04
CA GLU V 270 -76.08 -18.09 -2.10
C GLU V 270 -75.65 -19.20 -3.06
N LYS V 271 -75.59 -18.85 -4.34
CA LYS V 271 -75.22 -19.83 -5.37
C LYS V 271 -74.48 -19.12 -6.49
N MET V 272 -73.44 -19.77 -7.01
CA MET V 272 -72.65 -19.24 -8.11
C MET V 272 -72.26 -20.39 -9.03
N PHE V 273 -72.59 -20.23 -10.32
CA PHE V 273 -72.26 -21.23 -11.33
C PHE V 273 -71.74 -20.53 -12.57
N LEU V 274 -70.65 -21.06 -13.12
CA LEU V 274 -70.06 -20.47 -14.33
C LEU V 274 -69.22 -21.53 -15.03
N HIS V 275 -69.13 -21.39 -16.35
CA HIS V 275 -68.35 -22.31 -17.17
C HIS V 275 -67.64 -21.53 -18.26
N VAL V 276 -66.41 -21.92 -18.56
CA VAL V 276 -65.61 -21.30 -19.60
C VAL V 276 -64.95 -22.39 -20.43
N LYS V 277 -64.66 -22.06 -21.68
CA LYS V 277 -64.03 -23.02 -22.58
C LYS V 277 -63.29 -22.27 -23.69
N GLY V 278 -62.19 -22.86 -24.14
CA GLY V 278 -61.41 -22.28 -25.22
C GLY V 278 -60.74 -23.36 -26.03
N GLU V 279 -60.61 -23.10 -27.32
CA GLU V 279 -60.00 -24.06 -28.25
C GLU V 279 -59.06 -23.33 -29.18
N ILE V 280 -57.93 -23.97 -29.49
CA ILE V 280 -56.95 -23.47 -30.44
C ILE V 280 -57.02 -24.38 -31.67
N HIS V 281 -57.72 -23.92 -32.70
CA HIS V 281 -57.84 -24.71 -33.93
C HIS V 281 -56.54 -24.62 -34.73
N LEU V 282 -56.15 -25.75 -35.31
CA LEU V 282 -54.92 -25.85 -36.08
C LEU V 282 -55.19 -26.00 -37.57
N GLY V 283 -55.95 -27.01 -37.97
CA GLY V 283 -56.26 -27.23 -39.36
C GLY V 283 -57.52 -28.03 -39.52
N ARG V 284 -58.08 -27.96 -40.73
CA ARG V 284 -59.34 -28.62 -41.04
C ARG V 284 -59.20 -29.33 -42.37
N PHE V 285 -59.82 -30.51 -42.46
CA PHE V 285 -59.77 -31.33 -43.66
C PHE V 285 -61.15 -31.90 -43.94
N VAL V 286 -61.39 -32.24 -45.20
CA VAL V 286 -62.64 -32.84 -45.64
C VAL V 286 -62.30 -34.03 -46.52
N MET V 287 -62.60 -35.24 -46.03
CA MET V 287 -62.31 -36.45 -46.78
C MET V 287 -63.22 -36.56 -47.99
N ARG V 288 -62.63 -36.95 -49.13
CA ARG V 288 -63.42 -37.19 -50.33
C ARG V 288 -64.37 -38.35 -50.10
N ASN V 289 -65.64 -38.16 -50.45
CA ASN V 289 -66.67 -39.14 -50.11
C ASN V 289 -66.57 -40.38 -51.00
N ARG V 290 -66.62 -40.19 -52.32
CA ARG V 290 -66.55 -41.29 -53.26
C ARG V 290 -65.23 -41.25 -54.02
N ASP V 291 -64.98 -42.29 -54.82
CA ASP V 291 -63.72 -42.48 -55.53
C ASP V 291 -62.56 -42.51 -54.52
N VAL V 292 -62.70 -43.40 -53.54
CA VAL V 292 -61.80 -43.48 -52.39
C VAL V 292 -60.98 -44.76 -52.49
N VAL V 293 -59.70 -44.66 -52.16
CA VAL V 293 -58.81 -45.81 -52.10
C VAL V 293 -58.75 -46.28 -50.65
N LEU V 294 -58.54 -47.58 -50.47
CA LEU V 294 -58.57 -48.21 -49.16
C LEU V 294 -57.25 -48.93 -48.90
N THR V 295 -57.01 -49.22 -47.62
CA THR V 295 -55.79 -49.91 -47.24
C THR V 295 -55.94 -51.41 -47.44
N THR V 296 -54.79 -52.09 -47.53
CA THR V 296 -54.80 -53.53 -47.82
C THR V 296 -55.48 -54.33 -46.71
N THR V 297 -55.34 -53.90 -45.45
CA THR V 297 -55.94 -54.65 -44.35
C THR V 297 -57.46 -54.53 -44.37
N PHE V 298 -57.97 -53.32 -44.58
CA PHE V 298 -59.42 -53.13 -44.65
C PHE V 298 -60.00 -53.83 -45.87
N VAL V 299 -59.29 -53.78 -47.00
CA VAL V 299 -59.75 -54.48 -48.20
C VAL V 299 -59.81 -55.98 -47.96
N ASP V 300 -58.78 -56.53 -47.30
CA ASP V 300 -58.78 -57.96 -46.99
C ASP V 300 -59.91 -58.32 -46.04
N ASP V 301 -60.19 -57.44 -45.07
CA ASP V 301 -61.28 -57.70 -44.13
C ASP V 301 -62.64 -57.67 -44.82
N ILE V 302 -62.83 -56.73 -45.76
CA ILE V 302 -64.10 -56.67 -46.48
C ILE V 302 -64.23 -57.84 -47.45
N LYS V 303 -63.11 -58.30 -48.01
CA LYS V 303 -63.16 -59.46 -48.89
C LYS V 303 -63.49 -60.73 -48.11
N ALA V 304 -62.87 -60.92 -46.94
CA ALA V 304 -63.19 -62.03 -46.05
C ALA V 304 -64.28 -61.59 -45.07
N LEU V 305 -65.49 -61.43 -45.61
CA LEU V 305 -66.63 -60.95 -44.86
C LEU V 305 -67.87 -61.73 -45.29
N PRO V 306 -68.70 -62.15 -44.35
CA PRO V 306 -69.89 -62.94 -44.70
C PRO V 306 -70.94 -62.12 -45.43
N THR V 307 -72.02 -62.78 -45.86
CA THR V 307 -73.09 -62.11 -46.58
C THR V 307 -74.48 -62.57 -46.15
N THR V 308 -74.59 -63.30 -45.05
CA THR V 308 -75.86 -63.83 -44.57
C THR V 308 -76.25 -63.21 -43.22
N TYR V 309 -75.89 -61.94 -43.03
CA TYR V 309 -76.20 -61.20 -41.81
C TYR V 309 -75.63 -61.89 -40.57
N GLU V 310 -74.31 -61.96 -40.52
CA GLU V 310 -73.60 -62.51 -39.38
C GLU V 310 -73.36 -61.39 -38.37
N LYS V 311 -74.33 -61.20 -37.47
CA LYS V 311 -74.21 -60.17 -36.44
C LYS V 311 -72.99 -60.41 -35.55
N GLY V 312 -72.62 -61.67 -35.35
CA GLY V 312 -71.48 -61.96 -34.48
C GLY V 312 -70.18 -61.37 -35.01
N GLU V 313 -69.84 -61.69 -36.26
CA GLU V 313 -68.63 -61.13 -36.86
C GLU V 313 -68.77 -59.65 -37.15
N TYR V 314 -69.98 -59.19 -37.47
CA TYR V 314 -70.20 -57.77 -37.73
C TYR V 314 -70.01 -56.94 -36.47
N PHE V 315 -70.43 -57.47 -35.31
CA PHE V 315 -70.22 -56.76 -34.07
C PHE V 315 -68.74 -56.65 -33.73
N ALA V 316 -67.95 -57.68 -34.08
CA ALA V 316 -66.50 -57.61 -33.88
C ALA V 316 -65.87 -56.59 -34.83
N PHE V 317 -66.26 -56.63 -36.11
CA PHE V 317 -65.76 -55.66 -37.08
C PHE V 317 -66.10 -54.23 -36.67
N LEU V 318 -67.28 -54.04 -36.06
CA LEU V 318 -67.70 -52.71 -35.65
C LEU V 318 -66.80 -52.16 -34.56
N GLU V 319 -66.51 -52.97 -33.53
CA GLU V 319 -65.60 -52.54 -32.49
C GLU V 319 -64.17 -52.41 -33.01
N THR V 320 -63.82 -53.16 -34.06
CA THR V 320 -62.46 -53.12 -34.58
C THR V 320 -62.21 -51.85 -35.38
N TYR V 321 -63.14 -51.49 -36.27
CA TYR V 321 -62.95 -50.37 -37.18
C TYR V 321 -63.98 -49.26 -36.96
N GLY V 322 -64.47 -49.11 -35.72
CA GLY V 322 -65.38 -48.03 -35.41
C GLY V 322 -66.77 -48.24 -35.99
N THR V 323 -67.71 -47.37 -35.61
CA THR V 323 -69.07 -47.45 -36.13
C THR V 323 -69.27 -46.61 -37.38
N HIS V 324 -68.71 -45.40 -37.41
CA HIS V 324 -68.82 -44.51 -38.55
C HIS V 324 -67.59 -43.60 -38.59
N TYR V 325 -67.10 -43.34 -39.79
CA TYR V 325 -65.87 -42.59 -39.95
C TYR V 325 -66.15 -41.09 -40.01
N SER V 326 -65.09 -40.30 -40.11
CA SER V 326 -65.17 -38.85 -40.12
C SER V 326 -65.11 -38.34 -41.55
N SER V 327 -66.16 -37.62 -41.98
CA SER V 327 -66.13 -36.97 -43.27
C SER V 327 -65.25 -35.72 -43.24
N SER V 328 -65.20 -35.02 -42.12
CA SER V 328 -64.37 -33.83 -41.97
C SER V 328 -63.99 -33.67 -40.51
N GLY V 329 -62.72 -33.37 -40.25
CA GLY V 329 -62.25 -33.19 -38.90
C GLY V 329 -61.71 -31.79 -38.63
N SER V 330 -61.11 -31.60 -37.45
CA SER V 330 -60.57 -30.29 -37.07
C SER V 330 -59.40 -30.54 -36.11
N LEU V 331 -58.19 -30.47 -36.64
CA LEU V 331 -57.00 -30.68 -35.82
C LEU V 331 -56.76 -29.47 -34.91
N GLY V 332 -56.25 -29.75 -33.71
CA GLY V 332 -55.99 -28.70 -32.75
C GLY V 332 -56.05 -29.17 -31.31
N GLY V 333 -56.84 -28.51 -30.49
CA GLY V 333 -57.00 -28.88 -29.10
C GLY V 333 -57.82 -27.87 -28.31
N LEU V 334 -58.58 -28.34 -27.32
CA LEU V 334 -59.43 -27.48 -26.53
C LEU V 334 -59.17 -27.70 -25.05
N TYR V 335 -59.48 -26.68 -24.26
CA TYR V 335 -59.35 -26.74 -22.80
C TYR V 335 -60.51 -25.99 -22.18
N GLU V 336 -60.92 -26.43 -20.99
CA GLU V 336 -62.03 -25.81 -20.29
C GLU V 336 -61.93 -26.12 -18.80
N LEU V 337 -62.35 -25.16 -17.97
CA LEU V 337 -62.39 -25.32 -16.54
C LEU V 337 -63.71 -24.77 -16.02
N ILE V 338 -64.31 -25.48 -15.06
CA ILE V 338 -65.61 -25.12 -14.51
C ILE V 338 -65.56 -25.30 -12.99
N TYR V 339 -66.01 -24.32 -12.25
CA TYR V 339 -66.33 -24.65 -10.90
C TYR V 339 -67.51 -23.90 -10.33
N VAL V 340 -68.14 -24.58 -9.40
CA VAL V 340 -69.49 -24.28 -8.94
C VAL V 340 -69.44 -23.97 -7.46
N LEU V 341 -70.32 -23.07 -7.03
CA LEU V 341 -70.42 -22.68 -5.63
C LEU V 341 -71.88 -22.64 -5.21
N ASP V 342 -72.16 -23.11 -3.99
CA ASP V 342 -73.52 -23.12 -3.45
C ASP V 342 -73.43 -22.93 -1.95
N LYS V 343 -74.31 -22.07 -1.42
CA LYS V 343 -74.32 -21.73 0.00
C LYS V 343 -75.75 -21.76 0.52
N ALA V 344 -75.91 -22.23 1.75
CA ALA V 344 -77.21 -22.30 2.39
C ALA V 344 -77.04 -22.14 3.89
N SER V 345 -77.97 -21.42 4.52
CA SER V 345 -77.91 -21.18 5.96
C SER V 345 -79.32 -21.07 6.50
N MET V 346 -79.49 -21.44 7.76
CA MET V 346 -80.79 -21.38 8.43
C MET V 346 -80.59 -21.12 9.92
N LYS V 347 -81.40 -20.22 10.46
CA LYS V 347 -81.35 -19.87 11.88
C LYS V 347 -82.77 -19.73 12.41
N ARG V 348 -83.04 -20.35 13.55
CA ARG V 348 -84.36 -20.31 14.16
C ARG V 348 -84.21 -20.10 15.66
N LYS V 349 -84.98 -19.16 16.21
CA LYS V 349 -84.89 -18.82 17.62
C LYS V 349 -86.29 -18.67 18.20
N GLY V 350 -86.50 -19.25 19.38
CA GLY V 350 -87.76 -19.12 20.09
C GLY V 350 -87.56 -19.06 21.59
N VAL V 351 -88.12 -18.04 22.23
CA VAL V 351 -87.95 -17.81 23.66
C VAL V 351 -89.33 -17.65 24.30
N GLU V 352 -89.55 -18.35 25.41
CA GLU V 352 -90.82 -18.30 26.13
C GLU V 352 -90.55 -18.12 27.62
N LEU V 353 -91.29 -17.22 28.24
CA LEU V 353 -91.18 -16.96 29.67
C LEU V 353 -92.57 -16.87 30.27
N LYS V 354 -92.77 -17.51 31.42
CA LYS V 354 -94.06 -17.56 32.09
C LYS V 354 -93.87 -17.40 33.58
N ASP V 355 -94.57 -16.44 34.18
CA ASP V 355 -94.48 -16.17 35.60
C ASP V 355 -95.87 -15.83 36.13
N ILE V 356 -96.26 -16.49 37.23
CA ILE V 356 -97.58 -16.30 37.84
C ILE V 356 -97.39 -16.18 39.34
N LYS V 357 -98.07 -15.21 39.95
CA LYS V 357 -98.12 -15.07 41.40
C LYS V 357 -99.56 -14.89 41.84
N ARG V 358 -99.97 -15.65 42.86
CA ARG V 358 -101.29 -15.55 43.43
C ARG V 358 -101.19 -15.65 44.95
N CYS V 359 -101.81 -14.73 45.66
CA CYS V 359 -101.76 -14.75 47.11
C CYS V 359 -103.14 -14.43 47.68
N LEU V 360 -103.38 -14.91 48.90
CA LEU V 360 -104.67 -14.78 49.56
C LEU V 360 -104.48 -14.21 50.96
N GLY V 361 -105.42 -13.36 51.38
CA GLY V 361 -105.37 -12.76 52.70
C GLY V 361 -106.72 -12.75 53.39
N TYR V 362 -106.76 -13.12 54.67
CA TYR V 362 -107.99 -13.17 55.44
C TYR V 362 -107.71 -12.78 56.88
N HIS V 363 -108.61 -11.98 57.44
CA HIS V 363 -108.50 -11.55 58.83
C HIS V 363 -109.87 -11.63 59.49
N LEU V 364 -109.93 -12.29 60.65
CA LEU V 364 -111.16 -12.45 61.40
C LEU V 364 -110.91 -12.00 62.84
N ASP V 365 -111.74 -11.09 63.33
CA ASP V 365 -111.63 -10.59 64.70
C ASP V 365 -113.02 -10.40 65.26
N VAL V 366 -113.29 -11.07 66.39
CA VAL V 366 -114.57 -10.98 67.08
C VAL V 366 -114.31 -10.79 68.56
N SER V 367 -114.96 -9.80 69.15
CA SER V 367 -114.80 -9.50 70.58
C SER V 367 -116.17 -9.31 71.18
N LEU V 368 -116.42 -9.98 72.31
CA LEU V 368 -117.71 -9.94 72.99
C LEU V 368 -117.51 -9.47 74.42
N ALA V 369 -118.46 -8.65 74.90
CA ALA V 369 -118.29 -8.08 76.26
C ALA V 369 -119.50 -8.33 77.16
N PHE V 370 -119.24 -8.86 78.36
CA PHE V 370 -120.27 -9.07 79.42
C PHE V 370 -120.31 -7.81 80.29
N SER V 371 -121.16 -7.78 81.32
CA SER V 371 -120.99 -6.74 82.37
C SER V 371 -119.60 -6.92 83.00
N GLU V 372 -119.25 -8.17 83.34
CA GLU V 372 -117.92 -8.52 83.89
C GLU V 372 -117.32 -9.64 83.04
N ILE V 373 -117.92 -9.90 81.88
CA ILE V 373 -117.51 -11.00 81.02
C ILE V 373 -116.93 -10.41 79.74
N SER V 374 -115.80 -10.96 79.28
CA SER V 374 -115.16 -10.50 78.06
C SER V 374 -114.73 -11.72 77.25
N VAL V 375 -115.09 -11.72 75.96
CA VAL V 375 -114.75 -12.81 75.06
C VAL V 375 -114.05 -12.22 73.84
N GLY V 376 -112.98 -12.87 73.39
CA GLY V 376 -112.23 -12.40 72.25
C GLY V 376 -111.95 -13.52 71.27
N ALA V 377 -111.74 -13.14 70.02
CA ALA V 377 -111.44 -14.10 68.96
C ALA V 377 -110.68 -13.39 67.85
N GLU V 378 -109.61 -14.02 67.37
CA GLU V 378 -108.80 -13.46 66.29
C GLU V 378 -108.28 -14.60 65.43
N PHE V 379 -108.75 -14.67 64.18
CA PHE V 379 -108.33 -15.68 63.23
C PHE V 379 -107.79 -14.99 61.99
N ASN V 380 -106.54 -15.29 61.64
CA ASN V 380 -105.88 -14.67 60.49
C ASN V 380 -105.33 -15.76 59.58
N LYS V 381 -105.56 -15.61 58.28
CA LYS V 381 -105.13 -16.58 57.29
C LYS V 381 -104.36 -15.85 56.19
N ASP V 382 -103.22 -16.43 55.79
CA ASP V 382 -102.38 -15.85 54.75
C ASP V 382 -101.77 -16.99 53.94
N ASP V 383 -101.87 -16.88 52.61
CA ASP V 383 -101.33 -17.91 51.72
C ASP V 383 -101.03 -17.28 50.37
N CYS V 384 -99.81 -17.46 49.89
CA CYS V 384 -99.40 -16.96 48.57
C CYS V 384 -98.86 -18.11 47.75
N VAL V 385 -98.97 -17.98 46.43
CA VAL V 385 -98.51 -19.00 45.48
C VAL V 385 -97.80 -18.29 44.33
N LYS V 386 -96.67 -18.85 43.91
CA LYS V 386 -95.90 -18.33 42.79
C LYS V 386 -95.62 -19.44 41.80
N ARG V 387 -95.64 -19.10 40.51
CA ARG V 387 -95.38 -20.04 39.44
C ARG V 387 -94.37 -19.44 38.46
N GLY V 388 -93.48 -20.28 37.94
CA GLY V 388 -92.47 -19.83 37.00
C GLY V 388 -92.17 -20.85 35.92
N GLU V 389 -91.95 -20.39 34.70
CA GLU V 389 -91.64 -21.27 33.58
C GLU V 389 -90.83 -20.53 32.54
N GLY V 390 -89.82 -21.20 31.99
CA GLY V 390 -88.98 -20.63 30.97
C GLY V 390 -88.65 -21.61 29.85
N ARG V 391 -88.65 -21.13 28.61
CA ARG V 391 -88.38 -21.97 27.45
C ARG V 391 -87.53 -21.20 26.45
N ALA V 392 -86.57 -21.88 25.83
CA ALA V 392 -85.70 -21.28 24.84
C ALA V 392 -85.40 -22.29 23.74
N VAL V 393 -85.30 -21.80 22.51
CA VAL V 393 -84.99 -22.61 21.34
C VAL V 393 -83.99 -21.85 20.50
N ASN V 394 -82.83 -22.46 20.23
CA ASN V 394 -81.75 -21.82 19.50
C ASN V 394 -81.09 -22.87 18.61
N ILE V 395 -81.37 -22.81 17.31
CA ILE V 395 -80.93 -23.83 16.36
C ILE V 395 -80.41 -23.15 15.10
N THR V 396 -79.14 -23.38 14.78
CA THR V 396 -78.51 -22.83 13.58
C THR V 396 -78.11 -23.96 12.65
N SER V 397 -78.31 -23.76 11.35
CA SER V 397 -77.95 -24.74 10.34
C SER V 397 -77.36 -24.03 9.13
N GLU V 398 -76.30 -24.62 8.56
CA GLU V 398 -75.62 -24.07 7.41
C GLU V 398 -75.16 -25.19 6.50
N ASN V 399 -75.27 -24.98 5.18
CA ASN V 399 -74.88 -25.95 4.19
C ASN V 399 -74.10 -25.27 3.07
N LEU V 400 -73.04 -25.94 2.61
CA LEU V 400 -72.20 -25.43 1.53
C LEU V 400 -71.94 -26.55 0.53
N ILE V 401 -71.89 -26.20 -0.75
CA ILE V 401 -71.67 -27.15 -1.82
C ILE V 401 -70.77 -26.51 -2.88
N ASP V 402 -69.66 -27.17 -3.20
CA ASP V 402 -68.73 -26.68 -4.22
C ASP V 402 -68.33 -27.83 -5.13
N ASP V 403 -68.26 -27.54 -6.42
CA ASP V 403 -67.85 -28.52 -7.42
C ASP V 403 -66.98 -27.84 -8.47
N VAL V 404 -65.80 -28.42 -8.73
CA VAL V 404 -64.86 -27.88 -9.70
C VAL V 404 -64.44 -28.99 -10.65
N VAL V 405 -64.44 -28.70 -11.95
CA VAL V 405 -63.99 -29.64 -12.97
C VAL V 405 -63.21 -28.88 -14.03
N SER V 406 -62.23 -29.56 -14.63
CA SER V 406 -61.38 -28.96 -15.64
C SER V 406 -60.73 -30.07 -16.45
N LEU V 407 -60.33 -29.73 -17.68
CA LEU V 407 -59.71 -30.70 -18.57
C LEU V 407 -58.87 -29.96 -19.61
N ILE V 408 -57.93 -30.70 -20.20
CA ILE V 408 -57.04 -30.15 -21.22
C ILE V 408 -56.52 -31.32 -22.05
N ARG V 409 -56.12 -31.03 -23.28
CA ARG V 409 -55.62 -32.07 -24.19
C ARG V 409 -54.86 -31.41 -25.33
N GLY V 410 -53.95 -32.16 -25.92
CA GLY V 410 -53.22 -31.72 -27.09
C GLY V 410 -51.81 -31.26 -26.76
N GLY V 411 -50.96 -31.24 -27.80
CA GLY V 411 -49.60 -30.77 -27.66
C GLY V 411 -48.68 -31.78 -26.99
N THR V 412 -47.42 -31.38 -26.84
CA THR V 412 -46.47 -32.20 -26.11
C THR V 412 -46.82 -32.21 -24.62
N ARG V 413 -46.34 -33.24 -23.93
CA ARG V 413 -46.71 -33.40 -22.52
C ARG V 413 -46.04 -32.37 -21.63
N LYS V 414 -44.88 -31.84 -22.04
CA LYS V 414 -44.18 -30.85 -21.23
C LYS V 414 -44.94 -29.53 -21.21
N TYR V 415 -45.17 -28.94 -22.39
CA TYR V 415 -45.77 -27.61 -22.46
C TYR V 415 -47.26 -27.63 -22.11
N ALA V 416 -47.93 -28.77 -22.31
CA ALA V 416 -49.37 -28.83 -22.05
C ALA V 416 -49.68 -28.68 -20.56
N PHE V 417 -49.06 -29.53 -19.73
CA PHE V 417 -49.34 -29.52 -18.32
C PHE V 417 -48.65 -28.38 -17.58
N GLU V 418 -47.65 -27.75 -18.20
CA GLU V 418 -47.11 -26.51 -17.65
C GLU V 418 -48.16 -25.40 -17.70
N LEU V 419 -49.02 -25.41 -18.73
CA LEU V 419 -50.15 -24.49 -18.76
C LEU V 419 -51.22 -24.90 -17.75
N LYS V 420 -51.39 -26.21 -17.55
CA LYS V 420 -52.44 -26.69 -16.64
C LYS V 420 -52.15 -26.29 -15.20
N GLU V 421 -50.89 -26.41 -14.77
CA GLU V 421 -50.54 -26.10 -13.39
C GLU V 421 -50.72 -24.62 -13.08
N LYS V 422 -50.38 -23.75 -14.03
CA LYS V 422 -50.50 -22.31 -13.81
C LYS V 422 -51.91 -21.80 -14.04
N LEU V 423 -52.73 -22.53 -14.79
CA LEU V 423 -54.11 -22.12 -14.99
C LEU V 423 -54.97 -22.40 -13.76
N LEU V 424 -54.75 -23.54 -13.12
CA LEU V 424 -55.56 -23.96 -11.96
C LEU V 424 -55.11 -23.14 -10.75
N ARG V 425 -55.92 -22.14 -10.39
CA ARG V 425 -55.71 -21.30 -9.21
C ARG V 425 -54.37 -20.56 -9.23
N GLY V 426 -53.79 -20.39 -10.41
CA GLY V 426 -52.54 -19.66 -10.52
C GLY V 426 -52.72 -18.16 -10.47
N THR V 427 -53.76 -17.67 -11.15
CA THR V 427 -54.17 -16.27 -11.21
C THR V 427 -53.15 -15.37 -11.91
N VAL V 428 -52.02 -15.92 -12.36
CA VAL V 428 -50.98 -15.15 -13.05
C VAL V 428 -50.62 -15.94 -14.30
N ILE V 429 -51.17 -15.54 -15.45
CA ILE V 429 -50.86 -16.18 -16.72
C ILE V 429 -49.65 -15.51 -17.35
N ASP V 430 -48.76 -16.32 -17.91
CA ASP V 430 -47.55 -15.83 -18.54
C ASP V 430 -47.79 -15.51 -20.02
N VAL V 431 -46.85 -14.77 -20.60
CA VAL V 431 -46.91 -14.50 -22.03
C VAL V 431 -46.19 -15.57 -22.85
N THR V 432 -45.13 -16.16 -22.32
CA THR V 432 -44.35 -17.13 -23.08
C THR V 432 -44.97 -18.53 -23.03
N ASP V 433 -45.70 -18.86 -21.96
CA ASP V 433 -46.28 -20.20 -21.86
C ASP V 433 -47.34 -20.45 -22.91
N PHE V 434 -48.09 -19.41 -23.30
CA PHE V 434 -49.09 -19.59 -24.34
C PHE V 434 -48.43 -19.81 -25.71
N VAL V 435 -47.32 -19.13 -25.97
CA VAL V 435 -46.58 -19.37 -27.22
C VAL V 435 -45.99 -20.77 -27.21
N ASN V 436 -45.49 -21.23 -26.05
CA ASN V 436 -44.99 -22.59 -25.95
C ASN V 436 -46.11 -23.60 -26.19
N TRP V 437 -47.30 -23.34 -25.64
CA TRP V 437 -48.44 -24.21 -25.89
C TRP V 437 -48.83 -24.22 -27.37
N ALA V 438 -48.75 -23.05 -28.03
CA ALA V 438 -49.06 -22.98 -29.45
C ALA V 438 -48.08 -23.81 -30.27
N SER V 439 -46.78 -23.68 -29.99
CA SER V 439 -45.79 -24.48 -30.70
C SER V 439 -45.97 -25.96 -30.41
N SER V 440 -46.30 -26.30 -29.15
CA SER V 440 -46.50 -27.69 -28.78
C SER V 440 -47.69 -28.31 -29.52
N ILE V 441 -48.79 -27.57 -29.62
CA ILE V 441 -49.96 -28.10 -30.30
C ILE V 441 -49.76 -28.08 -31.82
N ASN V 442 -48.89 -27.20 -32.32
CA ASN V 442 -48.48 -27.30 -33.72
C ASN V 442 -47.69 -28.58 -33.95
N ASP V 443 -46.86 -28.95 -32.97
CA ASP V 443 -46.14 -30.22 -33.07
C ASP V 443 -47.08 -31.41 -33.02
N ALA V 444 -48.05 -31.38 -32.11
CA ALA V 444 -49.00 -32.49 -31.94
C ALA V 444 -50.40 -31.95 -31.69
N PRO V 445 -51.24 -31.89 -32.73
CA PRO V 445 -52.63 -31.45 -32.52
C PRO V 445 -53.56 -32.59 -32.16
N VAL V 446 -54.86 -32.29 -32.00
CA VAL V 446 -55.86 -33.30 -31.70
C VAL V 446 -57.20 -32.80 -32.24
N LEU V 447 -58.16 -33.71 -32.37
CA LEU V 447 -59.45 -33.37 -32.94
C LEU V 447 -60.23 -32.40 -32.05
N ILE V 448 -60.99 -31.51 -32.70
CA ILE V 448 -61.86 -30.58 -32.00
C ILE V 448 -63.29 -30.77 -32.49
N SER V 449 -63.51 -30.53 -33.77
CA SER V 449 -64.81 -30.71 -34.41
C SER V 449 -64.69 -31.80 -35.46
N GLN V 450 -65.72 -32.65 -35.53
CA GLN V 450 -65.66 -33.84 -36.38
C GLN V 450 -66.99 -33.98 -37.11
N LYS V 451 -66.95 -33.84 -38.43
CA LYS V 451 -68.12 -34.13 -39.25
C LYS V 451 -68.19 -35.62 -39.53
N LEU V 452 -69.38 -36.20 -39.40
CA LEU V 452 -69.56 -37.63 -39.34
C LEU V 452 -70.12 -38.17 -40.64
N SER V 453 -69.84 -39.46 -40.90
CA SER V 453 -70.29 -40.13 -42.11
C SER V 453 -70.33 -41.62 -41.85
N PRO V 454 -71.37 -42.33 -42.28
CA PRO V 454 -71.47 -43.76 -42.00
C PRO V 454 -70.42 -44.57 -42.76
N ILE V 455 -70.08 -45.72 -42.18
CA ILE V 455 -69.04 -46.56 -42.77
C ILE V 455 -69.55 -47.28 -44.02
N TYR V 456 -70.80 -47.75 -43.99
CA TYR V 456 -71.31 -48.52 -45.12
C TYR V 456 -71.35 -47.72 -46.41
N ASN V 457 -71.18 -46.40 -46.35
CA ASN V 457 -70.99 -45.61 -47.56
C ASN V 457 -69.55 -45.62 -48.05
N LEU V 458 -68.61 -46.12 -47.24
CA LEU V 458 -67.20 -46.16 -47.58
C LEU V 458 -66.78 -47.46 -48.25
N VAL V 459 -67.65 -48.47 -48.25
CA VAL V 459 -67.32 -49.77 -48.87
C VAL V 459 -67.05 -49.57 -50.35
N PRO V 460 -66.03 -50.22 -50.93
CA PRO V 460 -65.76 -50.04 -52.37
C PRO V 460 -66.87 -50.63 -53.21
N VAL V 461 -67.20 -49.92 -54.30
CA VAL V 461 -68.25 -50.32 -55.22
C VAL V 461 -67.72 -51.42 -56.13
N LYS V 462 -68.64 -52.06 -56.88
CA LYS V 462 -68.33 -53.11 -57.86
C LYS V 462 -67.36 -54.16 -57.31
N MET V 463 -67.56 -54.51 -56.05
CA MET V 463 -66.77 -55.55 -55.40
C MET V 463 -67.49 -56.90 -55.60
N LYS V 464 -67.07 -57.92 -54.84
CA LYS V 464 -67.71 -59.23 -54.93
C LYS V 464 -69.20 -59.14 -54.65
N ASN V 465 -69.55 -58.72 -53.44
CA ASN V 465 -70.95 -58.57 -53.01
C ASN V 465 -71.13 -57.23 -52.29
N ALA V 466 -70.66 -56.16 -52.94
CA ALA V 466 -70.58 -54.86 -52.28
C ALA V 466 -71.96 -54.37 -51.82
N HIS V 467 -72.95 -54.44 -52.71
CA HIS V 467 -74.26 -53.86 -52.39
C HIS V 467 -74.92 -54.60 -51.22
N LEU V 468 -74.98 -55.92 -51.29
CA LEU V 468 -75.61 -56.68 -50.21
C LEU V 468 -74.84 -56.52 -48.91
N LYS V 469 -73.50 -56.48 -49.00
CA LYS V 469 -72.70 -56.18 -47.81
C LYS V 469 -72.93 -54.77 -47.32
N LYS V 470 -73.23 -53.83 -48.22
CA LYS V 470 -73.49 -52.45 -47.81
C LYS V 470 -74.75 -52.38 -46.94
N GLN V 471 -75.87 -52.89 -47.44
CA GLN V 471 -77.10 -52.90 -46.66
C GLN V 471 -76.97 -53.79 -45.42
N ASN V 472 -76.15 -54.84 -45.50
CA ASN V 472 -75.94 -55.70 -44.35
C ASN V 472 -75.22 -54.96 -43.23
N LEU V 473 -74.16 -54.23 -43.57
CA LEU V 473 -73.47 -53.42 -42.56
C LEU V 473 -74.33 -52.26 -42.10
N GLU V 474 -75.24 -51.76 -42.95
CA GLU V 474 -76.18 -50.73 -42.51
C GLU V 474 -77.12 -51.28 -41.44
N ARG V 475 -77.69 -52.47 -41.69
CA ARG V 475 -78.51 -53.11 -40.67
C ARG V 475 -77.69 -53.41 -39.41
N ALA V 476 -76.41 -53.77 -39.58
CA ALA V 476 -75.56 -54.06 -38.44
C ALA V 476 -75.31 -52.83 -37.58
N ILE V 477 -75.00 -51.69 -38.22
CA ILE V 477 -74.77 -50.47 -37.46
C ILE V 477 -76.06 -49.97 -36.84
N GLU V 478 -77.20 -50.18 -37.50
CA GLU V 478 -78.48 -49.81 -36.89
C GLU V 478 -78.76 -50.65 -35.64
N ASP V 479 -78.56 -51.97 -35.74
CA ASP V 479 -78.75 -52.84 -34.59
C ASP V 479 -77.75 -52.53 -33.49
N TYR V 480 -76.55 -52.08 -33.85
CA TYR V 480 -75.55 -51.70 -32.85
C TYR V 480 -75.98 -50.43 -32.11
N ILE V 481 -76.41 -49.41 -32.85
CA ILE V 481 -76.77 -48.14 -32.22
C ILE V 481 -78.09 -48.23 -31.47
N ASN V 482 -78.96 -49.18 -31.82
CA ASN V 482 -80.24 -49.33 -31.14
C ASN V 482 -80.30 -50.53 -30.21
N GLU V 483 -79.20 -51.29 -30.09
CA GLU V 483 -79.23 -52.51 -29.30
C GLU V 483 -78.99 -52.22 -27.82
N PHE V 484 -77.82 -51.68 -27.48
CA PHE V 484 -77.45 -51.44 -26.10
C PHE V 484 -77.06 -49.97 -25.93
N SER V 485 -77.66 -49.32 -24.94
CA SER V 485 -77.42 -47.91 -24.65
C SER V 485 -78.11 -47.60 -23.32
N VAL V 486 -78.10 -46.33 -22.93
CA VAL V 486 -78.81 -45.91 -21.73
C VAL V 486 -80.31 -46.13 -21.90
N ARG V 487 -80.80 -46.13 -23.14
CA ARG V 487 -82.22 -46.32 -23.40
C ARG V 487 -82.72 -47.67 -22.89
N LYS V 488 -81.90 -48.71 -23.04
CA LYS V 488 -82.29 -50.05 -22.64
C LYS V 488 -81.98 -50.37 -21.19
N CYS V 489 -81.10 -49.60 -20.55
CA CYS V 489 -80.74 -49.83 -19.16
C CYS V 489 -81.86 -49.29 -18.26
N HIS V 490 -81.63 -49.31 -16.95
CA HIS V 490 -82.62 -48.87 -15.99
C HIS V 490 -82.36 -47.41 -15.58
N THR V 491 -83.43 -46.72 -15.20
CA THR V 491 -83.34 -45.31 -14.84
C THR V 491 -82.91 -45.16 -13.38
N CYS V 492 -82.02 -44.19 -13.15
CA CYS V 492 -81.51 -43.93 -11.81
C CYS V 492 -82.54 -43.11 -11.02
N GLN V 493 -82.16 -42.68 -9.82
CA GLN V 493 -83.04 -41.93 -8.94
C GLN V 493 -82.60 -40.48 -8.85
N ASN V 494 -83.56 -39.62 -8.49
CA ASN V 494 -83.33 -38.18 -8.31
C ASN V 494 -82.76 -37.54 -9.58
N GLY V 495 -83.24 -37.99 -10.74
CA GLY V 495 -82.81 -37.43 -12.00
C GLY V 495 -81.34 -37.60 -12.30
N GLY V 496 -80.72 -38.63 -11.73
CA GLY V 496 -79.29 -38.86 -11.95
C GLY V 496 -79.03 -39.26 -13.39
N THR V 497 -78.15 -38.52 -14.07
CA THR V 497 -77.81 -38.85 -15.45
C THR V 497 -77.12 -40.20 -15.51
N VAL V 498 -77.71 -41.13 -16.25
CA VAL V 498 -77.21 -42.50 -16.35
C VAL V 498 -76.20 -42.59 -17.49
N ILE V 499 -75.06 -43.20 -17.21
CA ILE V 499 -74.02 -43.42 -18.20
C ILE V 499 -73.79 -44.91 -18.36
N LEU V 500 -72.97 -45.27 -19.36
CA LEU V 500 -72.65 -46.67 -19.64
C LEU V 500 -71.17 -46.74 -19.98
N MET V 501 -70.37 -47.32 -19.09
CA MET V 501 -68.93 -47.45 -19.28
C MET V 501 -68.58 -48.94 -19.23
N ASP V 502 -68.66 -49.59 -20.39
CA ASP V 502 -68.28 -51.00 -20.57
C ASP V 502 -69.01 -51.90 -19.57
N GLY V 503 -70.34 -51.93 -19.71
CA GLY V 503 -71.19 -52.76 -18.89
C GLY V 503 -71.71 -52.12 -17.61
N LYS V 504 -70.85 -51.40 -16.91
CA LYS V 504 -71.24 -50.73 -15.67
C LYS V 504 -72.21 -49.60 -16.00
N CYS V 505 -73.48 -49.81 -15.69
CA CYS V 505 -74.52 -48.82 -15.98
C CYS V 505 -74.75 -47.91 -14.77
N LEU V 506 -73.70 -47.17 -14.42
CA LEU V 506 -73.77 -46.26 -13.29
C LEU V 506 -74.49 -44.98 -13.68
N CYS V 507 -74.96 -44.25 -12.66
CA CYS V 507 -75.67 -43.00 -12.84
C CYS V 507 -74.98 -41.89 -12.06
N ALA V 508 -74.69 -40.78 -12.74
CA ALA V 508 -74.07 -39.65 -12.08
C ALA V 508 -75.10 -38.93 -11.21
N CYS V 509 -74.89 -38.93 -9.91
CA CYS V 509 -75.83 -38.35 -8.96
C CYS V 509 -75.53 -36.87 -8.77
N PRO V 510 -76.54 -36.04 -8.50
CA PRO V 510 -76.32 -34.60 -8.34
C PRO V 510 -75.38 -34.28 -7.20
N PHE V 511 -75.03 -32.99 -7.12
CA PHE V 511 -74.04 -32.54 -6.15
C PHE V 511 -74.55 -32.70 -4.72
N LYS V 512 -75.77 -32.23 -4.46
CA LYS V 512 -76.34 -32.27 -3.11
C LYS V 512 -76.69 -33.67 -2.64
N PHE V 513 -76.52 -34.69 -3.48
CA PHE V 513 -76.90 -36.05 -3.14
C PHE V 513 -75.65 -36.92 -3.03
N GLU V 514 -75.83 -38.12 -2.46
CA GLU V 514 -74.73 -39.02 -2.22
C GLU V 514 -74.51 -39.89 -3.46
N GLY V 515 -73.75 -40.97 -3.31
CA GLY V 515 -73.22 -41.71 -4.45
C GLY V 515 -74.16 -42.71 -5.09
N ILE V 516 -73.67 -43.94 -5.26
CA ILE V 516 -74.32 -44.95 -6.11
C ILE V 516 -75.79 -45.11 -5.75
N ALA V 517 -76.61 -45.33 -6.78
CA ALA V 517 -78.02 -45.67 -6.69
C ALA V 517 -78.88 -44.51 -6.19
N CYS V 518 -78.25 -43.41 -5.79
CA CYS V 518 -78.94 -42.21 -5.31
C CYS V 518 -80.06 -42.56 -4.33
N GLU V 519 -79.72 -43.40 -3.36
CA GLU V 519 -80.70 -43.84 -2.36
C GLU V 519 -80.65 -42.98 -1.10
N ILE V 520 -79.50 -42.93 -0.45
CA ILE V 520 -79.34 -42.16 0.77
C ILE V 520 -79.22 -40.68 0.42
N SER V 521 -79.94 -39.84 1.18
CA SER V 521 -80.05 -38.42 0.84
C SER V 521 -78.75 -37.67 1.10
N LYS V 522 -78.19 -37.89 2.29
CA LYS V 522 -76.91 -37.24 2.69
C LYS V 522 -77.24 -35.92 3.40
N GLN V 523 -78.50 -35.48 3.27
CA GLN V 523 -79.02 -34.30 3.99
C GLN V 523 -80.12 -34.85 4.90
N LYS V 524 -79.80 -35.00 6.19
CA LYS V 524 -80.78 -35.54 7.17
C LYS V 524 -81.16 -34.36 8.07
N ILE V 525 -82.46 -34.12 8.26
CA ILE V 525 -82.83 -32.96 9.10
C ILE V 525 -82.25 -33.21 10.50
N SER V 526 -81.45 -32.26 10.99
CA SER V 526 -80.87 -32.32 12.35
C SER V 526 -81.90 -32.90 13.34
N GLU V 527 -81.43 -33.75 14.27
CA GLU V 527 -82.29 -34.35 15.27
C GLU V 527 -82.09 -33.65 16.60
N GLY V 528 -83.18 -33.36 17.30
CA GLY V 528 -83.11 -32.70 18.58
C GLY V 528 -83.92 -33.40 19.67
N LEU V 529 -83.29 -33.66 20.81
CA LEU V 529 -83.94 -34.33 21.92
C LEU V 529 -83.81 -33.50 23.18
N PRO V 530 -84.88 -32.85 23.63
CA PRO V 530 -84.80 -32.05 24.86
C PRO V 530 -85.06 -32.87 26.12
N ALA V 531 -85.01 -34.19 25.99
CA ALA V 531 -85.32 -35.07 27.12
C ALA V 531 -84.29 -34.90 28.23
N LEU V 532 -84.72 -35.21 29.45
CA LEU V 532 -83.83 -35.09 30.61
C LEU V 532 -82.74 -36.16 30.53
N GLU V 533 -81.50 -35.83 30.90
CA GLU V 533 -80.43 -36.83 30.86
C GLU V 533 -80.67 -37.96 31.85
N PHE V 534 -80.47 -39.19 31.38
CA PHE V 534 -80.69 -40.36 32.24
C PHE V 534 -79.66 -40.41 33.35
N PRO V 535 -78.40 -40.21 33.03
CA PRO V 535 -77.32 -40.26 34.01
C PRO V 535 -76.13 -39.40 33.58
N SER W 18 -66.11 -65.88 17.24
CA SER W 18 -66.48 -67.27 17.00
C SER W 18 -65.43 -67.98 16.15
N HIS W 19 -64.89 -69.08 16.69
CA HIS W 19 -63.87 -69.86 15.99
C HIS W 19 -64.57 -70.79 14.99
N ILE W 20 -64.96 -70.22 13.87
CA ILE W 20 -65.64 -70.97 12.81
C ILE W 20 -64.61 -71.78 12.04
N ASP W 21 -64.80 -73.10 12.00
CA ASP W 21 -63.91 -73.99 11.26
C ASP W 21 -64.35 -74.08 9.81
N CYS W 22 -63.51 -74.71 8.99
CA CYS W 22 -63.76 -74.84 7.56
C CYS W 22 -64.24 -76.26 7.26
N ARG W 23 -65.53 -76.39 6.97
CA ARG W 23 -66.09 -77.65 6.49
C ARG W 23 -65.82 -77.74 4.99
N MET W 24 -64.61 -78.16 4.66
CA MET W 24 -64.09 -78.08 3.30
C MET W 24 -63.46 -79.41 2.88
N SER W 25 -64.17 -80.52 3.10
CA SER W 25 -63.72 -81.82 2.64
C SER W 25 -64.91 -82.68 2.19
N PRO W 26 -65.68 -82.23 1.18
CA PRO W 26 -66.62 -83.13 0.50
C PRO W 26 -65.91 -83.91 -0.60
N TRP W 27 -65.74 -85.20 -0.38
CA TRP W 27 -65.02 -86.04 -1.33
C TRP W 27 -65.97 -86.71 -2.31
N SER W 28 -65.48 -86.95 -3.51
CA SER W 28 -66.26 -87.54 -4.60
C SER W 28 -65.67 -88.90 -4.98
N GLU W 29 -66.31 -89.54 -5.96
CA GLU W 29 -65.91 -90.85 -6.43
C GLU W 29 -64.88 -90.74 -7.54
N TRP W 30 -63.99 -91.73 -7.61
CA TRP W 30 -62.98 -91.77 -8.66
C TRP W 30 -63.65 -91.95 -10.02
N SER W 31 -63.30 -91.07 -10.96
CA SER W 31 -63.83 -91.15 -12.32
C SER W 31 -62.94 -92.05 -13.17
N GLN W 32 -63.27 -92.13 -14.46
CA GLN W 32 -62.51 -92.97 -15.38
C GLN W 32 -61.15 -92.34 -15.69
N CYS W 33 -60.14 -93.18 -15.84
CA CYS W 33 -58.80 -92.70 -16.16
C CYS W 33 -58.75 -92.17 -17.58
N ASP W 34 -57.97 -91.09 -17.77
CA ASP W 34 -57.75 -90.53 -19.09
C ASP W 34 -56.53 -91.21 -19.72
N PRO W 35 -56.70 -91.97 -20.80
CA PRO W 35 -55.54 -92.70 -21.35
C PRO W 35 -54.49 -91.79 -21.97
N CYS W 36 -54.90 -90.77 -22.72
CA CYS W 36 -53.94 -89.91 -23.40
C CYS W 36 -53.23 -88.98 -22.41
N LEU W 37 -53.97 -88.40 -21.48
CA LEU W 37 -53.38 -87.49 -20.50
C LEU W 37 -52.70 -88.23 -19.36
N ARG W 38 -53.15 -89.46 -19.06
CA ARG W 38 -52.58 -90.29 -17.99
C ARG W 38 -52.73 -89.59 -16.64
N GLN W 39 -53.98 -89.35 -16.26
CA GLN W 39 -54.30 -88.67 -15.02
C GLN W 39 -55.67 -89.11 -14.53
N MET W 40 -55.86 -89.05 -13.21
CA MET W 40 -57.15 -89.36 -12.60
C MET W 40 -57.77 -88.09 -12.03
N PHE W 41 -59.03 -88.19 -11.64
CA PHE W 41 -59.88 -87.05 -11.31
C PHE W 41 -60.62 -87.26 -9.99
N ARG W 42 -59.87 -87.58 -8.93
CA ARG W 42 -60.45 -87.48 -7.60
C ARG W 42 -60.89 -86.04 -7.36
N SER W 43 -62.19 -85.86 -7.17
CA SER W 43 -62.78 -84.52 -7.14
C SER W 43 -62.99 -84.05 -5.71
N ARG W 44 -63.34 -82.76 -5.59
CA ARG W 44 -63.55 -82.12 -4.30
C ARG W 44 -64.33 -80.84 -4.54
N SER W 45 -64.65 -80.13 -3.46
CA SER W 45 -65.41 -78.89 -3.54
C SER W 45 -65.15 -78.08 -2.28
N ILE W 46 -65.31 -76.75 -2.40
CA ILE W 46 -65.16 -75.83 -1.29
C ILE W 46 -66.55 -75.42 -0.80
N GLU W 47 -66.74 -75.43 0.52
CA GLU W 47 -68.03 -75.11 1.11
C GLU W 47 -67.99 -73.93 2.06
N VAL W 48 -67.05 -73.92 3.01
CA VAL W 48 -67.02 -72.92 4.07
C VAL W 48 -65.61 -72.33 4.15
N PHE W 49 -65.54 -71.00 4.20
CA PHE W 49 -64.26 -70.29 4.34
C PHE W 49 -63.90 -70.06 5.79
N GLY W 50 -64.76 -69.37 6.53
CA GLY W 50 -64.44 -68.92 7.87
C GLY W 50 -64.38 -67.40 7.94
N GLN W 51 -65.43 -66.78 8.47
CA GLN W 51 -65.57 -65.33 8.43
C GLN W 51 -64.74 -64.62 9.50
N PHE W 52 -64.31 -65.32 10.53
CA PHE W 52 -63.69 -64.68 11.68
C PHE W 52 -62.22 -65.10 11.79
N ASN W 53 -61.59 -64.70 12.90
CA ASN W 53 -60.16 -64.94 13.12
C ASN W 53 -59.80 -66.41 13.31
N GLY W 54 -60.76 -67.33 13.13
CA GLY W 54 -60.50 -68.74 13.31
C GLY W 54 -59.56 -69.34 12.28
N LYS W 55 -59.60 -70.67 12.15
CA LYS W 55 -58.69 -71.39 11.27
C LYS W 55 -58.82 -70.97 9.82
N ARG W 56 -57.77 -70.36 9.28
CA ARG W 56 -57.74 -70.05 7.85
C ARG W 56 -57.51 -71.32 7.05
N CYS W 57 -58.24 -71.46 5.95
CA CYS W 57 -58.20 -72.68 5.14
C CYS W 57 -58.12 -72.30 3.67
N THR W 58 -56.93 -72.41 3.10
CA THR W 58 -56.69 -72.13 1.69
C THR W 58 -56.57 -73.40 0.85
N ASP W 59 -57.16 -74.49 1.32
CA ASP W 59 -57.03 -75.79 0.64
C ASP W 59 -57.62 -75.71 -0.76
N ALA W 60 -56.77 -75.88 -1.76
CA ALA W 60 -57.21 -75.82 -3.15
C ALA W 60 -58.00 -77.07 -3.53
N VAL W 61 -58.96 -76.88 -4.43
CA VAL W 61 -59.81 -77.96 -4.90
C VAL W 61 -59.12 -78.66 -6.07
N GLY W 62 -59.09 -79.99 -6.04
CA GLY W 62 -58.51 -80.77 -7.11
C GLY W 62 -57.48 -81.77 -6.61
N ASP W 63 -57.34 -82.88 -7.33
CA ASP W 63 -56.40 -83.93 -6.99
C ASP W 63 -56.07 -84.72 -8.25
N ARG W 64 -54.82 -85.10 -8.39
CA ARG W 64 -54.34 -85.85 -9.55
C ARG W 64 -53.69 -87.15 -9.10
N ARG W 65 -53.61 -88.09 -10.04
CA ARG W 65 -53.04 -89.41 -9.77
C ARG W 65 -52.65 -90.06 -11.09
N GLN W 66 -51.49 -90.70 -11.10
CA GLN W 66 -51.07 -91.47 -12.27
C GLN W 66 -51.92 -92.73 -12.38
N CYS W 67 -52.23 -93.10 -13.62
CA CYS W 67 -53.07 -94.25 -13.90
C CYS W 67 -52.56 -94.97 -15.14
N VAL W 68 -52.62 -96.30 -15.11
CA VAL W 68 -52.21 -97.11 -16.25
C VAL W 68 -53.26 -96.96 -17.35
N PRO W 69 -52.89 -96.49 -18.53
CA PRO W 69 -53.89 -96.30 -19.59
C PRO W 69 -54.36 -97.63 -20.16
N THR W 70 -55.66 -97.72 -20.42
CA THR W 70 -56.27 -98.91 -20.98
C THR W 70 -56.71 -98.75 -22.43
N GLU W 71 -57.01 -97.52 -22.86
CA GLU W 71 -57.39 -97.25 -24.25
C GLU W 71 -56.16 -96.99 -25.10
N PRO W 72 -56.21 -97.32 -26.39
CA PRO W 72 -55.02 -97.16 -27.24
C PRO W 72 -54.64 -95.72 -27.51
N CYS W 73 -55.53 -94.75 -27.22
CA CYS W 73 -55.28 -93.34 -27.48
C CYS W 73 -54.95 -93.10 -28.96
N GLU W 74 -55.93 -93.40 -29.80
CA GLU W 74 -55.77 -93.23 -31.25
C GLU W 74 -55.94 -91.79 -31.69
N ASP W 75 -56.62 -90.96 -30.88
CA ASP W 75 -56.83 -89.57 -31.25
C ASP W 75 -55.51 -88.80 -31.17
N ALA W 76 -55.20 -88.05 -32.23
CA ALA W 76 -53.99 -87.26 -32.29
C ALA W 76 -54.20 -86.07 -33.20
N GLU W 77 -53.41 -85.03 -32.98
CA GLU W 77 -53.50 -83.80 -33.76
C GLU W 77 -52.51 -83.87 -34.92
N ASP W 78 -53.03 -83.91 -36.14
CA ASP W 78 -52.18 -83.92 -37.31
C ASP W 78 -51.55 -82.55 -37.53
N ASP W 79 -50.53 -82.51 -38.39
CA ASP W 79 -49.83 -81.25 -38.67
C ASP W 79 -50.58 -80.44 -39.73
N CYS W 80 -51.87 -80.23 -39.51
CA CYS W 80 -52.73 -79.31 -40.25
C CYS W 80 -52.84 -79.67 -41.74
N GLY W 81 -52.15 -80.72 -42.17
CA GLY W 81 -52.26 -81.27 -43.51
C GLY W 81 -52.19 -80.27 -44.66
N ASN W 82 -51.63 -79.08 -44.41
CA ASN W 82 -51.66 -78.00 -45.38
C ASN W 82 -50.28 -77.63 -45.92
N ASP W 83 -49.35 -77.27 -45.05
CA ASP W 83 -48.08 -76.72 -45.51
C ASP W 83 -47.00 -77.10 -44.48
N PHE W 84 -45.86 -76.41 -44.56
CA PHE W 84 -44.72 -76.69 -43.70
C PHE W 84 -45.10 -76.54 -42.22
N GLN W 85 -44.88 -77.60 -41.46
CA GLN W 85 -45.15 -77.58 -40.03
C GLN W 85 -44.03 -76.87 -39.28
N CYS W 86 -44.41 -76.09 -38.27
CA CYS W 86 -43.43 -75.44 -37.41
C CYS W 86 -42.90 -76.41 -36.37
N SER W 87 -41.89 -75.97 -35.62
CA SER W 87 -41.29 -76.78 -34.59
C SER W 87 -42.14 -76.90 -33.34
N THR W 88 -43.28 -76.21 -33.27
CA THR W 88 -44.14 -76.24 -32.09
C THR W 88 -45.55 -76.73 -32.35
N GLY W 89 -46.01 -76.69 -33.59
CA GLY W 89 -47.34 -77.20 -33.89
C GLY W 89 -48.18 -76.30 -34.78
N ARG W 90 -47.73 -75.07 -35.00
CA ARG W 90 -48.46 -74.13 -35.86
C ARG W 90 -48.05 -74.35 -37.32
N CYS W 91 -48.71 -73.64 -38.23
CA CYS W 91 -48.53 -73.86 -39.65
C CYS W 91 -48.48 -72.54 -40.40
N ILE W 92 -47.75 -72.53 -41.51
CA ILE W 92 -47.77 -71.42 -42.45
C ILE W 92 -49.09 -71.41 -43.20
N LYS W 93 -49.73 -70.24 -43.30
CA LYS W 93 -50.96 -70.13 -44.08
C LYS W 93 -50.65 -69.97 -45.56
N MET W 94 -50.05 -68.84 -45.94
CA MET W 94 -49.65 -68.64 -47.32
C MET W 94 -48.25 -68.05 -47.50
N ARG W 95 -47.73 -67.24 -46.56
CA ARG W 95 -46.49 -66.50 -46.80
C ARG W 95 -45.62 -66.46 -45.54
N LEU W 96 -45.71 -67.46 -44.68
CA LEU W 96 -44.90 -67.51 -43.48
C LEU W 96 -43.51 -68.10 -43.73
N ARG W 97 -43.05 -68.10 -44.97
CA ARG W 97 -41.73 -68.61 -45.30
C ARG W 97 -40.68 -67.55 -44.93
N CYS W 98 -39.46 -67.73 -45.44
CA CYS W 98 -38.33 -66.89 -45.07
C CYS W 98 -38.50 -65.51 -45.69
N ASN W 99 -39.35 -64.70 -45.06
CA ASN W 99 -39.64 -63.34 -45.50
C ASN W 99 -39.59 -62.37 -44.32
N GLY W 100 -38.73 -62.64 -43.34
CA GLY W 100 -38.63 -61.79 -42.18
C GLY W 100 -39.87 -61.78 -41.30
N ASP W 101 -40.57 -62.91 -41.23
CA ASP W 101 -41.81 -63.03 -40.47
C ASP W 101 -41.55 -63.97 -39.29
N ASN W 102 -41.26 -63.39 -38.13
CA ASN W 102 -40.96 -64.16 -36.93
C ASN W 102 -42.26 -64.64 -36.30
N ASP W 103 -42.47 -65.95 -36.32
CA ASP W 103 -43.65 -66.57 -35.70
C ASP W 103 -43.28 -67.54 -34.59
N CYS W 104 -42.39 -68.49 -34.86
CA CYS W 104 -42.11 -69.56 -33.91
C CYS W 104 -40.96 -69.19 -32.96
N GLY W 105 -39.78 -68.93 -33.52
CA GLY W 105 -38.63 -68.59 -32.71
C GLY W 105 -37.77 -67.52 -33.36
N ASP W 106 -36.62 -67.22 -32.75
CA ASP W 106 -35.71 -66.25 -33.34
C ASP W 106 -35.24 -66.70 -34.71
N PHE W 107 -34.67 -67.90 -34.79
CA PHE W 107 -34.27 -68.50 -36.06
C PHE W 107 -34.99 -69.83 -36.32
N SER W 108 -36.06 -70.12 -35.58
CA SER W 108 -36.79 -71.37 -35.81
C SER W 108 -37.49 -71.35 -37.16
N ASP W 109 -38.30 -70.32 -37.41
CA ASP W 109 -38.93 -70.19 -38.72
C ASP W 109 -37.89 -69.85 -39.79
N GLU W 110 -36.82 -69.16 -39.41
CA GLU W 110 -35.73 -68.81 -40.31
C GLU W 110 -34.62 -69.86 -40.30
N ASP W 111 -34.96 -71.12 -40.02
CA ASP W 111 -33.98 -72.20 -39.92
C ASP W 111 -33.10 -72.27 -41.17
N ASP W 112 -33.73 -72.43 -42.34
CA ASP W 112 -32.99 -72.54 -43.59
C ASP W 112 -33.68 -71.69 -44.64
N CYS W 113 -32.89 -70.89 -45.36
CA CYS W 113 -33.40 -69.99 -46.39
C CYS W 113 -32.59 -70.20 -47.66
N GLU W 114 -33.17 -70.90 -48.63
CA GLU W 114 -32.49 -71.10 -49.91
C GLU W 114 -32.61 -69.86 -50.79
N SER W 115 -33.78 -69.22 -50.79
CA SER W 115 -33.97 -67.99 -51.55
C SER W 115 -33.34 -66.81 -50.83
N GLU W 116 -33.33 -65.67 -51.51
CA GLU W 116 -32.77 -64.45 -50.92
C GLU W 116 -33.64 -63.98 -49.77
N PRO W 117 -33.03 -63.38 -48.73
CA PRO W 117 -33.82 -62.86 -47.61
C PRO W 117 -34.61 -61.61 -47.99
N ARG W 118 -35.68 -61.79 -48.75
CA ARG W 118 -36.49 -60.67 -49.20
C ARG W 118 -37.15 -59.99 -48.01
N PRO W 119 -36.91 -58.70 -47.79
CA PRO W 119 -37.57 -58.02 -46.68
C PRO W 119 -39.05 -57.79 -46.98
N PRO W 120 -39.92 -57.88 -45.97
CA PRO W 120 -41.35 -57.68 -46.24
C PRO W 120 -41.72 -56.23 -46.45
N CYS W 121 -40.97 -55.30 -45.86
CA CYS W 121 -41.26 -53.88 -45.98
C CYS W 121 -39.96 -53.09 -46.03
N ARG W 122 -39.89 -52.11 -46.93
CA ARG W 122 -38.69 -51.32 -47.12
C ARG W 122 -38.62 -50.11 -46.19
N ASP W 123 -39.77 -49.52 -45.85
CA ASP W 123 -39.79 -48.34 -45.01
C ASP W 123 -39.30 -48.69 -43.60
N ARG W 124 -38.75 -47.67 -42.92
CA ARG W 124 -38.23 -47.84 -41.57
C ARG W 124 -39.37 -47.68 -40.58
N VAL W 125 -39.76 -48.79 -39.95
CA VAL W 125 -40.84 -48.82 -38.97
C VAL W 125 -40.28 -49.41 -37.69
N VAL W 126 -40.20 -48.60 -36.64
CA VAL W 126 -39.64 -49.05 -35.37
C VAL W 126 -40.60 -50.02 -34.69
N GLU W 127 -40.04 -51.05 -34.06
CA GLU W 127 -40.86 -52.04 -33.36
C GLU W 127 -41.56 -51.39 -32.17
N GLU W 128 -42.69 -51.98 -31.79
CA GLU W 128 -43.52 -51.47 -30.70
C GLU W 128 -42.81 -51.70 -29.38
N SER W 129 -42.16 -50.66 -28.85
CA SER W 129 -41.35 -50.76 -27.65
C SER W 129 -42.17 -50.32 -26.44
N GLU W 130 -42.41 -51.26 -25.52
CA GLU W 130 -43.05 -51.02 -24.23
C GLU W 130 -44.48 -50.48 -24.36
N LEU W 131 -45.03 -50.48 -25.56
CA LEU W 131 -46.38 -49.98 -25.81
C LEU W 131 -47.36 -51.16 -25.69
N ALA W 132 -48.58 -50.99 -26.20
CA ALA W 132 -49.66 -51.97 -26.04
C ALA W 132 -49.36 -53.31 -26.71
N ARG W 133 -48.15 -53.48 -27.25
CA ARG W 133 -47.70 -54.74 -27.84
C ARG W 133 -48.10 -55.95 -27.00
N THR W 134 -48.03 -55.80 -25.67
CA THR W 134 -48.51 -56.83 -24.75
C THR W 134 -49.96 -56.51 -24.43
N ALA W 135 -50.84 -56.87 -25.36
CA ALA W 135 -52.25 -56.53 -25.29
C ALA W 135 -53.09 -57.60 -24.61
N GLY W 136 -52.51 -58.74 -24.25
CA GLY W 136 -53.24 -59.79 -23.57
C GLY W 136 -53.29 -59.55 -22.08
N TYR W 137 -54.47 -59.71 -21.50
CA TYR W 137 -54.66 -59.47 -20.07
C TYR W 137 -55.70 -60.45 -19.55
N GLY W 138 -55.39 -61.08 -18.41
CA GLY W 138 -56.22 -62.13 -17.85
C GLY W 138 -56.87 -61.75 -16.54
N ILE W 139 -57.43 -60.54 -16.45
CA ILE W 139 -57.99 -60.04 -15.19
C ILE W 139 -58.98 -61.05 -14.60
N ASN W 140 -58.92 -61.18 -13.28
CA ASN W 140 -59.83 -62.04 -12.53
C ASN W 140 -60.93 -61.18 -11.92
N ILE W 141 -62.18 -61.47 -12.29
CA ILE W 141 -63.30 -60.70 -11.75
C ILE W 141 -63.40 -60.86 -10.24
N LEU W 142 -63.02 -62.04 -9.73
CA LEU W 142 -62.96 -62.27 -8.29
C LEU W 142 -61.60 -61.99 -7.70
N GLY W 143 -60.58 -61.74 -8.53
CA GLY W 143 -59.23 -61.57 -8.04
C GLY W 143 -58.74 -60.14 -7.98
N MET W 144 -57.84 -59.79 -8.88
CA MET W 144 -57.11 -58.52 -8.80
C MET W 144 -56.80 -58.04 -10.22
N ASP W 145 -55.82 -57.13 -10.33
CA ASP W 145 -55.41 -56.47 -11.56
C ASP W 145 -55.15 -57.45 -12.70
N PRO W 146 -55.22 -57.01 -13.96
CA PRO W 146 -55.08 -57.94 -15.09
C PRO W 146 -53.76 -58.69 -15.08
N LEU W 147 -53.76 -59.81 -15.82
CA LEU W 147 -52.62 -60.71 -15.93
C LEU W 147 -51.81 -60.35 -17.17
N SER W 148 -50.84 -61.20 -17.50
CA SER W 148 -50.02 -61.01 -18.68
C SER W 148 -50.78 -61.51 -19.91
N THR W 149 -50.08 -61.62 -21.04
CA THR W 149 -50.72 -62.05 -22.27
C THR W 149 -50.84 -63.58 -22.31
N PRO W 150 -52.03 -64.12 -22.49
CA PRO W 150 -52.18 -65.58 -22.62
C PRO W 150 -51.90 -66.10 -24.01
N PHE W 151 -51.53 -65.24 -24.96
CA PHE W 151 -51.34 -65.62 -26.34
C PHE W 151 -50.12 -64.90 -26.90
N ASP W 152 -49.70 -65.33 -28.09
CA ASP W 152 -48.59 -64.67 -28.79
C ASP W 152 -49.10 -63.40 -29.46
N ASN W 153 -48.36 -62.31 -29.28
CA ASN W 153 -48.75 -61.02 -29.83
C ASN W 153 -47.68 -60.43 -30.74
N GLU W 154 -46.65 -61.20 -31.09
CA GLU W 154 -45.59 -60.74 -31.97
C GLU W 154 -45.81 -61.18 -33.42
N PHE W 155 -46.59 -62.22 -33.65
CA PHE W 155 -46.81 -62.72 -35.01
C PHE W 155 -47.51 -61.69 -35.88
N TYR W 156 -47.12 -61.65 -37.15
CA TYR W 156 -47.78 -60.80 -38.14
C TYR W 156 -47.99 -61.62 -39.41
N ASN W 157 -49.02 -61.26 -40.17
CA ASN W 157 -49.44 -62.09 -41.29
C ASN W 157 -48.78 -61.70 -42.62
N GLY W 158 -49.00 -60.46 -43.06
CA GLY W 158 -48.55 -60.07 -44.40
C GLY W 158 -47.88 -58.71 -44.48
N LEU W 159 -48.40 -57.86 -45.35
CA LEU W 159 -47.83 -56.52 -45.53
C LEU W 159 -48.01 -55.70 -44.25
N CYS W 160 -46.94 -54.98 -43.88
CA CYS W 160 -46.97 -54.16 -42.68
C CYS W 160 -48.11 -53.15 -42.75
N ASN W 161 -48.81 -52.98 -41.63
CA ASN W 161 -49.87 -51.99 -41.50
C ASN W 161 -49.32 -50.80 -40.74
N ARG W 162 -49.23 -49.65 -41.41
CA ARG W 162 -48.59 -48.48 -40.82
C ARG W 162 -49.39 -47.95 -39.65
N ASP W 163 -48.68 -47.42 -38.66
CA ASP W 163 -49.25 -46.85 -37.45
C ASP W 163 -48.73 -45.42 -37.27
N ARG W 164 -48.82 -44.64 -38.35
CA ARG W 164 -48.22 -43.30 -38.41
C ARG W 164 -49.00 -42.37 -37.50
N ASP W 165 -48.70 -42.45 -36.21
CA ASP W 165 -49.36 -41.63 -35.20
C ASP W 165 -48.50 -41.67 -33.94
N GLY W 166 -48.79 -40.76 -33.02
CA GLY W 166 -48.08 -40.70 -31.75
C GLY W 166 -47.59 -39.30 -31.45
N ASN W 167 -46.97 -39.18 -30.28
CA ASN W 167 -46.44 -37.89 -29.83
C ASN W 167 -45.36 -37.39 -30.77
N THR W 168 -44.28 -38.16 -30.92
CA THR W 168 -43.18 -37.78 -31.80
C THR W 168 -43.38 -38.37 -33.19
N LEU W 169 -42.40 -38.15 -34.06
CA LEU W 169 -42.44 -38.66 -35.43
C LEU W 169 -41.76 -40.01 -35.46
N THR W 170 -42.54 -41.07 -35.29
CA THR W 170 -42.04 -42.43 -35.29
C THR W 170 -43.14 -43.37 -35.73
N TYR W 171 -42.74 -44.45 -36.41
CA TYR W 171 -43.68 -45.41 -36.97
C TYR W 171 -43.58 -46.72 -36.19
N TYR W 172 -44.70 -47.16 -35.62
CA TYR W 172 -44.77 -48.40 -34.88
C TYR W 172 -45.45 -49.48 -35.71
N ARG W 173 -45.35 -50.72 -35.23
CA ARG W 173 -45.97 -51.86 -35.88
C ARG W 173 -47.19 -52.31 -35.08
N ARG W 174 -48.19 -52.80 -35.79
CA ARG W 174 -49.39 -53.36 -35.19
C ARG W 174 -49.49 -54.84 -35.57
N PRO W 175 -49.46 -55.76 -34.61
CA PRO W 175 -49.51 -57.19 -34.97
C PRO W 175 -50.86 -57.57 -35.56
N TRP W 176 -50.83 -58.67 -36.32
CA TRP W 176 -52.04 -59.17 -36.96
C TRP W 176 -53.08 -59.63 -35.94
N ASN W 177 -52.66 -59.95 -34.71
CA ASN W 177 -53.60 -60.34 -33.68
C ASN W 177 -54.35 -59.15 -33.10
N VAL W 178 -53.69 -57.99 -33.02
CA VAL W 178 -54.33 -56.78 -32.52
C VAL W 178 -55.09 -56.13 -33.68
N ALA W 179 -56.41 -56.00 -33.53
CA ALA W 179 -57.22 -55.49 -34.63
C ALA W 179 -57.07 -53.98 -34.78
N SER W 180 -56.94 -53.25 -33.67
CA SER W 180 -56.89 -51.81 -33.71
C SER W 180 -56.12 -51.29 -32.51
N LEU W 181 -55.49 -50.12 -32.68
CA LEU W 181 -54.84 -49.42 -31.58
C LEU W 181 -54.83 -47.93 -31.89
N ILE W 182 -55.30 -47.13 -30.93
CA ILE W 182 -55.35 -45.69 -31.09
C ILE W 182 -54.41 -45.04 -30.07
N TYR W 183 -53.96 -43.82 -30.40
CA TYR W 183 -53.05 -43.07 -29.55
C TYR W 183 -53.72 -41.84 -28.95
N GLU W 184 -55.03 -41.89 -28.76
CA GLU W 184 -55.77 -40.76 -28.19
C GLU W 184 -55.32 -40.50 -26.76
N THR W 185 -54.87 -39.27 -26.50
CA THR W 185 -54.39 -38.88 -25.17
C THR W 185 -55.50 -38.20 -24.37
N LYS W 186 -56.60 -38.94 -24.21
CA LYS W 186 -57.73 -38.43 -23.45
C LYS W 186 -57.34 -38.22 -21.99
N GLY W 187 -58.02 -37.28 -21.34
CA GLY W 187 -57.78 -37.00 -19.94
C GLY W 187 -58.88 -36.20 -19.30
N GLU W 188 -59.34 -36.64 -18.13
CA GLU W 188 -60.40 -35.95 -17.42
C GLU W 188 -60.21 -36.10 -15.92
N LYS W 189 -60.86 -35.22 -15.17
CA LYS W 189 -60.81 -35.24 -13.72
C LYS W 189 -62.03 -34.51 -13.18
N ASN W 190 -62.37 -34.80 -11.92
CA ASN W 190 -63.55 -34.23 -11.30
C ASN W 190 -63.20 -33.67 -9.93
N PHE W 191 -64.05 -32.80 -9.44
CA PHE W 191 -63.97 -32.39 -8.07
C PHE W 191 -65.36 -32.29 -7.53
N ARG W 192 -65.44 -32.36 -6.22
CA ARG W 192 -66.70 -32.22 -5.51
C ARG W 192 -66.42 -31.88 -4.06
N THR W 193 -67.43 -31.29 -3.41
CA THR W 193 -67.39 -30.99 -1.99
C THR W 193 -68.80 -30.67 -1.53
N GLU W 194 -69.03 -30.81 -0.22
CA GLU W 194 -70.32 -30.54 0.36
C GLU W 194 -70.13 -30.17 1.83
N HIS W 195 -71.21 -29.70 2.45
CA HIS W 195 -71.18 -29.32 3.86
C HIS W 195 -72.53 -29.63 4.50
N TYR W 196 -72.49 -30.21 5.69
CA TYR W 196 -73.67 -30.48 6.49
C TYR W 196 -73.54 -29.76 7.82
N GLU W 197 -74.67 -29.27 8.34
CA GLU W 197 -74.67 -28.55 9.60
C GLU W 197 -75.95 -28.87 10.36
N GLU W 198 -75.81 -29.10 11.67
CA GLU W 198 -76.93 -29.39 12.54
C GLU W 198 -76.68 -28.74 13.89
N GLN W 199 -77.72 -28.11 14.44
CA GLN W 199 -77.62 -27.42 15.71
C GLN W 199 -78.98 -27.43 16.38
N ILE W 200 -78.99 -27.65 17.70
CA ILE W 200 -80.22 -27.61 18.48
C ILE W 200 -79.89 -27.06 19.86
N GLU W 201 -80.79 -26.21 20.38
CA GLU W 201 -80.64 -25.61 21.70
C GLU W 201 -82.01 -25.50 22.35
N ALA W 202 -82.05 -25.74 23.66
CA ALA W 202 -83.30 -25.67 24.41
C ALA W 202 -83.02 -25.14 25.80
N PHE W 203 -83.79 -24.13 26.22
CA PHE W 203 -83.67 -23.52 27.53
C PHE W 203 -84.98 -23.69 28.29
N LYS W 204 -84.88 -24.03 29.57
CA LYS W 204 -86.05 -24.22 30.42
C LYS W 204 -85.76 -23.66 31.80
N SER W 205 -86.73 -22.93 32.36
CA SER W 205 -86.62 -22.36 33.68
C SER W 205 -87.98 -22.37 34.36
N ILE W 206 -88.05 -22.88 35.58
CA ILE W 206 -89.28 -22.97 36.35
C ILE W 206 -88.99 -22.48 37.76
N ILE W 207 -89.86 -21.60 38.27
CA ILE W 207 -89.70 -21.03 39.60
C ILE W 207 -91.05 -21.07 40.32
N GLN W 208 -91.02 -21.37 41.61
CA GLN W 208 -92.21 -21.44 42.43
C GLN W 208 -92.00 -20.61 43.70
N GLU W 209 -93.07 -19.97 44.16
CA GLU W 209 -93.01 -19.13 45.36
C GLU W 209 -94.32 -19.23 46.11
N LYS W 210 -94.25 -19.54 47.40
CA LYS W 210 -95.42 -19.66 48.25
C LYS W 210 -95.09 -19.11 49.63
N THR W 211 -96.03 -18.37 50.22
CA THR W 211 -95.85 -17.77 51.53
C THR W 211 -97.11 -17.99 52.35
N SER W 212 -96.94 -18.36 53.62
CA SER W 212 -98.06 -18.64 54.50
C SER W 212 -97.85 -17.97 55.84
N ASN W 213 -98.88 -17.28 56.33
CA ASN W 213 -98.84 -16.61 57.62
C ASN W 213 -100.20 -16.71 58.28
N PHE W 214 -100.21 -16.85 59.60
CA PHE W 214 -101.46 -17.00 60.35
C PHE W 214 -101.37 -16.21 61.65
N ASN W 215 -102.52 -15.73 62.11
CA ASN W 215 -102.63 -14.98 63.35
C ASN W 215 -103.76 -15.55 64.19
N ALA W 216 -103.60 -15.49 65.51
CA ALA W 216 -104.64 -15.96 66.42
C ALA W 216 -104.47 -15.23 67.75
N ALA W 217 -105.38 -14.30 68.05
CA ALA W 217 -105.35 -13.52 69.27
C ALA W 217 -106.74 -13.51 69.89
N ILE W 218 -106.82 -13.90 71.16
CA ILE W 218 -108.07 -13.89 71.92
C ILE W 218 -107.76 -13.53 73.36
N SER W 219 -108.52 -12.59 73.91
CA SER W 219 -108.33 -12.13 75.28
C SER W 219 -109.63 -12.25 76.05
N LEU W 220 -109.53 -12.66 77.32
CA LEU W 220 -110.70 -12.86 78.16
C LEU W 220 -110.40 -12.32 79.56
N LYS W 221 -111.24 -11.41 80.04
CA LYS W 221 -111.11 -10.84 81.37
C LYS W 221 -112.48 -10.76 82.02
N PHE W 222 -112.52 -10.99 83.33
CA PHE W 222 -113.77 -11.02 84.08
C PHE W 222 -113.62 -10.22 85.35
N THR W 223 -114.60 -9.35 85.63
CA THR W 223 -114.62 -8.56 86.85
C THR W 223 -116.06 -8.23 87.23
N PRO W 224 -116.61 -8.87 88.28
CA PRO W 224 -117.99 -8.61 88.72
C PRO W 224 -118.11 -7.31 89.51
N SER W 242 -113.91 -9.18 96.75
CA SER W 242 -113.40 -8.71 95.47
C SER W 242 -113.02 -9.88 94.58
N LEU W 243 -113.27 -9.74 93.27
CA LEU W 243 -112.96 -10.77 92.30
C LEU W 243 -112.50 -10.11 91.01
N HIS W 244 -111.39 -10.60 90.46
CA HIS W 244 -110.82 -10.06 89.23
C HIS W 244 -110.24 -11.19 88.40
N GLY W 245 -110.30 -11.03 87.09
CA GLY W 245 -109.75 -12.00 86.17
C GLY W 245 -109.29 -11.38 84.87
N LYS W 246 -108.19 -11.89 84.30
CA LYS W 246 -107.67 -11.36 83.05
C LYS W 246 -106.82 -12.41 82.37
N GLY W 247 -107.09 -12.67 81.09
CA GLY W 247 -106.33 -13.60 80.30
C GLY W 247 -106.28 -13.22 78.85
N SER W 248 -105.13 -13.41 78.19
CA SER W 248 -104.97 -13.05 76.80
C SER W 248 -104.12 -14.10 76.10
N PHE W 249 -104.57 -14.51 74.90
CA PHE W 249 -103.85 -15.48 74.09
C PHE W 249 -103.30 -14.78 72.86
N ARG W 250 -102.10 -15.19 72.46
CA ARG W 250 -101.47 -14.68 71.25
C ARG W 250 -100.83 -15.84 70.50
N PHE W 251 -100.83 -15.75 69.17
CA PHE W 251 -100.31 -16.83 68.33
C PHE W 251 -99.86 -16.25 67.00
N SER W 252 -98.77 -16.80 66.47
CA SER W 252 -98.21 -16.35 65.20
C SER W 252 -97.79 -17.55 64.37
N TYR W 253 -97.51 -17.30 63.10
CA TYR W 253 -97.11 -18.36 62.18
C TYR W 253 -96.34 -17.74 61.02
N SER W 254 -95.28 -18.42 60.59
CA SER W 254 -94.45 -17.95 59.49
C SER W 254 -94.05 -19.13 58.61
N LYS W 255 -94.12 -18.93 57.29
CA LYS W 255 -93.82 -19.99 56.35
C LYS W 255 -93.63 -19.46 54.94
N ASN W 256 -92.57 -19.89 54.26
CA ASN W 256 -92.47 -19.69 52.82
C ASN W 256 -91.61 -20.79 52.22
N GLU W 257 -91.90 -21.14 50.98
CA GLU W 257 -91.18 -22.21 50.28
C GLU W 257 -90.96 -21.77 48.83
N THR W 258 -89.71 -21.45 48.50
CA THR W 258 -89.33 -21.04 47.15
C THR W 258 -88.68 -22.21 46.43
N TYR W 259 -89.18 -22.52 45.24
CA TYR W 259 -88.64 -23.59 44.40
C TYR W 259 -88.08 -22.98 43.13
N GLN W 260 -87.00 -23.59 42.63
CA GLN W 260 -86.35 -23.12 41.41
C GLN W 260 -85.90 -24.31 40.58
N LEU W 261 -86.13 -24.22 39.27
CA LEU W 261 -85.76 -25.26 38.33
C LEU W 261 -85.14 -24.63 37.10
N PHE W 262 -84.10 -25.27 36.56
CA PHE W 262 -83.43 -24.79 35.37
C PHE W 262 -82.95 -25.98 34.56
N LEU W 263 -83.17 -25.92 33.25
CA LEU W 263 -82.79 -27.00 32.35
C LEU W 263 -82.30 -26.40 31.03
N SER W 264 -81.22 -26.97 30.51
CA SER W 264 -80.63 -26.50 29.26
C SER W 264 -80.17 -27.68 28.43
N TYR W 265 -80.27 -27.54 27.11
CA TYR W 265 -79.88 -28.58 26.17
C TYR W 265 -79.24 -27.94 24.96
N SER W 266 -78.19 -28.58 24.44
CA SER W 266 -77.48 -28.06 23.29
C SER W 266 -76.75 -29.21 22.59
N SER W 267 -76.76 -29.19 21.26
CA SER W 267 -76.06 -30.20 20.48
C SER W 267 -75.76 -29.64 19.10
N LYS W 268 -74.59 -29.98 18.57
CA LYS W 268 -74.16 -29.53 17.25
C LYS W 268 -73.53 -30.69 16.50
N LYS W 269 -73.82 -30.76 15.20
CA LYS W 269 -73.29 -31.81 14.35
C LYS W 269 -72.87 -31.23 13.00
N GLU W 270 -71.78 -31.75 12.46
CA GLU W 270 -71.25 -31.31 11.17
C GLU W 270 -70.67 -32.51 10.44
N LYS W 271 -70.82 -32.51 9.11
CA LYS W 271 -70.34 -33.62 8.30
C LYS W 271 -69.92 -33.08 6.93
N MET W 272 -68.81 -33.62 6.43
CA MET W 272 -68.30 -33.24 5.12
C MET W 272 -67.75 -34.47 4.42
N PHE W 273 -68.23 -34.74 3.21
CA PHE W 273 -67.78 -35.88 2.41
C PHE W 273 -67.57 -35.43 0.98
N LEU W 274 -66.46 -35.83 0.39
CA LEU W 274 -66.17 -35.47 -0.99
C LEU W 274 -65.17 -36.47 -1.56
N HIS W 275 -65.25 -36.66 -2.88
CA HIS W 275 -64.37 -37.58 -3.58
C HIS W 275 -64.00 -36.98 -4.93
N VAL W 276 -62.73 -37.17 -5.32
CA VAL W 276 -62.24 -36.67 -6.60
C VAL W 276 -61.41 -37.78 -7.25
N LYS W 277 -61.35 -37.74 -8.58
CA LYS W 277 -60.61 -38.75 -9.33
C LYS W 277 -60.19 -38.18 -10.68
N GLY W 278 -59.04 -38.62 -11.15
CA GLY W 278 -58.54 -38.17 -12.45
C GLY W 278 -57.72 -39.26 -13.09
N GLU W 279 -57.79 -39.33 -14.42
CA GLU W 279 -57.07 -40.35 -15.18
C GLU W 279 -56.44 -39.71 -16.41
N ILE W 280 -55.23 -40.15 -16.73
CA ILE W 280 -54.51 -39.72 -17.93
C ILE W 280 -54.47 -40.91 -18.88
N HIS W 281 -55.37 -40.90 -19.87
CA HIS W 281 -55.42 -41.98 -20.84
C HIS W 281 -54.29 -41.84 -21.84
N LEU W 282 -53.68 -42.97 -22.20
CA LEU W 282 -52.56 -43.00 -23.12
C LEU W 282 -52.95 -43.59 -24.48
N GLY W 283 -53.47 -44.81 -24.49
CA GLY W 283 -53.85 -45.45 -25.73
C GLY W 283 -54.90 -46.51 -25.49
N ARG W 284 -55.58 -46.88 -26.57
CA ARG W 284 -56.66 -47.84 -26.51
C ARG W 284 -56.50 -48.84 -27.65
N PHE W 285 -56.81 -50.11 -27.37
CA PHE W 285 -56.67 -51.19 -28.33
C PHE W 285 -57.90 -52.08 -28.25
N VAL W 286 -58.18 -52.78 -29.34
CA VAL W 286 -59.28 -53.73 -29.42
C VAL W 286 -58.74 -55.01 -30.03
N MET W 287 -58.68 -56.08 -29.25
CA MET W 287 -58.19 -57.35 -29.74
C MET W 287 -59.17 -57.97 -30.73
N ARG W 288 -58.62 -58.51 -31.82
CA ARG W 288 -59.45 -59.23 -32.79
C ARG W 288 -60.05 -60.46 -32.14
N ASN W 289 -61.36 -60.63 -32.31
CA ASN W 289 -62.07 -61.69 -31.59
C ASN W 289 -61.76 -63.07 -32.18
N ARG W 290 -61.99 -63.25 -33.48
CA ARG W 290 -61.76 -64.52 -34.14
C ARG W 290 -60.57 -64.39 -35.09
N ASP W 291 -60.17 -65.53 -35.66
CA ASP W 291 -58.97 -65.63 -36.51
C ASP W 291 -57.74 -65.14 -35.72
N VAL W 292 -57.56 -65.75 -34.56
CA VAL W 292 -56.55 -65.33 -33.58
C VAL W 292 -55.46 -66.40 -33.52
N VAL W 293 -54.21 -65.93 -33.45
CA VAL W 293 -53.06 -66.81 -33.25
C VAL W 293 -52.73 -66.86 -31.78
N LEU W 294 -52.19 -68.00 -31.34
CA LEU W 294 -51.92 -68.25 -29.93
C LEU W 294 -50.45 -68.57 -29.74
N THR W 295 -50.00 -68.46 -28.49
CA THR W 295 -48.62 -68.76 -28.15
C THR W 295 -48.40 -70.25 -27.98
N THR W 296 -47.14 -70.67 -28.10
CA THR W 296 -46.82 -72.10 -28.04
C THR W 296 -47.17 -72.71 -26.69
N THR W 297 -47.01 -71.96 -25.60
CA THR W 297 -47.28 -72.49 -24.27
C THR W 297 -48.78 -72.71 -24.08
N PHE W 298 -49.60 -71.73 -24.47
CA PHE W 298 -51.04 -71.88 -24.34
C PHE W 298 -51.57 -72.98 -25.25
N VAL W 299 -51.01 -73.09 -26.46
CA VAL W 299 -51.41 -74.15 -27.38
C VAL W 299 -51.06 -75.52 -26.79
N ASP W 300 -49.87 -75.64 -26.21
CA ASP W 300 -49.48 -76.90 -25.58
C ASP W 300 -50.38 -77.23 -24.40
N ASP W 301 -50.77 -76.21 -23.62
CA ASP W 301 -51.64 -76.44 -22.48
C ASP W 301 -53.04 -76.89 -22.93
N ILE W 302 -53.55 -76.29 -24.01
CA ILE W 302 -54.87 -76.69 -24.51
C ILE W 302 -54.80 -78.07 -25.14
N LYS W 303 -53.67 -78.42 -25.76
CA LYS W 303 -53.53 -79.76 -26.33
C LYS W 303 -53.46 -80.81 -25.23
N ALA W 304 -52.68 -80.55 -24.18
CA ALA W 304 -52.62 -81.43 -23.02
C ALA W 304 -53.67 -81.00 -22.00
N LEU W 305 -54.93 -81.26 -22.35
CA LEU W 305 -56.07 -80.84 -21.56
C LEU W 305 -57.10 -81.95 -21.59
N PRO W 306 -57.72 -82.27 -20.45
CA PRO W 306 -58.70 -83.36 -20.41
C PRO W 306 -59.99 -83.01 -21.12
N THR W 307 -60.91 -83.98 -21.21
CA THR W 307 -62.18 -83.76 -21.89
C THR W 307 -63.36 -84.37 -21.14
N THR W 308 -63.18 -84.80 -19.88
CA THR W 308 -64.22 -85.44 -19.09
C THR W 308 -64.60 -84.59 -17.89
N TYR W 309 -64.55 -83.26 -18.04
CA TYR W 309 -64.90 -82.30 -17.00
C TYR W 309 -64.05 -82.53 -15.74
N GLU W 310 -62.76 -82.28 -15.90
CA GLU W 310 -61.81 -82.36 -14.78
C GLU W 310 -61.75 -80.99 -14.12
N LYS W 311 -62.64 -80.78 -13.14
CA LYS W 311 -62.67 -79.51 -12.41
C LYS W 311 -61.35 -79.24 -11.71
N GLY W 312 -60.64 -80.30 -11.28
CA GLY W 312 -59.39 -80.10 -10.57
C GLY W 312 -58.34 -79.42 -11.43
N GLU W 313 -58.07 -79.97 -12.61
CA GLU W 313 -57.11 -79.34 -13.51
C GLU W 313 -57.64 -78.04 -14.10
N TYR W 314 -58.96 -77.96 -14.32
CA TYR W 314 -59.53 -76.74 -14.86
C TYR W 314 -59.43 -75.59 -13.87
N PHE W 315 -59.59 -75.88 -12.58
CA PHE W 315 -59.41 -74.83 -11.57
C PHE W 315 -57.98 -74.33 -11.52
N ALA W 316 -57.00 -75.21 -11.75
CA ALA W 316 -55.62 -74.79 -11.81
C ALA W 316 -55.36 -73.94 -13.06
N PHE W 317 -55.85 -74.40 -14.22
CA PHE W 317 -55.72 -73.63 -15.45
C PHE W 317 -56.36 -72.26 -15.33
N LEU W 318 -57.47 -72.16 -14.59
CA LEU W 318 -58.17 -70.89 -14.43
C LEU W 318 -57.32 -69.90 -13.66
N GLU W 319 -56.73 -70.34 -12.54
CA GLU W 319 -55.84 -69.46 -11.78
C GLU W 319 -54.56 -69.17 -12.55
N THR W 320 -54.15 -70.08 -13.45
CA THR W 320 -52.91 -69.88 -14.18
C THR W 320 -53.06 -68.85 -15.28
N TYR W 321 -54.14 -68.94 -16.06
CA TYR W 321 -54.34 -68.07 -17.23
C TYR W 321 -55.58 -67.19 -17.09
N GLY W 322 -55.95 -66.84 -15.86
CA GLY W 322 -57.07 -65.93 -15.66
C GLY W 322 -58.41 -66.58 -15.94
N THR W 323 -59.50 -65.87 -15.62
CA THR W 323 -60.84 -66.37 -15.87
C THR W 323 -61.38 -65.94 -17.24
N HIS W 324 -61.14 -64.69 -17.64
CA HIS W 324 -61.58 -64.17 -18.92
C HIS W 324 -60.63 -63.07 -19.36
N TYR W 325 -60.35 -63.03 -20.66
CA TYR W 325 -59.37 -62.10 -21.19
C TYR W 325 -60.02 -60.77 -21.54
N SER W 326 -59.19 -59.82 -21.99
CA SER W 326 -59.64 -58.48 -22.32
C SER W 326 -59.86 -58.37 -23.83
N SER W 327 -61.09 -58.02 -24.22
CA SER W 327 -61.36 -57.74 -25.62
C SER W 327 -60.83 -56.37 -26.03
N SER W 328 -60.83 -55.41 -25.11
CA SER W 328 -60.31 -54.08 -25.38
C SER W 328 -59.83 -53.46 -24.07
N GLY W 329 -58.66 -52.84 -24.11
CA GLY W 329 -58.10 -52.21 -22.93
C GLY W 329 -57.90 -50.72 -23.08
N SER W 330 -57.25 -50.10 -22.09
CA SER W 330 -57.00 -48.65 -22.13
C SER W 330 -55.72 -48.38 -21.34
N LEU W 331 -54.62 -48.19 -22.06
CA LEU W 331 -53.34 -47.92 -21.42
C LEU W 331 -53.30 -46.50 -20.87
N GLY W 332 -52.62 -46.34 -19.74
CA GLY W 332 -52.54 -45.04 -19.09
C GLY W 332 -52.31 -45.11 -17.60
N GLY W 333 -53.16 -44.44 -16.83
CA GLY W 333 -53.08 -44.47 -15.38
C GLY W 333 -54.03 -43.48 -14.73
N LEU W 334 -54.54 -43.84 -13.54
CA LEU W 334 -55.50 -43.01 -12.84
C LEU W 334 -55.02 -42.76 -11.40
N TYR W 335 -55.49 -41.66 -10.84
CA TYR W 335 -55.19 -41.30 -9.45
C TYR W 335 -56.44 -40.68 -8.82
N GLU W 336 -56.59 -40.87 -7.52
CA GLU W 336 -57.74 -40.34 -6.81
C GLU W 336 -57.41 -40.21 -5.33
N LEU W 337 -57.97 -39.19 -4.69
CA LEU W 337 -57.81 -38.97 -3.26
C LEU W 337 -59.17 -38.60 -2.67
N ILE W 338 -59.47 -39.15 -1.50
CA ILE W 338 -60.74 -38.95 -0.84
C ILE W 338 -60.49 -38.71 0.65
N TYR W 339 -61.09 -37.69 1.21
CA TYR W 339 -61.18 -37.71 2.64
C TYR W 339 -62.44 -37.11 3.21
N VAL W 340 -62.77 -37.64 4.35
CA VAL W 340 -64.10 -37.53 4.95
C VAL W 340 -63.97 -36.83 6.29
N LEU W 341 -65.00 -36.06 6.65
CA LEU W 341 -65.04 -35.34 7.92
C LEU W 341 -66.42 -35.51 8.54
N ASP W 342 -66.44 -35.71 9.87
CA ASP W 342 -67.69 -35.85 10.61
C ASP W 342 -67.50 -35.26 12.00
N LYS W 343 -68.49 -34.50 12.45
CA LYS W 343 -68.44 -33.81 13.73
C LYS W 343 -69.75 -34.01 14.48
N ALA W 344 -69.66 -34.16 15.80
CA ALA W 344 -70.83 -34.34 16.64
C ALA W 344 -70.54 -33.76 18.02
N SER W 345 -71.55 -33.11 18.60
CA SER W 345 -71.40 -32.50 19.92
C SER W 345 -72.73 -32.55 20.64
N MET W 346 -72.67 -32.61 21.98
CA MET W 346 -73.86 -32.66 22.81
C MET W 346 -73.57 -31.97 24.14
N LYS W 347 -74.52 -31.16 24.60
CA LYS W 347 -74.41 -30.45 25.86
C LYS W 347 -75.76 -30.48 26.57
N ARG W 348 -75.74 -30.83 27.86
CA ARG W 348 -76.96 -30.91 28.65
C ARG W 348 -76.71 -30.28 30.02
N LYS W 349 -77.61 -29.42 30.45
CA LYS W 349 -77.47 -28.71 31.71
C LYS W 349 -78.79 -28.72 32.47
N GLY W 350 -78.73 -29.00 33.76
CA GLY W 350 -79.89 -28.96 34.62
C GLY W 350 -79.56 -28.47 36.01
N VAL W 351 -80.28 -27.46 36.49
CA VAL W 351 -80.02 -26.84 37.78
C VAL W 351 -81.31 -26.81 38.58
N GLU W 352 -81.25 -27.23 39.84
CA GLU W 352 -82.40 -27.26 40.73
C GLU W 352 -82.02 -26.64 42.07
N LEU W 353 -82.91 -25.79 42.59
CA LEU W 353 -82.71 -25.15 43.89
C LEU W 353 -84.02 -25.20 44.67
N LYS W 354 -83.92 -25.55 45.94
CA LYS W 354 -85.08 -25.70 46.81
C LYS W 354 -84.77 -25.11 48.18
N ASP W 355 -85.62 -24.20 48.64
CA ASP W 355 -85.45 -23.56 49.93
C ASP W 355 -86.81 -23.39 50.59
N ILE W 356 -86.92 -23.80 51.86
CA ILE W 356 -88.16 -23.74 52.62
C ILE W 356 -87.86 -23.21 54.00
N LYS W 357 -88.69 -22.28 54.47
CA LYS W 357 -88.62 -21.77 55.84
C LYS W 357 -90.01 -21.80 56.46
N ARG W 358 -90.09 -22.33 57.68
CA ARG W 358 -91.34 -22.38 58.43
C ARG W 358 -91.04 -22.05 59.88
N CYS W 359 -91.80 -21.13 60.46
CA CYS W 359 -91.60 -20.75 61.84
C CYS W 359 -92.94 -20.60 62.55
N LEU W 360 -92.93 -20.79 63.87
CA LEU W 360 -94.14 -20.76 64.69
C LEU W 360 -93.94 -19.81 65.86
N GLY W 361 -95.01 -19.11 66.22
CA GLY W 361 -94.97 -18.19 67.34
C GLY W 361 -96.20 -18.28 68.23
N TYR W 362 -96.00 -18.31 69.54
CA TYR W 362 -97.10 -18.42 70.49
C TYR W 362 -96.79 -17.62 71.75
N HIS W 363 -97.78 -16.89 72.25
CA HIS W 363 -97.64 -16.10 73.47
C HIS W 363 -98.87 -16.31 74.34
N LEU W 364 -98.64 -16.64 75.61
CA LEU W 364 -99.71 -16.85 76.58
C LEU W 364 -99.42 -16.00 77.81
N ASP W 365 -100.39 -15.19 78.22
CA ASP W 365 -100.27 -14.33 79.38
C ASP W 365 -101.59 -14.31 80.12
N VAL W 366 -101.57 -14.71 81.39
CA VAL W 366 -102.75 -14.72 82.24
C VAL W 366 -102.39 -14.09 83.58
N SER W 367 -103.20 -13.13 84.02
CA SER W 367 -102.98 -12.45 85.29
C SER W 367 -104.28 -12.40 86.07
N LEU W 368 -104.23 -12.80 87.34
CA LEU W 368 -105.39 -12.85 88.19
C LEU W 368 -105.18 -11.99 89.42
N ALA W 369 -106.24 -11.30 89.86
CA ALA W 369 -106.07 -10.38 91.00
C ALA W 369 -107.08 -10.62 92.12
N PHE W 370 -106.58 -10.75 93.35
CA PHE W 370 -107.39 -10.90 94.58
C PHE W 370 -107.66 -9.49 95.14
N SER W 371 -108.37 -9.38 96.25
CA SER W 371 -108.36 -8.09 96.99
C SER W 371 -106.91 -7.79 97.42
N GLU W 372 -106.23 -8.80 97.96
CA GLU W 372 -104.80 -8.69 98.36
C GLU W 372 -104.03 -9.84 97.70
N ILE W 373 -104.67 -10.53 96.74
CA ILE W 373 -104.09 -11.71 96.10
C ILE W 373 -103.83 -11.37 94.64
N SER W 374 -102.64 -11.76 94.15
CA SER W 374 -102.27 -11.51 92.76
C SER W 374 -101.64 -12.77 92.19
N VAL W 375 -102.12 -13.19 91.02
CA VAL W 375 -101.62 -14.37 90.34
C VAL W 375 -101.22 -13.99 88.92
N GLY W 376 -100.08 -14.49 88.48
CA GLY W 376 -99.59 -14.19 87.14
C GLY W 376 -99.15 -15.45 86.42
N ALA W 377 -99.18 -15.37 85.10
CA ALA W 377 -98.76 -16.48 84.24
C ALA W 377 -98.32 -15.95 82.90
N GLU W 378 -97.19 -16.43 82.41
CA GLU W 378 -96.65 -16.02 81.12
C GLU W 378 -95.97 -17.21 80.46
N PHE W 379 -96.54 -17.69 79.35
CA PHE W 379 -95.99 -18.81 78.59
C PHE W 379 -95.77 -18.37 77.16
N ASN W 380 -94.52 -18.47 76.69
CA ASN W 380 -94.16 -18.06 75.34
C ASN W 380 -93.46 -19.20 74.63
N LYS W 381 -93.86 -19.45 73.39
CA LYS W 381 -93.31 -20.53 72.57
C LYS W 381 -92.86 -19.97 71.23
N ASP W 382 -91.66 -20.37 70.80
CA ASP W 382 -91.11 -19.92 69.53
C ASP W 382 -90.33 -21.07 68.91
N ASP W 383 -90.59 -21.34 67.63
CA ASP W 383 -89.91 -22.42 66.92
C ASP W 383 -89.93 -22.14 65.43
N CYS W 384 -88.75 -22.17 64.81
CA CYS W 384 -88.62 -21.95 63.37
C CYS W 384 -87.91 -23.14 62.75
N VAL W 385 -88.18 -23.38 61.47
CA VAL W 385 -87.59 -24.49 60.72
C VAL W 385 -87.20 -23.98 59.34
N LYS W 386 -86.02 -24.37 58.88
CA LYS W 386 -85.52 -24.00 57.55
C LYS W 386 -85.09 -25.26 56.81
N ARG W 387 -85.33 -25.27 55.50
CA ARG W 387 -84.95 -26.39 54.64
C ARG W 387 -84.23 -25.86 53.41
N GLY W 388 -83.23 -26.60 52.95
CA GLY W 388 -82.47 -26.22 51.78
C GLY W 388 -82.04 -27.38 50.93
N GLU W 389 -82.06 -27.22 49.61
CA GLU W 389 -81.67 -28.28 48.70
C GLU W 389 -81.18 -27.67 47.40
N GLY W 390 -80.11 -28.25 46.85
CA GLY W 390 -79.55 -27.79 45.60
C GLY W 390 -79.11 -28.93 44.70
N ARG W 391 -79.36 -28.81 43.41
CA ARG W 391 -79.00 -29.84 42.44
C ARG W 391 -78.49 -29.20 41.16
N ALA W 392 -77.46 -29.80 40.57
CA ALA W 392 -76.88 -29.31 39.33
C ALA W 392 -76.45 -30.48 38.47
N VAL W 393 -76.61 -30.31 37.15
CA VAL W 393 -76.22 -31.33 36.18
C VAL W 393 -75.54 -30.62 35.01
N ASN W 394 -74.31 -31.01 34.71
CA ASN W 394 -73.49 -30.37 33.68
C ASN W 394 -72.70 -31.46 32.97
N ILE W 395 -73.13 -31.80 31.75
CA ILE W 395 -72.55 -32.91 31.00
C ILE W 395 -72.36 -32.49 29.56
N THR W 396 -71.11 -32.52 29.08
CA THR W 396 -70.77 -32.18 27.71
C THR W 396 -70.19 -33.41 27.01
N SER W 397 -70.57 -33.60 25.75
CA SER W 397 -70.09 -34.71 24.94
C SER W 397 -69.82 -34.24 23.52
N GLU W 398 -68.72 -34.72 22.94
CA GLU W 398 -68.32 -34.34 21.59
C GLU W 398 -67.70 -35.55 20.90
N ASN W 399 -68.00 -35.71 19.61
CA ASN W 399 -67.49 -36.81 18.81
C ASN W 399 -67.02 -36.29 17.46
N LEU W 400 -65.89 -36.81 16.99
CA LEU W 400 -65.32 -36.44 15.70
C LEU W 400 -64.90 -37.70 14.96
N ILE W 401 -65.07 -37.69 13.64
CA ILE W 401 -64.73 -38.83 12.80
C ILE W 401 -64.14 -38.30 11.49
N ASP W 402 -62.94 -38.78 11.14
CA ASP W 402 -62.28 -38.38 9.91
C ASP W 402 -61.70 -39.62 9.24
N ASP W 403 -61.85 -39.68 7.91
CA ASP W 403 -61.30 -40.77 7.11
C ASP W 403 -60.75 -40.21 5.81
N VAL W 404 -59.50 -40.58 5.50
CA VAL W 404 -58.83 -40.11 4.29
C VAL W 404 -58.26 -41.33 3.56
N VAL W 405 -58.47 -41.39 2.25
CA VAL W 405 -57.92 -42.45 1.41
C VAL W 405 -57.45 -41.84 0.09
N SER W 406 -56.41 -42.44 -0.48
CA SER W 406 -55.84 -41.96 -1.74
C SER W 406 -55.02 -43.08 -2.37
N LEU W 407 -54.86 -43.00 -3.69
CA LEU W 407 -54.11 -44.01 -4.42
C LEU W 407 -53.60 -43.41 -5.72
N ILE W 408 -52.57 -44.05 -6.28
CA ILE W 408 -51.96 -43.61 -7.53
C ILE W 408 -51.26 -44.82 -8.14
N ARG W 409 -51.08 -44.79 -9.46
CA ARG W 409 -50.43 -45.88 -10.17
C ARG W 409 -50.00 -45.40 -11.54
N GLY W 410 -48.98 -46.07 -12.09
CA GLY W 410 -48.51 -45.81 -13.44
C GLY W 410 -47.23 -44.99 -13.45
N GLY W 411 -46.54 -45.06 -14.59
CA GLY W 411 -45.33 -44.29 -14.79
C GLY W 411 -44.12 -44.87 -14.07
N THR W 412 -42.99 -44.18 -14.22
CA THR W 412 -41.80 -44.56 -13.49
C THR W 412 -41.98 -44.26 -12.00
N ARG W 413 -41.18 -44.94 -11.17
CA ARG W 413 -41.35 -44.81 -9.73
C ARG W 413 -40.87 -43.45 -9.22
N LYS W 414 -39.92 -42.83 -9.92
CA LYS W 414 -39.41 -41.53 -9.50
C LYS W 414 -40.47 -40.43 -9.66
N TYR W 415 -40.96 -40.25 -10.88
CA TYR W 415 -41.87 -39.14 -11.15
C TYR W 415 -43.26 -39.38 -10.57
N ALA W 416 -43.65 -40.65 -10.40
CA ALA W 416 -45.00 -40.94 -9.89
C ALA W 416 -45.16 -40.49 -8.45
N PHE W 417 -44.27 -40.94 -7.56
CA PHE W 417 -44.39 -40.62 -6.15
C PHE W 417 -43.93 -39.21 -5.83
N GLU W 418 -43.19 -38.56 -6.74
CA GLU W 418 -42.93 -37.13 -6.58
C GLU W 418 -44.21 -36.32 -6.72
N LEU W 419 -45.15 -36.79 -7.54
CA LEU W 419 -46.47 -36.18 -7.61
C LEU W 419 -47.29 -36.52 -6.37
N LYS W 420 -47.11 -37.73 -5.84
CA LYS W 420 -47.90 -38.17 -4.70
C LYS W 420 -47.56 -37.35 -3.44
N GLU W 421 -46.28 -37.08 -3.21
CA GLU W 421 -45.88 -36.36 -2.02
C GLU W 421 -46.38 -34.92 -2.04
N LYS W 422 -46.37 -34.28 -3.20
CA LYS W 422 -46.81 -32.90 -3.30
C LYS W 422 -48.33 -32.77 -3.40
N LEU W 423 -49.02 -33.84 -3.82
CA LEU W 423 -50.47 -33.79 -3.87
C LEU W 423 -51.09 -33.92 -2.49
N LEU W 424 -50.53 -34.78 -1.65
CA LEU W 424 -51.08 -35.03 -0.32
C LEU W 424 -50.73 -33.85 0.58
N ARG W 425 -51.72 -33.00 0.83
CA ARG W 425 -51.60 -31.85 1.74
C ARG W 425 -50.51 -30.87 1.32
N GLY W 426 -50.10 -30.89 0.06
CA GLY W 426 -49.08 -29.98 -0.42
C GLY W 426 -49.64 -28.59 -0.68
N THR W 427 -50.82 -28.53 -1.27
CA THR W 427 -51.58 -27.31 -1.60
C THR W 427 -50.88 -26.42 -2.63
N VAL W 428 -49.71 -26.82 -3.13
CA VAL W 428 -48.98 -26.06 -4.13
C VAL W 428 -48.56 -27.05 -5.21
N ILE W 429 -49.31 -27.09 -6.31
CA ILE W 429 -48.99 -27.97 -7.44
C ILE W 429 -48.06 -27.24 -8.39
N ASP W 430 -47.07 -27.97 -8.91
CA ASP W 430 -46.09 -27.41 -9.81
C ASP W 430 -46.56 -27.55 -11.26
N VAL W 431 -45.89 -26.81 -12.15
CA VAL W 431 -46.17 -26.93 -13.57
C VAL W 431 -45.30 -28.00 -14.23
N THR W 432 -44.07 -28.19 -13.76
CA THR W 432 -43.17 -29.14 -14.40
C THR W 432 -43.41 -30.57 -13.93
N ASP W 433 -43.92 -30.76 -12.71
CA ASP W 433 -44.12 -32.11 -12.20
C ASP W 433 -45.20 -32.84 -12.98
N PHE W 434 -46.22 -32.13 -13.47
CA PHE W 434 -47.25 -32.79 -14.26
C PHE W 434 -46.71 -33.21 -15.62
N VAL W 435 -45.83 -32.41 -16.22
CA VAL W 435 -45.20 -32.80 -17.48
C VAL W 435 -44.28 -33.99 -17.26
N ASN W 436 -43.56 -34.01 -16.12
CA ASN W 436 -42.73 -35.16 -15.79
C ASN W 436 -43.58 -36.42 -15.61
N TRP W 437 -44.74 -36.28 -14.95
CA TRP W 437 -45.65 -37.40 -14.80
C TRP W 437 -46.17 -37.88 -16.15
N ALA W 438 -46.46 -36.95 -17.06
CA ALA W 438 -46.92 -37.31 -18.39
C ALA W 438 -45.86 -38.10 -19.14
N SER W 439 -44.62 -37.62 -19.12
CA SER W 439 -43.53 -38.35 -19.78
C SER W 439 -43.31 -39.71 -19.13
N SER W 440 -43.41 -39.77 -17.80
CA SER W 440 -43.22 -41.04 -17.09
C SER W 440 -44.29 -42.05 -17.45
N ILE W 441 -45.55 -41.61 -17.54
CA ILE W 441 -46.62 -42.55 -17.88
C ILE W 441 -46.58 -42.89 -19.36
N ASN W 442 -46.02 -42.00 -20.20
CA ASN W 442 -45.75 -42.37 -21.58
C ASN W 442 -44.70 -43.46 -21.65
N ASP W 443 -43.70 -43.40 -20.75
CA ASP W 443 -42.70 -44.45 -20.68
C ASP W 443 -43.31 -45.76 -20.20
N ALA W 444 -44.16 -45.71 -19.17
CA ALA W 444 -44.77 -46.90 -18.59
C ALA W 444 -46.23 -46.63 -18.25
N PRO W 445 -47.17 -47.03 -19.12
CA PRO W 445 -48.58 -46.85 -18.80
C PRO W 445 -49.17 -48.04 -18.03
N VAL W 446 -50.47 -47.98 -17.75
CA VAL W 446 -51.16 -49.06 -17.06
C VAL W 446 -52.63 -49.02 -17.47
N LEU W 447 -53.34 -50.12 -17.22
CA LEU W 447 -54.73 -50.23 -17.64
C LEU W 447 -55.62 -49.25 -16.88
N ILE W 448 -56.63 -48.74 -17.58
CA ILE W 448 -57.64 -47.86 -16.98
C ILE W 448 -59.01 -48.48 -17.16
N SER W 449 -59.43 -48.64 -18.42
CA SER W 449 -60.70 -49.24 -18.78
C SER W 449 -60.44 -50.52 -19.55
N GLN W 450 -61.21 -51.57 -19.25
CA GLN W 450 -60.95 -52.89 -19.81
C GLN W 450 -62.27 -53.50 -20.26
N LYS W 451 -62.42 -53.71 -21.56
CA LYS W 451 -63.56 -54.45 -22.09
C LYS W 451 -63.28 -55.93 -21.99
N LEU W 452 -64.28 -56.69 -21.55
CA LEU W 452 -64.08 -58.07 -21.12
C LEU W 452 -64.63 -59.04 -22.16
N SER W 453 -64.06 -60.25 -22.17
CA SER W 453 -64.46 -61.30 -23.10
C SER W 453 -64.10 -62.65 -22.50
N PRO W 454 -64.97 -63.65 -22.59
CA PRO W 454 -64.68 -64.94 -21.96
C PRO W 454 -63.56 -65.68 -22.68
N ILE W 455 -62.87 -66.54 -21.92
CA ILE W 455 -61.73 -67.27 -22.46
C ILE W 455 -62.18 -68.37 -23.40
N TYR W 456 -63.27 -69.07 -23.06
CA TYR W 456 -63.68 -70.20 -23.89
C TYR W 456 -64.06 -69.80 -25.31
N ASN W 457 -64.21 -68.50 -25.58
CA ASN W 457 -64.36 -68.03 -26.94
C ASN W 457 -63.02 -67.86 -27.66
N LEU W 458 -61.91 -67.93 -26.92
CA LEU W 458 -60.58 -67.75 -27.47
C LEU W 458 -59.92 -69.06 -27.88
N VAL W 459 -60.51 -70.20 -27.51
CA VAL W 459 -59.93 -71.50 -27.85
C VAL W 459 -59.87 -71.65 -29.37
N PRO W 460 -58.79 -72.19 -29.94
CA PRO W 460 -58.73 -72.34 -31.40
C PRO W 460 -59.75 -73.36 -31.90
N VAL W 461 -60.35 -73.05 -33.05
CA VAL W 461 -61.37 -73.90 -33.67
C VAL W 461 -60.68 -75.06 -34.38
N LYS W 462 -61.48 -76.05 -34.79
CA LYS W 462 -61.03 -77.23 -35.55
C LYS W 462 -59.77 -77.86 -34.94
N MET W 463 -59.75 -77.90 -33.60
CA MET W 463 -58.66 -78.55 -32.88
C MET W 463 -59.04 -80.02 -32.64
N LYS W 464 -58.31 -80.69 -31.75
CA LYS W 464 -58.61 -82.09 -31.44
C LYS W 464 -60.03 -82.24 -30.94
N ASN W 465 -60.35 -81.60 -29.81
CA ASN W 465 -61.68 -81.64 -29.21
C ASN W 465 -62.10 -80.25 -28.80
N ALA W 466 -61.99 -79.30 -29.73
CA ALA W 466 -62.18 -77.90 -29.42
C ALA W 466 -63.57 -77.61 -28.87
N HIS W 467 -64.61 -78.11 -29.55
CA HIS W 467 -65.98 -77.77 -29.14
C HIS W 467 -66.31 -78.29 -27.75
N LEU W 468 -66.04 -79.58 -27.51
CA LEU W 468 -66.34 -80.14 -26.19
C LEU W 468 -65.50 -79.48 -25.11
N LYS W 469 -64.23 -79.18 -25.42
CA LYS W 469 -63.41 -78.42 -24.48
C LYS W 469 -63.94 -77.00 -24.28
N LYS W 470 -64.54 -76.42 -25.32
CA LYS W 470 -65.10 -75.08 -25.20
C LYS W 470 -66.23 -75.04 -24.17
N GLN W 471 -67.24 -75.90 -24.36
CA GLN W 471 -68.34 -75.97 -23.40
C GLN W 471 -67.86 -76.45 -22.04
N ASN W 472 -66.82 -77.28 -22.01
CA ASN W 472 -66.28 -77.75 -20.74
C ASN W 472 -65.66 -76.60 -19.95
N LEU W 473 -64.84 -75.77 -20.62
CA LEU W 473 -64.28 -74.60 -19.96
C LEU W 473 -65.35 -73.57 -19.63
N GLU W 474 -66.43 -73.52 -20.41
CA GLU W 474 -67.55 -72.65 -20.07
C GLU W 474 -68.21 -73.09 -18.77
N ARG W 475 -68.49 -74.38 -18.64
CA ARG W 475 -69.01 -74.89 -17.37
C ARG W 475 -68.02 -74.67 -16.24
N ALA W 476 -66.72 -74.78 -16.53
CA ALA W 476 -65.70 -74.58 -15.51
C ALA W 476 -65.67 -73.14 -15.01
N ILE W 477 -65.72 -72.17 -15.93
CA ILE W 477 -65.72 -70.77 -15.52
C ILE W 477 -67.02 -70.41 -14.82
N GLU W 478 -68.14 -71.03 -15.22
CA GLU W 478 -69.40 -70.79 -14.51
C GLU W 478 -69.33 -71.32 -13.08
N ASP W 479 -68.82 -72.53 -12.90
CA ASP W 479 -68.66 -73.10 -11.57
C ASP W 479 -67.66 -72.31 -10.75
N TYR W 480 -66.65 -71.72 -11.40
CA TYR W 480 -65.69 -70.89 -10.69
C TYR W 480 -66.33 -69.60 -10.19
N ILE W 481 -67.08 -68.91 -11.07
CA ILE W 481 -67.67 -67.63 -10.70
C ILE W 481 -68.84 -67.81 -9.75
N ASN W 482 -69.49 -68.97 -9.72
CA ASN W 482 -70.61 -69.21 -8.82
C ASN W 482 -70.26 -70.11 -7.64
N GLU W 483 -69.01 -70.56 -7.53
CA GLU W 483 -68.64 -71.51 -6.49
C GLU W 483 -68.33 -70.79 -5.17
N PHE W 484 -67.30 -69.95 -5.17
CA PHE W 484 -66.86 -69.28 -3.96
C PHE W 484 -66.82 -67.77 -4.20
N SER W 485 -67.46 -67.03 -3.30
CA SER W 485 -67.55 -65.57 -3.38
C SER W 485 -68.14 -65.08 -2.06
N VAL W 486 -68.41 -63.78 -1.98
CA VAL W 486 -69.08 -63.22 -0.81
C VAL W 486 -70.48 -63.79 -0.68
N ARG W 487 -71.08 -64.23 -1.80
CA ARG W 487 -72.44 -64.77 -1.76
C ARG W 487 -72.51 -66.02 -0.88
N LYS W 488 -71.49 -66.85 -0.92
CA LYS W 488 -71.50 -68.10 -0.17
C LYS W 488 -70.97 -67.95 1.25
N CYS W 489 -70.23 -66.88 1.54
CA CYS W 489 -69.69 -66.65 2.87
C CYS W 489 -70.80 -66.14 3.79
N HIS W 490 -70.44 -65.77 5.02
CA HIS W 490 -71.40 -65.31 6.01
C HIS W 490 -71.47 -63.79 6.01
N THR W 491 -72.62 -63.26 6.40
CA THR W 491 -72.86 -61.82 6.41
C THR W 491 -72.32 -61.20 7.69
N CYS W 492 -71.68 -60.03 7.56
CA CYS W 492 -71.11 -59.34 8.69
C CYS W 492 -72.22 -58.57 9.42
N GLN W 493 -71.84 -57.78 10.42
CA GLN W 493 -72.78 -57.03 11.24
C GLN W 493 -72.70 -55.54 10.92
N ASN W 494 -73.81 -54.84 11.22
CA ASN W 494 -73.91 -53.39 11.03
C ASN W 494 -73.67 -53.00 9.56
N GLY W 495 -74.14 -53.83 8.64
CA GLY W 495 -74.00 -53.54 7.22
C GLY W 495 -72.57 -53.47 6.74
N GLY W 496 -71.65 -54.16 7.41
CA GLY W 496 -70.25 -54.12 7.02
C GLY W 496 -70.04 -54.82 5.70
N THR W 497 -69.46 -54.12 4.73
CA THR W 497 -69.20 -54.72 3.42
C THR W 497 -68.20 -55.86 3.56
N VAL W 498 -68.62 -57.06 3.16
CA VAL W 498 -67.81 -58.26 3.30
C VAL W 498 -66.94 -58.42 2.07
N ILE W 499 -65.65 -58.69 2.28
CA ILE W 499 -64.70 -58.92 1.20
C ILE W 499 -64.13 -60.33 1.37
N LEU W 500 -63.36 -60.75 0.35
CA LEU W 500 -62.74 -62.07 0.35
C LEU W 500 -61.33 -61.92 -0.21
N MET W 501 -60.32 -62.06 0.65
CA MET W 501 -58.92 -61.92 0.26
C MET W 501 -58.21 -63.23 0.59
N ASP W 502 -58.25 -64.18 -0.35
CA ASP W 502 -57.55 -65.46 -0.26
C ASP W 502 -57.93 -66.20 1.02
N GLY W 503 -59.21 -66.54 1.12
CA GLY W 503 -59.74 -67.30 2.23
C GLY W 503 -60.26 -66.47 3.38
N LYS W 504 -59.53 -65.43 3.76
CA LYS W 504 -59.95 -64.56 4.86
C LYS W 504 -61.19 -63.78 4.44
N CYS W 505 -62.34 -64.17 5.00
CA CYS W 505 -63.62 -63.53 4.66
C CYS W 505 -63.93 -62.41 5.66
N LEU W 506 -63.06 -61.40 5.64
CA LEU W 506 -63.23 -60.26 6.53
C LEU W 506 -64.30 -59.31 5.98
N CYS W 507 -64.81 -58.46 6.87
CA CYS W 507 -65.83 -57.49 6.52
C CYS W 507 -65.36 -56.10 6.90
N ALA W 508 -65.42 -55.16 5.95
CA ALA W 508 -65.04 -53.79 6.22
C ALA W 508 -66.12 -53.11 7.06
N CYS W 509 -65.77 -52.72 8.28
CA CYS W 509 -66.72 -52.13 9.21
C CYS W 509 -66.77 -50.61 9.00
N PRO W 510 -67.93 -49.99 9.24
CA PRO W 510 -68.05 -48.55 9.02
C PRO W 510 -67.11 -47.74 9.89
N PHE W 511 -67.07 -46.43 9.61
CA PHE W 511 -66.14 -45.53 10.28
C PHE W 511 -66.44 -45.43 11.77
N LYS W 512 -67.70 -45.18 12.11
CA LYS W 512 -68.10 -44.97 13.50
C LYS W 512 -68.04 -46.25 14.34
N PHE W 513 -67.71 -47.38 13.74
CA PHE W 513 -67.71 -48.66 14.44
C PHE W 513 -66.28 -49.19 14.54
N GLU W 514 -66.10 -50.20 15.39
CA GLU W 514 -64.78 -50.76 15.65
C GLU W 514 -64.49 -51.86 14.62
N GLY W 515 -63.47 -52.66 14.88
CA GLY W 515 -62.90 -53.56 13.89
C GLY W 515 -63.63 -54.86 13.64
N ILE W 516 -62.86 -55.96 13.70
CA ILE W 516 -63.33 -57.26 13.21
C ILE W 516 -64.68 -57.64 13.83
N ALA W 517 -65.51 -58.29 13.02
CA ALA W 517 -66.79 -58.89 13.43
C ALA W 517 -67.85 -57.85 13.78
N CYS W 518 -67.45 -56.57 13.81
CA CYS W 518 -68.37 -55.47 14.10
C CYS W 518 -69.25 -55.77 15.32
N GLU W 519 -68.63 -56.25 16.39
CA GLU W 519 -69.36 -56.61 17.60
C GLU W 519 -69.39 -55.46 18.61
N ILE W 520 -68.22 -54.99 19.03
CA ILE W 520 -68.13 -53.91 20.00
C ILE W 520 -68.42 -52.58 19.30
N SER W 521 -69.24 -51.75 19.95
CA SER W 521 -69.73 -50.53 19.32
C SER W 521 -68.64 -49.48 19.19
N LYS W 522 -67.92 -49.25 20.29
CA LYS W 522 -66.81 -48.25 20.30
C LYS W 522 -67.38 -46.90 20.74
N GLN W 523 -68.71 -46.79 20.73
CA GLN W 523 -69.43 -45.60 21.23
C GLN W 523 -70.25 -46.11 22.41
N LYS W 524 -69.77 -45.85 23.62
CA LYS W 524 -70.47 -46.31 24.85
C LYS W 524 -71.04 -45.05 25.51
N ILE W 525 -72.33 -45.04 25.85
CA ILE W 525 -72.88 -43.81 26.45
C ILE W 525 -72.12 -43.56 27.75
N SER W 526 -71.53 -42.36 27.87
CA SER W 526 -70.81 -41.94 29.10
C SER W 526 -71.55 -42.45 30.35
N GLU W 527 -70.80 -42.90 31.35
CA GLU W 527 -71.37 -43.39 32.60
C GLU W 527 -71.20 -42.34 33.69
N GLY W 528 -72.26 -42.11 34.46
CA GLY W 528 -72.21 -41.14 35.53
C GLY W 528 -72.70 -41.69 36.86
N LEU W 529 -71.91 -41.50 37.91
CA LEU W 529 -72.25 -41.99 39.24
C LEU W 529 -72.21 -40.85 40.24
N PRO W 530 -73.35 -40.34 40.70
CA PRO W 530 -73.34 -39.25 41.68
C PRO W 530 -73.25 -39.74 43.12
N ALA W 531 -72.89 -41.01 43.29
CA ALA W 531 -72.84 -41.61 44.62
C ALA W 531 -71.78 -40.95 45.48
N LEU W 532 -71.98 -41.00 46.79
CA LEU W 532 -71.04 -40.40 47.73
C LEU W 532 -69.73 -41.20 47.73
N GLU W 533 -68.59 -40.52 47.80
CA GLU W 533 -67.31 -41.24 47.81
C GLU W 533 -67.16 -42.10 49.06
N PHE W 534 -66.71 -43.33 48.86
CA PHE W 534 -66.54 -44.26 49.99
C PHE W 534 -65.41 -43.80 50.90
N PRO W 535 -64.28 -43.42 50.33
CA PRO W 535 -63.13 -42.98 51.11
C PRO W 535 -62.24 -42.05 50.30
N SER X 18 -47.15 -67.58 37.91
CA SER X 18 -47.20 -69.04 37.98
C SER X 18 -46.10 -69.67 37.14
N HIS X 19 -45.27 -70.49 37.78
CA HIS X 19 -44.16 -71.16 37.11
C HIS X 19 -44.70 -72.42 36.41
N ILE X 20 -45.34 -72.19 35.26
CA ILE X 20 -45.92 -73.29 34.48
C ILE X 20 -44.80 -74.00 33.73
N ASP X 21 -44.68 -75.30 33.97
CA ASP X 21 -43.68 -76.12 33.29
C ASP X 21 -44.23 -76.62 31.94
N CYS X 22 -43.34 -77.21 31.15
CA CYS X 22 -43.69 -77.70 29.82
C CYS X 22 -43.85 -79.21 29.86
N ARG X 23 -45.10 -79.68 29.80
CA ARG X 23 -45.39 -81.11 29.64
C ARG X 23 -45.26 -81.45 28.17
N MET X 24 -44.01 -81.67 27.75
CA MET X 24 -43.66 -81.77 26.33
C MET X 24 -42.78 -82.99 26.08
N SER X 25 -43.19 -84.14 26.61
CA SER X 25 -42.49 -85.40 26.33
C SER X 25 -43.47 -86.57 26.23
N PRO X 26 -44.43 -86.52 25.27
CA PRO X 26 -45.19 -87.73 24.92
C PRO X 26 -44.42 -88.55 23.89
N TRP X 27 -43.92 -89.70 24.32
CA TRP X 27 -43.13 -90.55 23.44
C TRP X 27 -43.99 -91.60 22.77
N SER X 28 -43.58 -91.98 21.56
CA SER X 28 -44.29 -92.95 20.73
C SER X 28 -43.43 -94.19 20.52
N GLU X 29 -44.00 -95.15 19.79
CA GLU X 29 -43.34 -96.42 19.52
C GLU X 29 -42.48 -96.33 18.26
N TRP X 30 -41.39 -97.10 18.25
CA TRP X 30 -40.52 -97.16 17.09
C TRP X 30 -41.25 -97.75 15.90
N SER X 31 -41.21 -97.04 14.77
CA SER X 31 -41.85 -97.52 13.55
C SER X 31 -40.86 -98.38 12.75
N GLN X 32 -41.28 -98.80 11.56
CA GLN X 32 -40.44 -99.63 10.72
C GLN X 32 -39.31 -98.81 10.10
N CYS X 33 -38.14 -99.43 9.97
CA CYS X 33 -37.00 -98.75 9.38
C CYS X 33 -37.22 -98.54 7.88
N ASP X 34 -36.73 -97.39 7.39
CA ASP X 34 -36.79 -97.09 5.97
C ASP X 34 -35.51 -97.61 5.31
N PRO X 35 -35.59 -98.60 4.42
CA PRO X 35 -34.36 -99.17 3.86
C PRO X 35 -33.63 -98.21 2.93
N CYS X 36 -34.34 -97.49 2.08
CA CYS X 36 -33.69 -96.61 1.12
C CYS X 36 -33.12 -95.37 1.79
N LEU X 37 -33.89 -94.77 2.71
CA LEU X 37 -33.43 -93.56 3.40
C LEU X 37 -32.48 -93.89 4.55
N ARG X 38 -32.59 -95.09 5.13
CA ARG X 38 -31.75 -95.52 6.24
C ARG X 38 -31.91 -94.60 7.45
N GLN X 39 -33.15 -94.56 7.96
CA GLN X 39 -33.49 -93.70 9.09
C GLN X 39 -34.66 -94.32 9.84
N MET X 40 -34.74 -94.03 11.13
CA MET X 40 -35.85 -94.46 11.98
C MET X 40 -36.69 -93.25 12.38
N PHE X 41 -37.85 -93.54 12.96
CA PHE X 41 -38.90 -92.55 13.19
C PHE X 41 -39.43 -92.63 14.62
N ARG X 42 -38.54 -92.55 15.60
CA ARG X 42 -38.99 -92.29 16.96
C ARG X 42 -39.73 -90.97 16.99
N SER X 43 -41.02 -91.01 17.33
CA SER X 43 -41.91 -89.87 17.19
C SER X 43 -42.08 -89.15 18.53
N ARG X 44 -42.71 -87.99 18.45
CA ARG X 44 -42.94 -87.14 19.62
C ARG X 44 -44.02 -86.13 19.26
N SER X 45 -44.39 -85.29 20.24
CA SER X 45 -45.42 -84.29 20.02
C SER X 45 -45.25 -83.19 21.06
N ILE X 46 -45.73 -82.00 20.72
CA ILE X 46 -45.70 -80.84 21.62
C ILE X 46 -47.08 -80.65 22.21
N GLU X 47 -47.14 -80.40 23.52
CA GLU X 47 -48.41 -80.25 24.23
C GLU X 47 -48.54 -78.91 24.93
N VAL X 48 -47.55 -78.49 25.70
CA VAL X 48 -47.64 -77.31 26.55
C VAL X 48 -46.43 -76.43 26.31
N PHE X 49 -46.66 -75.14 26.09
CA PHE X 49 -45.59 -74.17 25.91
C PHE X 49 -45.14 -73.55 27.23
N GLY X 50 -46.07 -72.92 27.95
CA GLY X 50 -45.73 -72.13 29.12
C GLY X 50 -46.03 -70.67 28.89
N GLN X 51 -47.14 -70.18 29.45
CA GLN X 51 -47.63 -68.84 29.16
C GLN X 51 -46.89 -67.75 29.94
N PHE X 52 -46.21 -68.10 31.02
CA PHE X 52 -45.64 -67.12 31.93
C PHE X 52 -44.11 -67.18 31.89
N ASN X 53 -43.48 -66.43 32.80
CA ASN X 53 -42.03 -66.30 32.86
C ASN X 53 -41.32 -67.58 33.26
N GLY X 54 -42.04 -68.70 33.40
CA GLY X 54 -41.43 -69.96 33.80
C GLY X 54 -40.49 -70.55 32.77
N LYS X 55 -40.22 -71.84 32.90
CA LYS X 55 -39.25 -72.53 32.06
C LYS X 55 -39.62 -72.48 30.57
N ARG X 56 -38.81 -71.78 29.78
CA ARG X 56 -38.99 -71.78 28.34
C ARG X 56 -38.55 -73.13 27.76
N CYS X 57 -39.33 -73.65 26.83
CA CYS X 57 -39.08 -74.97 26.26
C CYS X 57 -39.24 -74.90 24.75
N THR X 58 -38.12 -74.88 24.03
CA THR X 58 -38.09 -74.87 22.58
C THR X 58 -37.76 -76.24 21.99
N ASP X 59 -38.02 -77.31 22.74
CA ASP X 59 -37.66 -78.65 22.30
C ASP X 59 -38.39 -79.00 21.01
N ALA X 60 -37.62 -79.20 19.93
CA ALA X 60 -38.19 -79.53 18.64
C ALA X 60 -38.70 -80.97 18.63
N VAL X 61 -39.76 -81.19 17.85
CA VAL X 61 -40.37 -82.51 17.72
C VAL X 61 -39.65 -83.27 16.61
N GLY X 62 -39.30 -84.53 16.89
CA GLY X 62 -38.65 -85.38 15.90
C GLY X 62 -37.37 -86.00 16.43
N ASP X 63 -37.06 -87.19 15.91
CA ASP X 63 -35.87 -87.92 16.31
C ASP X 63 -35.49 -88.86 15.19
N ARG X 64 -34.19 -89.00 14.93
CA ARG X 64 -33.67 -89.85 13.88
C ARG X 64 -32.68 -90.86 14.46
N ARG X 65 -32.47 -91.93 13.71
CA ARG X 65 -31.59 -93.01 14.13
C ARG X 65 -31.19 -93.84 12.92
N GLN X 66 -29.91 -94.20 12.86
CA GLN X 66 -29.45 -95.10 11.81
C GLN X 66 -29.97 -96.51 12.05
N CYS X 67 -30.31 -97.19 10.96
CA CYS X 67 -30.87 -98.53 11.03
C CYS X 67 -30.34 -99.37 9.88
N VAL X 68 -30.06 -100.64 10.16
CA VAL X 68 -29.59 -101.57 9.15
C VAL X 68 -30.75 -101.90 8.21
N PRO X 69 -30.62 -101.61 6.91
CA PRO X 69 -31.74 -101.87 6.00
C PRO X 69 -31.93 -103.37 5.76
N THR X 70 -33.19 -103.78 5.71
CA THR X 70 -33.55 -105.17 5.48
C THR X 70 -34.16 -105.42 4.10
N GLU X 71 -34.79 -104.40 3.49
CA GLU X 71 -35.36 -104.53 2.16
C GLU X 71 -34.31 -104.20 1.11
N PRO X 72 -34.41 -104.81 -0.08
CA PRO X 72 -33.38 -104.58 -1.11
C PRO X 72 -33.38 -103.18 -1.69
N CYS X 73 -34.45 -102.39 -1.47
CA CYS X 73 -34.57 -101.04 -2.02
C CYS X 73 -34.45 -101.06 -3.54
N GLU X 74 -35.41 -101.74 -4.17
CA GLU X 74 -35.43 -101.85 -5.62
C GLU X 74 -36.00 -100.60 -6.30
N ASP X 75 -36.75 -99.79 -5.57
CA ASP X 75 -37.33 -98.58 -6.15
C ASP X 75 -36.24 -97.55 -6.42
N ALA X 76 -36.22 -97.01 -7.63
CA ALA X 76 -35.24 -96.00 -8.01
C ALA X 76 -35.82 -95.11 -9.08
N GLU X 77 -35.28 -93.91 -9.18
CA GLU X 77 -35.74 -92.92 -10.15
C GLU X 77 -34.89 -93.01 -11.41
N ASP X 78 -35.49 -93.43 -12.52
CA ASP X 78 -34.78 -93.51 -13.79
C ASP X 78 -34.52 -92.11 -14.33
N ASP X 79 -33.63 -92.04 -15.33
CA ASP X 79 -33.28 -90.76 -15.93
C ASP X 79 -34.30 -90.37 -17.01
N CYS X 80 -35.58 -90.39 -16.63
CA CYS X 80 -36.71 -89.87 -17.42
C CYS X 80 -36.87 -90.55 -18.77
N GLY X 81 -35.99 -91.50 -19.09
CA GLY X 81 -36.11 -92.32 -20.28
C GLY X 81 -36.39 -91.61 -21.59
N ASN X 82 -36.11 -90.30 -21.65
CA ASN X 82 -36.50 -89.48 -22.79
C ASN X 82 -35.30 -88.96 -23.58
N ASP X 83 -34.40 -88.23 -22.94
CA ASP X 83 -33.34 -87.54 -23.67
C ASP X 83 -32.12 -87.44 -22.77
N PHE X 84 -31.19 -86.57 -23.14
CA PHE X 84 -29.93 -86.39 -22.41
C PHE X 84 -30.19 -86.02 -20.95
N GLN X 85 -29.65 -86.82 -20.04
CA GLN X 85 -29.77 -86.56 -18.62
C GLN X 85 -28.79 -85.47 -18.19
N CYS X 86 -29.24 -84.60 -17.29
CA CYS X 86 -28.37 -83.58 -16.72
C CYS X 86 -27.51 -84.18 -15.61
N SER X 87 -26.57 -83.37 -15.11
CA SER X 87 -25.69 -83.81 -14.04
C SER X 87 -26.37 -83.82 -12.67
N THR X 88 -27.62 -83.39 -12.57
CA THR X 88 -28.32 -83.36 -11.30
C THR X 88 -29.60 -84.18 -11.25
N GLY X 89 -30.18 -84.52 -12.40
CA GLY X 89 -31.37 -85.34 -12.41
C GLY X 89 -32.48 -84.85 -13.32
N ARG X 90 -32.37 -83.62 -13.83
CA ARG X 90 -33.37 -83.08 -14.73
C ARG X 90 -33.07 -83.51 -16.16
N CYS X 91 -33.97 -83.17 -17.08
CA CYS X 91 -33.88 -83.65 -18.45
C CYS X 91 -34.23 -82.52 -19.43
N ILE X 92 -33.62 -82.60 -20.62
CA ILE X 92 -34.01 -81.75 -21.73
C ILE X 92 -35.37 -82.19 -22.28
N LYS X 93 -36.27 -81.23 -22.50
CA LYS X 93 -37.56 -81.56 -23.10
C LYS X 93 -37.45 -81.66 -24.62
N MET X 94 -37.17 -80.53 -25.27
CA MET X 94 -36.96 -80.55 -26.72
C MET X 94 -35.78 -79.72 -27.20
N ARG X 95 -35.38 -78.64 -26.51
CA ARG X 95 -34.38 -77.73 -27.05
C ARG X 95 -33.42 -77.23 -25.99
N LEU X 96 -33.19 -78.02 -24.94
CA LEU X 96 -32.28 -77.65 -23.87
C LEU X 96 -30.81 -77.96 -24.21
N ARG X 97 -30.49 -78.13 -25.49
CA ARG X 97 -29.12 -78.39 -25.91
C ARG X 97 -28.33 -77.10 -25.89
N CYS X 98 -27.15 -77.11 -26.53
CA CYS X 98 -26.22 -75.98 -26.49
C CYS X 98 -26.79 -74.84 -27.33
N ASN X 99 -27.74 -74.12 -26.74
CA ASN X 99 -28.38 -72.98 -27.38
C ASN X 99 -28.46 -71.79 -26.42
N GLY X 100 -27.46 -71.65 -25.56
CA GLY X 100 -27.45 -70.56 -24.59
C GLY X 100 -28.55 -70.64 -23.57
N ASP X 101 -28.95 -71.85 -23.18
CA ASP X 101 -30.05 -72.07 -22.24
C ASP X 101 -29.46 -72.66 -20.96
N ASN X 102 -29.20 -71.78 -19.98
CA ASN X 102 -28.61 -72.19 -18.71
C ASN X 102 -29.69 -72.81 -17.83
N ASP X 103 -29.59 -74.11 -17.57
CA ASP X 103 -30.51 -74.81 -16.68
C ASP X 103 -29.81 -75.41 -15.48
N CYS X 104 -28.76 -76.20 -15.69
CA CYS X 104 -28.14 -76.95 -14.61
C CYS X 104 -27.02 -76.15 -13.92
N GLY X 105 -26.00 -75.78 -14.68
CA GLY X 105 -24.88 -75.02 -14.13
C GLY X 105 -24.38 -73.96 -15.09
N ASP X 106 -23.28 -73.30 -14.71
CA ASP X 106 -22.69 -72.30 -15.60
C ASP X 106 -22.26 -72.93 -16.92
N PHE X 107 -21.43 -73.98 -16.85
CA PHE X 107 -21.03 -74.74 -18.03
C PHE X 107 -21.43 -76.20 -17.94
N SER X 108 -22.32 -76.56 -17.01
CA SER X 108 -22.75 -77.95 -16.89
C SER X 108 -23.57 -78.37 -18.09
N ASP X 109 -24.62 -77.62 -18.42
CA ASP X 109 -25.39 -77.90 -19.63
C ASP X 109 -24.58 -77.58 -20.88
N GLU X 110 -23.66 -76.61 -20.79
CA GLU X 110 -22.78 -76.24 -21.89
C GLU X 110 -21.46 -77.01 -21.84
N ASP X 111 -21.47 -78.22 -21.30
CA ASP X 111 -20.26 -79.01 -21.15
C ASP X 111 -19.51 -79.17 -22.47
N ASP X 112 -20.19 -79.70 -23.48
CA ASP X 112 -19.58 -79.93 -24.78
C ASP X 112 -20.54 -79.48 -25.87
N CYS X 113 -20.04 -78.70 -26.82
CA CYS X 113 -20.85 -78.17 -27.92
C CYS X 113 -20.15 -78.47 -29.24
N GLU X 114 -20.64 -79.48 -29.96
CA GLU X 114 -20.06 -79.79 -31.26
C GLU X 114 -20.56 -78.83 -32.34
N SER X 115 -21.84 -78.46 -32.27
CA SER X 115 -22.39 -77.50 -33.22
C SER X 115 -22.00 -76.08 -32.83
N GLU X 116 -22.32 -75.14 -33.70
CA GLU X 116 -22.02 -73.74 -33.45
C GLU X 116 -22.86 -73.21 -32.29
N PRO X 117 -22.31 -72.30 -31.48
CA PRO X 117 -23.09 -71.73 -30.37
C PRO X 117 -24.18 -70.79 -30.85
N ARG X 118 -25.24 -71.35 -31.41
CA ARG X 118 -26.34 -70.56 -31.94
C ARG X 118 -27.03 -69.80 -30.81
N PRO X 119 -27.08 -68.46 -30.87
CA PRO X 119 -27.77 -67.72 -29.82
C PRO X 119 -29.27 -67.88 -29.94
N PRO X 120 -29.99 -67.94 -28.81
CA PRO X 120 -31.45 -68.10 -28.90
C PRO X 120 -32.17 -66.84 -29.32
N CYS X 121 -31.61 -65.67 -29.04
CA CYS X 121 -32.25 -64.40 -29.38
C CYS X 121 -31.18 -63.39 -29.76
N ARG X 122 -31.45 -62.63 -30.82
CA ARG X 122 -30.49 -61.66 -31.33
C ARG X 122 -30.62 -60.29 -30.67
N ASP X 123 -31.84 -59.90 -30.28
CA ASP X 123 -32.04 -58.60 -29.67
C ASP X 123 -31.36 -58.52 -28.31
N ARG X 124 -30.99 -57.30 -27.93
CA ARG X 124 -30.32 -57.05 -26.66
C ARG X 124 -31.36 -56.94 -25.56
N VAL X 125 -31.42 -57.94 -24.68
CA VAL X 125 -32.36 -57.99 -23.57
C VAL X 125 -31.55 -58.16 -22.30
N VAL X 126 -31.57 -57.15 -21.43
CA VAL X 126 -30.78 -57.18 -20.20
C VAL X 126 -31.41 -58.17 -19.23
N GLU X 127 -30.57 -58.90 -18.50
CA GLU X 127 -31.05 -59.86 -17.52
C GLU X 127 -31.77 -59.14 -16.38
N GLU X 128 -32.67 -59.86 -15.73
CA GLU X 128 -33.49 -59.31 -14.65
C GLU X 128 -32.62 -59.11 -13.42
N SER X 129 -32.20 -57.86 -13.20
CA SER X 129 -31.26 -57.52 -12.13
C SER X 129 -32.04 -57.03 -10.92
N GLU X 130 -31.96 -57.77 -9.82
CA GLU X 130 -32.51 -57.40 -8.51
C GLU X 130 -34.02 -57.23 -8.53
N LEU X 131 -34.68 -57.59 -9.62
CA LEU X 131 -36.13 -57.45 -9.76
C LEU X 131 -36.77 -58.77 -9.28
N ALA X 132 -38.05 -58.97 -9.63
CA ALA X 132 -38.84 -60.10 -9.14
C ALA X 132 -38.30 -61.46 -9.58
N ARG X 133 -37.15 -61.47 -10.25
CA ARG X 133 -36.47 -62.71 -10.66
C ARG X 133 -36.48 -63.76 -9.55
N THR X 134 -36.32 -63.33 -8.30
CA THR X 134 -36.44 -64.22 -7.14
C THR X 134 -37.89 -64.16 -6.68
N ALA X 135 -38.75 -64.88 -7.39
CA ALA X 135 -40.19 -64.84 -7.19
C ALA X 135 -40.68 -65.90 -6.20
N GLY X 136 -39.80 -66.78 -5.72
CA GLY X 136 -40.20 -67.79 -4.76
C GLY X 136 -40.15 -67.25 -3.35
N TYR X 137 -41.20 -67.52 -2.58
CA TYR X 137 -41.30 -67.04 -1.21
C TYR X 137 -42.02 -68.08 -0.38
N GLY X 138 -41.46 -68.36 0.80
CA GLY X 138 -41.96 -69.42 1.66
C GLY X 138 -42.54 -68.93 2.97
N ILE X 139 -43.36 -67.87 2.91
CA ILE X 139 -43.89 -67.25 4.12
C ILE X 139 -44.55 -68.28 5.02
N ASN X 140 -44.34 -68.12 6.33
CA ASN X 140 -44.94 -68.97 7.34
C ASN X 140 -46.14 -68.25 7.93
N ILE X 141 -47.32 -68.87 7.81
CA ILE X 141 -48.54 -68.27 8.35
C ILE X 141 -48.44 -68.11 9.86
N LEU X 142 -47.74 -69.04 10.53
CA LEU X 142 -47.49 -68.95 11.95
C LEU X 142 -46.18 -68.26 12.28
N GLY X 143 -45.34 -67.99 11.29
CA GLY X 143 -44.02 -67.44 11.53
C GLY X 143 -43.88 -65.95 11.26
N MET X 144 -43.20 -65.61 10.18
CA MET X 144 -42.79 -64.23 9.92
C MET X 144 -42.72 -64.02 8.41
N ASP X 145 -42.02 -62.96 7.99
CA ASP X 145 -41.90 -62.51 6.61
C ASP X 145 -41.53 -63.64 5.65
N PRO X 146 -41.82 -63.50 4.35
CA PRO X 146 -41.58 -64.60 3.41
C PRO X 146 -40.12 -65.03 3.36
N LEU X 147 -39.93 -66.24 2.85
CA LEU X 147 -38.63 -66.89 2.75
C LEU X 147 -38.05 -66.65 1.36
N SER X 148 -36.94 -67.32 1.06
CA SER X 148 -36.31 -67.22 -0.25
C SER X 148 -37.04 -68.12 -1.24
N THR X 149 -36.45 -68.32 -2.42
CA THR X 149 -37.10 -69.12 -3.44
C THR X 149 -36.84 -70.61 -3.17
N PRO X 150 -37.90 -71.43 -3.07
CA PRO X 150 -37.70 -72.88 -2.91
C PRO X 150 -37.44 -73.62 -4.21
N PHE X 151 -37.39 -72.92 -5.35
CA PHE X 151 -37.24 -73.55 -6.65
C PHE X 151 -36.30 -72.70 -7.51
N ASP X 152 -35.90 -73.28 -8.64
CA ASP X 152 -35.06 -72.57 -9.59
C ASP X 152 -35.92 -71.61 -10.41
N ASN X 153 -35.45 -70.37 -10.54
CA ASN X 153 -36.19 -69.35 -11.27
C ASN X 153 -35.39 -68.75 -12.42
N GLU X 154 -34.24 -69.34 -12.75
CA GLU X 154 -33.41 -68.87 -13.85
C GLU X 154 -33.65 -69.64 -15.15
N PHE X 155 -34.19 -70.85 -15.06
CA PHE X 155 -34.42 -71.66 -16.25
C PHE X 155 -35.43 -71.02 -17.19
N TYR X 156 -35.19 -71.17 -18.50
CA TYR X 156 -36.12 -70.71 -19.52
C TYR X 156 -36.25 -71.81 -20.58
N ASN X 157 -37.41 -71.85 -21.23
CA ASN X 157 -37.74 -72.97 -22.11
C ASN X 157 -37.31 -72.74 -23.56
N GLY X 158 -37.86 -71.70 -24.20
CA GLY X 158 -37.66 -71.52 -25.62
C GLY X 158 -37.33 -70.11 -26.05
N LEU X 159 -38.13 -69.58 -26.99
CA LEU X 159 -37.92 -68.23 -27.48
C LEU X 159 -38.15 -67.20 -26.38
N CYS X 160 -37.27 -66.22 -26.30
CA CYS X 160 -37.37 -65.19 -25.29
C CYS X 160 -38.72 -64.48 -25.38
N ASN X 161 -39.32 -64.22 -24.22
CA ASN X 161 -40.57 -63.47 -24.13
C ASN X 161 -40.25 -62.06 -23.68
N ARG X 162 -40.49 -61.10 -24.57
CA ARG X 162 -40.10 -59.73 -24.31
C ARG X 162 -40.90 -59.13 -23.14
N ASP X 163 -40.23 -58.26 -22.39
CA ASP X 163 -40.80 -57.57 -21.24
C ASP X 163 -40.62 -56.07 -21.40
N ARG X 164 -41.00 -55.57 -22.58
CA ARG X 164 -40.73 -54.19 -22.98
C ARG X 164 -41.63 -53.26 -22.16
N ASP X 165 -41.19 -53.00 -20.93
CA ASP X 165 -41.92 -52.15 -20.00
C ASP X 165 -40.95 -51.73 -18.91
N GLY X 166 -41.36 -50.73 -18.12
CA GLY X 166 -40.57 -50.25 -17.02
C GLY X 166 -40.40 -48.74 -17.05
N ASN X 167 -39.71 -48.24 -16.03
CA ASN X 167 -39.47 -46.81 -15.91
C ASN X 167 -38.62 -46.30 -17.08
N THR X 168 -37.42 -46.83 -17.24
CA THR X 168 -36.54 -46.43 -18.31
C THR X 168 -36.73 -47.33 -19.53
N LEU X 169 -35.92 -47.10 -20.56
CA LEU X 169 -35.98 -47.88 -21.79
C LEU X 169 -34.99 -49.04 -21.67
N THR X 170 -35.48 -50.18 -21.18
CA THR X 170 -34.67 -51.36 -21.00
C THR X 170 -35.55 -52.60 -21.10
N TYR X 171 -34.98 -53.68 -21.62
CA TYR X 171 -35.71 -54.92 -21.85
C TYR X 171 -35.23 -55.97 -20.86
N TYR X 172 -36.15 -56.51 -20.06
CA TYR X 172 -35.84 -57.55 -19.10
C TYR X 172 -36.33 -58.91 -19.61
N ARG X 173 -35.88 -59.95 -18.93
CA ARG X 173 -36.29 -61.32 -19.25
C ARG X 173 -37.27 -61.84 -18.21
N ARG X 174 -38.19 -62.68 -18.67
CA ARG X 174 -39.16 -63.34 -17.80
C ARG X 174 -38.94 -64.84 -17.89
N PRO X 175 -38.60 -65.52 -16.79
CA PRO X 175 -38.34 -66.95 -16.86
C PRO X 175 -39.61 -67.74 -17.16
N TRP X 176 -39.40 -68.94 -17.71
CA TRP X 176 -40.51 -69.81 -18.05
C TRP X 176 -41.30 -70.26 -16.84
N ASN X 177 -40.69 -70.20 -15.65
CA ASN X 177 -41.41 -70.55 -14.43
C ASN X 177 -42.36 -69.45 -13.98
N VAL X 178 -41.99 -68.19 -14.20
CA VAL X 178 -42.86 -67.07 -13.86
C VAL X 178 -43.85 -66.85 -15.00
N ALA X 179 -45.15 -66.99 -14.69
CA ALA X 179 -46.17 -66.91 -15.73
C ALA X 179 -46.38 -65.47 -16.18
N SER X 180 -46.33 -64.52 -15.25
CA SER X 180 -46.62 -63.12 -15.58
C SER X 180 -45.89 -62.21 -14.60
N LEU X 181 -45.58 -61.00 -15.08
CA LEU X 181 -45.00 -59.96 -14.24
C LEU X 181 -45.38 -58.61 -14.82
N ILE X 182 -45.92 -57.74 -13.97
CA ILE X 182 -46.34 -56.41 -14.38
C ILE X 182 -45.48 -55.38 -13.65
N TYR X 183 -45.38 -54.18 -14.26
CA TYR X 183 -44.59 -53.09 -13.71
C TYR X 183 -45.47 -51.93 -13.27
N GLU X 184 -46.70 -52.22 -12.87
CA GLU X 184 -47.62 -51.17 -12.43
C GLU X 184 -47.12 -50.52 -11.14
N THR X 185 -46.94 -49.21 -11.19
CA THR X 185 -46.45 -48.44 -10.04
C THR X 185 -47.61 -47.87 -9.23
N LYS X 186 -48.47 -48.76 -8.78
CA LYS X 186 -49.61 -48.37 -7.97
C LYS X 186 -49.14 -47.77 -6.64
N GLY X 187 -49.96 -46.87 -6.09
CA GLY X 187 -49.64 -46.25 -4.82
C GLY X 187 -50.84 -45.58 -4.18
N GLU X 188 -51.06 -45.85 -2.90
CA GLU X 188 -52.19 -45.27 -2.18
C GLU X 188 -51.82 -45.05 -0.72
N LYS X 189 -52.59 -44.19 -0.07
CA LYS X 189 -52.38 -43.88 1.34
C LYS X 189 -53.69 -43.34 1.91
N ASN X 190 -53.82 -43.42 3.23
CA ASN X 190 -55.03 -42.99 3.90
C ASN X 190 -54.69 -42.09 5.09
N PHE X 191 -55.67 -41.33 5.53
CA PHE X 191 -55.55 -40.63 6.76
C PHE X 191 -56.87 -40.72 7.47
N ARG X 192 -56.80 -40.53 8.76
CA ARG X 192 -57.97 -40.51 9.61
C ARG X 192 -57.65 -39.80 10.91
N THR X 193 -58.69 -39.32 11.58
CA THR X 193 -58.59 -38.72 12.90
C THR X 193 -59.99 -38.62 13.50
N GLU X 194 -60.04 -38.52 14.83
CA GLU X 194 -61.30 -38.41 15.54
C GLU X 194 -61.06 -37.70 16.86
N HIS X 195 -62.15 -37.35 17.55
CA HIS X 195 -62.07 -36.68 18.83
C HIS X 195 -63.24 -37.12 19.70
N TYR X 196 -62.94 -37.42 20.97
CA TYR X 196 -63.94 -37.76 21.96
C TYR X 196 -63.86 -36.75 23.11
N GLU X 197 -65.01 -36.42 23.68
CA GLU X 197 -65.07 -35.46 24.77
C GLU X 197 -66.15 -35.87 25.76
N GLU X 198 -65.82 -35.79 27.05
CA GLU X 198 -66.76 -36.12 28.11
C GLU X 198 -66.54 -35.15 29.27
N GLN X 199 -67.63 -34.65 29.83
CA GLN X 199 -67.58 -33.70 30.93
C GLN X 199 -68.83 -33.86 31.79
N ILE X 200 -68.65 -33.78 33.10
CA ILE X 200 -69.77 -33.84 34.03
C ILE X 200 -69.45 -32.95 35.22
N GLU X 201 -70.46 -32.22 35.69
CA GLU X 201 -70.33 -31.34 36.85
C GLU X 201 -71.62 -31.38 37.66
N ALA X 202 -71.48 -31.34 38.99
CA ALA X 202 -72.62 -31.38 39.88
C ALA X 202 -72.35 -30.51 41.09
N PHE X 203 -73.29 -29.63 41.42
CA PHE X 203 -73.18 -28.75 42.57
C PHE X 203 -74.34 -29.02 43.53
N LYS X 204 -74.03 -29.05 44.83
CA LYS X 204 -75.03 -29.30 45.85
C LYS X 204 -74.75 -28.41 47.05
N SER X 205 -75.80 -27.80 47.59
CA SER X 205 -75.70 -26.94 48.76
C SER X 205 -76.96 -27.10 49.60
N ILE X 206 -76.76 -27.34 50.91
CA ILE X 206 -77.86 -27.52 51.85
C ILE X 206 -77.57 -26.69 53.09
N ILE X 207 -78.56 -25.91 53.54
CA ILE X 207 -78.41 -25.06 54.71
C ILE X 207 -79.63 -25.23 55.60
N GLN X 208 -79.41 -25.23 56.91
CA GLN X 208 -80.46 -25.37 57.90
C GLN X 208 -80.33 -24.27 58.95
N GLU X 209 -81.46 -23.78 59.44
CA GLU X 209 -81.48 -22.72 60.43
C GLU X 209 -82.66 -22.94 61.37
N LYS X 210 -82.39 -22.93 62.67
CA LYS X 210 -83.42 -23.11 63.69
C LYS X 210 -83.08 -22.23 64.88
N THR X 211 -84.11 -21.59 65.44
CA THR X 211 -83.95 -20.71 66.59
C THR X 211 -85.04 -21.01 67.61
N SER X 212 -84.65 -21.05 68.88
CA SER X 212 -85.58 -21.37 69.95
C SER X 212 -85.40 -20.40 71.11
N ASN X 213 -86.51 -19.86 71.60
CA ASN X 213 -86.50 -18.93 72.72
C ASN X 213 -87.74 -19.17 73.58
N PHE X 214 -87.58 -19.02 74.90
CA PHE X 214 -88.68 -19.27 75.82
C PHE X 214 -88.65 -18.22 76.94
N ASN X 215 -89.84 -17.90 77.46
CA ASN X 215 -89.99 -16.95 78.54
C ASN X 215 -90.87 -17.56 79.63
N ALA X 216 -90.59 -17.19 80.87
CA ALA X 216 -91.39 -17.65 82.00
C ALA X 216 -91.28 -16.64 83.13
N ALA X 217 -92.35 -15.89 83.37
CA ALA X 217 -92.38 -14.87 84.42
C ALA X 217 -93.66 -15.01 85.22
N ILE X 218 -93.53 -15.14 86.53
CA ILE X 218 -94.67 -15.24 87.45
C ILE X 218 -94.30 -14.52 88.74
N SER X 219 -95.21 -13.66 89.22
CA SER X 219 -95.01 -12.88 90.43
C SER X 219 -96.16 -13.13 91.39
N LEU X 220 -95.84 -13.22 92.68
CA LEU X 220 -96.83 -13.48 93.72
C LEU X 220 -96.53 -12.60 94.92
N LYS X 221 -97.52 -11.80 95.35
CA LYS X 221 -97.39 -10.95 96.51
C LYS X 221 -98.67 -11.02 97.32
N PHE X 222 -98.52 -10.96 98.65
CA PHE X 222 -99.65 -11.11 99.56
C PHE X 222 -99.57 -10.04 100.63
N THR X 223 -100.70 -9.36 100.88
CA THR X 223 -100.79 -8.35 101.92
C THR X 223 -102.22 -8.26 102.44
N PRO X 224 -102.50 -8.76 103.66
CA PRO X 224 -103.83 -8.71 104.25
C PRO X 224 -104.19 -7.33 104.79
N SER X 242 -98.97 -6.66 111.55
CA SER X 242 -98.72 -6.38 110.15
C SER X 242 -98.16 -7.61 109.44
N LEU X 243 -98.57 -7.80 108.19
CA LEU X 243 -98.12 -8.94 107.39
C LEU X 243 -97.96 -8.48 105.94
N HIS X 244 -96.82 -8.83 105.34
CA HIS X 244 -96.53 -8.46 103.96
C HIS X 244 -95.77 -9.59 103.28
N GLY X 245 -96.00 -9.74 101.98
CA GLY X 245 -95.31 -10.74 101.19
C GLY X 245 -95.15 -10.33 99.74
N LYS X 246 -94.03 -10.70 99.13
CA LYS X 246 -93.78 -10.35 97.74
C LYS X 246 -92.77 -11.33 97.16
N GLY X 247 -93.11 -11.89 96.00
CA GLY X 247 -92.21 -12.79 95.29
C GLY X 247 -92.40 -12.73 93.80
N SER X 248 -91.32 -12.80 93.03
CA SER X 248 -91.38 -12.72 91.58
C SER X 248 -90.39 -13.70 90.98
N PHE X 249 -90.83 -14.43 89.96
CA PHE X 249 -90.00 -15.39 89.25
C PHE X 249 -89.74 -14.87 87.84
N ARG X 250 -88.53 -15.10 87.35
CA ARG X 250 -88.16 -14.73 85.99
C ARG X 250 -87.34 -15.86 85.38
N PHE X 251 -87.48 -16.06 84.08
CA PHE X 251 -86.82 -17.16 83.39
C PHE X 251 -86.65 -16.79 81.92
N SER X 252 -85.52 -17.20 81.35
CA SER X 252 -85.22 -16.91 79.95
C SER X 252 -84.61 -18.15 79.31
N TYR X 253 -84.51 -18.13 77.98
CA TYR X 253 -83.96 -19.25 77.23
C TYR X 253 -83.49 -18.74 75.88
N SER X 254 -82.35 -19.26 75.43
CA SER X 254 -81.77 -18.87 74.14
C SER X 254 -81.19 -20.09 73.46
N LYS X 255 -81.43 -20.19 72.15
CA LYS X 255 -80.99 -21.36 71.39
C LYS X 255 -81.06 -21.11 69.89
N ASN X 256 -80.01 -21.45 69.16
CA ASN X 256 -80.09 -21.53 67.71
C ASN X 256 -79.06 -22.53 67.21
N GLU X 257 -79.39 -23.20 66.10
CA GLU X 257 -78.50 -24.21 65.51
C GLU X 257 -78.53 -24.05 64.00
N THR X 258 -77.44 -23.55 63.44
CA THR X 258 -77.31 -23.37 62.00
C THR X 258 -76.47 -24.51 61.42
N TYR X 259 -77.00 -25.16 60.39
CA TYR X 259 -76.30 -26.24 59.71
C TYR X 259 -76.03 -25.82 58.26
N GLN X 260 -74.88 -26.28 57.73
CA GLN X 260 -74.49 -25.95 56.37
C GLN X 260 -73.87 -27.17 55.72
N LEU X 261 -74.23 -27.41 54.46
CA LEU X 261 -73.72 -28.53 53.69
C LEU X 261 -73.39 -28.06 52.28
N PHE X 262 -72.29 -28.57 51.74
CA PHE X 262 -71.86 -28.21 50.39
C PHE X 262 -71.20 -29.42 49.75
N LEU X 263 -71.56 -29.69 48.50
CA LEU X 263 -71.02 -30.83 47.77
C LEU X 263 -70.82 -30.45 46.31
N SER X 264 -69.70 -30.87 45.74
CA SER X 264 -69.37 -30.56 44.36
C SER X 264 -68.72 -31.77 43.70
N TYR X 265 -68.98 -31.93 42.41
CA TYR X 265 -68.46 -33.04 41.64
C TYR X 265 -68.10 -32.56 40.25
N SER X 266 -66.99 -33.06 39.70
CA SER X 266 -66.53 -32.65 38.38
C SER X 266 -65.63 -33.75 37.82
N SER X 267 -65.78 -34.02 36.53
CA SER X 267 -64.94 -35.00 35.85
C SER X 267 -64.93 -34.69 34.36
N LYS X 268 -63.77 -34.89 33.74
CA LYS X 268 -63.59 -34.64 32.31
C LYS X 268 -62.78 -35.78 31.70
N LYS X 269 -63.16 -36.19 30.50
CA LYS X 269 -62.48 -37.26 29.79
C LYS X 269 -62.35 -36.91 28.32
N GLU X 270 -61.22 -37.28 27.72
CA GLU X 270 -60.95 -37.03 26.31
C GLU X 270 -60.18 -38.20 25.74
N LYS X 271 -60.45 -38.52 24.48
CA LYS X 271 -59.81 -39.64 23.82
C LYS X 271 -59.66 -39.34 22.34
N MET X 272 -58.51 -39.72 21.77
CA MET X 272 -58.24 -39.54 20.36
C MET X 272 -57.48 -40.74 19.83
N PHE X 273 -58.00 -41.36 18.78
CA PHE X 273 -57.37 -42.52 18.16
C PHE X 273 -57.43 -42.35 16.65
N LEU X 274 -56.31 -42.63 15.98
CA LEU X 274 -56.25 -42.52 14.53
C LEU X 274 -55.11 -43.39 14.02
N HIS X 275 -55.27 -43.87 12.79
CA HIS X 275 -54.26 -44.70 12.15
C HIS X 275 -54.18 -44.34 10.67
N VAL X 276 -52.96 -44.33 10.14
CA VAL X 276 -52.72 -44.03 8.73
C VAL X 276 -51.73 -45.05 8.19
N LYS X 277 -51.79 -45.29 6.88
CA LYS X 277 -50.91 -46.24 6.24
C LYS X 277 -50.78 -45.90 4.76
N GLY X 278 -49.61 -46.18 4.20
CA GLY X 278 -49.37 -45.93 2.79
C GLY X 278 -48.37 -46.93 2.25
N GLU X 279 -48.56 -47.31 0.98
CA GLU X 279 -47.69 -48.27 0.33
C GLU X 279 -47.36 -47.79 -1.08
N ILE X 280 -46.12 -48.02 -1.48
CA ILE X 280 -45.65 -47.71 -2.82
C ILE X 280 -45.42 -49.04 -3.54
N HIS X 281 -46.39 -49.44 -4.36
CA HIS X 281 -46.28 -50.69 -5.10
C HIS X 281 -45.31 -50.52 -6.27
N LEU X 282 -44.49 -51.55 -6.49
CA LEU X 282 -43.49 -51.54 -7.55
C LEU X 282 -43.85 -52.48 -8.70
N GLY X 283 -44.08 -53.75 -8.41
CA GLY X 283 -44.42 -54.71 -9.45
C GLY X 283 -45.15 -55.89 -8.87
N ARG X 284 -45.83 -56.62 -9.75
CA ARG X 284 -46.63 -57.76 -9.35
C ARG X 284 -46.35 -58.92 -10.29
N PHE X 285 -46.32 -60.13 -9.73
CA PHE X 285 -46.04 -61.33 -10.50
C PHE X 285 -46.99 -62.44 -10.06
N VAL X 286 -47.21 -63.40 -10.95
CA VAL X 286 -48.05 -64.55 -10.69
C VAL X 286 -47.29 -65.79 -11.13
N MET X 287 -46.90 -66.62 -10.17
CA MET X 287 -46.16 -67.84 -10.48
C MET X 287 -47.06 -68.85 -11.20
N ARG X 288 -46.52 -69.48 -12.23
CA ARG X 288 -47.23 -70.55 -12.92
C ARG X 288 -47.47 -71.71 -11.97
N ASN X 289 -48.71 -72.20 -11.91
CA ASN X 289 -49.06 -73.21 -10.92
C ASN X 289 -48.49 -74.57 -11.28
N ARG X 290 -48.82 -75.07 -12.47
CA ARG X 290 -48.34 -76.38 -12.91
C ARG X 290 -47.32 -76.21 -14.04
N ASP X 291 -46.72 -77.32 -14.44
CA ASP X 291 -45.63 -77.34 -15.41
C ASP X 291 -44.48 -76.46 -14.91
N VAL X 292 -44.03 -76.75 -13.70
CA VAL X 292 -43.07 -75.94 -12.98
C VAL X 292 -41.74 -76.69 -12.87
N VAL X 293 -40.65 -75.97 -13.07
CA VAL X 293 -39.31 -76.52 -12.90
C VAL X 293 -38.83 -76.18 -11.50
N LEU X 294 -38.00 -77.06 -10.94
CA LEU X 294 -37.54 -76.93 -9.56
C LEU X 294 -36.02 -76.88 -9.52
N THR X 295 -35.48 -76.42 -8.40
CA THR X 295 -34.05 -76.32 -8.22
C THR X 295 -33.47 -77.68 -7.80
N THR X 296 -32.16 -77.83 -8.02
CA THR X 296 -31.51 -79.11 -7.75
C THR X 296 -31.57 -79.48 -6.27
N THR X 297 -31.48 -78.49 -5.37
CA THR X 297 -31.49 -78.78 -3.95
C THR X 297 -32.86 -79.26 -3.49
N PHE X 298 -33.92 -78.59 -3.94
CA PHE X 298 -35.27 -79.01 -3.58
C PHE X 298 -35.60 -80.37 -4.18
N VAL X 299 -35.16 -80.61 -5.42
CA VAL X 299 -35.38 -81.90 -6.05
C VAL X 299 -34.66 -83.00 -5.28
N ASP X 300 -33.43 -82.75 -4.86
CA ASP X 300 -32.70 -83.74 -4.08
C ASP X 300 -33.36 -83.98 -2.73
N ASP X 301 -33.90 -82.93 -2.11
CA ASP X 301 -34.58 -83.09 -0.83
C ASP X 301 -35.86 -83.91 -0.99
N ILE X 302 -36.61 -83.67 -2.07
CA ILE X 302 -37.84 -84.44 -2.30
C ILE X 302 -37.51 -85.88 -2.66
N LYS X 303 -36.39 -86.10 -3.36
CA LYS X 303 -36.00 -87.48 -3.68
C LYS X 303 -35.56 -88.23 -2.43
N ALA X 304 -34.77 -87.58 -1.57
CA ALA X 304 -34.39 -88.17 -0.29
C ALA X 304 -35.41 -87.75 0.78
N LEU X 305 -36.60 -88.34 0.66
CA LEU X 305 -37.72 -88.02 1.52
C LEU X 305 -38.46 -89.31 1.86
N PRO X 306 -38.85 -89.50 3.11
CA PRO X 306 -39.55 -90.74 3.50
C PRO X 306 -40.95 -90.83 2.92
N THR X 307 -41.62 -91.97 3.16
CA THR X 307 -42.96 -92.18 2.64
C THR X 307 -43.87 -92.85 3.66
N THR X 308 -43.48 -92.95 4.92
CA THR X 308 -44.25 -93.61 5.96
C THR X 308 -44.70 -92.63 7.03
N TYR X 309 -44.99 -91.39 6.62
CA TYR X 309 -45.46 -90.33 7.52
C TYR X 309 -44.45 -90.08 8.65
N GLU X 310 -43.27 -89.61 8.26
CA GLU X 310 -42.24 -89.24 9.22
C GLU X 310 -42.44 -87.79 9.60
N LYS X 311 -43.24 -87.56 10.65
CA LYS X 311 -43.50 -86.21 11.13
C LYS X 311 -42.22 -85.52 11.57
N GLY X 312 -41.25 -86.27 12.08
CA GLY X 312 -40.01 -85.67 12.55
C GLY X 312 -39.25 -84.98 11.43
N GLU X 313 -38.97 -85.69 10.34
CA GLU X 313 -38.28 -85.09 9.21
C GLU X 313 -39.16 -84.10 8.48
N TYR X 314 -40.48 -84.34 8.45
CA TYR X 314 -41.38 -83.42 7.77
C TYR X 314 -41.45 -82.09 8.51
N PHE X 315 -41.41 -82.12 9.85
CA PHE X 315 -41.40 -80.86 10.60
C PHE X 315 -40.12 -80.08 10.34
N ALA X 316 -39.00 -80.76 10.14
CA ALA X 316 -37.76 -80.07 9.79
C ALA X 316 -37.84 -79.48 8.40
N PHE X 317 -38.32 -80.27 7.43
CA PHE X 317 -38.48 -79.76 6.07
C PHE X 317 -39.43 -78.57 6.02
N LEU X 318 -40.45 -78.56 6.88
CA LEU X 318 -41.41 -77.47 6.90
C LEU X 318 -40.75 -76.17 7.35
N GLU X 319 -39.98 -76.22 8.42
CA GLU X 319 -39.24 -75.03 8.87
C GLU X 319 -38.15 -74.65 7.88
N THR X 320 -37.63 -75.61 7.13
CA THR X 320 -36.54 -75.32 6.20
C THR X 320 -37.05 -74.61 4.95
N TYR X 321 -38.15 -75.09 4.37
CA TYR X 321 -38.66 -74.57 3.11
C TYR X 321 -40.06 -73.95 3.25
N GLY X 322 -40.38 -73.43 4.44
CA GLY X 322 -41.65 -72.77 4.62
C GLY X 322 -42.83 -73.73 4.67
N THR X 323 -44.01 -73.21 5.01
CA THR X 323 -45.21 -74.02 5.05
C THR X 323 -45.96 -74.03 3.72
N HIS X 324 -46.07 -72.87 3.07
CA HIS X 324 -46.75 -72.74 1.79
C HIS X 324 -46.14 -71.59 1.02
N TYR X 325 -46.01 -71.76 -0.30
CA TYR X 325 -45.32 -70.78 -1.12
C TYR X 325 -46.31 -69.73 -1.61
N SER X 326 -45.78 -68.75 -2.35
CA SER X 326 -46.57 -67.64 -2.86
C SER X 326 -46.96 -67.89 -4.31
N SER X 327 -48.27 -67.92 -4.58
CA SER X 327 -48.73 -68.01 -5.96
C SER X 327 -48.59 -66.67 -6.68
N SER X 328 -48.72 -65.56 -5.97
CA SER X 328 -48.57 -64.23 -6.56
C SER X 328 -48.13 -63.27 -5.47
N GLY X 329 -47.14 -62.43 -5.79
CA GLY X 329 -46.64 -61.46 -4.84
C GLY X 329 -46.82 -60.03 -5.29
N SER X 330 -46.23 -59.08 -4.55
CA SER X 330 -46.34 -57.66 -4.88
C SER X 330 -45.08 -56.96 -4.36
N LEU X 331 -44.14 -56.70 -5.25
CA LEU X 331 -42.91 -56.04 -4.86
C LEU X 331 -43.16 -54.55 -4.60
N GLY X 332 -42.42 -54.01 -3.62
CA GLY X 332 -42.59 -52.61 -3.26
C GLY X 332 -42.20 -52.33 -1.82
N GLY X 333 -43.10 -51.69 -1.07
CA GLY X 333 -42.88 -51.40 0.32
C GLY X 333 -43.97 -50.52 0.91
N LEU X 334 -44.26 -50.70 2.20
CA LEU X 334 -45.31 -49.96 2.87
C LEU X 334 -44.77 -49.33 4.15
N TYR X 335 -45.43 -48.25 4.57
CA TYR X 335 -45.10 -47.55 5.80
C TYR X 335 -46.38 -47.09 6.48
N GLU X 336 -46.35 -47.02 7.80
CA GLU X 336 -47.52 -46.61 8.56
C GLU X 336 -47.09 -46.11 9.93
N LEU X 337 -47.81 -45.11 10.44
CA LEU X 337 -47.56 -44.57 11.77
C LEU X 337 -48.90 -44.37 12.47
N ILE X 338 -48.94 -44.71 13.75
CA ILE X 338 -50.17 -44.64 14.55
C ILE X 338 -49.82 -44.04 15.91
N TYR X 339 -50.60 -43.07 16.35
CA TYR X 339 -50.54 -42.82 17.75
C TYR X 339 -51.83 -42.38 18.37
N VAL X 340 -51.92 -42.72 19.63
CA VAL X 340 -53.17 -42.77 20.38
C VAL X 340 -53.08 -41.79 21.55
N LEU X 341 -54.22 -41.19 21.89
CA LEU X 341 -54.31 -40.25 23.01
C LEU X 341 -55.53 -40.57 23.84
N ASP X 342 -55.38 -40.46 25.16
CA ASP X 342 -56.47 -40.72 26.10
C ASP X 342 -56.30 -39.81 27.31
N LYS X 343 -57.39 -39.20 27.75
CA LYS X 343 -57.38 -38.26 28.86
C LYS X 343 -58.53 -38.57 29.81
N ALA X 344 -58.27 -38.41 31.11
CA ALA X 344 -59.28 -38.65 32.13
C ALA X 344 -59.00 -37.74 33.32
N SER X 345 -60.06 -37.21 33.92
CA SER X 345 -59.94 -36.31 35.06
C SER X 345 -61.15 -36.49 35.97
N MET X 346 -60.94 -36.25 37.26
CA MET X 346 -62.00 -36.37 38.25
C MET X 346 -61.74 -35.37 39.38
N LYS X 347 -62.81 -34.70 39.80
CA LYS X 347 -62.75 -33.73 40.90
C LYS X 347 -63.97 -33.89 41.78
N ARG X 348 -63.75 -33.95 43.09
CA ARG X 348 -64.83 -34.11 44.05
C ARG X 348 -64.60 -33.17 45.22
N LYS X 349 -65.64 -32.44 45.62
CA LYS X 349 -65.55 -31.47 46.69
C LYS X 349 -66.75 -31.60 47.62
N GLY X 350 -66.48 -31.57 48.92
CA GLY X 350 -67.53 -31.59 49.92
C GLY X 350 -67.20 -30.76 51.13
N VAL X 351 -68.08 -29.85 51.51
CA VAL X 351 -67.85 -28.93 52.62
C VAL X 351 -69.03 -29.01 53.57
N GLU X 352 -68.74 -29.11 54.86
CA GLU X 352 -69.76 -29.20 55.91
C GLU X 352 -69.42 -28.24 57.04
N LEU X 353 -70.42 -27.51 57.51
CA LEU X 353 -70.25 -26.58 58.62
C LEU X 353 -71.41 -26.73 59.58
N LYS X 354 -71.12 -26.78 60.88
CA LYS X 354 -72.12 -26.98 61.91
C LYS X 354 -71.82 -26.07 63.08
N ASP X 355 -72.82 -25.27 63.49
CA ASP X 355 -72.69 -24.34 64.60
C ASP X 355 -73.97 -24.34 65.41
N ILE X 356 -73.85 -24.48 66.73
CA ILE X 356 -74.99 -24.53 67.63
C ILE X 356 -74.68 -23.66 68.84
N LYS X 357 -75.66 -22.84 69.25
CA LYS X 357 -75.58 -22.05 70.47
C LYS X 357 -76.85 -22.24 71.27
N ARG X 358 -76.69 -22.50 72.58
CA ARG X 358 -77.81 -22.66 73.49
C ARG X 358 -77.46 -21.98 74.80
N CYS X 359 -78.35 -21.13 75.31
CA CYS X 359 -78.11 -20.43 76.55
C CYS X 359 -79.38 -20.41 77.40
N LEU X 360 -79.19 -20.31 78.71
CA LEU X 360 -80.27 -20.37 79.68
C LEU X 360 -80.19 -19.17 80.61
N GLY X 361 -81.36 -18.65 81.00
CA GLY X 361 -81.43 -17.53 81.91
C GLY X 361 -82.51 -17.69 82.96
N TYR X 362 -82.19 -17.39 84.21
CA TYR X 362 -83.13 -17.52 85.31
C TYR X 362 -82.88 -16.43 86.34
N HIS X 363 -83.97 -15.84 86.84
CA HIS X 363 -83.91 -14.79 87.85
C HIS X 363 -84.95 -15.06 88.91
N LEU X 364 -84.53 -15.06 90.18
CA LEU X 364 -85.41 -15.27 91.31
C LEU X 364 -85.22 -14.14 92.31
N ASP X 365 -86.31 -13.49 92.69
CA ASP X 365 -86.28 -12.39 93.65
C ASP X 365 -87.49 -12.50 94.55
N VAL X 366 -87.25 -12.59 95.87
CA VAL X 366 -88.31 -12.68 96.86
C VAL X 366 -87.97 -11.71 97.98
N SER X 367 -88.94 -10.88 98.37
CA SER X 367 -88.76 -9.91 99.43
C SER X 367 -89.95 -9.97 100.37
N LEU X 368 -89.68 -10.07 101.67
CA LEU X 368 -90.72 -10.18 102.69
C LEU X 368 -90.59 -9.06 103.70
N ALA X 369 -91.74 -8.53 104.14
CA ALA X 369 -91.68 -7.36 105.05
C ALA X 369 -92.50 -7.58 106.34
N PHE X 370 -91.85 -7.34 107.47
CA PHE X 370 -92.48 -7.38 108.82
C PHE X 370 -93.02 -5.97 109.13
N SER X 371 -93.62 -5.78 110.31
CA SER X 371 -93.84 -4.39 110.78
C SER X 371 -92.48 -3.71 110.92
N GLU X 372 -91.52 -4.41 111.55
CA GLU X 372 -90.13 -3.92 111.71
C GLU X 372 -89.17 -4.99 111.17
N ILE X 373 -89.72 -5.99 110.46
CA ILE X 373 -88.94 -7.12 109.96
C ILE X 373 -88.91 -7.05 108.45
N SER X 374 -87.74 -7.28 107.88
CA SER X 374 -87.56 -7.26 106.43
C SER X 374 -86.71 -8.46 106.02
N VAL X 375 -87.18 -9.20 105.02
CA VAL X 375 -86.48 -10.37 104.51
C VAL X 375 -86.35 -10.22 103.00
N GLY X 376 -85.16 -10.55 102.49
CA GLY X 376 -84.89 -10.45 101.07
C GLY X 376 -84.24 -11.71 100.54
N ALA X 377 -84.41 -11.92 99.23
CA ALA X 377 -83.83 -13.09 98.56
C ALA X 377 -83.67 -12.76 97.09
N GLU X 378 -82.50 -13.10 96.54
CA GLU X 378 -82.22 -12.86 95.12
C GLU X 378 -81.33 -13.99 94.61
N PHE X 379 -81.88 -14.81 93.71
CA PHE X 379 -81.15 -15.92 93.10
C PHE X 379 -81.19 -15.76 91.59
N ASN X 380 -80.01 -15.69 90.98
CA ASN X 380 -79.90 -15.51 89.53
C ASN X 380 -79.01 -16.61 88.95
N LYS X 381 -79.46 -17.20 87.85
CA LYS X 381 -78.76 -18.28 87.18
C LYS X 381 -78.59 -17.94 85.72
N ASP X 382 -77.38 -18.16 85.19
CA ASP X 382 -77.07 -17.89 83.79
C ASP X 382 -76.11 -18.95 83.29
N ASP X 383 -76.42 -19.54 82.12
CA ASP X 383 -75.58 -20.57 81.55
C ASP X 383 -75.81 -20.62 80.05
N CYS X 384 -74.73 -20.53 79.28
CA CYS X 384 -74.80 -20.60 77.83
C CYS X 384 -73.88 -21.72 77.34
N VAL X 385 -74.22 -22.28 76.18
CA VAL X 385 -73.46 -23.37 75.56
C VAL X 385 -73.34 -23.11 74.08
N LYS X 386 -72.15 -23.32 73.52
CA LYS X 386 -71.89 -23.16 72.11
C LYS X 386 -71.25 -24.41 71.55
N ARG X 387 -71.60 -24.76 70.31
CA ARG X 387 -71.06 -25.92 69.64
C ARG X 387 -70.61 -25.54 68.23
N GLY X 388 -69.51 -26.13 67.78
CA GLY X 388 -68.99 -25.84 66.46
C GLY X 388 -68.37 -27.06 65.79
N GLU X 389 -68.57 -27.18 64.48
CA GLU X 389 -68.02 -28.32 63.74
C GLU X 389 -67.82 -27.90 62.28
N GLY X 390 -66.70 -28.34 61.71
CA GLY X 390 -66.40 -28.05 60.32
C GLY X 390 -65.79 -29.24 59.60
N ARG X 391 -66.18 -29.46 58.35
CA ARG X 391 -65.69 -30.58 57.56
C ARG X 391 -65.48 -30.13 56.12
N ALA X 392 -64.39 -30.61 55.51
CA ALA X 392 -64.08 -30.27 54.13
C ALA X 392 -63.47 -31.49 53.44
N VAL X 393 -63.79 -31.65 52.17
CA VAL X 393 -63.28 -32.74 51.34
C VAL X 393 -62.90 -32.17 49.97
N ASN X 394 -61.64 -32.34 49.59
CA ASN X 394 -61.11 -31.77 48.34
C ASN X 394 -60.15 -32.80 47.73
N ILE X 395 -60.61 -33.48 46.68
CA ILE X 395 -59.85 -34.58 46.07
C ILE X 395 -59.92 -34.44 44.55
N THR X 396 -58.76 -34.31 43.92
CA THR X 396 -58.64 -34.21 42.48
C THR X 396 -57.86 -35.40 41.94
N SER X 397 -58.30 -35.93 40.80
CA SER X 397 -57.65 -37.06 40.16
C SER X 397 -57.64 -36.86 38.66
N GLU X 398 -56.52 -37.21 38.02
CA GLU X 398 -56.37 -37.06 36.58
C GLU X 398 -55.54 -38.22 36.05
N ASN X 399 -55.93 -38.72 34.86
CA ASN X 399 -55.24 -39.83 34.22
C ASN X 399 -55.05 -39.52 32.74
N LEU X 400 -53.87 -39.88 32.22
CA LEU X 400 -53.55 -39.68 30.82
C LEU X 400 -52.91 -40.95 30.27
N ILE X 401 -53.21 -41.27 29.00
CA ILE X 401 -52.70 -42.46 28.34
C ILE X 401 -52.38 -42.11 26.89
N ASP X 402 -51.14 -42.38 26.47
CA ASP X 402 -50.71 -42.13 25.10
C ASP X 402 -49.93 -43.33 24.59
N ASP X 403 -50.18 -43.70 23.33
CA ASP X 403 -49.48 -44.80 22.68
C ASP X 403 -49.21 -44.43 21.24
N VAL X 404 -47.95 -44.57 20.82
CA VAL X 404 -47.52 -44.25 19.46
C VAL X 404 -46.76 -45.44 18.90
N VAL X 405 -47.07 -45.82 17.67
CA VAL X 405 -46.37 -46.90 16.97
C VAL X 405 -46.20 -46.50 15.50
N SER X 406 -45.11 -46.97 14.90
CA SER X 406 -44.80 -46.66 13.52
C SER X 406 -43.80 -47.69 13.00
N LEU X 407 -43.80 -47.86 11.67
CA LEU X 407 -42.90 -48.82 11.04
C LEU X 407 -42.68 -48.42 9.59
N ILE X 408 -41.59 -48.93 9.02
CA ILE X 408 -41.23 -48.66 7.63
C ILE X 408 -40.32 -49.78 7.15
N ARG X 409 -40.28 -50.00 5.84
CA ARG X 409 -39.47 -51.06 5.27
C ARG X 409 -39.30 -50.80 3.78
N GLY X 410 -38.22 -51.34 3.23
CA GLY X 410 -37.96 -51.28 1.80
C GLY X 410 -36.92 -50.23 1.44
N GLY X 411 -36.34 -50.40 0.25
CA GLY X 411 -35.37 -49.44 -0.26
C GLY X 411 -34.00 -49.59 0.37
N THR X 412 -33.09 -48.72 -0.08
CA THR X 412 -31.77 -48.67 0.54
C THR X 412 -31.87 -48.10 1.96
N ARG X 413 -30.86 -48.40 2.76
CA ARG X 413 -30.90 -48.00 4.18
C ARG X 413 -30.71 -46.51 4.34
N LYS X 414 -30.01 -45.85 3.41
CA LYS X 414 -29.79 -44.42 3.51
C LYS X 414 -31.09 -43.64 3.30
N TYR X 415 -31.73 -43.82 2.15
CA TYR X 415 -32.90 -43.02 1.82
C TYR X 415 -34.13 -43.43 2.62
N ALA X 416 -34.18 -44.68 3.09
CA ALA X 416 -35.37 -45.13 3.82
C ALA X 416 -35.49 -44.42 5.17
N PHE X 417 -34.43 -44.48 5.98
CA PHE X 417 -34.49 -43.89 7.32
C PHE X 417 -34.35 -42.38 7.30
N GLU X 418 -33.88 -41.80 6.18
CA GLU X 418 -33.95 -40.35 6.04
C GLU X 418 -35.40 -39.88 5.94
N LEU X 419 -36.27 -40.71 5.35
CA LEU X 419 -37.70 -40.40 5.37
C LEU X 419 -38.29 -40.65 6.76
N LYS X 420 -37.78 -41.65 7.47
CA LYS X 420 -38.32 -41.99 8.79
C LYS X 420 -38.07 -40.88 9.80
N GLU X 421 -36.87 -40.29 9.78
CA GLU X 421 -36.53 -39.26 10.75
C GLU X 421 -37.36 -38.01 10.55
N LYS X 422 -37.62 -37.64 9.29
CA LYS X 422 -38.39 -36.43 9.00
C LYS X 422 -39.89 -36.66 9.09
N LEU X 423 -40.35 -37.91 8.99
CA LEU X 423 -41.77 -38.19 9.13
C LEU X 423 -42.20 -38.15 10.60
N LEU X 424 -41.37 -38.67 11.49
CA LEU X 424 -41.70 -38.74 12.91
C LEU X 424 -41.56 -37.35 13.52
N ARG X 425 -42.70 -36.69 13.75
CA ARG X 425 -42.76 -35.38 14.39
C ARG X 425 -41.97 -34.30 13.65
N GLY X 426 -41.70 -34.51 12.37
CA GLY X 426 -41.00 -33.52 11.58
C GLY X 426 -41.88 -32.36 11.15
N THR X 427 -43.10 -32.69 10.74
CA THR X 427 -44.16 -31.76 10.31
C THR X 427 -43.80 -31.00 9.04
N VAL X 428 -42.62 -31.23 8.45
CA VAL X 428 -42.19 -30.57 7.23
C VAL X 428 -41.65 -31.65 6.30
N ILE X 429 -42.48 -32.07 5.35
CA ILE X 429 -42.08 -33.09 4.38
C ILE X 429 -41.44 -32.40 3.17
N ASP X 430 -40.37 -32.99 2.68
CA ASP X 430 -39.63 -32.45 1.54
C ASP X 430 -40.20 -32.98 0.22
N VAL X 431 -39.82 -32.33 -0.87
CA VAL X 431 -40.20 -32.82 -2.19
C VAL X 431 -39.18 -33.79 -2.76
N THR X 432 -37.89 -33.61 -2.44
CA THR X 432 -36.85 -34.46 -3.01
C THR X 432 -36.70 -35.78 -2.25
N ASP X 433 -37.03 -35.79 -0.96
CA ASP X 433 -36.86 -37.01 -0.19
C ASP X 433 -37.80 -38.12 -0.65
N PHE X 434 -39.00 -37.77 -1.12
CA PHE X 434 -39.92 -38.78 -1.62
C PHE X 434 -39.43 -39.36 -2.94
N VAL X 435 -38.83 -38.53 -3.79
CA VAL X 435 -38.25 -39.03 -5.03
C VAL X 435 -37.06 -39.93 -4.73
N ASN X 436 -36.25 -39.56 -3.73
CA ASN X 436 -35.14 -40.41 -3.31
C ASN X 436 -35.64 -41.74 -2.78
N TRP X 437 -36.72 -41.72 -1.99
CA TRP X 437 -37.34 -42.96 -1.51
C TRP X 437 -37.85 -43.80 -2.65
N ALA X 438 -38.44 -43.17 -3.66
CA ALA X 438 -38.94 -43.91 -4.82
C ALA X 438 -37.80 -44.59 -5.57
N SER X 439 -36.70 -43.87 -5.81
CA SER X 439 -35.55 -44.47 -6.47
C SER X 439 -34.94 -45.58 -5.63
N SER X 440 -34.90 -45.37 -4.31
CA SER X 440 -34.34 -46.38 -3.41
C SER X 440 -35.16 -47.66 -3.42
N ILE X 441 -36.49 -47.53 -3.40
CA ILE X 441 -37.34 -48.72 -3.40
C ILE X 441 -37.38 -49.35 -4.79
N ASN X 442 -37.13 -48.57 -5.84
CA ASN X 442 -36.91 -49.16 -7.16
C ASN X 442 -35.64 -49.99 -7.16
N ASP X 443 -34.61 -49.53 -6.46
CA ASP X 443 -33.38 -50.30 -6.34
C ASP X 443 -33.61 -51.58 -5.54
N ALA X 444 -34.34 -51.49 -4.42
CA ALA X 444 -34.59 -52.63 -3.56
C ALA X 444 -36.03 -52.61 -3.06
N PRO X 445 -36.93 -53.37 -3.70
CA PRO X 445 -38.31 -53.45 -3.21
C PRO X 445 -38.52 -54.52 -2.16
N VAL X 446 -39.76 -54.70 -1.70
CA VAL X 446 -40.10 -55.72 -0.73
C VAL X 446 -41.57 -56.09 -0.92
N LEU X 447 -41.97 -57.23 -0.37
CA LEU X 447 -43.32 -57.72 -0.55
C LEU X 447 -44.35 -56.81 0.13
N ILE X 448 -45.52 -56.69 -0.50
CA ILE X 448 -46.63 -55.94 0.06
C ILE X 448 -47.84 -56.86 0.20
N SER X 449 -48.32 -57.37 -0.93
CA SER X 449 -49.44 -58.29 -0.98
C SER X 449 -48.96 -59.63 -1.53
N GLN X 450 -49.43 -60.72 -0.94
CA GLN X 450 -48.92 -62.05 -1.27
C GLN X 450 -50.10 -63.01 -1.40
N LYS X 451 -50.32 -63.51 -2.61
CA LYS X 451 -51.29 -64.56 -2.81
C LYS X 451 -50.66 -65.92 -2.49
N LEU X 452 -51.40 -66.75 -1.77
CA LEU X 452 -50.84 -67.92 -1.13
C LEU X 452 -51.24 -69.19 -1.88
N SER X 453 -50.41 -70.24 -1.74
CA SER X 453 -50.63 -71.52 -2.38
C SER X 453 -49.90 -72.59 -1.61
N PRO X 454 -50.52 -73.75 -1.37
CA PRO X 454 -49.87 -74.79 -0.58
C PRO X 454 -48.67 -75.40 -1.29
N ILE X 455 -47.73 -75.91 -0.50
CA ILE X 455 -46.51 -76.48 -1.05
C ILE X 455 -46.77 -77.83 -1.70
N TYR X 456 -47.62 -78.67 -1.08
CA TYR X 456 -47.84 -80.01 -1.60
C TYR X 456 -48.45 -80.00 -3.01
N ASN X 457 -48.92 -78.86 -3.50
CA ASN X 457 -49.32 -78.73 -4.89
C ASN X 457 -48.13 -78.44 -5.81
N LEU X 458 -46.97 -78.11 -5.24
CA LEU X 458 -45.78 -77.77 -6.01
C LEU X 458 -44.87 -78.97 -6.25
N VAL X 459 -45.13 -80.11 -5.60
CA VAL X 459 -44.29 -81.30 -5.77
C VAL X 459 -44.36 -81.75 -7.22
N PRO X 460 -43.24 -82.15 -7.83
CA PRO X 460 -43.29 -82.60 -9.23
C PRO X 460 -44.07 -83.90 -9.38
N VAL X 461 -44.84 -83.97 -10.47
CA VAL X 461 -45.68 -85.13 -10.76
C VAL X 461 -44.82 -86.24 -11.33
N LYS X 462 -45.40 -87.45 -11.44
CA LYS X 462 -44.75 -88.64 -12.02
C LYS X 462 -43.33 -88.84 -11.48
N MET X 463 -43.16 -88.59 -10.19
CA MET X 463 -41.89 -88.82 -9.53
C MET X 463 -41.89 -90.25 -8.97
N LYS X 464 -40.92 -90.55 -8.09
CA LYS X 464 -40.84 -91.87 -7.48
C LYS X 464 -42.14 -92.22 -6.75
N ASN X 465 -42.49 -91.44 -5.73
CA ASN X 465 -43.70 -91.63 -4.94
C ASN X 465 -44.41 -90.30 -4.75
N ALA X 466 -44.61 -89.57 -5.85
CA ALA X 466 -45.10 -88.20 -5.78
C ALA X 466 -46.46 -88.11 -5.09
N HIS X 467 -47.41 -88.95 -5.50
CA HIS X 467 -48.78 -88.83 -4.98
C HIS X 467 -48.82 -89.10 -3.48
N LEU X 468 -48.24 -90.22 -3.04
CA LEU X 468 -48.26 -90.53 -1.61
C LEU X 468 -47.50 -89.49 -0.81
N LYS X 469 -46.38 -89.00 -1.35
CA LYS X 469 -45.68 -87.91 -0.69
C LYS X 469 -46.50 -86.63 -0.70
N LYS X 470 -47.33 -86.42 -1.73
CA LYS X 470 -48.18 -85.24 -1.78
C LYS X 470 -49.17 -85.23 -0.62
N GLN X 471 -49.96 -86.30 -0.50
CA GLN X 471 -50.92 -86.39 0.61
C GLN X 471 -50.21 -86.45 1.96
N ASN X 472 -49.00 -87.02 1.98
CA ASN X 472 -48.24 -87.08 3.23
C ASN X 472 -47.83 -85.68 3.69
N LEU X 473 -47.31 -84.86 2.78
CA LEU X 473 -46.98 -83.49 3.11
C LEU X 473 -48.23 -82.66 3.39
N GLU X 474 -49.36 -83.01 2.78
CA GLU X 474 -50.61 -82.33 3.11
C GLU X 474 -51.01 -82.61 4.56
N ARG X 475 -50.96 -83.88 4.97
CA ARG X 475 -51.22 -84.22 6.37
C ARG X 475 -50.21 -83.55 7.28
N ALA X 476 -48.95 -83.44 6.83
CA ALA X 476 -47.92 -82.81 7.64
C ALA X 476 -48.20 -81.33 7.85
N ILE X 477 -48.56 -80.61 6.78
CA ILE X 477 -48.85 -79.19 6.91
C ILE X 477 -50.12 -78.97 7.73
N GLU X 478 -51.09 -79.88 7.60
CA GLU X 478 -52.30 -79.77 8.44
C GLU X 478 -51.95 -79.95 9.91
N ASP X 479 -51.16 -80.97 10.24
CA ASP X 479 -50.74 -81.18 11.62
C ASP X 479 -49.88 -80.04 12.12
N TYR X 480 -49.11 -79.41 11.24
CA TYR X 480 -48.30 -78.25 11.63
C TYR X 480 -49.18 -77.06 11.97
N ILE X 481 -50.16 -76.75 11.10
CA ILE X 481 -51.00 -75.57 11.30
C ILE X 481 -51.99 -75.79 12.44
N ASN X 482 -52.34 -77.03 12.77
CA ASN X 482 -53.27 -77.30 13.85
C ASN X 482 -52.61 -77.83 15.11
N GLU X 483 -51.28 -77.97 15.12
CA GLU X 483 -50.59 -78.58 16.25
C GLU X 483 -50.34 -77.55 17.36
N PHE X 484 -49.54 -76.52 17.06
CA PHE X 484 -49.16 -75.52 18.04
C PHE X 484 -49.51 -74.13 17.52
N SER X 485 -50.21 -73.37 18.35
CA SER X 485 -50.65 -72.02 18.02
C SER X 485 -51.21 -71.40 19.29
N VAL X 486 -51.78 -70.19 19.16
CA VAL X 486 -52.43 -69.55 20.29
C VAL X 486 -53.64 -70.36 20.74
N ARG X 487 -54.23 -71.15 19.82
CA ARG X 487 -55.41 -71.95 20.16
C ARG X 487 -55.10 -72.97 21.25
N LYS X 488 -53.90 -73.55 21.22
CA LYS X 488 -53.55 -74.58 22.19
C LYS X 488 -52.92 -74.02 23.45
N CYS X 489 -52.44 -72.78 23.43
CA CYS X 489 -51.85 -72.17 24.60
C CYS X 489 -52.95 -71.72 25.56
N HIS X 490 -52.57 -71.02 26.63
CA HIS X 490 -53.51 -70.57 27.65
C HIS X 490 -53.94 -69.14 27.38
N THR X 491 -55.14 -68.80 27.83
CA THR X 491 -55.70 -67.48 27.60
C THR X 491 -55.20 -66.49 28.65
N CYS X 492 -54.88 -65.28 28.21
CA CYS X 492 -54.38 -64.23 29.10
C CYS X 492 -55.56 -63.60 29.83
N GLN X 493 -55.29 -62.54 30.60
CA GLN X 493 -56.29 -61.85 31.38
C GLN X 493 -56.61 -60.48 30.79
N ASN X 494 -57.80 -59.99 31.11
CA ASN X 494 -58.28 -58.68 30.67
C ASN X 494 -58.27 -58.56 29.14
N GLY X 495 -58.62 -59.66 28.47
CA GLY X 495 -58.70 -59.64 27.02
C GLY X 495 -57.38 -59.38 26.33
N GLY X 496 -56.26 -59.69 26.98
CA GLY X 496 -54.96 -59.45 26.38
C GLY X 496 -54.73 -60.36 25.19
N THR X 497 -54.42 -59.77 24.04
CA THR X 497 -54.15 -60.56 22.84
C THR X 497 -52.91 -61.41 23.04
N VAL X 498 -53.06 -62.73 22.94
CA VAL X 498 -51.98 -63.67 23.18
C VAL X 498 -51.22 -63.90 21.89
N ILE X 499 -49.90 -63.84 21.96
CA ILE X 499 -49.03 -64.09 20.82
C ILE X 499 -48.12 -65.28 21.15
N LEU X 500 -47.38 -65.73 20.15
CA LEU X 500 -46.46 -66.85 20.29
C LEU X 500 -45.19 -66.53 19.51
N MET X 501 -44.10 -66.27 20.23
CA MET X 501 -42.82 -65.92 19.62
C MET X 501 -41.79 -66.96 20.08
N ASP X 502 -41.70 -68.07 19.34
CA ASP X 502 -40.70 -69.10 19.57
C ASP X 502 -40.77 -69.63 21.01
N GLY X 503 -41.91 -70.21 21.35
CA GLY X 503 -42.14 -70.80 22.65
C GLY X 503 -42.73 -69.87 23.70
N LYS X 504 -42.23 -68.64 23.77
CA LYS X 504 -42.74 -67.66 24.72
C LYS X 504 -44.16 -67.27 24.36
N CYS X 505 -45.13 -67.78 25.13
CA CYS X 505 -46.54 -67.51 24.88
C CYS X 505 -47.01 -66.30 25.68
N LEU X 506 -46.42 -65.15 25.36
CA LEU X 506 -46.76 -63.91 26.03
C LEU X 506 -48.07 -63.34 25.48
N CYS X 507 -48.69 -62.45 26.25
CA CYS X 507 -49.93 -61.82 25.88
C CYS X 507 -49.77 -60.31 25.92
N ALA X 508 -50.14 -59.64 24.84
CA ALA X 508 -50.08 -58.19 24.79
C ALA X 508 -51.21 -57.59 25.63
N CYS X 509 -50.84 -56.89 26.69
CA CYS X 509 -51.80 -56.33 27.62
C CYS X 509 -52.24 -54.94 27.15
N PRO X 510 -53.48 -54.54 27.43
CA PRO X 510 -53.97 -53.23 26.96
C PRO X 510 -53.16 -52.07 27.53
N PHE X 511 -53.47 -50.88 27.01
CA PHE X 511 -52.70 -49.69 27.36
C PHE X 511 -52.88 -49.32 28.82
N LYS X 512 -54.12 -49.28 29.30
CA LYS X 512 -54.42 -48.88 30.67
C LYS X 512 -53.97 -49.90 31.70
N PHE X 513 -53.44 -51.05 31.29
CA PHE X 513 -53.07 -52.11 32.20
C PHE X 513 -51.55 -52.28 32.19
N GLU X 514 -51.06 -53.03 33.17
CA GLU X 514 -49.62 -53.23 33.34
C GLU X 514 -49.18 -54.43 32.50
N GLY X 515 -47.97 -54.93 32.76
CA GLY X 515 -47.31 -55.86 31.87
C GLY X 515 -47.73 -57.32 31.99
N ILE X 516 -46.72 -58.20 32.14
CA ILE X 516 -46.92 -59.64 31.98
C ILE X 516 -48.05 -60.15 32.85
N ALA X 517 -48.79 -61.12 32.31
CA ALA X 517 -49.84 -61.88 32.99
C ALA X 517 -51.08 -61.04 33.30
N CYS X 518 -51.01 -59.74 33.03
CA CYS X 518 -52.12 -58.81 33.25
C CYS X 518 -52.78 -59.03 34.60
N GLU X 519 -51.96 -59.11 35.65
CA GLU X 519 -52.45 -59.36 37.00
C GLU X 519 -52.66 -58.06 37.77
N ILE X 520 -51.61 -57.27 37.91
CA ILE X 520 -51.68 -56.00 38.64
C ILE X 520 -52.35 -54.97 37.76
N SER X 521 -53.26 -54.19 38.35
CA SER X 521 -54.09 -53.28 37.59
C SER X 521 -53.30 -52.07 37.10
N LYS X 522 -52.56 -51.46 38.03
CA LYS X 522 -51.72 -50.27 37.70
C LYS X 522 -52.55 -49.01 37.96
N GLN X 523 -53.87 -49.19 38.11
CA GLN X 523 -54.79 -48.10 38.49
C GLN X 523 -55.34 -48.51 39.85
N LYS X 524 -54.83 -47.90 40.91
CA LYS X 524 -55.27 -48.22 42.29
C LYS X 524 -56.04 -47.00 42.77
N ILE X 525 -57.26 -47.21 43.30
CA ILE X 525 -58.03 -46.01 43.72
C ILE X 525 -57.23 -45.33 44.83
N SER X 526 -56.93 -44.05 44.64
CA SER X 526 -56.21 -43.23 45.65
C SER X 526 -56.68 -43.60 47.06
N GLU X 527 -55.75 -43.65 48.02
CA GLU X 527 -56.06 -43.98 49.40
C GLU X 527 -56.05 -42.70 50.23
N GLY X 528 -57.04 -42.55 51.10
CA GLY X 528 -57.13 -41.38 51.96
C GLY X 528 -57.33 -41.72 53.42
N LEU X 529 -56.51 -41.15 54.29
CA LEU X 529 -56.60 -41.40 55.72
C LEU X 529 -56.73 -40.09 56.48
N PRO X 530 -57.90 -39.75 57.00
CA PRO X 530 -58.06 -38.49 57.74
C PRO X 530 -57.71 -38.64 59.21
N ALA X 531 -57.04 -39.74 59.57
CA ALA X 531 -56.72 -40.01 60.96
C ALA X 531 -55.77 -38.97 61.52
N LEU X 532 -55.82 -38.78 62.84
CA LEU X 532 -54.96 -37.81 63.50
C LEU X 532 -53.52 -38.28 63.46
N GLU X 533 -52.56 -37.38 63.24
CA GLU X 533 -51.15 -37.80 63.20
C GLU X 533 -50.68 -38.32 64.55
N PHE X 534 -49.97 -39.44 64.52
CA PHE X 534 -49.47 -40.04 65.76
C PHE X 534 -48.41 -39.17 66.40
N PRO X 535 -47.45 -38.70 65.60
CA PRO X 535 -46.38 -37.86 66.12
C PRO X 535 -45.82 -36.94 65.02
C1 NAG Y . -9.97 -13.62 62.70
C2 NAG Y . -8.50 -14.02 62.83
C3 NAG Y . -7.59 -12.82 62.58
C4 NAG Y . -7.95 -12.12 61.27
C5 NAG Y . -9.46 -11.86 61.19
C6 NAG Y . -9.90 -11.33 59.85
C7 NAG Y . -7.20 -15.43 64.38
C8 NAG Y . -7.07 -15.91 65.79
N2 NAG Y . -8.22 -14.60 64.14
O3 NAG Y . -6.24 -13.24 62.55
O4 NAG Y . -7.30 -10.86 61.21
O5 NAG Y . -10.20 -13.07 61.42
O6 NAG Y . -9.55 -12.23 58.80
O7 NAG Y . -6.41 -15.76 63.50
C1 NAG Y . -6.09 -10.88 60.43
C2 NAG Y . -6.13 -9.69 59.45
C3 NAG Y . -4.81 -9.59 58.68
C4 NAG Y . -3.64 -9.52 59.65
C5 NAG Y . -3.68 -10.73 60.58
C6 NAG Y . -2.60 -10.70 61.64
C7 NAG Y . -7.88 -8.78 57.99
C8 NAG Y . -9.00 -9.11 57.05
N2 NAG Y . -7.25 -9.82 58.53
O3 NAG Y . -4.83 -8.43 57.86
O4 NAG Y . -2.40 -9.46 58.97
O5 NAG Y . -4.93 -10.76 61.28
O6 NAG Y . -1.53 -9.86 61.26
O7 NAG Y . -7.55 -7.63 58.24
C1 BMA Y . -2.24 -10.48 57.98
C2 BMA Y . -1.82 -9.80 56.66
C3 BMA Y . -1.42 -10.84 55.62
C4 BMA Y . -0.43 -11.87 56.19
C5 BMA Y . -1.05 -12.50 57.46
C6 BMA Y . -0.13 -13.52 58.10
O2 BMA Y . -0.69 -8.96 56.86
O3 BMA Y . -0.85 -10.23 54.46
O4 BMA Y . -0.17 -12.88 55.24
O5 BMA Y . -1.29 -11.45 58.40
O6 BMA Y . -0.86 -14.17 59.14
C1 NAG Z . -5.49 -26.74 28.27
C2 NAG Z . -5.26 -27.45 26.95
C3 NAG Z . -4.47 -26.55 26.00
C4 NAG Z . -5.11 -25.18 25.87
C5 NAG Z . -5.60 -24.58 27.22
C6 NAG Z . -6.63 -23.49 27.04
C7 NAG Z . -3.50 -29.17 27.55
C8 NAG Z . -2.58 -28.10 28.07
N2 NAG Z . -4.69 -28.79 27.06
O3 NAG Z . -4.38 -27.18 24.72
O4 NAG Z . -4.15 -24.35 25.19
O5 NAG Z . -6.24 -25.57 28.05
O6 NAG Z . -6.27 -22.32 27.77
O7 NAG Z . -3.16 -30.36 27.57
C1 NAG Z . -3.77 -23.03 25.64
C2 NAG Z . -2.40 -23.01 26.35
C3 NAG Z . -1.98 -21.58 26.66
C4 NAG Z . -2.03 -20.71 25.41
C5 NAG Z . -3.42 -20.80 24.78
C6 NAG Z . -3.52 -20.04 23.48
C7 NAG Z . -1.36 -24.24 28.21
C8 NAG Z . -1.60 -25.02 29.46
N2 NAG Z . -2.45 -23.80 27.57
O3 NAG Z . -0.66 -21.57 27.19
O4 NAG Z . -1.75 -19.36 25.73
O5 NAG Z . -3.72 -22.17 24.49
O6 NAG Z . -2.76 -18.85 23.51
O7 NAG Z . -0.23 -24.03 27.78
C1 NAG AA . 8.58 -44.11 -21.80
C2 NAG AA . 7.26 -43.94 -21.11
C3 NAG AA . 6.25 -43.36 -22.10
C4 NAG AA . 6.76 -42.06 -22.72
C5 NAG AA . 8.25 -42.13 -23.15
C6 NAG AA . 8.89 -40.76 -23.26
C7 NAG AA . 6.48 -46.29 -21.22
C8 NAG AA . 5.99 -47.45 -20.41
N2 NAG AA . 6.77 -45.18 -20.53
O3 NAG AA . 5.02 -43.12 -21.43
O4 NAG AA . 5.88 -41.74 -23.79
O5 NAG AA . 9.06 -42.84 -22.20
O6 NAG AA . 10.30 -40.84 -23.15
O7 NAG AA . 6.60 -46.36 -22.43
C1 NAG AA . 6.36 -41.53 -25.14
C2 NAG AA . 6.12 -42.74 -26.06
C3 NAG AA . 6.52 -42.40 -27.50
C4 NAG AA . 5.83 -41.12 -27.96
C5 NAG AA . 6.13 -39.99 -26.99
C6 NAG AA . 5.40 -38.72 -27.34
C7 NAG AA . 6.60 -45.15 -25.98
C8 NAG AA . 7.48 -46.22 -25.41
N2 NAG AA . 6.87 -43.90 -25.59
O3 NAG AA . 6.17 -43.47 -28.36
O4 NAG AA . 6.31 -40.76 -29.26
O5 NAG AA . 5.68 -40.38 -25.68
O6 NAG AA . 5.61 -38.35 -28.69
O7 NAG AA . 5.69 -45.40 -26.77
C1 NAG BA . 20.29 10.63 73.11
C2 NAG BA . 18.91 9.95 73.23
C3 NAG BA . 18.36 9.55 71.86
C4 NAG BA . 18.37 10.73 70.91
C5 NAG BA . 19.80 11.29 70.83
C6 NAG BA . 19.93 12.50 69.95
C7 NAG BA . 19.56 7.66 74.12
C8 NAG BA . 20.47 7.41 72.94
N2 NAG BA . 18.89 8.83 74.18
O3 NAG BA . 17.03 9.04 72.01
O4 NAG BA . 17.93 10.29 69.63
O5 NAG BA . 20.22 11.69 72.14
O6 NAG BA . 19.71 13.70 70.67
O7 NAG BA . 19.43 6.82 75.01
C1 NAG BA . 16.83 11.06 69.04
C2 NAG BA . 15.86 11.66 70.08
C3 NAG BA . 14.84 12.57 69.41
C4 NAG BA . 15.52 13.60 68.52
C5 NAG BA . 16.45 12.92 67.53
C6 NAG BA . 17.22 13.88 66.67
C7 NAG BA . 14.61 10.82 72.02
C8 NAG BA . 13.97 9.62 72.65
N2 NAG BA . 15.20 10.61 70.84
O3 NAG BA . 14.04 13.21 70.39
O4 NAG BA . 14.55 14.36 67.82
O5 NAG BA . 17.40 12.12 68.24
O6 NAG BA . 18.20 14.60 67.43
O7 NAG BA . 14.61 11.91 72.55
C1 NAG CA . 23.68 28.59 71.56
C2 NAG CA . 23.03 27.19 71.57
C3 NAG CA . 22.95 26.60 70.17
C4 NAG CA . 22.28 27.57 69.21
C5 NAG CA . 23.09 28.85 69.20
C6 NAG CA . 22.55 29.92 68.28
C7 NAG CA . 25.00 25.89 72.31
C8 NAG CA . 25.53 24.95 73.34
N2 NAG CA . 23.73 26.29 72.47
O3 NAG CA . 22.24 25.37 70.20
O4 NAG CA . 22.19 26.98 67.91
O5 NAG CA . 23.09 29.41 70.51
O6 NAG CA . 23.04 29.77 66.96
O7 NAG CA . 25.69 26.29 71.38
C1 NAG CA . 20.84 27.00 67.35
C2 NAG CA . 19.72 26.99 68.41
C3 NAG CA . 18.34 27.16 67.74
C4 NAG CA . 18.34 28.39 66.83
C5 NAG CA . 19.47 28.28 65.82
C6 NAG CA . 19.58 29.50 64.93
C7 NAG CA . 19.24 25.69 70.43
C8 NAG CA . 19.34 24.35 71.11
N2 NAG CA . 19.74 25.77 69.20
O3 NAG CA . 17.34 27.29 68.74
O4 NAG CA . 17.09 28.47 66.15
O5 NAG CA . 20.72 28.17 66.51
O6 NAG CA . 20.43 30.49 65.49
O7 NAG CA . 18.71 26.65 70.99
C1 NAG DA . 23.38 45.73 65.30
C2 NAG DA . 23.04 44.23 65.44
C3 NAG DA . 23.08 43.53 64.07
C4 NAG DA . 22.19 44.27 63.07
C5 NAG DA . 22.70 45.70 62.95
C6 NAG DA . 21.89 46.54 62.00
C7 NAG DA . 25.25 43.43 66.20
C8 NAG DA . 25.98 42.70 67.28
N2 NAG DA . 23.93 43.56 66.38
O3 NAG DA . 22.65 42.18 64.21
O4 NAG DA . 22.23 43.58 61.82
O5 NAG DA . 22.59 46.32 64.24
O6 NAG DA . 22.33 46.36 60.66
O7 NAG DA . 25.84 43.90 65.22
C1 NAG DA . 20.92 43.24 61.27
C2 NAG DA . 19.83 43.04 62.35
C3 NAG DA . 18.46 42.84 61.68
C4 NAG DA . 18.16 43.95 60.69
C5 NAG DA . 19.29 44.06 59.68
C6 NAG DA . 19.10 45.20 58.70
C7 NAG DA . 19.65 41.80 64.46
C8 NAG DA . 20.08 40.57 65.21
N2 NAG DA . 20.14 41.92 63.21
O3 NAG DA . 17.45 42.79 62.68
O4 NAG DA . 16.94 43.68 60.02
O5 NAG DA . 20.53 44.29 60.36
O6 NAG DA . 19.79 46.37 59.14
O7 NAG DA . 18.90 42.64 64.95
C1 NAG EA . 19.19 61.32 55.60
C2 NAG EA . 19.15 59.83 56.00
C3 NAG EA . 19.25 58.93 54.77
C4 NAG EA . 18.19 59.32 53.74
C5 NAG EA . 18.41 60.77 53.36
C6 NAG EA . 17.41 61.29 52.35
C7 NAG EA . 21.50 59.59 56.71
C8 NAG EA . 22.41 59.19 57.82
N2 NAG EA . 20.19 59.50 56.97
O3 NAG EA . 19.09 57.57 55.15
O4 NAG EA . 18.29 58.45 52.62
O5 NAG EA . 18.26 61.58 54.52
O6 NAG EA . 17.80 60.95 51.02
O7 NAG EA . 21.94 59.97 55.62
C1 NAG EA . 17.05 57.79 52.23
C2 NAG EA . 16.07 57.59 53.40
C3 NAG EA . 14.73 57.03 52.90
C4 NAG EA . 14.18 57.89 51.77
C5 NAG EA . 15.21 58.02 50.67
C6 NAG EA . 14.77 58.92 49.54
C7 NAG EA . 16.23 56.71 55.70
C8 NAG EA . 16.91 55.73 56.60
N2 NAG EA . 16.62 56.70 54.42
O3 NAG EA . 13.80 56.97 53.97
O4 NAG EA . 13.00 57.30 51.24
O5 NAG EA . 16.42 58.58 51.20
O6 NAG EA . 15.25 60.25 49.71
O7 NAG EA . 15.36 57.48 56.10
C1 NAG FA . 11.85 74.33 43.47
C2 NAG FA . 12.11 72.97 44.14
C3 NAG FA . 12.29 71.86 43.10
C4 NAG FA . 11.11 71.84 42.14
C5 NAG FA . 11.04 73.20 41.47
C6 NAG FA . 9.90 73.33 40.48
C7 NAG FA . 14.51 73.27 44.64
C8 NAG FA . 15.56 73.26 45.71
N2 NAG FA . 13.26 73.02 45.04
O3 NAG FA . 12.41 70.61 43.76
O4 NAG FA . 11.29 70.80 41.19
O5 NAG FA . 10.82 74.20 42.46
O6 NAG FA . 10.24 72.80 39.21
O7 NAG FA . 14.79 73.48 43.46
C1 NAG FA . 10.17 69.87 41.07
C2 NAG FA . 9.32 69.76 42.36
C3 NAG FA . 8.08 68.89 42.11
C4 NAG FA . 7.31 69.40 40.90
C5 NAG FA . 8.22 69.47 39.69
C6 NAG FA . 7.55 70.04 38.47
C7 NAG FA . 9.80 69.41 44.75
C8 NAG FA . 10.71 68.76 45.75
N2 NAG FA . 10.10 69.21 43.46
O3 NAG FA . 7.24 68.91 43.26
O4 NAG FA . 6.22 68.53 40.62
O5 NAG FA . 9.33 70.33 39.98
O6 NAG FA . 7.78 71.42 38.34
O7 NAG FA . 8.83 70.09 45.09
C1 NAG GA . 0.94 82.60 30.62
C2 NAG GA . 1.51 81.46 31.48
C3 NAG GA . 1.84 80.22 30.64
C4 NAG GA . 0.64 79.80 29.81
C5 NAG GA . 0.25 80.97 28.92
C6 NAG GA . -0.95 80.69 28.05
C7 NAG GA . 3.83 82.28 31.69
C8 NAG GA . 4.92 82.67 32.65
N2 NAG GA . 2.67 81.89 32.24
O3 NAG GA . 2.25 79.16 31.49
O4 NAG GA . 0.96 78.65 29.05
O5 NAG GA . -0.10 82.09 29.75
O6 NAG GA . -0.57 80.01 26.86
O7 NAG GA . 3.99 82.32 30.48
C1 NAG GA . 0.04 77.52 29.20
C2 NAG GA . -0.69 77.50 30.57
C3 NAG GA . -1.74 76.39 30.59
C4 NAG GA . -2.67 76.51 29.39
C5 NAG GA . -1.86 76.52 28.10
C6 NAG GA . -2.71 76.70 26.87
C7 NAG GA . -0.01 77.71 32.91
C8 NAG GA . 1.07 77.44 33.93
N2 NAG GA . 0.25 77.33 31.67
O3 NAG GA . -2.50 76.47 31.80
O4 NAG GA . -3.58 75.42 29.37
O5 NAG GA . -0.92 77.60 28.14
O6 NAG GA . -2.76 78.07 26.48
O7 NAG GA . -1.06 78.25 33.22
C1 NAG HA . -11.89 86.33 17.79
C2 NAG HA . -11.07 85.50 18.79
C3 NAG HA . -10.55 84.21 18.16
C4 NAG HA . -11.70 83.42 17.54
C5 NAG HA . -12.37 84.31 16.49
C6 NAG HA . -13.56 83.65 15.81
C7 NAG HA . -8.93 86.75 18.60
C8 NAG HA . -7.88 87.50 19.36
N2 NAG HA . -9.95 86.27 19.34
O3 NAG HA . -9.88 83.42 19.13
O4 NAG HA . -11.21 82.21 16.97
O5 NAG HA . -12.87 85.48 17.15
O6 NAG HA . -13.13 82.83 14.73
O7 NAG HA . -8.86 86.57 17.38
C1 NAG HA . -11.89 81.00 17.41
C2 NAG HA . -12.50 81.11 18.83
C3 NAG HA . -13.32 79.86 19.16
C4 NAG HA . -14.33 79.58 18.07
C5 NAG HA . -13.63 79.46 16.72
C6 NAG HA . -14.58 79.27 15.57
C7 NAG HA . -11.71 81.91 21.02
C8 NAG HA . -10.54 82.04 21.94
N2 NAG HA . -11.47 81.33 19.83
O3 NAG HA . -13.98 80.04 20.41
O4 NAG HA . -15.01 78.36 18.34
O5 NAG HA . -12.92 80.69 16.46
O6 NAG HA . -14.92 80.49 14.95
O7 NAG HA . -12.84 82.29 21.34
C1 NAG IA . -25.74 85.19 6.44
C2 NAG IA . -24.68 84.78 7.49
C3 NAG IA . -23.96 83.49 7.07
C4 NAG IA . -24.96 82.39 6.77
C5 NAG IA . -25.88 82.87 5.65
C6 NAG IA . -26.95 81.87 5.27
C7 NAG IA . -22.89 86.34 6.79
C8 NAG IA . -21.98 87.43 7.24
N2 NAG IA . -23.72 85.85 7.72
O3 NAG IA . -23.07 83.09 8.11
O4 NAG IA . -24.27 81.20 6.41
O5 NAG IA . -26.57 84.04 6.11
O6 NAG IA . -26.44 80.91 4.34
O7 NAG IA . -22.88 85.91 5.64
C1 NAG IA . -24.64 80.01 7.17
C2 NAG IA . -25.15 80.32 8.59
C3 NAG IA . -25.66 79.04 9.26
C4 NAG IA . -26.67 78.34 8.38
C5 NAG IA . -26.06 78.06 7.02
C6 NAG IA . -27.03 77.42 6.04
C7 NAG IA . -24.39 81.71 10.47
C8 NAG IA . -23.20 82.27 11.19
N2 NAG IA . -24.12 80.95 9.40
O3 NAG IA . -26.25 79.37 10.51
O4 NAG IA . -27.04 77.10 8.98
O5 NAG IA . -25.65 79.30 6.43
O6 NAG IA . -27.67 78.39 5.24
O7 NAG IA . -25.54 81.95 10.83
C1 NAG JA . -40.87 79.63 -4.20
C2 NAG JA . -39.69 79.53 -3.22
C3 NAG JA . -38.81 78.32 -3.52
C4 NAG JA . -39.65 77.04 -3.58
C5 NAG JA . -40.72 77.23 -4.67
C6 NAG JA . -41.64 76.04 -4.82
C7 NAG JA . -38.20 81.20 -4.27
C8 NAG JA . -37.44 82.47 -4.05
N2 NAG JA . -38.89 80.74 -3.21
O3 NAG JA . -37.81 78.19 -2.52
O4 NAG JA . -38.82 75.92 -3.85
O5 NAG JA . -41.54 78.35 -4.31
O6 NAG JA . -41.06 75.05 -5.65
O7 NAG JA . -38.21 80.62 -5.36
C1 NAG JA . -38.96 74.83 -2.91
C2 NAG JA . -39.41 75.26 -1.49
C3 NAG JA . -39.67 74.03 -0.61
C4 NAG JA . -40.62 73.07 -1.29
C5 NAG JA . -40.07 72.69 -2.67
C6 NAG JA . -41.00 71.79 -3.46
C7 NAG JA . -38.74 77.00 0.10
C8 NAG JA . -37.61 77.81 0.64
N2 NAG JA . -38.43 76.13 -0.86
O3 NAG JA . -40.22 74.45 0.63
O4 NAG JA . -40.77 71.88 -0.52
O5 NAG JA . -39.90 73.88 -3.46
O6 NAG JA . -41.83 72.53 -4.33
O7 NAG JA . -39.89 77.12 0.53
C1 NAG KA . -54.48 69.81 -11.01
C2 NAG KA . -53.24 70.15 -10.16
C3 NAG KA . -52.15 69.09 -10.32
C4 NAG KA . -52.72 67.71 -10.03
C5 NAG KA . -53.86 67.45 -11.00
C6 NAG KA . -54.52 66.10 -10.82
C7 NAG KA . -52.21 71.80 -11.68
C8 NAG KA . -51.71 73.21 -11.81
N2 NAG KA . -52.71 71.47 -10.48
O3 NAG KA . -51.06 69.37 -9.44
O4 NAG KA . -51.69 66.73 -10.17
O5 NAG KA . -54.87 68.44 -10.78
O6 NAG KA . -53.81 65.08 -11.49
O7 NAG KA . -52.17 71.01 -12.63
C1 NAG KA . -51.52 65.85 -9.01
C2 NAG KA . -51.95 66.49 -7.67
C3 NAG KA . -51.89 65.45 -6.54
C4 NAG KA . -52.67 64.20 -6.91
C5 NAG KA . -52.15 63.65 -8.24
C6 NAG KA . -52.92 62.44 -8.70
C7 NAG KA . -51.54 68.63 -6.53
C8 NAG KA . -50.57 69.74 -6.30
N2 NAG KA . -51.13 67.65 -7.34
O3 NAG KA . -52.42 66.02 -5.35
O4 NAG KA . -52.51 63.22 -5.90
O5 NAG KA . -52.28 64.65 -9.25
O6 NAG KA . -53.96 62.81 -9.61
O7 NAG KA . -52.66 68.62 -6.01
C1 NAG LA . -66.74 56.63 -14.74
C2 NAG LA . -65.53 57.35 -14.11
C3 NAG LA . -64.27 56.48 -14.17
C4 NAG LA . -64.53 55.11 -13.58
C5 NAG LA . -65.67 54.46 -14.36
C6 NAG LA . -66.05 53.09 -13.86
C7 NAG LA . -64.94 58.82 -16.00
C8 NAG LA . -64.73 60.25 -16.44
N2 NAG LA . -65.28 58.64 -14.72
O3 NAG LA . -63.20 57.12 -13.49
O4 NAG LA . -63.34 54.32 -13.65
O5 NAG LA . -66.84 55.29 -14.22
O6 NAG LA . -65.21 52.08 -14.41
O7 NAG LA . -64.82 57.88 -16.78
C1 NAG LA . -62.94 53.73 -12.38
C2 NAG LA . -63.39 54.54 -11.14
C3 NAG LA . -63.04 53.78 -9.85
C4 NAG LA . -63.59 52.36 -9.91
C5 NAG LA . -63.07 51.65 -11.15
C6 NAG LA . -63.63 50.26 -11.31
C7 NAG LA . -63.32 56.90 -10.47
C8 NAG LA . -62.55 58.19 -10.54
N2 NAG LA . -62.77 55.86 -11.12
O3 NAG LA . -63.59 54.47 -8.73
O4 NAG LA . -63.17 51.64 -8.75
O5 NAG LA . -63.46 52.39 -12.31
O6 NAG LA . -64.77 50.25 -12.15
O7 NAG LA . -64.36 56.80 -9.84
C1 NAG MA . -76.36 41.08 -14.68
C2 NAG MA . -75.27 42.10 -14.31
C3 NAG MA . -73.88 41.46 -14.36
C4 NAG MA . -73.84 40.20 -13.51
C5 NAG MA . -74.89 39.24 -14.03
C6 NAG MA . -74.96 37.94 -13.26
C7 NAG MA . -75.12 43.25 -16.50
C8 NAG MA . -75.22 44.57 -17.19
N2 NAG MA . -75.32 43.27 -15.18
O3 NAG MA . -72.91 42.40 -13.92
O4 NAG MA . -72.53 39.63 -13.56
O5 NAG MA . -76.18 39.86 -13.92
O6 NAG MA . -73.99 37.01 -13.71
O7 NAG MA . -74.88 42.21 -17.10
C1 NAG MA . -71.92 39.39 -12.27
C2 NAG MA . -72.42 40.33 -11.15
C3 NAG MA . -71.85 39.90 -9.80
C4 NAG MA . -72.12 38.43 -9.52
C5 NAG MA . -71.57 37.59 -10.68
C6 NAG MA . -71.87 36.11 -10.53
C7 NAG MA . -72.75 42.75 -10.91
C8 NAG MA . -72.26 44.11 -11.30
N2 NAG MA . -72.08 41.72 -11.43
O3 NAG MA . -72.43 40.69 -8.76
O4 NAG MA . -71.49 38.02 -8.32
O5 NAG MA . -72.19 38.01 -11.90
O6 NAG MA . -73.05 35.75 -11.23
O7 NAG MA . -73.71 42.60 -10.16
C1 NAG NA . -82.80 24.30 -10.83
C2 NAG NA . -81.89 25.55 -10.77
C3 NAG NA . -80.42 25.17 -10.86
C4 NAG NA . -80.07 24.13 -9.81
C5 NAG NA . -80.96 22.91 -10.03
C6 NAG NA . -80.72 21.79 -9.04
C7 NAG NA . -82.13 26.26 -13.12
C8 NAG NA . -82.53 27.39 -14.03
N2 NAG NA . -82.23 26.52 -11.81
O3 NAG NA . -79.61 26.32 -10.71
O4 NAG NA . -78.68 23.79 -9.91
O5 NAG NA . -82.33 23.31 -9.89
O6 NAG NA . -79.64 20.97 -9.43
O7 NAG NA . -81.75 25.18 -13.56
C1 NAG NA . -77.94 23.90 -8.65
C2 NAG NA . -78.53 24.95 -7.68
C3 NAG NA . -77.78 24.89 -6.33
C4 NAG NA . -77.74 23.48 -5.79
C5 NAG NA . -77.13 22.54 -6.82
C6 NAG NA . -77.13 21.10 -6.39
C7 NAG NA . -79.29 27.27 -7.83
C8 NAG NA . -79.09 28.60 -8.51
N2 NAG NA . -78.47 26.29 -8.23
O3 NAG NA . -78.42 25.76 -5.40
O4 NAG NA . -76.95 23.43 -4.61
O5 NAG NA . -77.92 22.60 -8.03
O6 NAG NA . -78.28 20.41 -6.87
O7 NAG NA . -80.14 27.10 -6.97
C1 NAG OA . -85.65 7.79 -3.32
C2 NAG OA . -85.01 9.16 -3.59
C3 NAG OA . -83.49 9.03 -3.78
C4 NAG OA . -82.86 8.29 -2.61
C5 NAG OA . -83.52 6.92 -2.51
C6 NAG OA . -83.01 6.07 -1.37
C7 NAG OA . -85.55 9.35 -6.00
C8 NAG OA . -86.22 10.20 -7.04
N2 NAG OA . -85.60 9.83 -4.75
O3 NAG OA . -82.90 10.31 -3.92
O4 NAG OA . -81.46 8.18 -2.79
O5 NAG OA . -84.93 7.09 -2.29
O6 NAG OA . -81.81 5.39 -1.72
O7 NAG OA . -85.00 8.29 -6.28
C1 NAG OA . -80.66 8.67 -1.67
C2 NAG OA . -81.36 9.76 -0.83
C3 NAG OA . -80.51 10.10 0.40
C4 NAG OA . -80.17 8.85 1.18
C5 NAG OA . -79.48 7.84 0.27
C6 NAG OA . -79.17 6.53 0.96
C7 NAG OA . -82.56 11.84 -1.32
C8 NAG OA . -82.67 13.03 -2.24
N2 NAG OA . -81.61 10.96 -1.62
O3 NAG OA . -81.23 11.00 1.24
O4 NAG OA . -79.30 9.18 2.27
O5 NAG OA . -80.34 7.53 -0.83
O6 NAG OA . -80.19 5.57 0.73
O7 NAG OA . -83.29 11.71 -0.35
C1 NAG PA . -84.41 -7.01 7.39
C2 NAG PA . -84.06 -5.64 6.80
C3 NAG PA . -82.57 -5.54 6.46
C4 NAG PA . -81.72 -5.90 7.67
C5 NAG PA . -82.09 -7.32 8.09
C6 NAG PA . -81.32 -7.81 9.30
C7 NAG PA . -84.83 -6.03 4.49
C8 NAG PA . -85.73 -5.54 3.39
N2 NAG PA . -84.86 -5.33 5.63
O3 NAG PA . -82.26 -4.22 6.03
O4 NAG PA . -80.34 -5.79 7.34
O5 NAG PA . -83.47 -7.36 8.44
O6 NAG PA . -80.05 -8.33 8.93
O7 NAG PA . -84.10 -7.01 4.34
C1 NAG PA . -79.56 -4.96 8.25
C2 NAG PA . -80.38 -3.86 8.96
C3 NAG PA . -79.53 -3.13 10.00
C4 NAG PA . -78.89 -4.13 10.95
C5 NAG PA . -78.08 -5.16 10.16
C6 NAG PA . -77.46 -6.23 11.03
C7 NAG PA . -82.01 -2.16 8.25
C8 NAG PA . -82.42 -1.23 7.16
N2 NAG PA . -80.92 -2.90 8.00
O3 NAG PA . -80.34 -2.23 10.74
O4 NAG PA . -78.01 -3.44 11.85
O5 NAG PA . -78.96 -5.83 9.24
O6 NAG PA . -78.29 -7.38 11.10
O7 NAG PA . -82.63 -2.23 9.31
C1 NAG QA . -79.27 -18.75 19.99
C2 NAG QA . -79.26 -17.48 19.12
C3 NAG QA . -77.85 -17.19 18.60
C4 NAG QA . -76.85 -17.14 19.74
C5 NAG QA . -76.89 -18.49 20.45
C6 NAG QA . -75.94 -18.59 21.62
C7 NAG QA . -80.14 -18.47 17.03
C8 NAG QA . -81.20 -18.38 15.98
N2 NAG QA . -80.21 -17.57 18.02
O3 NAG QA . -77.85 -15.95 17.89
O4 NAG QA . -75.56 -16.85 19.22
O5 NAG QA . -78.21 -18.70 20.96
O6 NAG QA . -74.63 -18.92 21.21
O7 NAG QA . -79.24 -19.32 16.98
C1 NAG QA . -74.88 -15.73 19.86
C2 NAG QA . -75.84 -14.68 20.45
C3 NAG QA . -75.07 -13.62 21.23
C4 NAG QA . -74.15 -14.26 22.26
C5 NAG QA . -73.24 -15.27 21.58
C6 NAG QA . -72.35 -16.02 22.55
C7 NAG QA . -77.83 -13.48 19.64
C8 NAG QA . -78.50 -12.88 18.45
N2 NAG QA . -76.63 -14.05 19.41
O3 NAG QA . -75.97 -12.74 21.87
O4 NAG QA . -73.36 -13.27 22.90
O5 NAG QA . -74.03 -16.26 20.91
O6 NAG QA . -72.92 -17.26 22.94
O7 NAG QA . -78.33 -13.44 20.76
C1 NAG RA . -71.83 -26.82 33.05
C2 NAG RA . -72.22 -25.85 31.92
C3 NAG RA . -70.99 -25.42 31.11
C4 NAG RA . -69.92 -24.87 32.04
C5 NAG RA . -69.55 -25.95 33.03
C6 NAG RA . -68.49 -25.53 34.03
C7 NAG RA . -73.03 -27.52 30.28
C8 NAG RA . -74.19 -27.94 29.44
N2 NAG RA . -73.23 -26.43 31.03
O3 NAG RA . -71.37 -24.44 30.15
O4 NAG RA . -68.79 -24.45 31.27
O5 NAG RA . -70.71 -26.29 33.79
O6 NAG RA . -67.18 -25.69 33.49
O7 NAG RA . -71.97 -28.14 30.28
C1 NAG RA . -68.35 -23.09 31.51
C2 NAG RA . -69.48 -22.14 31.98
C3 NAG RA . -68.91 -20.77 32.36
C4 NAG RA . -67.76 -20.92 33.35
C5 NAG RA . -66.70 -21.85 32.78
C6 NAG RA . -65.57 -22.10 33.73
C7 NAG RA . -71.78 -21.64 31.25
C8 NAG RA . -72.71 -21.53 30.09
N2 NAG RA . -70.52 -22.00 30.97
O3 NAG RA . -69.94 -19.96 32.93
O4 NAG RA . -67.17 -19.64 33.60
O5 NAG RA . -67.30 -23.12 32.49
O6 NAG RA . -65.77 -23.29 34.48
O7 NAG RA . -72.15 -21.42 32.40
C1 NAG SA . -60.41 -28.19 46.82
C2 NAG SA . -61.13 -27.58 45.60
C3 NAG SA . -60.13 -27.08 44.55
C4 NAG SA . -59.13 -26.13 45.19
C5 NAG SA . -58.41 -26.87 46.31
C6 NAG SA . -57.40 -26.03 47.05
C7 NAG SA . -61.68 -29.70 44.44
C8 NAG SA . -62.79 -30.53 43.87
N2 NAG SA . -62.06 -28.54 45.00
O3 NAG SA . -60.82 -26.44 43.49
O4 NAG SA . -58.22 -25.66 44.20
O5 NAG SA . -59.38 -27.28 47.28
O6 NAG SA . -56.15 -26.02 46.37
O7 NAG SA . -60.51 -30.06 44.40
C1 NAG SA . -58.10 -24.21 44.12
C2 NAG SA . -59.36 -23.45 44.58
C3 NAG SA . -59.10 -21.94 44.60
C4 NAG SA . -57.86 -21.62 45.42
C5 NAG SA . -56.67 -22.40 44.89
C6 NAG SA . -55.41 -22.20 45.69
C7 NAG SA . -61.76 -23.61 44.11
C8 NAG SA . -62.81 -23.97 43.09
N2 NAG SA . -60.49 -23.75 43.71
O3 NAG SA . -60.23 -21.26 45.15
O4 NAG SA . -57.57 -20.23 45.35
O5 NAG SA . -56.96 -23.81 44.94
O6 NAG SA . -55.25 -23.22 46.67
O7 NAG SA . -62.06 -23.24 45.24
C1 NAG TA . 29.33 -21.23 37.04
C2 NAG TA . 28.49 -20.49 38.09
C3 NAG TA . 27.26 -19.86 37.42
C4 NAG TA . 27.69 -18.98 36.26
C5 NAG TA . 28.54 -19.78 35.28
C6 NAG TA . 29.09 -18.94 34.14
C7 NAG TA . 28.22 -21.09 40.45
C8 NAG TA . 28.84 -19.75 40.77
N2 NAG TA . 28.09 -21.38 39.16
O3 NAG TA . 26.56 -19.08 38.38
O4 NAG TA . 26.54 -18.49 35.58
O5 NAG TA . 29.67 -20.34 35.96
O6 NAG TA . 30.00 -17.96 34.61
O7 NAG TA . 27.87 -21.86 41.34
C1 NAG UA . 0.34 19.74 93.78
C2 NAG UA . 0.77 19.16 92.43
C3 NAG UA . -0.44 18.95 91.52
C4 NAG UA . -1.50 18.12 92.25
C5 NAG UA . -1.82 18.73 93.61
C6 NAG UA . -2.76 17.91 94.45
C7 NAG UA . 2.69 19.59 90.96
C8 NAG UA . 3.59 20.64 90.38
N2 NAG UA . 1.73 20.05 91.77
O3 NAG UA . -0.05 18.28 90.34
O4 NAG UA . -2.69 18.05 91.47
O5 NAG UA . -0.62 18.88 94.36
O6 NAG UA . -3.78 18.73 95.02
O7 NAG UA . 2.82 18.41 90.70
C1 NAG VA . -8.33 24.91 103.10
C2 NAG VA . -7.69 26.01 102.26
C3 NAG VA . -7.85 25.71 100.78
C4 NAG VA . -7.34 24.31 100.46
C5 NAG VA . -8.00 23.29 101.38
C6 NAG VA . -7.47 21.88 101.18
C7 NAG VA . -7.56 28.45 102.49
C8 NAG VA . -8.30 29.70 102.86
N2 NAG VA . -8.26 27.31 102.58
O3 NAG VA . -7.13 26.67 100.01
O4 NAG VA . -7.63 23.99 99.10
O5 NAG VA . -7.77 23.64 102.75
O6 NAG VA . -7.86 21.04 102.27
O7 NAG VA . -6.39 28.48 102.12
C1 NAG WA . -4.10 43.09 100.83
C2 NAG WA . -3.74 44.28 99.92
C3 NAG WA . -3.85 43.91 98.44
C4 NAG WA . -3.08 42.64 98.15
C5 NAG WA . -3.51 41.53 99.12
C6 NAG WA . -2.72 40.25 98.93
C7 NAG WA . -5.82 45.73 100.18
C8 NAG WA . -6.71 44.60 99.74
N2 NAG WA . -4.49 45.50 100.24
O3 NAG WA . -3.35 44.97 97.65
O4 NAG WA . -3.31 42.21 96.81
O5 NAG WA . -3.29 41.95 100.47
O6 NAG WA . -3.41 39.34 98.07
O7 NAG WA . -6.29 46.82 100.48
C1 NAG XA . 5.75 38.47 89.94
C2 NAG XA . 4.52 37.57 89.72
C3 NAG XA . 4.86 36.49 88.71
C4 NAG XA . 5.31 37.14 87.41
C5 NAG XA . 6.51 38.05 87.68
C6 NAG XA . 6.97 38.79 86.45
C7 NAG XA . 2.80 36.58 91.17
C8 NAG XA . 2.47 36.04 92.52
N2 NAG XA . 4.05 36.99 90.98
O3 NAG XA . 3.73 35.66 88.45
O4 NAG XA . 5.70 36.14 86.47
O5 NAG XA . 6.17 39.03 88.66
O6 NAG XA . 5.95 39.58 85.88
O7 NAG XA . 1.95 36.66 90.28
C1 NAG YA . 5.68 54.43 83.04
C2 NAG YA . 4.60 53.43 82.65
C3 NAG YA . 4.64 53.20 81.14
C4 NAG YA . 4.55 54.52 80.39
C5 NAG YA . 5.62 55.49 80.89
C6 NAG YA . 5.52 56.86 80.27
C7 NAG YA . 3.99 51.82 84.38
C8 NAG YA . 4.28 50.49 85.01
N2 NAG YA . 4.76 52.18 83.36
O3 NAG YA . 3.55 52.35 80.76
O4 NAG YA . 4.72 54.31 79.00
O5 NAG YA . 5.50 55.66 82.31
O6 NAG YA . 4.55 56.88 79.24
O7 NAG YA . 3.08 52.54 84.80
C1 NAG ZA . -4.42 57.95 95.91
C2 NAG ZA . -3.15 57.46 95.18
C3 NAG ZA . -3.49 56.44 94.08
C4 NAG ZA . -4.37 55.33 94.63
C5 NAG ZA . -5.60 55.94 95.31
C6 NAG ZA . -6.49 54.90 95.94
C7 NAG ZA . -2.59 59.49 93.74
C8 NAG ZA . -3.96 59.44 93.09
N2 NAG ZA . -2.31 58.54 94.67
O3 NAG ZA . -2.28 55.89 93.56
O4 NAG ZA . -4.79 54.48 93.57
O5 NAG ZA . -5.19 56.82 96.35
O6 NAG ZA . -5.87 54.29 97.07
O7 NAG ZA . -1.77 60.34 93.42
C1 NAG AB . -8.87 73.46 86.01
C2 NAG AB . -7.57 73.08 85.27
C3 NAG AB . -7.77 71.84 84.37
C4 NAG AB . -8.39 70.71 85.16
C5 NAG AB . -9.68 71.19 85.83
C6 NAG AB . -10.33 70.13 86.69
C7 NAG AB . -7.47 74.89 83.49
C8 NAG AB . -8.84 74.51 82.97
N2 NAG AB . -6.97 74.20 84.53
O3 NAG AB . -6.51 71.43 83.85
O4 NAG AB . -8.70 69.62 84.29
O5 NAG AB . -9.39 72.30 86.69
O6 NAG AB . -9.55 69.85 87.84
O7 NAG AB . -6.85 75.82 82.98
C1 NAG BB . 1.07 69.65 73.10
C2 NAG BB . 0.17 68.42 72.95
C3 NAG BB . 0.17 67.93 71.51
C4 NAG BB . -0.19 69.08 70.56
C5 NAG BB . 0.70 70.29 70.82
C6 NAG BB . 0.31 71.49 70.00
C7 NAG BB . -0.04 67.05 74.97
C8 NAG BB . 0.53 65.91 75.77
N2 NAG BB . 0.60 67.35 73.85
O3 NAG BB . -0.75 66.86 71.36
O4 NAG BB . -0.05 68.66 69.21
O5 NAG BB . 0.63 70.67 72.21
O6 NAG BB . -0.69 71.17 69.06
O7 NAG BB . -1.05 67.65 75.33
C1 NAG CB . -6.25 82.98 60.83
C2 NAG CB . -6.91 81.61 61.02
C3 NAG CB . -6.91 80.85 59.69
C4 NAG CB . -7.55 81.70 58.60
C5 NAG CB . -6.87 83.06 58.53
C6 NAG CB . -7.53 83.99 57.53
C7 NAG CB . -6.74 80.67 63.27
C8 NAG CB . -5.90 79.85 64.21
N2 NAG CB . -6.24 80.84 62.05
O3 NAG CB . -7.64 79.63 59.85
O4 NAG CB . -7.43 81.04 57.34
O5 NAG CB . -6.93 83.71 59.81
O6 NAG CB . -8.53 83.32 56.77
O7 NAG CB . -7.80 81.17 63.61
C1 NAG DB . -15.80 87.68 73.74
C2 NAG DB . -14.51 87.38 72.95
C3 NAG DB . -14.54 85.97 72.33
C4 NAG DB . -14.90 84.93 73.38
C5 NAG DB . -16.20 85.32 74.07
C6 NAG DB . -16.59 84.37 75.18
C7 NAG DB . -14.87 88.77 70.85
C8 NAG DB . -16.17 88.06 70.57
N2 NAG DB . -14.19 88.40 71.95
O3 NAG DB . -13.27 85.67 71.77
O4 NAG DB . -15.06 83.66 72.78
O5 NAG DB . -16.05 86.62 74.67
O6 NAG DB . -15.69 84.46 76.28
O7 NAG DB . -14.46 89.66 70.11
C1 NAG EB . -17.47 90.89 47.82
C2 NAG EB . -17.83 89.48 48.30
C3 NAG EB . -17.76 88.49 47.14
C4 NAG EB . -18.62 88.98 45.97
C5 NAG EB . -18.23 90.41 45.60
C6 NAG EB . -19.12 91.00 44.52
C7 NAG EB . -17.34 89.03 50.66
C8 NAG EB . -16.32 88.57 51.65
N2 NAG EB . -16.96 89.05 49.38
O3 NAG EB . -18.22 87.22 47.57
O4 NAG EB . -18.44 88.13 44.85
O5 NAG EB . -18.34 91.27 46.75
O6 NAG EB . -20.00 90.02 44.00
O7 NAG EB . -18.47 89.37 51.01
C1 NAG FB . -27.00 96.11 60.55
C2 NAG FB . -25.72 95.90 59.69
C3 NAG FB . -25.50 94.42 59.35
C4 NAG FB . -25.59 93.55 60.59
C5 NAG FB . -26.89 93.82 61.33
C6 NAG FB . -27.01 93.05 62.62
C7 NAG FB . -26.48 96.78 57.43
C8 NAG FB . -27.62 95.80 57.39
N2 NAG FB . -25.66 96.76 58.51
O3 NAG FB . -24.23 94.26 58.72
O4 NAG FB . -25.52 92.18 60.23
O5 NAG FB . -26.98 95.21 61.67
O6 NAG FB . -26.10 93.51 63.60
O7 NAG FB . -26.29 97.57 56.52
C1 NAG GB . -30.32 94.42 35.07
C2 NAG GB . -30.37 93.10 35.83
C3 NAG GB . -30.20 91.93 34.86
C4 NAG GB . -31.20 92.02 33.73
C5 NAG GB . -31.13 93.40 33.06
C6 NAG GB . -32.18 93.60 32.00
C7 NAG GB . -29.64 93.22 38.17
C8 NAG GB . -28.47 93.14 39.11
N2 NAG GB . -29.36 93.06 36.88
O3 NAG GB . -30.36 90.71 35.57
O4 NAG GB . -30.95 91.02 32.76
O5 NAG GB . -31.32 94.43 34.05
O6 NAG GB . -32.90 92.40 31.75
O7 NAG GB . -30.78 93.41 38.56
C1 NAG HB . -39.77 100.26 47.58
C2 NAG HB . -38.54 100.13 46.66
C3 NAG HB . -38.07 98.67 46.55
C4 NAG HB . -37.89 98.06 47.93
C5 NAG HB . -39.17 98.23 48.74
C6 NAG HB . -39.05 97.71 50.15
C7 NAG HB . -39.61 100.40 44.36
C8 NAG HB . -40.54 99.25 44.63
N2 NAG HB . -38.73 100.73 45.34
O3 NAG HB . -36.83 98.62 45.84
O4 NAG HB . -37.59 96.68 47.82
O5 NAG HB . -39.50 99.62 48.84
O6 NAG HB . -38.18 98.52 50.94
O7 NAG HB . -39.64 101.01 43.30
C1 NAG IB . -44.13 93.29 23.77
C2 NAG IB . -43.84 92.18 24.79
C3 NAG IB . -43.49 90.87 24.07
C4 NAG IB . -44.58 90.52 23.06
C5 NAG IB . -44.85 91.69 22.13
C6 NAG IB . -46.00 91.45 21.18
C7 NAG IB . -42.98 92.96 26.95
C8 NAG IB . -41.75 93.31 27.74
N2 NAG IB . -42.77 92.56 25.69
O3 NAG IB . -43.34 89.84 25.02
O4 NAG IB . -44.18 89.39 22.30
O5 NAG IB . -45.19 92.86 22.89
O6 NAG IB . -46.46 90.11 21.27
O7 NAG IB . -44.11 93.02 27.43
C1 NAG JB . -53.64 99.86 35.86
C2 NAG JB . -52.48 99.76 34.84
C3 NAG JB . -51.72 98.44 34.99
C4 NAG JB . -51.32 98.20 36.43
C5 NAG JB . -52.54 98.30 37.33
C6 NAG JB . -52.21 98.14 38.81
C7 NAG JB . -53.74 99.30 32.69
C8 NAG JB . -54.40 98.07 33.28
N2 NAG JB . -52.90 100.01 33.46
O3 NAG JB . -50.57 98.47 34.15
O4 NAG JB . -50.73 96.90 36.57
O5 NAG JB . -53.15 99.59 37.18
O6 NAG JB . -51.47 99.25 39.29
O7 NAG JB . -53.99 99.64 31.54
C1 NAG KB . -59.05 87.50 13.45
C2 NAG KB . -58.52 86.60 14.57
C3 NAG KB . -58.03 85.26 14.00
C4 NAG KB . -59.13 84.62 13.16
C5 NAG KB . -59.63 85.61 12.11
C6 NAG KB . -60.79 85.06 11.30
C7 NAG KB . -57.64 87.79 16.53
C8 NAG KB . -56.44 88.43 17.15
N2 NAG KB . -57.46 87.25 15.32
O3 NAG KB . -57.67 84.40 15.07
O4 NAG KB . -58.62 83.46 12.51
O5 NAG KB . -60.08 86.81 12.73
O6 NAG KB . -61.03 83.70 11.61
O7 NAG KB . -58.73 87.76 17.09
C1 NAG LB . -68.60 94.36 25.35
C2 NAG LB . -67.50 94.27 24.25
C3 NAG LB . -66.55 93.10 24.51
C4 NAG LB . -66.01 93.13 25.93
C5 NAG LB . -67.17 93.19 26.92
C6 NAG LB . -66.72 93.30 28.35
C7 NAG LB . -68.83 93.34 22.30
C8 NAG LB . -69.24 92.13 23.11
N2 NAG LB . -68.04 94.26 22.90
O3 NAG LB . -65.46 93.17 23.58
O4 NAG LB . -65.23 91.97 26.19
O5 NAG LB . -67.97 94.34 26.64
O6 NAG LB . -66.12 94.55 28.62
O7 NAG LB . -69.20 93.47 21.14
C1 NAG MB . -72.57 77.77 6.69
C2 NAG MB . -71.80 77.24 7.90
C3 NAG MB . -71.09 75.94 7.55
C4 NAG MB . -72.07 74.94 6.98
C5 NAG MB . -72.85 75.55 5.81
C6 NAG MB . -73.93 74.64 5.28
C7 NAG MB . -71.04 78.98 9.46
C8 NAG MB . -69.96 79.95 9.81
N2 NAG MB . -70.84 78.24 8.37
O3 NAG MB . -70.47 75.41 8.72
O4 NAG MB . -71.38 73.77 6.53
O5 NAG MB . -73.50 76.76 6.24
O6 NAG MB . -73.86 73.35 5.88
O7 NAG MB . -72.06 78.87 10.15
C1 NAG NB . -82.46 85.13 18.00
C2 NAG NB . -81.46 85.00 16.83
C3 NAG NB . -80.26 84.12 17.19
C4 NAG NB . -79.65 84.56 18.52
C5 NAG NB . -80.72 84.61 19.59
C6 NAG NB . -80.20 85.11 20.93
C7 NAG NB . -82.69 83.44 15.26
C8 NAG NB . -82.80 82.38 16.34
N2 NAG NB . -82.08 84.60 15.57
O3 NAG NB . -79.28 84.19 16.16
O4 NAG NB . -78.63 83.65 18.91
O5 NAG NB . -81.76 85.51 19.20
O6 NAG NB . -79.86 86.49 20.87
O7 NAG NB . -83.18 83.25 14.15
C1 NAG OB . -84.70 64.67 3.05
C2 NAG OB . -83.76 64.54 4.25
C3 NAG OB . -82.83 63.34 4.08
C4 NAG OB . -83.65 62.08 3.81
C5 NAG OB . -84.61 62.31 2.64
C6 NAG OB . -85.52 61.13 2.40
C7 NAG OB . -83.24 66.66 5.39
C8 NAG OB . -82.34 67.86 5.42
N2 NAG OB . -82.98 65.77 4.43
O3 NAG OB . -82.04 63.17 5.24
O4 NAG OB . -82.78 61.00 3.50
O5 NAG OB . -85.44 63.45 2.91
O6 NAG OB . -85.17 60.02 3.21
O7 NAG OB . -84.16 66.51 6.18
C1 NAG PB . -94.97 72.29 13.83
C2 NAG PB . -94.06 72.11 12.60
C3 NAG PB . -92.69 71.54 12.99
C4 NAG PB . -92.08 72.34 14.14
C5 NAG PB . -93.06 72.42 15.29
C6 NAG PB . -92.55 73.25 16.45
C7 NAG PB . -95.08 70.08 11.49
C8 NAG PB . -94.90 69.26 12.75
N2 NAG PB . -94.68 71.36 11.51
O3 NAG PB . -91.83 71.58 11.87
O4 NAG PB . -90.87 71.72 14.58
O5 NAG PB . -94.28 73.02 14.85
O6 NAG PB . -92.48 74.62 16.11
O7 NAG PB . -95.59 69.59 10.49
C1 NAG QB . -94.14 49.23 3.25
C2 NAG QB . -93.10 49.51 4.34
C3 NAG QB . -91.99 48.47 4.29
C4 NAG QB . -92.56 47.06 4.34
C5 NAG QB . -93.63 46.88 3.26
C6 NAG QB . -94.33 45.55 3.33
C7 NAG QB . -92.92 51.85 5.02
C8 NAG QB . -92.25 53.18 4.75
N2 NAG QB . -92.56 50.85 4.21
O3 NAG QB . -91.09 48.67 5.37
O4 NAG QB . -91.54 46.10 4.13
O5 NAG QB . -94.65 47.90 3.41
O6 NAG QB . -93.71 44.69 4.28
O7 NAG QB . -93.74 51.71 5.92
C1 NAG RB . -104.83 56.93 13.56
C2 NAG RB . -104.00 56.68 12.29
C3 NAG RB . -102.52 56.44 12.62
C4 NAG RB . -101.98 57.54 13.53
C5 NAG RB . -102.87 57.67 14.76
C6 NAG RB . -102.45 58.79 15.68
C7 NAG RB . -104.70 54.33 11.67
C8 NAG RB . -104.27 53.81 13.03
N2 NAG RB . -104.55 55.64 11.42
O3 NAG RB . -101.77 56.40 11.41
O4 NAG RB . -100.65 57.23 13.94
O5 NAG RB . -104.22 57.97 14.36
O6 NAG RB . -102.67 60.07 15.09
O7 NAG RB . -105.18 53.57 10.84
C1 NAG SB . -100.37 32.59 7.26
C2 NAG SB . -99.32 33.24 8.16
C3 NAG SB . -98.04 32.42 8.15
C4 NAG SB . -98.33 30.97 8.51
C5 NAG SB . -99.43 30.41 7.62
C6 NAG SB . -99.85 29.01 7.99
C7 NAG SB . -99.53 35.68 8.38
C8 NAG SB . -99.16 37.01 7.81
N2 NAG SB . -99.05 34.61 7.73
O3 NAG SB . -97.11 32.97 9.08
O4 NAG SB . -97.16 30.18 8.38
O5 NAG SB . -100.60 31.24 7.70
O6 NAG SB . -99.01 28.48 9.00
O7 NAG SB . -100.24 35.57 9.38
C1 NAG TB . -111.51 40.17 17.16
C2 NAG TB . -110.74 39.83 15.88
C3 NAG TB . -109.22 39.92 16.07
C4 NAG TB . -108.83 41.24 16.71
C5 NAG TB . -109.64 41.45 17.99
C6 NAG TB . -109.36 42.79 18.65
C7 NAG TB . -111.03 37.31 15.76
C8 NAG TB . -110.40 37.15 17.13
N2 NAG TB . -111.14 38.56 15.27
O3 NAG TB . -108.57 39.78 14.81
O4 NAG TB . -107.45 41.25 17.02
O5 NAG TB . -111.04 41.43 17.69
O6 NAG TB . -109.86 43.86 17.87
O7 NAG TB . -111.41 36.34 15.13
C1 NAG UB . -103.06 16.25 14.82
C2 NAG UB . -102.10 17.24 15.47
C3 NAG UB . -100.68 16.66 15.47
C4 NAG UB . -100.67 15.29 16.12
C5 NAG UB . -101.70 14.39 15.45
C6 NAG UB . -101.82 13.04 16.11
C7 NAG UB . -102.75 19.60 15.28
C8 NAG UB . -102.68 20.84 14.45
N2 NAG UB . -102.13 18.52 14.78
O3 NAG UB . -99.81 17.55 16.19
O4 NAG UB . -99.38 14.71 15.99
O5 NAG UB . -103.01 14.99 15.51
O6 NAG UB . -100.82 12.86 17.11
O7 NAG UB . -103.34 19.57 16.36
C1 NAG VB . -114.66 23.58 24.39
C2 NAG VB . -113.94 23.13 23.11
C3 NAG VB . -112.46 23.51 23.12
C4 NAG VB . -112.29 24.99 23.47
C5 NAG VB . -113.02 25.30 24.77
C6 NAG VB . -112.95 26.76 25.15
C7 NAG VB . -113.76 20.62 23.48
C8 NAG VB . -113.01 20.84 24.78
N2 NAG VB . -114.14 21.72 22.79
O3 NAG VB . -111.89 23.25 21.84
O4 NAG VB . -110.91 25.29 23.62
O5 NAG VB . -114.40 24.96 24.64
O6 NAG VB . -113.71 27.57 24.25
O7 NAG VB . -113.99 19.50 23.08
C1 NAG WB . -101.60 1.67 25.63
C2 NAG WB . -100.79 2.93 25.96
C3 NAG WB . -99.30 2.62 25.91
C4 NAG WB . -98.96 1.44 26.79
C5 NAG WB . -99.85 0.25 26.43
C6 NAG WB . -99.64 -0.94 27.33
C7 NAG WB . -101.91 5.05 25.44
C8 NAG WB . -102.15 6.09 24.39
N2 NAG WB . -101.13 4.03 25.08
O3 NAG WB . -98.56 3.77 26.34
O4 NAG WB . -97.60 1.07 26.62
O5 NAG WB . -101.23 0.61 26.53
O6 NAG WB . -98.55 -0.74 28.21
O7 NAG WB . -102.39 5.14 26.57
C1 NAG XB . -113.58 8.59 35.02
C2 NAG XB . -112.90 8.02 33.76
C3 NAG XB . -111.53 8.66 33.54
C4 NAG XB . -111.62 10.19 33.59
C5 NAG XB . -112.28 10.61 34.89
C6 NAG XB . -112.47 12.11 34.98
C7 NAG XB . -112.19 5.72 34.56
C8 NAG XB . -111.40 6.32 35.69
N2 NAG XB . -112.84 6.57 33.73
O3 NAG XB . -111.01 8.25 32.27
O4 NAG XB . -110.32 10.75 33.51
O5 NAG XB . -113.59 10.02 34.98
O6 NAG XB . -113.45 12.57 34.05
O7 NAG XB . -112.24 4.51 34.40
C1 NAG YB . -96.24 -9.67 38.26
C2 NAG YB . -95.67 -8.25 38.26
C3 NAG YB . -94.16 -8.28 38.08
C4 NAG YB . -93.52 -9.20 39.11
C5 NAG YB . -94.18 -10.59 39.09
C6 NAG YB . -93.67 -11.50 40.17
C7 NAG YB . -97.23 -6.52 37.49
C8 NAG YB . -97.76 -5.78 36.31
N2 NAG YB . -96.29 -7.44 37.23
O3 NAG YB . -93.63 -6.97 38.20
O4 NAG YB . -92.13 -9.35 38.85
O5 NAG YB . -95.60 -10.45 39.29
O6 NAG YB . -92.57 -10.93 40.86
O7 NAG YB . -97.62 -6.30 38.63
C1 NAG ZB . -108.52 -3.21 47.60
C2 NAG ZB . -107.85 -3.89 46.39
C3 NAG ZB . -106.65 -3.08 45.88
C4 NAG ZB . -107.04 -1.62 45.67
C5 NAG ZB . -107.66 -1.06 46.93
C6 NAG ZB . -108.13 0.37 46.77
C7 NAG ZB . -106.63 -5.82 47.51
C8 NAG ZB . -105.88 -4.87 48.41
N2 NAG ZB . -107.50 -5.29 46.62
O3 NAG ZB . -106.18 -3.65 44.66
O4 NAG ZB . -105.88 -0.86 45.32
O5 NAG ZB . -108.81 -1.84 47.29
O6 NAG ZB . -109.25 0.45 45.89
O7 NAG ZB . -106.45 -7.03 47.58
C1 NAG AC . -88.48 -17.12 51.29
C2 NAG AC . -88.29 -15.66 50.86
C3 NAG AC . -86.84 -15.42 50.44
C4 NAG AC . -85.88 -15.87 51.55
C5 NAG AC . -86.19 -17.32 51.94
C6 NAG AC . -85.34 -17.80 53.11
C7 NAG AC . -90.29 -14.56 49.98
C8 NAG AC . -91.12 -14.29 48.76
N2 NAG AC . -89.20 -15.30 49.79
O3 NAG AC . -86.65 -14.04 50.18
O4 NAG AC . -84.53 -15.78 51.09
O5 NAG AC . -87.56 -17.45 52.34
O6 NAG AC . -84.35 -16.84 53.46
O7 NAG AC . -90.60 -14.14 51.09
C1 NAG BC . -100.92 -11.21 60.78
C2 NAG BC . -100.23 -12.02 59.66
C3 NAG BC . -99.33 -11.14 58.79
C4 NAG BC . -100.08 -9.91 58.31
C5 NAG BC . -100.69 -9.18 59.50
C6 NAG BC . -101.52 -7.97 59.10
C7 NAG BC . -98.46 -13.28 60.97
C8 NAG BC . -97.87 -11.99 61.50
N2 NAG BC . -99.52 -13.21 60.15
O3 NAG BC . -98.86 -11.89 57.67
O4 NAG BC . -99.20 -9.03 57.62
O5 NAG BC . -101.56 -10.06 60.21
O6 NAG BC . -102.70 -8.36 58.42
O7 NAG BC . -97.98 -14.36 61.29
C1 NAG CC . -77.00 -18.57 65.16
C2 NAG CC . -77.21 -17.23 64.45
C3 NAG CC . -75.90 -16.78 63.78
C4 NAG CC . -74.76 -16.77 64.80
C5 NAG CC . -74.68 -18.12 65.50
C6 NAG CC . -73.64 -18.15 66.60
C7 NAG CC . -79.49 -16.80 63.67
C8 NAG CC . -80.47 -16.97 62.56
N2 NAG CC . -78.27 -17.30 63.46
O3 NAG CC . -76.08 -15.47 63.24
O4 NAG CC . -73.54 -16.49 64.15
O5 NAG CC . -75.94 -18.45 66.11
O6 NAG CC . -72.87 -16.95 66.61
O7 NAG CC . -79.79 -16.21 64.72
C1 NAG DC . -89.49 -13.55 75.09
C2 NAG DC . -88.74 -14.41 74.06
C3 NAG DC . -88.17 -13.56 72.91
C4 NAG DC . -89.25 -12.66 72.33
C5 NAG DC . -89.89 -11.84 73.43
C6 NAG DC . -91.01 -10.95 72.93
C7 NAG DC . -86.61 -14.96 75.31
C8 NAG DC . -86.29 -13.49 75.49
N2 NAG DC . -87.73 -15.29 74.64
O3 NAG DC . -87.65 -14.41 71.90
O4 NAG DC . -88.66 -11.78 71.36
O5 NAG DC . -90.45 -12.71 74.42
O6 NAG DC . -92.13 -11.72 72.52
O7 NAG DC . -85.85 -15.82 75.75
#